data_9D94
#
_entry.id   9D94
#
loop_
_entity.id
_entity.type
_entity.pdbx_description
1 polymer 'Portal protein'
2 polymer 'Head-to-tail adaptor'
3 polymer 'Head-to-tail stopper'
4 polymer 'Tail terminator'
5 polymer 'Major tail protein'
#
loop_
_entity_poly.entity_id
_entity_poly.type
_entity_poly.pdbx_seq_one_letter_code
_entity_poly.pdbx_strand_id
1 'polypeptide(L)'
;MAETESIDPEKLRDQLLDAFENKQNELKSSKAYYDAERRPDAIGLAVPLDMRKYLAHVGYPRTYVDAIAERQELEGFRIP
SANGEEPESGGENDPASELWDWWQANNLDIEATLGHTDALIYGTAYITISMPDPEVDFDVDPEVPLIRVEPPTALYAEVD
PRTRKVLYAIRAIYGADGNEIVSATLYLPDTTMTWLRAEGEWEAPTSTPHGLEMVPVIPISNRTRLSDLYGTSEISPELR
SVTDAAAQILMNMQGTANLMAIPQRLIFGAKPEELGINAETGQRMFDAYMARILAFEGGEGAHAEQFSAAELRNFVDALD
ALDRKAASYSGLPPQYLSSSSDNPASAEAIKAAESRLVKKVERKNKIFGGAWEQAMRLAYKMVKGGDIPTEYYRMETVWR
DPSTPTYAAKADAAAKLFANGAGLIPRERGWVDMGYTIVEREQMRQWLEQDQKQGLGLIGSLYGASTPEGKPGEAPVGEP
PAPEPDAA
;
Fa,Fb,Fc,Fd,Fe,Ff,Fg,Fh,Fi,Fj,Fk,Fl
2 'polypeptide(L)'
;MATLATHEDVTAFWARTPTAEEIVLINRRLAQAERMLLRAIPELLIKASSDPVFRAEVIDIEAEAVLRLVRNHEGYLSET
DGNYTYMLQAQDPNRKLEILPEEWEVLGIVRSGLGILVPTVVLPS
;
Ga,Gb,Gc,Gd,Ge,Gf,Gg,Gh,Gi,Gj,Gk,Gl
3 'polypeptide(L)'
;MSLLDRGGTYGSPEDGFDPVTVYPEVTRKDRLGNTLVGPSLTGIETVARFQVQGQSGTSARRAEMDDIGDMTEQVYTMRL
PRSFTTELKSGSEVVWRGERWGVYGEPRRYKGSRRIAHLEYTVRRF
;
Ha,Hb,Hc,Hd,He,Hf
4 'polypeptide(L)'
;MAGKLPIVGEVVLPILRGHEDLSNPISTVPSLAGVHVGTWVEDIDSRTFPLITVRRVGGTRSPEHPTLFTQPVVEMTAYS
AADLPTTEQMYEDALEVLYRAARLQTKTPAGYLHSVTETLGASHGPSPFDRTWRVFGLIRLGIRPPKN
;
Ia,Ib,Ic,Id,Ie,If
5 'polypeptide(L)'
;MALKDDAVLIAARGYVYTAAVGTAAPTPSQLKLIDLEHPEAWDRTGWDLVGHTSEDDLPEFGFDGGDSEVRGSWQKKKLR
EVETEEIADYVVINLTQFDETALELYFGPNQSATPGIFGVKSGSVVNERALLIVIVDNDVRLGFHARKASLKREDAISLA
TDEFGALPVRATFLDYQSYNLYEWIEEDWFNAVDAPVVYLLDLGGATGGDYTLLVGGKSTGDIAYNANASAIKTAIGAVD
DGVAESAWTVTADGSDFEISGPLAVALGVDSTTGGSGVTVDVV
;
Ja,Jb,Jc,Jd,Je,Jf,Jg,Jh,Ji,Jj,Jk,Jl
#
# COMPACT_ATOMS: atom_id res chain seq x y z
N SER A 6 62.52 31.86 96.82
CA SER A 6 63.36 31.02 95.94
C SER A 6 63.45 31.62 94.54
N ILE A 7 62.39 31.55 93.72
CA ILE A 7 62.37 32.10 92.35
C ILE A 7 62.48 33.63 92.37
N ASP A 8 63.23 34.21 91.44
CA ASP A 8 63.33 35.67 91.24
C ASP A 8 61.99 36.23 90.73
N PRO A 9 61.32 37.16 91.45
CA PRO A 9 60.07 37.77 91.00
C PRO A 9 60.13 38.38 89.60
N GLU A 10 61.27 38.95 89.21
CA GLU A 10 61.46 39.55 87.89
C GLU A 10 61.40 38.50 86.76
N LYS A 11 61.70 37.23 87.06
CA LYS A 11 61.56 36.10 86.11
C LYS A 11 60.22 35.40 86.26
N LEU A 12 59.70 35.31 87.49
CA LEU A 12 58.40 34.71 87.77
C LEU A 12 57.27 35.48 87.08
N ARG A 13 57.34 36.83 87.06
CA ARG A 13 56.42 37.68 86.29
C ARG A 13 56.32 37.21 84.84
N ASP A 14 57.44 37.03 84.16
CA ASP A 14 57.44 36.69 82.74
C ASP A 14 56.96 35.25 82.48
N GLN A 15 57.19 34.32 83.40
CA GLN A 15 56.61 32.99 83.30
C GLN A 15 55.08 33.03 83.45
N LEU A 16 54.56 33.78 84.42
CA LEU A 16 53.11 33.89 84.61
C LEU A 16 52.43 34.67 83.49
N LEU A 17 53.05 35.72 82.93
CA LEU A 17 52.50 36.42 81.77
C LEU A 17 52.39 35.49 80.54
N ASP A 18 53.33 34.55 80.35
CA ASP A 18 53.19 33.53 79.31
C ASP A 18 52.00 32.59 79.58
N ALA A 19 51.83 32.14 80.84
CA ALA A 19 50.71 31.30 81.22
C ALA A 19 49.35 32.03 81.10
N PHE A 20 49.30 33.31 81.41
CA PHE A 20 48.11 34.15 81.26
C PHE A 20 47.71 34.30 79.79
N GLU A 21 48.63 34.63 78.88
CA GLU A 21 48.31 34.68 77.45
C GLU A 21 47.98 33.30 76.87
N ASN A 22 48.51 32.21 77.42
CA ASN A 22 48.05 30.87 77.05
C ASN A 22 46.59 30.64 77.48
N LYS A 23 46.19 31.05 78.69
CA LYS A 23 44.80 30.96 79.15
C LYS A 23 43.85 31.80 78.31
N GLN A 24 44.24 33.01 77.93
CA GLN A 24 43.43 33.89 77.06
C GLN A 24 43.06 33.25 75.72
N ASN A 25 43.85 32.29 75.22
CA ASN A 25 43.51 31.56 73.99
C ASN A 25 42.30 30.63 74.17
N GLU A 26 42.10 30.08 75.37
CA GLU A 26 40.94 29.26 75.72
C GLU A 26 39.70 30.11 75.98
N LEU A 27 39.82 31.19 76.77
CA LEU A 27 38.66 31.96 77.24
C LEU A 27 37.79 32.48 76.09
N LYS A 28 38.39 32.93 74.99
CA LYS A 28 37.68 33.49 73.83
C LYS A 28 36.72 32.52 73.16
N SER A 29 36.89 31.21 73.32
CA SER A 29 35.91 30.22 72.85
C SER A 29 34.57 30.37 73.58
N SER A 30 34.58 30.44 74.92
CA SER A 30 33.36 30.65 75.72
C SER A 30 32.75 32.04 75.54
N LYS A 31 33.58 33.07 75.33
CA LYS A 31 33.12 34.45 75.12
C LYS A 31 32.32 34.60 73.83
N ALA A 32 32.71 33.91 72.76
CA ALA A 32 32.04 34.02 71.46
C ALA A 32 30.56 33.59 71.49
N TYR A 33 30.16 32.71 72.40
CA TYR A 33 28.76 32.31 72.59
C TYR A 33 27.95 33.33 73.38
N TYR A 34 28.51 34.00 74.40
CA TYR A 34 27.80 35.02 75.17
C TYR A 34 27.71 36.38 74.44
N ASP A 35 28.78 36.82 73.78
CA ASP A 35 28.77 38.05 72.97
C ASP A 35 28.10 37.87 71.60
N ALA A 36 27.77 36.64 71.21
CA ALA A 36 27.22 36.30 69.90
C ALA A 36 28.08 36.81 68.74
N GLU A 37 29.38 36.53 68.78
CA GLU A 37 30.29 36.77 67.66
C GLU A 37 30.15 35.68 66.58
N ARG A 38 30.62 35.91 65.36
CA ARG A 38 30.56 34.93 64.26
C ARG A 38 31.30 33.64 64.64
N ARG A 39 30.68 32.49 64.37
CA ARG A 39 31.28 31.15 64.52
C ARG A 39 31.09 30.37 63.21
N PRO A 40 32.08 29.59 62.74
CA PRO A 40 31.90 28.74 61.57
C PRO A 40 30.69 27.80 61.68
N ASP A 41 30.49 27.18 62.85
CA ASP A 41 29.40 26.23 63.06
C ASP A 41 28.00 26.85 63.01
N ALA A 42 27.86 28.17 63.16
CA ALA A 42 26.57 28.84 63.09
C ALA A 42 26.11 29.13 61.66
N ILE A 43 27.00 29.11 60.67
CA ILE A 43 26.67 29.49 59.29
C ILE A 43 25.91 28.36 58.59
N GLY A 44 24.66 28.62 58.21
CA GLY A 44 23.78 27.64 57.57
C GLY A 44 24.21 27.32 56.15
N LEU A 45 24.34 26.04 55.82
CA LEU A 45 25.13 25.61 54.66
C LEU A 45 24.44 25.83 53.32
N ALA A 46 23.11 25.87 53.27
CA ALA A 46 22.37 26.01 52.02
C ALA A 46 22.49 27.41 51.40
N VAL A 47 22.75 28.43 52.22
CA VAL A 47 22.81 29.83 51.76
C VAL A 47 23.99 30.04 50.80
N PRO A 48 23.81 30.63 49.61
CA PRO A 48 24.88 30.92 48.66
C PRO A 48 26.03 31.75 49.23
N LEU A 49 27.24 31.60 48.68
CA LEU A 49 28.47 32.16 49.25
C LEU A 49 28.43 33.68 49.48
N ASP A 50 27.85 34.45 48.57
CA ASP A 50 27.77 35.91 48.71
C ASP A 50 26.70 36.30 49.75
N MET A 51 25.61 35.54 49.81
CA MET A 51 24.51 35.75 50.74
C MET A 51 24.84 35.29 52.18
N ARG A 52 25.86 34.45 52.39
CA ARG A 52 26.30 34.02 53.75
C ARG A 52 26.79 35.15 54.65
N LYS A 53 26.94 36.38 54.16
CA LYS A 53 27.22 37.56 55.00
C LYS A 53 26.08 37.88 55.98
N TYR A 54 24.85 37.46 55.71
CA TYR A 54 23.68 37.76 56.53
C TYR A 54 23.54 36.79 57.71
N LEU A 55 24.49 36.86 58.65
CA LEU A 55 24.53 36.03 59.85
C LEU A 55 23.27 36.18 60.70
N ALA A 56 22.73 35.06 61.20
CA ALA A 56 21.72 35.02 62.25
C ALA A 56 22.37 34.64 63.57
N HIS A 57 22.15 35.44 64.62
CA HIS A 57 22.73 35.22 65.94
C HIS A 57 21.68 34.72 66.93
N VAL A 58 22.02 33.73 67.76
CA VAL A 58 21.09 33.06 68.67
C VAL A 58 21.42 33.34 70.13
N GLY A 59 20.40 33.72 70.89
CA GLY A 59 20.55 34.28 72.25
C GLY A 59 20.37 33.31 73.42
N TYR A 60 20.35 31.98 73.21
CA TYR A 60 20.18 31.07 74.35
C TYR A 60 21.28 31.18 75.41
N PRO A 61 22.59 31.24 75.08
CA PRO A 61 23.64 31.26 76.09
C PRO A 61 23.56 32.50 76.97
N ARG A 62 23.37 33.67 76.35
CA ARG A 62 23.18 34.94 77.03
C ARG A 62 21.93 34.95 77.90
N THR A 63 20.84 34.37 77.41
CA THR A 63 19.59 34.22 78.16
C THR A 63 19.77 33.33 79.39
N TYR A 64 20.48 32.21 79.27
CA TYR A 64 20.72 31.32 80.40
C TYR A 64 21.64 31.95 81.44
N VAL A 65 22.81 32.45 81.05
CA VAL A 65 23.77 33.04 81.98
C VAL A 65 23.21 34.27 82.68
N ASP A 66 22.47 35.13 82.00
CA ASP A 66 21.79 36.25 82.65
C ASP A 66 20.68 35.77 83.59
N ALA A 67 19.85 34.82 83.19
CA ALA A 67 18.77 34.33 84.05
C ALA A 67 19.30 33.69 85.34
N ILE A 68 20.50 33.09 85.34
CA ILE A 68 21.16 32.68 86.58
C ILE A 68 21.71 33.90 87.33
N ALA A 69 22.50 34.76 86.69
CA ALA A 69 23.23 35.82 87.37
C ALA A 69 22.34 36.88 88.01
N GLU A 70 21.17 37.16 87.42
CA GLU A 70 20.25 38.21 87.88
C GLU A 70 19.31 37.77 89.00
N ARG A 71 19.29 36.48 89.34
CA ARG A 71 18.54 35.91 90.47
C ARG A 71 19.32 35.95 91.79
N GLN A 72 20.64 36.08 91.75
CA GLN A 72 21.51 36.09 92.93
C GLN A 72 21.64 37.46 93.59
N GLU A 73 21.55 37.53 94.92
CA GLU A 73 21.90 38.73 95.68
C GLU A 73 22.29 38.37 97.12
N LEU A 74 23.49 38.74 97.56
CA LEU A 74 23.91 38.57 98.94
C LEU A 74 23.20 39.59 99.83
N GLU A 75 22.70 39.18 100.99
CA GLU A 75 21.96 40.06 101.91
C GLU A 75 22.58 40.17 103.31
N GLY A 76 23.65 39.43 103.60
CA GLY A 76 24.46 39.62 104.81
C GLY A 76 25.37 38.43 105.13
N PHE A 77 26.26 38.59 106.10
CA PHE A 77 27.06 37.51 106.65
C PHE A 77 26.57 37.17 108.04
N ARG A 78 26.43 35.88 108.38
CA ARG A 78 26.01 35.43 109.71
C ARG A 78 27.12 34.62 110.35
N ILE A 79 27.56 35.04 111.53
CA ILE A 79 28.63 34.41 112.32
C ILE A 79 28.04 33.90 113.64
N PRO A 80 28.34 32.67 114.08
CA PRO A 80 27.80 32.14 115.32
C PRO A 80 28.37 32.88 116.53
N SER A 81 27.48 33.39 117.38
CA SER A 81 27.85 34.27 118.50
C SER A 81 28.55 33.50 119.62
N ALA A 82 29.34 34.20 120.44
CA ALA A 82 30.04 33.61 121.58
C ALA A 82 29.06 33.00 122.61
N ASN A 83 29.46 31.87 123.22
CA ASN A 83 28.56 31.00 123.98
C ASN A 83 27.83 31.68 125.15
N GLY A 84 26.60 31.26 125.42
CA GLY A 84 25.81 31.61 126.61
C GLY A 84 24.84 32.80 126.46
N GLU A 85 25.09 33.69 125.49
CA GLU A 85 24.14 34.74 125.06
C GLU A 85 24.33 34.95 123.56
N GLU A 86 23.44 34.37 122.75
CA GLU A 86 23.72 34.07 121.34
C GLU A 86 22.72 34.69 120.34
N PRO A 87 22.48 36.01 120.36
CA PRO A 87 21.54 36.68 119.46
C PRO A 87 22.09 36.87 118.05
N GLU A 88 21.22 37.23 117.11
CA GLU A 88 21.60 37.67 115.75
C GLU A 88 22.47 38.93 115.77
N SER A 89 22.19 39.85 116.69
CA SER A 89 22.99 41.05 116.95
C SER A 89 22.84 41.53 118.40
N GLY A 90 23.85 42.21 118.93
CA GLY A 90 23.88 42.70 120.31
C GLY A 90 23.24 44.08 120.55
N GLY A 91 22.63 44.69 119.52
CA GLY A 91 22.28 46.11 119.54
C GLY A 91 23.51 47.03 119.49
N GLU A 92 24.61 46.54 118.91
CA GLU A 92 25.97 47.08 118.97
C GLU A 92 26.80 46.56 117.78
N ASN A 93 27.95 47.18 117.50
CA ASN A 93 28.94 46.71 116.53
C ASN A 93 29.31 45.23 116.78
N ASP A 94 29.20 44.38 115.77
CA ASP A 94 29.33 42.92 115.89
C ASP A 94 29.92 42.29 114.61
N PRO A 95 30.33 41.01 114.65
CA PRO A 95 31.00 40.36 113.51
C PRO A 95 30.24 40.42 112.19
N ALA A 96 28.91 40.28 112.22
CA ALA A 96 28.09 40.41 111.01
C ALA A 96 28.13 41.84 110.46
N SER A 97 28.04 42.86 111.33
CA SER A 97 27.99 44.26 110.91
C SER A 97 29.30 44.76 110.34
N GLU A 98 30.47 44.40 110.89
CA GLU A 98 31.75 44.87 110.34
C GLU A 98 31.97 44.34 108.91
N LEU A 99 31.76 43.06 108.68
CA LEU A 99 31.94 42.49 107.34
C LEU A 99 30.95 43.09 106.33
N TRP A 100 29.71 43.34 106.74
CA TRP A 100 28.74 43.99 105.87
C TRP A 100 29.08 45.47 105.62
N ASP A 101 29.64 46.17 106.59
CA ASP A 101 30.11 47.54 106.39
C ASP A 101 31.21 47.61 105.34
N TRP A 102 32.16 46.66 105.34
CA TRP A 102 33.17 46.57 104.28
C TRP A 102 32.56 46.20 102.93
N TRP A 103 31.55 45.34 102.89
CA TRP A 103 30.84 44.98 101.66
C TRP A 103 30.18 46.21 101.03
N GLN A 104 29.46 47.02 101.80
CA GLN A 104 28.89 48.28 101.33
C GLN A 104 29.98 49.30 100.96
N ALA A 105 30.99 49.52 101.80
CA ALA A 105 31.98 50.56 101.55
C ALA A 105 32.79 50.33 100.27
N ASN A 106 32.96 49.08 99.85
CA ASN A 106 33.60 48.71 98.59
C ASN A 106 32.65 48.74 97.37
N ASN A 107 31.34 48.93 97.56
CA ASN A 107 30.31 48.73 96.53
C ASN A 107 30.29 47.32 95.93
N LEU A 108 30.61 46.29 96.73
CA LEU A 108 30.53 44.90 96.26
C LEU A 108 29.08 44.49 95.95
N ASP A 109 28.08 45.12 96.55
CA ASP A 109 26.69 44.89 96.16
C ASP A 109 26.38 45.31 94.72
N ILE A 110 27.22 46.16 94.10
CA ILE A 110 27.24 46.39 92.66
C ILE A 110 28.15 45.37 91.98
N GLU A 111 29.43 45.36 92.33
CA GLU A 111 30.47 44.71 91.54
C GLU A 111 30.50 43.18 91.65
N ALA A 112 30.01 42.58 92.74
CA ALA A 112 29.92 41.13 92.83
C ALA A 112 28.98 40.56 91.78
N THR A 113 27.89 41.26 91.42
CA THR A 113 26.97 40.79 90.37
C THR A 113 27.64 40.75 89.00
N LEU A 114 28.61 41.63 88.74
CA LEU A 114 29.45 41.54 87.55
C LEU A 114 30.39 40.34 87.67
N GLY A 115 31.10 40.20 88.78
CA GLY A 115 32.00 39.07 89.02
C GLY A 115 31.32 37.70 88.89
N HIS A 116 30.10 37.56 89.37
CA HIS A 116 29.31 36.34 89.23
C HIS A 116 28.91 36.08 87.79
N THR A 117 28.75 37.11 86.95
CA THR A 117 28.47 36.93 85.52
C THR A 117 29.69 36.34 84.82
N ASP A 118 30.87 36.93 85.01
CA ASP A 118 32.11 36.42 84.40
C ASP A 118 32.52 35.06 84.97
N ALA A 119 32.25 34.80 86.25
CA ALA A 119 32.46 33.48 86.83
C ALA A 119 31.60 32.41 86.18
N LEU A 120 30.40 32.75 85.69
CA LEU A 120 29.57 31.83 84.92
C LEU A 120 30.02 31.74 83.46
N ILE A 121 30.31 32.86 82.78
CA ILE A 121 30.74 32.82 81.38
C ILE A 121 32.04 32.03 81.22
N TYR A 122 33.11 32.45 81.91
CA TYR A 122 34.44 31.87 81.75
C TYR A 122 34.71 30.67 82.66
N GLY A 123 33.90 30.47 83.69
CA GLY A 123 34.09 29.43 84.71
C GLY A 123 34.85 29.88 85.95
N THR A 124 35.40 31.10 85.97
CA THR A 124 36.08 31.66 87.14
C THR A 124 36.14 33.18 87.11
N ALA A 125 36.30 33.80 88.27
CA ALA A 125 36.80 35.15 88.45
C ALA A 125 37.61 35.17 89.76
N TYR A 126 38.26 36.27 90.11
CA TYR A 126 39.14 36.32 91.28
C TYR A 126 38.84 37.53 92.16
N ILE A 127 38.81 37.34 93.48
CA ILE A 127 38.57 38.39 94.47
C ILE A 127 39.92 38.75 95.07
N THR A 128 40.27 40.04 95.10
CA THR A 128 41.58 40.51 95.53
C THR A 128 41.44 41.41 96.76
N ILE A 129 42.40 41.37 97.68
CA ILE A 129 42.33 42.05 98.97
C ILE A 129 43.61 42.85 99.22
N SER A 130 43.50 44.10 99.68
CA SER A 130 44.64 44.91 100.13
C SER A 130 44.16 46.04 101.04
N MET A 131 45.06 46.72 101.74
CA MET A 131 44.74 48.04 102.31
C MET A 131 44.87 49.11 101.23
N PRO A 132 44.03 50.16 101.23
CA PRO A 132 44.12 51.23 100.26
C PRO A 132 45.35 52.11 100.51
N ASP A 133 46.05 52.50 99.45
CA ASP A 133 47.20 53.41 99.45
C ASP A 133 46.77 54.83 99.04
N PRO A 134 46.58 55.78 100.00
CA PRO A 134 46.01 57.09 99.69
C PRO A 134 46.92 57.98 98.84
N GLU A 135 48.20 57.64 98.71
CA GLU A 135 49.15 58.28 97.79
C GLU A 135 48.75 58.16 96.31
N VAL A 136 47.84 57.24 95.97
CA VAL A 136 47.28 57.08 94.61
C VAL A 136 46.08 58.01 94.36
N ASP A 137 45.70 58.85 95.33
CA ASP A 137 44.61 59.83 95.24
C ASP A 137 43.21 59.23 94.97
N PHE A 138 42.97 57.99 95.41
CA PHE A 138 41.67 57.34 95.33
C PHE A 138 40.58 58.08 96.12
N ASP A 139 39.34 58.02 95.62
CA ASP A 139 38.13 58.42 96.35
C ASP A 139 37.52 57.21 97.09
N VAL A 140 38.16 56.79 98.19
CA VAL A 140 37.72 55.67 99.05
C VAL A 140 37.99 56.01 100.51
N ASP A 141 37.24 55.40 101.43
CA ASP A 141 37.52 55.50 102.87
C ASP A 141 38.80 54.72 103.21
N PRO A 142 39.85 55.34 103.76
CA PRO A 142 41.11 54.66 104.03
C PRO A 142 41.05 53.66 105.20
N GLU A 143 39.99 53.65 105.99
CA GLU A 143 39.86 52.75 107.15
C GLU A 143 39.51 51.30 106.76
N VAL A 144 38.72 51.10 105.70
CA VAL A 144 38.25 49.77 105.27
C VAL A 144 39.27 49.07 104.37
N PRO A 145 39.31 47.74 104.32
CA PRO A 145 40.13 47.03 103.34
C PRO A 145 39.55 47.25 101.95
N LEU A 146 40.43 47.42 100.97
CA LEU A 146 40.09 47.50 99.56
C LEU A 146 39.92 46.07 99.04
N ILE A 147 38.67 45.62 98.93
CA ILE A 147 38.32 44.29 98.40
C ILE A 147 37.73 44.50 97.00
N ARG A 148 38.29 43.88 95.96
CA ARG A 148 37.76 44.08 94.60
C ARG A 148 37.93 42.86 93.69
N VAL A 149 36.97 42.64 92.79
CA VAL A 149 36.89 41.44 91.95
C VAL A 149 37.46 41.75 90.58
N GLU A 150 38.22 40.83 89.99
CA GLU A 150 38.80 40.96 88.64
C GLU A 150 38.66 39.68 87.80
N PRO A 151 38.40 39.81 86.49
CA PRO A 151 38.03 38.69 85.62
C PRO A 151 39.25 37.88 85.16
N PRO A 152 39.07 36.68 84.62
CA PRO A 152 40.16 35.86 84.14
C PRO A 152 40.81 36.39 82.86
N THR A 153 40.17 37.35 82.19
CA THR A 153 40.77 38.11 81.08
C THR A 153 41.73 39.22 81.55
N ALA A 154 42.03 39.30 82.85
CA ALA A 154 42.91 40.33 83.42
C ALA A 154 43.76 39.84 84.60
N LEU A 155 43.34 38.81 85.33
CA LEU A 155 44.07 38.23 86.46
C LEU A 155 44.13 36.72 86.29
N TYR A 156 45.29 36.13 86.51
CA TYR A 156 45.53 34.70 86.42
C TYR A 156 46.25 34.20 87.68
N ALA A 157 45.84 33.07 88.22
CA ALA A 157 46.37 32.51 89.45
C ALA A 157 46.68 31.02 89.28
N GLU A 158 47.82 30.58 89.79
CA GLU A 158 48.23 29.16 89.75
C GLU A 158 47.95 28.50 91.10
N VAL A 159 47.42 27.27 91.08
CA VAL A 159 46.79 26.62 92.22
C VAL A 159 47.38 25.24 92.53
N ASP A 160 47.54 24.97 93.82
CA ASP A 160 48.16 23.77 94.37
C ASP A 160 47.22 22.54 94.35
N PRO A 161 47.53 21.44 93.62
CA PRO A 161 46.69 20.25 93.63
C PRO A 161 46.54 19.53 94.99
N ARG A 162 47.44 19.78 95.94
CA ARG A 162 47.56 19.05 97.23
C ARG A 162 46.61 19.57 98.30
N THR A 163 46.43 20.90 98.37
CA THR A 163 45.56 21.59 99.32
C THR A 163 44.83 22.80 98.73
N ARG A 164 44.79 22.95 97.40
CA ARG A 164 43.91 23.87 96.65
C ARG A 164 44.10 25.36 96.94
N LYS A 165 45.26 25.77 97.48
CA LYS A 165 45.60 27.19 97.69
C LYS A 165 46.33 27.76 96.47
N VAL A 166 46.21 29.06 96.24
CA VAL A 166 46.97 29.77 95.20
C VAL A 166 48.45 29.87 95.62
N LEU A 167 49.39 29.53 94.73
CA LEU A 167 50.82 29.72 94.97
C LEU A 167 51.25 31.17 94.72
N TYR A 168 50.78 31.75 93.61
CA TYR A 168 51.05 33.12 93.17
C TYR A 168 50.06 33.50 92.07
N ALA A 169 49.92 34.79 91.77
CA ALA A 169 49.00 35.26 90.74
C ALA A 169 49.51 36.53 90.05
N ILE A 170 49.24 36.67 88.76
CA ILE A 170 49.62 37.83 87.95
C ILE A 170 48.37 38.56 87.47
N ARG A 171 48.32 39.87 87.67
CA ARG A 171 47.33 40.79 87.12
C ARG A 171 47.99 41.56 86.00
N ALA A 172 47.41 41.64 84.82
CA ALA A 172 47.98 42.36 83.70
C ALA A 172 46.93 43.21 83.00
N ILE A 173 47.26 44.48 82.74
CA ILE A 173 46.33 45.50 82.26
C ILE A 173 46.77 45.98 80.88
N TYR A 174 45.91 45.92 79.87
CA TYR A 174 46.25 46.31 78.50
C TYR A 174 45.75 47.72 78.18
N GLY A 175 46.53 48.50 77.44
CA GLY A 175 46.16 49.88 77.09
C GLY A 175 45.08 49.98 76.00
N ALA A 176 45.13 49.09 75.00
CA ALA A 176 44.23 49.07 73.84
C ALA A 176 44.21 47.68 73.17
N ASP A 177 43.44 47.55 72.09
CA ASP A 177 43.43 46.35 71.23
C ASP A 177 44.78 46.07 70.52
N GLY A 178 45.76 46.96 70.66
CA GLY A 178 47.17 46.71 70.32
C GLY A 178 47.87 45.67 71.22
N ASN A 179 47.21 45.20 72.29
CA ASN A 179 47.67 44.12 73.17
C ASN A 179 48.94 44.44 73.97
N GLU A 180 49.36 45.71 74.03
CA GLU A 180 50.46 46.16 74.88
C GLU A 180 50.04 46.24 76.35
N ILE A 181 50.83 45.66 77.24
CA ILE A 181 50.60 45.76 78.69
C ILE A 181 51.01 47.16 79.17
N VAL A 182 50.11 47.87 79.84
CA VAL A 182 50.40 49.13 80.54
C VAL A 182 50.98 48.88 81.93
N SER A 183 50.50 47.86 82.64
CA SER A 183 51.03 47.46 83.95
C SER A 183 50.84 45.98 84.22
N ALA A 184 51.76 45.39 84.98
CA ALA A 184 51.63 44.05 85.55
C ALA A 184 51.78 44.12 87.07
N THR A 185 51.10 43.25 87.80
CA THR A 185 51.20 43.14 89.26
C THR A 185 51.28 41.68 89.66
N LEU A 186 52.21 41.33 90.53
CA LEU A 186 52.45 39.98 91.01
C LEU A 186 52.05 39.89 92.48
N TYR A 187 51.25 38.89 92.81
CA TYR A 187 50.88 38.55 94.17
C TYR A 187 51.66 37.32 94.61
N LEU A 188 52.33 37.40 95.76
CA LEU A 188 53.14 36.35 96.37
C LEU A 188 52.69 36.15 97.82
N PRO A 189 52.99 34.99 98.45
CA PRO A 189 52.49 34.67 99.79
C PRO A 189 52.76 35.73 100.86
N ASP A 190 53.85 36.50 100.77
CA ASP A 190 54.25 37.52 101.76
C ASP A 190 54.35 38.97 101.20
N THR A 191 54.09 39.19 99.91
CA THR A 191 54.16 40.53 99.31
C THR A 191 53.32 40.64 98.04
N THR A 192 52.95 41.86 97.65
CA THR A 192 52.65 42.17 96.24
C THR A 192 53.83 42.91 95.61
N MET A 193 53.86 43.00 94.29
CA MET A 193 54.80 43.82 93.51
C MET A 193 54.10 44.35 92.27
N THR A 194 54.47 45.53 91.78
CA THR A 194 53.89 46.11 90.56
C THR A 194 54.92 46.78 89.68
N TRP A 195 54.75 46.65 88.35
CA TRP A 195 55.55 47.30 87.31
C TRP A 195 54.63 48.11 86.40
N LEU A 196 55.13 49.23 85.88
CA LEU A 196 54.50 49.97 84.79
C LEU A 196 55.37 49.85 83.55
N ARG A 197 54.78 49.69 82.35
CA ARG A 197 55.55 49.73 81.09
C ARG A 197 55.65 51.17 80.62
N ALA A 198 56.61 51.90 81.18
CA ALA A 198 56.73 53.36 81.04
C ALA A 198 56.99 53.82 79.60
N GLU A 199 57.87 53.13 78.86
CA GLU A 199 58.13 53.38 77.43
C GLU A 199 58.70 52.11 76.79
N GLY A 200 57.82 51.25 76.28
CA GLY A 200 58.18 49.96 75.65
C GLY A 200 58.67 48.87 76.62
N GLU A 201 59.27 49.25 77.75
CA GLU A 201 59.84 48.35 78.76
C GLU A 201 59.44 48.77 80.19
N TRP A 202 59.60 47.86 81.15
CA TRP A 202 59.22 48.08 82.55
C TRP A 202 60.08 49.14 83.24
N GLU A 203 59.48 49.95 84.12
CA GLU A 203 60.24 50.60 85.19
C GLU A 203 60.59 49.61 86.32
N ALA A 204 61.44 50.02 87.26
CA ALA A 204 61.74 49.21 88.44
C ALA A 204 60.50 49.06 89.34
N PRO A 205 60.23 47.86 89.91
CA PRO A 205 58.98 47.60 90.62
C PRO A 205 58.91 48.27 91.99
N THR A 206 57.69 48.50 92.47
CA THR A 206 57.43 48.79 93.89
C THR A 206 56.79 47.58 94.57
N SER A 207 57.41 47.06 95.61
CA SER A 207 56.86 46.00 96.46
C SER A 207 55.87 46.55 97.49
N THR A 208 55.09 45.69 98.13
CA THR A 208 54.33 46.00 99.35
C THR A 208 54.10 44.72 100.15
N PRO A 209 54.71 44.55 101.34
CA PRO A 209 54.58 43.35 102.14
C PRO A 209 53.21 43.27 102.83
N HIS A 210 52.80 42.07 103.25
CA HIS A 210 51.56 41.86 104.01
C HIS A 210 51.70 40.75 105.06
N GLY A 211 50.86 40.79 106.09
CA GLY A 211 50.97 39.91 107.26
C GLY A 211 50.38 38.50 107.09
N LEU A 212 49.60 38.27 106.04
CA LEU A 212 48.98 36.96 105.74
C LEU A 212 50.06 35.91 105.40
N GLU A 213 49.79 34.63 105.70
CA GLU A 213 50.58 33.49 105.22
C GLU A 213 50.21 33.07 103.78
N MET A 214 49.21 33.71 103.18
CA MET A 214 48.52 33.29 101.97
C MET A 214 48.43 34.41 100.94
N VAL A 215 48.40 34.06 99.65
CA VAL A 215 48.24 35.03 98.56
C VAL A 215 46.88 35.71 98.68
N PRO A 216 46.77 37.05 98.64
CA PRO A 216 45.51 37.76 98.84
C PRO A 216 44.65 37.81 97.56
N VAL A 217 44.57 36.68 96.86
CA VAL A 217 43.73 36.44 95.69
C VAL A 217 42.94 35.16 95.92
N ILE A 218 41.62 35.24 95.91
CA ILE A 218 40.72 34.10 96.10
C ILE A 218 40.01 33.79 94.78
N PRO A 219 40.09 32.57 94.24
CA PRO A 219 39.35 32.21 93.05
C PRO A 219 37.89 31.93 93.41
N ILE A 220 36.98 32.75 92.88
CA ILE A 220 35.54 32.44 92.86
C ILE A 220 35.25 31.70 91.56
N SER A 221 35.09 30.37 91.65
CA SER A 221 35.06 29.51 90.47
C SER A 221 33.85 28.60 90.44
N ASN A 222 33.34 28.33 89.23
CA ASN A 222 32.07 27.67 88.98
C ASN A 222 32.18 26.14 89.03
N ARG A 223 32.74 25.56 90.10
CA ARG A 223 32.94 24.09 90.17
C ARG A 223 31.60 23.37 90.28
N THR A 224 31.19 22.64 89.25
CA THR A 224 29.92 21.90 89.25
C THR A 224 29.99 20.51 89.88
N ARG A 225 31.20 20.00 90.14
CA ARG A 225 31.55 18.61 90.46
C ARG A 225 32.94 18.56 91.12
N LEU A 226 33.27 17.62 92.01
CA LEU A 226 34.60 17.58 92.64
C LEU A 226 35.72 17.27 91.67
N SER A 227 35.47 16.36 90.72
CA SER A 227 36.43 16.03 89.66
C SER A 227 36.66 17.17 88.65
N ASP A 228 35.98 18.32 88.78
CA ASP A 228 36.50 19.59 88.27
C ASP A 228 37.51 20.15 89.28
N LEU A 229 38.80 19.88 89.08
CA LEU A 229 39.86 20.41 89.96
C LEU A 229 39.86 21.95 89.95
N TYR A 230 39.41 22.56 88.86
CA TYR A 230 39.23 24.00 88.70
C TYR A 230 37.97 24.30 87.89
N GLY A 231 37.36 25.48 88.08
CA GLY A 231 36.01 25.78 87.58
C GLY A 231 35.85 25.77 86.06
N THR A 232 34.64 25.51 85.58
CA THR A 232 34.28 25.34 84.16
C THR A 232 33.11 26.24 83.74
N SER A 233 33.05 26.62 82.46
CA SER A 233 32.05 27.54 81.93
C SER A 233 30.63 27.03 82.11
N GLU A 234 29.71 27.91 82.46
CA GLU A 234 28.29 27.60 82.61
C GLU A 234 27.60 27.30 81.28
N ILE A 235 28.10 27.85 80.17
CA ILE A 235 27.59 27.61 78.82
C ILE A 235 28.06 26.22 78.37
N SER A 236 27.37 25.18 78.81
CA SER A 236 27.72 23.78 78.59
C SER A 236 27.69 23.38 77.12
N PRO A 237 28.35 22.29 76.71
CA PRO A 237 28.33 21.82 75.32
C PRO A 237 26.91 21.56 74.80
N GLU A 238 25.98 21.20 75.68
CA GLU A 238 24.57 21.05 75.35
C GLU A 238 24.01 22.34 74.73
N LEU A 239 24.23 23.47 75.39
CA LEU A 239 23.76 24.77 74.93
C LEU A 239 24.55 25.29 73.74
N ARG A 240 25.85 25.02 73.64
CA ARG A 240 26.63 25.42 72.46
C ARG A 240 26.09 24.74 71.21
N SER A 241 25.93 23.43 71.26
CA SER A 241 25.44 22.65 70.12
C SER A 241 24.01 22.98 69.73
N VAL A 242 23.11 23.31 70.67
CA VAL A 242 21.76 23.79 70.32
C VAL A 242 21.77 25.22 69.80
N THR A 243 22.63 26.10 70.31
CA THR A 243 22.75 27.47 69.81
C THR A 243 23.20 27.50 68.36
N ASP A 244 24.23 26.73 68.02
CA ASP A 244 24.70 26.63 66.64
C ASP A 244 23.70 25.91 65.74
N ALA A 245 23.06 24.84 66.22
CA ALA A 245 22.00 24.17 65.47
C ALA A 245 20.88 25.13 65.09
N ALA A 246 20.37 25.93 66.03
CA ALA A 246 19.30 26.88 65.72
C ALA A 246 19.76 28.00 64.80
N ALA A 247 21.01 28.47 64.90
CA ALA A 247 21.52 29.48 63.99
C ALA A 247 21.56 28.99 62.53
N GLN A 248 21.90 27.72 62.29
CA GLN A 248 21.83 27.17 60.94
C GLN A 248 20.40 27.14 60.41
N ILE A 249 19.39 26.81 61.23
CA ILE A 249 17.99 26.83 60.78
C ILE A 249 17.55 28.25 60.43
N LEU A 250 17.90 29.25 61.24
CA LEU A 250 17.55 30.65 60.97
C LEU A 250 18.22 31.19 59.69
N MET A 251 19.49 30.86 59.46
CA MET A 251 20.18 31.18 58.21
C MET A 251 19.46 30.58 57.00
N ASN A 252 19.21 29.27 57.01
CA ASN A 252 18.58 28.59 55.88
C ASN A 252 17.14 29.10 55.66
N MET A 253 16.36 29.31 56.72
CA MET A 253 15.00 29.85 56.59
C MET A 253 15.02 31.24 55.96
N GLN A 254 15.94 32.12 56.37
CA GLN A 254 16.04 33.45 55.81
C GLN A 254 16.48 33.44 54.34
N GLY A 255 17.49 32.64 53.99
CA GLY A 255 17.87 32.49 52.59
C GLY A 255 16.73 31.90 51.76
N THR A 256 15.95 30.96 52.30
CA THR A 256 14.76 30.44 51.63
C THR A 256 13.74 31.54 51.40
N ALA A 257 13.52 32.45 52.34
CA ALA A 257 12.58 33.54 52.16
C ALA A 257 13.02 34.52 51.07
N ASN A 258 14.32 34.77 50.90
CA ASN A 258 14.85 35.61 49.83
C ASN A 258 14.84 34.94 48.45
N LEU A 259 14.82 33.61 48.36
CA LEU A 259 15.01 32.91 47.08
C LEU A 259 13.82 32.06 46.62
N MET A 260 12.97 31.57 47.52
CA MET A 260 11.96 30.56 47.20
C MET A 260 10.63 30.67 47.94
N ALA A 261 10.38 31.68 48.78
CA ALA A 261 9.06 31.81 49.39
C ALA A 261 7.94 32.15 48.38
N ILE A 262 8.30 32.48 47.15
CA ILE A 262 7.41 32.67 46.00
C ILE A 262 7.65 31.62 44.92
N PRO A 263 6.63 31.23 44.13
CA PRO A 263 6.80 30.30 43.03
C PRO A 263 7.63 30.93 41.92
N GLN A 264 8.30 30.12 41.09
CA GLN A 264 9.03 30.59 39.92
C GLN A 264 8.26 30.22 38.66
N ARG A 265 8.03 31.18 37.77
CA ARG A 265 7.08 31.09 36.65
C ARG A 265 7.82 30.86 35.34
N LEU A 266 7.40 29.86 34.57
CA LEU A 266 8.07 29.42 33.35
C LEU A 266 7.08 29.38 32.18
N ILE A 267 7.57 29.60 30.96
CA ILE A 267 6.85 29.31 29.72
C ILE A 267 7.76 28.48 28.83
N PHE A 268 7.23 27.40 28.25
CA PHE A 268 7.97 26.53 27.34
C PHE A 268 7.34 26.57 25.95
N GLY A 269 8.17 26.40 24.92
CA GLY A 269 7.70 26.30 23.53
C GLY A 269 7.39 27.63 22.86
N ALA A 270 7.81 28.75 23.45
CA ALA A 270 7.68 30.08 22.86
C ALA A 270 9.06 30.61 22.46
N LYS A 271 9.23 31.09 21.23
CA LYS A 271 10.54 31.61 20.79
C LYS A 271 10.83 32.94 21.51
N PRO A 272 12.04 33.20 22.01
CA PRO A 272 12.38 34.52 22.53
C PRO A 272 12.07 35.67 21.56
N GLU A 273 12.34 35.51 20.26
CA GLU A 273 12.02 36.54 19.25
C GLU A 273 10.53 36.63 18.92
N GLU A 274 9.74 35.59 19.17
CA GLU A 274 8.28 35.62 19.06
C GLU A 274 7.68 36.48 20.18
N LEU A 275 8.13 36.27 21.41
CA LEU A 275 7.73 37.09 22.56
C LEU A 275 8.27 38.53 22.47
N GLY A 276 9.29 38.76 21.65
CA GLY A 276 9.88 40.09 21.44
C GLY A 276 10.95 40.45 22.46
N ILE A 277 11.69 39.47 22.99
CA ILE A 277 12.84 39.71 23.86
C ILE A 277 13.85 40.61 23.17
N ASN A 278 14.31 41.65 23.87
CA ASN A 278 15.35 42.55 23.40
C ASN A 278 16.71 41.82 23.40
N ALA A 279 17.22 41.40 22.24
CA ALA A 279 18.34 40.48 22.16
C ALA A 279 19.63 40.98 22.81
N GLU A 280 19.85 42.30 22.88
CA GLU A 280 20.97 42.93 23.57
C GLU A 280 20.95 42.74 25.10
N THR A 281 19.79 42.45 25.71
CA THR A 281 19.65 42.36 27.18
C THR A 281 18.91 41.10 27.67
N GLY A 282 18.29 40.32 26.78
CA GLY A 282 17.63 39.05 27.13
C GLY A 282 16.30 39.20 27.86
N GLN A 283 15.72 40.40 27.89
CA GLN A 283 14.54 40.75 28.69
C GLN A 283 13.46 41.44 27.86
N ARG A 284 12.23 41.48 28.37
CA ARG A 284 11.12 42.23 27.80
C ARG A 284 10.20 42.76 28.90
N MET A 285 10.10 44.07 29.07
CA MET A 285 9.11 44.64 29.97
C MET A 285 7.69 44.38 29.47
N PHE A 286 6.74 44.19 30.38
CA PHE A 286 5.31 44.21 30.07
C PHE A 286 4.51 44.82 31.23
N ASP A 287 3.38 45.47 30.93
CA ASP A 287 2.54 46.10 31.94
C ASP A 287 1.91 45.06 32.87
N ALA A 288 2.23 45.10 34.15
CA ALA A 288 1.83 44.08 35.12
C ALA A 288 0.71 44.50 36.07
N TYR A 289 -0.11 45.49 35.69
CA TYR A 289 -1.27 45.89 36.48
C TYR A 289 -2.28 44.74 36.59
N MET A 290 -3.14 44.86 37.59
CA MET A 290 -4.14 43.89 37.99
C MET A 290 -5.06 43.44 36.85
N ALA A 291 -5.37 42.14 36.80
CA ALA A 291 -6.35 41.48 35.93
C ALA A 291 -6.13 41.52 34.40
N ARG A 292 -5.07 42.14 33.88
CA ARG A 292 -4.71 42.07 32.45
C ARG A 292 -4.40 40.63 32.04
N ILE A 293 -4.77 40.21 30.83
CA ILE A 293 -4.58 38.83 30.36
C ILE A 293 -3.51 38.83 29.26
N LEU A 294 -2.44 38.06 29.41
CA LEU A 294 -1.45 37.88 28.35
C LEU A 294 -1.96 36.89 27.30
N ALA A 295 -1.75 37.15 26.02
CA ALA A 295 -2.11 36.22 24.96
C ALA A 295 -0.91 35.94 24.04
N PHE A 296 -0.62 34.66 23.80
CA PHE A 296 0.53 34.20 23.03
C PHE A 296 0.11 33.40 21.79
N GLU A 297 0.85 33.57 20.69
CA GLU A 297 0.68 32.76 19.48
C GLU A 297 1.07 31.29 19.65
N GLY A 298 1.94 30.97 20.61
CA GLY A 298 2.64 29.70 20.69
C GLY A 298 1.72 28.47 20.64
N GLY A 299 2.09 27.49 19.79
CA GLY A 299 1.35 26.24 19.60
C GLY A 299 2.24 25.00 19.45
N GLU A 300 3.56 25.14 19.57
CA GLU A 300 4.56 24.06 19.44
C GLU A 300 4.62 23.16 20.71
N GLY A 301 3.46 22.71 21.18
CA GLY A 301 3.31 22.15 22.55
C GLY A 301 3.47 23.21 23.64
N ALA A 302 3.34 24.50 23.29
CA ALA A 302 3.61 25.62 24.18
C ALA A 302 2.68 25.61 25.38
N HIS A 303 3.24 25.77 26.58
CA HIS A 303 2.50 25.78 27.84
C HIS A 303 3.23 26.58 28.91
N ALA A 304 2.48 27.12 29.86
CA ALA A 304 3.02 27.67 31.09
C ALA A 304 3.18 26.57 32.14
N GLU A 305 4.16 26.69 33.03
CA GLU A 305 4.23 25.89 34.26
C GLU A 305 5.14 26.59 35.27
N GLN A 306 5.17 26.13 36.51
CA GLN A 306 5.87 26.82 37.57
C GLN A 306 6.50 25.85 38.56
N PHE A 307 7.65 26.23 39.12
CA PHE A 307 8.19 25.56 40.30
C PHE A 307 7.46 26.08 41.54
N SER A 308 7.25 25.23 42.54
CA SER A 308 6.54 25.63 43.75
C SER A 308 7.35 26.62 44.59
N ALA A 309 6.66 27.33 45.48
CA ALA A 309 7.32 27.93 46.62
C ALA A 309 7.91 26.84 47.53
N ALA A 310 8.90 27.19 48.35
CA ALA A 310 9.26 26.43 49.53
C ALA A 310 8.34 26.81 50.69
N GLU A 311 7.85 25.83 51.44
CA GLU A 311 7.02 26.06 52.62
C GLU A 311 7.91 26.53 53.78
N LEU A 312 7.90 27.81 54.17
CA LEU A 312 8.82 28.27 55.24
C LEU A 312 8.53 27.59 56.58
N ARG A 313 7.29 27.17 56.84
CA ARG A 313 6.94 26.42 58.05
C ARG A 313 7.67 25.10 58.20
N ASN A 314 8.24 24.54 57.12
CA ASN A 314 9.07 23.35 57.22
C ASN A 314 10.30 23.59 58.10
N PHE A 315 10.86 24.81 58.10
CA PHE A 315 11.93 25.20 59.01
C PHE A 315 11.41 25.62 60.38
N VAL A 316 10.28 26.31 60.45
CA VAL A 316 9.71 26.73 61.74
C VAL A 316 9.36 25.53 62.60
N ASP A 317 8.88 24.43 62.01
CA ASP A 317 8.65 23.17 62.70
C ASP A 317 9.94 22.53 63.24
N ALA A 318 11.13 22.91 62.76
CA ALA A 318 12.41 22.54 63.36
C ALA A 318 12.91 23.58 64.37
N LEU A 319 12.62 24.87 64.19
CA LEU A 319 12.96 25.89 65.18
C LEU A 319 12.29 25.62 66.52
N ASP A 320 10.99 25.31 66.54
CA ASP A 320 10.32 25.09 67.83
C ASP A 320 10.76 23.78 68.50
N ALA A 321 11.21 22.79 67.71
CA ALA A 321 11.83 21.58 68.26
C ALA A 321 13.15 21.92 68.97
N LEU A 322 14.02 22.71 68.37
CA LEU A 322 15.25 23.16 69.02
C LEU A 322 14.97 24.09 70.20
N ASP A 323 13.92 24.91 70.19
CA ASP A 323 13.55 25.70 71.36
C ASP A 323 13.12 24.82 72.54
N ARG A 324 12.41 23.70 72.31
CA ARG A 324 12.13 22.73 73.39
C ARG A 324 13.39 22.07 73.92
N LYS A 325 14.40 21.81 73.09
CA LYS A 325 15.71 21.32 73.57
C LYS A 325 16.48 22.40 74.33
N ALA A 326 16.49 23.65 73.88
CA ALA A 326 17.12 24.73 74.61
C ALA A 326 16.51 24.93 75.99
N ALA A 327 15.18 24.82 76.11
CA ALA A 327 14.48 24.86 77.39
C ALA A 327 14.84 23.64 78.26
N SER A 328 14.79 22.43 77.71
CA SER A 328 15.13 21.19 78.42
C SER A 328 16.56 21.20 78.96
N TYR A 329 17.56 21.62 78.19
CA TYR A 329 18.94 21.63 78.65
C TYR A 329 19.23 22.76 79.65
N SER A 330 18.61 23.93 79.49
CA SER A 330 18.86 25.08 80.37
C SER A 330 18.11 24.99 81.70
N GLY A 331 16.90 24.42 81.72
CA GLY A 331 16.06 24.38 82.91
C GLY A 331 15.34 25.69 83.25
N LEU A 332 15.36 26.66 82.34
CA LEU A 332 14.56 27.87 82.45
C LEU A 332 13.06 27.55 82.39
N PRO A 333 12.17 28.38 82.95
CA PRO A 333 10.74 28.30 82.68
C PRO A 333 10.48 28.26 81.16
N PRO A 334 9.58 27.42 80.63
CA PRO A 334 9.26 27.38 79.21
C PRO A 334 8.82 28.73 78.61
N GLN A 335 8.34 29.64 79.45
CA GLN A 335 8.03 31.03 79.12
C GLN A 335 9.24 31.76 78.50
N TYR A 336 10.46 31.52 79.01
CA TYR A 336 11.64 32.28 78.61
C TYR A 336 12.12 31.90 77.19
N LEU A 337 11.78 30.71 76.70
CA LEU A 337 11.98 30.30 75.30
C LEU A 337 10.66 30.41 74.49
N SER A 338 9.63 31.09 75.00
CA SER A 338 8.29 31.23 74.40
C SER A 338 7.67 29.92 73.90
N SER A 339 7.97 28.80 74.56
CA SER A 339 7.72 27.45 74.05
C SER A 339 6.41 26.80 74.54
N SER A 340 5.85 27.24 75.67
CA SER A 340 4.56 26.74 76.16
C SER A 340 3.37 27.44 75.50
N SER A 341 2.26 26.72 75.32
CA SER A 341 0.95 27.33 74.99
C SER A 341 0.24 27.85 76.25
N ASP A 342 0.49 27.24 77.40
CA ASP A 342 0.06 27.71 78.73
C ASP A 342 1.03 28.74 79.33
N ASN A 343 0.57 29.45 80.36
CA ASN A 343 1.28 30.51 81.06
C ASN A 343 0.74 30.55 82.51
N PRO A 344 1.57 30.32 83.55
CA PRO A 344 1.09 30.00 84.89
C PRO A 344 0.41 31.17 85.57
N ALA A 345 -0.70 30.91 86.29
CA ALA A 345 -1.60 31.97 86.76
C ALA A 345 -2.01 31.87 88.24
N SER A 346 -1.37 31.00 89.00
CA SER A 346 -1.48 30.86 90.46
C SER A 346 -0.08 30.91 91.08
N ALA A 347 0.05 31.37 92.32
CA ALA A 347 1.35 31.40 93.01
C ALA A 347 1.99 30.00 93.10
N GLU A 348 1.18 28.95 93.22
CA GLU A 348 1.63 27.56 93.15
C GLU A 348 2.18 27.21 91.77
N ALA A 349 1.50 27.57 90.68
CA ALA A 349 1.98 27.25 89.34
C ALA A 349 3.28 27.98 88.98
N ILE A 350 3.53 29.15 89.55
CA ILE A 350 4.82 29.85 89.44
C ILE A 350 5.91 29.05 90.15
N LYS A 351 5.69 28.65 91.41
CA LYS A 351 6.64 27.83 92.18
C LYS A 351 6.92 26.50 91.46
N ALA A 352 5.96 25.93 90.77
CA ALA A 352 6.15 24.73 89.96
C ALA A 352 7.09 24.98 88.78
N ALA A 353 6.79 25.98 87.94
CA ALA A 353 7.52 26.26 86.71
C ALA A 353 8.94 26.78 86.95
N GLU A 354 9.16 27.62 87.96
CA GLU A 354 10.49 28.14 88.29
C GLU A 354 11.38 27.12 89.03
N SER A 355 10.85 26.00 89.50
CA SER A 355 11.54 25.13 90.47
C SER A 355 12.94 24.71 90.04
N ARG A 356 13.16 24.36 88.77
CA ARG A 356 14.48 23.94 88.29
C ARG A 356 15.45 25.09 88.06
N LEU A 357 14.97 26.30 87.81
CA LEU A 357 15.81 27.50 87.82
C LEU A 357 16.15 27.90 89.26
N VAL A 358 15.17 27.94 90.17
CA VAL A 358 15.37 28.30 91.58
C VAL A 358 16.44 27.44 92.23
N LYS A 359 16.36 26.11 92.15
CA LYS A 359 17.35 25.27 92.83
C LYS A 359 18.70 25.20 92.12
N LYS A 360 18.79 25.58 90.84
CA LYS A 360 20.08 25.81 90.17
C LYS A 360 20.73 27.08 90.71
N VAL A 361 19.98 28.15 90.95
CA VAL A 361 20.50 29.36 91.58
C VAL A 361 20.88 29.12 93.03
N GLU A 362 20.09 28.40 93.82
CA GLU A 362 20.48 28.07 95.20
C GLU A 362 21.77 27.24 95.26
N ARG A 363 22.05 26.39 94.26
CA ARG A 363 23.33 25.68 94.12
C ARG A 363 24.48 26.66 93.89
N LYS A 364 24.33 27.64 93.00
CA LYS A 364 25.36 28.67 92.79
C LYS A 364 25.59 29.53 94.03
N ASN A 365 24.54 29.88 94.76
CA ASN A 365 24.67 30.71 95.96
C ASN A 365 25.63 30.09 96.98
N LYS A 366 25.55 28.79 97.29
CA LYS A 366 26.51 28.18 98.22
C LYS A 366 27.92 28.02 97.64
N ILE A 367 28.06 27.68 96.36
CA ILE A 367 29.37 27.53 95.72
C ILE A 367 30.13 28.86 95.67
N PHE A 368 29.47 29.97 95.31
CA PHE A 368 30.08 31.30 95.33
C PHE A 368 30.20 31.85 96.77
N GLY A 369 29.24 31.57 97.65
CA GLY A 369 29.33 31.94 99.06
C GLY A 369 30.57 31.37 99.74
N GLY A 370 30.94 30.13 99.42
CA GLY A 370 32.17 29.50 99.90
C GLY A 370 33.47 30.22 99.51
N ALA A 371 33.46 31.08 98.49
CA ALA A 371 34.60 31.94 98.14
C ALA A 371 34.52 33.30 98.84
N TRP A 372 33.33 33.88 98.99
CA TRP A 372 33.17 35.17 99.67
C TRP A 372 33.51 35.12 101.15
N GLU A 373 33.24 34.03 101.86
CA GLU A 373 33.68 33.92 103.24
C GLU A 373 35.21 33.90 103.37
N GLN A 374 35.93 33.28 102.42
CA GLN A 374 37.39 33.28 102.43
C GLN A 374 37.93 34.69 102.21
N ALA A 375 37.39 35.43 101.23
CA ALA A 375 37.78 36.81 101.01
C ALA A 375 37.55 37.68 102.25
N MET A 376 36.45 37.46 102.98
CA MET A 376 36.20 38.19 104.23
C MET A 376 37.13 37.76 105.37
N ARG A 377 37.50 36.49 105.50
CA ARG A 377 38.53 36.08 106.49
C ARG A 377 39.90 36.68 106.17
N LEU A 378 40.34 36.66 104.92
CA LEU A 378 41.59 37.30 104.53
C LEU A 378 41.53 38.81 104.73
N ALA A 379 40.41 39.48 104.43
CA ALA A 379 40.25 40.89 104.71
C ALA A 379 40.31 41.20 106.21
N TYR A 380 39.71 40.39 107.08
CA TYR A 380 39.84 40.58 108.52
C TYR A 380 41.30 40.49 108.97
N LYS A 381 42.02 39.47 108.53
CA LYS A 381 43.44 39.30 108.87
C LYS A 381 44.31 40.42 108.28
N MET A 382 43.97 40.96 107.12
CA MET A 382 44.61 42.13 106.52
C MET A 382 44.45 43.39 107.39
N VAL A 383 43.24 43.65 107.91
CA VAL A 383 42.94 44.87 108.68
C VAL A 383 43.39 44.76 110.14
N LYS A 384 42.93 43.74 110.87
CA LYS A 384 43.17 43.61 112.32
C LYS A 384 44.57 43.07 112.65
N GLY A 385 45.27 42.49 111.69
CA GLY A 385 46.66 42.01 111.81
C GLY A 385 46.82 40.70 112.59
N GLY A 386 46.14 40.56 113.74
CA GLY A 386 46.14 39.33 114.53
C GLY A 386 45.43 38.17 113.83
N ASP A 387 45.71 36.93 114.23
CA ASP A 387 45.06 35.74 113.68
C ASP A 387 43.57 35.71 114.02
N ILE A 388 42.72 35.20 113.11
CA ILE A 388 41.27 35.46 113.14
C ILE A 388 40.56 34.74 114.29
N PRO A 389 39.48 35.31 114.88
CA PRO A 389 38.71 34.67 115.94
C PRO A 389 38.09 33.37 115.44
N THR A 390 38.11 32.30 116.25
CA THR A 390 37.76 30.95 115.79
C THR A 390 36.31 30.77 115.30
N GLU A 391 35.41 31.71 115.59
CA GLU A 391 34.04 31.69 115.07
C GLU A 391 33.98 31.98 113.58
N TYR A 392 34.95 32.72 113.02
CA TYR A 392 34.91 33.14 111.61
C TYR A 392 35.16 31.96 110.66
N TYR A 393 35.74 30.85 111.11
CA TYR A 393 35.80 29.61 110.33
C TYR A 393 34.43 28.97 110.10
N ARG A 394 33.39 29.40 110.83
CA ARG A 394 32.04 28.81 110.85
C ARG A 394 30.98 29.76 110.29
N MET A 395 31.38 30.88 109.70
CA MET A 395 30.46 31.87 109.16
C MET A 395 29.67 31.34 107.97
N GLU A 396 28.51 31.93 107.69
CA GLU A 396 27.66 31.61 106.55
C GLU A 396 27.26 32.87 105.80
N THR A 397 27.38 32.87 104.47
CA THR A 397 26.80 33.90 103.61
C THR A 397 25.28 33.72 103.53
N VAL A 398 24.50 34.76 103.75
CA VAL A 398 23.04 34.73 103.62
C VAL A 398 22.63 35.43 102.34
N TRP A 399 21.85 34.73 101.50
CA TRP A 399 21.46 35.19 100.17
C TRP A 399 19.96 35.38 100.07
N ARG A 400 19.50 36.39 99.34
CA ARG A 400 18.07 36.63 99.13
C ARG A 400 17.46 35.54 98.26
N ASP A 401 16.27 35.06 98.63
CA ASP A 401 15.60 33.92 97.97
C ASP A 401 15.40 34.18 96.47
N PRO A 402 15.85 33.29 95.56
CA PRO A 402 15.84 33.55 94.13
C PRO A 402 14.47 33.35 93.46
N SER A 403 13.45 32.86 94.16
CA SER A 403 12.11 32.66 93.58
C SER A 403 11.37 33.99 93.31
N THR A 404 10.47 34.02 92.32
CA THR A 404 9.59 35.18 92.09
C THR A 404 8.71 35.41 93.34
N PRO A 405 8.64 36.63 93.91
CA PRO A 405 8.38 36.78 95.35
C PRO A 405 6.93 36.55 95.83
N THR A 406 5.92 36.78 94.98
CA THR A 406 4.48 36.53 95.29
C THR A 406 4.05 36.99 96.69
N TYR A 407 4.23 38.28 96.98
CA TYR A 407 4.08 38.86 98.33
C TYR A 407 2.76 38.54 99.03
N ALA A 408 1.62 38.66 98.35
CA ALA A 408 0.32 38.49 98.97
C ALA A 408 0.08 37.06 99.51
N ALA A 409 0.53 36.04 98.76
CA ALA A 409 0.41 34.65 99.18
C ALA A 409 1.22 34.32 100.44
N LYS A 410 2.28 35.08 100.72
CA LYS A 410 3.08 34.96 101.96
C LYS A 410 2.44 35.74 103.11
N ALA A 411 1.92 36.94 102.85
CA ALA A 411 1.20 37.73 103.85
C ALA A 411 -0.07 37.02 104.36
N ASP A 412 -0.79 36.31 103.51
CA ASP A 412 -1.92 35.45 103.89
C ASP A 412 -1.51 34.29 104.82
N ALA A 413 -0.24 33.89 104.82
CA ALA A 413 0.29 32.74 105.54
C ALA A 413 0.99 33.15 106.83
N ALA A 414 1.93 34.10 106.77
CA ALA A 414 2.67 34.58 107.93
C ALA A 414 1.75 35.22 108.98
N ALA A 415 0.71 35.94 108.56
CA ALA A 415 -0.28 36.48 109.48
C ALA A 415 -1.08 35.39 110.22
N LYS A 416 -1.44 34.29 109.54
CA LYS A 416 -2.14 33.16 110.19
C LYS A 416 -1.25 32.35 111.12
N LEU A 417 0.05 32.26 110.84
CA LEU A 417 1.01 31.61 111.75
C LEU A 417 1.29 32.46 112.99
N PHE A 418 1.41 33.78 112.86
CA PHE A 418 1.69 34.65 114.00
C PHE A 418 0.47 34.91 114.88
N ALA A 419 -0.73 35.05 114.30
CA ALA A 419 -2.00 35.23 115.01
C ALA A 419 -1.95 36.26 116.15
N ASN A 420 -1.47 37.47 115.84
CA ASN A 420 -1.34 38.59 116.79
C ASN A 420 -0.54 38.26 118.07
N GLY A 421 0.42 37.33 117.97
CA GLY A 421 1.31 36.92 119.06
C GLY A 421 0.85 35.67 119.82
N ALA A 422 -0.39 35.22 119.64
CA ALA A 422 -0.89 33.98 120.22
C ALA A 422 -0.53 32.72 119.40
N GLY A 423 -0.02 32.90 118.18
CA GLY A 423 0.17 31.83 117.20
C GLY A 423 1.43 30.99 117.40
N LEU A 424 1.80 30.27 116.34
CA LEU A 424 2.82 29.24 116.34
C LEU A 424 4.25 29.78 116.45
N ILE A 425 4.56 30.92 115.83
CA ILE A 425 5.94 31.41 115.63
C ILE A 425 6.22 32.72 116.37
N PRO A 426 7.48 32.99 116.77
CA PRO A 426 7.87 34.29 117.29
C PRO A 426 7.82 35.36 116.20
N ARG A 427 7.72 36.63 116.57
CA ARG A 427 7.57 37.76 115.63
C ARG A 427 8.68 37.79 114.59
N GLU A 428 9.95 37.72 114.98
CA GLU A 428 11.03 37.85 114.00
C GLU A 428 11.07 36.69 113.00
N ARG A 429 10.61 35.48 113.33
CA ARG A 429 10.51 34.42 112.32
C ARG A 429 9.52 34.81 111.22
N GLY A 430 8.42 35.46 111.56
CA GLY A 430 7.48 35.93 110.56
C GLY A 430 8.13 36.94 109.61
N TRP A 431 9.06 37.77 110.08
CA TRP A 431 9.84 38.66 109.22
C TRP A 431 10.81 37.91 108.31
N VAL A 432 11.49 36.88 108.82
CA VAL A 432 12.37 36.05 108.00
C VAL A 432 11.60 35.33 106.90
N ASP A 433 10.44 34.76 107.21
CA ASP A 433 9.59 34.09 106.23
C ASP A 433 8.98 35.05 105.21
N MET A 434 8.61 36.28 105.60
CA MET A 434 8.21 37.32 104.65
C MET A 434 9.36 37.80 103.76
N GLY A 435 10.61 37.48 104.11
CA GLY A 435 11.78 37.73 103.26
C GLY A 435 12.46 39.08 103.46
N TYR A 436 12.18 39.81 104.55
CA TYR A 436 12.87 41.06 104.83
C TYR A 436 14.35 40.78 105.15
N THR A 437 15.27 41.53 104.55
CA THR A 437 16.72 41.26 104.65
C THR A 437 17.29 41.52 106.04
N ILE A 438 18.54 41.11 106.29
CA ILE A 438 19.26 41.32 107.56
C ILE A 438 19.21 42.79 108.01
N VAL A 439 19.34 43.74 107.06
CA VAL A 439 19.30 45.18 107.33
C VAL A 439 17.87 45.68 107.56
N GLU A 440 16.90 45.22 106.77
CA GLU A 440 15.50 45.61 106.95
C GLU A 440 14.93 45.15 108.29
N ARG A 441 15.29 43.94 108.75
CA ARG A 441 14.88 43.42 110.05
C ARG A 441 15.40 44.29 111.19
N GLU A 442 16.65 44.74 111.16
CA GLU A 442 17.16 45.65 112.17
C GLU A 442 16.43 46.99 112.15
N GLN A 443 16.16 47.57 110.98
CA GLN A 443 15.40 48.81 110.91
C GLN A 443 13.98 48.64 111.47
N MET A 444 13.32 47.49 111.21
CA MET A 444 12.03 47.19 111.82
C MET A 444 12.08 47.04 113.34
N ARG A 445 13.15 46.51 113.95
CA ARG A 445 13.24 46.47 115.43
C ARG A 445 13.21 47.86 116.05
N GLN A 446 13.72 48.87 115.34
CA GLN A 446 13.67 50.25 115.79
C GLN A 446 12.28 50.88 115.59
N TRP A 447 11.64 50.70 114.43
CA TRP A 447 10.26 51.18 114.23
C TRP A 447 9.27 50.49 115.18
N LEU A 448 9.43 49.19 115.45
CA LEU A 448 8.57 48.44 116.36
C LEU A 448 8.68 49.00 117.78
N GLU A 449 9.88 49.33 118.25
CA GLU A 449 10.06 49.98 119.55
C GLU A 449 9.41 51.37 119.60
N GLN A 450 9.49 52.17 118.54
CA GLN A 450 8.80 53.46 118.47
C GLN A 450 7.27 53.29 118.50
N ASP A 451 6.72 52.35 117.71
CA ASP A 451 5.29 52.05 117.73
C ASP A 451 4.83 51.57 119.12
N GLN A 452 5.59 50.66 119.76
CA GLN A 452 5.26 50.14 121.09
C GLN A 452 5.32 51.24 122.16
N LYS A 453 6.27 52.17 122.06
CA LYS A 453 6.40 53.30 122.98
C LYS A 453 5.29 54.34 122.77
N GLN A 454 4.89 54.60 121.53
CA GLN A 454 3.80 55.53 121.19
C GLN A 454 2.41 55.01 121.61
N GLY A 455 2.19 53.69 121.55
CA GLY A 455 0.96 53.02 122.02
C GLY A 455 -0.07 52.79 120.93
N SER B 6 52.34 -6.44 107.20
CA SER B 6 53.10 -7.45 106.45
C SER B 6 53.73 -6.85 105.19
N ILE B 7 52.95 -6.50 104.16
CA ILE B 7 53.46 -6.00 102.87
C ILE B 7 54.13 -4.62 103.03
N ASP B 8 55.23 -4.40 102.33
CA ASP B 8 55.98 -3.14 102.32
C ASP B 8 55.16 -1.98 101.72
N PRO B 9 54.96 -0.85 102.42
CA PRO B 9 54.30 0.35 101.88
C PRO B 9 54.85 0.80 100.53
N GLU B 10 56.15 0.65 100.27
CA GLU B 10 56.77 0.99 98.98
C GLU B 10 56.19 0.15 97.83
N LYS B 11 55.81 -1.11 98.11
CA LYS B 11 55.20 -2.04 97.16
C LYS B 11 53.69 -1.85 97.09
N LEU B 12 53.02 -1.56 98.21
CA LEU B 12 51.59 -1.25 98.24
C LEU B 12 51.30 -0.02 97.38
N ARG B 13 52.08 1.06 97.50
CA ARG B 13 51.94 2.26 96.67
C ARG B 13 51.95 1.90 95.19
N ASP B 14 52.95 1.14 94.74
CA ASP B 14 53.10 0.82 93.33
C ASP B 14 51.99 -0.10 92.79
N GLN B 15 51.46 -1.06 93.56
CA GLN B 15 50.32 -1.86 93.08
C GLN B 15 49.01 -1.10 93.13
N LEU B 16 48.79 -0.23 94.14
CA LEU B 16 47.55 0.55 94.23
C LEU B 16 47.49 1.64 93.16
N LEU B 17 48.60 2.30 92.81
CA LEU B 17 48.61 3.23 91.69
C LEU B 17 48.29 2.55 90.36
N ASP B 18 48.67 1.28 90.18
CA ASP B 18 48.30 0.51 89.00
C ASP B 18 46.79 0.21 88.98
N ALA B 19 46.20 -0.22 90.09
CA ALA B 19 44.76 -0.45 90.21
C ALA B 19 43.94 0.84 90.03
N PHE B 20 44.38 1.94 90.65
CA PHE B 20 43.79 3.27 90.48
C PHE B 20 43.82 3.73 89.03
N GLU B 21 44.93 3.54 88.31
CA GLU B 21 45.00 3.91 86.90
C GLU B 21 44.10 3.02 86.03
N ASN B 22 44.00 1.72 86.33
CA ASN B 22 43.09 0.83 85.60
C ASN B 22 41.63 1.25 85.75
N LYS B 23 41.18 1.72 86.92
CA LYS B 23 39.80 2.23 87.09
C LYS B 23 39.49 3.40 86.17
N GLN B 24 40.47 4.22 85.80
CA GLN B 24 40.21 5.37 84.92
C GLN B 24 39.73 4.97 83.52
N ASN B 25 39.93 3.71 83.10
CA ASN B 25 39.34 3.21 81.86
C ASN B 25 37.81 3.04 81.97
N GLU B 26 37.26 2.73 83.15
CA GLU B 26 35.81 2.69 83.35
C GLU B 26 35.21 4.09 83.50
N LEU B 27 35.79 4.94 84.34
CA LEU B 27 35.19 6.24 84.69
C LEU B 27 35.04 7.19 83.50
N LYS B 28 35.95 7.12 82.51
CA LYS B 28 35.83 7.90 81.26
C LYS B 28 34.54 7.65 80.51
N SER B 29 33.94 6.46 80.63
CA SER B 29 32.66 6.18 79.97
C SER B 29 31.52 7.02 80.57
N SER B 30 31.34 7.01 81.88
CA SER B 30 30.30 7.78 82.58
C SER B 30 30.52 9.29 82.48
N LYS B 31 31.77 9.76 82.52
CA LYS B 31 32.11 11.16 82.27
C LYS B 31 31.59 11.63 80.91
N ALA B 32 31.75 10.84 79.85
CA ALA B 32 31.37 11.22 78.49
C ALA B 32 29.86 11.32 78.23
N TYR B 33 29.00 11.02 79.21
CA TYR B 33 27.57 11.31 79.16
C TYR B 33 27.21 12.56 79.96
N TYR B 34 27.84 12.82 81.11
CA TYR B 34 27.59 14.02 81.90
C TYR B 34 28.25 15.28 81.30
N ASP B 35 29.47 15.16 80.78
CA ASP B 35 30.04 16.11 79.83
C ASP B 35 29.81 15.55 78.43
N ALA B 36 29.21 16.31 77.52
CA ALA B 36 28.91 15.80 76.18
C ALA B 36 30.15 15.78 75.27
N GLU B 37 31.09 14.91 75.59
CA GLU B 37 32.20 14.53 74.72
C GLU B 37 31.68 13.70 73.53
N ARG B 38 32.43 13.64 72.44
CA ARG B 38 32.03 12.90 71.24
C ARG B 38 31.91 11.41 71.54
N ARG B 39 30.73 10.83 71.33
CA ARG B 39 30.47 9.39 71.36
C ARG B 39 30.25 8.88 69.94
N PRO B 40 30.92 7.80 69.49
CA PRO B 40 30.65 7.21 68.18
C PRO B 40 29.17 6.86 67.98
N ASP B 41 28.53 6.30 69.00
CA ASP B 41 27.12 5.91 68.92
C ASP B 41 26.14 7.09 68.84
N ALA B 42 26.57 8.32 69.15
CA ALA B 42 25.72 9.51 69.03
C ALA B 42 25.68 10.10 67.61
N ILE B 43 26.61 9.74 66.73
CA ILE B 43 26.73 10.35 65.41
C ILE B 43 25.63 9.84 64.47
N GLY B 44 24.81 10.74 63.93
CA GLY B 44 23.69 10.38 63.06
C GLY B 44 24.18 9.86 61.71
N LEU B 45 23.76 8.67 61.30
CA LEU B 45 24.42 7.96 60.21
C LEU B 45 24.15 8.55 58.82
N ALA B 46 23.02 9.21 58.61
CA ALA B 46 22.62 9.68 57.29
C ALA B 46 23.43 10.87 56.78
N VAL B 47 24.01 11.69 57.66
CA VAL B 47 24.72 12.90 57.22
C VAL B 47 26.09 12.55 56.61
N PRO B 48 26.50 13.18 55.50
CA PRO B 48 27.73 12.83 54.80
C PRO B 48 28.99 13.16 55.62
N LEU B 49 30.12 12.53 55.28
CA LEU B 49 31.30 12.47 56.15
C LEU B 49 31.87 13.83 56.52
N ASP B 50 31.75 14.84 55.66
CA ASP B 50 32.22 16.19 55.93
C ASP B 50 31.29 16.95 56.88
N MET B 51 29.97 16.73 56.81
CA MET B 51 29.01 17.30 57.76
C MET B 51 29.04 16.64 59.13
N ARG B 52 29.59 15.43 59.29
CA ARG B 52 29.68 14.75 60.60
C ARG B 52 30.52 15.49 61.65
N LYS B 53 31.22 16.58 61.30
CA LYS B 53 31.84 17.45 62.31
C LYS B 53 30.83 18.22 63.16
N TYR B 54 29.61 18.40 62.67
CA TYR B 54 28.53 19.12 63.37
C TYR B 54 27.78 18.20 64.33
N LEU B 55 28.45 17.81 65.41
CA LEU B 55 27.84 16.96 66.44
C LEU B 55 26.61 17.65 67.08
N ALA B 56 25.57 16.88 67.35
CA ALA B 56 24.53 17.26 68.31
C ALA B 56 24.82 16.63 69.67
N HIS B 57 24.38 17.29 70.74
CA HIS B 57 24.56 16.84 72.12
C HIS B 57 23.23 16.82 72.86
N VAL B 58 23.03 15.85 73.75
CA VAL B 58 21.76 15.66 74.46
C VAL B 58 21.95 15.71 75.97
N GLY B 59 21.27 16.67 76.59
CA GLY B 59 21.45 17.01 78.01
C GLY B 59 20.68 16.16 79.00
N TYR B 60 20.09 15.02 78.63
CA TYR B 60 19.32 14.21 79.59
C TYR B 60 20.16 13.73 80.79
N PRO B 61 21.39 13.20 80.64
CA PRO B 61 22.17 12.72 81.77
C PRO B 61 22.53 13.83 82.76
N ARG B 62 22.99 14.99 82.27
CA ARG B 62 23.26 16.16 83.11
C ARG B 62 22.00 16.64 83.80
N THR B 63 20.88 16.70 83.09
CA THR B 63 19.58 17.11 83.64
C THR B 63 19.15 16.21 84.78
N TYR B 64 19.31 14.89 84.63
CA TYR B 64 18.91 13.92 85.65
C TYR B 64 19.79 14.00 86.90
N VAL B 65 21.12 14.03 86.75
CA VAL B 65 22.02 14.13 87.89
C VAL B 65 21.89 15.48 88.62
N ASP B 66 21.73 16.60 87.91
CA ASP B 66 21.41 17.87 88.54
C ASP B 66 20.08 17.78 89.31
N ALA B 67 19.02 17.25 88.70
CA ALA B 67 17.71 17.23 89.33
C ALA B 67 17.65 16.37 90.60
N ILE B 68 18.59 15.45 90.82
CA ILE B 68 18.76 14.78 92.12
C ILE B 68 19.61 15.65 93.04
N ALA B 69 20.83 16.01 92.64
CA ALA B 69 21.79 16.66 93.52
C ALA B 69 21.37 18.06 93.99
N GLU B 70 20.53 18.77 93.24
CA GLU B 70 19.92 20.02 93.67
C GLU B 70 19.00 19.86 94.90
N ARG B 71 18.36 18.71 95.06
CA ARG B 71 17.36 18.46 96.11
C ARG B 71 17.98 17.98 97.43
N GLN B 72 19.16 17.37 97.39
CA GLN B 72 19.85 16.84 98.57
C GLN B 72 20.49 17.96 99.40
N GLU B 73 20.08 18.12 100.66
CA GLU B 73 20.73 19.02 101.60
C GLU B 73 20.59 18.52 103.03
N LEU B 74 21.72 18.30 103.72
CA LEU B 74 21.74 17.91 105.12
C LEU B 74 21.41 19.11 106.00
N GLU B 75 20.56 18.95 107.01
CA GLU B 75 20.17 20.03 107.93
C GLU B 75 20.52 19.76 109.40
N GLY B 76 21.03 18.57 109.73
CA GLY B 76 21.58 18.28 111.04
C GLY B 76 21.88 16.80 111.26
N PHE B 77 22.34 16.48 112.46
CA PHE B 77 22.44 15.13 112.99
C PHE B 77 21.59 15.05 114.27
N ARG B 78 21.10 13.87 114.64
CA ARG B 78 20.51 13.64 115.97
C ARG B 78 20.94 12.31 116.54
N ILE B 79 21.12 12.25 117.86
CA ILE B 79 21.67 11.09 118.58
C ILE B 79 20.73 10.77 119.76
N PRO B 80 20.38 9.50 120.01
CA PRO B 80 19.58 9.15 121.17
C PRO B 80 20.20 9.63 122.48
N SER B 81 19.40 10.23 123.35
CA SER B 81 19.90 10.72 124.65
C SER B 81 20.15 9.58 125.64
N ALA B 82 20.85 9.87 126.73
CA ALA B 82 20.99 8.97 127.87
C ALA B 82 19.64 8.72 128.58
N ASN B 83 19.58 7.73 129.46
CA ASN B 83 18.39 7.42 130.24
C ASN B 83 17.90 8.65 131.03
N GLY B 84 16.61 8.95 130.94
CA GLY B 84 16.01 10.23 131.37
C GLY B 84 15.55 11.12 130.20
N GLU B 85 15.96 10.77 128.97
CA GLU B 85 15.34 11.19 127.69
C GLU B 85 15.43 12.69 127.34
N GLU B 86 16.22 13.49 128.06
CA GLU B 86 16.40 14.93 127.79
C GLU B 86 16.99 15.16 126.38
N PRO B 87 16.28 15.81 125.44
CA PRO B 87 16.65 15.78 124.02
C PRO B 87 17.83 16.68 123.65
N GLU B 88 17.97 17.84 124.30
CA GLU B 88 19.02 18.85 124.02
C GLU B 88 19.45 19.59 125.30
N SER B 89 20.65 20.17 125.28
CA SER B 89 21.19 21.01 126.37
C SER B 89 22.20 22.05 125.85
N GLY B 90 22.40 23.12 126.61
CA GLY B 90 23.33 24.23 126.30
C GLY B 90 24.30 24.53 127.45
N GLY B 91 25.44 25.14 127.13
CA GLY B 91 26.60 25.22 128.02
C GLY B 91 27.32 23.87 128.09
N GLU B 92 26.71 22.90 128.78
CA GLU B 92 26.96 21.47 128.56
C GLU B 92 26.19 21.02 127.31
N ASN B 93 26.85 20.96 126.16
CA ASN B 93 26.18 20.89 124.85
C ASN B 93 25.47 19.55 124.55
N ASP B 94 24.48 19.61 123.66
CA ASP B 94 23.94 18.46 122.94
C ASP B 94 25.07 17.77 122.15
N PRO B 95 25.29 16.45 122.27
CA PRO B 95 26.37 15.75 121.58
C PRO B 95 26.26 15.81 120.06
N ALA B 96 25.04 15.94 119.51
CA ALA B 96 24.88 16.08 118.05
C ALA B 96 25.32 17.45 117.51
N SER B 97 25.33 18.48 118.36
CA SER B 97 25.75 19.83 117.94
C SER B 97 27.27 19.95 117.75
N GLU B 98 28.06 19.07 118.37
CA GLU B 98 29.48 18.92 118.08
C GLU B 98 29.71 18.49 116.61
N LEU B 99 28.98 17.46 116.16
CA LEU B 99 29.11 16.96 114.80
C LEU B 99 28.70 18.01 113.76
N TRP B 100 27.69 18.81 114.06
CA TRP B 100 27.30 19.91 113.19
C TRP B 100 28.31 21.06 113.21
N ASP B 101 28.96 21.33 114.33
CA ASP B 101 30.04 22.32 114.39
C ASP B 101 31.20 21.94 113.46
N TRP B 102 31.62 20.67 113.46
CA TRP B 102 32.64 20.17 112.53
C TRP B 102 32.18 20.19 111.08
N TRP B 103 30.89 19.94 110.81
CA TRP B 103 30.33 20.03 109.46
C TRP B 103 30.43 21.45 108.91
N GLN B 104 30.04 22.45 109.70
CA GLN B 104 30.18 23.85 109.34
C GLN B 104 31.64 24.29 109.25
N ALA B 105 32.49 23.96 110.23
CA ALA B 105 33.88 24.41 110.24
C ALA B 105 34.71 23.87 109.06
N ASN B 106 34.33 22.73 108.49
CA ASN B 106 34.95 22.18 107.28
C ASN B 106 34.32 22.72 105.96
N ASN B 107 33.21 23.45 106.01
CA ASN B 107 32.38 23.75 104.84
C ASN B 107 31.91 22.50 104.09
N LEU B 108 31.56 21.41 104.80
CA LEU B 108 30.97 20.24 104.15
C LEU B 108 29.61 20.55 103.53
N ASP B 109 28.92 21.61 103.94
CA ASP B 109 27.73 22.11 103.26
C ASP B 109 28.01 22.69 101.86
N ILE B 110 29.28 22.87 101.46
CA ILE B 110 29.68 22.96 100.06
C ILE B 110 30.21 21.59 99.58
N GLU B 111 31.23 21.03 100.23
CA GLU B 111 31.94 19.88 99.67
C GLU B 111 31.11 18.60 99.58
N ALA B 112 30.18 18.33 100.50
CA ALA B 112 29.37 17.11 100.44
C ALA B 112 28.38 17.19 99.28
N THR B 113 27.58 18.26 99.21
CA THR B 113 26.59 18.44 98.12
C THR B 113 27.27 18.51 96.75
N LEU B 114 28.50 19.03 96.68
CA LEU B 114 29.33 18.96 95.49
C LEU B 114 29.75 17.52 95.17
N GLY B 115 30.35 16.82 96.13
CA GLY B 115 30.82 15.43 95.98
C GLY B 115 29.71 14.40 95.75
N HIS B 116 28.46 14.67 96.14
CA HIS B 116 27.33 13.83 95.79
C HIS B 116 27.09 13.78 94.28
N THR B 117 27.46 14.80 93.48
CA THR B 117 27.36 14.65 92.02
C THR B 117 28.35 13.63 91.48
N ASP B 118 29.61 13.62 91.94
CA ASP B 118 30.57 12.58 91.57
C ASP B 118 30.12 11.18 92.04
N ALA B 119 29.50 11.08 93.22
CA ALA B 119 28.93 9.81 93.68
C ALA B 119 27.81 9.30 92.77
N LEU B 120 26.96 10.19 92.23
CA LEU B 120 25.93 9.82 91.26
C LEU B 120 26.52 9.54 89.87
N ILE B 121 27.47 10.34 89.37
CA ILE B 121 28.06 10.14 88.04
C ILE B 121 28.88 8.85 87.98
N TYR B 122 29.88 8.69 88.85
CA TYR B 122 30.82 7.56 88.80
C TYR B 122 30.35 6.34 89.59
N GLY B 123 29.36 6.49 90.46
CA GLY B 123 28.85 5.44 91.34
C GLY B 123 29.52 5.41 92.72
N THR B 124 30.61 6.15 92.95
CA THR B 124 31.29 6.20 94.25
C THR B 124 32.09 7.48 94.43
N ALA B 125 32.27 7.94 95.66
CA ALA B 125 33.18 9.01 96.05
C ALA B 125 33.60 8.80 97.51
N TYR B 126 34.73 9.36 97.96
CA TYR B 126 35.31 8.96 99.24
C TYR B 126 35.40 10.11 100.23
N ILE B 127 35.15 9.86 101.50
CA ILE B 127 35.30 10.83 102.58
C ILE B 127 36.59 10.50 103.32
N THR B 128 37.50 11.46 103.41
CA THR B 128 38.82 11.31 104.00
C THR B 128 38.86 12.06 105.33
N ILE B 129 39.17 11.39 106.42
CA ILE B 129 39.21 11.95 107.78
C ILE B 129 40.65 12.12 108.25
N SER B 130 41.01 13.25 108.86
CA SER B 130 42.37 13.50 109.34
C SER B 130 42.39 14.58 110.42
N MET B 131 43.48 14.72 111.17
CA MET B 131 43.72 15.91 112.00
C MET B 131 44.53 16.94 111.21
N PRO B 132 44.27 18.26 111.36
CA PRO B 132 45.06 19.29 110.71
C PRO B 132 46.45 19.39 111.33
N ASP B 133 47.44 19.78 110.55
CA ASP B 133 48.78 20.18 111.03
C ASP B 133 49.30 21.43 110.31
N PRO B 134 49.94 22.37 111.04
CA PRO B 134 50.21 23.72 110.53
C PRO B 134 51.32 23.80 109.47
N GLU B 135 51.97 22.68 109.17
CA GLU B 135 52.92 22.56 108.06
C GLU B 135 52.25 22.71 106.68
N VAL B 136 50.99 22.25 106.54
CA VAL B 136 50.33 22.13 105.22
C VAL B 136 49.43 23.32 104.89
N ASP B 137 48.58 23.78 105.81
CA ASP B 137 47.55 24.80 105.55
C ASP B 137 47.28 25.75 106.73
N PHE B 138 46.66 26.91 106.42
CA PHE B 138 46.63 28.08 107.31
C PHE B 138 45.22 28.59 107.66
N ASP B 139 44.17 28.04 107.04
CA ASP B 139 42.79 28.56 107.11
C ASP B 139 41.77 27.53 107.61
N VAL B 140 42.19 26.64 108.51
CA VAL B 140 41.32 25.69 109.24
C VAL B 140 41.51 25.82 110.75
N ASP B 141 40.44 25.59 111.51
CA ASP B 141 40.48 25.59 112.98
C ASP B 141 41.29 24.38 113.48
N PRO B 142 42.43 24.56 114.18
CA PRO B 142 43.27 23.46 114.64
C PRO B 142 42.58 22.44 115.56
N GLU B 143 41.50 22.82 116.24
CA GLU B 143 40.78 21.92 117.17
C GLU B 143 39.81 20.95 116.44
N VAL B 144 39.52 21.20 115.17
CA VAL B 144 38.48 20.50 114.40
C VAL B 144 39.11 19.44 113.48
N PRO B 145 38.53 18.24 113.36
CA PRO B 145 39.03 17.25 112.42
C PRO B 145 38.87 17.76 110.99
N LEU B 146 39.94 17.66 110.22
CA LEU B 146 40.01 18.02 108.82
C LEU B 146 39.39 16.87 108.00
N ILE B 147 38.14 17.05 107.57
CA ILE B 147 37.36 16.08 106.79
C ILE B 147 37.23 16.61 105.36
N ARG B 148 37.53 15.78 104.34
CA ARG B 148 37.42 16.15 102.92
C ARG B 148 36.64 15.10 102.14
N VAL B 149 36.05 15.48 101.02
CA VAL B 149 35.46 14.56 100.05
C VAL B 149 36.34 14.54 98.80
N GLU B 150 36.67 13.36 98.30
CA GLU B 150 37.61 13.18 97.20
C GLU B 150 37.06 12.19 96.16
N PRO B 151 37.14 12.51 94.86
CA PRO B 151 36.46 11.77 93.81
C PRO B 151 37.25 10.52 93.39
N PRO B 152 36.62 9.54 92.71
CA PRO B 152 37.30 8.33 92.26
C PRO B 152 38.29 8.56 91.11
N THR B 153 38.33 9.77 90.54
CA THR B 153 39.38 10.21 89.62
C THR B 153 40.65 10.67 90.34
N ALA B 154 40.71 10.62 91.68
CA ALA B 154 41.88 11.00 92.48
C ALA B 154 42.07 10.16 93.75
N LEU B 155 41.22 9.18 94.03
CA LEU B 155 41.35 8.28 95.17
C LEU B 155 40.86 6.88 94.78
N TYR B 156 41.47 5.83 95.30
CA TYR B 156 41.01 4.45 95.16
C TYR B 156 41.13 3.71 96.47
N ALA B 157 40.16 2.85 96.77
CA ALA B 157 40.12 2.05 97.99
C ALA B 157 39.76 0.60 97.69
N GLU B 158 40.41 -0.35 98.36
CA GLU B 158 40.15 -1.77 98.18
C GLU B 158 39.25 -2.27 99.31
N VAL B 159 38.10 -2.87 98.99
CA VAL B 159 37.11 -3.34 99.98
C VAL B 159 37.11 -4.86 100.06
N ASP B 160 37.17 -5.43 101.26
CA ASP B 160 37.10 -6.88 101.45
C ASP B 160 35.66 -7.38 101.29
N PRO B 161 35.33 -8.18 100.26
CA PRO B 161 33.96 -8.65 100.07
C PRO B 161 33.47 -9.56 101.21
N ARG B 162 34.38 -10.14 102.01
CA ARG B 162 34.04 -10.94 103.21
C ARG B 162 33.40 -10.13 104.34
N THR B 163 33.76 -8.85 104.48
CA THR B 163 33.43 -8.05 105.68
C THR B 163 33.10 -6.57 105.40
N ARG B 164 33.09 -6.17 104.13
CA ARG B 164 32.63 -4.84 103.63
C ARG B 164 33.46 -3.63 104.05
N LYS B 165 34.52 -3.79 104.86
CA LYS B 165 35.44 -2.71 105.26
C LYS B 165 36.54 -2.50 104.21
N VAL B 166 37.12 -1.29 104.16
CA VAL B 166 38.30 -0.98 103.35
C VAL B 166 39.56 -1.59 103.97
N LEU B 167 40.42 -2.26 103.18
CA LEU B 167 41.73 -2.75 103.65
C LEU B 167 42.76 -1.63 103.69
N TYR B 168 42.85 -0.86 102.60
CA TYR B 168 43.81 0.21 102.37
C TYR B 168 43.33 1.07 101.19
N ALA B 169 43.87 2.28 101.06
CA ALA B 169 43.47 3.21 100.02
C ALA B 169 44.63 4.12 99.60
N ILE B 170 44.61 4.58 98.36
CA ILE B 170 45.60 5.50 97.78
C ILE B 170 44.88 6.76 97.31
N ARG B 171 45.44 7.94 97.58
CA ARG B 171 44.98 9.22 97.03
C ARG B 171 46.08 9.79 96.17
N ALA B 172 45.82 9.95 94.89
CA ALA B 172 46.83 10.17 93.86
C ALA B 172 46.46 11.37 93.00
N ILE B 173 47.29 12.41 93.00
CA ILE B 173 46.97 13.71 92.39
C ILE B 173 47.97 14.11 91.31
N TYR B 174 47.50 14.27 90.09
CA TYR B 174 48.28 14.75 88.95
C TYR B 174 48.50 16.26 89.00
N GLY B 175 49.59 16.73 88.39
CA GLY B 175 49.95 18.16 88.33
C GLY B 175 49.81 18.79 86.94
N ALA B 176 49.73 20.13 86.92
CA ALA B 176 49.90 20.98 85.73
C ALA B 176 49.05 20.58 84.50
N ASP B 177 47.84 20.08 84.72
CA ASP B 177 46.90 19.60 83.69
C ASP B 177 47.45 18.44 82.81
N GLY B 178 48.54 17.79 83.22
CA GLY B 178 49.23 16.74 82.48
C GLY B 178 48.93 15.33 83.00
N ASN B 179 49.97 14.49 83.09
CA ASN B 179 49.89 13.12 83.61
C ASN B 179 51.01 12.78 84.62
N GLU B 180 51.84 13.75 84.97
CA GLU B 180 52.80 13.67 86.07
C GLU B 180 52.07 13.52 87.41
N ILE B 181 52.23 12.38 88.08
CA ILE B 181 51.61 12.07 89.38
C ILE B 181 52.35 12.78 90.52
N VAL B 182 52.25 14.11 90.60
CA VAL B 182 53.10 14.95 91.46
C VAL B 182 53.00 14.68 92.96
N SER B 183 51.94 14.02 93.46
CA SER B 183 51.94 13.47 94.82
C SER B 183 51.02 12.26 94.95
N ALA B 184 51.35 11.36 95.87
CA ALA B 184 50.52 10.23 96.24
C ALA B 184 50.53 10.05 97.75
N THR B 185 49.42 9.59 98.32
CA THR B 185 49.23 9.31 99.74
C THR B 185 48.65 7.92 99.92
N LEU B 186 49.18 7.13 100.84
CA LEU B 186 48.71 5.79 101.20
C LEU B 186 48.07 5.82 102.59
N TYR B 187 46.89 5.23 102.73
CA TYR B 187 46.20 5.03 104.01
C TYR B 187 46.24 3.56 104.40
N LEU B 188 46.58 3.28 105.65
CA LEU B 188 46.61 1.95 106.25
C LEU B 188 45.92 2.01 107.62
N PRO B 189 45.43 0.89 108.18
CA PRO B 189 44.83 0.86 109.50
C PRO B 189 45.74 1.44 110.61
N ASP B 190 47.06 1.31 110.48
CA ASP B 190 48.02 1.83 111.47
C ASP B 190 48.41 3.31 111.26
N THR B 191 48.39 3.80 110.01
CA THR B 191 49.28 4.90 109.59
C THR B 191 48.86 5.50 108.25
N THR B 192 49.43 6.64 107.87
CA THR B 192 49.43 7.13 106.49
C THR B 192 50.81 7.63 106.07
N MET B 193 51.16 7.44 104.80
CA MET B 193 52.40 7.91 104.19
C MET B 193 52.10 8.78 102.97
N THR B 194 52.93 9.78 102.69
CA THR B 194 52.80 10.66 101.53
C THR B 194 54.15 10.86 100.83
N TRP B 195 54.15 10.83 99.50
CA TRP B 195 55.30 11.12 98.65
C TRP B 195 55.02 12.36 97.80
N LEU B 196 56.06 13.13 97.46
CA LEU B 196 55.93 14.53 97.03
C LEU B 196 56.63 14.85 95.69
N ARG B 197 56.80 13.86 94.81
CA ARG B 197 57.25 14.04 93.42
C ARG B 197 56.77 12.88 92.54
N ALA B 198 56.93 13.01 91.22
CA ALA B 198 56.44 12.06 90.22
C ALA B 198 56.97 10.62 90.37
N GLU B 199 56.28 9.67 89.74
CA GLU B 199 56.63 8.24 89.78
C GLU B 199 58.00 7.96 89.16
N GLY B 200 58.80 7.10 89.82
CA GLY B 200 60.21 6.86 89.48
C GLY B 200 61.16 7.97 89.97
N GLU B 201 60.65 8.99 90.67
CA GLU B 201 61.39 10.19 91.09
C GLU B 201 61.04 10.62 92.53
N TRP B 202 60.43 9.72 93.31
CA TRP B 202 59.83 10.00 94.61
C TRP B 202 60.78 10.64 95.65
N GLU B 203 60.24 11.52 96.50
CA GLU B 203 60.86 11.92 97.77
C GLU B 203 60.78 10.80 98.82
N ALA B 204 61.33 11.02 100.02
CA ALA B 204 61.11 10.14 101.18
C ALA B 204 59.66 10.23 101.70
N PRO B 205 59.09 9.14 102.25
CA PRO B 205 57.69 9.10 102.70
C PRO B 205 57.46 9.93 103.97
N THR B 206 56.88 11.11 103.83
CA THR B 206 56.37 11.88 104.99
C THR B 206 55.20 11.12 105.59
N SER B 207 55.27 10.73 106.86
CA SER B 207 54.38 9.69 107.42
C SER B 207 53.94 9.97 108.85
N THR B 208 52.76 9.49 109.23
CA THR B 208 52.22 9.64 110.60
C THR B 208 51.41 8.40 111.05
N PRO B 209 51.37 8.09 112.35
CA PRO B 209 50.45 7.12 112.91
C PRO B 209 49.06 7.74 113.11
N HIS B 210 48.02 6.92 113.29
CA HIS B 210 46.71 7.37 113.77
C HIS B 210 46.06 6.32 114.69
N GLY B 211 45.10 6.74 115.51
CA GLY B 211 44.60 5.94 116.63
C GLY B 211 43.50 4.92 116.31
N LEU B 212 43.01 4.86 115.07
CA LEU B 212 41.90 3.98 114.69
C LEU B 212 42.35 2.53 114.48
N GLU B 213 41.46 1.56 114.62
CA GLU B 213 41.66 0.19 114.14
C GLU B 213 41.33 0.02 112.63
N MET B 214 40.97 1.12 111.93
CA MET B 214 40.42 1.10 110.58
C MET B 214 40.95 2.23 109.70
N VAL B 215 40.89 2.06 108.38
CA VAL B 215 41.36 3.06 107.41
C VAL B 215 40.49 4.32 107.49
N PRO B 216 41.06 5.53 107.54
CA PRO B 216 40.32 6.79 107.65
C PRO B 216 39.71 7.26 106.32
N VAL B 217 39.25 6.34 105.48
CA VAL B 217 38.58 6.58 104.20
C VAL B 217 37.24 5.86 104.19
N ILE B 218 36.14 6.58 104.04
CA ILE B 218 34.78 6.03 104.00
C ILE B 218 34.16 6.23 102.61
N PRO B 219 33.74 5.19 101.89
CA PRO B 219 33.11 5.35 100.58
C PRO B 219 31.63 5.76 100.69
N ILE B 220 31.27 6.91 100.14
CA ILE B 220 29.91 7.21 99.68
C ILE B 220 29.71 6.39 98.40
N SER B 221 28.75 5.47 98.35
CA SER B 221 28.53 4.64 97.16
C SER B 221 27.07 4.61 96.77
N ASN B 222 26.79 4.72 95.47
CA ASN B 222 25.44 4.77 94.92
C ASN B 222 24.81 3.37 94.78
N ARG B 223 25.03 2.47 95.75
CA ARG B 223 24.53 1.09 95.68
C ARG B 223 23.00 1.05 95.68
N THR B 224 22.43 0.30 94.75
CA THR B 224 21.00 0.26 94.42
C THR B 224 20.29 -0.99 94.95
N ARG B 225 21.05 -2.04 95.24
CA ARG B 225 20.65 -3.35 95.77
C ARG B 225 21.69 -3.85 96.77
N LEU B 226 21.44 -4.98 97.45
CA LEU B 226 22.53 -5.87 97.85
C LEU B 226 23.16 -6.46 96.56
N SER B 227 24.24 -7.23 96.64
CA SER B 227 25.20 -7.25 95.50
C SER B 227 25.74 -5.82 95.32
N ASP B 228 26.08 -5.39 94.09
CA ASP B 228 26.34 -3.98 93.78
C ASP B 228 27.37 -3.32 94.72
N LEU B 229 28.36 -4.11 95.15
CA LEU B 229 29.17 -3.86 96.35
C LEU B 229 29.95 -2.54 96.29
N TYR B 230 30.45 -2.21 95.11
CA TYR B 230 31.27 -1.01 94.88
C TYR B 230 30.45 0.21 94.45
N GLY B 231 29.12 0.09 94.35
CA GLY B 231 28.23 1.13 93.82
C GLY B 231 28.23 1.21 92.29
N THR B 232 27.18 1.79 91.72
CA THR B 232 26.95 1.85 90.26
C THR B 232 26.54 3.26 89.82
N SER B 233 26.98 3.69 88.64
CA SER B 233 26.62 5.00 88.07
C SER B 233 25.11 5.20 87.98
N GLU B 234 24.63 6.38 88.34
CA GLU B 234 23.20 6.73 88.26
C GLU B 234 22.71 6.88 86.82
N ILE B 235 23.60 7.22 85.88
CA ILE B 235 23.31 7.37 84.45
C ILE B 235 23.16 5.96 83.84
N SER B 236 22.01 5.33 84.03
CA SER B 236 21.74 3.94 83.69
C SER B 236 21.80 3.65 82.19
N PRO B 237 22.01 2.39 81.74
CA PRO B 237 22.07 2.03 80.32
C PRO B 237 20.82 2.44 79.53
N GLU B 238 19.67 2.42 80.18
CA GLU B 238 18.40 2.93 79.67
C GLU B 238 18.52 4.39 79.26
N LEU B 239 18.97 5.25 80.19
CA LEU B 239 19.14 6.67 79.96
C LEU B 239 20.29 6.97 78.99
N ARG B 240 21.36 6.17 78.98
CA ARG B 240 22.41 6.26 77.96
C ARG B 240 21.84 5.99 76.57
N SER B 241 21.10 4.91 76.40
CA SER B 241 20.62 4.51 75.08
C SER B 241 19.61 5.49 74.48
N VAL B 242 18.74 6.13 75.28
CA VAL B 242 17.85 7.18 74.78
C VAL B 242 18.61 8.49 74.51
N THR B 243 19.68 8.78 75.25
CA THR B 243 20.54 9.95 74.98
C THR B 243 21.26 9.80 73.66
N ASP B 244 21.86 8.64 73.39
CA ASP B 244 22.51 8.36 72.11
C ASP B 244 21.51 8.31 70.96
N ALA B 245 20.34 7.70 71.15
CA ALA B 245 19.29 7.67 70.14
C ALA B 245 18.84 9.08 69.75
N ALA B 246 18.51 9.94 70.70
CA ALA B 246 18.07 11.29 70.43
C ALA B 246 19.14 12.15 69.75
N ALA B 247 20.43 11.95 70.08
CA ALA B 247 21.50 12.68 69.43
C ALA B 247 21.61 12.34 67.94
N GLN B 248 21.38 11.08 67.55
CA GLN B 248 21.34 10.74 66.13
C GLN B 248 20.19 11.43 65.40
N ILE B 249 18.99 11.49 66.00
CA ILE B 249 17.84 12.14 65.38
C ILE B 249 18.10 13.64 65.20
N LEU B 250 18.71 14.32 66.18
CA LEU B 250 19.06 15.73 66.06
C LEU B 250 20.09 15.98 64.95
N MET B 251 21.10 15.13 64.79
CA MET B 251 22.03 15.26 63.66
C MET B 251 21.34 15.02 62.31
N ASN B 252 20.57 13.96 62.13
CA ASN B 252 19.88 13.70 60.87
C ASN B 252 18.88 14.81 60.53
N MET B 253 18.14 15.34 61.51
CA MET B 253 17.23 16.47 61.28
C MET B 253 18.00 17.71 60.85
N GLN B 254 19.11 18.04 61.52
CA GLN B 254 19.92 19.20 61.15
C GLN B 254 20.55 19.03 59.77
N GLY B 255 21.10 17.86 59.46
CA GLY B 255 21.62 17.56 58.14
C GLY B 255 20.56 17.74 57.05
N THR B 256 19.33 17.29 57.30
CA THR B 256 18.22 17.46 56.37
C THR B 256 17.85 18.92 56.19
N ALA B 257 17.90 19.73 57.25
CA ALA B 257 17.64 21.15 57.15
C ALA B 257 18.68 21.89 56.28
N ASN B 258 19.88 21.35 56.13
CA ASN B 258 20.88 21.88 55.20
C ASN B 258 20.67 21.39 53.76
N LEU B 259 20.70 20.09 53.50
CA LEU B 259 20.68 19.61 52.12
C LEU B 259 19.30 19.57 51.45
N MET B 260 18.19 19.49 52.19
CA MET B 260 16.99 18.85 51.65
C MET B 260 15.64 19.32 52.19
N ALA B 261 15.58 20.29 53.10
CA ALA B 261 14.32 20.86 53.59
C ALA B 261 13.61 21.79 52.59
N ILE B 262 14.02 21.76 51.32
CA ILE B 262 13.55 22.60 50.21
C ILE B 262 13.43 21.74 48.94
N PRO B 263 12.56 22.12 47.98
CA PRO B 263 12.54 21.47 46.67
C PRO B 263 13.90 21.52 45.99
N GLN B 264 14.19 20.56 45.11
CA GLN B 264 15.26 20.72 44.12
C GLN B 264 14.62 20.81 42.75
N ARG B 265 14.83 21.93 42.06
CA ARG B 265 14.22 22.27 40.76
C ARG B 265 15.03 21.69 39.61
N LEU B 266 14.37 21.16 38.59
CA LEU B 266 14.98 20.47 37.45
C LEU B 266 14.31 20.89 36.13
N ILE B 267 15.03 20.88 35.02
CA ILE B 267 14.46 21.03 33.66
C ILE B 267 15.00 19.91 32.78
N PHE B 268 14.12 19.21 32.07
CA PHE B 268 14.49 18.14 31.16
C PHE B 268 14.20 18.52 29.71
N GLY B 269 15.17 18.31 28.82
CA GLY B 269 15.04 18.48 27.37
C GLY B 269 15.71 19.73 26.82
N ALA B 270 15.87 20.78 27.62
CA ALA B 270 16.59 21.97 27.21
C ALA B 270 18.10 21.69 27.04
N LYS B 271 18.70 22.11 25.92
CA LYS B 271 20.15 21.91 25.67
C LYS B 271 20.97 22.91 26.49
N PRO B 272 22.09 22.54 27.13
CA PRO B 272 22.93 23.50 27.85
C PRO B 272 23.34 24.73 27.01
N GLU B 273 23.71 24.56 25.74
CA GLU B 273 24.03 25.68 24.84
C GLU B 273 22.80 26.51 24.40
N GLU B 274 21.61 25.93 24.43
CA GLU B 274 20.35 26.63 24.15
C GLU B 274 19.96 27.53 25.33
N LEU B 275 20.16 27.07 26.55
CA LEU B 275 20.04 27.88 27.77
C LEU B 275 21.16 28.91 27.92
N GLY B 276 22.27 28.73 27.20
CA GLY B 276 23.43 29.61 27.29
C GLY B 276 24.33 29.35 28.49
N ILE B 277 24.42 28.10 28.96
CA ILE B 277 25.38 27.70 30.00
C ILE B 277 26.79 28.01 29.52
N ASN B 278 27.58 28.68 30.35
CA ASN B 278 29.01 28.91 30.09
C ASN B 278 29.79 27.58 30.13
N ALA B 279 30.55 27.28 29.07
CA ALA B 279 31.24 25.99 28.93
C ALA B 279 32.34 25.76 29.97
N GLU B 280 33.06 26.79 30.42
CA GLU B 280 34.13 26.64 31.40
C GLU B 280 33.63 26.32 32.81
N THR B 281 32.41 26.76 33.18
CA THR B 281 31.91 26.69 34.56
C THR B 281 30.64 25.86 34.73
N GLY B 282 29.90 25.56 33.66
CA GLY B 282 28.66 24.78 33.74
C GLY B 282 27.46 25.53 34.31
N GLN B 283 27.55 26.86 34.47
CA GLN B 283 26.53 27.71 35.08
C GLN B 283 26.00 28.76 34.11
N ARG B 284 24.72 29.10 34.22
CA ARG B 284 24.11 30.29 33.62
C ARG B 284 23.55 31.16 34.73
N MET B 285 24.07 32.37 34.93
CA MET B 285 23.45 33.32 35.85
C MET B 285 22.17 33.90 35.25
N PHE B 286 21.14 34.14 36.06
CA PHE B 286 19.95 34.90 35.64
C PHE B 286 19.40 35.74 36.79
N ASP B 287 18.82 36.91 36.50
CA ASP B 287 18.26 37.75 37.56
C ASP B 287 16.98 37.15 38.13
N ALA B 288 16.87 37.12 39.46
CA ALA B 288 15.87 36.33 40.17
C ALA B 288 14.99 37.13 41.13
N TYR B 289 14.75 38.41 40.85
CA TYR B 289 13.75 39.20 41.56
C TYR B 289 12.34 38.62 41.39
N MET B 290 11.39 39.02 42.23
CA MET B 290 10.14 38.27 42.45
C MET B 290 9.45 37.70 41.21
N ALA B 291 8.85 38.55 40.36
CA ALA B 291 7.79 38.11 39.45
C ALA B 291 8.24 37.89 37.99
N ARG B 292 9.54 37.81 37.73
CA ARG B 292 10.07 37.45 36.40
C ARG B 292 9.41 36.18 35.88
N ILE B 293 9.18 36.07 34.59
CA ILE B 293 8.77 34.82 33.94
C ILE B 293 9.91 34.37 33.04
N LEU B 294 10.45 33.17 33.24
CA LEU B 294 11.43 32.59 32.33
C LEU B 294 10.72 32.05 31.10
N ALA B 295 11.22 32.32 29.89
CA ALA B 295 10.67 31.78 28.66
C ALA B 295 11.73 30.96 27.93
N PHE B 296 11.41 29.72 27.57
CA PHE B 296 12.32 28.78 26.93
C PHE B 296 11.87 28.35 25.53
N GLU B 297 12.85 28.10 24.67
CA GLU B 297 12.72 27.24 23.49
C GLU B 297 12.08 25.88 23.82
N GLY B 298 11.46 25.25 22.81
CA GLY B 298 10.67 24.03 22.99
C GLY B 298 11.44 22.78 23.43
N GLY B 299 12.77 22.76 23.27
CA GLY B 299 13.65 21.68 23.76
C GLY B 299 13.24 20.27 23.33
N GLU B 300 12.66 20.13 22.13
CA GLU B 300 12.10 18.89 21.58
C GLU B 300 11.00 18.25 22.48
N GLY B 301 10.22 19.08 23.17
CA GLY B 301 9.23 18.65 24.15
C GLY B 301 9.73 18.72 25.60
N ALA B 302 10.50 19.76 25.93
CA ALA B 302 11.02 19.97 27.28
C ALA B 302 9.94 20.25 28.31
N HIS B 303 10.24 19.98 29.58
CA HIS B 303 9.38 20.29 30.72
C HIS B 303 10.17 20.51 32.01
N ALA B 304 9.57 21.19 32.98
CA ALA B 304 10.13 21.45 34.29
C ALA B 304 9.50 20.55 35.36
N GLU B 305 10.30 20.01 36.27
CA GLU B 305 9.79 19.26 37.41
C GLU B 305 10.77 19.30 38.58
N GLN B 306 10.36 18.87 39.77
CA GLN B 306 11.15 19.06 40.98
C GLN B 306 11.06 17.85 41.91
N PHE B 307 12.13 17.59 42.66
CA PHE B 307 12.08 16.66 43.78
C PHE B 307 11.43 17.35 44.98
N SER B 308 10.72 16.59 45.82
CA SER B 308 10.08 17.13 47.02
C SER B 308 11.10 17.55 48.07
N ALA B 309 10.75 18.54 48.89
CA ALA B 309 11.39 18.74 50.17
C ALA B 309 11.16 17.52 51.06
N ALA B 310 12.10 17.21 51.98
CA ALA B 310 11.81 16.35 53.11
C ALA B 310 11.07 17.15 54.20
N GLU B 311 9.99 16.63 54.76
CA GLU B 311 9.30 17.30 55.87
C GLU B 311 10.04 17.06 57.19
N LEU B 312 10.56 18.11 57.83
CA LEU B 312 11.34 17.96 59.07
C LEU B 312 10.50 17.46 60.24
N ARG B 313 9.16 17.60 60.17
CA ARG B 313 8.24 17.03 61.17
C ARG B 313 8.40 15.52 61.32
N ASN B 314 8.86 14.81 60.28
CA ASN B 314 9.07 13.37 60.33
C ASN B 314 10.19 12.96 61.29
N PHE B 315 11.10 13.88 61.65
CA PHE B 315 12.07 13.67 62.72
C PHE B 315 11.55 14.22 64.03
N VAL B 316 10.89 15.38 64.03
CA VAL B 316 10.37 15.99 65.25
C VAL B 316 9.31 15.12 65.93
N ASP B 317 8.46 14.43 65.18
CA ASP B 317 7.48 13.50 65.76
C ASP B 317 8.09 12.16 66.20
N ALA B 318 9.40 11.94 66.01
CA ALA B 318 10.19 10.93 66.72
C ALA B 318 10.96 11.53 67.90
N LEU B 319 11.45 12.77 67.81
CA LEU B 319 12.06 13.46 68.95
C LEU B 319 11.09 13.57 70.13
N ASP B 320 9.82 13.88 69.90
CA ASP B 320 8.86 13.95 71.00
C ASP B 320 8.58 12.59 71.63
N ALA B 321 8.77 11.48 70.89
CA ALA B 321 8.67 10.14 71.44
C ALA B 321 9.86 9.83 72.35
N LEU B 322 11.08 10.17 71.96
CA LEU B 322 12.24 10.01 72.83
C LEU B 322 12.21 10.95 74.04
N ASP B 323 11.60 12.13 73.95
CA ASP B 323 11.31 12.96 75.13
C ASP B 323 10.25 12.35 76.05
N ARG B 324 9.38 11.45 75.58
CA ARG B 324 8.53 10.65 76.48
C ARG B 324 9.29 9.51 77.11
N LYS B 325 10.20 8.85 76.38
CA LYS B 325 11.06 7.81 76.97
C LYS B 325 12.03 8.37 78.01
N ALA B 326 12.75 9.45 77.73
CA ALA B 326 13.68 10.03 78.68
C ALA B 326 13.00 10.49 79.96
N ALA B 327 11.77 11.02 79.89
CA ALA B 327 10.97 11.31 81.08
C ALA B 327 10.54 10.05 81.83
N SER B 328 10.02 9.05 81.12
CA SER B 328 9.59 7.77 81.68
C SER B 328 10.69 7.01 82.42
N TYR B 329 11.90 6.93 81.85
CA TYR B 329 13.03 6.25 82.48
C TYR B 329 13.56 7.02 83.70
N SER B 330 13.65 8.35 83.61
CA SER B 330 14.27 9.17 84.67
C SER B 330 13.34 9.42 85.86
N GLY B 331 12.03 9.52 85.63
CA GLY B 331 11.08 9.88 86.69
C GLY B 331 11.10 11.35 87.08
N LEU B 332 11.69 12.22 86.26
CA LEU B 332 11.56 13.66 86.42
C LEU B 332 10.11 14.11 86.17
N PRO B 333 9.66 15.25 86.71
CA PRO B 333 8.42 15.87 86.28
C PRO B 333 8.41 16.05 84.75
N PRO B 334 7.26 15.95 84.07
CA PRO B 334 7.23 16.02 82.61
C PRO B 334 7.66 17.40 82.07
N GLN B 335 7.45 18.47 82.83
CA GLN B 335 7.91 19.80 82.46
C GLN B 335 9.43 19.97 82.52
N TYR B 336 10.20 19.05 83.11
CA TYR B 336 11.66 19.15 83.08
C TYR B 336 12.21 18.80 81.69
N LEU B 337 11.69 17.74 81.05
CA LEU B 337 12.02 17.40 79.65
C LEU B 337 11.19 18.22 78.64
N SER B 338 10.13 18.89 79.09
CA SER B 338 9.10 19.54 78.28
C SER B 338 8.31 18.57 77.39
N SER B 339 8.09 17.34 77.87
CA SER B 339 7.39 16.26 77.15
C SER B 339 5.94 16.60 76.77
N SER B 340 5.33 17.58 77.42
CA SER B 340 4.06 18.21 77.00
C SER B 340 3.93 19.64 77.54
N SER B 341 3.05 20.45 76.94
CA SER B 341 2.72 21.80 77.43
C SER B 341 1.66 21.74 78.54
N ASP B 342 2.01 21.15 79.68
CA ASP B 342 1.18 21.08 80.90
C ASP B 342 2.02 21.42 82.13
N ASN B 343 1.47 22.19 83.07
CA ASN B 343 2.11 22.56 84.32
C ASN B 343 1.14 22.43 85.51
N PRO B 344 1.60 21.98 86.68
CA PRO B 344 0.78 21.90 87.89
C PRO B 344 0.09 23.23 88.25
N ALA B 345 -1.23 23.21 88.39
CA ALA B 345 -2.03 24.41 88.69
C ALA B 345 -2.13 24.74 90.20
N SER B 346 -1.82 23.79 91.08
CA SER B 346 -2.10 23.84 92.52
C SER B 346 -1.10 23.01 93.32
N ALA B 347 -1.01 23.22 94.63
CA ALA B 347 -0.03 22.54 95.48
C ALA B 347 -0.14 21.00 95.42
N GLU B 348 -1.35 20.44 95.40
CA GLU B 348 -1.54 18.99 95.27
C GLU B 348 -1.10 18.49 93.89
N ALA B 349 -1.35 19.24 92.81
CA ALA B 349 -0.87 18.87 91.49
C ALA B 349 0.66 18.82 91.42
N ILE B 350 1.36 19.67 92.17
CA ILE B 350 2.83 19.62 92.24
C ILE B 350 3.27 18.35 92.95
N LYS B 351 2.74 18.05 94.14
CA LYS B 351 3.13 16.85 94.89
C LYS B 351 2.82 15.57 94.11
N ALA B 352 1.79 15.56 93.29
CA ALA B 352 1.53 14.47 92.38
C ALA B 352 2.62 14.35 91.30
N ALA B 353 2.90 15.44 90.59
CA ALA B 353 3.80 15.45 89.44
C ALA B 353 5.25 15.11 89.80
N GLU B 354 5.78 15.61 90.92
CA GLU B 354 7.16 15.32 91.35
C GLU B 354 7.31 14.14 92.30
N SER B 355 6.26 13.34 92.54
CA SER B 355 6.30 12.22 93.49
C SER B 355 7.42 11.23 93.22
N ARG B 356 7.70 10.87 91.97
CA ARG B 356 8.83 9.97 91.62
C ARG B 356 10.18 10.57 91.98
N LEU B 357 10.43 11.82 91.62
CA LEU B 357 11.69 12.50 91.89
C LEU B 357 11.89 12.70 93.39
N VAL B 358 10.84 13.01 94.16
CA VAL B 358 10.92 13.09 95.61
C VAL B 358 11.29 11.75 96.22
N LYS B 359 10.62 10.64 95.88
CA LYS B 359 10.96 9.34 96.47
C LYS B 359 12.33 8.82 96.03
N LYS B 360 12.80 9.15 94.82
CA LYS B 360 14.19 8.90 94.39
C LYS B 360 15.16 9.61 95.32
N VAL B 361 14.98 10.92 95.55
CA VAL B 361 15.88 11.70 96.41
C VAL B 361 15.80 11.26 97.86
N GLU B 362 14.63 10.94 98.40
CA GLU B 362 14.55 10.40 99.77
C GLU B 362 15.36 9.11 99.92
N ARG B 363 15.38 8.25 98.90
CA ARG B 363 16.20 7.03 98.93
C ARG B 363 17.69 7.33 98.79
N LYS B 364 18.10 8.33 98.01
CA LYS B 364 19.51 8.79 97.99
C LYS B 364 19.93 9.41 99.32
N ASN B 365 19.08 10.16 100.00
CA ASN B 365 19.37 10.67 101.34
C ASN B 365 19.53 9.52 102.34
N LYS B 366 18.68 8.49 102.27
CA LYS B 366 18.81 7.29 103.11
C LYS B 366 20.16 6.61 102.92
N ILE B 367 20.59 6.42 101.68
CA ILE B 367 21.84 5.72 101.35
C ILE B 367 23.08 6.56 101.70
N PHE B 368 23.18 7.81 101.26
CA PHE B 368 24.36 8.65 101.53
C PHE B 368 24.45 9.06 103.01
N GLY B 369 23.34 9.07 103.75
CA GLY B 369 23.36 9.29 105.20
C GLY B 369 24.19 8.26 105.95
N GLY B 370 24.22 7.00 105.48
CA GLY B 370 25.03 5.94 106.08
C GLY B 370 26.53 6.22 106.05
N ALA B 371 27.05 6.75 104.94
CA ALA B 371 28.45 7.12 104.83
C ALA B 371 28.78 8.32 105.73
N TRP B 372 27.89 9.30 105.84
CA TRP B 372 28.14 10.47 106.66
C TRP B 372 28.09 10.19 108.16
N GLU B 373 27.19 9.36 108.66
CA GLU B 373 27.24 8.98 110.08
C GLU B 373 28.52 8.20 110.40
N GLN B 374 28.97 7.32 109.49
CA GLN B 374 30.19 6.55 109.70
C GLN B 374 31.42 7.44 109.70
N ALA B 375 31.53 8.40 108.78
CA ALA B 375 32.63 9.37 108.80
C ALA B 375 32.62 10.24 110.06
N MET B 376 31.45 10.59 110.61
CA MET B 376 31.38 11.32 111.87
C MET B 376 31.77 10.46 113.08
N ARG B 377 31.48 9.15 113.10
CA ARG B 377 32.02 8.26 114.13
C ARG B 377 33.54 8.15 114.05
N LEU B 378 34.15 8.00 112.87
CA LEU B 378 35.60 8.01 112.75
C LEU B 378 36.20 9.35 113.17
N ALA B 379 35.59 10.48 112.80
CA ALA B 379 36.07 11.79 113.23
C ALA B 379 36.04 11.96 114.75
N TYR B 380 34.97 11.55 115.43
CA TYR B 380 34.93 11.57 116.89
C TYR B 380 36.00 10.67 117.49
N LYS B 381 36.11 9.43 117.03
CA LYS B 381 37.07 8.44 117.53
C LYS B 381 38.52 8.89 117.32
N MET B 382 38.81 9.65 116.27
CA MET B 382 40.13 10.25 116.03
C MET B 382 40.40 11.48 116.91
N VAL B 383 39.44 12.40 117.05
CA VAL B 383 39.62 13.64 117.82
C VAL B 383 39.64 13.38 119.32
N LYS B 384 38.62 12.69 119.82
CA LYS B 384 38.39 12.49 121.26
C LYS B 384 39.23 11.34 121.83
N GLY B 385 39.81 10.51 120.97
CA GLY B 385 40.80 9.47 121.29
C GLY B 385 40.26 8.22 121.96
N GLY B 386 39.34 8.36 122.92
CA GLY B 386 38.70 7.25 123.61
C GLY B 386 37.73 6.46 122.73
N ASP B 387 37.28 5.31 123.22
CA ASP B 387 36.30 4.47 122.52
C ASP B 387 34.93 5.17 122.40
N ILE B 388 34.16 4.86 121.35
CA ILE B 388 32.93 5.55 120.99
C ILE B 388 31.82 5.36 122.04
N PRO B 389 31.13 6.41 122.50
CA PRO B 389 29.94 6.28 123.33
C PRO B 389 28.85 5.51 122.60
N THR B 390 28.23 4.53 123.27
CA THR B 390 27.35 3.54 122.62
C THR B 390 26.17 4.16 121.86
N GLU B 391 25.65 5.33 122.25
CA GLU B 391 24.57 6.00 121.52
C GLU B 391 24.96 6.47 120.11
N TYR B 392 26.24 6.68 119.80
CA TYR B 392 26.66 7.12 118.45
C TYR B 392 26.45 6.03 117.40
N TYR B 393 26.29 4.76 117.78
CA TYR B 393 25.91 3.68 116.86
C TYR B 393 24.45 3.76 116.39
N ARG B 394 23.65 4.66 116.98
CA ARG B 394 22.23 4.87 116.66
C ARG B 394 21.93 6.30 116.21
N MET B 395 22.93 7.05 115.77
CA MET B 395 22.69 8.41 115.26
C MET B 395 21.92 8.41 113.94
N GLU B 396 21.35 9.55 113.60
CA GLU B 396 20.62 9.79 112.35
C GLU B 396 21.16 11.05 111.68
N THR B 397 21.34 11.02 110.37
CA THR B 397 21.37 12.23 109.55
C THR B 397 19.96 12.77 109.35
N VAL B 398 19.75 14.08 109.43
CA VAL B 398 18.48 14.73 109.14
C VAL B 398 18.63 15.60 107.90
N TRP B 399 17.78 15.41 106.89
CA TRP B 399 17.88 16.04 105.58
C TRP B 399 16.64 16.88 105.28
N ARG B 400 16.79 17.94 104.48
CA ARG B 400 15.66 18.75 104.03
C ARG B 400 14.69 17.94 103.19
N ASP B 401 13.40 18.23 103.31
CA ASP B 401 12.34 17.64 102.50
C ASP B 401 12.63 17.90 101.01
N PRO B 402 12.83 16.88 100.16
CA PRO B 402 13.18 17.06 98.75
C PRO B 402 12.13 17.79 97.92
N SER B 403 10.87 17.84 98.35
CA SER B 403 9.78 18.44 97.57
C SER B 403 9.89 19.97 97.48
N THR B 404 9.27 20.57 96.47
CA THR B 404 9.23 22.03 96.32
C THR B 404 8.54 22.69 97.52
N PRO B 405 9.06 23.82 98.04
CA PRO B 405 8.63 24.37 99.32
C PRO B 405 7.34 25.18 99.22
N THR B 406 6.19 24.50 99.10
CA THR B 406 4.88 25.16 99.16
C THR B 406 4.62 25.70 100.57
N TYR B 407 4.76 27.01 100.77
CA TYR B 407 4.68 27.61 102.10
C TYR B 407 3.24 27.76 102.58
N ALA B 408 2.39 28.48 101.83
CA ALA B 408 1.06 28.84 102.30
C ALA B 408 0.17 27.63 102.59
N ALA B 409 0.27 26.57 101.77
CA ALA B 409 -0.50 25.34 101.98
C ALA B 409 -0.14 24.63 103.30
N LYS B 410 1.11 24.70 103.75
CA LYS B 410 1.52 24.20 105.08
C LYS B 410 1.20 25.19 106.18
N ALA B 411 1.29 26.48 105.93
CA ALA B 411 1.03 27.51 106.93
C ALA B 411 -0.41 27.47 107.46
N ASP B 412 -1.42 27.39 106.60
CA ASP B 412 -2.80 27.27 107.10
C ASP B 412 -3.07 25.91 107.76
N ALA B 413 -2.43 24.84 107.31
CA ALA B 413 -2.53 23.52 107.92
C ALA B 413 -1.93 23.51 109.34
N ALA B 414 -0.70 24.01 109.51
CA ALA B 414 -0.06 24.08 110.82
C ALA B 414 -0.83 25.00 111.79
N ALA B 415 -1.33 26.14 111.31
CA ALA B 415 -2.17 27.02 112.12
C ALA B 415 -3.47 26.33 112.57
N LYS B 416 -4.14 25.57 111.71
CA LYS B 416 -5.36 24.81 112.07
C LYS B 416 -5.09 23.72 113.10
N LEU B 417 -3.94 23.04 113.00
CA LEU B 417 -3.54 21.99 113.93
C LEU B 417 -3.16 22.54 115.31
N PHE B 418 -2.39 23.63 115.38
CA PHE B 418 -1.94 24.18 116.65
C PHE B 418 -3.01 24.98 117.39
N ALA B 419 -3.90 25.69 116.69
CA ALA B 419 -5.03 26.44 117.27
C ALA B 419 -4.68 27.26 118.52
N ASN B 420 -3.64 28.11 118.42
CA ASN B 420 -3.18 29.00 119.48
C ASN B 420 -2.85 28.28 120.80
N GLY B 421 -2.40 27.02 120.73
CA GLY B 421 -2.02 26.19 121.87
C GLY B 421 -3.12 25.27 122.39
N ALA B 422 -4.38 25.48 122.00
CA ALA B 422 -5.49 24.59 122.37
C ALA B 422 -5.59 23.34 121.48
N GLY B 423 -4.86 23.30 120.37
CA GLY B 423 -5.04 22.31 119.31
C GLY B 423 -4.33 20.97 119.51
N LEU B 424 -4.19 20.23 118.42
CA LEU B 424 -3.81 18.82 118.41
C LEU B 424 -2.33 18.57 118.74
N ILE B 425 -1.42 19.44 118.30
CA ILE B 425 0.04 19.19 118.34
C ILE B 425 0.77 20.20 119.23
N PRO B 426 1.90 19.83 119.87
CA PRO B 426 2.73 20.77 120.61
C PRO B 426 3.41 21.77 119.67
N ARG B 427 3.87 22.91 120.19
CA ARG B 427 4.41 24.01 119.38
C ARG B 427 5.55 23.57 118.48
N GLU B 428 6.57 22.90 119.01
CA GLU B 428 7.73 22.54 118.21
C GLU B 428 7.44 21.48 117.14
N ARG B 429 6.37 20.68 117.27
CA ARG B 429 5.94 19.84 116.15
C ARG B 429 5.49 20.68 114.96
N GLY B 430 4.75 21.76 115.20
CA GLY B 430 4.36 22.68 114.14
C GLY B 430 5.57 23.30 113.46
N TRP B 431 6.63 23.63 114.20
CA TRP B 431 7.87 24.15 113.61
C TRP B 431 8.57 23.14 112.70
N VAL B 432 8.65 21.85 113.05
CA VAL B 432 9.28 20.88 112.15
C VAL B 432 8.38 20.50 110.97
N ASP B 433 7.06 20.55 111.10
CA ASP B 433 6.14 20.38 109.96
C ASP B 433 6.22 21.56 108.96
N MET B 434 6.43 22.78 109.44
CA MET B 434 6.76 23.92 108.58
C MET B 434 8.14 23.81 107.92
N GLY B 435 8.96 22.83 108.31
CA GLY B 435 10.23 22.53 107.65
C GLY B 435 11.41 23.40 108.08
N TYR B 436 11.34 24.07 109.23
CA TYR B 436 12.48 24.80 109.78
C TYR B 436 13.57 23.83 110.23
N THR B 437 14.83 24.10 109.86
CA THR B 437 16.00 23.26 110.18
C THR B 437 16.29 23.20 111.68
N ILE B 438 17.15 22.28 112.13
CA ILE B 438 17.54 22.17 113.55
C ILE B 438 18.06 23.50 114.09
N VAL B 439 18.94 24.17 113.36
CA VAL B 439 19.51 25.47 113.78
C VAL B 439 18.49 26.60 113.77
N GLU B 440 17.48 26.58 112.91
CA GLU B 440 16.40 27.56 112.93
C GLU B 440 15.43 27.31 114.08
N ARG B 441 15.07 26.06 114.37
CA ARG B 441 14.21 25.75 115.51
C ARG B 441 14.87 26.15 116.81
N GLU B 442 16.16 25.87 116.99
CA GLU B 442 16.86 26.30 118.19
C GLU B 442 16.86 27.82 118.32
N GLN B 443 17.15 28.56 117.24
CA GLN B 443 17.10 30.02 117.26
C GLN B 443 15.70 30.56 117.61
N MET B 444 14.64 29.95 117.10
CA MET B 444 13.28 30.35 117.47
C MET B 444 12.96 30.11 118.93
N ARG B 445 13.52 29.13 119.63
CA ARG B 445 13.31 28.99 121.08
C ARG B 445 13.79 30.23 121.82
N GLN B 446 14.86 30.87 121.35
CA GLN B 446 15.40 32.09 121.94
C GLN B 446 14.55 33.32 121.61
N TRP B 447 14.13 33.51 120.36
CA TRP B 447 13.21 34.60 120.03
C TRP B 447 11.85 34.47 120.72
N LEU B 448 11.34 33.25 120.85
CA LEU B 448 10.11 32.98 121.59
C LEU B 448 10.27 33.33 123.07
N GLU B 449 11.39 32.96 123.70
CA GLU B 449 11.65 33.33 125.09
C GLU B 449 11.75 34.86 125.27
N GLN B 450 12.36 35.57 124.32
CA GLN B 450 12.37 37.04 124.33
C GLN B 450 10.96 37.63 124.12
N ASP B 451 10.16 37.11 123.20
CA ASP B 451 8.78 37.57 122.97
C ASP B 451 7.89 37.35 124.20
N GLN B 452 8.11 36.29 124.98
CA GLN B 452 7.39 36.06 126.24
C GLN B 452 7.71 37.11 127.33
N LYS B 453 8.73 37.95 127.16
CA LYS B 453 9.00 39.12 128.03
C LYS B 453 8.39 40.43 127.53
N GLN B 454 7.84 40.48 126.32
CA GLN B 454 7.23 41.69 125.75
C GLN B 454 5.81 41.95 126.27
N GLY B 455 5.32 43.17 126.07
CA GLY B 455 3.96 43.64 126.45
C GLY B 455 3.55 44.93 125.75
N SER C 6 -56.02 90.04 57.46
CA SER C 6 -55.35 90.32 56.18
C SER C 6 -55.69 89.24 55.15
N ILE C 7 -55.12 88.04 55.25
CA ILE C 7 -55.38 86.93 54.33
C ILE C 7 -56.81 86.37 54.45
N ASP C 8 -57.40 85.96 53.33
CA ASP C 8 -58.72 85.30 53.27
C ASP C 8 -58.62 83.84 53.76
N PRO C 9 -59.33 83.44 54.84
CA PRO C 9 -59.35 82.06 55.31
C PRO C 9 -59.72 81.03 54.23
N GLU C 10 -60.57 81.35 53.27
CA GLU C 10 -60.93 80.39 52.21
C GLU C 10 -59.76 80.19 51.22
N LYS C 11 -59.07 81.26 50.83
CA LYS C 11 -57.90 81.14 49.95
C LYS C 11 -56.76 80.44 50.68
N LEU C 12 -56.63 80.68 51.97
CA LEU C 12 -55.64 80.02 52.80
C LEU C 12 -55.95 78.52 52.97
N ARG C 13 -57.22 78.15 53.21
CA ARG C 13 -57.68 76.76 53.22
C ARG C 13 -57.36 76.08 51.90
N ASP C 14 -57.69 76.68 50.75
CA ASP C 14 -57.32 76.13 49.45
C ASP C 14 -55.80 75.92 49.33
N GLN C 15 -55.03 76.97 49.58
CA GLN C 15 -53.60 76.99 49.26
C GLN C 15 -52.82 75.98 50.10
N LEU C 16 -53.30 75.65 51.31
CA LEU C 16 -52.61 74.71 52.19
C LEU C 16 -53.27 73.32 52.25
N LEU C 17 -54.49 73.11 51.75
CA LEU C 17 -54.92 71.77 51.34
C LEU C 17 -54.10 71.26 50.14
N ASP C 18 -53.74 72.14 49.20
CA ASP C 18 -52.79 71.81 48.14
C ASP C 18 -51.40 71.47 48.68
N ALA C 19 -50.89 72.20 49.68
CA ALA C 19 -49.61 71.89 50.32
C ALA C 19 -49.64 70.57 51.11
N PHE C 20 -50.72 70.31 51.85
CA PHE C 20 -50.97 69.04 52.53
C PHE C 20 -50.97 67.86 51.55
N GLU C 21 -51.69 67.97 50.43
CA GLU C 21 -51.77 66.91 49.42
C GLU C 21 -50.40 66.69 48.76
N ASN C 22 -49.65 67.75 48.48
CA ASN C 22 -48.30 67.65 47.92
C ASN C 22 -47.34 66.90 48.86
N LYS C 23 -47.46 67.09 50.19
CA LYS C 23 -46.62 66.38 51.17
C LYS C 23 -46.87 64.88 51.18
N GLN C 24 -48.08 64.38 50.91
CA GLN C 24 -48.36 62.95 50.94
C GLN C 24 -47.52 62.14 49.95
N ASN C 25 -47.14 62.73 48.81
CA ASN C 25 -46.27 62.09 47.84
C ASN C 25 -44.84 61.87 48.35
N GLU C 26 -44.38 62.63 49.36
CA GLU C 26 -43.13 62.36 50.06
C GLU C 26 -43.30 61.27 51.11
N LEU C 27 -44.32 61.35 51.96
CA LEU C 27 -44.48 60.45 53.11
C LEU C 27 -44.60 58.99 52.72
N LYS C 28 -45.25 58.67 51.59
CA LYS C 28 -45.39 57.30 51.07
C LYS C 28 -44.05 56.59 50.86
N SER C 29 -42.97 57.32 50.60
CA SER C 29 -41.62 56.76 50.46
C SER C 29 -41.00 56.24 51.76
N SER C 30 -41.58 56.52 52.93
CA SER C 30 -41.16 55.98 54.23
C SER C 30 -42.16 54.98 54.79
N LYS C 31 -43.47 55.20 54.55
CA LYS C 31 -44.52 54.23 54.84
C LYS C 31 -44.24 52.88 54.17
N ALA C 32 -43.77 52.88 52.93
CA ALA C 32 -43.49 51.65 52.18
C ALA C 32 -42.44 50.74 52.83
N TYR C 33 -41.52 51.29 53.63
CA TYR C 33 -40.54 50.50 54.37
C TYR C 33 -41.08 49.99 55.70
N TYR C 34 -41.85 50.79 56.45
CA TYR C 34 -42.42 50.34 57.72
C TYR C 34 -43.55 49.32 57.53
N ASP C 35 -44.48 49.53 56.59
CA ASP C 35 -45.53 48.57 56.26
C ASP C 35 -45.02 47.36 55.44
N ALA C 36 -43.80 47.41 54.93
CA ALA C 36 -43.27 46.44 53.97
C ALA C 36 -44.19 46.25 52.75
N GLU C 37 -44.53 47.35 52.08
CA GLU C 37 -45.19 47.33 50.76
C GLU C 37 -44.24 46.78 49.69
N ARG C 38 -44.75 46.41 48.51
CA ARG C 38 -43.91 46.12 47.34
C ARG C 38 -43.06 47.33 46.95
N ARG C 39 -41.78 47.11 46.65
CA ARG C 39 -40.84 48.14 46.16
C ARG C 39 -40.08 47.59 44.94
N PRO C 40 -39.82 48.38 43.89
CA PRO C 40 -39.01 47.94 42.76
C PRO C 40 -37.62 47.45 43.18
N ASP C 41 -36.96 48.15 44.09
CA ASP C 41 -35.60 47.83 44.52
C ASP C 41 -35.47 46.55 45.34
N ALA C 42 -36.56 46.01 45.88
CA ALA C 42 -36.56 44.77 46.65
C ALA C 42 -36.64 43.51 45.78
N ILE C 43 -37.04 43.62 44.52
CA ILE C 43 -37.26 42.47 43.64
C ILE C 43 -35.93 41.94 43.11
N GLY C 44 -35.56 40.72 43.50
CA GLY C 44 -34.30 40.08 43.12
C GLY C 44 -34.27 39.71 41.65
N LEU C 45 -33.20 40.05 40.93
CA LEU C 45 -33.20 40.10 39.47
C LEU C 45 -33.11 38.72 38.81
N ALA C 46 -32.50 37.72 39.45
CA ALA C 46 -32.30 36.41 38.83
C ALA C 46 -33.61 35.62 38.68
N VAL C 47 -34.62 35.91 39.51
CA VAL C 47 -35.89 35.19 39.53
C VAL C 47 -36.65 35.42 38.20
N PRO C 48 -37.09 34.36 37.49
CA PRO C 48 -37.84 34.47 36.25
C PRO C 48 -39.11 35.33 36.36
N LEU C 49 -39.56 35.94 35.27
CA LEU C 49 -40.54 37.01 35.31
C LEU C 49 -41.94 36.59 35.81
N ASP C 50 -42.31 35.32 35.68
CA ASP C 50 -43.56 34.79 36.26
C ASP C 50 -43.41 34.48 37.76
N MET C 51 -42.24 34.01 38.20
CA MET C 51 -41.93 33.79 39.62
C MET C 51 -41.73 35.09 40.41
N ARG C 52 -41.47 36.24 39.79
CA ARG C 52 -41.30 37.53 40.49
C ARG C 52 -42.53 37.99 41.29
N LYS C 53 -43.68 37.32 41.17
CA LYS C 53 -44.83 37.53 42.07
C LYS C 53 -44.55 37.13 43.52
N TYR C 54 -43.60 36.23 43.77
CA TYR C 54 -43.28 35.69 45.10
C TYR C 54 -42.36 36.61 45.90
N LEU C 55 -42.85 37.82 46.21
CA LEU C 55 -42.10 38.83 46.95
C LEU C 55 -41.64 38.34 48.33
N ALA C 56 -40.39 38.63 48.70
CA ALA C 56 -39.89 38.49 50.06
C ALA C 56 -39.82 39.88 50.71
N HIS C 57 -40.36 40.01 51.91
CA HIS C 57 -40.42 41.27 52.67
C HIS C 57 -39.47 41.21 53.86
N VAL C 58 -38.79 42.31 54.17
CA VAL C 58 -37.74 42.36 55.21
C VAL C 58 -38.09 43.32 56.33
N GLY C 59 -38.00 42.85 57.57
CA GLY C 59 -38.51 43.52 58.77
C GLY C 59 -37.54 44.40 59.54
N TYR C 60 -36.36 44.75 59.01
CA TYR C 60 -35.45 45.63 59.75
C TYR C 60 -36.04 47.01 60.06
N PRO C 61 -36.72 47.72 59.13
CA PRO C 61 -37.26 49.05 59.41
C PRO C 61 -38.29 49.05 60.50
N ARG C 62 -39.24 48.11 60.47
CA ARG C 62 -40.24 47.95 61.53
C ARG C 62 -39.58 47.59 62.86
N THR C 63 -38.62 46.67 62.84
CA THR C 63 -37.90 46.25 64.05
C THR C 63 -37.17 47.40 64.71
N TYR C 64 -36.49 48.25 63.95
CA TYR C 64 -35.79 49.41 64.50
C TYR C 64 -36.77 50.45 65.06
N VAL C 65 -37.75 50.87 64.28
CA VAL C 65 -38.73 51.89 64.72
C VAL C 65 -39.55 51.40 65.91
N ASP C 66 -39.96 50.13 65.96
CA ASP C 66 -40.62 49.58 67.14
C ASP C 66 -39.71 49.56 68.37
N ALA C 67 -38.45 49.10 68.24
CA ALA C 67 -37.56 49.01 69.39
C ALA C 67 -37.24 50.37 70.02
N ILE C 68 -37.20 51.44 69.23
CA ILE C 68 -37.06 52.81 69.74
C ILE C 68 -38.37 53.31 70.36
N ALA C 69 -39.53 53.00 69.76
CA ALA C 69 -40.83 53.50 70.21
C ALA C 69 -41.36 52.80 71.46
N GLU C 70 -41.05 51.54 71.68
CA GLU C 70 -41.61 50.74 72.78
C GLU C 70 -40.90 50.95 74.13
N ARG C 71 -39.69 51.49 74.15
CA ARG C 71 -38.89 51.72 75.37
C ARG C 71 -39.11 53.06 76.05
N GLN C 72 -39.76 54.02 75.41
CA GLN C 72 -39.94 55.38 75.93
C GLN C 72 -41.36 55.62 76.47
N GLU C 73 -41.45 56.19 77.67
CA GLU C 73 -42.68 56.39 78.41
C GLU C 73 -42.54 57.54 79.41
N LEU C 74 -43.48 58.48 79.41
CA LEU C 74 -43.46 59.65 80.29
C LEU C 74 -43.86 59.23 81.71
N GLU C 75 -43.04 59.57 82.69
CA GLU C 75 -43.18 59.24 84.11
C GLU C 75 -43.83 60.38 84.91
N GLY C 76 -43.65 61.64 84.49
CA GLY C 76 -44.31 62.81 85.05
C GLY C 76 -43.66 64.11 84.58
N PHE C 77 -44.23 65.27 84.94
CA PHE C 77 -43.66 66.58 84.66
C PHE C 77 -43.03 67.16 85.93
N ARG C 78 -41.84 67.76 85.84
CA ARG C 78 -41.20 68.44 86.96
C ARG C 78 -41.23 69.94 86.72
N ILE C 79 -41.83 70.69 87.64
CA ILE C 79 -41.86 72.16 87.61
C ILE C 79 -41.06 72.67 88.81
N PRO C 80 -40.02 73.50 88.64
CA PRO C 80 -39.29 74.09 89.75
C PRO C 80 -40.22 74.81 90.73
N SER C 81 -39.98 74.65 92.03
CA SER C 81 -40.79 75.29 93.07
C SER C 81 -40.55 76.80 93.12
N ALA C 82 -41.36 77.50 93.93
CA ALA C 82 -40.94 78.77 94.52
C ALA C 82 -39.68 78.60 95.40
N ASN C 83 -39.20 79.69 96.01
CA ASN C 83 -38.00 79.68 96.86
C ASN C 83 -38.03 78.56 97.91
N GLY C 84 -36.92 77.82 98.06
CA GLY C 84 -36.82 76.59 98.84
C GLY C 84 -36.42 75.34 98.03
N GLU C 85 -36.37 75.44 96.69
CA GLU C 85 -35.75 74.46 95.76
C GLU C 85 -36.16 72.99 96.01
N GLU C 86 -37.46 72.68 95.97
CA GLU C 86 -37.99 71.33 96.17
C GLU C 86 -39.22 71.04 95.28
N PRO C 87 -39.04 70.55 94.05
CA PRO C 87 -40.15 70.26 93.13
C PRO C 87 -41.03 69.07 93.55
N GLU C 88 -40.67 68.27 94.56
CA GLU C 88 -41.59 67.29 95.16
C GLU C 88 -42.61 67.93 96.13
N SER C 89 -42.37 69.16 96.60
CA SER C 89 -43.28 69.82 97.55
C SER C 89 -44.63 70.14 96.89
N GLY C 90 -45.73 69.96 97.65
CA GLY C 90 -47.08 70.28 97.18
C GLY C 90 -48.11 69.16 97.41
N GLY C 91 -48.67 68.65 96.32
CA GLY C 91 -49.97 67.96 96.30
C GLY C 91 -51.12 68.94 96.01
N GLU C 92 -52.37 68.48 96.04
CA GLU C 92 -53.57 69.31 95.89
C GLU C 92 -53.53 70.29 94.68
N ASN C 93 -53.33 69.73 93.47
CA ASN C 93 -53.23 70.47 92.20
C ASN C 93 -52.05 71.46 92.09
N ASP C 94 -51.01 71.33 92.91
CA ASP C 94 -49.71 71.98 92.64
C ASP C 94 -49.08 71.49 91.31
N PRO C 95 -48.24 72.30 90.65
CA PRO C 95 -48.04 72.28 89.20
C PRO C 95 -47.79 70.93 88.54
N ALA C 96 -46.90 70.11 89.10
CA ALA C 96 -46.58 68.79 88.55
C ALA C 96 -47.78 67.84 88.50
N SER C 97 -48.69 67.93 89.49
CA SER C 97 -49.89 67.09 89.55
C SER C 97 -51.00 67.61 88.65
N GLU C 98 -51.09 68.92 88.43
CA GLU C 98 -52.09 69.50 87.52
C GLU C 98 -51.83 69.06 86.08
N LEU C 99 -50.61 69.25 85.58
CA LEU C 99 -50.27 68.87 84.22
C LEU C 99 -50.35 67.37 84.01
N TRP C 100 -49.99 66.56 85.01
CA TRP C 100 -50.15 65.12 84.92
C TRP C 100 -51.62 64.69 84.94
N ASP C 101 -52.49 65.39 85.67
CA ASP C 101 -53.93 65.09 85.63
C ASP C 101 -54.50 65.29 84.23
N TRP C 102 -54.12 66.36 83.52
CA TRP C 102 -54.54 66.56 82.13
C TRP C 102 -53.96 65.51 81.19
N TRP C 103 -52.71 65.08 81.39
CA TRP C 103 -52.11 64.00 80.62
C TRP C 103 -52.90 62.71 80.76
N GLN C 104 -53.20 62.31 82.00
CA GLN C 104 -53.93 61.10 82.32
C GLN C 104 -55.40 61.18 81.91
N ALA C 105 -56.09 62.30 82.13
CA ALA C 105 -57.50 62.44 81.78
C ALA C 105 -57.77 62.41 80.27
N ASN C 106 -56.75 62.73 79.46
CA ASN C 106 -56.80 62.58 78.01
C ASN C 106 -56.36 61.19 77.51
N ASN C 107 -55.87 60.30 78.37
CA ASN C 107 -55.13 59.10 77.96
C ASN C 107 -53.99 59.41 76.99
N LEU C 108 -53.22 60.48 77.22
CA LEU C 108 -52.04 60.73 76.40
C LEU C 108 -50.97 59.65 76.56
N ASP C 109 -51.00 58.83 77.61
CA ASP C 109 -50.13 57.65 77.70
C ASP C 109 -50.40 56.64 76.59
N ILE C 110 -51.59 56.64 75.98
CA ILE C 110 -51.86 55.91 74.73
C ILE C 110 -51.55 56.79 73.52
N GLU C 111 -52.14 57.99 73.43
CA GLU C 111 -52.02 58.83 72.23
C GLU C 111 -50.56 59.18 71.90
N ALA C 112 -49.71 59.41 72.91
CA ALA C 112 -48.30 59.70 72.72
C ALA C 112 -47.52 58.43 72.34
N THR C 113 -47.83 57.27 72.92
CA THR C 113 -47.19 56.00 72.56
C THR C 113 -47.42 55.70 71.08
N LEU C 114 -48.61 55.98 70.56
CA LEU C 114 -48.88 55.93 69.12
C LEU C 114 -48.13 57.05 68.39
N GLY C 115 -48.30 58.32 68.79
CA GLY C 115 -47.75 59.47 68.08
C GLY C 115 -46.23 59.50 67.95
N HIS C 116 -45.49 58.96 68.92
CA HIS C 116 -44.05 58.79 68.79
C HIS C 116 -43.68 57.78 67.71
N THR C 117 -44.54 56.81 67.38
CA THR C 117 -44.27 55.88 66.28
C THR C 117 -44.33 56.60 64.94
N ASP C 118 -45.41 57.35 64.65
CA ASP C 118 -45.51 58.16 63.44
C ASP C 118 -44.44 59.27 63.37
N ALA C 119 -44.05 59.85 64.51
CA ALA C 119 -42.95 60.81 64.55
C ALA C 119 -41.62 60.18 64.15
N LEU C 120 -41.40 58.90 64.40
CA LEU C 120 -40.20 58.19 63.96
C LEU C 120 -40.34 57.70 62.51
N ILE C 121 -41.50 57.23 62.07
CA ILE C 121 -41.70 56.79 60.68
C ILE C 121 -41.58 57.97 59.72
N TYR C 122 -42.41 59.00 59.88
CA TYR C 122 -42.50 60.11 58.93
C TYR C 122 -41.54 61.26 59.24
N GLY C 123 -40.98 61.29 60.45
CA GLY C 123 -40.11 62.36 60.92
C GLY C 123 -40.82 63.47 61.68
N THR C 124 -42.15 63.50 61.72
CA THR C 124 -42.92 64.47 62.52
C THR C 124 -44.35 64.01 62.80
N ALA C 125 -44.97 64.55 63.84
CA ALA C 125 -46.39 64.40 64.18
C ALA C 125 -46.81 65.64 64.97
N TYR C 126 -48.10 65.97 65.06
CA TYR C 126 -48.54 67.27 65.59
C TYR C 126 -49.42 67.11 66.83
N ILE C 127 -49.16 67.87 67.89
CA ILE C 127 -49.98 67.88 69.10
C ILE C 127 -50.96 69.05 69.00
N THR C 128 -52.24 68.79 69.10
CA THR C 128 -53.31 69.79 68.99
C THR C 128 -53.93 70.06 70.35
N ILE C 129 -54.02 71.32 70.74
CA ILE C 129 -54.58 71.79 72.00
C ILE C 129 -55.94 72.45 71.76
N SER C 130 -56.94 72.19 72.60
CA SER C 130 -58.28 72.78 72.46
C SER C 130 -59.08 72.68 73.76
N MET C 131 -60.17 73.41 73.88
CA MET C 131 -61.20 73.11 74.89
C MET C 131 -62.27 72.18 74.30
N PRO C 132 -62.85 71.26 75.08
CA PRO C 132 -63.95 70.43 74.64
C PRO C 132 -65.24 71.26 74.51
N ASP C 133 -66.30 70.69 73.93
CA ASP C 133 -67.63 71.30 73.88
C ASP C 133 -68.76 70.28 74.09
N PRO C 134 -69.95 70.70 74.58
CA PRO C 134 -71.08 69.80 74.80
C PRO C 134 -71.82 69.35 73.53
N GLU C 135 -71.58 69.98 72.37
CA GLU C 135 -72.41 69.79 71.16
C GLU C 135 -71.98 68.55 70.38
N VAL C 136 -70.68 68.28 70.29
CA VAL C 136 -70.18 66.97 69.85
C VAL C 136 -70.40 65.93 70.95
N ASP C 137 -70.73 64.68 70.59
CA ASP C 137 -70.95 63.56 71.53
C ASP C 137 -69.63 63.00 72.10
N PHE C 138 -68.79 63.86 72.66
CA PHE C 138 -67.61 63.47 73.43
C PHE C 138 -67.98 62.86 74.79
N ASP C 139 -67.20 61.88 75.24
CA ASP C 139 -67.20 61.38 76.62
C ASP C 139 -65.89 61.78 77.29
N VAL C 140 -65.81 63.02 77.81
CA VAL C 140 -64.59 63.66 78.33
C VAL C 140 -64.89 64.54 79.54
N ASP C 141 -63.90 64.75 80.41
CA ASP C 141 -64.06 65.63 81.58
C ASP C 141 -64.20 67.09 81.13
N PRO C 142 -65.33 67.79 81.36
CA PRO C 142 -65.63 69.06 80.70
C PRO C 142 -64.65 70.22 80.92
N GLU C 143 -63.86 70.22 82.00
CA GLU C 143 -62.91 71.30 82.30
C GLU C 143 -61.43 70.95 82.03
N VAL C 144 -61.14 69.73 81.56
CA VAL C 144 -59.80 69.34 81.11
C VAL C 144 -59.57 69.86 79.68
N PRO C 145 -58.39 70.42 79.35
CA PRO C 145 -58.08 70.78 77.97
C PRO C 145 -58.02 69.50 77.13
N LEU C 146 -58.74 69.50 76.02
CA LEU C 146 -58.79 68.39 75.07
C LEU C 146 -57.53 68.42 74.22
N ILE C 147 -56.54 67.61 74.58
CA ILE C 147 -55.25 67.49 73.89
C ILE C 147 -55.24 66.20 73.08
N ARG C 148 -54.88 66.26 71.80
CA ARG C 148 -54.82 65.11 70.89
C ARG C 148 -53.57 65.17 70.03
N VAL C 149 -53.17 64.06 69.44
CA VAL C 149 -52.00 64.02 68.55
C VAL C 149 -52.45 63.54 67.18
N GLU C 150 -51.93 64.12 66.11
CA GLU C 150 -52.36 63.88 64.73
C GLU C 150 -51.15 63.65 63.81
N PRO C 151 -51.20 62.66 62.91
CA PRO C 151 -50.09 62.33 62.03
C PRO C 151 -49.97 63.33 60.88
N PRO C 152 -48.82 63.37 60.19
CA PRO C 152 -48.63 64.22 59.02
C PRO C 152 -49.43 63.75 57.80
N THR C 153 -50.05 62.56 57.88
CA THR C 153 -51.05 62.07 56.93
C THR C 153 -52.46 62.61 57.20
N ALA C 154 -52.65 63.49 58.18
CA ALA C 154 -53.94 64.06 58.53
C ALA C 154 -53.88 65.54 58.97
N LEU C 155 -52.74 66.03 59.45
CA LEU C 155 -52.52 67.43 59.82
C LEU C 155 -51.24 67.94 59.15
N TYR C 156 -51.25 69.19 58.67
CA TYR C 156 -50.08 69.85 58.10
C TYR C 156 -49.91 71.26 58.69
N ALA C 157 -48.67 71.72 58.85
CA ALA C 157 -48.38 73.02 59.44
C ALA C 157 -47.21 73.72 58.74
N GLU C 158 -47.22 75.05 58.74
CA GLU C 158 -46.16 75.88 58.17
C GLU C 158 -45.31 76.49 59.29
N VAL C 159 -44.00 76.28 59.24
CA VAL C 159 -43.05 76.74 60.26
C VAL C 159 -42.27 77.94 59.76
N ASP C 160 -42.19 79.01 60.56
CA ASP C 160 -41.45 80.22 60.25
C ASP C 160 -39.93 79.97 60.27
N PRO C 161 -39.22 80.06 59.13
CA PRO C 161 -37.78 79.82 59.09
C PRO C 161 -36.97 80.76 60.01
N ARG C 162 -37.49 81.95 60.30
CA ARG C 162 -36.75 83.00 61.03
C ARG C 162 -36.61 82.71 62.52
N THR C 163 -37.63 82.08 63.12
CA THR C 163 -37.70 81.85 64.59
C THR C 163 -38.47 80.59 65.02
N ARG C 164 -38.73 79.66 64.09
CA ARG C 164 -39.23 78.29 64.33
C ARG C 164 -40.61 78.16 65.01
N LYS C 165 -41.39 79.24 65.11
CA LYS C 165 -42.82 79.23 65.47
C LYS C 165 -43.66 78.64 64.33
N VAL C 166 -44.78 78.00 64.64
CA VAL C 166 -45.80 77.65 63.64
C VAL C 166 -46.58 78.91 63.24
N LEU C 167 -46.70 79.17 61.94
CA LEU C 167 -47.50 80.27 61.37
C LEU C 167 -48.97 79.90 61.22
N TYR C 168 -49.25 78.65 60.89
CA TYR C 168 -50.54 78.16 60.44
C TYR C 168 -50.60 76.62 60.52
N ALA C 169 -51.79 76.02 60.62
CA ALA C 169 -51.96 74.59 60.41
C ALA C 169 -53.34 74.22 59.86
N ILE C 170 -53.48 73.03 59.28
CA ILE C 170 -54.74 72.48 58.78
C ILE C 170 -54.87 70.98 59.05
N ARG C 171 -56.04 70.49 59.47
CA ARG C 171 -56.42 69.08 59.33
C ARG C 171 -57.22 68.87 58.06
N ALA C 172 -57.02 67.74 57.41
CA ALA C 172 -57.92 67.25 56.36
C ALA C 172 -58.28 65.79 56.67
N ILE C 173 -59.57 65.49 56.71
CA ILE C 173 -60.08 64.19 57.17
C ILE C 173 -60.80 63.49 56.02
N TYR C 174 -60.43 62.25 55.72
CA TYR C 174 -60.87 61.52 54.53
C TYR C 174 -61.87 60.42 54.86
N GLY C 175 -62.88 60.23 54.02
CA GLY C 175 -63.78 59.08 54.08
C GLY C 175 -63.11 57.78 53.61
N ALA C 176 -63.51 56.63 54.18
CA ALA C 176 -62.95 55.34 53.82
C ALA C 176 -63.32 54.92 52.38
N ASP C 177 -64.58 55.14 51.99
CA ASP C 177 -65.05 55.00 50.60
C ASP C 177 -64.58 56.18 49.75
N GLY C 178 -64.07 55.92 48.54
CA GLY C 178 -63.73 56.94 47.53
C GLY C 178 -62.50 57.80 47.81
N ASN C 179 -61.90 57.72 49.01
CA ASN C 179 -60.72 58.48 49.44
C ASN C 179 -60.80 59.99 49.12
N GLU C 180 -61.93 60.60 49.50
CA GLU C 180 -62.24 62.03 49.32
C GLU C 180 -62.44 62.73 50.67
N ILE C 181 -62.14 64.02 50.77
CA ILE C 181 -62.25 64.78 52.03
C ILE C 181 -63.71 64.83 52.50
N VAL C 182 -63.93 64.52 53.78
CA VAL C 182 -65.22 64.68 54.47
C VAL C 182 -65.31 66.05 55.15
N SER C 183 -64.23 66.51 55.78
CA SER C 183 -64.17 67.82 56.43
C SER C 183 -62.73 68.31 56.60
N ALA C 184 -62.56 69.60 56.86
CA ALA C 184 -61.25 70.21 57.13
C ALA C 184 -61.35 71.23 58.26
N THR C 185 -60.24 71.45 58.96
CA THR C 185 -60.14 72.39 60.08
C THR C 185 -58.88 73.22 59.95
N LEU C 186 -58.98 74.53 60.07
CA LEU C 186 -57.91 75.51 59.86
C LEU C 186 -57.56 76.17 61.19
N TYR C 187 -56.28 76.23 61.53
CA TYR C 187 -55.77 76.83 62.75
C TYR C 187 -54.99 78.11 62.44
N LEU C 188 -55.33 79.19 63.13
CA LEU C 188 -54.64 80.49 63.10
C LEU C 188 -54.41 80.97 64.54
N PRO C 189 -53.50 81.93 64.78
CA PRO C 189 -53.31 82.46 66.12
C PRO C 189 -54.57 83.15 66.67
N ASP C 190 -55.43 83.68 65.79
CA ASP C 190 -56.73 84.26 66.20
C ASP C 190 -57.77 83.22 66.62
N THR C 191 -57.89 82.10 65.88
CA THR C 191 -59.07 81.23 65.91
C THR C 191 -58.81 79.85 65.29
N THR C 192 -59.67 78.89 65.56
CA THR C 192 -59.82 77.65 64.77
C THR C 192 -61.13 77.70 63.99
N MET C 193 -61.08 77.36 62.70
CA MET C 193 -62.25 77.29 61.81
C MET C 193 -62.44 75.88 61.27
N THR C 194 -63.68 75.47 61.02
CA THR C 194 -64.00 74.13 60.48
C THR C 194 -65.09 74.19 59.41
N TRP C 195 -64.92 73.41 58.35
CA TRP C 195 -65.94 73.19 57.32
C TRP C 195 -66.42 71.74 57.46
N LEU C 196 -67.54 71.52 58.16
CA LEU C 196 -67.98 70.19 58.65
C LEU C 196 -68.39 69.20 57.53
N ARG C 197 -68.50 69.68 56.29
CA ARG C 197 -68.84 68.88 55.10
C ARG C 197 -67.99 69.34 53.92
N ALA C 198 -67.79 68.46 52.95
CA ALA C 198 -67.24 68.79 51.64
C ALA C 198 -67.90 67.96 50.51
N GLU C 199 -69.12 67.45 50.76
CA GLU C 199 -69.88 66.60 49.84
C GLU C 199 -70.42 67.41 48.67
N GLY C 200 -69.79 67.29 47.50
CA GLY C 200 -69.98 68.17 46.35
C GLY C 200 -69.32 69.54 46.54
N GLU C 201 -69.59 70.22 47.65
CA GLU C 201 -68.97 71.48 48.04
C GLU C 201 -68.98 71.68 49.57
N TRP C 202 -68.16 72.61 50.06
CA TRP C 202 -68.07 72.96 51.47
C TRP C 202 -69.34 73.62 52.01
N GLU C 203 -69.65 73.44 53.29
CA GLU C 203 -70.57 74.32 54.02
C GLU C 203 -69.92 75.68 54.34
N ALA C 204 -70.67 76.63 54.91
CA ALA C 204 -70.10 77.80 55.56
C ALA C 204 -69.43 77.40 56.90
N PRO C 205 -68.22 77.90 57.22
CA PRO C 205 -67.45 77.39 58.36
C PRO C 205 -67.97 77.82 59.72
N THR C 206 -67.80 76.96 60.72
CA THR C 206 -67.80 77.36 62.14
C THR C 206 -66.46 77.97 62.52
N SER C 207 -66.41 78.72 63.63
CA SER C 207 -65.19 79.37 64.13
C SER C 207 -65.21 79.48 65.65
N THR C 208 -64.05 79.40 66.30
CA THR C 208 -63.90 79.50 67.77
C THR C 208 -62.58 80.19 68.14
N PRO C 209 -62.59 81.43 68.67
CA PRO C 209 -61.38 82.19 68.96
C PRO C 209 -60.58 81.65 70.15
N HIS C 210 -59.29 81.98 70.22
CA HIS C 210 -58.36 81.59 71.29
C HIS C 210 -57.79 82.80 72.01
N GLY C 211 -57.53 82.73 73.32
CA GLY C 211 -56.73 83.76 73.98
C GLY C 211 -55.21 83.65 73.79
N LEU C 212 -54.73 82.66 73.04
CA LEU C 212 -53.31 82.47 72.75
C LEU C 212 -52.81 83.50 71.72
N GLU C 213 -51.54 83.89 71.79
CA GLU C 213 -50.88 84.68 70.74
C GLU C 213 -50.33 83.80 69.59
N MET C 214 -50.57 82.49 69.65
CA MET C 214 -49.87 81.46 68.88
C MET C 214 -50.84 80.36 68.43
N VAL C 215 -50.50 79.66 67.34
CA VAL C 215 -51.30 78.55 66.81
C VAL C 215 -51.30 77.39 67.81
N PRO C 216 -52.45 76.78 68.16
CA PRO C 216 -52.52 75.70 69.15
C PRO C 216 -52.14 74.34 68.56
N VAL C 217 -51.11 74.30 67.71
CA VAL C 217 -50.52 73.11 67.12
C VAL C 217 -49.02 73.11 67.39
N ILE C 218 -48.51 72.09 68.08
CA ILE C 218 -47.08 71.94 68.38
C ILE C 218 -46.52 70.76 67.59
N PRO C 219 -45.54 70.92 66.70
CA PRO C 219 -44.89 69.80 66.04
C PRO C 219 -44.00 69.02 66.99
N ILE C 220 -44.28 67.73 67.19
CA ILE C 220 -43.24 66.74 67.53
C ILE C 220 -42.44 66.56 66.25
N SER C 221 -41.11 66.64 66.30
CA SER C 221 -40.28 66.37 65.13
C SER C 221 -39.02 65.63 65.51
N ASN C 222 -38.61 64.69 64.67
CA ASN C 222 -37.43 63.88 64.86
C ASN C 222 -36.18 64.65 64.45
N ARG C 223 -35.88 65.76 65.13
CA ARG C 223 -34.72 66.61 64.88
C ARG C 223 -33.43 65.79 65.00
N THR C 224 -32.76 65.49 63.89
CA THR C 224 -31.50 64.74 63.97
C THR C 224 -30.33 65.61 64.44
N ARG C 225 -30.31 66.89 64.04
CA ARG C 225 -29.26 67.90 64.24
C ARG C 225 -29.83 69.30 63.97
N LEU C 226 -29.14 70.40 64.29
CA LEU C 226 -29.67 71.75 64.05
C LEU C 226 -29.97 72.04 62.59
N SER C 227 -29.07 71.65 61.68
CA SER C 227 -29.24 71.85 60.22
C SER C 227 -30.32 70.97 59.60
N ASP C 228 -30.99 70.11 60.36
CA ASP C 228 -32.25 69.46 59.99
C ASP C 228 -33.42 70.29 60.55
N LEU C 229 -34.02 71.14 59.71
CA LEU C 229 -34.98 72.16 60.16
C LEU C 229 -36.31 71.59 60.64
N TYR C 230 -36.78 70.49 60.04
CA TYR C 230 -38.16 70.00 60.22
C TYR C 230 -38.25 68.56 60.76
N GLY C 231 -37.11 67.89 60.97
CA GLY C 231 -37.06 66.50 61.38
C GLY C 231 -37.22 65.55 60.21
N THR C 232 -36.60 64.37 60.32
CA THR C 232 -36.45 63.41 59.21
C THR C 232 -36.78 61.99 59.67
N SER C 233 -37.18 61.12 58.74
CA SER C 233 -37.55 59.74 59.06
C SER C 233 -36.41 59.00 59.77
N GLU C 234 -36.76 58.23 60.79
CA GLU C 234 -35.79 57.40 61.52
C GLU C 234 -35.24 56.26 60.67
N ILE C 235 -35.95 55.87 59.61
CA ILE C 235 -35.57 54.79 58.69
C ILE C 235 -34.50 55.32 57.70
N SER C 236 -33.28 55.52 58.17
CA SER C 236 -32.20 56.19 57.43
C SER C 236 -31.80 55.49 56.13
N PRO C 237 -31.21 56.19 55.15
CA PRO C 237 -30.89 55.62 53.83
C PRO C 237 -30.04 54.35 53.84
N GLU C 238 -29.13 54.17 54.79
CA GLU C 238 -28.40 52.92 54.92
C GLU C 238 -29.28 51.77 55.44
N LEU C 239 -30.22 52.01 56.33
CA LEU C 239 -31.13 50.95 56.79
C LEU C 239 -32.18 50.60 55.72
N ARG C 240 -32.59 51.55 54.89
CA ARG C 240 -33.33 51.27 53.64
C ARG C 240 -32.52 50.39 52.70
N SER C 241 -31.27 50.78 52.44
CA SER C 241 -30.38 50.04 51.53
C SER C 241 -30.15 48.61 51.96
N VAL C 242 -29.89 48.34 53.24
CA VAL C 242 -29.71 46.97 53.74
C VAL C 242 -31.01 46.18 53.71
N THR C 243 -32.16 46.82 53.91
CA THR C 243 -33.47 46.15 53.80
C THR C 243 -33.72 45.66 52.39
N ASP C 244 -33.52 46.51 51.39
CA ASP C 244 -33.69 46.12 49.98
C ASP C 244 -32.62 45.13 49.53
N ALA C 245 -31.37 45.30 49.97
CA ALA C 245 -30.30 44.36 49.69
C ALA C 245 -30.65 42.96 50.21
N ALA C 246 -31.11 42.83 51.46
CA ALA C 246 -31.49 41.54 52.01
C ALA C 246 -32.72 40.95 51.32
N ALA C 247 -33.68 41.78 50.89
CA ALA C 247 -34.83 41.30 50.13
C ALA C 247 -34.41 40.69 48.78
N GLN C 248 -33.44 41.28 48.08
CA GLN C 248 -32.94 40.68 46.85
C GLN C 248 -32.27 39.32 47.09
N ILE C 249 -31.50 39.14 48.17
CA ILE C 249 -30.89 37.85 48.48
C ILE C 249 -31.97 36.81 48.81
N LEU C 250 -33.01 37.17 49.56
CA LEU C 250 -34.10 36.26 49.90
C LEU C 250 -34.92 35.86 48.67
N MET C 251 -35.19 36.79 47.75
CA MET C 251 -35.83 36.49 46.46
C MET C 251 -35.00 35.48 45.68
N ASN C 252 -33.71 35.72 45.46
CA ASN C 252 -32.86 34.85 44.66
C ASN C 252 -32.66 33.48 45.33
N MET C 253 -32.50 33.42 46.65
CA MET C 253 -32.42 32.15 47.37
C MET C 253 -33.71 31.35 47.23
N GLN C 254 -34.88 31.98 47.35
CA GLN C 254 -36.16 31.31 47.21
C GLN C 254 -36.44 30.87 45.77
N GLY C 255 -36.01 31.64 44.76
CA GLY C 255 -36.01 31.17 43.38
C GLY C 255 -35.14 29.91 43.23
N THR C 256 -33.93 29.93 43.77
CA THR C 256 -32.99 28.81 43.64
C THR C 256 -33.48 27.56 44.39
N ALA C 257 -34.23 27.71 45.48
CA ALA C 257 -34.82 26.56 46.15
C ALA C 257 -35.88 25.85 45.30
N ASN C 258 -36.50 26.55 44.33
CA ASN C 258 -37.45 25.97 43.38
C ASN C 258 -36.78 25.49 42.09
N LEU C 259 -35.81 26.23 41.57
CA LEU C 259 -35.03 25.85 40.40
C LEU C 259 -33.54 25.71 40.76
N MET C 260 -32.94 24.55 40.53
CA MET C 260 -31.52 24.24 40.78
C MET C 260 -31.07 23.84 42.18
N ALA C 261 -31.87 23.85 43.24
CA ALA C 261 -31.46 23.18 44.49
C ALA C 261 -31.27 21.65 44.32
N ILE C 262 -31.72 21.14 43.18
CA ILE C 262 -31.64 19.76 42.68
C ILE C 262 -30.60 19.66 41.56
N PRO C 263 -29.80 18.58 41.50
CA PRO C 263 -28.96 18.30 40.34
C PRO C 263 -29.84 17.86 39.16
N GLN C 264 -29.86 18.61 38.06
CA GLN C 264 -30.59 18.19 36.86
C GLN C 264 -29.82 17.06 36.16
N ARG C 265 -30.46 15.91 36.00
CA ARG C 265 -29.90 14.69 35.42
C ARG C 265 -30.24 14.52 33.94
N LEU C 266 -29.29 14.04 33.15
CA LEU C 266 -29.31 14.03 31.68
C LEU C 266 -28.82 12.68 31.14
N ILE C 267 -29.17 12.35 29.92
CA ILE C 267 -28.59 11.23 29.16
C ILE C 267 -28.28 11.71 27.76
N PHE C 268 -27.09 11.37 27.23
CA PHE C 268 -26.68 11.68 25.86
C PHE C 268 -26.52 10.39 25.04
N GLY C 269 -26.65 10.50 23.72
CA GLY C 269 -26.57 9.35 22.81
C GLY C 269 -27.84 8.49 22.77
N ALA C 270 -28.97 8.99 23.28
CA ALA C 270 -30.26 8.30 23.20
C ALA C 270 -30.87 8.38 21.79
N LYS C 271 -32.02 7.72 21.59
CA LYS C 271 -32.96 7.95 20.48
C LYS C 271 -34.40 7.81 21.00
N PRO C 272 -35.42 8.46 20.40
CA PRO C 272 -36.75 8.53 20.99
C PRO C 272 -37.41 7.14 21.07
N GLU C 273 -37.50 6.43 19.96
CA GLU C 273 -38.11 5.11 19.90
C GLU C 273 -37.30 4.02 20.62
N GLU C 274 -35.99 4.23 20.84
CA GLU C 274 -35.18 3.36 21.71
C GLU C 274 -35.62 3.47 23.17
N LEU C 275 -35.80 4.68 23.71
CA LEU C 275 -36.31 4.83 25.07
C LEU C 275 -37.84 4.64 25.17
N GLY C 276 -38.54 4.62 24.03
CA GLY C 276 -40.00 4.53 23.98
C GLY C 276 -40.70 5.87 24.26
N ILE C 277 -40.04 7.00 23.97
CA ILE C 277 -40.63 8.33 24.13
C ILE C 277 -41.92 8.43 23.31
N ASN C 278 -43.04 8.80 23.93
CA ASN C 278 -44.30 9.00 23.21
C ASN C 278 -44.21 10.24 22.31
N ALA C 279 -44.32 10.07 21.00
CA ALA C 279 -44.10 11.15 20.03
C ALA C 279 -45.14 12.30 20.13
N GLU C 280 -46.34 12.05 20.64
CA GLU C 280 -47.36 13.09 20.82
C GLU C 280 -47.07 14.03 22.01
N THR C 281 -46.22 13.62 22.96
CA THR C 281 -46.01 14.36 24.23
C THR C 281 -44.55 14.58 24.61
N GLY C 282 -43.59 13.86 24.02
CA GLY C 282 -42.17 13.98 24.34
C GLY C 282 -41.78 13.38 25.70
N GLN C 283 -42.64 12.55 26.30
CA GLN C 283 -42.47 12.00 27.65
C GLN C 283 -42.53 10.47 27.67
N ARG C 284 -41.97 9.87 28.72
CA ARG C 284 -41.92 8.43 28.97
C ARG C 284 -42.00 8.15 30.45
N MET C 285 -43.15 7.74 30.96
CA MET C 285 -43.26 7.32 32.35
C MET C 285 -42.47 6.03 32.59
N PHE C 286 -41.74 5.94 33.69
CA PHE C 286 -41.16 4.70 34.19
C PHE C 286 -41.40 4.55 35.69
N ASP C 287 -41.74 3.35 36.14
CA ASP C 287 -42.14 3.10 37.52
C ASP C 287 -40.91 3.06 38.46
N ALA C 288 -40.66 4.20 39.09
CA ALA C 288 -39.39 4.59 39.70
C ALA C 288 -39.33 4.37 41.22
N TYR C 289 -39.87 3.27 41.73
CA TYR C 289 -39.63 2.88 43.12
C TYR C 289 -38.14 2.64 43.38
N MET C 290 -37.78 2.61 44.65
CA MET C 290 -36.43 2.52 45.16
C MET C 290 -35.63 1.29 44.68
N ALA C 291 -34.32 1.47 44.47
CA ALA C 291 -33.32 0.44 44.17
C ALA C 291 -33.43 -0.31 42.82
N ARG C 292 -34.40 0.00 41.98
CA ARG C 292 -34.48 -0.54 40.60
C ARG C 292 -33.32 -0.05 39.75
N ILE C 293 -32.91 -0.82 38.76
CA ILE C 293 -31.81 -0.49 37.84
C ILE C 293 -32.36 -0.30 36.44
N LEU C 294 -32.14 0.85 35.80
CA LEU C 294 -32.49 1.07 34.40
C LEU C 294 -31.42 0.46 33.50
N ALA C 295 -31.78 -0.27 32.45
CA ALA C 295 -30.84 -0.79 31.47
C ALA C 295 -31.17 -0.28 30.06
N PHE C 296 -30.18 0.33 29.40
CA PHE C 296 -30.31 0.95 28.09
C PHE C 296 -29.52 0.21 27.01
N GLU C 297 -30.08 0.12 25.80
CA GLU C 297 -29.39 -0.32 24.59
C GLU C 297 -28.06 0.42 24.35
N GLY C 298 -27.97 1.70 24.69
CA GLY C 298 -26.75 2.50 24.55
C GLY C 298 -26.28 2.62 23.11
N GLY C 299 -25.01 2.28 22.85
CA GLY C 299 -24.34 2.56 21.59
C GLY C 299 -24.01 4.04 21.43
N GLU C 300 -23.39 4.43 20.32
CA GLU C 300 -23.04 5.83 19.99
C GLU C 300 -22.21 6.59 21.07
N GLY C 301 -21.56 5.87 22.00
CA GLY C 301 -20.90 6.48 23.15
C GLY C 301 -21.88 7.09 24.18
N ALA C 302 -23.11 6.58 24.25
CA ALA C 302 -24.14 7.05 25.17
C ALA C 302 -23.68 6.96 26.63
N HIS C 303 -24.03 7.96 27.42
CA HIS C 303 -23.65 8.08 28.83
C HIS C 303 -24.60 9.02 29.57
N ALA C 304 -24.64 8.90 30.89
CA ALA C 304 -25.45 9.70 31.79
C ALA C 304 -24.60 10.73 32.52
N GLU C 305 -25.08 11.96 32.66
CA GLU C 305 -24.37 13.01 33.40
C GLU C 305 -25.32 14.08 33.95
N GLN C 306 -24.83 14.94 34.83
CA GLN C 306 -25.63 15.88 35.59
C GLN C 306 -25.13 17.30 35.46
N PHE C 307 -26.03 18.28 35.51
CA PHE C 307 -25.68 19.60 36.01
C PHE C 307 -25.66 19.58 37.54
N SER C 308 -24.82 20.40 38.16
CA SER C 308 -24.76 20.48 39.63
C SER C 308 -26.01 21.10 40.22
N ALA C 309 -26.34 20.73 41.45
CA ALA C 309 -27.18 21.57 42.30
C ALA C 309 -26.47 22.90 42.59
N ALA C 310 -27.22 23.96 42.83
CA ALA C 310 -26.73 25.20 43.40
C ALA C 310 -26.67 25.07 44.93
N GLU C 311 -25.54 25.40 45.55
CA GLU C 311 -25.39 25.36 47.01
C GLU C 311 -26.13 26.55 47.64
N LEU C 312 -27.25 26.34 48.33
CA LEU C 312 -28.04 27.47 48.85
C LEU C 312 -27.29 28.30 49.89
N ARG C 313 -26.34 27.71 50.64
CA ARG C 313 -25.52 28.47 51.60
C ARG C 313 -24.66 29.56 50.97
N ASN C 314 -24.46 29.54 49.66
CA ASN C 314 -23.81 30.64 48.96
C ASN C 314 -24.61 31.95 49.13
N PHE C 315 -25.94 31.89 49.22
CA PHE C 315 -26.76 33.05 49.55
C PHE C 315 -26.84 33.29 51.05
N VAL C 316 -26.88 32.24 51.86
CA VAL C 316 -26.95 32.40 53.32
C VAL C 316 -25.70 33.09 53.87
N ASP C 317 -24.53 32.90 53.27
CA ASP C 317 -23.33 33.67 53.60
C ASP C 317 -23.49 35.17 53.30
N ALA C 318 -24.32 35.57 52.34
CA ALA C 318 -24.65 36.97 52.13
C ALA C 318 -25.78 37.46 53.06
N LEU C 319 -26.77 36.63 53.39
CA LEU C 319 -27.79 36.96 54.37
C LEU C 319 -27.17 37.23 55.75
N ASP C 320 -26.21 36.42 56.18
CA ASP C 320 -25.51 36.64 57.44
C ASP C 320 -24.70 37.94 57.42
N ALA C 321 -23.99 38.24 56.33
CA ALA C 321 -23.25 39.49 56.22
C ALA C 321 -24.18 40.71 56.32
N LEU C 322 -25.31 40.71 55.63
CA LEU C 322 -26.27 41.80 55.72
C LEU C 322 -26.96 41.88 57.09
N ASP C 323 -27.19 40.77 57.80
CA ASP C 323 -27.64 40.82 59.20
C ASP C 323 -26.60 41.42 60.15
N ARG C 324 -25.30 41.41 59.82
CA ARG C 324 -24.29 42.16 60.60
C ARG C 324 -24.34 43.64 60.28
N LYS C 325 -24.52 44.03 59.00
CA LYS C 325 -24.66 45.44 58.64
C LYS C 325 -25.95 46.06 59.20
N ALA C 326 -27.09 45.38 59.13
CA ALA C 326 -28.33 45.92 59.68
C ALA C 326 -28.23 46.17 61.19
N ALA C 327 -27.58 45.28 61.94
CA ALA C 327 -27.33 45.49 63.37
C ALA C 327 -26.34 46.64 63.59
N SER C 328 -25.25 46.71 62.82
CA SER C 328 -24.27 47.80 62.89
C SER C 328 -24.88 49.17 62.64
N TYR C 329 -25.73 49.33 61.63
CA TYR C 329 -26.30 50.64 61.28
C TYR C 329 -27.43 51.06 62.22
N SER C 330 -28.27 50.13 62.68
CA SER C 330 -29.38 50.46 63.58
C SER C 330 -28.96 50.59 65.04
N GLY C 331 -27.93 49.89 65.48
CA GLY C 331 -27.47 49.93 66.87
C GLY C 331 -28.34 49.15 67.86
N LEU C 332 -29.21 48.28 67.36
CA LEU C 332 -29.92 47.31 68.20
C LEU C 332 -28.93 46.32 68.84
N PRO C 333 -29.27 45.67 69.96
CA PRO C 333 -28.53 44.51 70.45
C PRO C 333 -28.40 43.44 69.37
N PRO C 334 -27.31 42.67 69.30
CA PRO C 334 -27.10 41.72 68.21
C PRO C 334 -28.11 40.58 68.22
N GLN C 335 -28.62 40.17 69.38
CA GLN C 335 -29.65 39.14 69.48
C GLN C 335 -31.03 39.60 69.01
N TYR C 336 -31.27 40.89 68.76
CA TYR C 336 -32.56 41.36 68.22
C TYR C 336 -32.73 40.90 66.77
N LEU C 337 -31.68 41.00 65.96
CA LEU C 337 -31.65 40.52 64.58
C LEU C 337 -31.12 39.09 64.44
N SER C 338 -30.70 38.46 65.54
CA SER C 338 -30.00 37.16 65.60
C SER C 338 -28.67 37.15 64.82
N SER C 339 -27.98 38.30 64.76
CA SER C 339 -26.67 38.47 64.11
C SER C 339 -25.55 37.64 64.77
N SER C 340 -25.79 37.10 65.97
CA SER C 340 -25.04 36.01 66.61
C SER C 340 -25.99 35.17 67.49
N SER C 341 -25.60 33.95 67.84
CA SER C 341 -26.35 33.09 68.76
C SER C 341 -26.09 33.41 70.25
N ASP C 342 -25.06 34.21 70.55
CA ASP C 342 -24.67 34.57 71.91
C ASP C 342 -25.71 35.50 72.58
N ASN C 343 -25.83 35.41 73.91
CA ASN C 343 -26.78 36.21 74.70
C ASN C 343 -26.18 36.59 76.06
N PRO C 344 -26.45 37.81 76.57
CA PRO C 344 -25.77 38.32 77.76
C PRO C 344 -26.24 37.60 79.04
N ALA C 345 -25.29 37.00 79.75
CA ALA C 345 -25.56 36.11 80.89
C ALA C 345 -25.78 36.80 82.25
N SER C 346 -25.52 38.11 82.36
CA SER C 346 -25.50 38.86 83.63
C SER C 346 -26.00 40.29 83.48
N ALA C 347 -26.37 40.92 84.58
CA ALA C 347 -26.91 42.29 84.58
C ALA C 347 -25.93 43.33 84.00
N GLU C 348 -24.62 43.12 84.16
CA GLU C 348 -23.60 43.96 83.53
C GLU C 348 -23.50 43.66 82.03
N ALA C 349 -23.49 42.40 81.62
CA ALA C 349 -23.44 42.03 80.20
C ALA C 349 -24.64 42.58 79.41
N ILE C 350 -25.81 42.68 80.05
CA ILE C 350 -27.00 43.30 79.47
C ILE C 350 -26.76 44.80 79.23
N LYS C 351 -26.24 45.54 80.21
CA LYS C 351 -25.88 46.96 80.02
C LYS C 351 -24.86 47.15 78.90
N ALA C 352 -23.98 46.19 78.66
CA ALA C 352 -23.05 46.24 77.53
C ALA C 352 -23.78 46.14 76.19
N ALA C 353 -24.61 45.11 76.01
CA ALA C 353 -25.31 44.86 74.75
C ALA C 353 -26.31 45.97 74.41
N GLU C 354 -27.03 46.51 75.39
CA GLU C 354 -28.02 47.57 75.18
C GLU C 354 -27.42 48.99 75.17
N SER C 355 -26.11 49.17 75.35
CA SER C 355 -25.45 50.48 75.51
C SER C 355 -25.82 51.48 74.41
N ARG C 356 -25.87 51.02 73.15
CA ARG C 356 -26.27 51.84 72.00
C ARG C 356 -27.75 52.17 71.99
N LEU C 357 -28.60 51.17 72.17
CA LEU C 357 -30.05 51.34 72.10
C LEU C 357 -30.58 52.23 73.23
N VAL C 358 -30.11 52.05 74.46
CA VAL C 358 -30.51 52.91 75.59
C VAL C 358 -30.16 54.37 75.32
N LYS C 359 -28.92 54.67 74.90
CA LYS C 359 -28.53 56.06 74.63
C LYS C 359 -29.26 56.64 73.43
N LYS C 360 -29.59 55.85 72.40
CA LYS C 360 -30.42 56.32 71.29
C LYS C 360 -31.83 56.67 71.73
N VAL C 361 -32.43 55.92 72.66
CA VAL C 361 -33.74 56.25 73.24
C VAL C 361 -33.64 57.44 74.19
N GLU C 362 -32.64 57.56 75.05
CA GLU C 362 -32.47 58.76 75.88
C GLU C 362 -32.31 60.04 75.05
N ARG C 363 -31.68 59.97 73.87
CA ARG C 363 -31.63 61.07 72.90
C ARG C 363 -33.02 61.43 72.38
N LYS C 364 -33.89 60.47 72.07
CA LYS C 364 -35.29 60.78 71.69
C LYS C 364 -36.11 61.37 72.84
N ASN C 365 -35.92 60.90 74.07
CA ASN C 365 -36.66 61.42 75.22
C ASN C 365 -36.47 62.94 75.40
N LYS C 366 -35.27 63.49 75.15
CA LYS C 366 -35.08 64.94 75.18
C LYS C 366 -35.77 65.65 74.01
N ILE C 367 -35.57 65.17 72.78
CA ILE C 367 -36.12 65.80 71.58
C ILE C 367 -37.66 65.82 71.58
N PHE C 368 -38.32 64.72 71.95
CA PHE C 368 -39.79 64.70 72.05
C PHE C 368 -40.29 65.34 73.35
N GLY C 369 -39.49 65.35 74.42
CA GLY C 369 -39.83 66.06 75.66
C GLY C 369 -40.04 67.55 75.44
N GLY C 370 -39.22 68.20 74.61
CA GLY C 370 -39.39 69.61 74.27
C GLY C 370 -40.77 69.94 73.69
N ALA C 371 -41.33 69.09 72.83
CA ALA C 371 -42.66 69.28 72.29
C ALA C 371 -43.75 69.11 73.35
N TRP C 372 -43.60 68.18 74.28
CA TRP C 372 -44.58 67.99 75.35
C TRP C 372 -44.54 69.08 76.42
N GLU C 373 -43.39 69.69 76.69
CA GLU C 373 -43.33 70.91 77.49
C GLU C 373 -44.18 72.01 76.85
N GLN C 374 -43.97 72.29 75.56
CA GLN C 374 -44.68 73.36 74.87
C GLN C 374 -46.18 73.11 74.80
N ALA C 375 -46.61 71.88 74.52
CA ALA C 375 -48.02 71.54 74.49
C ALA C 375 -48.71 71.71 75.84
N MET C 376 -48.06 71.33 76.95
CA MET C 376 -48.61 71.59 78.28
C MET C 376 -48.62 73.07 78.63
N ARG C 377 -47.64 73.84 78.17
CA ARG C 377 -47.59 75.28 78.40
C ARG C 377 -48.69 76.03 77.65
N LEU C 378 -49.00 75.69 76.39
CA LEU C 378 -50.16 76.23 75.69
C LEU C 378 -51.47 75.78 76.35
N ALA C 379 -51.60 74.52 76.75
CA ALA C 379 -52.81 74.04 77.41
C ALA C 379 -53.10 74.80 78.70
N TYR C 380 -52.09 75.07 79.53
CA TYR C 380 -52.27 75.89 80.73
C TYR C 380 -52.78 77.29 80.39
N LYS C 381 -52.13 77.98 79.43
CA LYS C 381 -52.54 79.33 79.03
C LYS C 381 -53.93 79.36 78.41
N MET C 382 -54.38 78.29 77.76
CA MET C 382 -55.73 78.19 77.23
C MET C 382 -56.79 77.94 78.32
N VAL C 383 -56.49 77.13 79.34
CA VAL C 383 -57.45 76.83 80.42
C VAL C 383 -57.52 77.96 81.45
N LYS C 384 -56.39 78.35 82.05
CA LYS C 384 -56.37 79.35 83.13
C LYS C 384 -56.51 80.78 82.63
N GLY C 385 -56.28 81.03 81.35
CA GLY C 385 -56.19 82.39 80.80
C GLY C 385 -55.00 83.16 81.38
N GLY C 386 -55.05 84.49 81.34
CA GLY C 386 -53.98 85.35 81.85
C GLY C 386 -52.66 85.12 81.11
N ASP C 387 -51.57 84.96 81.84
CA ASP C 387 -50.25 84.65 81.28
C ASP C 387 -49.45 83.69 82.17
N ILE C 388 -48.49 82.98 81.59
CA ILE C 388 -47.81 81.84 82.20
C ILE C 388 -46.90 82.27 83.37
N PRO C 389 -47.02 81.66 84.56
CA PRO C 389 -46.06 81.85 85.66
C PRO C 389 -44.65 81.47 85.23
N THR C 390 -43.65 82.25 85.65
CA THR C 390 -42.26 82.13 85.17
C THR C 390 -41.66 80.72 85.31
N GLU C 391 -42.07 79.94 86.30
CA GLU C 391 -41.53 78.59 86.54
C GLU C 391 -41.78 77.63 85.38
N TYR C 392 -42.89 77.74 84.65
CA TYR C 392 -43.22 76.81 83.57
C TYR C 392 -42.30 76.94 82.36
N TYR C 393 -41.51 78.01 82.24
CA TYR C 393 -40.44 78.09 81.24
C TYR C 393 -39.23 77.23 81.59
N ARG C 394 -39.09 76.79 82.85
CA ARG C 394 -38.00 75.94 83.34
C ARG C 394 -38.47 74.52 83.72
N MET C 395 -39.67 74.15 83.25
CA MET C 395 -40.24 72.81 83.32
C MET C 395 -39.34 71.77 82.64
N GLU C 396 -39.44 70.50 83.06
CA GLU C 396 -38.96 69.38 82.25
C GLU C 396 -39.91 68.18 82.31
N THR C 397 -39.94 67.37 81.26
CA THR C 397 -40.53 66.03 81.29
C THR C 397 -39.57 65.05 81.96
N VAL C 398 -40.10 64.12 82.76
CA VAL C 398 -39.36 62.98 83.34
C VAL C 398 -39.82 61.70 82.67
N TRP C 399 -38.90 60.81 82.29
CA TRP C 399 -39.18 59.60 81.51
C TRP C 399 -38.66 58.35 82.21
N ARG C 400 -39.27 57.20 81.94
CA ARG C 400 -38.74 55.88 82.36
C ARG C 400 -37.33 55.67 81.84
N ASP C 401 -36.48 54.98 82.59
CA ASP C 401 -35.16 54.55 82.12
C ASP C 401 -35.34 53.51 80.99
N PRO C 402 -34.81 53.72 79.77
CA PRO C 402 -34.99 52.79 78.65
C PRO C 402 -34.39 51.39 78.86
N SER C 403 -33.56 51.17 79.88
CA SER C 403 -32.91 49.88 80.16
C SER C 403 -33.90 48.80 80.56
N THR C 404 -33.62 47.52 80.30
CA THR C 404 -34.44 46.42 80.84
C THR C 404 -34.33 46.38 82.39
N PRO C 405 -35.39 46.07 83.16
CA PRO C 405 -35.47 46.46 84.57
C PRO C 405 -34.34 46.00 85.50
N THR C 406 -33.89 44.75 85.40
CA THR C 406 -32.84 44.13 86.24
C THR C 406 -32.99 44.43 87.76
N TYR C 407 -34.17 44.12 88.31
CA TYR C 407 -34.56 44.51 89.68
C TYR C 407 -33.60 44.05 90.78
N ALA C 408 -33.28 42.76 90.85
CA ALA C 408 -32.47 42.20 91.93
C ALA C 408 -31.02 42.69 91.95
N ALA C 409 -30.48 43.15 90.82
CA ALA C 409 -29.16 43.78 90.75
C ALA C 409 -29.14 45.19 91.37
N LYS C 410 -30.25 45.94 91.30
CA LYS C 410 -30.38 47.25 91.96
C LYS C 410 -30.85 47.13 93.41
N ALA C 411 -31.66 46.13 93.74
CA ALA C 411 -32.29 46.01 95.04
C ALA C 411 -31.30 45.98 96.19
N ASP C 412 -30.26 45.14 96.13
CA ASP C 412 -29.26 45.14 97.20
C ASP C 412 -28.19 46.24 97.05
N ALA C 413 -28.01 46.83 95.88
CA ALA C 413 -27.21 48.04 95.74
C ALA C 413 -27.87 49.22 96.46
N ALA C 414 -29.17 49.43 96.27
CA ALA C 414 -29.94 50.45 96.96
C ALA C 414 -30.04 50.16 98.47
N ALA C 415 -30.26 48.91 98.87
CA ALA C 415 -30.27 48.53 100.28
C ALA C 415 -28.91 48.77 100.97
N LYS C 416 -27.79 48.45 100.31
CA LYS C 416 -26.44 48.67 100.87
C LYS C 416 -26.06 50.14 100.94
N LEU C 417 -26.58 51.00 100.07
CA LEU C 417 -26.43 52.44 100.19
C LEU C 417 -27.30 53.05 101.30
N PHE C 418 -28.53 52.59 101.49
CA PHE C 418 -29.43 53.11 102.52
C PHE C 418 -29.09 52.62 103.93
N ALA C 419 -28.67 51.37 104.08
CA ALA C 419 -28.22 50.76 105.36
C ALA C 419 -29.15 51.04 106.56
N ASN C 420 -30.45 50.79 106.38
CA ASN C 420 -31.49 50.99 107.40
C ASN C 420 -31.52 52.41 108.00
N GLY C 421 -31.20 53.42 107.19
CA GLY C 421 -31.21 54.83 107.57
C GLY C 421 -29.87 55.39 108.04
N ALA C 422 -28.90 54.54 108.37
CA ALA C 422 -27.55 54.97 108.74
C ALA C 422 -26.65 55.30 107.53
N GLY C 423 -27.06 54.92 106.32
CA GLY C 423 -26.21 54.90 105.13
C GLY C 423 -25.99 56.23 104.43
N LEU C 424 -25.53 56.15 103.19
CA LEU C 424 -25.08 57.28 102.39
C LEU C 424 -26.24 58.17 101.91
N ILE C 425 -27.40 57.62 101.57
CA ILE C 425 -28.49 58.32 100.87
C ILE C 425 -29.78 58.44 101.71
N PRO C 426 -30.60 59.48 101.51
CA PRO C 426 -31.92 59.56 102.12
C PRO C 426 -32.88 58.52 101.55
N ARG C 427 -33.93 58.15 102.28
CA ARG C 427 -34.89 57.11 101.87
C ARG C 427 -35.50 57.41 100.51
N GLU C 428 -35.97 58.64 100.31
CA GLU C 428 -36.60 59.06 99.07
C GLU C 428 -35.68 58.91 97.84
N ARG C 429 -34.36 59.01 97.99
CA ARG C 429 -33.45 58.78 96.85
C ARG C 429 -33.38 57.30 96.48
N GLY C 430 -33.37 56.40 97.46
CA GLY C 430 -33.39 54.97 97.16
C GLY C 430 -34.60 54.59 96.31
N TRP C 431 -35.76 55.22 96.53
CA TRP C 431 -36.95 55.00 95.70
C TRP C 431 -36.76 55.47 94.26
N VAL C 432 -36.04 56.55 94.02
CA VAL C 432 -35.72 57.03 92.67
C VAL C 432 -34.78 56.07 91.96
N ASP C 433 -33.72 55.60 92.62
CA ASP C 433 -32.76 54.67 92.03
C ASP C 433 -33.35 53.28 91.76
N MET C 434 -34.33 52.84 92.56
CA MET C 434 -35.12 51.64 92.25
C MET C 434 -36.05 51.82 91.05
N GLY C 435 -36.25 53.03 90.55
CA GLY C 435 -37.05 53.32 89.36
C GLY C 435 -38.55 53.43 89.61
N TYR C 436 -39.00 53.58 90.85
CA TYR C 436 -40.43 53.81 91.13
C TYR C 436 -40.86 55.16 90.55
N THR C 437 -41.97 55.19 89.82
CA THR C 437 -42.43 56.37 89.07
C THR C 437 -42.98 57.48 89.98
N ILE C 438 -43.15 58.71 89.48
CA ILE C 438 -43.49 59.88 90.31
C ILE C 438 -44.84 59.72 91.04
N VAL C 439 -45.86 59.18 90.37
CA VAL C 439 -47.18 58.90 90.99
C VAL C 439 -47.08 57.74 91.99
N GLU C 440 -46.26 56.76 91.68
CA GLU C 440 -46.07 55.52 92.43
C GLU C 440 -45.29 55.72 93.73
N ARG C 441 -44.30 56.62 93.73
CA ARG C 441 -43.59 57.06 94.95
C ARG C 441 -44.52 57.76 95.92
N GLU C 442 -45.49 58.54 95.44
CA GLU C 442 -46.46 59.18 96.35
C GLU C 442 -47.34 58.15 97.07
N GLN C 443 -47.68 57.01 96.46
CA GLN C 443 -48.35 55.93 97.18
C GLN C 443 -47.46 55.42 98.32
N MET C 444 -46.19 55.11 98.03
CA MET C 444 -45.24 54.66 99.05
C MET C 444 -45.06 55.69 100.16
N ARG C 445 -45.01 56.97 99.83
CA ARG C 445 -44.92 58.08 100.77
C ARG C 445 -46.10 58.15 101.74
N GLN C 446 -47.22 57.51 101.42
CA GLN C 446 -48.38 57.36 102.30
C GLN C 446 -48.40 56.01 103.02
N TRP C 447 -48.10 54.88 102.36
CA TRP C 447 -48.00 53.58 103.03
C TRP C 447 -46.91 53.57 104.11
N LEU C 448 -45.80 54.29 103.90
CA LEU C 448 -44.74 54.42 104.89
C LEU C 448 -45.25 55.10 106.16
N GLU C 449 -46.14 56.10 106.05
CA GLU C 449 -46.76 56.71 107.22
C GLU C 449 -47.72 55.76 107.95
N GLN C 450 -48.48 54.94 107.22
CA GLN C 450 -49.32 53.91 107.85
C GLN C 450 -48.48 52.87 108.58
N ASP C 451 -47.39 52.39 107.97
CA ASP C 451 -46.46 51.45 108.61
C ASP C 451 -45.78 52.07 109.83
N GLN C 452 -45.33 53.33 109.74
CA GLN C 452 -44.71 54.04 110.85
C GLN C 452 -45.68 54.27 112.02
N LYS C 453 -46.96 54.52 111.75
CA LYS C 453 -47.99 54.66 112.79
C LYS C 453 -48.35 53.33 113.44
N GLN C 454 -48.36 52.24 112.68
CA GLN C 454 -48.77 50.91 113.16
C GLN C 454 -47.64 50.14 113.89
N GLY C 455 -46.41 50.21 113.40
CA GLY C 455 -45.25 49.45 113.91
C GLY C 455 -44.40 50.20 114.92
N SER D 6 -83.29 -14.35 82.95
CA SER D 6 -82.11 -14.96 83.57
C SER D 6 -81.55 -16.09 82.70
N ILE D 7 -80.32 -16.54 82.98
CA ILE D 7 -79.62 -17.60 82.23
C ILE D 7 -79.04 -18.63 83.23
N ASP D 8 -79.08 -19.91 82.89
CA ASP D 8 -78.55 -20.96 83.78
C ASP D 8 -77.03 -20.85 83.97
N PRO D 9 -76.50 -20.99 85.19
CA PRO D 9 -75.06 -21.09 85.45
C PRO D 9 -74.35 -22.16 84.63
N GLU D 10 -75.05 -23.24 84.26
CA GLU D 10 -74.54 -24.30 83.39
C GLU D 10 -74.20 -23.76 81.99
N LYS D 11 -75.05 -22.88 81.45
CA LYS D 11 -74.88 -22.22 80.15
C LYS D 11 -73.94 -21.03 80.22
N LEU D 12 -73.92 -20.30 81.33
CA LEU D 12 -73.10 -19.10 81.50
C LEU D 12 -71.58 -19.35 81.49
N ARG D 13 -71.11 -20.60 81.63
CA ARG D 13 -69.74 -20.93 81.21
C ARG D 13 -69.66 -20.87 79.69
N ASP D 14 -70.28 -21.80 79.00
CA ASP D 14 -70.16 -21.98 77.55
C ASP D 14 -70.43 -20.70 76.77
N GLN D 15 -71.41 -19.90 77.19
CA GLN D 15 -71.81 -18.68 76.48
C GLN D 15 -70.70 -17.62 76.41
N LEU D 16 -69.74 -17.61 77.35
CA LEU D 16 -68.69 -16.59 77.42
C LEU D 16 -67.28 -17.13 77.70
N LEU D 17 -67.06 -18.43 77.90
CA LEU D 17 -65.75 -19.03 77.64
C LEU D 17 -65.36 -18.92 76.16
N ASP D 18 -66.32 -18.89 75.23
CA ASP D 18 -66.06 -18.54 73.84
C ASP D 18 -65.50 -17.12 73.73
N ALA D 19 -66.09 -16.15 74.44
CA ALA D 19 -65.58 -14.78 74.48
C ALA D 19 -64.22 -14.69 75.18
N PHE D 20 -63.99 -15.47 76.24
CA PHE D 20 -62.70 -15.59 76.88
C PHE D 20 -61.63 -16.07 75.90
N GLU D 21 -61.89 -17.12 75.13
CA GLU D 21 -60.94 -17.60 74.12
C GLU D 21 -60.75 -16.59 72.98
N ASN D 22 -61.81 -15.95 72.50
CA ASN D 22 -61.70 -14.92 71.46
C ASN D 22 -60.88 -13.70 71.91
N LYS D 23 -60.88 -13.36 73.20
CA LYS D 23 -59.97 -12.36 73.79
C LYS D 23 -58.50 -12.76 73.63
N GLN D 24 -58.12 -14.02 73.85
CA GLN D 24 -56.72 -14.43 73.85
C GLN D 24 -55.99 -14.12 72.53
N ASN D 25 -56.70 -14.13 71.39
CA ASN D 25 -56.13 -13.79 70.10
C ASN D 25 -55.66 -12.33 70.02
N GLU D 26 -56.29 -11.40 70.76
CA GLU D 26 -55.85 -10.01 70.84
C GLU D 26 -54.69 -9.82 71.84
N LEU D 27 -54.79 -10.42 73.02
CA LEU D 27 -53.75 -10.32 74.06
C LEU D 27 -52.40 -10.83 73.57
N LYS D 28 -52.38 -11.92 72.80
CA LYS D 28 -51.16 -12.52 72.24
C LYS D 28 -50.33 -11.55 71.39
N SER D 29 -50.97 -10.57 70.74
CA SER D 29 -50.26 -9.54 69.97
C SER D 29 -49.40 -8.65 70.87
N SER D 30 -49.96 -8.06 71.92
CA SER D 30 -49.20 -7.21 72.86
C SER D 30 -48.13 -7.97 73.65
N LYS D 31 -48.36 -9.26 73.94
CA LYS D 31 -47.38 -10.11 74.63
C LYS D 31 -46.08 -10.25 73.83
N ALA D 32 -46.17 -10.40 72.51
CA ALA D 32 -45.00 -10.62 71.67
C ALA D 32 -43.97 -9.49 71.76
N TYR D 33 -44.41 -8.25 72.01
CA TYR D 33 -43.51 -7.11 72.20
C TYR D 33 -42.84 -7.10 73.57
N TYR D 34 -43.55 -7.36 74.66
CA TYR D 34 -42.93 -7.37 76.00
C TYR D 34 -42.06 -8.61 76.26
N ASP D 35 -42.50 -9.79 75.84
CA ASP D 35 -41.70 -11.02 75.90
C ASP D 35 -40.62 -11.12 74.82
N ALA D 36 -40.53 -10.13 73.92
CA ALA D 36 -39.52 -10.06 72.86
C ALA D 36 -39.50 -11.32 71.98
N GLU D 37 -40.68 -11.78 71.57
CA GLU D 37 -40.86 -12.93 70.68
C GLU D 37 -40.69 -12.57 69.20
N ARG D 38 -40.49 -13.58 68.35
CA ARG D 38 -40.37 -13.43 66.90
C ARG D 38 -41.63 -12.81 66.30
N ARG D 39 -41.44 -11.83 65.41
CA ARG D 39 -42.49 -11.17 64.61
C ARG D 39 -42.06 -11.19 63.14
N PRO D 40 -42.97 -11.38 62.17
CA PRO D 40 -42.64 -11.22 60.77
C PRO D 40 -42.08 -9.83 60.46
N ASP D 41 -42.66 -8.78 61.03
CA ASP D 41 -42.24 -7.40 60.75
C ASP D 41 -40.86 -7.03 61.30
N ALA D 42 -40.31 -7.78 62.25
CA ALA D 42 -38.99 -7.55 62.81
C ALA D 42 -37.84 -8.10 61.94
N ILE D 43 -38.11 -9.03 61.03
CA ILE D 43 -37.08 -9.74 60.28
C ILE D 43 -36.50 -8.85 59.16
N GLY D 44 -35.20 -8.60 59.19
CA GLY D 44 -34.52 -7.71 58.25
C GLY D 44 -34.46 -8.32 56.85
N LEU D 45 -34.95 -7.63 55.83
CA LEU D 45 -35.25 -8.24 54.53
C LEU D 45 -34.01 -8.57 53.70
N ALA D 46 -32.92 -7.82 53.84
CA ALA D 46 -31.72 -8.04 53.03
C ALA D 46 -30.97 -9.32 53.40
N VAL D 47 -31.11 -9.82 54.63
CA VAL D 47 -30.41 -11.01 55.11
C VAL D 47 -30.88 -12.26 54.33
N PRO D 48 -29.98 -13.09 53.78
CA PRO D 48 -30.35 -14.25 52.99
C PRO D 48 -31.03 -15.34 53.83
N LEU D 49 -31.83 -16.19 53.19
CA LEU D 49 -32.88 -16.95 53.88
C LEU D 49 -32.38 -17.99 54.87
N ASP D 50 -31.17 -18.49 54.74
CA ASP D 50 -30.56 -19.39 55.73
C ASP D 50 -30.06 -18.63 56.96
N MET D 51 -29.56 -17.41 56.78
CA MET D 51 -29.15 -16.52 57.88
C MET D 51 -30.32 -15.85 58.59
N ARG D 52 -31.52 -15.81 58.03
CA ARG D 52 -32.70 -15.21 58.71
C ARG D 52 -33.09 -15.91 60.02
N LYS D 53 -32.52 -17.06 60.37
CA LYS D 53 -32.70 -17.64 61.71
C LYS D 53 -32.09 -16.81 62.83
N TYR D 54 -31.12 -15.94 62.53
CA TYR D 54 -30.46 -15.07 63.50
C TYR D 54 -31.30 -13.83 63.82
N LEU D 55 -32.45 -14.02 64.46
CA LEU D 55 -33.30 -12.93 64.94
C LEU D 55 -32.51 -12.01 65.89
N ALA D 56 -32.73 -10.70 65.76
CA ALA D 56 -32.36 -9.71 66.76
C ALA D 56 -33.62 -9.12 67.38
N HIS D 57 -33.67 -9.00 68.71
CA HIS D 57 -34.84 -8.48 69.42
C HIS D 57 -34.54 -7.13 70.06
N VAL D 58 -35.52 -6.24 70.14
CA VAL D 58 -35.36 -4.86 70.61
C VAL D 58 -36.15 -4.60 71.88
N GLY D 59 -35.48 -4.13 72.93
CA GLY D 59 -36.01 -4.03 74.28
C GLY D 59 -36.79 -2.76 74.61
N TYR D 60 -37.20 -1.93 73.64
CA TYR D 60 -37.93 -0.70 73.96
C TYR D 60 -39.27 -0.95 74.68
N PRO D 61 -40.13 -1.90 74.26
CA PRO D 61 -41.42 -2.12 74.91
C PRO D 61 -41.27 -2.53 76.38
N ARG D 62 -40.36 -3.46 76.67
CA ARG D 62 -40.06 -3.85 78.05
C ARG D 62 -39.48 -2.69 78.85
N THR D 63 -38.56 -1.93 78.26
CA THR D 63 -37.95 -0.78 78.93
C THR D 63 -38.99 0.27 79.31
N TYR D 64 -39.93 0.57 78.42
CA TYR D 64 -40.98 1.55 78.69
C TYR D 64 -41.98 1.05 79.73
N VAL D 65 -42.50 -0.16 79.60
CA VAL D 65 -43.45 -0.71 80.57
C VAL D 65 -42.83 -0.87 81.94
N ASP D 66 -41.58 -1.33 82.07
CA ASP D 66 -40.89 -1.37 83.36
C ASP D 66 -40.63 0.03 83.93
N ALA D 67 -40.21 1.00 83.12
CA ALA D 67 -39.94 2.35 83.64
C ALA D 67 -41.16 3.01 84.27
N ILE D 68 -42.38 2.69 83.81
CA ILE D 68 -43.61 3.10 84.48
C ILE D 68 -43.89 2.19 85.67
N ALA D 69 -43.99 0.87 85.45
CA ALA D 69 -44.50 -0.07 86.44
C ALA D 69 -43.67 -0.13 87.72
N GLU D 70 -42.35 0.13 87.63
CA GLU D 70 -41.43 0.00 88.76
C GLU D 70 -41.32 1.26 89.61
N ARG D 71 -41.86 2.40 89.17
CA ARG D 71 -41.80 3.68 89.90
C ARG D 71 -43.02 3.99 90.77
N GLN D 72 -44.11 3.23 90.65
CA GLN D 72 -45.33 3.47 91.42
C GLN D 72 -45.49 2.49 92.59
N GLU D 73 -45.76 3.03 93.77
CA GLU D 73 -45.95 2.31 95.02
C GLU D 73 -46.96 3.03 95.90
N LEU D 74 -47.80 2.30 96.63
CA LEU D 74 -48.88 2.86 97.43
C LEU D 74 -48.43 3.03 98.89
N GLU D 75 -48.60 4.21 99.47
CA GLU D 75 -48.26 4.52 100.86
C GLU D 75 -49.40 4.25 101.85
N GLY D 76 -50.65 4.37 101.41
CA GLY D 76 -51.83 4.24 102.26
C GLY D 76 -53.08 4.87 101.65
N PHE D 77 -54.13 5.03 102.46
CA PHE D 77 -55.40 5.65 102.07
C PHE D 77 -55.73 6.86 102.96
N ARG D 78 -56.42 7.85 102.40
CA ARG D 78 -57.06 8.96 103.13
C ARG D 78 -58.56 8.75 103.10
N ILE D 79 -59.23 8.77 104.27
CA ILE D 79 -60.69 8.84 104.36
C ILE D 79 -61.05 10.08 105.18
N PRO D 80 -61.82 11.05 104.64
CA PRO D 80 -62.15 12.26 105.37
C PRO D 80 -62.97 11.97 106.63
N SER D 81 -62.42 12.31 107.80
CA SER D 81 -63.13 12.18 109.07
C SER D 81 -64.27 13.21 109.16
N ALA D 82 -65.35 12.88 109.88
CA ALA D 82 -66.22 13.90 110.45
C ALA D 82 -65.46 14.77 111.48
N ASN D 83 -65.97 15.97 111.75
CA ASN D 83 -65.42 16.92 112.74
C ASN D 83 -63.91 17.25 112.61
N GLY D 84 -63.40 17.34 111.38
CA GLY D 84 -62.06 17.82 111.06
C GLY D 84 -60.99 16.73 110.83
N GLU D 85 -59.98 17.07 110.05
CA GLU D 85 -58.88 16.20 109.57
C GLU D 85 -57.83 15.85 110.65
N GLU D 86 -58.29 15.41 111.82
CA GLU D 86 -57.47 14.94 112.95
C GLU D 86 -57.61 13.42 113.28
N PRO D 87 -57.71 12.48 112.32
CA PRO D 87 -57.79 11.04 112.61
C PRO D 87 -56.46 10.47 113.09
N GLU D 88 -56.49 9.36 113.84
CA GLU D 88 -55.27 8.67 114.31
C GLU D 88 -55.46 7.14 114.51
N SER D 89 -54.34 6.41 114.49
CA SER D 89 -54.29 4.94 114.61
C SER D 89 -54.38 4.39 116.05
N GLY D 90 -54.70 5.25 117.03
CA GLY D 90 -54.74 4.92 118.46
C GLY D 90 -55.97 4.12 118.91
N GLY D 91 -56.39 4.28 120.17
CA GLY D 91 -57.64 3.71 120.66
C GLY D 91 -58.86 4.23 119.87
N GLU D 92 -59.77 3.34 119.49
CA GLU D 92 -60.83 3.61 118.50
C GLU D 92 -60.25 4.12 117.17
N ASN D 93 -59.37 3.33 116.56
CA ASN D 93 -58.55 3.71 115.40
C ASN D 93 -59.35 4.15 114.16
N ASP D 94 -58.72 4.96 113.31
CA ASP D 94 -59.33 5.52 112.10
C ASP D 94 -59.71 4.46 111.02
N PRO D 95 -60.53 4.82 110.02
CA PRO D 95 -60.84 3.96 108.90
C PRO D 95 -59.61 3.50 108.09
N ALA D 96 -58.66 4.40 107.83
CA ALA D 96 -57.54 4.12 106.94
C ALA D 96 -56.60 3.01 107.45
N SER D 97 -56.36 2.94 108.76
CA SER D 97 -55.53 1.90 109.35
C SER D 97 -56.15 0.50 109.27
N GLU D 98 -57.46 0.38 109.10
CA GLU D 98 -58.11 -0.91 108.82
C GLU D 98 -57.82 -1.37 107.38
N LEU D 99 -58.05 -0.50 106.39
CA LEU D 99 -57.85 -0.86 104.99
C LEU D 99 -56.38 -1.16 104.68
N TRP D 100 -55.45 -0.45 105.33
CA TRP D 100 -54.04 -0.74 105.17
C TRP D 100 -53.62 -2.07 105.84
N ASP D 101 -54.29 -2.49 106.90
CA ASP D 101 -54.06 -3.82 107.47
C ASP D 101 -54.43 -4.92 106.49
N TRP D 102 -55.56 -4.79 105.78
CA TRP D 102 -55.95 -5.75 104.74
C TRP D 102 -55.02 -5.71 103.54
N TRP D 103 -54.47 -4.54 103.17
CA TRP D 103 -53.47 -4.44 102.12
C TRP D 103 -52.21 -5.23 102.47
N GLN D 104 -51.69 -5.05 103.68
CA GLN D 104 -50.53 -5.81 104.16
C GLN D 104 -50.84 -7.30 104.34
N ALA D 105 -51.97 -7.67 104.96
CA ALA D 105 -52.28 -9.07 105.25
C ALA D 105 -52.42 -9.94 104.00
N ASN D 106 -52.79 -9.34 102.87
CA ASN D 106 -52.87 -9.99 101.57
C ASN D 106 -51.55 -9.94 100.76
N ASN D 107 -50.51 -9.24 101.23
CA ASN D 107 -49.32 -8.91 100.43
C ASN D 107 -49.67 -8.22 99.10
N LEU D 108 -50.66 -7.33 99.10
CA LEU D 108 -50.98 -6.56 97.89
C LEU D 108 -49.85 -5.64 97.46
N ASP D 109 -48.90 -5.29 98.32
CA ASP D 109 -47.72 -4.55 97.88
C ASP D 109 -46.82 -5.37 96.95
N ILE D 110 -46.99 -6.69 96.87
CA ILE D 110 -46.43 -7.55 95.83
C ILE D 110 -47.45 -7.75 94.71
N GLU D 111 -48.67 -8.20 95.01
CA GLU D 111 -49.65 -8.53 93.96
C GLU D 111 -50.04 -7.31 93.11
N ALA D 112 -50.08 -6.09 93.66
CA ALA D 112 -50.36 -4.88 92.91
C ALA D 112 -49.19 -4.53 91.98
N THR D 113 -47.93 -4.54 92.46
CA THR D 113 -46.80 -4.20 91.59
C THR D 113 -46.63 -5.22 90.46
N LEU D 114 -47.00 -6.48 90.67
CA LEU D 114 -47.14 -7.43 89.56
C LEU D 114 -48.32 -7.06 88.66
N GLY D 115 -49.53 -6.91 89.21
CA GLY D 115 -50.75 -6.69 88.42
C GLY D 115 -50.80 -5.40 87.62
N HIS D 116 -50.15 -4.33 88.08
CA HIS D 116 -49.97 -3.12 87.28
C HIS D 116 -49.14 -3.40 86.01
N THR D 117 -48.26 -4.40 86.01
CA THR D 117 -47.50 -4.74 84.81
C THR D 117 -48.40 -5.39 83.76
N ASP D 118 -49.22 -6.38 84.12
CA ASP D 118 -50.23 -6.92 83.20
C ASP D 118 -51.22 -5.86 82.76
N ALA D 119 -51.64 -4.94 83.63
CA ALA D 119 -52.53 -3.86 83.27
C ALA D 119 -51.91 -2.90 82.24
N LEU D 120 -50.60 -2.66 82.27
CA LEU D 120 -49.91 -1.87 81.26
C LEU D 120 -49.65 -2.66 79.98
N ILE D 121 -49.27 -3.93 80.04
CA ILE D 121 -49.03 -4.74 78.84
C ILE D 121 -50.34 -4.99 78.07
N TYR D 122 -51.35 -5.58 78.72
CA TYR D 122 -52.58 -6.01 78.05
C TYR D 122 -53.67 -4.94 78.03
N GLY D 123 -53.54 -3.90 78.85
CA GLY D 123 -54.52 -2.82 78.98
C GLY D 123 -55.51 -2.99 80.13
N THR D 124 -55.61 -4.16 80.75
CA THR D 124 -56.45 -4.38 81.94
C THR D 124 -56.01 -5.58 82.76
N ALA D 125 -56.35 -5.60 84.05
CA ALA D 125 -56.21 -6.72 84.96
C ALA D 125 -57.31 -6.60 86.02
N TYR D 126 -57.63 -7.64 86.77
CA TYR D 126 -58.82 -7.64 87.62
C TYR D 126 -58.50 -7.88 89.09
N ILE D 127 -59.20 -7.22 90.00
CA ILE D 127 -59.07 -7.42 91.45
C ILE D 127 -60.25 -8.27 91.91
N THR D 128 -60.00 -9.41 92.53
CA THR D 128 -61.01 -10.38 92.97
C THR D 128 -61.13 -10.35 94.49
N ILE D 129 -62.36 -10.24 95.01
CA ILE D 129 -62.64 -10.12 96.46
C ILE D 129 -63.48 -11.31 96.96
N SER D 130 -63.14 -11.88 98.13
CA SER D 130 -63.99 -12.86 98.84
C SER D 130 -63.62 -12.96 100.31
N MET D 131 -64.39 -13.65 101.14
CA MET D 131 -63.83 -14.21 102.37
C MET D 131 -62.92 -15.40 102.03
N PRO D 132 -61.93 -15.74 102.87
CA PRO D 132 -61.16 -16.96 102.70
C PRO D 132 -61.99 -18.18 103.12
N ASP D 133 -61.91 -19.27 102.36
CA ASP D 133 -62.47 -20.56 102.77
C ASP D 133 -61.58 -21.21 103.85
N PRO D 134 -62.07 -21.52 105.06
CA PRO D 134 -61.26 -22.14 106.10
C PRO D 134 -60.78 -23.55 105.72
N GLU D 135 -61.55 -24.27 104.91
CA GLU D 135 -61.42 -25.72 104.68
C GLU D 135 -60.18 -26.13 103.85
N VAL D 136 -59.48 -25.18 103.25
CA VAL D 136 -58.30 -25.42 102.39
C VAL D 136 -56.95 -25.21 103.10
N ASP D 137 -56.95 -24.84 104.38
CA ASP D 137 -55.75 -24.72 105.25
C ASP D 137 -54.64 -23.77 104.75
N PHE D 138 -54.97 -22.70 104.02
CA PHE D 138 -53.99 -21.75 103.50
C PHE D 138 -53.31 -20.90 104.60
N ASP D 139 -52.13 -20.36 104.29
CA ASP D 139 -51.40 -19.36 105.08
C ASP D 139 -52.03 -17.96 104.95
N VAL D 140 -53.28 -17.80 105.38
CA VAL D 140 -54.02 -16.53 105.39
C VAL D 140 -54.71 -16.30 106.74
N ASP D 141 -54.78 -15.05 107.19
CA ASP D 141 -55.58 -14.67 108.36
C ASP D 141 -57.07 -14.88 108.06
N PRO D 142 -57.81 -15.73 108.78
CA PRO D 142 -59.23 -15.97 108.51
C PRO D 142 -60.12 -14.73 108.62
N GLU D 143 -59.72 -13.69 109.36
CA GLU D 143 -60.59 -12.55 109.67
C GLU D 143 -60.57 -11.43 108.61
N VAL D 144 -59.54 -11.33 107.78
CA VAL D 144 -59.47 -10.30 106.72
C VAL D 144 -60.18 -10.74 105.44
N PRO D 145 -60.70 -9.82 104.61
CA PRO D 145 -61.14 -10.19 103.28
C PRO D 145 -59.94 -10.64 102.44
N LEU D 146 -60.10 -11.75 101.73
CA LEU D 146 -59.13 -12.23 100.75
C LEU D 146 -59.27 -11.40 99.48
N ILE D 147 -58.26 -10.59 99.17
CA ILE D 147 -58.18 -9.77 97.96
C ILE D 147 -56.97 -10.26 97.16
N ARG D 148 -57.13 -10.52 95.86
CA ARG D 148 -56.00 -10.83 94.97
C ARG D 148 -56.23 -10.37 93.55
N VAL D 149 -55.13 -10.10 92.83
CA VAL D 149 -55.17 -9.54 91.47
C VAL D 149 -54.92 -10.66 90.47
N GLU D 150 -55.72 -10.74 89.42
CA GLU D 150 -55.68 -11.81 88.44
C GLU D 150 -55.62 -11.25 87.01
N PRO D 151 -54.76 -11.80 86.14
CA PRO D 151 -54.46 -11.22 84.85
C PRO D 151 -55.58 -11.49 83.85
N PRO D 152 -55.65 -10.72 82.75
CA PRO D 152 -56.66 -10.94 81.74
C PRO D 152 -56.37 -12.21 80.92
N THR D 153 -55.19 -12.80 81.04
CA THR D 153 -54.90 -14.14 80.50
C THR D 153 -55.62 -15.26 81.26
N ALA D 154 -56.14 -15.00 82.46
CA ALA D 154 -56.77 -15.99 83.35
C ALA D 154 -58.21 -15.64 83.77
N LEU D 155 -58.67 -14.42 83.53
CA LEU D 155 -59.99 -13.93 83.92
C LEU D 155 -60.59 -13.06 82.82
N TYR D 156 -61.90 -12.98 82.75
CA TYR D 156 -62.65 -12.15 81.80
C TYR D 156 -63.88 -11.57 82.49
N ALA D 157 -64.36 -10.41 82.02
CA ALA D 157 -65.55 -9.77 82.53
C ALA D 157 -66.33 -9.11 81.40
N GLU D 158 -67.65 -9.08 81.52
CA GLU D 158 -68.53 -8.30 80.65
C GLU D 158 -68.91 -7.01 81.37
N VAL D 159 -68.64 -5.86 80.74
CA VAL D 159 -68.93 -4.54 81.30
C VAL D 159 -70.18 -3.98 80.63
N ASP D 160 -71.15 -3.53 81.41
CA ASP D 160 -72.37 -2.91 80.90
C ASP D 160 -72.07 -1.66 80.06
N PRO D 161 -72.42 -1.63 78.76
CA PRO D 161 -72.23 -0.43 77.95
C PRO D 161 -72.87 0.84 78.52
N ARG D 162 -73.95 0.72 79.30
CA ARG D 162 -74.75 1.86 79.79
C ARG D 162 -74.15 2.49 81.05
N THR D 163 -73.99 1.71 82.13
CA THR D 163 -73.45 2.17 83.43
C THR D 163 -71.94 2.01 83.57
N ARG D 164 -71.28 1.27 82.68
CA ARG D 164 -69.84 0.96 82.70
C ARG D 164 -69.37 0.28 83.98
N LYS D 165 -70.18 -0.67 84.47
CA LYS D 165 -69.90 -1.55 85.63
C LYS D 165 -70.12 -3.02 85.26
N VAL D 166 -69.42 -3.95 85.92
CA VAL D 166 -69.38 -5.37 85.53
C VAL D 166 -70.72 -6.07 85.74
N LEU D 167 -71.17 -6.85 84.75
CA LEU D 167 -72.39 -7.67 84.80
C LEU D 167 -72.13 -9.14 85.13
N TYR D 168 -71.01 -9.68 84.65
CA TYR D 168 -70.66 -11.09 84.66
C TYR D 168 -69.13 -11.21 84.63
N ALA D 169 -68.54 -12.21 85.26
CA ALA D 169 -67.11 -12.48 85.13
C ALA D 169 -66.77 -13.96 85.32
N ILE D 170 -65.67 -14.40 84.70
CA ILE D 170 -65.26 -15.81 84.69
C ILE D 170 -63.74 -15.99 84.74
N ARG D 171 -63.24 -16.78 85.70
CA ARG D 171 -61.87 -17.30 85.61
C ARG D 171 -61.86 -18.55 84.75
N ALA D 172 -60.75 -18.78 84.04
CA ALA D 172 -60.42 -20.09 83.53
C ALA D 172 -58.95 -20.37 83.81
N ILE D 173 -58.68 -21.46 84.52
CA ILE D 173 -57.35 -21.89 84.92
C ILE D 173 -57.00 -23.11 84.08
N TYR D 174 -55.93 -23.02 83.31
CA TYR D 174 -55.44 -24.12 82.48
C TYR D 174 -54.59 -25.10 83.29
N GLY D 175 -54.35 -26.29 82.76
CA GLY D 175 -53.39 -27.24 83.33
C GLY D 175 -51.96 -26.69 83.39
N ALA D 176 -51.09 -27.37 84.14
CA ALA D 176 -49.72 -26.90 84.37
C ALA D 176 -48.89 -26.73 83.08
N ASP D 177 -49.24 -27.47 82.03
CA ASP D 177 -48.91 -27.24 80.62
C ASP D 177 -50.15 -27.56 79.77
N GLY D 178 -50.17 -27.06 78.52
CA GLY D 178 -51.20 -27.40 77.53
C GLY D 178 -52.41 -26.47 77.49
N ASN D 179 -53.30 -26.71 76.52
CA ASN D 179 -54.48 -25.90 76.23
C ASN D 179 -55.72 -26.28 77.07
N GLU D 180 -55.71 -27.42 77.75
CA GLU D 180 -56.84 -27.92 78.53
C GLU D 180 -57.12 -27.09 79.79
N ILE D 181 -58.39 -26.71 79.99
CA ILE D 181 -58.87 -26.12 81.26
C ILE D 181 -58.77 -27.18 82.37
N VAL D 182 -58.53 -26.73 83.60
CA VAL D 182 -58.49 -27.55 84.83
C VAL D 182 -59.40 -26.99 85.92
N SER D 183 -59.76 -25.71 85.88
CA SER D 183 -60.87 -25.17 86.68
C SER D 183 -61.48 -23.94 86.01
N ALA D 184 -62.76 -23.68 86.26
CA ALA D 184 -63.44 -22.46 85.85
C ALA D 184 -64.30 -21.94 87.01
N THR D 185 -64.47 -20.63 87.13
CA THR D 185 -65.25 -20.01 88.22
C THR D 185 -66.10 -18.88 87.68
N LEU D 186 -67.39 -18.83 88.03
CA LEU D 186 -68.30 -17.74 87.70
C LEU D 186 -68.48 -16.81 88.89
N TYR D 187 -68.44 -15.51 88.62
CA TYR D 187 -68.91 -14.48 89.53
C TYR D 187 -70.19 -13.85 88.98
N LEU D 188 -71.23 -13.77 89.80
CA LEU D 188 -72.49 -13.09 89.53
C LEU D 188 -72.83 -12.22 90.75
N PRO D 189 -73.72 -11.22 90.66
CA PRO D 189 -74.09 -10.42 91.81
C PRO D 189 -74.55 -11.26 93.01
N ASP D 190 -75.40 -12.27 92.75
CA ASP D 190 -75.99 -13.13 93.78
C ASP D 190 -75.03 -14.17 94.39
N THR D 191 -73.97 -14.58 93.68
CA THR D 191 -73.22 -15.80 94.03
C THR D 191 -71.86 -15.92 93.32
N THR D 192 -70.96 -16.71 93.89
CA THR D 192 -69.75 -17.23 93.20
C THR D 192 -69.85 -18.75 93.06
N MET D 193 -69.57 -19.31 91.88
CA MET D 193 -69.68 -20.75 91.62
C MET D 193 -68.43 -21.30 90.94
N THR D 194 -68.03 -22.54 91.19
CA THR D 194 -66.74 -23.06 90.71
C THR D 194 -66.79 -24.55 90.33
N TRP D 195 -65.97 -24.93 89.35
CA TRP D 195 -65.82 -26.29 88.80
C TRP D 195 -64.36 -26.73 88.83
N LEU D 196 -64.11 -28.02 89.10
CA LEU D 196 -62.78 -28.56 89.42
C LEU D 196 -62.30 -29.65 88.45
N ARG D 197 -62.83 -29.69 87.21
CA ARG D 197 -62.36 -30.54 86.11
C ARG D 197 -62.39 -29.81 84.76
N ALA D 198 -61.80 -30.43 83.75
CA ALA D 198 -61.67 -29.89 82.40
C ALA D 198 -62.99 -29.66 81.64
N GLU D 199 -62.90 -29.11 80.43
CA GLU D 199 -64.01 -29.07 79.47
C GLU D 199 -64.37 -30.49 79.02
N GLY D 200 -65.58 -30.94 79.37
CA GLY D 200 -65.95 -32.36 79.40
C GLY D 200 -65.34 -33.06 80.62
N GLU D 201 -66.10 -33.96 81.26
CA GLU D 201 -65.82 -34.49 82.61
C GLU D 201 -66.01 -33.45 83.74
N TRP D 202 -66.74 -32.35 83.49
CA TRP D 202 -67.01 -31.31 84.51
C TRP D 202 -67.59 -31.88 85.82
N GLU D 203 -67.12 -31.39 86.97
CA GLU D 203 -67.73 -31.67 88.28
C GLU D 203 -69.07 -30.95 88.45
N ALA D 204 -69.85 -31.33 89.47
CA ALA D 204 -70.99 -30.54 89.93
C ALA D 204 -70.53 -29.18 90.50
N PRO D 205 -71.35 -28.11 90.41
CA PRO D 205 -70.98 -26.79 90.89
C PRO D 205 -70.85 -26.74 92.41
N THR D 206 -69.65 -26.41 92.90
CA THR D 206 -69.51 -25.80 94.23
C THR D 206 -70.01 -24.36 94.14
N SER D 207 -70.71 -23.87 95.15
CA SER D 207 -71.38 -22.58 95.10
C SER D 207 -71.36 -21.86 96.46
N THR D 208 -71.28 -20.54 96.42
CA THR D 208 -71.26 -19.67 97.60
C THR D 208 -72.27 -18.53 97.44
N PRO D 209 -73.19 -18.29 98.39
CA PRO D 209 -74.09 -17.15 98.37
C PRO D 209 -73.33 -15.88 98.74
N HIS D 210 -73.72 -14.74 98.17
CA HIS D 210 -72.92 -13.52 98.18
C HIS D 210 -73.72 -12.30 98.68
N GLY D 211 -73.06 -11.44 99.48
CA GLY D 211 -73.74 -10.35 100.19
C GLY D 211 -73.93 -9.05 99.40
N LEU D 212 -73.14 -8.81 98.35
CA LEU D 212 -73.17 -7.55 97.61
C LEU D 212 -74.28 -7.50 96.56
N GLU D 213 -74.68 -6.29 96.17
CA GLU D 213 -75.55 -6.02 95.01
C GLU D 213 -74.79 -6.09 93.66
N MET D 214 -73.50 -6.44 93.67
CA MET D 214 -72.56 -6.26 92.56
C MET D 214 -71.62 -7.45 92.41
N VAL D 215 -71.03 -7.63 91.23
CA VAL D 215 -70.02 -8.65 90.96
C VAL D 215 -68.73 -8.33 91.74
N PRO D 216 -68.12 -9.25 92.49
CA PRO D 216 -66.92 -9.00 93.30
C PRO D 216 -65.61 -9.01 92.49
N VAL D 217 -65.65 -8.52 91.26
CA VAL D 217 -64.51 -8.40 90.34
C VAL D 217 -64.42 -6.95 89.87
N ILE D 218 -63.32 -6.26 90.18
CA ILE D 218 -63.12 -4.85 89.81
C ILE D 218 -62.00 -4.75 88.76
N PRO D 219 -62.26 -4.26 87.54
CA PRO D 219 -61.22 -4.06 86.55
C PRO D 219 -60.30 -2.89 86.88
N ILE D 220 -59.01 -3.15 87.03
CA ILE D 220 -57.96 -2.16 86.74
C ILE D 220 -57.90 -2.02 85.23
N SER D 221 -58.02 -0.82 84.68
CA SER D 221 -57.91 -0.63 83.22
C SER D 221 -57.12 0.61 82.87
N ASN D 222 -56.27 0.49 81.85
CA ASN D 222 -55.39 1.54 81.37
C ASN D 222 -56.14 2.48 80.41
N ARG D 223 -57.17 3.17 80.88
CA ARG D 223 -57.91 4.16 80.08
C ARG D 223 -57.02 5.37 79.83
N THR D 224 -56.66 5.64 78.59
CA THR D 224 -55.86 6.84 78.25
C THR D 224 -56.72 8.10 78.13
N ARG D 225 -58.04 7.93 78.06
CA ARG D 225 -59.01 8.84 77.43
C ARG D 225 -60.42 8.33 77.72
N LEU D 226 -61.48 9.16 77.74
CA LEU D 226 -62.84 8.68 78.03
C LEU D 226 -63.33 7.69 76.97
N SER D 227 -63.08 8.00 75.70
CA SER D 227 -63.41 7.13 74.58
C SER D 227 -62.53 5.86 74.48
N ASP D 228 -61.65 5.56 75.46
CA ASP D 228 -61.23 4.18 75.73
C ASP D 228 -62.26 3.50 76.65
N LEU D 229 -63.15 2.67 76.11
CA LEU D 229 -64.20 2.05 76.93
C LEU D 229 -63.67 1.01 77.92
N TYR D 230 -62.60 0.30 77.56
CA TYR D 230 -62.11 -0.89 78.29
C TYR D 230 -60.62 -0.85 78.65
N GLY D 231 -59.97 0.29 78.45
CA GLY D 231 -58.50 0.42 78.56
C GLY D 231 -57.76 -0.15 77.35
N THR D 232 -56.52 0.29 77.15
CA THR D 232 -55.71 -0.06 75.98
C THR D 232 -54.26 -0.38 76.36
N SER D 233 -53.58 -1.20 75.57
CA SER D 233 -52.19 -1.57 75.84
C SER D 233 -51.28 -0.35 75.86
N GLU D 234 -50.37 -0.26 76.83
CA GLU D 234 -49.44 0.86 76.95
C GLU D 234 -48.38 0.84 75.83
N ILE D 235 -48.10 -0.31 75.25
CA ILE D 235 -47.14 -0.49 74.16
C ILE D 235 -47.77 0.03 72.86
N SER D 236 -47.80 1.34 72.69
CA SER D 236 -48.50 2.05 71.62
C SER D 236 -47.98 1.74 70.21
N PRO D 237 -48.80 1.88 69.15
CA PRO D 237 -48.38 1.60 67.77
C PRO D 237 -47.14 2.38 67.32
N GLU D 238 -46.92 3.59 67.81
CA GLU D 238 -45.68 4.33 67.55
C GLU D 238 -44.47 3.60 68.12
N LEU D 239 -44.54 3.13 69.36
CA LEU D 239 -43.45 2.40 70.00
C LEU D 239 -43.25 1.01 69.40
N ARG D 240 -44.31 0.34 68.95
CA ARG D 240 -44.19 -0.90 68.15
C ARG D 240 -43.47 -0.64 66.83
N SER D 241 -43.81 0.44 66.14
CA SER D 241 -43.19 0.79 64.86
C SER D 241 -41.69 0.97 64.97
N VAL D 242 -41.18 1.74 65.95
CA VAL D 242 -39.72 1.88 66.11
C VAL D 242 -39.05 0.63 66.66
N THR D 243 -39.76 -0.22 67.40
CA THR D 243 -39.22 -1.51 67.84
C THR D 243 -38.98 -2.43 66.66
N ASP D 244 -39.97 -2.63 65.81
CA ASP D 244 -39.84 -3.47 64.62
C ASP D 244 -38.88 -2.86 63.60
N ALA D 245 -38.92 -1.55 63.37
CA ALA D 245 -37.97 -0.87 62.49
C ALA D 245 -36.53 -1.06 62.95
N ALA D 246 -36.21 -0.82 64.22
CA ALA D 246 -34.86 -0.98 64.73
C ALA D 246 -34.39 -2.44 64.67
N ALA D 247 -35.28 -3.42 64.86
CA ALA D 247 -34.92 -4.82 64.73
C ALA D 247 -34.47 -5.16 63.30
N GLN D 248 -35.11 -4.59 62.27
CA GLN D 248 -34.64 -4.79 60.91
C GLN D 248 -33.25 -4.20 60.68
N ILE D 249 -32.97 -3.00 61.20
CA ILE D 249 -31.65 -2.37 61.04
C ILE D 249 -30.57 -3.22 61.73
N LEU D 250 -30.86 -3.76 62.91
CA LEU D 250 -29.92 -4.65 63.61
C LEU D 250 -29.65 -5.93 62.83
N MET D 251 -30.67 -6.59 62.27
CA MET D 251 -30.43 -7.77 61.44
C MET D 251 -29.65 -7.45 60.17
N ASN D 252 -29.97 -6.38 59.44
CA ASN D 252 -29.23 -6.03 58.24
C ASN D 252 -27.78 -5.64 58.57
N MET D 253 -27.53 -4.93 59.67
CA MET D 253 -26.17 -4.65 60.12
C MET D 253 -25.43 -5.93 60.46
N GLN D 254 -26.09 -6.89 61.12
CA GLN D 254 -25.50 -8.17 61.48
C GLN D 254 -25.16 -9.00 60.26
N GLY D 255 -26.06 -9.10 59.28
CA GLY D 255 -25.76 -9.72 58.00
C GLY D 255 -24.57 -9.06 57.32
N THR D 256 -24.51 -7.73 57.31
CA THR D 256 -23.42 -6.99 56.68
C THR D 256 -22.08 -7.30 57.35
N ALA D 257 -22.05 -7.45 58.67
CA ALA D 257 -20.82 -7.80 59.36
C ALA D 257 -20.34 -9.22 59.02
N ASN D 258 -21.25 -10.14 58.71
CA ASN D 258 -20.93 -11.51 58.31
C ASN D 258 -20.59 -11.68 56.82
N LEU D 259 -20.97 -10.75 55.96
CA LEU D 259 -20.85 -10.92 54.50
C LEU D 259 -20.04 -9.83 53.78
N MET D 260 -20.00 -8.59 54.28
CA MET D 260 -19.51 -7.44 53.51
C MET D 260 -18.65 -6.44 54.27
N ALA D 261 -18.45 -6.55 55.58
CA ALA D 261 -17.50 -5.69 56.29
C ALA D 261 -16.03 -5.89 55.85
N ILE D 262 -15.80 -6.89 55.00
CA ILE D 262 -14.54 -7.30 54.38
C ILE D 262 -14.49 -6.86 52.90
N PRO D 263 -13.39 -6.29 52.41
CA PRO D 263 -13.18 -6.10 50.98
C PRO D 263 -12.96 -7.46 50.32
N GLN D 264 -13.63 -7.73 49.20
CA GLN D 264 -13.54 -9.02 48.49
C GLN D 264 -12.54 -8.87 47.34
N ARG D 265 -11.47 -9.66 47.32
CA ARG D 265 -10.34 -9.47 46.40
C ARG D 265 -10.36 -10.45 45.24
N LEU D 266 -10.04 -9.97 44.04
CA LEU D 266 -10.28 -10.63 42.75
C LEU D 266 -9.02 -10.54 41.89
N ILE D 267 -8.84 -11.46 40.95
CA ILE D 267 -7.84 -11.36 39.89
C ILE D 267 -8.51 -11.65 38.57
N PHE D 268 -8.32 -10.79 37.57
CA PHE D 268 -8.89 -10.97 36.24
C PHE D 268 -7.81 -11.23 35.20
N GLY D 269 -8.08 -12.13 34.25
CA GLY D 269 -7.17 -12.45 33.15
C GLY D 269 -6.10 -13.49 33.49
N ALA D 270 -6.06 -13.99 34.72
CA ALA D 270 -5.20 -15.09 35.13
C ALA D 270 -5.93 -16.43 34.96
N LYS D 271 -5.38 -17.33 34.14
CA LYS D 271 -5.98 -18.63 33.85
C LYS D 271 -5.93 -19.53 35.10
N PRO D 272 -7.03 -20.15 35.55
CA PRO D 272 -7.01 -21.11 36.66
C PRO D 272 -5.94 -22.22 36.52
N GLU D 273 -5.66 -22.64 35.29
CA GLU D 273 -4.61 -23.60 34.97
C GLU D 273 -3.19 -23.09 35.29
N GLU D 274 -2.89 -21.82 35.00
CA GLU D 274 -1.59 -21.21 35.31
C GLU D 274 -1.38 -21.05 36.82
N LEU D 275 -2.43 -20.67 37.55
CA LEU D 275 -2.37 -20.54 39.00
C LEU D 275 -2.24 -21.90 39.71
N GLY D 276 -2.36 -23.01 39.00
CA GLY D 276 -2.30 -24.34 39.59
C GLY D 276 -3.52 -24.68 40.44
N ILE D 277 -4.70 -24.16 40.09
CA ILE D 277 -5.96 -24.50 40.75
C ILE D 277 -6.19 -26.01 40.61
N ASN D 278 -6.42 -26.71 41.72
CA ASN D 278 -6.78 -28.12 41.72
C ASN D 278 -8.18 -28.28 41.12
N ALA D 279 -8.27 -28.77 39.88
CA ALA D 279 -9.49 -28.65 39.07
C ALA D 279 -10.72 -29.35 39.68
N GLU D 280 -10.54 -30.48 40.38
CA GLU D 280 -11.64 -31.21 41.01
C GLU D 280 -12.19 -30.56 42.29
N THR D 281 -11.49 -29.58 42.89
CA THR D 281 -12.00 -28.82 44.05
C THR D 281 -12.18 -27.33 43.77
N GLY D 282 -11.53 -26.77 42.74
CA GLY D 282 -11.60 -25.36 42.37
C GLY D 282 -10.78 -24.43 43.26
N GLN D 283 -9.96 -24.96 44.17
CA GLN D 283 -9.22 -24.18 45.17
C GLN D 283 -7.71 -24.44 45.11
N ARG D 284 -6.88 -23.43 45.36
CA ARG D 284 -5.47 -23.61 45.72
C ARG D 284 -5.18 -23.03 47.09
N MET D 285 -4.73 -23.83 48.05
CA MET D 285 -4.16 -23.32 49.28
C MET D 285 -2.81 -22.66 49.01
N PHE D 286 -2.54 -21.50 49.60
CA PHE D 286 -1.21 -20.90 49.59
C PHE D 286 -0.79 -20.41 50.98
N ASP D 287 0.47 -20.65 51.32
CA ASP D 287 1.02 -20.51 52.67
C ASP D 287 1.27 -19.03 52.99
N ALA D 288 0.36 -18.39 53.72
CA ALA D 288 0.10 -16.95 53.66
C ALA D 288 0.48 -16.14 54.90
N TYR D 289 1.61 -16.41 55.54
CA TYR D 289 2.15 -15.52 56.59
C TYR D 289 2.43 -14.12 56.05
N MET D 290 2.45 -13.13 56.93
CA MET D 290 2.07 -11.75 56.59
C MET D 290 2.82 -11.08 55.43
N ALA D 291 4.15 -11.09 55.42
CA ALA D 291 4.91 -10.17 54.56
C ALA D 291 5.19 -10.69 53.14
N ARG D 292 4.82 -11.93 52.83
CA ARG D 292 5.12 -12.62 51.57
C ARG D 292 4.54 -11.89 50.36
N ILE D 293 5.23 -11.90 49.23
CA ILE D 293 4.80 -11.26 47.99
C ILE D 293 4.43 -12.34 46.97
N LEU D 294 3.20 -12.35 46.45
CA LEU D 294 2.82 -13.25 45.36
C LEU D 294 3.36 -12.72 44.04
N ALA D 295 3.86 -13.59 43.17
CA ALA D 295 4.28 -13.22 41.82
C ALA D 295 3.61 -14.13 40.78
N PHE D 296 3.04 -13.54 39.72
CA PHE D 296 2.33 -14.24 38.66
C PHE D 296 2.96 -14.00 37.28
N GLU D 297 2.90 -15.02 36.41
CA GLU D 297 3.24 -14.88 34.97
C GLU D 297 2.40 -13.83 34.23
N GLY D 298 1.27 -13.39 34.78
CA GLY D 298 0.52 -12.25 34.26
C GLY D 298 -0.49 -12.58 33.15
N GLY D 299 -0.71 -13.87 32.85
CA GLY D 299 -1.84 -14.35 32.05
C GLY D 299 -2.08 -13.59 30.75
N GLU D 300 -3.35 -13.29 30.46
CA GLU D 300 -3.77 -12.55 29.26
C GLU D 300 -3.72 -11.02 29.49
N GLY D 301 -2.62 -10.52 30.07
CA GLY D 301 -2.52 -9.12 30.53
C GLY D 301 -3.32 -8.89 31.81
N ALA D 302 -3.19 -9.79 32.78
CA ALA D 302 -3.98 -9.84 34.01
C ALA D 302 -3.77 -8.64 34.94
N HIS D 303 -4.74 -8.41 35.83
CA HIS D 303 -4.65 -7.40 36.89
C HIS D 303 -5.50 -7.76 38.12
N ALA D 304 -5.15 -7.18 39.27
CA ALA D 304 -5.89 -7.33 40.51
C ALA D 304 -7.06 -6.33 40.60
N GLU D 305 -8.13 -6.72 41.28
CA GLU D 305 -9.28 -5.87 41.59
C GLU D 305 -9.80 -6.20 42.99
N GLN D 306 -10.60 -5.34 43.60
CA GLN D 306 -11.37 -5.72 44.77
C GLN D 306 -12.72 -5.00 44.79
N PHE D 307 -13.76 -5.66 45.29
CA PHE D 307 -14.96 -4.96 45.72
C PHE D 307 -14.70 -4.36 47.09
N SER D 308 -15.11 -3.11 47.29
CA SER D 308 -14.94 -2.41 48.56
C SER D 308 -15.83 -3.00 49.66
N ALA D 309 -15.44 -2.82 50.92
CA ALA D 309 -16.23 -3.20 52.08
C ALA D 309 -17.49 -2.34 52.20
N ALA D 310 -18.54 -2.87 52.81
CA ALA D 310 -19.66 -2.06 53.28
C ALA D 310 -19.29 -1.31 54.57
N GLU D 311 -19.72 -0.06 54.70
CA GLU D 311 -19.55 0.72 55.93
C GLU D 311 -20.59 0.31 56.97
N LEU D 312 -20.24 -0.39 58.05
CA LEU D 312 -21.22 -0.72 59.10
C LEU D 312 -21.77 0.56 59.76
N ARG D 313 -20.98 1.63 59.77
CA ARG D 313 -21.38 2.97 60.21
C ARG D 313 -22.66 3.46 59.54
N ASN D 314 -22.91 3.08 58.28
CA ASN D 314 -24.10 3.51 57.55
C ASN D 314 -25.40 3.04 58.23
N PHE D 315 -25.42 1.81 58.77
CA PHE D 315 -26.56 1.32 59.55
C PHE D 315 -26.62 1.93 60.94
N VAL D 316 -25.47 2.15 61.57
CA VAL D 316 -25.43 2.76 62.91
C VAL D 316 -26.00 4.17 62.89
N ASP D 317 -25.81 4.93 61.81
CA ASP D 317 -26.43 6.24 61.67
C ASP D 317 -27.97 6.18 61.58
N ALA D 318 -28.57 5.04 61.22
CA ALA D 318 -30.01 4.81 61.34
C ALA D 318 -30.42 4.23 62.69
N LEU D 319 -29.59 3.39 63.32
CA LEU D 319 -29.85 2.92 64.69
C LEU D 319 -29.95 4.09 65.66
N ASP D 320 -29.05 5.07 65.56
CA ASP D 320 -29.09 6.25 66.40
C ASP D 320 -30.35 7.09 66.17
N ALA D 321 -30.78 7.26 64.93
CA ALA D 321 -32.00 8.01 64.62
C ALA D 321 -33.25 7.31 65.17
N LEU D 322 -33.36 5.99 65.06
CA LEU D 322 -34.49 5.25 65.63
C LEU D 322 -34.45 5.20 67.16
N ASP D 323 -33.28 5.21 67.80
CA ASP D 323 -33.19 5.45 69.25
C ASP D 323 -33.71 6.84 69.62
N ARG D 324 -33.35 7.87 68.85
CA ARG D 324 -33.80 9.24 69.09
C ARG D 324 -35.31 9.40 68.98
N LYS D 325 -35.95 8.71 68.03
CA LYS D 325 -37.41 8.60 67.94
C LYS D 325 -38.00 7.80 69.09
N ALA D 326 -37.45 6.63 69.44
CA ALA D 326 -37.98 5.83 70.54
C ALA D 326 -37.94 6.55 71.88
N ALA D 327 -36.92 7.37 72.16
CA ALA D 327 -36.90 8.23 73.34
C ALA D 327 -38.01 9.27 73.29
N SER D 328 -38.18 9.96 72.16
CA SER D 328 -39.21 10.99 72.00
C SER D 328 -40.63 10.45 72.15
N TYR D 329 -40.96 9.29 71.59
CA TYR D 329 -42.29 8.70 71.73
C TYR D 329 -42.56 8.23 73.17
N SER D 330 -41.57 7.64 73.82
CA SER D 330 -41.75 7.04 75.15
C SER D 330 -41.77 8.07 76.28
N GLY D 331 -41.04 9.17 76.15
CA GLY D 331 -40.90 10.15 77.23
C GLY D 331 -39.99 9.71 78.37
N LEU D 332 -39.17 8.70 78.15
CA LEU D 332 -38.10 8.29 79.06
C LEU D 332 -37.03 9.40 79.14
N PRO D 333 -36.27 9.51 80.23
CA PRO D 333 -35.12 10.41 80.26
C PRO D 333 -34.06 9.92 79.25
N PRO D 334 -33.53 10.77 78.36
CA PRO D 334 -32.56 10.37 77.32
C PRO D 334 -31.21 9.79 77.78
N GLN D 335 -31.03 9.52 79.08
CA GLN D 335 -29.96 8.66 79.58
C GLN D 335 -30.29 7.16 79.41
N TYR D 336 -31.59 6.79 79.41
CA TYR D 336 -32.08 5.48 78.99
C TYR D 336 -31.97 5.36 77.46
N LEU D 337 -32.25 4.18 76.91
CA LEU D 337 -32.07 3.87 75.49
C LEU D 337 -30.60 4.11 75.07
N SER D 338 -30.26 4.33 73.79
CA SER D 338 -28.88 4.75 73.46
C SER D 338 -28.57 6.08 74.15
N SER D 339 -27.70 6.05 75.16
CA SER D 339 -27.49 7.17 76.07
C SER D 339 -26.94 8.40 75.36
N SER D 340 -27.52 9.57 75.67
CA SER D 340 -27.07 10.87 75.17
C SER D 340 -25.65 11.22 75.62
N SER D 341 -25.04 12.22 74.99
CA SER D 341 -23.70 12.74 75.33
C SER D 341 -23.65 13.54 76.64
N ASP D 342 -24.65 13.44 77.52
CA ASP D 342 -24.74 14.11 78.81
C ASP D 342 -25.51 13.26 79.85
N ASN D 343 -25.25 13.54 81.12
CA ASN D 343 -25.99 13.02 82.26
C ASN D 343 -26.35 14.20 83.19
N PRO D 344 -27.55 14.22 83.79
CA PRO D 344 -27.96 15.35 84.62
C PRO D 344 -27.17 15.37 85.92
N ALA D 345 -26.29 16.36 86.07
CA ALA D 345 -25.30 16.43 87.14
C ALA D 345 -25.73 17.25 88.38
N SER D 346 -26.99 17.68 88.44
CA SER D 346 -27.52 18.55 89.49
C SER D 346 -28.93 18.13 89.91
N ALA D 347 -29.32 18.40 91.15
CA ALA D 347 -30.63 18.00 91.68
C ALA D 347 -31.82 18.57 90.87
N GLU D 348 -31.70 19.79 90.35
CA GLU D 348 -32.72 20.38 89.47
C GLU D 348 -32.69 19.75 88.07
N ALA D 349 -31.50 19.52 87.49
CA ALA D 349 -31.36 18.92 86.17
C ALA D 349 -31.92 17.49 86.09
N ILE D 350 -31.94 16.74 87.20
CA ILE D 350 -32.63 15.46 87.26
C ILE D 350 -34.14 15.64 87.06
N LYS D 351 -34.77 16.60 87.75
CA LYS D 351 -36.20 16.89 87.56
C LYS D 351 -36.49 17.41 86.15
N ALA D 352 -35.54 18.10 85.52
CA ALA D 352 -35.67 18.52 84.13
C ALA D 352 -35.70 17.32 83.16
N ALA D 353 -34.83 16.34 83.35
CA ALA D 353 -34.77 15.15 82.50
C ALA D 353 -35.99 14.22 82.71
N GLU D 354 -36.40 13.99 83.95
CA GLU D 354 -37.46 13.03 84.28
C GLU D 354 -38.89 13.58 84.18
N SER D 355 -39.11 14.86 83.92
CA SER D 355 -40.42 15.49 84.06
C SER D 355 -41.54 14.77 83.31
N ARG D 356 -41.29 14.26 82.10
CA ARG D 356 -42.26 13.47 81.32
C ARG D 356 -42.61 12.14 81.97
N LEU D 357 -41.61 11.36 82.36
CA LEU D 357 -41.84 10.06 82.99
C LEU D 357 -42.52 10.21 84.34
N VAL D 358 -42.16 11.20 85.15
CA VAL D 358 -42.84 11.52 86.41
C VAL D 358 -44.31 11.84 86.17
N LYS D 359 -44.64 12.74 85.24
CA LYS D 359 -46.04 13.11 85.01
C LYS D 359 -46.86 11.98 84.42
N LYS D 360 -46.28 11.07 83.62
CA LYS D 360 -46.98 9.86 83.18
C LYS D 360 -47.22 8.90 84.34
N VAL D 361 -46.28 8.69 85.24
CA VAL D 361 -46.51 7.83 86.42
C VAL D 361 -47.49 8.48 87.40
N GLU D 362 -47.43 9.78 87.66
CA GLU D 362 -48.45 10.45 88.48
C GLU D 362 -49.85 10.33 87.86
N ARG D 363 -49.95 10.30 86.53
CA ARG D 363 -51.19 10.03 85.80
C ARG D 363 -51.66 8.59 85.95
N LYS D 364 -50.77 7.59 85.86
CA LYS D 364 -51.15 6.19 86.12
C LYS D 364 -51.62 5.99 87.56
N ASN D 365 -50.97 6.64 88.53
CA ASN D 365 -51.38 6.56 89.94
C ASN D 365 -52.82 7.03 90.14
N LYS D 366 -53.33 7.99 89.37
CA LYS D 366 -54.74 8.37 89.44
C LYS D 366 -55.65 7.26 88.93
N ILE D 367 -55.45 6.79 87.71
CA ILE D 367 -56.40 5.83 87.10
C ILE D 367 -56.36 4.45 87.73
N PHE D 368 -55.24 4.01 88.31
CA PHE D 368 -55.21 2.77 89.11
C PHE D 368 -55.69 2.98 90.54
N GLY D 369 -55.58 4.19 91.10
CA GLY D 369 -56.13 4.52 92.41
C GLY D 369 -57.64 4.31 92.47
N GLY D 370 -58.38 4.72 91.44
CA GLY D 370 -59.83 4.51 91.37
C GLY D 370 -60.24 3.04 91.50
N ALA D 371 -59.55 2.13 90.82
CA ALA D 371 -59.82 0.71 90.90
C ALA D 371 -59.54 0.14 92.30
N TRP D 372 -58.45 0.56 92.95
CA TRP D 372 -58.15 0.12 94.31
C TRP D 372 -59.13 0.68 95.34
N GLU D 373 -59.55 1.93 95.22
CA GLU D 373 -60.55 2.51 96.11
C GLU D 373 -61.88 1.77 95.99
N GLN D 374 -62.32 1.47 94.77
CA GLN D 374 -63.55 0.71 94.56
C GLN D 374 -63.44 -0.70 95.13
N ALA D 375 -62.34 -1.41 94.89
CA ALA D 375 -62.12 -2.73 95.48
C ALA D 375 -62.09 -2.72 97.01
N MET D 376 -61.56 -1.67 97.64
CA MET D 376 -61.59 -1.54 99.10
C MET D 376 -63.00 -1.25 99.63
N ARG D 377 -63.84 -0.49 98.92
CA ARG D 377 -65.26 -0.37 99.29
C ARG D 377 -65.99 -1.71 99.20
N LEU D 378 -65.80 -2.49 98.14
CA LEU D 378 -66.41 -3.82 98.06
C LEU D 378 -65.89 -4.73 99.17
N ALA D 379 -64.60 -4.76 99.44
CA ALA D 379 -64.04 -5.58 100.51
C ALA D 379 -64.63 -5.21 101.88
N TYR D 380 -64.77 -3.92 102.19
CA TYR D 380 -65.44 -3.48 103.42
C TYR D 380 -66.90 -3.94 103.45
N LYS D 381 -67.68 -3.62 102.41
CA LYS D 381 -69.11 -3.94 102.36
C LYS D 381 -69.37 -5.44 102.44
N MET D 382 -68.44 -6.25 101.96
CA MET D 382 -68.49 -7.70 102.00
C MET D 382 -68.12 -8.26 103.39
N VAL D 383 -67.04 -7.78 104.03
CA VAL D 383 -66.61 -8.32 105.34
C VAL D 383 -67.38 -7.77 106.52
N LYS D 384 -67.68 -6.45 106.55
CA LYS D 384 -68.46 -5.82 107.64
C LYS D 384 -69.96 -5.99 107.46
N GLY D 385 -70.43 -6.25 106.24
CA GLY D 385 -71.84 -6.36 105.89
C GLY D 385 -72.57 -5.02 105.90
N GLY D 386 -73.81 -5.03 105.40
CA GLY D 386 -74.71 -3.87 105.46
C GLY D 386 -74.30 -2.70 104.55
N ASP D 387 -74.45 -1.48 105.07
CA ASP D 387 -74.15 -0.22 104.38
C ASP D 387 -72.66 0.16 104.41
N ILE D 388 -72.28 1.11 103.55
CA ILE D 388 -70.98 1.76 103.52
C ILE D 388 -71.12 3.16 104.17
N PRO D 389 -70.28 3.53 105.17
CA PRO D 389 -70.27 4.89 105.71
C PRO D 389 -70.00 5.92 104.62
N THR D 390 -70.77 7.00 104.56
CA THR D 390 -70.77 7.96 103.44
C THR D 390 -69.38 8.57 103.15
N GLU D 391 -68.51 8.69 104.15
CA GLU D 391 -67.13 9.15 103.98
C GLU D 391 -66.26 8.26 103.07
N TYR D 392 -66.55 6.97 102.94
CA TYR D 392 -65.79 6.08 102.05
C TYR D 392 -65.99 6.39 100.57
N TYR D 393 -67.04 7.12 100.18
CA TYR D 393 -67.17 7.62 98.81
C TYR D 393 -66.20 8.75 98.48
N ARG D 394 -65.54 9.36 99.48
CA ARG D 394 -64.45 10.35 99.32
C ARG D 394 -63.07 9.77 99.58
N MET D 395 -62.93 8.45 99.68
CA MET D 395 -61.65 7.79 99.93
C MET D 395 -60.67 8.01 98.79
N GLU D 396 -59.41 8.29 99.12
CA GLU D 396 -58.32 8.49 98.15
C GLU D 396 -57.11 7.63 98.49
N THR D 397 -56.52 6.97 97.51
CA THR D 397 -55.17 6.40 97.60
C THR D 397 -54.10 7.49 97.71
N VAL D 398 -53.01 7.20 98.41
CA VAL D 398 -51.81 8.06 98.49
C VAL D 398 -50.60 7.27 98.03
N TRP D 399 -49.84 7.80 97.07
CA TRP D 399 -48.77 7.10 96.36
C TRP D 399 -47.43 7.80 96.53
N ARG D 400 -46.32 7.06 96.44
CA ARG D 400 -44.97 7.65 96.48
C ARG D 400 -44.69 8.58 95.30
N ASP D 401 -43.91 9.63 95.53
CA ASP D 401 -43.41 10.52 94.47
C ASP D 401 -42.58 9.71 93.44
N PRO D 402 -42.97 9.66 92.15
CA PRO D 402 -42.26 8.87 91.15
C PRO D 402 -40.83 9.32 90.83
N SER D 403 -40.40 10.50 91.24
CA SER D 403 -39.08 11.04 90.93
C SER D 403 -37.96 10.42 91.77
N THR D 404 -36.71 10.45 91.31
CA THR D 404 -35.56 10.01 92.11
C THR D 404 -35.43 10.87 93.38
N PRO D 405 -35.36 10.28 94.59
CA PRO D 405 -35.39 11.04 95.82
C PRO D 405 -34.05 11.73 96.10
N THR D 406 -33.95 13.02 95.78
CA THR D 406 -32.78 13.86 96.10
C THR D 406 -32.83 14.28 97.58
N TYR D 407 -32.43 13.37 98.47
CA TYR D 407 -32.60 13.54 99.91
C TYR D 407 -31.94 14.80 100.46
N ALA D 408 -30.69 15.09 100.08
CA ALA D 408 -29.99 16.25 100.59
C ALA D 408 -30.61 17.58 100.15
N ALA D 409 -31.07 17.68 98.91
CA ALA D 409 -31.73 18.90 98.43
C ALA D 409 -33.08 19.15 99.13
N LYS D 410 -33.82 18.11 99.51
CA LYS D 410 -34.99 18.25 100.39
C LYS D 410 -34.61 18.60 101.81
N ALA D 411 -33.56 18.01 102.37
CA ALA D 411 -33.17 18.23 103.77
C ALA D 411 -32.75 19.67 104.07
N ASP D 412 -31.98 20.33 103.20
CA ASP D 412 -31.67 21.75 103.35
C ASP D 412 -32.94 22.61 103.36
N ALA D 413 -33.86 22.31 102.46
CA ALA D 413 -35.08 23.04 102.18
C ALA D 413 -36.11 22.89 103.31
N ALA D 414 -36.37 21.66 103.76
CA ALA D 414 -37.26 21.39 104.88
C ALA D 414 -36.74 22.01 106.18
N ALA D 415 -35.43 21.94 106.44
CA ALA D 415 -34.81 22.58 107.59
C ALA D 415 -34.97 24.11 107.56
N LYS D 416 -34.71 24.77 106.42
CA LYS D 416 -34.89 26.23 106.27
C LYS D 416 -36.34 26.67 106.44
N LEU D 417 -37.30 25.85 106.01
CA LEU D 417 -38.73 26.14 106.22
C LEU D 417 -39.17 25.95 107.67
N PHE D 418 -38.77 24.89 108.35
CA PHE D 418 -39.21 24.62 109.73
C PHE D 418 -38.51 25.49 110.77
N ALA D 419 -37.22 25.79 110.60
CA ALA D 419 -36.43 26.67 111.48
C ALA D 419 -36.65 26.43 112.98
N ASN D 420 -36.46 25.19 113.42
CA ASN D 420 -36.57 24.78 114.83
C ASN D 420 -37.91 25.13 115.50
N GLY D 421 -39.00 25.13 114.73
CA GLY D 421 -40.35 25.44 115.18
C GLY D 421 -40.75 26.91 115.09
N ALA D 422 -39.78 27.83 114.93
CA ALA D 422 -40.07 29.25 114.71
C ALA D 422 -40.44 29.58 113.25
N GLY D 423 -40.21 28.64 112.33
CA GLY D 423 -40.35 28.85 110.89
C GLY D 423 -41.78 28.78 110.35
N LEU D 424 -41.89 28.59 109.04
CA LEU D 424 -43.09 28.78 108.25
C LEU D 424 -44.11 27.64 108.36
N ILE D 425 -43.68 26.38 108.48
CA ILE D 425 -44.56 25.20 108.39
C ILE D 425 -44.62 24.41 109.71
N PRO D 426 -45.75 23.75 110.05
CA PRO D 426 -45.81 22.86 111.20
C PRO D 426 -44.94 21.62 110.99
N ARG D 427 -44.51 20.95 112.07
CA ARG D 427 -43.56 19.83 111.99
C ARG D 427 -44.02 18.75 111.01
N GLU D 428 -45.25 18.27 111.10
CA GLU D 428 -45.76 17.21 110.23
C GLU D 428 -45.68 17.55 108.74
N ARG D 429 -45.81 18.82 108.33
CA ARG D 429 -45.67 19.14 106.91
C ARG D 429 -44.24 18.96 106.43
N GLY D 430 -43.25 19.23 107.28
CA GLY D 430 -41.86 18.90 106.97
C GLY D 430 -41.69 17.39 106.77
N TRP D 431 -42.31 16.57 107.61
CA TRP D 431 -42.28 15.12 107.43
C TRP D 431 -42.95 14.65 106.13
N VAL D 432 -44.05 15.28 105.71
CA VAL D 432 -44.68 14.97 104.41
C VAL D 432 -43.78 15.36 103.25
N ASP D 433 -43.18 16.56 103.28
CA ASP D 433 -42.32 17.04 102.18
C ASP D 433 -41.01 16.26 102.06
N MET D 434 -40.46 15.74 103.16
CA MET D 434 -39.35 14.78 103.14
C MET D 434 -39.74 13.43 102.53
N GLY D 435 -41.02 13.15 102.30
CA GLY D 435 -41.47 11.94 101.61
C GLY D 435 -41.57 10.70 102.50
N TYR D 436 -41.66 10.86 103.81
CA TYR D 436 -41.92 9.74 104.72
C TYR D 436 -43.37 9.23 104.54
N THR D 437 -43.54 7.92 104.38
CA THR D 437 -44.84 7.26 104.20
C THR D 437 -45.73 7.36 105.43
N ILE D 438 -47.04 7.08 105.32
CA ILE D 438 -47.99 7.15 106.44
C ILE D 438 -47.53 6.30 107.64
N VAL D 439 -47.02 5.09 107.40
CA VAL D 439 -46.52 4.21 108.47
C VAL D 439 -45.22 4.70 109.10
N GLU D 440 -44.39 5.45 108.39
CA GLU D 440 -43.20 6.07 108.96
C GLU D 440 -43.55 7.32 109.77
N ARG D 441 -44.42 8.19 109.25
CA ARG D 441 -44.91 9.36 109.97
C ARG D 441 -45.72 8.99 111.20
N GLU D 442 -46.34 7.82 111.22
CA GLU D 442 -46.88 7.26 112.45
C GLU D 442 -45.77 6.92 113.45
N GLN D 443 -44.81 6.07 113.10
CA GLN D 443 -43.81 5.62 114.07
C GLN D 443 -42.93 6.77 114.60
N MET D 444 -42.66 7.80 113.81
CA MET D 444 -41.97 8.98 114.29
C MET D 444 -42.70 9.73 115.42
N ARG D 445 -44.02 9.61 115.57
CA ARG D 445 -44.71 10.19 116.74
C ARG D 445 -44.30 9.51 118.03
N GLN D 446 -44.11 8.19 118.01
CA GLN D 446 -43.64 7.45 119.17
C GLN D 446 -42.21 7.85 119.51
N TRP D 447 -41.31 7.90 118.52
CA TRP D 447 -39.93 8.32 118.78
C TRP D 447 -39.82 9.77 119.23
N LEU D 448 -40.61 10.68 118.67
CA LEU D 448 -40.64 12.08 119.08
C LEU D 448 -41.18 12.24 120.50
N GLU D 449 -42.24 11.52 120.87
CA GLU D 449 -42.74 11.51 122.25
C GLU D 449 -41.72 10.92 123.23
N GLN D 450 -41.02 9.85 122.84
CA GLN D 450 -39.95 9.26 123.65
C GLN D 450 -38.75 10.21 123.80
N ASP D 451 -38.34 10.93 122.76
CA ASP D 451 -37.32 11.99 122.86
C ASP D 451 -37.76 13.11 123.81
N GLN D 452 -39.04 13.51 123.79
CA GLN D 452 -39.57 14.51 124.70
C GLN D 452 -39.62 14.06 126.18
N LYS D 453 -39.36 12.79 126.51
CA LYS D 453 -39.09 12.37 127.91
C LYS D 453 -37.68 12.73 128.37
N GLN D 454 -36.74 12.91 127.42
CA GLN D 454 -35.31 13.13 127.69
C GLN D 454 -34.90 14.60 127.52
N GLY D 455 -35.48 15.31 126.55
CA GLY D 455 -35.26 16.76 126.29
C GLY D 455 -34.21 17.03 125.21
N SER E 6 53.87 66.97 81.83
CA SER E 6 52.46 67.14 81.46
C SER E 6 52.33 67.86 80.12
N ILE E 7 51.16 67.77 79.48
CA ILE E 7 50.85 68.38 78.18
C ILE E 7 49.98 69.62 78.37
N ASP E 8 50.29 70.72 77.69
CA ASP E 8 49.52 71.96 77.80
C ASP E 8 48.09 71.82 77.27
N PRO E 9 47.08 72.45 77.91
CA PRO E 9 45.68 72.37 77.50
C PRO E 9 45.43 72.67 76.02
N GLU E 10 46.15 73.64 75.46
CA GLU E 10 46.04 74.02 74.05
C GLU E 10 46.35 72.84 73.10
N LYS E 11 47.24 71.92 73.49
CA LYS E 11 47.54 70.70 72.74
C LYS E 11 46.61 69.55 73.12
N LEU E 12 46.35 69.38 74.41
CA LEU E 12 45.54 68.29 74.93
C LEU E 12 44.09 68.36 74.42
N ARG E 13 43.52 69.57 74.31
CA ARG E 13 42.19 69.79 73.71
C ARG E 13 42.09 69.16 72.33
N ASP E 14 43.03 69.46 71.43
CA ASP E 14 42.97 68.94 70.07
C ASP E 14 43.21 67.42 70.03
N GLN E 15 44.09 66.88 70.87
CA GLN E 15 44.27 65.43 70.97
C GLN E 15 42.99 64.72 71.43
N LEU E 16 42.20 65.33 72.30
CA LEU E 16 40.89 64.80 72.71
C LEU E 16 39.81 65.00 71.65
N LEU E 17 39.78 66.12 70.92
CA LEU E 17 38.86 66.27 69.80
C LEU E 17 39.10 65.21 68.71
N ASP E 18 40.35 64.84 68.45
CA ASP E 18 40.65 63.71 67.55
C ASP E 18 40.03 62.39 68.05
N ALA E 19 40.16 62.08 69.35
CA ALA E 19 39.60 60.87 69.93
C ALA E 19 38.06 60.87 69.95
N PHE E 20 37.46 62.01 70.28
CA PHE E 20 36.01 62.22 70.26
C PHE E 20 35.43 62.03 68.86
N GLU E 21 36.01 62.64 67.83
CA GLU E 21 35.56 62.44 66.45
C GLU E 21 35.74 60.99 65.97
N ASN E 22 36.82 60.31 66.39
CA ASN E 22 37.00 58.89 66.07
C ASN E 22 35.91 58.00 66.70
N LYS E 23 35.41 58.34 67.90
CA LYS E 23 34.34 57.58 68.55
C LYS E 23 32.99 57.71 67.83
N GLN E 24 32.66 58.87 67.26
CA GLN E 24 31.35 59.05 66.59
C GLN E 24 31.12 58.08 65.42
N ASN E 25 32.18 57.61 64.76
CA ASN E 25 32.08 56.59 63.71
C ASN E 25 31.57 55.24 64.23
N GLU E 26 31.76 54.92 65.51
CA GLU E 26 31.19 53.73 66.14
C GLU E 26 29.74 53.95 66.60
N LEU E 27 29.47 55.07 67.28
CA LEU E 27 28.16 55.31 67.88
C LEU E 27 27.03 55.36 66.84
N LYS E 28 27.30 55.85 65.63
CA LYS E 28 26.33 55.90 64.52
C LYS E 28 25.76 54.53 64.14
N SER E 29 26.45 53.43 64.44
CA SER E 29 25.92 52.08 64.24
C SER E 29 24.73 51.80 65.16
N SER E 30 24.88 51.96 66.48
CA SER E 30 23.80 51.73 67.45
C SER E 30 22.61 52.67 67.27
N LYS E 31 22.84 53.93 66.89
CA LYS E 31 21.79 54.89 66.53
C LYS E 31 20.92 54.39 65.39
N ALA E 32 21.50 53.82 64.33
CA ALA E 32 20.74 53.38 63.17
C ALA E 32 19.74 52.25 63.50
N TYR E 33 19.98 51.46 64.55
CA TYR E 33 19.02 50.49 65.06
C TYR E 33 17.97 51.11 65.97
N TYR E 34 18.34 51.92 66.96
CA TYR E 34 17.35 52.53 67.86
C TYR E 34 16.39 53.43 67.11
N ASP E 35 16.89 54.33 66.26
CA ASP E 35 16.05 55.30 65.56
C ASP E 35 15.61 54.84 64.17
N ALA E 36 15.81 53.56 63.85
CA ALA E 36 15.32 52.87 62.67
C ALA E 36 15.59 53.60 61.34
N GLU E 37 16.84 54.00 61.13
CA GLU E 37 17.32 54.54 59.85
C GLU E 37 17.59 53.43 58.82
N ARG E 38 17.81 53.78 57.55
CA ARG E 38 18.16 52.80 56.51
C ARG E 38 19.42 52.02 56.88
N ARG E 39 19.37 50.70 56.72
CA ARG E 39 20.53 49.79 56.81
C ARG E 39 20.52 48.88 55.59
N PRO E 40 21.67 48.56 54.98
CA PRO E 40 21.70 47.66 53.83
C PRO E 40 21.28 46.23 54.21
N ASP E 41 21.54 45.79 55.44
CA ASP E 41 21.12 44.48 55.92
C ASP E 41 19.59 44.31 56.06
N ALA E 42 18.82 45.39 56.13
CA ALA E 42 17.37 45.33 56.25
C ALA E 42 16.64 45.16 54.91
N ILE E 43 17.31 45.43 53.78
CA ILE E 43 16.68 45.47 52.45
C ILE E 43 16.47 44.05 51.93
N GLY E 44 15.20 43.65 51.76
CA GLY E 44 14.83 42.31 51.32
C GLY E 44 15.22 42.06 49.87
N LEU E 45 15.89 40.95 49.59
CA LEU E 45 16.65 40.78 48.35
C LEU E 45 15.80 40.48 47.12
N ALA E 46 14.63 39.86 47.27
CA ALA E 46 13.77 39.52 46.15
C ALA E 46 13.10 40.73 45.49
N VAL E 47 12.97 41.86 46.21
CA VAL E 47 12.30 43.06 45.72
C VAL E 47 13.10 43.69 44.57
N PRO E 48 12.49 43.96 43.39
CA PRO E 48 13.14 44.61 42.25
C PRO E 48 13.80 45.95 42.58
N LEU E 49 14.82 46.33 41.81
CA LEU E 49 15.70 47.44 42.19
C LEU E 49 15.05 48.83 42.20
N ASP E 50 13.94 49.04 41.51
CA ASP E 50 13.14 50.26 41.62
C ASP E 50 12.22 50.23 42.85
N MET E 51 11.61 49.09 43.15
CA MET E 51 10.78 48.89 44.34
C MET E 51 11.57 48.85 45.66
N ARG E 52 12.90 48.66 45.65
CA ARG E 52 13.71 48.73 46.88
C ARG E 52 13.71 50.10 47.56
N LYS E 53 13.11 51.14 47.00
CA LYS E 53 12.83 52.40 47.71
C LYS E 53 11.87 52.22 48.89
N TYR E 54 11.00 51.21 48.86
CA TYR E 54 9.95 50.98 49.85
C TYR E 54 10.48 50.26 51.10
N LEU E 55 11.40 50.91 51.83
CA LEU E 55 12.01 50.34 53.02
C LEU E 55 10.96 49.99 54.08
N ALA E 56 11.09 48.82 54.71
CA ALA E 56 10.35 48.47 55.93
C ALA E 56 11.27 48.61 57.14
N HIS E 57 10.85 49.37 58.15
CA HIS E 57 11.59 49.60 59.39
C HIS E 57 10.97 48.82 60.55
N VAL E 58 11.79 48.16 61.37
CA VAL E 58 11.33 47.27 62.44
C VAL E 58 11.66 47.82 63.83
N GLY E 59 10.66 47.89 64.69
CA GLY E 59 10.70 48.59 65.98
C GLY E 59 11.14 47.77 67.19
N TYR E 60 11.76 46.60 67.04
CA TYR E 60 12.20 45.83 68.21
C TYR E 60 13.26 46.55 69.07
N PRO E 61 14.30 47.20 68.53
CA PRO E 61 15.29 47.88 69.33
C PRO E 61 14.71 49.04 70.13
N ARG E 62 13.88 49.90 69.51
CA ARG E 62 13.20 50.99 70.21
C ARG E 62 12.29 50.47 71.31
N THR E 63 11.55 49.40 71.02
CA THR E 63 10.66 48.74 72.00
C THR E 63 11.43 48.21 73.19
N TYR E 64 12.55 47.53 72.98
CA TYR E 64 13.35 46.95 74.05
C TYR E 64 14.02 48.02 74.92
N VAL E 65 14.69 49.00 74.32
CA VAL E 65 15.37 50.07 75.06
C VAL E 65 14.38 50.97 75.79
N ASP E 66 13.23 51.32 75.20
CA ASP E 66 12.19 52.07 75.91
C ASP E 66 11.61 51.28 77.08
N ALA E 67 11.30 49.98 76.90
CA ALA E 67 10.68 49.19 77.97
C ALA E 67 11.58 49.02 79.20
N ILE E 68 12.91 49.10 79.06
CA ILE E 68 13.83 49.18 80.20
C ILE E 68 13.86 50.60 80.77
N ALA E 69 14.03 51.62 79.92
CA ALA E 69 14.26 52.99 80.37
C ALA E 69 13.04 53.64 81.04
N GLU E 70 11.82 53.26 80.68
CA GLU E 70 10.58 53.83 81.21
C GLU E 70 10.15 53.24 82.55
N ARG E 71 10.71 52.10 82.98
CA ARG E 71 10.35 51.43 84.24
C ARG E 71 11.18 51.82 85.46
N GLN E 72 12.26 52.59 85.29
CA GLN E 72 13.17 52.97 86.38
C GLN E 72 13.11 54.46 86.73
N GLU E 73 12.93 54.75 88.03
CA GLU E 73 13.14 56.09 88.59
C GLU E 73 13.61 56.01 90.04
N LEU E 74 14.30 57.04 90.50
CA LEU E 74 14.89 57.11 91.83
C LEU E 74 13.88 57.72 92.81
N GLU E 75 13.66 57.07 93.96
CA GLU E 75 12.82 57.61 95.04
C GLU E 75 13.62 58.54 95.96
N GLY E 76 14.91 58.27 96.13
CA GLY E 76 15.81 59.04 96.99
C GLY E 76 17.08 58.28 97.33
N PHE E 77 17.98 58.92 98.06
CA PHE E 77 19.18 58.29 98.62
C PHE E 77 18.93 57.87 100.07
N ARG E 78 19.76 56.99 100.65
CA ARG E 78 19.84 56.83 102.11
C ARG E 78 21.26 56.56 102.58
N ILE E 79 21.60 57.04 103.77
CA ILE E 79 22.96 57.06 104.31
C ILE E 79 22.92 56.64 105.79
N PRO E 80 23.82 55.77 106.28
CA PRO E 80 23.92 55.40 107.70
C PRO E 80 24.21 56.57 108.66
N SER E 81 24.31 56.27 109.96
CA SER E 81 24.79 57.19 111.00
C SER E 81 26.12 56.70 111.59
N ALA E 82 27.20 57.49 111.48
CA ALA E 82 28.55 57.07 111.91
C ALA E 82 28.78 57.11 113.44
N ASN E 83 28.16 58.04 114.17
CA ASN E 83 28.36 58.19 115.62
C ASN E 83 27.69 57.07 116.45
N GLY E 84 26.75 56.34 115.85
CA GLY E 84 25.95 55.29 116.48
C GLY E 84 24.70 54.99 115.65
N GLU E 85 24.23 53.74 115.69
CA GLU E 85 23.08 53.29 114.91
C GLU E 85 21.77 53.96 115.36
N GLU E 86 21.23 54.86 114.53
CA GLU E 86 19.96 55.55 114.75
C GLU E 86 19.33 55.97 113.40
N PRO E 87 17.99 56.05 113.31
CA PRO E 87 17.30 56.51 112.11
C PRO E 87 17.31 58.04 111.98
N GLU E 88 16.87 58.56 110.84
CA GLU E 88 16.63 59.99 110.61
C GLU E 88 15.31 60.24 109.85
N SER E 89 14.81 61.46 109.91
CA SER E 89 13.53 61.89 109.33
C SER E 89 13.63 63.31 108.74
N GLY E 90 12.70 63.69 107.88
CA GLY E 90 12.76 64.94 107.11
C GLY E 90 12.91 66.18 108.00
N GLY E 91 14.02 66.91 107.83
CA GLY E 91 14.40 68.03 108.67
C GLY E 91 15.80 68.56 108.35
N GLU E 92 16.32 69.45 109.19
CA GLU E 92 17.59 70.16 108.96
C GLU E 92 18.82 69.24 108.88
N ASN E 93 18.89 68.20 109.72
CA ASN E 93 20.08 67.37 109.86
C ASN E 93 20.21 66.23 108.83
N ASP E 94 19.10 65.71 108.31
CA ASP E 94 19.07 64.44 107.55
C ASP E 94 19.99 64.48 106.30
N PRO E 95 21.13 63.76 106.28
CA PRO E 95 22.13 63.91 105.23
C PRO E 95 21.60 63.63 103.82
N ALA E 96 20.71 62.66 103.66
CA ALA E 96 20.13 62.33 102.36
C ALA E 96 19.18 63.42 101.82
N SER E 97 18.64 64.28 102.67
CA SER E 97 17.72 65.33 102.24
C SER E 97 18.42 66.47 101.49
N GLU E 98 19.70 66.73 101.75
CA GLU E 98 20.51 67.62 100.91
C GLU E 98 20.64 67.04 99.50
N LEU E 99 21.01 65.76 99.38
CA LEU E 99 21.23 65.13 98.08
C LEU E 99 19.94 65.09 97.26
N TRP E 100 18.81 64.84 97.92
CA TRP E 100 17.51 64.88 97.25
C TRP E 100 17.08 66.31 96.90
N ASP E 101 17.40 67.32 97.71
CA ASP E 101 17.16 68.71 97.33
C ASP E 101 17.98 69.12 96.10
N TRP E 102 19.24 68.70 95.99
CA TRP E 102 20.06 68.95 94.81
C TRP E 102 19.54 68.19 93.59
N TRP E 103 19.04 66.96 93.77
CA TRP E 103 18.41 66.21 92.70
C TRP E 103 17.15 66.92 92.17
N GLN E 104 16.30 67.40 93.07
CA GLN E 104 15.13 68.20 92.73
C GLN E 104 15.49 69.52 92.05
N ALA E 105 16.39 70.32 92.62
CA ALA E 105 16.69 71.66 92.11
C ALA E 105 17.33 71.66 90.72
N ASN E 106 18.00 70.58 90.34
CA ASN E 106 18.55 70.38 88.99
C ASN E 106 17.54 69.84 87.97
N ASN E 107 16.31 69.51 88.36
CA ASN E 107 15.36 68.76 87.53
C ASN E 107 15.95 67.44 87.00
N LEU E 108 16.77 66.74 87.78
CA LEU E 108 17.26 65.41 87.39
C LEU E 108 16.11 64.39 87.26
N ASP E 109 14.93 64.64 87.82
CA ASP E 109 13.72 63.88 87.51
C ASP E 109 13.41 63.82 86.00
N ILE E 110 13.75 64.88 85.26
CA ILE E 110 13.60 64.95 83.81
C ILE E 110 14.85 64.41 83.12
N GLU E 111 16.03 64.88 83.51
CA GLU E 111 17.26 64.64 82.78
C GLU E 111 17.89 63.26 83.03
N ALA E 112 17.67 62.63 84.18
CA ALA E 112 18.20 61.29 84.42
C ALA E 112 17.48 60.24 83.57
N THR E 113 16.13 60.25 83.50
CA THR E 113 15.39 59.27 82.68
C THR E 113 15.71 59.40 81.20
N LEU E 114 15.97 60.61 80.71
CA LEU E 114 16.53 60.81 79.37
C LEU E 114 17.95 60.22 79.30
N GLY E 115 18.86 60.60 80.19
CA GLY E 115 20.26 60.17 80.17
C GLY E 115 20.48 58.65 80.28
N HIS E 116 19.63 57.94 81.02
CA HIS E 116 19.63 56.48 81.02
C HIS E 116 19.28 55.90 79.65
N THR E 117 18.47 56.59 78.85
CA THR E 117 18.14 56.13 77.50
C THR E 117 19.36 56.24 76.58
N ASP E 118 20.16 57.31 76.63
CA ASP E 118 21.44 57.37 75.94
C ASP E 118 22.42 56.30 76.43
N ALA E 119 22.47 56.05 77.74
CA ALA E 119 23.35 55.04 78.30
C ALA E 119 22.99 53.62 77.80
N LEU E 120 21.71 53.31 77.58
CA LEU E 120 21.29 52.04 77.00
C LEU E 120 21.51 52.00 75.48
N ILE E 121 21.23 53.06 74.72
CA ILE E 121 21.48 53.07 73.27
C ILE E 121 22.98 52.95 72.98
N TYR E 122 23.80 53.89 73.46
CA TYR E 122 25.21 54.01 73.08
C TYR E 122 26.16 53.21 73.96
N GLY E 123 25.72 52.83 75.16
CA GLY E 123 26.51 52.09 76.14
C GLY E 123 27.06 52.93 77.28
N THR E 124 27.06 54.27 77.19
CA THR E 124 27.51 55.15 78.28
C THR E 124 26.95 56.57 78.13
N ALA E 125 26.89 57.33 79.22
CA ALA E 125 26.57 58.76 79.24
C ALA E 125 27.29 59.39 80.45
N TYR E 126 27.54 60.70 80.44
CA TYR E 126 28.45 61.31 81.41
C TYR E 126 27.75 62.31 82.32
N ILE E 127 27.77 62.08 83.63
CA ILE E 127 27.27 63.05 84.62
C ILE E 127 28.36 64.10 84.86
N THR E 128 28.07 65.36 84.61
CA THR E 128 29.00 66.49 84.72
C THR E 128 28.61 67.40 85.88
N ILE E 129 29.56 67.77 86.75
CA ILE E 129 29.31 68.56 87.97
C ILE E 129 30.06 69.89 87.95
N SER E 130 29.44 70.99 88.37
CA SER E 130 30.14 72.25 88.67
C SER E 130 29.34 73.11 89.65
N MET E 131 29.93 74.15 90.22
CA MET E 131 29.13 75.26 90.75
C MET E 131 28.49 76.06 89.60
N PRO E 132 27.35 76.72 89.81
CA PRO E 132 26.67 77.46 88.75
C PRO E 132 27.42 78.75 88.42
N ASP E 133 27.50 79.10 87.13
CA ASP E 133 28.07 80.36 86.64
C ASP E 133 27.07 81.52 86.85
N PRO E 134 27.35 82.53 87.69
CA PRO E 134 26.35 83.51 88.08
C PRO E 134 26.13 84.62 87.04
N GLU E 135 27.17 85.10 86.37
CA GLU E 135 27.12 86.33 85.56
C GLU E 135 26.38 86.16 84.22
N VAL E 136 26.22 84.91 83.77
CA VAL E 136 25.39 84.53 82.60
C VAL E 136 23.89 84.48 82.92
N ASP E 137 23.51 84.62 84.20
CA ASP E 137 22.14 84.82 84.68
C ASP E 137 21.11 83.75 84.23
N PHE E 138 21.47 82.47 84.39
CA PHE E 138 20.57 81.35 84.14
C PHE E 138 19.42 81.27 85.16
N ASP E 139 18.33 80.61 84.79
CA ASP E 139 17.24 80.29 85.73
C ASP E 139 17.61 79.07 86.61
N VAL E 140 18.59 79.26 87.51
CA VAL E 140 19.17 78.23 88.38
C VAL E 140 19.36 78.78 89.79
N ASP E 141 19.05 77.99 90.81
CA ASP E 141 19.30 78.35 92.21
C ASP E 141 20.82 78.47 92.50
N PRO E 142 21.37 79.64 92.87
CA PRO E 142 22.82 79.82 92.99
C PRO E 142 23.54 78.95 94.03
N GLU E 143 22.82 78.48 95.05
CA GLU E 143 23.43 77.83 96.23
C GLU E 143 23.58 76.31 96.13
N VAL E 144 23.20 75.70 95.01
CA VAL E 144 23.25 74.23 94.79
C VAL E 144 24.16 73.87 93.63
N PRO E 145 24.82 72.71 93.63
CA PRO E 145 25.73 72.33 92.57
C PRO E 145 24.93 72.05 91.30
N LEU E 146 25.41 72.55 90.17
CA LEU E 146 24.83 72.35 88.85
C LEU E 146 25.29 71.00 88.30
N ILE E 147 24.41 70.01 88.30
CA ILE E 147 24.69 68.64 87.83
C ILE E 147 23.89 68.39 86.56
N ARG E 148 24.55 68.09 85.44
CA ARG E 148 23.91 67.84 84.12
C ARG E 148 24.38 66.52 83.54
N VAL E 149 23.57 65.86 82.71
CA VAL E 149 23.99 64.64 82.00
C VAL E 149 24.29 64.97 80.54
N GLU E 150 25.47 64.60 80.07
CA GLU E 150 25.95 64.86 78.71
C GLU E 150 26.04 63.53 77.93
N PRO E 151 25.49 63.44 76.71
CA PRO E 151 25.52 62.21 75.93
C PRO E 151 26.91 61.96 75.33
N PRO E 152 27.24 60.73 74.93
CA PRO E 152 28.53 60.41 74.31
C PRO E 152 28.68 60.98 72.89
N THR E 153 27.60 61.52 72.32
CA THR E 153 27.62 62.33 71.10
C THR E 153 28.05 63.79 71.35
N ALA E 154 28.37 64.17 72.59
CA ALA E 154 28.77 65.53 72.96
C ALA E 154 29.86 65.59 74.03
N LEU E 155 30.15 64.51 74.77
CA LEU E 155 31.25 64.45 75.74
C LEU E 155 32.04 63.15 75.56
N TYR E 156 33.36 63.21 75.68
CA TYR E 156 34.26 62.06 75.70
C TYR E 156 35.16 62.11 76.93
N ALA E 157 35.45 60.96 77.53
CA ALA E 157 36.30 60.87 78.72
C ALA E 157 37.29 59.73 78.60
N GLU E 158 38.56 59.98 78.94
CA GLU E 158 39.63 58.99 78.86
C GLU E 158 39.81 58.26 80.20
N VAL E 159 39.22 57.08 80.35
CA VAL E 159 39.40 56.24 81.55
C VAL E 159 40.75 55.52 81.54
N ASP E 160 41.43 55.43 82.69
CA ASP E 160 42.66 54.64 82.83
C ASP E 160 42.38 53.32 83.56
N PRO E 161 42.61 52.15 82.95
CA PRO E 161 42.28 50.88 83.57
C PRO E 161 43.15 50.53 84.80
N ARG E 162 44.26 51.25 85.06
CA ARG E 162 45.05 51.08 86.30
C ARG E 162 44.29 51.49 87.55
N THR E 163 43.44 52.52 87.46
CA THR E 163 42.67 53.08 88.60
C THR E 163 41.16 53.05 88.37
N ARG E 164 40.73 52.82 87.12
CA ARG E 164 39.35 52.88 86.61
C ARG E 164 38.71 54.28 86.68
N LYS E 165 39.47 55.32 87.04
CA LYS E 165 39.02 56.72 87.06
C LYS E 165 39.29 57.41 85.72
N VAL E 166 38.55 58.47 85.43
CA VAL E 166 38.77 59.34 84.27
C VAL E 166 40.02 60.20 84.49
N LEU E 167 40.97 60.20 83.55
CA LEU E 167 42.15 61.06 83.60
C LEU E 167 41.83 62.51 83.25
N TYR E 168 41.06 62.68 82.19
CA TYR E 168 40.63 63.94 81.59
C TYR E 168 39.49 63.71 80.60
N ALA E 169 38.73 64.74 80.27
CA ALA E 169 37.54 64.63 79.45
C ALA E 169 37.28 65.92 78.67
N ILE E 170 36.56 65.83 77.56
CA ILE E 170 36.20 66.97 76.72
C ILE E 170 34.70 66.96 76.41
N ARG E 171 34.03 68.10 76.52
CA ARG E 171 32.68 68.33 76.01
C ARG E 171 32.81 69.21 74.78
N ALA E 172 32.26 68.79 73.65
CA ALA E 172 32.38 69.52 72.40
C ALA E 172 31.01 69.65 71.73
N ILE E 173 30.63 70.89 71.41
CA ILE E 173 29.29 71.26 70.98
C ILE E 173 29.33 71.75 69.54
N TYR E 174 28.61 71.09 68.63
CA TYR E 174 28.47 71.51 67.24
C TYR E 174 27.50 72.69 67.08
N GLY E 175 27.65 73.47 66.01
CA GLY E 175 26.68 74.50 65.64
C GLY E 175 25.29 73.90 65.33
N ALA E 176 24.23 74.70 65.47
CA ALA E 176 22.85 74.21 65.45
C ALA E 176 22.42 73.50 64.14
N ASP E 177 23.05 73.85 63.01
CA ASP E 177 22.94 73.14 61.73
C ASP E 177 24.32 72.85 61.12
N GLY E 178 25.37 72.90 61.94
CA GLY E 178 26.77 72.84 61.51
C GLY E 178 27.35 71.44 61.40
N ASN E 179 28.52 71.37 60.77
CA ASN E 179 29.45 70.24 60.82
C ASN E 179 30.60 70.49 61.82
N GLU E 180 30.70 71.70 62.37
CA GLU E 180 31.85 72.22 63.10
C GLU E 180 31.52 72.63 64.55
N ILE E 181 32.53 72.55 65.42
CA ILE E 181 32.43 72.88 66.84
C ILE E 181 32.26 74.38 67.06
N VAL E 182 31.24 74.80 67.82
CA VAL E 182 31.08 76.19 68.30
C VAL E 182 31.63 76.40 69.70
N SER E 183 31.77 75.34 70.51
CA SER E 183 32.50 75.40 71.78
C SER E 183 33.10 74.06 72.17
N ALA E 184 34.28 74.08 72.79
CA ALA E 184 34.90 72.94 73.43
C ALA E 184 35.20 73.27 74.89
N THR E 185 35.08 72.29 75.79
CA THR E 185 35.38 72.43 77.21
C THR E 185 36.19 71.23 77.68
N LEU E 186 37.31 71.46 78.36
CA LEU E 186 38.23 70.45 78.83
C LEU E 186 38.15 70.37 80.36
N TYR E 187 37.92 69.17 80.89
CA TYR E 187 37.89 68.89 82.31
C TYR E 187 39.17 68.16 82.70
N LEU E 188 39.89 68.69 83.69
CA LEU E 188 41.17 68.19 84.19
C LEU E 188 41.07 67.98 85.71
N PRO E 189 41.95 67.17 86.31
CA PRO E 189 41.87 66.85 87.73
C PRO E 189 41.72 68.04 88.67
N ASP E 190 42.32 69.20 88.35
CA ASP E 190 42.32 70.39 89.21
C ASP E 190 41.70 71.66 88.57
N THR E 191 41.23 71.59 87.33
CA THR E 191 40.67 72.75 86.63
C THR E 191 39.70 72.38 85.50
N THR E 192 38.88 73.33 85.07
CA THR E 192 38.06 73.23 83.86
C THR E 192 38.37 74.43 82.96
N MET E 193 38.51 74.20 81.66
CA MET E 193 38.79 75.25 80.66
C MET E 193 37.80 75.19 79.52
N THR E 194 37.40 76.33 78.96
CA THR E 194 36.43 76.37 77.87
C THR E 194 36.77 77.40 76.80
N TRP E 195 36.56 77.05 75.55
CA TRP E 195 36.80 77.85 74.36
C TRP E 195 35.51 78.01 73.56
N LEU E 196 35.38 79.14 72.87
CA LEU E 196 34.34 79.43 71.89
C LEU E 196 35.00 79.60 70.53
N ARG E 197 34.32 79.26 69.43
CA ARG E 197 34.85 79.44 68.07
C ARG E 197 34.18 80.59 67.34
N ALA E 198 34.97 81.48 66.75
CA ALA E 198 34.53 82.59 65.91
C ALA E 198 35.40 82.70 64.65
N GLU E 199 34.79 82.96 63.50
CA GLU E 199 35.48 83.09 62.20
C GLU E 199 36.39 81.88 61.85
N GLY E 200 36.07 80.69 62.38
CA GLY E 200 36.82 79.46 62.16
C GLY E 200 37.99 79.21 63.14
N GLU E 201 38.22 80.06 64.14
CA GLU E 201 39.31 79.91 65.12
C GLU E 201 38.86 80.19 66.57
N TRP E 202 39.60 79.66 67.55
CA TRP E 202 39.24 79.81 68.96
C TRP E 202 39.40 81.22 69.49
N GLU E 203 38.47 81.67 70.32
CA GLU E 203 38.69 82.75 71.28
C GLU E 203 39.65 82.29 72.40
N ALA E 204 40.18 83.21 73.21
CA ALA E 204 41.03 82.85 74.35
C ALA E 204 40.26 82.02 75.39
N PRO E 205 40.88 81.04 76.06
CA PRO E 205 40.20 80.16 77.01
C PRO E 205 39.70 80.90 78.23
N THR E 206 38.43 80.70 78.59
CA THR E 206 37.97 80.88 79.97
C THR E 206 38.44 79.69 80.80
N SER E 207 38.72 79.89 82.08
CA SER E 207 39.25 78.85 82.98
C SER E 207 38.64 78.95 84.37
N THR E 208 38.59 77.85 85.11
CA THR E 208 38.00 77.78 86.45
C THR E 208 38.62 76.62 87.24
N PRO E 209 39.45 76.89 88.26
CA PRO E 209 40.00 75.85 89.13
C PRO E 209 38.92 75.28 90.06
N HIS E 210 39.11 74.06 90.56
CA HIS E 210 38.19 73.41 91.51
C HIS E 210 38.94 72.64 92.59
N GLY E 211 38.28 72.42 93.74
CA GLY E 211 38.90 71.83 94.93
C GLY E 211 39.03 70.30 94.91
N LEU E 212 38.39 69.62 93.96
CA LEU E 212 38.43 68.17 93.81
C LEU E 212 39.85 67.70 93.43
N GLU E 213 40.20 66.46 93.77
CA GLU E 213 41.40 65.77 93.27
C GLU E 213 41.09 64.86 92.05
N MET E 214 39.82 64.82 91.63
CA MET E 214 39.27 63.98 90.57
C MET E 214 38.61 64.83 89.50
N VAL E 215 38.62 64.37 88.24
CA VAL E 215 37.91 65.04 87.13
C VAL E 215 36.42 65.13 87.46
N PRO E 216 35.74 66.27 87.29
CA PRO E 216 34.35 66.47 87.69
C PRO E 216 33.33 65.84 86.71
N VAL E 217 33.65 64.67 86.16
CA VAL E 217 32.81 63.92 85.22
C VAL E 217 32.74 62.46 85.66
N ILE E 218 31.55 61.88 85.79
CA ILE E 218 31.33 60.48 86.15
C ILE E 218 30.64 59.75 84.99
N PRO E 219 31.23 58.70 84.40
CA PRO E 219 30.54 57.87 83.43
C PRO E 219 29.44 57.02 84.08
N ILE E 220 28.20 57.16 83.63
CA ILE E 220 27.20 56.09 83.66
C ILE E 220 27.61 55.10 82.57
N SER E 221 27.70 53.81 82.87
CA SER E 221 28.14 52.80 81.89
C SER E 221 27.28 51.56 81.94
N ASN E 222 26.82 51.07 80.78
CA ASN E 222 26.04 49.86 80.66
C ASN E 222 26.95 48.62 80.63
N ARG E 223 27.65 48.36 81.73
CA ARG E 223 28.52 47.18 81.88
C ARG E 223 27.67 45.92 81.99
N THR E 224 28.02 44.85 81.29
CA THR E 224 27.30 43.56 81.37
C THR E 224 28.15 42.50 82.06
N ARG E 225 29.44 42.44 81.73
CA ARG E 225 30.48 41.69 82.42
C ARG E 225 31.32 42.60 83.30
N LEU E 226 32.07 41.99 84.19
CA LEU E 226 33.21 42.61 84.86
C LEU E 226 34.34 42.92 83.87
N SER E 227 34.50 42.09 82.84
CA SER E 227 35.39 42.30 81.69
C SER E 227 34.88 43.30 80.63
N ASP E 228 33.79 44.03 80.86
CA ASP E 228 33.48 45.26 80.09
C ASP E 228 34.07 46.49 80.79
N LEU E 229 35.01 47.18 80.16
CA LEU E 229 35.64 48.39 80.73
C LEU E 229 34.81 49.65 80.44
N TYR E 230 34.53 49.92 79.17
CA TYR E 230 33.79 51.12 78.74
C TYR E 230 32.26 50.97 78.86
N GLY E 231 31.75 49.74 78.85
CA GLY E 231 30.32 49.43 78.72
C GLY E 231 29.91 49.26 77.27
N THR E 232 28.71 48.74 77.03
CA THR E 232 28.26 48.30 75.70
C THR E 232 26.81 48.67 75.41
N SER E 233 26.47 48.91 74.16
CA SER E 233 25.08 49.14 73.74
C SER E 233 24.17 48.01 74.22
N GLU E 234 22.99 48.34 74.72
CA GLU E 234 22.00 47.36 75.17
C GLU E 234 21.40 46.57 74.00
N ILE E 235 21.38 47.14 72.80
CA ILE E 235 20.84 46.52 71.58
C ILE E 235 21.84 45.47 71.08
N SER E 236 21.82 44.27 71.67
CA SER E 236 22.80 43.22 71.44
C SER E 236 22.81 42.69 70.00
N PRO E 237 23.90 42.08 69.52
CA PRO E 237 23.99 41.55 68.15
C PRO E 237 22.88 40.57 67.79
N GLU E 238 22.38 39.83 68.77
CA GLU E 238 21.22 38.96 68.63
C GLU E 238 20.00 39.74 68.17
N LEU E 239 19.60 40.76 68.92
CA LEU E 239 18.43 41.56 68.63
C LEU E 239 18.60 42.41 67.37
N ARG E 240 19.83 42.82 67.04
CA ARG E 240 20.13 43.42 65.73
C ARG E 240 19.83 42.45 64.60
N SER E 241 20.37 41.23 64.66
CA SER E 241 20.17 40.26 63.59
C SER E 241 18.69 39.89 63.41
N VAL E 242 17.89 39.83 64.47
CA VAL E 242 16.45 39.57 64.38
C VAL E 242 15.69 40.77 63.81
N THR E 243 16.10 42.00 64.13
CA THR E 243 15.49 43.20 63.58
C THR E 243 15.69 43.27 62.07
N ASP E 244 16.89 42.99 61.59
CA ASP E 244 17.19 42.96 60.16
C ASP E 244 16.54 41.76 59.47
N ALA E 245 16.55 40.59 60.08
CA ALA E 245 15.86 39.42 59.54
C ALA E 245 14.37 39.68 59.35
N ALA E 246 13.67 40.26 60.33
CA ALA E 246 12.26 40.59 60.19
C ALA E 246 12.02 41.68 59.14
N ALA E 247 12.93 42.65 59.01
CA ALA E 247 12.81 43.67 57.97
C ALA E 247 12.91 43.06 56.56
N GLN E 248 13.80 42.08 56.34
CA GLN E 248 13.86 41.41 55.05
C GLN E 248 12.56 40.65 54.74
N ILE E 249 11.92 39.99 55.70
CA ILE E 249 10.64 39.31 55.47
C ILE E 249 9.54 40.34 55.17
N LEU E 250 9.47 41.46 55.89
CA LEU E 250 8.47 42.50 55.60
C LEU E 250 8.65 43.12 54.22
N MET E 251 9.89 43.40 53.80
CA MET E 251 10.19 43.86 52.45
C MET E 251 9.69 42.87 51.40
N ASN E 252 10.05 41.59 51.48
CA ASN E 252 9.65 40.60 50.50
C ASN E 252 8.14 40.34 50.51
N MET E 253 7.49 40.34 51.67
CA MET E 253 6.04 40.17 51.77
C MET E 253 5.30 41.35 51.15
N GLN E 254 5.70 42.58 51.46
CA GLN E 254 5.11 43.79 50.86
C GLN E 254 5.34 43.82 49.35
N GLY E 255 6.53 43.46 48.89
CA GLY E 255 6.80 43.31 47.47
C GLY E 255 5.88 42.28 46.82
N THR E 256 5.70 41.11 47.43
CA THR E 256 4.86 40.05 46.89
C THR E 256 3.41 40.49 46.82
N ALA E 257 2.90 41.25 47.79
CA ALA E 257 1.56 41.80 47.75
C ALA E 257 1.34 42.78 46.58
N ASN E 258 2.39 43.40 46.06
CA ASN E 258 2.34 44.32 44.92
C ASN E 258 2.49 43.63 43.56
N LEU E 259 3.20 42.50 43.44
CA LEU E 259 3.43 41.85 42.15
C LEU E 259 2.74 40.49 41.97
N MET E 260 2.48 39.74 43.03
CA MET E 260 2.26 38.29 42.90
C MET E 260 1.18 37.68 43.80
N ALA E 261 0.53 38.45 44.66
CA ALA E 261 -0.65 37.97 45.41
C ALA E 261 -1.87 37.66 44.52
N ILE E 262 -1.76 37.95 43.23
CA ILE E 262 -2.74 37.75 42.17
C ILE E 262 -2.31 36.62 41.23
N PRO E 263 -3.22 35.72 40.82
CA PRO E 263 -2.90 34.72 39.81
C PRO E 263 -2.86 35.39 38.43
N GLN E 264 -1.73 35.34 37.72
CA GLN E 264 -1.60 35.92 36.38
C GLN E 264 -2.36 35.09 35.35
N ARG E 265 -3.07 35.73 34.42
CA ARG E 265 -3.98 35.10 33.46
C ARG E 265 -3.39 35.07 32.05
N LEU E 266 -3.39 33.90 31.41
CA LEU E 266 -2.73 33.65 30.13
C LEU E 266 -3.69 33.02 29.11
N ILE E 267 -3.47 33.25 27.82
CA ILE E 267 -4.12 32.50 26.73
C ILE E 267 -3.05 32.05 25.75
N PHE E 268 -3.08 30.79 25.33
CA PHE E 268 -2.14 30.19 24.39
C PHE E 268 -2.84 29.80 23.09
N GLY E 269 -2.10 29.80 21.98
CA GLY E 269 -2.62 29.48 20.65
C GLY E 269 -3.48 30.58 20.04
N ALA E 270 -3.39 31.82 20.52
CA ALA E 270 -4.24 32.93 20.10
C ALA E 270 -3.45 33.95 19.25
N LYS E 271 -3.91 34.20 18.02
CA LYS E 271 -3.32 35.17 17.10
C LYS E 271 -3.74 36.60 17.49
N PRO E 272 -2.81 37.54 17.76
CA PRO E 272 -3.16 38.93 18.12
C PRO E 272 -4.17 39.60 17.18
N GLU E 273 -4.05 39.43 15.86
CA GLU E 273 -4.99 40.03 14.91
C GLU E 273 -6.40 39.45 15.00
N GLU E 274 -6.56 38.19 15.42
CA GLU E 274 -7.87 37.58 15.65
C GLU E 274 -8.50 38.14 16.94
N LEU E 275 -7.72 38.28 18.01
CA LEU E 275 -8.19 38.93 19.25
C LEU E 275 -8.52 40.41 19.04
N GLY E 276 -8.05 41.03 17.96
CA GLY E 276 -8.25 42.46 17.69
C GLY E 276 -7.24 43.36 18.41
N ILE E 277 -6.07 42.82 18.76
CA ILE E 277 -4.98 43.57 19.42
C ILE E 277 -4.53 44.70 18.50
N ASN E 278 -4.50 45.94 19.01
CA ASN E 278 -3.98 47.08 18.27
C ASN E 278 -2.44 46.96 18.13
N ALA E 279 -1.93 46.96 16.90
CA ALA E 279 -0.52 46.71 16.64
C ALA E 279 0.43 47.80 17.18
N GLU E 280 0.01 49.08 17.22
CA GLU E 280 0.84 50.16 17.73
C GLU E 280 1.08 50.08 19.24
N THR E 281 0.10 49.59 20.01
CA THR E 281 0.15 49.57 21.48
C THR E 281 0.28 48.18 22.09
N GLY E 282 0.01 47.12 21.33
CA GLY E 282 0.08 45.73 21.80
C GLY E 282 -1.08 45.31 22.72
N GLN E 283 -2.19 46.06 22.74
CA GLN E 283 -3.29 45.87 23.69
C GLN E 283 -4.67 45.83 23.02
N ARG E 284 -5.68 45.27 23.69
CA ARG E 284 -7.09 45.54 23.41
C ARG E 284 -7.86 45.79 24.70
N MET E 285 -8.61 46.89 24.77
CA MET E 285 -9.55 47.17 25.86
C MET E 285 -10.80 46.31 25.69
N PHE E 286 -11.31 45.67 26.75
CA PHE E 286 -12.60 44.99 26.71
C PHE E 286 -13.46 45.29 27.95
N ASP E 287 -14.76 45.47 27.77
CA ASP E 287 -15.67 45.84 28.86
C ASP E 287 -15.90 44.66 29.81
N ALA E 288 -15.45 44.80 31.06
CA ALA E 288 -15.25 43.69 31.98
C ALA E 288 -16.29 43.59 33.12
N TYR E 289 -17.47 44.18 32.97
CA TYR E 289 -18.50 44.14 34.01
C TYR E 289 -18.96 42.70 34.29
N MET E 290 -18.72 42.24 35.51
CA MET E 290 -19.33 41.07 36.12
C MET E 290 -19.40 39.80 35.25
N ALA E 291 -20.60 39.33 34.88
CA ALA E 291 -20.82 37.98 34.35
C ALA E 291 -20.65 37.82 32.83
N ARG E 292 -20.14 38.82 32.10
CA ARG E 292 -19.94 38.75 30.64
C ARG E 292 -19.00 37.62 30.26
N ILE E 293 -19.34 36.86 29.22
CA ILE E 293 -18.58 35.68 28.78
C ILE E 293 -17.78 36.05 27.54
N LEU E 294 -16.46 35.84 27.53
CA LEU E 294 -15.64 36.03 26.33
C LEU E 294 -15.78 34.82 25.40
N ALA E 295 -16.02 35.02 24.12
CA ALA E 295 -16.05 33.94 23.13
C ALA E 295 -14.97 34.14 22.06
N PHE E 296 -14.10 33.15 21.89
CA PHE E 296 -12.97 33.18 20.97
C PHE E 296 -13.13 32.19 19.82
N GLU E 297 -12.78 32.60 18.60
CA GLU E 297 -12.37 31.66 17.56
C GLU E 297 -11.21 30.81 18.07
N GLY E 298 -11.42 29.50 18.22
CA GLY E 298 -10.42 28.59 18.76
C GLY E 298 -9.35 28.25 17.74
N GLY E 299 -8.09 28.62 18.00
CA GLY E 299 -6.93 28.09 17.31
C GLY E 299 -6.75 26.58 17.53
N GLU E 300 -5.83 25.96 16.80
CA GLU E 300 -5.72 24.49 16.69
C GLU E 300 -5.48 23.76 18.02
N GLY E 301 -4.93 24.46 19.02
CA GLY E 301 -4.79 23.99 20.41
C GLY E 301 -5.10 25.07 21.45
N ALA E 302 -5.89 26.08 21.09
CA ALA E 302 -6.05 27.28 21.90
C ALA E 302 -6.75 27.00 23.24
N HIS E 303 -6.23 27.55 24.33
CA HIS E 303 -6.78 27.40 25.68
C HIS E 303 -6.24 28.47 26.63
N ALA E 304 -6.95 28.71 27.73
CA ALA E 304 -6.55 29.59 28.82
C ALA E 304 -5.71 28.86 29.88
N GLU E 305 -4.81 29.57 30.57
CA GLU E 305 -4.03 29.06 31.71
C GLU E 305 -3.81 30.15 32.76
N GLN E 306 -3.41 29.76 33.97
CA GLN E 306 -3.02 30.70 35.02
C GLN E 306 -1.68 30.32 35.63
N PHE E 307 -0.88 31.32 36.03
CA PHE E 307 0.11 31.11 37.08
C PHE E 307 -0.57 31.25 38.44
N SER E 308 -0.08 30.57 39.47
CA SER E 308 -0.64 30.67 40.82
C SER E 308 -0.41 32.05 41.42
N ALA E 309 -1.30 32.48 42.31
CA ALA E 309 -0.98 33.49 43.29
C ALA E 309 0.12 32.97 44.23
N ALA E 310 0.95 33.86 44.76
CA ALA E 310 1.78 33.57 45.91
C ALA E 310 0.94 33.64 47.20
N GLU E 311 1.09 32.68 48.09
CA GLU E 311 0.45 32.71 49.42
C GLU E 311 1.20 33.70 50.32
N LEU E 312 0.66 34.88 50.64
CA LEU E 312 1.38 35.82 51.52
C LEU E 312 1.60 35.22 52.91
N ARG E 313 0.72 34.33 53.34
CA ARG E 313 0.82 33.52 54.56
C ARG E 313 2.12 32.75 54.69
N ASN E 314 2.76 32.38 53.58
CA ASN E 314 4.07 31.72 53.59
C ASN E 314 5.19 32.61 54.12
N PHE E 315 5.02 33.94 54.12
CA PHE E 315 5.92 34.86 54.81
C PHE E 315 5.41 35.18 56.20
N VAL E 316 4.10 35.28 56.40
CA VAL E 316 3.53 35.63 57.71
C VAL E 316 3.89 34.61 58.78
N ASP E 317 3.92 33.32 58.48
CA ASP E 317 4.36 32.34 59.48
C ASP E 317 5.90 32.29 59.68
N ALA E 318 6.69 33.03 58.89
CA ALA E 318 8.07 33.37 59.24
C ALA E 318 8.15 34.68 60.06
N LEU E 319 7.28 35.66 59.83
CA LEU E 319 7.18 36.84 60.70
C LEU E 319 6.78 36.45 62.11
N ASP E 320 5.85 35.52 62.28
CA ASP E 320 5.48 35.01 63.60
C ASP E 320 6.66 34.29 64.26
N ALA E 321 7.43 33.50 63.53
CA ALA E 321 8.61 32.84 64.08
C ALA E 321 9.67 33.86 64.53
N LEU E 322 9.93 34.92 63.77
CA LEU E 322 10.90 35.94 64.17
C LEU E 322 10.42 36.80 65.34
N ASP E 323 9.13 37.12 65.47
CA ASP E 323 8.62 37.74 66.71
C ASP E 323 8.83 36.82 67.92
N ARG E 324 8.73 35.51 67.74
CA ARG E 324 8.98 34.53 68.80
C ARG E 324 10.43 34.52 69.24
N LYS E 325 11.39 34.71 68.33
CA LYS E 325 12.80 34.91 68.68
C LYS E 325 13.01 36.26 69.35
N ALA E 326 12.45 37.35 68.82
CA ALA E 326 12.65 38.68 69.39
C ALA E 326 12.17 38.77 70.84
N ALA E 327 11.06 38.12 71.19
CA ALA E 327 10.60 38.00 72.57
C ALA E 327 11.59 37.20 73.43
N SER E 328 12.06 36.04 72.96
CA SER E 328 13.05 35.22 73.66
C SER E 328 14.34 35.97 73.96
N TYR E 329 14.95 36.66 72.99
CA TYR E 329 16.22 37.35 73.18
C TYR E 329 16.08 38.62 74.03
N SER E 330 14.93 39.31 73.97
CA SER E 330 14.71 40.54 74.74
C SER E 330 14.29 40.28 76.19
N GLY E 331 13.49 39.25 76.44
CA GLY E 331 12.93 38.98 77.77
C GLY E 331 11.77 39.88 78.18
N LEU E 332 11.17 40.58 77.23
CA LEU E 332 9.92 41.31 77.45
C LEU E 332 8.76 40.34 77.71
N PRO E 333 7.64 40.77 78.34
CA PRO E 333 6.40 40.01 78.32
C PRO E 333 6.02 39.63 76.88
N PRO E 334 5.61 38.39 76.57
CA PRO E 334 5.37 37.97 75.19
C PRO E 334 4.41 38.88 74.41
N GLN E 335 3.40 39.44 75.10
CA GLN E 335 2.41 40.35 74.51
C GLN E 335 2.99 41.69 74.01
N TYR E 336 4.22 42.08 74.35
CA TYR E 336 4.84 43.27 73.76
C TYR E 336 5.28 43.02 72.31
N LEU E 337 5.63 41.78 71.96
CA LEU E 337 6.05 41.39 70.61
C LEU E 337 4.92 40.66 69.89
N SER E 338 4.64 39.41 70.29
CA SER E 338 3.63 38.56 69.68
C SER E 338 2.24 38.92 70.21
N SER E 339 1.76 40.09 69.80
CA SER E 339 0.64 40.82 70.45
C SER E 339 -0.63 39.99 70.63
N SER E 340 -0.96 39.13 69.66
CA SER E 340 -2.15 38.26 69.68
C SER E 340 -2.01 36.98 70.50
N SER E 341 -0.85 36.70 71.11
CA SER E 341 -0.53 35.39 71.69
C SER E 341 -1.33 35.04 72.95
N ASP E 342 -1.24 35.87 74.00
CA ASP E 342 -1.79 35.60 75.33
C ASP E 342 -1.92 36.89 76.16
N ASN E 343 -2.69 36.88 77.25
CA ASN E 343 -2.86 38.02 78.15
C ASN E 343 -3.05 37.53 79.60
N PRO E 344 -2.19 37.93 80.57
CA PRO E 344 -2.22 37.39 81.92
C PRO E 344 -3.42 37.93 82.72
N ALA E 345 -4.17 37.03 83.36
CA ALA E 345 -5.47 37.32 83.95
C ALA E 345 -5.48 37.73 85.43
N SER E 346 -4.38 37.54 86.17
CA SER E 346 -4.32 37.70 87.63
C SER E 346 -3.02 38.38 88.07
N ALA E 347 -2.96 38.89 89.30
CA ALA E 347 -1.76 39.54 89.83
C ALA E 347 -0.54 38.60 89.82
N GLU E 348 -0.75 37.31 90.10
CA GLU E 348 0.31 36.31 90.04
C GLU E 348 0.74 36.05 88.59
N ALA E 349 -0.21 35.96 87.65
CA ALA E 349 0.13 35.77 86.24
C ALA E 349 0.94 36.93 85.69
N ILE E 350 0.61 38.17 86.07
CA ILE E 350 1.37 39.36 85.68
C ILE E 350 2.78 39.29 86.24
N LYS E 351 2.93 39.02 87.53
CA LYS E 351 4.24 38.95 88.19
C LYS E 351 5.12 37.83 87.61
N ALA E 352 4.53 36.75 87.10
CA ALA E 352 5.25 35.74 86.35
C ALA E 352 5.70 36.25 84.98
N ALA E 353 4.77 36.78 84.19
CA ALA E 353 5.02 37.24 82.82
C ALA E 353 6.07 38.36 82.75
N GLU E 354 6.06 39.30 83.69
CA GLU E 354 7.05 40.38 83.76
C GLU E 354 8.39 39.97 84.38
N SER E 355 8.53 38.78 84.97
CA SER E 355 9.64 38.47 85.88
C SER E 355 11.02 38.75 85.28
N ARG E 356 11.28 38.36 84.02
CA ARG E 356 12.60 38.57 83.41
C ARG E 356 12.86 40.01 82.99
N LEU E 357 11.83 40.78 82.67
CA LEU E 357 11.96 42.23 82.48
C LEU E 357 12.21 42.93 83.82
N VAL E 358 11.51 42.56 84.88
CA VAL E 358 11.72 43.16 86.21
C VAL E 358 13.14 42.95 86.70
N LYS E 359 13.68 41.74 86.65
CA LYS E 359 15.07 41.52 87.12
C LYS E 359 16.11 42.20 86.24
N LYS E 360 15.87 42.37 84.94
CA LYS E 360 16.71 43.19 84.07
C LYS E 360 16.69 44.66 84.46
N VAL E 361 15.54 45.23 84.78
CA VAL E 361 15.47 46.61 85.27
C VAL E 361 16.09 46.73 86.65
N GLU E 362 15.92 45.78 87.57
CA GLU E 362 16.62 45.81 88.86
C GLU E 362 18.14 45.77 88.70
N ARG E 363 18.67 45.01 87.74
CA ARG E 363 20.10 45.01 87.39
C ARG E 363 20.57 46.39 86.93
N LYS E 364 19.80 47.06 86.08
CA LYS E 364 20.09 48.44 85.64
C LYS E 364 19.99 49.44 86.80
N ASN E 365 18.97 49.37 87.65
CA ASN E 365 18.84 50.22 88.83
C ASN E 365 20.10 50.15 89.70
N LYS E 366 20.61 48.93 89.91
CA LYS E 366 21.84 48.69 90.65
C LYS E 366 23.05 49.32 89.95
N ILE E 367 23.31 48.99 88.69
CA ILE E 367 24.51 49.45 87.97
C ILE E 367 24.54 50.97 87.76
N PHE E 368 23.43 51.61 87.40
CA PHE E 368 23.38 53.06 87.23
C PHE E 368 23.37 53.81 88.58
N GLY E 369 22.77 53.25 89.63
CA GLY E 369 22.82 53.82 90.97
C GLY E 369 24.25 53.96 91.49
N GLY E 370 25.12 53.01 91.15
CA GLY E 370 26.55 53.07 91.46
C GLY E 370 27.30 54.25 90.83
N ALA E 371 26.76 54.90 89.79
CA ALA E 371 27.31 56.13 89.23
C ALA E 371 26.71 57.38 89.89
N TRP E 372 25.41 57.40 90.16
CA TRP E 372 24.78 58.56 90.81
C TRP E 372 25.31 58.82 92.22
N GLU E 373 25.62 57.80 93.01
CA GLU E 373 26.24 58.04 94.31
C GLU E 373 27.61 58.71 94.20
N GLN E 374 28.39 58.44 93.14
CA GLN E 374 29.68 59.09 92.93
C GLN E 374 29.48 60.55 92.53
N ALA E 375 28.53 60.84 91.64
CA ALA E 375 28.20 62.21 91.30
C ALA E 375 27.74 63.00 92.52
N MET E 376 27.02 62.39 93.46
CA MET E 376 26.64 63.03 94.71
C MET E 376 27.81 63.22 95.68
N ARG E 377 28.77 62.28 95.78
CA ARG E 377 29.99 62.53 96.54
C ARG E 377 30.85 63.64 95.93
N LEU E 378 31.05 63.69 94.61
CA LEU E 378 31.73 64.81 93.99
C LEU E 378 30.99 66.12 94.20
N ALA E 379 29.65 66.15 94.10
CA ALA E 379 28.87 67.35 94.36
C ALA E 379 28.99 67.83 95.81
N TYR E 380 29.04 66.93 96.80
CA TYR E 380 29.28 67.33 98.19
C TYR E 380 30.68 67.92 98.37
N LYS E 381 31.72 67.27 97.84
CA LYS E 381 33.10 67.80 97.85
C LYS E 381 33.18 69.16 97.14
N MET E 382 32.44 69.36 96.06
CA MET E 382 32.37 70.63 95.33
C MET E 382 31.77 71.75 96.17
N VAL E 383 30.65 71.51 96.87
CA VAL E 383 29.93 72.55 97.61
C VAL E 383 30.50 72.79 99.01
N LYS E 384 30.63 71.75 99.83
CA LYS E 384 31.07 71.88 101.23
C LYS E 384 32.59 72.03 101.37
N GLY E 385 33.36 71.66 100.35
CA GLY E 385 34.82 71.83 100.28
C GLY E 385 35.65 70.87 101.12
N GLY E 386 35.20 70.55 102.33
CA GLY E 386 35.89 69.64 103.26
C GLY E 386 35.89 68.17 102.82
N ASP E 387 36.60 67.32 103.56
CA ASP E 387 36.64 65.87 103.31
C ASP E 387 35.27 65.21 103.49
N ILE E 388 35.00 64.15 102.75
CA ILE E 388 33.71 63.44 102.74
C ILE E 388 33.53 62.67 104.06
N PRO E 389 32.42 62.83 104.80
CA PRO E 389 32.15 62.04 106.00
C PRO E 389 32.16 60.54 105.71
N THR E 390 32.74 59.72 106.59
CA THR E 390 32.92 58.28 106.37
C THR E 390 31.64 57.53 105.97
N GLU E 391 30.48 57.94 106.49
CA GLU E 391 29.17 57.35 106.15
C GLU E 391 28.74 57.55 104.69
N TYR E 392 29.20 58.59 103.99
CA TYR E 392 28.85 58.81 102.58
C TYR E 392 29.46 57.75 101.64
N TYR E 393 30.48 57.01 102.08
CA TYR E 393 30.99 55.86 101.33
C TYR E 393 30.07 54.63 101.42
N ARG E 394 29.07 54.62 102.32
CA ARG E 394 28.04 53.57 102.44
C ARG E 394 26.69 54.02 101.86
N MET E 395 26.66 55.07 101.05
CA MET E 395 25.44 55.61 100.46
C MET E 395 24.71 54.56 99.63
N GLU E 396 23.39 54.58 99.68
CA GLU E 396 22.48 53.72 98.92
C GLU E 396 21.60 54.59 98.03
N THR E 397 21.25 54.10 96.85
CA THR E 397 20.20 54.67 96.00
C THR E 397 18.95 53.83 96.11
N VAL E 398 17.79 54.41 96.41
CA VAL E 398 16.53 53.70 96.54
C VAL E 398 15.67 53.98 95.32
N TRP E 399 15.28 52.93 94.59
CA TRP E 399 14.60 53.03 93.31
C TRP E 399 13.19 52.45 93.38
N ARG E 400 12.27 52.96 92.57
CA ARG E 400 10.91 52.42 92.48
C ARG E 400 10.93 50.97 91.97
N ASP E 401 10.07 50.11 92.50
CA ASP E 401 9.91 48.73 92.05
C ASP E 401 9.51 48.68 90.56
N PRO E 402 10.27 48.03 89.66
CA PRO E 402 9.98 48.03 88.23
C PRO E 402 8.69 47.33 87.80
N SER E 403 8.07 46.51 88.65
CA SER E 403 6.89 45.70 88.29
C SER E 403 5.62 46.55 88.13
N THR E 404 4.69 46.15 87.26
CA THR E 404 3.43 46.88 87.05
C THR E 404 2.64 46.97 88.36
N PRO E 405 2.42 48.16 88.94
CA PRO E 405 1.86 48.27 90.27
C PRO E 405 0.45 47.70 90.36
N THR E 406 0.23 46.73 91.24
CA THR E 406 -1.10 46.28 91.66
C THR E 406 -1.35 46.80 93.07
N TYR E 407 -2.43 47.56 93.24
CA TYR E 407 -2.77 48.14 94.53
C TYR E 407 -3.61 47.17 95.36
N ALA E 408 -4.73 46.70 94.80
CA ALA E 408 -5.68 45.87 95.52
C ALA E 408 -5.08 44.56 96.03
N ALA E 409 -4.17 43.93 95.29
CA ALA E 409 -3.54 42.69 95.71
C ALA E 409 -2.50 42.88 96.84
N LYS E 410 -2.00 44.09 97.08
CA LYS E 410 -1.12 44.38 98.23
C LYS E 410 -1.85 45.05 99.39
N ALA E 411 -2.95 45.75 99.12
CA ALA E 411 -3.70 46.44 100.16
C ALA E 411 -4.22 45.51 101.24
N ASP E 412 -4.83 44.37 100.88
CA ASP E 412 -5.26 43.41 101.91
C ASP E 412 -4.09 42.73 102.60
N ALA E 413 -3.02 42.39 101.87
CA ALA E 413 -1.81 41.80 102.41
C ALA E 413 -1.14 42.71 103.45
N ALA E 414 -0.95 43.99 103.14
CA ALA E 414 -0.39 44.95 104.09
C ALA E 414 -1.34 45.16 105.27
N ALA E 415 -2.65 45.30 105.04
CA ALA E 415 -3.62 45.48 106.10
C ALA E 415 -3.65 44.30 107.08
N LYS E 416 -3.63 43.06 106.58
CA LYS E 416 -3.71 41.87 107.45
C LYS E 416 -2.39 41.46 108.11
N LEU E 417 -1.26 41.94 107.60
CA LEU E 417 0.01 41.90 108.33
C LEU E 417 0.03 42.91 109.47
N PHE E 418 -0.48 44.12 109.27
CA PHE E 418 -0.52 45.16 110.32
C PHE E 418 -1.58 44.89 111.40
N ALA E 419 -2.76 44.41 111.01
CA ALA E 419 -3.87 44.06 111.91
C ALA E 419 -4.16 45.13 112.98
N ASN E 420 -4.35 46.37 112.55
CA ASN E 420 -4.64 47.53 113.41
C ASN E 420 -3.62 47.71 114.56
N GLY E 421 -2.35 47.41 114.30
CA GLY E 421 -1.24 47.56 115.23
C GLY E 421 -0.97 46.34 116.12
N ALA E 422 -1.86 45.35 116.17
CA ALA E 422 -1.65 44.11 116.91
C ALA E 422 -0.81 43.08 116.13
N GLY E 423 -0.59 43.30 114.83
CA GLY E 423 -0.07 42.30 113.90
C GLY E 423 1.44 42.14 113.88
N LEU E 424 1.92 41.53 112.79
CA LEU E 424 3.30 41.11 112.61
C LEU E 424 4.26 42.26 112.29
N ILE E 425 3.77 43.37 111.73
CA ILE E 425 4.61 44.40 111.08
C ILE E 425 4.40 45.80 111.70
N PRO E 426 5.44 46.61 111.90
CA PRO E 426 5.28 48.00 112.36
C PRO E 426 4.66 48.88 111.26
N ARG E 427 3.99 49.98 111.62
CA ARG E 427 3.26 50.82 110.64
C ARG E 427 4.15 51.30 109.53
N GLU E 428 5.36 51.77 109.85
CA GLU E 428 6.31 52.27 108.86
C GLU E 428 6.70 51.23 107.81
N ARG E 429 6.80 49.94 108.16
CA ARG E 429 7.06 48.91 107.15
C ARG E 429 5.87 48.72 106.21
N GLY E 430 4.66 48.88 106.73
CA GLY E 430 3.47 48.91 105.90
C GLY E 430 3.49 50.04 104.88
N TRP E 431 4.10 51.20 105.16
CA TRP E 431 4.30 52.20 104.13
C TRP E 431 5.19 51.68 102.99
N VAL E 432 6.29 51.02 103.34
CA VAL E 432 7.32 50.59 102.37
C VAL E 432 6.78 49.50 101.46
N ASP E 433 6.07 48.51 101.98
CA ASP E 433 5.53 47.41 101.18
C ASP E 433 4.41 47.86 100.23
N MET E 434 3.62 48.88 100.62
CA MET E 434 2.67 49.53 99.72
C MET E 434 3.36 50.38 98.64
N GLY E 435 4.66 50.65 98.75
CA GLY E 435 5.45 51.34 97.73
C GLY E 435 5.41 52.86 97.81
N TYR E 436 4.98 53.46 98.92
CA TYR E 436 5.04 54.91 99.08
C TYR E 436 6.51 55.37 99.18
N THR E 437 6.90 56.33 98.35
CA THR E 437 8.29 56.85 98.27
C THR E 437 8.68 57.65 99.51
N ILE E 438 9.98 57.90 99.73
CA ILE E 438 10.49 58.60 100.93
C ILE E 438 9.77 59.92 101.19
N VAL E 439 9.48 60.70 100.14
CA VAL E 439 8.73 61.96 100.23
C VAL E 439 7.31 61.73 100.72
N GLU E 440 6.63 60.70 100.22
CA GLU E 440 5.26 60.38 100.63
C GLU E 440 5.21 59.82 102.04
N ARG E 441 6.21 59.06 102.48
CA ARG E 441 6.30 58.59 103.87
C ARG E 441 6.44 59.76 104.82
N GLU E 442 7.17 60.82 104.46
CA GLU E 442 7.18 62.04 105.24
C GLU E 442 5.82 62.73 105.30
N GLN E 443 5.14 62.94 104.17
CA GLN E 443 3.79 63.51 104.22
C GLN E 443 2.86 62.70 105.11
N MET E 444 2.89 61.37 105.03
CA MET E 444 2.08 60.53 105.89
C MET E 444 2.46 60.64 107.36
N ARG E 445 3.73 60.80 107.73
CA ARG E 445 4.10 61.03 109.14
C ARG E 445 3.45 62.29 109.67
N GLN E 446 3.38 63.37 108.88
CA GLN E 446 2.67 64.58 109.29
C GLN E 446 1.15 64.39 109.29
N TRP E 447 0.53 63.77 108.28
CA TRP E 447 -0.92 63.52 108.29
C TRP E 447 -1.36 62.62 109.43
N LEU E 448 -0.59 61.59 109.75
CA LEU E 448 -0.86 60.67 110.86
C LEU E 448 -0.77 61.42 112.19
N GLU E 449 0.27 62.22 112.39
CA GLU E 449 0.40 63.04 113.60
C GLU E 449 -0.74 64.06 113.74
N GLN E 450 -1.21 64.65 112.64
CA GLN E 450 -2.36 65.55 112.65
C GLN E 450 -3.69 64.85 112.94
N ASP E 451 -4.02 63.72 112.29
CA ASP E 451 -5.33 63.10 112.53
C ASP E 451 -5.41 62.39 113.90
N GLN E 452 -4.28 62.01 114.50
CA GLN E 452 -4.22 61.62 115.92
C GLN E 452 -4.54 62.78 116.89
N LYS E 453 -4.46 64.04 116.46
CA LYS E 453 -4.98 65.18 117.24
C LYS E 453 -6.48 65.43 117.05
N GLN E 454 -7.12 64.90 116.01
CA GLN E 454 -8.57 64.96 115.86
C GLN E 454 -9.27 63.88 116.70
N GLY E 455 -8.78 62.63 116.64
CA GLY E 455 -9.30 61.50 117.43
C GLY E 455 -10.77 61.16 117.16
N SER F 6 -53.06 -40.81 98.65
CA SER F 6 -53.66 -41.54 97.52
C SER F 6 -52.60 -42.28 96.71
N ILE F 7 -51.74 -41.58 95.95
CA ILE F 7 -50.69 -42.20 95.12
C ILE F 7 -49.63 -42.88 96.02
N ASP F 8 -49.16 -44.06 95.62
CA ASP F 8 -48.04 -44.76 96.24
C ASP F 8 -46.77 -43.88 96.22
N PRO F 9 -46.16 -43.55 97.38
CA PRO F 9 -44.94 -42.76 97.42
C PRO F 9 -43.81 -43.25 96.51
N GLU F 10 -43.64 -44.55 96.30
CA GLU F 10 -42.60 -45.05 95.39
C GLU F 10 -42.91 -44.69 93.92
N LYS F 11 -44.19 -44.75 93.54
CA LYS F 11 -44.67 -44.36 92.21
C LYS F 11 -44.57 -42.85 92.03
N LEU F 12 -44.93 -42.09 93.05
CA LEU F 12 -44.88 -40.63 93.07
C LEU F 12 -43.44 -40.09 93.12
N ARG F 13 -42.50 -40.85 93.70
CA ARG F 13 -41.06 -40.60 93.61
C ARG F 13 -40.59 -40.78 92.17
N ASP F 14 -40.88 -41.89 91.52
CA ASP F 14 -40.49 -42.09 90.12
C ASP F 14 -41.13 -41.07 89.17
N GLN F 15 -42.44 -40.87 89.30
CA GLN F 15 -43.26 -40.14 88.33
C GLN F 15 -42.79 -38.71 88.12
N LEU F 16 -42.16 -38.12 89.13
CA LEU F 16 -41.69 -36.74 89.08
C LEU F 16 -40.17 -36.60 89.32
N LEU F 17 -39.41 -37.69 89.54
CA LEU F 17 -38.00 -37.72 89.14
C LEU F 17 -37.90 -37.54 87.62
N ASP F 18 -38.79 -38.17 86.86
CA ASP F 18 -38.89 -37.94 85.41
C ASP F 18 -39.22 -36.47 85.06
N ALA F 19 -40.01 -35.77 85.88
CA ALA F 19 -40.29 -34.36 85.68
C ALA F 19 -39.09 -33.46 86.05
N PHE F 20 -38.44 -33.72 87.17
CA PHE F 20 -37.18 -33.05 87.54
C PHE F 20 -36.13 -33.19 86.44
N GLU F 21 -35.98 -34.38 85.87
CA GLU F 21 -35.06 -34.62 84.76
C GLU F 21 -35.46 -33.88 83.48
N ASN F 22 -36.73 -33.92 83.06
CA ASN F 22 -37.12 -33.26 81.83
C ASN F 22 -36.97 -31.73 81.91
N LYS F 23 -37.10 -31.12 83.10
CA LYS F 23 -36.83 -29.70 83.32
C LYS F 23 -35.38 -29.32 83.05
N GLN F 24 -34.40 -30.21 83.28
CA GLN F 24 -32.99 -29.88 83.04
C GLN F 24 -32.68 -29.57 81.58
N ASN F 25 -33.50 -30.05 80.62
CA ASN F 25 -33.33 -29.69 79.22
C ASN F 25 -33.64 -28.21 78.93
N GLU F 26 -34.48 -27.55 79.74
CA GLU F 26 -34.68 -26.09 79.66
C GLU F 26 -33.52 -25.33 80.32
N LEU F 27 -33.16 -25.69 81.55
CA LEU F 27 -32.21 -24.91 82.36
C LEU F 27 -30.81 -24.81 81.74
N LYS F 28 -30.39 -25.83 80.99
CA LYS F 28 -29.10 -25.82 80.27
C LYS F 28 -28.98 -24.67 79.28
N SER F 29 -30.08 -24.13 78.75
CA SER F 29 -30.02 -22.95 77.88
C SER F 29 -29.63 -21.69 78.67
N SER F 30 -30.31 -21.37 79.78
CA SER F 30 -29.99 -20.22 80.62
C SER F 30 -28.61 -20.31 81.26
N LYS F 31 -28.18 -21.52 81.63
CA LYS F 31 -26.81 -21.75 82.12
C LYS F 31 -25.76 -21.37 81.07
N ALA F 32 -25.99 -21.68 79.79
CA ALA F 32 -25.02 -21.43 78.73
C ALA F 32 -24.70 -19.94 78.53
N TYR F 33 -25.65 -19.03 78.78
CA TYR F 33 -25.40 -17.60 78.71
C TYR F 33 -24.66 -17.06 79.94
N TYR F 34 -25.01 -17.50 81.17
CA TYR F 34 -24.29 -17.04 82.37
C TYR F 34 -22.87 -17.60 82.46
N ASP F 35 -22.65 -18.88 82.16
CA ASP F 35 -21.31 -19.47 82.13
C ASP F 35 -20.45 -19.02 80.94
N ALA F 36 -21.08 -18.46 79.90
CA ALA F 36 -20.49 -18.25 78.59
C ALA F 36 -19.91 -19.56 78.01
N GLU F 37 -20.76 -20.59 77.91
CA GLU F 37 -20.48 -21.80 77.12
C GLU F 37 -20.47 -21.48 75.62
N ARG F 38 -19.94 -22.40 74.80
CA ARG F 38 -20.12 -22.38 73.35
C ARG F 38 -21.61 -22.42 72.98
N ARG F 39 -22.02 -21.57 72.03
CA ARG F 39 -23.35 -21.55 71.40
C ARG F 39 -23.16 -21.55 69.88
N PRO F 40 -23.98 -22.26 69.11
CA PRO F 40 -23.97 -22.15 67.66
C PRO F 40 -24.20 -20.71 67.20
N ASP F 41 -25.15 -19.99 67.78
CA ASP F 41 -25.48 -18.62 67.38
C ASP F 41 -24.35 -17.61 67.63
N ALA F 42 -23.41 -17.89 68.52
CA ALA F 42 -22.31 -16.99 68.84
C ALA F 42 -21.15 -17.05 67.82
N ILE F 43 -21.08 -18.07 66.98
CA ILE F 43 -19.94 -18.29 66.07
C ILE F 43 -20.02 -17.35 64.86
N GLY F 44 -19.00 -16.50 64.69
CA GLY F 44 -18.97 -15.52 63.60
C GLY F 44 -18.77 -16.21 62.25
N LEU F 45 -19.67 -16.00 61.29
CA LEU F 45 -19.76 -16.85 60.11
C LEU F 45 -18.59 -16.69 59.13
N ALA F 46 -17.96 -15.52 59.08
CA ALA F 46 -16.97 -15.20 58.06
C ALA F 46 -15.62 -15.88 58.26
N VAL F 47 -15.26 -16.31 59.47
CA VAL F 47 -13.98 -16.98 59.70
C VAL F 47 -13.97 -18.37 59.04
N PRO F 48 -12.88 -18.80 58.39
CA PRO F 48 -12.81 -20.11 57.74
C PRO F 48 -12.90 -21.25 58.76
N LEU F 49 -13.30 -22.44 58.31
CA LEU F 49 -13.62 -23.58 59.17
C LEU F 49 -12.53 -23.93 60.18
N ASP F 50 -11.26 -23.83 59.77
CA ASP F 50 -10.12 -24.15 60.62
C ASP F 50 -10.04 -23.22 61.85
N MET F 51 -10.45 -21.96 61.71
CA MET F 51 -10.37 -20.95 62.76
C MET F 51 -11.62 -20.84 63.64
N ARG F 52 -12.75 -21.50 63.33
CA ARG F 52 -13.94 -21.48 64.20
C ARG F 52 -13.69 -22.02 65.62
N LYS F 53 -12.55 -22.67 65.88
CA LYS F 53 -12.14 -23.08 67.23
C LYS F 53 -11.88 -21.90 68.18
N TYR F 54 -11.50 -20.73 67.66
CA TYR F 54 -11.15 -19.55 68.46
C TYR F 54 -12.39 -18.75 68.86
N LEU F 55 -13.24 -19.34 69.70
CA LEU F 55 -14.47 -18.71 70.17
C LEU F 55 -14.21 -17.43 70.96
N ALA F 56 -15.03 -16.40 70.74
CA ALA F 56 -15.10 -15.23 71.60
C ALA F 56 -16.31 -15.36 72.53
N HIS F 57 -16.10 -15.19 73.85
CA HIS F 57 -17.15 -15.33 74.85
C HIS F 57 -17.55 -13.96 75.40
N VAL F 58 -18.83 -13.63 75.42
CA VAL F 58 -19.34 -12.28 75.75
C VAL F 58 -20.02 -12.25 77.11
N GLY F 59 -19.64 -11.26 77.92
CA GLY F 59 -19.98 -11.18 79.35
C GLY F 59 -21.17 -10.33 79.74
N TYR F 60 -22.03 -9.87 78.81
CA TYR F 60 -23.19 -9.07 79.20
C TYR F 60 -24.15 -9.81 80.16
N PRO F 61 -24.50 -11.11 79.97
CA PRO F 61 -25.44 -11.79 80.85
C PRO F 61 -24.95 -11.91 82.28
N ARG F 62 -23.71 -12.36 82.49
CA ARG F 62 -23.11 -12.41 83.83
C ARG F 62 -22.97 -11.03 84.43
N THR F 63 -22.56 -10.02 83.66
CA THR F 63 -22.48 -8.64 84.14
C THR F 63 -23.82 -8.14 84.66
N TYR F 64 -24.93 -8.45 83.99
CA TYR F 64 -26.26 -8.05 84.42
C TYR F 64 -26.73 -8.80 85.67
N VAL F 65 -26.67 -10.13 85.66
CA VAL F 65 -27.15 -10.92 86.80
C VAL F 65 -26.34 -10.67 88.07
N ASP F 66 -25.02 -10.53 87.98
CA ASP F 66 -24.21 -10.15 89.14
C ASP F 66 -24.51 -8.73 89.62
N ALA F 67 -24.72 -7.76 88.71
CA ALA F 67 -24.99 -6.39 89.11
C ALA F 67 -26.28 -6.22 89.91
N ILE F 68 -27.27 -7.09 89.71
CA ILE F 68 -28.46 -7.16 90.56
C ILE F 68 -28.13 -7.92 91.85
N ALA F 69 -27.64 -9.16 91.76
CA ALA F 69 -27.49 -10.04 92.91
C ALA F 69 -26.56 -9.50 93.99
N GLU F 70 -25.57 -8.66 93.64
CA GLU F 70 -24.61 -8.08 94.58
C GLU F 70 -25.14 -6.86 95.33
N ARG F 71 -26.24 -6.24 94.89
CA ARG F 71 -26.88 -5.10 95.57
C ARG F 71 -28.00 -5.49 96.54
N GLN F 72 -28.49 -6.72 96.50
CA GLN F 72 -29.52 -7.24 97.41
C GLN F 72 -28.93 -7.71 98.75
N GLU F 73 -29.41 -7.17 99.88
CA GLU F 73 -29.09 -7.68 101.22
C GLU F 73 -30.21 -7.38 102.22
N LEU F 74 -30.47 -8.29 103.16
CA LEU F 74 -31.56 -8.20 104.13
C LEU F 74 -31.02 -7.66 105.46
N GLU F 75 -31.62 -6.60 106.00
CA GLU F 75 -31.24 -6.02 107.29
C GLU F 75 -31.90 -6.73 108.49
N GLY F 76 -33.14 -7.16 108.31
CA GLY F 76 -33.94 -7.83 109.34
C GLY F 76 -35.42 -7.86 108.98
N PHE F 77 -36.22 -8.55 109.78
CA PHE F 77 -37.68 -8.59 109.64
C PHE F 77 -38.34 -7.51 110.51
N ARG F 78 -39.58 -7.16 110.18
CA ARG F 78 -40.42 -6.23 110.95
C ARG F 78 -41.80 -6.85 111.15
N ILE F 79 -42.37 -6.79 112.34
CA ILE F 79 -43.70 -7.34 112.65
C ILE F 79 -44.48 -6.34 113.52
N PRO F 80 -45.77 -6.06 113.24
CA PRO F 80 -46.62 -5.23 114.09
C PRO F 80 -46.83 -5.77 115.53
N SER F 81 -47.49 -4.97 116.37
CA SER F 81 -47.75 -5.30 117.78
C SER F 81 -49.06 -4.67 118.28
N ALA F 82 -49.60 -5.20 119.37
CA ALA F 82 -50.81 -4.68 120.01
C ALA F 82 -50.62 -3.26 120.56
N ASN F 83 -51.64 -2.42 120.46
CA ASN F 83 -51.68 -1.02 120.94
C ASN F 83 -50.55 -0.12 120.40
N GLY F 84 -49.86 -0.51 119.32
CA GLY F 84 -48.70 0.20 118.78
C GLY F 84 -47.43 0.14 119.63
N GLU F 85 -47.36 -0.77 120.62
CA GLU F 85 -46.22 -0.92 121.52
C GLU F 85 -44.98 -1.44 120.77
N GLU F 86 -44.06 -0.57 120.36
CA GLU F 86 -42.79 -0.98 119.74
C GLU F 86 -41.80 -1.57 120.77
N PRO F 87 -40.85 -2.42 120.34
CA PRO F 87 -39.77 -2.89 121.20
C PRO F 87 -38.77 -1.76 121.54
N GLU F 88 -38.28 -1.74 122.77
CA GLU F 88 -37.52 -0.62 123.37
C GLU F 88 -36.41 -1.14 124.29
N SER F 89 -35.33 -0.36 124.46
CA SER F 89 -34.07 -0.67 125.16
C SER F 89 -33.23 -1.83 124.59
N GLY F 90 -33.87 -2.79 123.91
CA GLY F 90 -33.23 -3.80 123.06
C GLY F 90 -32.63 -5.00 123.80
N GLY F 91 -32.13 -5.97 123.01
CA GLY F 91 -31.49 -7.20 123.48
C GLY F 91 -32.44 -8.32 123.93
N GLU F 92 -33.74 -8.04 124.08
CA GLU F 92 -34.79 -9.04 124.34
C GLU F 92 -35.36 -9.66 123.05
N ASN F 93 -35.85 -10.89 123.11
CA ASN F 93 -36.48 -11.58 121.98
C ASN F 93 -37.88 -11.01 121.67
N ASP F 94 -37.93 -9.89 120.96
CA ASP F 94 -39.15 -9.41 120.29
C ASP F 94 -39.56 -10.38 119.14
N PRO F 95 -40.76 -10.25 118.56
CA PRO F 95 -41.26 -11.19 117.56
C PRO F 95 -40.36 -11.39 116.33
N ALA F 96 -39.59 -10.37 115.95
CA ALA F 96 -38.70 -10.40 114.79
C ALA F 96 -37.29 -10.88 115.12
N SER F 97 -36.82 -10.68 116.34
CA SER F 97 -35.46 -11.05 116.76
C SER F 97 -35.25 -12.56 116.84
N GLU F 98 -36.29 -13.35 117.11
CA GLU F 98 -36.20 -14.81 116.91
C GLU F 98 -35.92 -15.14 115.44
N LEU F 99 -36.65 -14.52 114.51
CA LEU F 99 -36.47 -14.81 113.08
C LEU F 99 -35.09 -14.42 112.60
N TRP F 100 -34.57 -13.28 113.08
CA TRP F 100 -33.20 -12.88 112.77
C TRP F 100 -32.15 -13.79 113.42
N ASP F 101 -32.40 -14.31 114.62
CA ASP F 101 -31.50 -15.31 115.21
C ASP F 101 -31.45 -16.59 114.37
N TRP F 102 -32.58 -17.04 113.81
CA TRP F 102 -32.59 -18.17 112.89
C TRP F 102 -31.91 -17.84 111.57
N TRP F 103 -32.03 -16.62 111.05
CA TRP F 103 -31.32 -16.19 109.86
C TRP F 103 -29.81 -16.20 110.07
N GLN F 104 -29.33 -15.69 111.21
CA GLN F 104 -27.93 -15.76 111.61
C GLN F 104 -27.47 -17.22 111.81
N ALA F 105 -28.18 -18.03 112.60
CA ALA F 105 -27.73 -19.38 112.95
C ALA F 105 -27.62 -20.31 111.74
N ASN F 106 -28.41 -20.08 110.70
CA ASN F 106 -28.32 -20.81 109.43
C ASN F 106 -27.29 -20.23 108.44
N ASN F 107 -26.65 -19.10 108.74
CA ASN F 107 -25.84 -18.33 107.80
C ASN F 107 -26.59 -18.00 106.49
N LEU F 108 -27.89 -17.73 106.57
CA LEU F 108 -28.65 -17.32 105.39
C LEU F 108 -28.15 -16.00 104.81
N ASP F 109 -27.46 -15.15 105.57
CA ASP F 109 -26.85 -13.95 105.00
C ASP F 109 -25.76 -14.27 103.97
N ILE F 110 -25.13 -15.45 104.04
CA ILE F 110 -24.20 -15.96 103.02
C ILE F 110 -24.97 -16.74 101.96
N GLU F 111 -25.87 -17.65 102.36
CA GLU F 111 -26.52 -18.56 101.41
C GLU F 111 -27.64 -17.91 100.60
N ALA F 112 -28.36 -16.91 101.11
CA ALA F 112 -29.47 -16.29 100.38
C ALA F 112 -28.97 -15.48 99.19
N THR F 113 -27.98 -14.60 99.38
CA THR F 113 -27.39 -13.84 98.26
C THR F 113 -26.79 -14.76 97.21
N LEU F 114 -26.27 -15.91 97.63
CA LEU F 114 -25.81 -16.95 96.71
C LEU F 114 -26.98 -17.53 95.91
N GLY F 115 -28.03 -18.00 96.59
CA GLY F 115 -29.20 -18.61 95.96
C GLY F 115 -30.08 -17.66 95.15
N HIS F 116 -30.09 -16.36 95.44
CA HIS F 116 -30.72 -15.37 94.57
C HIS F 116 -30.08 -15.34 93.18
N THR F 117 -28.81 -15.71 93.06
CA THR F 117 -28.16 -15.77 91.75
C THR F 117 -28.80 -16.86 90.89
N ASP F 118 -29.03 -18.06 91.43
CA ASP F 118 -29.77 -19.12 90.73
C ASP F 118 -31.22 -18.71 90.45
N ALA F 119 -31.88 -17.97 91.35
CA ALA F 119 -33.24 -17.47 91.12
C ALA F 119 -33.30 -16.50 89.94
N LEU F 120 -32.26 -15.69 89.72
CA LEU F 120 -32.15 -14.80 88.56
C LEU F 120 -31.71 -15.54 87.30
N ILE F 121 -30.76 -16.48 87.38
CA ILE F 121 -30.33 -17.25 86.20
C ILE F 121 -31.44 -18.15 85.67
N TYR F 122 -31.99 -19.05 86.50
CA TYR F 122 -32.95 -20.06 86.07
C TYR F 122 -34.41 -19.63 86.16
N GLY F 123 -34.69 -18.54 86.88
CA GLY F 123 -36.04 -18.04 87.13
C GLY F 123 -36.67 -18.53 88.43
N THR F 124 -36.08 -19.51 89.12
CA THR F 124 -36.54 -19.97 90.44
C THR F 124 -35.43 -20.67 91.23
N ALA F 125 -35.56 -20.69 92.56
CA ALA F 125 -34.81 -21.51 93.50
C ALA F 125 -35.72 -21.77 94.70
N TYR F 126 -35.48 -22.79 95.53
CA TYR F 126 -36.46 -23.21 96.54
C TYR F 126 -35.90 -23.15 97.96
N ILE F 127 -36.72 -22.77 98.95
CA ILE F 127 -36.37 -22.77 100.35
C ILE F 127 -36.88 -24.04 101.00
N THR F 128 -35.98 -24.84 101.54
CA THR F 128 -36.25 -26.13 102.18
C THR F 128 -36.17 -25.95 103.68
N ILE F 129 -37.20 -26.37 104.42
CA ILE F 129 -37.32 -26.15 105.87
C ILE F 129 -37.39 -27.50 106.59
N SER F 130 -36.74 -27.62 107.74
CA SER F 130 -36.62 -28.89 108.47
C SER F 130 -36.19 -28.65 109.92
N MET F 131 -36.30 -29.66 110.78
CA MET F 131 -35.55 -29.71 112.03
C MET F 131 -34.21 -30.44 111.86
N PRO F 132 -33.15 -30.07 112.58
CA PRO F 132 -31.86 -30.77 112.52
C PRO F 132 -32.00 -32.27 112.85
N ASP F 133 -31.20 -33.11 112.19
CA ASP F 133 -31.06 -34.53 112.52
C ASP F 133 -29.74 -34.75 113.30
N PRO F 134 -29.77 -34.99 114.62
CA PRO F 134 -28.57 -35.13 115.44
C PRO F 134 -27.59 -36.23 114.99
N GLU F 135 -28.04 -37.24 114.24
CA GLU F 135 -27.16 -38.29 113.70
C GLU F 135 -26.39 -37.87 112.44
N VAL F 136 -26.69 -36.71 111.84
CA VAL F 136 -26.07 -36.24 110.59
C VAL F 136 -25.63 -34.79 110.66
N ASP F 137 -26.50 -33.90 111.15
CA ASP F 137 -26.26 -32.46 111.29
C ASP F 137 -25.45 -32.13 112.56
N PHE F 138 -24.20 -32.59 112.61
CA PHE F 138 -23.34 -32.42 113.79
C PHE F 138 -22.80 -30.98 113.94
N ASP F 139 -22.87 -30.17 112.87
CA ASP F 139 -22.24 -28.85 112.75
C ASP F 139 -23.21 -27.65 112.94
N VAL F 140 -24.36 -27.84 113.59
CA VAL F 140 -25.41 -26.81 113.74
C VAL F 140 -26.01 -26.77 115.14
N ASP F 141 -26.63 -25.64 115.51
CA ASP F 141 -27.40 -25.50 116.74
C ASP F 141 -28.66 -26.39 116.66
N PRO F 142 -28.88 -27.36 117.57
CA PRO F 142 -30.05 -28.23 117.51
C PRO F 142 -31.38 -27.56 117.86
N GLU F 143 -31.39 -26.36 118.45
CA GLU F 143 -32.63 -25.67 118.83
C GLU F 143 -33.28 -24.85 117.69
N VAL F 144 -32.54 -24.42 116.67
CA VAL F 144 -33.10 -23.63 115.55
C VAL F 144 -33.65 -24.52 114.45
N PRO F 145 -34.64 -24.06 113.67
CA PRO F 145 -35.04 -24.76 112.45
C PRO F 145 -33.90 -24.68 111.44
N LEU F 146 -33.64 -25.78 110.75
CA LEU F 146 -32.65 -25.88 109.69
C LEU F 146 -33.30 -25.47 108.37
N ILE F 147 -32.96 -24.27 107.89
CA ILE F 147 -33.49 -23.65 106.68
C ILE F 147 -32.37 -23.60 105.63
N ARG F 148 -32.61 -24.09 104.41
CA ARG F 148 -31.63 -24.07 103.30
C ARG F 148 -32.26 -23.57 102.01
N VAL F 149 -31.51 -22.89 101.16
CA VAL F 149 -31.95 -22.48 99.82
C VAL F 149 -31.25 -23.34 98.79
N GLU F 150 -32.00 -23.91 97.84
CA GLU F 150 -31.55 -25.02 96.98
C GLU F 150 -32.00 -24.84 95.52
N PRO F 151 -31.14 -25.11 94.52
CA PRO F 151 -31.34 -24.69 93.15
C PRO F 151 -32.26 -25.64 92.37
N PRO F 152 -32.83 -25.20 91.23
CA PRO F 152 -33.69 -26.04 90.40
C PRO F 152 -32.93 -27.14 89.63
N THR F 153 -31.60 -27.13 89.69
CA THR F 153 -30.73 -28.23 89.26
C THR F 153 -30.60 -29.35 90.30
N ALA F 154 -31.26 -29.22 91.47
CA ALA F 154 -31.20 -30.21 92.55
C ALA F 154 -32.56 -30.45 93.24
N LEU F 155 -33.52 -29.54 93.14
CA LEU F 155 -34.87 -29.70 93.68
C LEU F 155 -35.92 -29.33 92.64
N TYR F 156 -37.07 -29.99 92.70
CA TYR F 156 -38.22 -29.73 91.83
C TYR F 156 -39.51 -29.69 92.66
N ALA F 157 -40.50 -28.91 92.23
CA ALA F 157 -41.77 -28.81 92.91
C ALA F 157 -42.93 -28.60 91.93
N GLU F 158 -44.08 -29.20 92.22
CA GLU F 158 -45.32 -29.03 91.45
C GLU F 158 -46.25 -28.05 92.16
N VAL F 159 -46.33 -26.81 91.67
CA VAL F 159 -47.37 -25.86 92.11
C VAL F 159 -48.71 -26.20 91.45
N ASP F 160 -49.80 -26.12 92.20
CA ASP F 160 -51.14 -26.20 91.61
C ASP F 160 -51.48 -24.87 90.92
N PRO F 161 -51.83 -24.83 89.64
CA PRO F 161 -52.25 -23.59 89.01
C PRO F 161 -53.53 -23.03 89.64
N ARG F 162 -54.33 -23.87 90.32
CA ARG F 162 -55.41 -23.44 91.22
C ARG F 162 -54.80 -23.04 92.57
N THR F 163 -54.84 -21.75 92.91
CA THR F 163 -54.40 -21.21 94.22
C THR F 163 -52.90 -21.26 94.56
N ARG F 164 -52.03 -21.68 93.64
CA ARG F 164 -50.56 -21.50 93.67
C ARG F 164 -49.78 -22.20 94.79
N LYS F 165 -50.38 -23.06 95.61
CA LYS F 165 -49.67 -23.85 96.63
C LYS F 165 -48.82 -24.96 95.98
N VAL F 166 -47.68 -25.31 96.57
CA VAL F 166 -46.93 -26.52 96.21
C VAL F 166 -47.70 -27.76 96.69
N LEU F 167 -48.02 -28.70 95.80
CA LEU F 167 -48.64 -29.98 96.13
C LEU F 167 -47.63 -31.04 96.59
N TYR F 168 -46.47 -31.02 95.96
CA TYR F 168 -45.44 -32.05 95.99
C TYR F 168 -44.08 -31.41 95.67
N ALA F 169 -43.01 -31.91 96.27
CA ALA F 169 -41.66 -31.53 95.87
C ALA F 169 -40.67 -32.69 96.08
N ILE F 170 -39.63 -32.71 95.25
CA ILE F 170 -38.59 -33.73 95.28
C ILE F 170 -37.19 -33.12 95.15
N ARG F 171 -36.30 -33.47 96.07
CA ARG F 171 -34.86 -33.31 95.86
C ARG F 171 -34.33 -34.52 95.12
N ALA F 172 -33.36 -34.34 94.24
CA ALA F 172 -32.47 -35.41 93.80
C ALA F 172 -31.02 -34.93 93.77
N ILE F 173 -30.12 -35.71 94.37
CA ILE F 173 -28.69 -35.40 94.44
C ILE F 173 -27.93 -36.37 93.55
N TYR F 174 -27.17 -35.85 92.60
CA TYR F 174 -26.24 -36.63 91.79
C TYR F 174 -24.92 -36.91 92.53
N GLY F 175 -24.28 -38.02 92.20
CA GLY F 175 -22.91 -38.31 92.63
C GLY F 175 -21.90 -37.32 92.04
N ALA F 176 -20.68 -37.30 92.59
CA ALA F 176 -19.65 -36.32 92.22
C ALA F 176 -19.20 -36.38 90.74
N ASP F 177 -19.41 -37.51 90.06
CA ASP F 177 -19.15 -37.66 88.62
C ASP F 177 -20.33 -37.23 87.73
N GLY F 178 -21.52 -36.98 88.29
CA GLY F 178 -22.73 -36.62 87.55
C GLY F 178 -23.37 -37.75 86.73
N ASN F 179 -22.95 -39.01 86.89
CA ASN F 179 -23.51 -40.12 86.10
C ASN F 179 -24.88 -40.61 86.61
N GLU F 180 -25.09 -40.65 87.92
CA GLU F 180 -26.31 -41.20 88.53
C GLU F 180 -26.76 -40.45 89.79
N ILE F 181 -28.04 -40.54 90.11
CA ILE F 181 -28.60 -40.08 91.39
C ILE F 181 -28.05 -40.95 92.52
N VAL F 182 -27.53 -40.32 93.56
CA VAL F 182 -27.04 -40.94 94.80
C VAL F 182 -28.08 -40.90 95.92
N SER F 183 -28.98 -39.92 95.92
CA SER F 183 -30.10 -39.86 96.87
C SER F 183 -31.28 -39.05 96.33
N ALA F 184 -32.48 -39.32 96.80
CA ALA F 184 -33.66 -38.51 96.53
C ALA F 184 -34.49 -38.34 97.81
N THR F 185 -35.24 -37.25 97.91
CA THR F 185 -36.12 -36.97 99.06
C THR F 185 -37.45 -36.44 98.57
N LEU F 186 -38.57 -36.95 99.08
CA LEU F 186 -39.90 -36.40 98.84
C LEU F 186 -40.33 -35.55 100.02
N TYR F 187 -40.80 -34.34 99.73
CA TYR F 187 -41.55 -33.51 100.65
C TYR F 187 -43.03 -33.60 100.28
N LEU F 188 -43.81 -34.37 101.06
CA LEU F 188 -45.28 -34.39 100.97
C LEU F 188 -45.88 -33.42 102.00
N PRO F 189 -47.17 -33.06 101.91
CA PRO F 189 -47.77 -32.06 102.79
C PRO F 189 -47.55 -32.28 104.29
N ASP F 190 -47.65 -33.52 104.79
CA ASP F 190 -47.54 -33.85 106.22
C ASP F 190 -46.30 -34.69 106.60
N THR F 191 -45.51 -35.16 105.63
CA THR F 191 -44.37 -36.04 105.88
C THR F 191 -43.26 -35.92 104.84
N THR F 192 -42.04 -36.31 105.21
CA THR F 192 -40.87 -36.36 104.32
C THR F 192 -40.33 -37.78 104.23
N MET F 193 -39.82 -38.19 103.07
CA MET F 193 -39.19 -39.50 102.84
C MET F 193 -37.84 -39.34 102.13
N THR F 194 -36.87 -40.21 102.40
CA THR F 194 -35.55 -40.16 101.76
C THR F 194 -35.04 -41.55 101.40
N TRP F 195 -34.47 -41.68 100.21
CA TRP F 195 -33.87 -42.91 99.68
C TRP F 195 -32.39 -42.68 99.37
N LEU F 196 -31.60 -43.75 99.39
CA LEU F 196 -30.19 -43.76 98.99
C LEU F 196 -29.95 -44.77 97.86
N ARG F 197 -28.94 -44.52 97.02
CA ARG F 197 -28.48 -45.39 95.92
C ARG F 197 -26.94 -45.55 95.93
N ALA F 198 -26.33 -45.50 97.11
CA ALA F 198 -24.88 -45.33 97.28
C ALA F 198 -24.03 -46.53 96.79
N GLU F 199 -24.60 -47.74 96.72
CA GLU F 199 -23.91 -48.97 96.29
C GLU F 199 -24.80 -49.90 95.43
N GLY F 200 -25.92 -49.40 94.91
CA GLY F 200 -26.89 -50.16 94.11
C GLY F 200 -28.19 -49.38 93.93
N GLU F 201 -29.24 -50.03 93.42
CA GLU F 201 -30.57 -49.44 93.30
C GLU F 201 -31.22 -49.13 94.67
N TRP F 202 -32.28 -48.32 94.69
CA TRP F 202 -32.89 -47.71 95.88
C TRP F 202 -33.07 -48.67 97.06
N GLU F 203 -32.52 -48.31 98.22
CA GLU F 203 -32.87 -48.97 99.48
C GLU F 203 -34.25 -48.52 100.00
N ALA F 204 -34.81 -49.21 100.99
CA ALA F 204 -36.08 -48.81 101.62
C ALA F 204 -35.96 -47.44 102.32
N PRO F 205 -36.94 -46.53 102.21
CA PRO F 205 -36.78 -45.15 102.63
C PRO F 205 -36.75 -44.98 104.15
N THR F 206 -35.94 -44.04 104.62
CA THR F 206 -36.17 -43.39 105.92
C THR F 206 -37.26 -42.31 105.78
N SER F 207 -37.90 -41.91 106.86
CA SER F 207 -39.01 -40.95 106.83
C SER F 207 -39.13 -40.13 108.11
N THR F 208 -39.78 -38.99 108.05
CA THR F 208 -40.06 -38.11 109.19
C THR F 208 -41.37 -37.37 108.96
N PRO F 209 -42.43 -37.67 109.73
CA PRO F 209 -43.63 -36.84 109.78
C PRO F 209 -43.27 -35.43 110.27
N HIS F 210 -43.90 -34.40 109.71
CA HIS F 210 -43.70 -33.02 110.15
C HIS F 210 -45.00 -32.29 110.53
N GLY F 211 -46.17 -32.83 110.16
CA GLY F 211 -47.47 -32.42 110.72
C GLY F 211 -47.98 -31.03 110.33
N LEU F 212 -47.20 -30.24 109.60
CA LEU F 212 -47.61 -29.00 108.95
C LEU F 212 -48.75 -29.26 107.95
N GLU F 213 -49.54 -28.24 107.66
CA GLU F 213 -50.62 -28.31 106.67
C GLU F 213 -50.12 -28.12 105.22
N MET F 214 -48.88 -27.65 105.03
CA MET F 214 -48.29 -27.33 103.72
C MET F 214 -46.90 -27.95 103.55
N VAL F 215 -46.49 -28.21 102.30
CA VAL F 215 -45.17 -28.77 101.98
C VAL F 215 -44.05 -27.82 102.45
N PRO F 216 -42.99 -28.29 103.14
CA PRO F 216 -41.91 -27.46 103.65
C PRO F 216 -40.87 -27.08 102.58
N VAL F 217 -41.33 -26.83 101.35
CA VAL F 217 -40.57 -26.31 100.22
C VAL F 217 -41.31 -25.08 99.67
N ILE F 218 -40.62 -23.94 99.55
CA ILE F 218 -41.22 -22.69 99.07
C ILE F 218 -40.42 -22.17 97.88
N PRO F 219 -41.02 -21.90 96.71
CA PRO F 219 -40.29 -21.34 95.59
C PRO F 219 -40.03 -19.85 95.79
N ILE F 220 -38.75 -19.44 95.77
CA ILE F 220 -38.38 -18.12 95.27
C ILE F 220 -38.60 -18.20 93.76
N SER F 221 -39.31 -17.25 93.18
CA SER F 221 -39.47 -17.20 91.73
C SER F 221 -39.36 -15.78 91.22
N ASN F 222 -38.70 -15.60 90.08
CA ASN F 222 -38.50 -14.32 89.43
C ASN F 222 -39.76 -13.94 88.64
N ARG F 223 -40.87 -13.69 89.33
CA ARG F 223 -42.16 -13.30 88.74
C ARG F 223 -41.99 -11.99 87.96
N THR F 224 -42.07 -12.02 86.64
CA THR F 224 -41.96 -10.78 85.85
C THR F 224 -43.24 -9.93 85.91
N ARG F 225 -44.40 -10.61 85.96
CA ARG F 225 -45.77 -10.07 85.94
C ARG F 225 -46.74 -11.17 86.42
N LEU F 226 -48.01 -10.90 86.66
CA LEU F 226 -48.95 -11.94 87.15
C LEU F 226 -49.02 -13.14 86.20
N SER F 227 -49.12 -12.91 84.90
CA SER F 227 -49.20 -13.98 83.89
C SER F 227 -47.95 -14.87 83.83
N ASP F 228 -46.82 -14.46 84.41
CA ASP F 228 -45.59 -15.24 84.49
C ASP F 228 -45.65 -16.20 85.69
N LEU F 229 -46.43 -17.27 85.57
CA LEU F 229 -46.88 -18.09 86.69
C LEU F 229 -45.75 -18.74 87.51
N TYR F 230 -44.68 -19.16 86.86
CA TYR F 230 -43.56 -19.86 87.51
C TYR F 230 -42.30 -19.01 87.67
N GLY F 231 -42.32 -17.78 87.18
CA GLY F 231 -41.13 -16.95 87.04
C GLY F 231 -40.23 -17.38 85.88
N THR F 232 -39.42 -16.46 85.37
CA THR F 232 -38.57 -16.65 84.18
C THR F 232 -37.16 -16.12 84.37
N SER F 233 -36.22 -16.59 83.56
CA SER F 233 -34.82 -16.15 83.62
C SER F 233 -34.68 -14.65 83.46
N GLU F 234 -33.82 -14.02 84.26
CA GLU F 234 -33.52 -12.59 84.15
C GLU F 234 -32.77 -12.25 82.85
N ILE F 235 -32.03 -13.22 82.29
CA ILE F 235 -31.31 -13.09 81.03
C ILE F 235 -32.34 -13.17 79.88
N SER F 236 -33.04 -12.08 79.62
CA SER F 236 -34.18 -11.99 78.69
C SER F 236 -33.79 -12.20 77.22
N PRO F 237 -34.72 -12.57 76.33
CA PRO F 237 -34.41 -12.91 74.94
C PRO F 237 -33.68 -11.82 74.17
N GLU F 238 -33.98 -10.55 74.45
CA GLU F 238 -33.26 -9.43 73.85
C GLU F 238 -31.80 -9.35 74.33
N LEU F 239 -31.52 -9.59 75.61
CA LEU F 239 -30.16 -9.59 76.13
C LEU F 239 -29.37 -10.82 75.65
N ARG F 240 -30.04 -11.96 75.40
CA ARG F 240 -29.42 -13.09 74.69
C ARG F 240 -29.06 -12.70 73.26
N SER F 241 -29.98 -12.08 72.53
CA SER F 241 -29.76 -11.75 71.12
C SER F 241 -28.66 -10.71 70.90
N VAL F 242 -28.48 -9.71 71.77
CA VAL F 242 -27.34 -8.78 71.68
C VAL F 242 -26.03 -9.42 72.12
N THR F 243 -26.06 -10.38 73.05
CA THR F 243 -24.88 -11.14 73.45
C THR F 243 -24.35 -11.99 72.30
N ASP F 244 -25.20 -12.76 71.65
CA ASP F 244 -24.81 -13.56 70.49
C ASP F 244 -24.41 -12.69 69.30
N ALA F 245 -25.10 -11.58 69.06
CA ALA F 245 -24.71 -10.64 68.01
C ALA F 245 -23.29 -10.11 68.21
N ALA F 246 -22.96 -9.62 69.41
CA ALA F 246 -21.63 -9.10 69.71
C ALA F 246 -20.55 -10.18 69.65
N ALA F 247 -20.84 -11.42 70.03
CA ALA F 247 -19.88 -12.52 69.94
C ALA F 247 -19.49 -12.81 68.49
N GLN F 248 -20.41 -12.72 67.54
CA GLN F 248 -20.06 -12.87 66.13
C GLN F 248 -19.15 -11.75 65.65
N ILE F 249 -19.39 -10.49 66.04
CA ILE F 249 -18.54 -9.36 65.63
C ILE F 249 -17.12 -9.54 66.17
N LEU F 250 -16.95 -9.97 67.41
CA LEU F 250 -15.63 -10.22 67.98
C LEU F 250 -14.87 -11.32 67.23
N MET F 251 -15.52 -12.44 66.87
CA MET F 251 -14.87 -13.46 66.06
C MET F 251 -14.51 -12.96 64.67
N ASN F 252 -15.40 -12.25 63.97
CA ASN F 252 -15.06 -11.71 62.65
C ASN F 252 -13.92 -10.70 62.73
N MET F 253 -13.90 -9.80 63.71
CA MET F 253 -12.81 -8.83 63.89
C MET F 253 -11.49 -9.54 64.17
N GLN F 254 -11.47 -10.51 65.08
CA GLN F 254 -10.27 -11.28 65.42
C GLN F 254 -9.77 -12.10 64.23
N GLY F 255 -10.65 -12.79 63.51
CA GLY F 255 -10.28 -13.52 62.30
C GLY F 255 -9.72 -12.59 61.22
N THR F 256 -10.30 -11.40 61.06
CA THR F 256 -9.79 -10.41 60.12
C THR F 256 -8.40 -9.94 60.53
N ALA F 257 -8.15 -9.69 61.81
CA ALA F 257 -6.83 -9.32 62.29
C ALA F 257 -5.77 -10.41 62.01
N ASN F 258 -6.13 -11.68 62.16
CA ASN F 258 -5.23 -12.81 61.91
C ASN F 258 -4.92 -13.07 60.44
N LEU F 259 -5.67 -12.51 59.49
CA LEU F 259 -5.64 -12.99 58.11
C LEU F 259 -5.68 -11.90 57.04
N MET F 260 -6.04 -10.66 57.37
CA MET F 260 -6.32 -9.62 56.36
C MET F 260 -6.14 -8.17 56.84
N ALA F 261 -5.72 -7.91 58.08
CA ALA F 261 -5.49 -6.55 58.57
C ALA F 261 -4.21 -5.88 58.04
N ILE F 262 -3.50 -6.50 57.09
CA ILE F 262 -2.33 -5.97 56.41
C ILE F 262 -2.50 -6.05 54.90
N PRO F 263 -1.87 -5.17 54.10
CA PRO F 263 -1.90 -5.26 52.66
C PRO F 263 -1.42 -6.62 52.17
N GLN F 264 -1.96 -7.13 51.07
CA GLN F 264 -1.39 -8.30 50.38
C GLN F 264 -0.65 -7.81 49.15
N ARG F 265 0.60 -8.24 48.95
CA ARG F 265 1.53 -7.67 47.97
C ARG F 265 1.65 -8.60 46.76
N LEU F 266 1.44 -8.06 45.57
CA LEU F 266 1.37 -8.81 44.31
C LEU F 266 2.37 -8.25 43.29
N ILE F 267 2.92 -9.10 42.44
CA ILE F 267 3.67 -8.70 41.24
C ILE F 267 3.10 -9.44 40.06
N PHE F 268 2.79 -8.74 38.98
CA PHE F 268 2.25 -9.33 37.75
C PHE F 268 3.25 -9.18 36.60
N GLY F 269 3.24 -10.14 35.68
CA GLY F 269 4.06 -10.13 34.47
C GLY F 269 5.51 -10.58 34.68
N ALA F 270 5.91 -10.93 35.90
CA ALA F 270 7.23 -11.47 36.19
C ALA F 270 7.18 -13.00 36.22
N LYS F 271 7.93 -13.66 35.34
CA LYS F 271 8.00 -15.13 35.28
C LYS F 271 8.67 -15.72 36.54
N PRO F 272 8.08 -16.70 37.23
CA PRO F 272 8.71 -17.34 38.39
C PRO F 272 10.15 -17.82 38.14
N GLU F 273 10.44 -18.38 36.97
CA GLU F 273 11.79 -18.81 36.62
C GLU F 273 12.78 -17.65 36.43
N GLU F 274 12.33 -16.46 36.02
CA GLU F 274 13.18 -15.27 35.95
C GLU F 274 13.45 -14.71 37.34
N LEU F 275 12.46 -14.73 38.22
CA LEU F 275 12.62 -14.40 39.64
C LEU F 275 13.49 -15.42 40.40
N GLY F 276 13.84 -16.55 39.79
CA GLY F 276 14.66 -17.59 40.41
C GLY F 276 13.93 -18.39 41.49
N ILE F 277 12.61 -18.47 41.41
CA ILE F 277 11.77 -19.19 42.37
C ILE F 277 12.05 -20.69 42.27
N ASN F 278 12.30 -21.34 43.40
CA ASN F 278 12.68 -22.76 43.44
C ASN F 278 11.53 -23.68 42.99
N ALA F 279 11.77 -24.54 42.01
CA ALA F 279 10.72 -25.38 41.41
C ALA F 279 10.17 -26.47 42.34
N GLU F 280 10.93 -26.94 43.33
CA GLU F 280 10.46 -27.96 44.28
C GLU F 280 9.48 -27.39 45.32
N THR F 281 9.52 -26.08 45.60
CA THR F 281 8.80 -25.47 46.74
C THR F 281 7.95 -24.25 46.38
N GLY F 282 8.15 -23.63 45.22
CA GLY F 282 7.39 -22.45 44.79
C GLY F 282 7.75 -21.15 45.52
N GLN F 283 8.87 -21.11 46.25
CA GLN F 283 9.31 -19.98 47.07
C GLN F 283 10.71 -19.48 46.68
N ARG F 284 10.99 -18.20 46.90
CA ARG F 284 12.36 -17.68 47.02
C ARG F 284 12.50 -16.84 48.28
N MET F 285 13.45 -17.15 49.14
CA MET F 285 13.82 -16.27 50.24
C MET F 285 14.66 -15.09 49.73
N PHE F 286 14.40 -13.89 50.21
CA PHE F 286 15.27 -12.72 49.99
C PHE F 286 15.51 -11.96 51.29
N ASP F 287 16.75 -11.54 51.55
CA ASP F 287 17.06 -10.82 52.79
C ASP F 287 16.43 -9.43 52.78
N ALA F 288 15.62 -9.13 53.80
CA ALA F 288 14.65 -8.03 53.80
C ALA F 288 14.91 -6.95 54.86
N TYR F 289 16.15 -6.72 55.27
CA TYR F 289 16.48 -5.58 56.14
C TYR F 289 16.06 -4.26 55.47
N MET F 290 15.66 -3.28 56.28
CA MET F 290 14.70 -2.25 55.88
C MET F 290 14.89 -1.57 54.53
N ALA F 291 16.00 -0.90 54.27
CA ALA F 291 16.07 0.04 53.16
C ALA F 291 16.50 -0.56 51.80
N ARG F 292 16.69 -1.87 51.70
CA ARG F 292 17.11 -2.56 50.47
C ARG F 292 16.07 -2.41 49.36
N ILE F 293 16.51 -2.13 48.14
CA ILE F 293 15.64 -1.92 46.97
C ILE F 293 15.70 -3.17 46.10
N LEU F 294 14.56 -3.77 45.74
CA LEU F 294 14.53 -4.88 44.79
C LEU F 294 14.58 -4.36 43.36
N ALA F 295 15.23 -5.05 42.44
CA ALA F 295 15.23 -4.72 41.02
C ALA F 295 14.92 -5.95 40.18
N PHE F 296 14.00 -5.83 39.23
CA PHE F 296 13.56 -6.93 38.37
C PHE F 296 13.79 -6.62 36.90
N GLU F 297 14.14 -7.62 36.10
CA GLU F 297 14.23 -7.48 34.63
C GLU F 297 12.93 -6.95 34.01
N GLY F 298 11.78 -7.34 34.56
CA GLY F 298 10.53 -6.56 34.45
C GLY F 298 10.04 -6.24 33.04
N GLY F 299 10.17 -7.18 32.10
CA GLY F 299 9.67 -7.02 30.73
C GLY F 299 8.13 -7.04 30.62
N GLU F 300 7.62 -6.88 29.41
CA GLU F 300 6.23 -7.14 29.01
C GLU F 300 5.15 -6.53 29.92
N GLY F 301 5.37 -5.32 30.44
CA GLY F 301 4.41 -4.59 31.27
C GLY F 301 4.33 -5.07 32.73
N ALA F 302 5.36 -5.76 33.23
CA ALA F 302 5.42 -6.20 34.62
C ALA F 302 5.32 -5.01 35.59
N HIS F 303 4.55 -5.17 36.67
CA HIS F 303 4.33 -4.15 37.68
C HIS F 303 3.88 -4.75 39.02
N ALA F 304 4.08 -4.03 40.10
CA ALA F 304 3.61 -4.37 41.44
C ALA F 304 2.23 -3.76 41.72
N GLU F 305 1.41 -4.43 42.53
CA GLU F 305 0.16 -3.87 43.07
C GLU F 305 -0.29 -4.62 44.32
N GLN F 306 -1.37 -4.18 44.96
CA GLN F 306 -1.80 -4.71 46.26
C GLN F 306 -3.30 -4.97 46.33
N PHE F 307 -3.71 -5.87 47.21
CA PHE F 307 -5.04 -5.79 47.82
C PHE F 307 -4.96 -4.96 49.09
N SER F 308 -6.01 -4.21 49.42
CA SER F 308 -6.06 -3.41 50.64
C SER F 308 -6.12 -4.27 51.89
N ALA F 309 -5.61 -3.74 52.99
CA ALA F 309 -5.96 -4.24 54.32
C ALA F 309 -7.47 -4.06 54.56
N ALA F 310 -8.10 -4.98 55.28
CA ALA F 310 -9.41 -4.71 55.87
C ALA F 310 -9.26 -3.74 57.04
N GLU F 311 -10.17 -2.79 57.16
CA GLU F 311 -10.13 -1.72 58.15
C GLU F 311 -10.83 -2.15 59.45
N LEU F 312 -10.08 -2.54 60.50
CA LEU F 312 -10.71 -3.20 61.67
C LEU F 312 -11.68 -2.29 62.44
N ARG F 313 -11.47 -0.98 62.42
CA ARG F 313 -12.42 0.00 63.00
C ARG F 313 -13.81 -0.04 62.38
N ASN F 314 -14.00 -0.64 61.21
CA ASN F 314 -15.32 -0.90 60.66
C ASN F 314 -16.13 -1.84 61.58
N PHE F 315 -15.52 -2.89 62.12
CA PHE F 315 -16.16 -3.77 63.11
C PHE F 315 -16.30 -3.09 64.46
N VAL F 316 -15.33 -2.27 64.87
CA VAL F 316 -15.42 -1.55 66.15
C VAL F 316 -16.60 -0.58 66.17
N ASP F 317 -16.95 0.03 65.04
CA ASP F 317 -18.16 0.85 64.94
C ASP F 317 -19.46 0.03 65.13
N ALA F 318 -19.45 -1.29 64.89
CA ALA F 318 -20.56 -2.16 65.25
C ALA F 318 -20.51 -2.60 66.71
N LEU F 319 -19.33 -2.86 67.28
CA LEU F 319 -19.19 -3.17 68.70
C LEU F 319 -19.68 -2.01 69.58
N ASP F 320 -19.34 -0.77 69.25
CA ASP F 320 -19.84 0.39 69.97
C ASP F 320 -21.37 0.48 69.92
N ALA F 321 -21.99 0.21 68.77
CA ALA F 321 -23.44 0.22 68.65
C ALA F 321 -24.10 -0.88 69.50
N LEU F 322 -23.59 -2.10 69.47
CA LEU F 322 -24.14 -3.19 70.28
C LEU F 322 -23.90 -2.98 71.78
N ASP F 323 -22.82 -2.32 72.21
CA ASP F 323 -22.69 -1.91 73.60
C ASP F 323 -23.79 -0.94 74.02
N ARG F 324 -24.16 0.04 73.18
CA ARG F 324 -25.28 0.95 73.49
C ARG F 324 -26.60 0.20 73.58
N LYS F 325 -26.85 -0.80 72.73
CA LYS F 325 -28.03 -1.66 72.87
C LYS F 325 -27.99 -2.48 74.15
N ALA F 326 -26.90 -3.17 74.46
CA ALA F 326 -26.84 -3.97 75.68
C ALA F 326 -26.99 -3.12 76.95
N ALA F 327 -26.47 -1.90 76.97
CA ALA F 327 -26.70 -0.96 78.06
C ALA F 327 -28.16 -0.51 78.13
N SER F 328 -28.78 -0.19 76.99
CA SER F 328 -30.20 0.14 76.89
C SER F 328 -31.10 -0.96 77.44
N TYR F 329 -30.92 -2.21 77.01
CA TYR F 329 -31.77 -3.32 77.43
C TYR F 329 -31.60 -3.65 78.91
N SER F 330 -30.36 -3.62 79.42
CA SER F 330 -30.07 -4.03 80.80
C SER F 330 -30.45 -2.97 81.84
N GLY F 331 -30.26 -1.69 81.53
CA GLY F 331 -30.49 -0.60 82.50
C GLY F 331 -29.37 -0.41 83.51
N LEU F 332 -28.20 -1.02 83.28
CA LEU F 332 -26.98 -0.76 84.03
C LEU F 332 -26.53 0.69 83.82
N PRO F 333 -25.77 1.29 84.75
CA PRO F 333 -25.06 2.55 84.48
C PRO F 333 -24.23 2.44 83.20
N PRO F 334 -24.08 3.50 82.41
CA PRO F 334 -23.40 3.41 81.11
C PRO F 334 -21.92 3.04 81.25
N GLN F 335 -21.27 3.40 82.35
CA GLN F 335 -19.86 3.07 82.59
C GLN F 335 -19.61 1.58 82.89
N TYR F 336 -20.64 0.73 83.03
CA TYR F 336 -20.43 -0.72 83.13
C TYR F 336 -20.13 -1.34 81.75
N LEU F 337 -20.80 -0.89 80.69
CA LEU F 337 -20.72 -1.47 79.34
C LEU F 337 -20.02 -0.52 78.36
N SER F 338 -20.63 0.65 78.08
CA SER F 338 -20.10 1.63 77.12
C SER F 338 -18.68 2.09 77.46
N SER F 339 -18.37 2.15 78.77
CA SER F 339 -17.04 2.30 79.39
C SER F 339 -16.26 3.60 79.11
N SER F 340 -16.22 4.09 77.87
CA SER F 340 -15.59 5.37 77.50
C SER F 340 -16.42 6.60 77.91
N SER F 341 -17.73 6.41 78.14
CA SER F 341 -18.68 7.45 78.57
C SER F 341 -18.29 8.10 79.91
N ASP F 342 -18.73 9.34 80.12
CA ASP F 342 -18.36 10.17 81.27
C ASP F 342 -18.67 9.52 82.63
N ASN F 343 -17.68 9.50 83.52
CA ASN F 343 -17.87 9.06 84.91
C ASN F 343 -18.71 10.10 85.70
N PRO F 344 -19.79 9.69 86.41
CA PRO F 344 -20.61 10.61 87.21
C PRO F 344 -19.80 11.45 88.22
N ALA F 345 -19.84 12.77 88.07
CA ALA F 345 -18.94 13.69 88.76
C ALA F 345 -19.33 14.08 90.21
N SER F 346 -20.55 13.75 90.65
CA SER F 346 -21.14 14.26 91.89
C SER F 346 -22.22 13.31 92.44
N ALA F 347 -22.59 13.44 93.71
CA ALA F 347 -23.57 12.58 94.37
C ALA F 347 -24.93 12.55 93.65
N GLU F 348 -25.41 13.69 93.13
CA GLU F 348 -26.65 13.72 92.36
C GLU F 348 -26.48 13.02 91.01
N ALA F 349 -25.34 13.19 90.33
CA ALA F 349 -25.06 12.48 89.08
C ALA F 349 -24.99 10.96 89.26
N ILE F 350 -24.49 10.49 90.40
CA ILE F 350 -24.53 9.06 90.77
C ILE F 350 -25.98 8.61 90.91
N LYS F 351 -26.80 9.32 91.69
CA LYS F 351 -28.21 8.95 91.86
C LYS F 351 -29.00 8.99 90.54
N ALA F 352 -28.59 9.81 89.57
CA ALA F 352 -29.14 9.78 88.22
C ALA F 352 -28.68 8.54 87.43
N ALA F 353 -27.38 8.26 87.35
CA ALA F 353 -26.86 7.17 86.54
C ALA F 353 -27.29 5.78 87.03
N GLU F 354 -27.20 5.50 88.33
CA GLU F 354 -27.74 4.29 88.94
C GLU F 354 -29.27 4.20 88.98
N SER F 355 -30.04 5.23 88.64
CA SER F 355 -31.49 5.28 88.93
C SER F 355 -32.28 4.06 88.44
N ARG F 356 -32.06 3.57 87.22
CA ARG F 356 -32.80 2.41 86.70
C ARG F 356 -32.32 1.08 87.28
N LEU F 357 -31.03 0.91 87.54
CA LEU F 357 -30.53 -0.27 88.22
C LEU F 357 -31.03 -0.34 89.66
N VAL F 358 -30.99 0.76 90.42
CA VAL F 358 -31.52 0.80 91.79
C VAL F 358 -32.98 0.44 91.81
N LYS F 359 -33.80 1.01 90.92
CA LYS F 359 -35.23 0.71 90.89
C LYS F 359 -35.52 -0.73 90.49
N LYS F 360 -34.68 -1.36 89.67
CA LYS F 360 -34.78 -2.79 89.36
C LYS F 360 -34.46 -3.65 90.57
N VAL F 361 -33.41 -3.35 91.33
CA VAL F 361 -33.06 -4.08 92.55
C VAL F 361 -34.14 -3.91 93.62
N GLU F 362 -34.72 -2.72 93.79
CA GLU F 362 -35.84 -2.54 94.72
C GLU F 362 -37.05 -3.41 94.35
N ARG F 363 -37.29 -3.68 93.06
CA ARG F 363 -38.34 -4.61 92.61
C ARG F 363 -38.05 -6.04 93.05
N LYS F 364 -36.82 -6.52 92.89
CA LYS F 364 -36.42 -7.86 93.34
C LYS F 364 -36.50 -8.00 94.85
N ASN F 365 -36.17 -6.95 95.61
CA ASN F 365 -36.35 -6.96 97.06
C ASN F 365 -37.82 -7.13 97.45
N LYS F 366 -38.77 -6.53 96.73
CA LYS F 366 -40.21 -6.76 96.97
C LYS F 366 -40.58 -8.22 96.70
N ILE F 367 -40.21 -8.74 95.53
CA ILE F 367 -40.64 -10.05 95.05
C ILE F 367 -39.99 -11.20 95.83
N PHE F 368 -38.69 -11.17 96.08
CA PHE F 368 -38.02 -12.23 96.87
C PHE F 368 -38.34 -12.11 98.36
N GLY F 369 -38.64 -10.91 98.88
CA GLY F 369 -39.09 -10.74 100.26
C GLY F 369 -40.36 -11.53 100.57
N GLY F 370 -41.27 -11.63 99.61
CA GLY F 370 -42.50 -12.41 99.74
C GLY F 370 -42.27 -13.91 100.00
N ALA F 371 -41.18 -14.49 99.50
CA ALA F 371 -40.84 -15.88 99.76
C ALA F 371 -40.13 -16.07 101.10
N TRP F 372 -39.27 -15.14 101.52
CA TRP F 372 -38.60 -15.24 102.80
C TRP F 372 -39.53 -15.04 104.00
N GLU F 373 -40.56 -14.20 103.89
CA GLU F 373 -41.55 -14.14 104.97
C GLU F 373 -42.34 -15.45 105.09
N GLN F 374 -42.68 -16.12 103.98
CA GLN F 374 -43.34 -17.42 104.03
C GLN F 374 -42.43 -18.48 104.63
N ALA F 375 -41.12 -18.45 104.34
CA ALA F 375 -40.17 -19.35 104.98
C ALA F 375 -40.13 -19.15 106.49
N MET F 376 -40.16 -17.91 106.97
CA MET F 376 -40.19 -17.65 108.40
C MET F 376 -41.53 -18.03 109.04
N ARG F 377 -42.68 -17.86 108.36
CA ARG F 377 -43.96 -18.38 108.88
C ARG F 377 -43.98 -19.91 108.97
N LEU F 378 -43.54 -20.63 107.95
CA LEU F 378 -43.43 -22.10 108.01
C LEU F 378 -42.41 -22.56 109.06
N ALA F 379 -41.26 -21.91 109.18
CA ALA F 379 -40.30 -22.24 110.23
C ALA F 379 -40.88 -22.02 111.63
N TYR F 380 -41.58 -20.91 111.88
CA TYR F 380 -42.24 -20.71 113.18
C TYR F 380 -43.27 -21.80 113.47
N LYS F 381 -44.12 -22.16 112.50
CA LYS F 381 -45.11 -23.23 112.65
C LYS F 381 -44.47 -24.58 112.97
N MET F 382 -43.29 -24.86 112.43
CA MET F 382 -42.55 -26.10 112.70
C MET F 382 -41.84 -26.10 114.07
N VAL F 383 -41.35 -24.95 114.55
CA VAL F 383 -40.65 -24.86 115.84
C VAL F 383 -41.63 -24.77 117.01
N LYS F 384 -42.55 -23.80 117.00
CA LYS F 384 -43.45 -23.52 118.12
C LYS F 384 -44.72 -24.38 118.11
N GLY F 385 -45.06 -25.00 116.98
CA GLY F 385 -46.31 -25.75 116.81
C GLY F 385 -47.54 -24.86 116.75
N GLY F 386 -48.72 -25.47 116.62
CA GLY F 386 -50.00 -24.76 116.57
C GLY F 386 -50.15 -23.85 115.35
N ASP F 387 -50.76 -22.69 115.55
CA ASP F 387 -50.99 -21.66 114.53
C ASP F 387 -50.27 -20.35 114.89
N ILE F 388 -49.83 -19.60 113.88
CA ILE F 388 -49.00 -18.40 114.04
C ILE F 388 -49.79 -17.28 114.71
N PRO F 389 -49.21 -16.48 115.63
CA PRO F 389 -49.81 -15.23 116.05
C PRO F 389 -50.15 -14.36 114.83
N THR F 390 -51.36 -13.82 114.76
CA THR F 390 -51.88 -13.25 113.49
C THR F 390 -51.11 -12.04 112.97
N GLU F 391 -50.28 -11.40 113.81
CA GLU F 391 -49.37 -10.33 113.40
C GLU F 391 -48.38 -10.80 112.33
N TYR F 392 -48.00 -12.08 112.31
CA TYR F 392 -47.02 -12.61 111.37
C TYR F 392 -47.53 -12.63 109.92
N TYR F 393 -48.83 -12.52 109.68
CA TYR F 393 -49.36 -12.30 108.33
C TYR F 393 -49.10 -10.87 107.81
N ARG F 394 -48.72 -9.93 108.68
CA ARG F 394 -48.31 -8.55 108.33
C ARG F 394 -46.79 -8.35 108.41
N MET F 395 -46.01 -9.43 108.45
CA MET F 395 -44.56 -9.37 108.46
C MET F 395 -44.02 -8.62 107.24
N GLU F 396 -42.91 -7.89 107.39
CA GLU F 396 -42.20 -7.24 106.30
C GLU F 396 -40.70 -7.56 106.39
N THR F 397 -40.06 -7.90 105.27
CA THR F 397 -38.60 -7.94 105.16
C THR F 397 -38.05 -6.54 104.92
N VAL F 398 -37.02 -6.11 105.65
CA VAL F 398 -36.34 -4.83 105.47
C VAL F 398 -34.99 -5.06 104.80
N TRP F 399 -34.72 -4.36 103.70
CA TRP F 399 -33.54 -4.57 102.86
C TRP F 399 -32.65 -3.33 102.81
N ARG F 400 -31.34 -3.52 102.62
CA ARG F 400 -30.38 -2.43 102.37
C ARG F 400 -30.82 -1.61 101.16
N ASP F 401 -30.68 -0.30 101.20
CA ASP F 401 -30.92 0.57 100.04
C ASP F 401 -29.94 0.18 98.91
N PRO F 402 -30.39 -0.23 97.72
CA PRO F 402 -29.51 -0.63 96.63
C PRO F 402 -28.56 0.46 96.12
N SER F 403 -28.79 1.71 96.47
CA SER F 403 -28.01 2.87 96.00
C SER F 403 -26.55 2.78 96.40
N THR F 404 -25.65 3.25 95.53
CA THR F 404 -24.23 3.40 95.88
C THR F 404 -24.13 4.44 97.02
N PRO F 405 -23.52 4.12 98.18
CA PRO F 405 -23.53 5.01 99.34
C PRO F 405 -22.98 6.40 99.05
N THR F 406 -23.40 7.40 99.83
CA THR F 406 -22.90 8.78 99.70
C THR F 406 -22.86 9.45 101.08
N TYR F 407 -22.06 8.86 101.98
CA TYR F 407 -22.06 9.16 103.41
C TYR F 407 -21.89 10.65 103.74
N ALA F 408 -21.07 11.39 102.99
CA ALA F 408 -20.91 12.82 103.20
C ALA F 408 -22.19 13.62 102.95
N ALA F 409 -22.92 13.35 101.86
CA ALA F 409 -24.17 14.03 101.56
C ALA F 409 -25.29 13.67 102.55
N LYS F 410 -25.36 12.41 102.99
CA LYS F 410 -26.32 12.00 104.03
C LYS F 410 -26.01 12.66 105.36
N ALA F 411 -24.74 12.77 105.76
CA ALA F 411 -24.34 13.43 107.00
C ALA F 411 -24.62 14.94 107.01
N ASP F 412 -24.35 15.64 105.92
CA ASP F 412 -24.73 17.06 105.78
C ASP F 412 -26.24 17.27 105.93
N ALA F 413 -27.05 16.36 105.39
CA ALA F 413 -28.50 16.43 105.43
C ALA F 413 -29.07 16.05 106.81
N ALA F 414 -28.68 14.91 107.37
CA ALA F 414 -29.22 14.43 108.64
C ALA F 414 -28.87 15.36 109.82
N ALA F 415 -27.66 15.93 109.84
CA ALA F 415 -27.30 16.92 110.84
C ALA F 415 -28.16 18.19 110.76
N LYS F 416 -28.49 18.69 109.56
CA LYS F 416 -29.36 19.86 109.38
C LYS F 416 -30.80 19.58 109.79
N LEU F 417 -31.31 18.37 109.57
CA LEU F 417 -32.66 17.99 109.99
C LEU F 417 -32.76 17.78 111.51
N PHE F 418 -31.77 17.16 112.15
CA PHE F 418 -31.82 16.92 113.59
C PHE F 418 -31.50 18.15 114.44
N ALA F 419 -30.60 19.03 113.99
CA ALA F 419 -30.26 20.30 114.64
C ALA F 419 -30.02 20.19 116.17
N ASN F 420 -29.21 19.22 116.58
CA ASN F 420 -28.86 18.95 117.98
C ASN F 420 -30.08 18.72 118.89
N GLY F 421 -31.16 18.14 118.34
CA GLY F 421 -32.38 17.80 119.06
C GLY F 421 -33.51 18.84 118.96
N ALA F 422 -33.20 20.06 118.52
CA ALA F 422 -34.21 21.10 118.30
C ALA F 422 -34.94 20.94 116.95
N GLY F 423 -34.46 20.08 116.06
CA GLY F 423 -34.85 20.03 114.65
C GLY F 423 -36.14 19.27 114.34
N LEU F 424 -36.30 18.94 113.07
CA LEU F 424 -37.52 18.41 112.49
C LEU F 424 -37.85 16.98 112.92
N ILE F 425 -36.83 16.11 113.06
CA ILE F 425 -36.99 14.66 113.20
C ILE F 425 -36.46 14.12 114.53
N PRO F 426 -37.00 13.02 115.07
CA PRO F 426 -36.46 12.37 116.26
C PRO F 426 -35.12 11.68 115.95
N ARG F 427 -34.30 11.43 116.98
CA ARG F 427 -32.94 10.88 116.80
C ARG F 427 -32.94 9.57 116.02
N GLU F 428 -33.78 8.61 116.37
CA GLU F 428 -33.83 7.33 115.67
C GLU F 428 -34.18 7.45 114.18
N ARG F 429 -34.93 8.46 113.75
CA ARG F 429 -35.18 8.64 112.31
C ARG F 429 -33.92 9.05 111.60
N GLY F 430 -33.10 9.92 112.18
CA GLY F 430 -31.80 10.26 111.60
C GLY F 430 -30.92 9.02 111.44
N TRP F 431 -30.96 8.08 112.39
CA TRP F 431 -30.24 6.82 112.25
C TRP F 431 -30.77 5.96 111.10
N VAL F 432 -32.09 5.91 110.88
CA VAL F 432 -32.68 5.21 109.74
C VAL F 432 -32.27 5.86 108.42
N ASP F 433 -32.33 7.19 108.31
CA ASP F 433 -31.98 7.90 107.08
C ASP F 433 -30.48 7.81 106.76
N MET F 434 -29.59 7.77 107.75
CA MET F 434 -28.16 7.48 107.55
C MET F 434 -27.90 6.05 107.08
N GLY F 435 -28.89 5.17 107.11
CA GLY F 435 -28.79 3.79 106.63
C GLY F 435 -28.20 2.80 107.63
N TYR F 436 -28.13 3.13 108.92
CA TYR F 436 -27.70 2.16 109.93
C TYR F 436 -28.74 1.05 110.08
N THR F 437 -28.32 -0.21 109.93
CA THR F 437 -29.22 -1.38 109.87
C THR F 437 -29.90 -1.68 111.21
N ILE F 438 -30.98 -2.47 111.20
CA ILE F 438 -31.78 -2.77 112.40
C ILE F 438 -30.91 -3.31 113.55
N VAL F 439 -30.04 -4.27 113.26
CA VAL F 439 -29.13 -4.89 114.24
C VAL F 439 -28.05 -3.93 114.73
N GLU F 440 -27.76 -2.85 114.01
CA GLU F 440 -26.76 -1.85 114.41
C GLU F 440 -27.37 -0.68 115.19
N ARG F 441 -28.59 -0.25 114.84
CA ARG F 441 -29.34 0.69 115.69
C ARG F 441 -29.53 0.14 117.09
N GLU F 442 -29.68 -1.17 117.23
CA GLU F 442 -29.72 -1.86 118.52
C GLU F 442 -28.44 -1.68 119.35
N GLN F 443 -27.26 -1.56 118.72
CA GLN F 443 -26.02 -1.22 119.42
C GLN F 443 -25.97 0.27 119.78
N MET F 444 -26.29 1.16 118.85
CA MET F 444 -26.26 2.60 119.12
C MET F 444 -27.18 3.00 120.25
N ARG F 445 -28.35 2.39 120.34
CA ARG F 445 -29.32 2.59 121.42
C ARG F 445 -28.78 2.22 122.80
N GLN F 446 -27.69 1.46 122.86
CA GLN F 446 -26.95 1.14 124.10
C GLN F 446 -25.70 2.00 124.28
N TRP F 447 -24.89 2.25 123.25
CA TRP F 447 -23.77 3.19 123.36
C TRP F 447 -24.21 4.62 123.69
N LEU F 448 -25.36 5.06 123.19
CA LEU F 448 -25.91 6.37 123.48
C LEU F 448 -26.21 6.51 124.98
N GLU F 449 -26.75 5.48 125.61
CA GLU F 449 -26.96 5.47 127.06
C GLU F 449 -25.63 5.47 127.83
N GLN F 450 -24.63 4.69 127.42
CA GLN F 450 -23.31 4.71 128.04
C GLN F 450 -22.60 6.06 127.90
N ASP F 451 -22.78 6.76 126.78
CA ASP F 451 -22.31 8.15 126.61
C ASP F 451 -23.11 9.13 127.48
N GLN F 452 -24.43 8.95 127.62
CA GLN F 452 -25.27 9.82 128.44
C GLN F 452 -24.87 9.80 129.92
N LYS F 453 -24.36 8.68 130.44
CA LYS F 453 -23.80 8.61 131.81
C LYS F 453 -22.54 9.48 132.01
N GLN F 454 -21.85 9.88 130.94
CA GLN F 454 -20.63 10.72 131.03
C GLN F 454 -20.93 12.23 131.02
N GLY F 455 -22.12 12.65 130.56
CA GLY F 455 -22.55 14.05 130.40
C GLY F 455 -22.15 14.65 129.06
N SER G 6 -92.35 21.90 71.65
CA SER G 6 -93.11 21.77 70.40
C SER G 6 -92.94 20.38 69.79
N ILE G 7 -91.77 20.05 69.21
CA ILE G 7 -91.50 18.74 68.58
C ILE G 7 -91.51 17.61 69.63
N ASP G 8 -92.07 16.46 69.26
CA ASP G 8 -92.18 15.29 70.13
C ASP G 8 -90.82 14.58 70.34
N PRO G 9 -90.58 13.96 71.50
CA PRO G 9 -89.36 13.22 71.78
C PRO G 9 -89.01 12.14 70.75
N GLU G 10 -89.98 11.43 70.18
CA GLU G 10 -89.73 10.39 69.18
C GLU G 10 -89.11 10.97 67.91
N LYS G 11 -89.69 12.03 67.34
CA LYS G 11 -89.10 12.74 66.19
C LYS G 11 -87.77 13.38 66.55
N LEU G 12 -87.68 14.04 67.71
CA LEU G 12 -86.48 14.75 68.10
C LEU G 12 -85.29 13.80 68.36
N ARG G 13 -85.54 12.58 68.87
CA ARG G 13 -84.55 11.51 68.91
C ARG G 13 -84.09 11.13 67.51
N ASP G 14 -85.00 10.88 66.56
CA ASP G 14 -84.58 10.46 65.21
C ASP G 14 -83.82 11.56 64.46
N GLN G 15 -84.10 12.84 64.74
CA GLN G 15 -83.33 13.97 64.25
C GLN G 15 -81.92 14.02 64.85
N LEU G 16 -81.80 13.98 66.19
CA LEU G 16 -80.51 14.13 66.85
C LEU G 16 -79.59 12.92 66.67
N LEU G 17 -80.11 11.69 66.60
CA LEU G 17 -79.27 10.52 66.31
C LEU G 17 -78.63 10.60 64.92
N ASP G 18 -79.29 11.19 63.92
CA ASP G 18 -78.67 11.40 62.61
C ASP G 18 -77.54 12.44 62.68
N ALA G 19 -77.77 13.57 63.37
CA ALA G 19 -76.74 14.59 63.55
C ALA G 19 -75.53 14.07 64.35
N PHE G 20 -75.77 13.34 65.43
CA PHE G 20 -74.74 12.64 66.20
C PHE G 20 -73.93 11.68 65.33
N GLU G 21 -74.57 10.88 64.49
CA GLU G 21 -73.87 9.93 63.63
C GLU G 21 -73.10 10.61 62.50
N ASN G 22 -73.63 11.68 61.90
CA ASN G 22 -72.89 12.49 60.92
C ASN G 22 -71.65 13.15 61.54
N LYS G 23 -71.68 13.55 62.82
CA LYS G 23 -70.52 14.13 63.51
C LYS G 23 -69.33 13.18 63.54
N GLN G 24 -69.57 11.86 63.69
CA GLN G 24 -68.50 10.86 63.76
C GLN G 24 -67.62 10.81 62.52
N ASN G 25 -68.12 11.23 61.35
CA ASN G 25 -67.32 11.27 60.13
C ASN G 25 -66.18 12.30 60.18
N GLU G 26 -66.28 13.37 60.97
CA GLU G 26 -65.13 14.26 61.20
C GLU G 26 -64.28 13.85 62.40
N LEU G 27 -64.85 13.31 63.49
CA LEU G 27 -64.08 12.91 64.68
C LEU G 27 -63.05 11.82 64.37
N LYS G 28 -63.38 10.89 63.45
CA LYS G 28 -62.45 9.83 63.01
C LYS G 28 -61.16 10.40 62.42
N SER G 29 -61.19 11.59 61.82
CA SER G 29 -59.99 12.24 61.27
C SER G 29 -59.03 12.79 62.35
N SER G 30 -59.47 12.98 63.59
CA SER G 30 -58.62 13.40 64.73
C SER G 30 -58.17 12.22 65.57
N LYS G 31 -59.04 11.22 65.77
CA LYS G 31 -58.65 9.93 66.36
C LYS G 31 -57.49 9.30 65.60
N ALA G 32 -57.49 9.35 64.28
CA ALA G 32 -56.45 8.73 63.46
C ALA G 32 -55.03 9.27 63.71
N TYR G 33 -54.87 10.52 64.18
CA TYR G 33 -53.55 11.07 64.54
C TYR G 33 -53.15 10.73 65.96
N TYR G 34 -54.06 10.76 66.94
CA TYR G 34 -53.73 10.41 68.33
C TYR G 34 -53.52 8.89 68.51
N ASP G 35 -54.36 8.04 67.95
CA ASP G 35 -54.17 6.58 67.98
C ASP G 35 -53.06 6.10 67.03
N ALA G 36 -52.61 6.95 66.11
CA ALA G 36 -51.70 6.59 65.04
C ALA G 36 -52.20 5.41 64.18
N GLU G 37 -53.41 5.53 63.66
CA GLU G 37 -53.95 4.62 62.64
C GLU G 37 -53.28 4.87 61.27
N ARG G 38 -53.40 3.94 60.31
CA ARG G 38 -52.86 4.15 58.95
C ARG G 38 -53.55 5.34 58.28
N ARG G 39 -52.76 6.30 57.81
CA ARG G 39 -53.22 7.44 57.00
C ARG G 39 -52.58 7.37 55.62
N PRO G 40 -53.32 7.43 54.50
CA PRO G 40 -52.72 7.35 53.17
C PRO G 40 -51.59 8.36 52.95
N ASP G 41 -51.79 9.62 53.31
CA ASP G 41 -50.77 10.67 53.11
C ASP G 41 -49.51 10.49 53.96
N ALA G 42 -49.48 9.58 54.92
CA ALA G 42 -48.28 9.26 55.71
C ALA G 42 -47.38 8.20 55.07
N ILE G 43 -47.83 7.48 54.03
CA ILE G 43 -47.06 6.40 53.41
C ILE G 43 -45.98 6.96 52.49
N GLY G 44 -44.72 6.57 52.71
CA GLY G 44 -43.57 7.06 51.94
C GLY G 44 -43.53 6.50 50.53
N LEU G 45 -43.42 7.35 49.51
CA LEU G 45 -43.69 6.96 48.12
C LEU G 45 -42.60 6.09 47.49
N ALA G 46 -41.35 6.22 47.88
CA ALA G 46 -40.26 5.48 47.24
C ALA G 46 -40.30 3.97 47.53
N VAL G 47 -40.93 3.55 48.62
CA VAL G 47 -40.99 2.14 49.04
C VAL G 47 -41.81 1.32 48.03
N PRO G 48 -41.30 0.18 47.51
CA PRO G 48 -42.03 -0.69 46.59
C PRO G 48 -43.37 -1.20 47.12
N LEU G 49 -44.33 -1.48 46.24
CA LEU G 49 -45.72 -1.72 46.61
C LEU G 49 -45.93 -2.85 47.63
N ASP G 50 -45.13 -3.91 47.59
CA ASP G 50 -45.22 -5.02 48.54
C ASP G 50 -44.58 -4.67 49.90
N MET G 51 -43.54 -3.84 49.93
CA MET G 51 -42.93 -3.35 51.16
C MET G 51 -43.72 -2.24 51.85
N ARG G 52 -44.69 -1.60 51.19
CA ARG G 52 -45.51 -0.55 51.83
C ARG G 52 -46.39 -1.03 53.00
N LYS G 53 -46.44 -2.33 53.27
CA LYS G 53 -47.03 -2.85 54.52
C LYS G 53 -46.24 -2.41 55.77
N TYR G 54 -44.96 -2.09 55.66
CA TYR G 54 -44.09 -1.71 56.77
C TYR G 54 -44.25 -0.25 57.15
N LEU G 55 -45.43 0.11 57.64
CA LEU G 55 -45.77 1.46 58.10
C LEU G 55 -44.83 1.92 59.22
N ALA G 56 -44.62 3.23 59.33
CA ALA G 56 -43.84 3.84 60.40
C ALA G 56 -44.65 4.95 61.07
N HIS G 57 -45.30 4.64 62.19
CA HIS G 57 -46.14 5.59 62.92
C HIS G 57 -45.32 6.65 63.66
N VAL G 58 -45.88 7.85 63.82
CA VAL G 58 -45.18 9.01 64.42
C VAL G 58 -45.96 9.60 65.59
N GLY G 59 -45.26 9.86 66.70
CA GLY G 59 -45.84 10.15 68.00
C GLY G 59 -45.89 11.61 68.41
N TYR G 60 -45.74 12.58 67.50
CA TYR G 60 -45.85 13.98 67.89
C TYR G 60 -47.25 14.35 68.43
N PRO G 61 -48.38 13.95 67.82
CA PRO G 61 -49.70 14.29 68.32
C PRO G 61 -49.99 13.70 69.69
N ARG G 62 -49.62 12.44 69.91
CA ARG G 62 -49.69 11.76 71.21
C ARG G 62 -48.89 12.53 72.26
N THR G 63 -47.64 12.86 71.95
CA THR G 63 -46.73 13.58 72.84
C THR G 63 -47.27 14.95 73.20
N TYR G 64 -47.78 15.70 72.24
CA TYR G 64 -48.28 17.05 72.45
C TYR G 64 -49.55 17.08 73.30
N VAL G 65 -50.55 16.27 72.96
CA VAL G 65 -51.80 16.21 73.73
C VAL G 65 -51.55 15.66 75.13
N ASP G 66 -50.72 14.63 75.31
CA ASP G 66 -50.36 14.16 76.65
C ASP G 66 -49.66 15.25 77.47
N ALA G 67 -48.72 15.99 76.88
CA ALA G 67 -47.97 17.01 77.61
C ALA G 67 -48.84 18.18 78.10
N ILE G 68 -50.00 18.45 77.49
CA ILE G 68 -50.96 19.42 78.01
C ILE G 68 -51.80 18.74 79.10
N ALA G 69 -52.43 17.61 78.82
CA ALA G 69 -53.38 16.99 79.73
C ALA G 69 -52.74 16.49 81.04
N GLU G 70 -51.50 16.00 81.01
CA GLU G 70 -50.85 15.41 82.18
C GLU G 70 -50.36 16.42 83.24
N ARG G 71 -50.58 17.72 83.02
CA ARG G 71 -50.22 18.77 83.98
C ARG G 71 -51.34 19.78 84.24
N GLN G 72 -52.58 19.42 83.93
CA GLN G 72 -53.78 20.08 84.43
C GLN G 72 -54.29 19.34 85.65
N GLU G 73 -54.43 20.02 86.78
CA GLU G 73 -54.88 19.42 88.04
C GLU G 73 -55.69 20.45 88.80
N LEU G 74 -56.99 20.19 89.00
CA LEU G 74 -57.88 21.09 89.73
C LEU G 74 -57.72 20.92 91.24
N GLU G 75 -57.81 22.01 91.98
CA GLU G 75 -57.99 22.04 93.43
C GLU G 75 -59.22 22.92 93.78
N GLY G 76 -59.56 23.06 95.06
CA GLY G 76 -60.88 23.55 95.47
C GLY G 76 -61.34 24.87 94.83
N PHE G 77 -62.61 24.95 94.45
CA PHE G 77 -63.23 26.19 93.95
C PHE G 77 -63.16 27.32 94.96
N ARG G 78 -63.01 28.56 94.51
CA ARG G 78 -63.02 29.78 95.33
C ARG G 78 -64.33 30.52 95.14
N ILE G 79 -65.02 30.88 96.21
CA ILE G 79 -66.28 31.68 96.16
C ILE G 79 -66.16 32.89 97.10
N PRO G 80 -66.36 34.13 96.60
CA PRO G 80 -66.36 35.33 97.43
C PRO G 80 -67.48 35.37 98.47
N SER G 81 -67.43 36.33 99.39
CA SER G 81 -68.57 36.70 100.23
C SER G 81 -68.55 38.19 100.61
N ALA G 82 -69.71 38.82 100.73
CA ALA G 82 -69.85 40.22 101.10
C ALA G 82 -69.80 40.39 102.63
N ASN G 83 -68.85 41.18 103.13
CA ASN G 83 -68.53 41.38 104.55
C ASN G 83 -68.42 40.07 105.37
N GLY G 84 -68.02 38.96 104.73
CA GLY G 84 -68.07 37.63 105.31
C GLY G 84 -67.10 37.44 106.48
N GLU G 85 -67.61 36.90 107.59
CA GLU G 85 -66.84 36.66 108.82
C GLU G 85 -65.84 35.50 108.71
N GLU G 86 -66.03 34.59 107.75
CA GLU G 86 -65.23 33.37 107.55
C GLU G 86 -64.75 33.23 106.09
N PRO G 87 -63.79 34.06 105.64
CA PRO G 87 -63.22 33.97 104.30
C PRO G 87 -62.19 32.84 104.14
N GLU G 88 -61.79 32.17 105.22
CA GLU G 88 -60.82 31.07 105.24
C GLU G 88 -61.37 29.81 104.55
N SER G 89 -61.07 29.66 103.25
CA SER G 89 -61.63 28.59 102.42
C SER G 89 -61.30 27.18 102.92
N GLY G 90 -62.32 26.39 103.24
CA GLY G 90 -62.23 25.04 103.80
C GLY G 90 -63.03 24.81 105.08
N GLY G 91 -63.81 25.79 105.54
CA GLY G 91 -64.74 25.64 106.66
C GLY G 91 -65.95 24.76 106.34
N GLU G 92 -66.60 24.21 107.36
CA GLU G 92 -67.64 23.18 107.18
C GLU G 92 -68.91 23.66 106.45
N ASN G 93 -69.22 24.96 106.52
CA ASN G 93 -70.36 25.59 105.85
C ASN G 93 -70.01 26.27 104.51
N ASP G 94 -68.76 26.24 104.06
CA ASP G 94 -68.36 27.01 102.87
C ASP G 94 -68.98 26.47 101.57
N PRO G 95 -69.38 27.36 100.65
CA PRO G 95 -69.62 27.01 99.25
C PRO G 95 -68.45 26.23 98.62
N ALA G 96 -67.21 26.63 98.91
CA ALA G 96 -66.02 25.93 98.42
C ALA G 96 -65.96 24.46 98.89
N SER G 97 -66.33 24.20 100.14
CA SER G 97 -66.29 22.86 100.72
C SER G 97 -67.37 21.94 100.16
N GLU G 98 -68.61 22.40 99.96
CA GLU G 98 -69.63 21.51 99.36
C GLU G 98 -69.30 21.18 97.91
N LEU G 99 -68.88 22.14 97.08
CA LEU G 99 -68.58 21.87 95.68
C LEU G 99 -67.36 20.95 95.54
N TRP G 100 -66.36 21.09 96.40
CA TRP G 100 -65.24 20.15 96.42
C TRP G 100 -65.62 18.78 96.97
N ASP G 101 -66.55 18.69 97.93
CA ASP G 101 -67.05 17.38 98.37
C ASP G 101 -67.73 16.62 97.22
N TRP G 102 -68.53 17.30 96.40
CA TRP G 102 -69.13 16.67 95.22
C TRP G 102 -68.09 16.30 94.17
N TRP G 103 -67.02 17.08 94.02
CA TRP G 103 -65.91 16.73 93.13
C TRP G 103 -65.25 15.42 93.53
N GLN G 104 -64.93 15.24 94.81
CA GLN G 104 -64.38 13.99 95.33
C GLN G 104 -65.39 12.83 95.26
N ALA G 105 -66.63 13.02 95.69
CA ALA G 105 -67.62 11.95 95.72
C ALA G 105 -67.94 11.36 94.34
N ASN G 106 -67.77 12.15 93.27
CA ASN G 106 -67.89 11.71 91.88
C ASN G 106 -66.58 11.18 91.27
N ASN G 107 -65.45 11.22 91.97
CA ASN G 107 -64.11 10.93 91.43
C ASN G 107 -63.73 11.80 90.22
N LEU G 108 -64.18 13.06 90.16
CA LEU G 108 -63.85 13.92 89.03
C LEU G 108 -62.35 14.21 88.93
N ASP G 109 -61.58 14.06 90.00
CA ASP G 109 -60.13 14.11 89.94
C ASP G 109 -59.50 12.95 89.14
N ILE G 110 -60.23 11.87 88.87
CA ILE G 110 -59.90 10.86 87.84
C ILE G 110 -60.63 11.19 86.54
N GLU G 111 -61.94 11.40 86.56
CA GLU G 111 -62.72 11.46 85.33
C GLU G 111 -62.51 12.76 84.53
N ALA G 112 -62.25 13.90 85.16
CA ALA G 112 -61.99 15.14 84.44
C ALA G 112 -60.66 15.08 83.69
N THR G 113 -59.59 14.54 84.29
CA THR G 113 -58.31 14.43 83.58
C THR G 113 -58.40 13.50 82.38
N LEU G 114 -59.24 12.45 82.42
CA LEU G 114 -59.59 11.71 81.19
C LEU G 114 -60.31 12.63 80.21
N GLY G 115 -61.41 13.26 80.62
CA GLY G 115 -62.25 14.08 79.74
C GLY G 115 -61.54 15.26 79.08
N HIS G 116 -60.48 15.79 79.68
CA HIS G 116 -59.69 16.82 79.05
C HIS G 116 -58.88 16.28 77.86
N THR G 117 -58.48 15.00 77.83
CA THR G 117 -57.86 14.45 76.61
C THR G 117 -58.85 14.42 75.46
N ASP G 118 -60.07 13.91 75.63
CA ASP G 118 -61.09 13.97 74.60
C ASP G 118 -61.42 15.41 74.19
N ALA G 119 -61.45 16.36 75.14
CA ALA G 119 -61.66 17.77 74.82
C ALA G 119 -60.54 18.33 73.94
N LEU G 120 -59.28 17.94 74.17
CA LEU G 120 -58.15 18.36 73.34
C LEU G 120 -58.10 17.62 72.00
N ILE G 121 -58.34 16.31 71.98
CA ILE G 121 -58.26 15.50 70.76
C ILE G 121 -59.37 15.86 69.79
N TYR G 122 -60.63 15.85 70.23
CA TYR G 122 -61.79 16.09 69.37
C TYR G 122 -62.24 17.54 69.32
N GLY G 123 -61.89 18.35 70.32
CA GLY G 123 -62.30 19.75 70.44
C GLY G 123 -63.49 20.00 71.37
N THR G 124 -64.19 18.96 71.84
CA THR G 124 -65.28 19.10 72.82
C THR G 124 -65.45 17.83 73.65
N ALA G 125 -65.89 17.95 74.90
CA ALA G 125 -66.43 16.86 75.70
C ALA G 125 -67.54 17.41 76.59
N TYR G 126 -68.52 16.63 77.01
CA TYR G 126 -69.74 17.16 77.64
C TYR G 126 -69.88 16.70 79.08
N ILE G 127 -69.95 17.65 80.02
CA ILE G 127 -70.32 17.39 81.41
C ILE G 127 -71.83 17.26 81.48
N THR G 128 -72.34 16.30 82.25
CA THR G 128 -73.77 16.05 82.47
C THR G 128 -74.05 16.01 83.96
N ILE G 129 -75.24 16.44 84.38
CA ILE G 129 -75.62 16.55 85.79
C ILE G 129 -76.99 15.88 86.01
N SER G 130 -77.15 15.12 87.09
CA SER G 130 -78.45 14.55 87.50
C SER G 130 -78.41 14.11 88.97
N MET G 131 -79.56 13.85 89.59
CA MET G 131 -79.58 13.10 90.85
C MET G 131 -79.51 11.59 90.57
N PRO G 132 -78.87 10.78 91.43
CA PRO G 132 -78.79 9.34 91.22
C PRO G 132 -80.15 8.67 91.39
N ASP G 133 -80.55 7.83 90.43
CA ASP G 133 -81.71 6.94 90.53
C ASP G 133 -81.35 5.66 91.30
N PRO G 134 -81.85 5.45 92.54
CA PRO G 134 -81.35 4.39 93.41
C PRO G 134 -81.78 2.98 93.01
N GLU G 135 -82.77 2.82 92.13
CA GLU G 135 -83.29 1.51 91.71
C GLU G 135 -82.26 0.65 90.95
N VAL G 136 -81.14 1.23 90.52
CA VAL G 136 -80.03 0.52 89.84
C VAL G 136 -79.06 -0.14 90.84
N ASP G 137 -79.23 0.06 92.15
CA ASP G 137 -78.35 -0.46 93.23
C ASP G 137 -76.88 -0.02 93.10
N PHE G 138 -76.65 1.25 92.77
CA PHE G 138 -75.32 1.84 92.58
C PHE G 138 -74.45 1.89 93.84
N ASP G 139 -73.13 1.94 93.65
CA ASP G 139 -72.12 2.24 94.67
C ASP G 139 -71.76 3.74 94.73
N VAL G 140 -72.78 4.62 94.80
CA VAL G 140 -72.62 6.08 94.89
C VAL G 140 -73.31 6.64 96.13
N ASP G 141 -72.80 7.74 96.67
CA ASP G 141 -73.43 8.44 97.79
C ASP G 141 -74.77 9.05 97.34
N PRO G 142 -75.94 8.70 97.91
CA PRO G 142 -77.22 9.09 97.32
C PRO G 142 -77.58 10.58 97.50
N GLU G 143 -76.93 11.31 98.39
CA GLU G 143 -77.17 12.75 98.61
C GLU G 143 -76.42 13.69 97.64
N VAL G 144 -75.33 13.26 97.00
CA VAL G 144 -74.60 14.11 96.03
C VAL G 144 -75.23 14.02 94.64
N PRO G 145 -75.16 15.06 93.80
CA PRO G 145 -75.57 14.93 92.42
C PRO G 145 -74.53 14.09 91.68
N LEU G 146 -74.97 13.24 90.75
CA LEU G 146 -74.08 12.66 89.75
C LEU G 146 -73.64 13.75 88.79
N ILE G 147 -72.34 13.95 88.69
CA ILE G 147 -71.72 14.76 87.65
C ILE G 147 -70.85 13.81 86.83
N ARG G 148 -71.07 13.69 85.53
CA ARG G 148 -70.32 12.79 84.64
C ARG G 148 -69.89 13.52 83.39
N VAL G 149 -68.63 13.34 82.97
CA VAL G 149 -68.10 13.91 81.74
C VAL G 149 -68.01 12.82 80.68
N GLU G 150 -68.58 13.06 79.50
CA GLU G 150 -68.82 12.06 78.47
C GLU G 150 -68.41 12.56 77.07
N PRO G 151 -67.78 11.72 76.24
CA PRO G 151 -67.07 12.16 75.05
C PRO G 151 -68.00 12.44 73.87
N PRO G 152 -67.53 13.16 72.83
CA PRO G 152 -68.33 13.46 71.64
C PRO G 152 -68.57 12.24 70.73
N THR G 153 -67.91 11.11 71.01
CA THR G 153 -68.23 9.81 70.42
C THR G 153 -69.42 9.12 71.09
N ALA G 154 -70.01 9.70 72.12
CA ALA G 154 -71.14 9.14 72.87
C ALA G 154 -72.27 10.14 73.17
N LEU G 155 -71.98 11.43 73.24
CA LEU G 155 -72.97 12.47 73.54
C LEU G 155 -72.82 13.63 72.56
N TYR G 156 -73.93 14.17 72.07
CA TYR G 156 -73.97 15.29 71.13
C TYR G 156 -75.02 16.31 71.53
N ALA G 157 -74.72 17.59 71.35
CA ALA G 157 -75.52 18.69 71.83
C ALA G 157 -75.63 19.79 70.77
N GLU G 158 -76.82 20.36 70.59
CA GLU G 158 -77.06 21.46 69.64
C GLU G 158 -77.01 22.80 70.36
N VAL G 159 -76.15 23.72 69.92
CA VAL G 159 -75.96 25.04 70.52
C VAL G 159 -76.61 26.10 69.64
N ASP G 160 -77.47 26.95 70.23
CA ASP G 160 -78.03 28.10 69.52
C ASP G 160 -76.99 29.23 69.46
N PRO G 161 -76.52 29.64 68.27
CA PRO G 161 -75.52 30.71 68.17
C PRO G 161 -76.06 32.09 68.60
N ARG G 162 -77.38 32.26 68.77
CA ARG G 162 -77.98 33.49 69.33
C ARG G 162 -77.59 33.69 70.80
N THR G 163 -77.88 32.68 71.63
CA THR G 163 -77.69 32.72 73.09
C THR G 163 -76.37 32.11 73.53
N ARG G 164 -75.66 31.41 72.62
CA ARG G 164 -74.38 30.74 72.87
C ARG G 164 -74.51 29.67 73.96
N LYS G 165 -75.63 28.95 73.96
CA LYS G 165 -76.04 27.95 74.96
C LYS G 165 -76.71 26.74 74.31
N VAL G 166 -76.61 25.56 74.93
CA VAL G 166 -77.20 24.31 74.42
C VAL G 166 -78.73 24.36 74.49
N LEU G 167 -79.42 23.96 73.43
CA LEU G 167 -80.88 23.78 73.41
C LEU G 167 -81.30 22.43 73.97
N TYR G 168 -80.76 21.35 73.40
CA TYR G 168 -81.06 19.95 73.66
C TYR G 168 -79.93 19.03 73.20
N ALA G 169 -79.88 17.80 73.73
CA ALA G 169 -78.75 16.90 73.52
C ALA G 169 -79.15 15.42 73.61
N ILE G 170 -78.41 14.55 72.92
CA ILE G 170 -78.63 13.11 72.86
C ILE G 170 -77.37 12.37 73.29
N ARG G 171 -77.46 11.42 74.22
CA ARG G 171 -76.43 10.41 74.45
C ARG G 171 -76.85 9.12 73.77
N ALA G 172 -75.98 8.53 72.98
CA ALA G 172 -76.21 7.25 72.32
C ALA G 172 -75.15 6.23 72.71
N ILE G 173 -75.54 5.15 73.37
CA ILE G 173 -74.64 4.07 73.77
C ILE G 173 -74.54 3.08 72.62
N TYR G 174 -73.46 3.10 71.84
CA TYR G 174 -73.29 2.30 70.62
C TYR G 174 -72.97 0.80 70.87
N GLY G 175 -73.42 0.27 72.01
CA GLY G 175 -73.49 -1.16 72.29
C GLY G 175 -72.15 -1.89 72.42
N ALA G 176 -72.22 -3.23 72.42
CA ALA G 176 -71.05 -4.08 72.36
C ALA G 176 -70.44 -4.10 70.94
N ASP G 177 -69.12 -3.97 70.86
CA ASP G 177 -68.32 -4.04 69.62
C ASP G 177 -68.79 -3.12 68.47
N GLY G 178 -69.47 -2.01 68.79
CA GLY G 178 -69.85 -0.97 67.83
C GLY G 178 -70.98 -1.36 66.85
N ASN G 179 -71.72 -2.44 67.12
CA ASN G 179 -72.73 -2.96 66.21
C ASN G 179 -73.95 -2.03 66.03
N GLU G 180 -74.53 -1.57 67.13
CA GLU G 180 -75.87 -0.96 67.16
C GLU G 180 -76.07 -0.09 68.41
N ILE G 181 -77.02 0.84 68.38
CA ILE G 181 -77.31 1.71 69.53
C ILE G 181 -78.16 0.95 70.55
N VAL G 182 -77.56 0.51 71.65
CA VAL G 182 -78.22 -0.25 72.72
C VAL G 182 -79.15 0.63 73.55
N SER G 183 -78.83 1.90 73.77
CA SER G 183 -79.74 2.85 74.39
C SER G 183 -79.48 4.29 73.94
N ALA G 184 -80.49 5.13 74.07
CA ALA G 184 -80.40 6.55 73.79
C ALA G 184 -81.07 7.37 74.89
N THR G 185 -80.51 8.51 75.25
CA THR G 185 -81.05 9.43 76.25
C THR G 185 -81.16 10.82 75.66
N LEU G 186 -82.32 11.47 75.78
CA LEU G 186 -82.57 12.82 75.28
C LEU G 186 -82.75 13.78 76.45
N TYR G 187 -81.94 14.83 76.48
CA TYR G 187 -82.01 15.90 77.47
C TYR G 187 -82.72 17.11 76.86
N LEU G 188 -83.75 17.61 77.53
CA LEU G 188 -84.51 18.81 77.16
C LEU G 188 -84.48 19.80 78.33
N PRO G 189 -84.78 21.09 78.11
CA PRO G 189 -84.66 22.12 79.14
C PRO G 189 -85.31 21.79 80.49
N ASP G 190 -86.44 21.08 80.52
CA ASP G 190 -87.18 20.75 81.75
C ASP G 190 -87.36 19.24 82.01
N THR G 191 -86.79 18.35 81.18
CA THR G 191 -86.96 16.90 81.35
C THR G 191 -85.88 16.08 80.63
N THR G 192 -85.74 14.80 81.00
CA THR G 192 -84.85 13.83 80.36
C THR G 192 -85.61 12.55 80.04
N MET G 193 -85.42 11.96 78.86
CA MET G 193 -86.02 10.70 78.44
C MET G 193 -84.95 9.67 78.12
N THR G 194 -85.20 8.38 78.35
CA THR G 194 -84.30 7.30 77.93
C THR G 194 -85.07 6.16 77.29
N TRP G 195 -84.58 5.65 76.17
CA TRP G 195 -85.08 4.45 75.50
C TRP G 195 -83.95 3.43 75.40
N LEU G 196 -84.28 2.14 75.47
CA LEU G 196 -83.35 1.04 75.21
C LEU G 196 -83.83 0.26 74.00
N ARG G 197 -82.96 -0.23 73.12
CA ARG G 197 -83.40 -1.11 72.04
C ARG G 197 -83.63 -2.52 72.61
N ALA G 198 -84.85 -3.03 72.54
CA ALA G 198 -85.19 -4.35 73.06
C ALA G 198 -84.65 -5.45 72.13
N GLU G 199 -85.11 -5.45 70.88
CA GLU G 199 -84.56 -6.20 69.75
C GLU G 199 -85.00 -5.52 68.45
N GLY G 200 -84.08 -4.87 67.74
CA GLY G 200 -84.37 -4.10 66.52
C GLY G 200 -85.19 -2.81 66.71
N GLU G 201 -85.90 -2.63 67.82
CA GLU G 201 -86.77 -1.48 68.09
C GLU G 201 -86.74 -1.03 69.56
N TRP G 202 -87.16 0.21 69.80
CA TRP G 202 -87.16 0.84 71.13
C TRP G 202 -88.21 0.26 72.08
N GLU G 203 -87.81 0.01 73.32
CA GLU G 203 -88.70 -0.02 74.48
C GLU G 203 -89.31 1.38 74.72
N ALA G 204 -90.48 1.47 75.34
CA ALA G 204 -91.12 2.75 75.66
C ALA G 204 -90.24 3.60 76.61
N PRO G 205 -90.25 4.94 76.49
CA PRO G 205 -89.31 5.78 77.21
C PRO G 205 -89.53 5.77 78.72
N THR G 206 -88.46 5.57 79.47
CA THR G 206 -88.35 6.09 80.84
C THR G 206 -88.22 7.61 80.77
N SER G 207 -88.74 8.34 81.75
CA SER G 207 -88.73 9.81 81.75
C SER G 207 -88.43 10.37 83.14
N THR G 208 -88.02 11.63 83.22
CA THR G 208 -87.71 12.34 84.47
C THR G 208 -87.88 13.85 84.27
N PRO G 209 -88.74 14.54 85.02
CA PRO G 209 -88.74 16.00 85.06
C PRO G 209 -87.61 16.50 85.94
N HIS G 210 -87.14 17.74 85.73
CA HIS G 210 -86.10 18.34 86.59
C HIS G 210 -86.34 19.82 86.83
N GLY G 211 -85.80 20.34 87.95
CA GLY G 211 -86.06 21.70 88.41
C GLY G 211 -85.31 22.81 87.64
N LEU G 212 -84.27 22.45 86.90
CA LEU G 212 -83.52 23.39 86.06
C LEU G 212 -84.41 23.99 84.97
N GLU G 213 -84.17 25.26 84.62
CA GLU G 213 -84.82 25.95 83.51
C GLU G 213 -84.11 25.73 82.16
N MET G 214 -83.03 24.95 82.17
CA MET G 214 -82.07 24.82 81.08
C MET G 214 -81.45 23.42 81.09
N VAL G 215 -81.00 22.96 79.93
CA VAL G 215 -80.60 21.57 79.73
C VAL G 215 -79.38 21.19 80.59
N PRO G 216 -79.38 20.05 81.30
CA PRO G 216 -78.36 19.66 82.27
C PRO G 216 -77.11 19.07 81.62
N VAL G 217 -76.60 19.70 80.56
CA VAL G 217 -75.36 19.36 79.87
C VAL G 217 -74.55 20.61 79.56
N ILE G 218 -73.24 20.55 79.75
CA ILE G 218 -72.30 21.67 79.54
C ILE G 218 -71.13 21.19 78.68
N PRO G 219 -70.80 21.85 77.56
CA PRO G 219 -69.60 21.51 76.81
C PRO G 219 -68.33 22.06 77.49
N ILE G 220 -67.40 21.18 77.83
CA ILE G 220 -65.97 21.51 77.87
C ILE G 220 -65.55 21.68 76.43
N SER G 221 -65.45 22.91 75.96
CA SER G 221 -65.13 23.23 74.57
C SER G 221 -63.72 23.79 74.48
N ASN G 222 -62.89 23.24 73.60
CA ASN G 222 -61.55 23.75 73.35
C ASN G 222 -61.58 24.97 72.43
N ARG G 223 -62.20 26.06 72.87
CA ARG G 223 -62.22 27.34 72.15
C ARG G 223 -60.81 27.87 72.00
N THR G 224 -60.26 27.82 70.80
CA THR G 224 -58.93 28.40 70.51
C THR G 224 -58.97 29.94 70.50
N ARG G 225 -60.10 30.49 70.04
CA ARG G 225 -60.29 31.84 69.53
C ARG G 225 -61.76 32.24 69.76
N LEU G 226 -62.11 33.52 69.84
CA LEU G 226 -63.49 33.95 70.09
C LEU G 226 -64.43 33.55 68.94
N SER G 227 -63.98 33.74 67.69
CA SER G 227 -64.68 33.29 66.48
C SER G 227 -64.66 31.77 66.23
N ASP G 228 -64.10 30.96 67.12
CA ASP G 228 -64.22 29.48 67.08
C ASP G 228 -65.45 29.05 67.90
N LEU G 229 -66.62 28.92 67.28
CA LEU G 229 -67.89 28.74 67.99
C LEU G 229 -67.96 27.43 68.79
N TYR G 230 -67.54 26.31 68.21
CA TYR G 230 -67.72 24.98 68.82
C TYR G 230 -66.49 24.48 69.59
N GLY G 231 -65.31 25.04 69.32
CA GLY G 231 -64.04 24.50 69.79
C GLY G 231 -63.41 23.55 68.77
N THR G 232 -62.08 23.53 68.74
CA THR G 232 -61.26 22.88 67.71
C THR G 232 -60.33 21.83 68.29
N SER G 233 -59.95 20.82 67.51
CA SER G 233 -58.93 19.86 67.92
C SER G 233 -57.60 20.57 68.17
N GLU G 234 -56.90 20.23 69.25
CA GLU G 234 -55.60 20.80 69.57
C GLU G 234 -54.51 20.34 68.59
N ILE G 235 -54.70 19.18 67.95
CA ILE G 235 -53.78 18.60 66.95
C ILE G 235 -53.90 19.39 65.64
N SER G 236 -53.34 20.59 65.59
CA SER G 236 -53.63 21.56 64.53
C SER G 236 -53.07 21.15 63.16
N PRO G 237 -53.54 21.74 62.04
CA PRO G 237 -53.07 21.39 60.71
C PRO G 237 -51.56 21.45 60.54
N GLU G 238 -50.88 22.37 61.20
CA GLU G 238 -49.42 22.44 61.17
C GLU G 238 -48.79 21.14 61.67
N LEU G 239 -49.18 20.70 62.87
CA LEU G 239 -48.63 19.50 63.49
C LEU G 239 -49.09 18.21 62.81
N ARG G 240 -50.30 18.19 62.23
CA ARG G 240 -50.74 17.10 61.35
C ARG G 240 -49.81 16.98 60.14
N SER G 241 -49.52 18.08 59.45
CA SER G 241 -48.66 18.03 58.27
C SER G 241 -47.23 17.58 58.58
N VAL G 242 -46.68 17.96 59.73
CA VAL G 242 -45.32 17.53 60.13
C VAL G 242 -45.30 16.08 60.61
N THR G 243 -46.37 15.58 61.21
CA THR G 243 -46.47 14.17 61.61
C THR G 243 -46.43 13.27 60.38
N ASP G 244 -47.18 13.60 59.34
CA ASP G 244 -47.18 12.85 58.09
C ASP G 244 -45.89 13.05 57.30
N ALA G 245 -45.33 14.26 57.27
CA ALA G 245 -44.05 14.50 56.65
C ALA G 245 -42.95 13.62 57.24
N ALA G 246 -42.83 13.55 58.58
CA ALA G 246 -41.83 12.71 59.21
C ALA G 246 -42.08 11.22 58.95
N ALA G 247 -43.33 10.77 58.93
CA ALA G 247 -43.65 9.37 58.64
C ALA G 247 -43.19 8.96 57.23
N GLN G 248 -43.31 9.83 56.23
CA GLN G 248 -42.76 9.53 54.91
C GLN G 248 -41.24 9.40 54.93
N ILE G 249 -40.51 10.27 55.64
CA ILE G 249 -39.04 10.15 55.74
C ILE G 249 -38.66 8.84 56.44
N LEU G 250 -39.37 8.45 57.49
CA LEU G 250 -39.09 7.19 58.19
C LEU G 250 -39.31 5.98 57.28
N MET G 251 -40.40 5.90 56.52
CA MET G 251 -40.59 4.79 55.58
C MET G 251 -39.54 4.76 54.47
N ASN G 252 -39.21 5.89 53.86
CA ASN G 252 -38.19 5.92 52.81
C ASN G 252 -36.81 5.52 53.35
N MET G 253 -36.43 5.99 54.54
CA MET G 253 -35.20 5.56 55.19
C MET G 253 -35.22 4.06 55.49
N GLN G 254 -36.33 3.53 55.99
CA GLN G 254 -36.47 2.13 56.34
C GLN G 254 -36.42 1.22 55.10
N GLY G 255 -37.03 1.63 54.00
CA GLY G 255 -36.90 0.91 52.73
C GLY G 255 -35.48 1.00 52.19
N THR G 256 -34.81 2.15 52.29
CA THR G 256 -33.42 2.30 51.87
C THR G 256 -32.50 1.35 52.65
N ALA G 257 -32.68 1.21 53.96
CA ALA G 257 -31.87 0.32 54.77
C ALA G 257 -32.06 -1.17 54.43
N ASN G 258 -33.19 -1.55 53.83
CA ASN G 258 -33.45 -2.91 53.35
C ASN G 258 -32.97 -3.18 51.92
N LEU G 259 -32.62 -2.15 51.14
CA LEU G 259 -32.37 -2.29 49.70
C LEU G 259 -31.03 -1.72 49.23
N MET G 260 -30.47 -0.70 49.88
CA MET G 260 -29.29 0.03 49.38
C MET G 260 -28.29 0.48 50.44
N ALA G 261 -28.46 0.18 51.72
CA ALA G 261 -27.43 0.56 52.70
C ALA G 261 -26.11 -0.21 52.49
N ILE G 262 -26.14 -1.33 51.76
CA ILE G 262 -24.98 -2.02 51.20
C ILE G 262 -24.81 -1.68 49.71
N PRO G 263 -23.58 -1.66 49.17
CA PRO G 263 -23.36 -1.50 47.74
C PRO G 263 -23.80 -2.75 46.97
N GLN G 264 -24.07 -2.63 45.67
CA GLN G 264 -24.32 -3.78 44.80
C GLN G 264 -23.08 -4.04 43.97
N ARG G 265 -22.64 -5.30 43.91
CA ARG G 265 -21.43 -5.76 43.22
C ARG G 265 -21.79 -6.36 41.86
N LEU G 266 -21.00 -6.08 40.83
CA LEU G 266 -21.24 -6.50 39.45
C LEU G 266 -19.94 -6.96 38.77
N ILE G 267 -20.02 -7.83 37.77
CA ILE G 267 -18.91 -8.20 36.91
C ILE G 267 -19.36 -8.13 35.44
N PHE G 268 -18.59 -7.47 34.59
CA PHE G 268 -18.89 -7.28 33.17
C PHE G 268 -17.87 -7.99 32.28
N GLY G 269 -18.31 -8.45 31.11
CA GLY G 269 -17.49 -9.19 30.16
C GLY G 269 -17.27 -10.66 30.53
N ALA G 270 -18.09 -11.24 31.42
CA ALA G 270 -17.91 -12.60 31.91
C ALA G 270 -19.07 -13.53 31.48
N LYS G 271 -18.73 -14.59 30.73
CA LYS G 271 -19.66 -15.59 30.21
C LYS G 271 -20.22 -16.49 31.34
N PRO G 272 -21.54 -16.49 31.63
CA PRO G 272 -22.11 -17.29 32.69
C PRO G 272 -21.76 -18.79 32.66
N GLU G 273 -21.73 -19.43 31.49
CA GLU G 273 -21.37 -20.85 31.38
C GLU G 273 -19.86 -21.10 31.55
N GLU G 274 -19.02 -20.08 31.43
CA GLU G 274 -17.60 -20.17 31.82
C GLU G 274 -17.44 -19.99 33.34
N LEU G 275 -18.18 -19.08 33.97
CA LEU G 275 -18.23 -18.98 35.43
C LEU G 275 -18.83 -20.22 36.11
N GLY G 276 -19.47 -21.12 35.35
CA GLY G 276 -20.11 -22.32 35.87
C GLY G 276 -21.49 -22.07 36.48
N ILE G 277 -22.15 -20.97 36.10
CA ILE G 277 -23.48 -20.61 36.58
C ILE G 277 -24.49 -21.62 36.06
N ASN G 278 -25.23 -22.26 36.97
CA ASN G 278 -26.16 -23.34 36.64
C ASN G 278 -27.33 -22.84 35.77
N ALA G 279 -27.50 -23.42 34.58
CA ALA G 279 -28.48 -22.93 33.62
C ALA G 279 -29.95 -23.05 34.08
N GLU G 280 -30.29 -24.05 34.90
CA GLU G 280 -31.66 -24.21 35.42
C GLU G 280 -32.07 -23.14 36.45
N THR G 281 -31.11 -22.52 37.16
CA THR G 281 -31.40 -21.63 38.30
C THR G 281 -30.74 -20.25 38.23
N GLY G 282 -29.75 -20.04 37.35
CA GLY G 282 -29.09 -18.74 37.15
C GLY G 282 -28.09 -18.35 38.24
N GLN G 283 -27.73 -19.25 39.16
CA GLN G 283 -26.87 -19.00 40.30
C GLN G 283 -25.64 -19.93 40.31
N ARG G 284 -24.51 -19.47 40.86
CA ARG G 284 -23.44 -20.34 41.37
C ARG G 284 -23.17 -20.05 42.84
N MET G 285 -23.22 -21.06 43.70
CA MET G 285 -22.73 -20.95 45.08
C MET G 285 -21.19 -20.92 45.08
N PHE G 286 -20.56 -20.03 45.84
CA PHE G 286 -19.11 -20.08 46.08
C PHE G 286 -18.79 -19.84 47.56
N ASP G 287 -17.95 -20.67 48.17
CA ASP G 287 -17.69 -20.53 49.60
C ASP G 287 -16.79 -19.32 49.89
N ALA G 288 -17.30 -18.43 50.74
CA ALA G 288 -16.88 -17.04 50.83
C ALA G 288 -16.30 -16.65 52.21
N TYR G 289 -15.60 -17.56 52.89
CA TYR G 289 -14.86 -17.22 54.10
C TYR G 289 -13.82 -16.13 53.81
N MET G 290 -13.53 -15.30 54.80
CA MET G 290 -13.09 -13.92 54.58
C MET G 290 -11.96 -13.67 53.58
N ALA G 291 -10.79 -14.29 53.72
CA ALA G 291 -9.60 -13.80 53.02
C ALA G 291 -9.39 -14.34 51.58
N ARG G 292 -10.26 -15.24 51.12
CA ARG G 292 -10.15 -15.92 49.81
C ARG G 292 -10.08 -14.95 48.64
N ILE G 293 -9.36 -15.29 47.57
CA ILE G 293 -9.24 -14.48 46.34
C ILE G 293 -9.97 -15.19 45.19
N LEU G 294 -10.84 -14.49 44.46
CA LEU G 294 -11.50 -15.05 43.27
C LEU G 294 -10.66 -14.80 42.02
N ALA G 295 -10.12 -15.84 41.40
CA ALA G 295 -9.40 -15.74 40.14
C ALA G 295 -10.29 -16.08 38.94
N PHE G 296 -10.40 -15.16 37.98
CA PHE G 296 -11.27 -15.26 36.82
C PHE G 296 -10.52 -15.25 35.48
N GLU G 297 -11.02 -16.04 34.52
CA GLU G 297 -10.87 -15.77 33.09
C GLU G 297 -11.33 -14.35 32.73
N GLY G 298 -10.68 -13.72 31.74
CA GLY G 298 -10.89 -12.31 31.41
C GLY G 298 -10.91 -11.98 29.92
N GLY G 299 -11.28 -12.94 29.07
CA GLY G 299 -11.07 -12.90 27.61
C GLY G 299 -11.71 -11.74 26.86
N GLU G 300 -12.79 -11.13 27.38
CA GLU G 300 -13.40 -9.93 26.80
C GLU G 300 -12.59 -8.65 27.06
N GLY G 301 -11.68 -8.66 28.05
CA GLY G 301 -11.28 -7.45 28.79
C GLY G 301 -12.20 -7.16 29.98
N ALA G 302 -12.65 -8.21 30.66
CA ALA G 302 -13.62 -8.18 31.75
C ALA G 302 -13.16 -7.35 32.96
N HIS G 303 -14.10 -6.80 33.72
CA HIS G 303 -13.81 -6.04 34.94
C HIS G 303 -14.96 -6.05 35.96
N ALA G 304 -14.62 -5.79 37.21
CA ALA G 304 -15.57 -5.64 38.31
C ALA G 304 -16.11 -4.21 38.41
N GLU G 305 -17.34 -4.05 38.90
CA GLU G 305 -18.01 -2.75 39.08
C GLU G 305 -18.85 -2.76 40.36
N GLN G 306 -19.20 -1.58 40.86
CA GLN G 306 -20.16 -1.44 41.95
C GLN G 306 -21.16 -0.31 41.69
N PHE G 307 -22.41 -0.52 42.05
CA PHE G 307 -23.27 0.60 42.42
C PHE G 307 -23.02 0.92 43.88
N SER G 308 -22.95 2.21 44.21
CA SER G 308 -22.64 2.65 45.57
C SER G 308 -23.80 2.44 46.54
N ALA G 309 -23.50 2.41 47.84
CA ALA G 309 -24.52 2.41 48.88
C ALA G 309 -25.23 3.77 48.95
N ALA G 310 -26.51 3.77 49.28
CA ALA G 310 -27.20 5.00 49.70
C ALA G 310 -26.79 5.37 51.12
N GLU G 311 -26.49 6.64 51.38
CA GLU G 311 -26.07 7.09 52.70
C GLU G 311 -27.29 7.45 53.56
N LEU G 312 -27.60 6.67 54.60
CA LEU G 312 -28.82 6.88 55.40
C LEU G 312 -28.83 8.24 56.11
N ARG G 313 -27.65 8.84 56.37
CA ARG G 313 -27.54 10.20 56.92
C ARG G 313 -28.31 11.23 56.10
N ASN G 314 -28.45 11.02 54.79
CA ASN G 314 -29.15 11.94 53.90
C ASN G 314 -30.64 12.07 54.27
N PHE G 315 -31.25 11.03 54.83
CA PHE G 315 -32.61 11.09 55.39
C PHE G 315 -32.61 11.61 56.82
N VAL G 316 -31.60 11.28 57.62
CA VAL G 316 -31.52 11.78 59.00
C VAL G 316 -31.35 13.30 59.01
N ASP G 317 -30.70 13.90 58.02
CA ASP G 317 -30.68 15.35 57.82
C ASP G 317 -32.10 15.96 57.77
N ALA G 318 -33.07 15.27 57.16
CA ALA G 318 -34.46 15.72 57.15
C ALA G 318 -35.22 15.35 58.43
N LEU G 319 -34.94 14.21 59.07
CA LEU G 319 -35.55 13.86 60.36
C LEU G 319 -35.18 14.87 61.45
N ASP G 320 -33.94 15.36 61.47
CA ASP G 320 -33.56 16.44 62.39
C ASP G 320 -34.33 17.73 62.10
N ALA G 321 -34.43 18.14 60.83
CA ALA G 321 -35.14 19.35 60.46
C ALA G 321 -36.62 19.30 60.85
N LEU G 322 -37.30 18.19 60.59
CA LEU G 322 -38.70 18.02 60.98
C LEU G 322 -38.88 17.93 62.49
N ASP G 323 -37.95 17.36 63.26
CA ASP G 323 -38.05 17.42 64.73
C ASP G 323 -37.92 18.86 65.25
N ARG G 324 -37.10 19.71 64.64
CA ARG G 324 -37.04 21.13 65.02
C ARG G 324 -38.33 21.87 64.68
N LYS G 325 -38.95 21.60 63.53
CA LYS G 325 -40.26 22.17 63.17
C LYS G 325 -41.38 21.66 64.08
N ALA G 326 -41.46 20.36 64.34
CA ALA G 326 -42.45 19.79 65.25
C ALA G 326 -42.33 20.37 66.66
N ALA G 327 -41.12 20.54 67.17
CA ALA G 327 -40.89 21.19 68.45
C ALA G 327 -41.34 22.65 68.43
N SER G 328 -40.96 23.40 67.40
CA SER G 328 -41.31 24.81 67.27
C SER G 328 -42.82 25.05 67.19
N TYR G 329 -43.57 24.26 66.43
CA TYR G 329 -45.02 24.42 66.34
C TYR G 329 -45.72 24.03 67.65
N SER G 330 -45.24 23.00 68.34
CA SER G 330 -45.88 22.49 69.55
C SER G 330 -45.57 23.34 70.79
N GLY G 331 -44.37 23.91 70.88
CA GLY G 331 -43.93 24.70 72.04
C GLY G 331 -43.50 23.87 73.24
N LEU G 332 -43.33 22.56 73.07
CA LEU G 332 -42.76 21.67 74.07
C LEU G 332 -41.30 22.06 74.38
N PRO G 333 -40.76 21.76 75.57
CA PRO G 333 -39.33 21.89 75.83
C PRO G 333 -38.50 21.17 74.76
N PRO G 334 -37.34 21.72 74.33
CA PRO G 334 -36.60 21.19 73.19
C PRO G 334 -36.27 19.70 73.28
N GLN G 335 -36.06 19.16 74.48
CA GLN G 335 -35.69 17.76 74.69
C GLN G 335 -36.84 16.76 74.55
N TYR G 336 -38.10 17.19 74.43
CA TYR G 336 -39.22 16.26 74.20
C TYR G 336 -39.15 15.65 72.80
N LEU G 337 -38.78 16.45 71.79
CA LEU G 337 -38.76 16.07 70.38
C LEU G 337 -37.32 16.10 69.85
N SER G 338 -36.76 17.30 69.68
CA SER G 338 -35.37 17.54 69.25
C SER G 338 -34.34 17.21 70.35
N SER G 339 -34.34 15.96 70.84
CA SER G 339 -33.48 15.51 71.95
C SER G 339 -31.97 15.53 71.63
N SER G 340 -31.59 15.73 70.37
CA SER G 340 -30.26 16.24 69.95
C SER G 340 -30.08 17.74 70.27
N SER G 341 -30.44 18.15 71.49
CA SER G 341 -30.35 19.52 72.00
C SER G 341 -29.98 19.53 73.49
N ASP G 342 -29.58 20.70 73.99
CA ASP G 342 -29.11 20.95 75.36
C ASP G 342 -30.13 20.55 76.45
N ASN G 343 -29.64 20.26 77.66
CA ASN G 343 -30.42 19.77 78.79
C ASN G 343 -30.42 20.80 79.96
N PRO G 344 -31.57 21.33 80.41
CA PRO G 344 -31.62 22.39 81.42
C PRO G 344 -30.87 22.08 82.72
N ALA G 345 -29.91 22.93 83.09
CA ALA G 345 -28.96 22.68 84.18
C ALA G 345 -29.42 23.15 85.57
N SER G 346 -30.40 24.04 85.67
CA SER G 346 -30.75 24.78 86.90
C SER G 346 -32.21 25.23 86.90
N ALA G 347 -32.76 25.63 88.06
CA ALA G 347 -34.16 26.02 88.19
C ALA G 347 -34.56 27.18 87.26
N GLU G 348 -33.65 28.10 86.95
CA GLU G 348 -33.90 29.17 85.98
C GLU G 348 -33.95 28.62 84.55
N ALA G 349 -32.99 27.78 84.15
CA ALA G 349 -33.01 27.17 82.82
C ALA G 349 -34.25 26.29 82.59
N ILE G 350 -34.76 25.65 83.64
CA ILE G 350 -36.01 24.88 83.61
C ILE G 350 -37.19 25.80 83.34
N LYS G 351 -37.33 26.92 84.07
CA LYS G 351 -38.36 27.93 83.80
C LYS G 351 -38.28 28.47 82.38
N ALA G 352 -37.08 28.69 81.85
CA ALA G 352 -36.91 29.18 80.48
C ALA G 352 -37.45 28.18 79.46
N ALA G 353 -37.03 26.91 79.53
CA ALA G 353 -37.44 25.88 78.58
C ALA G 353 -38.94 25.56 78.67
N GLU G 354 -39.51 25.46 79.86
CA GLU G 354 -40.93 25.14 80.04
C GLU G 354 -41.86 26.31 79.73
N SER G 355 -41.37 27.55 79.64
CA SER G 355 -42.21 28.76 79.64
C SER G 355 -43.39 28.72 78.65
N ARG G 356 -43.20 28.30 77.40
CA ARG G 356 -44.30 28.27 76.43
C ARG G 356 -45.29 27.12 76.64
N LEU G 357 -44.85 25.97 77.13
CA LEU G 357 -45.74 24.89 77.53
C LEU G 357 -46.53 25.25 78.81
N VAL G 358 -45.91 25.93 79.77
CA VAL G 358 -46.61 26.40 80.98
C VAL G 358 -47.70 27.39 80.60
N LYS G 359 -47.41 28.40 79.78
CA LYS G 359 -48.44 29.36 79.37
C LYS G 359 -49.54 28.76 78.52
N LYS G 360 -49.26 27.76 77.67
CA LYS G 360 -50.29 26.97 76.98
C LYS G 360 -51.25 26.34 77.99
N VAL G 361 -50.73 25.68 79.02
CA VAL G 361 -51.56 25.01 80.02
C VAL G 361 -52.29 26.01 80.92
N GLU G 362 -51.68 27.11 81.33
CA GLU G 362 -52.42 28.14 82.09
C GLU G 362 -53.60 28.70 81.30
N ARG G 363 -53.48 28.85 79.96
CA ARG G 363 -54.62 29.23 79.11
C ARG G 363 -55.67 28.14 79.05
N LYS G 364 -55.33 26.87 78.95
CA LYS G 364 -56.36 25.83 79.00
C LYS G 364 -56.98 25.61 80.39
N ASN G 365 -56.27 25.87 81.49
CA ASN G 365 -56.90 25.97 82.80
C ASN G 365 -57.95 27.08 82.82
N LYS G 366 -57.69 28.23 82.18
CA LYS G 366 -58.66 29.33 82.08
C LYS G 366 -59.91 28.90 81.31
N ILE G 367 -59.75 28.27 80.14
CA ILE G 367 -60.88 27.90 79.28
C ILE G 367 -61.71 26.77 79.87
N PHE G 368 -61.09 25.68 80.35
CA PHE G 368 -61.84 24.56 80.92
C PHE G 368 -62.41 24.90 82.31
N GLY G 369 -61.89 25.91 82.99
CA GLY G 369 -62.45 26.39 84.25
C GLY G 369 -63.90 26.86 84.11
N GLY G 370 -64.22 27.58 83.02
CA GLY G 370 -65.59 28.05 82.77
C GLY G 370 -66.62 26.91 82.69
N ALA G 371 -66.28 25.82 82.02
CA ALA G 371 -67.15 24.65 81.91
C ALA G 371 -67.40 23.99 83.27
N TRP G 372 -66.38 23.81 84.11
CA TRP G 372 -66.58 23.21 85.43
C TRP G 372 -67.33 24.15 86.38
N GLU G 373 -67.13 25.46 86.30
CA GLU G 373 -67.87 26.42 87.11
C GLU G 373 -69.36 26.39 86.75
N GLN G 374 -69.70 26.41 85.46
CA GLN G 374 -71.09 26.27 85.02
C GLN G 374 -71.71 24.94 85.45
N ALA G 375 -70.99 23.83 85.32
CA ALA G 375 -71.50 22.53 85.76
C ALA G 375 -71.76 22.49 87.27
N MET G 376 -70.93 23.13 88.09
CA MET G 376 -71.17 23.21 89.52
C MET G 376 -72.36 24.10 89.89
N ARG G 377 -72.65 25.15 89.12
CA ARG G 377 -73.89 25.92 89.33
C ARG G 377 -75.15 25.14 88.97
N LEU G 378 -75.13 24.36 87.89
CA LEU G 378 -76.23 23.44 87.62
C LEU G 378 -76.37 22.37 88.71
N ALA G 379 -75.27 21.79 89.20
CA ALA G 379 -75.30 20.84 90.29
C ALA G 379 -75.88 21.43 91.58
N TYR G 380 -75.59 22.71 91.88
CA TYR G 380 -76.22 23.38 93.02
C TYR G 380 -77.75 23.45 92.87
N LYS G 381 -78.27 23.94 91.73
CA LYS G 381 -79.71 23.98 91.47
C LYS G 381 -80.35 22.59 91.41
N MET G 382 -79.59 21.57 91.01
CA MET G 382 -80.07 20.19 91.00
C MET G 382 -80.33 19.68 92.43
N VAL G 383 -79.43 19.98 93.37
CA VAL G 383 -79.54 19.53 94.77
C VAL G 383 -80.46 20.43 95.60
N LYS G 384 -80.25 21.75 95.57
CA LYS G 384 -81.06 22.74 96.30
C LYS G 384 -81.90 23.54 95.32
N GLY G 385 -83.22 23.47 95.44
CA GLY G 385 -84.13 24.12 94.49
C GLY G 385 -84.06 25.65 94.51
N GLY G 386 -84.63 26.28 93.48
CA GLY G 386 -84.76 27.73 93.38
C GLY G 386 -83.56 28.43 92.74
N ASP G 387 -83.27 29.66 93.17
CA ASP G 387 -82.16 30.48 92.71
C ASP G 387 -80.84 30.15 93.44
N ILE G 388 -79.71 30.59 92.87
CA ILE G 388 -78.36 30.40 93.42
C ILE G 388 -77.94 31.67 94.16
N PRO G 389 -77.35 31.60 95.36
CA PRO G 389 -76.77 32.75 96.02
C PRO G 389 -75.81 33.51 95.09
N THR G 390 -75.97 34.83 94.96
CA THR G 390 -75.38 35.55 93.81
C THR G 390 -73.84 35.57 93.81
N GLU G 391 -73.18 35.30 94.94
CA GLU G 391 -71.73 35.11 94.98
C GLU G 391 -71.24 33.93 94.14
N TYR G 392 -72.07 32.91 93.85
CA TYR G 392 -71.67 31.81 92.99
C TYR G 392 -71.46 32.26 91.54
N TYR G 393 -72.03 33.38 91.09
CA TYR G 393 -71.71 33.95 89.78
C TYR G 393 -70.27 34.49 89.67
N ARG G 394 -69.58 34.68 90.81
CA ARG G 394 -68.17 35.08 90.87
C ARG G 394 -67.23 33.93 91.24
N MET G 395 -67.69 32.68 91.22
CA MET G 395 -66.84 31.56 91.60
C MET G 395 -65.68 31.38 90.62
N GLU G 396 -64.56 30.85 91.10
CA GLU G 396 -63.38 30.55 90.29
C GLU G 396 -62.90 29.13 90.57
N THR G 397 -62.57 28.38 89.54
CA THR G 397 -61.69 27.21 89.68
C THR G 397 -60.28 27.65 90.09
N VAL G 398 -59.56 26.81 90.83
CA VAL G 398 -58.16 27.02 91.19
C VAL G 398 -57.37 25.79 90.82
N TRP G 399 -56.22 25.96 90.19
CA TRP G 399 -55.49 24.86 89.54
C TRP G 399 -54.04 24.82 90.00
N ARG G 400 -53.41 23.65 90.02
CA ARG G 400 -51.97 23.54 90.27
C ARG G 400 -51.17 24.30 89.21
N ASP G 401 -50.06 24.90 89.60
CA ASP G 401 -49.11 25.51 88.67
C ASP G 401 -48.58 24.47 87.67
N PRO G 402 -48.64 24.68 86.35
CA PRO G 402 -48.21 23.69 85.37
C PRO G 402 -46.71 23.40 85.33
N SER G 403 -45.86 24.26 85.88
CA SER G 403 -44.40 24.11 85.84
C SER G 403 -43.90 22.94 86.69
N THR G 404 -42.74 22.39 86.34
CA THR G 404 -42.11 21.29 87.10
C THR G 404 -41.77 21.79 88.49
N PRO G 405 -42.23 21.14 89.57
CA PRO G 405 -42.15 21.70 90.91
C PRO G 405 -40.74 21.62 91.47
N THR G 406 -39.95 22.68 91.28
CA THR G 406 -38.72 22.89 92.04
C THR G 406 -39.07 23.23 93.49
N TYR G 407 -38.55 22.45 94.43
CA TYR G 407 -38.87 22.62 95.84
C TYR G 407 -37.87 23.53 96.53
N ALA G 408 -36.59 23.16 96.55
CA ALA G 408 -35.57 23.89 97.28
C ALA G 408 -35.42 25.35 96.83
N ALA G 409 -35.58 25.62 95.54
CA ALA G 409 -35.50 26.99 95.01
C ALA G 409 -36.64 27.90 95.52
N LYS G 410 -37.81 27.35 95.85
CA LYS G 410 -38.89 28.11 96.50
C LYS G 410 -38.80 28.09 98.02
N ALA G 411 -38.34 26.98 98.61
CA ALA G 411 -38.31 26.79 100.05
C ALA G 411 -37.55 27.91 100.77
N ASP G 412 -36.32 28.19 100.37
CA ASP G 412 -35.57 29.25 101.04
C ASP G 412 -35.95 30.65 100.56
N ALA G 413 -36.52 30.82 99.37
CA ALA G 413 -37.14 32.07 98.97
C ALA G 413 -38.33 32.43 99.87
N ALA G 414 -39.24 31.49 100.10
CA ALA G 414 -40.38 31.68 101.00
C ALA G 414 -39.93 31.86 102.45
N ALA G 415 -38.94 31.09 102.93
CA ALA G 415 -38.40 31.26 104.27
C ALA G 415 -37.75 32.64 104.48
N LYS G 416 -37.00 33.15 103.50
CA LYS G 416 -36.38 34.49 103.56
C LYS G 416 -37.39 35.63 103.45
N LEU G 417 -38.54 35.43 102.81
CA LEU G 417 -39.64 36.39 102.84
C LEU G 417 -40.37 36.39 104.18
N PHE G 418 -40.62 35.23 104.78
CA PHE G 418 -41.36 35.14 106.05
C PHE G 418 -40.52 35.54 107.28
N ALA G 419 -39.23 35.23 107.30
CA ALA G 419 -38.28 35.62 108.35
C ALA G 419 -38.79 35.39 109.79
N ASN G 420 -39.23 34.15 110.07
CA ASN G 420 -39.73 33.72 111.38
C ASN G 420 -40.88 34.59 111.94
N GLY G 421 -41.68 35.19 111.07
CA GLY G 421 -42.84 36.02 111.42
C GLY G 421 -42.56 37.52 111.47
N ALA G 422 -41.30 37.95 111.42
CA ALA G 422 -40.93 39.36 111.36
C ALA G 422 -40.93 39.94 109.92
N GLY G 423 -41.05 39.08 108.91
CA GLY G 423 -40.78 39.40 107.52
C GLY G 423 -41.92 40.06 106.74
N LEU G 424 -41.82 39.97 105.43
CA LEU G 424 -42.65 40.71 104.48
C LEU G 424 -44.06 40.12 104.28
N ILE G 425 -44.25 38.82 104.47
CA ILE G 425 -45.50 38.11 104.13
C ILE G 425 -46.16 37.46 105.35
N PRO G 426 -47.50 37.33 105.39
CA PRO G 426 -48.19 36.57 106.42
C PRO G 426 -47.94 35.07 106.29
N ARG G 427 -48.32 34.29 107.31
CA ARG G 427 -48.19 32.84 107.37
C ARG G 427 -48.74 32.14 106.13
N GLU G 428 -50.02 32.36 105.83
CA GLU G 428 -50.72 31.64 104.75
C GLU G 428 -50.12 31.90 103.37
N ARG G 429 -49.65 33.12 103.07
CA ARG G 429 -49.00 33.39 101.78
C ARG G 429 -47.78 32.51 101.59
N GLY G 430 -46.96 32.31 102.62
CA GLY G 430 -45.82 31.41 102.49
C GLY G 430 -46.25 29.98 102.13
N TRP G 431 -47.41 29.52 102.62
CA TRP G 431 -47.97 28.23 102.23
C TRP G 431 -48.49 28.22 100.79
N VAL G 432 -49.13 29.29 100.32
CA VAL G 432 -49.60 29.41 98.93
C VAL G 432 -48.44 29.46 97.94
N ASP G 433 -47.38 30.24 98.22
CA ASP G 433 -46.21 30.32 97.34
C ASP G 433 -45.40 29.02 97.30
N MET G 434 -45.38 28.24 98.39
CA MET G 434 -44.85 26.89 98.38
C MET G 434 -45.70 25.90 97.57
N GLY G 435 -46.91 26.28 97.18
CA GLY G 435 -47.79 25.47 96.33
C GLY G 435 -48.61 24.41 97.08
N TYR G 436 -48.72 24.48 98.40
CA TYR G 436 -49.61 23.58 99.15
C TYR G 436 -51.06 23.85 98.76
N THR G 437 -51.84 22.81 98.46
CA THR G 437 -53.20 22.96 97.92
C THR G 437 -54.20 23.42 98.97
N ILE G 438 -55.35 23.93 98.55
CA ILE G 438 -56.43 24.39 99.45
C ILE G 438 -56.84 23.31 100.46
N VAL G 439 -56.81 22.04 100.06
CA VAL G 439 -57.12 20.90 100.93
C VAL G 439 -56.01 20.66 101.96
N GLU G 440 -54.74 20.76 101.55
CA GLU G 440 -53.61 20.47 102.42
C GLU G 440 -53.21 21.65 103.32
N ARG G 441 -53.49 22.89 102.90
CA ARG G 441 -53.38 24.08 103.75
C ARG G 441 -54.33 24.02 104.94
N GLU G 442 -55.53 23.45 104.80
CA GLU G 442 -56.41 23.25 105.95
C GLU G 442 -55.79 22.33 106.99
N GLN G 443 -55.27 21.17 106.56
CA GLN G 443 -54.65 20.25 107.50
C GLN G 443 -53.39 20.85 108.14
N MET G 444 -52.60 21.65 107.40
CA MET G 444 -51.51 22.42 107.99
C MET G 444 -52.00 23.41 109.05
N ARG G 445 -53.13 24.08 108.84
CA ARG G 445 -53.70 25.00 109.83
C ARG G 445 -54.03 24.27 111.13
N GLN G 446 -54.57 23.07 111.02
CA GLN G 446 -54.91 22.23 112.16
C GLN G 446 -53.66 21.66 112.86
N TRP G 447 -52.63 21.22 112.13
CA TRP G 447 -51.35 20.84 112.74
C TRP G 447 -50.66 22.01 113.43
N LEU G 448 -50.65 23.20 112.82
CA LEU G 448 -50.06 24.40 113.41
C LEU G 448 -50.75 24.75 114.74
N GLU G 449 -52.08 24.66 114.78
CA GLU G 449 -52.85 24.84 116.01
C GLU G 449 -52.71 23.71 117.05
N GLN G 450 -52.02 22.60 116.72
CA GLN G 450 -51.52 21.64 117.72
C GLN G 450 -50.10 22.00 118.18
N ASP G 451 -49.19 22.31 117.25
CA ASP G 451 -47.80 22.68 117.58
C ASP G 451 -47.73 23.86 118.55
N GLN G 452 -48.54 24.89 118.33
CA GLN G 452 -48.60 26.06 119.21
C GLN G 452 -49.12 25.77 120.63
N LYS G 453 -49.61 24.56 120.92
CA LYS G 453 -49.95 24.12 122.29
C LYS G 453 -48.77 23.47 123.03
N GLN G 454 -47.80 22.92 122.29
CA GLN G 454 -46.62 22.26 122.85
C GLN G 454 -45.43 23.22 123.05
N GLY G 455 -45.25 24.21 122.17
CA GLY G 455 -44.16 25.19 122.25
C GLY G 455 -44.21 26.28 121.19
N SER H 6 -83.26 61.32 59.29
CA SER H 6 -82.29 60.23 59.34
C SER H 6 -82.85 58.97 58.68
N ILE H 7 -82.00 57.99 58.31
CA ILE H 7 -82.40 56.75 57.62
C ILE H 7 -83.19 55.80 58.56
N ASP H 8 -84.20 55.12 58.03
CA ASP H 8 -85.04 54.16 58.79
C ASP H 8 -84.32 52.84 59.10
N PRO H 9 -84.61 52.17 60.23
CA PRO H 9 -83.98 50.91 60.61
C PRO H 9 -84.01 49.80 59.56
N GLU H 10 -85.10 49.66 58.79
CA GLU H 10 -85.20 48.60 57.77
C GLU H 10 -84.21 48.79 56.63
N LYS H 11 -84.17 49.97 55.99
CA LYS H 11 -83.16 50.27 54.96
C LYS H 11 -81.77 50.37 55.56
N LEU H 12 -81.62 50.77 56.84
CA LEU H 12 -80.32 50.84 57.49
C LEU H 12 -79.71 49.46 57.72
N ARG H 13 -80.50 48.50 58.23
CA ARG H 13 -80.09 47.09 58.37
C ARG H 13 -79.60 46.51 57.04
N ASP H 14 -80.32 46.76 55.95
CA ASP H 14 -79.93 46.37 54.59
C ASP H 14 -78.50 46.85 54.25
N GLN H 15 -78.20 48.14 54.37
CA GLN H 15 -76.87 48.64 53.98
C GLN H 15 -75.76 48.23 54.96
N LEU H 16 -76.06 48.04 56.25
CA LEU H 16 -75.06 47.58 57.21
C LEU H 16 -74.73 46.11 57.05
N LEU H 17 -75.71 45.24 56.76
CA LEU H 17 -75.41 43.85 56.41
C LEU H 17 -74.61 43.76 55.12
N ASP H 18 -74.84 44.64 54.15
CA ASP H 18 -74.02 44.71 52.94
C ASP H 18 -72.55 45.08 53.27
N ALA H 19 -72.34 46.09 54.13
CA ALA H 19 -70.99 46.47 54.57
C ALA H 19 -70.30 45.37 55.39
N PHE H 20 -71.03 44.72 56.30
CA PHE H 20 -70.52 43.59 57.08
C PHE H 20 -70.06 42.44 56.20
N GLU H 21 -70.87 41.99 55.23
CA GLU H 21 -70.49 40.89 54.36
C GLU H 21 -69.39 41.27 53.36
N ASN H 22 -69.28 42.54 52.95
CA ASN H 22 -68.12 43.01 52.18
C ASN H 22 -66.82 42.92 53.00
N LYS H 23 -66.86 43.15 54.31
CA LYS H 23 -65.67 43.07 55.18
C LYS H 23 -65.11 41.65 55.27
N GLN H 24 -65.97 40.64 55.28
CA GLN H 24 -65.54 39.23 55.41
C GLN H 24 -64.62 38.77 54.28
N ASN H 25 -64.67 39.40 53.10
CA ASN H 25 -63.78 39.05 51.99
C ASN H 25 -62.31 39.36 52.28
N GLU H 26 -61.98 40.33 53.14
CA GLU H 26 -60.58 40.55 53.55
C GLU H 26 -60.18 39.76 54.80
N LEU H 27 -61.08 39.53 55.76
CA LEU H 27 -60.76 38.78 56.98
C LEU H 27 -60.37 37.33 56.69
N LYS H 28 -60.95 36.71 55.66
CA LYS H 28 -60.59 35.37 55.19
C LYS H 28 -59.10 35.25 54.84
N SER H 29 -58.44 36.32 54.41
CA SER H 29 -57.00 36.29 54.13
C SER H 29 -56.15 36.13 55.39
N SER H 30 -56.55 36.74 56.51
CA SER H 30 -55.81 36.64 57.79
C SER H 30 -56.03 35.30 58.48
N LYS H 31 -57.26 34.79 58.49
CA LYS H 31 -57.58 33.44 58.98
C LYS H 31 -56.75 32.37 58.29
N ALA H 32 -56.46 32.52 56.99
CA ALA H 32 -55.67 31.55 56.24
C ALA H 32 -54.24 31.37 56.78
N TYR H 33 -53.64 32.39 57.37
CA TYR H 33 -52.32 32.29 57.99
C TYR H 33 -52.39 31.78 59.43
N TYR H 34 -53.29 32.29 60.27
CA TYR H 34 -53.38 31.82 61.66
C TYR H 34 -53.81 30.36 61.74
N ASP H 35 -54.86 29.95 61.03
CA ASP H 35 -55.40 28.59 61.13
C ASP H 35 -54.83 27.62 60.08
N ALA H 36 -53.75 28.03 59.41
CA ALA H 36 -52.99 27.23 58.44
C ALA H 36 -53.85 26.56 57.35
N GLU H 37 -54.68 27.35 56.68
CA GLU H 37 -55.37 26.91 55.45
C GLU H 37 -54.36 26.77 54.29
N ARG H 38 -54.77 26.12 53.20
CA ARG H 38 -54.02 26.14 51.93
C ARG H 38 -53.94 27.55 51.36
N ARG H 39 -52.75 27.99 50.92
CA ARG H 39 -52.56 29.15 50.04
C ARG H 39 -51.80 28.72 48.79
N PRO H 40 -52.10 29.28 47.60
CA PRO H 40 -51.28 29.05 46.41
C PRO H 40 -49.81 29.41 46.64
N ASP H 41 -49.54 30.51 47.34
CA ASP H 41 -48.18 30.97 47.60
C ASP H 41 -47.34 30.04 48.48
N ALA H 42 -47.97 29.15 49.26
CA ALA H 42 -47.27 28.19 50.11
C ALA H 42 -46.82 26.93 49.37
N ILE H 43 -47.32 26.67 48.17
CA ILE H 43 -47.08 25.42 47.44
C ILE H 43 -45.70 25.43 46.78
N GLY H 44 -44.84 24.47 47.12
CA GLY H 44 -43.49 24.37 46.57
C GLY H 44 -43.53 24.01 45.09
N LEU H 45 -42.85 24.77 44.23
CA LEU H 45 -43.09 24.71 42.78
C LEU H 45 -42.47 23.49 42.09
N ALA H 46 -41.37 22.94 42.63
CA ALA H 46 -40.60 21.89 41.99
C ALA H 46 -41.25 20.51 42.04
N VAL H 47 -42.12 20.22 43.01
CA VAL H 47 -42.74 18.89 43.14
C VAL H 47 -43.72 18.65 41.99
N PRO H 48 -43.77 17.43 41.40
CA PRO H 48 -44.61 17.17 40.25
C PRO H 48 -46.10 17.26 40.60
N LEU H 49 -46.96 17.50 39.60
CA LEU H 49 -48.38 17.79 39.84
C LEU H 49 -49.17 16.70 40.57
N ASP H 50 -48.69 15.45 40.53
CA ASP H 50 -49.24 14.36 41.34
C ASP H 50 -49.09 14.61 42.84
N MET H 51 -47.92 15.11 43.26
CA MET H 51 -47.53 15.27 44.66
C MET H 51 -47.91 16.63 45.25
N ARG H 52 -48.39 17.59 44.46
CA ARG H 52 -48.83 18.91 44.94
C ARG H 52 -49.93 18.84 46.01
N LYS H 53 -50.61 17.69 46.18
CA LYS H 53 -51.60 17.45 47.24
C LYS H 53 -50.99 17.32 48.63
N TYR H 54 -49.71 16.95 48.73
CA TYR H 54 -48.97 16.79 49.99
C TYR H 54 -48.51 18.15 50.53
N LEU H 55 -49.45 19.00 50.94
CA LEU H 55 -49.15 20.32 51.47
C LEU H 55 -48.29 20.26 52.74
N ALA H 56 -47.38 21.21 52.89
CA ALA H 56 -46.71 21.52 54.15
C ALA H 56 -47.28 22.82 54.72
N HIS H 57 -47.44 22.89 56.03
CA HIS H 57 -47.98 24.06 56.73
C HIS H 57 -46.97 24.58 57.75
N VAL H 58 -46.90 25.90 57.94
CA VAL H 58 -45.90 26.53 58.81
C VAL H 58 -46.54 27.33 59.93
N GLY H 59 -46.15 27.03 61.16
CA GLY H 59 -46.77 27.52 62.38
C GLY H 59 -46.21 28.84 62.92
N TYR H 60 -45.47 29.65 62.15
CA TYR H 60 -44.98 30.94 62.66
C TYR H 60 -46.12 31.91 63.05
N PRO H 61 -47.19 32.08 62.25
CA PRO H 61 -48.27 33.00 62.62
C PRO H 61 -49.01 32.57 63.88
N ARG H 62 -49.39 31.29 63.98
CA ARG H 62 -49.98 30.70 65.19
C ARG H 62 -49.08 30.93 66.41
N THR H 63 -47.79 30.64 66.28
CA THR H 63 -46.81 30.80 67.36
C THR H 63 -46.70 32.25 67.81
N TYR H 64 -46.59 33.21 66.89
CA TYR H 64 -46.44 34.61 67.24
C TYR H 64 -47.71 35.18 67.86
N VAL H 65 -48.88 34.97 67.24
CA VAL H 65 -50.15 35.46 67.78
C VAL H 65 -50.46 34.82 69.13
N ASP H 66 -50.25 33.52 69.32
CA ASP H 66 -50.47 32.91 70.64
C ASP H 66 -49.50 33.43 71.70
N ALA H 67 -48.23 33.64 71.38
CA ALA H 67 -47.26 34.16 72.33
C ALA H 67 -47.62 35.58 72.81
N ILE H 68 -48.10 36.45 71.92
CA ILE H 68 -48.58 37.79 72.30
C ILE H 68 -49.94 37.71 73.00
N ALA H 69 -50.85 36.85 72.56
CA ALA H 69 -52.22 36.81 73.08
C ALA H 69 -52.32 36.20 74.49
N GLU H 70 -51.43 35.29 74.85
CA GLU H 70 -51.54 34.61 76.15
C GLU H 70 -51.16 35.51 77.32
N ARG H 71 -50.02 36.19 77.26
CA ARG H 71 -49.39 36.86 78.41
C ARG H 71 -50.16 38.08 78.95
N GLN H 72 -51.22 38.48 78.27
CA GLN H 72 -52.09 39.60 78.66
C GLN H 72 -53.14 39.16 79.67
N GLU H 73 -52.94 39.48 80.95
CA GLU H 73 -53.90 39.22 82.02
C GLU H 73 -54.14 40.47 82.84
N LEU H 74 -55.40 40.77 83.17
CA LEU H 74 -55.78 41.96 83.92
C LEU H 74 -55.85 41.64 85.41
N GLU H 75 -55.18 42.42 86.25
CA GLU H 75 -55.26 42.28 87.72
C GLU H 75 -56.40 43.07 88.33
N GLY H 76 -56.80 44.18 87.71
CA GLY H 76 -57.86 45.05 88.19
C GLY H 76 -57.81 46.45 87.60
N PHE H 77 -58.81 47.26 87.90
CA PHE H 77 -58.84 48.68 87.57
C PHE H 77 -58.31 49.51 88.74
N ARG H 78 -57.83 50.72 88.48
CA ARG H 78 -57.37 51.66 89.51
C ARG H 78 -57.89 53.06 89.22
N ILE H 79 -58.44 53.73 90.22
CA ILE H 79 -59.14 55.02 90.07
C ILE H 79 -58.73 55.96 91.22
N PRO H 80 -58.43 57.25 90.99
CA PRO H 80 -58.17 58.21 92.06
C PRO H 80 -59.33 58.38 93.06
N SER H 81 -59.06 59.06 94.18
CA SER H 81 -60.06 59.39 95.21
C SER H 81 -59.86 60.79 95.78
N ALA H 82 -60.88 61.34 96.45
CA ALA H 82 -60.85 62.70 96.98
C ALA H 82 -59.84 62.88 98.13
N ASN H 83 -58.73 63.58 97.88
CA ASN H 83 -57.67 63.81 98.86
C ASN H 83 -58.11 64.60 100.10
N GLY H 84 -59.20 65.37 100.00
CA GLY H 84 -59.81 66.10 101.12
C GLY H 84 -60.56 65.23 102.14
N GLU H 85 -60.70 63.93 101.88
CA GLU H 85 -61.34 62.96 102.80
C GLU H 85 -60.59 61.62 102.89
N GLU H 86 -60.16 61.05 101.75
CA GLU H 86 -59.45 59.77 101.70
C GLU H 86 -58.56 59.67 100.43
N PRO H 87 -57.25 60.01 100.54
CA PRO H 87 -56.28 59.88 99.45
C PRO H 87 -56.12 58.49 98.83
N GLU H 88 -56.47 57.40 99.53
CA GLU H 88 -56.53 56.04 98.96
C GLU H 88 -57.65 55.22 99.60
N SER H 89 -58.84 55.19 99.00
CA SER H 89 -59.83 54.15 99.32
C SER H 89 -59.38 52.81 98.75
N GLY H 90 -59.72 51.71 99.42
CA GLY H 90 -59.21 50.38 99.08
C GLY H 90 -59.93 49.26 99.82
N GLY H 91 -59.87 48.04 99.29
CA GLY H 91 -60.61 46.89 99.82
C GLY H 91 -62.11 46.97 99.54
N GLU H 92 -62.94 46.54 100.48
CA GLU H 92 -64.39 46.49 100.31
C GLU H 92 -65.04 47.88 100.14
N ASN H 93 -66.02 47.98 99.26
CA ASN H 93 -66.75 49.22 98.90
C ASN H 93 -65.90 50.38 98.33
N ASP H 94 -64.69 50.13 97.84
CA ASP H 94 -63.96 51.10 96.99
C ASP H 94 -64.61 51.20 95.59
N PRO H 95 -64.29 52.21 94.75
CA PRO H 95 -64.98 52.38 93.46
C PRO H 95 -64.50 51.40 92.38
N ALA H 96 -63.27 50.90 92.47
CA ALA H 96 -62.71 49.99 91.46
C ALA H 96 -63.19 48.53 91.61
N SER H 97 -63.44 48.06 92.83
CA SER H 97 -63.94 46.70 93.08
C SER H 97 -65.36 46.49 92.58
N GLU H 98 -66.16 47.54 92.38
CA GLU H 98 -67.41 47.47 91.63
C GLU H 98 -67.16 46.99 90.19
N LEU H 99 -66.21 47.60 89.49
CA LEU H 99 -65.86 47.23 88.13
C LEU H 99 -65.26 45.83 88.06
N TRP H 100 -64.45 45.46 89.05
CA TRP H 100 -63.91 44.10 89.11
C TRP H 100 -64.98 43.05 89.41
N ASP H 101 -66.00 43.36 90.21
CA ASP H 101 -67.14 42.47 90.39
C ASP H 101 -67.89 42.22 89.08
N TRP H 102 -68.09 43.26 88.26
CA TRP H 102 -68.67 43.10 86.93
C TRP H 102 -67.74 42.32 85.99
N TRP H 103 -66.43 42.47 86.11
CA TRP H 103 -65.47 41.68 85.32
C TRP H 103 -65.57 40.19 85.65
N GLN H 104 -65.57 39.83 86.93
CA GLN H 104 -65.77 38.45 87.37
C GLN H 104 -67.16 37.91 87.03
N ALA H 105 -68.23 38.65 87.33
CA ALA H 105 -69.60 38.15 87.15
C ALA H 105 -69.93 37.83 85.67
N ASN H 106 -69.26 38.50 84.73
CA ASN H 106 -69.38 38.22 83.30
C ASN H 106 -68.35 37.21 82.77
N ASN H 107 -67.47 36.66 83.60
CA ASN H 107 -66.32 35.85 83.18
C ASN H 107 -65.47 36.53 82.10
N LEU H 108 -65.28 37.86 82.17
CA LEU H 108 -64.42 38.54 81.21
C LEU H 108 -62.97 38.07 81.31
N ASP H 109 -62.54 37.47 82.41
CA ASP H 109 -61.23 36.81 82.49
C ASP H 109 -61.11 35.58 81.58
N ILE H 110 -62.22 35.02 81.08
CA ILE H 110 -62.23 34.01 80.02
C ILE H 110 -62.51 34.65 78.66
N GLU H 111 -63.50 35.54 78.56
CA GLU H 111 -63.86 36.15 77.28
C GLU H 111 -62.79 37.11 76.74
N ALA H 112 -62.03 37.82 77.58
CA ALA H 112 -61.02 38.76 77.12
C ALA H 112 -59.81 38.05 76.50
N THR H 113 -59.27 36.99 77.10
CA THR H 113 -58.14 36.25 76.51
C THR H 113 -58.51 35.60 75.18
N LEU H 114 -59.80 35.38 74.92
CA LEU H 114 -60.32 35.05 73.59
C LEU H 114 -60.42 36.30 72.72
N GLY H 115 -61.09 37.35 73.15
CA GLY H 115 -61.26 38.57 72.35
C GLY H 115 -59.94 39.22 71.91
N HIS H 116 -58.91 39.14 72.74
CA HIS H 116 -57.57 39.62 72.41
C HIS H 116 -56.90 38.82 71.31
N THR H 117 -57.14 37.52 71.13
CA THR H 117 -56.54 36.82 70.00
C THR H 117 -57.24 37.18 68.68
N ASP H 118 -58.57 37.31 68.65
CA ASP H 118 -59.26 37.82 67.46
C ASP H 118 -58.86 39.26 67.13
N ALA H 119 -58.64 40.11 68.14
CA ALA H 119 -58.15 41.45 67.93
C ALA H 119 -56.74 41.49 67.33
N LEU H 120 -55.89 40.49 67.61
CA LEU H 120 -54.57 40.39 66.99
C LEU H 120 -54.65 39.76 65.60
N ILE H 121 -55.44 38.71 65.38
CA ILE H 121 -55.57 38.06 64.07
C ILE H 121 -56.20 38.99 63.05
N TYR H 122 -57.42 39.48 63.30
CA TYR H 122 -58.18 40.31 62.36
C TYR H 122 -57.87 41.80 62.48
N GLY H 123 -57.16 42.21 63.53
CA GLY H 123 -56.84 43.60 63.81
C GLY H 123 -57.87 44.31 64.69
N THR H 124 -59.09 43.79 64.84
CA THR H 124 -60.13 44.42 65.66
C THR H 124 -61.12 43.40 66.24
N ALA H 125 -61.71 43.67 67.40
CA ALA H 125 -62.80 42.92 68.00
C ALA H 125 -63.64 43.84 68.90
N TYR H 126 -64.92 43.57 69.12
CA TYR H 126 -65.84 44.57 69.64
C TYR H 126 -66.39 44.20 71.02
N ILE H 127 -66.11 45.01 72.03
CA ILE H 127 -66.77 44.93 73.33
C ILE H 127 -68.17 45.48 73.17
N THR H 128 -69.14 44.88 73.85
CA THR H 128 -70.58 45.13 73.74
C THR H 128 -71.17 45.23 75.13
N ILE H 129 -72.09 46.17 75.36
CA ILE H 129 -72.75 46.37 76.66
C ILE H 129 -74.28 46.26 76.51
N SER H 130 -74.94 45.71 77.51
CA SER H 130 -76.40 45.54 77.58
C SER H 130 -76.81 45.30 79.03
N MET H 131 -78.10 45.31 79.35
CA MET H 131 -78.63 44.86 80.63
C MET H 131 -79.30 43.47 80.48
N PRO H 132 -79.15 42.55 81.44
CA PRO H 132 -79.92 41.30 81.47
C PRO H 132 -81.44 41.55 81.48
N ASP H 133 -82.22 40.51 81.18
CA ASP H 133 -83.68 40.51 81.31
C ASP H 133 -84.22 39.13 81.74
N PRO H 134 -85.42 39.04 82.34
CA PRO H 134 -85.97 37.77 82.79
C PRO H 134 -86.35 36.78 81.67
N GLU H 135 -86.60 37.24 80.45
CA GLU H 135 -87.31 36.48 79.42
C GLU H 135 -86.38 35.65 78.55
N VAL H 136 -85.23 36.19 78.14
CA VAL H 136 -84.21 35.46 77.40
C VAL H 136 -83.55 34.40 78.30
N ASP H 137 -83.26 33.22 77.75
CA ASP H 137 -82.64 32.11 78.49
C ASP H 137 -81.23 32.47 78.98
N PHE H 138 -81.05 32.57 80.30
CA PHE H 138 -79.81 33.02 80.93
C PHE H 138 -79.47 32.30 82.24
N ASP H 139 -78.17 32.19 82.53
CA ASP H 139 -77.62 31.94 83.86
C ASP H 139 -76.65 33.08 84.21
N VAL H 140 -77.19 34.24 84.61
CA VAL H 140 -76.43 35.44 84.95
C VAL H 140 -77.02 36.14 86.18
N ASP H 141 -76.23 36.90 86.91
CA ASP H 141 -76.72 37.81 87.95
C ASP H 141 -77.52 38.95 87.29
N PRO H 142 -78.82 39.14 87.57
CA PRO H 142 -79.62 40.21 86.96
C PRO H 142 -79.14 41.63 87.26
N GLU H 143 -78.38 41.84 88.34
CA GLU H 143 -78.06 43.19 88.84
C GLU H 143 -76.78 43.81 88.26
N VAL H 144 -76.09 43.15 87.33
CA VAL H 144 -74.83 43.64 86.72
C VAL H 144 -74.97 43.82 85.20
N PRO H 145 -74.28 44.78 84.58
CA PRO H 145 -74.34 44.98 83.15
C PRO H 145 -73.73 43.76 82.43
N LEU H 146 -74.38 43.34 81.35
CA LEU H 146 -74.03 42.16 80.56
C LEU H 146 -72.94 42.49 79.55
N ILE H 147 -71.75 42.85 80.03
CA ILE H 147 -70.58 43.17 79.19
C ILE H 147 -70.14 41.91 78.46
N ARG H 148 -69.85 42.02 77.17
CA ARG H 148 -69.68 40.90 76.23
C ARG H 148 -68.66 41.27 75.16
N VAL H 149 -68.00 40.31 74.53
CA VAL H 149 -67.13 40.57 73.36
C VAL H 149 -67.64 39.80 72.16
N GLU H 150 -67.61 40.41 70.97
CA GLU H 150 -67.98 39.77 69.71
C GLU H 150 -66.90 40.00 68.65
N PRO H 151 -66.56 38.99 67.84
CA PRO H 151 -65.51 39.07 66.85
C PRO H 151 -65.96 39.84 65.61
N PRO H 152 -65.03 40.29 64.76
CA PRO H 152 -65.37 41.00 63.52
C PRO H 152 -65.99 40.09 62.45
N THR H 153 -65.98 38.77 62.67
CA THR H 153 -66.74 37.80 61.88
C THR H 153 -68.22 37.72 62.28
N ALA H 154 -68.69 38.59 63.19
CA ALA H 154 -70.10 38.67 63.58
C ALA H 154 -70.59 40.09 63.86
N LEU H 155 -69.80 40.98 64.46
CA LEU H 155 -70.17 42.38 64.71
C LEU H 155 -69.36 43.32 63.82
N TYR H 156 -70.03 44.25 63.15
CA TYR H 156 -69.40 45.34 62.40
C TYR H 156 -69.87 46.69 62.93
N ALA H 157 -68.99 47.68 62.96
CA ALA H 157 -69.30 49.02 63.45
C ALA H 157 -68.73 50.07 62.50
N GLU H 158 -69.53 51.09 62.17
CA GLU H 158 -69.12 52.19 61.31
C GLU H 158 -68.50 53.31 62.16
N VAL H 159 -67.22 53.63 61.96
CA VAL H 159 -66.49 54.61 62.78
C VAL H 159 -66.35 55.92 62.01
N ASP H 160 -66.75 57.03 62.61
CA ASP H 160 -66.56 58.36 62.02
C ASP H 160 -65.09 58.80 62.08
N PRO H 161 -64.42 59.06 60.94
CA PRO H 161 -63.02 59.49 60.97
C PRO H 161 -62.80 60.88 61.57
N ARG H 162 -63.84 61.73 61.72
CA ARG H 162 -63.74 63.04 62.37
C ARG H 162 -63.72 62.93 63.89
N THR H 163 -64.80 62.42 64.49
CA THR H 163 -64.95 62.36 65.96
C THR H 163 -64.37 61.09 66.59
N ARG H 164 -63.89 60.14 65.77
CA ARG H 164 -63.41 58.78 66.13
C ARG H 164 -64.41 57.88 66.87
N LYS H 165 -65.68 58.29 67.01
CA LYS H 165 -66.76 57.50 67.64
C LYS H 165 -67.36 56.48 66.66
N VAL H 166 -67.92 55.39 67.19
CA VAL H 166 -68.83 54.52 66.43
C VAL H 166 -70.16 55.25 66.21
N LEU H 167 -70.61 55.38 64.96
CA LEU H 167 -71.90 55.98 64.61
C LEU H 167 -73.07 55.02 64.88
N TYR H 168 -72.91 53.78 64.44
CA TYR H 168 -73.87 52.68 64.54
C TYR H 168 -73.19 51.34 64.23
N ALA H 169 -73.79 50.23 64.64
CA ALA H 169 -73.18 48.91 64.49
C ALA H 169 -74.24 47.82 64.29
N ILE H 170 -73.84 46.72 63.65
CA ILE H 170 -74.68 45.59 63.27
C ILE H 170 -74.05 44.30 63.78
N ARG H 171 -74.80 43.47 64.51
CA ARG H 171 -74.39 42.10 64.82
C ARG H 171 -75.18 41.14 63.94
N ALA H 172 -74.53 40.26 63.21
CA ALA H 172 -75.19 39.28 62.35
C ALA H 172 -74.78 37.87 62.75
N ILE H 173 -75.76 37.02 63.06
CA ILE H 173 -75.54 35.64 63.48
C ILE H 173 -75.94 34.72 62.33
N TYR H 174 -74.99 33.99 61.77
CA TYR H 174 -75.27 32.93 60.81
C TYR H 174 -75.85 31.70 61.53
N GLY H 175 -76.64 30.89 60.81
CA GLY H 175 -77.16 29.63 61.36
C GLY H 175 -76.07 28.63 61.72
N ALA H 176 -76.41 27.59 62.48
CA ALA H 176 -75.48 26.51 62.80
C ALA H 176 -75.02 25.80 61.51
N ASP H 177 -73.72 25.86 61.22
CA ASP H 177 -73.11 25.46 59.93
C ASP H 177 -73.74 26.15 58.70
N GLY H 178 -74.40 27.29 58.89
CA GLY H 178 -75.19 27.98 57.86
C GLY H 178 -74.35 28.74 56.84
N ASN H 179 -74.98 29.03 55.71
CA ASN H 179 -74.48 29.95 54.68
C ASN H 179 -75.13 31.35 54.79
N GLU H 180 -76.09 31.51 55.70
CA GLU H 180 -77.04 32.62 55.76
C GLU H 180 -77.42 33.01 57.20
N ILE H 181 -77.86 34.26 57.36
CA ILE H 181 -78.18 34.87 58.65
C ILE H 181 -79.47 34.27 59.24
N VAL H 182 -79.48 33.96 60.54
CA VAL H 182 -80.69 33.59 61.30
C VAL H 182 -81.14 34.66 62.29
N SER H 183 -80.28 35.60 62.69
CA SER H 183 -80.65 36.75 63.53
C SER H 183 -79.74 37.94 63.29
N ALA H 184 -80.23 39.16 63.47
CA ALA H 184 -79.42 40.36 63.35
C ALA H 184 -79.88 41.46 64.31
N THR H 185 -78.95 42.33 64.74
CA THR H 185 -79.21 43.40 65.71
C THR H 185 -78.55 44.69 65.27
N LEU H 186 -79.27 45.83 65.31
CA LEU H 186 -78.68 47.16 65.17
C LEU H 186 -78.48 47.78 66.55
N TYR H 187 -77.30 48.33 66.77
CA TYR H 187 -77.03 49.27 67.85
C TYR H 187 -76.98 50.68 67.25
N LEU H 188 -77.94 51.52 67.64
CA LEU H 188 -77.96 52.96 67.34
C LEU H 188 -77.60 53.75 68.61
N PRO H 189 -77.30 55.04 68.57
CA PRO H 189 -76.88 55.80 69.75
C PRO H 189 -77.83 55.67 70.94
N ASP H 190 -79.13 55.88 70.73
CA ASP H 190 -80.16 55.92 71.77
C ASP H 190 -81.03 54.65 71.87
N THR H 191 -80.86 53.67 70.99
CA THR H 191 -81.68 52.45 70.98
C THR H 191 -81.00 51.25 70.32
N THR H 192 -81.46 50.04 70.66
CA THR H 192 -81.13 48.79 69.96
C THR H 192 -82.39 48.17 69.40
N MET H 193 -82.31 47.49 68.26
CA MET H 193 -83.40 46.64 67.76
C MET H 193 -82.88 45.35 67.12
N THR H 194 -83.67 44.28 67.19
CA THR H 194 -83.26 42.92 66.77
C THR H 194 -84.31 42.25 65.91
N TRP H 195 -83.91 41.60 64.82
CA TRP H 195 -84.76 40.80 63.94
C TRP H 195 -84.27 39.35 63.90
N LEU H 196 -85.18 38.41 63.68
CA LEU H 196 -84.90 36.99 63.50
C LEU H 196 -85.48 36.55 62.16
N ARG H 197 -84.89 35.55 61.49
CA ARG H 197 -85.35 35.13 60.14
C ARG H 197 -85.27 33.64 59.83
N ALA H 198 -85.39 32.78 60.83
CA ALA H 198 -85.37 31.32 60.63
C ALA H 198 -86.50 30.79 59.72
N GLU H 199 -87.62 31.53 59.59
CA GLU H 199 -88.71 31.21 58.66
C GLU H 199 -88.43 31.53 57.18
N GLY H 200 -87.51 32.46 56.89
CA GLY H 200 -87.21 32.97 55.55
C GLY H 200 -87.02 34.48 55.56
N GLU H 201 -88.12 35.24 55.54
CA GLU H 201 -88.13 36.68 55.79
C GLU H 201 -87.99 37.01 57.30
N TRP H 202 -87.61 38.25 57.62
CA TRP H 202 -87.53 38.74 58.99
C TRP H 202 -88.88 38.79 59.69
N GLU H 203 -88.95 38.39 60.96
CA GLU H 203 -90.07 38.75 61.85
C GLU H 203 -89.99 40.22 62.30
N ALA H 204 -91.07 40.77 62.86
CA ALA H 204 -91.10 42.15 63.36
C ALA H 204 -90.12 42.33 64.55
N PRO H 205 -89.36 43.45 64.62
CA PRO H 205 -88.26 43.57 65.55
C PRO H 205 -88.67 43.78 67.01
N THR H 206 -87.88 43.24 67.94
CA THR H 206 -87.86 43.70 69.33
C THR H 206 -86.93 44.90 69.48
N SER H 207 -87.07 45.71 70.53
CA SER H 207 -86.25 46.91 70.72
C SER H 207 -86.18 47.38 72.18
N THR H 208 -85.18 48.19 72.52
CA THR H 208 -85.07 48.92 73.80
C THR H 208 -84.41 50.29 73.62
N PRO H 209 -84.80 51.33 74.38
CA PRO H 209 -83.97 52.52 74.59
C PRO H 209 -82.67 52.21 75.33
N HIS H 210 -81.68 53.11 75.23
CA HIS H 210 -80.44 53.07 76.03
C HIS H 210 -80.40 54.10 77.16
N GLY H 211 -80.89 55.32 76.91
CA GLY H 211 -80.60 56.50 77.74
C GLY H 211 -79.19 57.09 77.55
N LEU H 212 -78.22 56.29 77.06
CA LEU H 212 -76.90 56.77 76.64
C LEU H 212 -76.99 57.72 75.44
N GLU H 213 -76.03 58.62 75.29
CA GLU H 213 -75.90 59.49 74.12
C GLU H 213 -75.16 58.82 72.94
N MET H 214 -74.61 57.62 73.12
CA MET H 214 -73.69 56.98 72.18
C MET H 214 -73.76 55.44 72.22
N VAL H 215 -73.32 54.82 71.12
CA VAL H 215 -73.52 53.39 70.84
C VAL H 215 -72.82 52.50 71.88
N PRO H 216 -73.46 51.45 72.42
CA PRO H 216 -72.89 50.58 73.46
C PRO H 216 -71.92 49.52 72.91
N VAL H 217 -71.07 49.90 71.95
CA VAL H 217 -70.06 49.05 71.31
C VAL H 217 -68.73 49.78 71.27
N ILE H 218 -67.63 49.10 71.63
CA ILE H 218 -66.28 49.67 71.66
C ILE H 218 -65.32 48.75 70.91
N PRO H 219 -64.56 49.21 69.93
CA PRO H 219 -63.56 48.38 69.27
C PRO H 219 -62.28 48.26 70.12
N ILE H 220 -61.95 47.05 70.56
CA ILE H 220 -60.55 46.67 70.84
C ILE H 220 -59.87 46.62 69.47
N SER H 221 -58.92 47.51 69.20
CA SER H 221 -58.28 47.58 67.89
C SER H 221 -56.77 47.64 68.01
N ASN H 222 -56.08 46.84 67.19
CA ASN H 222 -54.63 46.70 67.20
C ASN H 222 -53.96 47.84 66.42
N ARG H 223 -54.15 49.09 66.85
CA ARG H 223 -53.56 50.27 66.20
C ARG H 223 -52.05 50.25 66.35
N THR H 224 -51.32 50.26 65.23
CA THR H 224 -49.84 50.29 65.24
C THR H 224 -49.29 51.74 65.23
N ARG H 225 -50.12 52.71 64.85
CA ARG H 225 -49.79 54.08 64.50
C ARG H 225 -50.99 55.00 64.72
N LEU H 226 -50.81 56.30 64.76
CA LEU H 226 -51.91 57.25 64.60
C LEU H 226 -52.47 57.23 63.18
N SER H 227 -51.61 57.12 62.16
CA SER H 227 -52.03 56.98 60.75
C SER H 227 -52.67 55.63 60.40
N ASP H 228 -52.87 54.73 61.39
CA ASP H 228 -53.85 53.63 61.33
C ASP H 228 -55.20 54.16 61.83
N LEU H 229 -56.15 54.42 60.94
CA LEU H 229 -57.50 54.88 61.35
C LEU H 229 -58.26 53.78 62.10
N TYR H 230 -58.02 52.53 61.72
CA TYR H 230 -58.70 51.32 62.21
C TYR H 230 -57.65 50.24 62.46
N GLY H 231 -57.99 49.21 63.24
CA GLY H 231 -57.01 48.23 63.68
C GLY H 231 -56.36 47.42 62.54
N THR H 232 -55.08 47.07 62.70
CA THR H 232 -54.26 46.35 61.71
C THR H 232 -53.96 44.94 62.18
N SER H 233 -54.02 43.92 61.33
CA SER H 233 -53.66 42.54 61.71
C SER H 233 -52.24 42.46 62.25
N GLU H 234 -52.04 41.70 63.32
CA GLU H 234 -50.73 41.46 63.93
C GLU H 234 -49.84 40.55 63.09
N ILE H 235 -50.41 39.76 62.19
CA ILE H 235 -49.66 38.86 61.30
C ILE H 235 -49.08 39.69 60.15
N SER H 236 -48.01 40.44 60.44
CA SER H 236 -47.38 41.40 59.52
C SER H 236 -47.00 40.78 58.18
N PRO H 237 -46.98 41.52 57.07
CA PRO H 237 -46.65 40.96 55.76
C PRO H 237 -45.21 40.43 55.68
N GLU H 238 -44.28 40.91 56.48
CA GLU H 238 -42.97 40.27 56.63
C GLU H 238 -43.13 38.83 57.12
N LEU H 239 -43.89 38.62 58.19
CA LEU H 239 -44.13 37.31 58.78
C LEU H 239 -44.94 36.41 57.86
N ARG H 240 -45.85 36.95 57.05
CA ARG H 240 -46.52 36.19 55.99
C ARG H 240 -45.52 35.72 54.94
N SER H 241 -44.66 36.60 54.46
CA SER H 241 -43.71 36.24 53.40
C SER H 241 -42.70 35.17 53.84
N VAL H 242 -42.21 35.19 55.09
CA VAL H 242 -41.31 34.13 55.59
C VAL H 242 -42.06 32.84 55.89
N THR H 243 -43.34 32.90 56.25
CA THR H 243 -44.17 31.70 56.44
C THR H 243 -44.40 30.97 55.12
N ASP H 244 -44.76 31.69 54.06
CA ASP H 244 -44.94 31.09 52.73
C ASP H 244 -43.61 30.63 52.13
N ALA H 245 -42.53 31.40 52.31
CA ALA H 245 -41.20 30.97 51.89
C ALA H 245 -40.81 29.64 52.55
N ALA H 246 -40.93 29.50 53.87
CA ALA H 246 -40.59 28.26 54.54
C ALA H 246 -41.48 27.09 54.14
N ALA H 247 -42.78 27.32 53.87
CA ALA H 247 -43.67 26.28 53.40
C ALA H 247 -43.26 25.74 52.03
N GLN H 248 -42.77 26.58 51.12
CA GLN H 248 -42.23 26.10 49.84
C GLN H 248 -40.99 25.22 50.04
N ILE H 249 -40.07 25.59 50.93
CA ILE H 249 -38.87 24.78 51.19
C ILE H 249 -39.25 23.42 51.76
N LEU H 250 -40.19 23.35 52.71
CA LEU H 250 -40.62 22.07 53.28
C LEU H 250 -41.24 21.15 52.24
N MET H 251 -42.03 21.67 51.31
CA MET H 251 -42.55 20.86 50.20
C MET H 251 -41.45 20.39 49.25
N ASN H 252 -40.54 21.26 48.81
CA ASN H 252 -39.45 20.84 47.92
C ASN H 252 -38.52 19.83 48.61
N MET H 253 -38.21 19.99 49.89
CA MET H 253 -37.42 19.01 50.64
C MET H 253 -38.15 17.67 50.71
N GLN H 254 -39.45 17.65 50.97
CA GLN H 254 -40.24 16.42 51.02
C GLN H 254 -40.39 15.75 49.65
N GLY H 255 -40.55 16.51 48.57
CA GLY H 255 -40.51 15.95 47.22
C GLY H 255 -39.15 15.32 46.93
N THR H 256 -38.07 16.00 47.27
CA THR H 256 -36.71 15.47 47.10
C THR H 256 -36.54 14.17 47.88
N ALA H 257 -37.06 14.08 49.10
CA ALA H 257 -36.95 12.87 49.90
C ALA H 257 -37.74 11.69 49.33
N ASN H 258 -38.76 11.92 48.51
CA ASN H 258 -39.54 10.88 47.84
C ASN H 258 -38.99 10.49 46.46
N LEU H 259 -38.19 11.33 45.81
CA LEU H 259 -37.75 11.10 44.43
C LEU H 259 -36.23 11.04 44.22
N MET H 260 -35.42 11.63 45.09
CA MET H 260 -34.01 11.88 44.81
C MET H 260 -33.05 11.78 45.98
N ALA H 261 -33.48 11.49 47.20
CA ALA H 261 -32.55 11.24 48.32
C ALA H 261 -31.71 9.95 48.16
N ILE H 262 -31.78 9.32 47.00
CA ILE H 262 -31.35 7.98 46.64
C ILE H 262 -30.56 8.05 45.32
N PRO H 263 -29.41 7.38 45.17
CA PRO H 263 -28.75 7.23 43.88
C PRO H 263 -29.64 6.47 42.89
N GLN H 264 -29.68 6.86 41.61
CA GLN H 264 -30.43 6.13 40.58
C GLN H 264 -29.46 5.35 39.69
N ARG H 265 -29.69 4.05 39.53
CA ARG H 265 -28.71 3.08 39.04
C ARG H 265 -28.96 2.71 37.57
N LEU H 266 -27.95 2.82 36.72
CA LEU H 266 -28.07 2.67 35.27
C LEU H 266 -27.07 1.64 34.72
N ILE H 267 -27.43 0.92 33.67
CA ILE H 267 -26.52 0.07 32.89
C ILE H 267 -26.64 0.45 31.43
N PHE H 268 -25.51 0.63 30.75
CA PHE H 268 -25.46 0.99 29.33
C PHE H 268 -24.80 -0.12 28.50
N GLY H 269 -25.25 -0.30 27.26
CA GLY H 269 -24.70 -1.27 26.32
C GLY H 269 -25.21 -2.70 26.51
N ALA H 270 -26.16 -2.92 27.41
CA ALA H 270 -26.77 -4.23 27.65
C ALA H 270 -28.09 -4.38 26.88
N LYS H 271 -28.19 -5.39 26.02
CA LYS H 271 -29.44 -5.68 25.30
C LYS H 271 -30.53 -6.12 26.29
N PRO H 272 -31.78 -5.63 26.22
CA PRO H 272 -32.80 -6.10 27.13
C PRO H 272 -33.09 -7.61 27.00
N GLU H 273 -33.04 -8.19 25.79
CA GLU H 273 -33.22 -9.64 25.64
C GLU H 273 -32.00 -10.45 26.10
N GLU H 274 -30.82 -9.86 26.21
CA GLU H 274 -29.63 -10.50 26.80
C GLU H 274 -29.79 -10.61 28.33
N LEU H 275 -30.25 -9.54 28.97
CA LEU H 275 -30.57 -9.53 30.40
C LEU H 275 -31.74 -10.45 30.75
N GLY H 276 -32.57 -10.83 29.77
CA GLY H 276 -33.78 -11.60 29.99
C GLY H 276 -34.97 -10.75 30.45
N ILE H 277 -35.01 -9.47 30.07
CA ILE H 277 -36.16 -8.59 30.31
C ILE H 277 -37.40 -9.21 29.65
N ASN H 278 -38.50 -9.34 30.39
CA ASN H 278 -39.77 -9.79 29.83
C ASN H 278 -40.36 -8.68 28.94
N ALA H 279 -40.36 -8.87 27.63
CA ALA H 279 -40.80 -7.84 26.68
C ALA H 279 -42.29 -7.45 26.83
N GLU H 280 -43.12 -8.30 27.43
CA GLU H 280 -44.53 -8.00 27.70
C GLU H 280 -44.74 -7.02 28.87
N THR H 281 -43.72 -6.81 29.72
CA THR H 281 -43.82 -5.93 30.90
C THR H 281 -42.69 -4.92 31.04
N GLY H 282 -41.54 -5.15 30.39
CA GLY H 282 -40.36 -4.29 30.43
C GLY H 282 -39.44 -4.50 31.63
N GLN H 283 -39.59 -5.60 32.38
CA GLN H 283 -38.92 -5.81 33.68
C GLN H 283 -38.28 -7.19 33.80
N ARG H 284 -37.29 -7.33 34.69
CA ARG H 284 -36.84 -8.63 35.22
C ARG H 284 -36.69 -8.56 36.73
N MET H 285 -37.27 -9.50 37.46
CA MET H 285 -37.03 -9.67 38.90
C MET H 285 -35.69 -10.36 39.13
N PHE H 286 -34.89 -9.93 40.11
CA PHE H 286 -33.71 -10.68 40.54
C PHE H 286 -33.62 -10.78 42.07
N ASP H 287 -33.27 -11.97 42.58
CA ASP H 287 -33.22 -12.23 44.02
C ASP H 287 -31.98 -11.57 44.65
N ALA H 288 -32.21 -10.52 45.44
CA ALA H 288 -31.24 -9.47 45.74
C ALA H 288 -30.70 -9.45 47.18
N TYR H 289 -30.71 -10.59 47.88
CA TYR H 289 -30.14 -10.68 49.21
C TYR H 289 -28.67 -10.22 49.23
N MET H 290 -28.21 -9.84 50.40
CA MET H 290 -26.90 -9.24 50.65
C MET H 290 -25.72 -9.99 50.02
N ALA H 291 -24.72 -9.26 49.54
CA ALA H 291 -23.46 -9.74 48.97
C ALA H 291 -23.52 -10.58 47.68
N ARG H 292 -24.68 -10.85 47.09
CA ARG H 292 -24.79 -11.51 45.78
C ARG H 292 -24.17 -10.65 44.69
N ILE H 293 -23.37 -11.23 43.81
CA ILE H 293 -22.69 -10.50 42.73
C ILE H 293 -23.41 -10.78 41.42
N LEU H 294 -23.83 -9.74 40.70
CA LEU H 294 -24.39 -9.89 39.36
C LEU H 294 -23.28 -10.11 38.33
N ALA H 295 -23.45 -10.99 37.35
CA ALA H 295 -22.46 -11.24 36.31
C ALA H 295 -23.10 -11.14 34.93
N PHE H 296 -22.46 -10.44 33.99
CA PHE H 296 -23.04 -10.11 32.69
C PHE H 296 -22.14 -10.57 31.53
N GLU H 297 -22.76 -11.16 30.50
CA GLU H 297 -22.14 -11.33 29.18
C GLU H 297 -21.79 -9.99 28.52
N GLY H 298 -22.47 -8.91 28.90
CA GLY H 298 -22.33 -7.60 28.28
C GLY H 298 -20.88 -7.11 28.21
N GLY H 299 -20.51 -6.61 27.04
CA GLY H 299 -19.16 -6.16 26.72
C GLY H 299 -19.19 -5.09 25.62
N GLU H 300 -18.10 -4.95 24.87
CA GLU H 300 -18.00 -3.99 23.75
C GLU H 300 -18.29 -2.53 24.18
N GLY H 301 -17.89 -2.18 25.41
CA GLY H 301 -18.12 -0.88 26.03
C GLY H 301 -19.30 -0.84 27.02
N ALA H 302 -20.00 -1.94 27.25
CA ALA H 302 -21.05 -2.01 28.28
C ALA H 302 -20.49 -1.76 29.68
N HIS H 303 -21.19 -0.96 30.49
CA HIS H 303 -20.77 -0.57 31.83
C HIS H 303 -21.95 -0.06 32.68
N ALA H 304 -21.73 0.01 33.99
CA ALA H 304 -22.69 0.48 34.99
C ALA H 304 -22.31 1.88 35.48
N GLU H 305 -23.28 2.77 35.65
CA GLU H 305 -23.06 4.08 36.26
C GLU H 305 -24.35 4.63 36.87
N GLN H 306 -24.27 5.69 37.67
CA GLN H 306 -25.42 6.13 38.47
C GLN H 306 -25.51 7.65 38.57
N PHE H 307 -26.73 8.16 38.67
CA PHE H 307 -26.98 9.54 39.09
C PHE H 307 -26.83 9.64 40.61
N SER H 308 -26.27 10.73 41.12
CA SER H 308 -26.07 10.93 42.55
C SER H 308 -27.37 11.27 43.27
N ALA H 309 -27.42 11.00 44.57
CA ALA H 309 -28.49 11.51 45.42
C ALA H 309 -28.46 13.03 45.47
N ALA H 310 -29.60 13.66 45.69
CA ALA H 310 -29.68 15.05 46.11
C ALA H 310 -29.45 15.12 47.64
N GLU H 311 -28.54 15.99 48.09
CA GLU H 311 -28.24 16.16 49.52
C GLU H 311 -29.35 16.97 50.20
N LEU H 312 -30.18 16.38 51.06
CA LEU H 312 -31.33 17.09 51.64
C LEU H 312 -30.92 18.29 52.50
N ARG H 313 -29.72 18.29 53.09
CA ARG H 313 -29.20 19.47 53.82
C ARG H 313 -28.97 20.70 52.95
N ASN H 314 -28.95 20.58 51.62
CA ASN H 314 -28.99 21.75 50.74
C ASN H 314 -30.30 22.54 50.88
N PHE H 315 -31.38 21.93 51.37
CA PHE H 315 -32.61 22.64 51.75
C PHE H 315 -32.61 22.97 53.24
N VAL H 316 -32.12 22.08 54.10
CA VAL H 316 -32.14 22.33 55.55
C VAL H 316 -31.33 23.55 55.95
N ASP H 317 -30.19 23.82 55.30
CA ASP H 317 -29.43 25.03 55.60
C ASP H 317 -30.06 26.32 55.02
N ALA H 318 -31.14 26.22 54.22
CA ALA H 318 -32.05 27.33 53.95
C ALA H 318 -33.21 27.39 54.97
N LEU H 319 -33.74 26.26 55.46
CA LEU H 319 -34.74 26.26 56.53
C LEU H 319 -34.19 26.91 57.81
N ASP H 320 -32.93 26.66 58.17
CA ASP H 320 -32.29 27.36 59.27
C ASP H 320 -32.20 28.87 59.04
N ALA H 321 -31.88 29.31 57.82
CA ALA H 321 -31.80 30.73 57.49
C ALA H 321 -33.17 31.43 57.58
N LEU H 322 -34.25 30.77 57.16
CA LEU H 322 -35.60 31.31 57.31
C LEU H 322 -36.07 31.29 58.77
N ASP H 323 -35.67 30.33 59.61
CA ASP H 323 -35.96 30.42 61.05
C ASP H 323 -35.26 31.63 61.70
N ARG H 324 -34.03 31.98 61.31
CA ARG H 324 -33.36 33.20 61.79
C ARG H 324 -34.12 34.46 61.38
N LYS H 325 -34.62 34.53 60.14
CA LYS H 325 -35.46 35.66 59.71
C LYS H 325 -36.80 35.69 60.45
N ALA H 326 -37.50 34.58 60.58
CA ALA H 326 -38.77 34.55 61.31
C ALA H 326 -38.63 34.91 62.79
N ALA H 327 -37.50 34.58 63.43
CA ALA H 327 -37.19 35.03 64.78
C ALA H 327 -36.94 36.54 64.81
N SER H 328 -36.13 37.05 63.89
CA SER H 328 -35.82 38.48 63.76
C SER H 328 -37.07 39.34 63.53
N TYR H 329 -37.98 38.94 62.64
CA TYR H 329 -39.21 39.70 62.37
C TYR H 329 -40.18 39.68 63.55
N SER H 330 -40.27 38.57 64.29
CA SER H 330 -41.25 38.40 65.35
C SER H 330 -40.81 38.95 66.70
N GLY H 331 -39.52 38.85 67.04
CA GLY H 331 -39.02 39.23 68.36
C GLY H 331 -39.30 38.21 69.46
N LEU H 332 -39.69 36.99 69.10
CA LEU H 332 -39.76 35.87 70.04
C LEU H 332 -38.36 35.53 70.58
N PRO H 333 -38.21 34.95 71.78
CA PRO H 333 -36.96 34.35 72.21
C PRO H 333 -36.43 33.36 71.16
N PRO H 334 -35.12 33.31 70.87
CA PRO H 334 -34.59 32.45 69.81
C PRO H 334 -34.99 30.97 69.90
N GLN H 335 -35.12 30.44 71.13
CA GLN H 335 -35.46 29.04 71.35
C GLN H 335 -36.92 28.68 71.03
N TYR H 336 -37.79 29.64 70.71
CA TYR H 336 -39.13 29.31 70.20
C TYR H 336 -39.09 28.71 68.79
N LEU H 337 -38.14 29.14 67.96
CA LEU H 337 -37.98 28.63 66.59
C LEU H 337 -36.75 27.72 66.47
N SER H 338 -35.56 28.22 66.78
CA SER H 338 -34.32 27.47 66.70
C SER H 338 -34.09 26.63 67.97
N SER H 339 -34.73 25.47 68.08
CA SER H 339 -34.68 24.62 69.30
C SER H 339 -33.30 24.02 69.62
N SER H 340 -32.31 24.16 68.74
CA SER H 340 -30.90 23.82 68.99
C SER H 340 -30.06 24.99 69.54
N SER H 341 -30.57 26.23 69.49
CA SER H 341 -29.85 27.42 70.00
C SER H 341 -29.77 27.45 71.54
N ASP H 342 -28.86 28.26 72.06
CA ASP H 342 -28.51 28.30 73.50
C ASP H 342 -29.71 28.60 74.41
N ASN H 343 -29.91 27.82 75.47
CA ASN H 343 -30.89 28.12 76.51
C ASN H 343 -30.40 29.26 77.43
N PRO H 344 -31.21 30.28 77.74
CA PRO H 344 -30.85 31.24 78.75
C PRO H 344 -30.88 30.57 80.13
N ALA H 345 -29.75 30.59 80.84
CA ALA H 345 -29.50 29.73 82.00
C ALA H 345 -29.39 30.47 83.35
N SER H 346 -29.74 31.75 83.40
CA SER H 346 -29.80 32.57 84.61
C SER H 346 -31.01 33.50 84.56
N ALA H 347 -31.45 34.01 85.71
CA ALA H 347 -32.59 34.93 85.75
C ALA H 347 -32.36 36.19 84.89
N GLU H 348 -31.13 36.71 84.84
CA GLU H 348 -30.80 37.84 83.97
C GLU H 348 -30.77 37.43 82.50
N ALA H 349 -30.25 36.26 82.13
CA ALA H 349 -30.28 35.80 80.75
C ALA H 349 -31.70 35.61 80.21
N ILE H 350 -32.66 35.21 81.05
CA ILE H 350 -34.08 35.14 80.68
C ILE H 350 -34.59 36.55 80.38
N LYS H 351 -34.40 37.51 81.27
CA LYS H 351 -34.87 38.89 81.06
C LYS H 351 -34.23 39.54 79.84
N ALA H 352 -33.03 39.16 79.46
CA ALA H 352 -32.43 39.58 78.20
C ALA H 352 -33.14 38.98 76.98
N ALA H 353 -33.30 37.65 76.93
CA ALA H 353 -33.89 36.96 75.80
C ALA H 353 -35.36 37.32 75.57
N GLU H 354 -36.14 37.48 76.63
CA GLU H 354 -37.55 37.87 76.54
C GLU H 354 -37.78 39.35 76.26
N SER H 355 -36.76 40.22 76.27
CA SER H 355 -36.96 41.67 76.30
C SER H 355 -37.82 42.23 75.17
N ARG H 356 -37.67 41.74 73.94
CA ARG H 356 -38.53 42.15 72.81
C ARG H 356 -39.98 41.70 73.00
N LEU H 357 -40.18 40.45 73.39
CA LEU H 357 -41.50 39.87 73.60
C LEU H 357 -42.23 40.55 74.76
N VAL H 358 -41.55 40.85 75.86
CA VAL H 358 -42.13 41.60 76.99
C VAL H 358 -42.54 42.99 76.57
N LYS H 359 -41.70 43.75 75.88
CA LYS H 359 -42.05 45.12 75.47
C LYS H 359 -43.15 45.18 74.43
N LYS H 360 -43.25 44.19 73.53
CA LYS H 360 -44.39 44.06 72.61
C LYS H 360 -45.69 43.85 73.39
N VAL H 361 -45.70 42.96 74.38
CA VAL H 361 -46.88 42.74 75.23
C VAL H 361 -47.20 43.95 76.11
N GLU H 362 -46.23 44.63 76.69
CA GLU H 362 -46.51 45.85 77.47
C GLU H 362 -47.17 46.93 76.60
N ARG H 363 -46.84 47.04 75.32
CA ARG H 363 -47.53 47.95 74.41
C ARG H 363 -48.95 47.49 74.06
N LYS H 364 -49.20 46.19 73.87
CA LYS H 364 -50.58 45.68 73.75
C LYS H 364 -51.42 45.93 75.00
N ASN H 365 -50.87 45.74 76.20
CA ASN H 365 -51.56 46.05 77.45
C ASN H 365 -52.06 47.50 77.49
N LYS H 366 -51.31 48.47 76.95
CA LYS H 366 -51.73 49.86 76.90
C LYS H 366 -52.85 50.09 75.89
N ILE H 367 -52.68 49.69 74.63
CA ILE H 367 -53.70 49.98 73.60
C ILE H 367 -55.00 49.18 73.77
N PHE H 368 -54.98 47.97 74.34
CA PHE H 368 -56.21 47.25 74.68
C PHE H 368 -56.81 47.70 76.02
N GLY H 369 -56.01 48.22 76.96
CA GLY H 369 -56.51 48.78 78.21
C GLY H 369 -57.47 49.94 77.99
N GLY H 370 -57.19 50.81 77.02
CA GLY H 370 -58.08 51.93 76.67
C GLY H 370 -59.50 51.48 76.25
N ALA H 371 -59.64 50.37 75.55
CA ALA H 371 -60.95 49.86 75.14
C ALA H 371 -61.74 49.31 76.33
N TRP H 372 -61.11 48.57 77.24
CA TRP H 372 -61.78 48.08 78.45
C TRP H 372 -62.12 49.20 79.42
N GLU H 373 -61.28 50.22 79.52
CA GLU H 373 -61.57 51.41 80.31
C GLU H 373 -62.84 52.10 79.80
N GLN H 374 -62.97 52.34 78.48
CA GLN H 374 -64.17 52.92 77.90
C GLN H 374 -65.40 52.01 78.08
N ALA H 375 -65.25 50.71 77.93
CA ALA H 375 -66.34 49.77 78.14
C ALA H 375 -66.85 49.80 79.58
N MET H 376 -65.97 49.94 80.57
CA MET H 376 -66.39 50.06 81.97
C MET H 376 -67.08 51.40 82.25
N ARG H 377 -66.68 52.51 81.63
CA ARG H 377 -67.45 53.76 81.75
C ARG H 377 -68.84 53.64 81.12
N LEU H 378 -68.98 53.09 79.92
CA LEU H 378 -70.30 52.88 79.31
C LEU H 378 -71.15 51.91 80.13
N ALA H 379 -70.58 50.83 80.68
CA ALA H 379 -71.30 49.91 81.55
C ALA H 379 -71.79 50.60 82.83
N TYR H 380 -70.97 51.45 83.45
CA TYR H 380 -71.38 52.24 84.60
C TYR H 380 -72.50 53.22 84.24
N LYS H 381 -72.37 53.98 83.15
CA LYS H 381 -73.39 54.93 82.72
C LYS H 381 -74.73 54.26 82.44
N MET H 382 -74.71 53.03 81.91
CA MET H 382 -75.93 52.25 81.67
C MET H 382 -76.55 51.73 82.98
N VAL H 383 -75.82 51.03 83.84
CA VAL H 383 -76.42 50.39 85.02
C VAL H 383 -76.70 51.37 86.16
N LYS H 384 -75.79 52.31 86.42
CA LYS H 384 -75.88 53.24 87.54
C LYS H 384 -76.71 54.49 87.22
N GLY H 385 -76.98 54.74 85.94
CA GLY H 385 -77.70 55.93 85.48
C GLY H 385 -76.93 57.23 85.75
N GLY H 386 -77.63 58.36 85.65
CA GLY H 386 -77.06 59.68 85.95
C GLY H 386 -75.93 60.07 85.00
N ASP H 387 -74.81 60.51 85.55
CA ASP H 387 -73.61 60.88 84.80
C ASP H 387 -72.33 60.47 85.55
N ILE H 388 -71.24 60.25 84.83
CA ILE H 388 -70.00 59.67 85.36
C ILE H 388 -69.32 60.62 86.36
N PRO H 389 -68.87 60.15 87.53
CA PRO H 389 -68.01 60.93 88.41
C PRO H 389 -66.68 61.26 87.73
N THR H 390 -66.20 62.50 87.83
CA THR H 390 -65.05 62.99 87.06
C THR H 390 -63.76 62.16 87.21
N GLU H 391 -63.58 61.48 88.34
CA GLU H 391 -62.43 60.59 88.58
C GLU H 391 -62.37 59.39 87.62
N TYR H 392 -63.49 58.90 87.08
CA TYR H 392 -63.48 57.77 86.14
C TYR H 392 -62.83 58.11 84.80
N TYR H 393 -62.62 59.40 84.47
CA TYR H 393 -61.82 59.78 83.31
C TYR H 393 -60.31 59.55 83.51
N ARG H 394 -59.85 59.39 84.74
CA ARG H 394 -58.44 59.06 85.07
C ARG H 394 -58.21 57.56 85.22
N MET H 395 -59.24 56.73 85.09
CA MET H 395 -59.18 55.30 85.36
C MET H 395 -58.06 54.60 84.59
N GLU H 396 -57.37 53.68 85.27
CA GLU H 396 -56.26 52.90 84.75
C GLU H 396 -56.61 51.42 84.77
N THR H 397 -56.08 50.65 83.82
CA THR H 397 -56.09 49.19 83.85
C THR H 397 -54.74 48.70 84.36
N VAL H 398 -54.71 47.80 85.34
CA VAL H 398 -53.48 47.22 85.89
C VAL H 398 -53.37 45.78 85.43
N TRP H 399 -52.27 45.42 84.79
CA TRP H 399 -52.06 44.13 84.12
C TRP H 399 -50.87 43.38 84.73
N ARG H 400 -50.86 42.04 84.66
CA ARG H 400 -49.72 41.25 85.10
C ARG H 400 -48.47 41.52 84.27
N ASP H 401 -47.30 41.49 84.88
CA ASP H 401 -46.01 41.62 84.21
C ASP H 401 -45.81 40.48 83.20
N PRO H 402 -45.64 40.75 81.90
CA PRO H 402 -45.46 39.71 80.88
C PRO H 402 -44.22 38.82 81.04
N SER H 403 -43.28 39.16 81.92
CA SER H 403 -42.02 38.43 82.10
C SER H 403 -42.21 37.05 82.73
N THR H 404 -41.33 36.07 82.45
CA THR H 404 -41.34 34.77 83.15
C THR H 404 -41.17 34.97 84.66
N PRO H 405 -42.01 34.40 85.54
CA PRO H 405 -41.93 34.61 86.98
C PRO H 405 -40.64 34.07 87.63
N THR H 406 -39.62 34.91 87.76
CA THR H 406 -38.37 34.58 88.46
C THR H 406 -38.53 34.77 89.97
N TYR H 407 -39.35 33.95 90.61
CA TYR H 407 -39.77 34.14 92.00
C TYR H 407 -38.61 34.26 92.99
N ALA H 408 -37.69 33.29 93.01
CA ALA H 408 -36.60 33.28 93.98
C ALA H 408 -35.68 34.51 93.85
N ALA H 409 -35.37 34.94 92.63
CA ALA H 409 -34.55 36.11 92.39
C ALA H 409 -35.20 37.41 92.90
N LYS H 410 -36.54 37.52 92.89
CA LYS H 410 -37.24 38.65 93.50
C LYS H 410 -37.44 38.49 95.01
N ALA H 411 -37.59 37.28 95.53
CA ALA H 411 -37.67 37.04 96.97
C ALA H 411 -36.40 37.49 97.71
N ASP H 412 -35.22 37.23 97.14
CA ASP H 412 -33.95 37.78 97.65
C ASP H 412 -34.00 39.32 97.71
N ALA H 413 -34.48 39.96 96.64
CA ALA H 413 -34.50 41.40 96.51
C ALA H 413 -35.50 42.06 97.45
N ALA H 414 -36.74 41.59 97.48
CA ALA H 414 -37.78 42.16 98.34
C ALA H 414 -37.44 41.99 99.83
N ALA H 415 -36.88 40.85 100.24
CA ALA H 415 -36.41 40.67 101.61
C ALA H 415 -35.27 41.63 101.96
N LYS H 416 -34.26 41.80 101.09
CA LYS H 416 -33.14 42.72 101.33
C LYS H 416 -33.56 44.19 101.36
N LEU H 417 -34.59 44.58 100.60
CA LEU H 417 -35.16 45.93 100.63
C LEU H 417 -36.01 46.19 101.87
N PHE H 418 -36.88 45.26 102.28
CA PHE H 418 -37.78 45.46 103.42
C PHE H 418 -37.06 45.38 104.78
N ALA H 419 -36.08 44.49 104.93
CA ALA H 419 -35.25 44.35 106.14
C ALA H 419 -36.06 44.33 107.46
N ASN H 420 -37.09 43.50 107.53
CA ASN H 420 -37.97 43.32 108.70
C ASN H 420 -38.59 44.63 109.21
N GLY H 421 -38.89 45.56 108.29
CA GLY H 421 -39.55 46.84 108.58
C GLY H 421 -38.61 48.01 108.84
N ALA H 422 -37.32 47.76 109.04
CA ALA H 422 -36.30 48.82 109.15
C ALA H 422 -35.82 49.35 107.80
N GLY H 423 -36.16 48.67 106.70
CA GLY H 423 -35.55 48.88 105.39
C GLY H 423 -36.12 50.03 104.57
N LEU H 424 -35.83 49.99 103.27
CA LEU H 424 -36.05 51.08 102.33
C LEU H 424 -37.51 51.26 101.90
N ILE H 425 -38.32 50.20 101.88
CA ILE H 425 -39.69 50.20 101.31
C ILE H 425 -40.76 49.84 102.35
N PRO H 426 -41.99 50.37 102.25
CA PRO H 426 -43.11 49.93 103.07
C PRO H 426 -43.57 48.52 102.68
N ARG H 427 -44.32 47.85 103.56
CA ARG H 427 -44.73 46.44 103.35
C ARG H 427 -45.54 46.23 102.08
N GLU H 428 -46.51 47.09 101.79
CA GLU H 428 -47.34 46.98 100.57
C GLU H 428 -46.52 47.07 99.29
N ARG H 429 -45.45 47.89 99.23
CA ARG H 429 -44.57 47.90 98.06
C ARG H 429 -43.86 46.58 97.89
N GLY H 430 -43.40 45.95 98.96
CA GLY H 430 -42.82 44.61 98.85
C GLY H 430 -43.81 43.60 98.25
N TRP H 431 -45.10 43.68 98.57
CA TRP H 431 -46.13 42.85 97.95
C TRP H 431 -46.35 43.19 96.46
N VAL H 432 -46.31 44.46 96.07
CA VAL H 432 -46.42 44.87 94.66
C VAL H 432 -45.23 44.38 93.84
N ASP H 433 -44.00 44.51 94.32
CA ASP H 433 -42.81 44.07 93.60
C ASP H 433 -42.71 42.54 93.48
N MET H 434 -43.17 41.79 94.49
CA MET H 434 -43.35 40.34 94.37
C MET H 434 -44.45 39.94 93.38
N GLY H 435 -45.26 40.88 92.90
CA GLY H 435 -46.25 40.64 91.85
C GLY H 435 -47.58 40.06 92.32
N TYR H 436 -47.91 40.17 93.61
CA TYR H 436 -49.21 39.75 94.12
C TYR H 436 -50.31 40.69 93.59
N THR H 437 -51.38 40.12 93.03
CA THR H 437 -52.43 40.86 92.31
C THR H 437 -53.31 41.71 93.23
N ILE H 438 -54.08 42.66 92.68
CA ILE H 438 -54.92 43.58 93.47
C ILE H 438 -55.91 42.86 94.38
N VAL H 439 -56.55 41.79 93.90
CA VAL H 439 -57.49 40.96 94.68
C VAL H 439 -56.81 40.12 95.77
N GLU H 440 -55.50 39.97 95.67
CA GLU H 440 -54.69 39.04 96.44
C GLU H 440 -53.91 39.75 97.55
N ARG H 441 -53.52 41.01 97.33
CA ARG H 441 -52.99 41.87 98.38
C ARG H 441 -54.03 42.23 99.43
N GLU H 442 -55.32 42.17 99.11
CA GLU H 442 -56.35 42.23 100.15
C GLU H 442 -56.34 40.98 101.05
N GLN H 443 -56.12 39.78 100.49
CA GLN H 443 -55.91 38.59 101.32
C GLN H 443 -54.65 38.73 102.17
N MET H 444 -53.56 39.31 101.65
CA MET H 444 -52.36 39.54 102.45
C MET H 444 -52.71 40.39 103.66
N ARG H 445 -53.46 41.48 103.48
CA ARG H 445 -53.87 42.39 104.55
C ARG H 445 -54.79 41.73 105.58
N GLN H 446 -55.69 40.85 105.16
CA GLN H 446 -56.52 40.07 106.10
C GLN H 446 -55.69 39.06 106.90
N TRP H 447 -54.84 38.25 106.25
CA TRP H 447 -54.01 37.28 106.98
C TRP H 447 -52.98 37.96 107.86
N LEU H 448 -52.42 39.09 107.45
CA LEU H 448 -51.45 39.85 108.24
C LEU H 448 -52.11 40.39 109.52
N GLU H 449 -53.30 40.98 109.45
CA GLU H 449 -53.94 41.48 110.66
C GLU H 449 -54.40 40.34 111.58
N GLN H 450 -54.83 39.19 111.03
CA GLN H 450 -55.10 37.99 111.83
C GLN H 450 -53.84 37.45 112.52
N ASP H 451 -52.70 37.38 111.82
CA ASP H 451 -51.42 36.99 112.43
C ASP H 451 -51.01 37.94 113.56
N GLN H 452 -51.17 39.25 113.38
CA GLN H 452 -50.86 40.23 114.42
C GLN H 452 -51.81 40.16 115.63
N LYS H 453 -53.06 39.70 115.45
CA LYS H 453 -53.93 39.35 116.59
C LYS H 453 -53.49 38.05 117.27
N GLN H 454 -53.06 37.04 116.51
CA GLN H 454 -52.66 35.73 117.03
C GLN H 454 -51.33 35.77 117.82
N GLY H 455 -50.40 36.64 117.43
CA GLY H 455 -49.17 36.96 118.17
C GLY H 455 -48.18 35.81 118.29
N SER I 6 -16.23 -49.40 106.71
CA SER I 6 -14.98 -48.62 106.74
C SER I 6 -13.93 -49.25 105.82
N ILE I 7 -12.88 -48.49 105.47
CA ILE I 7 -11.81 -48.89 104.54
C ILE I 7 -10.43 -48.76 105.23
N ASP I 8 -9.50 -49.65 104.89
CA ASP I 8 -8.12 -49.62 105.38
C ASP I 8 -7.44 -48.28 105.01
N PRO I 9 -6.97 -47.48 105.98
CA PRO I 9 -6.30 -46.21 105.72
C PRO I 9 -5.18 -46.29 104.69
N GLU I 10 -4.46 -47.41 104.60
CA GLU I 10 -3.37 -47.58 103.63
C GLU I 10 -3.90 -47.70 102.18
N LYS I 11 -5.13 -48.19 101.99
CA LYS I 11 -5.84 -48.19 100.69
C LYS I 11 -6.59 -46.87 100.47
N LEU I 12 -7.11 -46.25 101.52
CA LEU I 12 -7.74 -44.93 101.42
C LEU I 12 -6.73 -43.87 100.95
N ARG I 13 -5.50 -43.91 101.46
CA ARG I 13 -4.36 -43.11 100.98
C ARG I 13 -4.12 -43.32 99.48
N ASP I 14 -4.09 -44.57 99.04
CA ASP I 14 -3.84 -44.94 97.65
C ASP I 14 -4.88 -44.35 96.69
N GLN I 15 -6.18 -44.53 96.96
CA GLN I 15 -7.21 -43.97 96.07
C GLN I 15 -7.27 -42.43 96.12
N LEU I 16 -6.99 -41.81 97.27
CA LEU I 16 -6.97 -40.35 97.37
C LEU I 16 -5.78 -39.73 96.64
N LEU I 17 -4.61 -40.37 96.60
CA LEU I 17 -3.51 -39.86 95.76
C LEU I 17 -3.81 -39.99 94.26
N ASP I 18 -4.54 -41.00 93.82
CA ASP I 18 -5.04 -41.03 92.43
C ASP I 18 -6.03 -39.88 92.17
N ALA I 19 -7.01 -39.67 93.06
CA ALA I 19 -7.98 -38.58 92.92
C ALA I 19 -7.32 -37.20 92.98
N PHE I 20 -6.33 -37.02 93.85
CA PHE I 20 -5.53 -35.80 93.95
C PHE I 20 -4.77 -35.52 92.66
N GLU I 21 -4.08 -36.51 92.09
CA GLU I 21 -3.26 -36.30 90.90
C GLU I 21 -4.14 -36.07 89.66
N ASN I 22 -5.29 -36.75 89.55
CA ASN I 22 -6.21 -36.57 88.43
C ASN I 22 -6.85 -35.16 88.39
N LYS I 23 -6.81 -34.40 89.50
CA LYS I 23 -7.20 -32.98 89.54
C LYS I 23 -6.12 -32.07 88.94
N GLN I 24 -4.84 -32.41 89.02
CA GLN I 24 -3.75 -31.49 88.65
C GLN I 24 -3.80 -31.08 87.17
N ASN I 25 -4.23 -31.97 86.28
CA ASN I 25 -4.36 -31.63 84.86
C ASN I 25 -5.55 -30.69 84.56
N GLU I 26 -6.49 -30.49 85.51
CA GLU I 26 -7.48 -29.40 85.42
C GLU I 26 -6.89 -28.08 85.94
N LEU I 27 -6.27 -28.07 87.11
CA LEU I 27 -5.76 -26.83 87.72
C LEU I 27 -4.77 -26.09 86.83
N LYS I 28 -3.91 -26.81 86.12
CA LYS I 28 -2.91 -26.25 85.19
C LYS I 28 -3.51 -25.35 84.12
N SER I 29 -4.78 -25.49 83.75
CA SER I 29 -5.45 -24.56 82.86
C SER I 29 -5.54 -23.16 83.47
N SER I 30 -6.14 -23.03 84.65
CA SER I 30 -6.29 -21.74 85.35
C SER I 30 -4.96 -21.08 85.70
N LYS I 31 -3.95 -21.88 86.07
CA LYS I 31 -2.58 -21.44 86.33
C LYS I 31 -1.95 -20.77 85.11
N ALA I 32 -2.09 -21.35 83.93
CA ALA I 32 -1.46 -20.84 82.72
C ALA I 32 -1.95 -19.43 82.33
N TYR I 33 -3.16 -19.04 82.72
CA TYR I 33 -3.66 -17.67 82.55
C TYR I 33 -3.12 -16.70 83.61
N TYR I 34 -3.06 -17.07 84.88
CA TYR I 34 -2.52 -16.17 85.92
C TYR I 34 -1.00 -16.00 85.83
N ASP I 35 -0.23 -17.08 85.64
CA ASP I 35 1.23 -17.01 85.47
C ASP I 35 1.67 -16.47 84.10
N ALA I 36 0.75 -16.37 83.15
CA ALA I 36 1.04 -16.08 81.75
C ALA I 36 2.09 -17.02 81.14
N GLU I 37 1.85 -18.34 81.24
CA GLU I 37 2.59 -19.35 80.49
C GLU I 37 2.17 -19.34 79.01
N ARG I 38 2.95 -19.97 78.12
CA ARG I 38 2.58 -20.10 76.70
C ARG I 38 1.26 -20.88 76.56
N ARG I 39 0.36 -20.38 75.73
CA ARG I 39 -0.89 -21.06 75.31
C ARG I 39 -0.96 -21.07 73.79
N PRO I 40 -1.37 -22.16 73.13
CA PRO I 40 -1.54 -22.18 71.68
C PRO I 40 -2.45 -21.06 71.18
N ASP I 41 -3.57 -20.80 71.87
CA ASP I 41 -4.52 -19.76 71.48
C ASP I 41 -3.97 -18.33 71.54
N ALA I 42 -2.88 -18.08 72.26
CA ALA I 42 -2.27 -16.75 72.33
C ALA I 42 -1.39 -16.42 71.12
N ILE I 43 -0.98 -17.41 70.32
CA ILE I 43 -0.01 -17.22 69.23
C ILE I 43 -0.66 -16.59 68.01
N GLY I 44 -0.12 -15.46 67.54
CA GLY I 44 -0.70 -14.66 66.45
C GLY I 44 -0.48 -15.32 65.10
N LEU I 45 -1.56 -15.71 64.43
CA LEU I 45 -1.49 -16.62 63.28
C LEU I 45 -0.80 -16.03 62.05
N ALA I 46 -0.81 -14.72 61.85
CA ALA I 46 -0.19 -14.08 60.70
C ALA I 46 1.34 -14.13 60.73
N VAL I 47 1.94 -14.28 61.91
CA VAL I 47 3.39 -14.20 62.12
C VAL I 47 4.10 -15.44 61.56
N PRO I 48 5.19 -15.30 60.78
CA PRO I 48 5.97 -16.42 60.24
C PRO I 48 6.46 -17.42 61.31
N LEU I 49 6.63 -18.69 60.93
CA LEU I 49 6.79 -19.77 61.90
C LEU I 49 8.09 -19.72 62.72
N ASP I 50 9.13 -19.04 62.26
CA ASP I 50 10.36 -18.78 63.01
C ASP I 50 10.21 -17.59 63.96
N MET I 51 9.43 -16.57 63.61
CA MET I 51 9.10 -15.44 64.47
C MET I 51 8.03 -15.75 65.52
N ARG I 52 7.27 -16.84 65.41
CA ARG I 52 6.30 -17.23 66.45
C ARG I 52 6.90 -17.53 67.83
N LYS I 53 8.23 -17.55 67.98
CA LYS I 53 8.89 -17.60 69.28
C LYS I 53 8.72 -16.33 70.12
N TYR I 54 8.39 -15.19 69.50
CA TYR I 54 8.19 -13.91 70.17
C TYR I 54 6.80 -13.82 70.81
N LEU I 55 6.61 -14.51 71.92
CA LEU I 55 5.34 -14.56 72.63
C LEU I 55 4.91 -13.20 73.19
N ALA I 56 3.60 -12.94 73.20
CA ALA I 56 2.99 -11.69 73.66
C ALA I 56 2.08 -11.98 74.85
N HIS I 57 2.66 -11.99 76.06
CA HIS I 57 1.92 -12.32 77.28
C HIS I 57 1.01 -11.17 77.73
N VAL I 58 -0.24 -11.46 78.09
CA VAL I 58 -1.27 -10.46 78.44
C VAL I 58 -1.69 -10.56 79.90
N GLY I 59 -1.68 -9.44 80.61
CA GLY I 59 -1.84 -9.38 82.06
C GLY I 59 -3.24 -9.10 82.60
N TYR I 60 -4.32 -9.30 81.84
CA TYR I 60 -5.66 -9.08 82.39
C TYR I 60 -6.01 -10.03 83.56
N PRO I 61 -5.77 -11.35 83.50
CA PRO I 61 -6.12 -12.25 84.59
C PRO I 61 -5.39 -11.92 85.90
N ARG I 62 -4.08 -11.66 85.83
CA ARG I 62 -3.27 -11.18 86.95
C ARG I 62 -3.86 -9.90 87.54
N THR I 63 -4.16 -8.93 86.69
CA THR I 63 -4.70 -7.63 87.09
C THR I 63 -6.06 -7.78 87.76
N TYR I 64 -6.94 -8.64 87.26
CA TYR I 64 -8.26 -8.85 87.84
C TYR I 64 -8.21 -9.57 89.18
N VAL I 65 -7.50 -10.69 89.27
CA VAL I 65 -7.40 -11.45 90.53
C VAL I 65 -6.67 -10.67 91.61
N ASP I 66 -5.59 -9.96 91.30
CA ASP I 66 -4.92 -9.10 92.26
C ASP I 66 -5.84 -7.96 92.74
N ALA I 67 -6.56 -7.29 91.83
CA ALA I 67 -7.42 -6.17 92.20
C ALA I 67 -8.60 -6.57 93.10
N ILE I 68 -8.95 -7.85 93.19
CA ILE I 68 -9.84 -8.36 94.24
C ILE I 68 -9.03 -8.71 95.48
N ALA I 69 -8.04 -9.59 95.36
CA ALA I 69 -7.36 -10.18 96.51
C ALA I 69 -6.66 -9.16 97.41
N GLU I 70 -6.22 -8.03 96.85
CA GLU I 70 -5.52 -6.97 97.57
C GLU I 70 -6.46 -5.99 98.28
N ARG I 71 -7.78 -6.13 98.13
CA ARG I 71 -8.80 -5.38 98.89
C ARG I 71 -9.32 -6.13 100.12
N GLN I 72 -9.24 -7.45 100.13
CA GLN I 72 -9.77 -8.28 101.21
C GLN I 72 -8.88 -8.24 102.45
N GLU I 73 -9.42 -7.82 103.59
CA GLU I 73 -8.72 -7.82 104.87
C GLU I 73 -9.70 -8.02 106.02
N LEU I 74 -9.56 -9.11 106.77
CA LEU I 74 -10.32 -9.36 107.99
C LEU I 74 -9.80 -8.47 109.12
N GLU I 75 -10.68 -7.93 109.95
CA GLU I 75 -10.31 -7.04 111.07
C GLU I 75 -10.94 -7.44 112.41
N GLY I 76 -11.63 -8.57 112.48
CA GLY I 76 -12.08 -9.17 113.73
C GLY I 76 -13.24 -10.15 113.54
N PHE I 77 -13.66 -10.78 114.63
CA PHE I 77 -14.86 -11.63 114.70
C PHE I 77 -15.82 -11.03 115.72
N ARG I 78 -17.11 -11.07 115.43
CA ARG I 78 -18.18 -10.68 116.36
C ARG I 78 -18.97 -11.90 116.80
N ILE I 79 -19.07 -12.13 118.11
CA ILE I 79 -19.95 -13.13 118.72
C ILE I 79 -21.03 -12.37 119.49
N PRO I 80 -22.33 -12.65 119.30
CA PRO I 80 -23.38 -11.96 120.05
C PRO I 80 -23.34 -12.35 121.52
N SER I 81 -23.51 -11.38 122.42
CA SER I 81 -23.35 -11.58 123.86
C SER I 81 -24.51 -12.37 124.50
N ALA I 82 -24.25 -12.99 125.65
CA ALA I 82 -25.28 -13.62 126.48
C ALA I 82 -26.24 -12.59 127.11
N ASN I 83 -27.49 -13.00 127.33
CA ASN I 83 -28.54 -12.21 128.00
C ASN I 83 -28.80 -10.81 127.39
N GLY I 84 -28.47 -10.62 126.10
CA GLY I 84 -28.65 -9.35 125.38
C GLY I 84 -27.65 -8.23 125.75
N GLU I 85 -26.69 -8.48 126.64
CA GLU I 85 -25.71 -7.48 127.10
C GLU I 85 -24.55 -7.33 126.10
N GLU I 86 -24.86 -6.83 124.89
CA GLU I 86 -23.97 -6.85 123.73
C GLU I 86 -22.57 -6.20 123.93
N PRO I 87 -22.43 -5.05 124.63
CA PRO I 87 -21.13 -4.41 124.83
C PRO I 87 -20.14 -5.30 125.62
N GLU I 88 -19.00 -5.61 125.00
CA GLU I 88 -17.82 -6.21 125.63
C GLU I 88 -16.55 -5.54 125.04
N SER I 89 -15.43 -5.60 125.77
CA SER I 89 -14.22 -4.80 125.45
C SER I 89 -12.92 -5.56 125.74
N GLY I 90 -11.83 -5.16 125.08
CA GLY I 90 -10.56 -5.90 125.05
C GLY I 90 -9.71 -5.83 126.33
N GLY I 91 -10.15 -5.12 127.36
CA GLY I 91 -9.50 -5.07 128.68
C GLY I 91 -9.61 -6.37 129.50
N GLU I 92 -10.47 -7.29 129.07
CA GLU I 92 -10.63 -8.65 129.61
C GLU I 92 -10.92 -9.66 128.50
N ASN I 93 -10.77 -10.96 128.77
CA ASN I 93 -10.99 -12.01 127.77
C ASN I 93 -12.48 -12.09 127.36
N ASP I 94 -12.75 -12.12 126.05
CA ASP I 94 -14.07 -12.34 125.47
C ASP I 94 -13.95 -13.20 124.19
N PRO I 95 -15.04 -13.82 123.70
CA PRO I 95 -15.01 -14.68 122.53
C PRO I 95 -14.37 -14.03 121.29
N ALA I 96 -14.63 -12.76 121.05
CA ALA I 96 -14.03 -12.02 119.93
C ALA I 96 -12.51 -11.96 120.05
N SER I 97 -11.98 -11.57 121.21
CA SER I 97 -10.54 -11.43 121.43
C SER I 97 -9.83 -12.77 121.45
N GLU I 98 -10.45 -13.83 121.95
CA GLU I 98 -9.87 -15.18 121.95
C GLU I 98 -9.59 -15.64 120.52
N LEU I 99 -10.57 -15.58 119.62
CA LEU I 99 -10.40 -16.01 118.23
C LEU I 99 -9.43 -15.10 117.48
N TRP I 100 -9.48 -13.79 117.72
CA TRP I 100 -8.53 -12.87 117.11
C TRP I 100 -7.09 -13.11 117.59
N ASP I 101 -6.90 -13.56 118.83
CA ASP I 101 -5.57 -13.90 119.33
C ASP I 101 -4.97 -15.08 118.56
N TRP I 102 -5.76 -16.10 118.25
CA TRP I 102 -5.32 -17.22 117.40
C TRP I 102 -5.08 -16.80 115.96
N TRP I 103 -5.83 -15.83 115.43
CA TRP I 103 -5.58 -15.26 114.12
C TRP I 103 -4.21 -14.60 114.04
N GLN I 104 -3.87 -13.76 115.03
CA GLN I 104 -2.55 -13.13 115.11
C GLN I 104 -1.43 -14.14 115.37
N ALA I 105 -1.61 -15.06 116.33
CA ALA I 105 -0.55 -16.00 116.71
C ALA I 105 -0.11 -16.95 115.57
N ASN I 106 -0.98 -17.17 114.59
CA ASN I 106 -0.70 -17.94 113.38
C ASN I 106 -0.30 -17.08 112.17
N ASN I 107 -0.24 -15.75 112.28
CA ASN I 107 -0.04 -14.84 111.15
C ASN I 107 -1.04 -15.06 110.01
N LEU I 108 -2.30 -15.40 110.32
CA LEU I 108 -3.31 -15.58 109.29
C LEU I 108 -3.60 -14.29 108.53
N ASP I 109 -3.29 -13.11 109.07
CA ASP I 109 -3.34 -11.86 108.31
C ASP I 109 -2.40 -11.87 107.10
N ILE I 110 -1.30 -12.63 107.14
CA ILE I 110 -0.48 -12.91 105.95
C ILE I 110 -1.05 -14.12 105.21
N GLU I 111 -1.15 -15.28 105.88
CA GLU I 111 -1.40 -16.53 105.20
C GLU I 111 -2.80 -16.63 104.58
N ALA I 112 -3.83 -16.01 105.18
CA ALA I 112 -5.14 -15.92 104.55
C ALA I 112 -5.11 -15.01 103.32
N THR I 113 -4.32 -13.94 103.32
CA THR I 113 -4.17 -13.05 102.15
C THR I 113 -3.57 -13.81 100.98
N LEU I 114 -2.60 -14.69 101.23
CA LEU I 114 -2.10 -15.62 100.23
C LEU I 114 -3.20 -16.61 99.81
N GLY I 115 -3.84 -17.29 100.77
CA GLY I 115 -4.86 -18.30 100.49
C GLY I 115 -6.07 -17.80 99.70
N HIS I 116 -6.49 -16.56 99.90
CA HIS I 116 -7.55 -15.95 99.09
C HIS I 116 -7.11 -15.74 97.64
N THR I 117 -5.82 -15.55 97.35
CA THR I 117 -5.36 -15.49 95.96
C THR I 117 -5.47 -16.84 95.29
N ASP I 118 -4.96 -17.91 95.90
CA ASP I 118 -5.13 -19.27 95.36
C ASP I 118 -6.61 -19.68 95.28
N ALA I 119 -7.46 -19.25 96.20
CA ALA I 119 -8.89 -19.57 96.16
C ALA I 119 -9.59 -18.91 94.97
N LEU I 120 -9.19 -17.70 94.57
CA LEU I 120 -9.68 -17.05 93.36
C LEU I 120 -9.07 -17.68 92.11
N ILE I 121 -7.77 -17.96 92.04
CA ILE I 121 -7.15 -18.54 90.85
C ILE I 121 -7.73 -19.92 90.54
N TYR I 122 -7.60 -20.88 91.47
CA TYR I 122 -7.98 -22.28 91.23
C TYR I 122 -9.46 -22.57 91.51
N GLY I 123 -10.12 -21.74 92.30
CA GLY I 123 -11.52 -21.91 92.68
C GLY I 123 -11.71 -22.40 94.11
N THR I 124 -10.69 -22.95 94.78
CA THR I 124 -10.78 -23.28 96.21
C THR I 124 -9.38 -23.46 96.84
N ALA I 125 -9.27 -23.29 98.15
CA ALA I 125 -8.13 -23.64 98.98
C ALA I 125 -8.65 -24.23 100.29
N TYR I 126 -7.79 -24.76 101.17
CA TYR I 126 -8.24 -25.50 102.35
C TYR I 126 -7.63 -24.95 103.63
N ILE I 127 -8.43 -24.80 104.67
CA ILE I 127 -7.99 -24.36 106.00
C ILE I 127 -7.93 -25.60 106.87
N THR I 128 -6.82 -25.83 107.55
CA THR I 128 -6.54 -27.06 108.32
C THR I 128 -6.27 -26.74 109.78
N ILE I 129 -6.67 -27.63 110.70
CA ILE I 129 -6.54 -27.42 112.15
C ILE I 129 -5.86 -28.61 112.82
N SER I 130 -4.98 -28.33 113.77
CA SER I 130 -4.39 -29.31 114.71
C SER I 130 -3.80 -28.57 115.91
N MET I 131 -3.48 -29.26 117.00
CA MET I 131 -2.59 -28.69 118.01
C MET I 131 -1.13 -28.83 117.55
N PRO I 132 -0.22 -27.92 117.93
CA PRO I 132 1.20 -28.09 117.67
C PRO I 132 1.77 -29.25 118.49
N ASP I 133 2.87 -29.84 118.04
CA ASP I 133 3.55 -30.99 118.63
C ASP I 133 5.01 -30.65 119.01
N PRO I 134 5.26 -30.03 120.19
CA PRO I 134 6.59 -29.57 120.61
C PRO I 134 7.67 -30.65 120.67
N GLU I 135 7.33 -31.93 120.59
CA GLU I 135 8.28 -33.03 120.36
C GLU I 135 9.04 -32.93 119.02
N VAL I 136 8.66 -32.01 118.12
CA VAL I 136 9.52 -31.49 117.05
C VAL I 136 9.66 -29.97 117.19
N ASP I 137 10.82 -29.43 116.81
CA ASP I 137 11.21 -28.03 117.02
C ASP I 137 10.39 -27.03 116.17
N PHE I 138 9.93 -25.93 116.77
CA PHE I 138 9.13 -24.89 116.12
C PHE I 138 9.40 -23.48 116.66
N ASP I 139 9.08 -22.48 115.84
CA ASP I 139 8.85 -21.09 116.27
C ASP I 139 7.35 -20.78 116.35
N VAL I 140 6.59 -21.58 117.11
CA VAL I 140 5.14 -21.38 117.35
C VAL I 140 4.80 -21.45 118.84
N ASP I 141 3.78 -20.71 119.24
CA ASP I 141 3.22 -20.76 120.59
C ASP I 141 2.56 -22.12 120.86
N PRO I 142 2.99 -22.92 121.87
CA PRO I 142 2.42 -24.22 122.14
C PRO I 142 0.92 -24.23 122.52
N GLU I 143 0.36 -23.12 122.99
CA GLU I 143 -0.98 -23.11 123.59
C GLU I 143 -2.12 -22.84 122.59
N VAL I 144 -1.84 -22.24 121.43
CA VAL I 144 -2.84 -21.93 120.40
C VAL I 144 -3.02 -23.08 119.41
N PRO I 145 -4.18 -23.24 118.76
CA PRO I 145 -4.33 -24.19 117.67
C PRO I 145 -3.50 -23.73 116.47
N LEU I 146 -2.86 -24.68 115.79
CA LEU I 146 -2.02 -24.44 114.63
C LEU I 146 -2.88 -24.36 113.36
N ILE I 147 -3.79 -23.38 113.30
CA ILE I 147 -4.65 -23.14 112.13
C ILE I 147 -3.77 -22.75 110.94
N ARG I 148 -3.87 -23.45 109.82
CA ARG I 148 -2.94 -23.31 108.68
C ARG I 148 -3.61 -23.58 107.34
N VAL I 149 -3.31 -22.78 106.32
CA VAL I 149 -4.04 -22.81 105.05
C VAL I 149 -3.18 -23.38 103.91
N GLU I 150 -3.75 -24.27 103.11
CA GLU I 150 -3.06 -25.09 102.09
C GLU I 150 -3.74 -24.98 100.72
N PRO I 151 -2.97 -24.89 99.62
CA PRO I 151 -3.50 -24.73 98.28
C PRO I 151 -4.06 -26.04 97.72
N PRO I 152 -4.89 -26.01 96.67
CA PRO I 152 -5.38 -27.22 96.04
C PRO I 152 -4.30 -27.97 95.26
N THR I 153 -3.14 -27.36 95.02
CA THR I 153 -1.93 -28.03 94.50
C THR I 153 -1.19 -28.86 95.57
N ALA I 154 -1.70 -28.91 96.80
CA ALA I 154 -1.09 -29.67 97.90
C ALA I 154 -2.11 -30.39 98.80
N LEU I 155 -3.40 -30.09 98.71
CA LEU I 155 -4.45 -30.79 99.47
C LEU I 155 -5.64 -31.12 98.56
N TYR I 156 -6.30 -32.25 98.77
CA TYR I 156 -7.58 -32.60 98.17
C TYR I 156 -8.55 -33.14 99.22
N ALA I 157 -9.82 -32.80 99.12
CA ALA I 157 -10.84 -33.20 100.08
C ALA I 157 -12.10 -33.70 99.36
N GLU I 158 -12.64 -34.84 99.78
CA GLU I 158 -13.83 -35.44 99.18
C GLU I 158 -15.11 -34.90 99.85
N VAL I 159 -15.71 -33.82 99.34
CA VAL I 159 -16.99 -33.31 99.86
C VAL I 159 -18.14 -34.20 99.39
N ASP I 160 -18.89 -34.79 100.31
CA ASP I 160 -20.10 -35.56 99.97
C ASP I 160 -21.27 -34.63 99.61
N PRO I 161 -21.85 -34.71 98.40
CA PRO I 161 -22.92 -33.81 98.01
C PRO I 161 -24.22 -34.03 98.80
N ARG I 162 -24.42 -35.17 99.46
CA ARG I 162 -25.60 -35.42 100.32
C ARG I 162 -25.61 -34.52 101.55
N THR I 163 -24.49 -34.48 102.27
CA THR I 163 -24.35 -33.79 103.57
C THR I 163 -23.59 -32.47 103.49
N ARG I 164 -22.93 -32.20 102.35
CA ARG I 164 -22.07 -31.05 102.05
C ARG I 164 -20.96 -30.79 103.07
N LYS I 165 -20.42 -31.86 103.66
CA LYS I 165 -19.24 -31.90 104.53
C LYS I 165 -18.15 -32.80 103.92
N VAL I 166 -16.88 -32.54 104.24
CA VAL I 166 -15.74 -33.37 103.81
C VAL I 166 -15.80 -34.75 104.47
N LEU I 167 -15.75 -35.83 103.69
CA LEU I 167 -15.64 -37.20 104.19
C LEU I 167 -14.25 -37.50 104.73
N TYR I 168 -13.23 -37.16 103.96
CA TYR I 168 -11.81 -37.35 104.24
C TYR I 168 -11.00 -36.49 103.27
N ALA I 169 -9.72 -36.27 103.58
CA ALA I 169 -8.85 -35.41 102.79
C ALA I 169 -7.41 -35.88 102.84
N ILE I 170 -6.64 -35.60 101.79
CA ILE I 170 -5.22 -35.94 101.68
C ILE I 170 -4.42 -34.67 101.45
N ARG I 171 -3.30 -34.51 102.14
CA ARG I 171 -2.27 -33.51 101.84
C ARG I 171 -1.09 -34.25 101.23
N ALA I 172 -0.64 -33.83 100.06
CA ALA I 172 0.45 -34.46 99.33
C ALA I 172 1.61 -33.47 99.13
N ILE I 173 2.79 -33.81 99.62
CA ILE I 173 3.95 -32.93 99.60
C ILE I 173 4.99 -33.49 98.62
N TYR I 174 5.35 -32.72 97.60
CA TYR I 174 6.28 -33.15 96.55
C TYR I 174 7.69 -32.57 96.78
N GLY I 175 8.72 -33.29 96.38
CA GLY I 175 10.12 -32.85 96.51
C GLY I 175 10.45 -31.62 95.67
N ALA I 176 11.39 -30.80 96.13
CA ALA I 176 11.77 -29.54 95.47
C ALA I 176 12.43 -29.76 94.09
N ASP I 177 13.16 -30.86 93.93
CA ASP I 177 13.64 -31.40 92.65
C ASP I 177 13.46 -32.93 92.64
N GLY I 178 13.50 -33.54 91.45
CA GLY I 178 13.04 -34.92 91.22
C GLY I 178 11.51 -35.08 91.25
N ASN I 179 10.83 -34.31 92.11
CA ASN I 179 9.38 -34.11 92.20
C ASN I 179 8.53 -35.40 92.31
N GLU I 180 9.08 -36.46 92.91
CA GLU I 180 8.27 -37.50 93.55
C GLU I 180 7.53 -36.95 94.79
N ILE I 181 6.46 -37.63 95.21
CA ILE I 181 5.80 -37.32 96.49
C ILE I 181 6.70 -37.73 97.65
N VAL I 182 7.12 -36.78 98.48
CA VAL I 182 8.02 -36.98 99.62
C VAL I 182 7.27 -37.36 100.89
N SER I 183 6.06 -36.84 101.07
CA SER I 183 5.26 -37.11 102.26
C SER I 183 3.76 -36.99 101.96
N ALA I 184 2.94 -37.66 102.75
CA ALA I 184 1.49 -37.54 102.67
C ALA I 184 0.88 -37.48 104.07
N THR I 185 -0.29 -36.85 104.19
CA THR I 185 -1.10 -36.85 105.41
C THR I 185 -2.54 -37.10 105.05
N LEU I 186 -3.21 -38.00 105.76
CA LEU I 186 -4.62 -38.30 105.64
C LEU I 186 -5.37 -37.71 106.82
N TYR I 187 -6.47 -37.01 106.54
CA TYR I 187 -7.42 -36.53 107.54
C TYR I 187 -8.73 -37.32 107.37
N LEU I 188 -9.21 -37.91 108.45
CA LEU I 188 -10.50 -38.61 108.51
C LEU I 188 -11.12 -38.35 109.89
N PRO I 189 -12.43 -38.53 110.10
CA PRO I 189 -13.07 -38.04 111.33
C PRO I 189 -12.63 -38.78 112.60
N ASP I 190 -12.02 -39.95 112.48
CA ASP I 190 -11.43 -40.69 113.60
C ASP I 190 -10.09 -40.10 114.07
N THR I 191 -9.22 -39.70 113.14
CA THR I 191 -7.79 -39.42 113.38
C THR I 191 -7.17 -38.72 112.18
N THR I 192 -5.98 -38.13 112.34
CA THR I 192 -5.12 -37.80 111.20
C THR I 192 -3.83 -38.60 111.28
N MET I 193 -3.31 -39.06 110.14
CA MET I 193 -2.09 -39.86 110.10
C MET I 193 -1.23 -39.55 108.88
N THR I 194 0.06 -39.78 108.98
CA THR I 194 1.05 -39.25 108.02
C THR I 194 2.19 -40.23 107.74
N TRP I 195 2.71 -40.19 106.52
CA TRP I 195 3.79 -41.03 106.02
C TRP I 195 4.89 -40.19 105.38
N LEU I 196 6.11 -40.71 105.39
CA LEU I 196 7.30 -40.16 104.74
C LEU I 196 7.80 -41.21 103.72
N ARG I 197 8.49 -40.80 102.64
CA ARG I 197 9.21 -41.78 101.80
C ARG I 197 10.52 -41.24 101.22
N ALA I 198 11.48 -42.15 101.04
CA ALA I 198 12.70 -41.96 100.25
C ALA I 198 12.43 -42.25 98.76
N GLU I 199 13.50 -42.47 97.98
CA GLU I 199 13.42 -43.23 96.71
C GLU I 199 13.14 -44.72 97.01
N GLY I 200 11.95 -45.00 97.52
CA GLY I 200 11.53 -46.32 98.01
C GLY I 200 10.12 -46.30 98.60
N GLU I 201 9.79 -47.32 99.38
CA GLU I 201 8.49 -47.48 100.03
C GLU I 201 8.23 -46.43 101.13
N TRP I 202 6.96 -46.27 101.51
CA TRP I 202 6.55 -45.46 102.66
C TRP I 202 7.12 -46.00 103.98
N GLU I 203 7.61 -45.11 104.84
CA GLU I 203 7.84 -45.38 106.25
C GLU I 203 6.51 -45.67 106.98
N ALA I 204 6.54 -46.38 108.10
CA ALA I 204 5.34 -46.67 108.88
C ALA I 204 4.64 -45.37 109.37
N PRO I 205 3.30 -45.32 109.36
CA PRO I 205 2.57 -44.07 109.63
C PRO I 205 2.67 -43.61 111.08
N THR I 206 2.65 -42.29 111.27
CA THR I 206 2.42 -41.64 112.56
C THR I 206 0.97 -41.18 112.63
N SER I 207 0.25 -41.46 113.72
CA SER I 207 -1.20 -41.21 113.85
C SER I 207 -1.51 -40.34 115.07
N THR I 208 -2.51 -39.46 114.94
CA THR I 208 -2.90 -38.46 115.95
C THR I 208 -4.44 -38.37 116.06
N PRO I 209 -5.06 -39.08 117.00
CA PRO I 209 -6.48 -38.98 117.30
C PRO I 209 -6.91 -37.57 117.71
N HIS I 210 -8.16 -37.22 117.45
CA HIS I 210 -8.79 -35.97 117.89
C HIS I 210 -10.30 -36.15 118.14
N GLY I 211 -10.86 -35.30 118.99
CA GLY I 211 -12.19 -35.54 119.57
C GLY I 211 -13.38 -35.11 118.71
N LEU I 212 -13.24 -34.10 117.85
CA LEU I 212 -14.33 -33.57 117.03
C LEU I 212 -14.78 -34.56 115.96
N GLU I 213 -16.08 -34.58 115.66
CA GLU I 213 -16.70 -35.50 114.69
C GLU I 213 -16.41 -35.13 113.23
N MET I 214 -16.16 -33.84 112.95
CA MET I 214 -15.84 -33.34 111.61
C MET I 214 -14.37 -33.57 111.25
N VAL I 215 -14.07 -33.75 109.96
CA VAL I 215 -12.69 -33.72 109.46
C VAL I 215 -12.10 -32.32 109.67
N PRO I 216 -10.87 -32.16 110.19
CA PRO I 216 -10.31 -30.85 110.54
C PRO I 216 -9.75 -30.10 109.32
N VAL I 217 -10.47 -30.13 108.20
CA VAL I 217 -10.17 -29.44 106.95
C VAL I 217 -11.45 -28.76 106.47
N ILE I 218 -11.41 -27.45 106.23
CA ILE I 218 -12.53 -26.66 105.72
C ILE I 218 -12.17 -26.15 104.33
N PRO I 219 -12.96 -26.41 103.28
CA PRO I 219 -12.72 -25.82 101.98
C PRO I 219 -13.16 -24.35 101.96
N ILE I 220 -12.23 -23.41 101.87
CA ILE I 220 -12.54 -22.04 101.47
C ILE I 220 -12.75 -22.02 99.95
N SER I 221 -13.93 -21.62 99.50
CA SER I 221 -14.44 -22.01 98.18
C SER I 221 -15.05 -20.84 97.41
N ASN I 222 -14.67 -20.66 96.15
CA ASN I 222 -15.13 -19.55 95.33
C ASN I 222 -16.47 -19.87 94.65
N ARG I 223 -17.54 -19.95 95.43
CA ARG I 223 -18.91 -20.11 94.92
C ARG I 223 -19.33 -18.87 94.13
N THR I 224 -20.14 -19.02 93.09
CA THR I 224 -20.82 -17.89 92.42
C THR I 224 -22.34 -17.96 92.56
N ARG I 225 -22.87 -19.18 92.71
CA ARG I 225 -24.30 -19.54 92.81
C ARG I 225 -24.41 -20.92 93.47
N LEU I 226 -25.58 -21.33 93.96
CA LEU I 226 -25.75 -22.62 94.63
C LEU I 226 -25.45 -23.81 93.72
N SER I 227 -25.82 -23.71 92.44
CA SER I 227 -25.55 -24.77 91.47
C SER I 227 -24.05 -24.95 91.14
N ASP I 228 -23.14 -24.14 91.70
CA ASP I 228 -21.73 -24.52 91.86
C ASP I 228 -21.57 -25.42 93.09
N LEU I 229 -21.59 -26.75 92.93
CA LEU I 229 -21.44 -27.68 94.06
C LEU I 229 -20.04 -27.61 94.70
N TYR I 230 -19.05 -27.23 93.91
CA TYR I 230 -17.64 -27.05 94.26
C TYR I 230 -17.17 -25.70 93.70
N GLY I 231 -16.19 -25.05 94.34
CA GLY I 231 -15.78 -23.71 93.94
C GLY I 231 -15.19 -23.64 92.54
N THR I 232 -15.33 -22.51 91.86
CA THR I 232 -14.93 -22.34 90.45
C THR I 232 -13.88 -21.25 90.28
N SER I 233 -12.94 -21.39 89.35
CA SER I 233 -11.92 -20.38 89.08
C SER I 233 -12.53 -19.02 88.79
N GLU I 234 -11.95 -17.96 89.33
CA GLU I 234 -12.41 -16.58 89.13
C GLU I 234 -12.14 -16.05 87.72
N ILE I 235 -11.13 -16.59 87.03
CA ILE I 235 -10.70 -16.15 85.71
C ILE I 235 -11.67 -16.71 84.65
N SER I 236 -12.85 -16.11 84.54
CA SER I 236 -13.98 -16.69 83.81
C SER I 236 -13.78 -16.79 82.30
N PRO I 237 -14.53 -17.63 81.57
CA PRO I 237 -14.31 -17.88 80.14
C PRO I 237 -14.34 -16.64 79.24
N GLU I 238 -15.09 -15.61 79.59
CA GLU I 238 -15.07 -14.34 78.85
C GLU I 238 -13.69 -13.70 78.97
N LEU I 239 -13.19 -13.54 80.19
CA LEU I 239 -11.89 -12.93 80.45
C LEU I 239 -10.73 -13.76 79.91
N ARG I 240 -10.85 -15.10 79.92
CA ARG I 240 -9.92 -15.98 79.21
C ARG I 240 -9.91 -15.67 77.71
N SER I 241 -11.07 -15.66 77.06
CA SER I 241 -11.14 -15.45 75.62
C SER I 241 -10.64 -14.06 75.20
N VAL I 242 -10.89 -13.02 75.99
CA VAL I 242 -10.38 -11.68 75.71
C VAL I 242 -8.87 -11.57 75.94
N THR I 243 -8.32 -12.30 76.92
CA THR I 243 -6.86 -12.34 77.13
C THR I 243 -6.15 -12.97 75.95
N ASP I 244 -6.69 -14.06 75.41
CA ASP I 244 -6.12 -14.71 74.23
C ASP I 244 -6.33 -13.90 72.95
N ALA I 245 -7.51 -13.29 72.75
CA ALA I 245 -7.73 -12.40 71.63
C ALA I 245 -6.73 -11.24 71.62
N ALA I 246 -6.55 -10.54 72.75
CA ALA I 246 -5.59 -9.44 72.82
C ALA I 246 -4.14 -9.90 72.59
N ALA I 247 -3.76 -11.09 73.04
CA ALA I 247 -2.42 -11.63 72.78
C ALA I 247 -2.18 -11.85 71.28
N GLN I 248 -3.17 -12.34 70.53
CA GLN I 248 -3.03 -12.47 69.09
C GLN I 248 -2.84 -11.12 68.40
N ILE I 249 -3.63 -10.10 68.76
CA ILE I 249 -3.49 -8.76 68.16
C ILE I 249 -2.12 -8.16 68.46
N LEU I 250 -1.61 -8.29 69.68
CA LEU I 250 -0.29 -7.78 70.02
C LEU I 250 0.81 -8.48 69.22
N MET I 251 0.74 -9.80 69.06
CA MET I 251 1.76 -10.53 68.31
C MET I 251 1.71 -10.23 66.81
N ASN I 252 0.53 -10.13 66.20
CA ASN I 252 0.40 -9.70 64.80
C ASN I 252 0.88 -8.24 64.61
N MET I 253 0.60 -7.34 65.55
CA MET I 253 1.08 -5.96 65.48
C MET I 253 2.61 -5.92 65.52
N GLN I 254 3.24 -6.70 66.40
CA GLN I 254 4.69 -6.79 66.47
C GLN I 254 5.30 -7.43 65.22
N GLY I 255 4.72 -8.51 64.72
CA GLY I 255 5.13 -9.11 63.45
C GLY I 255 5.07 -8.10 62.31
N THR I 256 4.03 -7.28 62.24
CA THR I 256 3.91 -6.22 61.25
C THR I 256 5.04 -5.20 61.40
N ALA I 257 5.34 -4.75 62.61
CA ALA I 257 6.39 -3.77 62.81
C ALA I 257 7.79 -4.28 62.43
N ASN I 258 8.06 -5.57 62.59
CA ASN I 258 9.33 -6.19 62.18
C ASN I 258 9.47 -6.43 60.68
N LEU I 259 8.39 -6.40 59.90
CA LEU I 259 8.44 -6.81 58.49
C LEU I 259 7.88 -5.78 57.50
N MET I 260 6.96 -4.91 57.93
CA MET I 260 6.02 -4.27 57.02
C MET I 260 5.53 -2.89 57.45
N ALA I 261 6.00 -2.33 58.56
CA ALA I 261 5.66 -0.94 58.95
C ALA I 261 6.39 0.14 58.14
N ILE I 262 7.09 -0.27 57.07
CA ILE I 262 7.87 0.55 56.14
C ILE I 262 7.55 0.13 54.71
N PRO I 263 7.64 1.04 53.72
CA PRO I 263 7.41 0.69 52.33
C PRO I 263 8.55 -0.21 51.81
N GLN I 264 8.25 -1.10 50.88
CA GLN I 264 9.30 -1.86 50.17
C GLN I 264 9.50 -1.21 48.81
N ARG I 265 10.72 -0.78 48.53
CA ARG I 265 11.11 -0.08 47.31
C ARG I 265 11.47 -1.07 46.19
N LEU I 266 11.03 -0.81 44.97
CA LEU I 266 11.19 -1.67 43.80
C LEU I 266 11.66 -0.88 42.58
N ILE I 267 12.35 -1.51 41.65
CA ILE I 267 12.65 -0.97 40.32
C ILE I 267 12.30 -2.03 39.28
N PHE I 268 11.64 -1.63 38.20
CA PHE I 268 11.26 -2.52 37.10
C PHE I 268 11.93 -2.10 35.80
N GLY I 269 12.23 -3.06 34.93
CA GLY I 269 12.74 -2.84 33.57
C GLY I 269 14.26 -2.67 33.49
N ALA I 270 14.91 -2.18 34.54
CA ALA I 270 16.36 -2.07 34.59
C ALA I 270 17.03 -3.45 34.81
N LYS I 271 18.07 -3.78 34.05
CA LYS I 271 18.71 -5.11 34.12
C LYS I 271 19.66 -5.26 35.33
N PRO I 272 19.76 -6.43 35.96
CA PRO I 272 20.79 -6.73 36.96
C PRO I 272 22.22 -6.31 36.55
N GLU I 273 22.68 -6.67 35.36
CA GLU I 273 24.02 -6.31 34.86
C GLU I 273 24.14 -4.86 34.34
N GLU I 274 23.05 -4.12 34.29
CA GLU I 274 23.01 -2.68 34.02
C GLU I 274 23.20 -1.87 35.31
N LEU I 275 22.49 -2.26 36.38
CA LEU I 275 22.75 -1.78 37.75
C LEU I 275 24.16 -2.14 38.24
N GLY I 276 24.73 -3.23 37.72
CA GLY I 276 26.06 -3.72 38.11
C GLY I 276 26.04 -4.56 39.38
N ILE I 277 24.94 -5.28 39.65
CA ILE I 277 24.85 -6.18 40.81
C ILE I 277 25.81 -7.35 40.64
N ASN I 278 26.50 -7.74 41.71
CA ASN I 278 27.47 -8.81 41.69
C ASN I 278 26.78 -10.17 41.53
N ALA I 279 27.13 -10.94 40.49
CA ALA I 279 26.44 -12.19 40.17
C ALA I 279 26.59 -13.27 41.26
N GLU I 280 27.72 -13.34 41.97
CA GLU I 280 27.94 -14.35 43.03
C GLU I 280 27.08 -14.11 44.27
N THR I 281 26.71 -12.86 44.57
CA THR I 281 26.01 -12.47 45.81
C THR I 281 24.66 -11.77 45.60
N GLY I 282 24.26 -11.53 44.34
CA GLY I 282 22.93 -11.04 43.97
C GLY I 282 22.66 -9.57 44.28
N GLN I 283 23.67 -8.78 44.65
CA GLN I 283 23.46 -7.43 45.20
C GLN I 283 24.56 -6.42 44.85
N ARG I 284 24.26 -5.12 44.98
CA ARG I 284 25.24 -4.02 44.91
C ARG I 284 25.14 -3.11 46.12
N MET I 285 26.25 -2.81 46.78
CA MET I 285 26.31 -1.77 47.81
C MET I 285 26.32 -0.39 47.15
N PHE I 286 25.57 0.58 47.68
CA PHE I 286 25.67 1.99 47.26
C PHE I 286 25.67 2.94 48.45
N ASP I 287 26.46 4.02 48.38
CA ASP I 287 26.57 5.00 49.47
C ASP I 287 25.27 5.80 49.63
N ALA I 288 24.63 5.68 50.79
CA ALA I 288 23.23 6.07 50.99
C ALA I 288 23.01 7.30 51.89
N TYR I 289 23.96 8.22 51.92
CA TYR I 289 23.83 9.50 52.62
C TYR I 289 22.70 10.36 52.04
N MET I 290 22.28 11.39 52.77
CA MET I 290 21.21 12.31 52.37
C MET I 290 21.39 12.90 50.97
N ALA I 291 20.29 13.13 50.27
CA ALA I 291 20.17 13.94 49.05
C ALA I 291 21.00 13.53 47.82
N ARG I 292 21.79 12.46 47.88
CA ARG I 292 22.45 11.89 46.69
C ARG I 292 21.39 11.36 45.74
N ILE I 293 21.53 11.63 44.43
CA ILE I 293 20.52 11.27 43.43
C ILE I 293 21.02 10.06 42.64
N LEU I 294 20.26 8.98 42.58
CA LEU I 294 20.62 7.82 41.76
C LEU I 294 20.24 8.06 40.30
N ALA I 295 21.19 8.00 39.37
CA ALA I 295 20.90 8.12 37.95
C ALA I 295 21.00 6.77 37.24
N PHE I 296 19.97 6.39 36.49
CA PHE I 296 19.87 5.12 35.79
C PHE I 296 19.70 5.27 34.27
N GLU I 297 20.29 4.36 33.52
CA GLU I 297 19.85 4.03 32.16
C GLU I 297 18.35 3.66 32.17
N GLY I 298 17.54 4.19 31.24
CA GLY I 298 16.08 4.20 31.34
C GLY I 298 15.34 3.38 30.27
N GLY I 299 16.01 2.41 29.67
CA GLY I 299 15.46 1.60 28.57
C GLY I 299 14.21 0.80 28.94
N GLU I 300 13.45 0.39 27.91
CA GLU I 300 12.28 -0.50 28.03
C GLU I 300 11.17 0.02 28.98
N GLY I 301 11.11 1.33 29.20
CA GLY I 301 10.13 1.92 30.13
C GLY I 301 10.43 1.65 31.61
N ALA I 302 11.71 1.49 31.96
CA ALA I 302 12.13 1.26 33.35
C ALA I 302 11.69 2.40 34.27
N HIS I 303 11.23 2.05 35.47
CA HIS I 303 10.67 2.99 36.44
C HIS I 303 10.73 2.44 37.86
N ALA I 304 10.59 3.32 38.84
CA ALA I 304 10.60 2.98 40.26
C ALA I 304 9.19 2.99 40.85
N GLU I 305 8.89 2.04 41.73
CA GLU I 305 7.62 2.03 42.47
C GLU I 305 7.78 1.26 43.79
N GLN I 306 6.80 1.33 44.68
CA GLN I 306 6.93 0.81 46.02
C GLN I 306 5.63 0.18 46.53
N PHE I 307 5.75 -0.87 47.34
CA PHE I 307 4.63 -1.34 48.16
C PHE I 307 4.44 -0.40 49.35
N SER I 308 3.22 -0.30 49.86
CA SER I 308 2.91 0.54 51.03
C SER I 308 3.44 -0.07 52.32
N ALA I 309 3.70 0.77 53.31
CA ALA I 309 3.73 0.33 54.70
C ALA I 309 2.32 -0.11 55.12
N ALA I 310 2.22 -1.07 56.04
CA ALA I 310 0.99 -1.26 56.82
C ALA I 310 0.87 -0.18 57.89
N GLU I 311 -0.32 0.41 58.07
CA GLU I 311 -0.55 1.33 59.19
C GLU I 311 -0.77 0.53 60.49
N LEU I 312 0.08 0.70 61.50
CA LEU I 312 -0.09 -0.06 62.76
C LEU I 312 -1.34 0.34 63.54
N ARG I 313 -1.89 1.53 63.28
CA ARG I 313 -3.21 1.97 63.76
C ARG I 313 -4.30 0.95 63.51
N ASN I 314 -4.24 0.20 62.41
CA ASN I 314 -5.26 -0.78 62.09
C ASN I 314 -5.38 -1.87 63.17
N PHE I 315 -4.27 -2.24 63.82
CA PHE I 315 -4.27 -3.16 64.96
C PHE I 315 -4.55 -2.44 66.27
N VAL I 316 -4.02 -1.24 66.48
CA VAL I 316 -4.24 -0.50 67.72
C VAL I 316 -5.72 -0.17 67.92
N ASP I 317 -6.47 0.08 66.85
CA ASP I 317 -7.92 0.24 66.92
C ASP I 317 -8.64 -1.04 67.42
N ALA I 318 -8.09 -2.23 67.22
CA ALA I 318 -8.61 -3.46 67.80
C ALA I 318 -8.10 -3.69 69.23
N LEU I 319 -6.86 -3.31 69.56
CA LEU I 319 -6.36 -3.36 70.93
C LEU I 319 -7.18 -2.48 71.87
N ASP I 320 -7.54 -1.27 71.44
CA ASP I 320 -8.38 -0.38 72.23
C ASP I 320 -9.79 -0.93 72.42
N ALA I 321 -10.35 -1.60 71.41
CA ALA I 321 -11.65 -2.25 71.53
C ALA I 321 -11.62 -3.41 72.53
N LEU I 322 -10.61 -4.27 72.47
CA LEU I 322 -10.47 -5.36 73.43
C LEU I 322 -10.16 -4.87 74.84
N ASP I 323 -9.45 -3.76 75.04
CA ASP I 323 -9.25 -3.21 76.40
C ASP I 323 -10.57 -2.81 77.05
N ARG I 324 -11.49 -2.15 76.35
CA ARG I 324 -12.80 -1.81 76.94
C ARG I 324 -13.75 -2.99 77.07
N LYS I 325 -13.56 -4.07 76.31
CA LYS I 325 -14.19 -5.37 76.58
C LYS I 325 -13.65 -6.01 77.85
N ALA I 326 -12.33 -6.11 78.01
CA ALA I 326 -11.70 -6.65 79.21
C ALA I 326 -12.11 -5.87 80.47
N ALA I 327 -12.20 -4.54 80.38
CA ALA I 327 -12.69 -3.71 81.48
C ALA I 327 -14.16 -4.01 81.80
N SER I 328 -15.02 -4.06 80.79
CA SER I 328 -16.45 -4.31 80.99
C SER I 328 -16.74 -5.68 81.63
N TYR I 329 -16.05 -6.74 81.22
CA TYR I 329 -16.23 -8.07 81.81
C TYR I 329 -15.62 -8.19 83.21
N SER I 330 -14.49 -7.53 83.48
CA SER I 330 -13.84 -7.60 84.79
C SER I 330 -14.51 -6.73 85.84
N GLY I 331 -15.06 -5.57 85.45
CA GLY I 331 -15.68 -4.62 86.37
C GLY I 331 -14.72 -3.78 87.19
N LEU I 332 -13.45 -3.75 86.81
CA LEU I 332 -12.45 -2.83 87.36
C LEU I 332 -12.84 -1.37 87.07
N PRO I 333 -12.33 -0.39 87.84
CA PRO I 333 -12.38 1.01 87.43
C PRO I 333 -11.84 1.18 85.99
N PRO I 334 -12.43 2.01 85.12
CA PRO I 334 -12.02 2.09 83.72
C PRO I 334 -10.54 2.42 83.50
N GLN I 335 -9.91 3.17 84.42
CA GLN I 335 -8.50 3.52 84.34
C GLN I 335 -7.55 2.39 84.77
N TYR I 336 -8.02 1.29 85.37
CA TYR I 336 -7.12 0.18 85.75
C TYR I 336 -6.52 -0.50 84.53
N LEU I 337 -7.26 -0.59 83.42
CA LEU I 337 -6.76 -1.04 82.12
C LEU I 337 -6.45 0.13 81.16
N SER I 338 -6.33 1.36 81.68
CA SER I 338 -6.05 2.59 80.93
C SER I 338 -7.00 2.85 79.75
N SER I 339 -8.26 2.42 79.86
CA SER I 339 -9.24 2.51 78.76
C SER I 339 -9.74 3.95 78.46
N SER I 340 -9.42 4.94 79.29
CA SER I 340 -9.71 6.36 79.06
C SER I 340 -8.79 7.28 79.88
N SER I 341 -8.74 8.57 79.51
CA SER I 341 -8.10 9.64 80.30
C SER I 341 -8.96 10.17 81.47
N ASP I 342 -10.16 9.65 81.68
CA ASP I 342 -11.14 10.19 82.63
C ASP I 342 -10.82 9.81 84.10
N ASN I 343 -9.70 10.32 84.63
CA ASN I 343 -9.30 10.11 86.02
C ASN I 343 -10.36 10.71 86.99
N PRO I 344 -10.86 9.95 87.98
CA PRO I 344 -11.82 10.46 88.95
C PRO I 344 -11.35 11.71 89.68
N ALA I 345 -12.14 12.78 89.65
CA ALA I 345 -11.72 14.10 90.12
C ALA I 345 -12.01 14.40 91.61
N SER I 346 -12.88 13.63 92.27
CA SER I 346 -13.44 13.96 93.58
C SER I 346 -13.90 12.73 94.36
N ALA I 347 -14.13 12.85 95.66
CA ALA I 347 -14.47 11.74 96.54
C ALA I 347 -15.76 10.98 96.13
N GLU I 348 -16.74 11.66 95.53
CA GLU I 348 -17.91 11.01 94.95
C GLU I 348 -17.58 10.35 93.60
N ALA I 349 -16.82 11.02 92.72
CA ALA I 349 -16.47 10.48 91.41
C ALA I 349 -15.61 9.22 91.50
N ILE I 350 -14.77 9.07 92.53
CA ILE I 350 -14.04 7.83 92.80
C ILE I 350 -15.02 6.70 93.07
N LYS I 351 -15.90 6.90 94.05
CA LYS I 351 -16.88 5.91 94.47
C LYS I 351 -17.82 5.50 93.34
N ALA I 352 -18.14 6.40 92.42
CA ALA I 352 -18.92 6.08 91.22
C ALA I 352 -18.21 5.03 90.35
N ALA I 353 -16.97 5.30 89.93
CA ALA I 353 -16.20 4.41 89.05
C ALA I 353 -15.86 3.07 89.71
N GLU I 354 -15.52 3.11 91.00
CA GLU I 354 -15.09 1.95 91.77
C GLU I 354 -16.23 1.05 92.26
N SER I 355 -17.48 1.51 92.20
CA SER I 355 -18.64 0.84 92.80
C SER I 355 -18.79 -0.64 92.46
N ARG I 356 -18.54 -1.07 91.22
CA ARG I 356 -18.68 -2.48 90.84
C ARG I 356 -17.55 -3.36 91.39
N LEU I 357 -16.33 -2.86 91.48
CA LEU I 357 -15.25 -3.61 92.14
C LEU I 357 -15.51 -3.72 93.64
N VAL I 358 -16.00 -2.68 94.30
CA VAL I 358 -16.37 -2.76 95.72
C VAL I 358 -17.45 -3.79 95.95
N LYS I 359 -18.55 -3.79 95.19
CA LYS I 359 -19.62 -4.78 95.39
C LYS I 359 -19.18 -6.20 95.06
N LYS I 360 -18.25 -6.41 94.12
CA LYS I 360 -17.62 -7.70 93.88
C LYS I 360 -16.85 -8.17 95.11
N VAL I 361 -15.99 -7.33 95.68
CA VAL I 361 -15.22 -7.67 96.88
C VAL I 361 -16.13 -7.88 98.10
N GLU I 362 -17.18 -7.10 98.29
CA GLU I 362 -18.11 -7.34 99.41
C GLU I 362 -18.76 -8.72 99.31
N ARG I 363 -19.14 -9.21 98.12
CA ARG I 363 -19.65 -10.58 97.98
C ARG I 363 -18.57 -11.63 98.24
N LYS I 364 -17.33 -11.42 97.80
CA LYS I 364 -16.23 -12.34 98.17
C LYS I 364 -15.97 -12.37 99.67
N ASN I 365 -16.03 -11.23 100.36
CA ASN I 365 -15.85 -11.19 101.82
C ASN I 365 -16.91 -12.02 102.54
N LYS I 366 -18.17 -12.00 102.11
CA LYS I 366 -19.23 -12.84 102.70
C LYS I 366 -19.01 -14.32 102.43
N ILE I 367 -18.70 -14.69 101.18
CA ILE I 367 -18.50 -16.09 100.79
C ILE I 367 -17.27 -16.71 101.44
N PHE I 368 -16.16 -15.98 101.58
CA PHE I 368 -14.97 -16.46 102.29
C PHE I 368 -15.11 -16.38 103.81
N GLY I 369 -15.87 -15.43 104.35
CA GLY I 369 -16.11 -15.33 105.79
C GLY I 369 -16.73 -16.59 106.38
N GLY I 370 -17.63 -17.25 105.64
CA GLY I 370 -18.22 -18.53 106.04
C GLY I 370 -17.19 -19.62 106.35
N ALA I 371 -16.13 -19.74 105.55
CA ALA I 371 -15.08 -20.72 105.79
C ALA I 371 -14.22 -20.35 107.01
N TRP I 372 -13.98 -19.06 107.26
CA TRP I 372 -13.20 -18.64 108.42
C TRP I 372 -13.95 -18.78 109.73
N GLU I 373 -15.25 -18.51 109.79
CA GLU I 373 -16.01 -18.79 111.01
C GLU I 373 -16.06 -20.30 111.28
N GLN I 374 -16.19 -21.15 110.26
CA GLN I 374 -16.16 -22.60 110.46
C GLN I 374 -14.79 -23.06 110.97
N ALA I 375 -13.69 -22.56 110.41
CA ALA I 375 -12.35 -22.90 110.89
C ALA I 375 -12.14 -22.48 112.35
N MET I 376 -12.58 -21.29 112.74
CA MET I 376 -12.49 -20.85 114.14
C MET I 376 -13.41 -21.65 115.07
N ARG I 377 -14.60 -22.02 114.62
CA ARG I 377 -15.52 -22.86 115.38
C ARG I 377 -14.96 -24.26 115.60
N LEU I 378 -14.37 -24.89 114.58
CA LEU I 378 -13.68 -26.17 114.76
C LEU I 378 -12.46 -26.00 115.66
N ALA I 379 -11.66 -24.96 115.49
CA ALA I 379 -10.48 -24.73 116.33
C ALA I 379 -10.85 -24.59 117.81
N TYR I 380 -11.93 -23.88 118.15
CA TYR I 380 -12.40 -23.82 119.53
C TYR I 380 -12.76 -25.20 120.07
N LYS I 381 -13.59 -25.97 119.35
CA LYS I 381 -13.98 -27.32 119.77
C LYS I 381 -12.78 -28.26 119.90
N MET I 382 -11.76 -28.08 119.06
CA MET I 382 -10.53 -28.88 119.06
C MET I 382 -9.59 -28.50 120.22
N VAL I 383 -9.54 -27.23 120.62
CA VAL I 383 -8.70 -26.75 121.75
C VAL I 383 -9.35 -26.98 123.10
N LYS I 384 -10.57 -26.46 123.29
CA LYS I 384 -11.27 -26.43 124.59
C LYS I 384 -11.92 -27.77 124.94
N GLY I 385 -12.12 -28.65 123.96
CA GLY I 385 -12.91 -29.87 124.13
C GLY I 385 -14.38 -29.57 124.42
N GLY I 386 -15.10 -30.55 124.95
CA GLY I 386 -16.52 -30.39 125.30
C GLY I 386 -17.39 -30.05 124.09
N ASP I 387 -18.25 -29.05 124.23
CA ASP I 387 -19.12 -28.61 123.13
C ASP I 387 -19.26 -27.08 123.04
N ILE I 388 -19.56 -26.61 121.83
CA ILE I 388 -19.53 -25.20 121.45
C ILE I 388 -20.63 -24.40 122.15
N PRO I 389 -20.31 -23.26 122.81
CA PRO I 389 -21.32 -22.32 123.30
C PRO I 389 -22.21 -21.85 122.16
N THR I 390 -23.53 -21.92 122.29
CA THR I 390 -24.44 -21.84 121.13
C THR I 390 -24.39 -20.49 120.40
N GLU I 391 -23.95 -19.42 121.05
CA GLU I 391 -23.67 -18.13 120.44
C GLU I 391 -22.61 -18.16 119.32
N TYR I 392 -21.68 -19.12 119.32
CA TYR I 392 -20.68 -19.26 118.26
C TYR I 392 -21.29 -19.69 116.93
N TYR I 393 -22.48 -20.31 116.93
CA TYR I 393 -23.21 -20.59 115.68
C TYR I 393 -23.76 -19.32 115.02
N ARG I 394 -23.79 -18.18 115.73
CA ARG I 394 -24.17 -16.86 115.19
C ARG I 394 -22.98 -15.93 114.95
N MET I 395 -21.73 -16.38 115.12
CA MET I 395 -20.60 -15.47 114.94
C MET I 395 -20.55 -14.91 113.52
N GLU I 396 -20.02 -13.71 113.35
CA GLU I 396 -19.89 -13.04 112.06
C GLU I 396 -18.50 -12.43 111.91
N THR I 397 -17.87 -12.62 110.76
CA THR I 397 -16.58 -11.99 110.43
C THR I 397 -16.76 -10.52 110.11
N VAL I 398 -15.86 -9.65 110.59
CA VAL I 398 -15.85 -8.22 110.27
C VAL I 398 -14.64 -7.89 109.40
N TRP I 399 -14.87 -7.29 108.25
CA TRP I 399 -13.87 -7.03 107.21
C TRP I 399 -13.72 -5.54 106.94
N ARG I 400 -12.54 -5.08 106.51
CA ARG I 400 -12.35 -3.69 106.09
C ARG I 400 -13.18 -3.33 104.87
N ASP I 401 -13.67 -2.09 104.80
CA ASP I 401 -14.42 -1.60 103.64
C ASP I 401 -13.53 -1.63 102.38
N PRO I 402 -13.91 -2.32 101.30
CA PRO I 402 -13.07 -2.46 100.11
C PRO I 402 -12.73 -1.16 99.37
N SER I 403 -13.48 -0.07 99.58
CA SER I 403 -13.37 1.16 98.79
C SER I 403 -12.11 1.98 99.09
N THR I 404 -11.70 2.83 98.16
CA THR I 404 -10.52 3.70 98.32
C THR I 404 -10.68 4.60 99.55
N PRO I 405 -9.77 4.58 100.53
CA PRO I 405 -9.96 5.24 101.81
C PRO I 405 -9.74 6.77 101.68
N THR I 406 -10.80 7.49 101.35
CA THR I 406 -10.86 8.96 101.49
C THR I 406 -10.98 9.33 102.97
N TYR I 407 -10.13 10.21 103.47
CA TYR I 407 -10.14 10.60 104.88
C TYR I 407 -10.99 11.84 105.11
N ALA I 408 -10.67 12.96 104.47
CA ALA I 408 -11.31 14.24 104.76
C ALA I 408 -12.83 14.24 104.50
N ALA I 409 -13.30 13.59 103.45
CA ALA I 409 -14.72 13.49 103.14
C ALA I 409 -15.53 12.75 104.22
N LYS I 410 -14.91 11.81 104.94
CA LYS I 410 -15.52 11.15 106.12
C LYS I 410 -15.32 11.97 107.39
N ALA I 411 -14.18 12.62 107.58
CA ALA I 411 -13.90 13.45 108.74
C ALA I 411 -14.90 14.60 108.90
N ASP I 412 -15.22 15.32 107.83
CA ASP I 412 -16.28 16.34 107.85
C ASP I 412 -17.63 15.74 108.27
N ALA I 413 -18.03 14.63 107.67
CA ALA I 413 -19.30 13.98 107.92
C ALA I 413 -19.43 13.47 109.36
N ALA I 414 -18.45 12.74 109.85
CA ALA I 414 -18.46 12.21 111.21
C ALA I 414 -18.45 13.33 112.25
N ALA I 415 -17.65 14.38 112.05
CA ALA I 415 -17.63 15.53 112.94
C ALA I 415 -18.97 16.29 112.95
N LYS I 416 -19.61 16.48 111.79
CA LYS I 416 -20.94 17.11 111.69
C LYS I 416 -22.04 16.29 112.36
N LEU I 417 -22.01 14.97 112.23
CA LEU I 417 -22.98 14.08 112.87
C LEU I 417 -22.80 14.03 114.39
N PHE I 418 -21.57 13.99 114.88
CA PHE I 418 -21.30 13.95 116.31
C PHE I 418 -21.58 15.29 116.99
N ALA I 419 -21.09 16.41 116.45
CA ALA I 419 -21.31 17.76 116.98
C ALA I 419 -21.04 17.87 118.50
N ASN I 420 -19.84 17.47 118.93
CA ASN I 420 -19.49 17.31 120.35
C ASN I 420 -20.47 16.35 121.05
N GLY I 421 -20.95 16.64 122.26
CA GLY I 421 -21.92 15.75 122.92
C GLY I 421 -23.33 15.79 122.31
N ALA I 422 -23.67 16.83 121.55
CA ALA I 422 -25.05 17.22 121.28
C ALA I 422 -25.69 16.60 120.02
N GLY I 423 -24.92 15.98 119.13
CA GLY I 423 -25.40 15.58 117.81
C GLY I 423 -26.16 14.25 117.76
N LEU I 424 -26.22 13.69 116.55
CA LEU I 424 -27.08 12.58 116.21
C LEU I 424 -26.57 11.23 116.72
N ILE I 425 -25.27 10.99 116.72
CA ILE I 425 -24.67 9.66 116.93
C ILE I 425 -23.85 9.57 118.22
N PRO I 426 -23.78 8.40 118.87
CA PRO I 426 -22.82 8.17 119.94
C PRO I 426 -21.39 8.20 119.41
N ARG I 427 -20.41 8.43 120.27
CA ARG I 427 -18.99 8.55 119.87
C ARG I 427 -18.50 7.33 119.10
N GLU I 428 -18.91 6.14 119.52
CA GLU I 428 -18.51 4.88 118.89
C GLU I 428 -18.88 4.80 117.41
N ARG I 429 -20.04 5.31 116.96
CA ARG I 429 -20.28 5.33 115.50
C ARG I 429 -19.37 6.29 114.79
N GLY I 430 -18.94 7.39 115.40
CA GLY I 430 -17.94 8.24 114.78
C GLY I 430 -16.67 7.44 114.48
N TRP I 431 -16.25 6.59 115.41
CA TRP I 431 -15.11 5.70 115.21
C TRP I 431 -15.38 4.60 114.17
N VAL I 432 -16.55 3.96 114.18
CA VAL I 432 -16.88 2.91 113.20
C VAL I 432 -17.05 3.49 111.79
N ASP I 433 -17.67 4.65 111.64
CA ASP I 433 -17.82 5.34 110.35
C ASP I 433 -16.49 5.84 109.80
N MET I 434 -15.61 6.37 110.64
CA MET I 434 -14.25 6.72 110.22
C MET I 434 -13.45 5.47 109.79
N GLY I 435 -13.79 4.30 110.30
CA GLY I 435 -13.31 3.01 109.78
C GLY I 435 -12.14 2.41 110.56
N TYR I 436 -11.94 2.79 111.82
CA TYR I 436 -10.90 2.19 112.65
C TYR I 436 -11.21 0.71 112.95
N THR I 437 -10.20 -0.15 112.94
CA THR I 437 -10.38 -1.60 113.15
C THR I 437 -10.84 -1.92 114.57
N ILE I 438 -11.36 -3.13 114.84
CA ILE I 438 -11.87 -3.49 116.17
C ILE I 438 -10.78 -3.36 117.26
N VAL I 439 -9.55 -3.79 116.97
CA VAL I 439 -8.40 -3.63 117.88
C VAL I 439 -7.91 -2.19 117.96
N GLU I 440 -7.93 -1.45 116.86
CA GLU I 440 -7.54 -0.04 116.82
C GLU I 440 -8.51 0.86 117.57
N ARG I 441 -9.80 0.53 117.54
CA ARG I 441 -10.88 1.21 118.23
C ARG I 441 -10.95 0.85 119.71
N GLU I 442 -10.55 -0.36 120.10
CA GLU I 442 -10.30 -0.67 121.51
C GLU I 442 -9.19 0.23 122.06
N GLN I 443 -8.06 0.35 121.38
CA GLN I 443 -6.94 1.15 121.88
C GLN I 443 -7.32 2.61 122.17
N MET I 444 -8.23 3.19 121.39
CA MET I 444 -8.75 4.52 121.66
C MET I 444 -9.52 4.63 122.96
N ARG I 445 -10.15 3.57 123.48
CA ARG I 445 -10.85 3.64 124.77
C ARG I 445 -9.89 3.87 125.93
N GLN I 446 -8.65 3.38 125.85
CA GLN I 446 -7.60 3.75 126.79
C GLN I 446 -7.14 5.19 126.60
N TRP I 447 -6.81 5.63 125.38
CA TRP I 447 -6.36 7.02 125.16
C TRP I 447 -7.42 8.05 125.55
N LEU I 448 -8.69 7.79 125.29
CA LEU I 448 -9.78 8.68 125.66
C LEU I 448 -9.92 8.78 127.17
N GLU I 449 -9.86 7.67 127.89
CA GLU I 449 -9.89 7.68 129.36
C GLU I 449 -8.68 8.38 129.97
N GLN I 450 -7.49 8.21 129.40
CA GLN I 450 -6.28 8.94 129.80
C GLN I 450 -6.40 10.45 129.53
N ASP I 451 -6.91 10.87 128.37
CA ASP I 451 -7.15 12.30 128.08
C ASP I 451 -8.13 12.92 129.09
N GLN I 452 -9.17 12.18 129.49
CA GLN I 452 -10.12 12.63 130.52
C GLN I 452 -9.52 12.73 131.93
N LYS I 453 -8.27 12.32 132.18
CA LYS I 453 -7.54 12.70 133.40
C LYS I 453 -6.97 14.13 133.34
N GLN I 454 -6.73 14.65 132.13
CA GLN I 454 -6.17 15.99 131.89
C GLN I 454 -7.25 17.05 131.68
N GLY I 455 -8.34 16.72 130.97
CA GLY I 455 -9.46 17.65 130.71
C GLY I 455 -10.51 17.07 129.76
N SER J 6 24.84 -36.97 111.68
CA SER J 6 23.99 -36.82 110.48
C SER J 6 24.83 -36.80 109.21
N ILE J 7 25.57 -35.73 108.92
CA ILE J 7 26.44 -35.60 107.72
C ILE J 7 27.70 -34.76 108.01
N ASP J 8 28.79 -35.07 107.32
CA ASP J 8 30.06 -34.35 107.41
C ASP J 8 29.96 -32.93 106.81
N PRO J 9 30.24 -31.87 107.58
CA PRO J 9 30.27 -30.49 107.08
C PRO J 9 31.11 -30.26 105.83
N GLU J 10 32.20 -31.00 105.61
CA GLU J 10 33.03 -30.82 104.42
C GLU J 10 32.26 -31.17 103.13
N LYS J 11 31.55 -32.31 103.09
CA LYS J 11 30.76 -32.67 101.90
C LYS J 11 29.42 -31.96 101.85
N LEU J 12 28.85 -31.59 103.00
CA LEU J 12 27.64 -30.77 103.06
C LEU J 12 27.88 -29.37 102.49
N ARG J 13 29.01 -28.73 102.83
CA ARG J 13 29.47 -27.49 102.19
C ARG J 13 29.56 -27.68 100.69
N ASP J 14 30.31 -28.68 100.24
CA ASP J 14 30.55 -28.88 98.81
C ASP J 14 29.26 -29.09 98.01
N GLN J 15 28.37 -29.98 98.47
CA GLN J 15 27.20 -30.38 97.68
C GLN J 15 26.13 -29.28 97.59
N LEU J 16 26.12 -28.32 98.50
CA LEU J 16 25.19 -27.19 98.48
C LEU J 16 25.84 -25.89 97.97
N LEU J 17 27.16 -25.78 97.99
CA LEU J 17 27.87 -24.77 97.23
C LEU J 17 27.69 -24.97 95.70
N ASP J 18 27.65 -26.23 95.29
CA ASP J 18 27.23 -26.67 93.95
C ASP J 18 25.78 -26.25 93.65
N ALA J 19 24.84 -26.45 94.57
CA ALA J 19 23.45 -26.02 94.39
C ALA J 19 23.33 -24.49 94.31
N PHE J 20 24.10 -23.77 95.12
CA PHE J 20 24.23 -22.32 95.07
C PHE J 20 24.75 -21.84 93.71
N GLU J 21 25.77 -22.48 93.13
CA GLU J 21 26.24 -22.15 91.78
C GLU J 21 25.23 -22.51 90.69
N ASN J 22 24.55 -23.66 90.79
CA ASN J 22 23.57 -24.08 89.79
C ASN J 22 22.42 -23.07 89.65
N LYS J 23 21.94 -22.52 90.78
CA LYS J 23 20.91 -21.47 90.86
C LYS J 23 21.22 -20.23 90.03
N GLN J 24 22.49 -19.87 89.85
CA GLN J 24 22.86 -18.63 89.14
C GLN J 24 22.36 -18.60 87.69
N ASN J 25 22.14 -19.75 87.08
CA ASN J 25 21.57 -19.84 85.74
C ASN J 25 20.10 -19.37 85.67
N GLU J 26 19.33 -19.44 86.77
CA GLU J 26 18.01 -18.81 86.85
C GLU J 26 18.13 -17.32 87.16
N LEU J 27 18.87 -16.93 88.20
CA LEU J 27 18.87 -15.54 88.69
C LEU J 27 19.35 -14.55 87.64
N LYS J 28 20.35 -14.89 86.82
CA LYS J 28 20.89 -13.98 85.80
C LYS J 28 19.87 -13.55 84.74
N SER J 29 18.80 -14.32 84.53
CA SER J 29 17.72 -13.93 83.63
C SER J 29 16.94 -12.72 84.15
N SER J 30 16.60 -12.67 85.44
CA SER J 30 15.87 -11.55 86.05
C SER J 30 16.73 -10.29 86.18
N LYS J 31 18.02 -10.44 86.47
CA LYS J 31 19.00 -9.35 86.43
C LYS J 31 19.02 -8.68 85.06
N ALA J 32 18.98 -9.45 83.96
CA ALA J 32 19.08 -8.89 82.62
C ALA J 32 17.97 -7.88 82.28
N TYR J 33 16.81 -7.97 82.92
CA TYR J 33 15.74 -6.98 82.78
C TYR J 33 15.92 -5.76 83.68
N TYR J 34 16.28 -5.93 84.96
CA TYR J 34 16.49 -4.79 85.86
C TYR J 34 17.73 -3.97 85.51
N ASP J 35 18.88 -4.62 85.29
CA ASP J 35 20.13 -3.96 84.90
C ASP J 35 20.22 -3.63 83.40
N ALA J 36 19.18 -3.95 82.61
CA ALA J 36 19.10 -3.66 81.19
C ALA J 36 20.31 -4.19 80.38
N GLU J 37 20.64 -5.47 80.54
CA GLU J 37 21.62 -6.16 79.71
C GLU J 37 21.08 -6.41 78.28
N ARG J 38 21.94 -6.76 77.32
CA ARG J 38 21.51 -7.20 75.99
C ARG J 38 20.71 -8.50 76.11
N ARG J 39 19.47 -8.49 75.63
CA ARG J 39 18.63 -9.68 75.44
C ARG J 39 18.52 -9.99 73.95
N PRO J 40 18.74 -11.23 73.48
CA PRO J 40 18.52 -11.58 72.09
C PRO J 40 17.13 -11.22 71.59
N ASP J 41 16.09 -11.36 72.43
CA ASP J 41 14.72 -11.04 72.04
C ASP J 41 14.38 -9.54 71.99
N ALA J 42 15.24 -8.65 72.48
CA ALA J 42 15.02 -7.20 72.41
C ALA J 42 15.44 -6.59 71.06
N ILE J 43 16.27 -7.27 70.27
CA ILE J 43 16.85 -6.73 69.03
C ILE J 43 15.83 -6.69 67.91
N GLY J 44 15.64 -5.52 67.30
CA GLY J 44 14.64 -5.29 66.26
C GLY J 44 15.07 -5.87 64.92
N LEU J 45 14.23 -6.71 64.31
CA LEU J 45 14.67 -7.56 63.20
C LEU J 45 14.93 -6.83 61.89
N ALA J 46 14.24 -5.71 61.62
CA ALA J 46 14.38 -5.01 60.35
C ALA J 46 15.72 -4.27 60.21
N VAL J 47 16.44 -4.02 61.30
CA VAL J 47 17.71 -3.29 61.30
C VAL J 47 18.82 -4.12 60.63
N PRO J 48 19.57 -3.58 59.66
CA PRO J 48 20.67 -4.28 58.99
C PRO J 48 21.73 -4.80 59.95
N LEU J 49 22.40 -5.90 59.62
CA LEU J 49 23.16 -6.68 60.59
C LEU J 49 24.37 -5.95 61.20
N ASP J 50 24.92 -4.95 60.52
CA ASP J 50 25.99 -4.10 61.07
C ASP J 50 25.44 -2.97 61.94
N MET J 51 24.23 -2.50 61.70
CA MET J 51 23.55 -1.52 62.54
C MET J 51 22.92 -2.13 63.81
N ARG J 52 22.75 -3.44 63.90
CA ARG J 52 22.24 -4.09 65.13
C ARG J 52 23.12 -3.89 66.38
N LYS J 53 24.32 -3.30 66.25
CA LYS J 53 25.10 -2.83 67.40
C LYS J 53 24.41 -1.72 68.19
N TYR J 54 23.52 -0.94 67.56
CA TYR J 54 22.82 0.18 68.19
C TYR J 54 21.63 -0.27 69.02
N LEU J 55 21.92 -0.96 70.13
CA LEU J 55 20.90 -1.42 71.07
C LEU J 55 20.10 -0.25 71.64
N ALA J 56 18.82 -0.51 71.94
CA ALA J 56 17.94 0.40 72.65
C ALA J 56 17.37 -0.35 73.86
N HIS J 57 17.44 0.27 75.04
CA HIS J 57 17.05 -0.36 76.30
C HIS J 57 15.77 0.26 76.84
N VAL J 58 14.92 -0.54 77.49
CA VAL J 58 13.59 -0.11 77.96
C VAL J 58 13.48 -0.23 79.47
N GLY J 59 13.04 0.85 80.11
CA GLY J 59 13.11 1.04 81.56
C GLY J 59 11.89 0.59 82.37
N TYR J 60 10.92 -0.13 81.81
CA TYR J 60 9.76 -0.57 82.60
C TYR J 60 10.13 -1.47 83.79
N PRO J 61 11.01 -2.47 83.68
CA PRO J 61 11.32 -3.37 84.79
C PRO J 61 11.94 -2.64 85.97
N ARG J 62 12.90 -1.74 85.73
CA ARG J 62 13.49 -0.91 86.79
C ARG J 62 12.47 0.04 87.36
N THR J 63 11.66 0.68 86.53
CA THR J 63 10.61 1.61 86.98
C THR J 63 9.61 0.93 87.90
N TYR J 64 9.14 -0.26 87.57
CA TYR J 64 8.19 -0.98 88.42
C TYR J 64 8.81 -1.42 89.74
N VAL J 65 9.99 -2.05 89.72
CA VAL J 65 10.65 -2.49 90.95
C VAL J 65 11.04 -1.33 91.85
N ASP J 66 11.59 -0.23 91.31
CA ASP J 66 11.89 0.95 92.11
C ASP J 66 10.62 1.57 92.68
N ALA J 67 9.53 1.67 91.92
CA ALA J 67 8.29 2.30 92.37
C ALA J 67 7.63 1.57 93.54
N ILE J 68 7.86 0.27 93.71
CA ILE J 68 7.50 -0.45 94.92
C ILE J 68 8.53 -0.16 96.01
N ALA J 69 9.80 -0.46 95.76
CA ALA J 69 10.84 -0.46 96.80
C ALA J 69 11.07 0.93 97.43
N GLU J 70 10.85 2.02 96.71
CA GLU J 70 11.00 3.38 97.24
C GLU J 70 9.84 3.82 98.15
N ARG J 71 8.72 3.09 98.17
CA ARG J 71 7.52 3.42 98.96
C ARG J 71 7.32 2.52 100.18
N GLN J 72 8.27 1.62 100.47
CA GLN J 72 8.29 0.77 101.66
C GLN J 72 9.25 1.32 102.71
N GLU J 73 8.76 1.56 103.93
CA GLU J 73 9.60 1.96 105.05
C GLU J 73 8.97 1.50 106.37
N LEU J 74 9.75 0.80 107.20
CA LEU J 74 9.32 0.34 108.51
C LEU J 74 9.42 1.50 109.51
N GLU J 75 8.37 1.78 110.28
CA GLU J 75 8.33 2.85 111.28
C GLU J 75 8.39 2.33 112.72
N GLY J 76 8.27 1.03 112.95
CA GLY J 76 8.46 0.41 114.26
C GLY J 76 7.90 -1.01 114.37
N PHE J 77 7.89 -1.55 115.58
CA PHE J 77 7.28 -2.84 115.92
C PHE J 77 6.22 -2.65 117.01
N ARG J 78 5.23 -3.53 117.07
CA ARG J 78 4.18 -3.53 118.09
C ARG J 78 4.14 -4.89 118.77
N ILE J 79 4.03 -4.94 120.09
CA ILE J 79 3.86 -6.17 120.86
C ILE J 79 2.73 -5.95 121.88
N PRO J 80 1.73 -6.86 121.99
CA PRO J 80 0.66 -6.71 122.98
C PRO J 80 1.19 -6.98 124.39
N SER J 81 0.80 -6.19 125.38
CA SER J 81 1.22 -6.39 126.77
C SER J 81 0.42 -7.50 127.46
N ALA J 82 0.93 -7.98 128.61
CA ALA J 82 0.21 -8.95 129.45
C ALA J 82 -1.13 -8.42 130.01
N ASN J 83 -1.33 -7.10 129.99
CA ASN J 83 -2.57 -6.40 130.35
C ASN J 83 -3.55 -6.24 129.17
N GLY J 84 -3.35 -6.97 128.06
CA GLY J 84 -4.20 -6.94 126.87
C GLY J 84 -3.81 -5.84 125.88
N GLU J 85 -4.07 -4.57 126.24
CA GLU J 85 -3.91 -3.42 125.32
C GLU J 85 -3.17 -2.21 125.95
N GLU J 86 -2.71 -2.30 127.20
CA GLU J 86 -1.90 -1.24 127.82
C GLU J 86 -0.55 -1.09 127.08
N PRO J 87 -0.03 0.13 126.88
CA PRO J 87 1.11 0.38 125.99
C PRO J 87 2.48 0.01 126.59
N GLU J 88 2.59 -0.15 127.91
CA GLU J 88 3.87 -0.32 128.62
C GLU J 88 3.78 -1.39 129.73
N SER J 89 4.86 -2.15 129.94
CA SER J 89 4.99 -3.18 130.98
C SER J 89 6.45 -3.60 131.19
N GLY J 90 6.91 -3.62 132.44
CA GLY J 90 8.27 -4.05 132.81
C GLY J 90 9.37 -2.99 132.62
N GLY J 91 10.60 -3.36 132.94
CA GLY J 91 11.75 -2.44 133.05
C GLY J 91 12.22 -1.77 131.75
N GLU J 92 11.87 -2.30 130.58
CA GLU J 92 12.17 -1.70 129.28
C GLU J 92 11.18 -0.57 128.89
N ASN J 93 10.17 -0.31 129.74
CA ASN J 93 8.96 0.45 129.45
C ASN J 93 8.09 -0.22 128.37
N ASP J 94 8.57 -0.30 127.14
CA ASP J 94 7.93 -1.02 126.03
C ASP J 94 8.88 -2.09 125.49
N PRO J 95 8.54 -3.39 125.56
CA PRO J 95 9.35 -4.48 125.02
C PRO J 95 9.67 -4.34 123.52
N ALA J 96 8.84 -3.66 122.73
CA ALA J 96 9.11 -3.44 121.31
C ALA J 96 10.20 -2.38 121.06
N SER J 97 10.52 -1.54 122.05
CA SER J 97 11.47 -0.45 121.87
C SER J 97 12.91 -0.95 121.72
N GLU J 98 13.31 -2.04 122.38
CA GLU J 98 14.65 -2.59 122.18
C GLU J 98 14.79 -3.29 120.82
N LEU J 99 13.71 -3.86 120.27
CA LEU J 99 13.74 -4.41 118.91
C LEU J 99 13.97 -3.30 117.89
N TRP J 100 13.35 -2.13 118.09
CA TRP J 100 13.63 -0.97 117.26
C TRP J 100 15.05 -0.42 117.51
N ASP J 101 15.55 -0.47 118.74
CA ASP J 101 16.92 -0.09 119.03
C ASP J 101 17.94 -0.97 118.29
N TRP J 102 17.75 -2.28 118.24
CA TRP J 102 18.59 -3.18 117.43
C TRP J 102 18.44 -2.91 115.93
N TRP J 103 17.24 -2.63 115.44
CA TRP J 103 17.03 -2.27 114.04
C TRP J 103 17.83 -1.03 113.66
N GLN J 104 17.73 0.01 114.49
CA GLN J 104 18.46 1.25 114.31
C GLN J 104 19.98 1.07 114.46
N ALA J 105 20.45 0.34 115.46
CA ALA J 105 21.88 0.14 115.69
C ALA J 105 22.60 -0.64 114.59
N ASN J 106 21.89 -1.53 113.89
CA ASN J 106 22.41 -2.24 112.72
C ASN J 106 22.36 -1.42 111.43
N ASN J 107 21.72 -0.25 111.42
CA ASN J 107 21.31 0.47 110.22
C ASN J 107 20.44 -0.36 109.27
N LEU J 108 19.55 -1.21 109.80
CA LEU J 108 18.63 -1.95 108.97
C LEU J 108 17.67 -1.03 108.20
N ASP J 109 17.42 0.19 108.62
CA ASP J 109 16.65 1.15 107.83
C ASP J 109 17.36 1.58 106.54
N ILE J 110 18.69 1.43 106.46
CA ILE J 110 19.44 1.59 105.20
C ILE J 110 19.55 0.24 104.49
N GLU J 111 19.91 -0.83 105.18
CA GLU J 111 20.13 -2.13 104.53
C GLU J 111 18.84 -2.80 104.06
N ALA J 112 17.70 -2.63 104.73
CA ALA J 112 16.45 -3.23 104.30
C ALA J 112 15.91 -2.62 102.99
N THR J 113 15.99 -1.30 102.78
CA THR J 113 15.53 -0.71 101.51
C THR J 113 16.38 -1.16 100.32
N LEU J 114 17.63 -1.56 100.55
CA LEU J 114 18.40 -2.31 99.57
C LEU J 114 17.85 -3.74 99.45
N GLY J 115 17.79 -4.50 100.54
CA GLY J 115 17.43 -5.93 100.55
C GLY J 115 16.05 -6.25 99.99
N HIS J 116 15.06 -5.38 100.17
CA HIS J 116 13.75 -5.54 99.53
C HIS J 116 13.84 -5.43 98.01
N THR J 117 14.78 -4.67 97.46
CA THR J 117 14.93 -4.58 96.00
C THR J 117 15.44 -5.89 95.42
N ASP J 118 16.38 -6.59 96.08
CA ASP J 118 16.73 -7.95 95.70
C ASP J 118 15.56 -8.92 95.86
N ALA J 119 14.78 -8.82 96.93
CA ALA J 119 13.62 -9.67 97.12
C ALA J 119 12.60 -9.49 96.00
N LEU J 120 12.45 -8.28 95.44
CA LEU J 120 11.58 -8.03 94.29
C LEU J 120 12.22 -8.46 92.97
N ILE J 121 13.51 -8.19 92.71
CA ILE J 121 14.16 -8.60 91.46
C ILE J 121 14.26 -10.12 91.36
N TYR J 122 14.90 -10.76 92.34
CA TYR J 122 15.24 -12.18 92.29
C TYR J 122 14.15 -13.09 92.86
N GLY J 123 13.22 -12.55 93.64
CA GLY J 123 12.14 -13.29 94.28
C GLY J 123 12.42 -13.68 95.74
N THR J 124 13.67 -13.59 96.21
CA THR J 124 14.02 -13.84 97.62
C THR J 124 15.33 -13.17 98.03
N ALA J 125 15.49 -12.87 99.31
CA ALA J 125 16.74 -12.41 99.93
C ALA J 125 16.75 -12.89 101.39
N TYR J 126 17.91 -13.04 102.03
CA TYR J 126 18.03 -13.77 103.28
C TYR J 126 18.48 -12.87 104.43
N ILE J 127 17.90 -12.99 105.61
CA ILE J 127 18.30 -12.24 106.80
C ILE J 127 19.17 -13.15 107.68
N THR J 128 20.41 -12.76 107.92
CA THR J 128 21.36 -13.49 108.77
C THR J 128 21.33 -12.89 110.16
N ILE J 129 21.16 -13.70 111.20
CA ILE J 129 21.24 -13.31 112.60
C ILE J 129 22.53 -13.86 113.19
N SER J 130 23.27 -13.07 113.98
CA SER J 130 24.57 -13.47 114.52
C SER J 130 24.95 -12.63 115.74
N MET J 131 26.01 -13.02 116.46
CA MET J 131 26.62 -12.18 117.49
C MET J 131 27.91 -11.54 116.98
N PRO J 132 28.16 -10.25 117.27
CA PRO J 132 29.40 -9.60 116.90
C PRO J 132 30.56 -10.18 117.73
N ASP J 133 31.73 -10.30 117.13
CA ASP J 133 32.95 -10.80 117.77
C ASP J 133 34.11 -9.84 117.42
N PRO J 134 34.92 -9.37 118.39
CA PRO J 134 36.04 -8.47 118.11
C PRO J 134 37.05 -9.00 117.09
N GLU J 135 37.88 -8.09 116.55
CA GLU J 135 38.77 -8.27 115.38
C GLU J 135 38.03 -8.48 114.05
N VAL J 136 36.96 -9.28 114.02
CA VAL J 136 36.09 -9.48 112.84
C VAL J 136 34.87 -8.54 112.80
N ASP J 137 34.78 -7.58 113.74
CA ASP J 137 33.64 -6.67 113.87
C ASP J 137 33.60 -5.56 112.81
N PHE J 138 32.39 -5.00 112.59
CA PHE J 138 32.12 -3.91 111.64
C PHE J 138 32.46 -2.48 112.15
N ASP J 139 33.02 -2.32 113.36
CA ASP J 139 32.86 -1.14 114.22
C ASP J 139 31.37 -0.96 114.57
N VAL J 140 30.92 -1.73 115.55
CA VAL J 140 29.50 -1.93 115.90
C VAL J 140 29.31 -2.17 117.40
N ASP J 141 28.15 -1.82 117.94
CA ASP J 141 27.83 -1.90 119.38
C ASP J 141 27.83 -3.36 119.89
N PRO J 142 28.75 -3.79 120.78
CA PRO J 142 28.91 -5.22 121.11
C PRO J 142 27.70 -5.91 121.74
N GLU J 143 26.86 -5.21 122.48
CA GLU J 143 25.67 -5.77 123.13
C GLU J 143 24.48 -6.01 122.17
N VAL J 144 24.56 -5.59 120.92
CA VAL J 144 23.46 -5.69 119.94
C VAL J 144 23.62 -6.93 119.06
N PRO J 145 22.56 -7.71 118.78
CA PRO J 145 22.64 -8.80 117.83
C PRO J 145 22.95 -8.25 116.44
N LEU J 146 23.97 -8.83 115.79
CA LEU J 146 24.42 -8.42 114.48
C LEU J 146 23.53 -9.09 113.42
N ILE J 147 22.50 -8.36 112.98
CA ILE J 147 21.50 -8.79 112.01
C ILE J 147 21.84 -8.12 110.67
N ARG J 148 22.05 -8.88 109.59
CA ARG J 148 22.28 -8.31 108.24
C ARG J 148 21.54 -9.06 107.14
N VAL J 149 20.96 -8.33 106.19
CA VAL J 149 20.36 -8.90 104.99
C VAL J 149 21.44 -9.24 103.96
N GLU J 150 21.30 -10.35 103.23
CA GLU J 150 22.24 -10.77 102.21
C GLU J 150 21.49 -11.32 100.98
N PRO J 151 22.00 -11.07 99.77
CA PRO J 151 21.30 -11.33 98.52
C PRO J 151 21.32 -12.81 98.15
N PRO J 152 20.43 -13.26 97.27
CA PRO J 152 20.45 -14.62 96.75
C PRO J 152 21.62 -14.86 95.80
N THR J 153 22.38 -13.83 95.44
CA THR J 153 23.66 -13.94 94.73
C THR J 153 24.83 -14.32 95.63
N ALA J 154 24.66 -14.35 96.96
CA ALA J 154 25.74 -14.61 97.92
C ALA J 154 25.35 -15.54 99.08
N LEU J 155 24.06 -15.72 99.38
CA LEU J 155 23.56 -16.66 100.38
C LEU J 155 22.48 -17.54 99.76
N TYR J 156 22.38 -18.80 100.18
CA TYR J 156 21.40 -19.76 99.69
C TYR J 156 20.93 -20.68 100.81
N ALA J 157 19.70 -21.17 100.72
CA ALA J 157 19.11 -22.02 101.75
C ALA J 157 18.26 -23.13 101.15
N GLU J 158 18.36 -24.33 101.70
CA GLU J 158 17.48 -25.45 101.41
C GLU J 158 16.30 -25.43 102.37
N VAL J 159 15.07 -25.27 101.86
CA VAL J 159 13.84 -25.21 102.65
C VAL J 159 13.01 -26.48 102.46
N ASP J 160 12.53 -27.08 103.56
CA ASP J 160 11.76 -28.33 103.53
C ASP J 160 10.32 -28.10 103.04
N PRO J 161 9.87 -28.70 101.93
CA PRO J 161 8.47 -28.62 101.49
C PRO J 161 7.46 -29.10 102.55
N ARG J 162 7.81 -30.04 103.44
CA ARG J 162 6.90 -30.58 104.46
C ARG J 162 6.67 -29.59 105.60
N THR J 163 7.74 -29.16 106.29
CA THR J 163 7.65 -28.33 107.51
C THR J 163 7.85 -26.82 107.29
N ARG J 164 8.17 -26.40 106.06
CA ARG J 164 8.35 -25.01 105.59
C ARG J 164 9.38 -24.16 106.37
N LYS J 165 10.41 -24.82 106.91
CA LYS J 165 11.60 -24.20 107.53
C LYS J 165 12.88 -24.57 106.76
N VAL J 166 13.84 -23.66 106.83
CA VAL J 166 15.19 -23.83 106.31
C VAL J 166 15.85 -24.95 107.09
N LEU J 167 16.17 -26.04 106.41
CA LEU J 167 16.97 -27.12 106.98
C LEU J 167 18.43 -26.71 107.11
N TYR J 168 18.90 -25.88 106.18
CA TYR J 168 20.32 -25.76 105.90
C TYR J 168 20.65 -24.51 105.05
N ALA J 169 21.74 -23.76 105.32
CA ALA J 169 22.11 -22.58 104.50
C ALA J 169 23.63 -22.33 104.28
N ILE J 170 24.00 -21.83 103.10
CA ILE J 170 25.37 -21.55 102.60
C ILE J 170 25.56 -20.06 102.29
N ARG J 171 26.57 -19.37 102.84
CA ARG J 171 27.15 -18.20 102.13
C ARG J 171 28.28 -18.65 101.21
N ALA J 172 28.47 -17.95 100.10
CA ALA J 172 29.72 -18.00 99.37
C ALA J 172 30.09 -16.60 98.87
N ILE J 173 31.32 -16.16 99.14
CA ILE J 173 31.81 -14.83 98.81
C ILE J 173 32.89 -14.96 97.75
N TYR J 174 32.68 -14.39 96.57
CA TYR J 174 33.69 -14.33 95.52
C TYR J 174 34.74 -13.25 95.80
N GLY J 175 35.96 -13.47 95.28
CA GLY J 175 36.98 -12.41 95.24
C GLY J 175 36.61 -11.29 94.29
N ALA J 176 37.36 -10.18 94.32
CA ALA J 176 37.05 -8.98 93.53
C ALA J 176 37.04 -9.22 92.01
N ASP J 177 37.79 -10.20 91.51
CA ASP J 177 37.79 -10.61 90.08
C ASP J 177 36.60 -11.53 89.71
N GLY J 178 35.86 -12.03 90.69
CA GLY J 178 34.56 -12.70 90.50
C GLY J 178 34.61 -14.13 89.94
N ASN J 179 35.78 -14.63 89.57
CA ASN J 179 35.97 -15.97 88.99
C ASN J 179 36.17 -17.08 90.04
N GLU J 180 36.55 -16.75 91.28
CA GLU J 180 36.90 -17.71 92.33
C GLU J 180 36.38 -17.27 93.70
N ILE J 181 36.03 -18.25 94.55
CA ILE J 181 35.56 -18.01 95.92
C ILE J 181 36.72 -17.64 96.84
N VAL J 182 36.52 -16.64 97.70
CA VAL J 182 37.45 -16.25 98.77
C VAL J 182 37.03 -16.83 100.12
N SER J 183 35.74 -16.98 100.42
CA SER J 183 35.30 -17.67 101.64
C SER J 183 33.89 -18.22 101.55
N ALA J 184 33.55 -19.13 102.45
CA ALA J 184 32.23 -19.74 102.56
C ALA J 184 31.80 -19.87 104.02
N THR J 185 30.49 -19.95 104.27
CA THR J 185 29.92 -20.16 105.62
C THR J 185 28.78 -21.16 105.56
N LEU J 186 28.67 -22.02 106.58
CA LEU J 186 27.76 -23.16 106.65
C LEU J 186 26.99 -23.07 107.97
N TYR J 187 25.77 -22.53 107.94
CA TYR J 187 24.84 -22.50 109.07
C TYR J 187 24.06 -23.83 109.24
N LEU J 188 24.47 -24.67 110.19
CA LEU J 188 23.66 -25.80 110.67
C LEU J 188 22.64 -25.32 111.73
N PRO J 189 21.64 -26.15 112.08
CA PRO J 189 20.66 -25.82 113.11
C PRO J 189 21.23 -25.39 114.47
N ASP J 190 22.36 -25.95 114.91
CA ASP J 190 22.98 -25.69 116.22
C ASP J 190 24.42 -25.11 116.16
N THR J 191 24.95 -24.82 114.97
CA THR J 191 26.33 -24.34 114.80
C THR J 191 26.53 -23.62 113.47
N THR J 192 27.61 -22.84 113.36
CA THR J 192 28.04 -22.18 112.12
C THR J 192 29.53 -22.41 111.87
N MET J 193 29.90 -22.79 110.65
CA MET J 193 31.30 -22.99 110.23
C MET J 193 31.68 -22.02 109.13
N THR J 194 32.94 -21.60 109.06
CA THR J 194 33.44 -20.81 107.93
C THR J 194 34.86 -21.22 107.52
N TRP J 195 35.12 -21.22 106.21
CA TRP J 195 36.41 -21.53 105.59
C TRP J 195 36.87 -20.37 104.71
N LEU J 196 38.18 -20.13 104.67
CA LEU J 196 38.82 -19.17 103.78
C LEU J 196 39.55 -19.94 102.69
N ARG J 197 39.43 -19.52 101.42
CA ARG J 197 40.17 -20.14 100.30
C ARG J 197 41.57 -19.53 100.20
N ALA J 198 42.39 -19.74 101.23
CA ALA J 198 43.65 -19.03 101.44
C ALA J 198 44.73 -19.33 100.39
N GLU J 199 44.82 -20.57 99.89
CA GLU J 199 45.94 -21.06 99.07
C GLU J 199 45.48 -21.66 97.71
N GLY J 200 44.31 -21.27 97.23
CA GLY J 200 43.58 -22.01 96.19
C GLY J 200 42.88 -23.28 96.70
N GLU J 201 43.03 -23.57 98.00
CA GLU J 201 42.36 -24.61 98.77
C GLU J 201 41.96 -24.06 100.15
N TRP J 202 41.06 -24.76 100.85
CA TRP J 202 40.49 -24.29 102.11
C TRP J 202 41.49 -24.29 103.27
N GLU J 203 41.51 -23.21 104.03
CA GLU J 203 41.95 -23.20 105.43
C GLU J 203 40.99 -24.03 106.31
N ALA J 204 41.46 -24.61 107.41
CA ALA J 204 40.61 -25.38 108.33
C ALA J 204 39.50 -24.51 108.95
N PRO J 205 38.28 -25.04 109.17
CA PRO J 205 37.13 -24.22 109.51
C PRO J 205 37.22 -23.58 110.89
N THR J 206 36.98 -22.27 110.96
CA THR J 206 36.52 -21.63 112.19
C THR J 206 35.08 -22.05 112.44
N SER J 207 34.71 -22.31 113.69
CA SER J 207 33.38 -22.80 114.04
C SER J 207 32.86 -22.15 115.32
N THR J 208 31.56 -21.84 115.38
CA THR J 208 30.90 -21.35 116.59
C THR J 208 29.53 -22.00 116.81
N PRO J 209 29.23 -22.53 118.01
CA PRO J 209 27.91 -23.06 118.34
C PRO J 209 26.93 -21.92 118.62
N HIS J 210 25.63 -22.20 118.58
CA HIS J 210 24.59 -21.23 118.97
C HIS J 210 23.41 -21.92 119.66
N GLY J 211 22.67 -21.16 120.48
CA GLY J 211 21.59 -21.71 121.33
C GLY J 211 20.25 -21.95 120.62
N LEU J 212 20.08 -21.47 119.38
CA LEU J 212 18.84 -21.65 118.62
C LEU J 212 18.63 -23.13 118.23
N GLU J 213 17.38 -23.55 118.13
CA GLU J 213 16.98 -24.80 117.49
C GLU J 213 16.81 -24.64 115.96
N MET J 214 16.52 -23.42 115.51
CA MET J 214 16.38 -23.03 114.10
C MET J 214 17.73 -22.59 113.51
N VAL J 215 17.92 -22.77 112.20
CA VAL J 215 19.03 -22.17 111.46
C VAL J 215 18.93 -20.64 111.53
N PRO J 216 20.00 -19.88 111.82
CA PRO J 216 19.95 -18.43 112.01
C PRO J 216 19.85 -17.62 110.70
N VAL J 217 19.22 -18.18 109.67
CA VAL J 217 18.98 -17.52 108.38
C VAL J 217 17.48 -17.55 108.06
N ILE J 218 16.87 -16.39 107.85
CA ILE J 218 15.44 -16.26 107.56
C ILE J 218 15.24 -15.76 106.12
N PRO J 219 14.51 -16.45 105.25
CA PRO J 219 14.25 -15.95 103.91
C PRO J 219 13.12 -14.92 103.88
N ILE J 220 13.41 -13.70 103.41
CA ILE J 220 12.41 -12.85 102.76
C ILE J 220 12.11 -13.50 101.41
N SER J 221 10.83 -13.68 101.07
CA SER J 221 10.45 -14.22 99.77
C SER J 221 9.19 -13.55 99.24
N ASN J 222 9.14 -13.32 97.94
CA ASN J 222 8.11 -12.55 97.25
C ASN J 222 6.85 -13.39 96.95
N ARG J 223 6.33 -14.15 97.91
CA ARG J 223 5.18 -15.03 97.69
C ARG J 223 3.94 -14.26 97.22
N THR J 224 3.43 -14.60 96.04
CA THR J 224 2.14 -14.10 95.52
C THR J 224 0.97 -15.03 95.85
N ARG J 225 1.24 -16.22 96.42
CA ARG J 225 0.36 -17.38 96.53
C ARG J 225 0.80 -18.27 97.69
N LEU J 226 -0.05 -19.20 98.11
CA LEU J 226 0.36 -20.37 98.86
C LEU J 226 1.09 -21.39 97.99
N SER J 227 0.62 -21.61 96.75
CA SER J 227 1.25 -22.49 95.76
C SER J 227 2.53 -21.91 95.12
N ASP J 228 3.31 -21.15 95.89
CA ASP J 228 4.65 -20.68 95.55
C ASP J 228 5.55 -20.79 96.80
N LEU J 229 6.30 -21.89 96.93
CA LEU J 229 7.09 -22.17 98.11
C LEU J 229 8.27 -21.20 98.29
N TYR J 230 8.81 -20.66 97.19
CA TYR J 230 10.13 -20.02 97.17
C TYR J 230 10.09 -18.52 96.84
N GLY J 231 9.05 -18.03 96.18
CA GLY J 231 8.87 -16.63 95.80
C GLY J 231 9.46 -16.33 94.42
N THR J 232 8.60 -16.02 93.46
CA THR J 232 8.98 -15.65 92.09
C THR J 232 9.41 -14.18 91.96
N SER J 233 10.21 -13.83 90.94
CA SER J 233 10.54 -12.44 90.62
C SER J 233 9.31 -11.56 90.44
N GLU J 234 9.37 -10.31 90.88
CA GLU J 234 8.32 -9.31 90.64
C GLU J 234 8.27 -8.84 89.19
N ILE J 235 9.36 -8.94 88.44
CA ILE J 235 9.41 -8.59 87.01
C ILE J 235 8.73 -9.71 86.23
N SER J 236 7.41 -9.74 86.22
CA SER J 236 6.62 -10.87 85.72
C SER J 236 6.67 -11.03 84.19
N PRO J 237 6.35 -12.21 83.64
CA PRO J 237 6.47 -12.47 82.20
C PRO J 237 5.73 -11.48 81.30
N GLU J 238 4.60 -10.93 81.74
CA GLU J 238 3.89 -9.91 80.98
C GLU J 238 4.73 -8.64 80.83
N LEU J 239 5.36 -8.17 81.90
CA LEU J 239 6.18 -6.97 81.87
C LEU J 239 7.51 -7.20 81.14
N ARG J 240 8.05 -8.43 81.16
CA ARG J 240 9.19 -8.80 80.31
C ARG J 240 8.82 -8.73 78.84
N SER J 241 7.71 -9.37 78.46
CA SER J 241 7.24 -9.38 77.08
C SER J 241 6.98 -7.98 76.54
N VAL J 242 6.36 -7.10 77.30
CA VAL J 242 6.14 -5.70 76.89
C VAL J 242 7.45 -4.90 76.82
N THR J 243 8.42 -5.17 77.69
CA THR J 243 9.75 -4.53 77.63
C THR J 243 10.47 -4.86 76.35
N ASP J 244 10.55 -6.14 75.99
CA ASP J 244 11.21 -6.56 74.75
C ASP J 244 10.44 -6.12 73.52
N ALA J 245 9.11 -6.18 73.54
CA ALA J 245 8.28 -5.66 72.46
C ALA J 245 8.54 -4.17 72.21
N ALA J 246 8.58 -3.34 73.25
CA ALA J 246 8.87 -1.92 73.08
C ALA J 246 10.30 -1.68 72.62
N ALA J 247 11.27 -2.51 73.05
CA ALA J 247 12.65 -2.40 72.59
C ALA J 247 12.78 -2.71 71.09
N GLN J 248 12.06 -3.71 70.57
CA GLN J 248 12.08 -3.97 69.14
C GLN J 248 11.52 -2.79 68.34
N ILE J 249 10.42 -2.17 68.77
CA ILE J 249 9.85 -1.00 68.08
C ILE J 249 10.82 0.17 68.11
N LEU J 250 11.46 0.46 69.24
CA LEU J 250 12.44 1.54 69.34
C LEU J 250 13.62 1.32 68.40
N MET J 251 14.14 0.09 68.31
CA MET J 251 15.30 -0.19 67.46
C MET J 251 14.94 -0.16 65.97
N ASN J 252 13.78 -0.68 65.56
CA ASN J 252 13.31 -0.55 64.18
C ASN J 252 13.06 0.91 63.80
N MET J 253 12.48 1.72 64.69
CA MET J 253 12.31 3.15 64.44
C MET J 253 13.66 3.83 64.27
N GLN J 254 14.64 3.52 65.12
CA GLN J 254 15.97 4.11 65.06
C GLN J 254 16.71 3.75 63.76
N GLY J 255 16.57 2.52 63.26
CA GLY J 255 17.06 2.17 61.93
C GLY J 255 16.35 2.98 60.85
N THR J 256 15.02 3.07 60.90
CA THR J 256 14.22 3.78 59.90
C THR J 256 14.58 5.26 59.86
N ALA J 257 14.88 5.88 61.00
CA ALA J 257 15.30 7.28 61.05
C ALA J 257 16.64 7.53 60.36
N ASN J 258 17.55 6.54 60.39
CA ASN J 258 18.86 6.64 59.74
C ASN J 258 18.84 6.30 58.24
N LEU J 259 17.87 5.51 57.76
CA LEU J 259 17.88 4.99 56.39
C LEU J 259 16.70 5.41 55.51
N MET J 260 15.54 5.74 56.08
CA MET J 260 14.30 5.89 55.32
C MET J 260 13.43 7.10 55.69
N ALA J 261 13.75 7.89 56.71
CA ALA J 261 12.97 9.09 57.05
C ALA J 261 13.08 10.22 56.01
N ILE J 262 13.65 9.92 54.84
CA ILE J 262 14.02 10.81 53.76
C ILE J 262 13.53 10.23 52.43
N PRO J 263 12.98 11.04 51.52
CA PRO J 263 12.66 10.58 50.18
C PRO J 263 13.96 10.31 49.40
N GLN J 264 14.05 9.18 48.70
CA GLN J 264 15.23 8.84 47.92
C GLN J 264 15.02 9.26 46.47
N ARG J 265 15.96 10.02 45.90
CA ARG J 265 15.79 10.75 44.64
C ARG J 265 16.43 10.01 43.47
N LEU J 266 15.72 9.83 42.37
CA LEU J 266 16.15 9.03 41.23
C LEU J 266 15.98 9.80 39.92
N ILE J 267 16.78 9.49 38.91
CA ILE J 267 16.57 9.96 37.53
C ILE J 267 16.68 8.77 36.60
N PHE J 268 15.70 8.58 35.71
CA PHE J 268 15.71 7.53 34.71
C PHE J 268 15.86 8.10 33.30
N GLY J 269 16.76 7.53 32.50
CA GLY J 269 16.98 7.87 31.09
C GLY J 269 18.23 8.70 30.84
N ALA J 270 18.83 9.28 31.87
CA ALA J 270 20.07 10.03 31.75
C ALA J 270 21.28 9.08 31.88
N LYS J 271 22.11 9.00 30.84
CA LYS J 271 23.26 8.10 30.80
C LYS J 271 24.44 8.69 31.60
N PRO J 272 25.04 7.95 32.55
CA PRO J 272 26.10 8.46 33.42
C PRO J 272 27.25 9.22 32.73
N GLU J 273 27.76 8.71 31.62
CA GLU J 273 28.90 9.34 30.92
C GLU J 273 28.56 10.68 30.25
N GLU J 274 27.28 11.01 30.03
CA GLU J 274 26.86 12.34 29.54
C GLU J 274 26.37 13.26 30.67
N LEU J 275 25.93 12.72 31.82
CA LEU J 275 25.85 13.49 33.07
C LEU J 275 27.23 13.98 33.55
N GLY J 276 28.31 13.39 33.04
CA GLY J 276 29.68 13.69 33.47
C GLY J 276 30.11 12.92 34.71
N ILE J 277 29.44 11.81 35.03
CA ILE J 277 29.77 10.95 36.17
C ILE J 277 31.14 10.32 35.92
N ASN J 278 32.09 10.53 36.83
CA ASN J 278 33.45 10.02 36.71
C ASN J 278 33.45 8.49 36.75
N ALA J 279 33.98 7.84 35.71
CA ALA J 279 33.78 6.41 35.49
C ALA J 279 34.34 5.51 36.60
N GLU J 280 35.55 5.80 37.11
CA GLU J 280 36.16 5.03 38.19
C GLU J 280 35.55 5.29 39.57
N THR J 281 34.96 6.47 39.80
CA THR J 281 34.41 6.85 41.12
C THR J 281 32.90 6.58 41.23
N GLY J 282 32.16 6.63 40.12
CA GLY J 282 30.71 6.45 40.09
C GLY J 282 29.89 7.66 40.57
N GLN J 283 30.54 8.81 40.79
CA GLN J 283 29.94 10.02 41.35
C GLN J 283 30.16 11.24 40.45
N ARG J 284 29.24 12.21 40.48
CA ARG J 284 29.55 13.61 40.12
C ARG J 284 29.20 14.55 41.27
N MET J 285 30.16 15.32 41.76
CA MET J 285 29.89 16.41 42.70
C MET J 285 29.18 17.57 41.98
N PHE J 286 28.13 18.13 42.55
CA PHE J 286 27.51 19.36 42.03
C PHE J 286 27.23 20.37 43.14
N ASP J 287 27.26 21.67 42.82
CA ASP J 287 26.99 22.72 43.80
C ASP J 287 25.51 22.74 44.16
N ALA J 288 25.20 22.44 45.41
CA ALA J 288 23.83 22.22 45.90
C ALA J 288 23.30 23.37 46.77
N TYR J 289 23.83 24.58 46.62
CA TYR J 289 23.26 25.76 47.27
C TYR J 289 21.82 25.98 46.82
N MET J 290 21.09 26.71 47.64
CA MET J 290 19.65 26.95 47.53
C MET J 290 19.22 27.57 46.19
N ALA J 291 18.06 27.13 45.68
CA ALA J 291 17.36 27.63 44.50
C ALA J 291 18.02 27.42 43.12
N ARG J 292 19.23 26.85 43.00
CA ARG J 292 19.84 26.54 41.70
C ARG J 292 19.04 25.47 40.97
N ILE J 293 18.83 25.62 39.66
CA ILE J 293 18.00 24.73 38.85
C ILE J 293 18.90 23.82 38.02
N LEU J 294 18.78 22.51 38.13
CA LEU J 294 19.53 21.59 37.26
C LEU J 294 18.89 21.51 35.87
N ALA J 295 19.66 21.55 34.80
CA ALA J 295 19.14 21.38 33.44
C ALA J 295 19.82 20.23 32.71
N PHE J 296 19.02 19.30 32.17
CA PHE J 296 19.49 18.04 31.59
C PHE J 296 19.11 17.88 30.11
N GLU J 297 19.98 17.21 29.37
CA GLU J 297 19.61 16.56 28.10
C GLU J 297 18.37 15.66 28.26
N GLY J 298 17.47 15.67 27.27
CA GLY J 298 16.20 14.93 27.29
C GLY J 298 16.33 13.43 26.96
N GLY J 299 17.44 12.81 27.32
CA GLY J 299 17.86 11.48 26.84
C GLY J 299 16.77 10.42 26.94
N GLU J 300 16.41 9.83 25.79
CA GLU J 300 15.37 8.79 25.64
C GLU J 300 14.02 9.07 26.34
N GLY J 301 13.67 10.34 26.54
CA GLY J 301 12.44 10.72 27.25
C GLY J 301 12.56 10.59 28.77
N ALA J 302 13.68 11.01 29.35
CA ALA J 302 14.00 10.92 30.77
C ALA J 302 12.96 11.59 31.69
N HIS J 303 12.91 11.13 32.94
CA HIS J 303 12.12 11.73 34.03
C HIS J 303 12.80 11.57 35.37
N ALA J 304 12.51 12.46 36.31
CA ALA J 304 12.93 12.36 37.70
C ALA J 304 11.78 11.83 38.56
N GLU J 305 12.05 10.86 39.43
CA GLU J 305 11.06 10.37 40.39
C GLU J 305 11.74 9.89 41.66
N GLN J 306 10.98 9.75 42.74
CA GLN J 306 11.52 9.51 44.07
C GLN J 306 10.76 8.42 44.81
N PHE J 307 11.45 7.60 45.58
CA PHE J 307 10.81 6.78 46.60
C PHE J 307 10.42 7.68 47.78
N SER J 308 9.22 7.50 48.32
CA SER J 308 8.77 8.29 49.48
C SER J 308 9.51 7.94 50.76
N ALA J 309 9.49 8.85 51.73
CA ALA J 309 9.99 8.59 53.07
C ALA J 309 9.08 7.61 53.81
N ALA J 310 9.65 6.76 54.66
CA ALA J 310 8.90 6.11 55.73
C ALA J 310 8.52 7.16 56.77
N GLU J 311 7.32 7.08 57.36
CA GLU J 311 6.90 8.04 58.37
C GLU J 311 7.05 7.46 59.79
N LEU J 312 7.89 8.08 60.63
CA LEU J 312 8.26 7.49 61.91
C LEU J 312 7.09 7.41 62.89
N ARG J 313 6.10 8.29 62.74
CA ARG J 313 4.82 8.24 63.47
C ARG J 313 4.10 6.89 63.36
N ASN J 314 4.33 6.12 62.30
CA ASN J 314 3.77 4.78 62.17
C ASN J 314 4.33 3.80 63.21
N PHE J 315 5.54 4.03 63.74
CA PHE J 315 6.08 3.29 64.88
C PHE J 315 5.73 3.97 66.20
N VAL J 316 5.74 5.30 66.26
CA VAL J 316 5.48 6.02 67.51
C VAL J 316 4.09 5.71 68.05
N ASP J 317 3.06 5.62 67.22
CA ASP J 317 1.74 5.23 67.74
C ASP J 317 1.52 3.73 67.93
N ALA J 318 2.55 2.88 67.73
CA ALA J 318 2.63 1.57 68.37
C ALA J 318 3.31 1.64 69.75
N LEU J 319 4.30 2.52 69.97
CA LEU J 319 4.81 2.78 71.31
C LEU J 319 3.76 3.39 72.22
N ASP J 320 2.92 4.30 71.71
CA ASP J 320 1.78 4.79 72.47
C ASP J 320 0.76 3.69 72.82
N ALA J 321 0.79 2.53 72.16
CA ALA J 321 0.00 1.37 72.56
C ALA J 321 0.72 0.51 73.60
N LEU J 322 2.01 0.22 73.42
CA LEU J 322 2.79 -0.55 74.40
C LEU J 322 2.97 0.19 75.73
N ASP J 323 3.06 1.53 75.74
CA ASP J 323 3.02 2.31 76.98
C ASP J 323 1.64 2.32 77.65
N ARG J 324 0.57 1.87 76.97
CA ARG J 324 -0.71 1.54 77.62
C ARG J 324 -0.64 0.19 78.30
N LYS J 325 -0.07 -0.82 77.63
CA LYS J 325 0.07 -2.17 78.18
C LYS J 325 1.00 -2.20 79.38
N ALA J 326 2.15 -1.54 79.32
CA ALA J 326 3.10 -1.52 80.44
C ALA J 326 2.46 -0.90 81.70
N ALA J 327 1.66 0.16 81.55
CA ALA J 327 0.93 0.74 82.68
C ALA J 327 -0.17 -0.20 83.18
N SER J 328 -0.95 -0.80 82.28
CA SER J 328 -1.99 -1.76 82.62
C SER J 328 -1.46 -2.96 83.41
N TYR J 329 -0.36 -3.57 82.98
CA TYR J 329 0.15 -4.80 83.62
C TYR J 329 0.89 -4.52 84.92
N SER J 330 1.56 -3.37 85.06
CA SER J 330 2.29 -3.03 86.29
C SER J 330 1.42 -2.34 87.34
N GLY J 331 0.38 -1.60 86.94
CA GLY J 331 -0.49 -0.89 87.86
C GLY J 331 0.10 0.42 88.42
N LEU J 332 1.17 0.93 87.83
CA LEU J 332 1.66 2.27 88.14
C LEU J 332 0.61 3.34 87.79
N PRO J 333 0.62 4.53 88.40
CA PRO J 333 -0.11 5.68 87.89
C PRO J 333 0.23 5.95 86.42
N PRO J 334 -0.69 6.46 85.60
CA PRO J 334 -0.43 6.63 84.17
C PRO J 334 0.66 7.66 83.89
N GLN J 335 0.82 8.67 84.75
CA GLN J 335 1.89 9.66 84.61
C GLN J 335 3.30 9.12 84.94
N TYR J 336 3.44 7.93 85.53
CA TYR J 336 4.77 7.35 85.74
C TYR J 336 5.42 6.99 84.41
N LEU J 337 4.69 6.32 83.51
CA LEU J 337 5.19 5.93 82.18
C LEU J 337 4.87 6.95 81.08
N SER J 338 4.25 8.09 81.43
CA SER J 338 3.71 9.10 80.51
C SER J 338 2.65 8.56 79.53
N SER J 339 1.90 7.54 79.95
CA SER J 339 0.79 6.94 79.18
C SER J 339 -0.35 7.93 78.89
N SER J 340 -0.39 9.07 79.60
CA SER J 340 -1.22 10.24 79.30
C SER J 340 -0.46 11.53 79.62
N SER J 341 -0.74 12.60 78.89
CA SER J 341 -0.37 13.96 79.30
C SER J 341 -1.23 14.44 80.48
N ASP J 342 -2.47 13.95 80.56
CA ASP J 342 -3.40 14.15 81.68
C ASP J 342 -2.78 13.68 83.00
N ASN J 343 -2.92 14.48 84.06
CA ASN J 343 -2.35 14.21 85.38
C ASN J 343 -3.25 14.79 86.50
N PRO J 344 -3.29 14.18 87.70
CA PRO J 344 -4.24 14.54 88.75
C PRO J 344 -3.89 15.87 89.43
N ALA J 345 -4.90 16.63 89.86
CA ALA J 345 -4.75 17.99 90.37
C ALA J 345 -5.58 18.28 91.64
N SER J 346 -5.90 17.25 92.42
CA SER J 346 -6.61 17.34 93.70
C SER J 346 -6.21 16.18 94.62
N ALA J 347 -6.30 16.36 95.94
CA ALA J 347 -5.90 15.33 96.92
C ALA J 347 -6.68 14.01 96.77
N GLU J 348 -7.95 14.07 96.34
CA GLU J 348 -8.73 12.87 96.04
C GLU J 348 -8.29 12.23 94.71
N ALA J 349 -8.06 13.02 93.67
CA ALA J 349 -7.61 12.51 92.37
C ALA J 349 -6.24 11.83 92.45
N ILE J 350 -5.37 12.23 93.38
CA ILE J 350 -4.13 11.51 93.69
C ILE J 350 -4.44 10.11 94.22
N LYS J 351 -5.32 9.98 95.24
CA LYS J 351 -5.73 8.67 95.76
C LYS J 351 -6.36 7.80 94.69
N ALA J 352 -7.10 8.38 93.74
CA ALA J 352 -7.66 7.64 92.62
C ALA J 352 -6.56 7.01 91.74
N ALA J 353 -5.60 7.81 91.30
CA ALA J 353 -4.51 7.37 90.42
C ALA J 353 -3.54 6.41 91.12
N GLU J 354 -3.15 6.68 92.36
CA GLU J 354 -2.22 5.84 93.12
C GLU J 354 -2.81 4.54 93.64
N SER J 355 -4.14 4.33 93.62
CA SER J 355 -4.80 3.23 94.33
C SER J 355 -4.20 1.84 94.04
N ARG J 356 -3.91 1.52 92.77
CA ARG J 356 -3.30 0.23 92.40
C ARG J 356 -1.92 0.03 93.01
N LEU J 357 -1.06 1.04 92.93
CA LEU J 357 0.29 0.99 93.47
C LEU J 357 0.29 0.96 95.01
N VAL J 358 -0.59 1.72 95.66
CA VAL J 358 -0.71 1.72 97.12
C VAL J 358 -1.13 0.34 97.62
N LYS J 359 -2.19 -0.27 97.07
CA LYS J 359 -2.62 -1.60 97.52
C LYS J 359 -1.58 -2.67 97.19
N LYS J 360 -0.80 -2.54 96.11
CA LYS J 360 0.34 -3.44 95.84
C LYS J 360 1.40 -3.31 96.92
N VAL J 361 1.84 -2.09 97.25
CA VAL J 361 2.85 -1.86 98.29
C VAL J 361 2.37 -2.26 99.68
N GLU J 362 1.12 -1.98 100.06
CA GLU J 362 0.57 -2.45 101.34
C GLU J 362 0.59 -3.97 101.46
N ARG J 363 0.39 -4.71 100.36
CA ARG J 363 0.53 -6.16 100.35
C ARG J 363 1.98 -6.60 100.55
N LYS J 364 2.95 -5.96 99.88
CA LYS J 364 4.38 -6.27 100.10
C LYS J 364 4.79 -6.00 101.55
N ASN J 365 4.29 -4.94 102.18
CA ASN J 365 4.56 -4.67 103.59
C ASN J 365 4.10 -5.83 104.49
N LYS J 366 2.94 -6.43 104.24
CA LYS J 366 2.48 -7.61 105.01
C LYS J 366 3.38 -8.82 104.76
N ILE J 367 3.69 -9.13 103.51
CA ILE J 367 4.52 -10.31 103.16
C ILE J 367 5.94 -10.19 103.73
N PHE J 368 6.61 -9.05 103.61
CA PHE J 368 7.96 -8.88 104.16
C PHE J 368 7.95 -8.68 105.68
N GLY J 369 6.87 -8.17 106.26
CA GLY J 369 6.70 -8.09 107.72
C GLY J 369 6.81 -9.46 108.38
N GLY J 370 6.22 -10.49 107.81
CA GLY J 370 6.33 -11.87 108.33
C GLY J 370 7.76 -12.42 108.37
N ALA J 371 8.68 -11.89 107.56
CA ALA J 371 10.09 -12.26 107.61
C ALA J 371 10.88 -11.46 108.66
N TRP J 372 10.67 -10.15 108.76
CA TRP J 372 11.36 -9.36 109.79
C TRP J 372 10.90 -9.71 111.20
N GLU J 373 9.64 -10.08 111.40
CA GLU J 373 9.13 -10.46 112.72
C GLU J 373 9.83 -11.74 113.22
N GLN J 374 9.88 -12.81 112.41
CA GLN J 374 10.56 -14.03 112.85
C GLN J 374 12.08 -13.84 112.96
N ALA J 375 12.69 -12.96 112.17
CA ALA J 375 14.10 -12.60 112.35
C ALA J 375 14.34 -11.89 113.70
N MET J 376 13.46 -10.99 114.12
CA MET J 376 13.59 -10.36 115.44
C MET J 376 13.35 -11.33 116.59
N ARG J 377 12.49 -12.35 116.43
CA ARG J 377 12.38 -13.42 117.43
C ARG J 377 13.66 -14.25 117.55
N LEU J 378 14.29 -14.65 116.45
CA LEU J 378 15.59 -15.33 116.54
C LEU J 378 16.67 -14.42 117.16
N ALA J 379 16.72 -13.13 116.84
CA ALA J 379 17.67 -12.22 117.46
C ALA J 379 17.47 -12.11 118.98
N TYR J 380 16.22 -11.99 119.45
CA TYR J 380 15.93 -12.00 120.88
C TYR J 380 16.34 -13.31 121.53
N LYS J 381 15.95 -14.45 120.96
CA LYS J 381 16.27 -15.78 121.50
C LYS J 381 17.77 -16.03 121.54
N MET J 382 18.55 -15.41 120.65
CA MET J 382 20.01 -15.47 120.66
C MET J 382 20.63 -14.63 121.78
N VAL J 383 20.22 -13.38 122.00
CA VAL J 383 20.88 -12.51 122.99
C VAL J 383 20.39 -12.71 124.42
N LYS J 384 19.09 -12.93 124.62
CA LYS J 384 18.52 -13.13 125.97
C LYS J 384 18.66 -14.57 126.46
N GLY J 385 18.89 -15.51 125.54
CA GLY J 385 18.88 -16.94 125.83
C GLY J 385 17.49 -17.46 126.23
N GLY J 386 17.44 -18.70 126.72
CA GLY J 386 16.19 -19.33 127.17
C GLY J 386 15.19 -19.51 126.03
N ASP J 387 13.94 -19.11 126.28
CA ASP J 387 12.85 -19.16 125.30
C ASP J 387 12.00 -17.88 125.30
N ILE J 388 11.28 -17.66 124.20
CA ILE J 388 10.61 -16.42 123.86
C ILE J 388 9.38 -16.18 124.77
N PRO J 389 9.22 -14.97 125.36
CA PRO J 389 7.98 -14.59 126.03
C PRO J 389 6.80 -14.66 125.06
N THR J 390 5.68 -15.24 125.48
CA THR J 390 4.59 -15.64 124.58
C THR J 390 4.05 -14.50 123.71
N GLU J 391 4.08 -13.26 124.21
CA GLU J 391 3.57 -12.09 123.49
C GLU J 391 4.25 -11.86 122.14
N TYR J 392 5.52 -12.22 122.00
CA TYR J 392 6.28 -12.01 120.77
C TYR J 392 5.76 -12.85 119.60
N TYR J 393 5.06 -13.96 119.85
CA TYR J 393 4.42 -14.71 118.77
C TYR J 393 3.25 -13.94 118.12
N ARG J 394 2.78 -12.85 118.75
CA ARG J 394 1.65 -12.02 118.31
C ARG J 394 2.09 -10.60 117.93
N MET J 395 3.38 -10.38 117.70
CA MET J 395 3.92 -9.07 117.33
C MET J 395 3.54 -8.65 115.91
N GLU J 396 3.66 -7.37 115.59
CA GLU J 396 3.52 -6.81 114.25
C GLU J 396 4.70 -5.88 113.92
N THR J 397 5.13 -5.90 112.67
CA THR J 397 5.77 -4.74 112.03
C THR J 397 4.75 -3.65 111.76
N VAL J 398 5.15 -2.38 111.88
CA VAL J 398 4.32 -1.21 111.56
C VAL J 398 5.03 -0.37 110.51
N TRP J 399 4.35 -0.04 109.41
CA TRP J 399 4.95 0.54 108.21
C TRP J 399 4.34 1.89 107.86
N ARG J 400 5.12 2.76 107.23
CA ARG J 400 4.63 4.02 106.65
C ARG J 400 3.51 3.76 105.65
N ASP J 401 2.50 4.63 105.59
CA ASP J 401 1.46 4.54 104.56
C ASP J 401 2.08 4.82 103.18
N PRO J 402 1.96 3.93 102.17
CA PRO J 402 2.60 4.10 100.87
C PRO J 402 2.12 5.30 100.04
N SER J 403 0.95 5.89 100.35
CA SER J 403 0.34 6.96 99.56
C SER J 403 1.16 8.27 99.61
N THR J 404 1.09 9.09 98.56
CA THR J 404 1.79 10.39 98.52
C THR J 404 1.24 11.30 99.62
N PRO J 405 2.07 11.84 100.53
CA PRO J 405 1.58 12.48 101.75
C PRO J 405 0.95 13.86 101.48
N THR J 406 -0.38 13.91 101.48
CA THR J 406 -1.18 15.14 101.33
C THR J 406 -1.43 15.79 102.70
N TYR J 407 -0.40 16.44 103.24
CA TYR J 407 -0.43 16.98 104.61
C TYR J 407 -1.57 17.98 104.83
N ALA J 408 -1.74 18.96 103.95
CA ALA J 408 -2.74 19.99 104.12
C ALA J 408 -4.19 19.46 104.10
N ALA J 409 -4.47 18.40 103.34
CA ALA J 409 -5.80 17.78 103.31
C ALA J 409 -6.09 16.94 104.56
N LYS J 410 -5.07 16.32 105.18
CA LYS J 410 -5.23 15.63 106.47
C LYS J 410 -5.32 16.60 107.64
N ALA J 411 -4.60 17.71 107.62
CA ALA J 411 -4.52 18.63 108.73
C ALA J 411 -5.87 19.22 109.14
N ASP J 412 -6.65 19.75 108.20
CA ASP J 412 -7.95 20.32 108.55
C ASP J 412 -8.98 19.25 108.94
N ALA J 413 -8.86 18.03 108.40
CA ALA J 413 -9.70 16.90 108.77
C ALA J 413 -9.41 16.41 110.19
N ALA J 414 -8.14 16.26 110.57
CA ALA J 414 -7.75 15.91 111.93
C ALA J 414 -8.11 17.03 112.93
N ALA J 415 -7.98 18.30 112.56
CA ALA J 415 -8.43 19.41 113.39
C ALA J 415 -9.96 19.38 113.62
N LYS J 416 -10.77 19.16 112.59
CA LYS J 416 -12.24 19.06 112.72
C LYS J 416 -12.68 17.87 113.58
N LEU J 417 -11.95 16.76 113.54
CA LEU J 417 -12.25 15.59 114.37
C LEU J 417 -11.79 15.72 115.82
N PHE J 418 -10.70 16.43 116.11
CA PHE J 418 -10.25 16.67 117.49
C PHE J 418 -11.03 17.78 118.18
N ALA J 419 -11.36 18.87 117.48
CA ALA J 419 -12.15 20.00 117.99
C ALA J 419 -11.69 20.51 119.38
N ASN J 420 -10.39 20.77 119.52
CA ASN J 420 -9.76 21.26 120.76
C ASN J 420 -10.05 20.40 122.00
N GLY J 421 -10.19 19.08 121.81
CA GLY J 421 -10.45 18.09 122.86
C GLY J 421 -11.92 17.70 123.02
N ALA J 422 -12.86 18.46 122.46
CA ALA J 422 -14.29 18.17 122.56
C ALA J 422 -14.84 17.26 121.45
N GLY J 423 -14.00 16.79 120.53
CA GLY J 423 -14.41 16.05 119.34
C GLY J 423 -14.49 14.52 119.52
N LEU J 424 -14.64 13.80 118.40
CA LEU J 424 -14.68 12.34 118.39
C LEU J 424 -13.38 11.70 118.87
N ILE J 425 -12.24 12.32 118.59
CA ILE J 425 -10.94 11.64 118.52
C ILE J 425 -10.06 12.02 119.72
N PRO J 426 -9.48 11.06 120.46
CA PRO J 426 -8.49 11.36 121.50
C PRO J 426 -7.18 11.85 120.88
N ARG J 427 -6.36 12.62 121.60
CA ARG J 427 -5.22 13.34 121.01
C ARG J 427 -4.27 12.42 120.24
N GLU J 428 -3.80 11.32 120.83
CA GLU J 428 -2.83 10.48 120.13
C GLU J 428 -3.40 9.76 118.89
N ARG J 429 -4.72 9.50 118.82
CA ARG J 429 -5.33 9.01 117.58
C ARG J 429 -5.22 10.04 116.47
N GLY J 430 -5.40 11.33 116.78
CA GLY J 430 -5.18 12.39 115.82
C GLY J 430 -3.74 12.42 115.32
N TRP J 431 -2.76 12.16 116.19
CA TRP J 431 -1.36 12.09 115.78
C TRP J 431 -1.07 10.94 114.82
N VAL J 432 -1.57 9.73 115.06
CA VAL J 432 -1.33 8.62 114.12
C VAL J 432 -2.10 8.78 112.81
N ASP J 433 -3.29 9.39 112.81
CA ASP J 433 -3.98 9.73 111.55
C ASP J 433 -3.21 10.76 110.72
N MET J 434 -2.55 11.74 111.35
CA MET J 434 -1.62 12.65 110.68
C MET J 434 -0.35 11.97 110.15
N GLY J 435 -0.08 10.72 110.52
CA GLY J 435 1.04 9.94 110.02
C GLY J 435 2.36 10.17 110.76
N TYR J 436 2.36 10.81 111.93
CA TYR J 436 3.57 10.90 112.75
C TYR J 436 3.97 9.49 113.22
N THR J 437 5.23 9.12 113.01
CA THR J 437 5.74 7.76 113.30
C THR J 437 5.84 7.48 114.80
N ILE J 438 6.02 6.21 115.21
CA ILE J 438 6.07 5.80 116.62
C ILE J 438 7.14 6.56 117.41
N VAL J 439 8.30 6.83 116.80
CA VAL J 439 9.38 7.64 117.40
C VAL J 439 8.98 9.10 117.55
N GLU J 440 8.29 9.68 116.56
CA GLU J 440 7.84 11.07 116.62
C GLU J 440 6.71 11.29 117.62
N ARG J 441 5.78 10.34 117.75
CA ARG J 441 4.73 10.38 118.76
C ARG J 441 5.33 10.36 120.17
N GLU J 442 6.35 9.56 120.42
CA GLU J 442 7.04 9.60 121.72
C GLU J 442 7.68 10.97 121.97
N GLN J 443 8.42 11.51 121.01
CA GLN J 443 9.02 12.82 121.16
C GLN J 443 7.99 13.93 121.42
N MET J 444 6.82 13.86 120.77
CA MET J 444 5.72 14.79 121.06
C MET J 444 5.14 14.63 122.46
N ARG J 445 5.15 13.45 123.09
CA ARG J 445 4.70 13.34 124.48
C ARG J 445 5.59 14.14 125.43
N GLN J 446 6.90 14.24 125.18
CA GLN J 446 7.76 15.17 125.91
C GLN J 446 7.41 16.63 125.61
N TRP J 447 7.33 17.04 124.34
CA TRP J 447 7.03 18.44 124.01
C TRP J 447 5.66 18.88 124.53
N LEU J 448 4.64 18.02 124.47
CA LEU J 448 3.31 18.32 124.95
C LEU J 448 3.31 18.52 126.48
N GLU J 449 3.99 17.65 127.23
CA GLU J 449 4.13 17.82 128.68
C GLU J 449 4.95 19.06 129.05
N GLN J 450 5.96 19.44 128.26
CA GLN J 450 6.70 20.69 128.45
C GLN J 450 5.85 21.92 128.16
N ASP J 451 5.08 21.93 127.08
CA ASP J 451 4.17 23.05 126.76
C ASP J 451 3.10 23.23 127.84
N GLN J 452 2.58 22.13 128.41
CA GLN J 452 1.65 22.19 129.55
C GLN J 452 2.26 22.80 130.82
N LYS J 453 3.59 22.96 130.94
CA LYS J 453 4.19 23.74 132.04
C LYS J 453 4.08 25.25 131.82
N GLN J 454 4.04 25.71 130.56
CA GLN J 454 3.87 27.12 130.21
C GLN J 454 2.39 27.55 130.15
N GLY J 455 1.50 26.66 129.69
CA GLY J 455 0.05 26.89 129.60
C GLY J 455 -0.42 27.43 128.26
N SER K 6 -13.70 101.89 59.08
CA SER K 6 -14.98 101.17 59.23
C SER K 6 -15.66 100.97 57.87
N ILE K 7 -16.66 100.08 57.81
CA ILE K 7 -17.39 99.73 56.57
C ILE K 7 -18.90 99.90 56.80
N ASP K 8 -19.62 100.36 55.78
CA ASP K 8 -21.07 100.53 55.80
C ASP K 8 -21.80 99.18 55.85
N PRO K 9 -22.63 98.90 56.86
CA PRO K 9 -23.31 97.60 57.03
C PRO K 9 -24.06 97.11 55.80
N GLU K 10 -24.72 98.02 55.09
CA GLU K 10 -25.52 97.74 53.88
C GLU K 10 -24.69 97.13 52.74
N LYS K 11 -23.37 97.37 52.72
CA LYS K 11 -22.41 96.75 51.78
C LYS K 11 -21.59 95.65 52.46
N LEU K 12 -21.28 95.77 53.74
CA LEU K 12 -20.56 94.75 54.50
C LEU K 12 -21.31 93.42 54.49
N ARG K 13 -22.65 93.44 54.63
CA ARG K 13 -23.47 92.23 54.54
C ARG K 13 -23.27 91.45 53.25
N ASP K 14 -23.02 92.11 52.12
CA ASP K 14 -22.89 91.41 50.84
C ASP K 14 -21.56 90.67 50.71
N GLN K 15 -20.45 91.21 51.21
CA GLN K 15 -19.20 90.44 51.22
C GLN K 15 -19.27 89.28 52.22
N LEU K 16 -20.01 89.44 53.33
CA LEU K 16 -20.27 88.35 54.26
C LEU K 16 -21.16 87.27 53.64
N LEU K 17 -22.21 87.62 52.91
CA LEU K 17 -23.05 86.64 52.21
C LEU K 17 -22.30 85.93 51.08
N ASP K 18 -21.40 86.60 50.34
CA ASP K 18 -20.53 85.93 49.37
C ASP K 18 -19.55 84.96 50.06
N ALA K 19 -18.97 85.33 51.20
CA ALA K 19 -18.09 84.44 51.96
C ALA K 19 -18.85 83.22 52.53
N PHE K 20 -20.03 83.45 53.09
CA PHE K 20 -20.92 82.39 53.57
C PHE K 20 -21.33 81.45 52.45
N GLU K 21 -21.79 81.96 51.31
CA GLU K 21 -22.22 81.11 50.20
C GLU K 21 -21.08 80.26 49.63
N ASN K 22 -19.83 80.76 49.58
CA ASN K 22 -18.73 79.91 49.16
C ASN K 22 -18.36 78.83 50.18
N LYS K 23 -18.63 79.03 51.49
CA LYS K 23 -18.44 78.00 52.52
C LYS K 23 -19.44 76.86 52.37
N GLN K 24 -20.67 77.12 51.94
CA GLN K 24 -21.66 76.07 51.68
C GLN K 24 -21.15 74.99 50.69
N ASN K 25 -20.29 75.36 49.73
CA ASN K 25 -19.71 74.39 48.79
C ASN K 25 -18.73 73.41 49.45
N GLU K 26 -18.05 73.81 50.53
CA GLU K 26 -17.16 72.91 51.27
C GLU K 26 -17.94 71.98 52.20
N LEU K 27 -18.74 72.53 53.11
CA LEU K 27 -19.39 71.72 54.15
C LEU K 27 -20.54 70.85 53.63
N LYS K 28 -20.95 71.00 52.36
CA LYS K 28 -21.75 70.02 51.62
C LYS K 28 -21.05 68.66 51.48
N SER K 29 -19.73 68.61 51.58
CA SER K 29 -18.95 67.36 51.50
C SER K 29 -19.18 66.45 52.72
N SER K 30 -18.91 66.90 53.94
CA SER K 30 -19.09 66.04 55.13
C SER K 30 -20.55 65.70 55.40
N LYS K 31 -21.50 66.57 55.00
CA LYS K 31 -22.93 66.24 55.01
C LYS K 31 -23.22 64.97 54.21
N ALA K 32 -22.59 64.79 53.05
CA ALA K 32 -22.85 63.65 52.19
C ALA K 32 -22.45 62.31 52.83
N TYR K 33 -21.46 62.30 53.72
CA TYR K 33 -21.08 61.11 54.49
C TYR K 33 -22.03 60.85 55.65
N TYR K 34 -22.45 61.88 56.40
CA TYR K 34 -23.36 61.68 57.51
C TYR K 34 -24.78 61.29 57.06
N ASP K 35 -25.36 62.00 56.09
CA ASP K 35 -26.68 61.66 55.53
C ASP K 35 -26.67 60.44 54.61
N ALA K 36 -25.50 59.94 54.23
CA ALA K 36 -25.33 58.88 53.24
C ALA K 36 -26.01 59.21 51.90
N GLU K 37 -25.67 60.36 51.33
CA GLU K 37 -26.03 60.74 49.96
C GLU K 37 -25.25 59.88 48.95
N ARG K 38 -25.67 59.84 47.69
CA ARG K 38 -24.88 59.23 46.60
C ARG K 38 -23.52 59.91 46.48
N ARG K 39 -22.45 59.12 46.37
CA ARG K 39 -21.08 59.59 46.09
C ARG K 39 -20.48 58.78 44.95
N PRO K 40 -19.77 59.38 43.98
CA PRO K 40 -19.13 58.61 42.91
C PRO K 40 -18.18 57.53 43.44
N ASP K 41 -17.39 57.83 44.47
CA ASP K 41 -16.42 56.90 45.02
C ASP K 41 -17.05 55.68 45.73
N ALA K 42 -18.33 55.72 46.08
CA ALA K 42 -19.02 54.60 46.72
C ALA K 42 -19.52 53.54 45.72
N ILE K 43 -19.59 53.85 44.42
CA ILE K 43 -20.21 52.96 43.43
C ILE K 43 -19.29 51.80 43.06
N GLY K 44 -19.79 50.56 43.14
CA GLY K 44 -19.00 49.35 42.92
C GLY K 44 -18.69 49.14 41.45
N LEU K 45 -17.42 49.20 41.06
CA LEU K 45 -17.03 49.33 39.65
C LEU K 45 -17.37 48.11 38.80
N ALA K 46 -17.43 46.91 39.37
CA ALA K 46 -17.72 45.69 38.61
C ALA K 46 -19.18 45.59 38.15
N VAL K 47 -20.11 46.28 38.81
CA VAL K 47 -21.56 46.16 38.53
C VAL K 47 -21.91 46.81 37.19
N PRO K 48 -22.67 46.15 36.29
CA PRO K 48 -23.09 46.71 35.01
C PRO K 48 -23.84 48.04 35.10
N LEU K 49 -23.73 48.87 34.07
CA LEU K 49 -24.15 50.27 34.15
C LEU K 49 -25.64 50.50 34.40
N ASP K 50 -26.51 49.55 34.07
CA ASP K 50 -27.94 49.62 34.40
C ASP K 50 -28.21 49.21 35.85
N MET K 51 -27.51 48.21 36.37
CA MET K 51 -27.60 47.79 37.77
C MET K 51 -26.94 48.76 38.75
N ARG K 52 -26.08 49.68 38.31
CA ARG K 52 -25.49 50.71 39.20
C ARG K 52 -26.50 51.67 39.84
N LYS K 53 -27.78 51.61 39.49
CA LYS K 53 -28.85 52.29 40.24
C LYS K 53 -29.02 51.74 41.66
N TYR K 54 -28.63 50.50 41.93
CA TYR K 54 -28.75 49.84 43.23
C TYR K 54 -27.60 50.23 44.16
N LEU K 55 -27.64 51.46 44.68
CA LEU K 55 -26.67 51.95 45.63
C LEU K 55 -26.68 51.15 46.94
N ALA K 56 -25.56 51.14 47.65
CA ALA K 56 -25.37 50.44 48.91
C ALA K 56 -24.76 51.39 49.94
N HIS K 57 -25.60 52.19 50.58
CA HIS K 57 -25.18 53.21 51.55
C HIS K 57 -24.62 52.61 52.83
N VAL K 58 -23.51 53.16 53.35
CA VAL K 58 -22.78 52.63 54.52
C VAL K 58 -22.84 53.57 55.71
N GLY K 59 -23.18 53.04 56.88
CA GLY K 59 -23.52 53.80 58.08
C GLY K 59 -22.42 54.10 59.07
N TYR K 60 -21.13 53.89 58.76
CA TYR K 60 -20.05 54.15 59.73
C TYR K 60 -19.96 55.61 60.18
N PRO K 61 -20.04 56.63 59.31
CA PRO K 61 -19.93 58.03 59.73
C PRO K 61 -21.02 58.43 60.72
N ARG K 62 -22.28 58.10 60.45
CA ARG K 62 -23.38 58.33 61.40
C ARG K 62 -23.14 57.58 62.71
N THR K 63 -22.73 56.33 62.62
CA THR K 63 -22.48 55.48 63.80
C THR K 63 -21.36 56.02 64.67
N TYR K 64 -20.32 56.63 64.09
CA TYR K 64 -19.27 57.26 64.87
C TYR K 64 -19.73 58.59 65.45
N VAL K 65 -20.23 59.50 64.61
CA VAL K 65 -20.59 60.85 65.05
C VAL K 65 -21.71 60.83 66.08
N ASP K 66 -22.74 59.99 65.93
CA ASP K 66 -23.79 59.93 66.96
C ASP K 66 -23.33 59.16 68.21
N ALA K 67 -22.35 58.24 68.14
CA ALA K 67 -21.79 57.65 69.35
C ALA K 67 -20.95 58.63 70.18
N ILE K 68 -20.34 59.64 69.54
CA ILE K 68 -19.67 60.73 70.28
C ILE K 68 -20.70 61.71 70.86
N ALA K 69 -21.84 61.90 70.20
CA ALA K 69 -22.85 62.87 70.63
C ALA K 69 -23.90 62.30 71.60
N GLU K 70 -24.17 60.99 71.61
CA GLU K 70 -25.22 60.36 72.43
C GLU K 70 -24.96 60.46 73.93
N ARG K 71 -23.72 60.75 74.33
CA ARG K 71 -23.20 60.61 75.70
C ARG K 71 -22.45 61.84 76.20
N GLN K 72 -22.80 63.01 75.67
CA GLN K 72 -22.44 64.31 76.24
C GLN K 72 -23.66 64.93 76.91
N GLU K 73 -23.58 65.25 78.19
CA GLU K 73 -24.61 65.98 78.91
C GLU K 73 -23.97 66.87 79.97
N LEU K 74 -24.50 68.08 80.16
CA LEU K 74 -23.96 69.03 81.11
C LEU K 74 -24.75 68.94 82.42
N GLU K 75 -24.08 68.72 83.55
CA GLU K 75 -24.70 68.68 84.87
C GLU K 75 -24.92 70.07 85.46
N GLY K 76 -24.07 71.03 85.11
CA GLY K 76 -24.12 72.40 85.59
C GLY K 76 -22.79 73.13 85.45
N PHE K 77 -22.77 74.40 85.84
CA PHE K 77 -21.54 75.20 85.92
C PHE K 77 -20.97 75.20 87.34
N ARG K 78 -19.73 75.63 87.49
CA ARG K 78 -19.05 75.79 88.80
C ARG K 78 -18.27 77.10 88.81
N ILE K 79 -18.39 77.91 89.86
CA ILE K 79 -17.65 79.18 90.02
C ILE K 79 -17.00 79.21 91.41
N PRO K 80 -15.70 79.54 91.55
CA PRO K 80 -15.04 79.69 92.84
C PRO K 80 -15.65 80.80 93.71
N SER K 81 -15.59 80.66 95.03
CA SER K 81 -15.89 81.79 95.93
C SER K 81 -14.73 82.81 95.92
N ALA K 82 -15.02 84.11 96.05
CA ALA K 82 -14.03 85.17 95.89
C ALA K 82 -12.94 85.17 96.98
N ASN K 83 -13.34 85.20 98.24
CA ASN K 83 -12.48 85.00 99.42
C ASN K 83 -13.12 84.05 100.47
N GLY K 84 -14.36 83.62 100.24
CA GLY K 84 -15.04 82.63 101.07
C GLY K 84 -14.66 81.19 100.72
N GLU K 85 -15.37 80.25 101.30
CA GLU K 85 -15.21 78.80 101.12
C GLU K 85 -16.59 78.10 101.18
N GLU K 86 -16.64 76.79 100.98
CA GLU K 86 -17.88 75.98 100.94
C GLU K 86 -18.93 76.53 99.93
N PRO K 87 -18.57 76.73 98.64
CA PRO K 87 -19.35 77.55 97.70
C PRO K 87 -20.80 77.12 97.49
N GLU K 88 -21.09 75.81 97.47
CA GLU K 88 -22.44 75.29 97.21
C GLU K 88 -23.48 75.66 98.30
N SER K 89 -23.02 76.13 99.47
CA SER K 89 -23.88 76.55 100.58
C SER K 89 -24.85 77.70 100.23
N GLY K 90 -24.64 78.41 99.11
CA GLY K 90 -25.59 79.41 98.60
C GLY K 90 -26.87 78.80 98.00
N GLY K 91 -26.83 77.56 97.49
CA GLY K 91 -28.00 76.88 96.90
C GLY K 91 -28.61 77.66 95.73
N GLU K 92 -29.88 78.05 95.85
CA GLU K 92 -30.55 78.92 94.86
C GLU K 92 -29.92 80.33 94.73
N ASN K 93 -29.09 80.74 95.70
CA ASN K 93 -28.34 82.01 95.70
C ASN K 93 -26.93 81.89 95.10
N ASP K 94 -26.44 80.67 94.83
CA ASP K 94 -25.10 80.44 94.27
C ASP K 94 -25.01 81.05 92.85
N PRO K 95 -23.95 81.82 92.52
CA PRO K 95 -23.72 82.34 91.17
C PRO K 95 -23.85 81.31 90.05
N ALA K 96 -23.48 80.05 90.28
CA ALA K 96 -23.63 78.98 89.29
C ALA K 96 -25.10 78.61 89.03
N SER K 97 -25.99 78.74 90.02
CA SER K 97 -27.41 78.40 89.90
C SER K 97 -28.14 79.36 88.97
N GLU K 98 -27.71 80.62 88.85
CA GLU K 98 -28.29 81.55 87.87
C GLU K 98 -27.92 81.16 86.44
N LEU K 99 -26.66 80.80 86.17
CA LEU K 99 -26.27 80.35 84.83
C LEU K 99 -27.00 79.06 84.42
N TRP K 100 -27.19 78.14 85.36
CA TRP K 100 -27.97 76.94 85.10
C TRP K 100 -29.47 77.23 84.91
N ASP K 101 -30.01 78.21 85.63
CA ASP K 101 -31.39 78.65 85.43
C ASP K 101 -31.62 79.20 84.01
N TRP K 102 -30.69 80.00 83.47
CA TRP K 102 -30.73 80.42 82.07
C TRP K 102 -30.57 79.25 81.09
N TRP K 103 -29.75 78.25 81.41
CA TRP K 103 -29.60 77.05 80.59
C TRP K 103 -30.92 76.28 80.49
N GLN K 104 -31.60 76.08 81.61
CA GLN K 104 -32.94 75.47 81.63
C GLN K 104 -33.99 76.34 80.91
N ALA K 105 -34.06 77.64 81.19
CA ALA K 105 -35.09 78.51 80.62
C ALA K 105 -35.03 78.61 79.09
N ASN K 106 -33.85 78.42 78.51
CA ASN K 106 -33.62 78.40 77.06
C ASN K 106 -33.85 77.02 76.42
N ASN K 107 -34.07 75.95 77.19
CA ASN K 107 -33.99 74.56 76.73
C ASN K 107 -32.64 74.22 76.10
N LEU K 108 -31.52 74.76 76.59
CA LEU K 108 -30.22 74.42 76.03
C LEU K 108 -29.86 72.94 76.18
N ASP K 109 -30.45 72.19 77.10
CA ASP K 109 -30.21 70.75 77.14
C ASP K 109 -30.81 70.00 75.93
N ILE K 110 -31.66 70.63 75.13
CA ILE K 110 -32.04 70.17 73.79
C ILE K 110 -31.20 70.88 72.73
N GLU K 111 -31.17 72.21 72.70
CA GLU K 111 -30.50 72.97 71.64
C GLU K 111 -28.99 72.66 71.57
N ALA K 112 -28.31 72.49 72.71
CA ALA K 112 -26.89 72.18 72.73
C ALA K 112 -26.61 70.75 72.29
N THR K 113 -27.39 69.74 72.70
CA THR K 113 -27.14 68.37 72.24
C THR K 113 -27.38 68.21 70.75
N LEU K 114 -28.25 69.01 70.14
CA LEU K 114 -28.32 69.12 68.69
C LEU K 114 -27.07 69.82 68.15
N GLY K 115 -26.71 70.99 68.66
CA GLY K 115 -25.55 71.74 68.16
C GLY K 115 -24.21 71.02 68.27
N HIS K 116 -24.01 70.20 69.30
CA HIS K 116 -22.84 69.34 69.41
C HIS K 116 -22.80 68.26 68.32
N THR K 117 -23.91 67.95 67.66
CA THR K 117 -23.91 67.04 66.51
C THR K 117 -23.41 67.75 65.26
N ASP K 118 -23.94 68.94 64.91
CA ASP K 118 -23.44 69.73 63.78
C ASP K 118 -21.99 70.17 63.97
N ALA K 119 -21.57 70.47 65.20
CA ALA K 119 -20.18 70.79 65.49
C ALA K 119 -19.22 69.65 65.14
N LEU K 120 -19.65 68.39 65.26
CA LEU K 120 -18.87 67.24 64.82
C LEU K 120 -19.01 67.00 63.32
N ILE K 121 -20.21 67.09 62.73
CA ILE K 121 -20.39 66.84 61.29
C ILE K 121 -19.62 67.85 60.44
N TYR K 122 -19.79 69.15 60.67
CA TYR K 122 -19.18 70.20 59.85
C TYR K 122 -17.87 70.75 60.41
N GLY K 123 -17.60 70.52 61.68
CA GLY K 123 -16.41 71.00 62.37
C GLY K 123 -16.59 72.29 63.15
N THR K 124 -17.72 73.00 63.02
CA THR K 124 -18.02 74.19 63.81
C THR K 124 -19.51 74.45 63.90
N ALA K 125 -20.00 75.06 64.97
CA ALA K 125 -21.36 75.57 65.11
C ALA K 125 -21.35 76.80 66.02
N TYR K 126 -22.32 77.71 65.92
CA TYR K 126 -22.19 79.03 66.53
C TYR K 126 -23.27 79.27 67.58
N ILE K 127 -22.88 79.52 68.83
CA ILE K 127 -23.77 80.04 69.87
C ILE K 127 -24.00 81.52 69.60
N THR K 128 -25.20 82.02 69.87
CA THR K 128 -25.57 83.44 69.75
C THR K 128 -26.25 83.89 71.03
N ILE K 129 -26.08 85.16 71.42
CA ILE K 129 -26.63 85.72 72.65
C ILE K 129 -27.39 87.02 72.35
N SER K 130 -28.58 87.21 72.91
CA SER K 130 -29.33 88.47 72.82
C SER K 130 -30.40 88.58 73.91
N MET K 131 -30.95 89.76 74.13
CA MET K 131 -32.16 89.91 74.96
C MET K 131 -33.41 89.66 74.11
N PRO K 132 -34.47 89.05 74.66
CA PRO K 132 -35.70 88.81 73.92
C PRO K 132 -36.44 90.12 73.63
N ASP K 133 -37.13 90.19 72.49
CA ASP K 133 -37.97 91.31 72.05
C ASP K 133 -39.47 90.94 72.12
N PRO K 134 -40.15 91.20 73.24
CA PRO K 134 -41.52 90.71 73.49
C PRO K 134 -42.58 91.37 72.61
N GLU K 135 -42.22 92.37 71.81
CA GLU K 135 -43.06 92.89 70.72
C GLU K 135 -43.35 91.84 69.64
N VAL K 136 -42.45 90.86 69.44
CA VAL K 136 -42.55 89.86 68.36
C VAL K 136 -42.30 88.42 68.80
N ASP K 137 -41.67 88.20 69.96
CA ASP K 137 -41.32 86.86 70.44
C ASP K 137 -42.21 86.36 71.59
N PHE K 138 -42.61 85.09 71.53
CA PHE K 138 -43.55 84.43 72.45
C PHE K 138 -43.06 83.03 72.83
N ASP K 139 -43.60 82.45 73.89
CA ASP K 139 -43.13 81.18 74.48
C ASP K 139 -41.68 81.27 75.03
N VAL K 140 -41.28 82.48 75.45
CA VAL K 140 -39.98 82.81 76.05
C VAL K 140 -40.19 83.73 77.25
N ASP K 141 -39.47 83.50 78.34
CA ASP K 141 -39.50 84.35 79.53
C ASP K 141 -38.69 85.65 79.29
N PRO K 142 -39.28 86.85 79.39
CA PRO K 142 -38.59 88.08 79.05
C PRO K 142 -37.48 88.48 80.04
N GLU K 143 -37.40 87.88 81.22
CA GLU K 143 -36.41 88.25 82.24
C GLU K 143 -34.99 87.73 81.94
N VAL K 144 -34.85 86.72 81.08
CA VAL K 144 -33.60 85.96 80.85
C VAL K 144 -33.13 86.07 79.40
N PRO K 145 -31.82 85.98 79.11
CA PRO K 145 -31.32 86.19 77.76
C PRO K 145 -31.72 85.03 76.86
N LEU K 146 -31.95 85.31 75.58
CA LEU K 146 -31.91 84.29 74.55
C LEU K 146 -30.46 83.85 74.37
N ILE K 147 -30.24 82.55 74.53
CA ILE K 147 -29.05 81.88 74.02
C ILE K 147 -29.55 80.87 72.98
N ARG K 148 -29.05 80.96 71.75
CA ARG K 148 -29.49 80.12 70.63
C ARG K 148 -28.28 79.62 69.87
N VAL K 149 -28.29 78.35 69.49
CA VAL K 149 -27.20 77.73 68.74
C VAL K 149 -27.64 77.57 67.29
N GLU K 150 -26.83 78.00 66.33
CA GLU K 150 -27.15 77.97 64.91
C GLU K 150 -26.03 77.27 64.12
N PRO K 151 -26.36 76.44 63.12
CA PRO K 151 -25.40 75.62 62.39
C PRO K 151 -24.63 76.45 61.37
N PRO K 152 -23.49 75.96 60.87
CA PRO K 152 -22.70 76.67 59.86
C PRO K 152 -23.36 76.66 58.46
N THR K 153 -24.41 75.87 58.26
CA THR K 153 -25.28 75.97 57.07
C THR K 153 -26.16 77.21 57.08
N ALA K 154 -26.14 78.00 58.15
CA ALA K 154 -26.87 79.25 58.32
C ALA K 154 -25.94 80.37 58.79
N LEU K 155 -25.66 80.45 60.09
CA LEU K 155 -24.80 81.49 60.64
C LEU K 155 -23.35 81.28 60.19
N TYR K 156 -22.72 82.34 59.70
CA TYR K 156 -21.31 82.37 59.33
C TYR K 156 -20.59 83.53 60.01
N ALA K 157 -19.31 83.34 60.34
CA ALA K 157 -18.52 84.30 61.12
C ALA K 157 -17.09 84.40 60.59
N GLU K 158 -16.51 85.60 60.62
CA GLU K 158 -15.11 85.83 60.26
C GLU K 158 -14.27 85.98 61.53
N VAL K 159 -13.24 85.15 61.68
CA VAL K 159 -12.42 85.04 62.89
C VAL K 159 -11.07 85.71 62.67
N ASP K 160 -10.61 86.49 63.64
CA ASP K 160 -9.32 87.17 63.62
C ASP K 160 -8.15 86.17 63.63
N PRO K 161 -7.23 86.19 62.65
CA PRO K 161 -6.03 85.35 62.71
C PRO K 161 -5.15 85.57 63.95
N ARG K 162 -5.14 86.79 64.52
CA ARG K 162 -4.21 87.16 65.62
C ARG K 162 -4.66 86.69 66.99
N THR K 163 -5.97 86.72 67.27
CA THR K 163 -6.57 86.39 68.57
C THR K 163 -7.93 85.70 68.39
N ARG K 164 -8.39 84.89 69.36
CA ARG K 164 -9.71 84.25 69.29
C ARG K 164 -10.85 85.26 69.50
N LYS K 165 -11.17 86.02 68.45
CA LYS K 165 -12.35 86.90 68.34
C LYS K 165 -13.02 86.73 66.98
N VAL K 166 -14.35 86.76 66.96
CA VAL K 166 -15.11 87.02 65.74
C VAL K 166 -15.06 88.54 65.46
N LEU K 167 -14.76 88.97 64.24
CA LEU K 167 -14.86 90.39 63.85
C LEU K 167 -16.31 90.80 63.59
N TYR K 168 -17.04 89.97 62.84
CA TYR K 168 -18.43 90.15 62.44
C TYR K 168 -19.02 88.83 61.95
N ALA K 169 -20.34 88.71 61.93
CA ALA K 169 -21.03 87.48 61.56
C ALA K 169 -22.41 87.74 60.94
N ILE K 170 -22.84 86.86 60.05
CA ILE K 170 -24.09 86.98 59.29
C ILE K 170 -24.99 85.76 59.54
N ARG K 171 -26.22 85.95 60.03
CA ARG K 171 -27.04 84.86 60.61
C ARG K 171 -27.98 84.17 59.65
N ALA K 172 -28.92 84.92 59.10
CA ALA K 172 -30.20 84.34 58.71
C ALA K 172 -30.22 83.66 57.32
N ILE K 173 -31.41 83.18 56.98
CA ILE K 173 -31.66 82.00 56.16
C ILE K 173 -32.57 82.14 54.95
N TYR K 174 -32.48 81.14 54.09
CA TYR K 174 -33.45 80.77 53.05
C TYR K 174 -34.80 80.35 53.65
N GLY K 175 -35.84 80.25 52.84
CA GLY K 175 -37.17 79.80 53.28
C GLY K 175 -37.95 79.03 52.23
N ALA K 176 -38.99 78.30 52.66
CA ALA K 176 -39.85 77.47 51.81
C ALA K 176 -39.10 76.47 50.91
N ASP K 177 -37.97 75.95 51.39
CA ASP K 177 -37.03 75.10 50.65
C ASP K 177 -36.46 75.72 49.35
N GLY K 178 -36.51 77.05 49.23
CA GLY K 178 -35.98 77.80 48.10
C GLY K 178 -34.45 77.93 48.11
N ASN K 179 -33.90 78.45 47.02
CA ASN K 179 -32.50 78.88 46.95
C ASN K 179 -32.33 80.35 47.40
N GLU K 180 -33.41 81.13 47.43
CA GLU K 180 -33.42 82.56 47.78
C GLU K 180 -33.47 82.80 49.29
N ILE K 181 -32.74 83.81 49.77
CA ILE K 181 -32.73 84.23 51.18
C ILE K 181 -34.06 84.90 51.54
N VAL K 182 -34.65 84.56 52.69
CA VAL K 182 -35.83 85.25 53.24
C VAL K 182 -35.44 86.46 54.06
N SER K 183 -34.39 86.36 54.88
CA SER K 183 -33.92 87.46 55.73
C SER K 183 -32.43 87.32 56.01
N ALA K 184 -31.74 88.42 56.30
CA ALA K 184 -30.35 88.44 56.76
C ALA K 184 -30.23 89.26 58.04
N THR K 185 -29.29 88.88 58.91
CA THR K 185 -28.96 89.61 60.14
C THR K 185 -27.46 89.72 60.25
N LEU K 186 -26.94 90.89 60.59
CA LEU K 186 -25.51 91.16 60.76
C LEU K 186 -25.22 91.49 62.22
N TYR K 187 -24.21 90.85 62.79
CA TYR K 187 -23.67 91.17 64.10
C TYR K 187 -22.36 91.96 63.97
N LEU K 188 -22.24 93.05 64.73
CA LEU K 188 -21.06 93.90 64.83
C LEU K 188 -20.73 94.12 66.32
N PRO K 189 -19.49 94.47 66.70
CA PRO K 189 -19.07 94.61 68.09
C PRO K 189 -19.87 95.59 68.96
N ASP K 190 -20.72 96.45 68.38
CA ASP K 190 -21.55 97.42 69.08
C ASP K 190 -23.04 97.37 68.69
N THR K 191 -23.46 96.58 67.71
CA THR K 191 -24.87 96.52 67.26
C THR K 191 -25.23 95.24 66.50
N THR K 192 -26.53 94.94 66.44
CA THR K 192 -27.11 93.89 65.59
C THR K 192 -28.09 94.52 64.62
N MET K 193 -28.03 94.20 63.32
CA MET K 193 -28.93 94.73 62.29
C MET K 193 -29.65 93.61 61.56
N THR K 194 -30.92 93.78 61.21
CA THR K 194 -31.69 92.76 60.48
C THR K 194 -32.47 93.35 59.33
N TRP K 195 -32.32 92.77 58.14
CA TRP K 195 -33.14 93.06 56.97
C TRP K 195 -34.31 92.07 56.98
N LEU K 196 -35.46 92.56 57.45
CA LEU K 196 -36.60 91.73 57.86
C LEU K 196 -37.21 90.89 56.71
N ARG K 197 -36.98 91.31 55.46
CA ARG K 197 -37.34 90.57 54.24
C ARG K 197 -36.26 90.76 53.18
N ALA K 198 -36.16 89.81 52.26
CA ALA K 198 -35.20 89.81 51.16
C ALA K 198 -35.70 89.08 49.91
N GLU K 199 -36.98 88.66 49.88
CA GLU K 199 -37.54 87.76 48.85
C GLU K 199 -37.71 88.47 47.49
N GLY K 200 -38.39 89.62 47.46
CA GLY K 200 -38.46 90.48 46.27
C GLY K 200 -37.25 91.40 46.18
N GLU K 201 -36.93 92.09 47.27
CA GLU K 201 -35.77 92.96 47.47
C GLU K 201 -35.50 93.14 48.97
N TRP K 202 -34.33 93.64 49.34
CA TRP K 202 -33.97 93.93 50.74
C TRP K 202 -34.86 95.02 51.34
N GLU K 203 -35.69 94.68 52.32
CA GLU K 203 -36.42 95.67 53.12
C GLU K 203 -35.47 96.40 54.09
N ALA K 204 -35.76 97.67 54.42
CA ALA K 204 -34.85 98.50 55.22
C ALA K 204 -34.57 97.92 56.62
N PRO K 205 -33.32 97.99 57.11
CA PRO K 205 -32.93 97.24 58.30
C PRO K 205 -33.47 97.83 59.61
N THR K 206 -33.91 96.95 60.51
CA THR K 206 -34.00 97.27 61.95
C THR K 206 -32.61 97.10 62.59
N SER K 207 -32.36 97.77 63.72
CA SER K 207 -31.06 97.80 64.39
C SER K 207 -31.21 97.89 65.91
N THR K 208 -30.31 97.26 66.67
CA THR K 208 -30.33 97.24 68.14
C THR K 208 -28.91 97.26 68.72
N PRO K 209 -28.46 98.37 69.31
CA PRO K 209 -27.11 98.48 69.87
C PRO K 209 -26.96 97.71 71.19
N HIS K 210 -25.73 97.33 71.53
CA HIS K 210 -25.38 96.68 72.80
C HIS K 210 -23.96 96.99 73.27
N GLY K 211 -23.72 96.95 74.57
CA GLY K 211 -22.50 97.46 75.21
C GLY K 211 -21.35 96.47 75.38
N LEU K 212 -21.35 95.33 74.69
CA LEU K 212 -20.39 94.24 74.94
C LEU K 212 -18.95 94.54 74.48
N GLU K 213 -18.75 95.42 73.51
CA GLU K 213 -17.46 95.63 72.82
C GLU K 213 -16.93 94.36 72.09
N MET K 214 -17.79 93.34 71.95
CA MET K 214 -17.48 92.04 71.33
C MET K 214 -18.70 91.53 70.57
N VAL K 215 -18.49 90.79 69.49
CA VAL K 215 -19.59 90.18 68.73
C VAL K 215 -20.29 89.13 69.59
N PRO K 216 -21.63 89.11 69.71
CA PRO K 216 -22.36 88.16 70.55
C PRO K 216 -22.53 86.79 69.88
N VAL K 217 -21.46 86.29 69.24
CA VAL K 217 -21.39 84.99 68.58
C VAL K 217 -20.15 84.26 69.04
N ILE K 218 -20.30 83.02 69.52
CA ILE K 218 -19.20 82.18 70.01
C ILE K 218 -19.14 80.89 69.20
N PRO K 219 -18.03 80.54 68.54
CA PRO K 219 -17.90 79.28 67.84
C PRO K 219 -17.63 78.10 68.77
N ILE K 220 -18.52 77.12 68.81
CA ILE K 220 -18.23 75.75 69.23
C ILE K 220 -17.45 75.11 68.07
N SER K 221 -16.13 75.08 68.14
CA SER K 221 -15.28 74.56 67.06
C SER K 221 -14.60 73.26 67.45
N ASN K 222 -14.69 72.24 66.59
CA ASN K 222 -14.10 70.93 66.80
C ASN K 222 -12.60 70.95 66.46
N ARG K 223 -11.80 71.67 67.26
CA ARG K 223 -10.33 71.69 67.15
C ARG K 223 -9.75 70.36 67.59
N THR K 224 -8.58 69.97 67.08
CA THR K 224 -7.86 68.77 67.55
C THR K 224 -6.42 69.12 67.92
N ARG K 225 -5.73 69.92 67.10
CA ARG K 225 -4.47 70.60 67.36
C ARG K 225 -4.70 72.08 67.68
N LEU K 226 -3.68 72.78 68.17
CA LEU K 226 -3.60 74.24 68.04
C LEU K 226 -3.58 74.68 66.58
N SER K 227 -2.94 73.88 65.71
CA SER K 227 -2.89 74.08 64.26
C SER K 227 -4.27 74.13 63.58
N ASP K 228 -5.34 73.63 64.21
CA ASP K 228 -6.71 73.81 63.70
C ASP K 228 -7.26 75.19 64.10
N LEU K 229 -7.10 76.19 63.25
CA LEU K 229 -7.55 77.56 63.55
C LEU K 229 -9.07 77.68 63.68
N TYR K 230 -9.82 76.87 62.93
CA TYR K 230 -11.28 77.02 62.75
C TYR K 230 -12.10 75.75 63.03
N GLY K 231 -11.47 74.71 63.57
CA GLY K 231 -12.08 73.39 63.75
C GLY K 231 -12.21 72.59 62.45
N THR K 232 -12.44 71.29 62.56
CA THR K 232 -12.48 70.35 61.42
C THR K 232 -13.56 69.29 61.61
N SER K 233 -14.14 68.77 60.53
CA SER K 233 -15.15 67.71 60.60
C SER K 233 -14.59 66.49 61.33
N GLU K 234 -15.39 65.90 62.21
CA GLU K 234 -15.03 64.72 62.98
C GLU K 234 -14.92 63.46 62.12
N ILE K 235 -15.61 63.43 60.97
CA ILE K 235 -15.59 62.32 60.01
C ILE K 235 -14.26 62.36 59.25
N SER K 236 -13.20 61.84 59.86
CA SER K 236 -11.82 61.95 59.39
C SER K 236 -11.57 61.26 58.04
N PRO K 237 -10.54 61.64 57.27
CA PRO K 237 -10.29 61.09 55.94
C PRO K 237 -10.17 59.57 55.90
N GLU K 238 -9.52 58.94 56.89
CA GLU K 238 -9.46 57.49 56.91
C GLU K 238 -10.83 56.84 57.13
N LEU K 239 -11.70 57.42 57.96
CA LEU K 239 -13.06 56.90 58.12
C LEU K 239 -13.91 57.11 56.87
N ARG K 240 -13.72 58.21 56.12
CA ARG K 240 -14.33 58.37 54.80
C ARG K 240 -13.84 57.31 53.83
N SER K 241 -12.54 57.07 53.75
CA SER K 241 -11.98 56.11 52.82
C SER K 241 -12.45 54.68 53.11
N VAL K 242 -12.60 54.30 54.38
CA VAL K 242 -13.15 52.99 54.76
C VAL K 242 -14.65 52.90 54.47
N THR K 243 -15.40 53.98 54.64
CA THR K 243 -16.83 54.02 54.32
C THR K 243 -17.06 53.79 52.83
N ASP K 244 -16.32 54.47 51.97
CA ASP K 244 -16.41 54.30 50.52
C ASP K 244 -15.88 52.94 50.08
N ALA K 245 -14.75 52.48 50.64
CA ALA K 245 -14.22 51.17 50.33
C ALA K 245 -15.24 50.06 50.61
N ALA K 246 -15.88 50.06 51.78
CA ALA K 246 -16.89 49.08 52.14
C ALA K 246 -18.15 49.18 51.28
N ALA K 247 -18.55 50.37 50.85
CA ALA K 247 -19.70 50.55 49.97
C ALA K 247 -19.47 49.88 48.61
N GLN K 248 -18.26 49.96 48.06
CA GLN K 248 -17.96 49.24 46.81
C GLN K 248 -18.05 47.72 47.01
N ILE K 249 -17.52 47.16 48.10
CA ILE K 249 -17.59 45.72 48.35
C ILE K 249 -19.04 45.25 48.47
N LEU K 250 -19.89 45.96 49.22
CA LEU K 250 -21.30 45.62 49.35
C LEU K 250 -22.02 45.64 48.01
N MET K 251 -21.75 46.62 47.16
CA MET K 251 -22.39 46.73 45.86
C MET K 251 -21.90 45.65 44.88
N ASN K 252 -20.59 45.36 44.82
CA ASN K 252 -20.08 44.26 44.00
C ASN K 252 -20.62 42.90 44.47
N MET K 253 -20.73 42.68 45.78
CA MET K 253 -21.33 41.46 46.32
C MET K 253 -22.79 41.33 45.91
N GLN K 254 -23.57 42.42 45.98
CA GLN K 254 -24.97 42.41 45.57
C GLN K 254 -25.15 42.23 44.06
N GLY K 255 -24.27 42.80 43.23
CA GLY K 255 -24.25 42.49 41.81
C GLY K 255 -24.01 41.01 41.56
N THR K 256 -23.00 40.44 42.23
CA THR K 256 -22.65 39.02 42.12
C THR K 256 -23.79 38.12 42.57
N ALA K 257 -24.51 38.47 43.63
CA ALA K 257 -25.65 37.68 44.10
C ALA K 257 -26.82 37.64 43.12
N ASN K 258 -26.93 38.60 42.20
CA ASN K 258 -27.92 38.58 41.13
C ASN K 258 -27.40 37.87 39.87
N LEU K 259 -26.20 38.20 39.41
CA LEU K 259 -25.71 37.72 38.11
C LEU K 259 -24.98 36.38 38.17
N MET K 260 -24.39 35.99 39.30
CA MET K 260 -23.33 34.97 39.28
C MET K 260 -23.23 34.04 40.49
N ALA K 261 -24.05 34.17 41.53
CA ALA K 261 -24.03 33.26 42.67
C ALA K 261 -24.62 31.87 42.38
N ILE K 262 -24.88 31.58 41.11
CA ILE K 262 -25.60 30.43 40.57
C ILE K 262 -24.76 29.88 39.41
N PRO K 263 -24.55 28.57 39.26
CA PRO K 263 -23.77 28.04 38.14
C PRO K 263 -24.53 28.25 36.82
N GLN K 264 -23.83 28.48 35.71
CA GLN K 264 -24.46 28.65 34.40
C GLN K 264 -24.31 27.38 33.60
N ARG K 265 -25.41 26.87 33.03
CA ARG K 265 -25.50 25.52 32.46
C ARG K 265 -25.44 25.59 30.93
N LEU K 266 -24.57 24.79 30.33
CA LEU K 266 -24.26 24.81 28.90
C LEU K 266 -24.43 23.42 28.30
N ILE K 267 -24.77 23.32 27.02
CA ILE K 267 -24.67 22.07 26.25
C ILE K 267 -23.94 22.37 24.96
N PHE K 268 -22.93 21.57 24.61
CA PHE K 268 -22.17 21.69 23.37
C PHE K 268 -22.42 20.49 22.48
N GLY K 269 -22.38 20.68 21.16
CA GLY K 269 -22.73 19.66 20.17
C GLY K 269 -24.23 19.49 19.97
N ALA K 270 -25.05 20.42 20.46
CA ALA K 270 -26.49 20.43 20.26
C ALA K 270 -26.87 21.27 19.04
N LYS K 271 -27.50 20.67 18.03
CA LYS K 271 -28.10 21.43 16.93
C LYS K 271 -29.39 22.10 17.42
N PRO K 272 -29.52 23.44 17.44
CA PRO K 272 -30.73 24.09 17.95
C PRO K 272 -32.02 23.63 17.27
N GLU K 273 -32.01 23.39 15.95
CA GLU K 273 -33.18 22.88 15.24
C GLU K 273 -33.53 21.42 15.60
N GLU K 274 -32.58 20.63 16.12
CA GLU K 274 -32.85 19.28 16.61
C GLU K 274 -33.42 19.31 18.03
N LEU K 275 -32.85 20.12 18.92
CA LEU K 275 -33.38 20.34 20.28
C LEU K 275 -34.80 20.93 20.27
N GLY K 276 -35.28 21.44 19.13
CA GLY K 276 -36.63 21.94 18.96
C GLY K 276 -36.78 23.41 19.33
N ILE K 277 -35.70 24.19 19.28
CA ILE K 277 -35.75 25.64 19.54
C ILE K 277 -36.72 26.30 18.55
N ASN K 278 -37.67 27.06 19.07
CA ASN K 278 -38.58 27.88 18.28
C ASN K 278 -37.83 29.09 17.73
N ALA K 279 -37.27 28.96 16.53
CA ALA K 279 -36.26 29.88 15.99
C ALA K 279 -36.71 31.35 15.86
N GLU K 280 -38.01 31.61 15.75
CA GLU K 280 -38.61 32.94 15.81
C GLU K 280 -38.44 33.65 17.17
N THR K 281 -38.04 32.91 18.22
CA THR K 281 -37.81 33.40 19.58
C THR K 281 -36.46 32.98 20.18
N GLY K 282 -35.83 31.93 19.65
CA GLY K 282 -34.50 31.47 20.07
C GLY K 282 -34.48 30.64 21.36
N GLN K 283 -35.63 30.25 21.91
CA GLN K 283 -35.72 29.52 23.17
C GLN K 283 -36.80 28.43 23.17
N ARG K 284 -36.63 27.39 23.99
CA ARG K 284 -37.54 26.24 24.08
C ARG K 284 -37.98 26.00 25.51
N MET K 285 -39.27 26.06 25.80
CA MET K 285 -39.77 25.64 27.12
C MET K 285 -39.60 24.13 27.31
N PHE K 286 -39.41 23.68 28.55
CA PHE K 286 -39.59 22.28 28.95
C PHE K 286 -40.13 22.20 30.37
N ASP K 287 -40.81 21.11 30.74
CA ASP K 287 -41.31 20.93 32.10
C ASP K 287 -40.17 20.53 33.04
N ALA K 288 -39.98 21.27 34.12
CA ALA K 288 -38.79 21.20 34.98
C ALA K 288 -39.09 20.76 36.41
N TYR K 289 -40.09 19.91 36.59
CA TYR K 289 -40.34 19.25 37.87
C TYR K 289 -39.15 18.37 38.28
N MET K 290 -39.06 18.04 39.56
CA MET K 290 -37.75 17.80 40.14
C MET K 290 -36.97 16.61 39.58
N ALA K 291 -37.58 15.43 39.39
CA ALA K 291 -36.82 14.22 39.08
C ALA K 291 -36.77 13.83 37.58
N ARG K 292 -37.28 14.68 36.68
CA ARG K 292 -37.25 14.45 35.22
C ARG K 292 -35.83 14.19 34.73
N ILE K 293 -35.62 13.26 33.81
CA ILE K 293 -34.33 13.06 33.13
C ILE K 293 -34.44 13.59 31.71
N LEU K 294 -33.55 14.50 31.31
CA LEU K 294 -33.48 14.96 29.92
C LEU K 294 -32.70 13.94 29.08
N ALA K 295 -33.35 13.17 28.23
CA ALA K 295 -32.65 12.31 27.28
C ALA K 295 -32.48 13.06 25.94
N PHE K 296 -31.24 13.26 25.52
CA PHE K 296 -30.92 13.93 24.26
C PHE K 296 -30.55 12.94 23.17
N GLU K 297 -31.08 13.16 21.97
CA GLU K 297 -30.75 12.39 20.77
C GLU K 297 -29.32 12.64 20.28
N GLY K 298 -28.71 13.77 20.67
CA GLY K 298 -27.38 14.17 20.25
C GLY K 298 -26.28 13.26 20.80
N GLY K 299 -25.26 13.01 19.99
CA GLY K 299 -24.10 12.18 20.36
C GLY K 299 -22.82 12.49 19.56
N GLU K 300 -22.81 13.55 18.75
CA GLU K 300 -21.68 13.94 17.89
C GLU K 300 -20.60 14.70 18.69
N GLY K 301 -20.01 14.02 19.67
CA GLY K 301 -19.18 14.64 20.71
C GLY K 301 -19.97 15.51 21.70
N ALA K 302 -21.30 15.43 21.66
CA ALA K 302 -22.18 16.27 22.46
C ALA K 302 -22.04 15.98 23.95
N HIS K 303 -22.01 17.02 24.78
CA HIS K 303 -21.90 16.93 26.23
C HIS K 303 -22.42 18.18 26.93
N ALA K 304 -22.78 18.04 28.20
CA ALA K 304 -23.20 19.12 29.07
C ALA K 304 -22.04 19.54 29.98
N GLU K 305 -21.86 20.83 30.19
CA GLU K 305 -20.90 21.36 31.15
C GLU K 305 -21.35 22.72 31.66
N GLN K 306 -20.74 23.23 32.71
CA GLN K 306 -21.24 24.41 33.41
C GLN K 306 -20.11 25.32 33.88
N PHE K 307 -20.35 26.62 33.88
CA PHE K 307 -19.49 27.56 34.59
C PHE K 307 -19.83 27.51 36.08
N SER K 308 -18.82 27.49 36.94
CA SER K 308 -19.00 27.50 38.39
C SER K 308 -19.63 28.80 38.89
N ALA K 309 -20.30 28.75 40.04
CA ALA K 309 -20.82 29.94 40.72
C ALA K 309 -19.68 30.77 41.33
N ALA K 310 -19.84 32.08 41.40
CA ALA K 310 -19.01 32.91 42.27
C ALA K 310 -19.39 32.66 43.73
N GLU K 311 -18.41 32.46 44.61
CA GLU K 311 -18.68 32.31 46.05
C GLU K 311 -18.80 33.69 46.73
N LEU K 312 -19.99 34.06 47.23
CA LEU K 312 -20.20 35.39 47.82
C LEU K 312 -19.33 35.60 49.07
N ARG K 313 -19.00 34.51 49.76
CA ARG K 313 -18.05 34.49 50.89
C ARG K 313 -16.70 35.10 50.56
N ASN K 314 -16.26 35.12 49.31
CA ASN K 314 -15.01 35.79 48.94
C ASN K 314 -15.06 37.30 49.21
N PHE K 315 -16.20 37.95 48.99
CA PHE K 315 -16.40 39.35 49.34
C PHE K 315 -16.64 39.55 50.83
N VAL K 316 -17.31 38.62 51.50
CA VAL K 316 -17.55 38.74 52.94
C VAL K 316 -16.23 38.72 53.72
N ASP K 317 -15.22 37.96 53.28
CA ASP K 317 -13.88 38.02 53.88
C ASP K 317 -13.24 39.41 53.78
N ALA K 318 -13.59 40.24 52.81
CA ALA K 318 -13.15 41.64 52.74
C ALA K 318 -14.06 42.58 53.54
N LEU K 319 -15.37 42.35 53.60
CA LEU K 319 -16.27 43.12 54.46
C LEU K 319 -15.88 43.02 55.92
N ASP K 320 -15.52 41.83 56.39
CA ASP K 320 -15.04 41.64 57.75
C ASP K 320 -13.72 42.36 58.00
N ALA K 321 -12.79 42.35 57.06
CA ALA K 321 -11.53 43.07 57.18
C ALA K 321 -11.75 44.59 57.30
N LEU K 322 -12.64 45.15 56.50
CA LEU K 322 -12.99 46.57 56.61
C LEU K 322 -13.78 46.90 57.88
N ASP K 323 -14.53 45.96 58.47
CA ASP K 323 -15.12 46.17 59.80
C ASP K 323 -14.07 46.21 60.91
N ARG K 324 -12.96 45.49 60.79
CA ARG K 324 -11.85 45.62 61.74
C ARG K 324 -11.14 46.96 61.59
N LYS K 325 -11.02 47.50 60.38
CA LYS K 325 -10.50 48.86 60.15
C LYS K 325 -11.45 49.94 60.65
N ALA K 326 -12.73 49.89 60.32
CA ALA K 326 -13.71 50.89 60.76
C ALA K 326 -13.77 50.98 62.28
N ALA K 327 -13.69 49.86 63.00
CA ALA K 327 -13.61 49.85 64.46
C ALA K 327 -12.28 50.45 64.94
N SER K 328 -11.15 50.02 64.38
CA SER K 328 -9.84 50.50 64.80
C SER K 328 -9.66 52.01 64.65
N TYR K 329 -10.09 52.61 63.54
CA TYR K 329 -9.95 54.05 63.32
C TYR K 329 -10.95 54.86 64.15
N SER K 330 -12.19 54.38 64.31
CA SER K 330 -13.22 55.11 65.07
C SER K 330 -13.00 55.05 66.58
N GLY K 331 -12.45 53.95 67.10
CA GLY K 331 -12.27 53.76 68.54
C GLY K 331 -13.55 53.41 69.29
N LEU K 332 -14.62 53.07 68.58
CA LEU K 332 -15.81 52.47 69.15
C LEU K 332 -15.47 51.11 69.79
N PRO K 333 -16.23 50.62 70.78
CA PRO K 333 -16.17 49.22 71.18
C PRO K 333 -16.34 48.31 69.96
N PRO K 334 -15.69 47.14 69.88
CA PRO K 334 -15.80 46.27 68.70
C PRO K 334 -17.22 45.76 68.50
N GLN K 335 -17.99 45.61 69.59
CA GLN K 335 -19.39 45.22 69.56
C GLN K 335 -20.33 46.29 68.95
N TYR K 336 -19.91 47.54 68.79
CA TYR K 336 -20.73 48.55 68.09
C TYR K 336 -20.89 48.21 66.60
N LEU K 337 -19.81 47.81 65.94
CA LEU K 337 -19.80 47.45 64.52
C LEU K 337 -19.92 45.93 64.28
N SER K 338 -19.95 45.12 65.35
CA SER K 338 -19.90 43.65 65.34
C SER K 338 -18.60 43.07 64.76
N SER K 339 -17.49 43.81 64.89
CA SER K 339 -16.14 43.39 64.46
C SER K 339 -15.55 42.24 65.29
N SER K 340 -16.24 41.81 66.35
CA SER K 340 -16.04 40.56 67.08
C SER K 340 -17.38 40.00 67.57
N SER K 341 -17.44 38.69 67.84
CA SER K 341 -18.65 38.03 68.31
C SER K 341 -19.00 38.36 69.77
N ASP K 342 -17.99 38.54 70.64
CA ASP K 342 -18.19 38.76 72.07
C ASP K 342 -18.60 40.21 72.42
N ASN K 343 -19.59 40.35 73.29
CA ASN K 343 -19.70 41.51 74.17
C ASN K 343 -18.93 41.25 75.48
N PRO K 344 -18.45 42.27 76.18
CA PRO K 344 -17.92 42.10 77.53
C PRO K 344 -19.02 41.71 78.51
N ALA K 345 -18.66 41.06 79.62
CA ALA K 345 -19.61 40.42 80.54
C ALA K 345 -19.32 40.68 82.03
N SER K 346 -18.62 41.76 82.35
CA SER K 346 -18.27 42.18 83.71
C SER K 346 -18.08 43.70 83.76
N ALA K 347 -18.31 44.34 84.91
CA ALA K 347 -18.22 45.79 85.04
C ALA K 347 -16.82 46.35 84.72
N GLU K 348 -15.76 45.57 84.95
CA GLU K 348 -14.40 45.94 84.53
C GLU K 348 -14.20 45.76 83.03
N ALA K 349 -14.62 44.64 82.46
CA ALA K 349 -14.47 44.37 81.03
C ALA K 349 -15.25 45.37 80.16
N ILE K 350 -16.39 45.87 80.63
CA ILE K 350 -17.15 46.94 79.98
C ILE K 350 -16.35 48.24 79.96
N LYS K 351 -15.75 48.60 81.09
CA LYS K 351 -14.94 49.81 81.22
C LYS K 351 -13.67 49.72 80.36
N ALA K 352 -13.15 48.53 80.14
CA ALA K 352 -12.04 48.30 79.21
C ALA K 352 -12.45 48.52 77.75
N ALA K 353 -13.55 47.90 77.30
CA ALA K 353 -14.01 48.01 75.91
C ALA K 353 -14.42 49.44 75.54
N GLU K 354 -15.14 50.15 76.42
CA GLU K 354 -15.56 51.53 76.19
C GLU K 354 -14.43 52.55 76.39
N SER K 355 -13.24 52.17 76.87
CA SER K 355 -12.22 53.12 77.33
C SER K 355 -11.80 54.18 76.31
N ARG K 356 -11.57 53.82 75.03
CA ARG K 356 -11.17 54.80 74.02
C ARG K 356 -12.31 55.70 73.57
N LEU K 357 -13.53 55.17 73.50
CA LEU K 357 -14.72 55.98 73.26
C LEU K 357 -14.93 56.98 74.40
N VAL K 358 -14.80 56.56 75.66
CA VAL K 358 -14.93 57.43 76.83
C VAL K 358 -13.88 58.53 76.82
N LYS K 359 -12.60 58.22 76.60
CA LYS K 359 -11.54 59.24 76.59
C LYS K 359 -11.67 60.21 75.41
N LYS K 360 -12.15 59.77 74.25
CA LYS K 360 -12.51 60.68 73.14
C LYS K 360 -13.62 61.63 73.54
N VAL K 361 -14.67 61.16 74.21
CA VAL K 361 -15.77 62.04 74.67
C VAL K 361 -15.32 62.98 75.79
N GLU K 362 -14.47 62.57 76.73
CA GLU K 362 -13.93 63.52 77.72
C GLU K 362 -13.13 64.65 77.06
N ARG K 363 -12.36 64.37 76.00
CA ARG K 363 -11.68 65.38 75.18
C ARG K 363 -12.68 66.32 74.51
N LYS K 364 -13.82 65.85 74.00
CA LYS K 364 -14.86 66.73 73.45
C LYS K 364 -15.56 67.57 74.53
N ASN K 365 -15.90 67.00 75.67
CA ASN K 365 -16.52 67.75 76.77
C ASN K 365 -15.63 68.92 77.21
N LYS K 366 -14.32 68.69 77.29
CA LYS K 366 -13.32 69.71 77.59
C LYS K 366 -13.31 70.84 76.54
N ILE K 367 -13.28 70.52 75.26
CA ILE K 367 -13.21 71.49 74.16
C ILE K 367 -14.51 72.29 74.02
N PHE K 368 -15.68 71.63 74.00
CA PHE K 368 -16.96 72.34 73.90
C PHE K 368 -17.31 73.09 75.19
N GLY K 369 -16.82 72.66 76.34
CA GLY K 369 -16.97 73.40 77.61
C GLY K 369 -16.41 74.81 77.53
N GLY K 370 -15.28 75.02 76.85
CA GLY K 370 -14.71 76.35 76.65
C GLY K 370 -15.68 77.33 75.99
N ALA K 371 -16.36 76.91 74.91
CA ALA K 371 -17.35 77.75 74.23
C ALA K 371 -18.55 78.08 75.13
N TRP K 372 -18.99 77.16 75.98
CA TRP K 372 -20.07 77.43 76.91
C TRP K 372 -19.67 78.35 78.06
N GLU K 373 -18.42 78.31 78.53
CA GLU K 373 -17.93 79.34 79.46
C GLU K 373 -18.02 80.73 78.82
N GLN K 374 -17.46 80.90 77.62
CA GLN K 374 -17.45 82.21 76.95
C GLN K 374 -18.87 82.71 76.66
N ALA K 375 -19.76 81.85 76.19
CA ALA K 375 -21.16 82.24 75.94
C ALA K 375 -21.88 82.65 77.24
N MET K 376 -21.63 81.97 78.36
CA MET K 376 -22.24 82.37 79.63
C MET K 376 -21.65 83.66 80.18
N ARG K 377 -20.37 83.97 79.97
CA ARG K 377 -19.83 85.29 80.30
C ARG K 377 -20.45 86.40 79.46
N LEU K 378 -20.60 86.22 78.14
CA LEU K 378 -21.31 87.23 77.33
C LEU K 378 -22.77 87.39 77.76
N ALA K 379 -23.48 86.30 78.04
CA ALA K 379 -24.86 86.38 78.53
C ALA K 379 -24.93 87.13 79.85
N TYR K 380 -24.02 86.89 80.80
CA TYR K 380 -23.97 87.67 82.03
C TYR K 380 -23.74 89.16 81.74
N LYS K 381 -22.71 89.51 80.96
CA LYS K 381 -22.42 90.93 80.65
C LYS K 381 -23.59 91.61 79.94
N MET K 382 -24.32 90.91 79.07
CA MET K 382 -25.47 91.46 78.38
C MET K 382 -26.69 91.68 79.29
N VAL K 383 -26.95 90.76 80.23
CA VAL K 383 -28.09 90.87 81.16
C VAL K 383 -27.82 91.82 82.31
N LYS K 384 -26.72 91.59 83.04
CA LYS K 384 -26.41 92.31 84.28
C LYS K 384 -25.75 93.67 84.05
N GLY K 385 -25.27 93.95 82.85
CA GLY K 385 -24.53 95.17 82.54
C GLY K 385 -23.20 95.26 83.30
N GLY K 386 -22.64 96.46 83.38
CA GLY K 386 -21.37 96.72 84.07
C GLY K 386 -20.21 95.94 83.44
N ASP K 387 -19.43 95.24 84.26
CA ASP K 387 -18.38 94.33 83.80
C ASP K 387 -18.26 93.10 84.73
N ILE K 388 -17.64 92.03 84.25
CA ILE K 388 -17.64 90.69 84.85
C ILE K 388 -17.05 90.67 86.28
N PRO K 389 -17.74 90.09 87.28
CA PRO K 389 -17.13 89.72 88.55
C PRO K 389 -16.01 88.71 88.31
N THR K 390 -14.78 89.00 88.75
CA THR K 390 -13.59 88.31 88.19
C THR K 390 -13.53 86.80 88.43
N GLU K 391 -14.32 86.25 89.36
CA GLU K 391 -14.42 84.80 89.56
C GLU K 391 -14.95 84.07 88.31
N TYR K 392 -15.75 84.71 87.46
CA TYR K 392 -16.29 84.09 86.26
C TYR K 392 -15.22 83.79 85.20
N TYR K 393 -14.05 84.42 85.24
CA TYR K 393 -12.94 84.03 84.36
C TYR K 393 -12.35 82.66 84.73
N ARG K 394 -12.64 82.16 85.93
CA ARG K 394 -12.22 80.85 86.46
C ARG K 394 -13.39 79.88 86.62
N MET K 395 -14.51 80.11 85.94
CA MET K 395 -15.62 79.17 85.95
C MET K 395 -15.26 77.88 85.21
N GLU K 396 -15.97 76.80 85.51
CA GLU K 396 -15.78 75.48 84.93
C GLU K 396 -17.13 74.90 84.52
N THR K 397 -17.13 73.97 83.57
CA THR K 397 -18.32 73.20 83.17
C THR K 397 -18.22 71.79 83.73
N VAL K 398 -19.31 71.30 84.33
CA VAL K 398 -19.35 69.95 84.92
C VAL K 398 -20.22 69.07 84.03
N TRP K 399 -19.67 67.98 83.53
CA TRP K 399 -20.31 67.11 82.54
C TRP K 399 -20.52 65.71 83.08
N ARG K 400 -21.59 65.03 82.64
CA ARG K 400 -21.87 63.65 83.01
C ARG K 400 -20.77 62.70 82.53
N ASP K 401 -20.45 61.69 83.34
CA ASP K 401 -19.53 60.60 83.01
C ASP K 401 -19.92 59.92 81.67
N PRO K 402 -19.06 59.92 80.63
CA PRO K 402 -19.39 59.33 79.34
C PRO K 402 -19.56 57.81 79.33
N SER K 403 -19.10 57.09 80.36
CA SER K 403 -19.13 55.62 80.40
C SER K 403 -20.53 55.06 80.74
N THR K 404 -20.80 53.81 80.41
CA THR K 404 -22.08 53.18 80.81
C THR K 404 -22.23 53.14 82.34
N PRO K 405 -23.39 53.53 82.89
CA PRO K 405 -23.59 53.59 84.33
C PRO K 405 -23.81 52.19 84.91
N THR K 406 -22.73 51.53 85.33
CA THR K 406 -22.82 50.37 86.22
C THR K 406 -23.18 50.88 87.62
N TYR K 407 -24.38 50.56 88.12
CA TYR K 407 -24.85 51.07 89.40
C TYR K 407 -24.32 50.25 90.57
N ALA K 408 -24.54 48.93 90.55
CA ALA K 408 -24.20 48.07 91.68
C ALA K 408 -22.70 48.06 92.00
N ALA K 409 -21.83 48.07 90.99
CA ALA K 409 -20.39 48.08 91.19
C ALA K 409 -19.90 49.34 91.92
N LYS K 410 -20.56 50.50 91.72
CA LYS K 410 -20.26 51.73 92.47
C LYS K 410 -20.98 51.80 93.80
N ALA K 411 -22.20 51.28 93.91
CA ALA K 411 -22.94 51.25 95.16
C ALA K 411 -22.22 50.46 96.25
N ASP K 412 -21.64 49.31 95.91
CA ASP K 412 -20.79 48.55 96.84
C ASP K 412 -19.54 49.32 97.26
N ALA K 413 -18.84 49.95 96.31
CA ALA K 413 -17.65 50.74 96.56
C ALA K 413 -17.92 51.96 97.44
N ALA K 414 -18.95 52.75 97.12
CA ALA K 414 -19.31 53.93 97.89
C ALA K 414 -19.75 53.57 99.31
N ALA K 415 -20.51 52.49 99.49
CA ALA K 415 -20.90 51.99 100.81
C ALA K 415 -19.71 51.45 101.62
N LYS K 416 -18.68 50.88 100.98
CA LYS K 416 -17.44 50.49 101.68
C LYS K 416 -16.63 51.71 102.15
N LEU K 417 -16.56 52.76 101.34
CA LEU K 417 -15.81 53.97 101.67
C LEU K 417 -16.49 54.80 102.75
N PHE K 418 -17.79 55.07 102.63
CA PHE K 418 -18.60 55.71 103.67
C PHE K 418 -19.18 54.65 104.62
N ALA K 419 -18.36 54.12 105.53
CA ALA K 419 -18.80 53.15 106.52
C ALA K 419 -19.68 53.82 107.61
N ASN K 420 -20.93 54.14 107.27
CA ASN K 420 -21.93 54.75 108.17
C ASN K 420 -21.41 56.00 108.89
N GLY K 421 -20.67 56.85 108.19
CA GLY K 421 -20.03 58.06 108.74
C GLY K 421 -18.65 57.87 109.35
N ALA K 422 -18.27 56.65 109.74
CA ALA K 422 -16.96 56.36 110.34
C ALA K 422 -15.83 56.15 109.31
N GLY K 423 -16.16 56.16 108.02
CA GLY K 423 -15.27 55.73 106.94
C GLY K 423 -14.33 56.81 106.38
N LEU K 424 -13.82 56.57 105.18
CA LEU K 424 -12.76 57.36 104.58
C LEU K 424 -13.23 58.73 104.06
N ILE K 425 -14.41 58.83 103.47
CA ILE K 425 -14.88 60.01 102.72
C ILE K 425 -16.07 60.69 103.40
N PRO K 426 -16.26 62.01 103.27
CA PRO K 426 -17.47 62.69 103.72
C PRO K 426 -18.68 62.24 102.89
N ARG K 427 -19.90 62.35 103.42
CA ARG K 427 -21.12 61.88 102.74
C ARG K 427 -21.26 62.48 101.35
N GLU K 428 -21.10 63.78 101.24
CA GLU K 428 -21.26 64.51 99.98
C GLU K 428 -20.34 63.97 98.88
N ARG K 429 -19.11 63.54 99.18
CA ARG K 429 -18.23 62.99 98.14
C ARG K 429 -18.73 61.66 97.62
N GLY K 430 -19.38 60.85 98.45
CA GLY K 430 -19.99 59.60 98.02
C GLY K 430 -21.12 59.85 97.01
N TRP K 431 -21.89 60.92 97.18
CA TRP K 431 -22.93 61.28 96.23
C TRP K 431 -22.39 61.66 94.84
N VAL K 432 -21.26 62.36 94.74
CA VAL K 432 -20.67 62.66 93.42
C VAL K 432 -19.95 61.45 92.82
N ASP K 433 -19.43 60.50 93.61
CA ASP K 433 -18.95 59.22 93.07
C ASP K 433 -20.07 58.31 92.55
N MET K 434 -21.24 58.30 93.20
CA MET K 434 -22.44 57.67 92.64
C MET K 434 -22.97 58.39 91.39
N GLY K 435 -22.45 59.57 91.07
CA GLY K 435 -22.78 60.31 89.86
C GLY K 435 -24.07 61.13 89.94
N TYR K 436 -24.58 61.42 91.14
CA TYR K 436 -25.74 62.29 91.27
C TYR K 436 -25.36 63.72 90.87
N THR K 437 -26.09 64.29 89.91
CA THR K 437 -25.80 65.60 89.31
C THR K 437 -26.06 66.76 90.27
N ILE K 438 -25.58 67.96 89.94
CA ILE K 438 -25.65 69.16 90.81
C ILE K 438 -27.05 69.37 91.39
N VAL K 439 -28.08 69.34 90.54
CA VAL K 439 -29.48 69.52 90.95
C VAL K 439 -30.04 68.35 91.75
N GLU K 440 -29.52 67.12 91.57
CA GLU K 440 -29.94 65.98 92.37
C GLU K 440 -29.34 66.04 93.78
N ARG K 441 -28.09 66.44 93.93
CA ARG K 441 -27.49 66.59 95.26
C ARG K 441 -28.14 67.72 96.03
N GLU K 442 -28.41 68.85 95.38
CA GLU K 442 -29.12 69.96 96.02
C GLU K 442 -30.54 69.58 96.46
N GLN K 443 -31.19 68.62 95.79
CA GLN K 443 -32.46 68.05 96.24
C GLN K 443 -32.28 67.04 97.37
N MET K 444 -31.28 66.16 97.31
CA MET K 444 -31.00 65.23 98.42
C MET K 444 -30.63 65.94 99.71
N ARG K 445 -30.00 67.11 99.66
CA ARG K 445 -29.78 67.94 100.87
C ARG K 445 -31.08 68.36 101.55
N GLN K 446 -32.21 68.41 100.83
CA GLN K 446 -33.54 68.62 101.42
C GLN K 446 -34.04 67.33 102.07
N TRP K 447 -34.05 66.21 101.35
CA TRP K 447 -34.57 64.93 101.86
C TRP K 447 -33.78 64.40 103.05
N LEU K 448 -32.46 64.58 103.05
CA LEU K 448 -31.60 64.17 104.16
C LEU K 448 -31.94 64.96 105.42
N GLU K 449 -32.19 66.27 105.31
CA GLU K 449 -32.63 67.09 106.44
C GLU K 449 -34.01 66.66 106.96
N GLN K 450 -34.95 66.36 106.07
CA GLN K 450 -36.27 65.83 106.45
C GLN K 450 -36.18 64.45 107.13
N ASP K 451 -35.31 63.56 106.66
CA ASP K 451 -35.07 62.26 107.31
C ASP K 451 -34.44 62.43 108.70
N GLN K 452 -33.52 63.39 108.87
CA GLN K 452 -32.95 63.72 110.18
C GLN K 452 -33.98 64.25 111.19
N LYS K 453 -35.19 64.67 110.77
CA LYS K 453 -36.29 64.96 111.71
C LYS K 453 -36.95 63.68 112.25
N GLN K 454 -36.85 62.56 111.52
CA GLN K 454 -37.47 61.27 111.90
C GLN K 454 -36.54 60.43 112.78
N GLY K 455 -35.24 60.39 112.44
CA GLY K 455 -34.21 59.58 113.12
C GLY K 455 -34.00 58.22 112.47
N SER L 6 22.84 94.35 69.93
CA SER L 6 23.73 94.41 68.75
C SER L 6 22.92 94.42 67.45
N ILE L 7 22.35 93.29 67.03
CA ILE L 7 21.56 93.18 65.78
C ILE L 7 20.24 93.98 65.89
N ASP L 8 19.87 94.68 64.83
CA ASP L 8 18.62 95.45 64.77
C ASP L 8 17.38 94.55 64.55
N PRO L 9 16.22 94.86 65.18
CA PRO L 9 14.99 94.13 64.98
C PRO L 9 14.54 93.98 63.52
N GLU L 10 14.81 94.98 62.67
CA GLU L 10 14.38 94.92 61.26
C GLU L 10 15.08 93.82 60.47
N LYS L 11 16.41 93.72 60.51
CA LYS L 11 17.10 92.61 59.83
C LYS L 11 16.88 91.29 60.56
N LEU L 12 16.78 91.30 61.88
CA LEU L 12 16.55 90.07 62.64
C LEU L 12 15.18 89.46 62.34
N ARG L 13 14.15 90.28 62.05
CA ARG L 13 12.87 89.79 61.54
C ARG L 13 13.05 89.04 60.23
N ASP L 14 13.71 89.62 59.21
CA ASP L 14 13.83 88.93 57.92
C ASP L 14 14.69 87.65 58.01
N GLN L 15 15.69 87.62 58.91
CA GLN L 15 16.46 86.42 59.22
C GLN L 15 15.59 85.31 59.83
N LEU L 16 14.79 85.63 60.85
CA LEU L 16 13.96 84.63 61.51
C LEU L 16 12.76 84.21 60.66
N LEU L 17 12.17 85.09 59.86
CA LEU L 17 11.10 84.69 58.94
C LEU L 17 11.59 83.72 57.86
N ASP L 18 12.84 83.85 57.39
CA ASP L 18 13.42 82.84 56.50
C ASP L 18 13.56 81.48 57.20
N ALA L 19 14.07 81.45 58.43
CA ALA L 19 14.20 80.20 59.20
C ALA L 19 12.84 79.56 59.53
N PHE L 20 11.84 80.37 59.91
CA PHE L 20 10.48 79.92 60.15
C PHE L 20 9.85 79.31 58.90
N GLU L 21 9.94 79.99 57.75
CA GLU L 21 9.41 79.48 56.49
C GLU L 21 10.15 78.21 56.04
N ASN L 22 11.47 78.16 56.17
CA ASN L 22 12.26 76.98 55.84
C ASN L 22 11.87 75.77 56.69
N LYS L 23 11.60 75.97 58.00
CA LYS L 23 11.15 74.88 58.89
C LYS L 23 9.82 74.28 58.43
N GLN L 24 8.91 75.04 57.84
CA GLN L 24 7.62 74.50 57.37
C GLN L 24 7.76 73.38 56.34
N ASN L 25 8.84 73.36 55.56
CA ASN L 25 9.11 72.29 54.62
C ASN L 25 9.38 70.94 55.32
N GLU L 26 9.86 70.96 56.56
CA GLU L 26 10.14 69.77 57.36
C GLU L 26 8.92 69.30 58.16
N LEU L 27 8.16 70.23 58.74
CA LEU L 27 6.97 69.90 59.54
C LEU L 27 5.87 69.24 58.70
N LYS L 28 5.67 69.70 57.46
CA LYS L 28 4.62 69.26 56.55
C LYS L 28 4.66 67.76 56.25
N SER L 29 5.83 67.13 56.35
CA SER L 29 5.97 65.67 56.24
C SER L 29 5.23 64.93 57.37
N SER L 30 5.46 65.30 58.63
CA SER L 30 4.78 64.69 59.79
C SER L 30 3.27 64.95 59.83
N LYS L 31 2.81 66.12 59.39
CA LYS L 31 1.38 66.46 59.28
C LYS L 31 0.64 65.46 58.39
N ALA L 32 1.22 65.10 57.25
CA ALA L 32 0.60 64.20 56.27
C ALA L 32 0.40 62.75 56.75
N TYR L 33 0.90 62.38 57.93
CA TYR L 33 0.58 61.10 58.57
C TYR L 33 -0.56 61.23 59.60
N TYR L 34 -0.65 62.34 60.35
CA TYR L 34 -1.76 62.57 61.29
C TYR L 34 -3.05 63.04 60.59
N ASP L 35 -3.00 64.09 59.78
CA ASP L 35 -4.00 64.33 58.74
C ASP L 35 -3.67 63.38 57.60
N ALA L 36 -4.55 62.41 57.30
CA ALA L 36 -4.22 61.30 56.43
C ALA L 36 -4.25 61.68 54.93
N GLU L 37 -3.47 62.67 54.55
CA GLU L 37 -3.27 63.16 53.19
C GLU L 37 -2.53 62.14 52.30
N ARG L 38 -2.59 62.33 50.99
CA ARG L 38 -1.94 61.47 49.99
C ARG L 38 -0.42 61.50 50.14
N ARG L 39 0.21 60.34 50.39
CA ARG L 39 1.65 60.12 50.15
C ARG L 39 1.82 59.28 48.90
N PRO L 40 2.77 59.58 47.99
CA PRO L 40 3.09 58.70 46.88
C PRO L 40 3.37 57.26 47.35
N ASP L 41 4.17 57.09 48.39
CA ASP L 41 4.56 55.76 48.86
C ASP L 41 3.42 54.96 49.52
N ALA L 42 2.26 55.56 49.80
CA ALA L 42 1.09 54.85 50.31
C ALA L 42 0.23 54.21 49.22
N ILE L 43 0.46 54.55 47.94
CA ILE L 43 -0.38 54.09 46.82
C ILE L 43 -0.03 52.66 46.41
N GLY L 44 -1.04 51.79 46.32
CA GLY L 44 -0.84 50.39 45.97
C GLY L 44 -0.46 50.22 44.50
N LEU L 45 0.69 49.60 44.21
CA LEU L 45 1.28 49.57 42.87
C LEU L 45 0.44 48.79 41.85
N ALA L 46 -0.27 47.74 42.27
CA ALA L 46 -0.90 46.81 41.33
C ALA L 46 -2.13 47.38 40.61
N VAL L 47 -2.88 48.30 41.21
CA VAL L 47 -4.12 48.79 40.61
C VAL L 47 -3.83 49.64 39.36
N PRO L 48 -4.61 49.50 38.28
CA PRO L 48 -4.33 50.19 37.02
C PRO L 48 -4.51 51.69 37.16
N LEU L 49 -3.85 52.48 36.32
CA LEU L 49 -3.73 53.94 36.47
C LEU L 49 -5.06 54.66 36.70
N ASP L 50 -6.11 54.25 35.99
CA ASP L 50 -7.44 54.83 36.12
C ASP L 50 -8.00 54.71 37.55
N MET L 51 -7.70 53.61 38.24
CA MET L 51 -8.17 53.33 39.59
C MET L 51 -7.26 53.89 40.70
N ARG L 52 -6.07 54.42 40.38
CA ARG L 52 -5.15 54.98 41.40
C ARG L 52 -5.76 56.14 42.21
N LYS L 53 -6.87 56.74 41.76
CA LYS L 53 -7.62 57.76 42.50
C LYS L 53 -8.28 57.25 43.79
N TYR L 54 -8.59 55.96 43.89
CA TYR L 54 -9.30 55.37 45.03
C TYR L 54 -8.35 55.08 46.20
N LEU L 55 -7.77 56.13 46.77
CA LEU L 55 -6.82 56.04 47.88
C LEU L 55 -7.43 55.34 49.09
N ALA L 56 -6.65 54.48 49.75
CA ALA L 56 -6.92 54.01 51.10
C ALA L 56 -6.05 54.80 52.08
N HIS L 57 -6.66 55.36 53.12
CA HIS L 57 -5.96 56.13 54.15
C HIS L 57 -5.94 55.33 55.44
N VAL L 58 -4.81 55.26 56.15
CA VAL L 58 -4.64 54.38 57.32
C VAL L 58 -4.46 55.17 58.61
N GLY L 59 -5.23 54.81 59.63
CA GLY L 59 -5.39 55.56 60.89
C GLY L 59 -4.46 55.20 62.04
N TYR L 60 -3.37 54.45 61.85
CA TYR L 60 -2.47 54.13 62.96
C TYR L 60 -1.83 55.39 63.60
N PRO L 61 -1.32 56.39 62.84
CA PRO L 61 -0.69 57.56 63.44
C PRO L 61 -1.67 58.44 64.20
N ARG L 62 -2.87 58.67 63.65
CA ARG L 62 -3.99 59.34 64.32
C ARG L 62 -4.31 58.66 65.64
N THR L 63 -4.41 57.34 65.62
CA THR L 63 -4.71 56.51 66.80
C THR L 63 -3.63 56.63 67.86
N TYR L 64 -2.35 56.48 67.50
CA TYR L 64 -1.27 56.50 68.47
C TYR L 64 -1.09 57.87 69.14
N VAL L 65 -1.08 58.95 68.37
CA VAL L 65 -0.94 60.31 68.91
C VAL L 65 -2.15 60.69 69.78
N ASP L 66 -3.38 60.37 69.37
CA ASP L 66 -4.55 60.60 70.20
C ASP L 66 -4.52 59.78 71.49
N ALA L 67 -4.13 58.51 71.43
CA ALA L 67 -4.13 57.62 72.59
C ALA L 67 -3.16 58.07 73.69
N ILE L 68 -2.07 58.74 73.36
CA ILE L 68 -1.22 59.41 74.35
C ILE L 68 -1.92 60.69 74.83
N ALA L 69 -2.24 61.61 73.92
CA ALA L 69 -2.68 62.95 74.29
C ALA L 69 -3.99 62.97 75.09
N GLU L 70 -4.91 62.01 74.88
CA GLU L 70 -6.17 61.95 75.62
C GLU L 70 -6.01 61.48 77.08
N ARG L 71 -4.88 60.87 77.44
CA ARG L 71 -4.60 60.35 78.80
C ARG L 71 -3.78 61.29 79.68
N GLN L 72 -3.43 62.49 79.19
CA GLN L 72 -2.71 63.49 79.98
C GLN L 72 -3.67 64.53 80.56
N GLU L 73 -3.62 64.78 81.86
CA GLU L 73 -4.28 65.92 82.49
C GLU L 73 -3.53 66.35 83.74
N LEU L 74 -3.45 67.64 84.01
CA LEU L 74 -2.72 68.21 85.14
C LEU L 74 -3.68 68.43 86.31
N GLU L 75 -3.36 67.89 87.50
CA GLU L 75 -4.14 68.12 88.72
C GLU L 75 -3.78 69.43 89.41
N GLY L 76 -2.52 69.87 89.29
CA GLY L 76 -2.01 71.07 89.94
C GLY L 76 -0.49 71.06 90.08
N PHE L 77 0.05 72.11 90.69
CA PHE L 77 1.47 72.21 91.02
C PHE L 77 1.72 71.87 92.49
N ARG L 78 2.96 71.55 92.84
CA ARG L 78 3.41 71.33 94.22
C ARG L 78 4.72 72.07 94.47
N ILE L 79 4.85 72.77 95.60
CA ILE L 79 6.03 73.58 95.95
C ILE L 79 6.37 73.38 97.45
N PRO L 80 7.60 72.98 97.82
CA PRO L 80 8.01 72.82 99.21
C PRO L 80 8.01 74.11 100.05
N SER L 81 8.20 73.97 101.36
CA SER L 81 8.50 75.09 102.27
C SER L 81 9.35 74.61 103.45
N ALA L 82 10.03 75.52 104.15
CA ALA L 82 10.99 75.18 105.21
C ALA L 82 10.38 74.40 106.41
N ASN L 83 9.07 74.54 106.64
CA ASN L 83 8.31 73.81 107.66
C ASN L 83 7.77 72.42 107.21
N GLY L 84 8.05 71.97 105.98
CA GLY L 84 7.87 70.57 105.55
C GLY L 84 6.79 70.31 104.49
N GLU L 85 6.75 69.07 104.00
CA GLU L 85 5.95 68.59 102.86
C GLU L 85 4.44 68.46 103.12
N GLU L 86 3.97 68.58 104.36
CA GLU L 86 2.53 68.76 104.66
C GLU L 86 2.11 70.24 104.60
N PRO L 87 2.70 71.17 105.39
CA PRO L 87 2.18 72.53 105.44
C PRO L 87 2.33 73.28 104.12
N GLU L 88 3.49 73.17 103.44
CA GLU L 88 3.74 73.76 102.11
C GLU L 88 3.42 75.28 101.98
N SER L 89 3.37 76.02 103.09
CA SER L 89 2.85 77.41 103.20
C SER L 89 1.36 77.56 102.77
N GLY L 90 0.56 76.52 102.99
CA GLY L 90 -0.86 76.43 102.65
C GLY L 90 -1.77 77.47 103.30
N GLY L 91 -2.90 77.76 102.66
CA GLY L 91 -3.85 78.82 103.00
C GLY L 91 -4.26 79.64 101.77
N GLU L 92 -4.81 80.83 101.98
CA GLU L 92 -5.18 81.74 100.88
C GLU L 92 -3.98 82.20 100.04
N ASN L 93 -2.79 82.27 100.66
CA ASN L 93 -1.53 82.69 100.06
C ASN L 93 -0.69 81.53 99.47
N ASP L 94 -1.23 80.31 99.37
CA ASP L 94 -0.49 79.11 98.97
C ASP L 94 0.11 79.23 97.54
N PRO L 95 1.44 79.09 97.37
CA PRO L 95 2.09 79.09 96.06
C PRO L 95 1.49 78.11 95.05
N ALA L 96 1.03 76.94 95.47
CA ALA L 96 0.41 75.99 94.56
C ALA L 96 -0.94 76.51 94.04
N SER L 97 -1.73 77.16 94.90
CA SER L 97 -3.01 77.77 94.54
C SER L 97 -2.83 79.02 93.69
N GLU L 98 -1.79 79.81 93.94
CA GLU L 98 -1.45 80.97 93.11
C GLU L 98 -1.23 80.55 91.65
N LEU L 99 -0.37 79.57 91.40
CA LEU L 99 -0.09 79.09 90.04
C LEU L 99 -1.31 78.40 89.42
N TRP L 100 -2.08 77.64 90.20
CA TRP L 100 -3.28 77.00 89.68
C TRP L 100 -4.38 77.99 89.32
N ASP L 101 -4.49 79.13 90.01
CA ASP L 101 -5.43 80.18 89.64
C ASP L 101 -5.14 80.73 88.23
N TRP L 102 -3.87 80.97 87.91
CA TRP L 102 -3.46 81.38 86.56
C TRP L 102 -3.70 80.30 85.51
N TRP L 103 -3.55 79.02 85.88
CA TRP L 103 -3.87 77.88 85.01
C TRP L 103 -5.38 77.73 84.75
N GLN L 104 -6.24 78.40 85.52
CA GLN L 104 -7.69 78.44 85.28
C GLN L 104 -8.15 79.76 84.65
N ALA L 105 -7.55 80.90 85.00
CA ALA L 105 -7.93 82.19 84.42
C ALA L 105 -7.57 82.30 82.94
N ASN L 106 -6.43 81.71 82.55
CA ASN L 106 -6.20 81.24 81.18
C ASN L 106 -6.85 79.86 81.07
N ASN L 107 -7.53 79.51 79.97
CA ASN L 107 -8.10 78.16 79.82
C ASN L 107 -7.02 77.11 79.45
N LEU L 108 -5.91 77.05 80.19
CA LEU L 108 -4.82 76.13 79.88
C LEU L 108 -5.22 74.67 80.00
N ASP L 109 -6.17 74.30 80.86
CA ASP L 109 -6.63 72.91 80.87
C ASP L 109 -7.27 72.47 79.54
N ILE L 110 -7.75 73.41 78.71
CA ILE L 110 -8.07 73.16 77.30
C ILE L 110 -6.81 73.33 76.45
N GLU L 111 -6.25 74.53 76.43
CA GLU L 111 -5.26 74.94 75.44
C GLU L 111 -3.92 74.20 75.55
N ALA L 112 -3.51 73.76 76.75
CA ALA L 112 -2.36 72.89 76.90
C ALA L 112 -2.66 71.47 76.41
N THR L 113 -3.86 70.95 76.64
CA THR L 113 -4.27 69.63 76.14
C THR L 113 -4.25 69.59 74.62
N LEU L 114 -4.65 70.67 73.94
CA LEU L 114 -4.44 70.84 72.50
C LEU L 114 -2.96 70.92 72.17
N GLY L 115 -2.22 71.82 72.80
CA GLY L 115 -0.80 72.07 72.49
C GLY L 115 0.10 70.86 72.65
N HIS L 116 -0.18 69.94 73.56
CA HIS L 116 0.55 68.69 73.65
C HIS L 116 0.32 67.78 72.43
N THR L 117 -0.81 67.88 71.74
CA THR L 117 -1.03 67.12 70.52
C THR L 117 -0.09 67.61 69.41
N ASP L 118 0.05 68.92 69.21
CA ASP L 118 1.05 69.48 68.30
C ASP L 118 2.48 69.11 68.74
N ALA L 119 2.78 69.11 70.04
CA ALA L 119 4.09 68.71 70.52
C ALA L 119 4.42 67.25 70.18
N LEU L 120 3.43 66.35 70.19
CA LEU L 120 3.60 64.96 69.78
C LEU L 120 3.67 64.82 68.25
N ILE L 121 2.86 65.53 67.47
CA ILE L 121 2.89 65.44 66.00
C ILE L 121 4.20 65.99 65.44
N TYR L 122 4.54 67.25 65.73
CA TYR L 122 5.68 67.95 65.14
C TYR L 122 7.00 67.76 65.90
N GLY L 123 6.94 67.34 67.16
CA GLY L 123 8.08 67.18 68.04
C GLY L 123 8.34 68.38 68.97
N THR L 124 7.69 69.52 68.75
CA THR L 124 7.78 70.69 69.65
C THR L 124 6.55 71.60 69.56
N ALA L 125 6.21 72.31 70.63
CA ALA L 125 5.25 73.42 70.62
C ALA L 125 5.65 74.44 71.69
N TYR L 126 5.36 75.73 71.52
CA TYR L 126 5.98 76.79 72.33
C TYR L 126 4.98 77.46 73.26
N ILE L 127 5.29 77.53 74.55
CA ILE L 127 4.55 78.32 75.53
C ILE L 127 5.02 79.77 75.45
N THR L 128 4.09 80.71 75.33
CA THR L 128 4.30 82.16 75.30
C THR L 128 3.80 82.77 76.61
N ILE L 129 4.63 83.57 77.28
CA ILE L 129 4.25 84.30 78.50
C ILE L 129 4.20 85.81 78.22
N SER L 130 3.21 86.51 78.74
CA SER L 130 2.99 87.95 78.50
C SER L 130 2.09 88.57 79.58
N MET L 131 1.96 89.89 79.61
CA MET L 131 0.91 90.57 80.40
C MET L 131 -0.21 91.08 79.48
N PRO L 132 -1.48 91.00 79.89
CA PRO L 132 -2.60 91.48 79.09
C PRO L 132 -2.62 93.01 79.00
N ASP L 133 -3.23 93.59 77.97
CA ASP L 133 -3.54 95.03 77.93
C ASP L 133 -4.90 95.36 77.26
N PRO L 134 -5.69 96.29 77.84
CA PRO L 134 -7.10 96.48 77.49
C PRO L 134 -7.34 97.12 76.12
N GLU L 135 -6.29 97.56 75.43
CA GLU L 135 -6.35 97.97 74.02
C GLU L 135 -6.53 96.79 73.07
N VAL L 136 -6.21 95.56 73.49
CA VAL L 136 -6.08 94.38 72.61
C VAL L 136 -6.89 93.17 73.10
N ASP L 137 -7.16 93.02 74.39
CA ASP L 137 -7.87 91.87 74.96
C ASP L 137 -9.08 92.26 75.83
N PHE L 138 -10.08 91.36 75.92
CA PHE L 138 -11.37 91.64 76.57
C PHE L 138 -11.86 90.51 77.48
N ASP L 139 -11.85 89.26 77.03
CA ASP L 139 -12.35 88.12 77.81
C ASP L 139 -11.29 87.51 78.76
N VAL L 140 -10.52 88.35 79.45
CA VAL L 140 -9.43 87.95 80.35
C VAL L 140 -9.40 88.79 81.62
N ASP L 141 -8.93 88.20 82.73
CA ASP L 141 -8.75 88.88 84.01
C ASP L 141 -7.48 89.76 83.97
N PRO L 142 -7.54 91.10 84.11
CA PRO L 142 -6.37 91.95 83.94
C PRO L 142 -5.20 91.68 84.91
N GLU L 143 -5.45 91.08 86.07
CA GLU L 143 -4.42 90.82 87.08
C GLU L 143 -3.57 89.55 86.85
N VAL L 144 -3.99 88.59 86.01
CA VAL L 144 -3.21 87.36 85.77
C VAL L 144 -2.23 87.54 84.61
N PRO L 145 -1.11 86.80 84.56
CA PRO L 145 -0.26 86.77 83.39
C PRO L 145 -1.01 86.04 82.27
N LEU L 146 -0.88 86.56 81.05
CA LEU L 146 -1.49 86.02 79.85
C LEU L 146 -0.54 84.98 79.25
N ILE L 147 -0.84 83.71 79.50
CA ILE L 147 -0.04 82.55 79.05
C ILE L 147 -0.77 81.86 77.90
N ARG L 148 -0.08 81.56 76.80
CA ARG L 148 -0.65 80.91 75.61
C ARG L 148 0.29 79.82 75.09
N VAL L 149 -0.22 78.90 74.28
CA VAL L 149 0.59 77.84 73.66
C VAL L 149 0.44 77.93 72.16
N GLU L 150 1.53 77.84 71.41
CA GLU L 150 1.57 78.16 69.99
C GLU L 150 2.35 77.09 69.20
N PRO L 151 1.83 76.62 68.07
CA PRO L 151 2.43 75.50 67.34
C PRO L 151 3.66 75.93 66.53
N PRO L 152 4.52 75.01 66.10
CA PRO L 152 5.69 75.31 65.28
C PRO L 152 5.32 75.72 63.84
N THR L 153 4.05 75.61 63.47
CA THR L 153 3.46 76.20 62.27
C THR L 153 3.12 77.68 62.41
N ALA L 154 3.35 78.29 63.59
CA ALA L 154 3.08 79.70 63.84
C ALA L 154 4.18 80.42 64.65
N LEU L 155 4.99 79.72 65.44
CA LEU L 155 6.11 80.29 66.21
C LEU L 155 7.39 79.52 65.91
N TYR L 156 8.52 80.23 65.81
CA TYR L 156 9.84 79.65 65.68
C TYR L 156 10.83 80.30 66.64
N ALA L 157 11.70 79.50 67.25
CA ALA L 157 12.63 79.96 68.26
C ALA L 157 14.01 79.35 68.06
N GLU L 158 15.06 80.15 68.17
CA GLU L 158 16.44 79.68 68.04
C GLU L 158 17.01 79.37 69.42
N VAL L 159 17.50 78.15 69.63
CA VAL L 159 18.05 77.69 70.91
C VAL L 159 19.57 77.55 70.83
N ASP L 160 20.29 78.12 71.78
CA ASP L 160 21.74 78.01 71.87
C ASP L 160 22.14 76.58 72.26
N PRO L 161 22.90 75.84 71.45
CA PRO L 161 23.29 74.48 71.80
C PRO L 161 24.29 74.43 72.97
N ARG L 162 24.99 75.53 73.29
CA ARG L 162 26.01 75.58 74.35
C ARG L 162 25.37 75.57 75.75
N THR L 163 24.44 76.49 76.01
CA THR L 163 23.72 76.63 77.28
C THR L 163 22.35 75.93 77.30
N ARG L 164 21.85 75.47 76.15
CA ARG L 164 20.52 74.84 75.97
C ARG L 164 19.35 75.76 76.36
N LYS L 165 19.47 77.06 76.07
CA LYS L 165 18.48 78.11 76.38
C LYS L 165 18.09 78.90 75.12
N VAL L 166 16.83 79.33 75.00
CA VAL L 166 16.34 80.06 73.83
C VAL L 166 16.97 81.46 73.76
N LEU L 167 17.45 81.87 72.59
CA LEU L 167 18.06 83.18 72.35
C LEU L 167 17.02 84.25 72.01
N TYR L 168 16.21 83.99 70.98
CA TYR L 168 15.16 84.87 70.48
C TYR L 168 14.17 84.09 69.62
N ALA L 169 12.97 84.61 69.39
CA ALA L 169 11.91 83.90 68.71
C ALA L 169 10.97 84.81 67.94
N ILE L 170 10.44 84.33 66.81
CA ILE L 170 9.46 85.02 65.97
C ILE L 170 8.14 84.24 66.00
N ARG L 171 7.00 84.91 66.10
CA ARG L 171 5.70 84.33 65.71
C ARG L 171 5.14 85.10 64.55
N ALA L 172 4.65 84.41 63.53
CA ALA L 172 4.17 85.03 62.31
C ALA L 172 2.86 84.40 61.87
N ILE L 173 1.89 85.24 61.53
CA ILE L 173 0.50 84.85 61.37
C ILE L 173 0.07 85.13 59.94
N TYR L 174 -0.38 84.10 59.24
CA TYR L 174 -0.89 84.22 57.87
C TYR L 174 -2.33 84.74 57.86
N GLY L 175 -2.72 85.41 56.77
CA GLY L 175 -4.12 85.80 56.54
C GLY L 175 -5.02 84.58 56.33
N ALA L 176 -6.34 84.78 56.27
CA ALA L 176 -7.30 83.69 56.12
C ALA L 176 -7.12 82.88 54.81
N ASP L 177 -6.59 83.49 53.76
CA ASP L 177 -6.23 82.81 52.50
C ASP L 177 -4.91 81.99 52.60
N GLY L 178 -4.13 82.17 53.67
CA GLY L 178 -2.93 81.38 53.97
C GLY L 178 -1.69 81.67 53.11
N ASN L 179 -1.79 82.55 52.13
CA ASN L 179 -0.73 82.80 51.16
C ASN L 179 0.31 83.87 51.58
N GLU L 180 -0.01 84.75 52.55
CA GLU L 180 0.93 85.79 53.02
C GLU L 180 0.73 86.14 54.50
N ILE L 181 1.80 86.63 55.14
CA ILE L 181 1.82 87.04 56.55
C ILE L 181 1.06 88.35 56.73
N VAL L 182 0.14 88.43 57.71
CA VAL L 182 -0.59 89.65 58.07
C VAL L 182 -0.10 90.30 59.36
N SER L 183 0.70 89.61 60.19
CA SER L 183 1.48 90.25 61.25
C SER L 183 2.60 89.35 61.76
N ALA L 184 3.60 89.92 62.42
CA ALA L 184 4.67 89.18 63.07
C ALA L 184 5.11 89.84 64.37
N THR L 185 5.61 89.04 65.31
CA THR L 185 6.11 89.49 66.61
C THR L 185 7.45 88.86 66.90
N LEU L 186 8.43 89.64 67.34
CA LEU L 186 9.77 89.22 67.73
C LEU L 186 9.95 89.36 69.24
N TYR L 187 10.34 88.28 69.90
CA TYR L 187 10.70 88.26 71.31
C TYR L 187 12.22 88.28 71.45
N LEU L 188 12.76 89.28 72.14
CA LEU L 188 14.17 89.37 72.53
C LEU L 188 14.31 89.19 74.05
N PRO L 189 15.52 88.96 74.59
CA PRO L 189 15.71 88.73 76.01
C PRO L 189 15.09 89.76 76.95
N ASP L 190 15.02 91.04 76.56
CA ASP L 190 14.55 92.14 77.43
C ASP L 190 13.40 92.98 76.82
N THR L 191 12.88 92.63 75.63
CA THR L 191 11.82 93.39 74.95
C THR L 191 11.08 92.56 73.90
N THR L 192 9.91 93.04 73.47
CA THR L 192 9.11 92.44 72.39
C THR L 192 8.75 93.50 71.35
N MET L 193 8.76 93.16 70.07
CA MET L 193 8.34 94.03 68.95
C MET L 193 7.24 93.33 68.16
N THR L 194 6.25 94.08 67.66
CA THR L 194 5.20 93.57 66.77
C THR L 194 4.99 94.50 65.59
N TRP L 195 4.99 93.94 64.38
CA TRP L 195 4.68 94.67 63.15
C TRP L 195 3.42 94.10 62.52
N LEU L 196 2.39 94.94 62.33
CA LEU L 196 1.25 94.59 61.49
C LEU L 196 1.68 94.66 60.01
N ARG L 197 1.03 93.89 59.15
CA ARG L 197 1.32 93.84 57.70
C ARG L 197 0.07 93.52 56.87
N ALA L 198 -1.11 93.86 57.39
CA ALA L 198 -2.40 93.34 56.91
C ALA L 198 -2.74 93.73 55.46
N GLU L 199 -2.23 94.87 54.98
CA GLU L 199 -2.24 95.27 53.57
C GLU L 199 -1.01 96.14 53.26
N GLY L 200 -0.57 96.14 52.00
CA GLY L 200 0.66 96.83 51.59
C GLY L 200 1.92 96.12 52.09
N GLU L 201 2.60 96.72 53.07
CA GLU L 201 3.84 96.26 53.70
C GLU L 201 3.93 96.79 55.15
N TRP L 202 4.94 96.37 55.93
CA TRP L 202 5.02 96.54 57.38
C TRP L 202 4.66 97.93 57.92
N GLU L 203 3.76 97.97 58.89
CA GLU L 203 3.61 99.11 59.80
C GLU L 203 4.83 99.21 60.74
N ALA L 204 5.11 100.39 61.30
CA ALA L 204 6.19 100.56 62.27
C ALA L 204 5.96 99.72 63.55
N PRO L 205 7.01 99.21 64.21
CA PRO L 205 6.86 98.28 65.31
C PRO L 205 6.20 98.93 66.53
N THR L 206 5.10 98.33 67.00
CA THR L 206 4.69 98.46 68.41
C THR L 206 5.69 97.68 69.25
N SER L 207 6.04 98.14 70.46
CA SER L 207 7.01 97.42 71.31
C SER L 207 6.74 97.61 72.80
N THR L 208 7.09 96.60 73.59
CA THR L 208 7.04 96.64 75.06
C THR L 208 8.29 96.01 75.67
N PRO L 209 8.98 96.68 76.60
CA PRO L 209 10.04 96.06 77.40
C PRO L 209 9.44 95.11 78.44
N HIS L 210 10.25 94.22 79.01
CA HIS L 210 9.82 93.36 80.12
C HIS L 210 10.93 93.16 81.14
N GLY L 211 10.55 92.86 82.39
CA GLY L 211 11.48 92.76 83.51
C GLY L 211 12.38 91.52 83.51
N LEU L 212 11.98 90.47 82.78
CA LEU L 212 12.74 89.22 82.67
C LEU L 212 14.09 89.46 81.99
N GLU L 213 15.13 88.76 82.43
CA GLU L 213 16.47 88.80 81.84
C GLU L 213 16.66 87.78 80.71
N MET L 214 15.59 87.11 80.30
CA MET L 214 15.58 86.06 79.27
C MET L 214 14.24 86.01 78.54
N VAL L 215 14.25 85.50 77.31
CA VAL L 215 13.12 85.56 76.37
C VAL L 215 11.89 84.79 76.89
N PRO L 216 10.66 85.35 76.83
CA PRO L 216 9.46 84.77 77.44
C PRO L 216 8.80 83.68 76.58
N VAL L 217 9.59 82.80 75.99
CA VAL L 217 9.13 81.66 75.17
C VAL L 217 9.83 80.39 75.64
N ILE L 218 9.07 79.31 75.84
CA ILE L 218 9.60 78.01 76.29
C ILE L 218 9.11 76.89 75.37
N PRO L 219 9.97 76.02 74.83
CA PRO L 219 9.53 74.86 74.08
C PRO L 219 9.08 73.70 74.98
N ILE L 220 7.86 73.23 74.78
CA ILE L 220 7.43 71.87 75.12
C ILE L 220 7.99 70.97 74.01
N SER L 221 9.11 70.29 74.23
CA SER L 221 9.77 69.47 73.20
C SER L 221 9.70 67.99 73.53
N ASN L 222 9.33 67.18 72.54
CA ASN L 222 9.20 65.73 72.67
C ASN L 222 10.56 65.03 72.56
N ARG L 223 11.45 65.25 73.52
CA ARG L 223 12.78 64.62 73.57
C ARG L 223 12.65 63.13 73.93
N THR L 224 13.39 62.24 73.26
CA THR L 224 13.40 60.81 73.64
C THR L 224 14.68 60.38 74.37
N ARG L 225 15.79 61.13 74.20
CA ARG L 225 17.09 60.96 74.87
C ARG L 225 17.92 62.25 74.75
N LEU L 226 19.01 62.43 75.50
CA LEU L 226 19.80 63.68 75.48
C LEU L 226 20.31 64.03 74.08
N SER L 227 20.62 63.04 73.23
CA SER L 227 21.07 63.33 71.86
C SER L 227 20.00 63.93 70.94
N ASP L 228 18.73 64.04 71.34
CA ASP L 228 17.78 64.99 70.74
C ASP L 228 17.92 66.38 71.38
N LEU L 229 18.46 67.35 70.65
CA LEU L 229 18.52 68.74 71.11
C LEU L 229 17.17 69.47 71.00
N TYR L 230 16.36 69.10 70.01
CA TYR L 230 15.18 69.89 69.59
C TYR L 230 13.83 69.18 69.79
N GLY L 231 13.85 67.91 70.19
CA GLY L 231 12.67 67.04 70.19
C GLY L 231 12.28 66.56 68.80
N THR L 232 11.55 65.45 68.72
CA THR L 232 11.23 64.77 67.46
C THR L 232 9.79 64.24 67.43
N SER L 233 9.22 64.08 66.24
CA SER L 233 7.84 63.63 66.09
C SER L 233 7.60 62.27 66.76
N GLU L 234 6.45 62.11 67.41
CA GLU L 234 6.07 60.86 68.03
C GLU L 234 5.68 59.79 67.00
N ILE L 235 5.27 60.20 65.80
CA ILE L 235 4.99 59.32 64.67
C ILE L 235 6.33 58.82 64.09
N SER L 236 6.95 57.87 64.79
CA SER L 236 8.25 57.29 64.49
C SER L 236 8.31 56.60 63.12
N PRO L 237 9.47 56.48 62.48
CA PRO L 237 9.57 55.95 61.12
C PRO L 237 9.13 54.49 60.99
N GLU L 238 9.19 53.68 62.05
CA GLU L 238 8.59 52.35 62.04
C GLU L 238 7.07 52.43 61.88
N LEU L 239 6.42 53.33 62.62
CA LEU L 239 4.98 53.53 62.55
C LEU L 239 4.54 54.17 61.22
N ARG L 240 5.39 54.99 60.61
CA ARG L 240 5.16 55.46 59.22
C ARG L 240 5.24 54.31 58.23
N SER L 241 6.26 53.47 58.34
CA SER L 241 6.47 52.34 57.42
C SER L 241 5.32 51.36 57.45
N VAL L 242 4.84 50.97 58.63
CA VAL L 242 3.72 50.04 58.75
C VAL L 242 2.40 50.68 58.29
N THR L 243 2.24 52.00 58.43
CA THR L 243 1.08 52.72 57.92
C THR L 243 1.03 52.71 56.40
N ASP L 244 2.14 53.04 55.73
CA ASP L 244 2.19 53.04 54.27
C ASP L 244 2.12 51.62 53.70
N ALA L 245 2.74 50.62 54.34
CA ALA L 245 2.60 49.23 53.92
C ALA L 245 1.14 48.76 54.00
N ALA L 246 0.43 49.05 55.09
CA ALA L 246 -0.98 48.70 55.19
C ALA L 246 -1.83 49.43 54.15
N ALA L 247 -1.55 50.71 53.87
CA ALA L 247 -2.28 51.47 52.87
C ALA L 247 -2.12 50.89 51.46
N GLN L 248 -0.92 50.43 51.09
CA GLN L 248 -0.73 49.75 49.81
C GLN L 248 -1.57 48.49 49.70
N ILE L 249 -1.58 47.65 50.73
CA ILE L 249 -2.30 46.38 50.70
C ILE L 249 -3.82 46.60 50.70
N LEU L 250 -4.34 47.63 51.39
CA LEU L 250 -5.75 47.98 51.29
C LEU L 250 -6.12 48.41 49.87
N MET L 251 -5.32 49.23 49.19
CA MET L 251 -5.60 49.56 47.79
C MET L 251 -5.57 48.34 46.87
N ASN L 252 -4.58 47.45 46.99
CA ASN L 252 -4.55 46.25 46.16
C ASN L 252 -5.76 45.33 46.42
N MET L 253 -6.14 45.13 47.69
CA MET L 253 -7.33 44.35 48.03
C MET L 253 -8.58 44.99 47.44
N GLN L 254 -8.68 46.32 47.48
CA GLN L 254 -9.81 47.05 46.93
C GLN L 254 -9.89 46.92 45.40
N GLY L 255 -8.78 47.08 44.70
CA GLY L 255 -8.73 46.88 43.26
C GLY L 255 -9.09 45.44 42.88
N THR L 256 -8.66 44.47 43.67
CA THR L 256 -8.95 43.05 43.39
C THR L 256 -10.44 42.77 43.51
N ALA L 257 -11.14 43.37 44.48
CA ALA L 257 -12.59 43.24 44.57
C ALA L 257 -13.30 43.84 43.35
N ASN L 258 -12.81 44.96 42.81
CA ASN L 258 -13.41 45.61 41.64
C ASN L 258 -13.10 44.92 40.30
N LEU L 259 -12.05 44.11 40.20
CA LEU L 259 -11.62 43.53 38.94
C LEU L 259 -11.73 42.00 38.86
N MET L 260 -11.61 41.28 39.98
CA MET L 260 -11.11 39.90 39.92
C MET L 260 -11.55 38.98 41.08
N ALA L 261 -12.36 39.44 42.02
CA ALA L 261 -12.90 38.60 43.09
C ALA L 261 -13.99 37.61 42.62
N ILE L 262 -14.28 37.60 41.31
CA ILE L 262 -15.23 36.71 40.62
C ILE L 262 -14.51 36.00 39.47
N PRO L 263 -14.88 34.77 39.10
CA PRO L 263 -14.33 34.12 37.93
C PRO L 263 -14.53 34.94 36.65
N GLN L 264 -13.68 34.75 35.65
CA GLN L 264 -13.95 35.21 34.28
C GLN L 264 -14.29 34.00 33.42
N ARG L 265 -15.40 34.05 32.70
CA ARG L 265 -15.96 32.95 31.90
C ARG L 265 -15.56 33.08 30.44
N LEU L 266 -15.10 32.00 29.82
CA LEU L 266 -14.57 31.95 28.47
C LEU L 266 -15.20 30.81 27.67
N ILE L 267 -15.40 30.97 26.37
CA ILE L 267 -15.75 29.89 25.45
C ILE L 267 -14.76 29.87 24.30
N PHE L 268 -14.14 28.73 24.03
CA PHE L 268 -13.21 28.54 22.93
C PHE L 268 -13.81 27.65 21.84
N GLY L 269 -13.76 28.10 20.59
CA GLY L 269 -14.11 27.31 19.41
C GLY L 269 -15.31 27.87 18.64
N ALA L 270 -16.29 28.43 19.34
CA ALA L 270 -17.47 29.04 18.75
C ALA L 270 -17.10 30.29 17.93
N LYS L 271 -17.54 30.38 16.67
CA LYS L 271 -17.28 31.53 15.81
C LYS L 271 -18.26 32.67 16.11
N PRO L 272 -17.79 33.91 16.36
CA PRO L 272 -18.66 35.05 16.63
C PRO L 272 -19.82 35.25 15.64
N GLU L 273 -19.65 34.95 14.35
CA GLU L 273 -20.70 35.14 13.34
C GLU L 273 -21.71 33.98 13.25
N GLU L 274 -21.50 32.85 13.93
CA GLU L 274 -22.53 31.80 14.10
C GLU L 274 -23.17 31.84 15.49
N LEU L 275 -22.46 32.34 16.51
CA LEU L 275 -23.13 32.99 17.64
C LEU L 275 -23.92 34.23 17.17
N GLY L 276 -24.74 34.80 18.04
CA GLY L 276 -25.54 35.98 17.69
C GLY L 276 -24.78 37.33 17.70
N ILE L 277 -23.45 37.34 17.72
CA ILE L 277 -22.65 38.54 18.01
C ILE L 277 -22.92 39.63 16.97
N ASN L 278 -23.39 40.80 17.40
CA ASN L 278 -23.59 41.92 16.51
C ASN L 278 -22.24 42.51 16.06
N ALA L 279 -21.93 42.45 14.76
CA ALA L 279 -20.62 42.82 14.25
C ALA L 279 -20.24 44.31 14.46
N GLU L 280 -21.20 45.21 14.61
CA GLU L 280 -20.93 46.63 14.87
C GLU L 280 -20.50 46.91 16.32
N THR L 281 -20.82 46.04 17.28
CA THR L 281 -20.62 46.28 18.72
C THR L 281 -19.89 45.17 19.47
N GLY L 282 -19.73 43.99 18.87
CA GLY L 282 -18.99 42.86 19.46
C GLY L 282 -19.71 42.12 20.57
N GLN L 283 -21.01 42.37 20.79
CA GLN L 283 -21.80 41.80 21.88
C GLN L 283 -23.00 41.01 21.37
N ARG L 284 -23.44 39.99 22.11
CA ARG L 284 -24.81 39.45 22.04
C ARG L 284 -25.45 39.52 23.41
N MET L 285 -26.58 40.21 23.56
CA MET L 285 -27.39 40.13 24.77
C MET L 285 -28.05 38.76 24.87
N PHE L 286 -28.17 38.16 26.05
CA PHE L 286 -28.99 36.96 26.25
C PHE L 286 -29.74 36.98 27.58
N ASP L 287 -30.94 36.42 27.62
CA ASP L 287 -31.78 36.43 28.82
C ASP L 287 -31.20 35.49 29.88
N ALA L 288 -30.70 36.07 30.97
CA ALA L 288 -29.86 35.39 31.95
C ALA L 288 -30.57 35.09 33.28
N TYR L 289 -31.89 34.89 33.27
CA TYR L 289 -32.61 34.41 34.43
C TYR L 289 -32.12 33.03 34.86
N MET L 290 -32.44 32.67 36.09
CA MET L 290 -32.04 31.45 36.78
C MET L 290 -32.40 30.17 36.01
N ALA L 291 -31.56 29.14 36.13
CA ALA L 291 -31.77 27.77 35.64
C ALA L 291 -31.85 27.53 34.13
N ARG L 292 -31.86 28.57 33.29
CA ARG L 292 -31.82 28.44 31.81
C ARG L 292 -30.56 27.71 31.36
N ILE L 293 -30.63 26.93 30.28
CA ILE L 293 -29.50 26.17 29.73
C ILE L 293 -29.14 26.71 28.35
N LEU L 294 -27.89 27.08 28.12
CA LEU L 294 -27.42 27.56 26.82
C LEU L 294 -27.00 26.39 25.92
N ALA L 295 -27.74 26.09 24.86
CA ALA L 295 -27.38 25.04 23.91
C ALA L 295 -26.62 25.62 22.71
N PHE L 296 -25.41 25.14 22.45
CA PHE L 296 -24.50 25.60 21.42
C PHE L 296 -24.17 24.53 20.37
N GLU L 297 -23.95 24.98 19.14
CA GLU L 297 -23.20 24.24 18.12
C GLU L 297 -21.82 23.80 18.64
N GLY L 298 -21.43 22.55 18.39
CA GLY L 298 -20.17 21.96 18.87
C GLY L 298 -18.93 22.32 18.03
N GLY L 299 -18.88 23.55 17.51
CA GLY L 299 -18.01 23.96 16.39
C GLY L 299 -16.53 23.57 16.56
N GLU L 300 -16.10 22.58 15.79
CA GLU L 300 -14.73 22.02 15.81
C GLU L 300 -14.26 21.54 17.20
N GLY L 301 -15.18 21.06 18.05
CA GLY L 301 -14.86 20.63 19.41
C GLY L 301 -14.77 21.78 20.41
N ALA L 302 -15.62 22.80 20.27
CA ALA L 302 -15.71 23.94 21.19
C ALA L 302 -15.96 23.50 22.64
N HIS L 303 -15.48 24.28 23.60
CA HIS L 303 -15.70 24.05 25.04
C HIS L 303 -15.57 25.33 25.86
N ALA L 304 -16.12 25.31 27.07
CA ALA L 304 -16.15 26.42 28.01
C ALA L 304 -15.11 26.23 29.13
N GLU L 305 -14.46 27.31 29.56
CA GLU L 305 -13.52 27.27 30.68
C GLU L 305 -13.37 28.64 31.35
N GLN L 306 -12.74 28.70 32.52
CA GLN L 306 -12.71 29.88 33.38
C GLN L 306 -11.30 30.26 33.79
N PHE L 307 -11.04 31.56 33.92
CA PHE L 307 -10.03 32.00 34.87
C PHE L 307 -10.64 32.04 36.26
N SER L 308 -9.97 31.48 37.26
CA SER L 308 -10.46 31.49 38.65
C SER L 308 -10.41 32.89 39.28
N ALA L 309 -11.19 33.08 40.33
CA ALA L 309 -11.19 34.30 41.12
C ALA L 309 -9.91 34.43 41.95
N ALA L 310 -9.45 35.65 42.19
CA ALA L 310 -8.47 35.88 43.25
C ALA L 310 -9.17 35.83 44.62
N GLU L 311 -8.64 35.07 45.57
CA GLU L 311 -9.21 35.01 46.91
C GLU L 311 -8.75 36.21 47.74
N LEU L 312 -9.66 37.06 48.19
CA LEU L 312 -9.32 38.30 48.89
C LEU L 312 -8.64 38.02 50.23
N ARG L 313 -8.89 36.86 50.85
CA ARG L 313 -8.21 36.45 52.07
C ARG L 313 -6.69 36.36 51.94
N ASN L 314 -6.15 36.18 50.73
CA ASN L 314 -4.70 36.21 50.53
C ASN L 314 -4.10 37.59 50.81
N PHE L 315 -4.88 38.68 50.78
CA PHE L 315 -4.46 39.99 51.28
C PHE L 315 -4.83 40.16 52.74
N VAL L 316 -6.02 39.72 53.15
CA VAL L 316 -6.49 39.92 54.53
C VAL L 316 -5.58 39.23 55.54
N ASP L 317 -5.06 38.03 55.26
CA ASP L 317 -4.15 37.37 56.19
C ASP L 317 -2.73 37.97 56.18
N ALA L 318 -2.43 38.93 55.30
CA ALA L 318 -1.30 39.86 55.45
C ALA L 318 -1.70 41.15 56.18
N LEU L 319 -2.89 41.72 55.94
CA LEU L 319 -3.36 42.89 56.69
C LEU L 319 -3.42 42.64 58.19
N ASP L 320 -3.75 41.43 58.63
CA ASP L 320 -3.63 41.04 60.03
C ASP L 320 -2.19 41.11 60.54
N ALA L 321 -1.19 40.72 59.75
CA ALA L 321 0.21 40.79 60.14
C ALA L 321 0.69 42.25 60.28
N LEU L 322 0.29 43.15 59.39
CA LEU L 322 0.62 44.57 59.55
C LEU L 322 -0.08 45.17 60.78
N ASP L 323 -1.34 44.84 61.09
CA ASP L 323 -1.97 45.29 62.34
C ASP L 323 -1.21 44.79 63.58
N ARG L 324 -0.73 43.54 63.54
CA ARG L 324 0.03 42.93 64.64
C ARG L 324 1.40 43.57 64.83
N LYS L 325 2.07 43.97 63.75
CA LYS L 325 3.30 44.78 63.84
C LYS L 325 3.01 46.19 64.33
N ALA L 326 2.02 46.88 63.78
CA ALA L 326 1.68 48.24 64.19
C ALA L 326 1.28 48.31 65.67
N ALA L 327 0.61 47.29 66.22
CA ALA L 327 0.35 47.21 67.66
C ALA L 327 1.65 47.05 68.46
N SER L 328 2.57 46.17 68.04
CA SER L 328 3.85 45.97 68.72
C SER L 328 4.75 47.21 68.70
N TYR L 329 4.83 47.95 67.59
CA TYR L 329 5.62 49.18 67.52
C TYR L 329 5.02 50.29 68.39
N SER L 330 3.70 50.39 68.49
CA SER L 330 3.02 51.48 69.20
C SER L 330 2.92 51.24 70.71
N GLY L 331 2.72 50.00 71.15
CA GLY L 331 2.50 49.67 72.55
C GLY L 331 1.09 49.98 73.08
N LEU L 332 0.15 50.24 72.17
CA LEU L 332 -1.26 50.33 72.51
C LEU L 332 -1.78 48.99 73.05
N PRO L 333 -2.84 48.94 73.87
CA PRO L 333 -3.55 47.70 74.14
C PRO L 333 -3.93 46.98 72.84
N PRO L 334 -3.95 45.64 72.80
CA PRO L 334 -4.17 44.91 71.56
C PRO L 334 -5.54 45.20 70.93
N GLN L 335 -6.56 45.56 71.72
CA GLN L 335 -7.91 45.88 71.22
C GLN L 335 -7.93 47.06 70.25
N TYR L 336 -6.99 48.00 70.34
CA TYR L 336 -7.04 49.23 69.55
C TYR L 336 -6.83 48.98 68.06
N LEU L 337 -5.92 48.05 67.72
CA LEU L 337 -5.55 47.73 66.34
C LEU L 337 -6.03 46.33 65.94
N SER L 338 -5.58 45.29 66.64
CA SER L 338 -5.91 43.88 66.38
C SER L 338 -7.32 43.55 66.90
N SER L 339 -8.34 44.19 66.31
CA SER L 339 -9.63 44.45 66.96
C SER L 339 -10.46 43.19 67.30
N SER L 340 -10.20 42.05 66.64
CA SER L 340 -10.81 40.76 66.97
C SER L 340 -10.19 40.05 68.20
N SER L 341 -9.07 40.55 68.75
CA SER L 341 -8.42 39.99 69.94
C SER L 341 -9.29 40.12 71.20
N ASP L 342 -9.15 39.21 72.16
CA ASP L 342 -10.07 39.07 73.29
C ASP L 342 -9.98 40.23 74.31
N ASN L 343 -11.12 40.59 74.89
CA ASN L 343 -11.23 41.63 75.90
C ASN L 343 -10.62 41.19 77.25
N PRO L 344 -9.96 42.08 78.00
CA PRO L 344 -9.48 41.78 79.34
C PRO L 344 -10.66 41.66 80.32
N ALA L 345 -10.76 40.55 81.03
CA ALA L 345 -11.94 40.20 81.84
C ALA L 345 -12.01 40.87 83.23
N SER L 346 -10.87 41.33 83.76
CA SER L 346 -10.69 41.69 85.18
C SER L 346 -9.79 42.92 85.33
N ALA L 347 -9.84 43.59 86.48
CA ALA L 347 -9.02 44.78 86.76
C ALA L 347 -7.51 44.54 86.55
N GLU L 348 -6.97 43.42 87.00
CA GLU L 348 -5.56 43.08 86.77
C GLU L 348 -5.26 42.88 85.28
N ALA L 349 -6.12 42.19 84.53
CA ALA L 349 -5.93 42.02 83.09
C ALA L 349 -5.94 43.36 82.34
N ILE L 350 -6.72 44.34 82.80
CA ILE L 350 -6.66 45.71 82.27
C ILE L 350 -5.31 46.34 82.58
N LYS L 351 -4.82 46.30 83.82
CA LYS L 351 -3.50 46.86 84.16
C LYS L 351 -2.38 46.19 83.37
N ALA L 352 -2.48 44.90 83.07
CA ALA L 352 -1.52 44.20 82.22
C ALA L 352 -1.54 44.73 80.79
N ALA L 353 -2.71 44.81 80.16
CA ALA L 353 -2.85 45.26 78.78
C ALA L 353 -2.46 46.74 78.60
N GLU L 354 -2.82 47.60 79.55
CA GLU L 354 -2.46 49.02 79.51
C GLU L 354 -0.98 49.30 79.83
N SER L 355 -0.24 48.35 80.42
CA SER L 355 1.04 48.64 81.09
C SER L 355 2.01 49.46 80.26
N ARG L 356 2.20 49.14 78.97
CA ARG L 356 3.17 49.86 78.13
C ARG L 356 2.66 51.21 77.63
N LEU L 357 1.36 51.37 77.39
CA LEU L 357 0.78 52.68 77.10
C LEU L 357 0.83 53.59 78.33
N VAL L 358 0.53 53.08 79.53
CA VAL L 358 0.61 53.84 80.77
C VAL L 358 2.02 54.34 81.01
N LYS L 359 3.06 53.51 80.87
CA LYS L 359 4.44 53.97 81.07
C LYS L 359 4.90 54.94 79.98
N LYS L 360 4.41 54.84 78.74
CA LYS L 360 4.65 55.86 77.72
C LYS L 360 4.06 57.21 78.14
N VAL L 361 2.81 57.23 78.60
CA VAL L 361 2.16 58.47 79.07
C VAL L 361 2.81 59.01 80.35
N GLU L 362 3.18 58.18 81.33
CA GLU L 362 3.92 58.67 82.50
C GLU L 362 5.24 59.31 82.11
N ARG L 363 5.98 58.75 81.13
CA ARG L 363 7.20 59.35 80.60
C ARG L 363 6.94 60.69 79.91
N LYS L 364 5.84 60.86 79.16
CA LYS L 364 5.46 62.18 78.61
C LYS L 364 5.04 63.17 79.69
N ASN L 365 4.26 62.75 80.68
CA ASN L 365 3.88 63.62 81.81
C ASN L 365 5.12 64.14 82.53
N LYS L 366 6.14 63.29 82.71
CA LYS L 366 7.42 63.72 83.27
C LYS L 366 8.03 64.83 82.43
N ILE L 367 8.27 64.57 81.14
CA ILE L 367 8.97 65.51 80.24
C ILE L 367 8.20 66.81 80.04
N PHE L 368 6.91 66.79 79.72
CA PHE L 368 6.14 68.03 79.50
C PHE L 368 5.94 68.81 80.80
N GLY L 369 6.03 68.19 81.97
CA GLY L 369 6.04 68.89 83.25
C GLY L 369 7.23 69.85 83.39
N GLY L 370 8.38 69.53 82.83
CA GLY L 370 9.56 70.39 82.87
C GLY L 370 9.33 71.74 82.18
N ALA L 371 8.66 71.76 81.04
CA ALA L 371 8.32 72.99 80.34
C ALA L 371 7.29 73.83 81.11
N TRP L 372 6.31 73.19 81.76
CA TRP L 372 5.32 73.92 82.55
C TRP L 372 5.87 74.48 83.85
N GLU L 373 6.81 73.82 84.51
CA GLU L 373 7.53 74.44 85.62
C GLU L 373 8.20 75.74 85.19
N GLN L 374 8.97 75.71 84.10
CA GLN L 374 9.67 76.90 83.62
C GLN L 374 8.69 78.02 83.25
N ALA L 375 7.56 77.70 82.61
CA ALA L 375 6.59 78.70 82.23
C ALA L 375 5.96 79.37 83.45
N MET L 376 5.71 78.63 84.52
CA MET L 376 5.20 79.22 85.74
C MET L 376 6.26 80.03 86.49
N ARG L 377 7.55 79.69 86.41
CA ARG L 377 8.60 80.57 86.95
C ARG L 377 8.74 81.87 86.17
N LEU L 378 8.71 81.84 84.83
CA LEU L 378 8.71 83.08 84.05
C LEU L 378 7.44 83.90 84.28
N ALA L 379 6.27 83.28 84.36
CA ALA L 379 5.04 84.00 84.69
C ALA L 379 5.12 84.65 86.07
N TYR L 380 5.65 83.98 87.09
CA TYR L 380 5.84 84.59 88.40
C TYR L 380 6.77 85.81 88.35
N LYS L 381 7.93 85.69 87.69
CA LYS L 381 8.88 86.81 87.50
C LYS L 381 8.25 87.98 86.73
N MET L 382 7.27 87.72 85.88
CA MET L 382 6.59 88.79 85.14
C MET L 382 5.56 89.54 86.00
N VAL L 383 4.83 88.85 86.88
CA VAL L 383 3.79 89.47 87.73
C VAL L 383 4.38 90.09 88.99
N LYS L 384 5.29 89.38 89.68
CA LYS L 384 6.00 89.85 90.89
C LYS L 384 7.41 90.26 90.51
N GLY L 385 7.81 91.48 90.87
CA GLY L 385 9.16 91.99 90.58
C GLY L 385 10.28 91.25 91.31
N GLY L 386 11.53 91.56 90.96
CA GLY L 386 12.71 90.90 91.53
C GLY L 386 12.92 89.49 90.99
N ASP L 387 13.23 88.53 91.87
CA ASP L 387 13.56 87.15 91.53
C ASP L 387 12.81 86.13 92.40
N ILE L 388 12.75 84.88 91.93
CA ILE L 388 11.85 83.85 92.47
C ILE L 388 12.27 83.43 93.89
N PRO L 389 11.35 83.23 94.84
CA PRO L 389 11.64 82.49 96.07
C PRO L 389 12.24 81.12 95.72
N THR L 390 13.37 80.74 96.34
CA THR L 390 14.15 79.60 95.83
C THR L 390 13.44 78.23 95.94
N GLU L 391 12.37 78.15 96.73
CA GLU L 391 11.48 76.99 96.78
C GLU L 391 10.91 76.63 95.39
N TYR L 392 10.69 77.61 94.50
CA TYR L 392 10.14 77.35 93.18
C TYR L 392 11.09 76.56 92.25
N TYR L 393 12.37 76.44 92.57
CA TYR L 393 13.27 75.53 91.85
C TYR L 393 13.03 74.05 92.20
N ARG L 394 12.31 73.76 93.29
CA ARG L 394 11.86 72.42 93.66
C ARG L 394 10.38 72.18 93.33
N MET L 395 9.80 73.02 92.48
CA MET L 395 8.42 72.88 92.04
C MET L 395 8.21 71.58 91.25
N GLU L 396 7.03 70.98 91.34
CA GLU L 396 6.63 69.81 90.58
C GLU L 396 5.25 70.02 89.96
N THR L 397 5.03 69.54 88.76
CA THR L 397 3.68 69.28 88.22
C THR L 397 3.13 67.97 88.76
N VAL L 398 1.85 67.92 89.12
CA VAL L 398 1.14 66.70 89.54
C VAL L 398 0.07 66.36 88.52
N TRP L 399 0.05 65.13 88.01
CA TRP L 399 -0.78 64.70 86.88
C TRP L 399 -1.72 63.56 87.24
N ARG L 400 -2.87 63.48 86.58
CA ARG L 400 -3.80 62.35 86.68
C ARG L 400 -3.09 61.05 86.31
N ASP L 401 -3.36 59.95 87.00
CA ASP L 401 -2.82 58.64 86.65
C ASP L 401 -3.35 58.20 85.27
N PRO L 402 -2.50 57.86 84.29
CA PRO L 402 -2.94 57.52 82.93
C PRO L 402 -3.83 56.28 82.80
N SER L 403 -3.90 55.41 83.80
CA SER L 403 -4.59 54.11 83.71
C SER L 403 -6.13 54.22 83.74
N THR L 404 -6.83 53.18 83.29
CA THR L 404 -8.29 53.08 83.40
C THR L 404 -8.72 53.07 84.88
N PRO L 405 -9.71 53.86 85.33
CA PRO L 405 -9.92 54.16 86.74
C PRO L 405 -10.10 52.98 87.70
N THR L 406 -10.80 51.91 87.29
CA THR L 406 -11.07 50.70 88.11
C THR L 406 -11.54 51.00 89.55
N TYR L 407 -12.44 51.97 89.68
CA TYR L 407 -12.83 52.58 90.96
C TYR L 407 -13.18 51.59 92.07
N ALA L 408 -13.99 50.57 91.79
CA ALA L 408 -14.43 49.63 92.81
C ALA L 408 -13.28 48.82 93.44
N ALA L 409 -12.26 48.46 92.65
CA ALA L 409 -11.07 47.78 93.14
C ALA L 409 -10.10 48.72 93.90
N LYS L 410 -10.19 50.03 93.70
CA LYS L 410 -9.51 51.01 94.57
C LYS L 410 -10.26 51.15 95.89
N ALA L 411 -11.59 51.22 95.84
CA ALA L 411 -12.42 51.44 97.02
C ALA L 411 -12.32 50.33 98.06
N ASP L 412 -12.49 49.07 97.67
CA ASP L 412 -12.39 47.96 98.64
C ASP L 412 -10.96 47.68 99.11
N ALA L 413 -9.96 48.31 98.50
CA ALA L 413 -8.57 48.30 98.94
C ALA L 413 -8.26 49.44 99.92
N ALA L 414 -8.62 50.68 99.59
CA ALA L 414 -8.41 51.82 100.45
C ALA L 414 -9.22 51.72 101.75
N ALA L 415 -10.43 51.19 101.70
CA ALA L 415 -11.23 50.93 102.90
C ALA L 415 -10.58 49.91 103.85
N LYS L 416 -9.93 48.85 103.34
CA LYS L 416 -9.19 47.88 104.17
C LYS L 416 -7.98 48.50 104.84
N LEU L 417 -7.24 49.36 104.13
CA LEU L 417 -6.05 50.02 104.66
C LEU L 417 -6.40 51.05 105.73
N PHE L 418 -7.48 51.83 105.57
CA PHE L 418 -7.87 52.84 106.54
C PHE L 418 -8.58 52.27 107.77
N ALA L 419 -9.40 51.24 107.61
CA ALA L 419 -10.10 50.53 108.70
C ALA L 419 -10.76 51.46 109.74
N ASN L 420 -11.58 52.40 109.28
CA ASN L 420 -12.31 53.36 110.11
C ASN L 420 -11.41 54.20 111.06
N GLY L 421 -10.17 54.46 110.64
CA GLY L 421 -9.19 55.26 111.39
C GLY L 421 -8.29 54.45 112.31
N ALA L 422 -8.59 53.18 112.57
CA ALA L 422 -7.71 52.29 113.33
C ALA L 422 -6.59 51.68 112.47
N GLY L 423 -6.69 51.79 111.15
CA GLY L 423 -5.84 51.07 110.20
C GLY L 423 -4.48 51.67 109.95
N LEU L 424 -3.86 51.24 108.86
CA LEU L 424 -2.50 51.56 108.50
C LEU L 424 -2.34 53.05 108.15
N ILE L 425 -2.99 53.52 107.08
CA ILE L 425 -2.79 54.85 106.48
C ILE L 425 -3.59 55.97 107.14
N PRO L 426 -3.12 57.23 107.09
CA PRO L 426 -3.93 58.39 107.45
C PRO L 426 -4.98 58.68 106.37
N ARG L 427 -6.05 59.40 106.71
CA ARG L 427 -7.18 59.64 105.79
C ARG L 427 -6.76 60.29 104.48
N GLU L 428 -5.91 61.30 104.51
CA GLU L 428 -5.44 62.00 103.31
C GLU L 428 -4.69 61.09 102.33
N ARG L 429 -3.94 60.10 102.81
CA ARG L 429 -3.29 59.12 101.93
C ARG L 429 -4.34 58.30 101.19
N GLY L 430 -5.40 57.89 101.87
CA GLY L 430 -6.50 57.17 101.25
C GLY L 430 -7.21 58.02 100.20
N TRP L 431 -7.38 59.31 100.42
CA TRP L 431 -7.96 60.20 99.42
C TRP L 431 -7.12 60.31 98.16
N VAL L 432 -5.79 60.44 98.26
CA VAL L 432 -4.95 60.50 97.05
C VAL L 432 -4.79 59.12 96.39
N ASP L 433 -4.82 58.02 97.12
CA ASP L 433 -4.84 56.68 96.53
C ASP L 433 -6.13 56.37 95.78
N MET L 434 -7.28 56.88 96.23
CA MET L 434 -8.53 56.86 95.46
C MET L 434 -8.50 57.72 94.20
N GLY L 435 -7.45 58.54 94.02
CA GLY L 435 -7.29 59.38 92.83
C GLY L 435 -8.02 60.72 92.89
N TYR L 436 -8.52 61.14 94.05
CA TYR L 436 -9.12 62.46 94.18
C TYR L 436 -8.06 63.55 94.02
N THR L 437 -8.28 64.51 93.11
CA THR L 437 -7.30 65.52 92.72
C THR L 437 -7.07 66.57 93.82
N ILE L 438 -6.00 67.37 93.70
CA ILE L 438 -5.63 68.40 94.70
C ILE L 438 -6.81 69.34 95.03
N VAL L 439 -7.57 69.75 94.02
CA VAL L 439 -8.77 70.60 94.19
C VAL L 439 -9.89 69.86 94.92
N GLU L 440 -10.15 68.60 94.57
CA GLU L 440 -11.20 67.82 95.22
C GLU L 440 -10.85 67.44 96.66
N ARG L 441 -9.58 67.23 96.98
CA ARG L 441 -9.16 66.95 98.35
C ARG L 441 -9.36 68.16 99.24
N GLU L 442 -9.06 69.37 98.81
CA GLU L 442 -9.43 70.57 99.59
C GLU L 442 -10.94 70.68 99.77
N GLN L 443 -11.73 70.39 98.74
CA GLN L 443 -13.19 70.45 98.88
C GLN L 443 -13.72 69.42 99.89
N MET L 444 -13.21 68.19 99.88
CA MET L 444 -13.54 67.20 100.91
C MET L 444 -13.06 67.61 102.28
N ARG L 445 -11.92 68.29 102.40
CA ARG L 445 -11.41 68.80 103.67
C ARG L 445 -12.42 69.73 104.35
N GLN L 446 -13.19 70.47 103.55
CA GLN L 446 -14.28 71.33 104.02
C GLN L 446 -15.56 70.54 104.31
N TRP L 447 -15.99 69.62 103.44
CA TRP L 447 -17.17 68.77 103.72
C TRP L 447 -16.99 67.88 104.94
N LEU L 448 -15.80 67.35 105.17
CA LEU L 448 -15.49 66.57 106.36
C LEU L 448 -15.65 67.41 107.63
N GLU L 449 -15.19 68.66 107.61
CA GLU L 449 -15.37 69.57 108.74
C GLU L 449 -16.85 69.96 108.95
N GLN L 450 -17.69 69.98 107.92
CA GLN L 450 -19.15 70.07 108.10
C GLN L 450 -19.71 68.81 108.74
N ASP L 451 -19.41 67.62 108.21
CA ASP L 451 -19.94 66.34 108.72
C ASP L 451 -19.56 66.12 110.20
N GLN L 452 -18.34 66.48 110.60
CA GLN L 452 -17.88 66.40 111.98
C GLN L 452 -18.70 67.28 112.96
N LYS L 453 -19.49 68.26 112.50
CA LYS L 453 -20.42 69.00 113.37
C LYS L 453 -21.72 68.24 113.63
N GLN L 454 -22.12 67.35 112.73
CA GLN L 454 -23.34 66.54 112.86
C GLN L 454 -23.10 65.21 113.58
N GLY L 455 -21.90 64.62 113.43
CA GLY L 455 -21.46 63.38 114.10
C GLY L 455 -21.74 62.12 113.28
N ALA M 2 31.60 43.20 -7.12
CA ALA M 2 31.22 41.77 -7.08
C ALA M 2 30.96 41.32 -5.65
N THR M 3 30.24 40.21 -5.47
CA THR M 3 30.00 39.57 -4.16
C THR M 3 31.27 38.95 -3.58
N LEU M 4 31.27 38.66 -2.28
CA LEU M 4 32.42 38.11 -1.55
C LEU M 4 32.80 36.72 -2.08
N ALA M 5 31.89 35.75 -2.08
CA ALA M 5 32.00 34.55 -2.91
C ALA M 5 31.56 34.83 -4.36
N THR M 6 31.92 33.94 -5.29
CA THR M 6 31.57 34.05 -6.72
C THR M 6 31.11 32.71 -7.30
N HIS M 7 30.55 32.68 -8.51
CA HIS M 7 29.93 31.46 -9.05
C HIS M 7 30.89 30.28 -9.20
N GLU M 8 32.20 30.50 -9.24
CA GLU M 8 33.19 29.43 -9.18
C GLU M 8 33.18 28.69 -7.85
N ASP M 9 32.87 29.35 -6.73
CA ASP M 9 32.75 28.70 -5.42
C ASP M 9 31.54 27.77 -5.39
N VAL M 10 30.37 28.26 -5.83
CA VAL M 10 29.16 27.43 -5.90
C VAL M 10 29.37 26.27 -6.87
N THR M 11 29.99 26.52 -8.02
CA THR M 11 30.37 25.47 -8.97
C THR M 11 31.29 24.41 -8.33
N ALA M 12 32.31 24.83 -7.59
CA ALA M 12 33.27 23.92 -6.97
C ALA M 12 32.62 23.02 -5.91
N PHE M 13 31.73 23.54 -5.07
CA PHE M 13 30.98 22.71 -4.12
C PHE M 13 29.92 21.84 -4.79
N TRP M 14 29.35 22.25 -5.93
CA TRP M 14 28.32 21.47 -6.62
C TRP M 14 28.89 20.27 -7.39
N ALA M 15 30.13 20.34 -7.87
CA ALA M 15 30.75 19.34 -8.75
C ALA M 15 29.96 19.08 -10.05
N ARG M 16 29.30 20.10 -10.57
CA ARG M 16 28.66 20.17 -11.89
C ARG M 16 28.95 21.53 -12.50
N THR M 17 29.21 21.60 -13.81
CA THR M 17 29.37 22.87 -14.52
C THR M 17 28.00 23.49 -14.87
N PRO M 18 27.63 24.67 -14.34
CA PRO M 18 26.31 25.25 -14.58
C PRO M 18 26.10 25.73 -16.03
N THR M 19 24.83 25.87 -16.42
CA THR M 19 24.40 26.49 -17.68
C THR M 19 24.61 28.00 -17.68
N ALA M 20 24.76 28.66 -18.83
CA ALA M 20 24.76 30.13 -18.89
C ALA M 20 23.47 30.77 -18.35
N GLU M 21 22.33 30.07 -18.47
CA GLU M 21 21.02 30.44 -17.87
C GLU M 21 20.97 30.31 -16.34
N GLU M 22 22.01 29.74 -15.73
CA GLU M 22 22.02 29.18 -14.38
C GLU M 22 23.16 29.77 -13.53
N ILE M 23 24.22 30.26 -14.17
CA ILE M 23 25.16 31.22 -13.56
C ILE M 23 24.43 32.52 -13.18
N VAL M 24 23.44 32.96 -13.96
CA VAL M 24 22.63 34.15 -13.64
C VAL M 24 21.86 33.97 -12.33
N LEU M 25 21.26 32.80 -12.13
CA LEU M 25 20.61 32.42 -10.88
C LEU M 25 21.62 32.47 -9.72
N ILE M 26 22.76 31.79 -9.86
CA ILE M 26 23.80 31.77 -8.82
C ILE M 26 24.25 33.19 -8.47
N ASN M 27 24.47 34.07 -9.44
CA ASN M 27 24.88 35.45 -9.15
C ASN M 27 23.83 36.21 -8.33
N ARG M 28 22.53 36.08 -8.63
CA ARG M 28 21.50 36.75 -7.84
C ARG M 28 21.29 36.12 -6.46
N ARG M 29 21.42 34.81 -6.33
CA ARG M 29 21.38 34.16 -5.00
C ARG M 29 22.57 34.54 -4.14
N LEU M 30 23.78 34.65 -4.71
CA LEU M 30 24.93 35.20 -4.00
C LEU M 30 24.67 36.66 -3.60
N ALA M 31 24.08 37.46 -4.48
CA ALA M 31 23.76 38.84 -4.16
C ALA M 31 22.73 39.00 -3.02
N GLN M 32 21.86 38.01 -2.80
CA GLN M 32 21.06 37.94 -1.58
C GLN M 32 21.91 37.54 -0.37
N ALA M 33 22.62 36.42 -0.44
CA ALA M 33 23.37 35.88 0.69
C ALA M 33 24.40 36.88 1.23
N GLU M 34 25.05 37.62 0.34
CA GLU M 34 25.94 38.75 0.65
C GLU M 34 25.30 39.71 1.65
N ARG M 35 24.21 40.36 1.27
CA ARG M 35 23.58 41.40 2.10
C ARG M 35 22.75 40.82 3.25
N MET M 36 22.27 39.59 3.13
CA MET M 36 21.63 38.88 4.23
C MET M 36 22.59 38.64 5.41
N LEU M 37 23.87 38.36 5.14
CA LEU M 37 24.89 38.37 6.19
C LEU M 37 25.25 39.80 6.62
N LEU M 38 25.45 40.72 5.68
CA LEU M 38 25.88 42.10 5.98
C LEU M 38 24.89 42.83 6.90
N ARG M 39 23.59 42.64 6.69
CA ARG M 39 22.51 43.20 7.52
C ARG M 39 22.46 42.62 8.94
N ALA M 40 23.07 41.46 9.19
CA ALA M 40 23.22 40.89 10.53
C ALA M 40 24.57 41.25 11.19
N ILE M 41 25.65 41.40 10.41
CA ILE M 41 27.00 41.79 10.88
C ILE M 41 27.49 43.01 10.08
N PRO M 42 27.16 44.26 10.49
CA PRO M 42 27.45 45.46 9.69
C PRO M 42 28.92 45.63 9.29
N GLU M 43 29.87 45.15 10.08
CA GLU M 43 31.32 45.23 9.78
C GLU M 43 31.84 44.12 8.85
N LEU M 44 30.99 43.30 8.24
CA LEU M 44 31.40 42.07 7.55
C LEU M 44 32.52 42.27 6.53
N LEU M 45 32.44 43.31 5.70
CA LEU M 45 33.46 43.59 4.68
C LEU M 45 34.79 44.09 5.28
N ILE M 46 34.77 44.72 6.46
CA ILE M 46 35.98 45.09 7.19
C ILE M 46 36.63 43.82 7.73
N LYS M 47 35.87 42.95 8.42
CA LYS M 47 36.39 41.65 8.87
C LYS M 47 36.94 40.82 7.72
N ALA M 48 36.17 40.66 6.65
CA ALA M 48 36.53 39.82 5.50
C ALA M 48 37.68 40.36 4.63
N SER M 49 38.16 41.58 4.88
CA SER M 49 39.38 42.13 4.26
C SER M 49 40.54 42.23 5.23
N SER M 50 40.28 42.37 6.53
CA SER M 50 41.29 42.38 7.59
C SER M 50 41.79 40.98 7.95
N ASP M 51 40.89 39.99 8.05
CA ASP M 51 41.18 38.62 8.49
C ASP M 51 40.88 37.60 7.38
N PRO M 52 41.90 36.89 6.85
CA PRO M 52 41.72 35.94 5.76
C PRO M 52 41.10 34.61 6.21
N VAL M 53 41.17 34.27 7.50
CA VAL M 53 40.51 33.06 8.03
C VAL M 53 39.02 33.33 8.18
N PHE M 54 38.64 34.51 8.68
CA PHE M 54 37.23 34.92 8.71
C PHE M 54 36.63 35.02 7.30
N ARG M 55 37.38 35.59 6.35
CA ARG M 55 36.99 35.64 4.94
C ARG M 55 36.61 34.26 4.41
N ALA M 56 37.40 33.22 4.72
CA ALA M 56 37.10 31.86 4.29
C ALA M 56 35.79 31.31 4.86
N GLU M 57 35.37 31.71 6.07
CA GLU M 57 34.05 31.31 6.58
C GLU M 57 32.93 31.90 5.74
N VAL M 58 33.04 33.19 5.39
CA VAL M 58 32.05 33.90 4.59
C VAL M 58 31.97 33.32 3.18
N ILE M 59 33.12 33.04 2.56
CA ILE M 59 33.20 32.36 1.26
C ILE M 59 32.44 31.03 1.28
N ASP M 60 32.65 30.20 2.31
CA ASP M 60 31.95 28.93 2.41
C ASP M 60 30.46 29.11 2.67
N ILE M 61 30.08 29.93 3.66
CA ILE M 61 28.69 30.05 4.09
C ILE M 61 27.81 30.64 2.98
N GLU M 62 28.29 31.60 2.21
CA GLU M 62 27.55 32.08 1.04
C GLU M 62 27.39 30.99 -0.02
N ALA M 63 28.46 30.28 -0.35
CA ALA M 63 28.39 29.25 -1.37
C ALA M 63 27.51 28.06 -0.95
N GLU M 64 27.53 27.66 0.32
CA GLU M 64 26.67 26.62 0.87
C GLU M 64 25.21 27.06 0.89
N ALA M 65 24.92 28.30 1.29
CA ALA M 65 23.55 28.83 1.33
C ALA M 65 22.92 28.86 -0.07
N VAL M 66 23.67 29.26 -1.09
CA VAL M 66 23.21 29.19 -2.48
C VAL M 66 23.14 27.77 -2.98
N LEU M 67 24.12 26.90 -2.69
CA LEU M 67 24.09 25.53 -3.16
C LEU M 67 22.90 24.75 -2.63
N ARG M 68 22.52 24.93 -1.35
CA ARG M 68 21.28 24.31 -0.82
C ARG M 68 20.09 24.63 -1.69
N LEU M 69 19.99 25.86 -2.20
CA LEU M 69 18.86 26.31 -2.99
C LEU M 69 18.93 25.83 -4.44
N VAL M 70 20.07 25.91 -5.13
CA VAL M 70 20.16 25.56 -6.55
C VAL M 70 20.27 24.06 -6.81
N ARG M 71 20.67 23.25 -5.84
CA ARG M 71 20.64 21.78 -5.93
C ARG M 71 19.25 21.30 -6.35
N ASN M 72 19.12 20.73 -7.54
CA ASN M 72 17.85 20.27 -8.12
C ASN M 72 16.75 21.36 -8.16
N HIS M 73 17.10 22.59 -8.55
CA HIS M 73 16.13 23.70 -8.61
C HIS M 73 14.97 23.46 -9.57
N GLU M 74 15.11 22.55 -10.53
CA GLU M 74 14.02 22.19 -11.46
C GLU M 74 12.87 21.47 -10.75
N GLY M 75 13.13 20.80 -9.63
CA GLY M 75 12.12 20.09 -8.86
C GLY M 75 11.73 18.72 -9.41
N TYR M 76 12.50 18.14 -10.33
CA TYR M 76 12.26 16.77 -10.79
C TYR M 76 12.54 15.77 -9.67
N LEU M 77 11.77 14.69 -9.65
CA LEU M 77 12.04 13.47 -8.89
C LEU M 77 12.61 12.39 -9.81
N SER M 78 12.11 12.30 -11.05
CA SER M 78 12.63 11.39 -12.06
C SER M 78 12.43 11.93 -13.46
N GLU M 79 13.22 11.42 -14.39
CA GLU M 79 13.10 11.62 -15.83
C GLU M 79 13.49 10.34 -16.55
N THR M 80 12.98 10.12 -17.75
CA THR M 80 13.49 9.06 -18.60
C THR M 80 13.12 9.26 -20.04
N ASP M 81 13.90 8.68 -20.93
CA ASP M 81 13.48 8.22 -22.24
C ASP M 81 13.97 6.77 -22.35
N GLY M 82 13.33 5.91 -23.15
CA GLY M 82 13.32 4.46 -22.87
C GLY M 82 14.67 3.77 -22.60
N ASN M 83 15.76 4.29 -23.14
CA ASN M 83 17.12 3.80 -22.92
C ASN M 83 17.80 4.25 -21.61
N TYR M 84 17.36 5.29 -20.91
CA TYR M 84 17.97 5.76 -19.67
C TYR M 84 16.96 6.33 -18.68
N THR M 85 17.16 6.14 -17.39
CA THR M 85 16.25 6.63 -16.35
C THR M 85 17.03 6.97 -15.12
N TYR M 86 16.61 7.97 -14.36
CA TYR M 86 17.09 8.18 -13.01
C TYR M 86 15.93 8.41 -12.06
N MET M 87 16.14 8.18 -10.78
CA MET M 87 15.23 8.64 -9.74
C MET M 87 16.03 9.17 -8.55
N LEU M 88 15.65 10.34 -8.04
CA LEU M 88 16.32 11.01 -6.94
C LEU M 88 15.70 10.64 -5.59
N GLN M 89 16.41 10.92 -4.50
CA GLN M 89 15.88 10.83 -3.15
C GLN M 89 14.67 11.76 -2.97
N ALA M 90 13.85 11.52 -1.94
CA ALA M 90 12.74 12.40 -1.57
C ALA M 90 13.23 13.71 -0.91
N GLN M 91 13.86 14.57 -1.69
CA GLN M 91 14.41 15.86 -1.26
C GLN M 91 13.34 16.83 -0.76
N ASP M 92 13.77 17.84 0.00
CA ASP M 92 12.89 18.85 0.59
C ASP M 92 12.15 19.72 -0.45
N PRO M 93 11.02 20.35 -0.10
CA PRO M 93 10.37 21.36 -0.94
C PRO M 93 11.20 22.66 -1.04
N ASN M 94 12.14 22.87 -0.10
CA ASN M 94 13.33 23.74 -0.27
C ASN M 94 13.01 25.19 -0.71
N ARG M 95 12.02 25.82 -0.08
CA ARG M 95 11.31 26.97 -0.66
C ARG M 95 11.93 28.36 -0.39
N LYS M 96 13.05 28.47 0.32
CA LYS M 96 13.71 29.76 0.63
C LYS M 96 15.22 29.67 0.77
N LEU M 97 15.90 30.79 0.52
CA LEU M 97 17.29 31.01 0.93
C LEU M 97 17.35 31.25 2.44
N GLU M 98 18.22 30.54 3.15
CA GLU M 98 18.37 30.68 4.60
C GLU M 98 19.80 30.38 5.07
N ILE M 99 20.20 31.00 6.18
CA ILE M 99 21.46 30.73 6.88
C ILE M 99 21.13 29.97 8.17
N LEU M 100 21.79 28.84 8.40
CA LEU M 100 21.49 27.98 9.56
C LEU M 100 22.00 28.57 10.88
N PRO M 101 21.44 28.19 12.04
CA PRO M 101 22.02 28.54 13.33
C PRO M 101 23.44 27.98 13.51
N GLU M 102 23.73 26.80 12.94
CA GLU M 102 25.09 26.25 12.89
C GLU M 102 26.05 27.04 11.98
N GLU M 103 25.54 27.96 11.16
CA GLU M 103 26.35 28.87 10.35
C GLU M 103 26.47 30.25 11.02
N TRP M 104 25.41 30.75 11.64
CA TRP M 104 25.50 32.00 12.41
C TRP M 104 26.52 31.91 13.55
N GLU M 105 26.60 30.77 14.27
CA GLU M 105 27.59 30.62 15.34
C GLU M 105 29.03 30.58 14.81
N VAL M 106 29.25 30.16 13.56
CA VAL M 106 30.56 30.21 12.89
C VAL M 106 30.95 31.65 12.56
N LEU M 107 29.99 32.47 12.14
CA LEU M 107 30.16 33.92 12.01
C LEU M 107 30.16 34.66 13.36
N GLY M 108 30.05 33.94 14.47
CA GLY M 108 30.24 34.48 15.81
C GLY M 108 29.04 35.22 16.39
N ILE M 109 27.81 34.97 15.91
CA ILE M 109 26.58 35.48 16.54
C ILE M 109 25.62 34.35 16.91
N VAL M 110 24.97 34.47 18.06
CA VAL M 110 24.09 33.44 18.64
C VAL M 110 22.88 34.08 19.32
N ARG M 111 21.76 33.35 19.35
CA ARG M 111 20.54 33.74 20.06
C ARG M 111 20.33 32.78 21.23
N SER M 112 20.24 33.32 22.44
CA SER M 112 19.94 32.53 23.63
C SER M 112 18.50 32.01 23.57
N GLY M 113 18.31 30.73 23.82
CA GLY M 113 17.00 30.07 23.87
C GLY M 113 16.24 30.26 25.19
N LEU M 114 16.90 30.82 26.21
CA LEU M 114 16.29 31.33 27.44
C LEU M 114 16.27 32.86 27.38
N GLY M 115 15.09 33.45 27.51
CA GLY M 115 14.87 34.88 27.68
C GLY M 115 13.81 35.14 28.73
N ILE M 116 13.65 36.38 29.20
CA ILE M 116 12.82 36.68 30.38
C ILE M 116 11.76 37.73 30.07
N LEU M 117 10.54 37.53 30.56
CA LEU M 117 9.52 38.57 30.58
C LEU M 117 9.56 39.23 31.95
N VAL M 118 9.65 40.55 31.98
CA VAL M 118 9.80 41.35 33.18
C VAL M 118 8.51 42.11 33.42
N PRO M 119 7.75 41.81 34.49
CA PRO M 119 6.59 42.62 34.83
C PRO M 119 7.04 43.99 35.30
N THR M 120 6.34 45.04 34.90
CA THR M 120 6.60 46.38 35.40
C THR M 120 5.30 47.19 35.54
N VAL M 121 5.28 48.10 36.50
CA VAL M 121 4.18 49.03 36.77
C VAL M 121 4.78 50.38 37.15
N VAL M 122 4.21 51.48 36.66
CA VAL M 122 4.76 52.80 36.96
C VAL M 122 4.58 53.12 38.44
N LEU M 123 5.66 53.56 39.09
CA LEU M 123 5.63 53.92 40.49
C LEU M 123 4.85 55.23 40.69
N PRO M 124 4.11 55.38 41.78
CA PRO M 124 3.35 56.58 42.09
C PRO M 124 4.25 57.79 42.33
N SER M 125 3.72 58.99 42.11
CA SER M 125 4.42 60.28 42.23
C SER M 125 3.47 61.44 42.57
N ALA N 2 -43.34 29.41 -15.23
CA ALA N 2 -42.18 28.51 -15.22
C ALA N 2 -41.16 28.93 -14.16
N THR N 3 -40.17 28.09 -13.89
CA THR N 3 -39.08 28.35 -12.93
C THR N 3 -38.35 29.68 -13.20
N LEU N 4 -37.92 30.39 -12.15
CA LEU N 4 -37.11 31.61 -12.30
C LEU N 4 -35.83 31.35 -13.10
N ALA N 5 -34.93 30.48 -12.63
CA ALA N 5 -33.81 30.05 -13.44
C ALA N 5 -34.25 29.04 -14.50
N THR N 6 -33.46 28.84 -15.54
CA THR N 6 -33.76 27.97 -16.69
C THR N 6 -32.53 27.15 -17.08
N HIS N 7 -32.67 26.08 -17.88
CA HIS N 7 -31.54 25.20 -18.17
C HIS N 7 -30.38 25.91 -18.89
N GLU N 8 -30.61 27.05 -19.51
CA GLU N 8 -29.53 27.91 -20.03
C GLU N 8 -28.61 28.43 -18.91
N ASP N 9 -29.13 28.71 -17.71
CA ASP N 9 -28.32 29.15 -16.57
C ASP N 9 -27.39 28.03 -16.11
N VAL N 10 -27.93 26.84 -15.88
CA VAL N 10 -27.14 25.66 -15.48
C VAL N 10 -26.14 25.30 -16.57
N THR N 11 -26.53 25.36 -17.84
CA THR N 11 -25.63 25.15 -18.98
C THR N 11 -24.48 26.16 -18.97
N ALA N 12 -24.76 27.45 -18.72
CA ALA N 12 -23.73 28.48 -18.69
C ALA N 12 -22.70 28.26 -17.57
N PHE N 13 -23.13 27.86 -16.37
CA PHE N 13 -22.19 27.53 -15.29
C PHE N 13 -21.48 26.19 -15.50
N TRP N 14 -22.08 25.23 -16.22
CA TRP N 14 -21.45 23.93 -16.47
C TRP N 14 -20.37 23.99 -17.56
N ALA N 15 -20.51 24.89 -18.53
CA ALA N 15 -19.62 25.02 -19.70
C ALA N 15 -19.57 23.76 -20.59
N ARG N 16 -20.67 22.99 -20.64
CA ARG N 16 -20.94 21.89 -21.57
C ARG N 16 -22.36 21.99 -22.09
N THR N 17 -22.62 21.61 -23.33
CA THR N 17 -23.98 21.45 -23.84
C THR N 17 -24.60 20.16 -23.27
N PRO N 18 -25.75 20.20 -22.59
CA PRO N 18 -26.42 19.01 -22.07
C PRO N 18 -27.07 18.19 -23.19
N THR N 19 -27.17 16.87 -23.02
CA THR N 19 -27.92 16.00 -23.94
C THR N 19 -29.44 16.09 -23.70
N ALA N 20 -30.23 15.50 -24.59
CA ALA N 20 -31.69 15.70 -24.63
C ALA N 20 -32.45 15.27 -23.35
N GLU N 21 -31.89 14.30 -22.63
CA GLU N 21 -32.39 13.81 -21.34
C GLU N 21 -31.81 14.60 -20.14
N GLU N 22 -30.57 15.09 -20.23
CA GLU N 22 -29.97 15.95 -19.21
C GLU N 22 -30.69 17.30 -19.13
N ILE N 23 -31.21 17.81 -20.24
CA ILE N 23 -32.16 18.93 -20.25
C ILE N 23 -33.39 18.62 -19.38
N VAL N 24 -33.94 17.41 -19.44
CA VAL N 24 -35.11 17.07 -18.62
C VAL N 24 -34.73 16.99 -17.15
N LEU N 25 -33.61 16.35 -16.83
CA LEU N 25 -33.06 16.30 -15.48
C LEU N 25 -32.87 17.71 -14.91
N ILE N 26 -32.20 18.60 -15.64
CA ILE N 26 -31.99 19.98 -15.19
C ILE N 26 -33.32 20.69 -14.92
N ASN N 27 -34.33 20.53 -15.79
CA ASN N 27 -35.63 21.14 -15.54
C ASN N 27 -36.35 20.56 -14.31
N ARG N 28 -36.31 19.24 -14.08
CA ARG N 28 -36.88 18.65 -12.85
C ARG N 28 -36.12 19.09 -11.59
N ARG N 29 -34.80 19.22 -11.65
CA ARG N 29 -33.99 19.71 -10.52
C ARG N 29 -34.19 21.20 -10.25
N LEU N 30 -34.32 22.04 -11.27
CA LEU N 30 -34.65 23.45 -11.09
C LEU N 30 -36.02 23.63 -10.43
N ALA N 31 -37.00 22.79 -10.78
CA ALA N 31 -38.29 22.83 -10.12
C ALA N 31 -38.20 22.51 -8.62
N GLN N 32 -37.37 21.54 -8.21
CA GLN N 32 -37.09 21.33 -6.78
C GLN N 32 -36.40 22.55 -6.16
N ALA N 33 -35.33 23.06 -6.78
CA ALA N 33 -34.53 24.14 -6.19
C ALA N 33 -35.38 25.40 -5.93
N GLU N 34 -36.22 25.79 -6.88
CA GLU N 34 -37.17 26.89 -6.69
C GLU N 34 -38.15 26.61 -5.56
N ARG N 35 -38.72 25.39 -5.50
CA ARG N 35 -39.70 25.02 -4.48
C ARG N 35 -39.09 24.99 -3.07
N MET N 36 -37.83 24.60 -2.92
CA MET N 36 -37.10 24.68 -1.65
C MET N 36 -36.94 26.13 -1.19
N LEU N 37 -36.49 27.05 -2.06
CA LEU N 37 -36.39 28.46 -1.69
C LEU N 37 -37.76 29.07 -1.36
N LEU N 38 -38.80 28.76 -2.14
CA LEU N 38 -40.14 29.33 -2.00
C LEU N 38 -40.83 28.94 -0.68
N ARG N 39 -40.47 27.81 -0.06
CA ARG N 39 -40.91 27.46 1.30
C ARG N 39 -40.21 28.27 2.38
N ALA N 40 -38.89 28.42 2.29
CA ALA N 40 -38.13 29.15 3.30
C ALA N 40 -38.32 30.67 3.21
N ILE N 41 -38.62 31.21 2.03
CA ILE N 41 -38.92 32.63 1.80
C ILE N 41 -40.28 32.71 1.06
N PRO N 42 -41.43 32.71 1.74
CA PRO N 42 -42.75 32.70 1.11
C PRO N 42 -42.98 33.83 0.10
N GLU N 43 -42.33 34.98 0.28
CA GLU N 43 -42.40 36.14 -0.62
C GLU N 43 -41.41 36.10 -1.79
N LEU N 44 -40.71 34.99 -2.04
CA LEU N 44 -39.61 34.89 -3.02
C LEU N 44 -39.94 35.51 -4.37
N LEU N 45 -41.06 35.10 -4.98
CA LEU N 45 -41.47 35.60 -6.30
C LEU N 45 -41.87 37.08 -6.26
N ILE N 46 -42.42 37.55 -5.14
CA ILE N 46 -42.80 38.95 -4.95
C ILE N 46 -41.53 39.80 -4.91
N LYS N 47 -40.54 39.44 -4.08
CA LYS N 47 -39.23 40.13 -4.06
C LYS N 47 -38.53 40.08 -5.41
N ALA N 48 -38.52 38.92 -6.05
CA ALA N 48 -37.90 38.75 -7.37
C ALA N 48 -38.58 39.60 -8.46
N SER N 49 -39.87 39.94 -8.31
CA SER N 49 -40.57 40.77 -9.29
C SER N 49 -40.14 42.25 -9.30
N SER N 50 -39.52 42.75 -8.23
CA SER N 50 -39.29 44.19 -8.04
C SER N 50 -37.86 44.56 -7.63
N ASP N 51 -37.09 43.67 -7.00
CA ASP N 51 -35.67 43.86 -6.72
C ASP N 51 -34.81 43.02 -7.70
N PRO N 52 -34.19 43.64 -8.72
CA PRO N 52 -33.44 42.91 -9.72
C PRO N 52 -32.11 42.36 -9.19
N VAL N 53 -31.55 42.94 -8.13
CA VAL N 53 -30.31 42.43 -7.51
C VAL N 53 -30.63 41.18 -6.70
N PHE N 54 -31.71 41.19 -5.92
CA PHE N 54 -32.20 39.98 -5.26
C PHE N 54 -32.57 38.90 -6.29
N ARG N 55 -33.29 39.25 -7.36
CA ARG N 55 -33.60 38.29 -8.43
C ARG N 55 -32.34 37.72 -9.05
N ALA N 56 -31.31 38.53 -9.30
CA ALA N 56 -30.04 38.03 -9.82
C ALA N 56 -29.34 37.05 -8.86
N GLU N 57 -29.48 37.18 -7.55
CA GLU N 57 -29.01 36.15 -6.61
C GLU N 57 -29.82 34.87 -6.78
N VAL N 58 -31.15 34.93 -6.71
CA VAL N 58 -32.00 33.73 -6.77
C VAL N 58 -31.73 32.91 -8.02
N ILE N 59 -31.56 33.59 -9.17
CA ILE N 59 -31.28 32.97 -10.46
C ILE N 59 -30.01 32.12 -10.46
N ASP N 60 -29.01 32.38 -9.61
CA ASP N 60 -27.82 31.53 -9.56
C ASP N 60 -27.57 30.83 -8.23
N ILE N 61 -28.29 31.16 -7.16
CA ILE N 61 -28.43 30.24 -6.02
C ILE N 61 -29.13 28.95 -6.49
N GLU N 62 -30.16 29.05 -7.35
CA GLU N 62 -30.78 27.88 -7.96
C GLU N 62 -29.83 27.13 -8.92
N ALA N 63 -29.15 27.86 -9.81
CA ALA N 63 -28.29 27.23 -10.80
C ALA N 63 -27.06 26.55 -10.17
N GLU N 64 -26.48 27.12 -9.13
CA GLU N 64 -25.42 26.46 -8.37
C GLU N 64 -25.92 25.19 -7.69
N ALA N 65 -27.09 25.23 -7.05
CA ALA N 65 -27.65 24.09 -6.35
C ALA N 65 -27.90 22.92 -7.30
N VAL N 66 -28.47 23.18 -8.48
CA VAL N 66 -28.64 22.12 -9.49
C VAL N 66 -27.31 21.66 -10.06
N LEU N 67 -26.37 22.56 -10.33
CA LEU N 67 -25.10 22.16 -10.93
C LEU N 67 -24.28 21.26 -10.00
N ARG N 68 -24.24 21.50 -8.69
CA ARG N 68 -23.55 20.59 -7.74
C ARG N 68 -24.01 19.14 -7.89
N LEU N 69 -25.29 18.94 -8.19
CA LEU N 69 -25.89 17.61 -8.37
C LEU N 69 -25.67 17.06 -9.79
N VAL N 70 -25.92 17.85 -10.84
CA VAL N 70 -25.87 17.39 -12.23
C VAL N 70 -24.46 17.17 -12.75
N ARG N 71 -23.44 17.87 -12.21
CA ARG N 71 -22.07 17.95 -12.75
C ARG N 71 -21.41 16.63 -13.16
N ASN N 72 -21.66 15.53 -12.45
CA ASN N 72 -21.16 14.20 -12.80
C ASN N 72 -22.19 13.12 -12.44
N HIS N 73 -23.44 13.32 -12.85
CA HIS N 73 -24.59 12.52 -12.39
C HIS N 73 -24.50 11.02 -12.68
N GLU N 74 -23.65 10.62 -13.62
CA GLU N 74 -23.41 9.22 -13.97
C GLU N 74 -22.53 8.48 -12.95
N GLY N 75 -21.74 9.19 -12.15
CA GLY N 75 -20.93 8.60 -11.08
C GLY N 75 -19.64 7.92 -11.53
N TYR N 76 -19.15 8.18 -12.73
CA TYR N 76 -17.85 7.67 -13.18
C TYR N 76 -16.70 8.26 -12.38
N LEU N 77 -15.63 7.48 -12.24
CA LEU N 77 -14.30 7.89 -11.79
C LEU N 77 -13.31 7.89 -12.96
N SER N 78 -13.42 6.91 -13.85
CA SER N 78 -12.59 6.78 -15.04
C SER N 78 -13.32 6.03 -16.15
N GLU N 79 -12.96 6.29 -17.40
CA GLU N 79 -13.37 5.53 -18.58
C GLU N 79 -12.18 5.30 -19.51
N THR N 80 -12.26 4.31 -20.38
CA THR N 80 -11.30 4.09 -21.47
C THR N 80 -12.06 3.91 -22.76
N ASP N 81 -11.54 4.42 -23.86
CA ASP N 81 -12.13 4.28 -25.18
C ASP N 81 -11.01 4.11 -26.21
N GLY N 82 -10.82 2.89 -26.69
CA GLY N 82 -9.71 2.58 -27.58
C GLY N 82 -8.39 2.81 -26.85
N ASN N 83 -7.59 3.77 -27.30
CA ASN N 83 -6.35 4.17 -26.63
C ASN N 83 -6.45 5.45 -25.80
N TYR N 84 -7.64 6.05 -25.66
CA TYR N 84 -7.85 7.24 -24.83
C TYR N 84 -8.40 6.86 -23.47
N THR N 85 -7.90 7.46 -22.39
CA THR N 85 -8.47 7.27 -21.06
C THR N 85 -8.20 8.47 -20.15
N TYR N 86 -9.07 8.67 -19.17
CA TYR N 86 -8.99 9.76 -18.23
C TYR N 86 -9.37 9.31 -16.82
N MET N 87 -9.06 10.12 -15.83
CA MET N 87 -9.49 9.90 -14.46
C MET N 87 -9.85 11.22 -13.79
N LEU N 88 -10.88 11.23 -12.96
CA LEU N 88 -11.36 12.42 -12.27
C LEU N 88 -10.78 12.54 -10.85
N GLN N 89 -10.83 13.74 -10.28
CA GLN N 89 -10.67 13.92 -8.84
C GLN N 89 -11.80 13.18 -8.09
N ALA N 90 -11.57 12.79 -6.84
CA ALA N 90 -12.60 12.17 -6.02
C ALA N 90 -13.77 13.14 -5.71
N GLN N 91 -14.98 12.60 -5.59
CA GLN N 91 -16.20 13.35 -5.27
C GLN N 91 -17.13 12.52 -4.38
N ASP N 92 -18.01 13.18 -3.63
CA ASP N 92 -18.97 12.50 -2.74
C ASP N 92 -20.00 11.67 -3.54
N PRO N 93 -20.11 10.35 -3.34
CA PRO N 93 -21.14 9.52 -3.97
C PRO N 93 -22.57 9.85 -3.50
N ASN N 94 -22.74 10.35 -2.28
CA ASN N 94 -24.03 10.57 -1.62
C ASN N 94 -24.66 11.94 -2.00
N ARG N 95 -24.61 12.30 -3.28
CA ARG N 95 -25.10 13.58 -3.79
C ARG N 95 -26.61 13.73 -3.64
N LYS N 96 -27.07 14.88 -3.13
CA LYS N 96 -28.48 15.24 -2.93
C LYS N 96 -28.66 16.74 -3.05
N LEU N 97 -29.82 17.22 -3.50
CA LEU N 97 -30.05 18.64 -3.73
C LEU N 97 -30.14 19.40 -2.40
N GLU N 98 -29.22 20.35 -2.17
CA GLU N 98 -29.15 21.11 -0.93
C GLU N 98 -28.73 22.55 -1.18
N ILE N 99 -29.22 23.47 -0.34
CA ILE N 99 -28.85 24.88 -0.32
C ILE N 99 -27.93 25.10 0.89
N LEU N 100 -26.76 25.71 0.70
CA LEU N 100 -25.77 25.84 1.76
C LEU N 100 -26.15 26.91 2.81
N PRO N 101 -25.64 26.85 4.05
CA PRO N 101 -25.87 27.89 5.06
C PRO N 101 -25.53 29.30 4.58
N GLU N 102 -24.41 29.47 3.87
CA GLU N 102 -24.04 30.73 3.24
C GLU N 102 -24.97 31.13 2.08
N GLU N 103 -25.57 30.17 1.36
CA GLU N 103 -26.55 30.49 0.33
C GLU N 103 -27.87 30.95 0.94
N TRP N 104 -28.29 30.39 2.08
CA TRP N 104 -29.40 30.98 2.83
C TRP N 104 -29.07 32.40 3.31
N GLU N 105 -27.83 32.66 3.74
CA GLU N 105 -27.42 34.01 4.13
C GLU N 105 -27.49 35.00 2.96
N VAL N 106 -27.18 34.58 1.73
CA VAL N 106 -27.43 35.40 0.52
C VAL N 106 -28.92 35.70 0.34
N LEU N 107 -29.80 34.72 0.53
CA LEU N 107 -31.25 34.94 0.55
C LEU N 107 -31.71 35.80 1.75
N GLY N 108 -30.83 36.09 2.70
CA GLY N 108 -31.09 36.98 3.83
C GLY N 108 -31.73 36.29 5.05
N ILE N 109 -31.66 34.95 5.15
CA ILE N 109 -32.14 34.20 6.31
C ILE N 109 -31.04 33.32 6.87
N VAL N 110 -30.90 33.26 8.20
CA VAL N 110 -29.79 32.53 8.85
C VAL N 110 -30.20 31.99 10.22
N ARG N 111 -29.64 30.84 10.61
CA ARG N 111 -29.78 30.27 11.96
C ARG N 111 -28.95 31.05 12.98
N SER N 112 -29.25 30.88 14.26
CA SER N 112 -28.35 31.25 15.35
C SER N 112 -27.82 29.98 16.01
N GLY N 113 -26.50 29.86 16.18
CA GLY N 113 -25.83 28.69 16.74
C GLY N 113 -25.96 28.54 18.26
N LEU N 114 -26.53 29.54 18.94
CA LEU N 114 -26.93 29.53 20.34
C LEU N 114 -28.45 29.59 20.45
N GLY N 115 -29.06 28.66 21.20
CA GLY N 115 -30.46 28.75 21.63
C GLY N 115 -30.62 28.29 23.07
N ILE N 116 -31.65 28.75 23.77
CA ILE N 116 -31.77 28.54 25.22
C ILE N 116 -32.87 27.55 25.54
N LEU N 117 -32.58 26.48 26.28
CA LEU N 117 -33.63 25.66 26.88
C LEU N 117 -34.08 26.33 28.18
N VAL N 118 -35.38 26.51 28.34
CA VAL N 118 -35.97 27.26 29.45
C VAL N 118 -36.78 26.31 30.34
N PRO N 119 -36.38 26.08 31.59
CA PRO N 119 -37.17 25.28 32.50
C PRO N 119 -38.45 26.02 32.87
N THR N 120 -39.57 25.30 32.96
CA THR N 120 -40.85 25.86 33.40
C THR N 120 -41.60 24.88 34.28
N VAL N 121 -42.36 25.38 35.24
CA VAL N 121 -43.30 24.61 36.05
C VAL N 121 -44.58 25.43 36.20
N VAL N 122 -45.76 24.83 36.06
CA VAL N 122 -47.00 25.60 36.15
C VAL N 122 -47.21 26.09 37.58
N LEU N 123 -47.46 27.39 37.73
CA LEU N 123 -47.61 28.00 39.04
C LEU N 123 -48.96 27.61 39.67
N PRO N 124 -49.01 27.38 40.98
CA PRO N 124 -50.20 26.89 41.66
C PRO N 124 -51.30 27.94 41.73
N SER N 125 -52.54 27.47 41.81
CA SER N 125 -53.77 28.25 42.05
C SER N 125 -54.88 27.36 42.62
N ALA O 2 42.42 -26.88 20.02
CA ALA O 2 41.56 -26.59 18.87
C ALA O 2 40.08 -26.75 19.24
N THR O 3 39.18 -26.20 18.41
CA THR O 3 37.72 -26.24 18.61
C THR O 3 37.20 -27.66 18.84
N LEU O 4 36.22 -27.80 19.75
CA LEU O 4 35.53 -29.08 19.97
C LEU O 4 34.67 -29.46 18.77
N ALA O 5 33.75 -28.60 18.34
CA ALA O 5 32.99 -28.82 17.11
C ALA O 5 33.81 -28.50 15.86
N THR O 6 33.30 -28.91 14.71
CA THR O 6 33.99 -28.92 13.41
C THR O 6 33.09 -28.36 12.31
N HIS O 7 33.65 -28.00 11.15
CA HIS O 7 32.81 -27.67 10.01
C HIS O 7 31.97 -28.86 9.52
N GLU O 8 32.33 -30.11 9.81
CA GLU O 8 31.41 -31.24 9.60
C GLU O 8 30.17 -31.14 10.50
N ASP O 9 30.30 -30.71 11.75
CA ASP O 9 29.12 -30.49 12.61
C ASP O 9 28.21 -29.40 12.06
N VAL O 10 28.77 -28.24 11.72
CA VAL O 10 27.96 -27.14 11.16
C VAL O 10 27.35 -27.54 9.81
N THR O 11 28.07 -28.28 8.97
CA THR O 11 27.52 -28.82 7.73
C THR O 11 26.35 -29.76 7.99
N ALA O 12 26.44 -30.65 8.99
CA ALA O 12 25.36 -31.57 9.32
C ALA O 12 24.08 -30.85 9.74
N PHE O 13 24.17 -29.76 10.50
CA PHE O 13 23.01 -28.91 10.81
C PHE O 13 22.54 -28.06 9.61
N TRP O 14 23.43 -27.63 8.72
CA TRP O 14 23.05 -26.78 7.59
C TRP O 14 22.37 -27.55 6.45
N ALA O 15 22.72 -28.82 6.26
CA ALA O 15 22.26 -29.68 5.15
C ALA O 15 22.60 -29.12 3.74
N ARG O 16 23.66 -28.31 3.65
CA ARG O 16 24.30 -27.83 2.41
C ARG O 16 25.80 -28.00 2.56
N THR O 17 26.50 -28.45 1.52
CA THR O 17 27.98 -28.52 1.54
C THR O 17 28.58 -27.13 1.35
N PRO O 18 29.43 -26.63 2.25
CA PRO O 18 30.09 -25.34 2.12
C PRO O 18 31.20 -25.33 1.07
N THR O 19 31.42 -24.18 0.43
CA THR O 19 32.58 -23.89 -0.41
C THR O 19 33.84 -23.64 0.42
N ALA O 20 35.01 -23.54 -0.21
CA ALA O 20 36.28 -23.37 0.51
C ALA O 20 36.34 -22.12 1.39
N GLU O 21 35.82 -20.97 0.95
CA GLU O 21 35.73 -19.77 1.77
C GLU O 21 34.69 -19.91 2.91
N GLU O 22 33.60 -20.66 2.71
CA GLU O 22 32.65 -20.94 3.78
C GLU O 22 33.24 -21.92 4.82
N ILE O 23 34.07 -22.87 4.42
CA ILE O 23 34.85 -23.71 5.33
C ILE O 23 35.80 -22.84 6.17
N VAL O 24 36.47 -21.85 5.56
CA VAL O 24 37.33 -20.92 6.30
C VAL O 24 36.52 -20.12 7.31
N LEU O 25 35.40 -19.54 6.89
CA LEU O 25 34.48 -18.80 7.77
C LEU O 25 34.01 -19.66 8.94
N ILE O 26 33.49 -20.86 8.69
CA ILE O 26 32.94 -21.73 9.73
C ILE O 26 34.02 -22.08 10.76
N ASN O 27 35.25 -22.38 10.34
CA ASN O 27 36.34 -22.61 11.29
C ASN O 27 36.70 -21.34 12.06
N ARG O 28 36.73 -20.18 11.38
CA ARG O 28 37.04 -18.89 12.00
C ARG O 28 36.00 -18.50 13.05
N ARG O 29 34.72 -18.84 12.85
CA ARG O 29 33.61 -18.67 13.80
C ARG O 29 33.57 -19.71 14.90
N LEU O 30 33.83 -20.99 14.61
CA LEU O 30 33.88 -22.02 15.66
C LEU O 30 35.00 -21.71 16.67
N ALA O 31 36.16 -21.27 16.20
CA ALA O 31 37.24 -20.82 17.07
C ALA O 31 36.86 -19.59 17.92
N GLN O 32 35.81 -18.85 17.56
CA GLN O 32 35.27 -17.74 18.34
C GLN O 32 34.28 -18.23 19.41
N ALA O 33 33.35 -19.12 19.04
CA ALA O 33 32.42 -19.73 19.99
C ALA O 33 33.12 -20.54 21.09
N GLU O 34 34.20 -21.24 20.74
CA GLU O 34 35.16 -21.88 21.65
C GLU O 34 35.55 -20.94 22.80
N ARG O 35 36.01 -19.71 22.49
CA ARG O 35 36.47 -18.77 23.50
C ARG O 35 35.33 -18.24 24.35
N MET O 36 34.18 -17.94 23.75
CA MET O 36 33.03 -17.41 24.50
C MET O 36 32.53 -18.41 25.54
N LEU O 37 32.46 -19.70 25.23
CA LEU O 37 32.11 -20.71 26.23
C LEU O 37 33.23 -20.91 27.25
N LEU O 38 34.49 -21.03 26.83
CA LEU O 38 35.62 -21.29 27.73
C LEU O 38 35.78 -20.17 28.77
N ARG O 39 35.66 -18.90 28.36
CA ARG O 39 35.75 -17.76 29.28
C ARG O 39 34.58 -17.69 30.27
N ALA O 40 33.42 -18.23 29.94
CA ALA O 40 32.28 -18.34 30.86
C ALA O 40 32.35 -19.59 31.76
N ILE O 41 32.95 -20.68 31.28
CA ILE O 41 33.07 -21.97 31.97
C ILE O 41 34.54 -22.43 31.91
N PRO O 42 35.42 -21.98 32.81
CA PRO O 42 36.85 -22.31 32.74
C PRO O 42 37.16 -23.81 32.68
N GLU O 43 36.32 -24.67 33.24
CA GLU O 43 36.45 -26.13 33.19
C GLU O 43 35.99 -26.79 31.87
N LEU O 44 35.55 -26.03 30.86
CA LEU O 44 34.85 -26.54 29.67
C LEU O 44 35.54 -27.76 29.03
N LEU O 45 36.84 -27.69 28.75
CA LEU O 45 37.56 -28.78 28.09
C LEU O 45 37.69 -30.01 28.99
N ILE O 46 37.83 -29.81 30.31
CA ILE O 46 37.94 -30.92 31.27
C ILE O 46 36.61 -31.66 31.33
N LYS O 47 35.50 -30.92 31.43
CA LYS O 47 34.15 -31.51 31.37
C LYS O 47 33.90 -32.20 30.03
N ALA O 48 34.19 -31.56 28.92
CA ALA O 48 34.03 -32.14 27.58
C ALA O 48 34.94 -33.36 27.32
N SER O 49 35.97 -33.57 28.14
CA SER O 49 36.87 -34.75 28.07
C SER O 49 36.54 -35.84 29.10
N SER O 50 35.47 -35.70 29.88
CA SER O 50 35.14 -36.62 30.98
C SER O 50 33.65 -36.89 31.18
N ASP O 51 32.76 -36.02 30.70
CA ASP O 51 31.31 -36.23 30.62
C ASP O 51 30.86 -36.19 29.14
N PRO O 52 30.44 -37.33 28.56
CA PRO O 52 30.07 -37.38 27.15
C PRO O 52 28.72 -36.74 26.86
N VAL O 53 27.81 -36.62 27.84
CA VAL O 53 26.55 -35.89 27.66
C VAL O 53 26.85 -34.40 27.61
N PHE O 54 27.70 -33.89 28.51
CA PHE O 54 28.14 -32.50 28.45
C PHE O 54 28.91 -32.20 27.16
N ARG O 55 29.80 -33.10 26.72
CA ARG O 55 30.46 -32.97 25.41
C ARG O 55 29.45 -32.81 24.29
N ALA O 56 28.41 -33.64 24.24
CA ALA O 56 27.39 -33.54 23.21
C ALA O 56 26.64 -32.20 23.24
N GLU O 57 26.33 -31.66 24.42
CA GLU O 57 25.73 -30.33 24.52
C GLU O 57 26.64 -29.24 23.97
N VAL O 58 27.92 -29.24 24.34
CA VAL O 58 28.86 -28.22 23.85
C VAL O 58 29.02 -28.30 22.34
N ILE O 59 29.25 -29.49 21.79
CA ILE O 59 29.41 -29.69 20.35
C ILE O 59 28.22 -29.13 19.58
N ASP O 60 27.00 -29.38 20.05
CA ASP O 60 25.81 -28.87 19.37
C ASP O 60 25.56 -27.38 19.63
N ILE O 61 25.86 -26.84 20.81
CA ILE O 61 25.68 -25.41 21.07
C ILE O 61 26.68 -24.57 20.26
N GLU O 62 27.93 -25.00 20.13
CA GLU O 62 28.86 -24.36 19.21
C GLU O 62 28.36 -24.42 17.77
N ALA O 63 27.90 -25.59 17.33
CA ALA O 63 27.43 -25.76 15.96
C ALA O 63 26.20 -24.91 15.66
N GLU O 64 25.21 -24.85 16.56
CA GLU O 64 24.02 -24.03 16.33
C GLU O 64 24.35 -22.53 16.38
N ALA O 65 25.25 -22.11 17.27
CA ALA O 65 25.67 -20.71 17.37
C ALA O 65 26.35 -20.21 16.09
N VAL O 66 27.19 -21.03 15.45
CA VAL O 66 27.78 -20.67 14.15
C VAL O 66 26.79 -20.81 13.01
N LEU O 67 25.90 -21.80 13.04
CA LEU O 67 24.88 -21.98 12.01
C LEU O 67 23.97 -20.76 11.89
N ARG O 68 23.60 -20.12 13.00
CA ARG O 68 22.83 -18.85 12.99
C ARG O 68 23.51 -17.69 12.25
N LEU O 69 24.81 -17.77 11.95
CA LEU O 69 25.56 -16.77 11.18
C LEU O 69 25.75 -17.17 9.72
N VAL O 70 26.22 -18.40 9.45
CA VAL O 70 26.58 -18.80 8.07
C VAL O 70 25.35 -18.97 7.17
N ARG O 71 24.19 -19.29 7.76
CA ARG O 71 22.88 -19.31 7.10
C ARG O 71 22.60 -17.96 6.44
N ASN O 72 22.61 -17.92 5.11
CA ASN O 72 22.34 -16.73 4.30
C ASN O 72 23.19 -15.52 4.72
N HIS O 73 24.51 -15.74 4.87
CA HIS O 73 25.40 -14.76 5.51
C HIS O 73 25.57 -13.47 4.70
N GLU O 74 25.64 -13.52 3.38
CA GLU O 74 25.46 -12.34 2.55
C GLU O 74 23.96 -12.09 2.34
N GLY O 75 23.53 -10.84 2.32
CA GLY O 75 22.16 -10.48 2.74
C GLY O 75 21.02 -10.71 1.74
N TYR O 76 21.09 -11.67 0.83
CA TYR O 76 20.07 -11.82 -0.23
C TYR O 76 18.67 -12.05 0.33
N LEU O 77 17.71 -11.34 -0.26
CA LEU O 77 16.27 -11.61 -0.14
C LEU O 77 15.74 -12.35 -1.37
N SER O 78 16.28 -12.07 -2.56
CA SER O 78 15.89 -12.72 -3.80
C SER O 78 16.99 -12.64 -4.86
N GLU O 79 17.00 -13.58 -5.79
CA GLU O 79 17.83 -13.57 -6.99
C GLU O 79 17.04 -14.08 -8.20
N THR O 80 17.46 -13.72 -9.41
CA THR O 80 16.98 -14.30 -10.67
C THR O 80 18.16 -14.78 -11.45
N ASP O 81 18.05 -15.91 -12.13
CA ASP O 81 19.07 -16.44 -13.03
C ASP O 81 18.39 -17.00 -14.27
N GLY O 82 18.48 -16.30 -15.38
CA GLY O 82 17.72 -16.63 -16.57
C GLY O 82 16.23 -16.51 -16.28
N ASN O 83 15.49 -17.61 -16.35
CA ASN O 83 14.07 -17.65 -15.98
C ASN O 83 13.79 -18.18 -14.58
N TYR O 84 14.77 -18.72 -13.85
CA TYR O 84 14.57 -19.16 -12.47
C TYR O 84 14.60 -17.98 -11.50
N THR O 85 13.80 -18.00 -10.45
CA THR O 85 13.79 -16.95 -9.41
C THR O 85 13.31 -17.50 -8.09
N TYR O 86 13.82 -16.97 -6.98
CA TYR O 86 13.41 -17.38 -5.64
C TYR O 86 13.30 -16.19 -4.71
N MET O 87 12.65 -16.37 -3.56
CA MET O 87 12.58 -15.35 -2.52
C MET O 87 12.58 -15.98 -1.13
N LEU O 88 13.09 -15.28 -0.12
CA LEU O 88 13.28 -15.81 1.23
C LEU O 88 12.39 -15.11 2.26
N GLN O 89 11.94 -15.86 3.27
CA GLN O 89 11.28 -15.31 4.45
C GLN O 89 12.29 -14.42 5.22
N ALA O 90 11.85 -13.24 5.66
CA ALA O 90 12.75 -12.20 6.15
C ALA O 90 13.46 -12.56 7.48
N GLN O 91 14.66 -12.02 7.67
CA GLN O 91 15.48 -12.13 8.89
C GLN O 91 16.18 -10.78 9.15
N ASP O 92 16.62 -10.52 10.38
CA ASP O 92 17.43 -9.33 10.69
C ASP O 92 18.86 -9.51 10.14
N PRO O 93 19.36 -8.66 9.21
CA PRO O 93 20.68 -8.81 8.63
C PRO O 93 21.85 -8.38 9.54
N ASN O 94 21.59 -7.81 10.72
CA ASN O 94 22.62 -7.47 11.70
C ASN O 94 23.12 -8.72 12.47
N ARG O 95 23.68 -9.70 11.77
CA ARG O 95 24.13 -10.97 12.37
C ARG O 95 25.25 -10.75 13.40
N LYS O 96 25.12 -11.30 14.60
CA LYS O 96 26.11 -11.28 15.71
C LYS O 96 26.28 -12.68 16.29
N LEU O 97 27.49 -13.10 16.63
CA LEU O 97 27.69 -14.38 17.32
C LEU O 97 27.13 -14.30 18.74
N GLU O 98 26.16 -15.14 19.08
CA GLU O 98 25.49 -15.13 20.38
C GLU O 98 25.20 -16.55 20.86
N ILE O 99 25.27 -16.74 22.17
CA ILE O 99 24.75 -17.92 22.87
C ILE O 99 23.47 -17.48 23.58
N LEU O 100 22.35 -18.15 23.33
CA LEU O 100 21.05 -17.75 23.88
C LEU O 100 20.97 -17.99 25.39
N PRO O 101 20.12 -17.27 26.14
CA PRO O 101 19.86 -17.55 27.55
C PRO O 101 19.53 -19.02 27.83
N GLU O 102 18.67 -19.65 27.04
CA GLU O 102 18.37 -21.08 27.16
C GLU O 102 19.58 -21.98 26.83
N GLU O 103 20.53 -21.54 26.00
CA GLU O 103 21.75 -22.30 25.74
C GLU O 103 22.75 -22.18 26.89
N TRP O 104 22.80 -21.04 27.58
CA TRP O 104 23.54 -20.96 28.85
C TRP O 104 22.94 -21.89 29.92
N GLU O 105 21.61 -21.95 30.03
CA GLU O 105 20.96 -22.86 30.99
C GLU O 105 21.30 -24.33 30.72
N VAL O 106 21.37 -24.75 29.45
CA VAL O 106 21.80 -26.10 29.08
C VAL O 106 23.22 -26.41 29.56
N LEU O 107 24.14 -25.46 29.41
CA LEU O 107 25.51 -25.60 29.92
C LEU O 107 25.65 -25.33 31.44
N GLY O 108 24.54 -25.09 32.14
CA GLY O 108 24.53 -24.93 33.60
C GLY O 108 24.87 -23.52 34.11
N ILE O 109 24.80 -22.49 33.27
CA ILE O 109 24.84 -21.08 33.70
C ILE O 109 23.42 -20.52 33.66
N VAL O 110 22.92 -20.02 34.80
CA VAL O 110 21.65 -19.31 34.86
C VAL O 110 21.80 -18.03 35.68
N ARG O 111 21.28 -16.93 35.15
CA ARG O 111 21.30 -15.60 35.79
C ARG O 111 20.07 -15.41 36.66
N SER O 112 20.16 -14.55 37.67
CA SER O 112 19.00 -14.20 38.49
C SER O 112 18.36 -12.94 37.91
N GLY O 113 17.09 -13.00 37.53
CA GLY O 113 16.34 -11.84 37.01
C GLY O 113 15.86 -10.87 38.10
N LEU O 114 16.01 -11.26 39.36
CA LEU O 114 15.87 -10.42 40.55
C LEU O 114 17.28 -10.16 41.13
N GLY O 115 17.65 -8.90 41.31
CA GLY O 115 18.82 -8.49 42.08
C GLY O 115 18.46 -7.35 43.03
N ILE O 116 19.29 -7.01 44.00
CA ILE O 116 18.96 -5.97 44.99
C ILE O 116 20.03 -4.90 45.10
N LEU O 117 19.63 -3.65 45.34
CA LEU O 117 20.53 -2.57 45.69
C LEU O 117 20.49 -2.39 47.20
N VAL O 118 21.65 -2.45 47.84
CA VAL O 118 21.78 -2.36 49.28
C VAL O 118 22.35 -0.99 49.64
N PRO O 119 21.60 -0.13 50.34
CA PRO O 119 22.14 1.12 50.83
C PRO O 119 23.15 0.83 51.94
N THR O 120 24.23 1.59 51.99
CA THR O 120 25.19 1.51 53.09
C THR O 120 25.78 2.88 53.39
N VAL O 121 26.22 3.08 54.63
CA VAL O 121 26.92 4.28 55.09
C VAL O 121 28.00 3.85 56.07
N VAL O 122 29.16 4.52 56.03
CA VAL O 122 30.28 4.20 56.92
C VAL O 122 29.84 4.44 58.36
N LEU O 123 29.93 3.42 59.22
CA LEU O 123 29.60 3.58 60.64
C LEU O 123 30.70 4.37 61.36
N PRO O 124 30.34 5.29 62.27
CA PRO O 124 31.29 6.13 62.98
C PRO O 124 32.18 5.34 63.95
N SER O 125 33.31 5.93 64.33
CA SER O 125 34.32 5.37 65.22
C SER O 125 35.08 6.44 66.01
N ALA P 2 -21.57 46.18 -17.31
CA ALA P 2 -20.54 45.13 -17.21
C ALA P 2 -19.82 45.22 -15.88
N THR P 3 -19.16 44.14 -15.45
CA THR P 3 -18.39 44.07 -14.20
C THR P 3 -17.10 44.89 -14.24
N LEU P 4 -16.55 45.26 -13.08
CA LEU P 4 -15.27 45.98 -13.00
C LEU P 4 -14.10 45.19 -13.57
N ALA P 5 -13.89 43.94 -13.13
CA ALA P 5 -13.00 43.02 -13.84
C ALA P 5 -13.67 42.43 -15.08
N THR P 6 -12.86 41.83 -15.96
CA THR P 6 -13.23 41.34 -17.29
C THR P 6 -12.66 39.95 -17.55
N HIS P 7 -13.14 39.24 -18.58
CA HIS P 7 -12.51 37.97 -18.94
C HIS P 7 -11.05 38.14 -19.39
N GLU P 8 -10.65 39.31 -19.89
CA GLU P 8 -9.25 39.64 -20.09
C GLU P 8 -8.47 39.69 -18.77
N ASP P 9 -9.05 40.19 -17.67
CA ASP P 9 -8.39 40.11 -16.36
C ASP P 9 -8.22 38.68 -15.88
N VAL P 10 -9.25 37.83 -15.96
CA VAL P 10 -9.11 36.41 -15.56
C VAL P 10 -8.08 35.69 -16.42
N THR P 11 -8.07 35.96 -17.73
CA THR P 11 -7.10 35.39 -18.66
C THR P 11 -5.68 35.95 -18.44
N ALA P 12 -5.51 37.11 -17.82
CA ALA P 12 -4.16 37.59 -17.49
C ALA P 12 -3.49 36.68 -16.45
N PHE P 13 -4.26 36.14 -15.49
CA PHE P 13 -3.74 35.19 -14.51
C PHE P 13 -3.81 33.73 -14.98
N TRP P 14 -4.92 33.32 -15.60
CA TRP P 14 -5.07 31.98 -16.16
C TRP P 14 -4.36 31.91 -17.51
N ALA P 15 -3.12 31.46 -17.56
CA ALA P 15 -2.32 31.57 -18.78
C ALA P 15 -2.93 30.86 -20.01
N ARG P 16 -3.69 29.77 -19.83
CA ARG P 16 -4.45 29.15 -20.93
C ARG P 16 -5.54 30.11 -21.43
N THR P 17 -5.52 30.47 -22.71
CA THR P 17 -6.59 31.26 -23.34
C THR P 17 -7.91 30.47 -23.38
N PRO P 18 -9.04 31.04 -22.94
CA PRO P 18 -10.31 30.32 -22.82
C PRO P 18 -11.03 30.12 -24.16
N THR P 19 -11.81 29.04 -24.27
CA THR P 19 -12.78 28.83 -25.35
C THR P 19 -14.11 29.56 -25.07
N ALA P 20 -15.01 29.66 -26.05
CA ALA P 20 -16.26 30.41 -25.91
C ALA P 20 -17.16 29.92 -24.76
N GLU P 21 -17.14 28.62 -24.43
CA GLU P 21 -17.84 28.07 -23.26
C GLU P 21 -17.24 28.57 -21.93
N GLU P 22 -15.92 28.72 -21.88
CA GLU P 22 -15.21 29.21 -20.70
C GLU P 22 -15.36 30.72 -20.55
N ILE P 23 -15.51 31.47 -21.65
CA ILE P 23 -15.83 32.90 -21.62
C ILE P 23 -17.20 33.16 -21.00
N VAL P 24 -18.25 32.45 -21.40
CA VAL P 24 -19.57 32.68 -20.80
C VAL P 24 -19.60 32.27 -19.32
N LEU P 25 -18.89 31.20 -18.95
CA LEU P 25 -18.67 30.84 -17.55
C LEU P 25 -18.00 31.99 -16.77
N ILE P 26 -16.88 32.49 -17.26
CA ILE P 26 -16.15 33.57 -16.60
C ILE P 26 -17.01 34.83 -16.47
N ASN P 27 -17.76 35.22 -17.49
CA ASN P 27 -18.65 36.38 -17.39
C ASN P 27 -19.69 36.24 -16.27
N ARG P 28 -20.27 35.06 -16.07
CA ARG P 28 -21.23 34.84 -14.97
C ARG P 28 -20.57 34.73 -13.60
N ARG P 29 -19.41 34.07 -13.50
CA ARG P 29 -18.63 34.04 -12.25
C ARG P 29 -18.13 35.41 -11.83
N LEU P 30 -17.73 36.27 -12.77
CA LEU P 30 -17.37 37.66 -12.46
C LEU P 30 -18.57 38.45 -11.94
N ALA P 31 -19.74 38.29 -12.55
CA ALA P 31 -20.95 38.95 -12.07
C ALA P 31 -21.29 38.51 -10.64
N GLN P 32 -21.13 37.23 -10.33
CA GLN P 32 -21.32 36.69 -8.98
C GLN P 32 -20.30 37.26 -7.98
N ALA P 33 -19.02 37.36 -8.35
CA ALA P 33 -18.01 37.95 -7.49
C ALA P 33 -18.25 39.45 -7.21
N GLU P 34 -18.62 40.23 -8.22
CA GLU P 34 -18.95 41.66 -8.03
C GLU P 34 -20.17 41.83 -7.13
N ARG P 35 -21.24 41.07 -7.38
CA ARG P 35 -22.47 41.08 -6.60
C ARG P 35 -22.22 40.68 -5.15
N MET P 36 -21.32 39.73 -4.91
CA MET P 36 -20.87 39.35 -3.57
C MET P 36 -20.11 40.48 -2.87
N LEU P 37 -19.20 41.19 -3.56
CA LEU P 37 -18.49 42.34 -2.99
C LEU P 37 -19.42 43.52 -2.69
N LEU P 38 -20.33 43.87 -3.60
CA LEU P 38 -21.30 44.95 -3.38
C LEU P 38 -22.19 44.71 -2.17
N ARG P 39 -22.66 43.48 -1.96
CA ARG P 39 -23.49 43.13 -0.79
C ARG P 39 -22.75 43.27 0.53
N ALA P 40 -21.42 43.15 0.53
CA ALA P 40 -20.59 43.42 1.72
C ALA P 40 -20.16 44.89 1.85
N ILE P 41 -20.06 45.63 0.74
CA ILE P 41 -19.53 47.01 0.66
C ILE P 41 -20.40 47.83 -0.31
N PRO P 42 -21.53 48.39 0.13
CA PRO P 42 -22.41 49.16 -0.75
C PRO P 42 -21.74 50.31 -1.52
N GLU P 43 -20.66 50.87 -0.98
CA GLU P 43 -19.89 51.95 -1.58
C GLU P 43 -18.96 51.52 -2.73
N LEU P 44 -18.84 50.22 -3.03
CA LEU P 44 -17.78 49.66 -3.87
C LEU P 44 -17.60 50.40 -5.21
N LEU P 45 -18.69 50.58 -5.96
CA LEU P 45 -18.65 51.26 -7.25
C LEU P 45 -18.31 52.75 -7.14
N ILE P 46 -18.67 53.39 -6.03
CA ILE P 46 -18.34 54.80 -5.77
C ILE P 46 -16.85 54.93 -5.49
N LYS P 47 -16.29 54.12 -4.59
CA LYS P 47 -14.85 54.11 -4.30
C LYS P 47 -14.03 53.82 -5.56
N ALA P 48 -14.43 52.80 -6.31
CA ALA P 48 -13.79 52.43 -7.57
C ALA P 48 -14.00 53.44 -8.71
N SER P 49 -14.87 54.45 -8.56
CA SER P 49 -15.03 55.50 -9.58
C SER P 49 -13.88 56.52 -9.57
N SER P 50 -13.20 56.70 -8.44
CA SER P 50 -12.26 57.81 -8.22
C SER P 50 -10.94 57.42 -7.55
N ASP P 51 -10.85 56.29 -6.85
CA ASP P 51 -9.58 55.80 -6.27
C ASP P 51 -8.93 54.77 -7.21
N PRO P 52 -7.83 55.11 -7.89
CA PRO P 52 -7.23 54.25 -8.92
C PRO P 52 -6.47 53.05 -8.34
N VAL P 53 -6.05 53.09 -7.07
CA VAL P 53 -5.44 51.90 -6.44
C VAL P 53 -6.53 50.99 -5.87
N PHE P 54 -7.63 51.52 -5.35
CA PHE P 54 -8.77 50.70 -4.95
C PHE P 54 -9.37 49.93 -6.14
N ARG P 55 -9.42 50.51 -7.34
CA ARG P 55 -9.77 49.79 -8.57
C ARG P 55 -8.89 48.56 -8.77
N ALA P 56 -7.58 48.70 -8.57
CA ALA P 56 -6.67 47.56 -8.71
C ALA P 56 -6.91 46.51 -7.62
N GLU P 57 -7.26 46.89 -6.39
CA GLU P 57 -7.65 45.92 -5.36
C GLU P 57 -8.84 45.08 -5.82
N VAL P 58 -9.95 45.74 -6.16
CA VAL P 58 -11.19 45.04 -6.45
C VAL P 58 -11.10 44.24 -7.74
N ILE P 59 -10.42 44.75 -8.78
CA ILE P 59 -10.29 44.04 -10.05
C ILE P 59 -9.41 42.79 -9.90
N ASP P 60 -8.27 42.89 -9.22
CA ASP P 60 -7.42 41.70 -9.03
C ASP P 60 -8.05 40.70 -8.06
N ILE P 61 -8.86 41.14 -7.09
CA ILE P 61 -9.58 40.23 -6.19
C ILE P 61 -10.77 39.56 -6.89
N GLU P 62 -11.51 40.26 -7.75
CA GLU P 62 -12.51 39.60 -8.60
C GLU P 62 -11.87 38.58 -9.54
N ALA P 63 -10.76 38.93 -10.18
CA ALA P 63 -10.06 38.01 -11.06
C ALA P 63 -9.52 36.78 -10.32
N GLU P 64 -8.96 36.95 -9.12
CA GLU P 64 -8.58 35.82 -8.28
C GLU P 64 -9.76 34.97 -7.82
N ALA P 65 -10.86 35.58 -7.38
CA ALA P 65 -12.01 34.83 -6.89
C ALA P 65 -12.65 33.95 -7.98
N VAL P 66 -12.58 34.35 -9.25
CA VAL P 66 -12.95 33.50 -10.38
C VAL P 66 -11.85 32.50 -10.73
N LEU P 67 -10.58 32.91 -10.77
CA LEU P 67 -9.46 32.04 -11.14
C LEU P 67 -9.43 30.75 -10.33
N ARG P 68 -9.56 30.83 -9.02
CA ARG P 68 -9.53 29.64 -8.15
C ARG P 68 -10.70 28.69 -8.34
N LEU P 69 -11.71 29.07 -9.12
CA LEU P 69 -12.90 28.27 -9.45
C LEU P 69 -12.94 27.79 -10.90
N VAL P 70 -12.39 28.55 -11.85
CA VAL P 70 -12.28 28.13 -13.26
C VAL P 70 -11.02 27.33 -13.56
N ARG P 71 -9.95 27.40 -12.75
CA ARG P 71 -8.80 26.51 -12.90
C ARG P 71 -9.26 25.05 -12.79
N ASN P 72 -9.03 24.28 -13.85
CA ASN P 72 -9.35 22.86 -13.97
C ASN P 72 -10.81 22.50 -13.65
N HIS P 73 -11.77 23.33 -14.07
CA HIS P 73 -13.20 23.16 -13.75
C HIS P 73 -13.82 21.87 -14.28
N GLU P 74 -13.20 21.22 -15.26
CA GLU P 74 -13.61 19.90 -15.77
C GLU P 74 -13.43 18.79 -14.72
N GLY P 75 -12.55 18.98 -13.73
CA GLY P 75 -12.32 18.03 -12.65
C GLY P 75 -11.38 16.87 -12.99
N TYR P 76 -10.65 16.92 -14.11
CA TYR P 76 -9.69 15.86 -14.46
C TYR P 76 -8.49 15.83 -13.50
N LEU P 77 -8.07 14.63 -13.12
CA LEU P 77 -6.79 14.33 -12.48
C LEU P 77 -5.73 13.95 -13.50
N SER P 78 -6.09 13.16 -14.50
CA SER P 78 -5.16 12.62 -15.49
C SER P 78 -5.87 12.33 -16.81
N GLU P 79 -5.14 12.33 -17.91
CA GLU P 79 -5.70 12.11 -19.24
C GLU P 79 -4.63 11.58 -20.19
N THR P 80 -4.97 10.78 -21.20
CA THR P 80 -4.00 10.28 -22.17
C THR P 80 -4.63 9.83 -23.47
N ASP P 81 -3.84 9.78 -24.55
CA ASP P 81 -4.15 9.11 -25.81
C ASP P 81 -3.14 7.99 -26.12
N GLY P 82 -2.34 7.56 -25.14
CA GLY P 82 -1.28 6.58 -25.31
C GLY P 82 0.03 7.11 -25.91
N ASN P 83 0.03 8.31 -26.52
CA ASN P 83 1.23 8.96 -27.04
C ASN P 83 1.63 10.21 -26.23
N TYR P 84 0.67 10.88 -25.62
CA TYR P 84 0.87 11.93 -24.64
C TYR P 84 0.02 11.66 -23.41
N THR P 85 0.46 12.09 -22.24
CA THR P 85 -0.34 12.02 -21.03
C THR P 85 0.11 13.02 -20.00
N TYR P 86 -0.78 13.39 -19.09
CA TYR P 86 -0.42 14.13 -17.91
C TYR P 86 -1.12 13.56 -16.67
N MET P 87 -0.61 13.90 -15.49
CA MET P 87 -1.47 13.97 -14.32
C MET P 87 -1.11 15.15 -13.43
N LEU P 88 -2.09 15.63 -12.69
CA LEU P 88 -1.99 16.85 -11.91
C LEU P 88 -1.66 16.56 -10.44
N GLN P 89 -1.18 17.58 -9.73
CA GLN P 89 -1.14 17.57 -8.26
C GLN P 89 -2.57 17.38 -7.72
N ALA P 90 -2.72 16.87 -6.50
CA ALA P 90 -4.03 16.58 -5.90
C ALA P 90 -4.79 17.86 -5.48
N GLN P 91 -5.30 18.61 -6.45
CA GLN P 91 -6.09 19.82 -6.25
C GLN P 91 -7.37 19.57 -5.45
N ASP P 92 -7.80 20.56 -4.67
CA ASP P 92 -9.05 20.52 -3.93
C ASP P 92 -10.26 20.56 -4.90
N PRO P 93 -11.20 19.59 -4.89
CA PRO P 93 -12.36 19.58 -5.77
C PRO P 93 -13.42 20.62 -5.32
N ASN P 94 -13.10 21.90 -5.51
CA ASN P 94 -13.90 23.04 -5.08
C ASN P 94 -15.22 23.18 -5.87
N ARG P 95 -16.27 23.70 -5.21
CA ARG P 95 -17.64 23.77 -5.74
C ARG P 95 -18.40 25.08 -5.47
N LYS P 96 -17.71 26.13 -4.99
CA LYS P 96 -18.30 27.46 -4.72
C LYS P 96 -17.29 28.59 -4.89
N LEU P 97 -17.78 29.78 -5.23
CA LEU P 97 -16.99 31.01 -5.25
C LEU P 97 -16.93 31.60 -3.84
N GLU P 98 -15.75 31.92 -3.34
CA GLU P 98 -15.59 32.62 -2.06
C GLU P 98 -14.32 33.47 -1.98
N ILE P 99 -14.40 34.52 -1.17
CA ILE P 99 -13.38 35.56 -1.00
C ILE P 99 -12.73 35.37 0.38
N LEU P 100 -11.40 35.32 0.43
CA LEU P 100 -10.65 34.93 1.62
C LEU P 100 -10.73 35.97 2.76
N PRO P 101 -10.49 35.57 4.01
CA PRO P 101 -10.41 36.49 5.14
C PRO P 101 -9.40 37.64 4.93
N GLU P 102 -8.25 37.32 4.33
CA GLU P 102 -7.22 38.31 3.97
C GLU P 102 -7.65 39.23 2.81
N GLU P 103 -8.49 38.75 1.91
CA GLU P 103 -9.04 39.56 0.83
C GLU P 103 -10.08 40.55 1.37
N TRP P 104 -10.90 40.16 2.35
CA TRP P 104 -11.74 41.12 3.07
C TRP P 104 -10.91 42.14 3.88
N GLU P 105 -9.73 41.77 4.39
CA GLU P 105 -8.83 42.74 5.02
C GLU P 105 -8.25 43.73 4.00
N VAL P 106 -7.91 43.29 2.79
CA VAL P 106 -7.48 44.18 1.70
C VAL P 106 -8.58 45.17 1.29
N LEU P 107 -9.83 44.71 1.17
CA LEU P 107 -10.98 45.59 0.96
C LEU P 107 -11.28 46.50 2.18
N GLY P 108 -10.67 46.24 3.35
CA GLY P 108 -10.77 47.07 4.54
C GLY P 108 -11.92 46.71 5.49
N ILE P 109 -12.48 45.50 5.42
CA ILE P 109 -13.59 45.04 6.27
C ILE P 109 -13.31 43.70 6.95
N VAL P 110 -12.13 43.56 7.55
CA VAL P 110 -11.79 42.45 8.45
C VAL P 110 -12.67 42.47 9.71
N ARG P 111 -13.00 41.29 10.26
CA ARG P 111 -13.75 41.15 11.52
C ARG P 111 -12.97 40.36 12.56
N SER P 112 -13.07 40.78 13.83
CA SER P 112 -12.37 40.18 14.95
C SER P 112 -12.99 38.86 15.41
N GLY P 113 -12.15 37.99 15.95
CA GLY P 113 -12.47 36.65 16.45
C GLY P 113 -12.70 36.55 17.95
N LEU P 114 -12.59 37.65 18.69
CA LEU P 114 -13.03 37.76 20.09
C LEU P 114 -14.27 38.66 20.16
N GLY P 115 -15.40 38.07 20.56
CA GLY P 115 -16.66 38.74 20.85
C GLY P 115 -17.19 38.33 22.23
N ILE P 116 -18.27 38.95 22.70
CA ILE P 116 -18.74 38.80 24.08
C ILE P 116 -20.21 38.42 24.12
N LEU P 117 -20.59 37.49 25.00
CA LEU P 117 -21.99 37.27 25.34
C LEU P 117 -22.29 38.00 26.64
N VAL P 118 -23.32 38.84 26.61
CA VAL P 118 -23.67 39.72 27.72
C VAL P 118 -24.95 39.21 28.36
N PRO P 119 -24.91 38.71 29.61
CA PRO P 119 -26.11 38.30 30.30
C PRO P 119 -26.97 39.52 30.59
N THR P 120 -28.29 39.39 30.50
CA THR P 120 -29.21 40.49 30.78
C THR P 120 -30.51 39.97 31.36
N VAL P 121 -31.09 40.75 32.27
CA VAL P 121 -32.37 40.51 32.92
C VAL P 121 -33.10 41.83 33.02
N VAL P 122 -34.41 41.88 32.73
CA VAL P 122 -35.13 43.15 32.78
C VAL P 122 -35.24 43.64 34.21
N LEU P 123 -34.94 44.92 34.44
CA LEU P 123 -35.04 45.50 35.77
C LEU P 123 -36.50 45.70 36.16
N PRO P 124 -36.86 45.48 37.43
CA PRO P 124 -38.23 45.54 37.91
C PRO P 124 -38.78 46.97 37.98
N SER P 125 -40.10 47.06 38.07
CA SER P 125 -40.89 48.27 38.40
C SER P 125 -42.26 47.87 38.92
N ALA Q 2 5.72 52.21 -14.53
CA ALA Q 2 5.77 50.74 -14.36
C ALA Q 2 6.11 50.38 -12.92
N THR Q 3 5.83 49.13 -12.53
CA THR Q 3 6.17 48.58 -11.20
C THR Q 3 7.68 48.43 -10.97
N LEU Q 4 8.13 48.38 -9.72
CA LEU Q 4 9.54 48.51 -9.35
C LEU Q 4 10.43 47.37 -9.88
N ALA Q 5 10.15 46.11 -9.55
CA ALA Q 5 10.79 44.97 -10.21
C ALA Q 5 10.20 44.71 -11.61
N THR Q 6 10.83 43.89 -12.42
CA THR Q 6 10.40 43.58 -13.80
C THR Q 6 10.54 42.09 -14.12
N HIS Q 7 9.90 41.59 -15.18
CA HIS Q 7 9.92 40.15 -15.47
C HIS Q 7 11.32 39.59 -15.71
N GLU Q 8 12.32 40.41 -16.06
CA GLU Q 8 13.71 39.99 -16.08
C GLU Q 8 14.22 39.57 -14.68
N ASP Q 9 13.77 40.21 -13.59
CA ASP Q 9 14.12 39.79 -12.22
C ASP Q 9 13.54 38.41 -11.90
N VAL Q 10 12.26 38.21 -12.18
CA VAL Q 10 11.60 36.92 -11.95
C VAL Q 10 12.22 35.84 -12.82
N THR Q 11 12.50 36.14 -14.09
CA THR Q 11 13.18 35.21 -15.00
C THR Q 11 14.57 34.85 -14.51
N ALA Q 12 15.33 35.79 -13.93
CA ALA Q 12 16.67 35.54 -13.43
C ALA Q 12 16.69 34.67 -12.17
N PHE Q 13 15.67 34.75 -11.29
CA PHE Q 13 15.53 33.82 -10.17
C PHE Q 13 14.87 32.49 -10.58
N TRP Q 14 14.08 32.47 -11.65
CA TRP Q 14 13.74 31.23 -12.34
C TRP Q 14 14.96 30.71 -13.12
N ALA Q 15 14.79 29.75 -14.02
CA ALA Q 15 15.90 29.20 -14.80
C ALA Q 15 15.54 28.91 -16.27
N ARG Q 16 14.48 29.55 -16.77
CA ARG Q 16 13.98 29.41 -18.14
C ARG Q 16 13.33 30.69 -18.62
N THR Q 17 13.39 30.97 -19.92
CA THR Q 17 12.73 32.15 -20.48
C THR Q 17 11.21 31.92 -20.54
N PRO Q 18 10.38 32.83 -20.00
CA PRO Q 18 8.94 32.70 -20.07
C PRO Q 18 8.42 32.95 -21.49
N THR Q 19 7.33 32.30 -21.86
CA THR Q 19 6.58 32.63 -23.08
C THR Q 19 5.96 34.01 -22.97
N ALA Q 20 5.53 34.59 -24.10
CA ALA Q 20 4.78 35.83 -24.11
C ALA Q 20 3.44 35.73 -23.33
N GLU Q 21 2.93 34.53 -23.10
CA GLU Q 21 1.78 34.28 -22.23
C GLU Q 21 2.15 34.38 -20.74
N GLU Q 22 3.22 33.71 -20.31
CA GLU Q 22 3.73 33.78 -18.93
C GLU Q 22 4.24 35.18 -18.57
N ILE Q 23 4.73 35.96 -19.53
CA ILE Q 23 5.13 37.36 -19.32
C ILE Q 23 3.95 38.21 -18.86
N VAL Q 24 2.74 38.00 -19.38
CA VAL Q 24 1.56 38.75 -18.93
C VAL Q 24 1.20 38.38 -17.49
N LEU Q 25 1.23 37.09 -17.16
CA LEU Q 25 1.06 36.62 -15.78
C LEU Q 25 2.09 37.25 -14.85
N ILE Q 26 3.38 37.22 -15.19
CA ILE Q 26 4.44 37.78 -14.35
C ILE Q 26 4.26 39.29 -14.18
N ASN Q 27 3.99 40.03 -15.26
CA ASN Q 27 3.72 41.47 -15.17
C ASN Q 27 2.52 41.78 -14.28
N ARG Q 28 1.46 40.95 -14.36
CA ARG Q 28 0.24 41.13 -13.56
C ARG Q 28 0.50 40.85 -12.08
N ARG Q 29 1.23 39.78 -11.76
CA ARG Q 29 1.63 39.42 -10.39
C ARG Q 29 2.60 40.40 -9.77
N LEU Q 30 3.58 40.91 -10.50
CA LEU Q 30 4.54 41.89 -9.98
C LEU Q 30 3.82 43.14 -9.46
N ALA Q 31 2.84 43.66 -10.21
CA ALA Q 31 2.05 44.79 -9.73
C ALA Q 31 1.29 44.45 -8.44
N GLN Q 32 0.73 43.25 -8.33
CA GLN Q 32 0.05 42.80 -7.10
C GLN Q 32 1.03 42.75 -5.90
N ALA Q 33 2.23 42.22 -6.08
CA ALA Q 33 3.24 42.17 -5.02
C ALA Q 33 3.68 43.57 -4.57
N GLU Q 34 3.86 44.51 -5.49
CA GLU Q 34 4.18 45.89 -5.14
C GLU Q 34 3.05 46.52 -4.32
N ARG Q 35 1.78 46.38 -4.73
CA ARG Q 35 0.66 46.96 -4.01
C ARG Q 35 0.53 46.39 -2.58
N MET Q 36 0.85 45.12 -2.37
CA MET Q 36 0.92 44.54 -1.02
C MET Q 36 1.99 45.19 -0.16
N LEU Q 37 3.22 45.37 -0.66
CA LEU Q 37 4.28 46.05 0.10
C LEU Q 37 3.96 47.52 0.34
N LEU Q 38 3.43 48.22 -0.66
CA LEU Q 38 3.08 49.64 -0.56
C LEU Q 38 2.00 49.88 0.50
N ARG Q 39 1.02 48.99 0.63
CA ARG Q 39 0.01 49.06 1.71
C ARG Q 39 0.62 49.01 3.10
N ALA Q 40 1.62 48.15 3.32
CA ALA Q 40 2.28 48.00 4.60
C ALA Q 40 3.32 49.10 4.88
N ILE Q 41 3.92 49.68 3.84
CA ILE Q 41 5.00 50.68 3.94
C ILE Q 41 4.71 51.82 2.96
N PRO Q 42 3.90 52.83 3.33
CA PRO Q 42 3.54 53.93 2.43
C PRO Q 42 4.75 54.67 1.82
N GLU Q 43 5.89 54.69 2.48
CA GLU Q 43 7.14 55.30 2.01
C GLU Q 43 7.94 54.43 1.01
N LEU Q 44 7.45 53.26 0.59
CA LEU Q 44 8.22 52.26 -0.17
C LEU Q 44 9.00 52.84 -1.36
N LEU Q 45 8.33 53.59 -2.24
CA LEU Q 45 8.96 54.16 -3.43
C LEU Q 45 9.95 55.27 -3.10
N ILE Q 46 9.73 56.00 -2.01
CA ILE Q 46 10.66 57.03 -1.52
C ILE Q 46 11.93 56.37 -1.01
N LYS Q 47 11.80 55.35 -0.15
CA LYS Q 47 12.93 54.58 0.35
C LYS Q 47 13.68 53.87 -0.77
N ALA Q 48 13.00 53.25 -1.73
CA ALA Q 48 13.63 52.61 -2.88
C ALA Q 48 14.30 53.59 -3.85
N SER Q 49 13.96 54.88 -3.81
CA SER Q 49 14.67 55.92 -4.56
C SER Q 49 15.88 56.48 -3.80
N SER Q 50 15.80 56.56 -2.47
CA SER Q 50 16.84 57.12 -1.61
C SER Q 50 17.95 56.11 -1.24
N ASP Q 51 17.60 54.86 -0.97
CA ASP Q 51 18.49 53.82 -0.42
C ASP Q 51 18.63 52.63 -1.39
N PRO Q 52 19.83 52.38 -1.94
CA PRO Q 52 20.05 51.32 -2.91
C PRO Q 52 20.12 49.92 -2.28
N VAL Q 53 20.44 49.80 -0.99
CA VAL Q 53 20.36 48.52 -0.27
C VAL Q 53 18.90 48.17 -0.04
N PHE Q 54 18.08 49.13 0.38
CA PHE Q 54 16.64 48.90 0.52
C PHE Q 54 15.99 48.56 -0.82
N ARG Q 55 16.34 49.26 -1.91
CA ARG Q 55 15.87 48.90 -3.26
C ARG Q 55 16.16 47.43 -3.57
N ALA Q 56 17.38 46.95 -3.32
CA ALA Q 56 17.73 45.58 -3.60
C ALA Q 56 16.84 44.58 -2.84
N GLU Q 57 16.49 44.86 -1.58
CA GLU Q 57 15.54 44.04 -0.85
C GLU Q 57 14.16 44.06 -1.50
N VAL Q 58 13.59 45.23 -1.81
CA VAL Q 58 12.25 45.30 -2.42
C VAL Q 58 12.21 44.51 -3.73
N ILE Q 59 13.19 44.71 -4.61
CA ILE Q 59 13.26 44.06 -5.91
C ILE Q 59 13.26 42.53 -5.76
N ASP Q 60 14.09 42.00 -4.85
CA ASP Q 60 14.21 40.56 -4.70
C ASP Q 60 13.07 39.93 -3.88
N ILE Q 61 12.46 40.64 -2.93
CA ILE Q 61 11.27 40.13 -2.24
C ILE Q 61 10.07 40.11 -3.19
N GLU Q 62 9.88 41.11 -4.04
CA GLU Q 62 8.86 41.04 -5.10
C GLU Q 62 9.12 39.89 -6.06
N ALA Q 63 10.36 39.72 -6.53
CA ALA Q 63 10.67 38.67 -7.47
C ALA Q 63 10.48 37.27 -6.86
N GLU Q 64 10.83 37.08 -5.59
CA GLU Q 64 10.52 35.84 -4.86
C GLU Q 64 9.02 35.58 -4.73
N ALA Q 65 8.26 36.59 -4.32
CA ALA Q 65 6.82 36.46 -4.10
C ALA Q 65 6.10 36.03 -5.38
N VAL Q 66 6.48 36.55 -6.53
CA VAL Q 66 5.93 36.10 -7.82
C VAL Q 66 6.45 34.72 -8.21
N LEU Q 67 7.75 34.46 -8.07
CA LEU Q 67 8.33 33.22 -8.58
C LEU Q 67 7.67 31.97 -7.99
N ARG Q 68 7.40 31.94 -6.68
CA ARG Q 68 6.75 30.77 -6.06
C ARG Q 68 5.30 30.55 -6.47
N LEU Q 69 4.66 31.49 -7.16
CA LEU Q 69 3.36 31.27 -7.84
C LEU Q 69 3.52 30.80 -9.28
N VAL Q 70 4.40 31.42 -10.07
CA VAL Q 70 4.44 31.16 -11.51
C VAL Q 70 5.17 29.86 -11.86
N ARG Q 71 6.12 29.40 -11.05
CA ARG Q 71 6.77 28.12 -11.30
C ARG Q 71 5.77 26.98 -11.12
N ASN Q 72 5.65 26.14 -12.14
CA ASN Q 72 4.66 25.06 -12.22
C ASN Q 72 3.20 25.51 -12.02
N HIS Q 73 2.84 26.73 -12.44
CA HIS Q 73 1.48 27.26 -12.31
C HIS Q 73 0.41 26.42 -13.03
N GLU Q 74 0.80 25.57 -13.98
CA GLU Q 74 -0.07 24.64 -14.68
C GLU Q 74 -0.51 23.48 -13.78
N GLY Q 75 0.20 23.20 -12.69
CA GLY Q 75 -0.21 22.22 -11.68
C GLY Q 75 0.13 20.76 -11.99
N TYR Q 76 0.99 20.49 -12.96
CA TYR Q 76 1.40 19.12 -13.28
C TYR Q 76 2.16 18.46 -12.15
N LEU Q 77 1.95 17.16 -12.01
CA LEU Q 77 2.80 16.24 -11.26
C LEU Q 77 3.69 15.45 -12.21
N SER Q 78 3.17 15.03 -13.36
CA SER Q 78 3.92 14.27 -14.36
C SER Q 78 3.35 14.48 -15.75
N GLU Q 79 4.19 14.32 -16.77
CA GLU Q 79 3.78 14.22 -18.16
C GLU Q 79 4.63 13.17 -18.88
N THR Q 80 4.13 12.57 -19.95
CA THR Q 80 4.94 11.77 -20.88
C THR Q 80 4.67 12.20 -22.29
N ASP Q 81 5.64 11.99 -23.18
CA ASP Q 81 5.61 12.50 -24.54
C ASP Q 81 6.42 11.56 -25.44
N GLY Q 82 5.75 10.74 -26.23
CA GLY Q 82 6.42 9.66 -26.94
C GLY Q 82 7.04 8.72 -25.94
N ASN Q 83 8.37 8.55 -25.98
CA ASN Q 83 9.08 7.74 -24.99
C ASN Q 83 9.67 8.56 -23.84
N TYR Q 84 9.62 9.89 -23.86
CA TYR Q 84 10.09 10.73 -22.75
C TYR Q 84 9.08 10.82 -21.63
N THR Q 85 9.48 11.10 -20.40
CA THR Q 85 8.64 11.12 -19.18
C THR Q 85 9.32 11.91 -18.08
N TYR Q 86 8.58 12.67 -17.29
CA TYR Q 86 9.12 13.28 -16.07
C TYR Q 86 8.13 13.19 -14.92
N MET Q 87 8.62 13.32 -13.70
CA MET Q 87 7.77 13.48 -12.53
C MET Q 87 8.37 14.49 -11.56
N LEU Q 88 7.55 15.30 -10.91
CA LEU Q 88 7.96 16.37 -10.00
C LEU Q 88 7.76 16.00 -8.53
N GLN Q 89 8.39 16.76 -7.64
CA GLN Q 89 8.11 16.73 -6.21
C GLN Q 89 6.65 17.15 -5.91
N ALA Q 90 6.11 16.71 -4.77
CA ALA Q 90 4.75 17.06 -4.36
C ALA Q 90 4.61 18.55 -4.01
N GLN Q 91 3.44 19.15 -4.22
CA GLN Q 91 3.18 20.55 -3.82
C GLN Q 91 1.80 20.75 -3.19
N ASP Q 92 1.71 21.78 -2.36
CA ASP Q 92 0.47 22.29 -1.79
C ASP Q 92 -0.43 22.91 -2.88
N PRO Q 93 -1.71 23.23 -2.60
CA PRO Q 93 -2.56 24.00 -3.51
C PRO Q 93 -1.96 25.35 -3.95
N ASN Q 94 -1.01 25.91 -3.17
CA ASN Q 94 -0.15 27.04 -3.53
C ASN Q 94 -0.92 28.25 -4.08
N ARG Q 95 -2.10 28.50 -3.50
CA ARG Q 95 -3.21 29.16 -4.20
C ARG Q 95 -2.95 30.61 -4.58
N LYS Q 96 -2.40 31.42 -3.68
CA LYS Q 96 -2.41 32.89 -3.77
C LYS Q 96 -1.15 33.54 -3.21
N LEU Q 97 -0.91 34.77 -3.63
CA LEU Q 97 0.27 35.56 -3.31
C LEU Q 97 0.36 35.89 -1.82
N GLU Q 98 1.51 35.59 -1.20
CA GLU Q 98 1.78 35.89 0.21
C GLU Q 98 3.21 36.38 0.36
N ILE Q 99 3.44 37.33 1.29
CA ILE Q 99 4.77 37.78 1.70
C ILE Q 99 5.05 37.13 3.06
N LEU Q 100 6.17 36.43 3.21
CA LEU Q 100 6.46 35.67 4.43
C LEU Q 100 6.81 36.59 5.62
N PRO Q 101 6.58 36.16 6.87
CA PRO Q 101 7.13 36.83 8.05
C PRO Q 101 8.64 37.10 7.93
N GLU Q 102 9.40 36.13 7.42
CA GLU Q 102 10.84 36.27 7.16
C GLU Q 102 11.16 37.37 6.14
N GLU Q 103 10.23 37.73 5.27
CA GLU Q 103 10.38 38.80 4.29
C GLU Q 103 9.92 40.14 4.85
N TRP Q 104 8.86 40.17 5.66
CA TRP Q 104 8.48 41.38 6.39
C TRP Q 104 9.57 41.86 7.34
N GLU Q 105 10.27 40.96 8.02
CA GLU Q 105 11.44 41.32 8.83
C GLU Q 105 12.55 42.00 8.00
N VAL Q 106 12.77 41.55 6.77
CA VAL Q 106 13.77 42.14 5.86
C VAL Q 106 13.34 43.52 5.38
N LEU Q 107 12.06 43.70 5.05
CA LEU Q 107 11.45 44.99 4.75
C LEU Q 107 11.38 45.90 6.00
N GLY Q 108 11.66 45.37 7.19
CA GLY Q 108 11.84 46.13 8.42
C GLY Q 108 10.58 46.34 9.27
N ILE Q 109 9.50 45.59 9.01
CA ILE Q 109 8.29 45.63 9.83
C ILE Q 109 8.10 44.30 10.57
N VAL Q 110 7.91 44.36 11.89
CA VAL Q 110 7.89 43.18 12.77
C VAL Q 110 6.70 43.24 13.72
N ARG Q 111 6.04 42.09 13.91
CA ARG Q 111 4.86 41.90 14.77
C ARG Q 111 5.21 41.03 15.98
N SER Q 112 4.78 41.44 17.18
CA SER Q 112 4.98 40.65 18.40
C SER Q 112 4.01 39.48 18.47
N GLY Q 113 4.47 38.33 18.95
CA GLY Q 113 3.65 37.14 19.23
C GLY Q 113 2.97 37.18 20.61
N LEU Q 114 3.29 38.19 21.43
CA LEU Q 114 2.61 38.53 22.68
C LEU Q 114 1.77 39.80 22.49
N GLY Q 115 0.51 39.75 22.90
CA GLY Q 115 -0.38 40.91 23.05
C GLY Q 115 -1.23 40.78 24.31
N ILE Q 116 -1.80 41.87 24.81
CA ILE Q 116 -2.46 41.90 26.13
C ILE Q 116 -3.94 42.29 26.00
N LEU Q 117 -4.87 41.49 26.49
CA LEU Q 117 -6.24 41.93 26.69
C LEU Q 117 -6.34 42.69 28.01
N VAL Q 118 -6.93 43.87 27.99
CA VAL Q 118 -7.00 44.79 29.14
C VAL Q 118 -8.46 44.96 29.57
N PRO Q 119 -8.85 44.50 30.77
CA PRO Q 119 -10.16 44.78 31.33
C PRO Q 119 -10.40 46.28 31.43
N THR Q 120 -11.63 46.72 31.25
CA THR Q 120 -12.02 48.12 31.51
C THR Q 120 -13.47 48.20 31.95
N VAL Q 121 -13.75 49.17 32.81
CA VAL Q 121 -15.09 49.50 33.30
C VAL Q 121 -15.18 51.01 33.39
N VAL Q 122 -16.31 51.60 33.00
CA VAL Q 122 -16.50 53.06 33.07
C VAL Q 122 -16.48 53.48 34.53
N LEU Q 123 -15.61 54.43 34.89
CA LEU Q 123 -15.56 54.95 36.24
C LEU Q 123 -16.78 55.84 36.52
N PRO Q 124 -17.40 55.75 37.70
CA PRO Q 124 -18.63 56.46 38.01
C PRO Q 124 -18.43 57.97 38.14
N SER Q 125 -19.51 58.70 37.87
CA SER Q 125 -19.65 60.15 38.07
C SER Q 125 -21.13 60.53 38.15
N ALA R 2 49.03 23.13 3.28
CA ALA R 2 47.81 23.06 2.44
C ALA R 2 46.60 22.62 3.28
N THR R 3 46.55 21.35 3.68
CA THR R 3 45.58 20.80 4.66
C THR R 3 46.21 19.57 5.32
N LEU R 4 45.83 19.18 6.55
CA LEU R 4 46.32 17.94 7.16
C LEU R 4 45.94 16.71 6.32
N ALA R 5 44.66 16.42 6.14
CA ALA R 5 44.23 15.36 5.23
C ALA R 5 44.30 15.80 3.76
N THR R 6 44.15 14.84 2.84
CA THR R 6 44.33 14.97 1.40
C THR R 6 43.20 14.26 0.65
N HIS R 7 42.97 14.57 -0.63
CA HIS R 7 41.98 13.80 -1.38
C HIS R 7 42.36 12.31 -1.51
N GLU R 8 43.64 11.94 -1.41
CA GLU R 8 44.02 10.54 -1.29
C GLU R 8 43.47 9.89 -0.02
N ASP R 9 43.39 10.59 1.12
CA ASP R 9 42.76 10.04 2.32
C ASP R 9 41.28 9.74 2.09
N VAL R 10 40.52 10.69 1.55
CA VAL R 10 39.09 10.50 1.26
C VAL R 10 38.90 9.40 0.21
N THR R 11 39.72 9.40 -0.84
CA THR R 11 39.70 8.37 -1.88
C THR R 11 39.94 6.99 -1.29
N ALA R 12 40.90 6.84 -0.38
CA ALA R 12 41.19 5.57 0.27
C ALA R 12 40.02 5.08 1.12
N PHE R 13 39.36 5.95 1.88
CA PHE R 13 38.16 5.57 2.64
C PHE R 13 36.92 5.35 1.75
N TRP R 14 36.82 5.98 0.58
CA TRP R 14 35.68 5.83 -0.32
C TRP R 14 35.72 4.54 -1.14
N ALA R 15 36.91 4.08 -1.53
CA ALA R 15 37.12 2.94 -2.44
C ALA R 15 36.48 3.14 -3.84
N ARG R 16 36.61 4.35 -4.39
CA ARG R 16 36.35 4.69 -5.79
C ARG R 16 37.37 5.74 -6.25
N THR R 17 37.70 5.77 -7.53
CA THR R 17 38.46 6.88 -8.10
C THR R 17 37.54 8.08 -8.35
N PRO R 18 37.81 9.27 -7.78
CA PRO R 18 37.00 10.45 -8.01
C PRO R 18 37.24 11.06 -9.39
N THR R 19 36.24 11.73 -9.97
CA THR R 19 36.42 12.56 -11.17
C THR R 19 37.12 13.88 -10.87
N ALA R 20 37.50 14.65 -11.90
CA ALA R 20 38.14 15.96 -11.72
C ALA R 20 37.26 16.97 -10.96
N GLU R 21 35.93 16.89 -11.07
CA GLU R 21 35.02 17.72 -10.29
C GLU R 21 34.94 17.25 -8.83
N GLU R 22 34.90 15.95 -8.61
CA GLU R 22 34.85 15.38 -7.26
C GLU R 22 36.16 15.66 -6.51
N ILE R 23 37.30 15.70 -7.19
CA ILE R 23 38.58 16.12 -6.61
C ILE R 23 38.53 17.56 -6.10
N VAL R 24 38.02 18.52 -6.88
CA VAL R 24 37.97 19.90 -6.39
C VAL R 24 36.93 20.06 -5.26
N LEU R 25 35.81 19.36 -5.30
CA LEU R 25 34.86 19.32 -4.18
C LEU R 25 35.56 18.82 -2.91
N ILE R 26 36.25 17.67 -2.98
CA ILE R 26 36.96 17.13 -1.83
C ILE R 26 38.04 18.11 -1.34
N ASN R 27 38.82 18.73 -2.22
CA ASN R 27 39.80 19.72 -1.81
C ASN R 27 39.16 20.94 -1.11
N ARG R 28 38.00 21.43 -1.56
CA ARG R 28 37.28 22.52 -0.87
C ARG R 28 36.75 22.08 0.49
N ARG R 29 36.13 20.89 0.57
CA ARG R 29 35.53 20.41 1.82
C ARG R 29 36.53 19.94 2.87
N LEU R 30 37.69 19.43 2.48
CA LEU R 30 38.74 19.11 3.46
C LEU R 30 39.27 20.37 4.16
N ALA R 31 39.44 21.48 3.43
CA ALA R 31 39.84 22.74 4.05
C ALA R 31 38.77 23.24 5.03
N GLN R 32 37.49 23.06 4.69
CA GLN R 32 36.36 23.38 5.57
C GLN R 32 36.35 22.53 6.83
N ALA R 33 36.59 21.22 6.73
CA ALA R 33 36.68 20.32 7.88
C ALA R 33 37.87 20.68 8.79
N GLU R 34 39.06 20.94 8.24
CA GLU R 34 40.22 21.36 9.03
C GLU R 34 39.92 22.64 9.81
N ARG R 35 39.36 23.65 9.13
CA ARG R 35 38.99 24.92 9.76
C ARG R 35 37.93 24.74 10.83
N MET R 36 36.97 23.85 10.64
CA MET R 36 35.96 23.51 11.63
C MET R 36 36.55 22.83 12.88
N LEU R 37 37.57 21.99 12.76
CA LEU R 37 38.29 21.44 13.91
C LEU R 37 39.17 22.50 14.59
N LEU R 38 39.93 23.28 13.80
CA LEU R 38 40.85 24.32 14.28
C LEU R 38 40.10 25.38 15.12
N ARG R 39 38.87 25.72 14.75
CA ARG R 39 38.00 26.63 15.51
C ARG R 39 37.80 26.20 16.97
N ALA R 40 37.66 24.90 17.22
CA ALA R 40 37.39 24.34 18.54
C ALA R 40 38.66 23.93 19.30
N ILE R 41 39.70 23.48 18.60
CA ILE R 41 41.02 23.14 19.16
C ILE R 41 42.06 24.12 18.56
N PRO R 42 42.25 25.33 19.10
CA PRO R 42 43.12 26.31 18.47
C PRO R 42 44.60 25.90 18.40
N GLU R 43 45.03 24.96 19.22
CA GLU R 43 46.38 24.36 19.15
C GLU R 43 46.54 23.26 18.10
N LEU R 44 45.47 22.88 17.36
CA LEU R 44 45.40 21.65 16.56
C LEU R 44 46.66 21.35 15.74
N LEU R 45 47.12 22.31 14.92
CA LEU R 45 48.21 22.10 13.98
C LEU R 45 49.59 21.95 14.63
N ILE R 46 49.74 22.31 15.92
CA ILE R 46 50.97 22.16 16.70
C ILE R 46 50.85 21.15 17.84
N LYS R 47 49.64 20.71 18.19
CA LYS R 47 49.41 19.47 18.94
C LYS R 47 49.68 18.28 18.03
N ALA R 48 49.13 18.30 16.81
CA ALA R 48 49.59 17.46 15.70
C ALA R 48 51.05 17.79 15.34
N SER R 49 51.70 16.88 14.62
CA SER R 49 53.14 16.89 14.30
C SER R 49 54.06 16.70 15.52
N SER R 50 53.81 17.39 16.63
CA SER R 50 54.39 17.07 17.93
C SER R 50 53.92 15.70 18.44
N ASP R 51 52.62 15.41 18.32
CA ASP R 51 52.01 14.12 18.66
C ASP R 51 51.54 13.39 17.38
N PRO R 52 52.18 12.27 16.99
CA PRO R 52 51.91 11.61 15.72
C PRO R 52 50.64 10.75 15.76
N VAL R 53 50.33 10.11 16.89
CA VAL R 53 49.08 9.34 17.01
C VAL R 53 47.88 10.29 17.06
N PHE R 54 48.00 11.44 17.72
CA PHE R 54 46.96 12.48 17.62
C PHE R 54 46.75 12.96 16.18
N ARG R 55 47.83 13.23 15.43
CA ARG R 55 47.69 13.59 14.00
C ARG R 55 46.97 12.49 13.23
N ALA R 56 47.28 11.22 13.49
CA ALA R 56 46.60 10.11 12.84
C ALA R 56 45.08 10.07 13.14
N GLU R 57 44.63 10.52 14.33
CA GLU R 57 43.18 10.69 14.57
C GLU R 57 42.60 11.76 13.65
N VAL R 58 43.22 12.93 13.60
CA VAL R 58 42.71 14.10 12.90
C VAL R 58 42.56 13.82 11.41
N ILE R 59 43.53 13.11 10.81
CA ILE R 59 43.46 12.72 9.40
C ILE R 59 42.21 11.89 9.09
N ASP R 60 41.91 10.86 9.88
CA ASP R 60 40.76 10.02 9.58
C ASP R 60 39.42 10.66 10.00
N ILE R 61 39.40 11.55 10.98
CA ILE R 61 38.23 12.35 11.32
C ILE R 61 37.92 13.37 10.22
N GLU R 62 38.90 14.08 9.67
CA GLU R 62 38.67 14.95 8.53
C GLU R 62 38.19 14.16 7.31
N ALA R 63 38.83 13.01 7.02
CA ALA R 63 38.45 12.22 5.87
C ALA R 63 37.04 11.65 6.00
N GLU R 64 36.65 11.10 7.15
CA GLU R 64 35.31 10.55 7.31
C GLU R 64 34.24 11.67 7.34
N ALA R 65 34.57 12.87 7.86
CA ALA R 65 33.65 14.01 7.87
C ALA R 65 33.35 14.53 6.45
N VAL R 66 34.33 14.54 5.54
CA VAL R 66 34.06 14.76 4.11
C VAL R 66 33.39 13.55 3.47
N LEU R 67 33.80 12.32 3.79
CA LEU R 67 33.29 11.15 3.07
C LEU R 67 31.78 11.00 3.20
N ARG R 68 31.20 11.08 4.41
CA ARG R 68 29.74 10.96 4.57
C ARG R 68 28.93 12.07 3.89
N LEU R 69 29.61 13.13 3.43
CA LEU R 69 29.03 14.22 2.65
C LEU R 69 29.22 14.07 1.13
N VAL R 70 30.07 13.14 0.67
CA VAL R 70 30.36 12.95 -0.76
C VAL R 70 30.05 11.54 -1.29
N ARG R 71 29.66 10.56 -0.46
CA ARG R 71 29.38 9.18 -0.92
C ARG R 71 28.44 9.09 -2.12
N ASN R 72 27.44 9.97 -2.16
CA ASN R 72 26.37 9.96 -3.16
C ASN R 72 25.83 11.38 -3.38
N HIS R 73 26.74 12.36 -3.54
CA HIS R 73 26.40 13.79 -3.59
C HIS R 73 25.43 14.17 -4.71
N GLU R 74 25.35 13.36 -5.76
CA GLU R 74 24.40 13.55 -6.87
C GLU R 74 22.94 13.41 -6.43
N GLY R 75 22.68 12.70 -5.32
CA GLY R 75 21.34 12.54 -4.75
C GLY R 75 20.48 11.46 -5.39
N TYR R 76 21.06 10.53 -6.15
CA TYR R 76 20.31 9.43 -6.76
C TYR R 76 19.80 8.42 -5.73
N LEU R 77 18.70 7.76 -6.08
CA LEU R 77 18.16 6.55 -5.47
C LEU R 77 18.30 5.37 -6.42
N SER R 78 18.13 5.59 -7.72
CA SER R 78 18.23 4.56 -8.75
C SER R 78 18.63 5.15 -10.09
N GLU R 79 19.26 4.35 -10.95
CA GLU R 79 19.46 4.65 -12.36
C GLU R 79 19.25 3.39 -13.20
N THR R 80 18.89 3.56 -14.46
CA THR R 80 18.80 2.50 -15.48
C THR R 80 19.60 2.93 -16.67
N ASP R 81 20.29 2.02 -17.35
CA ASP R 81 21.11 2.32 -18.49
C ASP R 81 21.10 1.14 -19.47
N GLY R 82 20.40 1.27 -20.58
CA GLY R 82 20.10 0.15 -21.45
C GLY R 82 19.30 -0.88 -20.67
N ASN R 83 19.87 -2.08 -20.46
CA ASN R 83 19.25 -3.10 -19.62
C ASN R 83 19.88 -3.28 -18.23
N TYR R 84 20.88 -2.50 -17.84
CA TYR R 84 21.40 -2.48 -16.47
C TYR R 84 20.55 -1.58 -15.59
N THR R 85 20.36 -1.89 -14.31
CA THR R 85 19.61 -1.04 -13.37
C THR R 85 20.08 -1.29 -11.95
N TYR R 86 20.10 -0.26 -11.11
CA TYR R 86 20.41 -0.41 -9.70
C TYR R 86 19.51 0.42 -8.82
N MET R 87 19.44 0.08 -7.54
CA MET R 87 18.78 0.87 -6.52
C MET R 87 19.61 0.87 -5.24
N LEU R 88 19.67 2.01 -4.56
CA LEU R 88 20.44 2.19 -3.33
C LEU R 88 19.58 2.01 -2.08
N GLN R 89 20.20 1.73 -0.94
CA GLN R 89 19.56 1.88 0.36
C GLN R 89 19.14 3.34 0.56
N ALA R 90 17.99 3.60 1.20
CA ALA R 90 17.57 4.97 1.50
C ALA R 90 18.51 5.64 2.51
N GLN R 91 18.80 6.92 2.31
CA GLN R 91 19.69 7.72 3.18
C GLN R 91 19.29 9.20 3.18
N ASP R 92 19.68 9.94 4.22
CA ASP R 92 19.15 11.26 4.52
C ASP R 92 19.54 12.34 3.47
N PRO R 93 18.55 13.02 2.85
CA PRO R 93 18.79 14.22 2.04
C PRO R 93 19.34 15.39 2.86
N ASN R 94 19.84 16.41 2.17
CA ASN R 94 20.24 17.70 2.75
C ASN R 94 21.29 17.57 3.87
N ARG R 95 22.22 16.61 3.73
CA ARG R 95 23.38 16.44 4.62
C ARG R 95 24.30 17.66 4.61
N LYS R 96 24.99 17.86 5.72
CA LYS R 96 25.77 19.06 6.06
C LYS R 96 27.12 18.63 6.62
N LEU R 97 28.19 19.42 6.42
CA LEU R 97 29.47 19.06 7.03
C LEU R 97 29.37 19.30 8.54
N GLU R 98 29.53 18.24 9.32
CA GLU R 98 29.50 18.29 10.78
C GLU R 98 30.41 17.22 11.38
N ILE R 99 30.89 17.46 12.60
CA ILE R 99 31.72 16.53 13.37
C ILE R 99 30.86 15.96 14.49
N LEU R 100 30.75 14.64 14.58
CA LEU R 100 29.89 13.98 15.57
C LEU R 100 30.47 14.06 17.00
N PRO R 101 29.64 13.98 18.06
CA PRO R 101 30.10 13.96 19.44
C PRO R 101 31.19 12.92 19.72
N GLU R 102 31.03 11.68 19.24
CA GLU R 102 32.04 10.63 19.40
C GLU R 102 33.33 10.86 18.59
N GLU R 103 33.37 11.87 17.71
CA GLU R 103 34.62 12.35 17.11
C GLU R 103 35.21 13.49 17.93
N TRP R 104 34.40 14.42 18.45
CA TRP R 104 34.90 15.43 19.39
C TRP R 104 35.54 14.80 20.63
N GLU R 105 34.98 13.70 21.15
CA GLU R 105 35.58 12.93 22.24
C GLU R 105 36.98 12.41 21.92
N VAL R 106 37.28 12.13 20.64
CA VAL R 106 38.61 11.69 20.21
C VAL R 106 39.59 12.86 20.16
N LEU R 107 39.16 14.02 19.67
CA LEU R 107 39.91 15.27 19.80
C LEU R 107 40.09 15.67 21.27
N GLY R 108 39.28 15.14 22.18
CA GLY R 108 39.32 15.38 23.62
C GLY R 108 38.32 16.43 24.12
N ILE R 109 37.48 16.99 23.25
CA ILE R 109 36.37 17.85 23.64
C ILE R 109 35.20 16.99 24.08
N VAL R 110 34.80 17.08 25.34
CA VAL R 110 33.60 16.42 25.87
C VAL R 110 32.55 17.47 26.20
N ARG R 111 31.37 17.40 25.56
CA ARG R 111 30.21 18.23 25.92
C ARG R 111 29.48 17.58 27.09
N SER R 112 29.18 18.34 28.13
CA SER R 112 28.53 17.84 29.35
C SER R 112 27.02 18.07 29.29
N GLY R 113 26.22 17.04 29.55
CA GLY R 113 24.77 17.04 29.39
C GLY R 113 23.98 17.54 30.61
N LEU R 114 24.66 17.81 31.73
CA LEU R 114 24.10 18.46 32.92
C LEU R 114 24.85 19.77 33.19
N GLY R 115 24.13 20.88 33.15
CA GLY R 115 24.56 22.21 33.59
C GLY R 115 23.43 22.87 34.38
N ILE R 116 23.69 24.00 35.05
CA ILE R 116 22.74 24.58 36.01
C ILE R 116 22.42 26.04 35.74
N LEU R 117 21.19 26.46 36.02
CA LEU R 117 20.81 27.86 36.05
C LEU R 117 20.95 28.35 37.48
N VAL R 118 21.65 29.46 37.67
CA VAL R 118 21.94 30.03 38.99
C VAL R 118 21.18 31.34 39.15
N PRO R 119 20.22 31.44 40.08
CA PRO R 119 19.53 32.69 40.33
C PRO R 119 20.46 33.65 41.05
N THR R 120 20.47 34.92 40.66
CA THR R 120 21.18 35.97 41.39
C THR R 120 20.34 37.24 41.51
N VAL R 121 20.60 38.00 42.56
CA VAL R 121 20.05 39.33 42.82
C VAL R 121 21.17 40.18 43.39
N VAL R 122 21.29 41.44 42.97
CA VAL R 122 22.41 42.26 43.45
C VAL R 122 22.20 42.61 44.92
N LEU R 123 23.23 42.41 45.75
CA LEU R 123 23.14 42.68 47.17
C LEU R 123 23.17 44.20 47.42
N PRO R 124 22.35 44.72 48.33
CA PRO R 124 22.15 46.15 48.53
C PRO R 124 23.33 46.84 49.23
N SER R 125 23.44 48.15 49.01
CA SER R 125 24.37 49.07 49.70
C SER R 125 23.80 50.50 49.69
N ALA S 2 -47.66 -21.86 4.11
CA ALA S 2 -47.69 -21.60 2.65
C ALA S 2 -47.33 -20.14 2.37
N THR S 3 -46.49 -19.87 1.36
CA THR S 3 -46.04 -18.50 1.04
C THR S 3 -47.10 -17.61 0.39
N LEU S 4 -47.23 -16.38 0.89
CA LEU S 4 -47.95 -15.28 0.24
C LEU S 4 -47.12 -14.69 -0.89
N ALA S 5 -45.85 -14.35 -0.65
CA ALA S 5 -44.94 -13.94 -1.72
C ALA S 5 -44.47 -15.16 -2.54
N THR S 6 -44.05 -14.95 -3.78
CA THR S 6 -43.59 -16.04 -4.67
C THR S 6 -42.37 -15.60 -5.45
N HIS S 7 -41.67 -16.51 -6.14
CA HIS S 7 -40.43 -16.15 -6.83
C HIS S 7 -40.59 -15.05 -7.88
N GLU S 8 -41.79 -14.78 -8.39
CA GLU S 8 -42.07 -13.60 -9.21
C GLU S 8 -41.84 -12.29 -8.45
N ASP S 9 -42.13 -12.21 -7.15
CA ASP S 9 -41.85 -11.01 -6.35
C ASP S 9 -40.35 -10.79 -6.19
N VAL S 10 -39.62 -11.83 -5.79
CA VAL S 10 -38.16 -11.75 -5.66
C VAL S 10 -37.52 -11.43 -6.99
N THR S 11 -38.01 -12.03 -8.08
CA THR S 11 -37.56 -11.68 -9.44
C THR S 11 -37.86 -10.23 -9.77
N ALA S 12 -39.05 -9.72 -9.48
CA ALA S 12 -39.42 -8.34 -9.78
C ALA S 12 -38.51 -7.34 -9.06
N PHE S 13 -38.13 -7.60 -7.81
CA PHE S 13 -37.16 -6.77 -7.11
C PHE S 13 -35.71 -7.02 -7.54
N TRP S 14 -35.34 -8.22 -7.98
CA TRP S 14 -33.98 -8.52 -8.45
C TRP S 14 -33.69 -7.94 -9.84
N ALA S 15 -34.73 -7.75 -10.66
CA ALA S 15 -34.69 -7.48 -12.10
C ALA S 15 -34.07 -8.60 -12.96
N ARG S 16 -32.99 -9.26 -12.52
CA ARG S 16 -32.46 -10.48 -13.16
C ARG S 16 -33.50 -11.60 -13.16
N THR S 17 -33.41 -12.54 -14.10
CA THR S 17 -34.28 -13.72 -14.13
C THR S 17 -33.57 -14.94 -13.54
N PRO S 18 -34.15 -15.64 -12.56
CA PRO S 18 -33.52 -16.79 -11.92
C PRO S 18 -33.51 -18.03 -12.82
N THR S 19 -32.45 -18.82 -12.74
CA THR S 19 -32.37 -20.18 -13.31
C THR S 19 -33.16 -21.18 -12.46
N ALA S 20 -33.33 -22.40 -12.95
CA ALA S 20 -34.07 -23.45 -12.23
C ALA S 20 -33.47 -23.81 -10.87
N GLU S 21 -32.17 -23.65 -10.65
CA GLU S 21 -31.56 -23.82 -9.33
C GLU S 21 -31.94 -22.67 -8.38
N GLU S 22 -31.89 -21.43 -8.87
CA GLU S 22 -32.23 -20.24 -8.08
C GLU S 22 -33.72 -20.17 -7.75
N ILE S 23 -34.61 -20.70 -8.61
CA ILE S 23 -36.03 -20.86 -8.30
C ILE S 23 -36.23 -21.78 -7.09
N VAL S 24 -35.52 -22.90 -7.02
CA VAL S 24 -35.64 -23.82 -5.87
C VAL S 24 -35.16 -23.15 -4.59
N LEU S 25 -34.01 -22.45 -4.66
CA LEU S 25 -33.50 -21.67 -3.54
C LEU S 25 -34.50 -20.63 -3.06
N ILE S 26 -35.03 -19.80 -3.96
CA ILE S 26 -35.99 -18.76 -3.60
C ILE S 26 -37.26 -19.35 -2.99
N ASN S 27 -37.80 -20.43 -3.53
CA ASN S 27 -38.97 -21.10 -2.95
C ASN S 27 -38.69 -21.56 -1.50
N ARG S 28 -37.52 -22.16 -1.23
CA ARG S 28 -37.19 -22.61 0.13
C ARG S 28 -36.96 -21.46 1.10
N ARG S 29 -36.31 -20.38 0.68
CA ARG S 29 -36.09 -19.21 1.55
C ARG S 29 -37.35 -18.39 1.78
N LEU S 30 -38.27 -18.28 0.81
CA LEU S 30 -39.58 -17.69 1.07
C LEU S 30 -40.35 -18.52 2.10
N ALA S 31 -40.31 -19.84 2.00
CA ALA S 31 -40.93 -20.72 3.00
C ALA S 31 -40.28 -20.63 4.40
N GLN S 32 -39.07 -20.05 4.50
CA GLN S 32 -38.42 -19.74 5.77
C GLN S 32 -38.82 -18.35 6.28
N ALA S 33 -38.86 -17.34 5.42
CA ALA S 33 -39.23 -15.97 5.79
C ALA S 33 -40.69 -15.88 6.27
N GLU S 34 -41.62 -16.54 5.56
CA GLU S 34 -43.00 -16.74 5.99
C GLU S 34 -43.09 -17.25 7.43
N ARG S 35 -42.37 -18.34 7.64
CA ARG S 35 -42.32 -19.08 8.90
C ARG S 35 -41.71 -18.27 10.03
N MET S 36 -40.68 -17.47 9.77
CA MET S 36 -40.14 -16.50 10.76
C MET S 36 -41.17 -15.45 11.14
N LEU S 37 -41.84 -14.82 10.17
CA LEU S 37 -42.88 -13.83 10.46
C LEU S 37 -44.07 -14.45 11.18
N LEU S 38 -44.57 -15.61 10.76
CA LEU S 38 -45.70 -16.29 11.41
C LEU S 38 -45.39 -16.61 12.88
N ARG S 39 -44.19 -17.12 13.18
CA ARG S 39 -43.79 -17.42 14.56
C ARG S 39 -43.70 -16.18 15.45
N ALA S 40 -43.41 -15.01 14.90
CA ALA S 40 -43.42 -13.74 15.63
C ALA S 40 -44.80 -13.05 15.67
N ILE S 41 -45.65 -13.30 14.67
CA ILE S 41 -46.96 -12.67 14.44
C ILE S 41 -48.03 -13.77 14.26
N PRO S 42 -48.54 -14.40 15.33
CA PRO S 42 -49.47 -15.53 15.20
C PRO S 42 -50.73 -15.26 14.36
N GLU S 43 -51.16 -14.01 14.26
CA GLU S 43 -52.31 -13.56 13.46
C GLU S 43 -52.04 -13.51 11.94
N LEU S 44 -50.79 -13.63 11.49
CA LEU S 44 -50.32 -13.14 10.19
C LEU S 44 -51.20 -13.53 9.00
N LEU S 45 -51.46 -14.82 8.81
CA LEU S 45 -52.20 -15.33 7.65
C LEU S 45 -53.66 -14.85 7.67
N ILE S 46 -54.25 -14.71 8.86
CA ILE S 46 -55.62 -14.27 9.03
C ILE S 46 -55.71 -12.78 8.68
N LYS S 47 -54.84 -11.94 9.28
CA LYS S 47 -54.85 -10.49 9.00
C LYS S 47 -54.48 -10.20 7.54
N ALA S 48 -53.53 -10.92 6.95
CA ALA S 48 -53.22 -10.78 5.53
C ALA S 48 -54.36 -11.23 4.59
N SER S 49 -55.33 -12.00 5.09
CA SER S 49 -56.52 -12.38 4.32
C SER S 49 -57.67 -11.36 4.41
N SER S 50 -57.56 -10.31 5.22
CA SER S 50 -58.63 -9.31 5.43
C SER S 50 -58.17 -7.85 5.36
N ASP S 51 -56.89 -7.56 5.63
CA ASP S 51 -56.29 -6.24 5.45
C ASP S 51 -55.39 -6.21 4.20
N PRO S 52 -55.81 -5.55 3.11
CA PRO S 52 -55.12 -5.60 1.83
C PRO S 52 -53.85 -4.73 1.77
N VAL S 53 -53.69 -3.72 2.64
CA VAL S 53 -52.44 -2.96 2.71
C VAL S 53 -51.43 -3.71 3.58
N PHE S 54 -51.87 -4.36 4.65
CA PHE S 54 -51.00 -5.26 5.43
C PHE S 54 -50.51 -6.44 4.57
N ARG S 55 -51.37 -7.01 3.73
CA ARG S 55 -50.99 -8.07 2.77
C ARG S 55 -49.86 -7.62 1.85
N ALA S 56 -49.92 -6.39 1.33
CA ALA S 56 -48.87 -5.87 0.47
C ALA S 56 -47.55 -5.71 1.25
N GLU S 57 -47.61 -5.22 2.49
CA GLU S 57 -46.43 -5.03 3.31
C GLU S 57 -45.72 -6.32 3.67
N VAL S 58 -46.43 -7.39 4.06
CA VAL S 58 -45.78 -8.68 4.32
C VAL S 58 -45.12 -9.23 3.05
N ILE S 59 -45.79 -9.17 1.90
CA ILE S 59 -45.23 -9.71 0.65
C ILE S 59 -43.93 -9.00 0.28
N ASP S 60 -43.90 -7.68 0.33
CA ASP S 60 -42.68 -6.94 -0.01
C ASP S 60 -41.58 -7.09 1.03
N ILE S 61 -41.90 -7.32 2.31
CA ILE S 61 -40.90 -7.59 3.36
C ILE S 61 -40.32 -8.99 3.21
N GLU S 62 -41.11 -10.00 2.89
CA GLU S 62 -40.57 -11.32 2.55
C GLU S 62 -39.68 -11.27 1.30
N ALA S 63 -40.12 -10.59 0.25
CA ALA S 63 -39.35 -10.49 -0.97
C ALA S 63 -38.03 -9.74 -0.76
N GLU S 64 -38.03 -8.68 0.06
CA GLU S 64 -36.79 -8.02 0.49
C GLU S 64 -35.87 -8.97 1.26
N ALA S 65 -36.41 -9.68 2.26
CA ALA S 65 -35.62 -10.55 3.13
C ALA S 65 -34.92 -11.66 2.34
N VAL S 66 -35.58 -12.24 1.33
CA VAL S 66 -34.94 -13.20 0.44
C VAL S 66 -34.01 -12.53 -0.56
N LEU S 67 -34.39 -11.39 -1.16
CA LEU S 67 -33.57 -10.77 -2.19
C LEU S 67 -32.16 -10.45 -1.67
N ARG S 68 -32.02 -9.82 -0.51
CA ARG S 68 -30.70 -9.47 0.04
C ARG S 68 -29.83 -10.67 0.43
N LEU S 69 -30.33 -11.89 0.27
CA LEU S 69 -29.63 -13.14 0.55
C LEU S 69 -29.41 -14.02 -0.69
N VAL S 70 -30.27 -13.93 -1.72
CA VAL S 70 -30.02 -14.58 -3.01
C VAL S 70 -29.17 -13.72 -3.96
N ARG S 71 -29.23 -12.39 -3.84
CA ARG S 71 -28.35 -11.48 -4.60
C ARG S 71 -26.89 -11.84 -4.34
N ASN S 72 -26.18 -12.20 -5.41
CA ASN S 72 -24.78 -12.59 -5.40
C ASN S 72 -24.44 -13.69 -4.40
N HIS S 73 -25.27 -14.74 -4.30
CA HIS S 73 -24.87 -15.96 -3.59
C HIS S 73 -23.64 -16.62 -4.26
N GLU S 74 -22.92 -17.47 -3.52
CA GLU S 74 -21.55 -17.89 -3.85
C GLU S 74 -20.67 -16.71 -4.27
N GLY S 75 -20.69 -15.66 -3.45
CA GLY S 75 -20.32 -14.29 -3.83
C GLY S 75 -18.95 -14.13 -4.48
N TYR S 76 -18.97 -13.92 -5.79
CA TYR S 76 -17.83 -13.44 -6.55
C TYR S 76 -17.59 -11.97 -6.26
N LEU S 77 -16.33 -11.58 -6.17
CA LEU S 77 -15.88 -10.19 -6.21
C LEU S 77 -15.69 -9.74 -7.66
N SER S 78 -15.12 -10.61 -8.50
CA SER S 78 -14.85 -10.31 -9.90
C SER S 78 -14.72 -11.58 -10.72
N GLU S 79 -14.87 -11.46 -12.03
CA GLU S 79 -14.68 -12.54 -12.99
C GLU S 79 -14.15 -12.01 -14.31
N THR S 80 -13.49 -12.83 -15.11
CA THR S 80 -13.23 -12.52 -16.52
C THR S 80 -13.55 -13.69 -17.40
N ASP S 81 -13.82 -13.44 -18.66
CA ASP S 81 -14.21 -14.42 -19.66
C ASP S 81 -13.73 -13.94 -21.02
N GLY S 82 -12.74 -14.61 -21.59
CA GLY S 82 -12.08 -14.13 -22.79
C GLY S 82 -11.46 -12.76 -22.52
N ASN S 83 -11.98 -11.71 -23.16
CA ASN S 83 -11.56 -10.34 -22.91
C ASN S 83 -12.57 -9.48 -22.13
N TYR S 84 -13.72 -10.00 -21.72
CA TYR S 84 -14.66 -9.29 -20.84
C TYR S 84 -14.30 -9.50 -19.37
N THR S 85 -14.42 -8.46 -18.55
CA THR S 85 -14.05 -8.48 -17.12
C THR S 85 -15.02 -7.65 -16.32
N TYR S 86 -15.41 -8.06 -15.12
CA TYR S 86 -16.16 -7.20 -14.21
C TYR S 86 -15.71 -7.32 -12.78
N MET S 87 -15.98 -6.30 -11.97
CA MET S 87 -15.74 -6.31 -10.54
C MET S 87 -16.89 -5.63 -9.80
N LEU S 88 -17.30 -6.18 -8.66
CA LEU S 88 -18.41 -5.69 -7.85
C LEU S 88 -17.95 -4.77 -6.71
N GLN S 89 -18.85 -3.94 -6.21
CA GLN S 89 -18.63 -3.19 -4.97
C GLN S 89 -18.36 -4.14 -3.80
N ALA S 90 -17.59 -3.70 -2.81
CA ALA S 90 -17.16 -4.49 -1.67
C ALA S 90 -18.29 -4.72 -0.64
N GLN S 91 -19.34 -5.43 -1.05
CA GLN S 91 -20.54 -5.69 -0.27
C GLN S 91 -20.28 -6.47 1.05
N ASP S 92 -21.26 -6.43 1.94
CA ASP S 92 -21.34 -7.32 3.11
C ASP S 92 -21.34 -8.79 2.65
N PRO S 93 -20.56 -9.70 3.27
CA PRO S 93 -20.69 -11.14 3.04
C PRO S 93 -22.02 -11.66 3.64
N ASN S 94 -23.11 -11.38 2.92
CA ASN S 94 -24.50 -11.72 3.22
C ASN S 94 -24.70 -13.25 3.31
N ARG S 95 -24.95 -13.74 4.53
CA ARG S 95 -24.91 -15.19 4.84
C ARG S 95 -26.04 -15.68 5.75
N LYS S 96 -26.95 -14.79 6.15
CA LYS S 96 -28.01 -15.08 7.14
C LYS S 96 -29.34 -14.47 6.70
N LEU S 97 -30.46 -15.20 6.87
CA LEU S 97 -31.80 -14.63 6.69
C LEU S 97 -32.18 -13.82 7.93
N GLU S 98 -32.54 -12.56 7.75
CA GLU S 98 -32.91 -11.66 8.84
C GLU S 98 -34.05 -10.73 8.42
N ILE S 99 -34.90 -10.38 9.38
CA ILE S 99 -35.89 -9.31 9.26
C ILE S 99 -35.39 -8.13 10.10
N LEU S 100 -35.28 -6.93 9.52
CA LEU S 100 -34.70 -5.77 10.21
C LEU S 100 -35.65 -5.19 11.27
N PRO S 101 -35.16 -4.51 12.31
CA PRO S 101 -36.01 -3.78 13.25
C PRO S 101 -37.00 -2.83 12.56
N GLU S 102 -36.53 -2.06 11.58
CA GLU S 102 -37.35 -1.17 10.75
C GLU S 102 -38.29 -1.90 9.78
N GLU S 103 -38.24 -3.23 9.70
CA GLU S 103 -39.26 -4.06 9.06
C GLU S 103 -40.23 -4.64 10.09
N TRP S 104 -39.76 -5.07 11.27
CA TRP S 104 -40.66 -5.46 12.36
C TRP S 104 -41.62 -4.34 12.74
N GLU S 105 -41.16 -3.09 12.74
CA GLU S 105 -42.01 -1.92 12.99
C GLU S 105 -43.17 -1.77 11.98
N VAL S 106 -43.00 -2.26 10.75
CA VAL S 106 -44.05 -2.27 9.73
C VAL S 106 -45.09 -3.35 10.04
N LEU S 107 -44.66 -4.54 10.43
CA LEU S 107 -45.54 -5.59 10.94
C LEU S 107 -46.23 -5.18 12.27
N GLY S 108 -45.69 -4.16 12.95
CA GLY S 108 -46.25 -3.57 14.17
C GLY S 108 -45.58 -4.01 15.47
N ILE S 109 -44.46 -4.72 15.40
CA ILE S 109 -43.69 -5.19 16.56
C ILE S 109 -42.48 -4.27 16.71
N VAL S 110 -42.25 -3.72 17.91
CA VAL S 110 -41.17 -2.77 18.15
C VAL S 110 -40.36 -3.13 19.40
N ARG S 111 -39.03 -3.08 19.26
CA ARG S 111 -38.05 -3.33 20.33
C ARG S 111 -37.93 -2.07 21.19
N SER S 112 -38.50 -2.10 22.39
CA SER S 112 -38.21 -1.10 23.41
C SER S 112 -36.80 -1.30 23.95
N GLY S 113 -35.96 -0.27 23.84
CA GLY S 113 -34.53 -0.30 24.16
C GLY S 113 -34.19 0.12 25.60
N LEU S 114 -35.20 0.48 26.38
CA LEU S 114 -35.13 0.66 27.84
C LEU S 114 -35.96 -0.43 28.52
N GLY S 115 -35.32 -1.20 29.40
CA GLY S 115 -35.97 -2.14 30.32
C GLY S 115 -35.33 -2.04 31.70
N ILE S 116 -35.94 -2.58 32.74
CA ILE S 116 -35.46 -2.39 34.12
C ILE S 116 -35.22 -3.71 34.85
N LEU S 117 -34.20 -3.78 35.68
CA LEU S 117 -33.99 -4.89 36.59
C LEU S 117 -34.52 -4.48 37.96
N VAL S 118 -35.34 -5.33 38.54
CA VAL S 118 -36.05 -5.07 39.79
C VAL S 118 -35.47 -5.97 40.88
N PRO S 119 -34.87 -5.45 41.95
CA PRO S 119 -34.44 -6.28 43.04
C PRO S 119 -35.66 -6.83 43.75
N THR S 120 -35.58 -8.05 44.28
CA THR S 120 -36.65 -8.62 45.08
C THR S 120 -36.09 -9.55 46.14
N VAL S 121 -36.76 -9.59 47.28
CA VAL S 121 -36.44 -10.45 48.42
C VAL S 121 -37.77 -10.95 48.98
N VAL S 122 -37.90 -12.23 49.30
CA VAL S 122 -39.20 -12.74 49.79
C VAL S 122 -39.50 -12.15 51.16
N LEU S 123 -40.72 -11.66 51.34
CA LEU S 123 -41.13 -11.07 52.60
C LEU S 123 -41.34 -12.18 53.66
N PRO S 124 -40.93 -11.94 54.92
CA PRO S 124 -40.94 -12.95 55.96
C PRO S 124 -42.34 -13.32 56.44
N SER S 125 -42.43 -14.46 57.13
CA SER S 125 -43.59 -14.99 57.83
C SER S 125 -43.13 -15.91 58.97
N ALA T 2 -6.76 -51.92 17.10
CA ALA T 2 -6.47 -50.83 16.14
C ALA T 2 -7.13 -49.54 16.58
N THR T 3 -6.75 -48.41 15.96
CA THR T 3 -7.26 -47.07 16.27
C THR T 3 -8.79 -46.98 16.13
N LEU T 4 -9.47 -46.23 16.99
CA LEU T 4 -10.93 -46.12 16.98
C LEU T 4 -11.47 -45.48 15.69
N ALA T 5 -11.09 -44.24 15.34
CA ALA T 5 -11.34 -43.71 13.99
C ALA T 5 -10.38 -44.26 12.94
N THR T 6 -10.65 -43.99 11.66
CA THR T 6 -9.96 -44.57 10.49
C THR T 6 -9.60 -43.50 9.46
N HIS T 7 -8.67 -43.77 8.54
CA HIS T 7 -8.39 -42.82 7.47
C HIS T 7 -9.59 -42.62 6.54
N GLU T 8 -10.51 -43.58 6.44
CA GLU T 8 -11.78 -43.36 5.76
C GLU T 8 -12.64 -42.30 6.45
N ASP T 9 -12.65 -42.21 7.79
CA ASP T 9 -13.36 -41.13 8.48
C ASP T 9 -12.79 -39.75 8.09
N VAL T 10 -11.47 -39.58 8.15
CA VAL T 10 -10.83 -38.31 7.75
C VAL T 10 -11.10 -38.01 6.28
N THR T 11 -10.99 -39.01 5.41
CA THR T 11 -11.28 -38.88 3.98
C THR T 11 -12.71 -38.40 3.73
N ALA T 12 -13.69 -38.93 4.45
CA ALA T 12 -15.09 -38.52 4.30
C ALA T 12 -15.31 -37.05 4.64
N PHE T 13 -14.69 -36.53 5.71
CA PHE T 13 -14.76 -35.11 6.05
C PHE T 13 -13.92 -34.22 5.12
N TRP T 14 -12.89 -34.75 4.48
CA TRP T 14 -11.99 -33.96 3.62
C TRP T 14 -12.50 -33.81 2.18
N ALA T 15 -13.22 -34.80 1.64
CA ALA T 15 -13.69 -34.85 0.26
C ALA T 15 -12.56 -34.77 -0.80
N ARG T 16 -11.39 -35.33 -0.48
CA ARG T 16 -10.28 -35.63 -1.39
C ARG T 16 -9.75 -37.03 -1.10
N THR T 17 -9.34 -37.79 -2.11
CA THR T 17 -8.61 -39.05 -1.92
C THR T 17 -7.17 -38.76 -1.49
N PRO T 18 -6.71 -39.18 -0.30
CA PRO T 18 -5.34 -38.99 0.11
C PRO T 18 -4.37 -39.84 -0.72
N THR T 19 -3.16 -39.35 -1.00
CA THR T 19 -2.08 -40.17 -1.55
C THR T 19 -1.43 -41.06 -0.49
N ALA T 20 -0.66 -42.07 -0.87
CA ALA T 20 -0.12 -43.06 0.07
C ALA T 20 0.74 -42.47 1.20
N GLU T 21 1.40 -41.32 0.96
CA GLU T 21 2.11 -40.57 1.99
C GLU T 21 1.16 -39.91 3.00
N GLU T 22 0.04 -39.36 2.54
CA GLU T 22 -0.99 -38.76 3.39
C GLU T 22 -1.75 -39.82 4.20
N ILE T 23 -1.93 -41.03 3.65
CA ILE T 23 -2.52 -42.15 4.40
C ILE T 23 -1.64 -42.54 5.60
N VAL T 24 -0.32 -42.59 5.43
CA VAL T 24 0.60 -42.83 6.55
C VAL T 24 0.50 -41.72 7.58
N LEU T 25 0.50 -40.46 7.15
CA LEU T 25 0.35 -39.30 8.02
C LEU T 25 -0.94 -39.38 8.85
N ILE T 26 -2.08 -39.62 8.20
CA ILE T 26 -3.37 -39.76 8.88
C ILE T 26 -3.34 -40.91 9.89
N ASN T 27 -2.75 -42.05 9.56
CA ASN T 27 -2.63 -43.17 10.50
C ASN T 27 -1.75 -42.84 11.71
N ARG T 28 -0.72 -41.98 11.58
CA ARG T 28 0.04 -41.49 12.76
C ARG T 28 -0.79 -40.50 13.57
N ARG T 29 -1.45 -39.53 12.92
CA ARG T 29 -2.24 -38.50 13.60
C ARG T 29 -3.46 -39.04 14.35
N LEU T 30 -4.20 -39.98 13.79
CA LEU T 30 -5.38 -40.53 14.49
C LEU T 30 -4.98 -41.27 15.77
N ALA T 31 -3.86 -41.99 15.78
CA ALA T 31 -3.36 -42.60 17.00
C ALA T 31 -2.95 -41.55 18.05
N GLN T 32 -2.39 -40.42 17.61
CA GLN T 32 -2.07 -39.30 18.49
C GLN T 32 -3.35 -38.67 19.10
N ALA T 33 -4.41 -38.51 18.31
CA ALA T 33 -5.71 -38.04 18.81
C ALA T 33 -6.31 -39.03 19.81
N GLU T 34 -6.28 -40.33 19.53
CA GLU T 34 -6.77 -41.35 20.46
C GLU T 34 -6.04 -41.28 21.80
N ARG T 35 -4.71 -41.18 21.82
CA ARG T 35 -3.95 -41.00 23.08
C ARG T 35 -4.37 -39.75 23.82
N MET T 36 -4.52 -38.64 23.10
CA MET T 36 -4.87 -37.35 23.68
C MET T 36 -6.25 -37.37 24.35
N LEU T 37 -7.26 -38.00 23.74
CA LEU T 37 -8.56 -38.20 24.38
C LEU T 37 -8.48 -39.21 25.54
N LEU T 38 -7.81 -40.34 25.36
CA LEU T 38 -7.76 -41.42 26.34
C LEU T 38 -7.06 -41.00 27.65
N ARG T 39 -6.11 -40.06 27.59
CA ARG T 39 -5.50 -39.44 28.78
C ARG T 39 -6.47 -38.56 29.56
N ALA T 40 -7.36 -37.84 28.88
CA ALA T 40 -8.33 -36.96 29.52
C ALA T 40 -9.59 -37.71 30.01
N ILE T 41 -9.99 -38.79 29.33
CA ILE T 41 -11.12 -39.66 29.70
C ILE T 41 -10.62 -41.11 29.81
N PRO T 42 -10.11 -41.57 30.97
CA PRO T 42 -9.50 -42.90 31.11
C PRO T 42 -10.40 -44.08 30.69
N GLU T 43 -11.72 -43.92 30.77
CA GLU T 43 -12.71 -44.93 30.39
C GLU T 43 -13.10 -44.91 28.89
N LEU T 44 -12.47 -44.09 28.05
CA LEU T 44 -12.93 -43.76 26.69
C LEU T 44 -13.37 -44.98 25.87
N LEU T 45 -12.49 -45.99 25.74
CA LEU T 45 -12.77 -47.16 24.91
C LEU T 45 -13.88 -48.04 25.50
N ILE T 46 -13.97 -48.11 26.82
CA ILE T 46 -15.03 -48.86 27.52
C ILE T 46 -16.36 -48.17 27.24
N LYS T 47 -16.45 -46.85 27.49
CA LYS T 47 -17.66 -46.07 27.24
C LYS T 47 -18.08 -46.11 25.77
N ALA T 48 -17.14 -45.99 24.83
CA ALA T 48 -17.40 -46.12 23.40
C ALA T 48 -17.87 -47.53 23.00
N SER T 49 -17.41 -48.59 23.67
CA SER T 49 -17.93 -49.95 23.40
C SER T 49 -19.38 -50.14 23.88
N SER T 50 -19.82 -49.36 24.86
CA SER T 50 -21.15 -49.44 25.47
C SER T 50 -22.19 -48.53 24.79
N ASP T 51 -21.84 -47.27 24.52
CA ASP T 51 -22.76 -46.24 24.01
C ASP T 51 -22.41 -45.86 22.55
N PRO T 52 -23.28 -46.14 21.57
CA PRO T 52 -23.00 -45.88 20.17
C PRO T 52 -23.12 -44.40 19.79
N VAL T 53 -23.85 -43.58 20.55
CA VAL T 53 -23.91 -42.14 20.33
C VAL T 53 -22.62 -41.49 20.82
N PHE T 54 -22.12 -41.92 22.00
CA PHE T 54 -20.80 -41.49 22.46
C PHE T 54 -19.70 -41.94 21.49
N ARG T 55 -19.74 -43.19 21.01
CA ARG T 55 -18.80 -43.69 20.00
C ARG T 55 -18.81 -42.81 18.75
N ALA T 56 -19.98 -42.44 18.24
CA ALA T 56 -20.08 -41.56 17.07
C ALA T 56 -19.43 -40.19 17.32
N GLU T 57 -19.59 -39.60 18.52
CA GLU T 57 -18.90 -38.35 18.84
C GLU T 57 -17.39 -38.52 18.90
N VAL T 58 -16.87 -39.56 19.55
CA VAL T 58 -15.43 -39.79 19.62
C VAL T 58 -14.84 -39.97 18.22
N ILE T 59 -15.48 -40.76 17.37
CA ILE T 59 -15.06 -40.99 15.98
C ILE T 59 -14.97 -39.66 15.21
N ASP T 60 -16.00 -38.82 15.29
CA ASP T 60 -16.02 -37.57 14.53
C ASP T 60 -15.12 -36.49 15.15
N ILE T 61 -14.91 -36.47 16.47
CA ILE T 61 -13.94 -35.56 17.09
C ILE T 61 -12.52 -35.97 16.72
N GLU T 62 -12.15 -37.25 16.77
CA GLU T 62 -10.84 -37.69 16.31
C GLU T 62 -10.61 -37.34 14.84
N ALA T 63 -11.57 -37.65 13.97
CA ALA T 63 -11.43 -37.38 12.55
C ALA T 63 -11.32 -35.88 12.26
N GLU T 64 -12.13 -35.04 12.88
CA GLU T 64 -12.08 -33.61 12.63
C GLU T 64 -10.89 -32.92 13.30
N ALA T 65 -10.43 -33.38 14.46
CA ALA T 65 -9.21 -32.88 15.09
C ALA T 65 -7.98 -33.11 14.21
N VAL T 66 -7.90 -34.27 13.55
CA VAL T 66 -6.84 -34.55 12.58
C VAL T 66 -7.00 -33.73 11.31
N LEU T 67 -8.21 -33.58 10.78
CA LEU T 67 -8.42 -32.88 9.51
C LEU T 67 -7.91 -31.42 9.54
N ARG T 68 -7.99 -30.72 10.67
CA ARG T 68 -7.41 -29.38 10.83
C ARG T 68 -5.92 -29.30 10.48
N LEU T 69 -5.18 -30.42 10.59
CA LEU T 69 -3.76 -30.50 10.28
C LEU T 69 -3.46 -30.95 8.85
N VAL T 70 -4.17 -31.95 8.33
CA VAL T 70 -3.88 -32.52 7.01
C VAL T 70 -4.26 -31.56 5.90
N ARG T 71 -5.35 -30.81 6.08
CA ARG T 71 -5.82 -29.77 5.17
C ARG T 71 -4.71 -28.76 4.93
N ASN T 72 -4.25 -28.69 3.68
CA ASN T 72 -3.14 -27.82 3.24
C ASN T 72 -1.86 -27.95 4.09
N HIS T 73 -1.50 -29.16 4.53
CA HIS T 73 -0.33 -29.37 5.38
C HIS T 73 1.00 -28.97 4.73
N GLU T 74 1.03 -28.83 3.40
CA GLU T 74 2.20 -28.37 2.66
C GLU T 74 2.46 -26.87 2.83
N GLY T 75 1.45 -26.10 3.26
CA GLY T 75 1.59 -24.68 3.59
C GLY T 75 1.56 -23.73 2.40
N TYR T 76 1.13 -24.18 1.22
CA TYR T 76 0.99 -23.28 0.06
C TYR T 76 -0.05 -22.20 0.30
N LEU T 77 0.24 -21.01 -0.20
CA LEU T 77 -0.71 -19.93 -0.44
C LEU T 77 -1.17 -19.95 -1.90
N SER T 78 -0.27 -20.23 -2.83
CA SER T 78 -0.56 -20.25 -4.26
C SER T 78 0.38 -21.17 -5.02
N GLU T 79 -0.04 -21.68 -6.17
CA GLU T 79 0.81 -22.34 -7.16
C GLU T 79 0.38 -21.95 -8.57
N THR T 80 1.25 -22.08 -9.56
CA THR T 80 0.91 -21.97 -10.97
C THR T 80 1.52 -23.12 -11.73
N ASP T 81 0.91 -23.49 -12.86
CA ASP T 81 1.32 -24.61 -13.69
C ASP T 81 0.90 -24.34 -15.13
N GLY T 82 1.81 -23.82 -15.95
CA GLY T 82 1.48 -23.39 -17.31
C GLY T 82 0.48 -22.25 -17.27
N ASN T 83 -0.71 -22.45 -17.85
CA ASN T 83 -1.82 -21.51 -17.76
C ASN T 83 -2.44 -21.47 -16.36
N TYR T 84 -2.63 -22.62 -15.72
CA TYR T 84 -3.44 -22.72 -14.50
C TYR T 84 -2.77 -22.08 -13.29
N THR T 85 -3.53 -21.55 -12.36
CA THR T 85 -3.06 -20.79 -11.19
C THR T 85 -4.15 -20.74 -10.15
N TYR T 86 -3.82 -20.93 -8.88
CA TYR T 86 -4.79 -20.81 -7.79
C TYR T 86 -4.23 -20.05 -6.61
N MET T 87 -5.10 -19.56 -5.74
CA MET T 87 -4.71 -18.93 -4.50
C MET T 87 -5.73 -19.23 -3.41
N LEU T 88 -5.30 -19.33 -2.16
CA LEU T 88 -6.11 -19.79 -1.04
C LEU T 88 -6.44 -18.67 -0.05
N GLN T 89 -7.59 -18.78 0.63
CA GLN T 89 -7.90 -17.95 1.78
C GLN T 89 -6.84 -18.19 2.85
N ALA T 90 -6.23 -17.13 3.41
CA ALA T 90 -5.15 -17.27 4.38
C ALA T 90 -5.63 -17.97 5.66
N GLN T 91 -4.81 -18.87 6.21
CA GLN T 91 -5.17 -19.76 7.31
C GLN T 91 -3.98 -20.10 8.21
N ASP T 92 -4.22 -20.56 9.43
CA ASP T 92 -3.24 -20.52 10.52
C ASP T 92 -1.88 -21.21 10.21
N PRO T 93 -0.75 -20.51 10.40
CA PRO T 93 0.57 -21.13 10.44
C PRO T 93 0.80 -21.82 11.79
N ASN T 94 1.78 -22.74 11.84
CA ASN T 94 2.17 -23.50 13.04
C ASN T 94 1.00 -24.20 13.78
N ARG T 95 0.08 -24.79 13.02
CA ARG T 95 -0.97 -25.68 13.57
C ARG T 95 -0.35 -26.94 14.17
N LYS T 96 -0.94 -27.43 15.26
CA LYS T 96 -0.61 -28.67 15.95
C LYS T 96 -1.87 -29.34 16.50
N LEU T 97 -1.81 -30.64 16.81
CA LEU T 97 -3.00 -31.37 17.20
C LEU T 97 -3.57 -30.83 18.51
N GLU T 98 -4.79 -30.31 18.46
CA GLU T 98 -5.48 -29.74 19.63
C GLU T 98 -6.96 -30.08 19.56
N ILE T 99 -7.56 -30.32 20.73
CA ILE T 99 -9.00 -30.54 20.90
C ILE T 99 -9.61 -29.27 21.48
N LEU T 100 -10.64 -28.72 20.85
CA LEU T 100 -11.24 -27.44 21.26
C LEU T 100 -12.05 -27.57 22.58
N PRO T 101 -12.24 -26.47 23.33
CA PRO T 101 -13.10 -26.48 24.52
C PRO T 101 -14.50 -27.04 24.29
N GLU T 102 -15.14 -26.70 23.17
CA GLU T 102 -16.43 -27.27 22.79
C GLU T 102 -16.35 -28.76 22.39
N GLU T 103 -15.22 -29.25 21.90
CA GLU T 103 -15.04 -30.69 21.65
C GLU T 103 -14.88 -31.46 22.97
N TRP T 104 -14.17 -30.89 23.95
CA TRP T 104 -14.17 -31.46 25.30
C TRP T 104 -15.57 -31.45 25.93
N GLU T 105 -16.35 -30.39 25.75
CA GLU T 105 -17.72 -30.33 26.26
C GLU T 105 -18.61 -31.43 25.65
N VAL T 106 -18.45 -31.75 24.36
CA VAL T 106 -19.12 -32.89 23.73
C VAL T 106 -18.65 -34.23 24.31
N LEU T 107 -17.36 -34.39 24.61
CA LEU T 107 -16.84 -35.54 25.36
C LEU T 107 -17.28 -35.56 26.83
N GLY T 108 -17.96 -34.51 27.30
CA GLY T 108 -18.58 -34.45 28.61
C GLY T 108 -17.66 -33.94 29.73
N ILE T 109 -16.53 -33.31 29.41
CA ILE T 109 -15.62 -32.71 30.41
C ILE T 109 -15.42 -31.22 30.13
N VAL T 110 -15.26 -30.42 31.18
CA VAL T 110 -15.22 -28.95 31.07
C VAL T 110 -14.31 -28.31 32.11
N ARG T 111 -13.68 -27.20 31.73
CA ARG T 111 -12.89 -26.31 32.60
C ARG T 111 -13.75 -25.12 33.01
N SER T 112 -13.85 -24.85 34.30
CA SER T 112 -14.51 -23.63 34.80
C SER T 112 -13.54 -22.46 34.83
N GLY T 113 -14.04 -21.25 34.59
CA GLY T 113 -13.27 -20.02 34.47
C GLY T 113 -13.10 -19.24 35.78
N LEU T 114 -13.75 -19.68 36.87
CA LEU T 114 -13.60 -19.14 38.22
C LEU T 114 -12.96 -20.18 39.14
N GLY T 115 -11.82 -19.84 39.73
CA GLY T 115 -11.15 -20.63 40.76
C GLY T 115 -10.74 -19.76 41.96
N ILE T 116 -10.50 -20.37 43.11
CA ILE T 116 -10.24 -19.68 44.37
C ILE T 116 -8.78 -19.84 44.77
N LEU T 117 -8.08 -18.78 45.16
CA LEU T 117 -6.85 -18.91 45.93
C LEU T 117 -7.21 -18.74 47.40
N VAL T 118 -6.81 -19.69 48.23
CA VAL T 118 -7.21 -19.79 49.64
C VAL T 118 -5.98 -19.54 50.52
N PRO T 119 -5.88 -18.39 51.20
CA PRO T 119 -4.84 -18.19 52.19
C PRO T 119 -4.92 -19.27 53.25
N THR T 120 -3.80 -19.84 53.64
CA THR T 120 -3.75 -20.75 54.78
C THR T 120 -2.50 -20.51 55.62
N VAL T 121 -2.63 -20.73 56.92
CA VAL T 121 -1.59 -20.55 57.93
C VAL T 121 -1.66 -21.75 58.86
N VAL T 122 -0.53 -22.40 59.18
CA VAL T 122 -0.60 -23.55 60.09
C VAL T 122 -0.98 -23.07 61.49
N LEU T 123 -1.95 -23.73 62.11
CA LEU T 123 -2.42 -23.36 63.43
C LEU T 123 -1.43 -23.85 64.51
N PRO T 124 -1.22 -23.08 65.58
CA PRO T 124 -0.23 -23.39 66.60
C PRO T 124 -0.66 -24.55 67.50
N SER T 125 0.34 -25.13 68.17
CA SER T 125 0.23 -26.14 69.24
C SER T 125 1.41 -26.05 70.19
N ALA U 2 52.48 -1.97 12.66
CA ALA U 2 51.28 -2.41 11.92
C ALA U 2 50.18 -2.86 12.88
N THR U 3 48.95 -2.96 12.40
CA THR U 3 47.78 -3.45 13.17
C THR U 3 47.94 -4.91 13.59
N LEU U 4 47.28 -5.32 14.67
CA LEU U 4 47.31 -6.71 15.13
C LEU U 4 46.60 -7.62 14.12
N ALA U 5 45.34 -7.34 13.78
CA ALA U 5 44.66 -8.03 12.68
C ALA U 5 45.16 -7.52 11.32
N THR U 6 44.96 -8.30 10.27
CA THR U 6 45.32 -7.95 8.89
C THR U 6 44.18 -8.28 7.93
N HIS U 7 44.24 -7.85 6.68
CA HIS U 7 43.13 -8.08 5.74
C HIS U 7 42.82 -9.55 5.51
N GLU U 8 43.76 -10.47 5.77
CA GLU U 8 43.49 -11.92 5.81
C GLU U 8 42.44 -12.30 6.87
N ASP U 9 42.40 -11.62 8.02
CA ASP U 9 41.35 -11.84 9.02
C ASP U 9 40.00 -11.34 8.53
N VAL U 10 39.94 -10.13 7.99
CA VAL U 10 38.69 -9.54 7.52
C VAL U 10 38.09 -10.36 6.37
N THR U 11 38.88 -10.76 5.36
CA THR U 11 38.34 -11.64 4.30
C THR U 11 37.93 -13.01 4.83
N ALA U 12 38.60 -13.57 5.84
CA ALA U 12 38.19 -14.84 6.43
C ALA U 12 36.80 -14.78 7.06
N PHE U 13 36.45 -13.69 7.76
CA PHE U 13 35.09 -13.48 8.26
C PHE U 13 34.10 -13.02 7.17
N TRP U 14 34.56 -12.33 6.12
CA TRP U 14 33.68 -11.86 5.05
C TRP U 14 33.23 -12.98 4.10
N ALA U 15 34.06 -14.02 3.93
CA ALA U 15 33.87 -15.11 2.96
C ALA U 15 33.71 -14.61 1.51
N ARG U 16 34.41 -13.53 1.16
CA ARG U 16 34.57 -13.03 -0.21
C ARG U 16 35.95 -12.39 -0.36
N THR U 17 36.56 -12.50 -1.53
CA THR U 17 37.89 -11.95 -1.79
C THR U 17 37.81 -10.48 -2.19
N PRO U 18 38.57 -9.57 -1.55
CA PRO U 18 38.56 -8.15 -1.86
C PRO U 18 39.38 -7.82 -3.12
N THR U 19 39.00 -6.76 -3.81
CA THR U 19 39.83 -6.06 -4.81
C THR U 19 40.95 -5.26 -4.15
N ALA U 20 41.92 -4.79 -4.93
CA ALA U 20 43.01 -3.95 -4.40
C ALA U 20 42.52 -2.65 -3.76
N GLU U 21 41.39 -2.10 -4.20
CA GLU U 21 40.77 -0.93 -3.57
C GLU U 21 40.13 -1.26 -2.22
N GLU U 22 39.46 -2.41 -2.11
CA GLU U 22 38.92 -2.89 -0.85
C GLU U 22 40.03 -3.28 0.15
N ILE U 23 41.19 -3.75 -0.32
CA ILE U 23 42.36 -3.96 0.54
C ILE U 23 42.86 -2.65 1.14
N VAL U 24 43.00 -1.58 0.34
CA VAL U 24 43.41 -0.26 0.85
C VAL U 24 42.39 0.27 1.87
N LEU U 25 41.11 0.08 1.60
CA LEU U 25 40.02 0.45 2.50
C LEU U 25 40.11 -0.31 3.83
N ILE U 26 40.23 -1.64 3.78
CA ILE U 26 40.34 -2.48 4.98
C ILE U 26 41.59 -2.13 5.79
N ASN U 27 42.75 -1.91 5.15
CA ASN U 27 43.96 -1.51 5.87
C ASN U 27 43.75 -0.21 6.67
N ARG U 28 42.96 0.75 6.17
CA ARG U 28 42.62 1.96 6.92
C ARG U 28 41.56 1.75 8.00
N ARG U 29 40.52 0.94 7.79
CA ARG U 29 39.55 0.67 8.85
C ARG U 29 40.20 -0.09 10.01
N LEU U 30 41.12 -1.03 9.74
CA LEU U 30 41.90 -1.69 10.79
C LEU U 30 42.79 -0.69 11.55
N ALA U 31 43.38 0.28 10.86
CA ALA U 31 44.17 1.32 11.52
C ALA U 31 43.34 2.20 12.46
N GLN U 32 42.05 2.42 12.20
CA GLN U 32 41.15 3.01 13.19
C GLN U 32 40.89 2.06 14.37
N ALA U 33 40.53 0.80 14.13
CA ALA U 33 40.21 -0.13 15.20
C ALA U 33 41.38 -0.31 16.20
N GLU U 34 42.62 -0.30 15.73
CA GLU U 34 43.84 -0.23 16.57
C GLU U 34 43.77 0.93 17.57
N ARG U 35 43.62 2.18 17.10
CA ARG U 35 43.62 3.34 17.99
C ARG U 35 42.32 3.51 18.78
N MET U 36 41.20 2.97 18.31
CA MET U 36 39.98 2.83 19.12
C MET U 36 40.25 2.00 20.38
N LEU U 37 40.89 0.83 20.23
CA LEU U 37 41.18 -0.03 21.38
C LEU U 37 42.30 0.54 22.26
N LEU U 38 43.38 1.09 21.70
CA LEU U 38 44.46 1.68 22.50
C LEU U 38 44.01 2.83 23.39
N ARG U 39 43.07 3.66 22.93
CA ARG U 39 42.53 4.77 23.74
C ARG U 39 41.74 4.30 24.96
N ALA U 40 41.13 3.12 24.90
CA ALA U 40 40.47 2.52 26.06
C ALA U 40 41.42 1.68 26.94
N ILE U 41 42.39 1.00 26.32
CA ILE U 41 43.27 0.01 26.96
C ILE U 41 44.71 0.26 26.47
N PRO U 42 45.48 1.19 27.05
CA PRO U 42 46.82 1.48 26.55
C PRO U 42 47.82 0.32 26.72
N GLU U 43 47.50 -0.68 27.55
CA GLU U 43 48.28 -1.92 27.72
C GLU U 43 48.14 -2.91 26.55
N LEU U 44 47.30 -2.63 25.53
CA LEU U 44 46.85 -3.61 24.54
C LEU U 44 47.99 -4.41 23.90
N LEU U 45 49.07 -3.75 23.48
CA LEU U 45 50.20 -4.39 22.81
C LEU U 45 51.01 -5.28 23.76
N ILE U 46 51.07 -4.94 25.05
CA ILE U 46 51.73 -5.75 26.07
C ILE U 46 50.89 -7.00 26.36
N LYS U 47 49.58 -6.85 26.53
CA LYS U 47 48.67 -7.98 26.75
C LYS U 47 48.65 -8.91 25.54
N ALA U 48 48.46 -8.38 24.34
CA ALA U 48 48.36 -9.17 23.10
C ALA U 48 49.69 -9.79 22.62
N SER U 49 50.83 -9.42 23.20
CA SER U 49 52.10 -10.12 23.00
C SER U 49 52.41 -11.14 24.11
N SER U 50 51.82 -10.96 25.30
CA SER U 50 52.01 -11.87 26.45
C SER U 50 51.00 -13.03 26.50
N ASP U 51 49.73 -12.77 26.16
CA ASP U 51 48.61 -13.72 26.29
C ASP U 51 47.98 -14.03 24.92
N PRO U 52 48.03 -15.28 24.44
CA PRO U 52 47.53 -15.65 23.12
C PRO U 52 46.00 -15.71 23.04
N VAL U 53 45.29 -15.90 24.16
CA VAL U 53 43.82 -15.87 24.17
C VAL U 53 43.33 -14.43 24.11
N PHE U 54 43.95 -13.53 24.86
CA PHE U 54 43.66 -12.11 24.74
C PHE U 54 44.01 -11.58 23.33
N ARG U 55 45.14 -12.01 22.77
CA ARG U 55 45.50 -11.72 21.37
C ARG U 55 44.40 -12.19 20.43
N ALA U 56 43.98 -13.45 20.51
CA ALA U 56 42.94 -13.98 19.62
C ALA U 56 41.61 -13.21 19.74
N GLU U 57 41.23 -12.79 20.94
CA GLU U 57 40.06 -11.93 21.12
C GLU U 57 40.25 -10.56 20.46
N VAL U 58 41.36 -9.85 20.70
CA VAL U 58 41.60 -8.55 20.06
C VAL U 58 41.59 -8.65 18.53
N ILE U 59 42.24 -9.67 17.96
CA ILE U 59 42.27 -9.89 16.51
C ILE U 59 40.85 -9.96 15.95
N ASP U 60 39.95 -10.67 16.62
CA ASP U 60 38.60 -10.85 16.12
C ASP U 60 37.71 -9.64 16.40
N ILE U 61 37.91 -8.91 17.50
CA ILE U 61 37.21 -7.64 17.73
C ILE U 61 37.58 -6.64 16.64
N GLU U 62 38.85 -6.53 16.27
CA GLU U 62 39.25 -5.68 15.13
C GLU U 62 38.63 -6.16 13.82
N ALA U 63 38.69 -7.45 13.52
CA ALA U 63 38.19 -7.98 12.26
C ALA U 63 36.66 -7.82 12.12
N GLU U 64 35.90 -8.06 13.19
CA GLU U 64 34.46 -7.82 13.18
C GLU U 64 34.10 -6.34 13.09
N ALA U 65 34.81 -5.46 13.80
CA ALA U 65 34.54 -4.03 13.75
C ALA U 65 34.67 -3.46 12.34
N VAL U 66 35.63 -3.96 11.55
CA VAL U 66 35.74 -3.60 10.14
C VAL U 66 34.66 -4.27 9.30
N LEU U 67 34.39 -5.56 9.51
CA LEU U 67 33.38 -6.26 8.70
C LEU U 67 31.99 -5.64 8.83
N ARG U 68 31.62 -5.09 9.99
CA ARG U 68 30.35 -4.36 10.16
C ARG U 68 30.23 -3.13 9.26
N LEU U 69 31.32 -2.61 8.69
CA LEU U 69 31.32 -1.53 7.69
C LEU U 69 31.42 -2.03 6.25
N VAL U 70 32.39 -2.90 5.96
CA VAL U 70 32.73 -3.24 4.56
C VAL U 70 31.76 -4.22 3.92
N ARG U 71 30.81 -4.79 4.68
CA ARG U 71 29.87 -5.83 4.20
C ARG U 71 29.17 -5.46 2.89
N ASN U 72 28.79 -4.19 2.73
CA ASN U 72 28.03 -3.69 1.58
C ASN U 72 28.29 -2.19 1.38
N HIS U 73 29.56 -1.76 1.39
CA HIS U 73 29.91 -0.34 1.48
C HIS U 73 29.49 0.50 0.26
N GLU U 74 29.23 -0.11 -0.89
CA GLU U 74 28.67 0.62 -2.03
C GLU U 74 27.24 1.10 -1.77
N GLY U 75 26.53 0.50 -0.80
CA GLY U 75 25.19 0.90 -0.41
C GLY U 75 24.07 0.41 -1.30
N TYR U 76 24.27 -0.67 -2.08
CA TYR U 76 23.21 -1.21 -2.93
C TYR U 76 22.09 -1.87 -2.13
N LEU U 77 20.88 -1.74 -2.66
CA LEU U 77 19.70 -2.53 -2.31
C LEU U 77 19.49 -3.59 -3.37
N SER U 78 19.63 -3.26 -4.66
CA SER U 78 19.54 -4.21 -5.76
C SER U 78 20.37 -3.81 -6.96
N GLU U 79 20.67 -4.78 -7.81
CA GLU U 79 21.23 -4.58 -9.14
C GLU U 79 20.63 -5.60 -10.08
N THR U 80 20.54 -5.30 -11.36
CA THR U 80 20.14 -6.26 -12.36
C THR U 80 20.74 -5.94 -13.70
N ASP U 81 20.89 -6.95 -14.55
CA ASP U 81 20.88 -6.74 -15.99
C ASP U 81 19.61 -7.40 -16.53
N GLY U 82 19.54 -7.80 -17.80
CA GLY U 82 18.35 -8.46 -18.32
C GLY U 82 18.19 -9.92 -17.89
N ASN U 83 19.23 -10.53 -17.31
CA ASN U 83 19.39 -11.97 -17.22
C ASN U 83 19.76 -12.44 -15.81
N TYR U 84 20.46 -11.64 -15.02
CA TYR U 84 20.70 -11.88 -13.60
C TYR U 84 20.31 -10.66 -12.76
N THR U 85 19.75 -10.91 -11.59
CA THR U 85 19.18 -9.89 -10.70
C THR U 85 19.42 -10.29 -9.27
N TYR U 86 19.60 -9.36 -8.35
CA TYR U 86 19.51 -9.66 -6.92
C TYR U 86 18.91 -8.51 -6.15
N MET U 87 18.35 -8.77 -4.97
CA MET U 87 18.13 -7.72 -3.99
C MET U 87 18.40 -8.20 -2.58
N LEU U 88 18.69 -7.26 -1.70
CA LEU U 88 19.20 -7.52 -0.35
C LEU U 88 18.18 -7.12 0.72
N GLN U 89 18.25 -7.77 1.88
CA GLN U 89 17.50 -7.36 3.06
C GLN U 89 18.00 -5.98 3.50
N ALA U 90 17.09 -5.05 3.79
CA ALA U 90 17.44 -3.67 4.07
C ALA U 90 18.27 -3.53 5.36
N GLN U 91 19.25 -2.63 5.35
CA GLN U 91 20.08 -2.30 6.51
C GLN U 91 20.36 -0.78 6.55
N ASP U 92 20.77 -0.26 7.69
CA ASP U 92 20.97 1.19 7.85
C ASP U 92 22.19 1.72 7.07
N PRO U 93 22.12 2.95 6.51
CA PRO U 93 23.21 3.54 5.74
C PRO U 93 24.33 4.13 6.62
N ASN U 94 24.00 4.50 7.87
CA ASN U 94 24.85 5.18 8.84
C ASN U 94 25.92 4.27 9.48
N ARG U 95 26.53 3.36 8.72
CA ARG U 95 27.56 2.45 9.21
C ARG U 95 28.79 3.27 9.59
N LYS U 96 29.25 3.12 10.84
CA LYS U 96 30.25 3.97 11.52
C LYS U 96 31.14 3.10 12.40
N LEU U 97 32.46 3.35 12.42
CA LEU U 97 33.41 2.50 13.15
C LEU U 97 33.19 2.67 14.65
N GLU U 98 32.62 1.65 15.30
CA GLU U 98 32.36 1.63 16.73
C GLU U 98 32.42 0.20 17.28
N ILE U 99 32.82 0.06 18.54
CA ILE U 99 32.97 -1.21 19.25
C ILE U 99 31.76 -1.40 20.16
N LEU U 100 31.07 -2.55 20.10
CA LEU U 100 29.84 -2.77 20.84
C LEU U 100 30.06 -2.88 22.36
N PRO U 101 29.05 -2.61 23.21
CA PRO U 101 29.17 -2.79 24.66
C PRO U 101 29.66 -4.19 25.07
N GLU U 102 29.13 -5.25 24.48
CA GLU U 102 29.59 -6.61 24.73
C GLU U 102 31.01 -6.89 24.17
N GLU U 103 31.45 -6.19 23.13
CA GLU U 103 32.83 -6.28 22.66
C GLU U 103 33.79 -5.60 23.64
N TRP U 104 33.39 -4.52 24.32
CA TRP U 104 34.17 -3.99 25.45
C TRP U 104 34.23 -4.95 26.64
N GLU U 105 33.12 -5.61 26.98
CA GLU U 105 33.13 -6.63 28.04
C GLU U 105 34.10 -7.78 27.73
N VAL U 106 34.16 -8.23 26.47
CA VAL U 106 35.11 -9.25 26.01
C VAL U 106 36.56 -8.80 26.25
N LEU U 107 36.91 -7.57 25.89
CA LEU U 107 38.22 -7.01 26.19
C LEU U 107 38.42 -6.60 27.66
N GLY U 108 37.42 -6.82 28.52
CA GLY U 108 37.55 -6.69 29.96
C GLY U 108 37.39 -5.28 30.51
N ILE U 109 36.70 -4.36 29.82
CA ILE U 109 36.27 -3.09 30.44
C ILE U 109 34.76 -2.94 30.31
N VAL U 110 34.07 -2.50 31.36
CA VAL U 110 32.60 -2.51 31.43
C VAL U 110 32.03 -1.24 32.07
N ARG U 111 30.98 -0.69 31.46
CA ARG U 111 30.21 0.46 31.95
C ARG U 111 29.33 0.09 33.16
N SER U 112 29.04 1.08 34.00
CA SER U 112 27.95 0.98 35.00
C SER U 112 26.75 1.80 34.53
N GLY U 113 25.57 1.18 34.50
CA GLY U 113 24.31 1.85 34.13
C GLY U 113 23.63 2.57 35.30
N LEU U 114 24.10 2.36 36.53
CA LEU U 114 23.77 3.13 37.72
C LEU U 114 25.01 3.89 38.21
N GLY U 115 24.91 5.21 38.29
CA GLY U 115 25.87 6.12 38.94
C GLY U 115 25.12 7.24 39.66
N ILE U 116 25.79 8.01 40.51
CA ILE U 116 25.08 8.95 41.41
C ILE U 116 25.56 10.39 41.26
N LEU U 117 24.65 11.35 41.48
CA LEU U 117 24.99 12.77 41.59
C LEU U 117 25.04 13.10 43.07
N VAL U 118 26.10 13.77 43.50
CA VAL U 118 26.36 14.07 44.91
C VAL U 118 26.23 15.58 45.14
N PRO U 119 25.26 16.05 45.93
CA PRO U 119 25.16 17.45 46.27
C PRO U 119 26.32 17.84 47.17
N THR U 120 26.94 18.98 46.90
CA THR U 120 28.04 19.51 47.70
C THR U 120 27.87 21.00 47.94
N VAL U 121 28.25 21.45 49.12
CA VAL U 121 28.30 22.85 49.53
C VAL U 121 29.58 23.06 50.31
N VAL U 122 30.33 24.14 50.06
CA VAL U 122 31.58 24.36 50.79
C VAL U 122 31.27 24.68 52.24
N LEU U 123 31.96 24.01 53.15
CA LEU U 123 31.77 24.23 54.58
C LEU U 123 32.44 25.56 54.99
N PRO U 124 31.80 26.33 55.87
CA PRO U 124 32.30 27.64 56.29
C PRO U 124 33.53 27.53 57.18
N SER U 125 34.34 28.58 57.18
CA SER U 125 35.49 28.81 58.07
C SER U 125 35.84 30.29 58.14
N ALA V 2 -31.60 -42.86 9.38
CA ALA V 2 -31.12 -41.64 8.69
C ALA V 2 -31.41 -40.40 9.54
N THR V 3 -30.75 -39.28 9.21
CA THR V 3 -30.99 -37.97 9.83
C THR V 3 -32.33 -37.36 9.43
N LEU V 4 -32.85 -36.38 10.16
CA LEU V 4 -34.08 -35.68 9.79
C LEU V 4 -33.95 -34.97 8.44
N ALA V 5 -32.99 -34.06 8.28
CA ALA V 5 -32.68 -33.48 6.97
C ALA V 5 -31.84 -34.45 6.14
N THR V 6 -31.80 -34.25 4.81
CA THR V 6 -31.08 -35.10 3.86
C THR V 6 -30.31 -34.26 2.85
N HIS V 7 -29.40 -34.85 2.08
CA HIS V 7 -28.55 -34.07 1.16
C HIS V 7 -29.35 -33.27 0.13
N GLU V 8 -30.56 -33.70 -0.21
CA GLU V 8 -31.51 -32.97 -1.06
C GLU V 8 -31.92 -31.62 -0.48
N ASP V 9 -31.86 -31.43 0.84
CA ASP V 9 -32.11 -30.14 1.49
C ASP V 9 -30.89 -29.23 1.36
N VAL V 10 -29.69 -29.72 1.70
CA VAL V 10 -28.46 -28.91 1.61
C VAL V 10 -28.20 -28.49 0.17
N THR V 11 -28.33 -29.40 -0.80
CA THR V 11 -28.19 -29.06 -2.22
C THR V 11 -29.32 -28.20 -2.79
N ALA V 12 -30.34 -27.85 -2.00
CA ALA V 12 -31.38 -26.91 -2.39
C ALA V 12 -31.13 -25.50 -1.85
N PHE V 13 -30.57 -25.36 -0.64
CA PHE V 13 -30.09 -24.07 -0.15
C PHE V 13 -28.75 -23.66 -0.78
N TRP V 14 -27.88 -24.61 -1.09
CA TRP V 14 -26.75 -24.38 -1.97
C TRP V 14 -27.26 -24.27 -3.41
N ALA V 15 -26.98 -23.19 -4.13
CA ALA V 15 -27.49 -22.99 -5.50
C ALA V 15 -26.76 -23.85 -6.57
N ARG V 16 -26.20 -25.00 -6.19
CA ARG V 16 -25.27 -25.80 -6.98
C ARG V 16 -25.42 -27.28 -6.64
N THR V 17 -25.03 -28.17 -7.55
CA THR V 17 -25.16 -29.63 -7.37
C THR V 17 -23.81 -30.27 -7.01
N PRO V 18 -23.72 -31.06 -5.93
CA PRO V 18 -22.48 -31.70 -5.49
C PRO V 18 -22.14 -32.94 -6.31
N THR V 19 -20.85 -33.27 -6.38
CA THR V 19 -20.37 -34.59 -6.85
C THR V 19 -20.66 -35.67 -5.80
N ALA V 20 -20.60 -36.94 -6.18
CA ALA V 20 -20.78 -38.06 -5.25
C ALA V 20 -19.76 -38.06 -4.10
N GLU V 21 -18.62 -37.38 -4.24
CA GLU V 21 -17.61 -37.16 -3.18
C GLU V 21 -18.00 -36.05 -2.19
N GLU V 22 -18.76 -35.04 -2.62
CA GLU V 22 -19.28 -33.98 -1.75
C GLU V 22 -20.59 -34.43 -1.07
N ILE V 23 -21.33 -35.36 -1.67
CA ILE V 23 -22.50 -35.99 -1.06
C ILE V 23 -22.14 -36.75 0.22
N VAL V 24 -21.04 -37.50 0.26
CA VAL V 24 -20.66 -38.21 1.50
C VAL V 24 -20.25 -37.23 2.59
N LEU V 25 -19.59 -36.12 2.25
CA LEU V 25 -19.32 -35.03 3.18
C LEU V 25 -20.62 -34.45 3.75
N ILE V 26 -21.59 -34.11 2.91
CA ILE V 26 -22.87 -33.55 3.35
C ILE V 26 -23.59 -34.53 4.29
N ASN V 27 -23.62 -35.83 3.99
CA ASN V 27 -24.21 -36.81 4.89
C ASN V 27 -23.47 -36.88 6.23
N ARG V 28 -22.13 -36.86 6.21
CA ARG V 28 -21.32 -36.91 7.43
C ARG V 28 -21.53 -35.66 8.31
N ARG V 29 -21.64 -34.48 7.71
CA ARG V 29 -21.96 -33.24 8.42
C ARG V 29 -23.40 -33.19 8.91
N LEU V 30 -24.37 -33.69 8.16
CA LEU V 30 -25.75 -33.77 8.64
C LEU V 30 -25.86 -34.68 9.86
N ALA V 31 -25.16 -35.81 9.88
CA ALA V 31 -25.10 -36.69 11.05
C ALA V 31 -24.45 -36.01 12.26
N GLN V 32 -23.55 -35.05 12.05
CA GLN V 32 -22.94 -34.26 13.12
C GLN V 32 -23.90 -33.17 13.64
N ALA V 33 -24.63 -32.49 12.74
CA ALA V 33 -25.64 -31.49 13.12
C ALA V 33 -26.82 -32.10 13.89
N GLU V 34 -27.27 -33.29 13.47
CA GLU V 34 -28.33 -34.07 14.12
C GLU V 34 -28.02 -34.28 15.61
N ARG V 35 -26.81 -34.74 15.94
CA ARG V 35 -26.46 -35.04 17.33
C ARG V 35 -26.36 -33.79 18.20
N MET V 36 -25.91 -32.66 17.66
CA MET V 36 -25.92 -31.40 18.44
C MET V 36 -27.34 -31.00 18.84
N LEU V 37 -28.29 -30.96 17.90
CA LEU V 37 -29.67 -30.62 18.23
C LEU V 37 -30.30 -31.66 19.17
N LEU V 38 -30.06 -32.95 18.94
CA LEU V 38 -30.61 -34.02 19.77
C LEU V 38 -30.05 -34.00 21.21
N ARG V 39 -28.78 -33.63 21.40
CA ARG V 39 -28.20 -33.46 22.74
C ARG V 39 -28.74 -32.23 23.46
N ALA V 40 -28.95 -31.12 22.75
CA ALA V 40 -29.53 -29.91 23.33
C ALA V 40 -31.03 -30.05 23.64
N ILE V 41 -31.79 -30.74 22.79
CA ILE V 41 -33.23 -31.00 22.95
C ILE V 41 -33.48 -32.52 22.84
N PRO V 42 -33.38 -33.30 23.93
CA PRO V 42 -33.62 -34.74 23.92
C PRO V 42 -34.97 -35.16 23.29
N GLU V 43 -35.98 -34.30 23.31
CA GLU V 43 -37.29 -34.51 22.68
C GLU V 43 -37.30 -34.42 21.15
N LEU V 44 -36.19 -34.07 20.49
CA LEU V 44 -36.17 -33.61 19.10
C LEU V 44 -36.96 -34.50 18.13
N LEU V 45 -36.77 -35.81 18.16
CA LEU V 45 -37.45 -36.74 17.26
C LEU V 45 -38.95 -36.88 17.58
N ILE V 46 -39.32 -36.76 18.84
CA ILE V 46 -40.73 -36.78 19.28
C ILE V 46 -41.44 -35.51 18.80
N LYS V 47 -40.82 -34.34 18.99
CA LYS V 47 -41.33 -33.08 18.45
C LYS V 47 -41.40 -33.10 16.93
N ALA V 48 -40.33 -33.49 16.24
CA ALA V 48 -40.28 -33.49 14.78
C ALA V 48 -41.27 -34.46 14.13
N SER V 49 -41.61 -35.58 14.79
CA SER V 49 -42.65 -36.50 14.30
C SER V 49 -44.07 -36.07 14.67
N SER V 50 -44.25 -35.24 15.70
CA SER V 50 -45.57 -34.77 16.14
C SER V 50 -46.01 -33.43 15.51
N ASP V 51 -45.08 -32.49 15.34
CA ASP V 51 -45.35 -31.11 14.92
C ASP V 51 -44.65 -30.78 13.59
N PRO V 52 -45.40 -30.49 12.50
CA PRO V 52 -44.81 -30.26 11.19
C PRO V 52 -44.13 -28.90 11.04
N VAL V 53 -44.49 -27.87 11.81
CA VAL V 53 -43.77 -26.58 11.74
C VAL V 53 -42.52 -26.60 12.59
N PHE V 54 -42.51 -27.31 13.72
CA PHE V 54 -41.25 -27.59 14.42
C PHE V 54 -40.32 -28.43 13.56
N ARG V 55 -40.84 -29.47 12.89
CA ARG V 55 -40.08 -30.25 11.90
C ARG V 55 -39.48 -29.35 10.83
N ALA V 56 -40.27 -28.44 10.24
CA ALA V 56 -39.76 -27.51 9.24
C ALA V 56 -38.59 -26.66 9.76
N GLU V 57 -38.68 -26.09 10.97
CA GLU V 57 -37.58 -25.34 11.56
C GLU V 57 -36.32 -26.21 11.78
N VAL V 58 -36.48 -27.45 12.27
CA VAL V 58 -35.32 -28.33 12.46
C VAL V 58 -34.65 -28.65 11.13
N ILE V 59 -35.43 -29.01 10.11
CA ILE V 59 -34.90 -29.45 8.82
C ILE V 59 -33.98 -28.41 8.19
N ASP V 60 -34.34 -27.12 8.20
CA ASP V 60 -33.44 -26.12 7.61
C ASP V 60 -32.47 -25.47 8.59
N ILE V 61 -32.64 -25.60 9.91
CA ILE V 61 -31.51 -25.30 10.82
C ILE V 61 -30.38 -26.32 10.61
N GLU V 62 -30.69 -27.60 10.42
CA GLU V 62 -29.67 -28.58 10.01
C GLU V 62 -29.09 -28.25 8.64
N ALA V 63 -29.92 -27.98 7.63
CA ALA V 63 -29.43 -27.71 6.30
C ALA V 63 -28.55 -26.46 6.22
N GLU V 64 -28.92 -25.36 6.89
CA GLU V 64 -28.08 -24.17 6.92
C GLU V 64 -26.82 -24.35 7.77
N ALA V 65 -26.88 -25.08 8.89
CA ALA V 65 -25.68 -25.37 9.67
C ALA V 65 -24.63 -26.14 8.86
N VAL V 66 -25.05 -27.12 8.05
CA VAL V 66 -24.13 -27.82 7.15
C VAL V 66 -23.70 -26.94 5.98
N LEU V 67 -24.60 -26.14 5.41
CA LEU V 67 -24.26 -25.25 4.30
C LEU V 67 -23.14 -24.28 4.65
N ARG V 68 -23.09 -23.76 5.88
CA ARG V 68 -21.98 -22.90 6.32
C ARG V 68 -20.61 -23.58 6.16
N LEU V 69 -20.50 -24.89 6.27
CA LEU V 69 -19.24 -25.60 6.08
C LEU V 69 -18.95 -25.98 4.63
N VAL V 70 -19.93 -26.53 3.91
CA VAL V 70 -19.67 -27.03 2.55
C VAL V 70 -19.53 -25.91 1.52
N ARG V 71 -20.10 -24.72 1.78
CA ARG V 71 -19.85 -23.51 0.99
C ARG V 71 -18.35 -23.24 0.89
N ASN V 72 -17.81 -23.39 -0.32
CA ASN V 72 -16.41 -23.12 -0.67
C ASN V 72 -15.38 -23.91 0.17
N HIS V 73 -15.70 -25.13 0.58
CA HIS V 73 -14.88 -25.93 1.49
C HIS V 73 -13.48 -26.25 0.99
N GLU V 74 -13.18 -26.12 -0.31
CA GLU V 74 -11.83 -26.28 -0.84
C GLU V 74 -10.88 -25.17 -0.35
N GLY V 75 -11.41 -24.03 0.08
CA GLY V 75 -10.63 -22.90 0.60
C GLY V 75 -10.08 -21.96 -0.45
N TYR V 76 -10.47 -22.05 -1.73
CA TYR V 76 -10.00 -21.14 -2.76
C TYR V 76 -10.44 -19.70 -2.53
N LEU V 77 -9.55 -18.76 -2.84
CA LEU V 77 -9.85 -17.35 -3.03
C LEU V 77 -9.99 -17.03 -4.52
N SER V 78 -9.16 -17.63 -5.37
CA SER V 78 -9.18 -17.38 -6.82
C SER V 78 -8.59 -18.54 -7.61
N GLU V 79 -8.97 -18.66 -8.88
CA GLU V 79 -8.43 -19.59 -9.85
C GLU V 79 -8.41 -18.95 -11.24
N THR V 80 -7.56 -19.43 -12.13
CA THR V 80 -7.60 -19.04 -13.54
C THR V 80 -6.94 -20.08 -14.44
N ASP V 81 -7.26 -20.06 -15.72
CA ASP V 81 -6.40 -20.59 -16.77
C ASP V 81 -6.42 -19.69 -18.02
N GLY V 82 -6.21 -18.40 -17.83
CA GLY V 82 -6.04 -17.41 -18.90
C GLY V 82 -7.36 -16.97 -19.54
N ASN V 83 -8.10 -17.90 -20.14
CA ASN V 83 -9.37 -17.61 -20.80
C ASN V 83 -10.54 -17.43 -19.82
N TYR V 84 -10.42 -17.82 -18.56
CA TYR V 84 -11.41 -17.56 -17.52
C TYR V 84 -10.74 -17.35 -16.17
N THR V 85 -11.37 -16.60 -15.27
CA THR V 85 -10.93 -16.48 -13.89
C THR V 85 -12.03 -15.96 -13.00
N TYR V 86 -11.95 -16.24 -11.71
CA TYR V 86 -12.82 -15.65 -10.71
C TYR V 86 -12.03 -15.25 -9.49
N MET V 87 -12.58 -14.35 -8.69
CA MET V 87 -12.10 -14.09 -7.35
C MET V 87 -13.29 -13.98 -6.39
N LEU V 88 -13.19 -14.56 -5.21
CA LEU V 88 -14.28 -14.58 -4.23
C LEU V 88 -14.12 -13.46 -3.19
N GLN V 89 -15.20 -13.20 -2.44
CA GLN V 89 -15.11 -12.39 -1.22
C GLN V 89 -14.16 -13.04 -0.20
N ALA V 90 -13.48 -12.22 0.60
CA ALA V 90 -12.54 -12.69 1.62
C ALA V 90 -13.27 -13.15 2.91
N GLN V 91 -14.11 -14.18 2.82
CA GLN V 91 -14.85 -14.71 3.97
C GLN V 91 -13.93 -15.21 5.09
N ASP V 92 -14.40 -15.16 6.34
CA ASP V 92 -13.72 -15.81 7.47
C ASP V 92 -13.79 -17.34 7.35
N PRO V 93 -12.70 -18.09 7.62
CA PRO V 93 -12.68 -19.54 7.55
C PRO V 93 -13.78 -20.21 8.40
N ASN V 94 -14.56 -21.08 7.75
CA ASN V 94 -15.59 -21.92 8.36
C ASN V 94 -14.97 -23.11 9.11
N ARG V 95 -14.35 -22.82 10.27
CA ARG V 95 -13.45 -23.72 10.99
C ARG V 95 -14.11 -25.00 11.54
N LYS V 96 -15.33 -24.88 12.10
CA LYS V 96 -16.05 -25.96 12.79
C LYS V 96 -17.57 -25.79 12.64
N LEU V 97 -18.31 -26.91 12.68
CA LEU V 97 -19.77 -26.93 12.72
C LEU V 97 -20.30 -26.28 14.01
N GLU V 98 -21.24 -25.35 13.88
CA GLU V 98 -21.86 -24.65 15.01
C GLU V 98 -23.31 -24.23 14.70
N ILE V 99 -24.13 -24.13 15.73
CA ILE V 99 -25.49 -23.57 15.68
C ILE V 99 -25.44 -22.17 16.27
N LEU V 100 -25.99 -21.18 15.58
CA LEU V 100 -25.97 -19.79 16.05
C LEU V 100 -26.86 -19.59 17.29
N PRO V 101 -26.54 -18.61 18.16
CA PRO V 101 -27.46 -18.20 19.22
C PRO V 101 -28.87 -17.90 18.70
N GLU V 102 -28.99 -17.12 17.63
CA GLU V 102 -30.28 -16.82 17.00
C GLU V 102 -30.94 -18.01 16.29
N GLU V 103 -30.25 -19.14 16.10
CA GLU V 103 -30.87 -20.41 15.71
C GLU V 103 -31.37 -21.18 16.95
N TRP V 104 -30.63 -21.19 18.07
CA TRP V 104 -31.10 -21.81 19.30
C TRP V 104 -32.39 -21.19 19.84
N GLU V 105 -32.62 -19.89 19.64
CA GLU V 105 -33.90 -19.25 19.96
C GLU V 105 -35.10 -19.92 19.27
N VAL V 106 -34.91 -20.49 18.08
CA VAL V 106 -35.99 -21.09 17.29
C VAL V 106 -36.45 -22.42 17.91
N LEU V 107 -35.53 -23.26 18.37
CA LEU V 107 -35.86 -24.47 19.11
C LEU V 107 -36.31 -24.18 20.56
N GLY V 108 -36.30 -22.91 20.98
CA GLY V 108 -36.74 -22.48 22.31
C GLY V 108 -35.71 -22.63 23.43
N ILE V 109 -34.49 -23.06 23.14
CA ILE V 109 -33.41 -23.19 24.13
C ILE V 109 -32.68 -21.85 24.32
N VAL V 110 -33.45 -20.84 24.74
CA VAL V 110 -32.98 -19.51 25.15
C VAL V 110 -32.03 -19.60 26.36
N ARG V 111 -31.07 -18.65 26.43
CA ARG V 111 -30.06 -18.56 27.49
C ARG V 111 -30.01 -17.15 28.04
N SER V 112 -29.97 -16.99 29.36
CA SER V 112 -29.78 -15.69 30.01
C SER V 112 -28.33 -15.21 29.89
N GLY V 113 -28.14 -13.95 29.54
CA GLY V 113 -26.85 -13.26 29.55
C GLY V 113 -26.52 -12.60 30.90
N LEU V 114 -27.46 -12.60 31.85
CA LEU V 114 -27.23 -12.25 33.26
C LEU V 114 -27.26 -13.52 34.11
N GLY V 115 -26.26 -13.70 34.97
CA GLY V 115 -26.24 -14.72 36.01
C GLY V 115 -25.81 -14.13 37.35
N ILE V 116 -25.84 -14.91 38.42
CA ILE V 116 -25.50 -14.45 39.76
C ILE V 116 -24.47 -15.37 40.40
N LEU V 117 -23.48 -14.80 41.10
CA LEU V 117 -22.62 -15.55 42.00
C LEU V 117 -23.12 -15.31 43.43
N VAL V 118 -23.40 -16.37 44.15
CA VAL V 118 -23.98 -16.33 45.49
C VAL V 118 -22.94 -16.76 46.51
N PRO V 119 -22.50 -15.89 47.43
CA PRO V 119 -21.56 -16.30 48.45
C PRO V 119 -22.23 -17.23 49.46
N THR V 120 -21.57 -18.32 49.84
CA THR V 120 -22.03 -19.25 50.86
C THR V 120 -21.02 -19.38 51.98
N VAL V 121 -21.50 -19.59 53.19
CA VAL V 121 -20.70 -19.96 54.36
C VAL V 121 -21.47 -21.02 55.12
N VAL V 122 -20.82 -22.12 55.52
CA VAL V 122 -21.52 -23.15 56.28
C VAL V 122 -21.86 -22.64 57.67
N LEU V 123 -23.12 -22.77 58.05
CA LEU V 123 -23.60 -22.31 59.34
C LEU V 123 -23.11 -23.24 60.46
N PRO V 124 -22.83 -22.70 61.66
CA PRO V 124 -22.41 -23.49 62.81
C PRO V 124 -23.48 -24.49 63.26
N SER V 125 -23.03 -25.53 63.97
CA SER V 125 -23.76 -26.76 64.33
C SER V 125 -25.20 -26.58 64.80
N ALA W 2 20.92 -45.77 19.39
CA ALA W 2 20.01 -44.91 18.61
C ALA W 2 19.01 -44.20 19.53
N THR W 3 18.43 -43.10 19.06
CA THR W 3 17.35 -42.38 19.76
C THR W 3 16.04 -43.17 19.78
N LEU W 4 15.09 -42.82 20.66
CA LEU W 4 13.77 -43.47 20.69
C LEU W 4 13.03 -43.27 19.37
N ALA W 5 12.75 -42.04 18.95
CA ALA W 5 12.22 -41.80 17.61
C ALA W 5 13.34 -41.91 16.57
N THR W 6 12.99 -42.15 15.30
CA THR W 6 13.94 -42.27 14.18
C THR W 6 13.45 -41.49 12.96
N HIS W 7 14.26 -41.30 11.92
CA HIS W 7 13.83 -40.53 10.76
C HIS W 7 12.60 -41.11 10.06
N GLU W 8 12.31 -42.40 10.20
CA GLU W 8 11.03 -42.99 9.75
C GLU W 8 9.81 -42.36 10.45
N ASP W 9 9.93 -41.88 11.69
CA ASP W 9 8.86 -41.14 12.35
C ASP W 9 8.73 -39.73 11.79
N VAL W 10 9.83 -38.98 11.72
CA VAL W 10 9.78 -37.60 11.22
C VAL W 10 9.27 -37.58 9.79
N THR W 11 9.74 -38.48 8.93
CA THR W 11 9.27 -38.62 7.54
C THR W 11 7.94 -39.34 7.40
N ALA W 12 7.26 -39.69 8.51
CA ALA W 12 5.87 -40.12 8.51
C ALA W 12 4.93 -39.00 8.99
N PHE W 13 5.36 -38.16 9.94
CA PHE W 13 4.64 -36.94 10.31
C PHE W 13 4.79 -35.83 9.27
N TRP W 14 5.91 -35.80 8.54
CA TRP W 14 6.06 -35.09 7.28
C TRP W 14 5.48 -35.94 6.15
N ALA W 15 5.04 -35.34 5.04
CA ALA W 15 4.64 -36.11 3.86
C ALA W 15 5.83 -36.50 2.96
N ARG W 16 6.87 -35.66 2.87
CA ARG W 16 8.01 -35.88 1.98
C ARG W 16 8.83 -37.12 2.35
N THR W 17 9.40 -37.77 1.33
CA THR W 17 10.60 -38.62 1.47
C THR W 17 11.83 -37.76 1.15
N PRO W 18 12.65 -37.39 2.14
CA PRO W 18 13.65 -36.33 1.99
C PRO W 18 15.01 -36.86 1.48
N THR W 19 15.91 -35.97 1.08
CA THR W 19 17.24 -36.37 0.57
C THR W 19 18.22 -36.72 1.70
N ALA W 20 19.33 -37.39 1.40
CA ALA W 20 20.27 -37.89 2.40
C ALA W 20 20.85 -36.80 3.32
N GLU W 21 21.06 -35.58 2.81
CA GLU W 21 21.49 -34.44 3.64
C GLU W 21 20.45 -34.08 4.71
N GLU W 22 19.17 -34.18 4.39
CA GLU W 22 18.08 -33.96 5.32
C GLU W 22 17.93 -35.13 6.29
N ILE W 23 18.22 -36.36 5.89
CA ILE W 23 18.25 -37.51 6.81
C ILE W 23 19.37 -37.34 7.84
N VAL W 24 20.56 -36.86 7.43
CA VAL W 24 21.64 -36.52 8.37
C VAL W 24 21.19 -35.45 9.36
N LEU W 25 20.54 -34.38 8.87
CA LEU W 25 19.99 -33.34 9.72
C LEU W 25 18.95 -33.90 10.71
N ILE W 26 18.00 -34.71 10.25
CA ILE W 26 16.98 -35.30 11.11
C ILE W 26 17.60 -36.19 12.18
N ASN W 27 18.57 -37.05 11.83
CA ASN W 27 19.29 -37.85 12.83
C ASN W 27 20.02 -36.96 13.85
N ARG W 28 20.62 -35.86 13.41
CA ARG W 28 21.33 -34.92 14.29
C ARG W 28 20.37 -34.18 15.24
N ARG W 29 19.21 -33.72 14.74
CA ARG W 29 18.19 -33.05 15.55
C ARG W 29 17.47 -33.98 16.50
N LEU W 30 17.18 -35.23 16.12
CA LEU W 30 16.55 -36.20 17.03
C LEU W 30 17.45 -36.48 18.25
N ALA W 31 18.77 -36.57 18.06
CA ALA W 31 19.69 -36.73 19.19
C ALA W 31 19.62 -35.55 20.15
N GLN W 32 19.45 -34.33 19.64
CA GLN W 32 19.28 -33.13 20.45
C GLN W 32 17.94 -33.15 21.22
N ALA W 33 16.84 -33.53 20.57
CA ALA W 33 15.53 -33.61 21.21
C ALA W 33 15.47 -34.71 22.28
N GLU W 34 16.04 -35.88 22.01
CA GLU W 34 16.22 -36.97 22.98
C GLU W 34 16.94 -36.45 24.22
N ARG W 35 18.11 -35.84 24.03
CA ARG W 35 18.95 -35.32 25.11
C ARG W 35 18.24 -34.23 25.91
N MET W 36 17.46 -33.38 25.25
CA MET W 36 16.66 -32.32 25.86
C MET W 36 15.53 -32.86 26.74
N LEU W 37 14.80 -33.91 26.32
CA LEU W 37 13.81 -34.55 27.19
C LEU W 37 14.49 -35.31 28.35
N LEU W 38 15.54 -36.08 28.06
CA LEU W 38 16.24 -36.92 29.04
C LEU W 38 16.78 -36.09 30.21
N ARG W 39 17.37 -34.93 29.92
CA ARG W 39 17.89 -34.02 30.95
C ARG W 39 16.79 -33.38 31.81
N ALA W 40 15.54 -33.33 31.36
CA ALA W 40 14.41 -32.87 32.16
C ALA W 40 13.72 -34.01 32.94
N ILE W 41 13.59 -35.21 32.37
CA ILE W 41 13.06 -36.41 33.03
C ILE W 41 14.15 -37.49 33.06
N PRO W 42 14.99 -37.58 34.11
CA PRO W 42 16.08 -38.55 34.11
C PRO W 42 15.62 -40.01 34.09
N GLU W 43 14.37 -40.30 34.45
CA GLU W 43 13.75 -41.63 34.32
C GLU W 43 13.38 -42.01 32.88
N LEU W 44 13.48 -41.10 31.90
CA LEU W 44 12.84 -41.23 30.58
C LEU W 44 13.09 -42.58 29.89
N LEU W 45 14.36 -42.99 29.77
CA LEU W 45 14.71 -44.25 29.12
C LEU W 45 14.30 -45.48 29.95
N ILE W 46 14.19 -45.35 31.27
CA ILE W 46 13.69 -46.42 32.14
C ILE W 46 12.19 -46.59 31.91
N LYS W 47 11.40 -45.52 31.98
CA LYS W 47 9.95 -45.56 31.70
C LYS W 47 9.67 -46.07 30.29
N ALA W 48 10.40 -45.58 29.30
CA ALA W 48 10.29 -46.03 27.91
C ALA W 48 10.67 -47.51 27.69
N SER W 49 11.28 -48.19 28.66
CA SER W 49 11.55 -49.64 28.56
C SER W 49 10.36 -50.51 28.97
N SER W 50 9.42 -49.98 29.76
CA SER W 50 8.41 -50.79 30.47
C SER W 50 6.97 -50.30 30.32
N ASP W 51 6.72 -49.05 29.94
CA ASP W 51 5.38 -48.52 29.66
C ASP W 51 5.19 -48.30 28.14
N PRO W 52 4.37 -49.12 27.46
CA PRO W 52 4.27 -49.10 26.01
C PRO W 52 3.44 -47.93 25.46
N VAL W 53 2.59 -47.29 26.27
CA VAL W 53 1.87 -46.08 25.83
C VAL W 53 2.69 -44.83 26.10
N PHE W 54 3.44 -44.77 27.21
CA PHE W 54 4.37 -43.67 27.47
C PHE W 54 5.44 -43.54 26.38
N ARG W 55 5.96 -44.66 25.83
CA ARG W 55 6.84 -44.63 24.65
C ARG W 55 6.24 -43.79 23.55
N ALA W 56 4.99 -44.05 23.17
CA ALA W 56 4.37 -43.36 22.05
C ALA W 56 4.24 -41.85 22.28
N GLU W 57 4.06 -41.39 23.52
CA GLU W 57 4.08 -39.96 23.84
C GLU W 57 5.45 -39.36 23.51
N VAL W 58 6.53 -40.01 23.94
CA VAL W 58 7.89 -39.53 23.72
C VAL W 58 8.26 -39.59 22.24
N ILE W 59 7.88 -40.66 21.54
CA ILE W 59 8.14 -40.81 20.11
C ILE W 59 7.53 -39.67 19.32
N ASP W 60 6.23 -39.37 19.50
CA ASP W 60 5.60 -38.34 18.68
C ASP W 60 5.97 -36.92 19.12
N ILE W 61 6.37 -36.69 20.38
CA ILE W 61 6.93 -35.40 20.81
C ILE W 61 8.32 -35.18 20.21
N GLU W 62 9.21 -36.17 20.22
CA GLU W 62 10.50 -36.02 19.53
C GLU W 62 10.32 -35.79 18.04
N ALA W 63 9.43 -36.55 17.40
CA ALA W 63 9.20 -36.39 15.98
C ALA W 63 8.63 -35.00 15.63
N GLU W 64 7.66 -34.49 16.39
CA GLU W 64 7.13 -33.15 16.17
C GLU W 64 8.14 -32.05 16.47
N ALA W 65 8.93 -32.18 17.54
CA ALA W 65 9.93 -31.17 17.89
C ALA W 65 10.95 -30.98 16.78
N VAL W 66 11.39 -32.07 16.13
CA VAL W 66 12.23 -31.98 14.94
C VAL W 66 11.45 -31.53 13.71
N LEU W 67 10.24 -32.03 13.49
CA LEU W 67 9.50 -31.72 12.27
C LEU W 67 9.27 -30.22 12.11
N ARG W 68 8.75 -29.52 13.13
CA ARG W 68 8.48 -28.08 13.01
C ARG W 68 9.74 -27.24 12.81
N LEU W 69 10.92 -27.80 13.06
CA LEU W 69 12.21 -27.18 12.81
C LEU W 69 12.75 -27.45 11.40
N VAL W 70 12.57 -28.65 10.85
CA VAL W 70 13.07 -29.01 9.51
C VAL W 70 12.14 -28.62 8.37
N ARG W 71 10.84 -28.42 8.64
CA ARG W 71 9.74 -28.36 7.65
C ARG W 71 9.99 -27.49 6.41
N ASN W 72 10.61 -26.34 6.58
CA ASN W 72 10.96 -25.42 5.49
C ASN W 72 12.35 -24.81 5.74
N HIS W 73 13.30 -25.62 6.18
CA HIS W 73 14.59 -25.15 6.69
C HIS W 73 15.40 -24.33 5.68
N GLU W 74 15.15 -24.46 4.38
CA GLU W 74 15.81 -23.64 3.37
C GLU W 74 15.42 -22.15 3.46
N GLY W 75 14.25 -21.84 4.04
CA GLY W 75 13.76 -20.49 4.24
C GLY W 75 13.03 -19.86 3.06
N TYR W 76 12.80 -20.59 1.97
CA TYR W 76 12.10 -20.05 0.79
C TYR W 76 10.68 -19.64 1.14
N LEU W 77 10.27 -18.48 0.62
CA LEU W 77 8.88 -18.03 0.54
C LEU W 77 8.26 -18.42 -0.80
N SER W 78 9.03 -18.39 -1.88
CA SER W 78 8.58 -18.77 -3.22
C SER W 78 9.73 -19.17 -4.12
N GLU W 79 9.41 -19.92 -5.17
CA GLU W 79 10.31 -20.25 -6.27
C GLU W 79 9.49 -20.31 -7.56
N THR W 80 10.12 -20.03 -8.68
CA THR W 80 9.46 -20.00 -9.98
C THR W 80 10.44 -20.34 -11.08
N ASP W 81 9.92 -20.79 -12.21
CA ASP W 81 10.65 -20.82 -13.48
C ASP W 81 9.70 -20.36 -14.60
N GLY W 82 10.01 -20.68 -15.86
CA GLY W 82 9.14 -20.29 -16.97
C GLY W 82 7.77 -20.97 -16.99
N ASN W 83 7.49 -21.96 -16.14
CA ASN W 83 6.34 -22.84 -16.27
C ASN W 83 5.66 -23.19 -14.95
N TYR W 84 6.39 -23.42 -13.87
CA TYR W 84 5.83 -23.74 -12.55
C TYR W 84 6.26 -22.72 -11.51
N THR W 85 5.38 -22.41 -10.56
CA THR W 85 5.63 -21.43 -9.49
C THR W 85 4.92 -21.86 -8.22
N TYR W 86 5.48 -21.57 -7.05
CA TYR W 86 4.74 -21.69 -5.81
C TYR W 86 5.01 -20.52 -4.89
N MET W 87 4.09 -20.25 -3.98
CA MET W 87 4.30 -19.33 -2.89
C MET W 87 3.72 -19.91 -1.60
N LEU W 88 4.52 -19.94 -0.54
CA LEU W 88 4.12 -20.43 0.77
C LEU W 88 3.46 -19.34 1.60
N GLN W 89 2.62 -19.72 2.57
CA GLN W 89 2.21 -18.81 3.62
C GLN W 89 3.43 -18.36 4.43
N ALA W 90 3.41 -17.13 4.95
CA ALA W 90 4.49 -16.58 5.76
C ALA W 90 4.52 -17.23 7.15
N GLN W 91 5.29 -18.31 7.31
CA GLN W 91 5.61 -18.91 8.60
C GLN W 91 6.54 -18.01 9.42
N ASP W 92 6.52 -18.10 10.74
CA ASP W 92 7.53 -17.46 11.58
C ASP W 92 8.95 -18.05 11.38
N PRO W 93 10.00 -17.22 11.31
CA PRO W 93 11.39 -17.66 11.19
C PRO W 93 11.95 -18.13 12.56
N ASN W 94 11.34 -19.17 13.14
CA ASN W 94 11.70 -19.71 14.46
C ASN W 94 13.17 -20.16 14.54
N ARG W 95 13.55 -21.14 13.70
CA ARG W 95 14.91 -21.69 13.58
C ARG W 95 15.55 -22.18 14.91
N LYS W 96 14.74 -22.58 15.90
CA LYS W 96 15.17 -23.09 17.21
C LYS W 96 14.44 -24.37 17.59
N LEU W 97 15.15 -25.37 18.12
CA LEU W 97 14.56 -26.56 18.73
C LEU W 97 14.03 -26.23 20.13
N GLU W 98 12.75 -26.46 20.40
CA GLU W 98 12.19 -26.38 21.75
C GLU W 98 10.97 -27.28 21.91
N ILE W 99 10.70 -27.69 23.15
CA ILE W 99 9.53 -28.49 23.55
C ILE W 99 8.50 -27.56 24.18
N LEU W 100 7.24 -27.62 23.74
CA LEU W 100 6.20 -26.70 24.17
C LEU W 100 5.64 -27.03 25.57
N PRO W 101 5.06 -26.07 26.31
CA PRO W 101 4.46 -26.32 27.62
C PRO W 101 3.45 -27.47 27.63
N GLU W 102 2.62 -27.60 26.59
CA GLU W 102 1.66 -28.70 26.47
C GLU W 102 2.35 -30.05 26.21
N GLU W 103 3.51 -30.06 25.55
CA GLU W 103 4.28 -31.27 25.35
C GLU W 103 4.98 -31.69 26.66
N TRP W 104 5.46 -30.74 27.45
CA TRP W 104 5.90 -31.05 28.82
C TRP W 104 4.76 -31.60 29.68
N GLU W 105 3.56 -31.03 29.60
CA GLU W 105 2.39 -31.50 30.35
C GLU W 105 2.03 -32.94 29.99
N VAL W 106 2.05 -33.30 28.70
CA VAL W 106 1.85 -34.69 28.25
C VAL W 106 2.87 -35.64 28.86
N LEU W 107 4.13 -35.23 28.99
CA LEU W 107 5.19 -36.00 29.63
C LEU W 107 5.21 -35.88 31.17
N GLY W 108 4.25 -35.18 31.77
CA GLY W 108 4.12 -35.10 33.22
C GLY W 108 5.01 -34.05 33.90
N ILE W 109 5.61 -33.12 33.16
CA ILE W 109 6.21 -31.91 33.74
C ILE W 109 5.20 -30.76 33.62
N VAL W 110 4.85 -30.16 34.75
CA VAL W 110 4.08 -28.91 34.80
C VAL W 110 4.61 -28.05 35.94
N ARG W 111 4.63 -26.72 35.74
CA ARG W 111 5.11 -25.75 36.72
C ARG W 111 4.10 -24.62 36.88
N SER W 112 3.91 -24.17 38.12
CA SER W 112 2.96 -23.11 38.44
C SER W 112 3.41 -21.77 37.85
N GLY W 113 2.46 -21.01 37.33
CA GLY W 113 2.65 -19.60 36.96
C GLY W 113 2.58 -18.64 38.15
N LEU W 114 2.19 -19.14 39.33
CA LEU W 114 2.23 -18.45 40.62
C LEU W 114 3.40 -18.96 41.47
N GLY W 115 4.22 -18.07 41.98
CA GLY W 115 5.28 -18.35 42.96
C GLY W 115 5.40 -17.22 43.98
N ILE W 116 6.03 -17.46 45.12
CA ILE W 116 6.05 -16.53 46.25
C ILE W 116 7.46 -16.04 46.55
N LEU W 117 7.67 -14.73 46.62
CA LEU W 117 8.89 -14.17 47.18
C LEU W 117 8.70 -13.98 48.68
N VAL W 118 9.55 -14.60 49.47
CA VAL W 118 9.44 -14.63 50.92
C VAL W 118 10.52 -13.74 51.54
N PRO W 119 10.17 -12.64 52.21
CA PRO W 119 11.15 -11.84 52.90
C PRO W 119 11.68 -12.63 54.09
N THR W 120 12.98 -12.56 54.34
CA THR W 120 13.59 -13.19 55.52
C THR W 120 14.63 -12.29 56.15
N VAL W 121 14.81 -12.45 57.46
CA VAL W 121 15.77 -11.72 58.28
C VAL W 121 16.33 -12.69 59.31
N VAL W 122 17.65 -12.71 59.52
CA VAL W 122 18.22 -13.63 60.52
C VAL W 122 17.83 -13.20 61.93
N LEU W 123 17.39 -14.15 62.76
CA LEU W 123 17.01 -13.88 64.14
C LEU W 123 18.28 -13.60 64.98
N PRO W 124 18.20 -12.76 66.04
CA PRO W 124 19.38 -12.08 66.56
C PRO W 124 20.43 -12.98 67.21
N SER W 125 20.02 -13.90 68.09
CA SER W 125 20.88 -14.77 68.94
C SER W 125 21.87 -14.03 69.87
N ALA X 2 -53.04 3.46 -10.07
CA ALA X 2 -51.60 3.74 -10.25
C ALA X 2 -51.06 4.53 -9.07
N THR X 3 -49.74 4.49 -8.85
CA THR X 3 -49.04 5.29 -7.82
C THR X 3 -49.03 6.78 -8.15
N LEU X 4 -48.72 7.65 -7.16
CA LEU X 4 -48.65 9.10 -7.37
C LEU X 4 -47.52 9.46 -8.35
N ALA X 5 -46.26 9.20 -8.01
CA ALA X 5 -45.20 9.24 -9.01
C ALA X 5 -45.29 8.01 -9.93
N THR X 6 -44.67 8.07 -11.11
CA THR X 6 -44.65 6.96 -12.07
C THR X 6 -43.24 6.76 -12.63
N HIS X 7 -43.00 5.67 -13.37
CA HIS X 7 -41.66 5.37 -13.87
C HIS X 7 -41.10 6.46 -14.81
N GLU X 8 -41.93 7.31 -15.40
CA GLU X 8 -41.48 8.51 -16.10
C GLU X 8 -40.77 9.51 -15.17
N ASP X 9 -41.21 9.66 -13.92
CA ASP X 9 -40.54 10.54 -12.96
C ASP X 9 -39.16 10.00 -12.57
N VAL X 10 -39.09 8.71 -12.23
CA VAL X 10 -37.80 8.09 -11.90
C VAL X 10 -36.87 8.13 -13.10
N THR X 11 -37.38 7.85 -14.30
CA THR X 11 -36.60 8.01 -15.55
C THR X 11 -36.09 9.44 -15.72
N ALA X 12 -36.94 10.44 -15.52
CA ALA X 12 -36.56 11.85 -15.70
C ALA X 12 -35.45 12.30 -14.75
N PHE X 13 -35.45 11.84 -13.49
CA PHE X 13 -34.35 12.10 -12.57
C PHE X 13 -33.12 11.19 -12.80
N TRP X 14 -33.29 9.98 -13.35
CA TRP X 14 -32.18 9.07 -13.61
C TRP X 14 -31.37 9.46 -14.86
N ALA X 15 -32.01 10.10 -15.84
CA ALA X 15 -31.43 10.45 -17.14
C ALA X 15 -30.87 9.26 -17.95
N ARG X 16 -31.48 8.08 -17.79
CA ARG X 16 -31.30 6.88 -18.64
C ARG X 16 -32.66 6.26 -18.94
N THR X 17 -32.87 5.74 -20.14
CA THR X 17 -34.06 4.94 -20.49
C THR X 17 -33.96 3.54 -19.88
N PRO X 18 -34.79 3.15 -18.90
CA PRO X 18 -34.72 1.83 -18.31
C PRO X 18 -35.15 0.72 -19.28
N THR X 19 -34.65 -0.49 -19.09
CA THR X 19 -35.19 -1.71 -19.72
C THR X 19 -36.50 -2.13 -19.06
N ALA X 20 -37.28 -3.00 -19.70
CA ALA X 20 -38.56 -3.45 -19.16
C ALA X 20 -38.45 -4.11 -17.77
N GLU X 21 -37.34 -4.81 -17.50
CA GLU X 21 -37.06 -5.38 -16.18
C GLU X 21 -36.87 -4.29 -15.11
N GLU X 22 -36.21 -3.19 -15.46
CA GLU X 22 -36.03 -2.06 -14.57
C GLU X 22 -37.32 -1.25 -14.41
N ILE X 23 -38.20 -1.20 -15.41
CA ILE X 23 -39.53 -0.60 -15.25
C ILE X 23 -40.38 -1.42 -14.26
N VAL X 24 -40.32 -2.76 -14.31
CA VAL X 24 -41.01 -3.62 -13.33
C VAL X 24 -40.47 -3.39 -11.92
N LEU X 25 -39.15 -3.29 -11.75
CA LEU X 25 -38.55 -2.93 -10.47
C LEU X 25 -39.04 -1.56 -9.98
N ILE X 26 -38.98 -0.54 -10.82
CA ILE X 26 -39.40 0.82 -10.45
C ILE X 26 -40.88 0.85 -10.06
N ASN X 27 -41.78 0.15 -10.75
CA ASN X 27 -43.18 0.08 -10.35
C ASN X 27 -43.36 -0.55 -8.96
N ARG X 28 -42.62 -1.60 -8.61
CA ARG X 28 -42.67 -2.19 -7.27
C ARG X 28 -42.13 -1.24 -6.20
N ARG X 29 -40.98 -0.61 -6.46
CA ARG X 29 -40.38 0.35 -5.52
C ARG X 29 -41.24 1.60 -5.31
N LEU X 30 -41.87 2.14 -6.34
CA LEU X 30 -42.78 3.29 -6.19
C LEU X 30 -43.98 2.92 -5.33
N ALA X 31 -44.57 1.73 -5.52
CA ALA X 31 -45.65 1.27 -4.67
C ALA X 31 -45.20 1.14 -3.21
N GLN X 32 -43.99 0.63 -2.98
CA GLN X 32 -43.41 0.54 -1.64
C GLN X 32 -43.18 1.92 -1.00
N ALA X 33 -42.60 2.86 -1.74
CA ALA X 33 -42.33 4.22 -1.25
C ALA X 33 -43.62 5.00 -0.95
N GLU X 34 -44.63 4.92 -1.81
CA GLU X 34 -45.92 5.57 -1.56
C GLU X 34 -46.56 5.01 -0.28
N ARG X 35 -46.59 3.68 -0.15
CA ARG X 35 -47.17 3.01 1.01
C ARG X 35 -46.42 3.34 2.30
N MET X 36 -45.12 3.51 2.23
CA MET X 36 -44.28 3.95 3.35
C MET X 36 -44.60 5.38 3.79
N LEU X 37 -44.84 6.32 2.87
CA LEU X 37 -45.30 7.66 3.21
C LEU X 37 -46.73 7.63 3.78
N LEU X 38 -47.63 6.90 3.14
CA LEU X 38 -49.05 6.84 3.50
C LEU X 38 -49.25 6.35 4.94
N ARG X 39 -48.51 5.33 5.37
CA ARG X 39 -48.55 4.84 6.77
C ARG X 39 -48.11 5.89 7.79
N ALA X 40 -47.23 6.81 7.43
CA ALA X 40 -46.81 7.90 8.32
C ALA X 40 -47.74 9.13 8.25
N ILE X 41 -48.42 9.34 7.12
CA ILE X 41 -49.25 10.53 6.84
C ILE X 41 -50.59 10.06 6.27
N PRO X 42 -51.59 9.70 7.08
CA PRO X 42 -52.77 9.01 6.59
C PRO X 42 -53.65 9.87 5.66
N GLU X 43 -53.55 11.20 5.72
CA GLU X 43 -54.23 12.13 4.81
C GLU X 43 -53.46 12.43 3.52
N LEU X 44 -52.35 11.76 3.24
CA LEU X 44 -51.43 12.07 2.12
C LEU X 44 -52.15 12.24 0.78
N LEU X 45 -53.03 11.29 0.43
CA LEU X 45 -53.78 11.32 -0.82
C LEU X 45 -54.83 12.44 -0.84
N ILE X 46 -55.40 12.78 0.32
CA ILE X 46 -56.37 13.87 0.44
C ILE X 46 -55.67 15.21 0.20
N LYS X 47 -54.52 15.44 0.84
CA LYS X 47 -53.68 16.62 0.54
C LYS X 47 -53.27 16.66 -0.94
N ALA X 48 -52.71 15.57 -1.47
CA ALA X 48 -52.26 15.55 -2.86
C ALA X 48 -53.40 15.71 -3.90
N SER X 49 -54.64 15.38 -3.54
CA SER X 49 -55.80 15.65 -4.41
C SER X 49 -56.25 17.11 -4.43
N SER X 50 -55.81 17.93 -3.47
CA SER X 50 -56.38 19.26 -3.21
C SER X 50 -55.35 20.40 -3.15
N ASP X 51 -54.08 20.11 -2.88
CA ASP X 51 -52.97 21.07 -2.95
C ASP X 51 -51.93 20.60 -4.00
N PRO X 52 -51.79 21.32 -5.13
CA PRO X 52 -50.89 20.92 -6.20
C PRO X 52 -49.41 21.19 -5.89
N VAL X 53 -49.10 22.08 -4.96
CA VAL X 53 -47.73 22.34 -4.53
C VAL X 53 -47.27 21.25 -3.57
N PHE X 54 -48.13 20.83 -2.63
CA PHE X 54 -47.85 19.67 -1.79
C PHE X 54 -47.75 18.39 -2.61
N ARG X 55 -48.64 18.17 -3.58
CA ARG X 55 -48.54 17.03 -4.51
C ARG X 55 -47.14 16.95 -5.12
N ALA X 56 -46.60 18.06 -5.61
CA ALA X 56 -45.27 18.04 -6.22
C ALA X 56 -44.17 17.56 -5.28
N GLU X 57 -44.24 17.86 -3.98
CA GLU X 57 -43.28 17.32 -3.01
C GLU X 57 -43.34 15.80 -2.93
N VAL X 58 -44.55 15.25 -2.85
CA VAL X 58 -44.75 13.80 -2.75
C VAL X 58 -44.23 13.11 -4.02
N ILE X 59 -44.52 13.69 -5.19
CA ILE X 59 -44.05 13.18 -6.46
C ILE X 59 -42.51 13.11 -6.49
N ASP X 60 -41.81 14.19 -6.12
CA ASP X 60 -40.35 14.15 -6.21
C ASP X 60 -39.71 13.34 -5.07
N ILE X 61 -40.28 13.32 -3.86
CA ILE X 61 -39.75 12.50 -2.77
C ILE X 61 -39.88 11.01 -3.09
N GLU X 62 -41.01 10.56 -3.65
CA GLU X 62 -41.13 9.18 -4.12
C GLU X 62 -40.12 8.87 -5.22
N ALA X 63 -39.96 9.76 -6.20
CA ALA X 63 -39.04 9.54 -7.29
C ALA X 63 -37.58 9.49 -6.82
N GLU X 64 -37.17 10.36 -5.88
CA GLU X 64 -35.83 10.36 -5.30
C GLU X 64 -35.56 9.11 -4.45
N ALA X 65 -36.53 8.69 -3.63
CA ALA X 65 -36.40 7.53 -2.77
C ALA X 65 -36.20 6.23 -3.56
N VAL X 66 -36.89 6.09 -4.69
CA VAL X 66 -36.63 4.99 -5.63
C VAL X 66 -35.33 5.18 -6.38
N LEU X 67 -35.02 6.38 -6.87
CA LEU X 67 -33.83 6.59 -7.70
C LEU X 67 -32.55 6.18 -6.98
N ARG X 68 -32.33 6.60 -5.74
CA ARG X 68 -31.08 6.25 -5.02
C ARG X 68 -30.93 4.75 -4.76
N LEU X 69 -32.02 4.00 -4.81
CA LEU X 69 -32.03 2.54 -4.67
C LEU X 69 -31.86 1.79 -6.00
N VAL X 70 -32.41 2.28 -7.12
CA VAL X 70 -32.25 1.64 -8.44
C VAL X 70 -30.96 2.03 -9.15
N ARG X 71 -30.39 3.21 -8.88
CA ARG X 71 -29.09 3.63 -9.44
C ARG X 71 -28.01 2.59 -9.11
N ASN X 72 -27.43 2.00 -10.15
CA ASN X 72 -26.42 0.96 -10.07
C ASN X 72 -26.81 -0.24 -9.17
N HIS X 73 -28.08 -0.63 -9.15
CA HIS X 73 -28.56 -1.76 -8.36
C HIS X 73 -27.87 -3.08 -8.71
N GLU X 74 -27.35 -3.21 -9.92
CA GLU X 74 -26.58 -4.38 -10.35
C GLU X 74 -25.22 -4.51 -9.65
N GLY X 75 -24.71 -3.44 -9.04
CA GLY X 75 -23.62 -3.49 -8.07
C GLY X 75 -22.21 -3.51 -8.65
N TYR X 76 -22.02 -3.34 -9.95
CA TYR X 76 -20.67 -3.25 -10.53
C TYR X 76 -19.93 -2.02 -10.01
N LEU X 77 -18.67 -2.21 -9.66
CA LEU X 77 -17.69 -1.15 -9.46
C LEU X 77 -16.99 -0.84 -10.77
N SER X 78 -16.69 -1.86 -11.58
CA SER X 78 -15.99 -1.71 -12.84
C SER X 78 -16.38 -2.80 -13.81
N GLU X 79 -16.33 -2.50 -15.10
CA GLU X 79 -16.69 -3.40 -16.18
C GLU X 79 -15.85 -3.06 -17.40
N THR X 80 -15.43 -4.05 -18.17
CA THR X 80 -14.33 -3.91 -19.14
C THR X 80 -14.54 -4.85 -20.29
N ASP X 81 -14.11 -4.48 -21.48
CA ASP X 81 -13.81 -5.43 -22.55
C ASP X 81 -12.46 -5.12 -23.21
N GLY X 82 -12.21 -5.64 -24.40
CA GLY X 82 -10.92 -5.43 -25.08
C GLY X 82 -10.58 -3.97 -25.39
N ASN X 83 -11.54 -3.05 -25.46
CA ASN X 83 -11.24 -1.66 -25.83
C ASN X 83 -12.09 -0.58 -25.15
N TYR X 84 -13.13 -0.90 -24.40
CA TYR X 84 -13.82 0.09 -23.58
C TYR X 84 -13.96 -0.41 -22.15
N THR X 85 -13.74 0.47 -21.18
CA THR X 85 -13.80 0.13 -19.77
C THR X 85 -14.33 1.29 -18.96
N TYR X 86 -14.86 1.03 -17.77
CA TYR X 86 -15.15 2.09 -16.82
C TYR X 86 -14.85 1.67 -15.39
N MET X 87 -14.76 2.65 -14.51
CA MET X 87 -14.76 2.45 -13.08
C MET X 87 -15.60 3.53 -12.40
N LEU X 88 -16.42 3.16 -11.44
CA LEU X 88 -17.33 4.05 -10.73
C LEU X 88 -16.77 4.52 -9.39
N GLN X 89 -17.37 5.56 -8.82
CA GLN X 89 -17.11 6.00 -7.45
C GLN X 89 -17.45 4.91 -6.42
N ALA X 90 -16.94 5.04 -5.19
CA ALA X 90 -17.20 4.12 -4.08
C ALA X 90 -18.61 4.28 -3.46
N GLN X 91 -19.66 4.04 -4.26
CA GLN X 91 -21.07 4.04 -3.84
C GLN X 91 -21.35 3.00 -2.73
N ASP X 92 -22.40 3.21 -1.93
CA ASP X 92 -22.80 2.32 -0.85
C ASP X 92 -23.39 0.98 -1.36
N PRO X 93 -22.81 -0.19 -1.05
CA PRO X 93 -23.34 -1.49 -1.49
C PRO X 93 -24.54 -1.96 -0.65
N ASN X 94 -25.34 -2.87 -1.21
CA ASN X 94 -26.43 -3.59 -0.54
C ASN X 94 -27.41 -2.70 0.28
N ARG X 95 -27.75 -1.52 -0.27
CA ARG X 95 -28.54 -0.48 0.40
C ARG X 95 -30.06 -0.76 0.44
N LYS X 96 -30.79 0.16 1.09
CA LYS X 96 -32.13 -0.02 1.66
C LYS X 96 -33.08 1.09 1.21
N LEU X 97 -34.38 0.81 1.03
CA LEU X 97 -35.36 1.87 0.81
C LEU X 97 -35.61 2.65 2.10
N GLU X 98 -35.48 3.97 2.06
CA GLU X 98 -35.72 4.84 3.19
C GLU X 98 -36.10 6.25 2.74
N ILE X 99 -36.83 6.98 3.59
CA ILE X 99 -37.14 8.41 3.45
C ILE X 99 -36.31 9.17 4.49
N LEU X 100 -35.55 10.18 4.08
CA LEU X 100 -34.63 10.89 4.96
C LEU X 100 -35.35 11.91 5.88
N PRO X 101 -34.77 12.29 7.03
CA PRO X 101 -35.32 13.35 7.87
C PRO X 101 -35.59 14.66 7.10
N GLU X 102 -34.69 15.06 6.21
CA GLU X 102 -34.88 16.25 5.36
C GLU X 102 -36.00 16.10 4.33
N GLU X 103 -36.47 14.89 4.05
CA GLU X 103 -37.65 14.64 3.22
C GLU X 103 -38.91 14.60 4.08
N TRP X 104 -38.85 14.00 5.27
CA TRP X 104 -39.97 14.04 6.22
C TRP X 104 -40.35 15.46 6.61
N GLU X 105 -39.38 16.33 6.92
CA GLU X 105 -39.68 17.70 7.32
C GLU X 105 -40.28 18.54 6.17
N VAL X 106 -39.92 18.25 4.91
CA VAL X 106 -40.61 18.82 3.74
C VAL X 106 -42.07 18.38 3.68
N LEU X 107 -42.37 17.13 4.01
CA LEU X 107 -43.75 16.64 4.16
C LEU X 107 -44.41 17.05 5.48
N GLY X 108 -43.75 17.85 6.32
CA GLY X 108 -44.31 18.36 7.58
C GLY X 108 -44.30 17.37 8.74
N ILE X 109 -43.50 16.31 8.66
CA ILE X 109 -43.25 15.37 9.77
C ILE X 109 -41.87 15.66 10.35
N VAL X 110 -41.81 15.93 11.65
CA VAL X 110 -40.57 16.26 12.37
C VAL X 110 -40.60 15.68 13.77
N ARG X 111 -39.43 15.33 14.30
CA ARG X 111 -39.27 14.68 15.61
C ARG X 111 -38.21 15.37 16.45
N SER X 112 -38.51 15.59 17.73
CA SER X 112 -37.65 16.30 18.66
C SER X 112 -36.37 15.52 18.98
N GLY X 113 -35.28 16.23 19.26
CA GLY X 113 -34.00 15.70 19.73
C GLY X 113 -33.81 15.77 21.25
N LEU X 114 -34.88 16.07 21.99
CA LEU X 114 -34.99 16.00 23.43
C LEU X 114 -36.29 15.26 23.79
N GLY X 115 -36.21 14.30 24.71
CA GLY X 115 -37.35 13.64 25.31
C GLY X 115 -37.13 13.45 26.80
N ILE X 116 -38.20 13.40 27.57
CA ILE X 116 -38.12 13.40 29.03
C ILE X 116 -38.47 12.01 29.56
N LEU X 117 -37.58 11.36 30.30
CA LEU X 117 -38.00 10.23 31.11
C LEU X 117 -38.62 10.78 32.39
N VAL X 118 -39.83 10.35 32.70
CA VAL X 118 -40.61 10.83 33.83
C VAL X 118 -40.68 9.73 34.87
N PRO X 119 -40.00 9.83 36.02
CA PRO X 119 -40.18 8.87 37.07
C PRO X 119 -41.60 9.01 37.63
N THR X 120 -42.31 7.90 37.78
CA THR X 120 -43.64 7.88 38.37
C THR X 120 -43.75 6.82 39.45
N VAL X 121 -44.56 7.09 40.47
CA VAL X 121 -44.81 6.19 41.59
C VAL X 121 -46.30 6.23 41.92
N VAL X 122 -46.92 5.07 42.14
CA VAL X 122 -48.33 4.99 42.52
C VAL X 122 -48.53 5.68 43.87
N LEU X 123 -49.41 6.67 43.93
CA LEU X 123 -49.77 7.31 45.20
C LEU X 123 -50.63 6.38 46.05
N PRO X 124 -50.46 6.37 47.38
CA PRO X 124 -51.16 5.47 48.28
C PRO X 124 -52.63 5.82 48.45
N SER X 125 -53.44 4.79 48.73
CA SER X 125 -54.86 4.89 49.10
C SER X 125 -55.29 3.66 49.91
N SER Y 2 25.04 -14.78 -5.43
CA SER Y 2 25.22 -16.21 -5.13
C SER Y 2 25.13 -17.05 -6.39
N LEU Y 3 24.01 -17.09 -7.13
CA LEU Y 3 23.80 -18.06 -8.21
C LEU Y 3 24.93 -18.09 -9.26
N LEU Y 4 25.63 -16.99 -9.51
CA LEU Y 4 26.76 -16.93 -10.44
C LEU Y 4 27.98 -17.76 -10.00
N ASP Y 5 28.21 -17.91 -8.70
CA ASP Y 5 29.34 -18.64 -8.11
C ASP Y 5 28.95 -20.04 -7.59
N ARG Y 6 27.68 -20.44 -7.75
CA ARG Y 6 27.02 -21.45 -6.92
C ARG Y 6 27.47 -22.89 -7.13
N GLY Y 7 27.91 -23.26 -8.33
CA GLY Y 7 28.05 -24.65 -8.75
C GLY Y 7 28.98 -25.50 -7.89
N GLY Y 8 28.63 -26.77 -7.67
CA GLY Y 8 29.44 -27.75 -6.92
C GLY Y 8 30.63 -28.32 -7.71
N THR Y 9 31.08 -29.52 -7.36
CA THR Y 9 32.09 -30.26 -8.15
C THR Y 9 31.42 -31.22 -9.13
N TYR Y 10 32.14 -31.74 -10.13
CA TYR Y 10 31.61 -32.76 -11.04
C TYR Y 10 31.10 -34.01 -10.31
N GLY Y 11 31.74 -34.40 -9.21
CA GLY Y 11 31.32 -35.53 -8.39
C GLY Y 11 30.22 -35.21 -7.36
N SER Y 12 29.88 -33.94 -7.15
CA SER Y 12 28.92 -33.47 -6.14
C SER Y 12 28.28 -32.12 -6.50
N PRO Y 13 27.36 -32.08 -7.48
CA PRO Y 13 26.66 -30.86 -7.89
C PRO Y 13 25.78 -30.26 -6.78
N GLU Y 14 25.56 -28.94 -6.81
CA GLU Y 14 24.37 -28.33 -6.22
C GLU Y 14 23.12 -28.85 -6.95
N ASP Y 15 21.95 -28.86 -6.31
CA ASP Y 15 20.76 -29.47 -6.91
C ASP Y 15 20.22 -28.78 -8.18
N GLY Y 16 20.58 -27.52 -8.44
CA GLY Y 16 20.20 -26.80 -9.66
C GLY Y 16 21.11 -27.05 -10.87
N PHE Y 17 22.20 -27.80 -10.70
CA PHE Y 17 23.29 -27.94 -11.67
C PHE Y 17 23.50 -29.38 -12.07
N ASP Y 18 23.95 -29.62 -13.30
CA ASP Y 18 24.25 -30.95 -13.82
C ASP Y 18 25.73 -31.07 -14.12
N PRO Y 19 26.37 -32.22 -13.87
CA PRO Y 19 27.75 -32.43 -14.24
C PRO Y 19 27.87 -32.59 -15.74
N VAL Y 20 28.90 -31.99 -16.34
CA VAL Y 20 29.17 -32.01 -17.77
C VAL Y 20 30.65 -32.18 -18.03
N THR Y 21 31.01 -32.73 -19.19
CA THR Y 21 32.38 -32.67 -19.69
C THR Y 21 32.41 -31.66 -20.80
N VAL Y 22 33.27 -30.66 -20.72
CA VAL Y 22 33.30 -29.53 -21.64
C VAL Y 22 34.53 -29.63 -22.50
N TYR Y 23 34.39 -29.64 -23.82
CA TYR Y 23 35.48 -29.71 -24.76
C TYR Y 23 35.71 -28.33 -25.39
N PRO Y 24 36.69 -27.56 -24.93
CA PRO Y 24 36.96 -26.24 -25.48
C PRO Y 24 37.47 -26.34 -26.91
N GLU Y 25 37.43 -25.24 -27.66
CA GLU Y 25 37.76 -25.23 -29.08
C GLU Y 25 39.26 -25.36 -29.38
N VAL Y 26 39.61 -26.04 -30.47
CA VAL Y 26 40.92 -25.98 -31.15
C VAL Y 26 40.72 -25.88 -32.65
N THR Y 27 41.74 -25.44 -33.38
CA THR Y 27 41.73 -25.39 -34.84
C THR Y 27 42.59 -26.48 -35.46
N ARG Y 28 42.09 -27.12 -36.52
CA ARG Y 28 42.80 -28.13 -37.31
C ARG Y 28 42.89 -27.67 -38.76
N LYS Y 29 43.94 -28.00 -39.51
CA LYS Y 29 43.93 -27.83 -40.97
C LYS Y 29 43.18 -28.98 -41.62
N ASP Y 30 42.31 -28.71 -42.58
CA ASP Y 30 41.81 -29.76 -43.47
C ASP Y 30 42.87 -30.16 -44.50
N ARG Y 31 42.53 -31.15 -45.31
CA ARG Y 31 43.37 -31.73 -46.37
C ARG Y 31 43.90 -30.72 -47.40
N LEU Y 32 43.26 -29.55 -47.56
CA LEU Y 32 43.61 -28.51 -48.53
C LEU Y 32 44.07 -27.20 -47.85
N GLY Y 33 44.39 -27.23 -46.56
CA GLY Y 33 44.99 -26.11 -45.85
C GLY Y 33 44.03 -25.07 -45.27
N ASN Y 34 42.72 -25.26 -45.33
CA ASN Y 34 41.78 -24.40 -44.60
C ASN Y 34 41.80 -24.73 -43.10
N THR Y 35 41.86 -23.76 -42.20
CA THR Y 35 41.70 -24.06 -40.77
C THR Y 35 40.22 -24.16 -40.40
N LEU Y 36 39.84 -25.26 -39.77
CA LEU Y 36 38.52 -25.55 -39.26
C LEU Y 36 38.56 -25.50 -37.74
N VAL Y 37 37.64 -24.79 -37.10
CA VAL Y 37 37.40 -24.90 -35.66
C VAL Y 37 36.71 -26.22 -35.34
N GLY Y 38 36.98 -26.79 -34.18
CA GLY Y 38 36.25 -27.93 -33.63
C GLY Y 38 36.58 -28.18 -32.17
N PRO Y 39 35.94 -29.15 -31.51
CA PRO Y 39 36.18 -29.46 -30.12
C PRO Y 39 37.53 -30.14 -29.93
N SER Y 40 38.23 -29.80 -28.86
CA SER Y 40 39.43 -30.51 -28.42
C SER Y 40 39.13 -31.99 -28.12
N LEU Y 41 40.14 -32.86 -28.15
CA LEU Y 41 40.00 -34.26 -27.74
C LEU Y 41 40.06 -34.44 -26.23
N THR Y 42 40.52 -33.46 -25.46
CA THR Y 42 40.63 -33.55 -23.99
C THR Y 42 39.61 -32.63 -23.33
N GLY Y 43 38.69 -33.21 -22.56
CA GLY Y 43 37.58 -32.48 -21.93
C GLY Y 43 37.86 -32.05 -20.51
N ILE Y 44 37.26 -30.96 -20.08
CA ILE Y 44 37.34 -30.43 -18.72
C ILE Y 44 36.06 -30.82 -17.99
N GLU Y 45 36.16 -31.54 -16.88
CA GLU Y 45 34.99 -31.95 -16.10
C GLU Y 45 34.52 -30.80 -15.22
N THR Y 46 33.22 -30.45 -15.26
CA THR Y 46 32.68 -29.32 -14.52
C THR Y 46 31.17 -29.48 -14.30
N VAL Y 47 30.46 -28.46 -13.83
CA VAL Y 47 29.01 -28.45 -13.66
C VAL Y 47 28.38 -27.26 -14.37
N ALA Y 48 27.16 -27.39 -14.88
CA ALA Y 48 26.51 -26.35 -15.65
C ALA Y 48 25.01 -26.28 -15.42
N ARG Y 49 24.41 -25.10 -15.61
CA ARG Y 49 23.00 -24.81 -15.36
C ARG Y 49 22.26 -24.64 -16.67
N PHE Y 50 21.37 -25.56 -17.02
CA PHE Y 50 20.67 -25.53 -18.31
C PHE Y 50 19.21 -25.10 -18.18
N GLN Y 51 18.78 -24.14 -18.99
CA GLN Y 51 17.37 -23.70 -19.04
C GLN Y 51 16.89 -23.58 -20.48
N VAL Y 52 15.68 -24.04 -20.77
CA VAL Y 52 15.07 -24.07 -22.10
C VAL Y 52 15.03 -22.68 -22.73
N GLN Y 53 15.49 -22.52 -23.98
CA GLN Y 53 15.61 -21.18 -24.58
C GLN Y 53 14.29 -20.64 -25.15
N GLY Y 54 13.31 -21.50 -25.41
CA GLY Y 54 11.95 -21.09 -25.75
C GLY Y 54 11.55 -21.27 -27.22
N GLN Y 55 10.41 -20.69 -27.57
CA GLN Y 55 9.61 -21.01 -28.76
C GLN Y 55 8.98 -19.75 -29.38
N SER Y 56 8.55 -19.88 -30.64
CA SER Y 56 7.73 -18.92 -31.37
C SER Y 56 6.92 -19.65 -32.45
N GLY Y 57 5.87 -19.05 -33.01
CA GLY Y 57 5.05 -19.69 -34.04
C GLY Y 57 5.84 -20.14 -35.29
N THR Y 58 6.96 -19.47 -35.60
CA THR Y 58 7.85 -19.87 -36.71
C THR Y 58 8.86 -20.97 -36.35
N SER Y 59 9.28 -21.08 -35.09
CA SER Y 59 10.34 -22.03 -34.66
C SER Y 59 9.85 -23.28 -33.93
N ALA Y 60 8.67 -23.27 -33.29
CA ALA Y 60 8.13 -24.44 -32.59
C ALA Y 60 7.88 -25.61 -33.56
N ARG Y 61 7.41 -25.30 -34.77
CA ARG Y 61 7.21 -26.26 -35.89
C ARG Y 61 8.50 -26.94 -36.41
N ARG Y 62 9.67 -26.58 -35.89
CA ARG Y 62 10.96 -27.19 -36.21
C ARG Y 62 11.46 -28.16 -35.15
N ALA Y 63 10.72 -28.36 -34.05
CA ALA Y 63 11.13 -29.27 -32.98
C ALA Y 63 11.21 -30.74 -33.41
N GLU Y 64 10.42 -31.18 -34.39
CA GLU Y 64 10.42 -32.52 -34.96
C GLU Y 64 10.05 -32.45 -36.43
N MET Y 65 10.69 -33.24 -37.30
CA MET Y 65 10.42 -33.24 -38.76
C MET Y 65 10.52 -34.65 -39.36
N ASP Y 66 9.96 -34.85 -40.55
CA ASP Y 66 10.13 -36.07 -41.35
C ASP Y 66 10.23 -35.75 -42.86
N ASP Y 67 10.93 -34.68 -43.22
CA ASP Y 67 11.18 -34.37 -44.63
C ASP Y 67 12.15 -35.37 -45.27
N ILE Y 68 13.27 -35.69 -44.60
CA ILE Y 68 14.34 -36.58 -45.09
C ILE Y 68 14.93 -37.49 -44.00
N GLY Y 69 14.35 -37.54 -42.81
CA GLY Y 69 14.94 -38.25 -41.67
C GLY Y 69 14.24 -37.95 -40.35
N ASP Y 70 14.56 -38.68 -39.29
CA ASP Y 70 14.00 -38.48 -37.95
C ASP Y 70 14.66 -37.30 -37.23
N MET Y 71 14.54 -36.09 -37.77
CA MET Y 71 15.13 -34.88 -37.21
C MET Y 71 14.45 -34.42 -35.92
N THR Y 72 15.19 -33.84 -34.98
CA THR Y 72 14.66 -32.99 -33.90
C THR Y 72 15.62 -31.84 -33.61
N GLU Y 73 15.17 -30.78 -32.95
CA GLU Y 73 16.06 -29.69 -32.50
C GLU Y 73 15.70 -29.28 -31.07
N GLN Y 74 16.70 -29.11 -30.20
CA GLN Y 74 16.49 -28.80 -28.80
C GLN Y 74 17.38 -27.63 -28.41
N VAL Y 75 16.85 -26.52 -27.91
CA VAL Y 75 17.64 -25.32 -27.63
C VAL Y 75 17.67 -25.04 -26.14
N TYR Y 76 18.83 -24.99 -25.52
CA TYR Y 76 19.00 -24.69 -24.10
C TYR Y 76 20.03 -23.60 -23.93
N THR Y 77 19.78 -22.65 -23.05
CA THR Y 77 20.84 -21.76 -22.56
C THR Y 77 21.66 -22.49 -21.51
N MET Y 78 22.92 -22.15 -21.36
CA MET Y 78 23.83 -22.79 -20.42
C MET Y 78 24.66 -21.74 -19.70
N ARG Y 79 24.87 -21.90 -18.41
CA ARG Y 79 25.78 -21.07 -17.64
C ARG Y 79 26.71 -21.96 -16.84
N LEU Y 80 27.99 -21.60 -16.79
CA LEU Y 80 29.04 -22.27 -16.03
C LEU Y 80 29.42 -21.38 -14.84
N PRO Y 81 29.69 -21.92 -13.64
CA PRO Y 81 29.97 -21.10 -12.47
C PRO Y 81 31.25 -20.29 -12.64
N ARG Y 82 31.34 -19.08 -12.06
CA ARG Y 82 32.46 -18.16 -12.32
C ARG Y 82 33.85 -18.65 -11.94
N SER Y 83 33.98 -19.73 -11.17
CA SER Y 83 35.29 -20.36 -10.94
C SER Y 83 35.86 -21.02 -12.20
N PHE Y 84 35.05 -21.27 -13.23
CA PHE Y 84 35.49 -21.79 -14.52
C PHE Y 84 36.06 -20.66 -15.39
N THR Y 85 37.39 -20.54 -15.45
CA THR Y 85 38.08 -19.46 -16.16
C THR Y 85 38.27 -19.72 -17.66
N THR Y 86 38.15 -20.96 -18.13
CA THR Y 86 38.18 -21.30 -19.56
C THR Y 86 36.96 -20.74 -20.26
N GLU Y 87 37.13 -20.18 -21.45
CA GLU Y 87 36.03 -19.63 -22.24
C GLU Y 87 35.76 -20.52 -23.45
N LEU Y 88 34.52 -20.95 -23.64
CA LEU Y 88 34.12 -21.75 -24.81
C LEU Y 88 33.80 -20.84 -25.99
N LYS Y 89 33.90 -21.39 -27.20
CA LYS Y 89 33.72 -20.67 -28.46
C LYS Y 89 32.81 -21.47 -29.38
N SER Y 90 32.35 -20.89 -30.48
CA SER Y 90 31.37 -21.51 -31.38
C SER Y 90 31.72 -22.92 -31.87
N GLY Y 91 32.99 -23.30 -31.95
CA GLY Y 91 33.40 -24.68 -32.30
C GLY Y 91 33.43 -25.68 -31.15
N SER Y 92 33.17 -25.27 -29.91
CA SER Y 92 33.22 -26.12 -28.72
C SER Y 92 32.03 -27.06 -28.58
N GLU Y 93 32.17 -28.12 -27.79
CA GLU Y 93 31.10 -29.07 -27.48
C GLU Y 93 31.05 -29.40 -26.00
N VAL Y 94 29.91 -29.93 -25.55
CA VAL Y 94 29.59 -30.26 -24.17
C VAL Y 94 28.99 -31.65 -24.14
N VAL Y 95 29.29 -32.49 -23.16
CA VAL Y 95 28.56 -33.74 -22.94
C VAL Y 95 27.69 -33.57 -21.71
N TRP Y 96 26.37 -33.68 -21.87
CA TRP Y 96 25.37 -33.49 -20.82
C TRP Y 96 24.41 -34.67 -20.82
N ARG Y 97 24.09 -35.23 -19.65
CA ARG Y 97 23.33 -36.49 -19.54
C ARG Y 97 23.86 -37.64 -20.40
N GLY Y 98 25.16 -37.62 -20.70
CA GLY Y 98 25.82 -38.65 -21.52
C GLY Y 98 25.59 -38.53 -23.03
N GLU Y 99 24.98 -37.45 -23.51
CA GLU Y 99 24.77 -37.17 -24.93
C GLU Y 99 25.45 -35.85 -25.31
N ARG Y 100 25.79 -35.64 -26.58
CA ARG Y 100 26.77 -34.61 -26.96
C ARG Y 100 26.12 -33.42 -27.64
N TRP Y 101 26.28 -32.24 -27.04
CA TRP Y 101 25.62 -30.98 -27.35
C TRP Y 101 26.64 -29.96 -27.84
N GLY Y 102 26.45 -29.36 -29.01
CA GLY Y 102 27.34 -28.29 -29.45
C GLY Y 102 26.99 -26.96 -28.83
N VAL Y 103 27.98 -26.12 -28.50
CA VAL Y 103 27.75 -24.69 -28.24
C VAL Y 103 27.29 -24.04 -29.54
N TYR Y 104 26.42 -23.04 -29.48
CA TYR Y 104 25.86 -22.38 -30.67
C TYR Y 104 26.03 -20.87 -30.62
N GLY Y 105 26.88 -20.32 -31.48
CA GLY Y 105 27.29 -18.92 -31.43
C GLY Y 105 28.22 -18.63 -30.25
N GLU Y 106 28.95 -17.53 -30.32
CA GLU Y 106 29.86 -17.11 -29.26
C GLU Y 106 29.10 -16.77 -27.95
N PRO Y 107 29.73 -16.80 -26.76
CA PRO Y 107 29.06 -16.52 -25.50
C PRO Y 107 28.52 -15.11 -25.44
N ARG Y 108 27.33 -14.93 -24.88
CA ARG Y 108 26.74 -13.64 -24.56
C ARG Y 108 27.38 -13.11 -23.29
N ARG Y 109 28.02 -11.95 -23.34
CA ARG Y 109 28.90 -11.48 -22.28
C ARG Y 109 28.27 -10.31 -21.53
N TYR Y 110 27.91 -10.53 -20.28
CA TYR Y 110 27.26 -9.53 -19.42
C TYR Y 110 28.25 -9.00 -18.41
N LYS Y 111 28.34 -7.68 -18.27
CA LYS Y 111 29.38 -7.00 -17.47
C LYS Y 111 28.85 -5.70 -16.87
N GLY Y 112 27.60 -5.70 -16.40
CA GLY Y 112 26.98 -4.49 -15.88
C GLY Y 112 27.77 -3.86 -14.72
N SER Y 113 28.30 -4.70 -13.84
CA SER Y 113 29.19 -4.32 -12.75
C SER Y 113 30.02 -5.51 -12.30
N ARG Y 114 31.10 -5.27 -11.56
CA ARG Y 114 32.06 -6.31 -11.14
C ARG Y 114 31.47 -7.49 -10.37
N ARG Y 115 30.26 -7.35 -9.79
CA ARG Y 115 29.56 -8.44 -9.06
C ARG Y 115 28.42 -9.08 -9.84
N ILE Y 116 27.82 -8.39 -10.81
CA ILE Y 116 26.83 -8.93 -11.76
C ILE Y 116 27.48 -9.71 -12.92
N ALA Y 117 28.73 -9.41 -13.28
CA ALA Y 117 29.35 -9.91 -14.51
C ALA Y 117 29.40 -11.43 -14.62
N HIS Y 118 29.00 -11.98 -15.78
CA HIS Y 118 29.03 -13.41 -16.13
C HIS Y 118 28.88 -13.63 -17.64
N LEU Y 119 29.13 -14.84 -18.13
CA LEU Y 119 28.90 -15.26 -19.52
C LEU Y 119 27.76 -16.26 -19.58
N GLU Y 120 26.86 -16.15 -20.57
CA GLU Y 120 25.88 -17.20 -20.85
C GLU Y 120 26.06 -17.75 -22.27
N TYR Y 121 25.93 -19.06 -22.42
CA TYR Y 121 26.06 -19.78 -23.68
C TYR Y 121 24.71 -20.27 -24.16
N THR Y 122 24.64 -20.74 -25.40
CA THR Y 122 23.52 -21.56 -25.88
C THR Y 122 24.09 -22.88 -26.37
N VAL Y 123 23.34 -23.97 -26.23
CA VAL Y 123 23.67 -25.28 -26.77
C VAL Y 123 22.50 -25.82 -27.55
N ARG Y 124 22.69 -26.58 -28.65
CA ARG Y 124 21.60 -26.82 -29.61
C ARG Y 124 21.34 -28.26 -30.09
N ARG Y 125 22.14 -29.26 -29.74
CA ARG Y 125 21.97 -30.66 -30.21
C ARG Y 125 21.83 -30.73 -31.74
N PHE Y 126 20.64 -31.08 -32.24
CA PHE Y 126 20.18 -31.12 -33.66
C PHE Y 126 21.00 -31.93 -34.68
N SER Z 2 1.98 -30.64 -3.97
CA SER Z 2 2.38 -29.73 -5.06
C SER Z 2 1.70 -30.15 -6.35
N LEU Z 3 1.35 -29.24 -7.26
CA LEU Z 3 0.72 -29.60 -8.55
C LEU Z 3 1.55 -30.59 -9.38
N LEU Z 4 2.86 -30.67 -9.17
CA LEU Z 4 3.73 -31.61 -9.88
C LEU Z 4 3.52 -33.08 -9.46
N ASP Z 5 3.04 -33.33 -8.25
CA ASP Z 5 2.90 -34.67 -7.66
C ASP Z 5 1.45 -35.15 -7.55
N ARG Z 6 0.45 -34.25 -7.64
CA ARG Z 6 -0.98 -34.60 -7.67
C ARG Z 6 -1.32 -35.37 -8.95
N GLY Z 7 -2.38 -36.17 -8.93
CA GLY Z 7 -2.90 -36.79 -10.16
C GLY Z 7 -3.85 -37.96 -9.95
N GLY Z 8 -3.64 -38.79 -8.94
CA GLY Z 8 -4.42 -40.02 -8.76
C GLY Z 8 -3.93 -41.16 -9.65
N THR Z 9 -4.83 -42.02 -10.12
CA THR Z 9 -4.50 -43.21 -10.92
C THR Z 9 -5.48 -43.39 -12.08
N TYR Z 10 -5.15 -44.21 -13.08
CA TYR Z 10 -5.95 -44.33 -14.31
C TYR Z 10 -7.43 -44.62 -14.06
N GLY Z 11 -7.76 -45.45 -13.06
CA GLY Z 11 -9.15 -45.76 -12.72
C GLY Z 11 -9.91 -44.64 -12.00
N SER Z 12 -9.22 -43.65 -11.44
CA SER Z 12 -9.80 -42.52 -10.70
C SER Z 12 -8.79 -41.38 -10.57
N PRO Z 13 -8.74 -40.44 -11.53
CA PRO Z 13 -7.85 -39.30 -11.48
C PRO Z 13 -8.34 -38.23 -10.49
N GLU Z 14 -7.47 -37.27 -10.16
CA GLU Z 14 -7.86 -36.02 -9.52
C GLU Z 14 -8.60 -35.07 -10.49
N ASP Z 15 -8.76 -33.80 -10.14
CA ASP Z 15 -9.68 -32.89 -10.82
C ASP Z 15 -9.23 -32.43 -12.22
N GLY Z 16 -7.98 -32.00 -12.37
CA GLY Z 16 -7.46 -31.42 -13.62
C GLY Z 16 -6.87 -32.42 -14.60
N PHE Z 17 -6.82 -33.70 -14.24
CA PHE Z 17 -6.06 -34.74 -14.92
C PHE Z 17 -6.98 -35.70 -15.66
N ASP Z 18 -6.67 -36.01 -16.91
CA ASP Z 18 -7.38 -37.05 -17.68
C ASP Z 18 -6.59 -38.35 -17.66
N PRO Z 19 -7.25 -39.52 -17.63
CA PRO Z 19 -6.57 -40.79 -17.75
C PRO Z 19 -6.12 -41.01 -19.18
N VAL Z 20 -4.93 -41.58 -19.38
CA VAL Z 20 -4.31 -41.82 -20.69
C VAL Z 20 -3.61 -43.16 -20.72
N THR Z 21 -3.45 -43.74 -21.90
CA THR Z 21 -2.49 -44.83 -22.11
C THR Z 21 -1.30 -44.27 -22.83
N VAL Z 22 -0.11 -44.46 -22.30
CA VAL Z 22 1.10 -43.87 -22.83
C VAL Z 22 1.95 -44.95 -23.47
N TYR Z 23 2.28 -44.81 -24.75
CA TYR Z 23 3.10 -45.76 -25.49
C TYR Z 23 4.50 -45.17 -25.68
N PRO Z 24 5.50 -45.57 -24.89
CA PRO Z 24 6.84 -45.04 -25.01
C PRO Z 24 7.52 -45.53 -26.29
N GLU Z 25 8.58 -44.86 -26.71
CA GLU Z 25 9.27 -45.13 -27.97
C GLU Z 25 10.05 -46.44 -28.00
N VAL Z 26 10.09 -47.12 -29.15
CA VAL Z 26 11.05 -48.18 -29.50
C VAL Z 26 11.53 -48.01 -30.94
N THR Z 27 12.69 -48.58 -31.27
CA THR Z 27 13.28 -48.50 -32.62
C THR Z 27 13.07 -49.79 -33.40
N ARG Z 28 12.67 -49.69 -34.66
CA ARG Z 28 12.51 -50.82 -35.60
C ARG Z 28 13.40 -50.65 -36.82
N LYS Z 29 13.88 -51.72 -37.44
CA LYS Z 29 14.50 -51.67 -38.78
C LYS Z 29 13.42 -51.71 -39.86
N ASP Z 30 13.56 -50.90 -40.90
CA ASP Z 30 12.74 -51.05 -42.11
C ASP Z 30 13.30 -52.12 -43.06
N ARG Z 31 12.62 -52.33 -44.18
CA ARG Z 31 12.97 -53.34 -45.20
C ARG Z 31 14.42 -53.24 -45.71
N LEU Z 32 15.02 -52.05 -45.70
CA LEU Z 32 16.36 -51.76 -46.24
C LEU Z 32 17.39 -51.47 -45.14
N GLY Z 33 17.07 -51.74 -43.89
CA GLY Z 33 18.00 -51.64 -42.77
C GLY Z 33 18.13 -50.26 -42.15
N ASN Z 34 17.33 -49.26 -42.55
CA ASN Z 34 17.29 -47.99 -41.82
C ASN Z 34 16.56 -48.17 -40.49
N THR Z 35 16.95 -47.45 -39.44
CA THR Z 35 16.31 -47.55 -38.12
C THR Z 35 15.31 -46.42 -37.93
N LEU Z 36 14.06 -46.75 -37.64
CA LEU Z 36 12.96 -45.80 -37.46
C LEU Z 36 12.52 -45.80 -36.01
N VAL Z 37 12.30 -44.64 -35.39
CA VAL Z 37 11.61 -44.56 -34.09
C VAL Z 37 10.11 -44.72 -34.26
N GLY Z 38 9.42 -45.30 -33.29
CA GLY Z 38 7.95 -45.32 -33.23
C GLY Z 38 7.41 -45.77 -31.88
N PRO Z 39 6.10 -45.76 -31.66
CA PRO Z 39 5.50 -46.15 -30.39
C PRO Z 39 5.61 -47.65 -30.17
N SER Z 40 5.88 -48.07 -28.93
CA SER Z 40 5.83 -49.46 -28.50
C SER Z 40 4.45 -50.08 -28.70
N LEU Z 41 4.35 -51.41 -28.76
CA LEU Z 41 3.07 -52.12 -28.85
C LEU Z 41 2.34 -52.20 -27.50
N THR Z 42 3.05 -52.06 -26.38
CA THR Z 42 2.48 -52.20 -25.03
C THR Z 42 2.44 -50.86 -24.30
N GLY Z 43 1.25 -50.37 -24.00
CA GLY Z 43 1.06 -49.06 -23.37
C GLY Z 43 1.06 -49.13 -21.85
N ILE Z 44 1.31 -47.99 -21.21
CA ILE Z 44 1.33 -47.85 -19.75
C ILE Z 44 0.13 -47.01 -19.33
N GLU Z 45 -0.72 -47.52 -18.44
CA GLU Z 45 -1.88 -46.79 -17.93
C GLU Z 45 -1.40 -45.66 -17.01
N THR Z 46 -1.80 -44.41 -17.21
CA THR Z 46 -1.42 -43.30 -16.31
C THR Z 46 -2.39 -42.12 -16.42
N VAL Z 47 -2.08 -40.96 -15.85
CA VAL Z 47 -2.92 -39.75 -15.89
C VAL Z 47 -2.09 -38.54 -16.32
N ALA Z 48 -2.68 -37.55 -16.99
CA ALA Z 48 -1.93 -36.43 -17.55
C ALA Z 48 -2.70 -35.11 -17.57
N ARG Z 49 -1.97 -34.00 -17.43
CA ARG Z 49 -2.49 -32.63 -17.39
C ARG Z 49 -2.33 -31.95 -18.73
N PHE Z 50 -3.40 -31.73 -19.48
CA PHE Z 50 -3.34 -31.12 -20.82
C PHE Z 50 -3.78 -29.65 -20.81
N GLN Z 51 -3.04 -28.77 -21.47
CA GLN Z 51 -3.38 -27.35 -21.62
C GLN Z 51 -3.19 -26.86 -23.04
N VAL Z 52 -4.11 -26.02 -23.51
CA VAL Z 52 -4.15 -25.49 -24.88
C VAL Z 52 -2.88 -24.72 -25.22
N GLN Z 53 -2.52 -24.67 -26.50
CA GLN Z 53 -1.26 -24.13 -27.01
C GLN Z 53 -1.41 -23.68 -28.47
N GLY Z 54 -0.48 -22.88 -28.99
CA GLY Z 54 -0.34 -22.63 -30.44
C GLY Z 54 -1.18 -21.48 -31.02
N GLN Z 55 -1.74 -20.63 -30.16
CA GLN Z 55 -2.64 -19.51 -30.50
C GLN Z 55 -1.99 -18.30 -31.21
N SER Z 56 -0.68 -18.31 -31.47
CA SER Z 56 0.02 -17.26 -32.23
C SER Z 56 -0.49 -17.12 -33.68
N GLY Z 57 -0.57 -15.90 -34.22
CA GLY Z 57 -1.27 -15.60 -35.47
C GLY Z 57 -0.78 -16.35 -36.72
N THR Z 58 0.50 -16.71 -36.79
CA THR Z 58 1.08 -17.50 -37.90
C THR Z 58 0.73 -19.00 -37.83
N SER Z 59 0.26 -19.50 -36.68
CA SER Z 59 -0.14 -20.90 -36.46
C SER Z 59 -1.65 -21.06 -36.25
N ALA Z 60 -2.35 -20.08 -35.68
CA ALA Z 60 -3.80 -20.12 -35.47
C ALA Z 60 -4.61 -20.23 -36.78
N ARG Z 61 -4.04 -19.76 -37.90
CA ARG Z 61 -4.59 -19.90 -39.25
C ARG Z 61 -4.64 -21.35 -39.75
N ARG Z 62 -3.70 -22.20 -39.31
CA ARG Z 62 -3.52 -23.60 -39.74
C ARG Z 62 -4.52 -24.58 -39.11
N ALA Z 63 -5.38 -24.13 -38.20
CA ALA Z 63 -6.25 -25.03 -37.44
C ALA Z 63 -7.21 -25.87 -38.28
N GLU Z 64 -7.63 -25.41 -39.46
CA GLU Z 64 -8.47 -26.15 -40.40
C GLU Z 64 -8.08 -25.82 -41.83
N MET Z 65 -8.06 -26.80 -42.73
CA MET Z 65 -7.57 -26.65 -44.11
C MET Z 65 -8.50 -27.36 -45.11
N ASP Z 66 -8.37 -27.01 -46.40
CA ASP Z 66 -9.28 -27.48 -47.45
C ASP Z 66 -8.54 -27.70 -48.79
N ASP Z 67 -7.22 -27.89 -48.74
CA ASP Z 67 -6.39 -27.93 -49.94
C ASP Z 67 -6.36 -29.31 -50.62
N ILE Z 68 -6.32 -30.39 -49.83
CA ILE Z 68 -6.24 -31.78 -50.32
C ILE Z 68 -7.07 -32.78 -49.50
N GLY Z 69 -7.82 -32.30 -48.50
CA GLY Z 69 -8.50 -33.17 -47.54
C GLY Z 69 -9.03 -32.38 -46.34
N ASP Z 70 -9.84 -33.00 -45.50
CA ASP Z 70 -10.45 -32.39 -44.32
C ASP Z 70 -9.47 -32.29 -43.15
N MET Z 71 -8.29 -31.73 -43.39
CA MET Z 71 -7.20 -31.65 -42.42
C MET Z 71 -7.44 -30.59 -41.35
N THR Z 72 -7.10 -30.89 -40.10
CA THR Z 72 -7.09 -29.97 -38.95
C THR Z 72 -5.86 -30.23 -38.11
N GLU Z 73 -5.43 -29.28 -37.31
CA GLU Z 73 -4.29 -29.47 -36.41
C GLU Z 73 -4.60 -28.96 -35.00
N GLN Z 74 -4.30 -29.76 -33.98
CA GLN Z 74 -4.50 -29.41 -32.58
C GLN Z 74 -3.17 -29.53 -31.84
N VAL Z 75 -2.91 -28.67 -30.85
CA VAL Z 75 -1.67 -28.67 -30.08
C VAL Z 75 -1.98 -28.51 -28.60
N TYR Z 76 -1.38 -29.30 -27.73
CA TYR Z 76 -1.52 -29.19 -26.28
C TYR Z 76 -0.19 -29.43 -25.61
N THR Z 77 0.13 -28.71 -24.55
CA THR Z 77 1.21 -29.13 -23.65
C THR Z 77 0.68 -30.20 -22.72
N MET Z 78 1.52 -31.14 -22.31
CA MET Z 78 1.08 -32.34 -21.60
C MET Z 78 2.08 -32.64 -20.51
N ARG Z 79 1.63 -33.03 -19.32
CA ARG Z 79 2.52 -33.38 -18.23
C ARG Z 79 2.00 -34.57 -17.45
N LEU Z 80 2.86 -35.55 -17.20
CA LEU Z 80 2.58 -36.66 -16.29
C LEU Z 80 2.98 -36.26 -14.85
N PRO Z 81 2.38 -36.81 -13.79
CA PRO Z 81 2.85 -36.57 -12.42
C PRO Z 81 4.26 -37.14 -12.23
N ARG Z 82 5.07 -36.58 -11.32
CA ARG Z 82 6.47 -37.01 -11.14
C ARG Z 82 6.67 -38.46 -10.69
N SER Z 83 5.64 -39.12 -10.18
CA SER Z 83 5.69 -40.56 -9.90
C SER Z 83 5.83 -41.41 -11.17
N PHE Z 84 5.51 -40.88 -12.36
CA PHE Z 84 5.77 -41.53 -13.64
C PHE Z 84 7.24 -41.35 -14.03
N THR Z 85 8.06 -42.38 -13.80
CA THR Z 85 9.52 -42.33 -13.96
C THR Z 85 10.01 -42.56 -15.40
N THR Z 86 9.17 -43.14 -16.27
CA THR Z 86 9.49 -43.35 -17.70
C THR Z 86 9.50 -42.04 -18.48
N GLU Z 87 10.37 -41.91 -19.47
CA GLU Z 87 10.49 -40.72 -20.31
C GLU Z 87 10.00 -40.99 -21.74
N LEU Z 88 9.14 -40.14 -22.29
CA LEU Z 88 8.62 -40.29 -23.64
C LEU Z 88 9.50 -39.56 -24.65
N LYS Z 89 10.40 -40.29 -25.32
CA LYS Z 89 11.16 -39.70 -26.42
C LYS Z 89 10.24 -39.35 -27.60
N SER Z 90 10.70 -38.53 -28.54
CA SER Z 90 9.88 -37.92 -29.59
C SER Z 90 9.12 -38.87 -30.52
N GLY Z 91 9.46 -40.16 -30.58
CA GLY Z 91 8.66 -41.15 -31.32
C GLY Z 91 7.43 -41.66 -30.59
N SER Z 92 7.20 -41.29 -29.34
CA SER Z 92 6.14 -41.84 -28.49
C SER Z 92 4.74 -41.39 -28.88
N GLU Z 93 3.72 -42.07 -28.39
CA GLU Z 93 2.33 -41.71 -28.59
C GLU Z 93 1.50 -41.85 -27.32
N VAL Z 94 0.35 -41.20 -27.28
CA VAL Z 94 -0.55 -41.15 -26.14
C VAL Z 94 -1.96 -41.41 -26.64
N VAL Z 95 -2.75 -42.21 -25.94
CA VAL Z 95 -4.18 -42.32 -26.19
C VAL Z 95 -4.88 -41.50 -25.13
N TRP Z 96 -5.55 -40.43 -25.52
CA TRP Z 96 -6.26 -39.50 -24.66
C TRP Z 96 -7.69 -39.33 -25.18
N ARG Z 97 -8.72 -39.46 -24.35
CA ARG Z 97 -10.13 -39.42 -24.80
C ARG Z 97 -10.44 -40.40 -25.94
N GLY Z 98 -9.70 -41.49 -26.04
CA GLY Z 98 -9.81 -42.49 -27.12
C GLY Z 98 -9.18 -42.08 -28.45
N GLU Z 99 -8.82 -40.83 -28.64
CA GLU Z 99 -8.01 -40.34 -29.76
C GLU Z 99 -6.55 -40.73 -29.56
N ARG Z 100 -5.75 -40.82 -30.62
CA ARG Z 100 -4.31 -41.10 -30.53
C ARG Z 100 -3.51 -39.87 -30.92
N TRP Z 101 -2.70 -39.37 -30.00
CA TRP Z 101 -1.97 -38.12 -30.04
C TRP Z 101 -0.48 -38.39 -30.04
N GLY Z 102 0.28 -37.82 -30.97
CA GLY Z 102 1.74 -38.01 -30.96
C GLY Z 102 2.39 -37.07 -29.98
N VAL Z 103 3.43 -37.50 -29.26
CA VAL Z 103 4.38 -36.56 -28.64
C VAL Z 103 5.11 -35.84 -29.77
N TYR Z 104 5.48 -34.58 -29.58
CA TYR Z 104 6.03 -33.74 -30.65
C TYR Z 104 7.31 -33.03 -30.22
N GLY Z 105 8.46 -33.49 -30.71
CA GLY Z 105 9.77 -33.09 -30.20
C GLY Z 105 10.08 -33.70 -28.84
N GLU Z 106 11.33 -33.65 -28.43
CA GLU Z 106 11.76 -34.18 -27.12
C GLU Z 106 11.16 -33.38 -25.94
N PRO Z 107 11.06 -33.94 -24.72
CA PRO Z 107 10.55 -33.22 -23.56
C PRO Z 107 11.40 -32.02 -23.19
N ARG Z 108 10.77 -30.94 -22.77
CA ARG Z 108 11.43 -29.79 -22.16
C ARG Z 108 11.78 -30.13 -20.71
N ARG Z 109 13.02 -29.91 -20.28
CA ARG Z 109 13.46 -30.19 -18.91
C ARG Z 109 13.59 -28.91 -18.10
N TYR Z 110 12.88 -28.83 -16.98
CA TYR Z 110 13.02 -27.77 -16.00
C TYR Z 110 13.66 -28.35 -14.73
N LYS Z 111 14.68 -27.68 -14.19
CA LYS Z 111 15.61 -28.27 -13.22
C LYS Z 111 16.11 -27.26 -12.18
N GLY Z 112 15.41 -26.16 -11.95
CA GLY Z 112 15.92 -25.07 -11.12
C GLY Z 112 16.33 -25.48 -9.70
N SER Z 113 15.60 -26.39 -9.07
CA SER Z 113 15.91 -26.95 -7.75
C SER Z 113 15.15 -28.25 -7.53
N ARG Z 114 15.54 -29.08 -6.56
CA ARG Z 114 15.01 -30.45 -6.44
C ARG Z 114 13.50 -30.56 -6.20
N ARG Z 115 12.84 -29.46 -5.84
CA ARG Z 115 11.37 -29.39 -5.65
C ARG Z 115 10.62 -28.77 -6.82
N ILE Z 116 11.24 -27.87 -7.58
CA ILE Z 116 10.71 -27.31 -8.83
C ILE Z 116 10.87 -28.27 -10.03
N ALA Z 117 11.88 -29.14 -10.03
CA ALA Z 117 12.24 -29.93 -11.21
C ALA Z 117 11.10 -30.80 -11.75
N HIS Z 118 10.88 -30.77 -13.07
CA HIS Z 118 9.90 -31.58 -13.82
C HIS Z 118 10.17 -31.58 -15.33
N LEU Z 119 9.55 -32.49 -16.08
CA LEU Z 119 9.56 -32.55 -17.54
C LEU Z 119 8.21 -32.12 -18.08
N GLU Z 120 8.16 -31.32 -19.14
CA GLU Z 120 6.90 -31.04 -19.86
C GLU Z 120 6.99 -31.43 -21.33
N TYR Z 121 5.95 -32.07 -21.85
CA TYR Z 121 5.86 -32.53 -23.23
C TYR Z 121 4.98 -31.60 -24.05
N THR Z 122 5.02 -31.72 -25.37
CA THR Z 122 3.96 -31.26 -26.25
C THR Z 122 3.36 -32.46 -26.93
N VAL Z 123 2.06 -32.48 -27.14
CA VAL Z 123 1.40 -33.45 -27.99
C VAL Z 123 0.70 -32.73 -29.11
N ARG Z 124 0.59 -33.35 -30.28
CA ARG Z 124 0.02 -32.76 -31.47
C ARG Z 124 -0.77 -33.81 -32.24
N ARG Z 125 -1.81 -33.39 -32.94
CA ARG Z 125 -2.67 -34.30 -33.72
C ARG Z 125 -3.13 -33.65 -35.01
N PHE Z 126 -2.80 -34.28 -36.13
CA PHE Z 126 -3.01 -33.77 -37.49
C PHE Z 126 -2.99 -34.89 -38.54
N SER AA 2 2.70 22.99 -21.11
CA SER AA 2 2.77 21.52 -21.10
C SER AA 2 3.75 21.04 -22.16
N LEU AA 3 4.14 19.76 -22.21
CA LEU AA 3 5.11 19.30 -23.21
C LEU AA 3 4.64 19.48 -24.65
N LEU AA 4 3.34 19.65 -24.92
CA LEU AA 4 2.83 19.80 -26.28
C LEU AA 4 3.19 21.12 -26.95
N ASP AA 5 3.53 22.17 -26.21
CA ASP AA 5 3.75 23.49 -26.80
C ASP AA 5 4.77 24.37 -26.07
N ARG AA 6 5.76 23.77 -25.39
CA ARG AA 6 6.80 24.53 -24.68
C ARG AA 6 7.94 25.06 -25.54
N GLY AA 7 8.18 24.50 -26.73
CA GLY AA 7 9.36 24.83 -27.54
C GLY AA 7 9.52 26.32 -27.86
N GLY AA 8 10.74 26.84 -27.77
CA GLY AA 8 11.05 28.28 -27.88
C GLY AA 8 11.01 28.85 -29.30
N THR AA 9 12.15 29.35 -29.79
CA THR AA 9 12.27 29.93 -31.14
C THR AA 9 13.50 29.39 -31.86
N TYR AA 10 13.60 29.56 -33.19
CA TYR AA 10 14.73 29.08 -33.97
C TYR AA 10 16.09 29.60 -33.45
N GLY AA 11 16.13 30.81 -32.89
CA GLY AA 11 17.33 31.38 -32.26
C GLY AA 11 17.53 31.00 -30.78
N SER AA 12 16.54 30.39 -30.13
CA SER AA 12 16.53 30.12 -28.69
C SER AA 12 15.51 29.02 -28.33
N PRO AA 13 15.82 27.75 -28.56
CA PRO AA 13 14.94 26.63 -28.22
C PRO AA 13 14.91 26.34 -26.69
N GLU AA 14 13.98 25.51 -26.24
CA GLU AA 14 14.14 24.80 -24.96
C GLU AA 14 15.29 23.77 -25.07
N ASP AA 15 15.55 22.95 -24.06
CA ASP AA 15 16.61 21.94 -24.13
C ASP AA 15 16.21 20.67 -24.91
N GLY AA 16 14.94 20.25 -24.82
CA GLY AA 16 14.44 19.05 -25.49
C GLY AA 16 14.19 19.20 -26.99
N PHE AA 17 14.33 20.41 -27.54
CA PHE AA 17 13.93 20.79 -28.89
C PHE AA 17 15.14 21.29 -29.68
N ASP AA 18 15.19 20.96 -30.97
CA ASP AA 18 16.24 21.42 -31.88
C ASP AA 18 15.67 22.40 -32.90
N PRO AA 19 16.40 23.45 -33.30
CA PRO AA 19 15.95 24.34 -34.34
C PRO AA 19 16.00 23.65 -35.70
N VAL AA 20 14.99 23.87 -36.54
CA VAL AA 20 14.85 23.27 -37.86
C VAL AA 20 14.33 24.28 -38.86
N THR AA 21 14.62 24.11 -40.14
CA THR AA 21 13.91 24.79 -41.21
C THR AA 21 12.99 23.78 -41.86
N VAL AA 22 11.72 24.08 -41.94
CA VAL AA 22 10.68 23.16 -42.40
C VAL AA 22 10.18 23.63 -43.75
N TYR AA 23 10.19 22.78 -44.78
CA TYR AA 23 9.74 23.12 -46.12
C TYR AA 23 8.38 22.46 -46.40
N PRO AA 24 7.27 23.20 -46.37
CA PRO AA 24 5.95 22.64 -46.59
C PRO AA 24 5.78 22.00 -47.96
N GLU AA 25 4.68 21.28 -48.15
CA GLU AA 25 4.29 20.69 -49.43
C GLU AA 25 4.07 21.73 -50.53
N VAL AA 26 4.60 21.49 -51.72
CA VAL AA 26 4.25 22.19 -52.97
C VAL AA 26 4.10 21.16 -54.08
N THR AA 27 3.15 21.39 -54.99
CA THR AA 27 2.85 20.49 -56.11
C THR AA 27 3.23 21.12 -57.44
N ARG AA 28 3.74 20.31 -58.38
CA ARG AA 28 4.36 20.76 -59.63
C ARG AA 28 4.09 19.79 -60.77
N LYS AA 29 4.00 20.26 -62.01
CA LYS AA 29 3.87 19.39 -63.20
C LYS AA 29 5.23 18.96 -63.69
N ASP AA 30 5.38 17.69 -64.08
CA ASP AA 30 6.55 17.24 -64.82
C ASP AA 30 6.42 17.50 -66.32
N ARG AA 31 7.45 17.14 -67.09
CA ARG AA 31 7.55 17.37 -68.54
C ARG AA 31 6.33 16.86 -69.33
N LEU AA 32 5.66 15.80 -68.86
CA LEU AA 32 4.56 15.10 -69.52
C LEU AA 32 3.20 15.37 -68.85
N GLY AA 33 3.12 16.32 -67.92
CA GLY AA 33 1.89 16.76 -67.29
C GLY AA 33 1.43 15.92 -66.10
N ASN AA 34 2.23 14.98 -65.57
CA ASN AA 34 1.91 14.34 -64.31
C ASN AA 34 2.09 15.31 -63.15
N THR AA 35 1.17 15.34 -62.17
CA THR AA 35 1.28 16.25 -61.03
C THR AA 35 2.07 15.61 -59.88
N LEU AA 36 3.34 16.00 -59.72
CA LEU AA 36 4.22 15.57 -58.65
C LEU AA 36 4.02 16.41 -57.39
N VAL AA 37 4.56 15.95 -56.26
CA VAL AA 37 4.61 16.67 -54.99
C VAL AA 37 6.03 16.68 -54.44
N GLY AA 38 6.44 17.78 -53.81
CA GLY AA 38 7.77 17.91 -53.23
C GLY AA 38 7.89 19.11 -52.30
N PRO AA 39 9.06 19.35 -51.70
CA PRO AA 39 9.24 20.44 -50.77
C PRO AA 39 9.18 21.79 -51.48
N SER AA 40 8.54 22.77 -50.85
CA SER AA 40 8.56 24.16 -51.28
C SER AA 40 9.99 24.71 -51.37
N LEU AA 41 10.21 25.75 -52.18
CA LEU AA 41 11.51 26.41 -52.27
C LEU AA 41 11.80 27.33 -51.07
N THR AA 42 10.79 27.76 -50.32
CA THR AA 42 10.93 28.68 -49.19
C THR AA 42 10.55 28.00 -47.88
N GLY AA 43 11.49 27.90 -46.95
CA GLY AA 43 11.30 27.19 -45.68
C GLY AA 43 10.82 28.10 -44.56
N ILE AA 44 10.24 27.50 -43.53
CA ILE AA 44 9.77 28.17 -42.33
C ILE AA 44 10.68 27.78 -41.17
N GLU AA 45 11.31 28.72 -40.50
CA GLU AA 45 12.18 28.45 -39.36
C GLU AA 45 11.36 28.17 -38.10
N THR AA 46 11.61 27.06 -37.41
CA THR AA 46 10.86 26.66 -36.22
C THR AA 46 11.70 25.73 -35.34
N VAL AA 47 11.11 25.09 -34.32
CA VAL AA 47 11.80 24.13 -33.44
C VAL AA 47 11.04 22.81 -33.38
N ALA AA 48 11.71 21.68 -33.16
CA ALA AA 48 11.08 20.36 -33.21
C ALA AA 48 11.70 19.35 -32.24
N ARG AA 49 10.89 18.42 -31.73
CA ARG AA 49 11.29 17.37 -30.78
C ARG AA 49 11.48 16.05 -31.50
N PHE AA 50 12.70 15.54 -31.61
CA PHE AA 50 12.98 14.28 -32.31
C PHE AA 50 13.27 13.14 -31.34
N GLN AA 51 12.64 11.99 -31.52
CA GLN AA 51 12.87 10.78 -30.72
C GLN AA 51 13.12 9.58 -31.61
N VAL AA 52 14.07 8.73 -31.23
CA VAL AA 52 14.49 7.56 -32.02
C VAL AA 52 13.31 6.62 -32.22
N GLN AA 53 13.02 6.23 -33.45
CA GLN AA 53 11.92 5.32 -33.74
C GLN AA 53 12.32 3.86 -33.47
N GLY AA 54 11.38 3.06 -32.99
CA GLY AA 54 11.60 1.64 -32.69
C GLY AA 54 11.71 0.78 -33.94
N GLN AA 55 12.90 0.72 -34.55
CA GLN AA 55 13.22 -0.12 -35.72
C GLN AA 55 13.26 -1.64 -35.43
N SER AA 56 12.82 -2.09 -34.25
CA SER AA 56 13.07 -3.43 -33.69
C SER AA 56 12.48 -4.63 -34.44
N GLY AA 57 11.73 -4.42 -35.52
CA GLY AA 57 11.33 -5.46 -36.46
C GLY AA 57 12.47 -5.87 -37.40
N THR AA 58 12.17 -6.05 -38.69
CA THR AA 58 13.18 -6.26 -39.74
C THR AA 58 14.05 -5.03 -40.00
N SER AA 59 13.57 -3.82 -39.70
CA SER AA 59 14.24 -2.56 -40.04
C SER AA 59 15.62 -2.41 -39.39
N ALA AA 60 15.83 -2.92 -38.18
CA ALA AA 60 17.14 -2.91 -37.51
C ALA AA 60 18.24 -3.66 -38.28
N ARG AA 61 17.89 -4.61 -39.17
CA ARG AA 61 18.84 -5.30 -40.07
C ARG AA 61 19.14 -4.52 -41.36
N ARG AA 62 18.45 -3.39 -41.60
CA ARG AA 62 18.65 -2.49 -42.74
C ARG AA 62 19.11 -1.09 -42.33
N ALA AA 63 19.61 -0.93 -41.11
CA ALA AA 63 20.20 0.31 -40.63
C ALA AA 63 21.53 0.65 -41.32
N GLU AA 64 22.20 -0.34 -41.91
CA GLU AA 64 23.39 -0.18 -42.74
C GLU AA 64 23.48 -1.38 -43.66
N MET AA 65 23.65 -1.13 -44.96
CA MET AA 65 23.76 -2.20 -45.96
C MET AA 65 24.74 -1.80 -47.07
N ASP AA 66 25.25 -2.79 -47.79
CA ASP AA 66 26.52 -2.70 -48.53
C ASP AA 66 26.42 -3.42 -49.90
N ASP AA 67 25.22 -3.51 -50.46
CA ASP AA 67 24.94 -4.32 -51.66
C ASP AA 67 25.09 -3.55 -52.98
N ILE AA 68 24.87 -2.23 -52.96
CA ILE AA 68 24.82 -1.34 -54.14
C ILE AA 68 25.61 -0.05 -53.90
N GLY AA 69 25.89 0.30 -52.65
CA GLY AA 69 26.47 1.56 -52.23
C GLY AA 69 26.49 1.69 -50.72
N ASP AA 70 27.02 2.78 -50.19
CA ASP AA 70 27.02 3.05 -48.75
C ASP AA 70 25.63 3.59 -48.36
N MET AA 71 24.76 2.76 -47.76
CA MET AA 71 23.35 3.12 -47.52
C MET AA 71 22.91 2.83 -46.09
N THR AA 72 22.15 3.72 -45.47
CA THR AA 72 21.92 3.73 -44.01
C THR AA 72 20.58 4.37 -43.64
N GLU AA 73 19.47 3.63 -43.73
CA GLU AA 73 18.19 4.15 -43.25
C GLU AA 73 18.22 4.46 -41.75
N GLN AA 74 17.81 5.66 -41.37
CA GLN AA 74 17.60 6.04 -39.98
C GLN AA 74 16.30 6.82 -39.83
N VAL AA 75 15.57 6.58 -38.74
CA VAL AA 75 14.17 6.92 -38.59
C VAL AA 75 13.93 7.60 -37.25
N TYR AA 76 13.20 8.70 -37.23
CA TYR AA 76 12.88 9.45 -36.02
C TYR AA 76 11.45 9.90 -36.04
N THR AA 77 10.87 10.15 -34.87
CA THR AA 77 9.53 10.66 -34.72
C THR AA 77 9.62 12.11 -34.30
N MET AA 78 9.05 13.02 -35.08
CA MET AA 78 9.27 14.44 -35.01
C MET AA 78 7.97 15.14 -34.66
N ARG AA 79 7.99 16.13 -33.77
CA ARG AA 79 6.79 16.89 -33.40
C ARG AA 79 7.11 18.37 -33.26
N LEU AA 80 6.18 19.21 -33.71
CA LEU AA 80 6.28 20.66 -33.72
C LEU AA 80 5.34 21.24 -32.65
N PRO AA 81 5.69 22.31 -31.92
CA PRO AA 81 4.82 22.94 -30.94
C PRO AA 81 3.44 23.27 -31.49
N ARG AA 82 2.36 23.18 -30.70
CA ARG AA 82 0.99 23.45 -31.20
C ARG AA 82 0.76 24.86 -31.74
N SER AA 83 1.63 25.81 -31.45
CA SER AA 83 1.60 27.15 -32.06
C SER AA 83 1.99 27.16 -33.54
N PHE AA 84 2.57 26.09 -34.09
CA PHE AA 84 2.88 25.94 -35.51
C PHE AA 84 1.64 25.45 -36.27
N THR AA 85 0.99 26.34 -37.02
CA THR AA 85 -0.34 26.08 -37.61
C THR AA 85 -0.34 25.34 -38.94
N THR AA 86 0.72 25.46 -39.77
CA THR AA 86 0.79 24.78 -41.07
C THR AA 86 1.08 23.30 -40.91
N GLU AA 87 0.28 22.43 -41.52
CA GLU AA 87 0.57 20.99 -41.54
C GLU AA 87 1.60 20.64 -42.61
N LEU AA 88 2.50 19.71 -42.31
CA LEU AA 88 3.34 19.07 -43.31
C LEU AA 88 2.65 17.83 -43.87
N LYS AA 89 3.07 17.37 -45.04
CA LYS AA 89 2.44 16.26 -45.76
C LYS AA 89 3.49 15.29 -46.26
N SER AA 90 3.11 14.10 -46.71
CA SER AA 90 4.06 13.13 -47.28
C SER AA 90 4.93 13.79 -48.35
N GLY AA 91 6.25 13.65 -48.32
CA GLY AA 91 7.11 14.35 -49.28
C GLY AA 91 7.33 15.86 -49.06
N SER AA 92 6.88 16.44 -47.95
CA SER AA 92 7.51 17.63 -47.37
C SER AA 92 8.90 17.30 -46.80
N GLU AA 93 9.75 18.29 -46.55
CA GLU AA 93 11.10 18.04 -46.01
C GLU AA 93 11.47 19.00 -44.89
N VAL AA 94 12.46 18.60 -44.10
CA VAL AA 94 12.93 19.28 -42.90
C VAL AA 94 14.44 19.34 -42.93
N VAL AA 95 15.06 20.42 -42.48
CA VAL AA 95 16.50 20.49 -42.29
C VAL AA 95 16.80 20.47 -40.80
N TRP AA 96 17.55 19.48 -40.34
CA TRP AA 96 17.89 19.25 -38.94
C TRP AA 96 19.39 18.96 -38.81
N ARG AA 97 20.11 19.60 -37.90
CA ARG AA 97 21.59 19.56 -37.85
C ARG AA 97 22.28 19.90 -39.17
N GLY AA 98 21.62 20.63 -40.06
CA GLY AA 98 22.13 20.90 -41.42
C GLY AA 98 22.03 19.73 -42.40
N GLU AA 99 21.62 18.55 -41.95
CA GLU AA 99 21.17 17.45 -42.80
C GLU AA 99 19.77 17.74 -43.33
N ARG AA 100 19.32 16.99 -44.34
CA ARG AA 100 17.96 17.10 -44.89
C ARG AA 100 17.20 15.80 -44.74
N TRP AA 101 16.05 15.85 -44.09
CA TRP AA 101 15.22 14.74 -43.64
C TRP AA 101 13.85 14.83 -44.29
N GLY AA 102 13.35 13.77 -44.91
CA GLY AA 102 12.01 13.80 -45.49
C GLY AA 102 10.96 13.43 -44.46
N VAL AA 103 9.79 14.08 -44.48
CA VAL AA 103 8.61 13.55 -43.77
C VAL AA 103 8.15 12.29 -44.48
N TYR AA 104 7.79 11.25 -43.74
CA TYR AA 104 7.48 9.93 -44.29
C TYR AA 104 6.05 9.50 -43.99
N GLY AA 105 5.18 9.51 -45.00
CA GLY AA 105 3.74 9.33 -44.82
C GLY AA 105 3.09 10.53 -44.13
N GLU AA 106 1.76 10.57 -44.12
CA GLU AA 106 0.99 11.68 -43.55
C GLU AA 106 1.16 11.79 -42.01
N PRO AA 107 0.87 12.94 -41.38
CA PRO AA 107 0.91 13.07 -39.93
C PRO AA 107 -0.11 12.16 -39.25
N ARG AA 108 0.29 11.54 -38.15
CA ARG AA 108 -0.62 10.85 -37.24
C ARG AA 108 -1.35 11.88 -36.40
N ARG AA 109 -2.67 11.84 -36.39
CA ARG AA 109 -3.50 12.89 -35.82
C ARG AA 109 -4.20 12.39 -34.58
N TYR AA 110 -3.86 12.95 -33.41
CA TYR AA 110 -4.48 12.59 -32.14
C TYR AA 110 -5.39 13.72 -31.69
N LYS AA 111 -6.62 13.41 -31.27
CA LYS AA 111 -7.64 14.42 -30.93
C LYS AA 111 -8.54 13.94 -29.81
N GLY AA 112 -7.98 13.40 -28.73
CA GLY AA 112 -8.78 12.95 -27.60
C GLY AA 112 -9.60 14.06 -26.95
N SER AA 113 -9.06 15.27 -26.89
CA SER AA 113 -9.72 16.45 -26.32
C SER AA 113 -8.95 17.75 -26.62
N ARG AA 114 -9.53 18.92 -26.35
CA ARG AA 114 -8.82 20.23 -26.43
C ARG AA 114 -7.45 20.22 -25.73
N ARG AA 115 -7.30 19.48 -24.64
CA ARG AA 115 -6.07 19.44 -23.83
C ARG AA 115 -4.99 18.53 -24.41
N ILE AA 116 -5.39 17.48 -25.13
CA ILE AA 116 -4.51 16.42 -25.63
C ILE AA 116 -4.18 16.57 -27.13
N ALA AA 117 -5.02 17.24 -27.93
CA ALA AA 117 -4.93 17.22 -29.37
C ALA AA 117 -3.56 17.68 -29.91
N HIS AA 118 -2.92 16.87 -30.77
CA HIS AA 118 -1.66 17.18 -31.45
C HIS AA 118 -1.45 16.31 -32.69
N LEU AA 119 -0.56 16.72 -33.59
CA LEU AA 119 -0.10 15.97 -34.75
C LEU AA 119 1.31 15.46 -34.49
N GLU AA 120 1.64 14.24 -34.90
CA GLU AA 120 3.01 13.73 -34.85
C GLU AA 120 3.46 13.18 -36.20
N TYR AA 121 4.72 13.38 -36.57
CA TYR AA 121 5.28 13.06 -37.88
C TYR AA 121 6.37 12.01 -37.75
N THR AA 122 6.58 11.17 -38.77
CA THR AA 122 7.81 10.40 -38.89
C THR AA 122 8.71 11.06 -39.89
N VAL AA 123 10.02 11.07 -39.68
CA VAL AA 123 11.00 11.53 -40.65
C VAL AA 123 12.04 10.46 -40.95
N ARG AA 124 12.62 10.45 -42.15
CA ARG AA 124 13.63 9.48 -42.58
C ARG AA 124 14.73 10.09 -43.43
N ARG AA 125 15.89 9.42 -43.43
CA ARG AA 125 17.06 9.68 -44.27
C ARG AA 125 17.61 8.33 -44.72
N PHE AA 126 17.94 8.16 -46.02
CA PHE AA 126 18.18 6.84 -46.65
C PHE AA 126 19.62 6.60 -47.12
N SER BA 2 -20.78 -16.88 -12.04
CA SER BA 2 -20.20 -17.64 -13.15
C SER BA 2 -20.61 -17.02 -14.47
N LEU BA 3 -19.65 -16.50 -15.25
CA LEU BA 3 -19.84 -16.20 -16.65
C LEU BA 3 -19.94 -17.49 -17.47
N LEU BA 4 -19.40 -18.62 -16.97
CA LEU BA 4 -19.71 -19.96 -17.45
C LEU BA 4 -21.16 -20.33 -17.07
N ASP BA 5 -21.88 -21.03 -17.95
CA ASP BA 5 -23.27 -21.47 -17.74
C ASP BA 5 -24.31 -20.39 -17.35
N ARG BA 6 -24.07 -19.14 -17.72
CA ARG BA 6 -24.94 -17.99 -17.42
C ARG BA 6 -26.15 -17.83 -18.34
N GLY BA 7 -25.97 -18.12 -19.63
CA GLY BA 7 -26.69 -17.50 -20.76
C GLY BA 7 -28.22 -17.48 -20.82
N GLY BA 8 -28.95 -18.35 -20.14
CA GLY BA 8 -30.40 -18.41 -20.24
C GLY BA 8 -30.88 -19.31 -21.38
N THR BA 9 -31.85 -18.86 -22.19
CA THR BA 9 -32.52 -19.69 -23.21
C THR BA 9 -32.80 -18.94 -24.51
N TYR BA 10 -33.00 -19.65 -25.62
CA TYR BA 10 -33.14 -19.06 -26.96
C TYR BA 10 -34.25 -18.00 -27.07
N GLY BA 11 -35.33 -18.16 -26.32
CA GLY BA 11 -36.41 -17.16 -26.25
C GLY BA 11 -36.10 -15.92 -25.41
N SER BA 12 -35.16 -16.01 -24.46
CA SER BA 12 -34.84 -14.97 -23.47
C SER BA 12 -33.37 -15.05 -23.00
N PRO BA 13 -32.41 -14.55 -23.79
CA PRO BA 13 -30.99 -14.52 -23.44
C PRO BA 13 -30.64 -13.57 -22.27
N GLU BA 14 -29.56 -13.83 -21.55
CA GLU BA 14 -28.84 -12.80 -20.78
C GLU BA 14 -28.29 -11.68 -21.67
N ASP BA 15 -27.75 -10.61 -21.10
CA ASP BA 15 -27.24 -9.46 -21.88
C ASP BA 15 -26.06 -9.82 -22.80
N GLY BA 16 -25.08 -10.57 -22.29
CA GLY BA 16 -23.86 -10.89 -23.02
C GLY BA 16 -24.02 -11.91 -24.15
N PHE BA 17 -25.20 -12.50 -24.29
CA PHE BA 17 -25.46 -13.70 -25.10
C PHE BA 17 -26.45 -13.41 -26.21
N ASP BA 18 -26.24 -14.03 -27.37
CA ASP BA 18 -27.15 -13.95 -28.51
C ASP BA 18 -27.77 -15.32 -28.78
N PRO BA 19 -29.03 -15.41 -29.21
CA PRO BA 19 -29.63 -16.67 -29.59
C PRO BA 19 -29.04 -17.15 -30.92
N VAL BA 20 -28.72 -18.43 -31.02
CA VAL BA 20 -28.16 -19.05 -32.23
C VAL BA 20 -28.84 -20.38 -32.50
N THR BA 21 -28.89 -20.79 -33.77
CA THR BA 21 -29.22 -22.17 -34.13
C THR BA 21 -27.91 -22.84 -34.49
N VAL BA 22 -27.62 -23.99 -33.94
CA VAL BA 22 -26.32 -24.63 -34.05
C VAL BA 22 -26.48 -26.00 -34.69
N TYR BA 23 -25.76 -26.24 -35.78
CA TYR BA 23 -25.85 -27.42 -36.62
C TYR BA 23 -24.64 -28.31 -36.38
N PRO BA 24 -24.74 -29.37 -35.57
CA PRO BA 24 -23.61 -30.20 -35.22
C PRO BA 24 -23.09 -31.02 -36.40
N GLU BA 25 -21.97 -31.69 -36.19
CA GLU BA 25 -21.28 -32.53 -37.18
C GLU BA 25 -22.13 -33.66 -37.74
N VAL BA 26 -22.13 -33.84 -39.07
CA VAL BA 26 -22.65 -35.03 -39.77
C VAL BA 26 -21.68 -35.43 -40.88
N THR BA 27 -21.51 -36.73 -41.07
CA THR BA 27 -20.60 -37.34 -42.04
C THR BA 27 -21.37 -37.91 -43.24
N ARG BA 28 -20.92 -37.66 -44.47
CA ARG BA 28 -21.60 -38.08 -45.70
C ARG BA 28 -20.62 -38.64 -46.73
N LYS BA 29 -21.07 -39.47 -47.68
CA LYS BA 29 -20.24 -39.93 -48.80
C LYS BA 29 -20.49 -39.09 -50.04
N ASP BA 30 -19.45 -38.68 -50.73
CA ASP BA 30 -19.59 -38.11 -52.08
C ASP BA 30 -19.85 -39.20 -53.13
N ARG BA 31 -20.00 -38.79 -54.40
CA ARG BA 31 -20.28 -39.71 -55.52
C ARG BA 31 -19.26 -40.87 -55.63
N LEU BA 32 -18.00 -40.63 -55.29
CA LEU BA 32 -16.85 -41.53 -55.45
C LEU BA 32 -16.48 -42.24 -54.14
N GLY BA 33 -17.33 -42.18 -53.12
CA GLY BA 33 -17.10 -42.86 -51.85
C GLY BA 33 -16.08 -42.18 -50.93
N ASN BA 34 -15.64 -40.95 -51.21
CA ASN BA 34 -14.86 -40.19 -50.23
C ASN BA 34 -15.75 -39.76 -49.05
N THR BA 35 -15.25 -39.86 -47.83
CA THR BA 35 -16.05 -39.55 -46.62
C THR BA 35 -15.89 -38.09 -46.22
N LEU BA 36 -16.86 -37.24 -46.54
CA LEU BA 36 -16.86 -35.82 -46.23
C LEU BA 36 -17.56 -35.52 -44.90
N VAL BA 37 -17.31 -34.34 -44.33
CA VAL BA 37 -17.93 -33.86 -43.09
C VAL BA 37 -18.60 -32.51 -43.32
N GLY BA 38 -19.74 -32.26 -42.68
CA GLY BA 38 -20.45 -30.99 -42.79
C GLY BA 38 -21.57 -30.84 -41.78
N PRO BA 39 -22.31 -29.74 -41.79
CA PRO BA 39 -23.35 -29.48 -40.81
C PRO BA 39 -24.54 -30.39 -41.02
N SER BA 40 -25.14 -30.86 -39.93
CA SER BA 40 -26.43 -31.55 -39.94
C SER BA 40 -27.53 -30.71 -40.57
N LEU BA 41 -28.58 -31.33 -41.08
CA LEU BA 41 -29.77 -30.62 -41.59
C LEU BA 41 -30.73 -30.16 -40.48
N THR BA 42 -30.59 -30.66 -39.25
CA THR BA 42 -31.40 -30.24 -38.09
C THR BA 42 -30.53 -29.67 -36.99
N GLY BA 43 -30.72 -28.40 -36.64
CA GLY BA 43 -29.91 -27.68 -35.66
C GLY BA 43 -30.61 -27.54 -34.32
N ILE BA 44 -29.84 -27.55 -33.24
CA ILE BA 44 -30.33 -27.25 -31.89
C ILE BA 44 -30.48 -25.74 -31.76
N GLU BA 45 -31.39 -25.25 -30.93
CA GLU BA 45 -31.52 -23.82 -30.64
C GLU BA 45 -30.94 -23.52 -29.26
N THR BA 46 -30.05 -22.54 -29.15
CA THR BA 46 -29.31 -22.27 -27.92
C THR BA 46 -28.87 -20.80 -27.86
N VAL BA 47 -28.08 -20.40 -26.87
CA VAL BA 47 -27.53 -19.05 -26.75
C VAL BA 47 -26.01 -19.10 -26.69
N ALA BA 48 -25.32 -18.08 -27.20
CA ALA BA 48 -23.87 -18.11 -27.34
C ALA BA 48 -23.22 -16.75 -27.11
N ARG BA 49 -21.99 -16.76 -26.58
CA ARG BA 49 -21.19 -15.58 -26.20
C ARG BA 49 -20.10 -15.34 -27.22
N PHE BA 50 -20.21 -14.31 -28.07
CA PHE BA 50 -19.22 -14.03 -29.12
C PHE BA 50 -18.32 -12.85 -28.77
N GLN BA 51 -17.01 -13.01 -28.91
CA GLN BA 51 -16.03 -11.94 -28.72
C GLN BA 51 -15.03 -11.91 -29.85
N VAL BA 52 -14.72 -10.72 -30.35
CA VAL BA 52 -13.84 -10.48 -31.49
C VAL BA 52 -12.47 -11.10 -31.23
N GLN BA 53 -11.99 -11.98 -32.11
CA GLN BA 53 -10.64 -12.54 -31.97
C GLN BA 53 -9.60 -11.53 -32.43
N GLY BA 54 -8.42 -11.50 -31.80
CA GLY BA 54 -7.39 -10.46 -31.96
C GLY BA 54 -6.62 -10.47 -33.28
N GLN BA 55 -7.33 -10.49 -34.42
CA GLN BA 55 -6.81 -10.44 -35.79
C GLN BA 55 -5.87 -9.22 -35.97
N SER BA 56 -4.58 -9.50 -36.14
CA SER BA 56 -3.50 -8.48 -36.05
C SER BA 56 -2.40 -8.69 -37.10
N GLY BA 57 -1.64 -7.63 -37.40
CA GLY BA 57 -0.45 -7.68 -38.26
C GLY BA 57 -0.72 -8.26 -39.65
N THR BA 58 -0.07 -9.38 -39.97
CA THR BA 58 -0.22 -10.09 -41.25
C THR BA 58 -1.68 -10.46 -41.59
N SER BA 59 -2.52 -10.68 -40.58
CA SER BA 59 -3.94 -11.03 -40.74
C SER BA 59 -4.89 -9.83 -40.73
N ALA BA 60 -4.47 -8.64 -40.32
CA ALA BA 60 -5.35 -7.45 -40.27
C ALA BA 60 -5.63 -6.88 -41.66
N ARG BA 61 -4.60 -6.80 -42.51
CA ARG BA 61 -4.72 -6.41 -43.93
C ARG BA 61 -5.66 -7.29 -44.73
N ARG BA 62 -5.83 -8.56 -44.33
CA ARG BA 62 -6.69 -9.57 -44.96
C ARG BA 62 -8.19 -9.42 -44.66
N ALA BA 63 -8.61 -8.42 -43.87
CA ALA BA 63 -10.01 -8.23 -43.52
C ALA BA 63 -10.93 -7.92 -44.72
N GLU BA 64 -10.42 -7.33 -45.80
CA GLU BA 64 -11.17 -7.02 -47.02
C GLU BA 64 -10.26 -7.12 -48.24
N MET BA 65 -10.76 -7.61 -49.38
CA MET BA 65 -9.97 -7.86 -50.59
C MET BA 65 -10.76 -7.61 -51.89
N ASP BA 66 -10.07 -7.31 -52.99
CA ASP BA 66 -10.63 -7.12 -54.33
C ASP BA 66 -9.73 -7.76 -55.42
N ASP BA 67 -9.12 -8.91 -55.16
CA ASP BA 67 -8.34 -9.62 -56.17
C ASP BA 67 -9.20 -10.46 -57.14
N ILE BA 68 -10.31 -11.07 -56.69
CA ILE BA 68 -11.23 -11.84 -57.53
C ILE BA 68 -12.73 -11.59 -57.26
N GLY BA 69 -13.08 -10.76 -56.28
CA GLY BA 69 -14.47 -10.60 -55.85
C GLY BA 69 -14.60 -9.78 -54.58
N ASP BA 70 -15.82 -9.43 -54.19
CA ASP BA 70 -16.07 -8.74 -52.93
C ASP BA 70 -15.89 -9.74 -51.78
N MET BA 71 -14.80 -9.65 -51.04
CA MET BA 71 -14.40 -10.65 -50.05
C MET BA 71 -13.97 -10.03 -48.73
N THR BA 72 -14.36 -10.64 -47.62
CA THR BA 72 -13.97 -10.25 -46.26
C THR BA 72 -13.77 -11.48 -45.40
N GLU BA 73 -13.01 -11.37 -44.30
CA GLU BA 73 -13.01 -12.36 -43.23
C GLU BA 73 -13.48 -11.71 -41.94
N GLN BA 74 -14.20 -12.44 -41.11
CA GLN BA 74 -14.54 -12.05 -39.76
C GLN BA 74 -14.24 -13.21 -38.84
N VAL BA 75 -13.63 -12.96 -37.69
CA VAL BA 75 -13.23 -14.01 -36.75
C VAL BA 75 -13.74 -13.67 -35.36
N TYR BA 76 -14.48 -14.58 -34.74
CA TYR BA 76 -14.97 -14.41 -33.38
C TYR BA 76 -14.67 -15.67 -32.61
N THR BA 77 -14.23 -15.55 -31.37
CA THR BA 77 -14.32 -16.66 -30.42
C THR BA 77 -15.77 -16.79 -29.99
N MET BA 78 -16.22 -18.00 -29.73
CA MET BA 78 -17.62 -18.30 -29.47
C MET BA 78 -17.69 -19.33 -28.38
N ARG BA 79 -18.62 -19.18 -27.44
CA ARG BA 79 -18.74 -20.09 -26.31
C ARG BA 79 -20.19 -20.30 -25.94
N LEU BA 80 -20.51 -21.50 -25.48
CA LEU BA 80 -21.87 -21.94 -25.17
C LEU BA 80 -21.98 -22.24 -23.67
N PRO BA 81 -23.14 -22.06 -23.02
CA PRO BA 81 -23.30 -22.36 -21.61
C PRO BA 81 -23.10 -23.85 -21.34
N ARG BA 82 -22.55 -24.26 -20.20
CA ARG BA 82 -22.22 -25.68 -19.92
C ARG BA 82 -23.41 -26.62 -19.84
N SER BA 83 -24.63 -26.13 -19.76
CA SER BA 83 -25.82 -26.97 -19.95
C SER BA 83 -25.95 -27.52 -21.37
N PHE BA 84 -25.30 -26.91 -22.36
CA PHE BA 84 -25.21 -27.43 -23.73
C PHE BA 84 -24.20 -28.57 -23.79
N THR BA 85 -24.68 -29.81 -23.74
CA THR BA 85 -23.85 -31.02 -23.62
C THR BA 85 -23.31 -31.55 -24.95
N THR BA 86 -23.94 -31.18 -26.07
CA THR BA 86 -23.47 -31.52 -27.43
C THR BA 86 -22.16 -30.83 -27.73
N GLU BA 87 -21.24 -31.49 -28.43
CA GLU BA 87 -19.97 -30.90 -28.84
C GLU BA 87 -19.97 -30.64 -30.34
N LEU BA 88 -19.64 -29.42 -30.76
CA LEU BA 88 -19.43 -29.10 -32.16
C LEU BA 88 -18.01 -29.47 -32.58
N LYS BA 89 -17.82 -29.74 -33.87
CA LYS BA 89 -16.53 -30.17 -34.41
C LYS BA 89 -16.18 -29.34 -35.64
N SER BA 90 -14.95 -29.41 -36.15
CA SER BA 90 -14.58 -28.71 -37.37
C SER BA 90 -15.58 -29.01 -38.49
N GLY BA 91 -16.05 -27.99 -39.21
CA GLY BA 91 -17.09 -28.20 -40.23
C GLY BA 91 -18.54 -28.36 -39.72
N SER BA 92 -18.79 -28.23 -38.42
CA SER BA 92 -20.10 -27.83 -37.89
C SER BA 92 -20.39 -26.37 -38.20
N GLU BA 93 -21.64 -25.91 -38.18
CA GLU BA 93 -21.99 -24.52 -38.49
C GLU BA 93 -22.99 -23.94 -37.50
N VAL BA 94 -23.09 -22.62 -37.48
CA VAL BA 94 -23.91 -21.84 -36.57
C VAL BA 94 -24.68 -20.81 -37.38
N VAL BA 95 -25.93 -20.54 -37.07
CA VAL BA 95 -26.62 -19.34 -37.55
C VAL BA 95 -26.64 -18.35 -36.41
N TRP BA 96 -25.97 -17.21 -36.58
CA TRP BA 96 -25.91 -16.12 -35.63
C TRP BA 96 -26.35 -14.83 -36.31
N ARG BA 97 -27.27 -14.07 -35.71
CA ARG BA 97 -27.76 -12.80 -36.27
C ARG BA 97 -28.37 -12.97 -37.67
N GLY BA 98 -28.87 -14.15 -37.98
CA GLY BA 98 -29.43 -14.54 -39.28
C GLY BA 98 -28.38 -14.89 -40.35
N GLU BA 99 -27.12 -14.59 -40.12
CA GLU BA 99 -25.99 -14.98 -40.96
C GLU BA 99 -25.53 -16.40 -40.61
N ARG BA 100 -24.84 -17.09 -41.50
CA ARG BA 100 -24.31 -18.44 -41.25
C ARG BA 100 -22.79 -18.45 -41.12
N TRP BA 101 -22.29 -19.02 -40.04
CA TRP BA 101 -20.90 -18.97 -39.58
C TRP BA 101 -20.36 -20.37 -39.41
N GLY BA 102 -19.13 -20.65 -39.85
CA GLY BA 102 -18.53 -21.96 -39.68
C GLY BA 102 -17.73 -22.04 -38.40
N VAL BA 103 -17.82 -23.13 -37.65
CA VAL BA 103 -16.80 -23.42 -36.61
C VAL BA 103 -15.49 -23.69 -37.32
N TYR BA 104 -14.40 -23.09 -36.86
CA TYR BA 104 -13.09 -23.16 -37.52
C TYR BA 104 -12.08 -23.89 -36.65
N GLY BA 105 -11.63 -25.06 -37.09
CA GLY BA 105 -10.83 -25.96 -36.25
C GLY BA 105 -11.65 -26.58 -35.13
N GLU BA 106 -11.06 -27.53 -34.42
CA GLU BA 106 -11.72 -28.18 -33.28
C GLU BA 106 -11.89 -27.24 -32.07
N PRO BA 107 -12.77 -27.51 -31.10
CA PRO BA 107 -12.87 -26.73 -29.87
C PRO BA 107 -11.58 -26.81 -29.06
N ARG BA 108 -11.30 -25.76 -28.28
CA ARG BA 108 -10.16 -25.69 -27.37
C ARG BA 108 -10.64 -26.06 -25.97
N ARG BA 109 -10.06 -27.09 -25.36
CA ARG BA 109 -10.50 -27.64 -24.06
C ARG BA 109 -9.71 -27.06 -22.90
N TYR BA 110 -10.36 -26.29 -22.05
CA TYR BA 110 -9.80 -25.79 -20.80
C TYR BA 110 -10.37 -26.62 -19.67
N LYS BA 111 -9.52 -27.21 -18.82
CA LYS BA 111 -9.93 -28.29 -17.92
C LYS BA 111 -9.28 -28.23 -16.53
N GLY BA 112 -8.76 -27.07 -16.13
CA GLY BA 112 -7.86 -26.97 -14.97
C GLY BA 112 -8.42 -27.53 -13.66
N SER BA 113 -9.71 -27.34 -13.40
CA SER BA 113 -10.43 -27.95 -12.28
C SER BA 113 -11.94 -27.90 -12.51
N ARG BA 114 -12.74 -28.66 -11.75
CA ARG BA 114 -14.19 -28.82 -11.94
C ARG BA 114 -14.97 -27.51 -12.10
N ARG BA 115 -14.57 -26.45 -11.40
CA ARG BA 115 -15.23 -25.13 -11.45
C ARG BA 115 -14.90 -24.37 -12.72
N ILE BA 116 -13.63 -24.39 -13.12
CA ILE BA 116 -13.05 -23.67 -14.28
C ILE BA 116 -13.36 -24.33 -15.63
N ALA BA 117 -13.54 -25.65 -15.69
CA ALA BA 117 -13.56 -26.40 -16.94
C ALA BA 117 -14.63 -25.95 -17.93
N HIS BA 118 -14.26 -25.72 -19.20
CA HIS BA 118 -15.14 -25.34 -20.32
C HIS BA 118 -14.48 -25.53 -21.69
N LEU BA 119 -15.28 -25.51 -22.77
CA LEU BA 119 -14.82 -25.53 -24.16
C LEU BA 119 -15.01 -24.16 -24.80
N GLU BA 120 -14.05 -23.66 -25.56
CA GLU BA 120 -14.24 -22.47 -26.38
C GLU BA 120 -13.98 -22.76 -27.85
N TYR BA 121 -14.81 -22.22 -28.74
CA TYR BA 121 -14.74 -22.41 -30.18
C TYR BA 121 -14.22 -21.13 -30.84
N THR BA 122 -13.78 -21.23 -32.09
CA THR BA 122 -13.63 -20.06 -32.97
C THR BA 122 -14.60 -20.24 -34.12
N VAL BA 123 -15.18 -19.16 -34.61
CA VAL BA 123 -16.03 -19.17 -35.79
C VAL BA 123 -15.50 -18.20 -36.81
N ARG BA 124 -15.70 -18.48 -38.10
CA ARG BA 124 -15.37 -17.57 -39.19
C ARG BA 124 -16.48 -17.49 -40.20
N ARG BA 125 -16.48 -16.41 -40.96
CA ARG BA 125 -17.40 -16.16 -42.08
C ARG BA 125 -16.64 -15.48 -43.19
N PHE BA 126 -16.46 -16.19 -44.30
CA PHE BA 126 -15.71 -15.76 -45.48
C PHE BA 126 -16.16 -16.53 -46.73
N SER CA 2 -20.05 8.78 -19.95
CA SER CA 2 -20.37 7.57 -20.73
C SER CA 2 -19.88 7.75 -22.16
N LEU CA 3 -18.61 7.48 -22.44
CA LEU CA 3 -17.97 7.79 -23.72
C LEU CA 3 -18.60 7.10 -24.94
N LEU CA 4 -19.45 6.08 -24.76
CA LEU CA 4 -20.17 5.44 -25.86
C LEU CA 4 -21.37 6.27 -26.35
N ASP CA 5 -22.21 6.76 -25.44
CA ASP CA 5 -23.41 7.54 -25.76
C ASP CA 5 -23.08 9.02 -26.03
N ARG CA 6 -21.97 9.53 -25.48
CA ARG CA 6 -21.54 10.93 -25.59
C ARG CA 6 -21.10 11.29 -27.00
N GLY CA 7 -21.53 12.46 -27.49
CA GLY CA 7 -21.18 13.00 -28.79
C GLY CA 7 -22.13 14.13 -29.21
N GLY CA 8 -21.66 15.06 -30.03
CA GLY CA 8 -22.47 16.22 -30.45
C GLY CA 8 -23.39 15.93 -31.65
N THR CA 9 -24.10 16.96 -32.10
CA THR CA 9 -24.72 17.02 -33.42
C THR CA 9 -23.74 17.51 -34.49
N TYR CA 10 -23.95 17.21 -35.77
CA TYR CA 10 -23.01 17.57 -36.84
C TYR CA 10 -22.59 19.04 -36.85
N GLY CA 11 -23.50 19.96 -36.61
CA GLY CA 11 -23.21 21.40 -36.59
C GLY CA 11 -22.45 21.90 -35.35
N SER CA 12 -22.26 21.05 -34.34
CA SER CA 12 -21.69 21.41 -33.03
C SER CA 12 -21.15 20.17 -32.30
N PRO CA 13 -20.00 19.62 -32.74
CA PRO CA 13 -19.38 18.45 -32.14
C PRO CA 13 -19.03 18.61 -30.64
N GLU CA 14 -18.91 17.49 -29.94
CA GLU CA 14 -18.38 17.43 -28.58
C GLU CA 14 -16.85 17.58 -28.55
N ASP CA 15 -16.27 17.78 -27.38
CA ASP CA 15 -14.84 17.67 -27.13
C ASP CA 15 -14.27 16.32 -27.61
N GLY CA 16 -13.49 16.32 -28.68
CA GLY CA 16 -12.80 15.13 -29.20
C GLY CA 16 -13.55 14.31 -30.26
N PHE CA 17 -14.62 14.84 -30.84
CA PHE CA 17 -15.37 14.24 -31.94
C PHE CA 17 -15.33 15.14 -33.17
N ASP CA 18 -15.35 14.57 -34.36
CA ASP CA 18 -15.38 15.31 -35.61
C ASP CA 18 -16.69 15.08 -36.36
N PRO CA 19 -17.22 16.09 -37.06
CA PRO CA 19 -18.39 15.91 -37.90
C PRO CA 19 -18.00 15.17 -39.17
N VAL CA 20 -18.84 14.25 -39.62
CA VAL CA 20 -18.64 13.43 -40.81
C VAL CA 20 -19.94 13.30 -41.58
N THR CA 21 -19.85 13.06 -42.88
CA THR CA 21 -20.99 12.59 -43.66
C THR CA 21 -20.75 11.13 -43.95
N VAL CA 22 -21.67 10.27 -43.58
CA VAL CA 22 -21.52 8.83 -43.66
C VAL CA 22 -22.39 8.33 -44.80
N TYR CA 23 -21.82 7.64 -45.78
CA TYR CA 23 -22.54 7.08 -46.91
C TYR CA 23 -22.69 5.58 -46.70
N PRO CA 24 -23.86 5.09 -46.30
CA PRO CA 24 -24.07 3.68 -46.00
C PRO CA 24 -24.03 2.83 -47.28
N GLU CA 25 -24.08 1.52 -47.12
CA GLU CA 25 -24.03 0.54 -48.19
C GLU CA 25 -25.21 0.60 -49.18
N VAL CA 26 -24.96 0.38 -50.47
CA VAL CA 26 -25.95 -0.13 -51.43
C VAL CA 26 -25.31 -1.18 -52.34
N THR CA 27 -26.12 -2.03 -52.97
CA THR CA 27 -25.66 -2.90 -54.05
C THR CA 27 -26.11 -2.38 -55.40
N ARG CA 28 -25.21 -2.40 -56.38
CA ARG CA 28 -25.46 -2.02 -57.77
C ARG CA 28 -25.15 -3.20 -58.67
N LYS CA 29 -25.79 -3.29 -59.84
CA LYS CA 29 -25.57 -4.36 -60.81
C LYS CA 29 -24.78 -3.84 -61.99
N ASP CA 30 -23.68 -4.48 -62.35
CA ASP CA 30 -22.82 -4.01 -63.45
C ASP CA 30 -23.34 -4.39 -64.84
N ARG CA 31 -22.61 -3.99 -65.89
CA ARG CA 31 -22.95 -4.24 -67.29
C ARG CA 31 -23.26 -5.70 -67.61
N LEU CA 32 -22.62 -6.66 -66.92
CA LEU CA 32 -22.71 -8.11 -67.16
C LEU CA 32 -23.48 -8.85 -66.08
N GLY CA 33 -24.22 -8.15 -65.22
CA GLY CA 33 -25.09 -8.75 -64.22
C GLY CA 33 -24.38 -9.18 -62.92
N ASN CA 34 -23.11 -8.86 -62.73
CA ASN CA 34 -22.47 -9.07 -61.43
C ASN CA 34 -23.06 -8.09 -60.40
N THR CA 35 -23.15 -8.50 -59.13
CA THR CA 35 -23.66 -7.61 -58.06
C THR CA 35 -22.50 -7.06 -57.25
N LEU CA 36 -22.35 -5.74 -57.19
CA LEU CA 36 -21.23 -5.05 -56.56
C LEU CA 36 -21.71 -4.23 -55.38
N VAL CA 37 -20.99 -4.25 -54.25
CA VAL CA 37 -21.25 -3.30 -53.16
C VAL CA 37 -20.66 -1.93 -53.45
N GLY CA 38 -21.22 -0.86 -52.91
CA GLY CA 38 -20.63 0.46 -52.92
C GLY CA 38 -21.37 1.47 -52.03
N PRO CA 39 -20.86 2.70 -51.89
CA PRO CA 39 -21.49 3.72 -51.08
C PRO CA 39 -22.76 4.25 -51.75
N SER CA 40 -23.79 4.51 -50.95
CA SER CA 40 -25.00 5.18 -51.36
C SER CA 40 -24.73 6.59 -51.89
N LEU CA 41 -25.65 7.17 -52.66
CA LEU CA 41 -25.54 8.56 -53.11
C LEU CA 41 -26.00 9.59 -52.07
N THR CA 42 -26.75 9.18 -51.05
CA THR CA 42 -27.30 10.09 -50.02
C THR CA 42 -26.64 9.84 -48.67
N GLY CA 43 -25.95 10.85 -48.14
CA GLY CA 43 -25.18 10.73 -46.91
C GLY CA 43 -25.98 11.08 -45.67
N ILE CA 44 -25.63 10.46 -44.55
CA ILE CA 44 -26.19 10.76 -43.23
C ILE CA 44 -25.18 11.62 -42.48
N GLU CA 45 -25.54 12.83 -42.09
CA GLU CA 45 -24.63 13.71 -41.35
C GLU CA 45 -24.60 13.34 -39.88
N THR CA 46 -23.42 13.15 -39.31
CA THR CA 46 -23.25 12.73 -37.92
C THR CA 46 -21.88 13.13 -37.37
N VAL CA 47 -21.46 12.61 -36.23
CA VAL CA 47 -20.12 12.84 -35.66
C VAL CA 47 -19.42 11.51 -35.38
N ALA CA 48 -18.10 11.49 -35.34
CA ALA CA 48 -17.32 10.28 -35.17
C ALA CA 48 -16.02 10.52 -34.42
N ARG CA 49 -15.53 9.49 -33.72
CA ARG CA 49 -14.30 9.51 -32.92
C ARG CA 49 -13.22 8.74 -33.63
N PHE CA 50 -12.18 9.38 -34.14
CA PHE CA 50 -11.10 8.72 -34.86
C PHE CA 50 -9.81 8.65 -34.04
N GLN CA 51 -9.21 7.46 -33.95
CA GLN CA 51 -7.92 7.24 -33.31
C GLN CA 51 -6.98 6.50 -34.24
N VAL CA 52 -5.69 6.81 -34.27
CA VAL CA 52 -4.76 6.14 -35.17
C VAL CA 52 -4.67 4.66 -34.85
N GLN CA 53 -4.69 3.79 -35.86
CA GLN CA 53 -4.49 2.35 -35.64
C GLN CA 53 -3.01 1.99 -35.65
N GLY CA 54 -2.18 2.84 -36.25
CA GLY CA 54 -0.73 2.67 -36.32
C GLY CA 54 -0.30 1.54 -37.26
N GLN CA 55 1.00 1.23 -37.22
CA GLN CA 55 1.60 0.17 -38.04
C GLN CA 55 2.54 -0.68 -37.18
N SER CA 56 2.46 -2.00 -37.32
CA SER CA 56 3.50 -2.94 -36.88
C SER CA 56 4.70 -2.87 -37.82
N GLY CA 57 5.89 -3.32 -37.40
CA GLY CA 57 7.13 -3.22 -38.20
C GLY CA 57 7.08 -3.89 -39.58
N THR CA 58 6.19 -4.88 -39.77
CA THR CA 58 5.88 -5.50 -41.07
C THR CA 58 5.29 -4.51 -42.09
N SER CA 59 4.61 -3.46 -41.61
CA SER CA 59 3.77 -2.55 -42.41
C SER CA 59 4.06 -1.06 -42.21
N ALA CA 60 4.90 -0.66 -41.24
CA ALA CA 60 5.29 0.75 -41.06
C ALA CA 60 5.97 1.35 -42.30
N ARG CA 61 6.68 0.51 -43.08
CA ARG CA 61 7.25 0.83 -44.39
C ARG CA 61 6.22 1.21 -45.47
N ARG CA 62 4.95 0.79 -45.35
CA ARG CA 62 3.90 0.99 -46.35
C ARG CA 62 3.30 2.40 -46.37
N ALA CA 63 3.64 3.27 -45.43
CA ALA CA 63 3.03 4.59 -45.31
C ALA CA 63 3.29 5.55 -46.48
N GLU CA 64 4.35 5.37 -47.27
CA GLU CA 64 4.71 6.21 -48.42
C GLU CA 64 5.52 5.35 -49.40
N MET CA 65 4.93 4.89 -50.51
CA MET CA 65 5.50 3.77 -51.30
C MET CA 65 6.38 4.15 -52.48
N ASP CA 66 6.00 5.13 -53.32
CA ASP CA 66 6.83 5.67 -54.43
C ASP CA 66 7.32 4.69 -55.54
N ASP CA 67 6.81 3.45 -55.66
CA ASP CA 67 7.26 2.54 -56.72
C ASP CA 67 6.49 2.69 -58.05
N ILE CA 68 5.16 2.88 -57.99
CA ILE CA 68 4.26 3.04 -59.16
C ILE CA 68 3.70 4.47 -59.26
N GLY CA 69 3.75 5.25 -58.20
CA GLY CA 69 3.18 6.60 -58.13
C GLY CA 69 3.36 7.24 -56.76
N ASP CA 70 2.89 8.46 -56.58
CA ASP CA 70 2.80 9.09 -55.26
C ASP CA 70 1.67 8.42 -54.47
N MET CA 71 2.02 7.47 -53.60
CA MET CA 71 1.05 6.66 -52.88
C MET CA 71 1.36 6.63 -51.39
N THR CA 72 0.33 6.78 -50.57
CA THR CA 72 0.40 6.71 -49.10
C THR CA 72 -0.74 5.85 -48.58
N GLU CA 73 -0.66 5.36 -47.36
CA GLU CA 73 -1.74 4.64 -46.73
C GLU CA 73 -1.93 5.12 -45.30
N GLN CA 74 -3.16 5.39 -44.89
CA GLN CA 74 -3.51 5.82 -43.55
C GLN CA 74 -4.55 4.89 -42.96
N VAL CA 75 -4.42 4.52 -41.68
CA VAL CA 75 -5.35 3.60 -41.01
C VAL CA 75 -5.83 4.23 -39.72
N TYR CA 76 -7.13 4.43 -39.58
CA TYR CA 76 -7.74 5.01 -38.39
C TYR CA 76 -8.89 4.15 -37.93
N THR CA 77 -9.12 4.11 -36.63
CA THR CA 77 -10.20 3.37 -36.00
C THR CA 77 -11.30 4.35 -35.68
N MET CA 78 -12.52 4.07 -36.09
CA MET CA 78 -13.64 4.99 -36.00
C MET CA 78 -14.73 4.41 -35.12
N ARG CA 79 -15.38 5.26 -34.33
CA ARG CA 79 -16.61 4.90 -33.64
C ARG CA 79 -17.63 6.02 -33.78
N LEU CA 80 -18.89 5.67 -33.95
CA LEU CA 80 -20.03 6.59 -34.04
C LEU CA 80 -20.79 6.57 -32.70
N PRO CA 81 -21.35 7.68 -32.21
CA PRO CA 81 -22.13 7.70 -30.98
C PRO CA 81 -23.19 6.62 -30.98
N ARG CA 82 -23.41 5.96 -29.84
CA ARG CA 82 -24.29 4.78 -29.78
C ARG CA 82 -25.75 5.03 -30.15
N SER CA 83 -26.21 6.27 -30.22
CA SER CA 83 -27.53 6.63 -30.75
C SER CA 83 -27.65 6.48 -32.28
N PHE CA 84 -26.55 6.37 -33.03
CA PHE CA 84 -26.54 6.11 -34.47
C PHE CA 84 -26.90 4.65 -34.75
N THR CA 85 -28.14 4.41 -35.21
CA THR CA 85 -28.69 3.06 -35.36
C THR CA 85 -28.33 2.36 -36.68
N THR CA 86 -27.98 3.12 -37.72
CA THR CA 86 -27.54 2.59 -39.01
C THR CA 86 -26.18 1.89 -38.93
N GLU CA 87 -25.85 1.01 -39.87
CA GLU CA 87 -24.64 0.18 -39.85
C GLU CA 87 -23.90 0.25 -41.19
N LEU CA 88 -22.57 0.35 -41.18
CA LEU CA 88 -21.77 0.59 -42.37
C LEU CA 88 -21.09 -0.68 -42.88
N LYS CA 89 -21.72 -1.39 -43.81
CA LYS CA 89 -21.35 -2.76 -44.17
C LYS CA 89 -20.15 -2.90 -45.13
N SER CA 90 -19.00 -2.32 -44.81
CA SER CA 90 -17.71 -2.49 -45.53
C SER CA 90 -17.56 -1.96 -46.96
N GLY CA 91 -18.63 -1.86 -47.76
CA GLY CA 91 -18.64 -1.11 -49.01
C GLY CA 91 -18.93 0.39 -48.81
N SER CA 92 -19.30 0.78 -47.60
CA SER CA 92 -19.60 2.14 -47.19
C SER CA 92 -18.40 3.06 -47.19
N GLU CA 93 -18.64 4.37 -47.26
CA GLU CA 93 -17.61 5.41 -47.22
C GLU CA 93 -18.00 6.53 -46.26
N VAL CA 94 -17.01 7.30 -45.82
CA VAL CA 94 -17.14 8.38 -44.86
C VAL CA 94 -16.43 9.60 -45.41
N VAL CA 95 -16.96 10.80 -45.25
CA VAL CA 95 -16.22 12.03 -45.54
C VAL CA 95 -15.82 12.66 -44.22
N TRP CA 96 -14.52 12.80 -43.98
CA TRP CA 96 -13.94 13.34 -42.75
C TRP CA 96 -12.92 14.42 -43.10
N ARG CA 97 -12.94 15.57 -42.44
CA ARG CA 97 -12.13 16.74 -42.83
C ARG CA 97 -12.24 17.13 -44.31
N GLY CA 98 -13.37 16.81 -44.94
CA GLY CA 98 -13.63 17.10 -46.36
C GLY CA 98 -12.94 16.18 -47.36
N GLU CA 99 -12.32 15.08 -46.91
CA GLU CA 99 -11.67 14.07 -47.75
C GLU CA 99 -12.32 12.71 -47.52
N ARG CA 100 -12.28 11.79 -48.49
CA ARG CA 100 -13.17 10.63 -48.50
C ARG CA 100 -12.45 9.33 -48.14
N TRP CA 101 -12.89 8.69 -47.08
CA TRP CA 101 -12.29 7.53 -46.41
C TRP CA 101 -13.19 6.31 -46.57
N GLY CA 102 -12.65 5.15 -46.92
CA GLY CA 102 -13.47 3.94 -46.99
C GLY CA 102 -13.57 3.27 -45.64
N VAL CA 103 -14.71 2.68 -45.28
CA VAL CA 103 -14.72 1.66 -44.22
C VAL CA 103 -13.94 0.46 -44.72
N TYR CA 104 -13.19 -0.23 -43.85
CA TYR CA 104 -12.36 -1.37 -44.24
C TYR CA 104 -12.69 -2.62 -43.44
N GLY CA 105 -13.18 -3.67 -44.11
CA GLY CA 105 -13.78 -4.82 -43.44
C GLY CA 105 -15.09 -4.48 -42.76
N GLU CA 106 -15.80 -5.48 -42.24
CA GLU CA 106 -17.05 -5.28 -41.50
C GLU CA 106 -16.81 -4.63 -40.11
N PRO CA 107 -17.82 -4.05 -39.44
CA PRO CA 107 -17.67 -3.55 -38.09
C PRO CA 107 -17.35 -4.68 -37.12
N ARG CA 108 -16.52 -4.39 -36.12
CA ARG CA 108 -16.26 -5.27 -34.98
C ARG CA 108 -17.38 -5.07 -33.96
N ARG CA 109 -18.03 -6.13 -33.51
CA ARG CA 109 -19.15 -6.04 -32.56
C ARG CA 109 -18.68 -6.44 -31.18
N TYR CA 110 -18.70 -5.50 -30.25
CA TYR CA 110 -18.48 -5.76 -28.84
C TYR CA 110 -19.83 -5.71 -28.13
N LYS CA 111 -20.18 -6.76 -27.39
CA LYS CA 111 -21.52 -6.91 -26.83
C LYS CA 111 -21.51 -7.60 -25.48
N GLY CA 112 -20.45 -7.44 -24.70
CA GLY CA 112 -20.27 -8.20 -23.45
C GLY CA 112 -21.36 -7.97 -22.41
N SER CA 113 -22.06 -6.84 -22.47
CA SER CA 113 -23.04 -6.43 -21.45
C SER CA 113 -23.85 -5.21 -21.92
N ARG CA 114 -25.10 -5.05 -21.50
CA ARG CA 114 -26.04 -4.09 -22.12
C ARG CA 114 -25.60 -2.63 -22.09
N ARG CA 115 -24.75 -2.25 -21.14
CA ARG CA 115 -24.19 -0.89 -21.03
C ARG CA 115 -22.82 -0.72 -21.68
N ILE CA 116 -22.08 -1.80 -21.91
CA ILE CA 116 -20.75 -1.78 -22.53
C ILE CA 116 -20.79 -2.00 -24.06
N ALA CA 117 -21.89 -2.51 -24.60
CA ALA CA 117 -22.02 -2.88 -25.99
C ALA CA 117 -21.88 -1.71 -26.96
N HIS CA 118 -21.09 -1.89 -28.03
CA HIS CA 118 -20.91 -0.93 -29.12
C HIS CA 118 -20.27 -1.57 -30.37
N LEU CA 119 -20.33 -0.89 -31.51
CA LEU CA 119 -19.68 -1.28 -32.76
C LEU CA 119 -18.47 -0.38 -33.01
N GLU CA 120 -17.35 -0.94 -33.44
CA GLU CA 120 -16.20 -0.16 -33.88
C GLU CA 120 -15.79 -0.50 -35.32
N TYR CA 121 -15.34 0.48 -36.08
CA TYR CA 121 -15.01 0.37 -37.50
C TYR CA 121 -13.54 0.68 -37.72
N THR CA 122 -12.93 0.14 -38.77
CA THR CA 122 -11.69 0.73 -39.30
C THR CA 122 -12.04 1.54 -40.53
N VAL CA 123 -11.41 2.70 -40.70
CA VAL CA 123 -11.46 3.44 -41.94
C VAL CA 123 -10.07 3.56 -42.50
N ARG CA 124 -9.95 3.62 -43.82
CA ARG CA 124 -8.66 3.52 -44.49
C ARG CA 124 -8.65 4.39 -45.73
N ARG CA 125 -7.48 4.88 -46.14
CA ARG CA 125 -7.35 5.76 -47.30
C ARG CA 125 -6.01 5.57 -47.97
N PHE CA 126 -6.05 5.14 -49.24
CA PHE CA 126 -4.90 4.80 -50.06
C PHE CA 126 -5.22 4.89 -51.56
N SER DA 2 25.45 9.37 -11.95
CA SER DA 2 25.15 9.62 -13.38
C SER DA 2 25.85 8.58 -14.22
N LEU DA 3 25.17 7.51 -14.64
CA LEU DA 3 25.78 6.48 -15.48
C LEU DA 3 26.23 7.00 -16.84
N LEU DA 4 25.78 8.19 -17.27
CA LEU DA 4 26.19 8.81 -18.53
C LEU DA 4 27.60 9.43 -18.46
N ASP DA 5 28.00 9.93 -17.29
CA ASP DA 5 29.31 10.58 -17.09
C ASP DA 5 30.35 9.65 -16.43
N ARG DA 6 29.92 8.44 -16.01
CA ARG DA 6 30.68 7.37 -15.36
C ARG DA 6 31.81 6.84 -16.25
N GLY DA 7 32.72 6.02 -15.71
CA GLY DA 7 33.78 5.36 -16.46
C GLY DA 7 35.08 6.16 -16.43
N GLY DA 8 36.20 5.46 -16.28
CA GLY DA 8 37.50 6.06 -16.02
C GLY DA 8 38.23 6.53 -17.28
N THR DA 9 39.47 6.06 -17.45
CA THR DA 9 40.33 6.34 -18.61
C THR DA 9 40.97 5.06 -19.11
N TYR DA 10 41.56 5.03 -20.31
CA TYR DA 10 42.01 3.79 -20.94
C TYR DA 10 42.94 2.94 -20.07
N GLY DA 11 43.77 3.55 -19.21
CA GLY DA 11 44.65 2.84 -18.28
C GLY DA 11 43.96 2.30 -17.02
N SER DA 12 42.76 2.75 -16.66
CA SER DA 12 42.02 2.36 -15.45
C SER DA 12 40.53 2.68 -15.61
N PRO DA 13 39.70 1.74 -16.07
CA PRO DA 13 38.43 2.04 -16.70
C PRO DA 13 37.19 2.19 -15.79
N GLU DA 14 37.26 1.93 -14.48
CA GLU DA 14 36.07 1.66 -13.64
C GLU DA 14 35.38 0.32 -14.00
N ASP DA 15 34.30 -0.05 -13.32
CA ASP DA 15 33.85 -1.46 -13.26
C ASP DA 15 33.00 -1.94 -14.46
N GLY DA 16 32.01 -1.16 -14.89
CA GLY DA 16 31.09 -1.53 -15.96
C GLY DA 16 31.62 -1.31 -17.38
N PHE DA 17 32.84 -0.80 -17.52
CA PHE DA 17 33.38 -0.23 -18.75
C PHE DA 17 34.65 -0.97 -19.18
N ASP DA 18 34.82 -1.16 -20.48
CA ASP DA 18 35.99 -1.79 -21.08
C ASP DA 18 36.83 -0.74 -21.77
N PRO DA 19 38.17 -0.76 -21.69
CA PRO DA 19 38.98 0.13 -22.49
C PRO DA 19 38.95 -0.28 -23.95
N VAL DA 20 38.84 0.69 -24.86
CA VAL DA 20 38.76 0.45 -26.31
C VAL DA 20 39.57 1.48 -27.06
N THR DA 21 39.99 1.14 -28.29
CA THR DA 21 40.54 2.13 -29.22
C THR DA 21 39.50 2.37 -30.27
N VAL DA 22 39.16 3.63 -30.51
CA VAL DA 22 38.06 4.02 -31.38
C VAL DA 22 38.62 4.67 -32.62
N TYR DA 23 38.32 4.16 -33.80
CA TYR DA 23 38.80 4.66 -35.08
C TYR DA 23 37.65 5.40 -35.79
N PRO DA 24 37.58 6.73 -35.69
CA PRO DA 24 36.51 7.49 -36.30
C PRO DA 24 36.58 7.43 -37.82
N GLU DA 25 35.51 7.79 -38.51
CA GLU DA 25 35.41 7.65 -39.97
C GLU DA 25 36.24 8.68 -40.75
N VAL DA 26 36.76 8.28 -41.91
CA VAL DA 26 37.27 9.14 -43.00
C VAL DA 26 36.79 8.62 -44.35
N THR DA 27 36.83 9.48 -45.38
CA THR DA 27 36.47 9.09 -46.76
C THR DA 27 37.72 8.98 -47.64
N ARG DA 28 37.96 7.80 -48.20
CA ARG DA 28 38.98 7.57 -49.24
C ARG DA 28 38.35 7.56 -50.63
N LYS DA 29 39.13 7.66 -51.70
CA LYS DA 29 38.67 7.45 -53.09
C LYS DA 29 39.23 6.14 -53.63
N ASP DA 30 38.40 5.34 -54.29
CA ASP DA 30 38.91 4.17 -55.03
C ASP DA 30 39.56 4.58 -56.36
N ARG DA 31 40.14 3.63 -57.09
CA ARG DA 31 40.85 3.94 -58.34
C ARG DA 31 39.96 4.52 -59.45
N LEU DA 32 38.62 4.43 -59.35
CA LEU DA 32 37.65 4.96 -60.31
C LEU DA 32 36.95 6.22 -59.81
N GLY DA 33 37.39 6.81 -58.70
CA GLY DA 33 36.90 8.09 -58.21
C GLY DA 33 35.62 8.02 -57.39
N ASN DA 34 35.11 6.85 -57.01
CA ASN DA 34 34.04 6.78 -56.01
C ASN DA 34 34.62 7.10 -54.64
N THR DA 35 34.00 7.94 -53.80
CA THR DA 35 34.38 8.00 -52.39
C THR DA 35 33.79 6.83 -51.62
N LEU DA 36 34.48 6.36 -50.59
CA LEU DA 36 34.07 5.28 -49.72
C LEU DA 36 34.29 5.68 -48.26
N VAL DA 37 33.36 5.43 -47.36
CA VAL DA 37 33.61 5.60 -45.92
C VAL DA 37 34.43 4.45 -45.39
N GLY DA 38 35.31 4.72 -44.42
CA GLY DA 38 36.02 3.69 -43.67
C GLY DA 38 36.70 4.25 -42.42
N PRO DA 39 37.34 3.43 -41.59
CA PRO DA 39 37.97 3.85 -40.37
C PRO DA 39 39.28 4.59 -40.63
N SER DA 40 39.57 5.63 -39.85
CA SER DA 40 40.84 6.33 -39.87
C SER DA 40 42.01 5.42 -39.51
N LEU DA 41 43.24 5.78 -39.90
CA LEU DA 41 44.45 5.06 -39.50
C LEU DA 41 44.87 5.35 -38.04
N THR DA 42 44.41 6.45 -37.44
CA THR DA 42 44.77 6.86 -36.08
C THR DA 42 43.57 6.82 -35.16
N GLY DA 43 43.65 6.00 -34.11
CA GLY DA 43 42.54 5.74 -33.20
C GLY DA 43 42.68 6.47 -31.87
N ILE DA 44 41.56 6.74 -31.23
CA ILE DA 44 41.47 7.50 -29.98
C ILE DA 44 41.23 6.52 -28.85
N GLU DA 45 42.04 6.54 -27.80
CA GLU DA 45 41.91 5.58 -26.70
C GLU DA 45 40.88 6.06 -25.67
N THR DA 46 39.89 5.25 -25.36
CA THR DA 46 38.75 5.61 -24.49
C THR DA 46 38.28 4.41 -23.67
N VAL DA 47 37.16 4.54 -22.96
CA VAL DA 47 36.46 3.44 -22.30
C VAL DA 47 35.01 3.41 -22.75
N ALA DA 48 34.39 2.24 -22.89
CA ALA DA 48 33.04 2.11 -23.40
C ALA DA 48 32.28 0.96 -22.73
N ARG DA 49 30.95 1.07 -22.66
CA ARG DA 49 30.06 0.09 -22.04
C ARG DA 49 29.34 -0.73 -23.08
N PHE DA 50 29.49 -2.05 -23.11
CA PHE DA 50 28.81 -2.92 -24.08
C PHE DA 50 27.71 -3.78 -23.45
N GLN DA 51 26.55 -3.88 -24.11
CA GLN DA 51 25.40 -4.69 -23.68
C GLN DA 51 24.88 -5.61 -24.81
N VAL DA 52 24.28 -6.73 -24.44
CA VAL DA 52 24.25 -7.97 -25.24
C VAL DA 52 23.37 -8.01 -26.48
N GLN DA 53 22.54 -7.01 -26.79
CA GLN DA 53 21.71 -7.07 -27.99
C GLN DA 53 21.45 -5.69 -28.62
N GLY DA 54 21.27 -5.64 -29.93
CA GLY DA 54 20.87 -4.42 -30.64
C GLY DA 54 19.38 -4.16 -30.49
N GLN DA 55 18.58 -5.06 -31.09
CA GLN DA 55 17.12 -5.12 -30.97
C GLN DA 55 16.65 -6.59 -30.99
N SER DA 56 15.51 -6.88 -30.38
CA SER DA 56 14.95 -8.24 -30.20
C SER DA 56 14.61 -8.95 -31.53
N GLY DA 57 14.65 -10.28 -31.57
CA GLY DA 57 14.24 -11.05 -32.74
C GLY DA 57 14.30 -12.57 -32.56
N THR DA 58 13.36 -13.28 -33.17
CA THR DA 58 13.28 -14.76 -33.18
C THR DA 58 14.30 -15.41 -34.14
N SER DA 59 14.84 -14.65 -35.09
CA SER DA 59 15.85 -15.08 -36.07
C SER DA 59 17.26 -15.28 -35.48
N ALA DA 60 17.37 -15.74 -34.22
CA ALA DA 60 18.63 -16.06 -33.55
C ALA DA 60 19.40 -17.22 -34.21
N ARG DA 61 18.77 -17.99 -35.11
CA ARG DA 61 19.44 -19.00 -35.95
C ARG DA 61 20.62 -18.42 -36.74
N ARG DA 62 20.63 -17.12 -37.04
CA ARG DA 62 21.74 -16.42 -37.71
C ARG DA 62 23.04 -16.35 -36.89
N ALA DA 63 23.04 -16.67 -35.60
CA ALA DA 63 24.22 -16.53 -34.75
C ALA DA 63 25.43 -17.39 -35.15
N GLU DA 64 25.22 -18.53 -35.83
CA GLU DA 64 26.28 -19.42 -36.32
C GLU DA 64 25.83 -20.13 -37.60
N MET DA 65 26.73 -20.32 -38.57
CA MET DA 65 26.41 -20.85 -39.90
C MET DA 65 27.51 -21.74 -40.50
N ASP DA 66 27.12 -22.63 -41.40
CA ASP DA 66 27.98 -23.59 -42.14
C ASP DA 66 27.60 -23.64 -43.64
N ASP DA 67 26.94 -22.62 -44.19
CA ASP DA 67 26.48 -22.63 -45.58
C ASP DA 67 27.65 -22.53 -46.58
N ILE DA 68 28.53 -21.53 -46.41
CA ILE DA 68 29.84 -21.43 -47.07
C ILE DA 68 30.84 -20.96 -46.02
N GLY DA 69 31.95 -21.67 -45.85
CA GLY DA 69 32.82 -21.41 -44.70
C GLY DA 69 32.11 -21.60 -43.37
N ASP DA 70 32.75 -21.16 -42.28
CA ASP DA 70 32.11 -21.13 -40.97
C ASP DA 70 32.19 -19.74 -40.35
N MET DA 71 31.06 -19.30 -39.82
CA MET DA 71 30.75 -17.90 -39.61
C MET DA 71 29.89 -17.75 -38.38
N THR DA 72 30.03 -16.63 -37.68
CA THR DA 72 29.18 -16.24 -36.55
C THR DA 72 28.83 -14.77 -36.66
N GLU DA 73 27.76 -14.34 -36.02
CA GLU DA 73 27.43 -12.92 -35.93
C GLU DA 73 27.16 -12.54 -34.48
N GLN DA 74 27.83 -11.50 -34.01
CA GLN DA 74 27.63 -10.96 -32.68
C GLN DA 74 27.16 -9.52 -32.79
N VAL DA 75 26.23 -9.13 -31.93
CA VAL DA 75 25.68 -7.78 -31.88
C VAL DA 75 25.76 -7.27 -30.47
N TYR DA 76 26.28 -6.08 -30.25
CA TYR DA 76 26.27 -5.43 -28.94
C TYR DA 76 25.86 -3.99 -29.09
N THR DA 77 25.07 -3.48 -28.17
CA THR DA 77 24.88 -2.05 -28.00
C THR DA 77 26.09 -1.49 -27.28
N MET DA 78 26.59 -0.33 -27.67
CA MET DA 78 27.78 0.32 -27.14
C MET DA 78 27.45 1.74 -26.73
N ARG DA 79 28.05 2.22 -25.65
CA ARG DA 79 28.00 3.64 -25.30
C ARG DA 79 29.31 4.13 -24.73
N LEU DA 80 29.61 5.40 -24.97
CA LEU DA 80 30.82 6.11 -24.60
C LEU DA 80 30.47 7.21 -23.59
N PRO DA 81 31.33 7.56 -22.63
CA PRO DA 81 31.02 8.57 -21.64
C PRO DA 81 30.86 9.94 -22.28
N ARG DA 82 30.02 10.83 -21.72
CA ARG DA 82 29.74 12.13 -22.36
C ARG DA 82 30.93 13.07 -22.52
N SER DA 83 32.05 12.83 -21.84
CA SER DA 83 33.29 13.58 -22.08
C SER DA 83 33.91 13.29 -23.45
N PHE DA 84 33.58 12.16 -24.09
CA PHE DA 84 34.03 11.85 -25.44
C PHE DA 84 33.18 12.63 -26.46
N THR DA 85 33.73 13.74 -26.96
CA THR DA 85 33.03 14.70 -27.81
C THR DA 85 32.98 14.33 -29.30
N THR DA 86 33.87 13.46 -29.76
CA THR DA 86 33.90 12.97 -31.15
C THR DA 86 32.71 12.04 -31.45
N GLU DA 87 32.13 12.14 -32.63
CA GLU DA 87 31.02 11.28 -33.06
C GLU DA 87 31.48 10.25 -34.08
N LEU DA 88 31.11 8.99 -33.90
CA LEU DA 88 31.47 7.91 -34.80
C LEU DA 88 30.39 7.70 -35.86
N LYS DA 89 30.63 8.14 -37.10
CA LYS DA 89 29.75 7.80 -38.21
C LYS DA 89 29.86 6.33 -38.57
N SER DA 90 28.93 5.80 -39.35
CA SER DA 90 28.75 4.37 -39.64
C SER DA 90 29.92 3.67 -40.32
N GLY DA 91 30.89 4.38 -40.92
CA GLY DA 91 32.11 3.78 -41.47
C GLY DA 91 33.20 3.50 -40.44
N SER DA 92 33.06 3.96 -39.20
CA SER DA 92 34.06 3.84 -38.14
C SER DA 92 34.21 2.43 -37.59
N GLU DA 93 35.24 2.19 -36.78
CA GLU DA 93 35.49 0.89 -36.14
C GLU DA 93 36.00 1.05 -34.72
N VAL DA 94 35.93 -0.01 -33.93
CA VAL DA 94 36.31 -0.07 -32.52
C VAL DA 94 37.19 -1.29 -32.31
N VAL DA 95 38.21 -1.21 -31.47
CA VAL DA 95 38.93 -2.39 -31.00
C VAL DA 95 38.53 -2.66 -29.56
N TRP DA 96 37.98 -3.83 -29.28
CA TRP DA 96 37.52 -4.25 -27.96
C TRP DA 96 38.03 -5.67 -27.67
N ARG DA 97 38.62 -5.92 -26.50
CA ARG DA 97 39.36 -7.16 -26.21
C ARG DA 97 40.41 -7.54 -27.26
N GLY DA 98 40.93 -6.57 -28.00
CA GLY DA 98 41.86 -6.81 -29.13
C GLY DA 98 41.20 -7.32 -30.41
N GLU DA 99 39.93 -7.73 -30.37
CA GLU DA 99 39.10 -7.96 -31.55
C GLU DA 99 38.74 -6.64 -32.21
N ARG DA 100 38.33 -6.63 -33.48
CA ARG DA 100 37.92 -5.43 -34.19
C ARG DA 100 36.47 -5.47 -34.61
N TRP DA 101 35.69 -4.51 -34.14
CA TRP DA 101 34.24 -4.44 -34.17
C TRP DA 101 33.78 -3.25 -35.00
N GLY DA 102 32.88 -3.42 -35.94
CA GLY DA 102 32.37 -2.30 -36.72
C GLY DA 102 31.22 -1.60 -36.01
N VAL DA 103 31.17 -0.28 -36.03
CA VAL DA 103 29.91 0.44 -35.75
C VAL DA 103 28.93 0.09 -36.86
N TYR DA 104 27.65 -0.08 -36.54
CA TYR DA 104 26.64 -0.56 -37.47
C TYR DA 104 25.45 0.39 -37.55
N GLY DA 105 25.34 1.14 -38.64
CA GLY DA 105 24.38 2.24 -38.76
C GLY DA 105 24.81 3.46 -37.96
N GLU DA 106 24.18 4.61 -38.22
CA GLU DA 106 24.49 5.86 -37.53
C GLU DA 106 24.09 5.82 -36.04
N PRO DA 107 24.69 6.64 -35.14
CA PRO DA 107 24.34 6.66 -33.73
C PRO DA 107 22.91 7.11 -33.50
N ARG DA 108 22.24 6.50 -32.52
CA ARG DA 108 20.89 6.84 -32.09
C ARG DA 108 20.95 7.98 -31.08
N ARG DA 109 20.32 9.11 -31.36
CA ARG DA 109 20.38 10.32 -30.52
C ARG DA 109 19.19 10.42 -29.58
N TYR DA 110 19.42 10.39 -28.29
CA TYR DA 110 18.42 10.69 -27.27
C TYR DA 110 18.69 12.07 -26.69
N LYS DA 111 17.69 12.95 -26.63
CA LYS DA 111 17.85 14.35 -26.23
C LYS DA 111 16.60 14.87 -25.52
N GLY DA 112 16.04 14.11 -24.59
CA GLY DA 112 14.81 14.53 -23.90
C GLY DA 112 14.97 15.82 -23.11
N SER DA 113 16.11 15.99 -22.45
CA SER DA 113 16.45 17.19 -21.68
C SER DA 113 17.96 17.27 -21.48
N ARG DA 114 18.49 18.44 -21.08
CA ARG DA 114 19.95 18.69 -21.07
C ARG DA 114 20.77 17.82 -20.14
N ARG DA 115 20.14 17.05 -19.24
CA ARG DA 115 20.80 16.09 -18.35
C ARG DA 115 20.58 14.62 -18.74
N ILE DA 116 19.51 14.31 -19.46
CA ILE DA 116 19.24 12.97 -20.03
C ILE DA 116 20.02 12.71 -21.33
N ALA DA 117 20.39 13.75 -22.09
CA ALA DA 117 20.83 13.61 -23.46
C ALA DA 117 22.11 12.77 -23.62
N HIS DA 118 22.13 11.83 -24.57
CA HIS DA 118 23.27 10.98 -24.91
C HIS DA 118 23.12 10.31 -26.27
N LEU DA 119 24.21 9.80 -26.83
CA LEU DA 119 24.26 9.02 -28.08
C LEU DA 119 24.51 7.56 -27.75
N GLU DA 120 23.84 6.64 -28.42
CA GLU DA 120 24.09 5.21 -28.29
C GLU DA 120 24.37 4.57 -29.66
N TYR DA 121 25.29 3.62 -29.72
CA TYR DA 121 25.78 3.01 -30.95
C TYR DA 121 25.46 1.53 -30.93
N THR DA 122 25.28 0.90 -32.09
CA THR DA 122 25.31 -0.56 -32.20
C THR DA 122 26.63 -0.96 -32.81
N VAL DA 123 27.24 -2.04 -32.37
CA VAL DA 123 28.44 -2.61 -32.98
C VAL DA 123 28.19 -4.05 -33.37
N ARG DA 124 28.82 -4.53 -34.43
CA ARG DA 124 28.73 -5.92 -34.88
C ARG DA 124 30.08 -6.46 -35.29
N ARG DA 125 30.18 -7.79 -35.28
CA ARG DA 125 31.36 -8.55 -35.73
C ARG DA 125 30.87 -9.82 -36.39
N PHE DA 126 31.11 -9.93 -37.70
CA PHE DA 126 30.68 -11.04 -38.55
C PHE DA 126 31.57 -11.21 -39.77
N ALA EA 2 47.49 -44.92 -65.63
CA ALA EA 2 46.08 -45.09 -65.24
C ALA EA 2 45.61 -43.97 -64.29
N GLY EA 3 46.08 -43.94 -63.04
CA GLY EA 3 45.65 -43.00 -62.00
C GLY EA 3 44.17 -43.09 -61.61
N LYS EA 4 43.75 -42.19 -60.71
CA LYS EA 4 42.34 -41.94 -60.33
C LYS EA 4 42.03 -40.46 -60.51
N LEU EA 5 40.83 -40.10 -60.92
CA LEU EA 5 40.43 -38.70 -61.04
C LEU EA 5 40.34 -38.04 -59.65
N PRO EA 6 40.86 -36.81 -59.49
CA PRO EA 6 40.88 -36.12 -58.21
C PRO EA 6 39.59 -35.36 -57.92
N ILE EA 7 39.38 -35.00 -56.66
CA ILE EA 7 38.47 -33.90 -56.30
C ILE EA 7 39.02 -32.58 -56.85
N VAL EA 8 38.15 -31.67 -57.27
CA VAL EA 8 38.59 -30.51 -58.06
C VAL EA 8 39.55 -29.58 -57.32
N GLY EA 9 39.45 -29.47 -56.00
CA GLY EA 9 40.34 -28.64 -55.20
C GLY EA 9 41.81 -29.04 -55.31
N GLU EA 10 42.12 -30.32 -55.44
CA GLU EA 10 43.51 -30.77 -55.51
C GLU EA 10 44.19 -30.41 -56.83
N VAL EA 11 43.46 -29.97 -57.85
CA VAL EA 11 44.02 -29.50 -59.12
C VAL EA 11 43.98 -27.97 -59.22
N VAL EA 12 42.88 -27.33 -58.87
CA VAL EA 12 42.75 -25.87 -59.02
C VAL EA 12 43.62 -25.12 -58.01
N LEU EA 13 43.71 -25.58 -56.76
CA LEU EA 13 44.36 -24.81 -55.73
C LEU EA 13 45.87 -24.69 -55.97
N PRO EA 14 46.63 -25.74 -56.30
CA PRO EA 14 48.04 -25.58 -56.66
C PRO EA 14 48.28 -24.60 -57.82
N ILE EA 15 47.33 -24.52 -58.77
CA ILE EA 15 47.42 -23.65 -59.94
C ILE EA 15 47.14 -22.19 -59.58
N LEU EA 16 46.14 -21.91 -58.75
CA LEU EA 16 45.90 -20.54 -58.25
C LEU EA 16 46.96 -20.11 -57.23
N ARG EA 17 47.42 -21.00 -56.34
CA ARG EA 17 48.42 -20.66 -55.32
C ARG EA 17 49.83 -20.53 -55.90
N GLY EA 18 50.16 -21.28 -56.94
CA GLY EA 18 51.49 -21.27 -57.53
C GLY EA 18 52.52 -22.16 -56.82
N HIS EA 19 52.09 -23.10 -55.97
CA HIS EA 19 52.96 -24.09 -55.33
C HIS EA 19 52.22 -25.39 -55.04
N GLU EA 20 52.97 -26.50 -54.97
CA GLU EA 20 52.38 -27.84 -54.79
C GLU EA 20 52.03 -28.18 -53.34
N ASP EA 21 52.47 -27.38 -52.37
CA ASP EA 21 52.17 -27.58 -50.95
C ASP EA 21 50.72 -27.21 -50.64
N LEU EA 22 49.85 -28.22 -50.47
CA LEU EA 22 48.44 -28.00 -50.17
C LEU EA 22 48.18 -27.43 -48.77
N SER EA 23 49.14 -27.46 -47.85
CA SER EA 23 48.92 -27.00 -46.47
C SER EA 23 49.02 -25.48 -46.29
N ASN EA 24 49.47 -24.74 -47.30
CA ASN EA 24 49.79 -23.32 -47.21
C ASN EA 24 48.91 -22.49 -48.15
N PRO EA 25 47.83 -21.86 -47.69
CA PRO EA 25 46.84 -21.23 -48.55
C PRO EA 25 47.24 -19.87 -49.14
N ILE EA 26 48.34 -19.25 -48.74
CA ILE EA 26 48.74 -17.95 -49.26
C ILE EA 26 49.30 -18.09 -50.68
N SER EA 27 48.69 -17.44 -51.67
CA SER EA 27 49.17 -17.45 -53.06
C SER EA 27 50.52 -16.76 -53.22
N THR EA 28 51.35 -17.26 -54.14
CA THR EA 28 52.65 -16.68 -54.50
C THR EA 28 52.76 -16.29 -55.98
N VAL EA 29 51.73 -16.52 -56.78
CA VAL EA 29 51.64 -16.07 -58.18
C VAL EA 29 51.73 -14.55 -58.23
N PRO EA 30 52.55 -13.92 -59.08
CA PRO EA 30 52.91 -12.51 -58.90
C PRO EA 30 51.75 -11.52 -59.07
N SER EA 31 50.71 -11.86 -59.83
CA SER EA 31 49.48 -11.06 -59.94
C SER EA 31 48.49 -11.27 -58.79
N LEU EA 32 48.70 -12.27 -57.93
CA LEU EA 32 47.87 -12.62 -56.78
C LEU EA 32 48.72 -12.82 -55.52
N ALA EA 33 49.83 -12.13 -55.37
CA ALA EA 33 50.71 -12.36 -54.24
C ALA EA 33 50.00 -12.02 -52.92
N GLY EA 34 50.06 -12.90 -51.93
CA GLY EA 34 49.44 -12.68 -50.62
C GLY EA 34 47.93 -12.94 -50.56
N VAL EA 35 47.25 -13.22 -51.66
CA VAL EA 35 45.81 -13.58 -51.66
C VAL EA 35 45.62 -14.94 -51.01
N HIS EA 36 44.72 -15.07 -50.04
CA HIS EA 36 44.42 -16.36 -49.42
C HIS EA 36 43.49 -17.17 -50.34
N VAL EA 37 43.88 -18.37 -50.78
CA VAL EA 37 43.07 -19.19 -51.70
C VAL EA 37 42.66 -20.51 -51.08
N GLY EA 38 41.38 -20.81 -50.95
CA GLY EA 38 40.93 -22.10 -50.42
C GLY EA 38 39.42 -22.33 -50.53
N THR EA 39 38.92 -23.48 -50.12
CA THR EA 39 37.54 -23.93 -50.39
C THR EA 39 36.51 -23.41 -49.37
N TRP EA 40 36.94 -22.88 -48.23
CA TRP EA 40 36.11 -22.72 -47.05
C TRP EA 40 36.53 -21.49 -46.23
N VAL EA 41 35.72 -20.43 -46.14
CA VAL EA 41 36.15 -19.22 -45.42
C VAL EA 41 36.22 -19.44 -43.91
N GLU EA 42 37.32 -19.02 -43.31
CA GLU EA 42 37.65 -19.30 -41.91
C GLU EA 42 36.86 -18.47 -40.89
N ASP EA 43 36.92 -18.86 -39.62
CA ASP EA 43 36.32 -18.10 -38.53
C ASP EA 43 36.87 -16.68 -38.47
N ILE EA 44 36.08 -15.70 -38.04
CA ILE EA 44 36.44 -14.28 -38.07
C ILE EA 44 37.73 -13.98 -37.28
N ASP EA 45 38.06 -14.77 -36.27
CA ASP EA 45 39.31 -14.66 -35.51
C ASP EA 45 40.57 -15.11 -36.27
N SER EA 46 40.43 -15.77 -37.42
CA SER EA 46 41.52 -16.27 -38.27
C SER EA 46 41.53 -15.69 -39.69
N ARG EA 47 40.36 -15.33 -40.21
CA ARG EA 47 40.15 -14.88 -41.59
C ARG EA 47 40.93 -13.61 -41.92
N THR EA 48 41.43 -13.51 -43.15
CA THR EA 48 42.09 -12.32 -43.70
C THR EA 48 41.65 -12.07 -45.12
N PHE EA 49 41.69 -10.80 -45.56
CA PHE EA 49 41.39 -10.37 -46.92
C PHE EA 49 42.60 -9.68 -47.55
N PRO EA 50 42.83 -9.76 -48.88
CA PRO EA 50 41.97 -10.34 -49.90
C PRO EA 50 41.92 -11.86 -49.87
N LEU EA 51 40.84 -12.44 -50.38
CA LEU EA 51 40.57 -13.87 -50.33
C LEU EA 51 39.88 -14.32 -51.60
N ILE EA 52 40.27 -15.47 -52.14
CA ILE EA 52 39.57 -16.15 -53.23
C ILE EA 52 39.04 -17.47 -52.70
N THR EA 53 37.82 -17.85 -53.07
CA THR EA 53 37.36 -19.19 -52.75
C THR EA 53 36.64 -19.87 -53.90
N VAL EA 54 36.92 -21.16 -54.08
CA VAL EA 54 36.38 -22.00 -55.15
C VAL EA 54 35.52 -23.13 -54.57
N ARG EA 55 34.29 -23.28 -55.04
CA ARG EA 55 33.33 -24.31 -54.60
C ARG EA 55 32.93 -25.19 -55.77
N ARG EA 56 32.76 -26.49 -55.58
CA ARG EA 56 32.20 -27.39 -56.60
C ARG EA 56 30.71 -27.11 -56.75
N VAL EA 57 30.20 -26.84 -57.95
CA VAL EA 57 28.79 -26.51 -58.18
C VAL EA 57 28.26 -27.20 -59.43
N GLY EA 58 28.28 -28.53 -59.43
CA GLY EA 58 27.79 -29.35 -60.54
C GLY EA 58 28.88 -29.71 -61.55
N GLY EA 59 28.47 -30.16 -62.74
CA GLY EA 59 29.35 -30.62 -63.79
C GLY EA 59 29.76 -32.09 -63.63
N THR EA 60 29.55 -32.88 -64.67
CA THR EA 60 29.60 -34.35 -64.59
C THR EA 60 30.95 -34.93 -65.00
N ARG EA 61 31.17 -36.21 -64.73
CA ARG EA 61 32.09 -37.03 -65.53
C ARG EA 61 31.65 -37.04 -66.99
N SER EA 62 32.57 -37.20 -67.93
CA SER EA 62 32.20 -37.26 -69.35
C SER EA 62 31.48 -38.58 -69.67
N PRO EA 63 30.39 -38.58 -70.45
CA PRO EA 63 29.62 -39.79 -70.72
C PRO EA 63 30.41 -40.92 -71.37
N GLU EA 64 31.29 -40.63 -72.32
CA GLU EA 64 31.94 -41.65 -73.12
C GLU EA 64 33.11 -42.37 -72.42
N HIS EA 65 33.74 -41.78 -71.40
CA HIS EA 65 34.72 -42.46 -70.56
C HIS EA 65 34.73 -41.89 -69.13
N PRO EA 66 33.80 -42.31 -68.26
CA PRO EA 66 33.63 -41.71 -66.95
C PRO EA 66 34.86 -41.73 -66.06
N THR EA 67 35.76 -42.68 -66.23
CA THR EA 67 36.98 -42.82 -65.42
C THR EA 67 38.20 -42.10 -65.98
N LEU EA 68 38.11 -41.39 -67.10
CA LEU EA 68 39.27 -40.77 -67.79
C LEU EA 68 39.21 -39.26 -67.96
N PHE EA 69 38.05 -38.60 -67.87
CA PHE EA 69 37.93 -37.15 -68.03
C PHE EA 69 36.66 -36.60 -67.38
N THR EA 70 36.81 -35.52 -66.61
CA THR EA 70 35.73 -34.90 -65.83
C THR EA 70 35.61 -33.44 -66.18
N GLN EA 71 34.40 -32.88 -66.19
CA GLN EA 71 34.19 -31.46 -66.44
C GLN EA 71 33.50 -30.76 -65.27
N PRO EA 72 34.17 -30.60 -64.12
CA PRO EA 72 33.56 -30.02 -62.95
C PRO EA 72 33.34 -28.53 -63.14
N VAL EA 73 32.16 -28.02 -62.80
CA VAL EA 73 31.96 -26.58 -62.65
C VAL EA 73 32.43 -26.18 -61.28
N VAL EA 74 33.25 -25.14 -61.18
CA VAL EA 74 33.54 -24.48 -59.90
C VAL EA 74 32.99 -23.08 -59.90
N GLU EA 75 32.27 -22.71 -58.85
CA GLU EA 75 32.03 -21.31 -58.56
C GLU EA 75 33.29 -20.70 -57.96
N MET EA 76 33.85 -19.69 -58.61
CA MET EA 76 34.98 -18.94 -58.09
C MET EA 76 34.50 -17.60 -57.59
N THR EA 77 34.96 -17.17 -56.43
CA THR EA 77 34.54 -15.94 -55.75
C THR EA 77 35.75 -15.20 -55.24
N ALA EA 78 35.75 -13.88 -55.29
CA ALA EA 78 36.85 -13.05 -54.83
C ALA EA 78 36.34 -11.97 -53.89
N TYR EA 79 37.00 -11.76 -52.75
CA TYR EA 79 36.61 -10.81 -51.71
C TYR EA 79 37.72 -9.85 -51.36
N SER EA 80 37.41 -8.59 -51.06
CA SER EA 80 38.34 -7.64 -50.50
C SER EA 80 37.68 -6.64 -49.57
N ALA EA 81 38.44 -6.15 -48.60
CA ALA EA 81 38.07 -5.02 -47.75
C ALA EA 81 38.53 -3.66 -48.33
N ALA EA 82 39.28 -3.64 -49.43
CA ALA EA 82 39.86 -2.42 -50.00
C ALA EA 82 38.83 -1.58 -50.76
N ASP EA 83 38.45 -1.97 -51.98
CA ASP EA 83 37.43 -1.30 -52.79
C ASP EA 83 36.90 -2.21 -53.90
N LEU EA 84 35.75 -1.87 -54.49
CA LEU EA 84 35.11 -2.67 -55.53
C LEU EA 84 35.99 -2.88 -56.77
N PRO EA 85 36.63 -1.87 -57.37
CA PRO EA 85 37.50 -2.12 -58.51
C PRO EA 85 38.69 -3.03 -58.18
N THR EA 86 39.17 -3.11 -56.94
CA THR EA 86 40.18 -4.11 -56.60
C THR EA 86 39.65 -5.53 -56.63
N THR EA 87 38.40 -5.83 -56.26
CA THR EA 87 37.89 -7.21 -56.38
C THR EA 87 37.60 -7.59 -57.81
N GLU EA 88 37.17 -6.64 -58.65
CA GLU EA 88 37.10 -6.90 -60.08
C GLU EA 88 38.48 -7.22 -60.63
N GLN EA 89 39.51 -6.43 -60.34
CA GLN EA 89 40.86 -6.71 -60.83
C GLN EA 89 41.38 -8.05 -60.31
N MET EA 90 41.11 -8.40 -59.07
CA MET EA 90 41.59 -9.64 -58.48
C MET EA 90 40.90 -10.87 -59.09
N TYR EA 91 39.60 -10.80 -59.36
CA TYR EA 91 38.93 -11.89 -60.05
C TYR EA 91 39.43 -12.00 -61.48
N GLU EA 92 39.57 -10.88 -62.17
CA GLU EA 92 40.08 -10.83 -63.54
C GLU EA 92 41.49 -11.41 -63.62
N ASP EA 93 42.39 -11.06 -62.71
CA ASP EA 93 43.72 -11.64 -62.63
C ASP EA 93 43.72 -13.13 -62.25
N ALA EA 94 42.67 -13.66 -61.63
CA ALA EA 94 42.56 -15.09 -61.40
C ALA EA 94 42.20 -15.85 -62.67
N LEU EA 95 41.37 -15.29 -63.57
CA LEU EA 95 41.15 -15.89 -64.89
C LEU EA 95 42.43 -15.95 -65.69
N GLU EA 96 43.21 -14.86 -65.72
CA GLU EA 96 44.48 -14.85 -66.45
C GLU EA 96 45.43 -15.96 -65.99
N VAL EA 97 45.37 -16.39 -64.73
CA VAL EA 97 46.15 -17.54 -64.24
C VAL EA 97 45.57 -18.85 -64.72
N LEU EA 98 44.25 -19.04 -64.67
CA LEU EA 98 43.62 -20.27 -65.14
C LEU EA 98 43.77 -20.46 -66.65
N TYR EA 99 43.55 -19.45 -67.48
CA TYR EA 99 43.72 -19.58 -68.92
C TYR EA 99 45.17 -19.89 -69.31
N ARG EA 100 46.16 -19.23 -68.71
CA ARG EA 100 47.57 -19.58 -68.92
C ARG EA 100 47.84 -21.00 -68.46
N ALA EA 101 47.43 -21.39 -67.27
CA ALA EA 101 47.68 -22.71 -66.74
C ALA EA 101 47.02 -23.83 -67.55
N ALA EA 102 45.90 -23.54 -68.20
CA ALA EA 102 45.23 -24.46 -69.11
C ALA EA 102 45.92 -24.57 -70.46
N ARG EA 103 46.29 -23.46 -71.12
CA ARG EA 103 46.97 -23.54 -72.43
C ARG EA 103 48.36 -24.18 -72.32
N LEU EA 104 49.07 -23.95 -71.22
CA LEU EA 104 50.34 -24.62 -70.90
C LEU EA 104 50.16 -26.08 -70.48
N GLN EA 105 48.93 -26.58 -70.33
CA GLN EA 105 48.57 -27.94 -69.89
C GLN EA 105 49.22 -28.33 -68.57
N THR EA 106 49.15 -27.46 -67.56
CA THR EA 106 49.93 -27.63 -66.32
C THR EA 106 49.58 -28.91 -65.56
N LYS EA 107 50.63 -29.65 -65.19
CA LYS EA 107 50.57 -30.82 -64.32
C LYS EA 107 50.51 -30.40 -62.87
N THR EA 108 49.74 -31.11 -62.07
CA THR EA 108 49.78 -31.06 -60.61
C THR EA 108 49.83 -32.50 -60.08
N PRO EA 109 50.33 -32.79 -58.87
CA PRO EA 109 50.42 -34.15 -58.36
C PRO EA 109 49.12 -34.95 -58.39
N ALA EA 110 47.97 -34.27 -58.32
CA ALA EA 110 46.65 -34.87 -58.35
C ALA EA 110 46.01 -34.98 -59.74
N GLY EA 111 46.54 -34.32 -60.78
CA GLY EA 111 45.97 -34.38 -62.13
C GLY EA 111 46.43 -33.24 -63.03
N TYR EA 112 45.99 -33.22 -64.29
CA TYR EA 112 46.31 -32.18 -65.25
C TYR EA 112 45.10 -31.29 -65.50
N LEU EA 113 45.24 -29.97 -65.43
CA LEU EA 113 44.20 -29.05 -65.87
C LEU EA 113 44.16 -29.03 -67.40
N HIS EA 114 43.10 -29.55 -68.00
CA HIS EA 114 43.03 -29.78 -69.44
C HIS EA 114 42.40 -28.62 -70.20
N SER EA 115 41.34 -28.01 -69.69
CA SER EA 115 40.70 -26.86 -70.32
C SER EA 115 39.93 -26.02 -69.30
N VAL EA 116 39.59 -24.79 -69.67
CA VAL EA 116 38.90 -23.81 -68.83
C VAL EA 116 37.86 -23.08 -69.67
N THR EA 117 36.70 -22.79 -69.13
CA THR EA 117 35.62 -22.08 -69.84
C THR EA 117 34.70 -21.39 -68.84
N GLU EA 118 34.53 -20.07 -68.91
CA GLU EA 118 33.51 -19.42 -68.10
C GLU EA 118 32.12 -19.85 -68.57
N THR EA 119 31.20 -20.15 -67.65
CA THR EA 119 29.78 -20.39 -67.98
C THR EA 119 28.85 -19.36 -67.36
N LEU EA 120 29.37 -18.49 -66.48
CA LEU EA 120 28.73 -17.28 -65.97
C LEU EA 120 29.87 -16.35 -65.59
N GLY EA 121 30.08 -15.28 -66.34
CA GLY EA 121 31.29 -14.46 -66.21
C GLY EA 121 31.35 -13.64 -64.93
N ALA EA 122 32.48 -12.98 -64.67
CA ALA EA 122 32.69 -12.21 -63.45
C ALA EA 122 31.54 -11.24 -63.17
N SER EA 123 30.86 -11.39 -62.06
CA SER EA 123 29.62 -10.69 -61.75
C SER EA 123 29.68 -10.11 -60.34
N HIS EA 124 29.29 -8.86 -60.15
CA HIS EA 124 29.23 -8.26 -58.82
C HIS EA 124 28.02 -8.77 -58.04
N GLY EA 125 28.17 -9.07 -56.75
CA GLY EA 125 27.06 -9.50 -55.90
C GLY EA 125 27.17 -8.97 -54.46
N PRO EA 126 26.14 -9.15 -53.64
CA PRO EA 126 26.18 -8.78 -52.22
C PRO EA 126 27.12 -9.71 -51.45
N SER EA 127 27.82 -9.20 -50.43
CA SER EA 127 28.76 -9.97 -49.61
C SER EA 127 28.18 -10.33 -48.24
N PRO EA 128 28.40 -11.55 -47.73
CA PRO EA 128 27.98 -11.95 -46.39
C PRO EA 128 28.88 -11.45 -45.26
N PHE EA 129 29.97 -10.71 -45.52
CA PHE EA 129 30.90 -10.22 -44.48
C PHE EA 129 30.89 -8.71 -44.32
N ASP EA 130 31.16 -8.23 -43.11
CA ASP EA 130 31.14 -6.82 -42.74
C ASP EA 130 32.10 -5.97 -43.59
N ARG EA 131 31.55 -5.02 -44.37
CA ARG EA 131 32.27 -4.08 -45.26
C ARG EA 131 33.28 -4.75 -46.19
N THR EA 132 32.81 -5.61 -47.09
CA THR EA 132 33.62 -6.26 -48.13
C THR EA 132 32.85 -6.41 -49.43
N TRP EA 133 33.54 -6.46 -50.56
CA TRP EA 133 32.92 -6.62 -51.87
C TRP EA 133 33.12 -8.03 -52.40
N ARG EA 134 32.09 -8.66 -52.97
CA ARG EA 134 32.17 -9.97 -53.62
C ARG EA 134 32.02 -9.84 -55.11
N VAL EA 135 32.91 -10.48 -55.87
CA VAL EA 135 32.76 -10.72 -57.31
C VAL EA 135 32.80 -12.22 -57.52
N PHE EA 136 31.96 -12.76 -58.38
CA PHE EA 136 31.85 -14.22 -58.53
C PHE EA 136 31.58 -14.65 -59.96
N GLY EA 137 31.84 -15.91 -60.29
CA GLY EA 137 31.47 -16.49 -61.57
C GLY EA 137 31.58 -18.00 -61.55
N LEU EA 138 31.05 -18.66 -62.57
CA LEU EA 138 31.14 -20.10 -62.72
C LEU EA 138 32.14 -20.44 -63.80
N ILE EA 139 33.11 -21.28 -63.50
CA ILE EA 139 34.10 -21.78 -64.44
C ILE EA 139 33.86 -23.27 -64.64
N ARG EA 140 33.62 -23.73 -65.87
CA ARG EA 140 33.62 -25.16 -66.19
C ARG EA 140 35.02 -25.57 -66.56
N LEU EA 141 35.67 -26.33 -65.71
CA LEU EA 141 37.01 -26.85 -65.94
C LEU EA 141 36.96 -28.15 -66.74
N GLY EA 142 38.11 -28.70 -67.09
CA GLY EA 142 38.26 -30.07 -67.54
C GLY EA 142 39.51 -30.66 -66.91
N ILE EA 143 39.47 -31.89 -66.42
CA ILE EA 143 40.53 -32.50 -65.62
C ILE EA 143 40.91 -33.87 -66.19
N ARG EA 144 42.19 -34.23 -66.23
CA ARG EA 144 42.66 -35.58 -66.57
C ARG EA 144 43.40 -36.21 -65.38
N PRO EA 145 43.36 -37.54 -65.18
CA PRO EA 145 43.96 -38.20 -64.04
C PRO EA 145 45.49 -38.17 -64.09
N PRO EA 146 46.19 -38.35 -62.95
CA PRO EA 146 47.64 -38.53 -62.92
C PRO EA 146 48.06 -39.67 -63.83
N LYS EA 147 49.19 -39.55 -64.52
CA LYS EA 147 49.52 -40.52 -65.57
C LYS EA 147 49.86 -41.91 -65.03
N ASN EA 148 50.38 -41.98 -63.81
CA ASN EA 148 50.71 -43.22 -63.08
C ASN EA 148 49.46 -43.91 -62.50
N ALA FA 2 10.99 -63.37 -66.64
CA ALA FA 2 11.49 -62.27 -65.80
C ALA FA 2 10.53 -61.99 -64.64
N GLY FA 3 11.07 -61.60 -63.47
CA GLY FA 3 10.28 -61.20 -62.30
C GLY FA 3 9.75 -59.77 -62.38
N LYS FA 4 9.22 -59.24 -61.27
CA LYS FA 4 8.75 -57.85 -61.17
C LYS FA 4 9.93 -56.89 -60.96
N LEU FA 5 9.82 -55.67 -61.47
CA LEU FA 5 10.81 -54.61 -61.23
C LEU FA 5 10.82 -54.17 -59.75
N PRO FA 6 11.99 -53.91 -59.15
CA PRO FA 6 12.12 -53.54 -57.75
C PRO FA 6 11.95 -52.05 -57.50
N ILE FA 7 11.72 -51.65 -56.24
CA ILE FA 7 12.04 -50.30 -55.77
C ILE FA 7 13.55 -50.05 -55.92
N VAL FA 8 13.97 -48.83 -56.23
CA VAL FA 8 15.38 -48.58 -56.58
C VAL FA 8 16.36 -48.87 -55.43
N GLY FA 9 15.92 -48.73 -54.18
CA GLY FA 9 16.75 -49.02 -53.02
C GLY FA 9 17.19 -50.49 -52.93
N GLU FA 10 16.40 -51.45 -53.40
CA GLU FA 10 16.79 -52.86 -53.34
C GLU FA 10 17.89 -53.22 -54.34
N VAL FA 11 18.22 -52.33 -55.28
CA VAL FA 11 19.33 -52.54 -56.23
C VAL FA 11 20.54 -51.69 -55.87
N VAL FA 12 20.36 -50.39 -55.63
CA VAL FA 12 21.48 -49.49 -55.36
C VAL FA 12 22.18 -49.81 -54.06
N LEU FA 13 21.46 -50.14 -52.99
CA LEU FA 13 22.08 -50.26 -51.69
C LEU FA 13 23.04 -51.45 -51.62
N PRO FA 14 22.71 -52.67 -52.04
CA PRO FA 14 23.70 -53.75 -52.12
C PRO FA 14 24.94 -53.41 -52.94
N ILE FA 15 24.81 -52.59 -53.99
CA ILE FA 15 25.92 -52.18 -54.85
C ILE FA 15 26.82 -51.17 -54.14
N LEU FA 16 26.29 -50.20 -53.40
CA LEU FA 16 27.10 -49.29 -52.59
C LEU FA 16 27.63 -49.94 -51.31
N ARG FA 17 26.91 -50.87 -50.69
CA ARG FA 17 27.32 -51.51 -49.44
C ARG FA 17 28.33 -52.65 -49.64
N GLY FA 18 28.24 -53.40 -50.73
CA GLY FA 18 29.05 -54.62 -50.91
C GLY FA 18 28.53 -55.84 -50.15
N HIS FA 19 27.30 -55.80 -49.64
CA HIS FA 19 26.59 -56.95 -49.05
C HIS FA 19 25.34 -57.23 -49.86
N GLU FA 20 24.90 -58.48 -49.93
CA GLU FA 20 23.50 -58.73 -50.28
C GLU FA 20 22.54 -58.55 -49.08
N ASP FA 21 23.06 -58.51 -47.86
CA ASP FA 21 22.28 -58.40 -46.62
C ASP FA 21 21.70 -56.99 -46.44
N LEU FA 22 20.39 -56.84 -46.63
CA LEU FA 22 19.72 -55.56 -46.47
C LEU FA 22 19.57 -55.11 -45.02
N SER FA 23 19.78 -55.97 -44.01
CA SER FA 23 19.58 -55.60 -42.60
C SER FA 23 20.73 -54.77 -42.01
N ASN FA 24 21.85 -54.61 -42.73
CA ASN FA 24 23.11 -54.11 -42.20
C ASN FA 24 23.63 -52.93 -43.04
N PRO FA 25 23.43 -51.67 -42.62
CA PRO FA 25 23.69 -50.51 -43.46
C PRO FA 25 25.17 -50.11 -43.58
N ILE FA 26 26.08 -50.70 -42.82
CA ILE FA 26 27.49 -50.32 -42.86
C ILE FA 26 28.17 -50.86 -44.12
N SER FA 27 28.68 -49.98 -44.99
CA SER FA 27 29.39 -50.36 -46.21
C SER FA 27 30.68 -51.12 -45.92
N THR FA 28 31.03 -52.06 -46.79
CA THR FA 28 32.27 -52.85 -46.74
C THR FA 28 33.13 -52.71 -47.99
N VAL FA 29 32.71 -51.92 -48.99
CA VAL FA 29 33.48 -51.65 -50.20
C VAL FA 29 34.80 -50.96 -49.83
N PRO FA 30 35.98 -51.38 -50.32
CA PRO FA 30 37.27 -50.86 -49.82
C PRO FA 30 37.44 -49.34 -49.78
N SER FA 31 36.88 -48.61 -50.73
CA SER FA 31 36.95 -47.14 -50.78
C SER FA 31 35.92 -46.45 -49.88
N LEU FA 32 34.93 -47.16 -49.35
CA LEU FA 32 33.85 -46.67 -48.49
C LEU FA 32 33.71 -47.52 -47.23
N ALA FA 33 34.79 -48.07 -46.69
CA ALA FA 33 34.69 -48.93 -45.52
C ALA FA 33 34.13 -48.15 -44.33
N GLY FA 34 33.12 -48.70 -43.64
CA GLY FA 34 32.52 -48.06 -42.46
C GLY FA 34 31.56 -46.91 -42.75
N VAL FA 35 31.36 -46.51 -44.00
CA VAL FA 35 30.36 -45.48 -44.35
C VAL FA 35 28.96 -46.06 -44.17
N HIS FA 36 28.08 -45.42 -43.42
CA HIS FA 36 26.69 -45.86 -43.31
C HIS FA 36 25.92 -45.49 -44.56
N VAL FA 37 25.33 -46.44 -45.29
CA VAL FA 37 24.61 -46.18 -46.54
C VAL FA 37 23.15 -46.54 -46.39
N GLY FA 38 22.23 -45.59 -46.57
CA GLY FA 38 20.80 -45.83 -46.36
C GLY FA 38 19.91 -44.90 -47.18
N THR FA 39 18.60 -44.91 -46.92
CA THR FA 39 17.64 -44.02 -47.59
C THR FA 39 16.99 -43.02 -46.65
N TRP FA 40 17.20 -43.14 -45.34
CA TRP FA 40 16.55 -42.30 -44.33
C TRP FA 40 17.53 -41.94 -43.22
N VAL FA 41 17.58 -40.69 -42.78
CA VAL FA 41 18.55 -40.27 -41.76
C VAL FA 41 18.01 -40.56 -40.36
N GLU FA 42 18.70 -41.39 -39.60
CA GLU FA 42 18.27 -41.92 -38.30
C GLU FA 42 18.22 -40.84 -37.19
N ASP FA 43 17.58 -41.15 -36.06
CA ASP FA 43 17.47 -40.23 -34.91
C ASP FA 43 18.85 -39.83 -34.36
N ILE FA 44 18.99 -38.67 -33.72
CA ILE FA 44 20.29 -38.12 -33.31
C ILE FA 44 21.01 -39.06 -32.35
N ASP FA 45 20.28 -39.72 -31.48
CA ASP FA 45 20.79 -40.70 -30.52
C ASP FA 45 21.29 -41.99 -31.17
N SER FA 46 21.11 -42.16 -32.48
CA SER FA 46 21.44 -43.39 -33.22
C SER FA 46 22.34 -43.17 -34.44
N ARG FA 47 22.24 -42.04 -35.16
CA ARG FA 47 23.02 -41.80 -36.38
C ARG FA 47 24.52 -41.72 -36.13
N THR FA 48 25.29 -42.00 -37.19
CA THR FA 48 26.75 -41.91 -37.22
C THR FA 48 27.19 -41.33 -38.54
N PHE FA 49 28.28 -40.56 -38.56
CA PHE FA 49 28.92 -40.07 -39.78
C PHE FA 49 30.30 -40.73 -39.98
N PRO FA 50 30.75 -41.02 -41.21
CA PRO FA 50 30.16 -40.74 -42.52
C PRO FA 50 28.81 -41.36 -42.79
N LEU FA 51 28.04 -40.74 -43.67
CA LEU FA 51 26.71 -41.19 -44.07
C LEU FA 51 26.49 -40.93 -45.56
N ILE FA 52 25.91 -41.87 -46.29
CA ILE FA 52 25.42 -41.67 -47.65
C ILE FA 52 23.94 -41.93 -47.67
N THR FA 53 23.19 -41.03 -48.29
CA THR FA 53 21.74 -41.12 -48.43
C THR FA 53 21.37 -41.15 -49.90
N VAL FA 54 20.67 -42.19 -50.36
CA VAL FA 54 20.11 -42.26 -51.71
C VAL FA 54 18.59 -42.17 -51.65
N ARG FA 55 17.97 -41.29 -52.44
CA ARG FA 55 16.56 -40.92 -52.29
C ARG FA 55 15.94 -40.69 -53.65
N ARG FA 56 14.86 -41.37 -54.04
CA ARG FA 56 14.34 -41.27 -55.41
C ARG FA 56 13.68 -39.93 -55.67
N VAL FA 57 14.11 -39.24 -56.71
CA VAL FA 57 13.61 -37.91 -57.11
C VAL FA 57 12.70 -37.98 -58.33
N GLY FA 58 12.82 -38.98 -59.20
CA GLY FA 58 11.93 -39.10 -60.34
C GLY FA 58 12.27 -40.28 -61.24
N GLY FA 59 12.08 -40.10 -62.54
CA GLY FA 59 12.45 -41.07 -63.56
C GLY FA 59 11.41 -42.17 -63.76
N THR FA 60 10.97 -42.35 -65.01
CA THR FA 60 9.85 -43.21 -65.38
C THR FA 60 10.26 -44.65 -65.69
N ARG FA 61 9.29 -45.55 -65.78
CA ARG FA 61 9.44 -46.79 -66.55
C ARG FA 61 9.73 -46.47 -68.02
N SER FA 62 10.36 -47.38 -68.75
CA SER FA 62 10.65 -47.19 -70.17
C SER FA 62 9.36 -47.25 -70.98
N PRO FA 63 9.01 -46.25 -71.80
CA PRO FA 63 7.65 -46.13 -72.32
C PRO FA 63 7.28 -47.21 -73.33
N GLU FA 64 8.26 -47.81 -74.02
CA GLU FA 64 8.03 -48.84 -75.02
C GLU FA 64 8.06 -50.28 -74.48
N HIS FA 65 8.36 -50.49 -73.20
CA HIS FA 65 8.13 -51.77 -72.49
C HIS FA 65 8.12 -51.52 -70.98
N PRO FA 66 7.03 -50.98 -70.42
CA PRO FA 66 7.00 -50.48 -69.05
C PRO FA 66 7.33 -51.52 -67.98
N THR FA 67 7.11 -52.79 -68.24
CA THR FA 67 7.34 -53.88 -67.29
C THR FA 67 8.72 -54.54 -67.41
N LEU FA 68 9.61 -54.07 -68.30
CA LEU FA 68 10.91 -54.71 -68.59
C LEU FA 68 12.15 -53.81 -68.40
N PHE FA 69 12.02 -52.49 -68.31
CA PHE FA 69 13.15 -51.59 -68.03
C PHE FA 69 12.69 -50.30 -67.34
N THR FA 70 13.49 -49.75 -66.44
CA THR FA 70 13.16 -48.53 -65.67
C THR FA 70 14.35 -47.62 -65.56
N GLN FA 71 14.15 -46.31 -65.63
CA GLN FA 71 15.22 -45.33 -65.48
C GLN FA 71 14.98 -44.40 -64.29
N PRO FA 72 15.07 -44.87 -63.04
CA PRO FA 72 14.81 -44.05 -61.88
C PRO FA 72 15.92 -43.04 -61.68
N VAL FA 73 15.59 -41.82 -61.26
CA VAL FA 73 16.57 -40.80 -60.91
C VAL FA 73 16.66 -40.75 -59.40
N VAL FA 74 17.83 -40.98 -58.83
CA VAL FA 74 18.06 -40.89 -57.38
C VAL FA 74 18.93 -39.70 -57.06
N GLU FA 75 18.56 -38.91 -56.07
CA GLU FA 75 19.48 -37.97 -55.44
C GLU FA 75 20.39 -38.74 -54.51
N MET FA 76 21.69 -38.68 -54.75
CA MET FA 76 22.68 -39.26 -53.85
C MET FA 76 23.35 -38.14 -53.09
N THR FA 77 23.44 -38.25 -51.78
CA THR FA 77 23.98 -37.22 -50.89
C THR FA 77 24.97 -37.84 -49.93
N ALA FA 78 26.16 -37.27 -49.82
CA ALA FA 78 27.17 -37.71 -48.86
C ALA FA 78 27.32 -36.66 -47.77
N TYR FA 79 27.37 -37.07 -46.50
CA TYR FA 79 27.56 -36.19 -45.35
C TYR FA 79 28.76 -36.60 -44.53
N SER FA 80 29.50 -35.64 -43.96
CA SER FA 80 30.61 -35.94 -43.07
C SER FA 80 30.78 -34.90 -41.97
N ALA FA 81 31.27 -35.33 -40.81
CA ALA FA 81 31.72 -34.47 -39.73
C ALA FA 81 33.22 -34.14 -39.80
N ALA FA 82 33.98 -34.71 -40.74
CA ALA FA 82 35.43 -34.57 -40.80
C ALA FA 82 35.85 -33.23 -41.41
N ASP FA 83 35.69 -33.05 -42.72
CA ASP FA 83 35.94 -31.79 -43.45
C ASP FA 83 35.30 -31.84 -44.85
N LEU FA 84 35.24 -30.71 -45.55
CA LEU FA 84 34.65 -30.68 -46.87
C LEU FA 84 35.39 -31.55 -47.89
N PRO FA 85 36.73 -31.51 -48.02
CA PRO FA 85 37.47 -32.43 -48.88
C PRO FA 85 37.13 -33.90 -48.64
N THR FA 86 37.04 -34.37 -47.40
CA THR FA 86 36.64 -35.75 -47.13
C THR FA 86 35.23 -36.03 -47.62
N THR FA 87 34.33 -35.06 -47.61
CA THR FA 87 32.95 -35.26 -48.07
C THR FA 87 32.88 -35.37 -49.57
N GLU FA 88 33.59 -34.52 -50.33
CA GLU FA 88 33.58 -34.66 -51.78
C GLU FA 88 34.40 -35.84 -52.25
N GLN FA 89 35.49 -36.23 -51.59
CA GLN FA 89 36.19 -37.48 -51.89
C GLN FA 89 35.29 -38.70 -51.68
N MET FA 90 34.45 -38.70 -50.65
CA MET FA 90 33.52 -39.79 -50.37
C MET FA 90 32.41 -39.88 -51.40
N TYR FA 91 31.88 -38.77 -51.89
CA TYR FA 91 30.94 -38.80 -53.00
C TYR FA 91 31.63 -39.24 -54.29
N GLU FA 92 32.84 -38.77 -54.54
CA GLU FA 92 33.65 -39.18 -55.68
C GLU FA 92 33.86 -40.70 -55.70
N ASP FA 93 34.26 -41.28 -54.58
CA ASP FA 93 34.40 -42.73 -54.42
C ASP FA 93 33.08 -43.49 -54.46
N ALA FA 94 31.92 -42.83 -54.33
CA ALA FA 94 30.64 -43.48 -54.55
C ALA FA 94 30.30 -43.56 -56.03
N LEU FA 95 30.64 -42.56 -56.84
CA LEU FA 95 30.52 -42.67 -58.29
C LEU FA 95 31.43 -43.76 -58.84
N GLU FA 96 32.68 -43.81 -58.44
CA GLU FA 96 33.63 -44.81 -58.92
C GLU FA 96 33.17 -46.25 -58.63
N VAL FA 97 32.30 -46.47 -57.65
CA VAL FA 97 31.66 -47.75 -57.37
C VAL FA 97 30.45 -47.98 -58.26
N LEU FA 98 29.57 -46.99 -58.44
CA LEU FA 98 28.42 -47.13 -59.32
C LEU FA 98 28.81 -47.34 -60.77
N TYR FA 99 29.80 -46.63 -61.30
CA TYR FA 99 30.26 -46.86 -62.68
C TYR FA 99 30.88 -48.24 -62.86
N ARG FA 100 31.76 -48.70 -61.96
CA ARG FA 100 32.27 -50.07 -62.00
C ARG FA 100 31.14 -51.09 -61.93
N ALA FA 101 30.18 -50.92 -61.02
CA ALA FA 101 29.07 -51.85 -60.86
C ALA FA 101 28.14 -51.89 -62.08
N ALA FA 102 28.08 -50.82 -62.88
CA ALA FA 102 27.41 -50.78 -64.16
C ALA FA 102 28.20 -51.49 -65.28
N ARG FA 103 29.52 -51.28 -65.40
CA ARG FA 103 30.33 -51.98 -66.42
C ARG FA 103 30.29 -53.49 -66.24
N LEU FA 104 30.47 -53.95 -65.00
CA LEU FA 104 30.42 -55.37 -64.63
C LEU FA 104 29.00 -55.94 -64.62
N GLN FA 105 27.98 -55.12 -64.89
CA GLN FA 105 26.58 -55.51 -65.06
C GLN FA 105 25.98 -56.21 -63.84
N THR FA 106 26.30 -55.74 -62.63
CA THR FA 106 26.11 -56.50 -61.38
C THR FA 106 24.67 -56.98 -61.14
N LYS FA 107 24.52 -58.29 -60.89
CA LYS FA 107 23.30 -58.92 -60.39
C LYS FA 107 23.13 -58.56 -58.92
N THR FA 108 21.93 -58.15 -58.54
CA THR FA 108 21.48 -58.05 -57.15
C THR FA 108 20.23 -58.92 -57.00
N PRO FA 109 19.95 -59.58 -55.87
CA PRO FA 109 18.77 -60.46 -55.75
C PRO FA 109 17.45 -59.84 -56.18
N ALA FA 110 17.30 -58.52 -56.10
CA ALA FA 110 16.13 -57.78 -56.54
C ALA FA 110 16.15 -57.31 -58.00
N GLY FA 111 17.27 -57.36 -58.72
CA GLY FA 111 17.37 -56.86 -60.11
C GLY FA 111 18.81 -56.66 -60.58
N TYR FA 112 19.01 -56.29 -61.85
CA TYR FA 112 20.32 -56.00 -62.41
C TYR FA 112 20.52 -54.50 -62.59
N LEU FA 113 21.65 -53.94 -62.18
CA LEU FA 113 22.00 -52.56 -62.54
C LEU FA 113 22.47 -52.54 -64.00
N HIS FA 114 21.75 -51.82 -64.85
CA HIS FA 114 21.99 -51.81 -66.28
C HIS FA 114 22.95 -50.71 -66.72
N SER FA 115 22.76 -49.48 -66.26
CA SER FA 115 23.56 -48.33 -66.65
C SER FA 115 23.42 -47.19 -65.64
N VAL FA 116 24.32 -46.21 -65.69
CA VAL FA 116 24.41 -45.09 -64.75
C VAL FA 116 24.70 -43.80 -65.51
N THR FA 117 24.13 -42.67 -65.12
CA THR FA 117 24.38 -41.36 -65.77
C THR FA 117 24.14 -40.22 -64.79
N GLU FA 118 25.14 -39.39 -64.52
CA GLU FA 118 24.91 -38.16 -63.76
C GLU FA 118 23.98 -37.22 -64.52
N THR FA 119 22.85 -36.84 -63.92
CA THR FA 119 21.94 -35.82 -64.45
C THR FA 119 22.32 -34.42 -63.95
N LEU FA 120 22.93 -34.35 -62.77
CA LEU FA 120 23.39 -33.13 -62.11
C LEU FA 120 24.57 -33.57 -61.23
N GLY FA 121 25.78 -33.12 -61.54
CA GLY FA 121 26.99 -33.66 -60.93
C GLY FA 121 27.15 -33.33 -59.46
N ALA FA 122 28.20 -33.83 -58.81
CA ALA FA 122 28.50 -33.48 -57.42
C ALA FA 122 28.43 -31.98 -57.21
N SER FA 123 27.78 -31.51 -56.16
CA SER FA 123 27.73 -30.10 -55.82
C SER FA 123 27.72 -29.91 -54.32
N HIS FA 124 28.45 -28.92 -53.82
CA HIS FA 124 28.42 -28.57 -52.40
C HIS FA 124 27.12 -27.85 -52.08
N GLY FA 125 26.56 -28.05 -50.89
CA GLY FA 125 25.36 -27.34 -50.46
C GLY FA 125 25.26 -27.16 -48.95
N PRO FA 126 24.28 -26.38 -48.47
CA PRO FA 126 24.04 -26.21 -47.04
C PRO FA 126 23.53 -27.51 -46.42
N SER FA 127 24.02 -27.88 -45.25
CA SER FA 127 23.71 -29.11 -44.53
C SER FA 127 22.72 -28.87 -43.38
N PRO FA 128 21.78 -29.79 -43.13
CA PRO FA 128 20.75 -29.62 -42.12
C PRO FA 128 21.18 -29.99 -40.69
N PHE FA 129 22.33 -30.63 -40.49
CA PHE FA 129 22.81 -31.09 -39.17
C PHE FA 129 23.83 -30.16 -38.53
N ASP FA 130 24.11 -30.33 -37.24
CA ASP FA 130 25.09 -29.55 -36.50
C ASP FA 130 26.51 -29.90 -36.95
N ARG FA 131 27.26 -28.92 -37.47
CA ARG FA 131 28.68 -29.01 -37.86
C ARG FA 131 29.02 -30.22 -38.74
N THR FA 132 28.41 -30.32 -39.91
CA THR FA 132 28.73 -31.31 -40.95
C THR FA 132 28.66 -30.67 -42.33
N TRP FA 133 29.32 -31.29 -43.30
CA TRP FA 133 29.32 -30.87 -44.70
C TRP FA 133 28.53 -31.84 -45.55
N ARG FA 134 27.94 -31.34 -46.64
CA ARG FA 134 27.09 -32.08 -47.56
C ARG FA 134 27.55 -31.85 -48.98
N VAL FA 135 27.61 -32.89 -49.80
CA VAL FA 135 27.62 -32.76 -51.25
C VAL FA 135 26.63 -33.70 -51.86
N PHE FA 136 26.00 -33.31 -52.95
CA PHE FA 136 24.91 -34.08 -53.54
C PHE FA 136 24.88 -33.97 -55.05
N GLY FA 137 24.25 -34.93 -55.71
CA GLY FA 137 23.98 -34.90 -57.14
C GLY FA 137 22.86 -35.86 -57.51
N LEU FA 138 22.35 -35.76 -58.73
CA LEU FA 138 21.30 -36.64 -59.24
C LEU FA 138 21.91 -37.67 -60.17
N ILE FA 139 21.65 -38.95 -59.94
CA ILE FA 139 22.07 -40.05 -60.78
C ILE FA 139 20.84 -40.62 -61.46
N ARG FA 140 20.78 -40.66 -62.78
CA ARG FA 140 19.78 -41.45 -63.50
C ARG FA 140 20.35 -42.84 -63.70
N LEU FA 141 19.75 -43.81 -63.04
CA LEU FA 141 20.14 -45.21 -63.13
C LEU FA 141 19.39 -45.88 -64.29
N GLY FA 142 19.62 -47.16 -64.49
CA GLY FA 142 18.79 -48.02 -65.32
C GLY FA 142 18.70 -49.38 -64.66
N ILE FA 143 17.51 -49.95 -64.55
CA ILE FA 143 17.24 -51.16 -63.77
C ILE FA 143 16.51 -52.17 -64.65
N ARG FA 144 16.93 -53.43 -64.63
CA ARG FA 144 16.26 -54.54 -65.35
C ARG FA 144 15.74 -55.55 -64.33
N PRO FA 145 14.60 -56.21 -64.58
CA PRO FA 145 14.00 -57.12 -63.63
C PRO FA 145 14.86 -58.36 -63.39
N PRO FA 146 14.72 -59.03 -62.23
CA PRO FA 146 15.47 -60.23 -61.90
C PRO FA 146 15.07 -61.43 -62.75
N LYS FA 147 15.95 -62.41 -62.86
CA LYS FA 147 15.80 -63.58 -63.73
C LYS FA 147 14.79 -64.62 -63.22
N ASN FA 148 14.65 -64.72 -61.89
CA ASN FA 148 14.11 -65.89 -61.17
C ASN FA 148 14.82 -67.19 -61.59
N ALA GA 2 -22.27 -42.14 -78.84
CA ALA GA 2 -21.45 -42.91 -77.88
C ALA GA 2 -21.19 -42.10 -76.59
N GLY GA 3 -22.18 -42.07 -75.69
CA GLY GA 3 -22.05 -41.56 -74.32
C GLY GA 3 -21.53 -40.13 -74.16
N LYS GA 4 -20.97 -39.85 -72.98
CA LYS GA 4 -20.24 -38.62 -72.64
C LYS GA 4 -18.93 -38.98 -71.94
N LEU GA 5 -17.90 -38.18 -72.12
CA LEU GA 5 -16.64 -38.39 -71.41
C LEU GA 5 -16.83 -38.17 -69.90
N PRO GA 6 -16.31 -39.07 -69.05
CA PRO GA 6 -16.46 -38.98 -67.61
C PRO GA 6 -15.46 -38.01 -66.97
N ILE GA 7 -15.72 -37.62 -65.72
CA ILE GA 7 -14.67 -37.10 -64.85
C ILE GA 7 -13.65 -38.20 -64.56
N VAL GA 8 -12.36 -37.88 -64.45
CA VAL GA 8 -11.29 -38.88 -64.43
C VAL GA 8 -11.41 -39.88 -63.27
N GLY GA 9 -11.93 -39.46 -62.12
CA GLY GA 9 -12.08 -40.34 -60.97
C GLY GA 9 -13.03 -41.52 -61.22
N GLU GA 10 -14.05 -41.38 -62.06
CA GLU GA 10 -14.98 -42.48 -62.32
C GLU GA 10 -14.35 -43.60 -63.17
N VAL GA 11 -13.19 -43.38 -63.79
CA VAL GA 11 -12.46 -44.39 -64.57
C VAL GA 11 -11.27 -44.95 -63.81
N VAL GA 12 -10.46 -44.11 -63.17
CA VAL GA 12 -9.26 -44.56 -62.47
C VAL GA 12 -9.60 -45.35 -61.21
N LEU GA 13 -10.62 -44.93 -60.46
CA LEU GA 13 -10.85 -45.52 -59.15
C LEU GA 13 -11.36 -46.97 -59.23
N PRO GA 14 -12.32 -47.37 -60.08
CA PRO GA 14 -12.67 -48.77 -60.24
C PRO GA 14 -11.50 -49.66 -60.65
N ILE GA 15 -10.54 -49.12 -61.40
CA ILE GA 15 -9.35 -49.84 -61.87
C ILE GA 15 -8.33 -50.03 -60.76
N LEU GA 16 -8.07 -49.03 -59.92
CA LEU GA 16 -7.22 -49.19 -58.75
C LEU GA 16 -7.89 -50.01 -57.64
N ARG GA 17 -9.20 -49.85 -57.42
CA ARG GA 17 -9.93 -50.56 -56.36
C ARG GA 17 -10.20 -52.03 -56.72
N GLY GA 18 -10.36 -52.36 -57.99
CA GLY GA 18 -10.66 -53.72 -58.42
C GLY GA 18 -12.13 -54.11 -58.34
N HIS GA 19 -13.05 -53.15 -58.18
CA HIS GA 19 -14.50 -53.39 -58.22
C HIS GA 19 -15.27 -52.18 -58.74
N GLU GA 20 -16.45 -52.41 -59.31
CA GLU GA 20 -17.25 -51.36 -59.95
C GLU GA 20 -18.03 -50.49 -58.96
N ASP GA 21 -18.13 -50.89 -57.70
CA ASP GA 21 -18.83 -50.14 -56.65
C ASP GA 21 -18.06 -48.89 -56.23
N LEU GA 22 -18.50 -47.72 -56.67
CA LEU GA 22 -17.84 -46.45 -56.34
C LEU GA 22 -18.00 -46.06 -54.86
N SER GA 23 -18.92 -46.65 -54.11
CA SER GA 23 -19.17 -46.25 -52.71
C SER GA 23 -18.22 -46.86 -51.68
N ASN GA 24 -17.34 -47.77 -52.08
CA ASN GA 24 -16.54 -48.62 -51.18
C ASN GA 24 -15.05 -48.42 -51.44
N PRO GA 25 -14.35 -47.53 -50.72
CA PRO GA 25 -13.00 -47.09 -51.08
C PRO GA 25 -11.87 -48.08 -50.81
N ILE GA 26 -12.07 -49.17 -50.06
CA ILE GA 26 -11.00 -50.14 -49.80
C ILE GA 26 -10.73 -50.95 -51.07
N SER GA 27 -9.48 -50.94 -51.53
CA SER GA 27 -9.03 -51.74 -52.68
C SER GA 27 -9.05 -53.24 -52.38
N THR GA 28 -9.37 -54.06 -53.39
CA THR GA 28 -9.33 -55.53 -53.33
C THR GA 28 -8.36 -56.17 -54.33
N VAL GA 29 -7.62 -55.37 -55.12
CA VAL GA 29 -6.60 -55.87 -56.04
C VAL GA 29 -5.49 -56.58 -55.26
N PRO GA 30 -5.00 -57.77 -55.65
CA PRO GA 30 -4.05 -58.54 -54.84
C PRO GA 30 -2.80 -57.80 -54.36
N SER GA 31 -2.24 -56.91 -55.18
CA SER GA 31 -1.06 -56.11 -54.83
C SER GA 31 -1.35 -54.97 -53.85
N LEU GA 32 -2.62 -54.58 -53.69
CA LEU GA 32 -3.08 -53.39 -52.95
C LEU GA 32 -4.26 -53.75 -52.04
N ALA GA 33 -4.34 -54.95 -51.49
CA ALA GA 33 -5.47 -55.34 -50.67
C ALA GA 33 -5.52 -54.48 -49.40
N GLY GA 34 -6.67 -53.88 -49.08
CA GLY GA 34 -6.83 -53.06 -47.90
C GLY GA 34 -6.37 -51.60 -48.03
N VAL GA 35 -5.71 -51.22 -49.13
CA VAL GA 35 -5.30 -49.83 -49.37
C VAL GA 35 -6.53 -48.97 -49.62
N HIS GA 36 -6.77 -47.91 -48.85
CA HIS GA 36 -7.87 -46.98 -49.13
C HIS GA 36 -7.53 -46.16 -50.37
N VAL GA 37 -8.38 -46.12 -51.40
CA VAL GA 37 -8.10 -45.37 -52.64
C VAL GA 37 -9.16 -44.31 -52.87
N GLY GA 38 -8.78 -43.02 -52.93
CA GLY GA 38 -9.76 -41.95 -53.02
C GLY GA 38 -9.24 -40.67 -53.66
N THR GA 39 -10.11 -39.67 -53.77
CA THR GA 39 -9.81 -38.36 -54.38
C THR GA 39 -9.44 -37.32 -53.34
N TRP GA 40 -9.65 -37.60 -52.06
CA TRP GA 40 -9.79 -36.59 -51.02
C TRP GA 40 -9.50 -37.18 -49.64
N VAL GA 41 -8.52 -36.64 -48.90
CA VAL GA 41 -8.07 -37.27 -47.65
C VAL GA 41 -9.03 -36.97 -46.50
N GLU GA 42 -9.55 -38.00 -45.84
CA GLU GA 42 -10.58 -37.87 -44.80
C GLU GA 42 -10.10 -37.15 -43.54
N ASP GA 43 -11.05 -36.75 -42.69
CA ASP GA 43 -10.78 -36.20 -41.37
C ASP GA 43 -9.98 -37.18 -40.50
N ILE GA 44 -9.15 -36.71 -39.58
CA ILE GA 44 -8.25 -37.54 -38.77
C ILE GA 44 -9.01 -38.57 -37.92
N ASP GA 45 -10.24 -38.28 -37.52
CA ASP GA 45 -11.13 -39.21 -36.83
C ASP GA 45 -11.67 -40.35 -37.71
N SER GA 46 -11.34 -40.36 -39.00
CA SER GA 46 -11.83 -41.36 -39.97
C SER GA 46 -10.73 -41.95 -40.84
N ARG GA 47 -9.70 -41.20 -41.24
CA ARG GA 47 -8.69 -41.68 -42.19
C ARG GA 47 -7.95 -42.91 -41.69
N THR GA 48 -7.58 -43.77 -42.63
CA THR GA 48 -6.82 -45.01 -42.39
C THR GA 48 -5.66 -45.08 -43.36
N PHE GA 49 -4.47 -45.42 -42.88
CA PHE GA 49 -3.30 -45.69 -43.70
C PHE GA 49 -3.06 -47.21 -43.79
N PRO GA 50 -2.63 -47.76 -44.94
CA PRO GA 50 -2.15 -47.09 -46.14
C PRO GA 50 -3.25 -46.49 -47.00
N LEU GA 51 -2.89 -45.48 -47.80
CA LEU GA 51 -3.81 -44.63 -48.54
C LEU GA 51 -3.20 -44.23 -49.88
N ILE GA 52 -3.91 -44.42 -50.98
CA ILE GA 52 -3.56 -43.88 -52.29
C ILE GA 52 -4.52 -42.74 -52.59
N THR GA 53 -4.01 -41.66 -53.16
CA THR GA 53 -4.86 -40.50 -53.46
C THR GA 53 -4.54 -39.95 -54.83
N VAL GA 54 -5.56 -39.67 -55.63
CA VAL GA 54 -5.42 -39.18 -57.01
C VAL GA 54 -6.15 -37.85 -57.20
N ARG GA 55 -5.52 -36.86 -57.80
CA ARG GA 55 -6.12 -35.55 -58.11
C ARG GA 55 -5.84 -35.18 -59.56
N ARG GA 56 -6.79 -34.59 -60.29
CA ARG GA 56 -6.47 -34.06 -61.61
C ARG GA 56 -5.63 -32.81 -61.49
N VAL GA 57 -4.57 -32.71 -62.27
CA VAL GA 57 -3.64 -31.57 -62.28
C VAL GA 57 -3.64 -30.84 -63.62
N GLY GA 58 -4.07 -31.48 -64.70
CA GLY GA 58 -4.10 -30.86 -66.02
C GLY GA 58 -4.70 -31.75 -67.08
N GLY GA 59 -4.28 -31.52 -68.32
CA GLY GA 59 -4.59 -32.39 -69.45
C GLY GA 59 -5.89 -32.02 -70.14
N THR GA 60 -5.79 -31.54 -71.37
CA THR GA 60 -6.93 -31.07 -72.17
C THR GA 60 -7.71 -32.25 -72.75
N ARG GA 61 -8.91 -31.98 -73.28
CA ARG GA 61 -9.50 -32.87 -74.27
C ARG GA 61 -8.65 -32.89 -75.53
N SER GA 62 -8.77 -33.91 -76.37
CA SER GA 62 -8.02 -33.99 -77.61
C SER GA 62 -8.54 -32.96 -78.61
N PRO GA 63 -7.69 -32.13 -79.25
CA PRO GA 63 -8.16 -31.11 -80.18
C PRO GA 63 -8.70 -31.69 -81.48
N GLU GA 64 -8.36 -32.94 -81.82
CA GLU GA 64 -8.86 -33.65 -83.00
C GLU GA 64 -10.36 -33.88 -82.93
N HIS GA 65 -10.87 -34.30 -81.76
CA HIS GA 65 -12.29 -34.50 -81.49
C HIS GA 65 -12.54 -34.33 -79.98
N PRO GA 66 -12.83 -33.11 -79.50
CA PRO GA 66 -12.93 -32.81 -78.08
C PRO GA 66 -13.98 -33.62 -77.31
N THR GA 67 -14.96 -34.20 -78.00
CA THR GA 67 -16.03 -35.00 -77.38
C THR GA 67 -15.80 -36.51 -77.47
N LEU GA 68 -14.66 -36.98 -78.02
CA LEU GA 68 -14.40 -38.42 -78.23
C LEU GA 68 -13.12 -38.93 -77.56
N PHE GA 69 -12.15 -38.11 -77.21
CA PHE GA 69 -10.95 -38.56 -76.51
C PHE GA 69 -10.41 -37.46 -75.60
N THR GA 70 -9.85 -37.82 -74.46
CA THR GA 70 -9.33 -36.87 -73.49
C THR GA 70 -8.12 -37.43 -72.77
N GLN GA 71 -7.21 -36.58 -72.34
CA GLN GA 71 -5.92 -37.00 -71.81
C GLN GA 71 -5.63 -36.34 -70.46
N PRO GA 72 -6.45 -36.61 -69.44
CA PRO GA 72 -6.30 -35.99 -68.14
C PRO GA 72 -4.99 -36.40 -67.51
N VAL GA 73 -4.32 -35.47 -66.84
CA VAL GA 73 -3.12 -35.74 -66.07
C VAL GA 73 -3.52 -35.82 -64.62
N VAL GA 74 -3.28 -36.94 -63.94
CA VAL GA 74 -3.56 -37.08 -62.52
C VAL GA 74 -2.28 -37.14 -61.73
N GLU GA 75 -2.16 -36.36 -60.67
CA GLU GA 75 -1.15 -36.61 -59.65
C GLU GA 75 -1.61 -37.77 -58.80
N MET GA 76 -0.94 -38.91 -58.90
CA MET GA 76 -1.14 -40.03 -58.00
C MET GA 76 -0.18 -39.87 -56.82
N THR GA 77 -0.62 -40.23 -55.63
CA THR GA 77 0.18 -40.20 -54.41
C THR GA 77 -0.08 -41.44 -53.57
N ALA GA 78 0.88 -41.84 -52.76
CA ALA GA 78 0.74 -42.95 -51.85
C ALA GA 78 1.32 -42.59 -50.49
N TYR GA 79 0.60 -42.91 -49.41
CA TYR GA 79 0.98 -42.64 -48.03
C TYR GA 79 0.97 -43.92 -47.20
N SER GA 80 1.92 -44.06 -46.27
CA SER GA 80 1.84 -45.11 -45.26
C SER GA 80 2.45 -44.67 -43.94
N ALA GA 81 1.99 -45.25 -42.84
CA ALA GA 81 2.61 -45.11 -41.53
C ALA GA 81 3.67 -46.19 -41.25
N ALA GA 82 3.94 -47.10 -42.20
CA ALA GA 82 4.79 -48.25 -42.00
C ALA GA 82 6.28 -47.89 -42.10
N ASP GA 83 6.79 -47.66 -43.31
CA ASP GA 83 8.16 -47.21 -43.56
C ASP GA 83 8.29 -46.70 -45.00
N LEU GA 84 9.38 -46.00 -45.33
CA LEU GA 84 9.58 -45.45 -46.66
C LEU GA 84 9.62 -46.52 -47.76
N PRO GA 85 10.36 -47.64 -47.64
CA PRO GA 85 10.29 -48.71 -48.61
C PRO GA 85 8.88 -49.23 -48.87
N THR GA 86 8.01 -49.35 -47.86
CA THR GA 86 6.65 -49.81 -48.09
C THR GA 86 5.85 -48.85 -48.94
N THR GA 87 6.01 -47.53 -48.81
CA THR GA 87 5.29 -46.61 -49.69
C THR GA 87 5.89 -46.54 -51.09
N GLU GA 88 7.20 -46.74 -51.28
CA GLU GA 88 7.75 -46.91 -52.62
C GLU GA 88 7.19 -48.15 -53.29
N GLN GA 89 7.15 -49.30 -52.61
CA GLN GA 89 6.59 -50.52 -53.20
C GLN GA 89 5.10 -50.36 -53.48
N MET GA 90 4.35 -49.64 -52.67
CA MET GA 90 2.94 -49.39 -52.89
C MET GA 90 2.68 -48.52 -54.12
N TYR GA 91 3.52 -47.53 -54.41
CA TYR GA 91 3.36 -46.75 -55.63
C TYR GA 91 3.75 -47.57 -56.86
N GLU GA 92 4.84 -48.32 -56.80
CA GLU GA 92 5.20 -49.26 -57.87
C GLU GA 92 4.08 -50.26 -58.14
N ASP GA 93 3.49 -50.86 -57.10
CA ASP GA 93 2.34 -51.74 -57.24
C ASP GA 93 1.08 -51.05 -57.77
N ALA GA 94 0.97 -49.72 -57.75
CA ALA GA 94 -0.13 -49.00 -58.37
C ALA GA 94 0.13 -48.72 -59.85
N LEU GA 95 1.37 -48.45 -60.25
CA LEU GA 95 1.73 -48.40 -61.67
C LEU GA 95 1.51 -49.75 -62.34
N GLU GA 96 1.96 -50.84 -61.74
CA GLU GA 96 1.77 -52.19 -62.30
C GLU GA 96 0.30 -52.55 -62.50
N VAL GA 97 -0.64 -51.91 -61.81
CA VAL GA 97 -2.08 -52.04 -62.08
C VAL GA 97 -2.49 -51.16 -63.25
N LEU GA 98 -2.14 -49.88 -63.26
CA LEU GA 98 -2.53 -49.00 -64.36
C LEU GA 98 -1.97 -49.46 -65.71
N TYR GA 99 -0.72 -49.90 -65.79
CA TYR GA 99 -0.19 -50.40 -67.06
C TYR GA 99 -0.93 -51.65 -67.53
N ARG GA 100 -1.17 -52.64 -66.68
CA ARG GA 100 -1.95 -53.83 -67.07
C ARG GA 100 -3.37 -53.49 -67.46
N ALA GA 101 -4.03 -52.60 -66.74
CA ALA GA 101 -5.38 -52.17 -67.04
C ALA GA 101 -5.47 -51.40 -68.37
N ALA GA 102 -4.39 -50.75 -68.79
CA ALA GA 102 -4.27 -50.15 -70.11
C ALA GA 102 -4.01 -51.17 -71.22
N ARG GA 103 -3.15 -52.18 -71.01
CA ARG GA 103 -2.92 -53.25 -72.01
C ARG GA 103 -4.23 -53.97 -72.36
N LEU GA 104 -5.01 -54.33 -71.35
CA LEU GA 104 -6.28 -55.03 -71.50
C LEU GA 104 -7.44 -54.12 -71.95
N GLN GA 105 -7.21 -52.80 -72.13
CA GLN GA 105 -8.24 -51.82 -72.54
C GLN GA 105 -9.46 -51.85 -71.64
N THR GA 106 -9.25 -51.91 -70.31
CA THR GA 106 -10.31 -52.24 -69.37
C THR GA 106 -11.51 -51.30 -69.42
N LYS GA 107 -12.71 -51.88 -69.56
CA LYS GA 107 -13.99 -51.19 -69.50
C LYS GA 107 -14.34 -50.88 -68.05
N THR GA 108 -14.94 -49.72 -67.83
CA THR GA 108 -15.60 -49.37 -66.57
C THR GA 108 -16.97 -48.77 -66.91
N PRO GA 109 -17.97 -48.78 -66.02
CA PRO GA 109 -19.30 -48.25 -66.34
C PRO GA 109 -19.29 -46.82 -66.88
N ALA GA 110 -18.32 -46.02 -66.47
CA ALA GA 110 -18.17 -44.62 -66.86
C ALA GA 110 -17.34 -44.39 -68.13
N GLY GA 111 -16.54 -45.35 -68.61
CA GLY GA 111 -15.66 -45.16 -69.76
C GLY GA 111 -14.56 -46.21 -69.87
N TYR GA 112 -13.68 -46.08 -70.87
CA TYR GA 112 -12.57 -46.99 -71.12
C TYR GA 112 -11.22 -46.34 -70.79
N LEU GA 113 -10.35 -47.00 -70.03
CA LEU GA 113 -8.97 -46.58 -69.89
C LEU GA 113 -8.19 -46.98 -71.14
N HIS GA 114 -7.79 -46.02 -71.96
CA HIS GA 114 -7.19 -46.26 -73.26
C HIS GA 114 -5.67 -46.31 -73.23
N SER GA 115 -5.00 -45.45 -72.48
CA SER GA 115 -3.54 -45.47 -72.34
C SER GA 115 -3.07 -44.83 -71.05
N VAL GA 116 -1.82 -45.10 -70.67
CA VAL GA 116 -1.18 -44.62 -69.43
C VAL GA 116 0.24 -44.18 -69.74
N THR GA 117 0.72 -43.10 -69.15
CA THR GA 117 2.09 -42.60 -69.33
C THR GA 117 2.53 -41.78 -68.13
N GLU GA 118 3.59 -42.16 -67.44
CA GLU GA 118 4.17 -41.28 -66.43
C GLU GA 118 4.74 -40.02 -67.10
N THR GA 119 4.44 -38.83 -66.58
CA THR GA 119 5.09 -37.57 -67.02
C THR GA 119 5.99 -36.98 -65.95
N LEU GA 120 5.92 -37.49 -64.72
CA LEU GA 120 6.88 -37.27 -63.64
C LEU GA 120 6.82 -38.51 -62.75
N GLY GA 121 7.86 -39.32 -62.74
CA GLY GA 121 7.82 -40.65 -62.14
C GLY GA 121 7.85 -40.63 -60.61
N ALA GA 122 7.67 -41.79 -59.97
CA ALA GA 122 7.55 -41.91 -58.52
C ALA GA 122 8.66 -41.16 -57.78
N SER GA 123 8.31 -40.17 -56.98
CA SER GA 123 9.23 -39.22 -56.37
C SER GA 123 8.95 -39.06 -54.89
N HIS GA 124 9.96 -39.14 -54.02
CA HIS GA 124 9.77 -38.95 -52.58
C HIS GA 124 9.64 -37.47 -52.24
N GLY GA 125 8.69 -37.11 -51.36
CA GLY GA 125 8.49 -35.73 -50.92
C GLY GA 125 8.04 -35.62 -49.46
N PRO GA 126 7.97 -34.42 -48.88
CA PRO GA 126 7.52 -34.21 -47.52
C PRO GA 126 6.03 -34.49 -47.39
N SER GA 127 5.61 -35.12 -46.30
CA SER GA 127 4.20 -35.46 -46.02
C SER GA 127 3.55 -34.48 -45.05
N PRO GA 128 2.30 -34.05 -45.27
CA PRO GA 128 1.61 -33.14 -44.37
C PRO GA 128 1.00 -33.78 -43.12
N PHE GA 129 1.08 -35.10 -42.93
CA PHE GA 129 0.50 -35.82 -41.77
C PHE GA 129 1.54 -36.18 -40.69
N ASP GA 130 1.12 -36.79 -39.59
CA ASP GA 130 1.90 -36.85 -38.34
C ASP GA 130 3.21 -37.65 -38.45
N ARG GA 131 3.13 -38.90 -38.92
CA ARG GA 131 4.28 -39.81 -39.06
C ARG GA 131 4.06 -40.73 -40.25
N THR GA 132 4.18 -40.19 -41.46
CA THR GA 132 3.88 -40.93 -42.70
C THR GA 132 4.78 -40.51 -43.84
N TRP GA 133 5.05 -41.42 -44.77
CA TRP GA 133 5.91 -41.16 -45.91
C TRP GA 133 5.11 -41.05 -47.19
N ARG GA 134 5.30 -39.96 -47.94
CA ARG GA 134 4.61 -39.66 -49.19
C ARG GA 134 5.54 -39.87 -50.36
N VAL GA 135 5.08 -40.58 -51.38
CA VAL GA 135 5.66 -40.53 -52.73
C VAL GA 135 4.58 -40.16 -53.72
N PHE GA 136 4.93 -39.46 -54.78
CA PHE GA 136 3.97 -38.95 -55.75
C PHE GA 136 4.50 -38.99 -57.17
N GLY GA 137 3.62 -38.87 -58.16
CA GLY GA 137 4.01 -38.69 -59.54
C GLY GA 137 2.82 -38.30 -60.40
N LEU GA 138 3.09 -37.79 -61.59
CA LEU GA 138 2.06 -37.33 -62.50
C LEU GA 138 1.90 -38.42 -63.56
N ILE GA 139 0.68 -38.91 -63.75
CA ILE GA 139 0.33 -39.85 -64.80
C ILE GA 139 -0.53 -39.13 -65.82
N ARG GA 140 -0.13 -39.05 -67.08
CA ARG GA 140 -1.03 -38.67 -68.17
C ARG GA 140 -1.77 -39.91 -68.63
N LEU GA 141 -3.05 -39.97 -68.37
CA LEU GA 141 -3.94 -41.03 -68.81
C LEU GA 141 -4.43 -40.75 -70.23
N GLY GA 142 -5.28 -41.62 -70.77
CA GLY GA 142 -6.10 -41.35 -71.94
C GLY GA 142 -7.39 -42.10 -71.79
N ILE GA 143 -8.53 -41.47 -72.04
CA ILE GA 143 -9.84 -42.01 -71.70
C ILE GA 143 -10.81 -41.85 -72.87
N ARG GA 144 -11.65 -42.86 -73.12
CA ARG GA 144 -12.67 -42.84 -74.17
C ARG GA 144 -14.07 -43.09 -73.63
N PRO GA 145 -15.12 -42.53 -74.24
CA PRO GA 145 -16.47 -42.57 -73.70
C PRO GA 145 -17.09 -43.97 -73.82
N PRO GA 146 -18.09 -44.30 -72.98
CA PRO GA 146 -18.75 -45.59 -73.01
C PRO GA 146 -19.65 -45.74 -74.24
N LYS GA 147 -19.92 -46.99 -74.65
CA LYS GA 147 -20.73 -47.30 -75.82
C LYS GA 147 -22.20 -46.87 -75.64
N ASN GA 148 -22.87 -46.59 -76.76
CA ASN GA 148 -24.28 -46.15 -76.87
C ASN GA 148 -24.56 -44.83 -76.15
N ALA HA 2 -17.18 -3.62 -90.15
CA ALA HA 2 -18.41 -4.27 -89.64
C ALA HA 2 -18.29 -4.51 -88.14
N GLY HA 3 -19.06 -3.77 -87.32
CA GLY HA 3 -19.05 -3.87 -85.86
C GLY HA 3 -17.71 -3.53 -85.21
N LYS HA 4 -17.59 -3.81 -83.91
CA LYS HA 4 -16.33 -3.76 -83.14
C LYS HA 4 -16.21 -4.96 -82.21
N LEU HA 5 -14.99 -5.43 -81.98
CA LEU HA 5 -14.72 -6.54 -81.09
C LEU HA 5 -15.11 -6.19 -79.64
N PRO HA 6 -15.80 -7.07 -78.92
CA PRO HA 6 -16.27 -6.79 -77.57
C PRO HA 6 -15.24 -7.13 -76.49
N ILE HA 7 -15.50 -6.72 -75.25
CA ILE HA 7 -14.90 -7.38 -74.09
C ILE HA 7 -15.34 -8.84 -74.07
N VAL HA 8 -14.47 -9.76 -73.64
CA VAL HA 8 -14.73 -11.20 -73.80
C VAL HA 8 -15.97 -11.67 -73.06
N GLY HA 9 -16.33 -11.05 -71.93
CA GLY HA 9 -17.50 -11.42 -71.16
C GLY HA 9 -18.82 -11.29 -71.92
N GLU HA 10 -18.95 -10.34 -72.84
CA GLU HA 10 -20.18 -10.17 -73.60
C GLU HA 10 -20.40 -11.29 -74.63
N VAL HA 11 -19.38 -12.11 -74.92
CA VAL HA 11 -19.50 -13.28 -75.80
C VAL HA 11 -19.75 -14.54 -75.02
N VAL HA 12 -18.90 -14.92 -74.07
CA VAL HA 12 -19.04 -16.23 -73.42
C VAL HA 12 -20.11 -16.28 -72.34
N LEU HA 13 -20.48 -15.18 -71.69
CA LEU HA 13 -21.48 -15.25 -70.64
C LEU HA 13 -22.85 -15.62 -71.20
N PRO HA 14 -23.39 -15.01 -72.26
CA PRO HA 14 -24.62 -15.48 -72.90
C PRO HA 14 -24.57 -16.94 -73.37
N ILE HA 15 -23.40 -17.45 -73.73
CA ILE HA 15 -23.20 -18.83 -74.19
C ILE HA 15 -23.20 -19.83 -73.04
N LEU HA 16 -22.60 -19.51 -71.89
CA LEU HA 16 -22.69 -20.33 -70.69
C LEU HA 16 -24.06 -20.18 -69.99
N ARG HA 17 -24.66 -18.99 -69.99
CA ARG HA 17 -25.98 -18.77 -69.39
C ARG HA 17 -27.11 -19.37 -70.20
N GLY HA 18 -27.04 -19.33 -71.52
CA GLY HA 18 -28.13 -19.80 -72.39
C GLY HA 18 -29.21 -18.76 -72.68
N HIS HA 19 -28.97 -17.48 -72.38
CA HIS HA 19 -29.85 -16.37 -72.73
C HIS HA 19 -29.08 -15.07 -72.96
N GLU HA 20 -29.57 -14.20 -73.82
CA GLU HA 20 -28.90 -12.93 -74.16
C GLU HA 20 -29.14 -11.82 -73.13
N ASP HA 21 -29.99 -12.02 -72.12
CA ASP HA 21 -30.18 -11.07 -71.03
C ASP HA 21 -28.96 -11.04 -70.10
N LEU HA 22 -28.12 -10.02 -70.22
CA LEU HA 22 -26.92 -9.89 -69.39
C LEU HA 22 -27.21 -9.56 -67.92
N SER HA 23 -28.44 -9.16 -67.56
CA SER HA 23 -28.76 -8.76 -66.17
C SER HA 23 -29.06 -9.93 -65.23
N ASN HA 24 -29.13 -11.16 -65.73
CA ASN HA 24 -29.66 -12.33 -65.01
C ASN HA 24 -28.61 -13.45 -64.95
N PRO HA 25 -27.77 -13.51 -63.90
CA PRO HA 25 -26.56 -14.32 -63.94
C PRO HA 25 -26.75 -15.83 -63.78
N ILE HA 26 -27.90 -16.35 -63.37
CA ILE HA 26 -28.07 -17.81 -63.25
C ILE HA 26 -28.29 -18.46 -64.63
N SER HA 27 -27.58 -19.53 -64.95
CA SER HA 27 -27.70 -20.20 -66.24
C SER HA 27 -28.93 -21.09 -66.33
N THR HA 28 -29.46 -21.25 -67.54
CA THR HA 28 -30.61 -22.10 -67.86
C THR HA 28 -30.29 -23.26 -68.79
N VAL HA 29 -29.03 -23.37 -69.26
CA VAL HA 29 -28.54 -24.51 -70.05
C VAL HA 29 -28.77 -25.82 -69.30
N PRO HA 30 -29.34 -26.89 -69.88
CA PRO HA 30 -29.73 -28.10 -69.16
C PRO HA 30 -28.64 -28.75 -68.30
N SER HA 31 -27.38 -28.74 -68.75
CA SER HA 31 -26.27 -29.31 -67.98
C SER HA 31 -25.80 -28.44 -66.81
N LEU HA 32 -26.26 -27.20 -66.71
CA LEU HA 32 -25.86 -26.18 -65.73
C LEU HA 32 -27.08 -25.45 -65.14
N ALA HA 33 -28.22 -26.09 -64.98
CA ALA HA 33 -29.40 -25.37 -64.51
C ALA HA 33 -29.16 -24.76 -63.11
N GLY HA 34 -29.35 -23.45 -62.98
CA GLY HA 34 -29.22 -22.74 -61.70
C GLY HA 34 -27.80 -22.42 -61.25
N VAL HA 35 -26.75 -22.74 -62.01
CA VAL HA 35 -25.38 -22.30 -61.70
C VAL HA 35 -25.26 -20.79 -61.88
N HIS HA 36 -24.70 -20.05 -60.93
CA HIS HA 36 -24.45 -18.61 -61.13
C HIS HA 36 -23.20 -18.44 -62.01
N VAL HA 37 -23.26 -17.66 -63.10
CA VAL HA 37 -22.13 -17.45 -64.00
C VAL HA 37 -21.77 -15.98 -64.13
N GLY HA 38 -20.55 -15.57 -63.76
CA GLY HA 38 -20.19 -14.14 -63.82
C GLY HA 38 -18.69 -13.85 -63.66
N THR HA 39 -18.29 -12.62 -63.96
CA THR HA 39 -16.88 -12.21 -63.98
C THR HA 39 -16.29 -12.05 -62.57
N TRP HA 40 -17.13 -11.75 -61.59
CA TRP HA 40 -16.74 -11.22 -60.29
C TRP HA 40 -17.54 -11.86 -59.18
N VAL HA 41 -16.90 -12.31 -58.09
CA VAL HA 41 -17.61 -13.01 -57.02
C VAL HA 41 -18.33 -12.02 -56.10
N GLU HA 42 -19.66 -12.15 -55.95
CA GLU HA 42 -20.48 -11.25 -55.13
C GLU HA 42 -20.13 -11.29 -53.65
N ASP HA 43 -20.56 -10.30 -52.86
CA ASP HA 43 -20.29 -10.25 -51.41
C ASP HA 43 -20.83 -11.48 -50.66
N ILE HA 44 -20.30 -11.82 -49.50
CA ILE HA 44 -20.68 -13.04 -48.76
C ILE HA 44 -22.16 -13.08 -48.39
N ASP HA 45 -22.80 -11.94 -48.18
CA ASP HA 45 -24.26 -11.85 -47.97
C ASP HA 45 -25.10 -12.10 -49.23
N SER HA 46 -24.46 -12.27 -50.40
CA SER HA 46 -25.12 -12.47 -51.70
C SER HA 46 -24.62 -13.70 -52.47
N ARG HA 47 -23.43 -14.26 -52.16
CA ARG HA 47 -22.92 -15.48 -52.80
C ARG HA 47 -23.94 -16.60 -52.75
N THR HA 48 -24.07 -17.32 -53.86
CA THR HA 48 -24.69 -18.65 -53.91
C THR HA 48 -23.76 -19.60 -54.63
N PHE HA 49 -23.73 -20.86 -54.22
CA PHE HA 49 -23.02 -21.94 -54.89
C PHE HA 49 -24.01 -22.99 -55.38
N PRO HA 50 -23.80 -23.63 -56.55
CA PRO HA 50 -22.61 -23.60 -57.38
C PRO HA 50 -22.41 -22.32 -58.16
N LEU HA 51 -21.17 -22.03 -58.53
CA LEU HA 51 -20.74 -20.77 -59.15
C LEU HA 51 -19.68 -21.06 -60.20
N ILE HA 52 -19.74 -20.42 -61.36
CA ILE HA 52 -18.68 -20.42 -62.36
C ILE HA 52 -18.20 -19.00 -62.55
N THR HA 53 -16.91 -18.79 -62.67
CA THR HA 53 -16.35 -17.47 -62.96
C THR HA 53 -15.42 -17.48 -64.15
N VAL HA 54 -15.44 -16.40 -64.92
CA VAL HA 54 -14.68 -16.20 -66.14
C VAL HA 54 -13.81 -14.95 -65.98
N ARG HA 55 -12.49 -15.05 -66.08
CA ARG HA 55 -11.56 -13.92 -65.99
C ARG HA 55 -10.65 -13.88 -67.20
N ARG HA 56 -10.42 -12.73 -67.84
CA ARG HA 56 -9.42 -12.67 -68.91
C ARG HA 56 -8.02 -12.70 -68.32
N VAL HA 57 -7.14 -13.51 -68.88
CA VAL HA 57 -5.77 -13.71 -68.40
C VAL HA 57 -4.72 -13.35 -69.45
N GLY HA 58 -5.09 -13.20 -70.72
CA GLY HA 58 -4.17 -12.77 -71.76
C GLY HA 58 -4.79 -12.85 -73.14
N GLY HA 59 -3.95 -13.07 -74.15
CA GLY HA 59 -4.38 -13.30 -75.53
C GLY HA 59 -4.68 -12.02 -76.29
N THR HA 60 -4.02 -11.85 -77.43
CA THR HA 60 -3.93 -10.60 -78.18
C THR HA 60 -5.05 -10.44 -79.21
N ARG HA 61 -5.16 -9.28 -79.86
CA ARG HA 61 -5.76 -9.21 -81.19
C ARG HA 61 -4.93 -10.02 -82.19
N SER HA 62 -5.51 -10.47 -83.28
CA SER HA 62 -4.76 -11.17 -84.33
C SER HA 62 -3.78 -10.19 -84.98
N PRO HA 63 -2.51 -10.51 -85.18
CA PRO HA 63 -1.52 -9.54 -85.61
C PRO HA 63 -1.72 -9.07 -87.04
N GLU HA 64 -2.33 -9.89 -87.91
CA GLU HA 64 -2.49 -9.54 -89.33
C GLU HA 64 -3.77 -8.78 -89.66
N HIS HA 65 -4.80 -8.79 -88.81
CA HIS HA 65 -5.95 -7.88 -88.91
C HIS HA 65 -6.50 -7.58 -87.52
N PRO HA 66 -5.88 -6.67 -86.74
CA PRO HA 66 -6.23 -6.45 -85.35
C PRO HA 66 -7.68 -6.08 -85.08
N THR HA 67 -8.36 -5.43 -86.03
CA THR HA 67 -9.77 -5.05 -85.88
C THR HA 67 -10.78 -6.16 -86.23
N LEU HA 68 -10.35 -7.27 -86.86
CA LEU HA 68 -11.26 -8.30 -87.39
C LEU HA 68 -11.30 -9.60 -86.57
N PHE HA 69 -10.30 -9.94 -85.78
CA PHE HA 69 -10.27 -11.17 -84.98
C PHE HA 69 -9.40 -11.04 -83.74
N THR HA 70 -9.75 -11.69 -82.64
CA THR HA 70 -8.96 -11.70 -81.40
C THR HA 70 -9.11 -13.00 -80.65
N GLN HA 71 -8.10 -13.39 -79.87
CA GLN HA 71 -8.01 -14.70 -79.25
C GLN HA 71 -7.81 -14.60 -77.74
N PRO HA 72 -8.80 -14.12 -76.98
CA PRO HA 72 -8.65 -13.91 -75.56
C PRO HA 72 -8.50 -15.22 -74.83
N VAL HA 73 -7.51 -15.33 -73.95
CA VAL HA 73 -7.41 -16.44 -73.00
C VAL HA 73 -8.24 -16.09 -71.79
N VAL HA 74 -9.25 -16.89 -71.47
CA VAL HA 74 -9.98 -16.75 -70.21
C VAL HA 74 -9.64 -17.87 -69.27
N GLU HA 75 -9.36 -17.54 -68.02
CA GLU HA 75 -9.44 -18.53 -66.95
C GLU HA 75 -10.91 -18.78 -66.62
N MET HA 76 -11.35 -20.02 -66.70
CA MET HA 76 -12.67 -20.42 -66.24
C MET HA 76 -12.51 -21.21 -64.96
N THR HA 77 -13.24 -20.88 -63.91
CA THR HA 77 -13.13 -21.54 -62.60
C THR HA 77 -14.50 -21.92 -62.07
N ALA HA 78 -14.70 -23.17 -61.66
CA ALA HA 78 -15.95 -23.65 -61.10
C ALA HA 78 -15.82 -23.90 -59.61
N TYR HA 79 -16.75 -23.42 -58.80
CA TYR HA 79 -16.77 -23.61 -57.35
C TYR HA 79 -18.04 -24.33 -56.89
N SER HA 80 -17.93 -25.18 -55.88
CA SER HA 80 -19.09 -25.82 -55.27
C SER HA 80 -18.94 -26.03 -53.78
N ALA HA 81 -20.05 -25.99 -53.05
CA ALA HA 81 -20.15 -26.38 -51.65
C ALA HA 81 -20.56 -27.86 -51.47
N ALA HA 82 -20.87 -28.58 -52.55
CA ALA HA 82 -21.40 -29.94 -52.48
C ALA HA 82 -20.31 -30.99 -52.25
N ASP HA 83 -19.44 -31.25 -53.24
CA ASP HA 83 -18.29 -32.14 -53.14
C ASP HA 83 -17.34 -31.95 -54.34
N LEU HA 84 -16.13 -32.51 -54.28
CA LEU HA 84 -15.18 -32.37 -55.39
C LEU HA 84 -15.68 -33.00 -56.70
N PRO HA 85 -16.23 -34.24 -56.75
CA PRO HA 85 -16.81 -34.80 -57.95
C PRO HA 85 -17.85 -33.90 -58.59
N THR HA 86 -18.76 -33.29 -57.84
CA THR HA 86 -19.72 -32.34 -58.42
C THR HA 86 -19.03 -31.14 -59.01
N THR HA 87 -17.90 -30.70 -58.48
CA THR HA 87 -17.17 -29.54 -59.01
C THR HA 87 -16.49 -29.85 -60.32
N GLU HA 88 -15.79 -30.99 -60.44
CA GLU HA 88 -15.18 -31.34 -61.72
C GLU HA 88 -16.21 -31.81 -62.74
N GLN HA 89 -17.32 -32.41 -62.32
CA GLN HA 89 -18.43 -32.67 -63.24
C GLN HA 89 -18.98 -31.37 -63.81
N MET HA 90 -19.20 -30.36 -62.98
CA MET HA 90 -19.73 -29.07 -63.40
C MET HA 90 -18.79 -28.36 -64.35
N TYR HA 91 -17.48 -28.47 -64.14
CA TYR HA 91 -16.52 -27.90 -65.07
C TYR HA 91 -16.55 -28.61 -66.42
N GLU HA 92 -16.54 -29.94 -66.46
CA GLU HA 92 -16.70 -30.68 -67.72
C GLU HA 92 -18.03 -30.37 -68.40
N ASP HA 93 -19.14 -30.31 -67.67
CA ASP HA 93 -20.45 -29.95 -68.20
C ASP HA 93 -20.54 -28.50 -68.68
N ALA HA 94 -19.61 -27.63 -68.32
CA ALA HA 94 -19.52 -26.27 -68.85
C ALA HA 94 -18.62 -26.22 -70.07
N LEU HA 95 -17.52 -26.95 -70.04
CA LEU HA 95 -16.60 -27.07 -71.16
C LEU HA 95 -17.24 -27.75 -72.36
N GLU HA 96 -18.12 -28.73 -72.16
CA GLU HA 96 -18.97 -29.30 -73.21
C GLU HA 96 -19.88 -28.27 -73.87
N VAL HA 97 -20.30 -27.21 -73.17
CA VAL HA 97 -21.13 -26.16 -73.76
C VAL HA 97 -20.30 -25.24 -74.64
N LEU HA 98 -19.08 -24.89 -74.23
CA LEU HA 98 -18.19 -24.10 -75.06
C LEU HA 98 -17.79 -24.84 -76.34
N TYR HA 99 -17.38 -26.11 -76.27
CA TYR HA 99 -17.04 -26.85 -77.47
C TYR HA 99 -18.22 -27.01 -78.44
N ARG HA 100 -19.45 -27.23 -77.95
CA ARG HA 100 -20.65 -27.22 -78.80
C ARG HA 100 -20.94 -25.84 -79.35
N ALA HA 101 -20.89 -24.79 -78.55
CA ALA HA 101 -21.20 -23.44 -78.99
C ALA HA 101 -20.22 -22.91 -80.04
N ALA HA 102 -18.96 -23.35 -80.01
CA ALA HA 102 -17.99 -23.08 -81.07
C ALA HA 102 -18.29 -23.85 -82.36
N ARG HA 103 -18.61 -25.15 -82.27
CA ARG HA 103 -18.98 -25.96 -83.44
C ARG HA 103 -20.21 -25.40 -84.17
N LEU HA 104 -21.19 -24.91 -83.43
CA LEU HA 104 -22.38 -24.24 -83.97
C LEU HA 104 -22.15 -22.77 -84.37
N GLN HA 105 -20.96 -22.20 -84.18
CA GLN HA 105 -20.64 -20.80 -84.50
C GLN HA 105 -21.58 -19.79 -83.84
N THR HA 106 -21.84 -19.96 -82.54
CA THR HA 106 -22.97 -19.32 -81.86
C THR HA 106 -22.94 -17.80 -81.93
N LYS HA 107 -23.93 -17.19 -82.57
CA LYS HA 107 -24.13 -15.74 -82.64
C LYS HA 107 -24.59 -15.19 -81.30
N THR HA 108 -23.91 -14.18 -80.79
CA THR HA 108 -24.28 -13.42 -79.60
C THR HA 108 -24.41 -11.95 -79.97
N PRO HA 109 -25.29 -11.13 -79.39
CA PRO HA 109 -25.47 -9.74 -79.82
C PRO HA 109 -24.19 -8.88 -79.88
N ALA HA 110 -23.17 -9.23 -79.11
CA ALA HA 110 -21.86 -8.57 -79.09
C ALA HA 110 -20.79 -9.19 -79.99
N GLY HA 111 -21.02 -10.35 -80.62
CA GLY HA 111 -20.02 -11.03 -81.46
C GLY HA 111 -20.28 -12.53 -81.63
N TYR HA 112 -19.48 -13.22 -82.44
CA TYR HA 112 -19.61 -14.66 -82.68
C TYR HA 112 -18.49 -15.43 -81.97
N LEU HA 113 -18.80 -16.48 -81.22
CA LEU HA 113 -17.77 -17.39 -80.71
C LEU HA 113 -17.28 -18.27 -81.87
N HIS HA 114 -16.10 -17.98 -82.38
CA HIS HA 114 -15.56 -18.61 -83.59
C HIS HA 114 -14.82 -19.92 -83.30
N SER HA 115 -14.05 -20.00 -82.21
CA SER HA 115 -13.35 -21.23 -81.84
C SER HA 115 -13.02 -21.27 -80.36
N VAL HA 116 -12.72 -22.47 -79.84
CA VAL HA 116 -12.42 -22.74 -78.44
C VAL HA 116 -11.24 -23.71 -78.37
N THR HA 117 -10.31 -23.51 -77.45
CA THR HA 117 -9.14 -24.39 -77.27
C THR HA 117 -8.63 -24.30 -75.84
N GLU HA 118 -8.58 -25.40 -75.10
CA GLU HA 118 -7.95 -25.40 -73.77
C GLU HA 118 -6.44 -25.19 -73.88
N THR HA 119 -5.84 -24.51 -72.92
CA THR HA 119 -4.37 -24.43 -72.76
C THR HA 119 -3.88 -24.87 -71.38
N LEU HA 120 -4.78 -25.01 -70.39
CA LEU HA 120 -4.66 -25.88 -69.21
C LEU HA 120 -6.03 -26.49 -68.94
N GLY HA 121 -6.12 -27.75 -68.55
CA GLY HA 121 -7.41 -28.44 -68.40
C GLY HA 121 -7.76 -28.81 -66.97
N ALA HA 122 -8.84 -28.26 -66.43
CA ALA HA 122 -9.52 -28.74 -65.22
C ALA HA 122 -8.62 -29.08 -64.01
N SER HA 123 -7.58 -28.31 -63.76
CA SER HA 123 -6.71 -28.52 -62.61
C SER HA 123 -7.48 -28.33 -61.31
N HIS HA 124 -7.41 -29.25 -60.35
CA HIS HA 124 -7.94 -29.01 -59.00
C HIS HA 124 -7.02 -28.06 -58.25
N GLY HA 125 -7.57 -27.14 -57.44
CA GLY HA 125 -6.76 -26.21 -56.65
C GLY HA 125 -7.40 -25.82 -55.32
N PRO HA 126 -6.68 -25.10 -54.45
CA PRO HA 126 -7.20 -24.63 -53.17
C PRO HA 126 -8.20 -23.49 -53.37
N SER HA 127 -9.34 -23.53 -52.68
CA SER HA 127 -10.37 -22.48 -52.74
C SER HA 127 -10.16 -21.40 -51.68
N PRO HA 128 -10.43 -20.12 -51.99
CA PRO HA 128 -10.43 -19.05 -50.99
C PRO HA 128 -11.71 -18.96 -50.15
N PHE HA 129 -12.76 -19.75 -50.39
CA PHE HA 129 -14.03 -19.66 -49.65
C PHE HA 129 -14.25 -20.85 -48.72
N ASP HA 130 -14.80 -20.61 -47.53
CA ASP HA 130 -15.03 -21.61 -46.48
C ASP HA 130 -15.82 -22.83 -46.97
N ARG HA 131 -15.28 -24.04 -46.80
CA ARG HA 131 -15.90 -25.33 -47.22
C ARG HA 131 -16.36 -25.30 -48.68
N THR HA 132 -15.45 -25.04 -49.62
CA THR HA 132 -15.77 -25.13 -51.06
C THR HA 132 -14.62 -25.70 -51.86
N TRP HA 133 -14.94 -26.49 -52.88
CA TRP HA 133 -13.95 -26.99 -53.82
C TRP HA 133 -13.89 -26.09 -55.05
N ARG HA 134 -12.74 -26.07 -55.71
CA ARG HA 134 -12.43 -25.25 -56.89
C ARG HA 134 -11.73 -26.10 -57.92
N VAL HA 135 -12.13 -26.02 -59.18
CA VAL HA 135 -11.31 -26.51 -60.30
C VAL HA 135 -11.25 -25.44 -61.36
N PHE HA 136 -10.14 -25.31 -62.06
CA PHE HA 136 -9.92 -24.21 -62.99
C PHE HA 136 -9.13 -24.63 -64.21
N GLY HA 137 -9.23 -23.88 -65.29
CA GLY HA 137 -8.40 -24.07 -66.46
C GLY HA 137 -8.37 -22.82 -67.32
N LEU HA 138 -7.49 -22.79 -68.31
CA LEU HA 138 -7.39 -21.70 -69.26
C LEU HA 138 -7.96 -22.13 -70.59
N ILE HA 139 -8.86 -21.33 -71.17
CA ILE HA 139 -9.37 -21.53 -72.52
C ILE HA 139 -8.95 -20.36 -73.39
N ARG HA 140 -8.21 -20.61 -74.47
CA ARG HA 140 -8.01 -19.66 -75.55
C ARG HA 140 -9.22 -19.69 -76.45
N LEU HA 141 -10.08 -18.70 -76.32
CA LEU HA 141 -11.22 -18.51 -77.22
C LEU HA 141 -10.73 -17.88 -78.53
N GLY HA 142 -11.64 -17.71 -79.48
CA GLY HA 142 -11.45 -16.81 -80.62
C GLY HA 142 -12.80 -16.22 -80.98
N ILE HA 143 -12.88 -14.92 -81.21
CA ILE HA 143 -14.17 -14.22 -81.38
C ILE HA 143 -14.15 -13.26 -82.56
N ARG HA 144 -15.26 -13.13 -83.29
CA ARG HA 144 -15.40 -12.26 -84.47
C ARG HA 144 -16.42 -11.14 -84.20
N PRO HA 145 -16.25 -9.93 -84.76
CA PRO HA 145 -17.14 -8.82 -84.49
C PRO HA 145 -18.53 -9.05 -85.11
N PRO HA 146 -19.58 -8.42 -84.60
CA PRO HA 146 -20.94 -8.58 -85.10
C PRO HA 146 -21.11 -7.92 -86.47
N LYS HA 147 -21.94 -8.50 -87.35
CA LYS HA 147 -22.30 -7.86 -88.62
C LYS HA 147 -23.26 -6.70 -88.40
N ASN HA 148 -23.16 -5.64 -89.22
CA ASN HA 148 -24.05 -4.47 -89.20
C ASN HA 148 -24.52 -4.14 -90.62
N ALA IA 2 18.22 13.95 -89.49
CA ALA IA 2 17.22 13.34 -88.59
C ALA IA 2 17.51 13.71 -87.14
N GLY IA 3 16.50 14.14 -86.38
CA GLY IA 3 16.60 14.47 -84.96
C GLY IA 3 16.83 13.24 -84.07
N LYS IA 4 16.91 13.45 -82.76
CA LYS IA 4 17.09 12.37 -81.79
C LYS IA 4 15.81 11.57 -81.60
N LEU IA 5 15.91 10.29 -81.26
CA LEU IA 5 14.76 9.49 -80.82
C LEU IA 5 14.24 9.99 -79.45
N PRO IA 6 12.91 10.07 -79.25
CA PRO IA 6 12.32 10.53 -78.01
C PRO IA 6 12.26 9.45 -76.93
N ILE IA 7 12.02 9.83 -75.68
CA ILE IA 7 11.45 8.93 -74.67
C ILE IA 7 10.05 8.49 -75.10
N VAL IA 8 9.64 7.27 -74.79
CA VAL IA 8 8.40 6.72 -75.36
C VAL IA 8 7.14 7.50 -74.95
N GLY IA 9 7.13 8.11 -73.76
CA GLY IA 9 6.00 8.91 -73.31
C GLY IA 9 5.73 10.15 -74.17
N GLU IA 10 6.73 10.75 -74.81
CA GLU IA 10 6.49 11.92 -75.66
C GLU IA 10 5.80 11.57 -76.98
N VAL IA 11 5.68 10.29 -77.34
CA VAL IA 11 4.95 9.84 -78.55
C VAL IA 11 3.63 9.16 -78.19
N VAL IA 12 3.63 8.23 -77.25
CA VAL IA 12 2.42 7.47 -76.91
C VAL IA 12 1.33 8.36 -76.30
N LEU IA 13 1.71 9.37 -75.50
CA LEU IA 13 0.72 10.18 -74.81
C LEU IA 13 -0.08 11.07 -75.77
N PRO IA 14 0.48 11.85 -76.70
CA PRO IA 14 -0.32 12.55 -77.70
C PRO IA 14 -1.27 11.65 -78.51
N ILE IA 15 -0.90 10.40 -78.80
CA ILE IA 15 -1.78 9.44 -79.50
C ILE IA 15 -2.98 9.06 -78.62
N LEU IA 16 -2.79 8.75 -77.34
CA LEU IA 16 -3.89 8.39 -76.44
C LEU IA 16 -4.70 9.61 -75.97
N ARG IA 17 -4.09 10.77 -75.77
CA ARG IA 17 -4.79 11.98 -75.33
C ARG IA 17 -5.58 12.63 -76.46
N GLY IA 18 -5.09 12.65 -77.68
CA GLY IA 18 -5.74 13.33 -78.80
C GLY IA 18 -5.35 14.80 -78.99
N HIS IA 19 -4.33 15.28 -78.27
CA HIS IA 19 -3.71 16.59 -78.47
C HIS IA 19 -2.23 16.54 -78.10
N GLU IA 20 -1.40 17.37 -78.72
CA GLU IA 20 0.05 17.40 -78.44
C GLU IA 20 0.47 18.50 -77.46
N ASP IA 21 -0.48 19.11 -76.75
CA ASP IA 21 -0.19 19.83 -75.51
C ASP IA 21 0.13 18.84 -74.38
N LEU IA 22 1.40 18.65 -74.05
CA LEU IA 22 1.82 17.71 -73.02
C LEU IA 22 1.42 18.14 -71.59
N SER IA 23 1.02 19.39 -71.36
CA SER IA 23 0.73 19.90 -70.01
C SER IA 23 -0.66 19.52 -69.47
N ASN IA 24 -1.49 18.82 -70.25
CA ASN IA 24 -2.92 18.62 -69.95
C ASN IA 24 -3.31 17.14 -70.10
N PRO IA 25 -3.36 16.34 -69.01
CA PRO IA 25 -3.45 14.89 -69.08
C PRO IA 25 -4.84 14.31 -69.40
N ILE IA 26 -5.91 15.09 -69.37
CA ILE IA 26 -7.26 14.59 -69.67
C ILE IA 26 -7.41 14.33 -71.17
N SER IA 27 -7.78 13.12 -71.60
CA SER IA 27 -7.94 12.82 -73.02
C SER IA 27 -9.16 13.50 -73.65
N THR IA 28 -9.16 13.64 -74.97
CA THR IA 28 -10.30 14.12 -75.78
C THR IA 28 -10.67 13.19 -76.93
N VAL IA 29 -9.96 12.07 -77.12
CA VAL IA 29 -10.31 11.03 -78.10
C VAL IA 29 -11.68 10.45 -77.76
N PRO IA 30 -12.66 10.44 -78.67
CA PRO IA 30 -14.06 10.29 -78.29
C PRO IA 30 -14.41 8.92 -77.70
N SER IA 31 -13.69 7.86 -78.06
CA SER IA 31 -13.93 6.52 -77.50
C SER IA 31 -13.57 6.39 -76.03
N LEU IA 32 -12.65 7.22 -75.51
CA LEU IA 32 -12.22 7.21 -74.12
C LEU IA 32 -12.04 8.62 -73.56
N ALA IA 33 -12.94 9.54 -73.90
CA ALA IA 33 -12.85 10.94 -73.50
C ALA IA 33 -12.97 11.11 -71.98
N GLY IA 34 -12.26 12.07 -71.42
CA GLY IA 34 -12.27 12.33 -69.97
C GLY IA 34 -11.42 11.38 -69.14
N VAL IA 35 -10.81 10.35 -69.73
CA VAL IA 35 -9.86 9.46 -69.05
C VAL IA 35 -8.57 10.21 -68.79
N HIS IA 36 -8.04 10.19 -67.57
CA HIS IA 36 -6.76 10.82 -67.27
C HIS IA 36 -5.60 9.92 -67.75
N VAL IA 37 -4.80 10.34 -68.73
CA VAL IA 37 -3.73 9.49 -69.30
C VAL IA 37 -2.36 10.02 -68.91
N GLY IA 38 -1.54 9.23 -68.22
CA GLY IA 38 -0.23 9.67 -67.73
C GLY IA 38 0.76 8.53 -67.54
N THR IA 39 1.92 8.79 -66.95
CA THR IA 39 2.97 7.78 -66.71
C THR IA 39 3.24 7.50 -65.25
N TRP IA 40 2.59 8.23 -64.35
CA TRP IA 40 2.91 8.26 -62.93
C TRP IA 40 1.66 8.61 -62.11
N VAL IA 41 1.20 7.72 -61.24
CA VAL IA 41 -0.09 7.91 -60.56
C VAL IA 41 -0.01 8.95 -59.46
N GLU IA 42 -0.84 9.97 -59.49
CA GLU IA 42 -0.77 11.13 -58.59
C GLU IA 42 -1.14 10.82 -57.14
N ASP IA 43 -0.85 11.78 -56.24
CA ASP IA 43 -1.21 11.68 -54.82
C ASP IA 43 -2.72 11.50 -54.64
N ILE IA 44 -3.16 10.85 -53.57
CA ILE IA 44 -4.58 10.53 -53.35
C ILE IA 44 -5.48 11.77 -53.30
N ASP IA 45 -4.95 12.91 -52.87
CA ASP IA 45 -5.65 14.20 -52.89
C ASP IA 45 -5.78 14.84 -54.27
N SER IA 46 -5.12 14.30 -55.30
CA SER IA 46 -5.13 14.82 -56.67
C SER IA 46 -5.70 13.83 -57.69
N ARG IA 47 -5.46 12.53 -57.54
CA ARG IA 47 -5.82 11.55 -58.57
C ARG IA 47 -7.31 11.47 -58.82
N THR IA 48 -7.67 11.18 -60.07
CA THR IA 48 -9.04 11.02 -60.55
C THR IA 48 -9.13 9.75 -61.37
N PHE IA 49 -10.21 8.98 -61.21
CA PHE IA 49 -10.51 7.81 -62.02
C PHE IA 49 -11.69 8.09 -62.97
N PRO IA 50 -11.71 7.59 -64.22
CA PRO IA 50 -10.75 6.69 -64.87
C PRO IA 50 -9.33 7.20 -65.04
N LEU IA 51 -8.39 6.28 -65.14
CA LEU IA 51 -6.96 6.57 -65.28
C LEU IA 51 -6.33 5.54 -66.20
N ILE IA 52 -5.44 5.96 -67.10
CA ILE IA 52 -4.56 5.08 -67.87
C ILE IA 52 -3.13 5.42 -67.54
N THR IA 53 -2.34 4.42 -67.24
CA THR IA 53 -0.91 4.55 -66.96
C THR IA 53 -0.12 3.80 -68.01
N VAL IA 54 0.78 4.48 -68.71
CA VAL IA 54 1.73 3.85 -69.65
C VAL IA 54 3.14 3.93 -69.07
N ARG IA 55 3.86 2.82 -68.99
CA ARG IA 55 5.13 2.72 -68.25
C ARG IA 55 6.14 1.90 -69.04
N ARG IA 56 7.34 2.43 -69.30
CA ARG IA 56 8.38 1.73 -70.07
C ARG IA 56 8.87 0.52 -69.31
N VAL IA 57 8.81 -0.67 -69.89
CA VAL IA 57 9.16 -1.92 -69.20
C VAL IA 57 10.23 -2.73 -69.93
N GLY IA 58 10.68 -2.30 -71.10
CA GLY IA 58 11.81 -2.92 -71.81
C GLY IA 58 11.94 -2.40 -73.23
N GLY IA 59 12.54 -3.20 -74.10
CA GLY IA 59 12.62 -2.93 -75.53
C GLY IA 59 13.79 -2.04 -75.91
N THR IA 60 14.68 -2.57 -76.74
CA THR IA 60 15.95 -1.96 -77.13
C THR IA 60 15.80 -1.02 -78.33
N ARG IA 61 16.82 -0.21 -78.63
CA ARG IA 61 16.98 0.31 -80.00
C ARG IA 61 17.16 -0.86 -80.96
N SER IA 62 16.85 -0.69 -82.24
CA SER IA 62 17.10 -1.75 -83.22
C SER IA 62 18.60 -1.92 -83.45
N PRO IA 63 19.12 -3.15 -83.62
CA PRO IA 63 20.56 -3.35 -83.79
C PRO IA 63 21.04 -2.93 -85.19
N GLU IA 64 20.15 -2.91 -86.19
CA GLU IA 64 20.46 -2.55 -87.56
C GLU IA 64 20.98 -1.12 -87.69
N HIS IA 65 20.33 -0.17 -87.01
CA HIS IA 65 20.65 1.25 -87.01
C HIS IA 65 20.13 1.89 -85.72
N PRO IA 66 20.87 1.87 -84.61
CA PRO IA 66 20.36 2.24 -83.30
C PRO IA 66 19.78 3.65 -83.21
N THR IA 67 20.27 4.60 -84.00
CA THR IA 67 19.81 5.99 -83.97
C THR IA 67 18.66 6.30 -84.93
N LEU IA 68 18.16 5.33 -85.71
CA LEU IA 68 17.12 5.52 -86.73
C LEU IA 68 15.77 4.87 -86.40
N PHE IA 69 15.72 3.84 -85.55
CA PHE IA 69 14.48 3.12 -85.22
C PHE IA 69 14.62 2.39 -83.88
N THR IA 70 13.57 2.37 -83.08
CA THR IA 70 13.55 1.78 -81.74
C THR IA 70 12.23 1.12 -81.42
N GLN IA 71 12.23 0.11 -80.57
CA GLN IA 71 11.08 -0.73 -80.28
C GLN IA 71 10.82 -0.84 -78.78
N PRO IA 72 10.45 0.23 -78.09
CA PRO IA 72 10.15 0.20 -76.67
C PRO IA 72 8.99 -0.73 -76.37
N VAL IA 73 9.04 -1.43 -75.25
CA VAL IA 73 7.91 -2.17 -74.71
C VAL IA 73 7.31 -1.35 -73.61
N VAL IA 74 6.02 -1.08 -73.69
CA VAL IA 74 5.27 -0.26 -72.77
C VAL IA 74 4.26 -1.12 -72.08
N GLU IA 75 4.29 -1.21 -70.76
CA GLU IA 75 3.18 -1.75 -69.99
C GLU IA 75 2.08 -0.70 -69.93
N MET IA 76 0.92 -0.99 -70.50
CA MET IA 76 -0.24 -0.12 -70.44
C MET IA 76 -1.22 -0.68 -69.44
N THR IA 77 -1.76 0.16 -68.57
CA THR IA 77 -2.64 -0.23 -67.48
C THR IA 77 -3.84 0.69 -67.41
N ALA IA 78 -5.04 0.15 -67.35
CA ALA IA 78 -6.27 0.90 -67.17
C ALA IA 78 -6.82 0.67 -65.77
N TYR IA 79 -7.25 1.72 -65.08
CA TYR IA 79 -7.88 1.66 -63.77
C TYR IA 79 -9.23 2.35 -63.78
N SER IA 80 -10.21 1.80 -63.07
CA SER IA 80 -11.46 2.52 -62.81
C SER IA 80 -12.08 2.19 -61.46
N ALA IA 81 -12.90 3.10 -60.95
CA ALA IA 81 -13.72 2.89 -59.77
C ALA IA 81 -15.15 2.43 -60.10
N ALA IA 82 -15.49 2.25 -61.38
CA ALA IA 82 -16.85 1.97 -61.83
C ALA IA 82 -17.20 0.49 -61.69
N ASP IA 83 -16.64 -0.38 -62.52
CA ASP IA 83 -16.78 -1.83 -62.47
C ASP IA 83 -15.74 -2.51 -63.37
N LEU IA 84 -15.56 -3.83 -63.25
CA LEU IA 84 -14.57 -4.53 -64.06
C LEU IA 84 -14.87 -4.44 -65.57
N PRO IA 85 -16.09 -4.69 -66.07
CA PRO IA 85 -16.41 -4.51 -67.47
C PRO IA 85 -16.06 -3.13 -68.03
N THR IA 86 -16.29 -2.04 -67.30
CA THR IA 86 -15.90 -0.70 -67.76
C THR IA 86 -14.41 -0.56 -67.85
N THR IA 87 -13.64 -1.23 -67.00
CA THR IA 87 -12.17 -1.20 -67.08
C THR IA 87 -11.65 -2.01 -68.25
N GLU IA 88 -12.28 -3.13 -68.58
CA GLU IA 88 -11.97 -3.90 -69.78
C GLU IA 88 -12.25 -3.07 -71.03
N GLN IA 89 -13.45 -2.53 -71.17
CA GLN IA 89 -13.83 -1.76 -72.35
C GLN IA 89 -12.94 -0.53 -72.54
N MET IA 90 -12.51 0.10 -71.46
CA MET IA 90 -11.58 1.21 -71.51
C MET IA 90 -10.19 0.80 -72.00
N TYR IA 91 -9.72 -0.41 -71.68
CA TYR IA 91 -8.47 -0.91 -72.21
C TYR IA 91 -8.62 -1.29 -73.68
N GLU IA 92 -9.71 -1.94 -74.06
CA GLU IA 92 -10.01 -2.23 -75.46
C GLU IA 92 -10.07 -0.95 -76.28
N ASP IA 93 -10.79 0.07 -75.81
CA ASP IA 93 -10.85 1.37 -76.45
C ASP IA 93 -9.51 2.10 -76.48
N ALA IA 94 -8.49 1.67 -75.73
CA ALA IA 94 -7.14 2.20 -75.85
C ALA IA 94 -6.33 1.46 -76.90
N LEU IA 95 -6.47 0.14 -77.02
CA LEU IA 95 -5.88 -0.61 -78.14
C LEU IA 95 -6.45 -0.13 -79.46
N GLU IA 96 -7.76 0.03 -79.58
CA GLU IA 96 -8.41 0.48 -80.81
C GLU IA 96 -7.92 1.86 -81.26
N VAL IA 97 -7.33 2.66 -80.37
CA VAL IA 97 -6.70 3.96 -80.69
C VAL IA 97 -5.25 3.78 -81.08
N LEU IA 98 -4.48 2.95 -80.37
CA LEU IA 98 -3.09 2.67 -80.73
C LEU IA 98 -2.97 1.96 -82.08
N TYR IA 99 -3.82 0.96 -82.37
CA TYR IA 99 -3.78 0.29 -83.66
C TYR IA 99 -4.18 1.22 -84.82
N ARG IA 100 -5.19 2.09 -84.66
CA ARG IA 100 -5.52 3.11 -85.67
C ARG IA 100 -4.39 4.12 -85.83
N ALA IA 101 -3.81 4.62 -84.75
CA ALA IA 101 -2.73 5.60 -84.85
C ALA IA 101 -1.48 5.02 -85.51
N ALA IA 102 -1.21 3.73 -85.33
CA ALA IA 102 -0.16 3.01 -86.04
C ALA IA 102 -0.49 2.83 -87.52
N ARG IA 103 -1.72 2.46 -87.88
CA ARG IA 103 -2.16 2.27 -89.29
C ARG IA 103 -1.93 3.50 -90.16
N LEU IA 104 -2.01 4.70 -89.57
CA LEU IA 104 -1.80 5.98 -90.25
C LEU IA 104 -0.35 6.50 -90.22
N GLN IA 105 0.59 5.86 -89.51
CA GLN IA 105 1.89 6.44 -89.11
C GLN IA 105 1.71 7.84 -88.52
N THR IA 106 1.01 7.94 -87.38
CA THR IA 106 0.67 9.23 -86.78
C THR IA 106 1.90 10.02 -86.37
N LYS IA 107 2.03 11.24 -86.88
CA LYS IA 107 3.08 12.21 -86.53
C LYS IA 107 2.78 12.87 -85.20
N THR IA 108 3.82 13.12 -84.41
CA THR IA 108 3.77 13.95 -83.19
C THR IA 108 5.00 14.87 -83.17
N PRO IA 109 5.02 15.97 -82.41
CA PRO IA 109 6.19 16.84 -82.36
C PRO IA 109 7.50 16.12 -82.00
N ALA IA 110 7.43 15.06 -81.21
CA ALA IA 110 8.59 14.31 -80.73
C ALA IA 110 9.01 13.13 -81.62
N GLY IA 111 8.17 12.63 -82.52
CA GLY IA 111 8.46 11.45 -83.34
C GLY IA 111 7.24 10.86 -84.04
N TYR IA 112 7.42 9.79 -84.80
CA TYR IA 112 6.35 9.07 -85.49
C TYR IA 112 6.08 7.73 -84.83
N LEU IA 113 4.83 7.41 -84.52
CA LEU IA 113 4.45 6.04 -84.13
C LEU IA 113 4.46 5.16 -85.37
N HIS IA 114 5.37 4.20 -85.47
CA HIS IA 114 5.58 3.41 -86.68
C HIS IA 114 4.72 2.14 -86.72
N SER IA 115 4.70 1.36 -85.65
CA SER IA 115 3.92 0.12 -85.55
C SER IA 115 3.53 -0.17 -84.11
N VAL IA 116 2.49 -0.98 -83.91
CA VAL IA 116 2.03 -1.42 -82.58
C VAL IA 116 1.77 -2.92 -82.61
N THR IA 117 2.19 -3.64 -81.59
CA THR IA 117 1.92 -5.07 -81.40
C THR IA 117 1.79 -5.39 -79.92
N GLU IA 118 1.06 -6.43 -79.54
CA GLU IA 118 0.92 -6.83 -78.13
C GLU IA 118 1.85 -7.99 -77.82
N THR IA 119 2.68 -7.89 -76.78
CA THR IA 119 3.50 -9.01 -76.30
C THR IA 119 2.87 -9.74 -75.12
N LEU IA 120 1.90 -9.13 -74.45
CA LEU IA 120 1.02 -9.77 -73.46
C LEU IA 120 -0.32 -9.03 -73.47
N GLY IA 121 -1.38 -9.72 -73.84
CA GLY IA 121 -2.67 -9.08 -74.09
C GLY IA 121 -3.36 -8.58 -72.81
N ALA IA 122 -4.46 -7.85 -72.96
CA ALA IA 122 -5.21 -7.32 -71.82
C ALA IA 122 -5.50 -8.42 -70.80
N SER IA 123 -5.19 -8.22 -69.53
CA SER IA 123 -5.39 -9.21 -68.49
C SER IA 123 -5.83 -8.56 -67.20
N HIS IA 124 -6.74 -9.20 -66.46
CA HIS IA 124 -7.20 -8.70 -65.18
C HIS IA 124 -6.15 -8.95 -64.10
N GLY IA 125 -5.99 -8.04 -63.15
CA GLY IA 125 -5.09 -8.23 -62.01
C GLY IA 125 -5.56 -7.50 -60.75
N PRO IA 126 -4.92 -7.73 -59.59
CA PRO IA 126 -5.22 -7.00 -58.38
C PRO IA 126 -4.77 -5.54 -58.48
N SER IA 127 -5.55 -4.62 -57.90
CA SER IA 127 -5.26 -3.17 -57.91
C SER IA 127 -4.67 -2.70 -56.58
N PRO IA 128 -3.66 -1.82 -56.58
CA PRO IA 128 -3.12 -1.23 -55.36
C PRO IA 128 -3.98 -0.10 -54.75
N PHE IA 129 -5.10 0.28 -55.35
CA PHE IA 129 -5.94 1.40 -54.88
C PHE IA 129 -7.30 0.94 -54.34
N ASP IA 130 -7.77 1.59 -53.28
CA ASP IA 130 -9.01 1.28 -52.58
C ASP IA 130 -10.23 1.23 -53.51
N ARG IA 131 -10.90 0.08 -53.59
CA ARG IA 131 -12.09 -0.20 -54.42
C ARG IA 131 -11.96 0.25 -55.89
N THR IA 132 -10.96 -0.29 -56.59
CA THR IA 132 -10.77 -0.10 -58.03
C THR IA 132 -10.34 -1.39 -58.70
N TRP IA 133 -10.57 -1.49 -60.01
CA TRP IA 133 -10.17 -2.64 -60.82
C TRP IA 133 -9.04 -2.28 -61.76
N ARG IA 134 -8.06 -3.15 -61.93
CA ARG IA 134 -6.93 -2.99 -62.85
C ARG IA 134 -7.03 -3.99 -63.99
N VAL IA 135 -6.80 -3.52 -65.22
CA VAL IA 135 -6.59 -4.35 -66.40
C VAL IA 135 -5.32 -3.88 -67.07
N PHE IA 136 -4.45 -4.79 -67.48
CA PHE IA 136 -3.13 -4.41 -67.98
C PHE IA 136 -2.61 -5.33 -69.06
N GLY IA 137 -1.68 -4.86 -69.86
CA GLY IA 137 -0.95 -5.67 -70.82
C GLY IA 137 0.30 -4.95 -71.34
N LEU IA 138 1.15 -5.64 -72.07
CA LEU IA 138 2.38 -5.08 -72.62
C LEU IA 138 2.23 -4.92 -74.12
N ILE IA 139 2.48 -3.71 -74.61
CA ILE IA 139 2.52 -3.39 -76.03
C ILE IA 139 3.98 -3.19 -76.39
N ARG IA 140 4.47 -3.79 -77.48
CA ARG IA 140 5.73 -3.40 -78.11
C ARG IA 140 5.40 -2.52 -79.29
N LEU IA 141 5.93 -1.32 -79.32
CA LEU IA 141 5.59 -0.32 -80.32
C LEU IA 141 6.83 0.32 -80.92
N GLY IA 142 6.87 0.52 -82.23
CA GLY IA 142 8.02 1.07 -82.92
C GLY IA 142 7.94 2.58 -83.06
N ILE IA 143 9.07 3.28 -82.96
CA ILE IA 143 9.15 4.75 -83.03
C ILE IA 143 10.20 5.16 -84.07
N ARG IA 144 9.98 6.24 -84.82
CA ARG IA 144 10.98 6.84 -85.72
C ARG IA 144 11.26 8.32 -85.40
N PRO IA 145 12.47 8.84 -85.67
CA PRO IA 145 12.84 10.24 -85.45
C PRO IA 145 11.94 11.27 -86.13
N PRO IA 146 11.82 12.49 -85.58
CA PRO IA 146 10.93 13.55 -86.06
C PRO IA 146 11.45 14.31 -87.29
N LYS IA 147 12.01 13.63 -88.30
CA LYS IA 147 12.70 14.27 -89.45
C LYS IA 147 13.73 15.30 -88.96
N ASN IA 148 13.87 16.46 -89.62
CA ASN IA 148 14.73 17.59 -89.22
C ASN IA 148 16.21 17.22 -88.94
N ALA JA 2 50.52 -6.05 -77.14
CA ALA JA 2 49.18 -5.75 -76.58
C ALA JA 2 49.23 -5.87 -75.05
N GLY JA 3 48.61 -4.94 -74.33
CA GLY JA 3 48.50 -5.01 -72.87
C GLY JA 3 47.51 -6.07 -72.38
N LYS JA 4 47.32 -6.16 -71.07
CA LYS JA 4 46.28 -7.01 -70.46
C LYS JA 4 44.89 -6.41 -70.69
N LEU JA 5 43.85 -7.23 -70.76
CA LEU JA 5 42.46 -6.74 -70.79
C LEU JA 5 42.10 -6.01 -69.49
N PRO JA 6 41.39 -4.88 -69.54
CA PRO JA 6 41.01 -4.11 -68.38
C PRO JA 6 39.76 -4.66 -67.70
N ILE JA 7 39.52 -4.25 -66.45
CA ILE JA 7 38.18 -4.33 -65.85
C ILE JA 7 37.26 -3.31 -66.53
N VAL JA 8 35.98 -3.61 -66.68
CA VAL JA 8 35.09 -2.82 -67.54
C VAL JA 8 34.93 -1.37 -67.12
N GLY JA 9 35.01 -1.06 -65.82
CA GLY JA 9 34.93 0.31 -65.33
C GLY JA 9 36.05 1.21 -65.85
N GLU JA 10 37.25 0.70 -66.10
CA GLU JA 10 38.34 1.53 -66.61
C GLU JA 10 38.17 1.91 -68.08
N VAL JA 11 37.17 1.35 -68.79
CA VAL JA 11 36.84 1.68 -70.17
C VAL JA 11 35.53 2.44 -70.28
N VAL JA 12 34.45 1.98 -69.66
CA VAL JA 12 33.14 2.62 -69.80
C VAL JA 12 33.14 4.02 -69.19
N LEU JA 13 33.77 4.22 -68.03
CA LEU JA 13 33.62 5.46 -67.30
C LEU JA 13 34.23 6.64 -68.07
N PRO JA 14 35.46 6.61 -68.61
CA PRO JA 14 35.93 7.68 -69.47
C PRO JA 14 35.08 7.96 -70.71
N ILE JA 15 34.39 6.96 -71.27
CA ILE JA 15 33.46 7.17 -72.40
C ILE JA 15 32.22 7.93 -71.94
N LEU JA 16 31.62 7.62 -70.78
CA LEU JA 16 30.48 8.37 -70.24
C LEU JA 16 30.90 9.74 -69.67
N ARG JA 17 32.05 9.83 -69.00
CA ARG JA 17 32.51 11.08 -68.38
C ARG JA 17 33.02 12.10 -69.40
N GLY JA 18 33.61 11.67 -70.51
CA GLY JA 18 34.16 12.57 -71.52
C GLY JA 18 35.55 13.10 -71.19
N HIS JA 19 36.26 12.51 -70.22
CA HIS JA 19 37.66 12.79 -69.92
C HIS JA 19 38.36 11.55 -69.35
N GLU JA 20 39.68 11.44 -69.51
CA GLU JA 20 40.45 10.26 -69.06
C GLU JA 20 40.87 10.32 -67.58
N ASP JA 21 40.53 11.38 -66.85
CA ASP JA 21 40.80 11.48 -65.41
C ASP JA 21 39.82 10.61 -64.60
N LEU JA 22 40.27 9.44 -64.16
CA LEU JA 22 39.43 8.53 -63.38
C LEU JA 22 39.08 9.06 -61.99
N SER JA 23 39.75 10.08 -61.46
CA SER JA 23 39.55 10.56 -60.09
C SER JA 23 38.38 11.51 -59.89
N ASN JA 24 37.63 11.85 -60.94
CA ASN JA 24 36.71 12.99 -60.98
C ASN JA 24 35.35 12.59 -61.56
N PRO JA 25 34.37 12.13 -60.75
CA PRO JA 25 33.20 11.45 -61.27
C PRO JA 25 32.17 12.30 -62.03
N ILE JA 26 32.24 13.62 -62.01
CA ILE JA 26 31.30 14.48 -62.74
C ILE JA 26 31.58 14.38 -64.25
N SER JA 27 30.58 14.02 -65.05
CA SER JA 27 30.71 13.98 -66.51
C SER JA 27 30.62 15.35 -67.16
N THR JA 28 31.29 15.52 -68.29
CA THR JA 28 31.37 16.77 -69.05
C THR JA 28 30.84 16.66 -70.48
N VAL JA 29 30.48 15.46 -70.95
CA VAL JA 29 29.89 15.27 -72.28
C VAL JA 29 28.57 16.07 -72.37
N PRO JA 30 28.31 16.88 -73.41
CA PRO JA 30 27.23 17.86 -73.41
C PRO JA 30 25.84 17.33 -73.07
N SER JA 31 25.51 16.09 -73.44
CA SER JA 31 24.22 15.47 -73.14
C SER JA 31 24.00 15.17 -71.66
N LEU JA 32 25.10 15.03 -70.90
CA LEU JA 32 25.13 14.63 -69.48
C LEU JA 32 25.96 15.63 -68.65
N ALA JA 33 25.95 16.92 -68.98
CA ALA JA 33 26.78 17.87 -68.27
C ALA JA 33 26.38 17.90 -66.79
N GLY JA 34 27.32 17.58 -65.89
CA GLY JA 34 27.10 17.65 -64.45
C GLY JA 34 26.46 16.42 -63.80
N VAL JA 35 26.09 15.35 -64.50
CA VAL JA 35 25.69 14.11 -63.80
C VAL JA 35 26.91 13.43 -63.19
N HIS JA 36 26.74 12.69 -62.12
CA HIS JA 36 27.82 11.97 -61.47
C HIS JA 36 27.83 10.53 -61.97
N VAL JA 37 28.92 10.05 -62.57
CA VAL JA 37 28.98 8.72 -63.17
C VAL JA 37 29.95 7.84 -62.40
N GLY JA 38 29.50 6.71 -61.85
CA GLY JA 38 30.33 5.86 -61.02
C GLY JA 38 29.86 4.42 -60.97
N THR JA 39 30.45 3.62 -60.08
CA THR JA 39 30.11 2.19 -59.94
C THR JA 39 29.57 1.85 -58.56
N TRP JA 40 29.44 2.83 -57.68
CA TRP JA 40 29.13 2.64 -56.27
C TRP JA 40 28.39 3.87 -55.72
N VAL JA 41 27.19 3.70 -55.17
CA VAL JA 41 26.40 4.85 -54.71
C VAL JA 41 26.96 5.36 -53.39
N GLU JA 42 27.36 6.63 -53.35
CA GLU JA 42 28.07 7.20 -52.20
C GLU JA 42 27.21 7.36 -50.95
N ASP JA 43 27.83 7.58 -49.79
CA ASP JA 43 27.11 7.80 -48.53
C ASP JA 43 26.23 9.05 -48.59
N ILE JA 44 25.07 9.05 -47.92
CA ILE JA 44 24.04 10.08 -48.06
C ILE JA 44 24.55 11.49 -47.73
N ASP JA 45 25.57 11.63 -46.91
CA ASP JA 45 26.21 12.90 -46.58
C ASP JA 45 27.11 13.48 -47.71
N SER JA 46 27.26 12.79 -48.84
CA SER JA 46 27.98 13.28 -50.03
C SER JA 46 27.32 12.92 -51.38
N ARG JA 47 26.41 11.96 -51.40
CA ARG JA 47 25.61 11.57 -52.56
C ARG JA 47 24.95 12.77 -53.22
N THR JA 48 25.10 12.89 -54.52
CA THR JA 48 24.57 13.99 -55.32
C THR JA 48 23.81 13.45 -56.52
N PHE JA 49 22.52 13.76 -56.66
CA PHE JA 49 21.73 13.45 -57.86
C PHE JA 49 21.75 14.61 -58.86
N PRO JA 50 21.64 14.36 -60.18
CA PRO JA 50 21.47 13.07 -60.84
C PRO JA 50 22.74 12.24 -60.87
N LEU JA 51 22.62 10.91 -60.92
CA LEU JA 51 23.79 10.04 -61.04
C LEU JA 51 23.49 8.80 -61.86
N ILE JA 52 24.52 8.29 -62.54
CA ILE JA 52 24.48 7.08 -63.36
C ILE JA 52 25.37 6.04 -62.72
N THR JA 53 24.83 4.87 -62.44
CA THR JA 53 25.60 3.79 -61.82
C THR JA 53 25.74 2.65 -62.80
N VAL JA 54 26.98 2.27 -63.08
CA VAL JA 54 27.39 1.19 -63.98
C VAL JA 54 28.01 0.07 -63.16
N ARG JA 55 27.52 -1.17 -63.24
CA ARG JA 55 28.17 -2.30 -62.55
C ARG JA 55 28.08 -3.60 -63.35
N ARG JA 56 29.04 -4.50 -63.23
CA ARG JA 56 29.13 -5.70 -64.07
C ARG JA 56 28.15 -6.77 -63.61
N VAL JA 57 27.11 -7.05 -64.40
CA VAL JA 57 26.21 -8.19 -64.17
C VAL JA 57 26.80 -9.50 -64.69
N GLY JA 58 27.72 -9.44 -65.64
CA GLY JA 58 28.63 -10.54 -65.93
C GLY JA 58 28.46 -11.15 -67.31
N GLY JA 59 29.56 -11.17 -68.07
CA GLY JA 59 29.67 -11.80 -69.38
C GLY JA 59 31.11 -12.20 -69.63
N THR JA 60 31.30 -13.25 -70.42
CA THR JA 60 32.56 -13.99 -70.46
C THR JA 60 33.63 -13.32 -71.32
N ARG JA 61 34.89 -13.73 -71.17
CA ARG JA 61 35.88 -13.67 -72.26
C ARG JA 61 35.32 -14.36 -73.49
N SER JA 62 35.77 -14.00 -74.68
CA SER JA 62 35.46 -14.80 -75.88
C SER JA 62 36.24 -16.11 -75.83
N PRO JA 63 35.67 -17.26 -76.24
CA PRO JA 63 36.36 -18.53 -76.18
C PRO JA 63 37.41 -18.69 -77.29
N GLU JA 64 37.28 -17.96 -78.39
CA GLU JA 64 38.22 -17.98 -79.52
C GLU JA 64 39.63 -17.57 -79.13
N HIS JA 65 39.78 -16.50 -78.34
CA HIS JA 65 41.05 -15.98 -77.82
C HIS JA 65 40.78 -15.26 -76.49
N PRO JA 66 40.78 -15.96 -75.35
CA PRO JA 66 40.40 -15.38 -74.07
C PRO JA 66 41.24 -14.18 -73.64
N THR JA 67 42.48 -14.06 -74.11
CA THR JA 67 43.37 -12.95 -73.77
C THR JA 67 43.29 -11.75 -74.72
N LEU JA 68 42.46 -11.79 -75.78
CA LEU JA 68 42.43 -10.76 -76.84
C LEU JA 68 41.08 -10.06 -77.06
N PHE JA 69 39.96 -10.58 -76.56
CA PHE JA 69 38.64 -9.95 -76.68
C PHE JA 69 37.65 -10.47 -75.64
N THR JA 70 36.87 -9.58 -75.04
CA THR JA 70 35.96 -9.91 -73.93
C THR JA 70 34.66 -9.13 -74.04
N GLN JA 71 33.56 -9.67 -73.51
CA GLN JA 71 32.22 -9.16 -73.73
C GLN JA 71 31.45 -8.95 -72.42
N PRO JA 72 31.87 -8.02 -71.57
CA PRO JA 72 31.25 -7.80 -70.28
C PRO JA 72 29.84 -7.23 -70.42
N VAL JA 73 28.86 -7.86 -69.82
CA VAL JA 73 27.52 -7.28 -69.62
C VAL JA 73 27.57 -6.34 -68.43
N VAL JA 74 27.23 -5.08 -68.61
CA VAL JA 74 27.05 -4.12 -67.51
C VAL JA 74 25.59 -3.80 -67.32
N GLU JA 75 25.12 -3.77 -66.08
CA GLU JA 75 23.87 -3.11 -65.74
C GLU JA 75 24.13 -1.61 -65.63
N MET JA 76 23.50 -0.82 -66.48
CA MET JA 76 23.54 0.63 -66.38
C MET JA 76 22.25 1.11 -65.76
N THR JA 77 22.31 2.07 -64.86
CA THR JA 77 21.16 2.65 -64.19
C THR JA 77 21.29 4.16 -64.13
N ALA JA 78 20.18 4.87 -64.09
CA ALA JA 78 20.15 6.31 -63.97
C ALA JA 78 19.15 6.69 -62.88
N TYR JA 79 19.52 7.61 -62.00
CA TYR JA 79 18.69 8.09 -60.91
C TYR JA 79 18.51 9.60 -60.96
N SER JA 80 17.33 10.10 -60.61
CA SER JA 80 17.11 11.54 -60.50
C SER JA 80 16.14 11.89 -59.38
N ALA JA 81 16.33 13.04 -58.76
CA ALA JA 81 15.37 13.64 -57.84
C ALA JA 81 14.35 14.54 -58.54
N ALA JA 82 14.50 14.81 -59.85
CA ALA JA 82 13.67 15.78 -60.57
C ALA JA 82 12.30 15.21 -60.95
N ASP JA 83 12.23 14.29 -61.90
CA ASP JA 83 11.00 13.60 -62.32
C ASP JA 83 11.32 12.35 -63.16
N LEU JA 84 10.33 11.50 -63.41
CA LEU JA 84 10.55 10.29 -64.21
C LEU JA 84 10.92 10.60 -65.67
N PRO JA 85 10.28 11.52 -66.41
CA PRO JA 85 10.72 11.89 -67.75
C PRO JA 85 12.18 12.31 -67.83
N THR JA 86 12.71 13.08 -66.88
CA THR JA 86 14.14 13.44 -66.86
C THR JA 86 15.01 12.22 -66.63
N THR JA 87 14.54 11.22 -65.91
CA THR JA 87 15.29 9.98 -65.67
C THR JA 87 15.31 9.08 -66.89
N GLU JA 88 14.20 8.99 -67.62
CA GLU JA 88 14.19 8.30 -68.92
C GLU JA 88 15.10 9.01 -69.89
N GLN JA 89 14.93 10.32 -70.08
CA GLN JA 89 15.73 11.09 -71.02
C GLN JA 89 17.22 11.02 -70.71
N MET JA 90 17.60 10.97 -69.44
CA MET JA 90 18.99 10.79 -69.05
C MET JA 90 19.53 9.41 -69.39
N TYR JA 91 18.73 8.35 -69.28
CA TYR JA 91 19.18 7.04 -69.72
C TYR JA 91 19.31 7.02 -71.24
N GLU JA 92 18.35 7.54 -71.98
CA GLU JA 92 18.46 7.64 -73.44
C GLU JA 92 19.71 8.43 -73.85
N ASP JA 93 19.96 9.59 -73.25
CA ASP JA 93 21.16 10.40 -73.53
C ASP JA 93 22.47 9.74 -73.13
N ALA JA 94 22.47 8.79 -72.19
CA ALA JA 94 23.66 8.05 -71.81
C ALA JA 94 23.92 6.91 -72.78
N LEU JA 95 22.87 6.24 -73.20
CA LEU JA 95 22.91 5.18 -74.19
C LEU JA 95 23.32 5.71 -75.59
N GLU JA 96 22.87 6.90 -75.98
CA GLU JA 96 23.34 7.56 -77.20
C GLU JA 96 24.84 7.86 -77.20
N VAL JA 97 25.47 8.10 -76.04
CA VAL JA 97 26.94 8.26 -75.97
C VAL JA 97 27.62 6.92 -76.20
N LEU JA 98 27.14 5.82 -75.61
CA LEU JA 98 27.70 4.49 -75.86
C LEU JA 98 27.59 4.08 -77.32
N TYR JA 99 26.42 4.23 -77.96
CA TYR JA 99 26.29 3.89 -79.38
C TYR JA 99 27.15 4.75 -80.31
N ARG JA 100 27.50 5.99 -79.95
CA ARG JA 100 28.46 6.80 -80.72
C ARG JA 100 29.90 6.42 -80.42
N ALA JA 101 30.28 6.26 -79.16
CA ALA JA 101 31.64 5.95 -78.77
C ALA JA 101 32.12 4.58 -79.26
N ALA JA 102 31.20 3.64 -79.48
CA ALA JA 102 31.45 2.38 -80.16
C ALA JA 102 31.71 2.56 -81.66
N ARG JA 103 30.88 3.34 -82.36
CA ARG JA 103 31.03 3.60 -83.81
C ARG JA 103 32.39 4.22 -84.14
N LEU JA 104 32.85 5.14 -83.30
CA LEU JA 104 34.15 5.81 -83.42
C LEU JA 104 35.33 4.97 -82.90
N GLN JA 105 35.11 3.78 -82.34
CA GLN JA 105 36.15 2.89 -81.80
C GLN JA 105 37.04 3.56 -80.74
N THR JA 106 36.43 4.31 -79.83
CA THR JA 106 37.16 5.23 -78.94
C THR JA 106 38.24 4.55 -78.10
N LYS JA 107 39.48 5.06 -78.20
CA LYS JA 107 40.62 4.67 -77.36
C LYS JA 107 40.42 5.20 -75.95
N THR JA 108 40.63 4.36 -74.95
CA THR JA 108 40.78 4.77 -73.55
C THR JA 108 42.15 4.26 -73.07
N PRO JA 109 42.88 4.92 -72.17
CA PRO JA 109 44.19 4.45 -71.74
C PRO JA 109 44.25 3.00 -71.26
N ALA JA 110 43.12 2.47 -70.76
CA ALA JA 110 42.97 1.09 -70.33
C ALA JA 110 42.54 0.09 -71.42
N GLY JA 111 42.01 0.52 -72.57
CA GLY JA 111 41.48 -0.38 -73.61
C GLY JA 111 40.58 0.33 -74.63
N TYR JA 112 40.05 -0.39 -75.61
CA TYR JA 112 39.16 0.17 -76.64
C TYR JA 112 37.73 -0.33 -76.48
N LEU JA 113 36.74 0.57 -76.51
CA LEU JA 113 35.34 0.17 -76.60
C LEU JA 113 35.04 -0.25 -78.04
N HIS JA 114 34.96 -1.55 -78.29
CA HIS JA 114 34.84 -2.13 -79.63
C HIS JA 114 33.40 -2.17 -80.17
N SER JA 115 32.42 -2.50 -79.34
CA SER JA 115 31.02 -2.61 -79.75
C SER JA 115 30.07 -2.56 -78.57
N VAL JA 116 28.79 -2.27 -78.83
CA VAL JA 116 27.74 -2.08 -77.81
C VAL JA 116 26.48 -2.78 -78.25
N THR JA 117 25.74 -3.41 -77.33
CA THR JA 117 24.45 -4.05 -77.62
C THR JA 117 23.61 -4.12 -76.37
N GLU JA 118 22.41 -3.53 -76.37
CA GLU JA 118 21.47 -3.74 -75.28
C GLU JA 118 20.99 -5.19 -75.25
N THR JA 119 21.06 -5.88 -74.12
CA THR JA 119 20.43 -7.19 -73.94
C THR JA 119 19.12 -7.12 -73.16
N LEU JA 120 18.86 -5.98 -72.51
CA LEU JA 120 17.60 -5.65 -71.83
C LEU JA 120 17.50 -4.12 -71.86
N GLY JA 121 16.52 -3.58 -72.57
CA GLY JA 121 16.45 -2.14 -72.83
C GLY JA 121 16.09 -1.30 -71.60
N ALA JA 122 16.15 0.01 -71.73
CA ALA JA 122 15.80 0.92 -70.64
C ALA JA 122 14.42 0.61 -70.07
N SER JA 123 14.31 0.46 -68.76
CA SER JA 123 13.06 0.06 -68.11
C SER JA 123 12.91 0.74 -66.75
N HIS JA 124 11.69 1.10 -66.38
CA HIS JA 124 11.42 1.73 -65.08
C HIS JA 124 11.37 0.70 -63.96
N GLY JA 125 11.84 1.03 -62.77
CA GLY JA 125 11.77 0.16 -61.59
C GLY JA 125 11.77 0.94 -60.27
N PRO JA 126 11.56 0.27 -59.13
CA PRO JA 126 11.55 0.91 -57.83
C PRO JA 126 12.95 1.37 -57.41
N SER JA 127 13.09 2.60 -56.93
CA SER JA 127 14.37 3.15 -56.45
C SER JA 127 14.66 2.78 -54.99
N PRO JA 128 15.91 2.47 -54.61
CA PRO JA 128 16.26 2.22 -53.22
C PRO JA 128 16.18 3.41 -52.25
N PHE JA 129 16.11 4.67 -52.70
CA PHE JA 129 16.25 5.83 -51.80
C PHE JA 129 15.35 7.05 -52.06
N ASP JA 130 14.66 7.46 -51.01
CA ASP JA 130 13.98 8.75 -50.81
C ASP JA 130 13.04 9.16 -51.96
N ARG JA 131 13.08 10.40 -52.46
CA ARG JA 131 12.20 10.90 -53.53
C ARG JA 131 12.47 10.30 -54.91
N THR JA 132 13.62 9.69 -55.14
CA THR JA 132 14.17 9.50 -56.50
C THR JA 132 13.49 8.45 -57.36
N TRP JA 133 13.57 8.62 -58.68
CA TRP JA 133 13.17 7.62 -59.68
C TRP JA 133 14.38 6.86 -60.23
N ARG JA 134 14.17 5.67 -60.80
CA ARG JA 134 15.21 4.80 -61.35
C ARG JA 134 14.81 4.24 -62.70
N VAL JA 135 15.73 4.24 -63.64
CA VAL JA 135 15.60 3.59 -64.95
C VAL JA 135 16.84 2.75 -65.18
N PHE JA 136 16.70 1.53 -65.68
CA PHE JA 136 17.84 0.63 -65.83
C PHE JA 136 17.75 -0.28 -67.05
N GLY JA 137 18.89 -0.82 -67.47
CA GLY JA 137 18.96 -1.86 -68.49
C GLY JA 137 20.32 -2.53 -68.52
N LEU JA 138 20.47 -3.58 -69.31
CA LEU JA 138 21.71 -4.33 -69.46
C LEU JA 138 22.32 -4.05 -70.82
N ILE JA 139 23.61 -3.74 -70.88
CA ILE JA 139 24.37 -3.60 -72.11
C ILE JA 139 25.47 -4.65 -72.16
N ARG JA 140 25.48 -5.51 -73.17
CA ARG JA 140 26.65 -6.31 -73.54
C ARG JA 140 27.60 -5.43 -74.31
N LEU JA 141 28.71 -5.06 -73.70
CA LEU JA 141 29.80 -4.34 -74.35
C LEU JA 141 30.73 -5.32 -75.07
N GLY JA 142 31.74 -4.81 -75.76
CA GLY JA 142 32.89 -5.59 -76.21
C GLY JA 142 34.14 -4.75 -76.05
N ILE JA 143 35.21 -5.33 -75.53
CA ILE JA 143 36.42 -4.59 -75.13
C ILE JA 143 37.64 -5.23 -75.77
N ARG JA 144 38.58 -4.44 -76.30
CA ARG JA 144 39.86 -4.92 -76.85
C ARG JA 144 41.01 -4.35 -76.02
N PRO JA 145 42.12 -5.08 -75.84
CA PRO JA 145 43.21 -4.63 -74.99
C PRO JA 145 43.95 -3.43 -75.59
N PRO JA 146 44.65 -2.63 -74.76
CA PRO JA 146 45.38 -1.45 -75.21
C PRO JA 146 46.59 -1.82 -76.06
N LYS JA 147 46.95 -0.95 -77.01
CA LYS JA 147 47.91 -1.24 -78.10
C LYS JA 147 49.39 -1.17 -77.71
N ASN JA 148 49.69 -1.24 -76.41
CA ASN JA 148 51.06 -1.20 -75.88
C ASN JA 148 51.91 -2.38 -76.38
N ALA KA 2 5.93 -67.04 -81.15
CA ALA KA 2 5.49 -66.82 -79.76
C ALA KA 2 6.22 -65.60 -79.17
N LEU KA 3 5.70 -65.01 -78.09
CA LEU KA 3 6.35 -63.90 -77.41
C LEU KA 3 7.12 -64.36 -76.17
N LYS KA 4 8.36 -63.91 -75.99
CA LYS KA 4 9.26 -64.35 -74.91
C LYS KA 4 9.92 -63.15 -74.23
N ASP KA 5 9.54 -62.86 -73.00
CA ASP KA 5 10.06 -61.73 -72.23
C ASP KA 5 11.58 -61.83 -72.03
N ASP KA 6 12.09 -63.04 -71.82
CA ASP KA 6 13.51 -63.28 -71.56
C ASP KA 6 14.39 -63.13 -72.82
N ALA KA 7 13.80 -62.91 -73.99
CA ALA KA 7 14.49 -62.71 -75.27
C ALA KA 7 14.38 -61.28 -75.82
N VAL KA 8 13.81 -60.35 -75.06
CA VAL KA 8 13.84 -58.92 -75.37
C VAL KA 8 15.19 -58.34 -74.95
N LEU KA 9 15.90 -57.67 -75.85
CA LEU KA 9 17.27 -57.18 -75.64
C LEU KA 9 17.30 -55.65 -75.52
N ILE KA 10 17.99 -55.12 -74.53
CA ILE KA 10 18.39 -53.70 -74.48
C ILE KA 10 19.88 -53.62 -74.15
N ALA KA 11 20.71 -53.59 -75.18
CA ALA KA 11 22.14 -53.75 -75.06
C ALA KA 11 22.79 -52.67 -74.20
N ALA KA 12 23.46 -53.05 -73.12
CA ALA KA 12 24.15 -52.12 -72.26
C ALA KA 12 25.54 -51.75 -72.80
N ARG KA 13 26.31 -52.75 -73.23
CA ARG KA 13 27.69 -52.61 -73.73
C ARG KA 13 27.99 -53.59 -74.84
N GLY KA 14 28.96 -53.26 -75.68
CA GLY KA 14 29.46 -54.15 -76.72
C GLY KA 14 30.97 -54.24 -76.65
N TYR KA 15 31.51 -55.45 -76.58
CA TYR KA 15 32.94 -55.71 -76.65
C TYR KA 15 33.28 -56.18 -78.06
N VAL KA 16 34.28 -55.59 -78.71
CA VAL KA 16 34.68 -55.97 -80.07
C VAL KA 16 36.05 -56.61 -80.08
N TYR KA 17 36.15 -57.80 -80.65
CA TYR KA 17 37.38 -58.56 -80.77
C TYR KA 17 37.67 -58.83 -82.24
N THR KA 18 38.94 -58.98 -82.61
CA THR KA 18 39.33 -59.38 -83.96
C THR KA 18 40.44 -60.41 -83.94
N ALA KA 19 40.63 -61.12 -85.05
CA ALA KA 19 41.61 -62.18 -85.18
C ALA KA 19 41.90 -62.47 -86.66
N ALA KA 20 42.92 -63.28 -86.94
CA ALA KA 20 43.24 -63.69 -88.30
C ALA KA 20 42.02 -64.31 -89.00
N VAL KA 21 41.94 -64.14 -90.32
CA VAL KA 21 40.75 -64.51 -91.11
C VAL KA 21 40.40 -65.97 -90.91
N GLY KA 22 39.12 -66.27 -90.70
CA GLY KA 22 38.61 -67.63 -90.57
C GLY KA 22 38.63 -68.21 -89.15
N THR KA 23 39.29 -67.61 -88.18
CA THR KA 23 39.35 -68.16 -86.81
C THR KA 23 37.98 -68.21 -86.14
N ALA KA 24 37.73 -69.27 -85.36
CA ALA KA 24 36.41 -69.55 -84.78
C ALA KA 24 36.17 -68.77 -83.47
N ALA KA 25 34.95 -68.27 -83.27
CA ALA KA 25 34.52 -67.68 -82.01
C ALA KA 25 34.35 -68.74 -80.91
N PRO KA 26 34.34 -68.36 -79.62
CA PRO KA 26 33.93 -69.26 -78.54
C PRO KA 26 32.57 -69.91 -78.83
N THR KA 27 32.41 -71.17 -78.49
CA THR KA 27 31.13 -71.89 -78.69
C THR KA 27 30.02 -71.30 -77.81
N PRO KA 28 28.73 -71.47 -78.14
CA PRO KA 28 27.66 -70.84 -77.38
C PRO KA 28 27.60 -71.24 -75.90
N SER KA 29 28.06 -72.43 -75.50
CA SER KA 29 28.18 -72.79 -74.08
C SER KA 29 29.36 -72.11 -73.39
N GLN KA 30 30.49 -71.89 -74.08
CA GLN KA 30 31.62 -71.12 -73.53
C GLN KA 30 31.28 -69.64 -73.39
N LEU KA 31 30.53 -69.07 -74.32
CA LEU KA 31 30.21 -67.64 -74.32
C LEU KA 31 29.51 -67.17 -73.04
N LYS KA 32 28.78 -68.06 -72.35
CA LYS KA 32 28.13 -67.81 -71.06
C LYS KA 32 29.09 -67.82 -69.86
N LEU KA 33 30.34 -68.26 -70.04
CA LEU KA 33 31.34 -68.47 -68.98
C LEU KA 33 32.64 -67.67 -69.15
N ILE KA 34 33.06 -67.35 -70.37
CA ILE KA 34 34.30 -66.62 -70.63
C ILE KA 34 34.35 -65.26 -69.95
N ASP KA 35 35.55 -64.80 -69.59
CA ASP KA 35 35.79 -63.44 -69.10
C ASP KA 35 36.05 -62.50 -70.28
N LEU KA 36 35.14 -61.56 -70.52
CA LEU KA 36 35.20 -60.66 -71.66
C LEU KA 36 36.38 -59.69 -71.62
N GLU KA 37 36.92 -59.35 -70.45
CA GLU KA 37 38.02 -58.40 -70.35
C GLU KA 37 39.37 -58.99 -70.78
N HIS KA 38 39.54 -60.31 -70.78
CA HIS KA 38 40.84 -60.99 -70.93
C HIS KA 38 40.83 -62.11 -71.97
N PRO KA 39 40.72 -61.79 -73.26
CA PRO KA 39 40.63 -62.78 -74.34
C PRO KA 39 41.91 -63.60 -74.55
N GLU KA 40 43.05 -63.22 -73.96
CA GLU KA 40 44.22 -64.10 -73.94
C GLU KA 40 44.03 -65.36 -73.09
N ALA KA 41 43.06 -65.36 -72.16
CA ALA KA 41 42.82 -66.48 -71.24
C ALA KA 41 41.82 -67.53 -71.78
N TRP KA 42 41.08 -67.24 -72.84
CA TRP KA 42 40.03 -68.13 -73.34
C TRP KA 42 40.57 -69.47 -73.87
N ASP KA 43 39.75 -70.51 -73.82
CA ASP KA 43 40.08 -71.82 -74.41
C ASP KA 43 40.22 -71.75 -75.94
N ARG KA 44 39.35 -70.96 -76.57
CA ARG KA 44 39.32 -70.69 -78.01
C ARG KA 44 40.26 -69.53 -78.34
N THR KA 45 41.56 -69.78 -78.21
CA THR KA 45 42.62 -68.76 -78.36
C THR KA 45 42.67 -68.14 -79.75
N GLY KA 46 43.22 -66.94 -79.86
CA GLY KA 46 43.48 -66.24 -81.12
C GLY KA 46 42.85 -64.85 -81.22
N TRP KA 47 41.84 -64.57 -80.41
CA TRP KA 47 41.14 -63.29 -80.35
C TRP KA 47 41.89 -62.25 -79.54
N ASP KA 48 41.76 -60.97 -79.90
CA ASP KA 48 42.16 -59.86 -79.02
C ASP KA 48 41.21 -58.66 -79.18
N LEU KA 49 41.08 -57.88 -78.11
CA LEU KA 49 40.12 -56.78 -78.03
C LEU KA 49 40.65 -55.59 -78.83
N VAL KA 50 39.83 -54.93 -79.63
CA VAL KA 50 40.29 -53.86 -80.53
C VAL KA 50 40.82 -52.61 -79.82
N GLY KA 51 40.39 -52.36 -78.58
CA GLY KA 51 40.74 -51.17 -77.80
C GLY KA 51 39.52 -50.45 -77.25
N HIS KA 52 39.71 -49.30 -76.62
CA HIS KA 52 38.63 -48.51 -76.06
C HIS KA 52 37.64 -48.00 -77.12
N THR KA 53 36.49 -48.66 -77.22
CA THR KA 53 35.27 -48.09 -77.79
C THR KA 53 34.58 -47.25 -76.71
N SER KA 54 33.68 -46.32 -77.06
CA SER KA 54 32.97 -45.51 -76.06
C SER KA 54 32.18 -46.34 -75.04
N GLU KA 55 32.04 -45.84 -73.81
CA GLU KA 55 31.11 -46.38 -72.83
C GLU KA 55 29.62 -46.05 -73.14
N ASP KA 56 29.34 -45.08 -74.01
CA ASP KA 56 27.97 -44.59 -74.26
C ASP KA 56 27.36 -44.95 -75.63
N ASP KA 57 28.09 -45.67 -76.49
CA ASP KA 57 27.55 -46.17 -77.75
C ASP KA 57 28.03 -47.59 -78.08
N LEU KA 58 27.40 -48.20 -79.07
CA LEU KA 58 27.56 -49.61 -79.44
C LEU KA 58 28.01 -49.73 -80.90
N PRO KA 59 28.66 -50.83 -81.30
CA PRO KA 59 28.93 -51.10 -82.70
C PRO KA 59 27.67 -50.98 -83.52
N GLU KA 60 27.68 -50.10 -84.52
CA GLU KA 60 26.47 -49.69 -85.23
C GLU KA 60 26.28 -50.53 -86.50
N PHE KA 61 25.29 -51.42 -86.50
CA PHE KA 61 24.98 -52.20 -87.69
C PHE KA 61 24.40 -51.31 -88.78
N GLY KA 62 24.65 -51.66 -90.03
CA GLY KA 62 24.17 -50.94 -91.20
C GLY KA 62 24.14 -51.85 -92.43
N PHE KA 63 23.43 -51.44 -93.46
CA PHE KA 63 23.59 -52.04 -94.79
C PHE KA 63 23.30 -51.02 -95.87
N ASP KA 64 23.78 -51.29 -97.08
CA ASP KA 64 23.34 -50.59 -98.28
C ASP KA 64 23.10 -51.58 -99.42
N GLY KA 65 22.37 -51.14 -100.45
CA GLY KA 65 21.57 -52.04 -101.27
C GLY KA 65 20.26 -52.42 -100.57
N GLY KA 66 19.63 -53.50 -101.01
CA GLY KA 66 18.31 -53.94 -100.51
C GLY KA 66 17.12 -53.22 -101.15
N ASP KA 67 17.37 -52.24 -102.02
CA ASP KA 67 16.33 -51.54 -102.78
C ASP KA 67 15.58 -52.52 -103.68
N SER KA 68 14.25 -52.51 -103.64
CA SER KA 68 13.41 -53.53 -104.25
C SER KA 68 12.18 -52.98 -104.96
N GLU KA 69 11.59 -53.81 -105.81
CA GLU KA 69 10.42 -53.48 -106.63
C GLU KA 69 9.43 -54.64 -106.60
N VAL KA 70 8.13 -54.37 -106.52
CA VAL KA 70 7.11 -55.38 -106.86
C VAL KA 70 6.95 -55.42 -108.37
N ARG KA 71 7.11 -56.59 -108.99
CA ARG KA 71 7.11 -56.75 -110.45
C ARG KA 71 5.99 -57.66 -110.90
N GLY KA 72 5.50 -57.46 -112.12
CA GLY KA 72 4.47 -58.32 -112.68
C GLY KA 72 4.52 -58.45 -114.20
N SER KA 73 3.35 -58.56 -114.80
CA SER KA 73 3.15 -58.78 -116.22
C SER KA 73 2.01 -57.92 -116.70
N TRP KA 74 1.83 -57.81 -118.01
CA TRP KA 74 0.64 -57.15 -118.55
C TRP KA 74 -0.65 -57.82 -118.06
N GLN KA 75 -0.62 -59.11 -117.74
CA GLN KA 75 -1.73 -59.93 -117.30
C GLN KA 75 -2.11 -59.71 -115.82
N LYS KA 76 -1.15 -59.87 -114.89
CA LYS KA 76 -1.33 -59.61 -113.45
C LYS KA 76 -0.20 -58.77 -112.86
N LYS KA 77 -0.54 -57.81 -112.00
CA LYS KA 77 0.36 -56.71 -111.61
C LYS KA 77 1.40 -57.05 -110.55
N LYS KA 78 1.23 -58.10 -109.75
CA LYS KA 78 2.11 -58.41 -108.61
C LYS KA 78 2.46 -59.90 -108.55
N LEU KA 79 3.56 -60.30 -109.18
CA LEU KA 79 4.06 -61.67 -109.15
C LEU KA 79 4.92 -61.92 -107.90
N ARG KA 80 6.05 -61.20 -107.83
CA ARG KA 80 7.15 -61.29 -106.87
C ARG KA 80 7.63 -59.89 -106.49
N GLU KA 81 8.16 -59.68 -105.29
CA GLU KA 81 9.11 -58.61 -105.04
C GLU KA 81 10.52 -59.06 -105.42
N VAL KA 82 11.28 -58.24 -106.13
CA VAL KA 82 12.68 -58.52 -106.52
C VAL KA 82 13.62 -57.45 -105.98
N GLU KA 83 14.85 -57.83 -105.68
CA GLU KA 83 15.86 -56.90 -105.15
C GLU KA 83 16.77 -56.40 -106.27
N THR KA 84 16.83 -55.09 -106.43
CA THR KA 84 17.59 -54.41 -107.50
C THR KA 84 19.06 -54.22 -107.17
N GLU KA 85 19.43 -54.18 -105.88
CA GLU KA 85 20.81 -54.31 -105.42
C GLU KA 85 20.85 -55.28 -104.24
N GLU KA 86 21.76 -56.25 -104.25
CA GLU KA 86 21.88 -57.20 -103.15
C GLU KA 86 22.45 -56.52 -101.90
N ILE KA 87 21.91 -56.85 -100.73
CA ILE KA 87 22.31 -56.25 -99.46
C ILE KA 87 23.81 -56.45 -99.18
N ALA KA 88 24.53 -55.37 -98.95
CA ALA KA 88 25.90 -55.37 -98.47
C ALA KA 88 25.91 -54.91 -97.02
N ASP KA 89 26.39 -55.77 -96.13
CA ASP KA 89 26.07 -55.71 -94.70
C ASP KA 89 27.33 -55.40 -93.89
N TYR KA 90 27.26 -54.49 -92.92
CA TYR KA 90 28.45 -54.01 -92.22
C TYR KA 90 28.20 -53.54 -90.80
N VAL KA 91 29.25 -53.42 -90.01
CA VAL KA 91 29.26 -52.78 -88.69
C VAL KA 91 30.21 -51.61 -88.70
N VAL KA 92 29.86 -50.48 -88.07
CA VAL KA 92 30.77 -49.37 -87.83
C VAL KA 92 31.21 -49.35 -86.37
N ILE KA 93 32.50 -49.29 -86.10
CA ILE KA 93 33.08 -49.22 -84.75
C ILE KA 93 33.84 -47.90 -84.59
N ASN KA 94 33.51 -47.08 -83.60
CA ASN KA 94 34.30 -45.90 -83.25
C ASN KA 94 35.34 -46.25 -82.19
N LEU KA 95 36.54 -46.65 -82.60
CA LEU KA 95 37.68 -46.77 -81.69
C LEU KA 95 38.05 -45.37 -81.16
N THR KA 96 38.56 -45.26 -79.94
CA THR KA 96 39.03 -43.99 -79.37
C THR KA 96 40.48 -44.03 -78.90
N GLN KA 97 41.18 -45.12 -79.19
CA GLN KA 97 42.52 -45.43 -78.73
C GLN KA 97 43.52 -45.29 -79.88
N PHE KA 98 44.64 -44.60 -79.68
CA PHE KA 98 45.52 -44.15 -80.76
C PHE KA 98 46.88 -44.89 -80.85
N ASP KA 99 47.12 -45.95 -80.08
CA ASP KA 99 48.37 -46.70 -80.23
C ASP KA 99 48.40 -47.55 -81.51
N GLU KA 100 49.57 -48.06 -81.88
CA GLU KA 100 49.76 -48.84 -83.10
C GLU KA 100 48.72 -49.93 -83.29
N THR KA 101 48.46 -50.73 -82.27
CA THR KA 101 47.57 -51.89 -82.38
C THR KA 101 46.11 -51.50 -82.58
N ALA KA 102 45.76 -50.23 -82.43
CA ALA KA 102 44.44 -49.67 -82.72
C ALA KA 102 44.43 -48.73 -83.91
N LEU KA 103 45.58 -48.25 -84.41
CA LEU KA 103 45.67 -47.67 -85.75
C LEU KA 103 45.54 -48.75 -86.83
N GLU KA 104 46.19 -49.90 -86.67
CA GLU KA 104 46.17 -50.96 -87.68
C GLU KA 104 44.78 -51.54 -87.98
N LEU KA 105 43.78 -51.32 -87.11
CA LEU KA 105 42.39 -51.66 -87.43
C LEU KA 105 41.92 -50.88 -88.66
N TYR KA 106 42.33 -49.61 -88.82
CA TYR KA 106 42.46 -49.08 -90.17
C TYR KA 106 43.44 -47.91 -90.33
N PHE KA 107 44.53 -48.24 -91.01
CA PHE KA 107 45.42 -47.46 -91.86
C PHE KA 107 46.20 -48.44 -92.74
N GLY KA 108 45.71 -49.68 -92.89
CA GLY KA 108 46.55 -50.85 -93.13
C GLY KA 108 47.54 -51.10 -91.99
N PRO KA 109 48.44 -52.09 -92.12
CA PRO KA 109 49.60 -52.26 -91.25
C PRO KA 109 50.54 -51.06 -91.25
N ASN KA 110 51.38 -50.92 -90.24
CA ASN KA 110 52.39 -49.84 -90.18
C ASN KA 110 53.37 -49.94 -91.36
N GLN KA 111 53.50 -48.88 -92.16
CA GLN KA 111 54.39 -48.87 -93.33
C GLN KA 111 55.83 -48.42 -93.05
N SER KA 112 56.21 -48.14 -91.80
CA SER KA 112 57.56 -47.69 -91.43
C SER KA 112 58.16 -48.50 -90.28
N ALA KA 113 59.43 -48.82 -90.38
CA ALA KA 113 60.14 -49.64 -89.39
C ALA KA 113 60.77 -48.85 -88.23
N THR KA 114 60.86 -47.51 -88.32
CA THR KA 114 61.59 -46.72 -87.32
C THR KA 114 60.85 -46.64 -85.98
N PRO KA 115 61.54 -46.69 -84.84
CA PRO KA 115 60.93 -46.52 -83.52
C PRO KA 115 60.17 -45.20 -83.42
N GLY KA 116 58.96 -45.23 -82.86
CA GLY KA 116 58.17 -44.04 -82.57
C GLY KA 116 57.44 -43.42 -83.74
N ILE KA 117 57.34 -44.09 -84.89
CA ILE KA 117 56.66 -43.57 -86.09
C ILE KA 117 55.72 -44.61 -86.69
N PHE KA 118 54.53 -44.17 -87.08
CA PHE KA 118 53.58 -44.96 -87.85
C PHE KA 118 53.27 -44.23 -89.15
N GLY KA 119 53.65 -44.79 -90.29
CA GLY KA 119 53.50 -44.13 -91.60
C GLY KA 119 52.43 -44.77 -92.46
N VAL KA 120 51.85 -44.04 -93.41
CA VAL KA 120 50.85 -44.57 -94.35
C VAL KA 120 51.23 -44.33 -95.80
N LYS KA 121 51.02 -45.33 -96.66
CA LYS KA 121 51.24 -45.24 -98.11
C LYS KA 121 49.96 -44.81 -98.82
N SER KA 122 50.11 -44.15 -99.96
CA SER KA 122 49.01 -43.72 -100.82
C SER KA 122 48.29 -44.91 -101.47
N GLY KA 123 47.05 -44.69 -101.92
CA GLY KA 123 46.23 -45.72 -102.56
C GLY KA 123 45.53 -46.65 -101.57
N SER KA 124 44.90 -47.70 -102.09
CA SER KA 124 44.15 -48.69 -101.30
C SER KA 124 45.07 -49.65 -100.55
N VAL KA 125 44.51 -50.35 -99.58
CA VAL KA 125 45.15 -51.48 -98.87
C VAL KA 125 44.10 -52.53 -98.52
N VAL KA 126 44.51 -53.79 -98.43
CA VAL KA 126 43.66 -54.91 -98.05
C VAL KA 126 43.95 -55.25 -96.60
N ASN KA 127 42.93 -55.16 -95.75
CA ASN KA 127 43.04 -55.28 -94.31
C ASN KA 127 41.82 -56.05 -93.81
N GLU KA 128 41.95 -57.35 -93.63
CA GLU KA 128 40.81 -58.24 -93.45
C GLU KA 128 41.02 -59.16 -92.26
N ARG KA 129 39.98 -59.33 -91.45
CA ARG KA 129 40.04 -60.00 -90.14
C ARG KA 129 38.75 -60.72 -89.87
N ALA KA 130 38.77 -61.77 -89.06
CA ALA KA 130 37.55 -62.23 -88.42
C ALA KA 130 37.19 -61.22 -87.34
N LEU KA 131 35.91 -61.01 -87.05
CA LEU KA 131 35.51 -60.19 -85.91
C LEU KA 131 34.39 -60.82 -85.12
N LEU KA 132 34.51 -60.75 -83.81
CA LEU KA 132 33.53 -61.20 -82.83
C LEU KA 132 33.10 -59.98 -82.05
N ILE KA 133 31.80 -59.75 -81.94
CA ILE KA 133 31.21 -58.74 -81.08
C ILE KA 133 30.41 -59.46 -80.03
N VAL KA 134 30.59 -59.15 -78.75
CA VAL KA 134 29.75 -59.68 -77.69
C VAL KA 134 28.92 -58.55 -77.13
N ILE KA 135 27.59 -58.65 -77.21
CA ILE KA 135 26.66 -57.59 -76.82
C ILE KA 135 26.01 -58.01 -75.51
N VAL KA 136 26.13 -57.18 -74.47
CA VAL KA 136 25.85 -57.56 -73.08
C VAL KA 136 24.63 -56.84 -72.54
N ASP KA 137 23.76 -57.56 -71.84
CA ASP KA 137 22.54 -57.07 -71.17
C ASP KA 137 22.19 -58.09 -70.08
N ASN KA 138 21.90 -57.70 -68.83
CA ASN KA 138 21.73 -58.68 -67.74
C ASN KA 138 22.91 -59.68 -67.69
N ASP KA 139 22.62 -60.96 -67.83
CA ASP KA 139 23.54 -62.06 -68.10
C ASP KA 139 23.23 -62.73 -69.46
N VAL KA 140 22.45 -62.08 -70.32
CA VAL KA 140 22.38 -62.35 -71.76
C VAL KA 140 23.68 -61.88 -72.40
N ARG KA 141 24.20 -62.64 -73.36
CA ARG KA 141 25.42 -62.31 -74.11
C ARG KA 141 25.26 -62.67 -75.57
N LEU KA 142 24.40 -61.96 -76.29
CA LEU KA 142 24.22 -62.18 -77.72
C LEU KA 142 25.54 -61.90 -78.44
N GLY KA 143 26.23 -62.95 -78.86
CA GLY KA 143 27.45 -62.85 -79.64
C GLY KA 143 27.13 -62.68 -81.11
N PHE KA 144 28.03 -62.06 -81.86
CA PHE KA 144 27.96 -61.95 -83.31
C PHE KA 144 29.33 -62.26 -83.88
N HIS KA 145 29.45 -63.11 -84.88
CA HIS KA 145 30.74 -63.53 -85.41
C HIS KA 145 30.77 -63.54 -86.92
N ALA KA 146 31.74 -62.90 -87.54
CA ALA KA 146 31.98 -62.97 -88.97
C ALA KA 146 33.35 -63.57 -89.25
N ARG KA 147 33.44 -64.68 -90.00
CA ARG KA 147 34.74 -65.32 -90.25
C ARG KA 147 35.64 -64.49 -91.15
N LYS KA 148 35.12 -63.58 -91.95
CA LYS KA 148 35.89 -62.64 -92.75
C LYS KA 148 35.14 -61.33 -92.91
N ALA KA 149 35.74 -60.26 -92.43
CA ALA KA 149 35.28 -58.91 -92.64
C ALA KA 149 36.41 -58.10 -93.26
N SER KA 150 36.08 -57.20 -94.17
CA SER KA 150 37.04 -56.29 -94.78
C SER KA 150 36.92 -54.92 -94.14
N LEU KA 151 37.98 -54.40 -93.55
CA LEU KA 151 37.94 -53.19 -92.74
C LEU KA 151 38.31 -51.97 -93.58
N LYS KA 152 37.62 -50.85 -93.40
CA LYS KA 152 37.84 -49.60 -94.15
C LYS KA 152 37.71 -48.38 -93.24
N ARG KA 153 38.32 -47.25 -93.61
CA ARG KA 153 38.04 -45.95 -92.98
C ARG KA 153 36.61 -45.53 -93.31
N GLU KA 154 35.77 -45.29 -92.32
CA GLU KA 154 34.38 -44.84 -92.55
C GLU KA 154 34.26 -43.32 -92.64
N ASP KA 155 35.12 -42.59 -91.93
CA ASP KA 155 35.27 -41.14 -91.95
C ASP KA 155 36.68 -40.79 -91.42
N ALA KA 156 37.18 -39.59 -91.64
CA ALA KA 156 38.50 -39.21 -91.14
C ALA KA 156 38.56 -39.19 -89.60
N ILE KA 157 39.78 -39.20 -89.05
CA ILE KA 157 40.00 -39.13 -87.59
C ILE KA 157 39.32 -37.89 -87.02
N SER KA 158 38.52 -38.08 -85.98
CA SER KA 158 37.83 -36.99 -85.30
C SER KA 158 38.62 -36.55 -84.09
N LEU KA 159 38.87 -35.24 -83.97
CA LEU KA 159 39.49 -34.61 -82.81
C LEU KA 159 38.59 -33.46 -82.35
N ALA KA 160 38.39 -33.34 -81.05
CA ALA KA 160 37.56 -32.28 -80.46
C ALA KA 160 38.08 -31.91 -79.09
N THR KA 161 37.84 -30.67 -78.67
CA THR KA 161 38.41 -30.08 -77.46
C THR KA 161 37.73 -30.55 -76.16
N ASP KA 162 36.56 -31.18 -76.22
CA ASP KA 162 35.82 -31.65 -75.04
C ASP KA 162 34.99 -32.93 -75.31
N GLU KA 163 35.29 -33.65 -76.38
CA GLU KA 163 34.71 -34.95 -76.74
C GLU KA 163 35.87 -35.85 -77.19
N PHE KA 164 35.91 -37.11 -76.81
CA PHE KA 164 37.11 -37.93 -77.05
C PHE KA 164 37.42 -38.10 -78.54
N GLY KA 165 38.71 -38.15 -78.88
CA GLY KA 165 39.13 -38.40 -80.24
C GLY KA 165 38.71 -39.80 -80.71
N ALA KA 166 38.40 -39.97 -81.99
CA ALA KA 166 37.85 -41.22 -82.50
C ALA KA 166 38.37 -41.58 -83.89
N LEU KA 167 38.52 -42.88 -84.15
CA LEU KA 167 38.93 -43.45 -85.42
C LEU KA 167 37.83 -44.37 -85.94
N PRO KA 168 36.86 -43.88 -86.72
CA PRO KA 168 35.83 -44.73 -87.29
C PRO KA 168 36.41 -45.80 -88.20
N VAL KA 169 35.98 -47.05 -88.05
CA VAL KA 169 36.22 -48.13 -89.01
C VAL KA 169 34.92 -48.80 -89.36
N ARG KA 170 34.74 -49.18 -90.62
CA ARG KA 170 33.61 -49.97 -91.09
C ARG KA 170 34.11 -51.34 -91.46
N ALA KA 171 33.49 -52.37 -90.92
CA ALA KA 171 33.81 -53.75 -91.24
C ALA KA 171 32.70 -54.32 -92.12
N THR KA 172 32.98 -54.60 -93.39
CA THR KA 172 32.00 -55.15 -94.34
C THR KA 172 32.15 -56.67 -94.41
N PHE KA 173 31.08 -57.43 -94.24
CA PHE KA 173 31.15 -58.88 -94.20
C PHE KA 173 31.28 -59.49 -95.59
N LEU KA 174 32.08 -60.55 -95.74
CA LEU KA 174 32.32 -61.24 -97.01
C LEU KA 174 32.25 -62.76 -96.80
N ASP KA 175 31.96 -63.53 -97.85
CA ASP KA 175 31.98 -65.00 -97.77
C ASP KA 175 33.42 -65.51 -97.60
N TYR KA 176 33.62 -66.55 -96.80
CA TYR KA 176 34.91 -67.22 -96.66
C TYR KA 176 34.73 -68.74 -96.79
N GLN KA 177 35.18 -69.30 -97.91
CA GLN KA 177 35.01 -70.71 -98.25
C GLN KA 177 33.58 -71.22 -97.96
N SER KA 178 33.42 -72.35 -97.27
CA SER KA 178 32.12 -72.99 -97.01
C SER KA 178 31.22 -72.25 -96.04
N TYR KA 179 31.74 -71.32 -95.23
CA TYR KA 179 31.06 -70.79 -94.06
C TYR KA 179 29.94 -69.79 -94.34
N ASN KA 180 29.14 -69.52 -93.32
CA ASN KA 180 28.14 -68.46 -93.29
C ASN KA 180 28.78 -67.07 -93.40
N LEU KA 181 28.00 -66.09 -93.83
CA LEU KA 181 28.44 -64.70 -93.95
C LEU KA 181 28.75 -64.14 -92.56
N TYR KA 182 27.85 -64.38 -91.60
CA TYR KA 182 28.02 -64.15 -90.17
C TYR KA 182 27.02 -64.97 -89.37
N GLU KA 183 27.25 -65.11 -88.07
CA GLU KA 183 26.45 -65.93 -87.17
C GLU KA 183 26.16 -65.19 -85.88
N TRP KA 184 24.96 -65.36 -85.35
CA TRP KA 184 24.57 -64.89 -84.02
C TRP KA 184 24.64 -66.05 -83.06
N ILE KA 185 25.26 -65.86 -81.90
CA ILE KA 185 25.57 -66.92 -80.96
C ILE KA 185 24.88 -66.62 -79.63
N GLU KA 186 23.98 -67.49 -79.19
CA GLU KA 186 23.41 -67.47 -77.84
C GLU KA 186 22.72 -68.81 -77.54
N GLU KA 187 23.10 -69.52 -76.48
CA GLU KA 187 22.69 -70.92 -76.32
C GLU KA 187 21.19 -71.10 -76.07
N ASP KA 188 20.58 -70.20 -75.29
CA ASP KA 188 19.21 -70.33 -74.86
C ASP KA 188 18.18 -69.97 -75.95
N TRP KA 189 18.59 -69.30 -77.02
CA TRP KA 189 17.67 -68.65 -77.97
C TRP KA 189 17.56 -69.36 -79.32
N PHE KA 190 18.65 -69.86 -79.88
CA PHE KA 190 18.71 -70.37 -81.25
C PHE KA 190 18.88 -71.89 -81.28
N ASN KA 191 18.10 -72.63 -82.09
CA ASN KA 191 18.16 -74.10 -82.15
C ASN KA 191 17.95 -74.80 -80.79
N ALA KA 192 17.34 -74.13 -79.82
CA ALA KA 192 17.00 -74.71 -78.50
C ALA KA 192 15.80 -75.66 -78.58
N VAL KA 193 15.61 -76.47 -77.54
CA VAL KA 193 14.43 -77.33 -77.37
C VAL KA 193 13.14 -76.54 -77.17
N ASP KA 194 11.98 -77.16 -77.42
CA ASP KA 194 10.68 -76.46 -77.48
C ASP KA 194 10.29 -75.72 -76.19
N ALA KA 195 10.66 -76.27 -75.02
CA ALA KA 195 10.40 -75.72 -73.69
C ALA KA 195 8.95 -75.20 -73.49
N PRO KA 196 7.91 -76.05 -73.64
CA PRO KA 196 6.52 -75.64 -73.54
C PRO KA 196 6.18 -75.13 -72.14
N VAL KA 197 5.34 -74.09 -72.05
CA VAL KA 197 4.96 -73.49 -70.77
C VAL KA 197 4.07 -74.43 -69.95
N VAL KA 198 4.39 -74.56 -68.66
CA VAL KA 198 3.56 -75.27 -67.68
C VAL KA 198 3.40 -74.42 -66.43
N TYR KA 199 2.23 -74.47 -65.81
CA TYR KA 199 1.92 -73.73 -64.60
C TYR KA 199 1.93 -74.68 -63.41
N LEU KA 200 2.74 -74.36 -62.41
CA LEU KA 200 2.71 -74.99 -61.10
C LEU KA 200 1.49 -74.48 -60.35
N LEU KA 201 0.62 -75.41 -59.97
CA LEU KA 201 -0.46 -75.24 -59.03
C LEU KA 201 -0.08 -75.93 -57.71
N ASP KA 202 -0.19 -75.23 -56.58
CA ASP KA 202 -0.23 -75.90 -55.28
C ASP KA 202 -1.23 -75.24 -54.33
N LEU KA 203 -1.68 -76.03 -53.36
CA LEU KA 203 -2.83 -75.73 -52.54
C LEU KA 203 -2.56 -74.68 -51.44
N GLY KA 204 -1.30 -74.29 -51.20
CA GLY KA 204 -0.93 -73.51 -50.02
C GLY KA 204 -1.33 -74.23 -48.72
N GLY KA 205 -2.14 -73.59 -47.88
CA GLY KA 205 -2.85 -74.23 -46.77
C GLY KA 205 -3.91 -75.22 -47.28
N ALA KA 206 -3.58 -76.51 -47.22
CA ALA KA 206 -4.39 -77.61 -47.75
C ALA KA 206 -5.52 -78.03 -46.79
N THR KA 207 -6.44 -77.11 -46.47
CA THR KA 207 -7.67 -77.41 -45.71
C THR KA 207 -8.80 -76.43 -46.08
N GLY KA 208 -9.92 -76.96 -46.56
CA GLY KA 208 -11.07 -76.20 -47.04
C GLY KA 208 -11.03 -75.92 -48.55
N GLY KA 209 -12.08 -76.33 -49.27
CA GLY KA 209 -12.21 -76.25 -50.73
C GLY KA 209 -12.59 -74.84 -51.23
N ASP KA 210 -11.80 -73.86 -50.83
CA ASP KA 210 -12.24 -72.46 -50.69
C ASP KA 210 -11.49 -71.50 -51.64
N TYR KA 211 -11.22 -71.93 -52.88
CA TYR KA 211 -10.53 -71.13 -53.90
C TYR KA 211 -11.09 -71.34 -55.31
N THR KA 212 -10.74 -70.44 -56.23
CA THR KA 212 -11.11 -70.54 -57.65
C THR KA 212 -9.92 -70.24 -58.57
N LEU KA 213 -9.75 -71.03 -59.63
CA LEU KA 213 -8.87 -70.71 -60.75
C LEU KA 213 -9.60 -69.91 -61.83
N LEU KA 214 -8.85 -69.15 -62.62
CA LEU KA 214 -9.33 -68.51 -63.83
C LEU KA 214 -8.38 -68.75 -65.01
N VAL KA 215 -8.95 -68.78 -66.21
CA VAL KA 215 -8.32 -69.16 -67.48
C VAL KA 215 -8.56 -68.03 -68.49
N GLY KA 216 -7.53 -67.37 -69.04
CA GLY KA 216 -7.78 -66.23 -69.94
C GLY KA 216 -8.66 -65.12 -69.35
N GLY KA 217 -8.77 -65.02 -68.02
CA GLY KA 217 -9.66 -64.11 -67.30
C GLY KA 217 -11.04 -64.65 -66.91
N LYS KA 218 -11.39 -65.91 -67.21
CA LYS KA 218 -12.71 -66.50 -66.92
C LYS KA 218 -12.62 -67.53 -65.80
N SER KA 219 -13.43 -67.40 -64.74
CA SER KA 219 -13.37 -68.27 -63.56
C SER KA 219 -13.96 -69.68 -63.81
N THR KA 220 -13.32 -70.70 -63.25
CA THR KA 220 -13.83 -72.09 -63.20
C THR KA 220 -14.94 -72.30 -62.17
N GLY KA 221 -15.11 -71.35 -61.23
CA GLY KA 221 -15.91 -71.55 -60.01
C GLY KA 221 -15.08 -72.16 -58.87
N ASP KA 222 -15.73 -72.58 -57.80
CA ASP KA 222 -15.07 -73.07 -56.57
C ASP KA 222 -14.48 -74.48 -56.74
N ILE KA 223 -13.31 -74.73 -56.17
CA ILE KA 223 -12.55 -75.99 -56.32
C ILE KA 223 -12.20 -76.61 -54.95
N ALA KA 224 -12.33 -77.94 -54.83
CA ALA KA 224 -12.02 -78.69 -53.62
C ALA KA 224 -10.50 -78.77 -53.31
N TYR KA 225 -10.15 -78.99 -52.05
CA TYR KA 225 -8.75 -79.13 -51.60
C TYR KA 225 -8.20 -80.56 -51.72
N ASN KA 226 -8.96 -81.51 -52.28
CA ASN KA 226 -8.52 -82.87 -52.57
C ASN KA 226 -7.73 -82.95 -53.89
N ALA KA 227 -6.87 -83.97 -54.04
CA ALA KA 227 -6.00 -84.18 -55.20
C ALA KA 227 -6.73 -84.76 -56.45
N ASN KA 228 -7.89 -84.20 -56.79
CA ASN KA 228 -8.83 -84.73 -57.79
C ASN KA 228 -8.45 -84.38 -59.25
N ALA KA 229 -7.28 -84.80 -59.72
CA ALA KA 229 -6.66 -84.39 -61.00
C ALA KA 229 -7.61 -84.36 -62.22
N SER KA 230 -8.30 -85.47 -62.52
CA SER KA 230 -9.21 -85.52 -63.67
C SER KA 230 -10.44 -84.62 -63.51
N ALA KA 231 -10.88 -84.37 -62.27
CA ALA KA 231 -11.99 -83.46 -61.99
C ALA KA 231 -11.54 -81.99 -62.12
N ILE KA 232 -10.35 -81.60 -61.65
CA ILE KA 232 -9.84 -80.23 -61.90
C ILE KA 232 -9.55 -80.01 -63.40
N LYS KA 233 -9.03 -80.99 -64.13
CA LYS KA 233 -8.95 -80.92 -65.60
C LYS KA 233 -10.32 -80.72 -66.24
N THR KA 234 -11.33 -81.47 -65.79
CA THR KA 234 -12.70 -81.33 -66.30
C THR KA 234 -13.33 -79.97 -65.97
N ALA KA 235 -12.94 -79.34 -64.86
CA ALA KA 235 -13.37 -77.99 -64.49
C ALA KA 235 -12.57 -76.86 -65.16
N ILE KA 236 -11.33 -77.11 -65.62
CA ILE KA 236 -10.58 -76.19 -66.49
C ILE KA 236 -11.12 -76.23 -67.92
N GLY KA 237 -11.55 -77.39 -68.42
CA GLY KA 237 -12.55 -77.45 -69.50
C GLY KA 237 -13.91 -76.88 -69.04
N ALA KA 238 -14.87 -76.73 -69.95
CA ALA KA 238 -16.24 -76.30 -69.61
C ALA KA 238 -16.34 -74.94 -68.88
N VAL KA 239 -15.35 -74.05 -69.06
CA VAL KA 239 -15.41 -72.63 -68.65
C VAL KA 239 -16.30 -71.79 -69.60
N ASP KA 240 -16.87 -72.42 -70.63
CA ASP KA 240 -17.62 -71.82 -71.74
C ASP KA 240 -16.74 -70.85 -72.53
N ASP KA 241 -15.49 -71.29 -72.76
CA ASP KA 241 -14.36 -70.41 -73.06
C ASP KA 241 -14.08 -70.25 -74.56
N GLY KA 242 -14.05 -71.36 -75.30
CA GLY KA 242 -13.59 -71.42 -76.68
C GLY KA 242 -12.72 -72.66 -76.98
N VAL KA 243 -12.11 -73.23 -75.94
CA VAL KA 243 -11.25 -74.43 -75.99
C VAL KA 243 -11.95 -75.61 -75.34
N ALA KA 244 -11.94 -76.75 -76.02
CA ALA KA 244 -12.49 -78.00 -75.50
C ALA KA 244 -11.60 -78.63 -74.42
N GLU KA 245 -12.21 -79.40 -73.51
CA GLU KA 245 -11.55 -80.09 -72.40
C GLU KA 245 -10.44 -81.05 -72.86
N SER KA 246 -10.51 -81.54 -74.10
CA SER KA 246 -9.52 -82.43 -74.72
C SER KA 246 -8.13 -81.80 -74.90
N ALA KA 247 -8.01 -80.48 -74.96
CA ALA KA 247 -6.75 -79.80 -75.25
C ALA KA 247 -5.84 -79.61 -74.01
N TRP KA 248 -6.41 -79.58 -72.82
CA TRP KA 248 -5.70 -79.35 -71.56
C TRP KA 248 -4.96 -80.60 -71.05
N THR KA 249 -3.96 -80.39 -70.19
CA THR KA 249 -3.24 -81.49 -69.52
C THR KA 249 -2.99 -81.17 -68.06
N VAL KA 250 -2.95 -82.20 -67.22
CA VAL KA 250 -2.52 -82.13 -65.82
C VAL KA 250 -1.63 -83.33 -65.49
N THR KA 251 -0.58 -83.13 -64.70
CA THR KA 251 0.28 -84.22 -64.24
C THR KA 251 -0.40 -85.09 -63.18
N ALA KA 252 -0.02 -86.37 -63.11
CA ALA KA 252 -0.48 -87.32 -62.09
C ALA KA 252 0.20 -87.10 -60.70
N ASP KA 253 0.42 -85.84 -60.33
CA ASP KA 253 1.17 -85.43 -59.13
C ASP KA 253 0.31 -85.41 -57.84
N GLY KA 254 0.95 -85.12 -56.70
CA GLY KA 254 0.34 -85.16 -55.35
C GLY KA 254 -0.33 -83.85 -54.92
N SER KA 255 0.23 -83.19 -53.89
CA SER KA 255 -0.22 -81.87 -53.42
C SER KA 255 0.18 -80.74 -54.38
N ASP KA 256 1.21 -80.96 -55.20
CA ASP KA 256 1.56 -80.15 -56.37
C ASP KA 256 0.83 -80.66 -57.63
N PHE KA 257 0.62 -79.77 -58.60
CA PHE KA 257 0.24 -80.14 -59.97
C PHE KA 257 0.97 -79.25 -60.98
N GLU KA 258 1.37 -79.82 -62.11
CA GLU KA 258 1.65 -79.05 -63.31
C GLU KA 258 0.41 -79.12 -64.21
N ILE KA 259 -0.06 -77.96 -64.69
CA ILE KA 259 -1.10 -77.89 -65.72
C ILE KA 259 -0.54 -77.16 -66.94
N SER KA 260 -0.96 -77.58 -68.12
CA SER KA 260 -0.55 -76.94 -69.38
C SER KA 260 -1.61 -77.12 -70.45
N GLY KA 261 -1.75 -76.12 -71.33
CA GLY KA 261 -2.80 -76.08 -72.34
C GLY KA 261 -2.82 -74.75 -73.08
N PRO KA 262 -3.83 -74.50 -73.92
CA PRO KA 262 -3.78 -73.38 -74.85
C PRO KA 262 -3.91 -71.97 -74.25
N LEU KA 263 -4.30 -71.81 -72.98
CA LEU KA 263 -4.50 -70.50 -72.36
C LEU KA 263 -3.72 -70.33 -71.05
N ALA KA 264 -3.41 -69.09 -70.67
CA ALA KA 264 -2.79 -68.80 -69.39
C ALA KA 264 -3.76 -68.99 -68.21
N VAL KA 265 -3.24 -69.47 -67.07
CA VAL KA 265 -4.00 -69.79 -65.85
C VAL KA 265 -3.49 -68.98 -64.65
N ALA KA 266 -4.38 -68.59 -63.76
CA ALA KA 266 -4.05 -67.94 -62.48
C ALA KA 266 -5.14 -68.22 -61.42
N LEU KA 267 -4.88 -67.97 -60.15
CA LEU KA 267 -5.96 -67.95 -59.14
C LEU KA 267 -6.79 -66.67 -59.28
N GLY KA 268 -8.11 -66.78 -59.11
CA GLY KA 268 -9.02 -65.63 -59.09
C GLY KA 268 -9.24 -65.10 -57.67
N VAL KA 269 -9.58 -66.00 -56.74
CA VAL KA 269 -9.72 -65.75 -55.29
C VAL KA 269 -9.28 -67.02 -54.55
N ASP KA 270 -8.66 -66.87 -53.39
CA ASP KA 270 -8.39 -67.97 -52.46
C ASP KA 270 -8.70 -67.62 -51.02
N SER KA 271 -9.25 -68.58 -50.28
CA SER KA 271 -9.69 -68.41 -48.88
C SER KA 271 -9.58 -69.71 -48.06
N THR KA 272 -8.69 -70.63 -48.48
CA THR KA 272 -8.38 -71.88 -47.77
C THR KA 272 -7.66 -71.61 -46.44
N THR KA 273 -7.41 -72.66 -45.65
CA THR KA 273 -6.99 -72.52 -44.24
C THR KA 273 -5.83 -73.44 -43.87
N GLY KA 274 -5.18 -73.17 -42.75
CA GLY KA 274 -4.09 -74.00 -42.19
C GLY KA 274 -2.71 -73.78 -42.83
N GLY KA 275 -2.50 -72.71 -43.58
CA GLY KA 275 -1.21 -72.40 -44.20
C GLY KA 275 -1.23 -71.17 -45.12
N SER KA 276 -0.25 -71.12 -46.03
CA SER KA 276 -0.05 -70.06 -47.02
C SER KA 276 -1.22 -69.90 -48.00
N GLY KA 277 -1.24 -68.80 -48.76
CA GLY KA 277 -2.15 -68.66 -49.91
C GLY KA 277 -1.87 -69.69 -51.02
N VAL KA 278 -2.87 -69.92 -51.88
CA VAL KA 278 -2.79 -70.83 -53.04
C VAL KA 278 -1.70 -70.37 -54.01
N THR KA 279 -0.99 -71.31 -54.63
CA THR KA 279 0.09 -71.03 -55.58
C THR KA 279 -0.36 -71.33 -57.00
N VAL KA 280 -0.24 -70.37 -57.91
CA VAL KA 280 -0.36 -70.58 -59.36
C VAL KA 280 0.69 -69.75 -60.08
N ASP KA 281 1.74 -70.39 -60.60
CA ASP KA 281 2.90 -69.69 -61.18
C ASP KA 281 3.60 -70.51 -62.27
N VAL KA 282 4.32 -69.84 -63.18
CA VAL KA 282 5.03 -70.46 -64.32
C VAL KA 282 6.30 -71.18 -63.86
N VAL KA 283 6.55 -72.38 -64.38
CA VAL KA 283 7.79 -73.17 -64.18
C VAL KA 283 8.91 -72.71 -65.11
N ALA LA 2 61.99 -42.92 -118.36
CA ALA LA 2 61.80 -42.74 -116.91
C ALA LA 2 60.55 -41.92 -116.62
N LEU LA 3 59.97 -42.04 -115.42
CA LEU LA 3 58.88 -41.18 -114.94
C LEU LA 3 59.40 -39.75 -114.76
N LYS LA 4 58.72 -38.77 -115.37
CA LYS LA 4 58.98 -37.34 -115.20
C LYS LA 4 57.69 -36.64 -114.87
N ASP LA 5 57.35 -36.58 -113.59
CA ASP LA 5 56.21 -35.81 -113.10
C ASP LA 5 56.35 -34.30 -113.34
N ASP LA 6 57.54 -33.80 -113.67
CA ASP LA 6 57.72 -32.45 -114.21
C ASP LA 6 57.05 -32.24 -115.57
N ALA LA 7 56.83 -33.30 -116.35
CA ALA LA 7 56.43 -33.26 -117.75
C ALA LA 7 54.98 -33.68 -118.00
N VAL LA 8 54.19 -33.86 -116.94
CA VAL LA 8 52.75 -34.16 -117.02
C VAL LA 8 51.99 -32.86 -117.21
N LEU LA 9 51.65 -32.54 -118.46
CA LEU LA 9 51.16 -31.21 -118.88
C LEU LA 9 49.68 -30.96 -118.55
N ILE LA 10 49.38 -29.85 -117.88
CA ILE LA 10 48.05 -29.22 -117.82
C ILE LA 10 48.07 -27.95 -118.67
N ALA LA 11 47.16 -27.80 -119.63
CA ALA LA 11 47.18 -26.65 -120.55
C ALA LA 11 46.51 -25.40 -119.94
N ALA LA 12 46.89 -25.00 -118.73
CA ALA LA 12 46.15 -23.99 -117.94
C ALA LA 12 46.02 -22.62 -118.64
N ARG LA 13 47.03 -22.21 -119.40
CA ARG LA 13 47.10 -20.96 -120.15
C ARG LA 13 47.74 -21.23 -121.49
N GLY LA 14 47.53 -20.37 -122.47
CA GLY LA 14 48.27 -20.47 -123.72
C GLY LA 14 48.11 -19.27 -124.63
N TYR LA 15 48.98 -19.18 -125.62
CA TYR LA 15 49.04 -18.07 -126.57
C TYR LA 15 49.26 -18.61 -127.97
N VAL LA 16 48.66 -17.97 -128.98
CA VAL LA 16 48.78 -18.39 -130.38
C VAL LA 16 49.21 -17.21 -131.23
N TYR LA 17 50.23 -17.40 -132.06
CA TYR LA 17 50.81 -16.35 -132.89
C TYR LA 17 50.90 -16.81 -134.34
N THR LA 18 50.89 -15.87 -135.28
CA THR LA 18 51.19 -16.16 -136.69
C THR LA 18 52.14 -15.15 -137.27
N ALA LA 19 52.78 -15.49 -138.39
CA ALA LA 19 53.70 -14.62 -139.11
C ALA LA 19 53.74 -15.01 -140.58
N ALA LA 20 54.41 -14.22 -141.41
CA ALA LA 20 54.66 -14.61 -142.80
C ALA LA 20 55.37 -15.97 -142.86
N VAL LA 21 55.12 -16.74 -143.93
CA VAL LA 21 55.60 -18.12 -144.04
C VAL LA 21 57.12 -18.20 -143.88
N GLY LA 22 57.59 -19.22 -143.17
CA GLY LA 22 59.01 -19.47 -142.95
C GLY LA 22 59.58 -18.82 -141.69
N THR LA 23 58.86 -17.92 -141.03
CA THR LA 23 59.38 -17.14 -139.88
C THR LA 23 59.85 -18.03 -138.73
N ALA LA 24 61.04 -17.77 -138.19
CA ALA LA 24 61.61 -18.56 -137.11
C ALA LA 24 60.97 -18.28 -135.74
N ALA LA 25 60.82 -19.32 -134.92
CA ALA LA 25 60.41 -19.19 -133.52
C ALA LA 25 61.55 -18.69 -132.62
N PRO LA 26 61.27 -18.20 -131.41
CA PRO LA 26 62.26 -18.02 -130.36
C PRO LA 26 62.89 -19.37 -130.00
N THR LA 27 64.20 -19.41 -129.81
CA THR LA 27 64.92 -20.65 -129.47
C THR LA 27 64.52 -21.15 -128.07
N PRO LA 28 64.74 -22.42 -127.71
CA PRO LA 28 64.41 -22.91 -126.38
C PRO LA 28 64.97 -22.05 -125.25
N SER LA 29 66.21 -21.56 -125.37
CA SER LA 29 66.82 -20.69 -124.36
C SER LA 29 66.13 -19.32 -124.23
N GLN LA 30 65.52 -18.81 -125.30
CA GLN LA 30 64.72 -17.59 -125.25
C GLN LA 30 63.31 -17.87 -124.75
N LEU LA 31 62.71 -18.99 -125.12
CA LEU LA 31 61.32 -19.31 -124.79
C LEU LA 31 61.07 -19.31 -123.28
N LYS LA 32 62.05 -19.70 -122.46
CA LYS LA 32 61.94 -19.59 -121.00
C LYS LA 32 61.80 -18.13 -120.51
N LEU LA 33 62.38 -17.16 -121.21
CA LEU LA 33 62.57 -15.77 -120.75
C LEU LA 33 61.62 -14.73 -121.37
N ILE LA 34 61.18 -14.89 -122.62
CA ILE LA 34 60.38 -13.89 -123.35
C ILE LA 34 59.06 -13.53 -122.66
N ASP LA 35 58.53 -12.33 -122.89
CA ASP LA 35 57.19 -11.94 -122.46
C ASP LA 35 56.16 -12.25 -123.54
N LEU LA 36 55.19 -13.10 -123.25
CA LEU LA 36 54.32 -13.67 -124.26
C LEU LA 36 53.27 -12.71 -124.81
N GLU LA 37 52.72 -11.82 -124.01
CA GLU LA 37 51.63 -10.96 -124.48
C GLU LA 37 52.10 -9.70 -125.24
N HIS LA 38 53.40 -9.60 -125.56
CA HIS LA 38 54.01 -8.49 -126.32
C HIS LA 38 55.04 -9.00 -127.34
N PRO LA 39 54.63 -9.62 -128.45
CA PRO LA 39 55.56 -10.23 -129.39
C PRO LA 39 56.41 -9.22 -130.17
N GLU LA 40 56.09 -7.93 -130.17
CA GLU LA 40 56.99 -6.90 -130.69
C GLU LA 40 58.24 -6.67 -129.81
N ALA LA 41 58.28 -7.20 -128.58
CA ALA LA 41 59.45 -7.10 -127.71
C ALA LA 41 60.53 -8.15 -127.99
N TRP LA 42 60.21 -9.23 -128.70
CA TRP LA 42 61.13 -10.32 -128.96
C TRP LA 42 62.21 -9.90 -129.96
N ASP LA 43 63.35 -10.58 -129.98
CA ASP LA 43 64.37 -10.40 -131.03
C ASP LA 43 64.11 -11.23 -132.29
N ARG LA 44 63.26 -12.28 -132.21
CA ARG LA 44 62.64 -12.94 -133.36
C ARG LA 44 61.43 -12.15 -133.84
N THR LA 45 61.66 -11.00 -134.48
CA THR LA 45 60.58 -10.14 -134.95
C THR LA 45 59.70 -10.82 -136.01
N GLY LA 46 58.45 -10.37 -136.11
CA GLY LA 46 57.50 -10.80 -137.15
C GLY LA 46 56.27 -11.54 -136.63
N TRP LA 47 56.29 -12.04 -135.40
CA TRP LA 47 55.13 -12.72 -134.80
C TRP LA 47 54.06 -11.73 -134.32
N ASP LA 48 52.80 -12.00 -134.64
CA ASP LA 48 51.63 -11.27 -134.13
C ASP LA 48 50.70 -12.22 -133.40
N LEU LA 49 50.13 -11.81 -132.27
CA LEU LA 49 49.12 -12.59 -131.56
C LEU LA 49 47.85 -12.71 -132.41
N VAL LA 50 47.21 -13.87 -132.41
CA VAL LA 50 45.98 -14.09 -133.18
C VAL LA 50 44.76 -13.44 -132.58
N GLY LA 51 44.74 -13.20 -131.26
CA GLY LA 51 43.57 -12.71 -130.52
C GLY LA 51 43.20 -13.63 -129.36
N HIS LA 52 42.09 -13.37 -128.69
CA HIS LA 52 41.55 -14.28 -127.68
C HIS LA 52 41.05 -15.57 -128.34
N THR LA 53 41.29 -16.72 -127.73
CA THR LA 53 40.81 -18.02 -128.20
C THR LA 53 40.15 -18.79 -127.05
N SER LA 54 39.06 -19.50 -127.31
CA SER LA 54 38.15 -19.97 -126.26
C SER LA 54 38.84 -20.83 -125.22
N GLU LA 55 38.49 -20.66 -123.94
CA GLU LA 55 39.16 -21.33 -122.82
C GLU LA 55 38.75 -22.79 -122.58
N ASP LA 56 37.69 -23.28 -123.21
CA ASP LA 56 37.20 -24.65 -123.08
C ASP LA 56 37.61 -25.54 -124.26
N ASP LA 57 37.31 -25.13 -125.50
CA ASP LA 57 37.80 -25.78 -126.72
C ASP LA 57 39.22 -25.33 -127.09
N LEU LA 58 40.22 -25.91 -126.41
CA LEU LA 58 41.65 -25.70 -126.70
C LEU LA 58 42.07 -26.29 -128.06
N PRO LA 59 43.25 -25.91 -128.61
CA PRO LA 59 43.78 -26.47 -129.85
C PRO LA 59 43.75 -28.01 -129.93
N GLU LA 60 43.11 -28.55 -130.95
CA GLU LA 60 43.09 -29.99 -131.25
C GLU LA 60 44.19 -30.33 -132.26
N PHE LA 61 45.28 -31.00 -131.85
CA PHE LA 61 46.37 -31.41 -132.74
C PHE LA 61 46.00 -32.69 -133.52
N GLY LA 62 44.93 -32.65 -134.29
CA GLY LA 62 44.42 -33.81 -135.01
C GLY LA 62 45.21 -34.22 -136.26
N PHE LA 63 44.72 -35.26 -136.91
CA PHE LA 63 45.19 -35.73 -138.21
C PHE LA 63 44.08 -36.50 -138.93
N ASP LA 64 44.22 -36.71 -140.24
CA ASP LA 64 43.44 -37.67 -140.99
C ASP LA 64 44.31 -38.44 -141.98
N GLY LA 65 43.82 -39.58 -142.48
CA GLY LA 65 44.66 -40.54 -143.18
C GLY LA 65 45.51 -41.39 -142.21
N GLY LA 66 44.90 -41.87 -141.13
CA GLY LA 66 45.56 -42.74 -140.14
C GLY LA 66 45.72 -44.21 -140.55
N ASP LA 67 45.29 -44.56 -141.76
CA ASP LA 67 45.30 -45.91 -142.34
C ASP LA 67 46.70 -46.28 -142.89
N SER LA 68 46.79 -47.16 -143.90
CA SER LA 68 48.02 -47.48 -144.62
C SER LA 68 47.81 -47.53 -146.13
N GLU LA 69 48.80 -47.05 -146.90
CA GLU LA 69 48.73 -46.84 -148.37
C GLU LA 69 50.11 -46.97 -149.02
N GLU LA 85 45.13 -44.11 -146.71
CA GLU LA 85 45.62 -42.85 -147.28
C GLU LA 85 46.92 -42.39 -146.60
N GLU LA 86 47.60 -41.40 -147.17
CA GLU LA 86 48.77 -40.76 -146.55
C GLU LA 86 48.37 -39.91 -145.34
N ILE LA 87 49.17 -39.95 -144.27
CA ILE LA 87 48.95 -39.16 -143.05
C ILE LA 87 49.04 -37.65 -143.32
N ALA LA 88 48.08 -36.87 -142.83
CA ALA LA 88 48.10 -35.41 -142.91
C ALA LA 88 47.69 -34.77 -141.57
N ASP LA 89 48.43 -33.75 -141.14
CA ASP LA 89 48.35 -33.20 -139.78
C ASP LA 89 47.73 -31.81 -139.76
N TYR LA 90 46.94 -31.52 -138.73
CA TYR LA 90 46.31 -30.22 -138.57
C TYR LA 90 46.23 -29.77 -137.11
N VAL LA 91 45.92 -28.50 -136.90
CA VAL LA 91 45.44 -27.96 -135.62
C VAL LA 91 44.15 -27.21 -135.85
N VAL LA 92 43.14 -27.39 -135.00
CA VAL LA 92 41.96 -26.52 -135.01
C VAL LA 92 42.04 -25.53 -133.86
N ILE LA 93 41.96 -24.23 -134.12
CA ILE LA 93 41.96 -23.17 -133.12
C ILE LA 93 40.59 -22.47 -133.12
N ASN LA 94 39.91 -22.34 -131.98
CA ASN LA 94 38.68 -21.55 -131.88
C ASN LA 94 38.99 -20.10 -131.54
N LEU LA 95 39.05 -19.20 -132.52
CA LEU LA 95 39.21 -17.77 -132.24
C LEU LA 95 37.93 -17.22 -131.61
N THR LA 96 37.99 -16.28 -130.67
CA THR LA 96 36.81 -15.64 -130.07
C THR LA 96 36.93 -14.13 -130.13
N GLN LA 97 37.16 -13.62 -131.33
CA GLN LA 97 37.61 -12.26 -131.58
C GLN LA 97 37.07 -11.85 -132.95
N PHE LA 98 36.22 -10.82 -133.02
CA PHE LA 98 35.63 -10.37 -134.29
C PHE LA 98 36.36 -9.15 -134.87
N ASP LA 99 37.55 -8.87 -134.36
CA ASP LA 99 38.49 -7.88 -134.87
C ASP LA 99 39.02 -8.31 -136.24
N GLU LA 100 39.53 -7.39 -137.05
CA GLU LA 100 40.09 -7.72 -138.36
C GLU LA 100 41.20 -8.75 -138.26
N THR LA 101 42.04 -8.65 -137.23
CA THR LA 101 43.15 -9.59 -137.00
C THR LA 101 42.73 -11.05 -136.82
N ALA LA 102 41.46 -11.34 -136.60
CA ALA LA 102 40.98 -12.71 -136.46
C ALA LA 102 39.98 -13.09 -137.55
N LEU LA 103 39.22 -12.16 -138.13
CA LEU LA 103 38.49 -12.45 -139.37
C LEU LA 103 39.44 -12.76 -140.52
N GLU LA 104 40.61 -12.12 -140.62
CA GLU LA 104 41.57 -12.43 -141.68
C GLU LA 104 42.03 -13.89 -141.69
N LEU LA 105 42.07 -14.56 -140.54
CA LEU LA 105 42.47 -15.96 -140.50
C LEU LA 105 41.30 -16.89 -140.87
N TYR LA 106 40.08 -16.55 -140.47
CA TYR LA 106 38.92 -17.37 -140.81
C TYR LA 106 38.51 -17.19 -142.28
N PHE LA 107 38.28 -15.96 -142.74
CA PHE LA 107 37.78 -15.68 -144.09
C PHE LA 107 38.85 -15.49 -145.16
N GLY LA 108 40.13 -15.39 -144.80
CA GLY LA 108 41.16 -14.87 -145.71
C GLY LA 108 41.21 -13.33 -145.70
N PRO LA 109 42.15 -12.71 -146.41
CA PRO LA 109 42.43 -11.28 -146.29
C PRO LA 109 41.24 -10.41 -146.71
N ASN LA 110 41.12 -9.22 -146.11
CA ASN LA 110 40.01 -8.31 -146.34
C ASN LA 110 39.97 -7.86 -147.80
N GLN LA 111 38.86 -8.11 -148.51
CA GLN LA 111 38.75 -7.78 -149.92
C GLN LA 111 38.05 -6.43 -150.19
N SER LA 112 37.89 -5.58 -149.18
CA SER LA 112 37.34 -4.23 -149.32
C SER LA 112 38.26 -3.18 -148.71
N ALA LA 113 38.45 -2.05 -149.39
CA ALA LA 113 39.39 -1.01 -149.01
C ALA LA 113 38.80 0.08 -148.10
N THR LA 114 37.48 0.16 -147.95
CA THR LA 114 36.82 1.25 -147.20
C THR LA 114 36.96 1.06 -145.69
N PRO LA 115 37.07 2.13 -144.89
CA PRO LA 115 37.18 2.02 -143.45
C PRO LA 115 35.87 1.51 -142.86
N GLY LA 116 35.95 0.69 -141.82
CA GLY LA 116 34.78 0.15 -141.11
C GLY LA 116 34.09 -1.04 -141.77
N ILE LA 117 34.64 -1.60 -142.86
CA ILE LA 117 34.08 -2.78 -143.54
C ILE LA 117 35.14 -3.85 -143.78
N PHE LA 118 34.77 -5.10 -143.55
CA PHE LA 118 35.55 -6.27 -143.96
C PHE LA 118 34.71 -7.08 -144.94
N GLY LA 119 35.18 -7.24 -146.18
CA GLY LA 119 34.38 -7.79 -147.27
C GLY LA 119 34.93 -9.12 -147.78
N VAL LA 120 34.03 -10.07 -148.07
CA VAL LA 120 34.38 -11.44 -148.49
C VAL LA 120 33.92 -11.75 -149.91
N LYS LA 121 34.84 -12.15 -150.79
CA LYS LA 121 34.54 -12.65 -152.13
C LYS LA 121 34.22 -14.15 -152.12
N SER LA 122 33.53 -14.61 -153.15
CA SER LA 122 33.19 -16.02 -153.33
C SER LA 122 34.41 -16.89 -153.69
N GLY LA 123 34.23 -18.21 -153.61
CA GLY LA 123 35.26 -19.19 -153.96
C GLY LA 123 36.36 -19.35 -152.90
N SER LA 124 37.33 -20.21 -153.19
CA SER LA 124 38.49 -20.45 -152.32
C SER LA 124 39.51 -19.32 -152.39
N VAL LA 125 40.31 -19.15 -151.34
CA VAL LA 125 41.44 -18.22 -151.27
C VAL LA 125 42.64 -18.87 -150.58
N VAL LA 126 43.85 -18.65 -151.10
CA VAL LA 126 45.08 -19.13 -150.44
C VAL LA 126 45.38 -18.26 -149.21
N ASN LA 127 45.73 -18.89 -148.09
CA ASN LA 127 45.95 -18.20 -146.82
C ASN LA 127 46.97 -18.97 -146.00
N GLU LA 128 48.26 -18.86 -146.35
CA GLU LA 128 49.34 -19.61 -145.72
C GLU LA 128 50.15 -18.71 -144.79
N ARG LA 129 50.43 -19.19 -143.57
CA ARG LA 129 51.14 -18.45 -142.52
C ARG LA 129 52.03 -19.38 -141.71
N ALA LA 130 53.07 -18.87 -141.07
CA ALA LA 130 53.74 -19.60 -140.00
C ALA LA 130 52.88 -19.57 -138.75
N LEU LA 131 52.99 -20.57 -137.88
CA LEU LA 131 52.18 -20.69 -136.66
C LEU LA 131 53.07 -21.03 -135.48
N LEU LA 132 52.89 -20.34 -134.35
CA LEU LA 132 53.56 -20.65 -133.09
C LEU LA 132 52.49 -20.72 -132.01
N ILE LA 133 52.50 -21.76 -131.20
CA ILE LA 133 51.61 -21.93 -130.06
C ILE LA 133 52.48 -22.12 -128.83
N VAL LA 134 52.21 -21.39 -127.75
CA VAL LA 134 52.92 -21.56 -126.48
C VAL LA 134 51.90 -21.96 -125.42
N ILE LA 135 52.12 -23.10 -124.77
CA ILE LA 135 51.25 -23.65 -123.73
C ILE LA 135 51.95 -23.44 -122.40
N VAL LA 136 51.26 -22.88 -121.41
CA VAL LA 136 51.90 -22.38 -120.19
C VAL LA 136 51.21 -22.92 -118.95
N ASP LA 137 52.00 -23.40 -117.98
CA ASP LA 137 51.52 -23.70 -116.63
C ASP LA 137 52.66 -23.64 -115.62
N ASN LA 138 52.60 -22.66 -114.71
CA ASN LA 138 53.50 -22.55 -113.56
C ASN LA 138 54.99 -22.68 -113.95
N ASP LA 139 55.42 -21.87 -114.91
CA ASP LA 139 56.80 -21.78 -115.43
C ASP LA 139 57.33 -23.00 -116.21
N VAL LA 140 56.54 -24.04 -116.45
CA VAL LA 140 56.72 -24.90 -117.63
C VAL LA 140 56.10 -24.18 -118.83
N ARG LA 141 56.75 -24.20 -120.00
CA ARG LA 141 56.39 -23.32 -121.11
C ARG LA 141 56.55 -23.98 -122.48
N LEU LA 142 56.04 -25.20 -122.67
CA LEU LA 142 56.11 -25.94 -123.93
C LEU LA 142 55.61 -25.12 -125.12
N GLY LA 143 56.44 -24.98 -126.15
CA GLY LA 143 56.09 -24.33 -127.40
C GLY LA 143 55.88 -25.33 -128.54
N PHE LA 144 55.18 -24.91 -129.59
CA PHE LA 144 54.98 -25.64 -130.83
C PHE LA 144 55.11 -24.68 -132.00
N HIS LA 145 55.81 -25.04 -133.07
CA HIS LA 145 56.09 -24.15 -134.19
C HIS LA 145 55.97 -24.84 -135.53
N ALA LA 146 55.36 -24.19 -136.52
CA ALA LA 146 55.29 -24.69 -137.90
C ALA LA 146 55.70 -23.59 -138.89
N ARG LA 147 56.59 -23.91 -139.82
CA ARG LA 147 57.12 -22.96 -140.81
C ARG LA 147 56.06 -22.52 -141.81
N LYS LA 148 55.23 -23.44 -142.27
CA LYS LA 148 54.10 -23.16 -143.17
C LYS LA 148 52.89 -23.95 -142.68
N ALA LA 149 51.76 -23.27 -142.60
CA ALA LA 149 50.47 -23.87 -142.40
C ALA LA 149 49.47 -23.22 -143.35
N SER LA 150 48.55 -23.98 -143.93
CA SER LA 150 47.45 -23.45 -144.73
C SER LA 150 46.21 -23.36 -143.86
N LEU LA 151 45.63 -22.18 -143.72
CA LEU LA 151 44.53 -21.93 -142.80
C LEU LA 151 43.19 -21.94 -143.54
N LYS LA 152 42.21 -22.71 -143.07
CA LYS LA 152 40.87 -22.72 -143.67
C LYS LA 152 39.75 -22.94 -142.65
N ARG LA 153 38.54 -22.52 -142.99
CA ARG LA 153 37.35 -22.54 -142.12
C ARG LA 153 37.03 -23.96 -141.69
N GLU LA 154 36.94 -24.24 -140.39
CA GLU LA 154 36.63 -25.59 -139.91
C GLU LA 154 35.13 -25.84 -139.77
N ASP LA 155 34.35 -24.84 -139.38
CA ASP LA 155 32.92 -24.95 -139.10
C ASP LA 155 32.24 -23.57 -139.12
N ALA LA 156 30.92 -23.52 -139.02
CA ALA LA 156 30.15 -22.28 -138.92
C ALA LA 156 30.62 -21.39 -137.76
N ILE LA 157 30.44 -20.08 -137.86
CA ILE LA 157 30.66 -19.17 -136.74
C ILE LA 157 29.65 -19.50 -135.64
N SER LA 158 30.13 -19.83 -134.45
CA SER LA 158 29.27 -20.03 -133.28
C SER LA 158 28.81 -18.69 -132.73
N LEU LA 159 27.51 -18.51 -132.51
CA LEU LA 159 26.93 -17.38 -131.79
C LEU LA 159 26.00 -17.89 -130.69
N ALA LA 160 26.01 -17.22 -129.55
CA ALA LA 160 25.20 -17.56 -128.38
C ALA LA 160 24.93 -16.31 -127.54
N THR LA 161 23.89 -16.37 -126.71
CA THR LA 161 23.50 -15.26 -125.81
C THR LA 161 24.27 -15.23 -124.49
N ASP LA 162 24.95 -16.31 -124.11
CA ASP LA 162 25.57 -16.49 -122.79
C ASP LA 162 27.03 -16.99 -122.84
N GLU LA 163 27.61 -17.17 -124.03
CA GLU LA 163 28.99 -17.58 -124.27
C GLU LA 163 29.59 -16.75 -125.40
N PHE LA 164 30.91 -16.57 -125.41
CA PHE LA 164 31.58 -15.84 -126.49
C PHE LA 164 31.38 -16.53 -127.83
N GLY LA 165 31.05 -15.77 -128.87
CA GLY LA 165 31.02 -16.29 -130.24
C GLY LA 165 32.41 -16.74 -130.69
N ALA LA 166 32.48 -17.75 -131.56
CA ALA LA 166 33.75 -18.36 -131.95
C ALA LA 166 33.86 -18.63 -133.45
N LEU LA 167 35.02 -18.35 -134.03
CA LEU LA 167 35.39 -18.65 -135.41
C LEU LA 167 36.40 -19.80 -135.42
N PRO LA 168 35.98 -21.06 -135.59
CA PRO LA 168 36.90 -22.18 -135.61
C PRO LA 168 37.65 -22.25 -136.94
N VAL LA 169 38.98 -22.25 -136.90
CA VAL LA 169 39.85 -22.30 -138.08
C VAL LA 169 40.81 -23.48 -137.98
N ARG LA 170 41.01 -24.20 -139.07
CA ARG LA 170 41.92 -25.35 -139.16
C ARG LA 170 43.18 -24.92 -139.87
N ALA LA 171 44.31 -25.04 -139.20
CA ALA LA 171 45.64 -24.92 -139.77
C ALA LA 171 46.12 -26.29 -140.21
N THR LA 172 46.40 -26.51 -141.49
CA THR LA 172 46.95 -27.78 -141.99
C THR LA 172 48.43 -27.60 -142.27
N PHE LA 173 49.30 -28.46 -141.74
CA PHE LA 173 50.75 -28.27 -141.90
C PHE LA 173 51.23 -28.72 -143.27
N LEU LA 174 52.22 -28.01 -143.81
CA LEU LA 174 52.81 -28.25 -145.11
C LEU LA 174 54.33 -28.09 -145.02
N ASP LA 175 55.10 -28.88 -145.75
CA ASP LA 175 56.55 -28.75 -145.77
C ASP LA 175 57.00 -27.41 -146.37
N TYR LA 176 58.09 -26.84 -145.85
CA TYR LA 176 58.73 -25.64 -146.41
C TYR LA 176 60.24 -25.79 -146.42
N GLN LA 177 60.89 -25.49 -147.55
CA GLN LA 177 62.32 -25.75 -147.77
C GLN LA 177 62.68 -27.19 -147.33
N SER LA 178 63.87 -27.40 -146.77
CA SER LA 178 64.30 -28.66 -146.16
C SER LA 178 63.89 -28.81 -144.67
N TYR LA 179 63.16 -27.86 -144.08
CA TYR LA 179 62.80 -27.88 -142.66
C TYR LA 179 61.83 -29.00 -142.30
N ASN LA 180 61.71 -29.29 -141.00
CA ASN LA 180 60.72 -30.21 -140.46
C ASN LA 180 59.29 -29.71 -140.69
N LEU LA 181 58.31 -30.61 -140.66
CA LEU LA 181 56.90 -30.26 -140.87
C LEU LA 181 56.40 -29.32 -139.77
N TYR LA 182 56.72 -29.64 -138.52
CA TYR LA 182 56.55 -28.80 -137.33
C TYR LA 182 57.45 -29.30 -136.20
N GLU LA 183 57.63 -28.50 -135.17
CA GLU LA 183 58.56 -28.76 -134.08
C GLU LA 183 57.96 -28.40 -132.73
N TRP LA 184 58.30 -29.15 -131.68
CA TRP LA 184 57.98 -28.85 -130.30
C TRP LA 184 59.22 -28.29 -129.63
N ILE LA 185 59.07 -27.23 -128.85
CA ILE LA 185 60.18 -26.48 -128.29
C ILE LA 185 60.06 -26.49 -126.78
N GLU LA 186 61.00 -27.11 -126.06
CA GLU LA 186 61.14 -26.98 -124.61
C GLU LA 186 62.53 -27.39 -124.15
N GLU LA 187 63.25 -26.46 -123.53
CA GLU LA 187 64.69 -26.57 -123.29
C GLU LA 187 65.08 -27.73 -122.37
N ASP LA 188 64.27 -28.00 -121.36
CA ASP LA 188 64.60 -28.97 -120.32
C ASP LA 188 64.23 -30.42 -120.69
N TRP LA 189 63.52 -30.65 -121.79
CA TRP LA 189 62.95 -31.95 -122.11
C TRP LA 189 63.63 -32.61 -123.31
N PHE LA 190 63.48 -32.03 -124.51
CA PHE LA 190 63.94 -32.63 -125.75
C PHE LA 190 65.45 -32.47 -125.94
N ASN LA 191 66.19 -33.53 -126.31
CA ASN LA 191 67.64 -33.46 -126.51
C ASN LA 191 68.42 -32.84 -125.31
N ALA LA 192 67.89 -32.91 -124.10
CA ALA LA 192 68.43 -32.20 -122.94
C ALA LA 192 69.85 -32.65 -122.57
N VAL LA 193 70.67 -31.72 -122.09
CA VAL LA 193 72.02 -32.00 -121.60
C VAL LA 193 71.98 -32.82 -120.31
N ASP LA 194 72.85 -33.83 -120.19
CA ASP LA 194 72.88 -34.76 -119.06
C ASP LA 194 73.51 -34.16 -117.79
N ALA LA 195 74.33 -33.12 -117.95
CA ALA LA 195 74.81 -32.25 -116.89
C ALA LA 195 74.94 -30.81 -117.44
N PRO LA 196 74.78 -29.76 -116.63
CA PRO LA 196 74.80 -28.39 -117.11
C PRO LA 196 76.18 -28.03 -117.67
N VAL LA 197 76.21 -27.48 -118.88
CA VAL LA 197 77.43 -27.02 -119.55
C VAL LA 197 78.12 -25.94 -118.74
N VAL LA 198 79.45 -25.95 -118.72
CA VAL LA 198 80.29 -24.96 -118.05
C VAL LA 198 81.21 -24.29 -119.06
N TYR LA 199 81.47 -23.01 -118.90
CA TYR LA 199 82.37 -22.26 -119.77
C TYR LA 199 83.58 -21.82 -118.96
N LEU LA 200 84.77 -21.83 -119.56
CA LEU LA 200 86.02 -21.44 -118.90
C LEU LA 200 86.48 -20.09 -119.43
N LEU LA 201 86.85 -19.19 -118.53
CA LEU LA 201 87.38 -17.88 -118.88
C LEU LA 201 88.83 -18.01 -119.39
N ASP LA 202 89.03 -17.73 -120.68
CA ASP LA 202 90.24 -18.11 -121.41
C ASP LA 202 91.51 -17.32 -121.02
N LEU LA 203 91.40 -16.22 -120.27
CA LEU LA 203 92.41 -15.15 -120.17
C LEU LA 203 93.76 -15.50 -119.50
N GLY LA 204 94.00 -16.75 -119.12
CA GLY LA 204 95.19 -17.15 -118.36
C GLY LA 204 96.51 -16.72 -119.01
N GLY LA 205 97.42 -16.18 -118.19
CA GLY LA 205 98.71 -15.64 -118.65
C GLY LA 205 98.63 -14.29 -119.39
N ALA LA 206 97.49 -13.59 -119.37
CA ALA LA 206 97.43 -12.19 -119.80
C ALA LA 206 98.22 -11.27 -118.84
N THR LA 207 99.02 -10.35 -119.39
CA THR LA 207 99.87 -9.43 -118.61
C THR LA 207 99.11 -8.22 -118.03
N GLY LA 208 97.92 -7.91 -118.53
CA GLY LA 208 97.21 -6.66 -118.28
C GLY LA 208 96.06 -6.44 -119.26
N GLY LA 209 95.37 -5.31 -119.17
CA GLY LA 209 94.29 -4.92 -120.08
C GLY LA 209 92.96 -5.66 -119.87
N ASP LA 210 92.08 -5.62 -120.87
CA ASP LA 210 90.64 -5.91 -120.70
C ASP LA 210 90.11 -7.01 -121.66
N TYR LA 211 89.09 -7.75 -121.22
CA TYR LA 211 88.37 -8.75 -122.01
C TYR LA 211 86.91 -8.32 -122.24
N THR LA 212 86.36 -8.58 -123.43
CA THR LA 212 84.95 -8.34 -123.80
C THR LA 212 84.34 -9.62 -124.35
N LEU LA 213 83.71 -10.41 -123.48
CA LEU LA 213 82.97 -11.60 -123.88
C LEU LA 213 81.55 -11.26 -124.39
N LEU LA 214 80.98 -12.12 -125.22
CA LEU LA 214 79.59 -12.04 -125.66
C LEU LA 214 78.77 -13.07 -124.90
N VAL LA 215 77.64 -12.66 -124.32
CA VAL LA 215 76.71 -13.52 -123.59
C VAL LA 215 75.37 -13.52 -124.32
N GLY LA 216 74.90 -14.70 -124.76
CA GLY LA 216 73.72 -14.81 -125.62
C GLY LA 216 73.81 -13.99 -126.92
N GLY LA 217 75.02 -13.67 -127.39
CA GLY LA 217 75.27 -12.75 -128.50
C GLY LA 217 75.22 -11.26 -128.16
N LYS LA 218 74.86 -10.88 -126.92
CA LYS LA 218 74.94 -9.51 -126.39
C LYS LA 218 76.38 -9.21 -125.95
N SER LA 219 76.89 -7.99 -126.13
CA SER LA 219 78.21 -7.60 -125.61
C SER LA 219 78.21 -7.29 -124.12
N THR LA 220 79.15 -7.82 -123.34
CA THR LA 220 79.25 -7.58 -121.89
C THR LA 220 79.73 -6.18 -121.48
N GLY LA 221 80.19 -5.36 -122.41
CA GLY LA 221 81.07 -4.24 -122.09
C GLY LA 221 82.51 -4.72 -121.95
N ASP LA 222 83.21 -4.39 -120.86
CA ASP LA 222 84.58 -4.88 -120.63
C ASP LA 222 84.91 -5.11 -119.15
N ILE LA 223 85.85 -6.04 -118.90
CA ILE LA 223 86.36 -6.36 -117.56
C ILE LA 223 87.89 -6.47 -117.54
N ALA LA 224 88.51 -6.00 -116.47
CA ALA LA 224 89.96 -6.01 -116.32
C ALA LA 224 90.50 -7.41 -116.00
N TYR LA 225 91.74 -7.69 -116.42
CA TYR LA 225 92.47 -8.92 -116.11
C TYR LA 225 92.51 -9.29 -114.60
N ASN LA 226 92.55 -8.29 -113.71
CA ASN LA 226 92.54 -8.51 -112.26
C ASN LA 226 91.14 -8.80 -111.65
N ALA LA 227 90.06 -8.74 -112.43
CA ALA LA 227 88.70 -8.79 -111.90
C ALA LA 227 88.41 -10.12 -111.16
N ASN LA 228 87.86 -10.02 -109.95
CA ASN LA 228 87.46 -11.18 -109.14
C ASN LA 228 86.09 -11.74 -109.58
N ALA LA 229 85.70 -12.88 -108.99
CA ALA LA 229 84.44 -13.56 -109.29
C ALA LA 229 83.22 -12.63 -109.29
N SER LA 230 83.04 -11.78 -108.28
CA SER LA 230 81.88 -10.88 -108.21
C SER LA 230 81.84 -9.84 -109.34
N ALA LA 231 83.01 -9.36 -109.81
CA ALA LA 231 83.09 -8.43 -110.93
C ALA LA 231 82.81 -9.13 -112.27
N ILE LA 232 83.31 -10.36 -112.46
CA ILE LA 232 82.98 -11.18 -113.64
C ILE LA 232 81.49 -11.53 -113.66
N LYS LA 233 80.93 -12.00 -112.53
CA LYS LA 233 79.49 -12.28 -112.39
C LYS LA 233 78.64 -11.04 -112.65
N THR LA 234 79.09 -9.87 -112.21
CA THR LA 234 78.42 -8.60 -112.54
C THR LA 234 78.42 -8.34 -114.05
N ALA LA 235 79.55 -8.50 -114.73
CA ALA LA 235 79.64 -8.21 -116.16
C ALA LA 235 78.70 -9.06 -117.04
N ILE LA 236 78.57 -10.36 -116.77
CA ILE LA 236 77.60 -11.22 -117.46
C ILE LA 236 76.17 -11.05 -116.95
N GLY LA 237 75.98 -10.57 -115.72
CA GLY LA 237 74.67 -10.48 -115.06
C GLY LA 237 74.06 -9.07 -115.00
N ALA LA 238 74.70 -8.07 -115.59
CA ALA LA 238 74.23 -6.68 -115.59
C ALA LA 238 74.24 -6.01 -116.97
N VAL LA 239 74.89 -6.61 -117.98
CA VAL LA 239 74.85 -6.13 -119.37
C VAL LA 239 74.30 -7.26 -120.24
N ASP LA 240 72.97 -7.31 -120.32
CA ASP LA 240 72.23 -8.50 -120.75
C ASP LA 240 70.81 -8.16 -121.26
N ASP LA 241 70.06 -9.21 -121.59
CA ASP LA 241 68.63 -9.19 -121.83
C ASP LA 241 68.03 -10.48 -121.23
N GLY LA 242 66.81 -10.43 -120.73
CA GLY LA 242 66.09 -11.53 -120.06
C GLY LA 242 66.62 -11.93 -118.67
N VAL LA 243 67.88 -12.34 -118.59
CA VAL LA 243 68.51 -12.95 -117.40
C VAL LA 243 68.86 -11.92 -116.31
N ALA LA 244 69.31 -12.37 -115.13
CA ALA LA 244 69.75 -11.52 -114.01
C ALA LA 244 70.94 -12.13 -113.26
N GLU LA 245 71.67 -11.36 -112.45
CA GLU LA 245 72.85 -11.84 -111.71
C GLU LA 245 72.62 -13.14 -110.93
N SER LA 246 71.46 -13.27 -110.27
CA SER LA 246 71.12 -14.42 -109.44
C SER LA 246 71.00 -15.74 -110.21
N ALA LA 247 70.83 -15.70 -111.53
CA ALA LA 247 70.82 -16.89 -112.37
C ALA LA 247 72.23 -17.39 -112.73
N TRP LA 248 73.22 -16.49 -112.73
CA TRP LA 248 74.61 -16.84 -113.02
C TRP LA 248 75.35 -17.38 -111.79
N THR LA 249 76.42 -18.12 -112.01
CA THR LA 249 77.40 -18.53 -111.00
C THR LA 249 78.78 -18.59 -111.62
N VAL LA 250 79.82 -18.19 -110.88
CA VAL LA 250 81.21 -18.24 -111.33
C VAL LA 250 82.12 -18.59 -110.15
N THR LA 251 83.27 -19.23 -110.41
CA THR LA 251 84.33 -19.40 -109.38
C THR LA 251 85.71 -19.65 -110.03
N ALA LA 252 86.79 -19.42 -109.27
CA ALA LA 252 88.15 -19.44 -109.79
C ALA LA 252 88.75 -20.85 -109.91
N ASP LA 253 89.69 -21.03 -110.84
CA ASP LA 253 90.52 -22.23 -111.03
C ASP LA 253 91.89 -21.83 -111.62
N GLY LA 254 92.91 -21.73 -110.76
CA GLY LA 254 94.23 -21.21 -111.14
C GLY LA 254 94.17 -19.74 -111.57
N SER LA 255 94.65 -19.42 -112.77
CA SER LA 255 94.52 -18.11 -113.41
C SER LA 255 93.10 -17.81 -113.94
N ASP LA 256 92.22 -18.80 -113.99
CA ASP LA 256 90.99 -18.78 -114.78
C ASP LA 256 89.74 -18.82 -113.89
N PHE LA 257 88.55 -18.80 -114.51
CA PHE LA 257 87.26 -18.95 -113.83
C PHE LA 257 86.35 -19.89 -114.61
N GLU LA 258 85.53 -20.67 -113.93
CA GLU LA 258 84.35 -21.29 -114.53
C GLU LA 258 83.17 -20.31 -114.52
N ILE LA 259 82.34 -20.37 -115.57
CA ILE LA 259 81.10 -19.63 -115.74
C ILE LA 259 79.96 -20.62 -115.96
N SER LA 260 78.87 -20.48 -115.21
CA SER LA 260 77.67 -21.32 -115.29
C SER LA 260 76.39 -20.48 -115.28
N GLY LA 261 75.42 -20.78 -116.15
CA GLY LA 261 74.14 -20.06 -116.22
C GLY LA 261 73.32 -20.33 -117.49
N PRO LA 262 72.19 -19.62 -117.68
CA PRO LA 262 71.19 -19.95 -118.70
C PRO LA 262 71.65 -19.79 -120.15
N LEU LA 263 72.28 -18.65 -120.47
CA LEU LA 263 72.71 -18.32 -121.83
C LEU LA 263 74.08 -18.94 -122.15
N ALA LA 264 74.36 -19.18 -123.43
CA ALA LA 264 75.71 -19.49 -123.87
C ALA LA 264 76.61 -18.25 -123.80
N VAL LA 265 77.91 -18.43 -123.53
CA VAL LA 265 78.89 -17.33 -123.44
C VAL LA 265 80.15 -17.67 -124.25
N ALA LA 266 80.71 -16.68 -124.94
CA ALA LA 266 81.81 -16.86 -125.88
C ALA LA 266 82.74 -15.64 -125.90
N LEU LA 267 83.98 -15.80 -126.37
CA LEU LA 267 84.90 -14.68 -126.55
C LEU LA 267 84.37 -13.71 -127.63
N GLY LA 268 84.48 -12.41 -127.39
CA GLY LA 268 84.04 -11.35 -128.31
C GLY LA 268 85.22 -10.55 -128.86
N VAL LA 269 85.84 -9.76 -127.99
CA VAL LA 269 87.05 -8.96 -128.27
C VAL LA 269 88.05 -9.12 -127.14
N ASP LA 270 89.32 -9.28 -127.50
CA ASP LA 270 90.45 -9.28 -126.58
C ASP LA 270 91.19 -7.94 -126.67
N SER LA 271 91.32 -7.25 -125.54
CA SER LA 271 92.04 -5.99 -125.39
C SER LA 271 93.06 -6.08 -124.24
N THR LA 272 93.55 -7.28 -123.96
CA THR LA 272 94.65 -7.52 -123.03
C THR LA 272 95.97 -6.99 -123.59
N THR LA 273 96.93 -6.64 -122.73
CA THR LA 273 98.24 -6.08 -123.11
C THR LA 273 99.25 -7.15 -123.59
N GLY LA 274 98.77 -8.23 -124.20
CA GLY LA 274 99.60 -9.38 -124.58
C GLY LA 274 100.02 -10.25 -123.39
N GLY LA 275 100.95 -11.15 -123.63
CA GLY LA 275 101.09 -12.41 -122.89
C GLY LA 275 100.32 -13.53 -123.59
N SER LA 276 100.08 -14.65 -122.90
CA SER LA 276 99.36 -15.79 -123.49
C SER LA 276 97.89 -15.45 -123.77
N GLY LA 277 97.15 -15.02 -122.74
CA GLY LA 277 95.74 -14.63 -122.84
C GLY LA 277 94.77 -15.76 -123.24
N VAL LA 278 95.22 -17.02 -123.27
CA VAL LA 278 94.47 -18.22 -123.69
C VAL LA 278 94.81 -19.44 -122.81
N THR LA 279 93.81 -20.28 -122.52
CA THR LA 279 93.94 -21.58 -121.85
C THR LA 279 92.92 -22.61 -122.38
N VAL LA 280 91.64 -22.46 -122.04
CA VAL LA 280 90.50 -23.33 -122.43
C VAL LA 280 89.16 -22.57 -122.31
N ASP LA 281 88.13 -22.97 -123.06
CA ASP LA 281 86.86 -22.22 -123.19
C ASP LA 281 85.58 -22.95 -122.74
N VAL LA 282 85.50 -24.29 -122.77
CA VAL LA 282 84.28 -25.05 -122.38
C VAL LA 282 84.59 -26.36 -121.64
N VAL LA 283 83.64 -26.81 -120.83
CA VAL LA 283 83.62 -28.08 -120.07
C VAL LA 283 82.24 -28.74 -120.14
N ALA MA 2 -11.96 -3.45 -104.37
CA ALA MA 2 -12.34 -2.46 -103.34
C ALA MA 2 -12.17 -3.02 -101.92
N LEU MA 3 -11.94 -2.18 -100.92
CA LEU MA 3 -11.52 -2.58 -99.57
C LEU MA 3 -12.69 -2.95 -98.63
N LYS MA 4 -13.59 -3.87 -99.05
CA LYS MA 4 -14.69 -4.37 -98.20
C LYS MA 4 -14.20 -5.32 -97.11
N ASP MA 5 -14.53 -5.04 -95.84
CA ASP MA 5 -14.11 -5.84 -94.69
C ASP MA 5 -14.83 -7.18 -94.56
N ASP MA 6 -16.14 -7.22 -94.82
CA ASP MA 6 -16.99 -8.39 -94.54
C ASP MA 6 -16.77 -9.57 -95.49
N ALA MA 7 -15.94 -9.39 -96.52
CA ALA MA 7 -15.47 -10.45 -97.42
C ALA MA 7 -14.17 -11.14 -96.96
N VAL MA 8 -13.53 -10.66 -95.89
CA VAL MA 8 -12.36 -11.31 -95.29
C VAL MA 8 -12.80 -12.56 -94.51
N LEU MA 9 -12.10 -13.68 -94.66
CA LEU MA 9 -12.55 -14.98 -94.16
C LEU MA 9 -11.49 -15.64 -93.27
N ILE MA 10 -11.92 -16.22 -92.14
CA ILE MA 10 -11.15 -17.21 -91.39
C ILE MA 10 -11.97 -18.49 -91.35
N ALA MA 11 -11.48 -19.60 -91.89
CA ALA MA 11 -12.28 -20.81 -91.94
C ALA MA 11 -12.40 -21.44 -90.55
N ALA MA 12 -13.58 -21.41 -89.93
CA ALA MA 12 -13.73 -21.98 -88.60
C ALA MA 12 -13.77 -23.51 -88.64
N ARG MA 13 -14.62 -24.06 -89.51
CA ARG MA 13 -14.81 -25.49 -89.78
C ARG MA 13 -15.17 -25.71 -91.24
N GLY MA 14 -14.91 -26.88 -91.78
CA GLY MA 14 -15.23 -27.22 -93.17
C GLY MA 14 -16.01 -28.53 -93.24
N TYR MA 15 -17.24 -28.48 -93.71
CA TYR MA 15 -18.01 -29.68 -94.01
C TYR MA 15 -17.68 -30.17 -95.41
N VAL MA 16 -17.63 -31.47 -95.64
CA VAL MA 16 -17.37 -32.05 -96.96
C VAL MA 16 -18.43 -33.07 -97.31
N TYR MA 17 -19.02 -32.94 -98.50
CA TYR MA 17 -20.05 -33.82 -99.01
C TYR MA 17 -19.67 -34.38 -100.37
N THR MA 18 -20.22 -35.54 -100.70
CA THR MA 18 -20.04 -36.17 -102.00
C THR MA 18 -21.36 -36.62 -102.59
N ALA MA 19 -21.41 -36.82 -103.90
CA ALA MA 19 -22.58 -37.34 -104.60
C ALA MA 19 -22.16 -38.02 -105.91
N ALA MA 20 -23.06 -38.73 -106.57
CA ALA MA 20 -22.78 -39.27 -107.90
C ALA MA 20 -22.36 -38.15 -108.87
N VAL MA 21 -21.53 -38.47 -109.87
CA VAL MA 21 -20.94 -37.49 -110.79
C VAL MA 21 -22.01 -36.62 -111.44
N GLY MA 22 -21.76 -35.33 -111.54
CA GLY MA 22 -22.68 -34.37 -112.18
C GLY MA 22 -23.74 -33.76 -111.27
N THR MA 23 -23.92 -34.24 -110.03
CA THR MA 23 -24.97 -33.77 -109.13
C THR MA 23 -24.83 -32.29 -108.81
N ALA MA 24 -25.91 -31.52 -108.89
CA ALA MA 24 -25.91 -30.08 -108.61
C ALA MA 24 -25.83 -29.76 -107.11
N ALA MA 25 -25.05 -28.73 -106.74
CA ALA MA 25 -25.01 -28.22 -105.38
C ALA MA 25 -26.30 -27.46 -105.01
N PRO MA 26 -26.61 -27.23 -103.73
CA PRO MA 26 -27.62 -26.28 -103.31
C PRO MA 26 -27.40 -24.91 -103.96
N THR MA 27 -28.47 -24.19 -104.30
CA THR MA 27 -28.33 -22.86 -104.93
C THR MA 27 -27.75 -21.82 -103.95
N PRO MA 28 -27.18 -20.70 -104.43
CA PRO MA 28 -26.57 -19.70 -103.56
C PRO MA 28 -27.46 -19.16 -102.44
N SER MA 29 -28.77 -19.01 -102.66
CA SER MA 29 -29.70 -18.58 -101.60
C SER MA 29 -30.02 -19.69 -100.63
N GLN MA 30 -30.16 -20.95 -101.09
CA GLN MA 30 -30.37 -22.09 -100.20
C GLN MA 30 -29.18 -22.32 -99.28
N LEU MA 31 -27.96 -22.09 -99.74
CA LEU MA 31 -26.75 -22.33 -98.95
C LEU MA 31 -26.72 -21.52 -97.63
N LYS MA 32 -27.44 -20.39 -97.58
CA LYS MA 32 -27.60 -19.57 -96.37
C LYS MA 32 -28.62 -20.12 -95.37
N LEU MA 33 -29.47 -21.06 -95.77
CA LEU MA 33 -30.61 -21.58 -95.00
C LEU MA 33 -30.49 -23.07 -94.64
N ILE MA 34 -29.89 -23.89 -95.50
CA ILE MA 34 -29.79 -25.35 -95.29
C ILE MA 34 -29.04 -25.71 -94.01
N ASP MA 35 -29.45 -26.81 -93.37
CA ASP MA 35 -28.82 -27.36 -92.17
C ASP MA 35 -27.69 -28.32 -92.55
N LEU MA 36 -26.44 -27.91 -92.33
CA LEU MA 36 -25.26 -28.61 -92.78
C LEU MA 36 -25.08 -30.00 -92.16
N GLU MA 37 -25.68 -30.28 -91.00
CA GLU MA 37 -25.55 -31.57 -90.35
C GLU MA 37 -26.37 -32.68 -91.03
N HIS MA 38 -27.40 -32.34 -91.81
CA HIS MA 38 -28.42 -33.28 -92.30
C HIS MA 38 -28.69 -33.14 -93.81
N PRO MA 39 -27.75 -33.53 -94.67
CA PRO MA 39 -27.89 -33.39 -96.12
C PRO MA 39 -28.97 -34.29 -96.72
N GLU MA 40 -29.46 -35.31 -96.01
CA GLU MA 40 -30.63 -36.07 -96.46
C GLU MA 40 -31.95 -35.29 -96.35
N ALA MA 41 -31.98 -34.22 -95.56
CA ALA MA 41 -33.20 -33.46 -95.29
C ALA MA 41 -33.41 -32.26 -96.23
N TRP MA 42 -32.35 -31.71 -96.81
CA TRP MA 42 -32.42 -30.46 -97.58
C TRP MA 42 -32.99 -30.67 -98.99
N ASP MA 43 -33.36 -29.59 -99.68
CA ASP MA 43 -34.10 -29.66 -100.95
C ASP MA 43 -33.33 -30.34 -102.09
N ARG MA 44 -32.03 -30.10 -102.19
CA ARG MA 44 -31.14 -30.63 -103.23
C ARG MA 44 -30.67 -32.03 -102.88
N THR MA 45 -31.55 -33.01 -103.04
CA THR MA 45 -31.26 -34.41 -102.70
C THR MA 45 -30.06 -34.97 -103.47
N GLY MA 46 -29.35 -35.92 -102.86
CA GLY MA 46 -28.27 -36.69 -103.49
C GLY MA 46 -26.92 -36.58 -102.80
N TRP MA 47 -26.72 -35.58 -101.95
CA TRP MA 47 -25.47 -35.34 -101.21
C TRP MA 47 -25.39 -36.15 -99.92
N ASP MA 48 -24.19 -36.53 -99.49
CA ASP MA 48 -23.97 -37.11 -98.16
C ASP MA 48 -22.63 -36.69 -97.56
N LEU MA 49 -22.54 -36.58 -96.24
CA LEU MA 49 -21.30 -36.23 -95.55
C LEU MA 49 -20.29 -37.36 -95.69
N VAL MA 50 -19.03 -37.05 -95.99
CA VAL MA 50 -17.99 -38.07 -96.16
C VAL MA 50 -17.66 -38.84 -94.90
N GLY MA 51 -17.88 -38.26 -93.72
CA GLY MA 51 -17.54 -38.84 -92.42
C GLY MA 51 -16.89 -37.81 -91.48
N HIS MA 52 -16.45 -38.25 -90.31
CA HIS MA 52 -15.72 -37.37 -89.38
C HIS MA 52 -14.36 -36.94 -89.92
N THR MA 53 -14.28 -35.75 -90.51
CA THR MA 53 -13.02 -35.02 -90.65
C THR MA 53 -12.63 -34.42 -89.29
N SER MA 54 -11.34 -34.26 -88.99
CA SER MA 54 -10.88 -33.71 -87.71
C SER MA 54 -11.41 -32.29 -87.44
N GLU MA 55 -11.56 -31.90 -86.17
CA GLU MA 55 -12.09 -30.60 -85.79
C GLU MA 55 -11.11 -29.42 -85.95
N ASP MA 56 -9.78 -29.65 -85.91
CA ASP MA 56 -8.79 -28.55 -85.88
C ASP MA 56 -8.10 -28.25 -87.21
N ASP MA 57 -8.36 -29.02 -88.27
CA ASP MA 57 -7.91 -28.74 -89.64
C ASP MA 57 -9.04 -28.83 -90.68
N LEU MA 58 -8.71 -28.49 -91.92
CA LEU MA 58 -9.66 -28.20 -92.99
C LEU MA 58 -9.26 -28.93 -94.29
N PRO MA 59 -10.18 -29.10 -95.25
CA PRO MA 59 -9.81 -29.58 -96.58
C PRO MA 59 -8.72 -28.69 -97.16
N GLU MA 60 -7.59 -29.29 -97.53
CA GLU MA 60 -6.39 -28.56 -97.90
C GLU MA 60 -6.27 -28.46 -99.42
N PHE MA 61 -6.41 -27.26 -99.97
CA PHE MA 61 -6.27 -27.04 -101.41
C PHE MA 61 -4.81 -27.13 -101.83
N GLY MA 62 -4.57 -27.49 -103.09
CA GLY MA 62 -3.24 -27.61 -103.67
C GLY MA 62 -3.32 -27.58 -105.19
N PHE MA 63 -2.17 -27.49 -105.86
CA PHE MA 63 -2.10 -27.83 -107.28
C PHE MA 63 -0.74 -28.39 -107.65
N ASP MA 64 -0.73 -29.32 -108.61
CA ASP MA 64 0.47 -29.66 -109.37
C ASP MA 64 0.55 -28.81 -110.64
N GLY MA 65 1.71 -28.75 -111.27
CA GLY MA 65 1.92 -27.88 -112.43
C GLY MA 65 1.93 -26.39 -112.07
N GLY MA 66 1.60 -25.53 -113.02
CA GLY MA 66 1.68 -24.08 -112.86
C GLY MA 66 3.10 -23.51 -112.98
N ASP MA 67 4.10 -24.36 -113.26
CA ASP MA 67 5.48 -23.93 -113.54
C ASP MA 67 5.50 -22.99 -114.75
N SER MA 68 5.87 -21.74 -114.55
CA SER MA 68 5.62 -20.67 -115.50
C SER MA 68 6.88 -19.86 -115.78
N GLU MA 69 7.04 -19.41 -117.02
CA GLU MA 69 8.32 -18.94 -117.56
C GLU MA 69 8.12 -17.71 -118.44
N VAL MA 70 9.09 -16.80 -118.48
CA VAL MA 70 9.01 -15.57 -119.28
C VAL MA 70 9.85 -15.71 -120.54
N ARG MA 71 9.27 -15.40 -121.70
CA ARG MA 71 9.83 -15.71 -123.02
C ARG MA 71 9.92 -14.48 -123.90
N GLY MA 72 10.86 -14.47 -124.83
CA GLY MA 72 10.99 -13.38 -125.79
C GLY MA 72 11.58 -13.81 -127.13
N SER MA 73 12.47 -12.99 -127.64
CA SER MA 73 13.02 -13.11 -128.99
C SER MA 73 14.37 -12.43 -129.02
N TRP MA 74 15.16 -12.63 -130.07
CA TRP MA 74 16.45 -11.97 -130.16
C TRP MA 74 16.30 -10.44 -130.17
N GLN MA 75 15.23 -9.93 -130.77
CA GLN MA 75 14.91 -8.50 -130.78
C GLN MA 75 14.50 -7.96 -129.40
N LYS MA 76 13.38 -8.46 -128.85
CA LYS MA 76 12.74 -8.04 -127.59
C LYS MA 76 12.71 -9.17 -126.57
N LYS MA 77 13.25 -8.95 -125.37
CA LYS MA 77 13.14 -9.87 -124.22
C LYS MA 77 11.89 -9.55 -123.38
N LYS MA 78 11.43 -10.47 -122.54
CA LYS MA 78 10.23 -10.32 -121.69
C LYS MA 78 8.98 -9.91 -122.47
N LEU MA 79 8.65 -10.68 -123.51
CA LEU MA 79 7.53 -10.45 -124.42
C LEU MA 79 6.21 -10.96 -123.85
N ARG MA 80 6.14 -12.20 -123.35
CA ARG MA 80 5.01 -12.75 -122.59
C ARG MA 80 5.43 -13.84 -121.60
N GLU MA 81 4.61 -14.10 -120.59
CA GLU MA 81 4.78 -15.23 -119.68
C GLU MA 81 3.94 -16.41 -120.17
N VAL MA 82 4.47 -17.63 -120.17
CA VAL MA 82 3.79 -18.85 -120.62
C VAL MA 82 3.88 -19.95 -119.57
N GLU MA 83 2.79 -20.68 -119.36
CA GLU MA 83 2.76 -21.82 -118.45
C GLU MA 83 3.36 -23.06 -119.11
N THR MA 84 4.44 -23.58 -118.53
CA THR MA 84 5.15 -24.75 -119.08
C THR MA 84 4.54 -26.08 -118.65
N GLU MA 85 3.73 -26.11 -117.58
CA GLU MA 85 2.96 -27.29 -117.20
C GLU MA 85 1.53 -26.91 -116.78
N GLU MA 86 0.53 -27.59 -117.34
CA GLU MA 86 -0.89 -27.33 -117.12
C GLU MA 86 -1.26 -27.48 -115.64
N ILE MA 87 -1.82 -26.44 -115.03
CA ILE MA 87 -2.13 -26.42 -113.59
C ILE MA 87 -3.25 -27.40 -113.24
N ALA MA 88 -3.03 -28.24 -112.24
CA ALA MA 88 -3.91 -29.35 -111.88
C ALA MA 88 -4.37 -29.22 -110.42
N ASP MA 89 -5.50 -28.56 -110.21
CA ASP MA 89 -6.05 -28.31 -108.88
C ASP MA 89 -6.53 -29.58 -108.18
N TYR MA 90 -6.35 -29.66 -106.87
CA TYR MA 90 -6.84 -30.74 -106.04
C TYR MA 90 -7.11 -30.30 -104.60
N VAL MA 91 -7.86 -31.11 -103.85
CA VAL MA 91 -8.09 -30.94 -102.41
C VAL MA 91 -7.74 -32.22 -101.68
N VAL MA 92 -7.11 -32.13 -100.51
CA VAL MA 92 -6.87 -33.28 -99.63
C VAL MA 92 -7.83 -33.27 -98.44
N ILE MA 93 -8.50 -34.37 -98.16
CA ILE MA 93 -9.42 -34.52 -97.02
C ILE MA 93 -8.94 -35.66 -96.11
N ASN MA 94 -8.69 -35.40 -94.83
CA ASN MA 94 -8.31 -36.44 -93.87
C ASN MA 94 -9.54 -37.01 -93.16
N LEU MA 95 -10.19 -38.02 -93.73
CA LEU MA 95 -11.28 -38.72 -93.06
C LEU MA 95 -10.72 -39.47 -91.86
N THR MA 96 -11.31 -39.38 -90.67
CA THR MA 96 -10.84 -40.12 -89.48
C THR MA 96 -11.73 -41.30 -89.11
N GLN MA 97 -12.71 -41.61 -89.95
CA GLN MA 97 -13.77 -42.58 -89.73
C GLN MA 97 -13.53 -43.83 -90.59
N PHE MA 98 -13.75 -45.03 -90.05
CA PHE MA 98 -13.34 -46.30 -90.68
C PHE MA 98 -14.51 -47.22 -91.07
N ASP MA 99 -15.76 -46.79 -91.07
CA ASP MA 99 -16.86 -47.63 -91.56
C ASP MA 99 -16.83 -47.75 -93.09
N GLU MA 100 -17.64 -48.64 -93.67
CA GLU MA 100 -17.59 -48.92 -95.12
C GLU MA 100 -17.71 -47.66 -95.96
N THR MA 101 -18.64 -46.77 -95.63
CA THR MA 101 -18.87 -45.55 -96.41
C THR MA 101 -17.66 -44.62 -96.43
N ALA MA 102 -16.83 -44.62 -95.38
CA ALA MA 102 -15.62 -43.81 -95.33
C ALA MA 102 -14.38 -44.53 -95.87
N LEU MA 103 -14.34 -45.87 -95.88
CA LEU MA 103 -13.31 -46.60 -96.60
C LEU MA 103 -13.54 -46.57 -98.11
N GLU MA 104 -14.78 -46.62 -98.58
CA GLU MA 104 -15.12 -46.65 -100.00
C GLU MA 104 -14.55 -45.44 -100.76
N LEU MA 105 -14.52 -44.26 -100.15
CA LEU MA 105 -13.90 -43.07 -100.76
C LEU MA 105 -12.40 -43.25 -100.98
N TYR MA 106 -11.73 -43.97 -100.10
CA TYR MA 106 -10.27 -44.15 -100.10
C TYR MA 106 -9.82 -45.34 -100.95
N PHE MA 107 -10.42 -46.52 -100.79
CA PHE MA 107 -10.07 -47.73 -101.55
C PHE MA 107 -10.86 -47.93 -102.84
N GLY MA 108 -11.91 -47.16 -103.09
CA GLY MA 108 -12.93 -47.52 -104.09
C GLY MA 108 -13.87 -48.61 -103.55
N PRO MA 109 -14.89 -49.02 -104.31
CA PRO MA 109 -15.88 -50.00 -103.87
C PRO MA 109 -15.26 -51.31 -103.38
N ASN MA 110 -15.77 -51.90 -102.32
CA ASN MA 110 -15.23 -53.15 -101.78
C ASN MA 110 -15.50 -54.33 -102.71
N GLN MA 111 -14.48 -55.16 -102.97
CA GLN MA 111 -14.61 -56.32 -103.86
C GLN MA 111 -14.84 -57.65 -103.12
N SER MA 112 -15.48 -57.61 -101.94
CA SER MA 112 -15.95 -58.81 -101.24
C SER MA 112 -17.35 -58.61 -100.67
N ALA MA 113 -18.22 -59.60 -100.81
CA ALA MA 113 -19.63 -59.51 -100.47
C ALA MA 113 -20.00 -60.20 -99.14
N THR MA 114 -19.05 -60.81 -98.43
CA THR MA 114 -19.34 -61.50 -97.16
C THR MA 114 -19.60 -60.50 -96.02
N PRO MA 115 -20.55 -60.76 -95.11
CA PRO MA 115 -20.79 -59.88 -93.97
C PRO MA 115 -19.52 -59.66 -93.15
N GLY MA 116 -19.18 -58.42 -92.80
CA GLY MA 116 -18.06 -58.09 -91.91
C GLY MA 116 -16.69 -57.96 -92.56
N ILE MA 117 -16.56 -57.98 -93.89
CA ILE MA 117 -15.27 -57.88 -94.59
C ILE MA 117 -15.29 -56.81 -95.67
N PHE MA 118 -14.23 -56.01 -95.75
CA PHE MA 118 -13.97 -55.08 -96.84
C PHE MA 118 -12.65 -55.49 -97.50
N GLY MA 119 -12.67 -55.90 -98.75
CA GLY MA 119 -11.47 -56.42 -99.44
C GLY MA 119 -11.11 -55.61 -100.66
N VAL MA 120 -9.80 -55.46 -100.94
CA VAL MA 120 -9.31 -54.65 -102.07
C VAL MA 120 -8.63 -55.50 -103.14
N LYS MA 121 -8.97 -55.29 -104.41
CA LYS MA 121 -8.19 -55.82 -105.54
C LYS MA 121 -6.95 -54.97 -105.81
N SER MA 122 -5.95 -55.57 -106.43
CA SER MA 122 -4.70 -54.89 -106.80
C SER MA 122 -4.87 -53.94 -108.00
N GLY MA 123 -3.92 -53.02 -108.17
CA GLY MA 123 -3.87 -52.11 -109.31
C GLY MA 123 -4.80 -50.89 -109.23
N SER MA 124 -4.97 -50.21 -110.35
CA SER MA 124 -5.75 -48.96 -110.46
C SER MA 124 -7.25 -49.18 -110.25
N VAL MA 125 -7.97 -48.13 -109.87
CA VAL MA 125 -9.43 -48.10 -109.73
C VAL MA 125 -9.98 -46.75 -110.21
N VAL MA 126 -11.19 -46.75 -110.77
CA VAL MA 126 -11.92 -45.53 -111.11
C VAL MA 126 -12.97 -45.28 -110.04
N ASN MA 127 -12.90 -44.10 -109.44
CA ASN MA 127 -13.54 -43.78 -108.18
C ASN MA 127 -13.82 -42.28 -108.18
N GLU MA 128 -14.93 -41.87 -108.79
CA GLU MA 128 -15.17 -40.46 -109.14
C GLU MA 128 -16.55 -40.03 -108.68
N ARG MA 129 -16.63 -38.84 -108.08
CA ARG MA 129 -17.85 -38.30 -107.45
C ARG MA 129 -17.91 -36.80 -107.64
N ALA MA 130 -19.09 -36.20 -107.56
CA ALA MA 130 -19.20 -34.77 -107.35
C ALA MA 130 -18.80 -34.45 -105.92
N LEU MA 131 -18.21 -33.28 -105.68
CA LEU MA 131 -17.71 -32.89 -104.37
C LEU MA 131 -18.21 -31.50 -104.01
N LEU MA 132 -18.84 -31.34 -102.85
CA LEU MA 132 -19.25 -30.05 -102.31
C LEU MA 132 -18.57 -29.85 -100.97
N ILE MA 133 -17.85 -28.76 -100.81
CA ILE MA 133 -17.24 -28.35 -99.55
C ILE MA 133 -17.94 -27.08 -99.10
N VAL MA 134 -18.35 -26.99 -97.85
CA VAL MA 134 -18.89 -25.75 -97.29
C VAL MA 134 -17.97 -25.29 -96.18
N ILE MA 135 -17.31 -24.16 -96.36
CA ILE MA 135 -16.39 -23.59 -95.37
C ILE MA 135 -17.16 -22.55 -94.57
N VAL MA 136 -17.25 -22.74 -93.26
CA VAL MA 136 -18.13 -21.95 -92.39
C VAL MA 136 -17.32 -20.97 -91.56
N ASP MA 137 -17.75 -19.72 -91.49
CA ASP MA 137 -17.14 -18.67 -90.68
C ASP MA 137 -18.23 -17.71 -90.20
N ASN MA 138 -18.58 -17.72 -88.92
CA ASN MA 138 -19.73 -16.97 -88.42
C ASN MA 138 -20.98 -17.16 -89.29
N ASP MA 139 -21.52 -16.13 -89.93
CA ASP MA 139 -22.64 -16.24 -90.90
C ASP MA 139 -22.20 -16.45 -92.36
N VAL MA 140 -20.92 -16.29 -92.69
CA VAL MA 140 -20.37 -16.58 -94.01
C VAL MA 140 -20.30 -18.09 -94.22
N ARG MA 141 -20.72 -18.57 -95.39
CA ARG MA 141 -20.80 -20.01 -95.71
C ARG MA 141 -20.26 -20.27 -97.11
N LEU MA 142 -19.05 -19.81 -97.40
CA LEU MA 142 -18.42 -19.96 -98.71
C LEU MA 142 -18.41 -21.42 -99.15
N GLY MA 143 -19.24 -21.75 -100.13
CA GLY MA 143 -19.33 -23.08 -100.69
C GLY MA 143 -18.35 -23.26 -101.84
N PHE MA 144 -17.98 -24.50 -102.13
CA PHE MA 144 -17.13 -24.86 -103.25
C PHE MA 144 -17.67 -26.15 -103.86
N HIS MA 145 -17.89 -26.20 -105.17
CA HIS MA 145 -18.52 -27.35 -105.82
C HIS MA 145 -17.76 -27.77 -107.07
N ALA MA 146 -17.47 -29.06 -107.21
CA ALA MA 146 -16.88 -29.64 -108.41
C ALA MA 146 -17.75 -30.80 -108.91
N ARG MA 147 -18.24 -30.73 -110.16
CA ARG MA 147 -19.18 -31.74 -110.68
C ARG MA 147 -18.55 -33.09 -110.97
N LYS MA 148 -17.26 -33.15 -111.27
CA LYS MA 148 -16.49 -34.39 -111.26
C LYS MA 148 -15.14 -34.18 -110.60
N ALA MA 149 -14.81 -35.04 -109.65
CA ALA MA 149 -13.52 -35.12 -109.03
C ALA MA 149 -13.08 -36.58 -109.01
N SER MA 150 -11.82 -36.86 -109.30
CA SER MA 150 -11.27 -38.22 -109.20
C SER MA 150 -10.64 -38.41 -107.85
N LEU MA 151 -11.11 -39.35 -107.04
CA LEU MA 151 -10.69 -39.49 -105.64
C LEU MA 151 -9.67 -40.61 -105.50
N LYS MA 152 -8.48 -40.31 -104.98
CA LYS MA 152 -7.36 -41.26 -104.89
C LYS MA 152 -6.64 -41.23 -103.56
N ARG MA 153 -5.92 -42.31 -103.26
CA ARG MA 153 -5.09 -42.47 -102.07
C ARG MA 153 -4.04 -41.36 -102.04
N GLU MA 154 -4.07 -40.43 -101.08
CA GLU MA 154 -3.02 -39.39 -101.02
C GLU MA 154 -1.79 -39.86 -100.28
N ASP MA 155 -1.98 -40.72 -99.27
CA ASP MA 155 -0.93 -41.34 -98.46
C ASP MA 155 -1.51 -42.60 -97.79
N ALA MA 156 -0.68 -43.47 -97.23
CA ALA MA 156 -1.14 -44.64 -96.50
C ALA MA 156 -1.96 -44.28 -95.25
N ILE MA 157 -2.75 -45.22 -94.74
CA ILE MA 157 -3.55 -45.03 -93.53
C ILE MA 157 -2.64 -44.65 -92.37
N SER MA 158 -2.88 -43.50 -91.74
CA SER MA 158 -2.21 -43.14 -90.50
C SER MA 158 -2.85 -43.83 -89.32
N LEU MA 159 -2.06 -44.47 -88.46
CA LEU MA 159 -2.46 -44.95 -87.14
C LEU MA 159 -1.45 -44.46 -86.11
N ALA MA 160 -1.91 -43.99 -84.96
CA ALA MA 160 -1.04 -43.47 -83.93
C ALA MA 160 -1.62 -43.74 -82.54
N THR MA 161 -0.74 -43.85 -81.55
CA THR MA 161 -1.09 -44.31 -80.20
C THR MA 161 -1.91 -43.30 -79.41
N ASP MA 162 -1.84 -42.01 -79.77
CA ASP MA 162 -2.49 -40.90 -79.06
C ASP MA 162 -2.96 -39.78 -79.99
N GLU MA 163 -3.15 -40.09 -81.27
CA GLU MA 163 -3.72 -39.18 -82.29
C GLU MA 163 -4.62 -40.00 -83.23
N PHE MA 164 -5.73 -39.42 -83.67
CA PHE MA 164 -6.75 -40.17 -84.37
C PHE MA 164 -6.26 -40.77 -85.68
N GLY MA 165 -6.68 -41.99 -86.01
CA GLY MA 165 -6.34 -42.61 -87.28
C GLY MA 165 -6.95 -41.86 -88.45
N ALA MA 166 -6.32 -41.87 -89.62
CA ALA MA 166 -6.80 -41.08 -90.76
C ALA MA 166 -6.59 -41.75 -92.13
N LEU MA 167 -7.54 -41.54 -93.02
CA LEU MA 167 -7.60 -42.02 -94.39
C LEU MA 167 -7.52 -40.82 -95.35
N PRO MA 168 -6.34 -40.32 -95.69
CA PRO MA 168 -6.22 -39.11 -96.50
C PRO MA 168 -6.56 -39.40 -97.98
N VAL MA 169 -7.64 -38.81 -98.49
CA VAL MA 169 -8.00 -38.85 -99.92
C VAL MA 169 -7.65 -37.54 -100.59
N ARG MA 170 -7.18 -37.60 -101.84
CA ARG MA 170 -7.01 -36.44 -102.71
C ARG MA 170 -8.07 -36.46 -103.78
N ALA MA 171 -8.85 -35.40 -103.87
CA ALA MA 171 -9.80 -35.17 -104.94
C ALA MA 171 -9.17 -34.27 -105.99
N THR MA 172 -8.99 -34.74 -107.22
CA THR MA 172 -8.48 -33.92 -108.34
C THR MA 172 -9.62 -33.53 -109.26
N PHE MA 173 -9.78 -32.25 -109.60
CA PHE MA 173 -10.93 -31.79 -110.39
C PHE MA 173 -10.74 -32.03 -111.89
N LEU MA 174 -11.80 -32.45 -112.58
CA LEU MA 174 -11.78 -32.77 -114.02
C LEU MA 174 -12.97 -32.12 -114.74
N ASP MA 175 -12.83 -31.83 -116.03
CA ASP MA 175 -13.93 -31.28 -116.83
C ASP MA 175 -15.04 -32.32 -117.02
N TYR MA 176 -16.29 -31.96 -116.73
CA TYR MA 176 -17.46 -32.81 -116.98
C TYR MA 176 -18.42 -32.13 -117.96
N GLN MA 177 -18.52 -32.66 -119.18
CA GLN MA 177 -19.25 -32.07 -120.30
C GLN MA 177 -19.08 -30.54 -120.39
N SER MA 178 -20.15 -29.77 -120.48
CA SER MA 178 -20.08 -28.31 -120.67
C SER MA 178 -19.88 -27.49 -119.39
N TYR MA 179 -19.92 -28.10 -118.21
CA TYR MA 179 -19.83 -27.38 -116.93
C TYR MA 179 -18.44 -26.83 -116.62
N ASN MA 180 -18.36 -25.91 -115.66
CA ASN MA 180 -17.11 -25.39 -115.12
C ASN MA 180 -16.31 -26.47 -114.40
N LEU MA 181 -15.01 -26.24 -114.20
CA LEU MA 181 -14.12 -27.18 -113.52
C LEU MA 181 -14.50 -27.26 -112.03
N TYR MA 182 -14.70 -26.12 -111.40
CA TYR MA 182 -15.31 -25.96 -110.08
C TYR MA 182 -15.85 -24.55 -109.90
N GLU MA 183 -16.71 -24.35 -108.92
CA GLU MA 183 -17.41 -23.09 -108.68
C GLU MA 183 -17.41 -22.75 -107.20
N TRP MA 184 -17.17 -21.48 -106.85
CA TRP MA 184 -17.37 -20.96 -105.51
C TRP MA 184 -18.75 -20.37 -105.38
N ILE MA 185 -19.43 -20.63 -104.28
CA ILE MA 185 -20.82 -20.25 -104.07
C ILE MA 185 -20.92 -19.36 -102.84
N GLU MA 186 -21.40 -18.13 -102.97
CA GLU MA 186 -21.84 -17.28 -101.86
C GLU MA 186 -22.67 -16.12 -102.39
N GLU MA 187 -23.92 -15.94 -101.96
CA GLU MA 187 -24.84 -15.03 -102.64
C GLU MA 187 -24.44 -13.56 -102.55
N ASP MA 188 -23.88 -13.14 -101.42
CA ASP MA 188 -23.55 -11.74 -101.16
C ASP MA 188 -22.31 -11.23 -101.91
N TRP MA 189 -21.44 -12.13 -102.39
CA TRP MA 189 -20.11 -11.75 -102.87
C TRP MA 189 -19.96 -11.75 -104.38
N PHE MA 190 -20.46 -12.76 -105.08
CA PHE MA 190 -20.18 -13.00 -106.50
C PHE MA 190 -21.35 -12.58 -107.38
N ASN MA 191 -21.11 -11.88 -108.50
CA ASN MA 191 -22.15 -11.35 -109.39
C ASN MA 191 -23.24 -10.49 -108.70
N ALA MA 192 -23.05 -10.04 -107.46
CA ALA MA 192 -24.00 -9.20 -106.74
C ALA MA 192 -23.99 -7.75 -107.25
N VAL MA 193 -25.04 -6.99 -106.92
CA VAL MA 193 -25.11 -5.54 -107.20
C VAL MA 193 -24.03 -4.76 -106.44
N ASP MA 194 -23.55 -3.65 -107.02
CA ASP MA 194 -22.36 -2.94 -106.53
C ASP MA 194 -22.51 -2.25 -105.17
N ALA MA 195 -23.74 -1.93 -104.75
CA ALA MA 195 -24.10 -1.42 -103.41
C ALA MA 195 -23.18 -0.28 -102.91
N PRO MA 196 -23.23 0.92 -103.51
CA PRO MA 196 -22.32 2.01 -103.20
C PRO MA 196 -22.48 2.50 -101.76
N VAL MA 197 -21.36 2.92 -101.14
CA VAL MA 197 -21.34 3.37 -99.75
C VAL MA 197 -22.06 4.71 -99.57
N VAL MA 198 -22.83 4.84 -98.48
CA VAL MA 198 -23.49 6.09 -98.07
C VAL MA 198 -23.32 6.29 -96.57
N TYR MA 199 -23.14 7.54 -96.14
CA TYR MA 199 -22.90 7.89 -94.75
C TYR MA 199 -24.09 8.67 -94.19
N LEU MA 200 -24.70 8.19 -93.10
CA LEU MA 200 -25.91 8.76 -92.55
C LEU MA 200 -25.61 9.90 -91.57
N LEU MA 201 -25.80 11.13 -92.02
CA LEU MA 201 -25.81 12.34 -91.19
C LEU MA 201 -27.12 12.37 -90.38
N ASP MA 202 -27.04 11.95 -89.13
CA ASP MA 202 -28.16 11.96 -88.19
C ASP MA 202 -28.21 13.28 -87.42
N LEU MA 203 -28.97 14.25 -87.96
CA LEU MA 203 -29.42 15.44 -87.24
C LEU MA 203 -30.90 15.28 -86.84
N GLY MA 204 -31.22 15.37 -85.56
CA GLY MA 204 -32.55 15.05 -85.03
C GLY MA 204 -33.65 16.11 -85.25
N GLY MA 205 -33.63 16.82 -86.38
CA GLY MA 205 -34.51 17.97 -86.67
C GLY MA 205 -34.00 19.31 -86.12
N ALA MA 206 -34.88 20.31 -86.06
CA ALA MA 206 -34.53 21.67 -85.65
C ALA MA 206 -33.93 21.73 -84.23
N THR MA 207 -32.72 22.27 -84.11
CA THR MA 207 -31.88 22.19 -82.91
C THR MA 207 -30.99 23.44 -82.78
N GLY MA 208 -30.64 23.87 -81.58
CA GLY MA 208 -29.67 24.97 -81.36
C GLY MA 208 -28.21 24.53 -81.34
N GLY MA 209 -27.30 25.34 -81.89
CA GLY MA 209 -25.84 25.13 -81.87
C GLY MA 209 -25.25 24.59 -83.19
N ASP MA 210 -24.02 24.06 -83.12
CA ASP MA 210 -23.23 23.66 -84.29
C ASP MA 210 -22.31 22.43 -84.07
N TYR MA 211 -21.83 21.85 -85.17
CA TYR MA 211 -21.01 20.63 -85.22
C TYR MA 211 -19.95 20.74 -86.34
N THR MA 212 -19.01 19.79 -86.41
CA THR MA 212 -17.98 19.73 -87.47
C THR MA 212 -17.97 18.37 -88.17
N LEU MA 213 -17.61 18.34 -89.46
CA LEU MA 213 -17.42 17.11 -90.24
C LEU MA 213 -15.99 16.98 -90.76
N LEU MA 214 -15.38 15.82 -90.54
CA LEU MA 214 -14.20 15.39 -91.29
C LEU MA 214 -14.64 14.88 -92.66
N VAL MA 215 -13.96 15.32 -93.71
CA VAL MA 215 -14.03 14.78 -95.06
C VAL MA 215 -12.63 14.31 -95.45
N GLY MA 216 -12.45 13.02 -95.76
CA GLY MA 216 -11.13 12.45 -96.06
C GLY MA 216 -10.12 12.61 -94.93
N GLY MA 217 -10.57 12.75 -93.68
CA GLY MA 217 -9.72 13.01 -92.52
C GLY MA 217 -9.34 14.49 -92.28
N LYS MA 218 -9.84 15.43 -93.08
CA LYS MA 218 -9.65 16.88 -92.87
C LYS MA 218 -10.96 17.56 -92.52
N SER MA 219 -10.98 18.45 -91.52
CA SER MA 219 -12.22 19.10 -91.08
C SER MA 219 -12.68 20.16 -92.07
N THR MA 220 -13.96 20.15 -92.43
CA THR MA 220 -14.62 21.35 -92.96
C THR MA 220 -14.85 22.37 -91.84
N GLY MA 221 -15.43 23.53 -92.15
CA GLY MA 221 -15.76 24.56 -91.16
C GLY MA 221 -16.88 24.14 -90.20
N ASP MA 222 -17.26 25.02 -89.28
CA ASP MA 222 -18.39 24.81 -88.37
C ASP MA 222 -19.71 24.81 -89.15
N ILE MA 223 -20.59 23.82 -88.91
CA ILE MA 223 -21.93 23.75 -89.51
C ILE MA 223 -22.97 23.87 -88.39
N ALA MA 224 -23.83 24.89 -88.45
CA ALA MA 224 -24.99 24.99 -87.58
C ALA MA 224 -26.14 24.06 -88.04
N TYR MA 225 -27.17 23.89 -87.23
CA TYR MA 225 -28.48 23.50 -87.77
C TYR MA 225 -28.89 24.48 -88.89
N ASN MA 226 -29.15 23.96 -90.09
CA ASN MA 226 -29.24 24.76 -91.31
C ASN MA 226 -30.03 24.04 -92.43
N ALA MA 227 -30.26 24.76 -93.54
CA ALA MA 227 -30.82 24.21 -94.77
C ALA MA 227 -29.93 23.11 -95.39
N ASN MA 228 -30.56 22.17 -96.09
CA ASN MA 228 -29.90 21.07 -96.79
C ASN MA 228 -29.54 21.44 -98.25
N ALA MA 229 -29.43 20.46 -99.15
CA ALA MA 229 -29.03 20.63 -100.55
C ALA MA 229 -27.65 21.32 -100.68
N SER MA 230 -27.52 22.29 -101.57
CA SER MA 230 -26.29 23.08 -101.79
C SER MA 230 -25.65 23.58 -100.48
N ALA MA 231 -26.44 23.99 -99.49
CA ALA MA 231 -25.93 24.52 -98.22
C ALA MA 231 -25.21 23.47 -97.34
N ILE MA 232 -25.43 22.17 -97.55
CA ILE MA 232 -24.57 21.09 -97.00
C ILE MA 232 -23.59 20.54 -98.03
N LYS MA 233 -23.98 20.36 -99.30
CA LYS MA 233 -23.08 19.83 -100.34
C LYS MA 233 -21.83 20.68 -100.52
N THR MA 234 -21.97 22.01 -100.50
CA THR MA 234 -20.85 22.96 -100.60
C THR MA 234 -20.11 23.19 -99.27
N ALA MA 235 -20.55 22.57 -98.18
CA ALA MA 235 -19.79 22.45 -96.93
C ALA MA 235 -19.04 21.10 -96.83
N ILE MA 236 -19.56 20.03 -97.46
CA ILE MA 236 -18.86 18.77 -97.66
C ILE MA 236 -17.75 18.92 -98.70
N GLY MA 237 -18.03 19.57 -99.83
CA GLY MA 237 -17.00 19.98 -100.79
C GLY MA 237 -16.20 21.19 -100.32
N ALA MA 238 -15.14 21.55 -101.06
CA ALA MA 238 -14.28 22.70 -100.77
C ALA MA 238 -13.61 22.66 -99.38
N VAL MA 239 -12.96 21.53 -99.03
CA VAL MA 239 -12.19 21.30 -97.80
C VAL MA 239 -10.68 21.30 -98.10
N ASP MA 240 -10.26 21.97 -99.17
CA ASP MA 240 -8.94 21.80 -99.80
C ASP MA 240 -8.64 20.33 -100.11
N ASP MA 241 -9.67 19.57 -100.46
CA ASP MA 241 -9.66 18.12 -100.63
C ASP MA 241 -9.19 17.67 -102.04
N GLY MA 242 -9.10 18.58 -103.02
CA GLY MA 242 -8.69 18.25 -104.38
C GLY MA 242 -9.79 17.58 -105.23
N VAL MA 243 -10.99 17.41 -104.67
CA VAL MA 243 -12.19 16.86 -105.32
C VAL MA 243 -13.24 17.96 -105.50
N ALA MA 244 -13.77 18.13 -106.71
CA ALA MA 244 -14.82 19.11 -106.98
C ALA MA 244 -16.18 18.72 -106.35
N GLU MA 245 -17.01 19.71 -106.03
CA GLU MA 245 -18.35 19.50 -105.46
C GLU MA 245 -19.24 18.59 -106.32
N SER MA 246 -19.05 18.60 -107.64
CA SER MA 246 -19.81 17.76 -108.58
C SER MA 246 -19.60 16.26 -108.40
N ALA MA 247 -18.55 15.82 -107.68
CA ALA MA 247 -18.34 14.41 -107.36
C ALA MA 247 -19.22 13.92 -106.20
N TRP MA 248 -19.68 14.81 -105.33
CA TRP MA 248 -20.51 14.48 -104.16
C TRP MA 248 -22.00 14.44 -104.51
N THR MA 249 -22.78 13.70 -103.72
CA THR MA 249 -24.25 13.81 -103.71
C THR MA 249 -24.79 13.92 -102.28
N VAL MA 250 -25.78 14.80 -102.11
CA VAL MA 250 -26.69 14.83 -100.96
C VAL MA 250 -28.09 15.08 -101.52
N THR MA 251 -29.11 14.40 -100.98
CA THR MA 251 -30.42 14.23 -101.63
C THR MA 251 -31.59 14.43 -100.67
N ALA MA 252 -32.82 14.52 -101.18
CA ALA MA 252 -34.04 14.72 -100.40
C ALA MA 252 -34.43 13.48 -99.57
N ASP MA 253 -33.62 13.16 -98.55
CA ASP MA 253 -33.61 11.88 -97.84
C ASP MA 253 -34.63 11.77 -96.69
N GLY MA 254 -35.40 12.83 -96.41
CA GLY MA 254 -36.35 12.89 -95.29
C GLY MA 254 -35.71 13.49 -94.03
N SER MA 255 -35.78 12.78 -92.90
CA SER MA 255 -35.25 13.25 -91.60
C SER MA 255 -33.72 13.33 -91.59
N ASP MA 256 -33.05 12.25 -92.00
CA ASP MA 256 -31.60 12.05 -91.84
C ASP MA 256 -30.97 11.82 -93.23
N PHE MA 257 -29.74 12.28 -93.45
CA PHE MA 257 -29.20 12.44 -94.80
C PHE MA 257 -28.07 11.48 -95.15
N GLU MA 258 -28.18 10.83 -96.31
CA GLU MA 258 -27.22 9.87 -96.84
C GLU MA 258 -26.18 10.58 -97.72
N ILE MA 259 -25.11 11.08 -97.12
CA ILE MA 259 -23.99 11.70 -97.83
C ILE MA 259 -23.28 10.62 -98.66
N SER MA 260 -22.89 10.91 -99.91
CA SER MA 260 -22.01 10.03 -100.67
C SER MA 260 -21.09 10.79 -101.62
N GLY MA 261 -19.96 10.17 -101.96
CA GLY MA 261 -18.89 10.80 -102.75
C GLY MA 261 -17.59 9.99 -102.67
N PRO MA 262 -16.47 10.48 -103.21
CA PRO MA 262 -15.27 9.69 -103.31
C PRO MA 262 -14.54 9.50 -101.96
N LEU MA 263 -14.44 10.52 -101.11
CA LEU MA 263 -13.81 10.39 -99.79
C LEU MA 263 -14.79 9.81 -98.75
N ALA MA 264 -14.26 9.21 -97.68
CA ALA MA 264 -15.05 8.93 -96.48
C ALA MA 264 -15.40 10.21 -95.70
N VAL MA 265 -16.49 10.20 -94.93
CA VAL MA 265 -16.88 11.31 -94.04
C VAL MA 265 -17.15 10.82 -92.62
N ALA MA 266 -16.99 11.70 -91.64
CA ALA MA 266 -17.26 11.46 -90.22
C ALA MA 266 -17.55 12.78 -89.50
N LEU MA 267 -18.12 12.76 -88.30
CA LEU MA 267 -18.17 13.98 -87.46
C LEU MA 267 -16.86 14.20 -86.69
N GLY MA 268 -16.51 15.46 -86.41
CA GLY MA 268 -15.35 15.81 -85.58
C GLY MA 268 -15.74 16.05 -84.13
N VAL MA 269 -16.58 17.06 -83.90
CA VAL MA 269 -17.26 17.32 -82.62
C VAL MA 269 -18.70 17.76 -82.89
N ASP MA 270 -19.60 17.44 -81.96
CA ASP MA 270 -20.97 17.96 -81.95
C ASP MA 270 -21.16 18.86 -80.72
N SER MA 271 -21.51 20.12 -80.94
CA SER MA 271 -21.87 21.10 -79.91
C SER MA 271 -23.31 21.62 -80.11
N THR MA 272 -24.10 20.97 -80.98
CA THR MA 272 -25.50 21.25 -81.32
C THR MA 272 -26.44 20.87 -80.16
N THR MA 273 -26.23 21.50 -79.01
CA THR MA 273 -26.72 21.09 -77.69
C THR MA 273 -28.21 21.41 -77.48
N GLY MA 274 -28.78 22.32 -78.27
CA GLY MA 274 -30.14 22.85 -78.11
C GLY MA 274 -31.24 21.92 -78.64
N GLY MA 275 -31.24 20.66 -78.21
CA GLY MA 275 -32.25 19.65 -78.58
C GLY MA 275 -31.65 18.25 -78.78
N SER MA 276 -32.13 17.55 -79.80
CA SER MA 276 -31.78 16.16 -80.15
C SER MA 276 -30.37 15.96 -80.70
N GLY MA 277 -29.74 17.01 -81.24
CA GLY MA 277 -28.33 17.01 -81.66
C GLY MA 277 -28.03 16.32 -83.00
N VAL MA 278 -26.75 16.26 -83.36
CA VAL MA 278 -26.22 15.70 -84.61
C VAL MA 278 -25.30 14.54 -84.28
N THR MA 279 -25.86 13.54 -83.62
CA THR MA 279 -25.10 12.61 -82.75
C THR MA 279 -24.26 11.56 -83.50
N VAL MA 280 -24.63 11.17 -84.73
CA VAL MA 280 -23.89 10.15 -85.51
C VAL MA 280 -23.80 10.46 -87.01
N ASP MA 281 -22.86 9.75 -87.63
CA ASP MA 281 -22.35 9.91 -89.01
C ASP MA 281 -22.31 8.56 -89.76
N VAL MA 282 -22.94 7.52 -89.20
CA VAL MA 282 -22.62 6.11 -89.45
C VAL MA 282 -23.02 5.60 -90.84
N VAL MA 283 -22.25 4.63 -91.36
CA VAL MA 283 -22.49 3.89 -92.63
C VAL MA 283 -23.46 2.72 -92.44
N ALA NA 2 6.11 -4.87 -139.66
CA ALA NA 2 7.26 -5.33 -138.86
C ALA NA 2 6.90 -5.42 -137.37
N LEU NA 3 7.49 -6.38 -136.65
CA LEU NA 3 7.34 -6.59 -135.20
C LEU NA 3 5.91 -6.46 -134.65
N LYS NA 4 4.94 -7.19 -135.22
CA LYS NA 4 3.75 -7.60 -134.48
C LYS NA 4 4.14 -8.65 -133.45
N ASP NA 5 4.23 -8.28 -132.18
CA ASP NA 5 4.30 -9.25 -131.08
C ASP NA 5 2.99 -10.04 -130.94
N ASP NA 6 1.88 -9.43 -131.36
CA ASP NA 6 0.55 -10.02 -131.50
C ASP NA 6 0.53 -11.30 -132.37
N ALA NA 7 1.49 -11.47 -133.28
CA ALA NA 7 1.55 -12.58 -134.24
C ALA NA 7 2.53 -13.70 -133.84
N VAL NA 8 3.08 -13.66 -132.63
CA VAL NA 8 3.87 -14.75 -132.06
C VAL NA 8 2.94 -15.85 -131.56
N LEU NA 9 3.08 -17.09 -132.03
CA LEU NA 9 2.09 -18.15 -131.83
C LEU NA 9 2.54 -19.23 -130.84
N ILE NA 10 1.73 -19.49 -129.81
CA ILE NA 10 1.78 -20.68 -128.95
C ILE NA 10 0.63 -21.62 -129.33
N ALA NA 11 0.88 -22.89 -129.62
CA ALA NA 11 -0.18 -23.80 -130.08
C ALA NA 11 -1.02 -24.39 -128.93
N ALA NA 12 -1.48 -23.57 -127.99
CA ALA NA 12 -1.99 -24.02 -126.68
C ALA NA 12 -3.13 -25.05 -126.77
N ARG NA 13 -4.09 -24.86 -127.69
CA ARG NA 13 -5.11 -25.84 -128.08
C ARG NA 13 -5.32 -25.80 -129.57
N GLY NA 14 -5.90 -26.84 -130.15
CA GLY NA 14 -6.25 -26.84 -131.55
C GLY NA 14 -7.13 -28.01 -131.96
N TYR NA 15 -7.79 -27.89 -133.10
CA TYR NA 15 -8.79 -28.84 -133.57
C TYR NA 15 -8.47 -29.27 -135.01
N VAL NA 16 -8.58 -30.56 -135.30
CA VAL NA 16 -8.34 -31.12 -136.63
C VAL NA 16 -9.65 -31.63 -137.21
N TYR NA 17 -9.96 -31.28 -138.46
CA TYR NA 17 -11.18 -31.68 -139.15
C TYR NA 17 -10.87 -32.30 -140.50
N THR NA 18 -11.77 -33.12 -141.00
CA THR NA 18 -11.69 -33.73 -142.33
C THR NA 18 -13.01 -33.64 -143.05
N ALA NA 19 -12.99 -33.76 -144.37
CA ALA NA 19 -14.17 -33.76 -145.21
C ALA NA 19 -13.85 -34.40 -146.57
N ALA NA 20 -14.88 -34.66 -147.37
CA ALA NA 20 -14.68 -35.11 -148.75
C ALA NA 20 -13.81 -34.13 -149.54
N VAL NA 21 -13.05 -34.65 -150.50
CA VAL NA 21 -12.06 -33.88 -151.27
C VAL NA 21 -12.68 -32.65 -151.91
N GLY NA 22 -11.96 -31.54 -151.91
CA GLY NA 22 -12.35 -30.29 -152.55
C GLY NA 22 -13.18 -29.34 -151.68
N THR NA 23 -13.75 -29.80 -150.56
CA THR NA 23 -14.65 -28.98 -149.72
C THR NA 23 -13.95 -27.77 -149.08
N ALA NA 24 -14.67 -26.65 -149.00
CA ALA NA 24 -14.12 -25.37 -148.56
C ALA NA 24 -14.10 -25.23 -147.03
N ALA NA 25 -13.06 -24.60 -146.49
CA ALA NA 25 -13.02 -24.18 -145.08
C ALA NA 25 -13.83 -22.89 -144.85
N PRO NA 26 -14.24 -22.60 -143.60
CA PRO NA 26 -14.80 -21.31 -143.21
C PRO NA 26 -13.95 -20.13 -143.69
N THR NA 27 -14.57 -19.04 -144.13
CA THR NA 27 -13.85 -17.85 -144.59
C THR NA 27 -13.10 -17.16 -143.46
N PRO NA 28 -12.09 -16.32 -143.72
CA PRO NA 28 -11.35 -15.62 -142.69
C PRO NA 28 -12.22 -14.84 -141.70
N SER NA 29 -13.34 -14.27 -142.14
CA SER NA 29 -14.27 -13.54 -141.27
C SER NA 29 -15.24 -14.44 -140.50
N GLN NA 30 -15.45 -15.69 -140.93
CA GLN NA 30 -16.20 -16.68 -140.14
C GLN NA 30 -15.33 -17.34 -139.08
N LEU NA 31 -14.05 -17.57 -139.35
CA LEU NA 31 -13.18 -18.32 -138.43
C LEU NA 31 -13.06 -17.65 -137.04
N LYS NA 32 -13.21 -16.33 -136.98
CA LYS NA 32 -13.26 -15.55 -135.74
C LYS NA 32 -14.50 -15.83 -134.87
N LEU NA 33 -15.56 -16.44 -135.43
CA LEU NA 33 -16.90 -16.50 -134.84
C LEU NA 33 -17.44 -17.93 -134.63
N ILE NA 34 -17.10 -18.89 -135.50
CA ILE NA 34 -17.62 -20.26 -135.43
C ILE NA 34 -17.32 -20.97 -134.11
N ASP NA 35 -18.18 -21.90 -133.69
CA ASP NA 35 -17.88 -22.81 -132.59
C ASP NA 35 -17.10 -24.02 -133.10
N LEU NA 36 -15.85 -24.16 -132.67
CA LEU NA 36 -14.95 -25.19 -133.16
C LEU NA 36 -15.37 -26.60 -132.73
N GLU NA 37 -16.12 -26.76 -131.65
CA GLU NA 37 -16.41 -28.09 -131.12
C GLU NA 37 -17.59 -28.78 -131.82
N HIS NA 38 -18.29 -28.09 -132.72
CA HIS NA 38 -19.53 -28.56 -133.37
C HIS NA 38 -19.58 -28.18 -134.86
N PRO NA 39 -18.84 -28.85 -135.75
CA PRO NA 39 -18.77 -28.47 -137.16
C PRO NA 39 -20.07 -28.64 -137.93
N GLU NA 40 -21.07 -29.35 -137.41
CA GLU NA 40 -22.41 -29.37 -137.97
C GLU NA 40 -23.17 -28.04 -137.81
N ALA NA 41 -22.70 -27.11 -136.98
CA ALA NA 41 -23.30 -25.78 -136.82
C ALA NA 41 -22.82 -24.74 -137.84
N TRP NA 42 -21.75 -25.01 -138.59
CA TRP NA 42 -21.12 -24.02 -139.47
C TRP NA 42 -21.93 -23.73 -140.74
N ASP NA 43 -21.64 -22.61 -141.42
CA ASP NA 43 -22.17 -22.34 -142.76
C ASP NA 43 -21.56 -23.26 -143.83
N ARG NA 44 -20.27 -23.57 -143.71
CA ARG NA 44 -19.54 -24.50 -144.58
C ARG NA 44 -19.77 -25.93 -144.11
N THR NA 45 -20.89 -26.52 -144.47
CA THR NA 45 -21.22 -27.90 -144.09
C THR NA 45 -20.26 -28.91 -144.73
N GLY NA 46 -20.17 -30.09 -144.12
CA GLY NA 46 -19.39 -31.23 -144.62
C GLY NA 46 -18.16 -31.58 -143.80
N TRP NA 47 -17.65 -30.66 -142.97
CA TRP NA 47 -16.55 -30.95 -142.05
C TRP NA 47 -16.99 -31.84 -140.90
N ASP NA 48 -16.12 -32.76 -140.48
CA ASP NA 48 -16.28 -33.52 -139.26
C ASP NA 48 -15.00 -33.52 -138.43
N LEU NA 49 -15.15 -33.55 -137.11
CA LEU NA 49 -14.01 -33.56 -136.20
C LEU NA 49 -13.32 -34.91 -136.26
N VAL NA 50 -12.03 -34.90 -136.57
CA VAL NA 50 -11.14 -36.00 -136.21
C VAL NA 50 -11.10 -36.10 -134.68
N GLY NA 51 -10.88 -37.28 -134.12
CA GLY NA 51 -10.91 -37.49 -132.67
C GLY NA 51 -9.84 -36.73 -131.89
N HIS NA 52 -9.80 -36.90 -130.57
CA HIS NA 52 -8.76 -36.34 -129.72
C HIS NA 52 -7.35 -36.63 -130.25
N THR NA 53 -6.51 -35.60 -130.39
CA THR NA 53 -5.12 -35.72 -130.83
C THR NA 53 -4.16 -35.42 -129.69
N SER NA 54 -3.00 -36.07 -129.64
CA SER NA 54 -2.17 -36.08 -128.43
C SER NA 54 -1.69 -34.69 -128.01
N GLU NA 55 -1.64 -34.43 -126.71
CA GLU NA 55 -1.39 -33.09 -126.16
C GLU NA 55 0.04 -32.59 -126.32
N ASP NA 56 1.00 -33.44 -126.64
CA ASP NA 56 2.44 -33.17 -126.64
C ASP NA 56 3.09 -33.28 -128.03
N ASP NA 57 2.71 -34.26 -128.84
CA ASP NA 57 3.09 -34.36 -130.25
C ASP NA 57 2.08 -33.60 -131.14
N LEU NA 58 2.28 -32.28 -131.25
CA LEU NA 58 1.57 -31.39 -132.17
C LEU NA 58 1.83 -31.77 -133.64
N PRO NA 59 1.03 -31.31 -134.60
CA PRO NA 59 1.28 -31.57 -136.01
C PRO NA 59 2.61 -31.03 -136.53
N GLU NA 60 3.43 -31.90 -137.11
CA GLU NA 60 4.69 -31.56 -137.80
C GLU NA 60 4.41 -31.23 -139.26
N PHE NA 61 4.51 -29.97 -139.69
CA PHE NA 61 4.33 -29.55 -141.09
C PHE NA 61 5.60 -29.78 -141.93
N GLY NA 62 6.07 -31.02 -142.00
CA GLY NA 62 7.32 -31.37 -142.69
C GLY NA 62 7.26 -31.41 -144.22
N PHE NA 63 8.40 -31.73 -144.82
CA PHE NA 63 8.57 -31.96 -146.25
C PHE NA 63 9.80 -32.85 -146.50
N ASP NA 64 9.90 -33.47 -147.67
CA ASP NA 64 11.02 -34.36 -148.02
C ASP NA 64 11.74 -33.97 -149.34
N GLY NA 65 11.65 -32.70 -149.72
CA GLY NA 65 12.28 -32.14 -150.91
C GLY NA 65 13.81 -32.04 -150.84
N GLY NA 66 14.42 -31.85 -152.02
CA GLY NA 66 15.88 -31.84 -152.21
C GLY NA 66 16.56 -30.50 -151.91
N ASP NA 67 17.86 -30.57 -151.60
CA ASP NA 67 18.70 -29.41 -151.28
C ASP NA 67 19.70 -29.10 -152.42
N SER NA 68 19.71 -27.86 -152.90
CA SER NA 68 20.69 -27.35 -153.88
C SER NA 68 21.16 -25.94 -153.51
N GLU NA 69 22.47 -25.68 -153.66
CA GLU NA 69 23.10 -24.37 -153.40
C GLU NA 69 23.93 -23.87 -154.59
N VAL NA 70 24.53 -24.76 -155.38
CA VAL NA 70 25.33 -24.43 -156.58
C VAL NA 70 24.42 -23.99 -157.74
N ARG NA 71 24.81 -22.92 -158.44
CA ARG NA 71 24.12 -22.35 -159.62
C ARG NA 71 25.06 -22.25 -160.82
N THR NA 84 17.05 -31.56 -158.95
CA THR NA 84 17.70 -31.70 -157.64
C THR NA 84 17.01 -30.94 -156.51
N GLU NA 85 15.92 -30.24 -156.80
CA GLU NA 85 15.14 -29.45 -155.84
C GLU NA 85 13.62 -29.59 -156.05
N GLU NA 86 13.16 -30.80 -156.39
CA GLU NA 86 11.77 -31.22 -156.21
C GLU NA 86 11.37 -31.21 -154.72
N ILE NA 87 10.09 -31.02 -154.41
CA ILE NA 87 9.58 -30.96 -153.04
C ILE NA 87 8.14 -31.49 -152.93
N ALA NA 88 7.83 -32.15 -151.82
CA ALA NA 88 6.47 -32.53 -151.45
C ALA NA 88 6.24 -32.28 -149.95
N ASP NA 89 5.05 -31.81 -149.61
CA ASP NA 89 4.70 -31.30 -148.28
C ASP NA 89 3.75 -32.25 -147.58
N TYR NA 90 3.91 -32.39 -146.27
CA TYR NA 90 3.03 -33.22 -145.45
C TYR NA 90 2.72 -32.58 -144.11
N VAL NA 91 1.74 -33.11 -143.40
CA VAL NA 91 1.56 -32.89 -141.97
C VAL NA 91 1.32 -34.22 -141.27
N VAL NA 92 1.92 -34.46 -140.11
CA VAL NA 92 1.70 -35.70 -139.34
C VAL NA 92 0.81 -35.42 -138.14
N ILE NA 93 -0.33 -36.10 -138.00
CA ILE NA 93 -1.25 -35.94 -136.87
C ILE NA 93 -1.21 -37.19 -135.99
N ASN NA 94 -0.97 -37.06 -134.68
CA ASN NA 94 -1.11 -38.17 -133.75
C ASN NA 94 -2.56 -38.27 -133.26
N LEU NA 95 -3.35 -39.14 -133.86
CA LEU NA 95 -4.70 -39.46 -133.36
C LEU NA 95 -4.58 -40.19 -132.03
N THR NA 96 -5.56 -40.12 -131.13
CA THR NA 96 -5.54 -40.91 -129.87
C THR NA 96 -6.86 -41.60 -129.53
N GLN NA 97 -7.94 -41.35 -130.27
CA GLN NA 97 -9.12 -42.21 -130.22
C GLN NA 97 -8.87 -43.52 -130.97
N PHE NA 98 -9.49 -44.60 -130.51
CA PHE NA 98 -9.44 -45.90 -131.18
C PHE NA 98 -10.79 -46.34 -131.76
N ASP NA 99 -11.79 -45.46 -131.82
CA ASP NA 99 -13.05 -45.79 -132.49
C ASP NA 99 -12.98 -45.51 -134.00
N GLU NA 100 -14.02 -45.88 -134.73
CA GLU NA 100 -14.00 -45.97 -136.19
C GLU NA 100 -13.56 -44.68 -136.86
N THR NA 101 -14.00 -43.52 -136.35
CA THR NA 101 -13.67 -42.21 -136.92
C THR NA 101 -12.18 -41.88 -136.90
N ALA NA 102 -11.36 -42.58 -136.13
CA ALA NA 102 -9.90 -42.43 -136.14
C ALA NA 102 -9.23 -43.60 -136.86
N LEU NA 103 -9.72 -44.83 -136.72
CA LEU NA 103 -9.16 -45.95 -137.47
C LEU NA 103 -9.32 -45.78 -138.98
N GLU NA 104 -10.42 -45.19 -139.46
CA GLU NA 104 -10.59 -44.92 -140.90
C GLU NA 104 -9.51 -44.00 -141.49
N LEU NA 105 -8.87 -43.15 -140.68
CA LEU NA 105 -7.77 -42.31 -141.17
C LEU NA 105 -6.46 -43.09 -141.22
N TYR NA 106 -6.20 -43.94 -140.22
CA TYR NA 106 -4.96 -44.70 -140.15
C TYR NA 106 -4.99 -45.91 -141.09
N PHE NA 107 -5.98 -46.79 -141.00
CA PHE NA 107 -6.06 -48.02 -141.79
C PHE NA 107 -6.78 -47.89 -143.14
N GLY NA 108 -7.46 -46.78 -143.41
CA GLY NA 108 -8.40 -46.67 -144.53
C GLY NA 108 -9.78 -47.26 -144.20
N PRO NA 109 -10.77 -47.15 -145.08
CA PRO NA 109 -12.16 -47.50 -144.81
C PRO NA 109 -12.36 -48.92 -144.26
N ASN NA 110 -13.34 -49.08 -143.38
CA ASN NA 110 -13.66 -50.37 -142.76
C ASN NA 110 -14.12 -51.38 -143.81
N GLN NA 111 -13.42 -52.51 -143.94
CA GLN NA 111 -13.73 -53.54 -144.94
C GLN NA 111 -14.52 -54.73 -144.39
N SER NA 112 -15.17 -54.57 -143.22
CA SER NA 112 -16.15 -55.54 -142.71
C SER NA 112 -17.46 -54.86 -142.35
N ALA NA 113 -18.59 -55.47 -142.69
CA ALA NA 113 -19.93 -54.90 -142.53
C ALA NA 113 -20.59 -55.22 -141.18
N THR NA 114 -20.07 -56.17 -140.40
CA THR NA 114 -20.73 -56.63 -139.17
C THR NA 114 -20.60 -55.63 -138.03
N PRO NA 115 -21.63 -55.44 -137.17
CA PRO NA 115 -21.54 -54.59 -136.00
C PRO NA 115 -20.37 -54.98 -135.10
N GLY NA 116 -19.69 -54.01 -134.51
CA GLY NA 116 -18.64 -54.24 -133.51
C GLY NA 116 -17.29 -54.69 -134.04
N ILE NA 117 -17.08 -54.74 -135.36
CA ILE NA 117 -15.80 -55.14 -135.95
C ILE NA 117 -15.31 -54.13 -136.98
N PHE NA 118 -14.02 -53.83 -136.95
CA PHE NA 118 -13.33 -53.08 -137.99
C PHE NA 118 -12.24 -53.96 -138.59
N GLY NA 119 -12.29 -54.26 -139.88
CA GLY NA 119 -11.38 -55.18 -140.55
C GLY NA 119 -10.59 -54.52 -141.67
N VAL NA 120 -9.34 -54.94 -141.86
CA VAL NA 120 -8.43 -54.37 -142.87
C VAL NA 120 -7.79 -55.45 -143.75
N LYS NA 121 -7.72 -55.19 -145.06
CA LYS NA 121 -7.13 -56.07 -146.08
C LYS NA 121 -5.65 -55.79 -146.30
N SER NA 122 -4.96 -56.73 -146.95
CA SER NA 122 -3.56 -56.57 -147.36
C SER NA 122 -3.40 -55.54 -148.49
N GLY NA 123 -2.17 -55.08 -148.71
CA GLY NA 123 -1.82 -54.10 -149.73
C GLY NA 123 -2.20 -52.65 -149.35
N SER NA 124 -1.87 -51.71 -150.24
CA SER NA 124 -2.22 -50.29 -150.08
C SER NA 124 -3.70 -50.02 -150.39
N VAL NA 125 -4.24 -48.94 -149.85
CA VAL NA 125 -5.60 -48.44 -150.12
C VAL NA 125 -5.56 -46.93 -150.30
N VAL NA 126 -6.29 -46.39 -151.28
CA VAL NA 126 -6.43 -44.94 -151.48
C VAL NA 126 -7.34 -44.34 -150.40
N ASN NA 127 -6.92 -43.23 -149.80
CA ASN NA 127 -7.62 -42.59 -148.68
C ASN NA 127 -7.38 -41.08 -148.73
N GLU NA 128 -8.18 -40.37 -149.52
CA GLU NA 128 -7.99 -38.95 -149.79
C GLU NA 128 -9.10 -38.10 -149.19
N ARG NA 129 -8.76 -37.01 -148.52
CA ARG NA 129 -9.69 -36.13 -147.82
C ARG NA 129 -9.25 -34.67 -147.88
N ALA NA 130 -10.17 -33.74 -147.76
CA ALA NA 130 -9.82 -32.36 -147.42
C ALA NA 130 -9.49 -32.30 -145.94
N LEU NA 131 -8.59 -31.41 -145.54
CA LEU NA 131 -8.10 -31.30 -144.16
C LEU NA 131 -8.15 -29.86 -143.70
N LEU NA 132 -8.65 -29.60 -142.50
CA LEU NA 132 -8.65 -28.28 -141.87
C LEU NA 132 -8.09 -28.41 -140.47
N ILE NA 133 -7.21 -27.51 -140.07
CA ILE NA 133 -6.61 -27.46 -138.73
C ILE NA 133 -6.80 -26.04 -138.20
N VAL NA 134 -7.28 -25.88 -136.97
CA VAL NA 134 -7.41 -24.57 -136.34
C VAL NA 134 -6.58 -24.54 -135.07
N ILE NA 135 -5.62 -23.63 -134.97
CA ILE NA 135 -4.69 -23.52 -133.85
C ILE NA 135 -5.07 -22.30 -133.02
N VAL NA 136 -5.35 -22.47 -131.73
CA VAL NA 136 -6.03 -21.48 -130.89
C VAL NA 136 -5.13 -20.95 -129.78
N ASP NA 137 -5.03 -19.63 -129.64
CA ASP NA 137 -4.24 -18.96 -128.59
C ASP NA 137 -4.96 -17.72 -128.05
N ASN NA 138 -5.80 -17.87 -127.02
CA ASN NA 138 -6.52 -16.76 -126.38
C ASN NA 138 -7.20 -15.82 -127.39
N ASP NA 139 -8.09 -16.38 -128.21
CA ASP NA 139 -8.85 -15.71 -129.27
C ASP NA 139 -8.05 -15.31 -130.54
N VAL NA 140 -6.76 -15.64 -130.64
CA VAL NA 140 -6.10 -15.86 -131.94
C VAL NA 140 -6.50 -17.25 -132.43
N ARG NA 141 -6.74 -17.41 -133.73
CA ARG NA 141 -7.18 -18.66 -134.36
C ARG NA 141 -6.54 -18.84 -135.75
N LEU NA 142 -5.27 -19.20 -135.82
CA LEU NA 142 -4.63 -19.48 -137.10
C LEU NA 142 -5.22 -20.75 -137.70
N GLY NA 143 -5.94 -20.62 -138.81
CA GLY NA 143 -6.47 -21.76 -139.57
C GLY NA 143 -5.48 -22.24 -140.62
N PHE NA 144 -5.56 -23.51 -140.99
CA PHE NA 144 -4.83 -24.10 -142.10
C PHE NA 144 -5.75 -25.03 -142.87
N HIS NA 145 -5.80 -24.97 -144.20
CA HIS NA 145 -6.74 -25.74 -145.01
C HIS NA 145 -6.08 -26.33 -146.24
N ALA NA 146 -6.37 -27.59 -146.56
CA ALA NA 146 -5.93 -28.24 -147.78
C ALA NA 146 -7.11 -28.88 -148.52
N ARG NA 147 -7.25 -28.61 -149.81
CA ARG NA 147 -8.35 -29.13 -150.63
C ARG NA 147 -8.27 -30.63 -150.84
N LYS NA 148 -7.07 -31.21 -150.87
CA LYS NA 148 -6.85 -32.64 -151.10
C LYS NA 148 -5.56 -33.07 -150.43
N ALA NA 149 -5.66 -34.01 -149.51
CA ALA NA 149 -4.53 -34.67 -148.90
C ALA NA 149 -4.70 -36.18 -149.03
N SER NA 150 -3.60 -36.90 -149.24
CA SER NA 150 -3.58 -38.36 -149.22
C SER NA 150 -3.03 -38.84 -147.89
N LEU NA 151 -3.79 -39.65 -147.17
CA LEU NA 151 -3.47 -40.06 -145.80
C LEU NA 151 -2.80 -41.43 -145.77
N LYS NA 152 -1.72 -41.58 -145.01
CA LYS NA 152 -1.03 -42.87 -144.83
C LYS NA 152 -0.49 -43.05 -143.42
N ARG NA 153 -0.26 -44.30 -143.03
CA ARG NA 153 0.30 -44.67 -141.73
C ARG NA 153 1.72 -44.12 -141.62
N GLU NA 154 2.04 -43.34 -140.59
CA GLU NA 154 3.38 -42.79 -140.45
C GLU NA 154 4.35 -43.80 -139.86
N ASP NA 155 4.03 -44.40 -138.71
CA ASP NA 155 4.67 -45.59 -138.17
C ASP NA 155 3.69 -46.34 -137.23
N ALA NA 156 4.20 -47.23 -136.37
CA ALA NA 156 3.38 -48.14 -135.56
C ALA NA 156 2.35 -47.44 -134.67
N ILE NA 157 1.22 -48.10 -134.40
CA ILE NA 157 0.37 -47.73 -133.27
C ILE NA 157 1.19 -47.86 -132.00
N SER NA 158 1.22 -46.85 -131.14
CA SER NA 158 1.88 -46.94 -129.85
C SER NA 158 0.86 -47.25 -128.76
N LEU NA 159 1.19 -48.20 -127.89
CA LEU NA 159 0.47 -48.48 -126.65
C LEU NA 159 1.43 -48.30 -125.48
N ALA NA 160 0.91 -47.81 -124.36
CA ALA NA 160 1.68 -47.63 -123.13
C ALA NA 160 0.80 -47.82 -121.90
N THR NA 161 1.42 -48.16 -120.77
CA THR NA 161 0.74 -48.47 -119.52
C THR NA 161 0.26 -47.23 -118.78
N ASP NA 162 0.88 -46.07 -119.01
CA ASP NA 162 0.72 -44.84 -118.24
C ASP NA 162 0.37 -43.60 -119.09
N GLU NA 163 0.17 -43.77 -120.40
CA GLU NA 163 0.02 -42.68 -121.37
C GLU NA 163 -0.90 -43.11 -122.51
N PHE NA 164 -1.68 -42.19 -123.10
CA PHE NA 164 -2.65 -42.57 -124.12
C PHE NA 164 -2.00 -43.18 -125.35
N GLY NA 165 -2.55 -44.27 -125.86
CA GLY NA 165 -2.11 -44.83 -127.14
C GLY NA 165 -2.39 -43.88 -128.31
N ALA NA 166 -1.61 -43.97 -129.38
CA ALA NA 166 -1.73 -43.05 -130.51
C ALA NA 166 -1.54 -43.71 -131.87
N LEU NA 167 -2.24 -43.21 -132.88
CA LEU NA 167 -2.14 -43.65 -134.26
C LEU NA 167 -1.62 -42.49 -135.12
N PRO NA 168 -0.32 -42.40 -135.41
CA PRO NA 168 0.23 -41.31 -136.18
C PRO NA 168 -0.08 -41.49 -137.66
N VAL NA 169 -0.81 -40.54 -138.26
CA VAL NA 169 -1.17 -40.53 -139.68
C VAL NA 169 -0.52 -39.36 -140.38
N ARG NA 170 0.13 -39.59 -141.52
CA ARG NA 170 0.73 -38.55 -142.36
C ARG NA 170 -0.24 -38.20 -143.45
N ALA NA 171 -0.67 -36.94 -143.50
CA ALA NA 171 -1.41 -36.39 -144.61
C ALA NA 171 -0.42 -35.73 -145.58
N THR NA 172 -0.35 -36.17 -146.83
CA THR NA 172 0.53 -35.57 -147.85
C THR NA 172 -0.31 -34.69 -148.76
N PHE NA 173 0.06 -33.44 -148.97
CA PHE NA 173 -0.76 -32.51 -149.76
C PHE NA 173 -0.60 -32.75 -151.25
N LEU NA 174 -1.70 -32.63 -152.00
CA LEU NA 174 -1.72 -32.83 -153.45
C LEU NA 174 -2.43 -31.68 -154.15
N ASP NA 175 -1.95 -31.29 -155.33
CA ASP NA 175 -2.65 -30.33 -156.18
C ASP NA 175 -4.07 -30.83 -156.53
N TYR NA 176 -5.02 -29.91 -156.63
CA TYR NA 176 -6.40 -30.24 -156.97
C TYR NA 176 -7.06 -29.10 -157.75
N GLN NA 177 -7.50 -29.38 -158.98
CA GLN NA 177 -8.43 -28.56 -159.76
C GLN NA 177 -8.02 -27.07 -159.87
N SER NA 178 -6.73 -26.78 -159.93
CA SER NA 178 -6.14 -25.43 -159.96
C SER NA 178 -6.34 -24.54 -158.73
N TYR NA 179 -6.83 -25.06 -157.61
CA TYR NA 179 -6.71 -24.41 -156.31
C TYR NA 179 -5.25 -24.46 -155.80
N ASN NA 180 -4.92 -23.67 -154.78
CA ASN NA 180 -3.62 -23.72 -154.12
C ASN NA 180 -3.38 -25.06 -153.42
N LEU NA 181 -2.12 -25.40 -153.14
CA LEU NA 181 -1.77 -26.66 -152.47
C LEU NA 181 -2.34 -26.71 -151.06
N TYR NA 182 -2.20 -25.61 -150.31
CA TYR NA 182 -2.85 -25.36 -149.02
C TYR NA 182 -2.82 -23.87 -148.69
N GLU NA 183 -3.64 -23.45 -147.73
CA GLU NA 183 -3.86 -22.05 -147.39
C GLU NA 183 -3.88 -21.83 -145.88
N TRP NA 184 -3.21 -20.81 -145.39
CA TRP NA 184 -3.26 -20.36 -144.00
C TRP NA 184 -4.27 -19.23 -143.86
N ILE NA 185 -5.03 -19.19 -142.77
CA ILE NA 185 -6.19 -18.30 -142.63
C ILE NA 185 -6.13 -17.48 -141.34
N GLU NA 186 -6.12 -16.15 -141.45
CA GLU NA 186 -6.62 -15.17 -140.47
C GLU NA 186 -6.84 -13.81 -141.10
N GLU NA 187 -7.98 -13.17 -140.82
CA GLU NA 187 -8.30 -11.86 -141.38
C GLU NA 187 -7.36 -10.74 -140.94
N ASP NA 188 -6.77 -10.86 -139.74
CA ASP NA 188 -5.93 -9.80 -139.17
C ASP NA 188 -4.49 -9.81 -139.69
N TRP NA 189 -3.98 -10.92 -140.23
CA TRP NA 189 -2.55 -11.08 -140.52
C TRP NA 189 -2.21 -11.05 -142.01
N PHE NA 190 -2.98 -11.72 -142.88
CA PHE NA 190 -2.62 -11.90 -144.28
C PHE NA 190 -3.44 -11.00 -145.19
N ASN NA 191 -2.84 -10.29 -146.14
CA ASN NA 191 -3.56 -9.36 -147.02
C ASN NA 191 -4.44 -8.36 -146.23
N ALA NA 192 -4.01 -7.95 -145.02
CA ALA NA 192 -4.83 -7.15 -144.11
C ALA NA 192 -5.18 -5.77 -144.69
N VAL NA 193 -6.37 -5.26 -144.34
CA VAL NA 193 -6.88 -3.97 -144.84
C VAL NA 193 -6.10 -2.78 -144.28
N ASP NA 194 -5.87 -1.76 -145.11
CA ASP NA 194 -5.04 -0.60 -144.77
C ASP NA 194 -5.65 0.25 -143.65
N ALA NA 195 -6.99 0.31 -143.61
CA ALA NA 195 -7.82 0.86 -142.55
C ALA NA 195 -9.14 0.06 -142.49
N PRO NA 196 -9.84 0.00 -141.34
CA PRO NA 196 -11.06 -0.78 -141.23
C PRO NA 196 -12.13 -0.30 -142.21
N VAL NA 197 -12.81 -1.22 -142.89
CA VAL NA 197 -13.81 -0.85 -143.91
C VAL NA 197 -14.97 -0.10 -143.28
N VAL NA 198 -15.40 0.97 -143.94
CA VAL NA 198 -16.59 1.75 -143.58
C VAL NA 198 -17.53 1.80 -144.78
N TYR NA 199 -18.74 1.30 -144.60
CA TYR NA 199 -19.80 1.36 -145.60
C TYR NA 199 -20.54 2.68 -145.51
N LEU NA 200 -20.99 3.21 -146.65
CA LEU NA 200 -21.89 4.35 -146.72
C LEU NA 200 -23.27 3.91 -147.20
N LEU NA 201 -24.30 4.33 -146.46
CA LEU NA 201 -25.70 4.02 -146.71
C LEU NA 201 -26.39 5.27 -147.28
N ASP NA 202 -26.98 5.10 -148.45
CA ASP NA 202 -27.53 6.18 -149.28
C ASP NA 202 -28.81 6.80 -148.70
N LEU NA 203 -29.11 8.05 -149.07
CA LEU NA 203 -30.35 8.76 -148.79
C LEU NA 203 -31.05 9.31 -150.06
N GLY NA 204 -30.54 9.02 -151.26
CA GLY NA 204 -31.14 9.45 -152.53
C GLY NA 204 -32.57 8.93 -152.76
N GLY NA 205 -32.92 7.77 -152.16
CA GLY NA 205 -34.31 7.39 -151.89
C GLY NA 205 -34.84 8.18 -150.69
N ALA NA 206 -35.28 9.42 -150.94
CA ALA NA 206 -35.52 10.39 -149.88
C ALA NA 206 -36.79 10.14 -149.04
N THR NA 207 -37.80 9.40 -149.52
CA THR NA 207 -39.11 9.36 -148.86
C THR NA 207 -39.91 8.06 -148.97
N GLY NA 208 -40.60 7.73 -147.87
CA GLY NA 208 -41.64 6.71 -147.71
C GLY NA 208 -41.18 5.25 -147.89
N GLY NA 209 -41.92 4.32 -147.29
CA GLY NA 209 -41.68 2.89 -147.45
C GLY NA 209 -40.47 2.35 -146.68
N ASP NA 210 -40.01 1.17 -147.08
CA ASP NA 210 -39.03 0.37 -146.34
C ASP NA 210 -38.09 -0.42 -147.27
N TYR NA 211 -36.98 -0.88 -146.71
CA TYR NA 211 -35.90 -1.60 -147.38
C TYR NA 211 -35.35 -2.69 -146.46
N THR NA 212 -34.54 -3.59 -146.99
CA THR NA 212 -33.90 -4.66 -146.23
C THR NA 212 -32.48 -4.88 -146.73
N LEU NA 213 -31.51 -4.39 -145.96
CA LEU NA 213 -30.10 -4.71 -146.15
C LEU NA 213 -29.87 -6.22 -145.99
N LEU NA 214 -28.71 -6.71 -146.44
CA LEU NA 214 -28.22 -8.01 -146.01
C LEU NA 214 -26.80 -7.88 -145.46
N VAL NA 215 -26.52 -8.67 -144.43
CA VAL NA 215 -25.26 -8.66 -143.68
C VAL NA 215 -24.68 -10.07 -143.71
N GLY NA 216 -23.42 -10.21 -144.11
CA GLY NA 216 -22.75 -11.51 -144.23
C GLY NA 216 -23.49 -12.51 -145.12
N GLY NA 217 -24.29 -12.04 -146.09
CA GLY NA 217 -25.15 -12.88 -146.94
C GLY NA 217 -26.57 -13.15 -146.43
N LYS NA 218 -27.07 -12.49 -145.37
CA LYS NA 218 -28.47 -12.73 -144.91
C LYS NA 218 -29.23 -11.47 -144.48
N SER NA 219 -30.54 -11.45 -144.74
CA SER NA 219 -31.41 -10.27 -144.62
C SER NA 219 -31.52 -9.71 -143.20
N THR NA 220 -31.50 -8.38 -143.10
CA THR NA 220 -31.75 -7.60 -141.89
C THR NA 220 -33.22 -7.58 -141.42
N GLY NA 221 -34.14 -8.20 -142.16
CA GLY NA 221 -35.57 -7.91 -142.02
C GLY NA 221 -35.90 -6.52 -142.55
N ASP NA 222 -37.15 -6.09 -142.45
CA ASP NA 222 -37.58 -4.79 -143.01
C ASP NA 222 -37.25 -3.61 -142.09
N ILE NA 223 -36.80 -2.48 -142.66
CA ILE NA 223 -36.52 -1.23 -141.97
C ILE NA 223 -37.03 -0.02 -142.76
N ALA NA 224 -37.63 0.95 -142.07
CA ALA NA 224 -38.29 2.10 -142.70
C ALA NA 224 -37.30 3.20 -143.15
N TYR NA 225 -37.68 3.95 -144.19
CA TYR NA 225 -36.85 5.02 -144.78
C TYR NA 225 -36.38 6.08 -143.77
N ASN NA 226 -37.21 6.41 -142.78
CA ASN NA 226 -36.96 7.45 -141.80
C ASN NA 226 -36.12 7.02 -140.59
N ALA NA 227 -35.68 5.76 -140.53
CA ALA NA 227 -35.15 5.15 -139.30
C ALA NA 227 -33.89 5.88 -138.76
N ASN NA 228 -33.84 6.01 -137.43
CA ASN NA 228 -32.70 6.58 -136.71
C ASN NA 228 -31.46 5.67 -136.78
N ALA NA 229 -30.25 6.22 -136.66
CA ALA NA 229 -29.01 5.43 -136.65
C ALA NA 229 -29.02 4.31 -135.59
N SER NA 230 -29.55 4.54 -134.38
CA SER NA 230 -29.66 3.51 -133.34
C SER NA 230 -30.66 2.41 -133.70
N ALA NA 231 -31.72 2.72 -134.46
CA ALA NA 231 -32.63 1.71 -134.98
C ALA NA 231 -31.98 0.88 -136.10
N ILE NA 232 -31.20 1.52 -136.98
CA ILE NA 232 -30.41 0.83 -138.00
C ILE NA 232 -29.37 -0.10 -137.36
N LYS NA 233 -28.62 0.38 -136.37
CA LYS NA 233 -27.69 -0.44 -135.58
C LYS NA 233 -28.41 -1.63 -134.92
N THR NA 234 -29.56 -1.38 -134.30
CA THR NA 234 -30.39 -2.44 -133.71
C THR NA 234 -30.86 -3.45 -134.75
N ALA NA 235 -31.15 -3.03 -135.99
CA ALA NA 235 -31.54 -3.94 -137.05
C ALA NA 235 -30.38 -4.80 -137.55
N ILE NA 236 -29.25 -4.22 -137.95
CA ILE NA 236 -28.10 -5.01 -138.44
C ILE NA 236 -27.42 -5.84 -137.32
N GLY NA 237 -27.56 -5.44 -136.06
CA GLY NA 237 -26.93 -6.10 -134.93
C GLY NA 237 -27.70 -7.29 -134.33
N ALA NA 238 -28.82 -7.71 -134.92
CA ALA NA 238 -29.74 -8.66 -134.29
C ALA NA 238 -30.32 -9.72 -135.24
N VAL NA 239 -29.55 -10.17 -136.25
CA VAL NA 239 -30.08 -10.91 -137.41
C VAL NA 239 -29.27 -12.15 -137.78
N ASP NA 240 -29.49 -13.22 -137.03
CA ASP NA 240 -29.23 -14.63 -137.42
C ASP NA 240 -27.77 -15.01 -137.71
N ASP NA 241 -26.78 -14.34 -137.12
CA ASP NA 241 -25.38 -14.79 -137.09
C ASP NA 241 -24.63 -14.26 -135.86
N GLY NA 242 -23.46 -14.84 -135.59
CA GLY NA 242 -22.82 -14.80 -134.27
C GLY NA 242 -22.24 -13.46 -133.78
N VAL NA 243 -22.50 -12.33 -134.43
CA VAL NA 243 -21.94 -11.02 -134.04
C VAL NA 243 -22.93 -10.25 -133.18
N ALA NA 244 -22.48 -9.80 -132.01
CA ALA NA 244 -23.32 -9.16 -131.02
C ALA NA 244 -23.78 -7.75 -131.43
N GLU NA 245 -24.79 -7.23 -130.73
CA GLU NA 245 -25.29 -5.86 -130.85
C GLU NA 245 -24.17 -4.80 -130.77
N SER NA 246 -23.18 -5.03 -129.90
CA SER NA 246 -22.07 -4.11 -129.65
C SER NA 246 -20.94 -4.17 -130.68
N ALA NA 247 -20.94 -5.11 -131.61
CA ALA NA 247 -19.88 -5.24 -132.61
C ALA NA 247 -19.93 -4.18 -133.72
N TRP NA 248 -21.09 -3.56 -133.92
CA TRP NA 248 -21.35 -2.60 -135.00
C TRP NA 248 -21.28 -1.15 -134.53
N THR NA 249 -20.77 -0.25 -135.37
CA THR NA 249 -20.80 1.20 -135.13
C THR NA 249 -21.37 1.91 -136.35
N VAL NA 250 -22.30 2.84 -136.11
CA VAL NA 250 -23.20 3.42 -137.13
C VAL NA 250 -23.39 4.91 -136.86
N THR NA 251 -23.58 5.73 -137.90
CA THR NA 251 -23.95 7.14 -137.75
C THR NA 251 -24.86 7.63 -138.88
N ALA NA 252 -25.67 8.63 -138.58
CA ALA NA 252 -26.49 9.36 -139.53
C ALA NA 252 -26.01 10.82 -139.59
N ASP NA 253 -25.57 11.27 -140.76
CA ASP NA 253 -24.88 12.56 -140.94
C ASP NA 253 -25.72 13.56 -141.77
N GLY NA 254 -25.15 14.70 -142.14
CA GLY NA 254 -25.85 15.79 -142.83
C GLY NA 254 -26.33 15.49 -144.26
N SER NA 255 -25.89 14.37 -144.87
CA SER NA 255 -26.24 13.99 -146.24
C SER NA 255 -26.29 12.48 -146.51
N ASP NA 256 -25.77 11.64 -145.61
CA ASP NA 256 -25.62 10.19 -145.78
C ASP NA 256 -25.68 9.47 -144.42
N PHE NA 257 -25.99 8.18 -144.41
CA PHE NA 257 -25.77 7.30 -143.25
C PHE NA 257 -24.49 6.47 -143.45
N GLU NA 258 -23.94 5.91 -142.37
CA GLU NA 258 -22.66 5.19 -142.39
C GLU NA 258 -22.68 3.98 -141.45
N ILE NA 259 -22.09 2.86 -141.85
CA ILE NA 259 -22.07 1.59 -141.10
C ILE NA 259 -20.65 1.03 -141.07
N SER NA 260 -20.22 0.44 -139.95
CA SER NA 260 -18.91 -0.23 -139.81
C SER NA 260 -18.99 -1.39 -138.82
N GLY NA 261 -18.22 -2.46 -139.04
CA GLY NA 261 -18.28 -3.67 -138.22
C GLY NA 261 -17.61 -4.90 -138.87
N PRO NA 262 -17.82 -6.10 -138.31
CA PRO NA 262 -17.02 -7.30 -138.58
C PRO NA 262 -17.37 -8.06 -139.87
N LEU NA 263 -18.40 -7.67 -140.62
CA LEU NA 263 -18.92 -8.44 -141.77
C LEU NA 263 -19.18 -7.58 -143.00
N ALA NA 264 -19.34 -8.22 -144.16
CA ALA NA 264 -19.84 -7.58 -145.37
C ALA NA 264 -21.27 -7.05 -145.17
N VAL NA 265 -21.56 -5.86 -145.67
CA VAL NA 265 -22.90 -5.26 -145.68
C VAL NA 265 -23.28 -4.94 -147.12
N ALA NA 266 -24.50 -5.25 -147.53
CA ALA NA 266 -24.98 -5.03 -148.89
C ALA NA 266 -26.44 -4.55 -148.92
N LEU NA 267 -26.80 -3.90 -150.02
CA LEU NA 267 -28.00 -3.07 -150.16
C LEU NA 267 -29.31 -3.88 -150.24
N GLY NA 268 -29.20 -5.18 -150.51
CA GLY NA 268 -30.29 -6.17 -150.42
C GLY NA 268 -31.48 -5.84 -151.34
N VAL NA 269 -32.65 -5.56 -150.75
CA VAL NA 269 -33.90 -5.24 -151.47
C VAL NA 269 -34.50 -3.92 -150.98
N ASP NA 270 -35.06 -3.13 -151.88
CA ASP NA 270 -35.50 -1.76 -151.63
C ASP NA 270 -36.94 -1.55 -152.11
N SER NA 271 -37.79 -0.96 -151.26
CA SER NA 271 -39.18 -0.58 -151.57
C SER NA 271 -39.46 0.87 -151.13
N THR NA 272 -38.43 1.72 -151.09
CA THR NA 272 -38.52 3.16 -150.82
C THR NA 272 -39.39 3.85 -151.87
N THR NA 273 -40.37 4.66 -151.47
CA THR NA 273 -41.43 5.12 -152.38
C THR NA 273 -41.02 6.24 -153.33
N GLY NA 274 -40.10 7.10 -152.92
CA GLY NA 274 -39.71 8.30 -153.68
C GLY NA 274 -38.22 8.60 -153.62
N GLY NA 275 -37.72 9.27 -154.67
CA GLY NA 275 -36.30 9.42 -154.94
C GLY NA 275 -35.72 8.26 -155.76
N SER NA 276 -34.40 8.15 -155.80
CA SER NA 276 -33.67 7.20 -156.66
C SER NA 276 -33.73 5.73 -156.25
N GLY NA 277 -34.25 5.43 -155.06
CA GLY NA 277 -33.84 4.24 -154.30
C GLY NA 277 -32.44 4.41 -153.69
N VAL NA 278 -32.03 3.50 -152.80
CA VAL NA 278 -30.79 3.64 -152.01
C VAL NA 278 -29.69 2.68 -152.49
N THR NA 279 -28.57 3.20 -153.00
CA THR NA 279 -27.43 2.40 -153.51
C THR NA 279 -26.07 3.13 -153.39
N VAL NA 280 -25.31 2.86 -152.33
CA VAL NA 280 -23.90 3.27 -152.13
C VAL NA 280 -23.10 2.15 -151.45
N ASP NA 281 -21.78 2.10 -151.66
CA ASP NA 281 -20.89 1.04 -151.14
C ASP NA 281 -20.07 1.49 -149.91
N VAL NA 282 -18.91 2.14 -150.11
CA VAL NA 282 -17.91 2.46 -149.07
C VAL NA 282 -17.34 3.86 -149.21
N VAL NA 283 -16.67 4.34 -148.15
CA VAL NA 283 -15.96 5.63 -148.09
C VAL NA 283 -14.90 5.81 -149.17
N ALA OA 2 -22.34 -40.78 -94.11
CA ALA OA 2 -22.88 -40.20 -92.86
C ALA OA 2 -21.84 -40.25 -91.74
N LEU OA 3 -21.99 -39.42 -90.71
CA LEU OA 3 -21.11 -39.44 -89.54
C LEU OA 3 -21.38 -40.64 -88.64
N LYS OA 4 -20.35 -41.29 -88.10
CA LYS OA 4 -20.45 -42.33 -87.07
C LYS OA 4 -19.36 -42.18 -86.02
N ASP OA 5 -19.69 -41.65 -84.86
CA ASP OA 5 -18.79 -41.63 -83.70
C ASP OA 5 -18.46 -43.04 -83.17
N ASP OA 6 -19.25 -44.06 -83.50
CA ASP OA 6 -18.94 -45.46 -83.22
C ASP OA 6 -17.75 -46.00 -84.04
N ALA OA 7 -17.43 -45.36 -85.17
CA ALA OA 7 -16.50 -45.87 -86.18
C ALA OA 7 -15.26 -44.99 -86.35
N VAL OA 8 -15.06 -44.01 -85.48
CA VAL OA 8 -13.81 -43.28 -85.33
C VAL OA 8 -12.82 -44.13 -84.55
N LEU OA 9 -11.54 -44.15 -84.93
CA LEU OA 9 -10.55 -45.07 -84.37
C LEU OA 9 -9.33 -44.33 -83.80
N ILE OA 10 -8.93 -44.63 -82.56
CA ILE OA 10 -7.63 -44.23 -81.99
C ILE OA 10 -6.92 -45.50 -81.56
N ALA OA 11 -6.18 -46.12 -82.45
CA ALA OA 11 -5.59 -47.43 -82.22
C ALA OA 11 -4.73 -47.47 -80.94
N ALA OA 12 -5.12 -48.23 -79.93
CA ALA OA 12 -4.38 -48.28 -78.67
C ALA OA 12 -3.21 -49.26 -78.73
N ARG OA 13 -3.43 -50.42 -79.36
CA ARG OA 13 -2.48 -51.53 -79.43
C ARG OA 13 -2.70 -52.32 -80.72
N GLY OA 14 -1.66 -52.94 -81.25
CA GLY OA 14 -1.72 -53.69 -82.49
C GLY OA 14 -1.02 -55.02 -82.36
N TYR OA 15 -1.76 -56.12 -82.33
CA TYR OA 15 -1.19 -57.45 -82.34
C TYR OA 15 -0.86 -57.85 -83.78
N VAL OA 16 0.23 -58.59 -84.00
CA VAL OA 16 0.62 -59.07 -85.34
C VAL OA 16 0.86 -60.57 -85.32
N TYR OA 17 0.25 -61.29 -86.24
CA TYR OA 17 0.35 -62.73 -86.38
C TYR OA 17 0.80 -63.10 -87.78
N THR OA 18 1.45 -64.24 -87.94
CA THR OA 18 1.85 -64.75 -89.24
C THR OA 18 1.61 -66.25 -89.35
N ALA OA 19 1.53 -66.77 -90.56
CA ALA OA 19 1.25 -68.17 -90.83
C ALA OA 19 1.70 -68.55 -92.25
N ALA OA 20 1.68 -69.85 -92.58
CA ALA OA 20 2.00 -70.32 -93.92
C ALA OA 20 1.09 -69.66 -94.97
N VAL OA 21 1.63 -69.45 -96.17
CA VAL OA 21 0.96 -68.69 -97.24
C VAL OA 21 -0.43 -69.24 -97.53
N GLY OA 22 -1.38 -68.34 -97.76
CA GLY OA 22 -2.75 -68.68 -98.11
C GLY OA 22 -3.70 -68.92 -96.93
N THR OA 23 -3.19 -69.18 -95.71
CA THR OA 23 -4.06 -69.53 -94.58
C THR OA 23 -5.02 -68.42 -94.18
N ALA OA 24 -6.25 -68.79 -93.83
CA ALA OA 24 -7.34 -67.85 -93.59
C ALA OA 24 -7.33 -67.28 -92.16
N ALA OA 25 -7.71 -66.01 -92.02
CA ALA OA 25 -7.90 -65.37 -90.72
C ALA OA 25 -9.18 -65.85 -90.04
N PRO OA 26 -9.35 -65.60 -88.73
CA PRO OA 26 -10.64 -65.74 -88.05
C PRO OA 26 -11.75 -64.97 -88.77
N THR OA 27 -12.96 -65.52 -88.80
CA THR OA 27 -14.12 -64.84 -89.39
C THR OA 27 -14.51 -63.60 -88.58
N PRO OA 28 -15.23 -62.61 -89.16
CA PRO OA 28 -15.62 -61.40 -88.47
C PRO OA 28 -16.35 -61.64 -87.15
N SER OA 29 -17.18 -62.68 -87.04
CA SER OA 29 -17.90 -63.02 -85.81
C SER OA 29 -17.03 -63.73 -84.78
N GLN OA 30 -15.92 -64.38 -85.17
CA GLN OA 30 -14.94 -64.92 -84.23
C GLN OA 30 -14.02 -63.84 -83.69
N LEU OA 31 -13.66 -62.83 -84.49
CA LEU OA 31 -12.70 -61.81 -84.07
C LEU OA 31 -13.17 -61.02 -82.84
N LYS OA 32 -14.48 -60.94 -82.63
CA LYS OA 32 -15.12 -60.34 -81.44
C LYS OA 32 -15.11 -61.24 -80.19
N LEU OA 33 -14.69 -62.50 -80.30
CA LEU OA 33 -14.80 -63.51 -79.24
C LEU OA 33 -13.46 -64.13 -78.83
N ILE OA 34 -12.55 -64.38 -79.78
CA ILE OA 34 -11.22 -64.96 -79.53
C ILE OA 34 -10.36 -64.06 -78.64
N ASP OA 35 -9.33 -64.60 -77.98
CA ASP OA 35 -8.39 -63.83 -77.15
C ASP OA 35 -7.01 -63.72 -77.79
N LEU OA 36 -6.56 -62.48 -77.96
CA LEU OA 36 -5.45 -62.12 -78.83
C LEU OA 36 -4.09 -62.55 -78.29
N GLU OA 37 -3.95 -62.78 -76.99
CA GLU OA 37 -2.68 -63.17 -76.37
C GLU OA 37 -2.26 -64.60 -76.76
N HIS OA 38 -3.18 -65.47 -77.17
CA HIS OA 38 -2.96 -66.92 -77.28
C HIS OA 38 -3.54 -67.55 -78.56
N PRO OA 39 -2.91 -67.38 -79.72
CA PRO OA 39 -3.37 -67.98 -80.97
C PRO OA 39 -3.23 -69.50 -81.01
N GLU OA 40 -2.60 -70.14 -80.03
CA GLU OA 40 -2.67 -71.60 -79.84
C GLU OA 40 -4.09 -72.08 -79.51
N ALA OA 41 -4.91 -71.23 -78.90
CA ALA OA 41 -6.22 -71.60 -78.40
C ALA OA 41 -7.32 -71.55 -79.45
N TRP OA 42 -7.32 -70.53 -80.29
CA TRP OA 42 -8.50 -70.18 -81.07
C TRP OA 42 -8.79 -71.17 -82.20
N ASP OA 43 -10.04 -71.22 -82.66
CA ASP OA 43 -10.41 -71.92 -83.88
C ASP OA 43 -9.82 -71.17 -85.11
N ARG OA 44 -9.78 -71.81 -86.29
CA ARG OA 44 -9.04 -71.35 -87.47
C ARG OA 44 -7.53 -71.31 -87.19
N THR OA 45 -7.02 -72.45 -86.73
CA THR OA 45 -5.62 -72.66 -86.33
C THR OA 45 -4.62 -72.45 -87.45
N GLY OA 46 -3.36 -72.20 -87.09
CA GLY OA 46 -2.22 -72.03 -87.99
C GLY OA 46 -1.44 -70.74 -87.76
N TRP OA 47 -2.07 -69.74 -87.12
CA TRP OA 47 -1.46 -68.47 -86.76
C TRP OA 47 -0.57 -68.59 -85.55
N ASP OA 48 0.51 -67.80 -85.50
CA ASP OA 48 1.27 -67.58 -84.28
C ASP OA 48 1.70 -66.12 -84.16
N LEU OA 49 1.78 -65.63 -82.91
CA LEU OA 49 2.03 -64.23 -82.60
C LEU OA 49 3.50 -63.92 -82.89
N VAL OA 50 3.79 -62.86 -83.62
CA VAL OA 50 5.12 -62.66 -84.22
C VAL OA 50 6.23 -62.39 -83.20
N GLY OA 51 5.92 -61.81 -82.04
CA GLY OA 51 6.87 -61.51 -80.97
C GLY OA 51 6.62 -60.16 -80.30
N HIS OA 52 7.41 -59.81 -79.29
CA HIS OA 52 7.30 -58.53 -78.62
C HIS OA 52 7.57 -57.36 -79.56
N THR OA 53 6.60 -56.46 -79.69
CA THR OA 53 6.67 -55.23 -80.47
C THR OA 53 6.49 -54.06 -79.51
N SER OA 54 7.11 -52.90 -79.79
CA SER OA 54 7.13 -51.75 -78.88
C SER OA 54 5.75 -51.37 -78.34
N GLU OA 55 5.63 -51.22 -77.02
CA GLU OA 55 4.36 -51.04 -76.32
C GLU OA 55 3.70 -49.66 -76.54
N ASP OA 56 4.35 -48.75 -77.27
CA ASP OA 56 3.87 -47.39 -77.55
C ASP OA 56 3.80 -47.03 -79.05
N ASP OA 57 4.02 -47.98 -79.97
CA ASP OA 57 3.80 -47.77 -81.40
C ASP OA 57 3.11 -48.97 -82.07
N LEU OA 58 2.76 -48.81 -83.35
CA LEU OA 58 1.87 -49.70 -84.09
C LEU OA 58 2.51 -50.14 -85.41
N PRO OA 59 2.08 -51.25 -86.03
CA PRO OA 59 2.49 -51.58 -87.38
C PRO OA 59 2.27 -50.39 -88.31
N GLU OA 60 3.33 -49.91 -88.94
CA GLU OA 60 3.29 -48.67 -89.71
C GLU OA 60 2.94 -48.96 -91.17
N PHE OA 61 1.68 -48.74 -91.56
CA PHE OA 61 1.28 -48.88 -92.95
C PHE OA 61 1.98 -47.85 -93.82
N GLY OA 62 2.18 -48.18 -95.08
CA GLY OA 62 2.85 -47.35 -96.06
C GLY OA 62 2.53 -47.78 -97.48
N PHE OA 63 2.92 -46.98 -98.45
CA PHE OA 63 3.04 -47.42 -99.83
C PHE OA 63 4.04 -46.55 -100.56
N ASP OA 64 4.54 -47.05 -101.69
CA ASP OA 64 5.26 -46.24 -102.66
C ASP OA 64 4.82 -46.57 -104.08
N GLY OA 65 5.14 -45.70 -105.02
CA GLY OA 65 4.59 -45.78 -106.37
C GLY OA 65 3.12 -45.40 -106.44
N GLY OA 66 2.72 -44.32 -105.78
CA GLY OA 66 1.38 -43.74 -105.93
C GLY OA 66 1.25 -42.64 -107.00
N ASP OA 67 2.33 -42.35 -107.73
CA ASP OA 67 2.46 -41.16 -108.57
C ASP OA 67 1.44 -41.12 -109.73
N SER OA 68 0.53 -40.16 -109.73
CA SER OA 68 -0.55 -40.04 -110.70
C SER OA 68 -0.65 -38.63 -111.30
N GLU OA 69 -1.03 -38.54 -112.58
CA GLU OA 69 -0.99 -37.31 -113.35
C GLU OA 69 -2.28 -37.14 -114.17
N VAL OA 70 -2.81 -35.92 -114.28
CA VAL OA 70 -3.95 -35.62 -115.15
C VAL OA 70 -3.49 -35.50 -116.60
N ARG OA 71 -4.13 -36.21 -117.53
CA ARG OA 71 -3.83 -36.14 -118.97
C ARG OA 71 -5.05 -35.71 -119.77
N GLY OA 72 -4.80 -35.04 -120.89
CA GLY OA 72 -5.84 -34.58 -121.81
C GLY OA 72 -5.42 -34.74 -123.27
N SER OA 73 -5.82 -33.80 -124.11
CA SER OA 73 -5.57 -33.83 -125.54
C SER OA 73 -5.56 -32.42 -126.09
N TRP OA 74 -5.06 -32.22 -127.30
CA TRP OA 74 -4.92 -30.88 -127.86
C TRP OA 74 -6.27 -30.14 -127.91
N GLN OA 75 -7.37 -30.86 -128.14
CA GLN OA 75 -8.72 -30.32 -128.06
C GLN OA 75 -9.19 -29.98 -126.64
N LYS OA 76 -9.26 -30.97 -125.74
CA LYS OA 76 -9.83 -30.88 -124.38
C LYS OA 76 -8.76 -31.17 -123.32
N LYS OA 77 -8.52 -30.23 -122.40
CA LYS OA 77 -7.27 -30.17 -121.63
C LYS OA 77 -7.19 -31.11 -120.42
N LYS OA 78 -8.31 -31.57 -119.86
CA LYS OA 78 -8.36 -32.54 -118.74
C LYS OA 78 -9.37 -33.65 -118.99
N LEU OA 79 -8.91 -34.83 -119.42
CA LEU OA 79 -9.79 -35.99 -119.65
C LEU OA 79 -9.84 -36.91 -118.43
N ARG OA 80 -8.68 -37.36 -117.96
CA ARG OA 80 -8.56 -38.49 -117.04
C ARG OA 80 -7.35 -38.30 -116.13
N GLU OA 81 -7.38 -38.82 -114.91
CA GLU OA 81 -6.19 -38.95 -114.08
C GLU OA 81 -5.68 -40.38 -114.17
N VAL OA 82 -4.43 -40.56 -114.60
CA VAL OA 82 -3.81 -41.87 -114.78
C VAL OA 82 -2.73 -42.10 -113.73
N GLU OA 83 -2.71 -43.27 -113.11
CA GLU OA 83 -1.62 -43.67 -112.23
C GLU OA 83 -0.41 -44.05 -113.07
N THR OA 84 0.70 -43.34 -112.93
CA THR OA 84 1.93 -43.62 -113.68
C THR OA 84 2.70 -44.80 -113.09
N GLU OA 85 2.47 -45.09 -111.82
CA GLU OA 85 2.92 -46.29 -111.12
C GLU OA 85 1.72 -46.88 -110.35
N GLU OA 86 1.50 -48.20 -110.40
CA GLU OA 86 0.50 -48.84 -109.56
C GLU OA 86 1.04 -48.97 -108.13
N ILE OA 87 0.20 -48.67 -107.13
CA ILE OA 87 0.58 -48.59 -105.72
C ILE OA 87 1.18 -49.92 -105.23
N ALA OA 88 2.40 -49.90 -104.69
CA ALA OA 88 2.99 -51.03 -103.97
C ALA OA 88 2.82 -50.82 -102.47
N ASP OA 89 2.08 -51.72 -101.83
CA ASP OA 89 1.43 -51.47 -100.54
C ASP OA 89 2.04 -52.36 -99.46
N TYR OA 90 2.38 -51.82 -98.29
CA TYR OA 90 3.16 -52.54 -97.29
C TYR OA 90 2.90 -52.09 -95.85
N VAL OA 91 3.36 -52.88 -94.88
CA VAL OA 91 3.36 -52.52 -93.47
C VAL OA 91 4.70 -52.84 -92.83
N VAL OA 92 5.21 -51.97 -91.95
CA VAL OA 92 6.50 -52.18 -91.26
C VAL OA 92 6.27 -52.56 -89.81
N ILE OA 93 6.91 -53.64 -89.34
CA ILE OA 93 6.81 -54.12 -87.96
C ILE OA 93 8.18 -54.05 -87.30
N ASN OA 94 8.34 -53.30 -86.21
CA ASN OA 94 9.59 -53.28 -85.45
C ASN OA 94 9.56 -54.34 -84.34
N LEU OA 95 9.96 -55.58 -84.64
CA LEU OA 95 10.13 -56.59 -83.62
C LEU OA 95 11.22 -56.14 -82.64
N THR OA 96 11.05 -56.37 -81.34
CA THR OA 96 12.02 -56.02 -80.29
C THR OA 96 12.57 -57.25 -79.58
N GLN OA 97 12.41 -58.42 -80.18
CA GLN OA 97 12.68 -59.73 -79.61
C GLN OA 97 13.72 -60.48 -80.46
N PHE OA 98 14.68 -61.14 -79.85
CA PHE OA 98 15.86 -61.69 -80.53
C PHE OA 98 15.93 -63.22 -80.47
N ASP OA 99 14.87 -63.93 -80.11
CA ASP OA 99 14.89 -65.39 -80.26
C ASP OA 99 14.80 -65.81 -81.73
N GLU OA 100 15.07 -67.06 -82.02
CA GLU OA 100 15.04 -67.58 -83.38
C GLU OA 100 13.74 -67.28 -84.10
N THR OA 101 12.59 -67.49 -83.45
CA THR OA 101 11.29 -67.33 -84.12
C THR OA 101 10.94 -65.88 -84.44
N ALA OA 102 11.70 -64.90 -83.95
CA ALA OA 102 11.62 -63.52 -84.39
C ALA OA 102 12.70 -63.16 -85.40
N LEU OA 103 13.92 -63.72 -85.30
CA LEU OA 103 14.94 -63.51 -86.32
C LEU OA 103 14.54 -64.13 -87.65
N GLU OA 104 13.81 -65.24 -87.69
CA GLU OA 104 13.37 -65.86 -88.94
C GLU OA 104 12.48 -64.96 -89.81
N LEU OA 105 11.83 -63.93 -89.25
CA LEU OA 105 11.06 -62.95 -90.02
C LEU OA 105 12.01 -61.96 -90.72
N TYR OA 106 13.14 -61.65 -90.08
CA TYR OA 106 14.09 -60.64 -90.53
C TYR OA 106 15.13 -61.22 -91.49
N PHE OA 107 15.82 -62.29 -91.11
CA PHE OA 107 16.89 -62.90 -91.92
C PHE OA 107 16.43 -64.00 -92.88
N GLY OA 108 15.17 -64.44 -92.82
CA GLY OA 108 14.78 -65.73 -93.44
C GLY OA 108 15.14 -66.90 -92.52
N PRO OA 109 14.92 -68.15 -92.95
CA PRO OA 109 15.07 -69.32 -92.08
C PRO OA 109 16.52 -69.51 -91.60
N ASN OA 110 16.71 -70.13 -90.45
CA ASN OA 110 18.03 -70.32 -89.86
C ASN OA 110 18.89 -71.22 -90.75
N GLN OA 111 20.05 -70.74 -91.19
CA GLN OA 111 20.90 -71.48 -92.13
C GLN OA 111 21.92 -72.42 -91.46
N SER OA 112 21.91 -72.58 -90.14
CA SER OA 112 22.84 -73.45 -89.40
C SER OA 112 22.12 -74.41 -88.47
N ALA OA 113 22.59 -75.65 -88.38
CA ALA OA 113 22.05 -76.70 -87.53
C ALA OA 113 22.60 -76.71 -86.10
N THR OA 114 23.68 -75.98 -85.81
CA THR OA 114 24.37 -76.03 -84.52
C THR OA 114 23.48 -75.51 -83.39
N PRO OA 115 23.34 -76.21 -82.26
CA PRO OA 115 22.64 -75.69 -81.08
C PRO OA 115 23.24 -74.37 -80.62
N GLY OA 116 22.42 -73.35 -80.38
CA GLY OA 116 22.87 -72.05 -79.89
C GLY OA 116 23.43 -71.09 -80.94
N ILE OA 117 23.27 -71.37 -82.23
CA ILE OA 117 23.73 -70.48 -83.32
C ILE OA 117 22.64 -70.26 -84.36
N PHE OA 118 22.50 -69.03 -84.82
CA PHE OA 118 21.68 -68.67 -85.98
C PHE OA 118 22.58 -68.14 -87.07
N GLY OA 119 22.59 -68.77 -88.24
CA GLY OA 119 23.53 -68.46 -89.32
C GLY OA 119 22.87 -67.76 -90.50
N VAL OA 120 23.58 -66.84 -91.14
CA VAL OA 120 23.10 -66.06 -92.29
C VAL OA 120 24.00 -66.28 -93.51
N LYS OA 121 23.42 -66.26 -94.72
CA LYS OA 121 24.14 -66.46 -95.99
C LYS OA 121 24.03 -65.24 -96.90
N SER OA 122 25.01 -65.09 -97.80
CA SER OA 122 24.97 -64.10 -98.88
C SER OA 122 23.82 -64.35 -99.85
N GLY OA 123 23.61 -63.47 -100.83
CA GLY OA 123 22.44 -63.54 -101.71
C GLY OA 123 21.19 -62.94 -101.06
N SER OA 124 20.04 -63.50 -101.41
CA SER OA 124 18.72 -63.02 -100.99
C SER OA 124 17.78 -64.20 -100.79
N VAL OA 125 16.72 -64.00 -100.01
CA VAL OA 125 15.78 -65.05 -99.61
C VAL OA 125 14.34 -64.72 -99.99
N VAL OA 126 13.60 -65.73 -100.42
CA VAL OA 126 12.13 -65.72 -100.35
C VAL OA 126 11.71 -66.05 -98.92
N ASN OA 127 10.79 -65.27 -98.36
CA ASN OA 127 10.29 -65.45 -97.00
C ASN OA 127 8.80 -65.06 -96.94
N GLU OA 128 8.04 -65.46 -97.96
CA GLU OA 128 6.64 -65.09 -98.09
C GLU OA 128 5.76 -65.82 -97.07
N ARG OA 129 4.85 -65.10 -96.41
CA ARG OA 129 3.95 -65.60 -95.35
C ARG OA 129 2.59 -64.94 -95.42
N ALA OA 130 1.56 -65.58 -94.90
CA ALA OA 130 0.31 -64.90 -94.60
C ALA OA 130 0.50 -64.04 -93.38
N LEU OA 131 -0.20 -62.92 -93.30
CA LEU OA 131 -0.07 -61.97 -92.21
C LEU OA 131 -1.43 -61.47 -91.77
N LEU OA 132 -1.65 -61.39 -90.46
CA LEU OA 132 -2.87 -60.91 -89.84
C LEU OA 132 -2.49 -59.90 -88.78
N ILE OA 133 -3.16 -58.76 -88.74
CA ILE OA 133 -2.96 -57.71 -87.74
C ILE OA 133 -4.30 -57.45 -87.09
N VAL OA 134 -4.34 -57.28 -85.77
CA VAL OA 134 -5.57 -56.91 -85.08
C VAL OA 134 -5.32 -55.64 -84.28
N ILE OA 135 -6.03 -54.57 -84.61
CA ILE OA 135 -5.84 -53.25 -84.01
C ILE OA 135 -6.98 -52.97 -83.04
N VAL OA 136 -6.65 -52.69 -81.78
CA VAL OA 136 -7.57 -52.73 -80.65
C VAL OA 136 -7.84 -51.34 -80.09
N ASP OA 137 -9.11 -51.01 -79.82
CA ASP OA 137 -9.52 -49.73 -79.25
C ASP OA 137 -10.92 -49.84 -78.61
N ASN OA 138 -11.07 -49.76 -77.29
CA ASN OA 138 -12.37 -49.81 -76.61
C ASN OA 138 -13.32 -50.98 -77.02
N ASP OA 139 -12.80 -52.19 -77.19
CA ASP OA 139 -13.53 -53.35 -77.74
C ASP OA 139 -13.82 -53.32 -79.26
N VAL OA 140 -13.48 -52.26 -79.98
CA VAL OA 140 -13.29 -52.36 -81.44
C VAL OA 140 -12.04 -53.18 -81.68
N ARG OA 141 -12.08 -54.06 -82.69
CA ARG OA 141 -10.95 -54.91 -83.11
C ARG OA 141 -10.86 -54.93 -84.63
N LEU OA 142 -10.48 -53.82 -85.25
CA LEU OA 142 -10.31 -53.76 -86.69
C LEU OA 142 -9.20 -54.73 -87.10
N GLY OA 143 -9.56 -55.85 -87.71
CA GLY OA 143 -8.60 -56.83 -88.20
C GLY OA 143 -8.13 -56.46 -89.60
N PHE OA 144 -6.95 -56.93 -89.98
CA PHE OA 144 -6.41 -56.77 -91.31
C PHE OA 144 -5.67 -58.04 -91.73
N HIS OA 145 -5.94 -58.60 -92.90
CA HIS OA 145 -5.43 -59.90 -93.31
C HIS OA 145 -4.91 -59.88 -94.74
N ALA OA 146 -3.70 -60.37 -94.97
CA ALA OA 146 -3.13 -60.54 -96.30
C ALA OA 146 -2.69 -62.00 -96.49
N ARG OA 147 -3.24 -62.70 -97.50
CA ARG OA 147 -2.94 -64.13 -97.68
C ARG OA 147 -1.53 -64.40 -98.16
N LYS OA 148 -0.88 -63.48 -98.86
CA LYS OA 148 0.56 -63.53 -99.09
C LYS OA 148 1.19 -62.16 -98.94
N ALA OA 149 2.26 -62.08 -98.17
CA ALA OA 149 3.11 -60.92 -98.03
C ALA OA 149 4.56 -61.36 -98.12
N SER OA 150 5.42 -60.58 -98.76
CA SER OA 150 6.86 -60.86 -98.82
C SER OA 150 7.59 -60.05 -97.78
N LEU OA 151 8.38 -60.69 -96.93
CA LEU OA 151 8.98 -60.06 -95.76
C LEU OA 151 10.45 -59.75 -96.03
N LYS OA 152 10.84 -58.49 -95.88
CA LYS OA 152 12.20 -58.00 -96.17
C LYS OA 152 12.73 -57.16 -95.02
N ARG OA 153 14.05 -57.05 -94.92
CA ARG OA 153 14.74 -56.18 -93.97
C ARG OA 153 14.47 -54.73 -94.37
N GLU OA 154 13.80 -53.93 -93.55
CA GLU OA 154 13.52 -52.52 -93.87
C GLU OA 154 14.73 -51.64 -93.59
N ASP OA 155 15.52 -51.98 -92.57
CA ASP OA 155 16.72 -51.29 -92.14
C ASP OA 155 17.58 -52.25 -91.28
N ALA OA 156 18.82 -51.90 -90.99
CA ALA OA 156 19.70 -52.70 -90.13
C ALA OA 156 19.16 -52.83 -88.70
N ILE OA 157 19.65 -53.83 -87.95
CA ILE OA 157 19.27 -54.03 -86.54
C ILE OA 157 19.67 -52.80 -85.73
N SER OA 158 18.71 -52.19 -85.04
CA SER OA 158 18.99 -51.06 -84.15
C SER OA 158 19.44 -51.57 -82.78
N LEU OA 159 20.49 -50.96 -82.23
CA LEU OA 159 20.95 -51.15 -80.85
C LEU OA 159 21.24 -49.78 -80.23
N ALA OA 160 20.85 -49.57 -78.97
CA ALA OA 160 21.14 -48.35 -78.23
C ALA OA 160 21.20 -48.64 -76.72
N THR OA 161 21.86 -47.78 -75.95
CA THR OA 161 22.07 -48.01 -74.52
C THR OA 161 20.87 -47.68 -73.64
N ASP OA 162 19.83 -47.02 -74.15
CA ASP OA 162 18.65 -46.61 -73.37
C ASP OA 162 17.31 -46.68 -74.14
N GLU OA 163 17.24 -47.44 -75.22
CA GLU OA 163 16.00 -47.84 -75.88
C GLU OA 163 16.17 -49.23 -76.50
N PHE OA 164 15.08 -50.00 -76.61
CA PHE OA 164 15.15 -51.43 -76.92
C PHE OA 164 15.70 -51.70 -78.31
N GLY OA 165 16.49 -52.77 -78.46
CA GLY OA 165 16.97 -53.19 -79.76
C GLY OA 165 15.83 -53.63 -80.66
N ALA OA 166 15.95 -53.48 -81.98
CA ALA OA 166 14.84 -53.74 -82.90
C ALA OA 166 15.27 -54.32 -84.24
N LEU OA 167 14.44 -55.20 -84.81
CA LEU OA 167 14.60 -55.81 -86.11
C LEU OA 167 13.45 -55.37 -87.04
N PRO OA 168 13.56 -54.24 -87.74
CA PRO OA 168 12.45 -53.72 -88.53
C PRO OA 168 12.26 -54.53 -89.82
N VAL OA 169 11.10 -55.16 -89.99
CA VAL OA 169 10.73 -55.87 -91.22
C VAL OA 169 9.66 -55.11 -91.98
N ARG OA 170 9.77 -55.03 -93.31
CA ARG OA 170 8.73 -54.53 -94.20
C ARG OA 170 8.03 -55.73 -94.81
N ALA OA 171 6.72 -55.85 -94.61
CA ALA OA 171 5.91 -56.85 -95.24
C ALA OA 171 5.17 -56.24 -96.43
N THR OA 172 5.46 -56.68 -97.65
CA THR OA 172 4.84 -56.13 -98.88
C THR OA 172 3.76 -57.07 -99.37
N PHE OA 173 2.53 -56.61 -99.60
CA PHE OA 173 1.43 -57.49 -99.98
C PHE OA 173 1.48 -57.89 -101.45
N LEU OA 174 1.09 -59.12 -101.79
CA LEU OA 174 1.12 -59.67 -103.14
C LEU OA 174 -0.15 -60.46 -103.44
N ASP OA 175 -0.56 -60.55 -104.71
CA ASP OA 175 -1.73 -61.33 -105.10
C ASP OA 175 -1.47 -62.84 -104.95
N TYR OA 176 -2.38 -63.56 -104.29
CA TYR OA 176 -2.33 -65.02 -104.17
C TYR OA 176 -3.61 -65.63 -104.76
N GLN OA 177 -3.49 -66.45 -105.79
CA GLN OA 177 -4.63 -67.04 -106.52
C GLN OA 177 -5.70 -65.99 -106.87
N SER OA 178 -6.97 -66.34 -106.80
CA SER OA 178 -8.11 -65.45 -107.06
C SER OA 178 -8.53 -64.58 -105.86
N TYR OA 179 -7.84 -64.68 -104.71
CA TYR OA 179 -8.16 -63.90 -103.52
C TYR OA 179 -7.78 -62.43 -103.65
N ASN OA 180 -8.32 -61.60 -102.75
CA ASN OA 180 -8.03 -60.16 -102.68
C ASN OA 180 -6.58 -59.90 -102.24
N LEU OA 181 -6.08 -58.68 -102.47
CA LEU OA 181 -4.73 -58.30 -102.08
C LEU OA 181 -4.60 -58.32 -100.55
N TYR OA 182 -5.57 -57.73 -99.85
CA TYR OA 182 -5.75 -57.81 -98.42
C TYR OA 182 -7.19 -57.43 -98.04
N GLU OA 183 -7.60 -57.75 -96.83
CA GLU OA 183 -8.97 -57.54 -96.33
C GLU OA 183 -8.97 -56.92 -94.95
N TRP OA 184 -9.86 -55.95 -94.72
CA TRP OA 184 -10.18 -55.45 -93.39
C TRP OA 184 -11.36 -56.23 -92.84
N ILE OA 185 -11.28 -56.63 -91.58
CA ILE OA 185 -12.24 -57.52 -90.94
C ILE OA 185 -12.85 -56.81 -89.73
N GLU OA 186 -14.15 -56.53 -89.74
CA GLU OA 186 -14.90 -56.04 -88.57
C GLU OA 186 -16.40 -56.19 -88.78
N GLU OA 187 -17.11 -56.99 -87.96
CA GLU OA 187 -18.49 -57.34 -88.26
C GLU OA 187 -19.49 -56.18 -88.16
N ASP OA 188 -19.20 -55.19 -87.31
CA ASP OA 188 -20.12 -54.07 -87.09
C ASP OA 188 -20.13 -53.07 -88.26
N TRP OA 189 -19.10 -53.03 -89.10
CA TRP OA 189 -18.81 -51.90 -89.97
C TRP OA 189 -18.94 -52.18 -91.46
N PHE OA 190 -18.55 -53.37 -91.93
CA PHE OA 190 -18.44 -53.68 -93.36
C PHE OA 190 -19.53 -54.68 -93.79
N ASN OA 191 -20.22 -54.41 -94.90
CA ASN OA 191 -21.47 -55.10 -95.24
C ASN OA 191 -22.43 -55.07 -94.02
N ALA OA 192 -23.00 -56.20 -93.60
CA ALA OA 192 -23.73 -56.34 -92.32
C ALA OA 192 -24.81 -55.26 -92.09
N VAL OA 193 -25.94 -55.41 -92.79
CA VAL OA 193 -26.95 -54.34 -92.98
C VAL OA 193 -27.62 -53.83 -91.70
N ASP OA 194 -27.87 -54.71 -90.71
CA ASP OA 194 -28.35 -54.32 -89.38
C ASP OA 194 -27.99 -55.38 -88.32
N ALA OA 195 -28.10 -54.99 -87.03
CA ALA OA 195 -27.84 -55.88 -85.89
C ALA OA 195 -28.99 -56.87 -85.54
N PRO OA 196 -30.28 -56.54 -85.71
CA PRO OA 196 -31.41 -57.45 -85.43
C PRO OA 196 -31.56 -58.66 -86.39
N VAL OA 197 -30.51 -59.44 -86.61
CA VAL OA 197 -30.65 -60.76 -87.25
C VAL OA 197 -31.39 -61.72 -86.31
N VAL OA 198 -32.32 -62.51 -86.87
CA VAL OA 198 -33.20 -63.41 -86.11
C VAL OA 198 -33.30 -64.76 -86.82
N TYR OA 199 -33.39 -65.83 -86.03
CA TYR OA 199 -33.72 -67.19 -86.47
C TYR OA 199 -35.00 -67.63 -85.77
N LEU OA 200 -35.75 -68.56 -86.36
CA LEU OA 200 -37.09 -68.94 -85.90
C LEU OA 200 -37.24 -70.47 -85.97
N LEU OA 201 -37.89 -71.06 -84.95
CA LEU OA 201 -38.15 -72.49 -84.78
C LEU OA 201 -39.65 -72.80 -84.53
N ASP OA 202 -40.30 -73.70 -85.31
CA ASP OA 202 -41.69 -74.10 -85.09
C ASP OA 202 -41.78 -75.24 -84.03
N LEU OA 203 -42.99 -75.61 -83.59
CA LEU OA 203 -43.22 -76.67 -82.59
C LEU OA 203 -44.30 -77.67 -83.06
N GLY OA 204 -44.29 -78.86 -82.46
CA GLY OA 204 -44.93 -80.07 -83.00
C GLY OA 204 -43.88 -81.05 -83.53
N GLY OA 205 -44.28 -82.00 -84.37
CA GLY OA 205 -43.41 -83.10 -84.81
C GLY OA 205 -43.39 -84.31 -83.85
N ALA OA 206 -44.36 -84.33 -82.91
CA ALA OA 206 -44.75 -85.45 -82.05
C ALA OA 206 -43.62 -86.09 -81.20
N THR OA 207 -43.97 -87.18 -80.50
CA THR OA 207 -43.07 -87.92 -79.61
C THR OA 207 -41.86 -88.48 -80.37
N GLY OA 208 -40.74 -88.66 -79.66
CA GLY OA 208 -39.44 -88.87 -80.28
C GLY OA 208 -38.86 -87.62 -80.93
N GLY OA 209 -39.48 -86.44 -80.75
CA GLY OA 209 -39.10 -85.13 -81.31
C GLY OA 209 -37.81 -84.50 -80.75
N ASP OA 210 -36.87 -85.30 -80.27
CA ASP OA 210 -35.62 -84.83 -79.66
C ASP OA 210 -34.60 -84.40 -80.73
N TYR OA 211 -33.86 -83.31 -80.51
CA TYR OA 211 -33.11 -82.64 -81.58
C TYR OA 211 -31.81 -81.96 -81.14
N THR OA 212 -30.85 -81.86 -82.06
CA THR OA 212 -29.65 -81.05 -81.90
C THR OA 212 -29.93 -79.57 -82.23
N LEU OA 213 -29.06 -78.68 -81.77
CA LEU OA 213 -28.78 -77.38 -82.38
C LEU OA 213 -27.27 -77.22 -82.54
N LEU OA 214 -26.84 -76.70 -83.69
CA LEU OA 214 -25.46 -76.31 -84.00
C LEU OA 214 -25.36 -74.78 -84.00
N VAL OA 215 -24.34 -74.24 -83.33
CA VAL OA 215 -24.13 -72.79 -83.20
C VAL OA 215 -22.99 -72.32 -84.11
N GLY OA 216 -21.77 -72.83 -83.90
CA GLY OA 216 -20.76 -72.92 -84.95
C GLY OA 216 -20.96 -74.22 -85.74
N GLY OA 217 -19.87 -74.95 -86.02
CA GLY OA 217 -19.94 -76.41 -86.14
C GLY OA 217 -20.21 -77.10 -84.79
N LYS OA 218 -20.02 -76.38 -83.68
CA LYS OA 218 -20.18 -76.83 -82.29
C LYS OA 218 -21.64 -77.02 -81.91
N SER OA 219 -21.92 -77.98 -81.03
CA SER OA 219 -23.24 -78.55 -80.77
C SER OA 219 -23.73 -78.35 -79.32
N THR OA 220 -25.03 -78.14 -79.16
CA THR OA 220 -25.71 -78.11 -77.84
C THR OA 220 -25.75 -79.47 -77.13
N GLY OA 221 -25.54 -80.57 -77.86
CA GLY OA 221 -25.94 -81.91 -77.42
C GLY OA 221 -27.36 -82.24 -77.90
N ASP OA 222 -28.18 -82.86 -77.06
CA ASP OA 222 -29.54 -83.31 -77.39
C ASP OA 222 -30.60 -82.54 -76.58
N ILE OA 223 -31.59 -81.93 -77.26
CA ILE OA 223 -32.69 -81.17 -76.66
C ILE OA 223 -33.98 -81.98 -76.76
N ALA OA 224 -34.67 -82.17 -75.64
CA ALA OA 224 -35.89 -82.96 -75.56
C ALA OA 224 -37.08 -82.31 -76.30
N TYR OA 225 -37.96 -83.16 -76.83
CA TYR OA 225 -39.25 -82.81 -77.45
C TYR OA 225 -40.10 -81.78 -76.66
N ASN OA 226 -40.01 -81.79 -75.33
CA ASN OA 226 -40.75 -80.86 -74.47
C ASN OA 226 -40.41 -79.36 -74.73
N ALA OA 227 -39.15 -79.06 -75.10
CA ALA OA 227 -38.70 -77.80 -75.68
C ALA OA 227 -39.25 -76.50 -75.03
N ASN OA 228 -38.98 -76.25 -73.75
CA ASN OA 228 -39.30 -74.96 -73.10
C ASN OA 228 -38.30 -73.85 -73.51
N ALA OA 229 -38.75 -72.62 -73.71
CA ALA OA 229 -37.93 -71.52 -74.26
C ALA OA 229 -36.67 -71.22 -73.43
N SER OA 230 -36.80 -70.98 -72.12
CA SER OA 230 -35.64 -70.71 -71.26
C SER OA 230 -34.74 -71.94 -71.08
N ALA OA 231 -35.26 -73.15 -71.22
CA ALA OA 231 -34.46 -74.37 -71.26
C ALA OA 231 -33.61 -74.45 -72.54
N ILE OA 232 -34.16 -74.18 -73.71
CA ILE OA 232 -33.36 -74.16 -74.95
C ILE OA 232 -32.38 -72.99 -74.98
N LYS OA 233 -32.71 -71.81 -74.41
CA LYS OA 233 -31.73 -70.73 -74.17
C LYS OA 233 -30.57 -71.21 -73.29
N THR OA 234 -30.89 -71.90 -72.19
CA THR OA 234 -29.88 -72.48 -71.30
C THR OA 234 -29.03 -73.53 -72.02
N ALA OA 235 -29.61 -74.31 -72.94
CA ALA OA 235 -28.89 -75.29 -73.76
C ALA OA 235 -28.06 -74.68 -74.91
N ILE OA 236 -28.40 -73.47 -75.38
CA ILE OA 236 -27.59 -72.70 -76.33
C ILE OA 236 -26.35 -72.10 -75.63
N GLY OA 237 -26.45 -71.70 -74.36
CA GLY OA 237 -25.28 -71.49 -73.50
C GLY OA 237 -24.54 -72.81 -73.21
N ALA OA 238 -23.36 -72.73 -72.57
CA ALA OA 238 -22.52 -73.88 -72.21
C ALA OA 238 -22.12 -74.76 -73.41
N VAL OA 239 -21.31 -74.20 -74.32
CA VAL OA 239 -20.84 -74.84 -75.56
C VAL OA 239 -19.30 -74.78 -75.71
N ASP OA 240 -18.57 -74.08 -74.84
CA ASP OA 240 -17.14 -73.79 -75.00
C ASP OA 240 -16.85 -73.05 -76.32
N ASP OA 241 -17.66 -72.06 -76.68
CA ASP OA 241 -17.47 -71.20 -77.85
C ASP OA 241 -17.16 -69.73 -77.51
N GLY OA 242 -17.26 -69.33 -76.25
CA GLY OA 242 -16.97 -67.99 -75.76
C GLY OA 242 -18.18 -67.10 -75.43
N VAL OA 243 -19.43 -67.53 -75.68
CA VAL OA 243 -20.62 -66.73 -75.34
C VAL OA 243 -21.57 -67.43 -74.39
N ALA OA 244 -21.81 -66.81 -73.22
CA ALA OA 244 -22.78 -67.26 -72.23
C ALA OA 244 -24.22 -67.03 -72.69
N GLU OA 245 -25.21 -67.69 -72.10
CA GLU OA 245 -26.63 -67.46 -72.40
C GLU OA 245 -27.07 -66.00 -72.17
N SER OA 246 -26.33 -65.25 -71.35
CA SER OA 246 -26.50 -63.80 -71.17
C SER OA 246 -26.40 -62.99 -72.46
N ALA OA 247 -25.75 -63.51 -73.51
CA ALA OA 247 -25.65 -62.86 -74.82
C ALA OA 247 -26.82 -63.18 -75.78
N TRP OA 248 -27.65 -64.18 -75.46
CA TRP OA 248 -28.70 -64.69 -76.35
C TRP OA 248 -30.09 -64.19 -75.93
N THR OA 249 -30.89 -63.76 -76.90
CA THR OA 249 -32.29 -63.37 -76.67
C THR OA 249 -33.23 -64.34 -77.38
N VAL OA 250 -34.09 -64.98 -76.60
CA VAL OA 250 -35.08 -66.00 -77.01
C VAL OA 250 -36.40 -65.68 -76.32
N THR OA 251 -37.53 -65.85 -77.00
CA THR OA 251 -38.86 -65.59 -76.42
C THR OA 251 -39.89 -66.65 -76.78
N ALA OA 252 -40.73 -66.99 -75.80
CA ALA OA 252 -41.70 -68.09 -75.85
C ALA OA 252 -42.97 -67.76 -76.67
N ASP OA 253 -42.82 -67.03 -77.78
CA ASP OA 253 -43.97 -66.47 -78.53
C ASP OA 253 -44.85 -67.56 -79.17
N GLY OA 254 -46.16 -67.47 -78.93
CA GLY OA 254 -47.18 -68.35 -79.50
C GLY OA 254 -46.88 -69.84 -79.30
N SER OA 255 -46.45 -70.49 -80.38
CA SER OA 255 -45.94 -71.87 -80.41
C SER OA 255 -44.75 -71.96 -81.39
N ASP OA 256 -43.97 -70.88 -81.49
CA ASP OA 256 -43.17 -70.53 -82.67
C ASP OA 256 -42.02 -69.59 -82.27
N PHE OA 257 -41.02 -70.12 -81.55
CA PHE OA 257 -40.01 -69.33 -80.84
C PHE OA 257 -38.97 -68.70 -81.77
N GLU OA 258 -38.73 -67.39 -81.59
CA GLU OA 258 -37.61 -66.69 -82.23
C GLU OA 258 -36.36 -66.69 -81.33
N ILE OA 259 -35.19 -66.75 -81.96
CA ILE OA 259 -33.87 -66.88 -81.35
C ILE OA 259 -32.94 -65.85 -82.00
N SER OA 260 -32.12 -65.18 -81.21
CA SER OA 260 -31.14 -64.19 -81.69
C SER OA 260 -29.92 -64.12 -80.76
N GLY OA 261 -28.77 -63.71 -81.29
CA GLY OA 261 -27.50 -63.71 -80.55
C GLY OA 261 -26.28 -63.50 -81.45
N PRO OA 262 -25.07 -63.62 -80.91
CA PRO OA 262 -23.84 -63.20 -81.59
C PRO OA 262 -23.34 -64.18 -82.67
N LEU OA 263 -23.99 -65.31 -82.88
CA LEU OA 263 -23.56 -66.40 -83.76
C LEU OA 263 -24.71 -66.96 -84.62
N ALA OA 264 -24.38 -67.78 -85.61
CA ALA OA 264 -25.35 -68.53 -86.40
C ALA OA 264 -26.13 -69.56 -85.54
N VAL OA 265 -27.24 -70.07 -86.08
CA VAL OA 265 -28.00 -71.20 -85.53
C VAL OA 265 -28.42 -72.14 -86.67
N ALA OA 266 -28.35 -73.45 -86.42
CA ALA OA 266 -28.85 -74.51 -87.31
C ALA OA 266 -29.30 -75.73 -86.48
N LEU OA 267 -30.03 -76.67 -87.08
CA LEU OA 267 -30.43 -77.92 -86.40
C LEU OA 267 -29.28 -78.94 -86.31
N GLY OA 268 -28.74 -79.38 -87.45
CA GLY OA 268 -27.97 -80.63 -87.49
C GLY OA 268 -28.87 -81.86 -87.30
N VAL OA 269 -28.40 -82.86 -86.56
CA VAL OA 269 -29.09 -84.16 -86.37
C VAL OA 269 -30.33 -84.05 -85.48
N ASP OA 270 -31.45 -84.65 -85.88
CA ASP OA 270 -32.70 -84.65 -85.12
C ASP OA 270 -33.52 -85.95 -85.28
N SER OA 271 -34.46 -86.13 -84.36
CA SER OA 271 -35.46 -87.20 -84.34
C SER OA 271 -36.87 -86.61 -84.29
N THR OA 272 -37.84 -87.32 -84.87
CA THR OA 272 -39.26 -86.96 -84.92
C THR OA 272 -40.10 -88.18 -85.30
N THR OA 273 -41.40 -88.17 -85.02
CA THR OA 273 -42.38 -89.10 -85.63
C THR OA 273 -43.36 -88.29 -86.48
N GLY OA 274 -43.56 -88.71 -87.73
CA GLY OA 274 -44.11 -87.81 -88.76
C GLY OA 274 -43.06 -86.77 -89.20
N GLY OA 275 -43.35 -85.48 -89.05
CA GLY OA 275 -42.44 -84.40 -89.40
C GLY OA 275 -42.97 -83.01 -89.02
N SER OA 276 -42.32 -81.96 -89.56
CA SER OA 276 -42.61 -80.54 -89.26
C SER OA 276 -42.43 -80.17 -87.77
N GLY OA 277 -42.96 -79.03 -87.33
CA GLY OA 277 -42.84 -78.53 -85.96
C GLY OA 277 -41.37 -78.33 -85.56
N VAL OA 278 -40.91 -79.00 -84.50
CA VAL OA 278 -39.51 -78.94 -84.03
C VAL OA 278 -38.49 -79.26 -85.13
N THR OA 279 -38.90 -79.99 -86.18
CA THR OA 279 -38.09 -80.30 -87.37
C THR OA 279 -37.78 -79.05 -88.23
N VAL OA 280 -38.43 -77.91 -87.98
CA VAL OA 280 -38.37 -76.70 -88.82
C VAL OA 280 -37.60 -75.57 -88.12
N ASP OA 281 -36.55 -75.09 -88.79
CA ASP OA 281 -35.70 -73.96 -88.38
C ASP OA 281 -35.46 -73.05 -89.60
N VAL OA 282 -35.62 -71.74 -89.46
CA VAL OA 282 -35.73 -70.80 -90.59
C VAL OA 282 -35.28 -69.37 -90.24
N VAL OA 283 -34.91 -68.58 -91.26
CA VAL OA 283 -34.57 -67.15 -91.16
C VAL OA 283 -35.79 -66.27 -91.44
N ALA PA 2 44.80 -54.66 -78.37
CA ALA PA 2 44.73 -54.84 -76.90
C ALA PA 2 44.17 -53.58 -76.23
N LEU PA 3 43.56 -53.72 -75.06
CA LEU PA 3 42.95 -52.60 -74.32
C LEU PA 3 44.03 -51.77 -73.62
N LYS PA 4 44.17 -50.48 -73.94
CA LYS PA 4 45.07 -49.58 -73.21
C LYS PA 4 44.44 -48.22 -72.96
N ASP PA 5 44.54 -47.72 -71.73
CA ASP PA 5 43.97 -46.44 -71.29
C ASP PA 5 44.94 -45.27 -71.44
N ASP PA 6 46.24 -45.52 -71.41
CA ASP PA 6 47.29 -44.51 -71.59
C ASP PA 6 47.25 -43.83 -72.97
N ALA PA 7 46.76 -44.55 -73.99
CA ALA PA 7 46.73 -44.12 -75.38
C ALA PA 7 45.37 -43.62 -75.85
N VAL PA 8 44.44 -43.36 -74.93
CA VAL PA 8 43.17 -42.68 -75.23
C VAL PA 8 43.43 -41.17 -75.31
N LEU PA 9 43.07 -40.54 -76.42
CA LEU PA 9 43.40 -39.13 -76.70
C LEU PA 9 42.16 -38.23 -76.62
N ILE PA 10 42.27 -37.09 -75.94
CA ILE PA 10 41.29 -35.99 -76.03
C ILE PA 10 42.03 -34.67 -76.22
N ALA PA 11 42.24 -34.28 -77.48
CA ALA PA 11 43.12 -33.18 -77.84
C ALA PA 11 42.74 -31.85 -77.18
N ALA PA 12 43.62 -31.27 -76.37
CA ALA PA 12 43.34 -29.97 -75.76
C ALA PA 12 43.60 -28.82 -76.73
N ARG PA 13 44.69 -28.90 -77.50
CA ARG PA 13 45.11 -27.91 -78.49
C ARG PA 13 46.01 -28.52 -79.55
N GLY PA 14 46.16 -27.86 -80.70
CA GLY PA 14 47.00 -28.35 -81.79
C GLY PA 14 47.84 -27.23 -82.36
N TYR PA 15 49.16 -27.32 -82.24
CA TYR PA 15 50.07 -26.41 -82.93
C TYR PA 15 50.22 -26.83 -84.39
N VAL PA 16 50.37 -25.89 -85.32
CA VAL PA 16 50.57 -26.19 -86.74
C VAL PA 16 51.78 -25.43 -87.29
N TYR PA 17 52.68 -26.13 -87.97
CA TYR PA 17 53.91 -25.58 -88.53
C TYR PA 17 54.00 -25.91 -90.00
N THR PA 18 54.69 -25.08 -90.78
CA THR PA 18 55.02 -25.42 -92.17
C THR PA 18 56.47 -25.11 -92.47
N ALA PA 19 56.98 -25.67 -93.57
CA ALA PA 19 58.36 -25.50 -94.02
C ALA PA 19 58.46 -25.83 -95.52
N ALA PA 20 59.60 -25.56 -96.15
CA ALA PA 20 59.82 -25.90 -97.55
C ALA PA 20 59.61 -27.40 -97.80
N VAL PA 21 59.17 -27.77 -99.00
CA VAL PA 21 58.77 -29.14 -99.35
C VAL PA 21 59.90 -30.13 -99.06
N GLY PA 22 59.56 -31.29 -98.51
CA GLY PA 22 60.50 -32.37 -98.21
C GLY PA 22 61.11 -32.32 -96.81
N THR PA 23 61.11 -31.17 -96.12
CA THR PA 23 61.84 -31.00 -94.85
C THR PA 23 61.36 -31.93 -93.74
N ALA PA 24 62.31 -32.45 -92.96
CA ALA PA 24 62.07 -33.45 -91.93
C ALA PA 24 61.48 -32.86 -90.65
N ALA PA 25 60.58 -33.59 -89.98
CA ALA PA 25 60.09 -33.24 -88.66
C ALA PA 25 61.11 -33.58 -87.57
N PRO PA 26 60.98 -33.05 -86.34
CA PRO PA 26 61.68 -33.57 -85.18
C PRO PA 26 61.49 -35.08 -85.03
N THR PA 27 62.54 -35.80 -84.64
CA THR PA 27 62.44 -37.23 -84.33
C THR PA 27 61.53 -37.46 -83.11
N PRO PA 28 60.94 -38.66 -82.94
CA PRO PA 28 60.02 -38.90 -81.83
C PRO PA 28 60.67 -38.74 -80.46
N SER PA 29 61.97 -39.00 -80.30
CA SER PA 29 62.66 -38.75 -79.03
C SER PA 29 62.98 -37.28 -78.79
N GLN PA 30 62.99 -36.42 -79.80
CA GLN PA 30 63.05 -34.96 -79.64
C GLN PA 30 61.68 -34.37 -79.35
N LEU PA 31 60.61 -34.88 -79.97
CA LEU PA 31 59.28 -34.30 -79.85
C LEU PA 31 58.78 -34.21 -78.39
N LYS PA 32 59.23 -35.13 -77.54
CA LYS PA 32 58.96 -35.14 -76.09
C LYS PA 32 59.71 -34.10 -75.28
N LEU PA 33 60.62 -33.31 -75.88
CA LEU PA 33 61.45 -32.34 -75.17
C LEU PA 33 61.69 -31.00 -75.90
N ILE PA 34 61.35 -30.85 -77.18
CA ILE PA 34 61.35 -29.54 -77.85
C ILE PA 34 60.37 -28.57 -77.19
N ASP PA 35 60.56 -27.27 -77.38
CA ASP PA 35 59.59 -26.24 -76.96
C ASP PA 35 58.71 -25.84 -78.15
N LEU PA 36 57.40 -26.05 -78.05
CA LEU PA 36 56.49 -25.96 -79.19
C LEU PA 36 56.20 -24.54 -79.63
N GLU PA 37 56.29 -23.56 -78.74
CA GLU PA 37 55.95 -22.18 -79.08
C GLU PA 37 57.04 -21.46 -79.88
N HIS PA 38 58.26 -22.01 -79.95
CA HIS PA 38 59.44 -21.35 -80.52
C HIS PA 38 60.22 -22.28 -81.46
N PRO PA 39 59.75 -22.50 -82.70
CA PRO PA 39 60.36 -23.44 -83.61
C PRO PA 39 61.72 -22.98 -84.17
N GLU PA 40 62.13 -21.73 -83.97
CA GLU PA 40 63.50 -21.31 -84.23
C GLU PA 40 64.53 -21.89 -83.25
N ALA PA 41 64.10 -22.43 -82.11
CA ALA PA 41 64.96 -23.03 -81.11
C ALA PA 41 65.23 -24.53 -81.34
N TRP PA 42 64.49 -25.19 -82.24
CA TRP PA 42 64.60 -26.63 -82.45
C TRP PA 42 65.93 -27.06 -83.07
N ASP PA 43 66.33 -28.30 -82.86
CA ASP PA 43 67.49 -28.87 -83.53
C ASP PA 43 67.23 -29.12 -85.03
N ARG PA 44 66.05 -29.66 -85.35
CA ARG PA 44 65.61 -29.93 -86.73
C ARG PA 44 65.07 -28.66 -87.40
N THR PA 45 65.95 -27.70 -87.65
CA THR PA 45 65.61 -26.34 -88.11
C THR PA 45 64.87 -26.30 -89.45
N GLY PA 46 64.06 -25.26 -89.66
CA GLY PA 46 63.37 -24.97 -90.91
C GLY PA 46 61.86 -24.74 -90.76
N TRP PA 47 61.27 -25.14 -89.64
CA TRP PA 47 59.84 -25.00 -89.36
C TRP PA 47 59.47 -23.62 -88.82
N ASP PA 48 58.25 -23.16 -89.09
CA ASP PA 48 57.70 -21.99 -88.42
C ASP PA 48 56.18 -22.11 -88.22
N LEU PA 49 55.64 -21.47 -87.18
CA LEU PA 49 54.22 -21.52 -86.84
C LEU PA 49 53.40 -20.75 -87.87
N VAL PA 50 52.29 -21.31 -88.33
CA VAL PA 50 51.41 -20.65 -89.32
C VAL PA 50 50.75 -19.38 -88.81
N GLY PA 51 50.56 -19.23 -87.49
CA GLY PA 51 49.89 -18.10 -86.87
C GLY PA 51 48.84 -18.50 -85.83
N HIS PA 52 48.10 -17.54 -85.31
CA HIS PA 52 47.04 -17.75 -84.33
C HIS PA 52 45.86 -18.53 -84.91
N THR PA 53 45.83 -19.85 -84.71
CA THR PA 53 44.60 -20.65 -84.83
C THR PA 53 43.77 -20.44 -83.55
N SER PA 54 42.45 -20.60 -83.62
CA SER PA 54 41.57 -20.40 -82.45
C SER PA 54 41.90 -21.31 -81.27
N GLU PA 55 41.56 -20.90 -80.05
CA GLU PA 55 41.82 -21.68 -78.84
C GLU PA 55 40.82 -22.81 -78.59
N ASP PA 56 39.60 -22.77 -79.14
CA ASP PA 56 38.53 -23.73 -78.84
C ASP PA 56 38.25 -24.77 -79.94
N ASP PA 57 39.00 -24.76 -81.06
CA ASP PA 57 38.93 -25.80 -82.09
C ASP PA 57 40.32 -26.24 -82.60
N LEU PA 58 40.32 -27.26 -83.45
CA LEU PA 58 41.52 -28.00 -83.88
C LEU PA 58 41.52 -28.18 -85.39
N PRO PA 59 42.66 -28.47 -86.03
CA PRO PA 59 42.70 -28.78 -87.46
C PRO PA 59 41.70 -29.88 -87.82
N GLU PA 60 40.80 -29.64 -88.77
CA GLU PA 60 39.77 -30.61 -89.16
C GLU PA 60 40.34 -31.59 -90.17
N PHE PA 61 40.69 -32.81 -89.75
CA PHE PA 61 41.02 -33.87 -90.70
C PHE PA 61 39.78 -34.27 -91.49
N GLY PA 62 39.96 -34.69 -92.73
CA GLY PA 62 38.88 -35.08 -93.64
C GLY PA 62 39.42 -35.90 -94.80
N PHE PA 63 38.54 -36.44 -95.63
CA PHE PA 63 38.92 -36.95 -96.93
C PHE PA 63 37.79 -36.86 -97.94
N ASP PA 64 38.15 -36.74 -99.21
CA ASP PA 64 37.27 -37.04 -100.34
C ASP PA 64 37.51 -38.47 -100.85
N GLY PA 65 36.58 -39.03 -101.61
CA GLY PA 65 36.66 -40.43 -102.03
C GLY PA 65 36.37 -41.40 -100.89
N GLY PA 66 36.85 -42.64 -101.01
CA GLY PA 66 36.53 -43.75 -100.09
C GLY PA 66 35.23 -44.49 -100.42
N ASP PA 67 34.53 -44.10 -101.48
CA ASP PA 67 33.28 -44.73 -101.91
C ASP PA 67 33.54 -46.15 -102.44
N SER PA 68 33.02 -47.19 -101.77
CA SER PA 68 33.39 -48.59 -102.03
C SER PA 68 32.19 -49.51 -102.14
N GLU PA 69 32.23 -50.49 -103.03
CA GLU PA 69 31.18 -51.51 -103.20
C GLU PA 69 31.74 -52.92 -103.08
N VAL PA 70 30.97 -53.86 -102.51
CA VAL PA 70 31.26 -55.29 -102.68
C VAL PA 70 30.90 -55.74 -104.09
N ARG PA 71 31.71 -56.63 -104.67
CA ARG PA 71 31.60 -57.10 -106.05
C ARG PA 71 31.69 -58.62 -106.11
N GLY PA 72 31.13 -59.25 -107.14
CA GLY PA 72 31.24 -60.70 -107.33
C GLY PA 72 30.89 -61.17 -108.75
N SER PA 73 30.33 -62.36 -108.85
CA SER PA 73 30.08 -63.09 -110.10
C SER PA 73 28.71 -63.73 -110.00
N TRP PA 74 28.12 -64.05 -111.13
CA TRP PA 74 26.86 -64.78 -111.23
C TRP PA 74 26.85 -66.08 -110.40
N GLN PA 75 28.03 -66.66 -110.19
CA GLN PA 75 28.31 -67.86 -109.39
C GLN PA 75 28.22 -67.60 -107.87
N LYS PA 76 29.02 -66.66 -107.35
CA LYS PA 76 28.96 -66.22 -105.94
C LYS PA 76 29.25 -64.73 -105.79
N LYS PA 77 28.58 -64.07 -104.86
CA LYS PA 77 28.28 -62.62 -104.99
C LYS PA 77 28.92 -61.72 -103.94
N LYS PA 78 29.94 -62.20 -103.23
CA LYS PA 78 30.73 -61.48 -102.22
C LYS PA 78 32.22 -61.81 -102.36
N LEU PA 79 32.85 -61.52 -103.50
CA LEU PA 79 34.27 -61.82 -103.73
C LEU PA 79 35.16 -60.84 -102.95
N ARG PA 80 35.00 -59.54 -103.23
CA ARG PA 80 35.94 -58.50 -102.85
C ARG PA 80 35.22 -57.19 -102.59
N GLU PA 81 35.76 -56.33 -101.73
CA GLU PA 81 35.28 -54.95 -101.58
C GLU PA 81 36.24 -54.03 -102.33
N VAL PA 82 35.72 -53.27 -103.29
CA VAL PA 82 36.52 -52.46 -104.22
C VAL PA 82 36.27 -50.98 -103.97
N GLU PA 83 37.32 -50.20 -103.75
CA GLU PA 83 37.22 -48.74 -103.69
C GLU PA 83 37.01 -48.17 -105.09
N THR PA 84 35.86 -47.54 -105.34
CA THR PA 84 35.53 -46.96 -106.63
C THR PA 84 36.20 -45.61 -106.88
N GLU PA 85 36.61 -44.91 -105.81
CA GLU PA 85 37.32 -43.65 -105.84
C GLU PA 85 38.29 -43.58 -104.65
N GLU PA 86 39.59 -43.67 -104.89
CA GLU PA 86 40.59 -43.82 -103.83
C GLU PA 86 40.70 -42.57 -102.94
N ILE PA 87 40.99 -42.77 -101.66
CA ILE PA 87 40.88 -41.76 -100.60
C ILE PA 87 41.86 -40.59 -100.82
N ALA PA 88 41.39 -39.35 -100.74
CA ALA PA 88 42.20 -38.15 -100.81
C ALA PA 88 42.14 -37.38 -99.49
N ASP PA 89 43.10 -37.64 -98.60
CA ASP PA 89 43.15 -37.05 -97.27
C ASP PA 89 43.52 -35.56 -97.29
N TYR PA 90 42.95 -34.79 -96.37
CA TYR PA 90 43.26 -33.37 -96.20
C TYR PA 90 43.04 -32.89 -94.76
N VAL PA 91 43.54 -31.69 -94.45
CA VAL PA 91 43.35 -31.02 -93.17
C VAL PA 91 42.94 -29.58 -93.40
N VAL PA 92 41.95 -29.06 -92.68
CA VAL PA 92 41.56 -27.65 -92.73
C VAL PA 92 42.08 -26.90 -91.51
N ILE PA 93 42.74 -25.77 -91.70
CA ILE PA 93 43.26 -24.91 -90.63
C ILE PA 93 42.65 -23.51 -90.75
N ASN PA 94 42.02 -23.00 -89.70
CA ASN PA 94 41.44 -21.65 -89.70
C ASN PA 94 42.40 -20.64 -89.06
N LEU PA 95 43.28 -20.02 -89.83
CA LEU PA 95 44.17 -18.98 -89.31
C LEU PA 95 43.34 -17.75 -88.97
N THR PA 96 43.39 -17.25 -87.73
CA THR PA 96 42.67 -16.01 -87.34
C THR PA 96 43.53 -14.76 -87.43
N GLN PA 97 44.64 -14.84 -88.17
CA GLN PA 97 45.70 -13.85 -88.22
C GLN PA 97 45.85 -13.30 -89.64
N PHE PA 98 46.16 -12.01 -89.80
CA PHE PA 98 46.12 -11.31 -91.07
C PHE PA 98 47.44 -10.62 -91.44
N ASP PA 99 48.57 -10.93 -90.81
CA ASP PA 99 49.84 -10.45 -91.34
C ASP PA 99 50.25 -11.22 -92.60
N GLU PA 100 51.28 -10.76 -93.30
CA GLU PA 100 51.69 -11.34 -94.58
C GLU PA 100 51.91 -12.85 -94.49
N THR PA 101 52.67 -13.30 -93.50
CA THR PA 101 53.00 -14.72 -93.35
C THR PA 101 51.79 -15.58 -93.02
N ALA PA 102 50.65 -15.03 -92.60
CA ALA PA 102 49.41 -15.78 -92.48
C ALA PA 102 48.57 -15.72 -93.76
N LEU PA 103 48.65 -14.64 -94.55
CA LEU PA 103 47.97 -14.57 -95.86
C LEU PA 103 48.67 -15.42 -96.92
N GLU PA 104 50.00 -15.56 -96.90
CA GLU PA 104 50.71 -16.33 -97.92
C GLU PA 104 50.31 -17.81 -97.95
N LEU PA 105 49.84 -18.38 -96.84
CA LEU PA 105 49.29 -19.73 -96.77
C LEU PA 105 47.97 -19.83 -97.54
N TYR PA 106 47.20 -18.74 -97.59
CA TYR PA 106 45.85 -18.69 -98.16
C TYR PA 106 45.84 -18.21 -99.61
N PHE PA 107 46.53 -17.12 -99.93
CA PHE PA 107 46.58 -16.54 -101.28
C PHE PA 107 47.78 -16.97 -102.12
N GLY PA 108 48.76 -17.70 -101.58
CA GLY PA 108 50.08 -17.82 -102.22
C GLY PA 108 50.90 -16.55 -102.04
N PRO PA 109 52.14 -16.48 -102.57
CA PRO PA 109 53.04 -15.36 -102.33
C PRO PA 109 52.52 -14.05 -102.90
N ASN PA 110 52.77 -12.92 -102.24
CA ASN PA 110 52.18 -11.64 -102.62
C ASN PA 110 52.74 -11.09 -103.94
N GLN PA 111 51.87 -10.52 -104.78
CA GLN PA 111 52.21 -10.19 -106.16
C GLN PA 111 52.59 -8.72 -106.39
N SER PA 112 52.94 -7.97 -105.34
CA SER PA 112 53.57 -6.64 -105.50
C SER PA 112 54.53 -6.30 -104.36
N ALA PA 113 55.53 -5.48 -104.65
CA ALA PA 113 56.61 -5.13 -103.73
C ALA PA 113 56.34 -3.89 -102.86
N THR PA 114 55.23 -3.18 -103.07
CA THR PA 114 54.94 -1.91 -102.41
C THR PA 114 54.85 -2.09 -100.90
N PRO PA 115 55.57 -1.31 -100.08
CA PRO PA 115 55.45 -1.36 -98.63
C PRO PA 115 54.01 -1.15 -98.19
N GLY PA 116 53.45 -2.03 -97.37
CA GLY PA 116 52.08 -1.91 -96.87
C GLY PA 116 50.96 -2.49 -97.73
N ILE PA 117 51.26 -3.22 -98.80
CA ILE PA 117 50.25 -3.82 -99.69
C ILE PA 117 50.50 -5.29 -99.91
N PHE PA 118 49.45 -6.09 -99.90
CA PHE PA 118 49.46 -7.48 -100.34
C PHE PA 118 48.54 -7.59 -101.54
N GLY PA 119 49.06 -7.97 -102.71
CA GLY PA 119 48.29 -7.99 -103.96
C GLY PA 119 48.07 -9.40 -104.46
N VAL PA 120 46.88 -9.67 -104.99
CA VAL PA 120 46.49 -10.99 -105.51
C VAL PA 120 46.31 -10.93 -107.03
N LYS PA 121 46.93 -11.84 -107.77
CA LYS PA 121 46.70 -12.00 -109.22
C LYS PA 121 45.58 -13.01 -109.50
N SER PA 122 44.99 -12.92 -110.69
CA SER PA 122 43.98 -13.87 -111.17
C SER PA 122 44.57 -15.26 -111.44
N GLY PA 123 43.72 -16.23 -111.76
CA GLY PA 123 44.13 -17.62 -111.98
C GLY PA 123 44.32 -18.39 -110.67
N SER PA 124 45.25 -19.34 -110.68
CA SER PA 124 45.52 -20.26 -109.58
C SER PA 124 47.03 -20.42 -109.36
N VAL PA 125 47.42 -20.86 -108.17
CA VAL PA 125 48.81 -20.83 -107.71
C VAL PA 125 49.24 -22.17 -107.11
N VAL PA 126 50.46 -22.61 -107.42
CA VAL PA 126 51.11 -23.74 -106.75
C VAL PA 126 51.72 -23.23 -105.45
N ASN PA 127 51.26 -23.74 -104.32
CA ASN PA 127 51.62 -23.24 -102.99
C ASN PA 127 51.95 -24.40 -102.04
N GLU PA 128 52.71 -25.38 -102.52
CA GLU PA 128 52.97 -26.61 -101.77
C GLU PA 128 54.01 -26.42 -100.68
N ARG PA 129 53.81 -27.03 -99.51
CA ARG PA 129 54.64 -26.90 -98.30
C ARG PA 129 54.71 -28.22 -97.56
N ALA PA 130 55.74 -28.45 -96.77
CA ALA PA 130 55.68 -29.48 -95.75
C ALA PA 130 54.81 -29.00 -94.61
N LEU PA 131 54.14 -29.91 -93.90
CA LEU PA 131 53.22 -29.60 -92.82
C LEU PA 131 53.52 -30.48 -91.62
N LEU PA 132 53.60 -29.89 -90.43
CA LEU PA 132 53.73 -30.63 -89.17
C LEU PA 132 52.66 -30.11 -88.22
N ILE PA 133 51.97 -31.01 -87.54
CA ILE PA 133 50.95 -30.70 -86.55
C ILE PA 133 51.35 -31.41 -85.27
N VAL PA 134 51.19 -30.78 -84.11
CA VAL PA 134 51.49 -31.41 -82.83
C VAL PA 134 50.28 -31.28 -81.94
N ILE PA 135 49.48 -32.34 -81.86
CA ILE PA 135 48.28 -32.38 -81.03
C ILE PA 135 48.69 -32.64 -79.58
N VAL PA 136 48.32 -31.75 -78.66
CA VAL PA 136 48.73 -31.81 -77.26
C VAL PA 136 47.54 -32.14 -76.36
N ASP PA 137 47.74 -33.08 -75.45
CA ASP PA 137 46.79 -33.53 -74.42
C ASP PA 137 47.63 -34.04 -73.24
N ASN PA 138 47.16 -34.01 -71.99
CA ASN PA 138 47.85 -34.67 -70.88
C ASN PA 138 49.32 -34.20 -70.83
N ASP PA 139 50.31 -35.07 -71.00
CA ASP PA 139 51.65 -34.70 -71.50
C ASP PA 139 52.06 -35.50 -72.76
N VAL PA 140 51.06 -36.03 -73.46
CA VAL PA 140 51.15 -36.62 -74.79
C VAL PA 140 51.38 -35.54 -75.83
N ARG PA 141 52.16 -35.85 -76.87
CA ARG PA 141 52.38 -34.97 -78.03
C ARG PA 141 52.30 -35.76 -79.31
N LEU PA 142 51.11 -36.20 -79.72
CA LEU PA 142 50.93 -36.92 -80.97
C LEU PA 142 51.27 -36.00 -82.15
N GLY PA 143 52.43 -36.18 -82.73
CA GLY PA 143 52.84 -35.43 -83.91
C GLY PA 143 52.23 -36.02 -85.17
N PHE PA 144 52.05 -35.20 -86.20
CA PHE PA 144 51.64 -35.63 -87.52
C PHE PA 144 52.44 -34.85 -88.56
N HIS PA 145 53.07 -35.52 -89.52
CA HIS PA 145 53.97 -34.90 -90.48
C HIS PA 145 53.66 -35.33 -91.90
N ALA PA 146 53.58 -34.38 -92.83
CA ALA PA 146 53.47 -34.66 -94.26
C ALA PA 146 54.54 -33.87 -95.02
N ARG PA 147 55.40 -34.54 -95.78
CA ARG PA 147 56.53 -33.86 -96.47
C ARG PA 147 56.10 -32.98 -97.62
N LYS PA 148 54.91 -33.18 -98.18
CA LYS PA 148 54.38 -32.37 -99.29
C LYS PA 148 52.86 -32.32 -99.20
N ALA PA 149 52.34 -31.14 -98.98
CA ALA PA 149 50.92 -30.86 -98.95
C ALA PA 149 50.63 -29.68 -99.85
N SER PA 150 49.52 -29.67 -100.57
CA SER PA 150 49.11 -28.55 -101.41
C SER PA 150 48.05 -27.74 -100.69
N LEU PA 151 48.28 -26.45 -100.51
CA LEU PA 151 47.42 -25.60 -99.69
C LEU PA 151 46.53 -24.72 -100.57
N LYS PA 152 45.22 -24.79 -100.37
CA LYS PA 152 44.23 -24.04 -101.15
C LYS PA 152 43.21 -23.38 -100.25
N ARG PA 153 42.49 -22.38 -100.76
CA ARG PA 153 41.39 -21.75 -100.03
C ARG PA 153 40.27 -22.77 -99.86
N GLU PA 154 39.87 -23.10 -98.64
CA GLU PA 154 38.75 -24.01 -98.40
C GLU PA 154 37.41 -23.30 -98.52
N ASP PA 155 37.37 -22.01 -98.17
CA ASP PA 155 36.21 -21.13 -98.23
C ASP PA 155 36.69 -19.67 -98.21
N ALA PA 156 35.82 -18.71 -98.49
CA ALA PA 156 36.16 -17.29 -98.43
C ALA PA 156 36.48 -16.81 -97.01
N ILE PA 157 37.10 -15.63 -96.89
CA ILE PA 157 37.45 -15.02 -95.60
C ILE PA 157 36.20 -14.79 -94.75
N SER PA 158 36.17 -15.31 -93.52
CA SER PA 158 35.10 -14.99 -92.57
C SER PA 158 35.37 -13.66 -91.89
N LEU PA 159 34.35 -12.81 -91.77
CA LEU PA 159 34.33 -11.62 -90.93
C LEU PA 159 32.99 -11.55 -90.19
N ALA PA 160 33.00 -11.18 -88.91
CA ALA PA 160 31.79 -11.00 -88.12
C ALA PA 160 32.01 -9.95 -87.03
N THR PA 161 30.94 -9.32 -86.56
CA THR PA 161 31.02 -8.20 -85.62
C THR PA 161 31.31 -8.62 -84.17
N ASP PA 162 31.18 -9.90 -83.81
CA ASP PA 162 31.57 -10.44 -82.50
C ASP PA 162 32.14 -11.87 -82.51
N GLU PA 163 32.76 -12.29 -83.62
CA GLU PA 163 33.53 -13.53 -83.74
C GLU PA 163 34.76 -13.31 -84.64
N PHE PA 164 35.92 -13.87 -84.32
CA PHE PA 164 37.19 -13.51 -84.97
C PHE PA 164 37.21 -13.80 -86.47
N GLY PA 165 37.86 -12.94 -87.25
CA GLY PA 165 38.01 -13.18 -88.68
C GLY PA 165 38.91 -14.38 -88.94
N ALA PA 166 38.72 -15.09 -90.06
CA ALA PA 166 39.47 -16.32 -90.32
C ALA PA 166 39.77 -16.56 -91.81
N LEU PA 167 40.95 -17.16 -92.07
CA LEU PA 167 41.44 -17.56 -93.37
C LEU PA 167 41.48 -19.09 -93.47
N PRO PA 168 40.41 -19.78 -93.85
CA PRO PA 168 40.38 -21.24 -93.83
C PRO PA 168 41.19 -21.83 -94.99
N VAL PA 169 42.38 -22.37 -94.73
CA VAL PA 169 43.16 -23.13 -95.72
C VAL PA 169 42.87 -24.62 -95.59
N ARG PA 170 42.85 -25.33 -96.71
CA ARG PA 170 42.87 -26.80 -96.75
C ARG PA 170 44.22 -27.24 -97.29
N ALA PA 171 44.94 -28.04 -96.52
CA ALA PA 171 46.14 -28.72 -96.96
C ALA PA 171 45.77 -30.13 -97.43
N THR PA 172 46.01 -30.47 -98.69
CA THR PA 172 45.77 -31.82 -99.24
C THR PA 172 47.08 -32.58 -99.35
N PHE PA 173 47.17 -33.82 -98.87
CA PHE PA 173 48.44 -34.55 -98.88
C PHE PA 173 48.73 -35.18 -100.24
N LEU PA 174 49.96 -35.06 -100.71
CA LEU PA 174 50.46 -35.59 -101.99
C LEU PA 174 51.77 -36.32 -101.72
N ASP PA 175 52.06 -37.44 -102.38
CA ASP PA 175 53.29 -38.18 -102.04
C ASP PA 175 54.53 -37.57 -102.69
N TYR PA 176 55.66 -37.59 -101.97
CA TYR PA 176 56.91 -36.96 -102.37
C TYR PA 176 57.99 -38.03 -102.60
N GLN PA 177 58.48 -38.15 -103.84
CA GLN PA 177 59.41 -39.19 -104.27
C GLN PA 177 59.11 -40.57 -103.65
N SER PA 178 59.98 -41.11 -102.80
CA SER PA 178 59.84 -42.44 -102.19
C SER PA 178 59.28 -42.44 -100.76
N TYR PA 179 59.00 -41.27 -100.17
CA TYR PA 179 58.52 -41.17 -98.80
C TYR PA 179 57.04 -41.54 -98.64
N ASN PA 180 56.61 -41.75 -97.39
CA ASN PA 180 55.22 -42.00 -97.04
C ASN PA 180 54.33 -40.77 -97.30
N LEU PA 181 53.01 -40.97 -97.41
CA LEU PA 181 52.07 -39.88 -97.65
C LEU PA 181 52.01 -38.94 -96.44
N TYR PA 182 51.94 -39.51 -95.24
CA TYR PA 182 52.14 -38.81 -93.97
C TYR PA 182 52.46 -39.80 -92.85
N GLU PA 183 52.98 -39.30 -91.75
CA GLU PA 183 53.45 -40.09 -90.61
C GLU PA 183 52.95 -39.53 -89.30
N TRP PA 184 52.45 -40.39 -88.42
CA TRP PA 184 52.16 -40.05 -87.04
C TRP PA 184 53.39 -40.34 -86.19
N ILE PA 185 53.78 -39.41 -85.33
CA ILE PA 185 55.02 -39.46 -84.57
C ILE PA 185 54.69 -39.49 -83.09
N GLU PA 186 55.07 -40.54 -82.38
CA GLU PA 186 55.01 -40.61 -80.91
C GLU PA 186 55.86 -41.77 -80.38
N GLU PA 187 56.82 -41.49 -79.48
CA GLU PA 187 57.85 -42.46 -79.08
C GLU PA 187 57.29 -43.67 -78.32
N ASP PA 188 56.27 -43.46 -77.51
CA ASP PA 188 55.71 -44.50 -76.63
C ASP PA 188 54.71 -45.43 -77.32
N TRP PA 189 54.15 -45.05 -78.46
CA TRP PA 189 52.96 -45.70 -79.02
C TRP PA 189 53.21 -46.55 -80.26
N PHE PA 190 54.22 -46.25 -81.07
CA PHE PA 190 54.43 -46.87 -82.39
C PHE PA 190 55.79 -47.55 -82.47
N ASN PA 191 55.89 -48.80 -82.93
CA ASN PA 191 57.14 -49.55 -82.93
C ASN PA 191 57.82 -49.55 -81.55
N ALA PA 192 57.05 -49.62 -80.46
CA ALA PA 192 57.58 -49.48 -79.11
C ALA PA 192 58.51 -50.63 -78.73
N VAL PA 193 59.65 -50.31 -78.10
CA VAL PA 193 60.57 -51.27 -77.48
C VAL PA 193 60.02 -51.76 -76.13
N ASP PA 194 60.53 -52.89 -75.62
CA ASP PA 194 60.43 -53.22 -74.21
C ASP PA 194 61.24 -52.19 -73.39
N ALA PA 195 60.55 -51.47 -72.50
CA ALA PA 195 60.94 -50.12 -72.09
C ALA PA 195 62.38 -49.88 -71.57
N PRO PA 196 62.99 -50.75 -70.74
CA PRO PA 196 64.30 -50.47 -70.15
C PRO PA 196 65.47 -50.76 -71.10
N VAL PA 197 65.55 -50.05 -72.22
CA VAL PA 197 66.75 -50.04 -73.08
C VAL PA 197 67.94 -49.48 -72.28
N VAL PA 198 69.09 -50.14 -72.34
CA VAL PA 198 70.24 -49.88 -71.46
C VAL PA 198 71.57 -50.12 -72.18
N TYR PA 199 72.62 -49.46 -71.72
CA TYR PA 199 73.98 -49.51 -72.26
C TYR PA 199 74.97 -49.82 -71.13
N LEU PA 200 76.16 -50.35 -71.44
CA LEU PA 200 77.04 -51.04 -70.47
C LEU PA 200 78.31 -50.27 -70.08
N LEU PA 201 78.80 -49.30 -70.86
CA LEU PA 201 79.96 -48.46 -70.51
C LEU PA 201 81.18 -49.24 -69.96
N ASP PA 202 81.59 -50.33 -70.59
CA ASP PA 202 82.64 -51.19 -70.03
C ASP PA 202 84.02 -50.48 -70.04
N LEU PA 203 84.60 -50.31 -68.86
CA LEU PA 203 85.92 -49.70 -68.64
C LEU PA 203 87.09 -50.69 -68.82
N GLY PA 204 86.88 -51.83 -69.48
CA GLY PA 204 87.88 -52.89 -69.71
C GLY PA 204 89.17 -52.43 -70.41
N GLY PA 205 89.16 -51.28 -71.10
CA GLY PA 205 90.36 -50.48 -71.40
C GLY PA 205 90.93 -49.82 -70.13
N ALA PA 206 91.24 -50.62 -69.11
CA ALA PA 206 91.47 -50.19 -67.73
C ALA PA 206 92.73 -49.33 -67.51
N THR PA 207 93.59 -49.21 -68.52
CA THR PA 207 94.74 -48.30 -68.54
C THR PA 207 94.32 -46.84 -68.35
N GLY PA 208 93.09 -46.49 -68.71
CA GLY PA 208 92.50 -45.16 -68.55
C GLY PA 208 93.01 -44.13 -69.55
N GLY PA 209 92.36 -42.98 -69.58
CA GLY PA 209 92.64 -41.88 -70.51
C GLY PA 209 91.43 -40.98 -70.73
N ASP PA 210 91.63 -39.76 -71.21
CA ASP PA 210 90.53 -38.82 -71.46
C ASP PA 210 89.55 -39.38 -72.50
N TYR PA 211 88.24 -39.20 -72.32
CA TYR PA 211 87.24 -39.63 -73.30
C TYR PA 211 85.94 -38.83 -73.22
N THR PA 212 85.08 -39.00 -74.21
CA THR PA 212 83.75 -38.38 -74.24
C THR PA 212 82.70 -39.33 -74.84
N LEU PA 213 81.42 -38.98 -74.64
CA LEU PA 213 80.27 -39.67 -75.23
C LEU PA 213 79.44 -38.68 -76.06
N LEU PA 214 78.78 -39.19 -77.08
CA LEU PA 214 77.66 -38.49 -77.70
C LEU PA 214 76.38 -38.80 -76.91
N VAL PA 215 75.57 -37.77 -76.64
CA VAL PA 215 74.21 -37.92 -76.11
C VAL PA 215 73.26 -37.41 -77.19
N GLY PA 216 72.40 -38.28 -77.72
CA GLY PA 216 71.83 -38.04 -79.05
C GLY PA 216 72.97 -37.89 -80.06
N GLY PA 217 73.10 -36.71 -80.69
CA GLY PA 217 74.25 -36.33 -81.51
C GLY PA 217 75.22 -35.35 -80.83
N LYS PA 218 74.90 -34.80 -79.66
CA LYS PA 218 75.71 -33.75 -78.98
C LYS PA 218 76.88 -34.36 -78.22
N SER PA 219 78.07 -33.76 -78.34
CA SER PA 219 79.26 -34.17 -77.58
C SER PA 219 79.18 -33.73 -76.12
N THR PA 220 79.39 -34.66 -75.18
CA THR PA 220 79.09 -34.44 -73.75
C THR PA 220 80.23 -33.82 -72.93
N GLY PA 221 81.33 -33.42 -73.58
CA GLY PA 221 82.49 -32.82 -72.90
C GLY PA 221 83.38 -33.84 -72.19
N ASP PA 222 84.25 -33.37 -71.32
CA ASP PA 222 85.33 -34.16 -70.71
C ASP PA 222 84.83 -35.23 -69.70
N ILE PA 223 85.10 -36.51 -69.97
CA ILE PA 223 84.94 -37.62 -69.01
C ILE PA 223 86.32 -38.11 -68.57
N ALA PA 224 86.50 -38.19 -67.24
CA ALA PA 224 87.80 -38.38 -66.59
C ALA PA 224 88.54 -39.68 -66.96
N TYR PA 225 89.86 -39.67 -66.74
CA TYR PA 225 90.80 -40.77 -67.01
C TYR PA 225 90.31 -42.14 -66.47
N ASN PA 226 89.70 -42.12 -65.29
CA ASN PA 226 88.90 -43.18 -64.71
C ASN PA 226 87.77 -42.52 -63.90
N ALA PA 227 86.58 -43.14 -63.81
CA ALA PA 227 85.36 -42.48 -63.33
C ALA PA 227 84.41 -43.43 -62.58
N ASN PA 228 83.40 -42.86 -61.94
CA ASN PA 228 82.35 -43.57 -61.18
C ASN PA 228 80.95 -43.02 -61.50
N ALA PA 229 79.91 -43.68 -61.00
CA ALA PA 229 78.51 -43.44 -61.36
C ALA PA 229 78.08 -41.96 -61.30
N SER PA 230 78.28 -41.27 -60.17
CA SER PA 230 77.86 -39.87 -60.05
C SER PA 230 78.66 -38.91 -60.95
N ALA PA 231 79.93 -39.22 -61.25
CA ALA PA 231 80.74 -38.43 -62.17
C ALA PA 231 80.25 -38.57 -63.61
N ILE PA 232 80.00 -39.80 -64.09
CA ILE PA 232 79.47 -40.00 -65.45
C ILE PA 232 78.02 -39.53 -65.57
N LYS PA 233 77.18 -39.71 -64.55
CA LYS PA 233 75.83 -39.10 -64.50
C LYS PA 233 75.90 -37.59 -64.62
N THR PA 234 76.85 -36.93 -63.94
CA THR PA 234 77.07 -35.49 -64.09
C THR PA 234 77.52 -35.14 -65.52
N ALA PA 235 78.51 -35.87 -66.04
CA ALA PA 235 79.04 -35.63 -67.39
C ALA PA 235 78.03 -35.85 -68.52
N ILE PA 236 77.02 -36.70 -68.31
CA ILE PA 236 75.88 -36.88 -69.22
C ILE PA 236 74.77 -35.85 -68.94
N GLY PA 237 74.25 -35.83 -67.72
CA GLY PA 237 72.97 -35.19 -67.37
C GLY PA 237 73.05 -33.75 -66.86
N ALA PA 238 74.25 -33.17 -66.73
CA ALA PA 238 74.42 -31.78 -66.30
C ALA PA 238 75.43 -30.98 -67.15
N VAL PA 239 76.48 -31.63 -67.67
CA VAL PA 239 77.37 -31.02 -68.67
C VAL PA 239 76.67 -30.87 -70.03
N ASP PA 240 75.50 -31.50 -70.21
CA ASP PA 240 74.57 -31.21 -71.29
C ASP PA 240 73.11 -31.16 -70.78
N ASP PA 241 72.25 -30.48 -71.53
CA ASP PA 241 70.88 -30.07 -71.14
C ASP PA 241 69.81 -30.65 -72.11
N GLY PA 242 68.56 -30.23 -71.96
CA GLY PA 242 67.39 -30.81 -72.60
C GLY PA 242 66.69 -31.78 -71.66
N VAL PA 243 67.47 -32.70 -71.07
CA VAL PA 243 67.05 -33.55 -69.93
C VAL PA 243 68.11 -33.51 -68.83
N ALA PA 244 67.67 -33.34 -67.59
CA ALA PA 244 68.54 -33.21 -66.41
C ALA PA 244 68.95 -34.56 -65.82
N GLU PA 245 69.87 -34.56 -64.85
CA GLU PA 245 70.35 -35.78 -64.16
C GLU PA 245 69.22 -36.66 -63.62
N SER PA 246 68.11 -36.04 -63.18
CA SER PA 246 66.95 -36.74 -62.63
C SER PA 246 66.29 -37.71 -63.62
N ALA PA 247 66.46 -37.50 -64.92
CA ALA PA 247 65.92 -38.39 -65.96
C ALA PA 247 66.80 -39.62 -66.26
N TRP PA 248 68.08 -39.60 -65.88
CA TRP PA 248 69.04 -40.68 -66.17
C TRP PA 248 69.14 -41.69 -65.03
N THR PA 249 69.29 -42.97 -65.38
CA THR PA 249 69.62 -44.05 -64.45
C THR PA 249 71.05 -44.54 -64.70
N VAL PA 250 71.86 -44.58 -63.64
CA VAL PA 250 73.21 -45.13 -63.64
C VAL PA 250 73.40 -46.02 -62.41
N THR PA 251 73.96 -47.22 -62.58
CA THR PA 251 74.46 -48.05 -61.47
C THR PA 251 75.61 -48.94 -61.95
N ALA PA 252 76.51 -49.33 -61.05
CA ALA PA 252 77.73 -50.05 -61.38
C ALA PA 252 77.54 -51.58 -61.48
N ASP PA 253 78.35 -52.24 -62.31
CA ASP PA 253 78.53 -53.69 -62.34
C ASP PA 253 80.00 -54.03 -62.69
N GLY PA 254 80.89 -53.91 -61.71
CA GLY PA 254 82.33 -54.08 -61.90
C GLY PA 254 82.92 -53.03 -62.85
N SER PA 255 83.48 -53.48 -63.99
CA SER PA 255 83.96 -52.59 -65.05
C SER PA 255 82.84 -51.90 -65.84
N ASP PA 256 81.63 -52.45 -65.80
CA ASP PA 256 80.46 -51.93 -66.51
C ASP PA 256 79.69 -50.91 -65.66
N PHE PA 257 78.93 -50.02 -66.31
CA PHE PA 257 77.86 -49.26 -65.69
C PHE PA 257 76.60 -49.36 -66.53
N GLU PA 258 75.47 -49.64 -65.89
CA GLU PA 258 74.16 -49.70 -66.53
C GLU PA 258 73.66 -48.27 -66.80
N ILE PA 259 73.79 -47.77 -68.03
CA ILE PA 259 73.36 -46.42 -68.42
C ILE PA 259 72.02 -46.49 -69.14
N SER PA 260 71.01 -45.75 -68.69
CA SER PA 260 69.76 -45.58 -69.43
C SER PA 260 69.10 -44.22 -69.17
N GLY PA 261 68.28 -43.74 -70.11
CA GLY PA 261 67.66 -42.43 -70.04
C GLY PA 261 66.84 -42.08 -71.29
N PRO PA 262 66.37 -40.83 -71.40
CA PRO PA 262 65.39 -40.40 -72.41
C PRO PA 262 65.81 -40.53 -73.87
N LEU PA 263 67.12 -40.56 -74.16
CA LEU PA 263 67.66 -40.65 -75.51
C LEU PA 263 68.99 -41.41 -75.53
N ALA PA 264 69.35 -41.94 -76.69
CA ALA PA 264 70.50 -42.85 -76.84
C ALA PA 264 71.83 -42.16 -76.49
N VAL PA 265 72.66 -42.84 -75.69
CA VAL PA 265 74.11 -42.55 -75.64
C VAL PA 265 74.81 -43.28 -76.78
N ALA PA 266 75.91 -42.72 -77.28
CA ALA PA 266 76.78 -43.36 -78.26
C ALA PA 266 78.24 -43.03 -77.98
N LEU PA 267 79.16 -43.89 -78.42
CA LEU PA 267 80.57 -43.78 -78.07
C LEU PA 267 81.24 -42.62 -78.84
N GLY PA 268 81.87 -41.71 -78.11
CA GLY PA 268 82.56 -40.54 -78.66
C GLY PA 268 84.05 -40.76 -78.84
N VAL PA 269 84.80 -39.65 -78.97
CA VAL PA 269 86.28 -39.66 -79.06
C VAL PA 269 86.91 -40.14 -77.74
N ASP PA 270 88.03 -40.84 -77.81
CA ASP PA 270 88.82 -41.23 -76.64
C ASP PA 270 90.34 -41.12 -76.89
N SER PA 271 91.08 -41.01 -75.79
CA SER PA 271 92.53 -40.99 -75.72
C SER PA 271 93.02 -42.01 -74.68
N THR PA 272 92.47 -43.22 -74.74
CA THR PA 272 92.85 -44.33 -73.85
C THR PA 272 94.35 -44.63 -74.00
N THR PA 273 95.07 -44.72 -72.89
CA THR PA 273 96.56 -44.79 -72.88
C THR PA 273 97.16 -46.13 -73.32
N GLY PA 274 96.38 -47.22 -73.35
CA GLY PA 274 96.81 -48.51 -73.88
C GLY PA 274 95.68 -49.56 -73.90
N GLY PA 275 95.81 -50.58 -74.74
CA GLY PA 275 94.74 -51.56 -74.98
C GLY PA 275 93.63 -51.03 -75.89
N SER PA 276 92.49 -51.73 -75.94
CA SER PA 276 91.30 -51.26 -76.67
C SER PA 276 90.67 -50.02 -76.01
N GLY PA 277 89.91 -49.24 -76.78
CA GLY PA 277 89.32 -47.98 -76.31
C GLY PA 277 88.36 -48.16 -75.13
N VAL PA 278 88.41 -47.23 -74.17
CA VAL PA 278 87.55 -47.22 -72.97
C VAL PA 278 86.05 -47.11 -73.33
N THR PA 279 85.16 -47.44 -72.38
CA THR PA 279 83.69 -47.41 -72.52
C THR PA 279 83.19 -48.24 -73.71
N VAL PA 280 83.79 -49.40 -73.98
CA VAL PA 280 83.25 -50.32 -74.99
C VAL PA 280 81.84 -50.79 -74.58
N ASP PA 281 80.95 -51.00 -75.54
CA ASP PA 281 79.51 -51.15 -75.25
C ASP PA 281 78.80 -52.10 -76.23
N VAL PA 282 77.67 -52.64 -75.80
CA VAL PA 282 77.01 -53.84 -76.35
C VAL PA 282 75.48 -53.70 -76.45
N VAL PA 283 74.89 -52.67 -75.81
CA VAL PA 283 73.43 -52.40 -75.73
C VAL PA 283 72.62 -53.64 -75.35
N ALA QA 2 26.72 8.97 -101.03
CA ALA QA 2 26.80 9.67 -99.72
C ALA QA 2 25.77 9.11 -98.74
N LEU QA 3 25.99 9.26 -97.43
CA LEU QA 3 25.03 8.85 -96.40
C LEU QA 3 23.82 9.79 -96.35
N LYS QA 4 22.60 9.25 -96.22
CA LYS QA 4 21.37 10.06 -96.06
C LYS QA 4 20.39 9.42 -95.07
N ASP QA 5 20.37 9.92 -93.84
CA ASP QA 5 19.54 9.40 -92.75
C ASP QA 5 18.04 9.41 -93.06
N ASP QA 6 17.56 10.29 -93.94
CA ASP QA 6 16.15 10.36 -94.35
C ASP QA 6 15.83 9.59 -95.63
N ALA QA 7 16.79 8.93 -96.26
CA ALA QA 7 16.58 7.98 -97.35
C ALA QA 7 16.59 6.53 -96.89
N VAL QA 8 16.89 6.26 -95.62
CA VAL QA 8 16.79 4.95 -94.98
C VAL QA 8 15.32 4.60 -94.73
N LEU QA 9 14.90 3.38 -95.04
CA LEU QA 9 13.49 3.02 -95.21
C LEU QA 9 13.13 1.76 -94.39
N ILE QA 10 12.09 1.81 -93.57
CA ILE QA 10 11.52 0.64 -92.87
C ILE QA 10 10.03 0.53 -93.22
N ALA QA 11 9.68 -0.27 -94.22
CA ALA QA 11 8.33 -0.29 -94.77
C ALA QA 11 7.31 -0.64 -93.68
N ALA QA 12 6.43 0.30 -93.33
CA ALA QA 12 5.48 0.10 -92.25
C ALA QA 12 4.18 -0.55 -92.73
N ARG QA 13 3.68 -0.11 -93.90
CA ARG QA 13 2.49 -0.64 -94.56
C ARG QA 13 2.61 -0.47 -96.07
N GLY QA 14 2.03 -1.36 -96.86
CA GLY QA 14 2.09 -1.30 -98.32
C GLY QA 14 0.70 -1.37 -98.92
N TYR QA 15 0.26 -0.31 -99.60
CA TYR QA 15 -0.97 -0.34 -100.38
C TYR QA 15 -0.70 -0.88 -101.78
N VAL QA 16 -1.64 -1.60 -102.38
CA VAL QA 16 -1.50 -2.14 -103.74
C VAL QA 16 -2.73 -1.84 -104.57
N TYR QA 17 -2.53 -1.30 -105.77
CA TYR QA 17 -3.57 -0.89 -106.69
C TYR QA 17 -3.34 -1.50 -108.06
N THR QA 18 -4.41 -1.69 -108.82
CA THR QA 18 -4.35 -2.21 -110.19
C THR QA 18 -5.23 -1.42 -111.13
N ALA QA 19 -4.93 -1.43 -112.42
CA ALA QA 19 -5.71 -0.75 -113.45
C ALA QA 19 -5.50 -1.42 -114.82
N ALA QA 20 -6.26 -1.02 -115.84
CA ALA QA 20 -6.08 -1.51 -117.19
C ALA QA 20 -4.64 -1.30 -117.68
N VAL QA 21 -4.15 -2.15 -118.58
CA VAL QA 21 -2.75 -2.14 -119.02
C VAL QA 21 -2.36 -0.77 -119.56
N GLY QA 22 -1.18 -0.30 -119.21
CA GLY QA 22 -0.66 1.00 -119.63
C GLY QA 22 -1.11 2.21 -118.80
N THR QA 23 -2.02 2.05 -117.83
CA THR QA 23 -2.55 3.19 -117.06
C THR QA 23 -1.46 3.93 -116.29
N ALA QA 24 -1.44 5.26 -116.35
CA ALA QA 24 -0.44 6.09 -115.69
C ALA QA 24 -0.65 6.19 -114.18
N ALA QA 25 0.42 6.09 -113.39
CA ALA QA 25 0.39 6.32 -111.95
C ALA QA 25 0.31 7.83 -111.62
N PRO QA 26 -0.05 8.21 -110.40
CA PRO QA 26 0.13 9.57 -109.89
C PRO QA 26 1.57 10.08 -110.11
N THR QA 27 1.72 11.33 -110.51
CA THR QA 27 3.04 11.95 -110.65
C THR QA 27 3.73 12.09 -109.28
N PRO QA 28 5.07 12.19 -109.22
CA PRO QA 28 5.79 12.32 -107.96
C PRO QA 28 5.28 13.41 -107.04
N SER QA 29 4.83 14.55 -107.57
CA SER QA 29 4.28 15.65 -106.76
C SER QA 29 2.84 15.41 -106.31
N GLN QA 30 2.04 14.60 -107.02
CA GLN QA 30 0.72 14.18 -106.54
C GLN QA 30 0.83 13.13 -105.45
N LEU QA 31 1.80 12.21 -105.53
CA LEU QA 31 1.90 11.09 -104.58
C LEU QA 31 2.10 11.55 -103.13
N LYS QA 32 2.67 12.75 -102.92
CA LYS QA 32 2.84 13.40 -101.62
C LYS QA 32 1.55 14.06 -101.09
N LEU QA 33 0.50 14.19 -101.92
CA LEU QA 33 -0.72 14.95 -101.62
C LEU QA 33 -2.00 14.12 -101.65
N ILE QA 34 -2.12 13.11 -102.51
CA ILE QA 34 -3.29 12.21 -102.55
C ILE QA 34 -3.48 11.49 -101.22
N ASP QA 35 -4.70 11.06 -100.91
CA ASP QA 35 -4.90 10.01 -99.90
C ASP QA 35 -4.75 8.63 -100.54
N LEU QA 36 -4.32 7.63 -99.77
CA LEU QA 36 -4.06 6.30 -100.30
C LEU QA 36 -5.26 5.36 -100.17
N GLU QA 37 -6.28 5.73 -99.42
CA GLU QA 37 -7.37 4.82 -99.06
C GLU QA 37 -8.54 4.86 -100.06
N HIS QA 38 -8.73 5.93 -100.83
CA HIS QA 38 -9.85 6.11 -101.75
C HIS QA 38 -9.42 6.52 -103.17
N PRO QA 39 -8.93 5.59 -104.02
CA PRO QA 39 -8.50 5.85 -105.38
C PRO QA 39 -9.51 6.56 -106.30
N GLU QA 40 -10.80 6.50 -106.01
CA GLU QA 40 -11.82 7.25 -106.75
C GLU QA 40 -11.73 8.76 -106.56
N ALA QA 41 -10.95 9.26 -105.59
CA ALA QA 41 -10.68 10.68 -105.39
C ALA QA 41 -9.51 11.23 -106.23
N TRP QA 42 -8.66 10.39 -106.79
CA TRP QA 42 -7.42 10.82 -107.44
C TRP QA 42 -7.65 11.56 -108.76
N ASP QA 43 -6.65 12.32 -109.23
CA ASP QA 43 -6.66 12.88 -110.59
C ASP QA 43 -6.47 11.81 -111.67
N ARG QA 44 -5.58 10.84 -111.45
CA ARG QA 44 -5.32 9.69 -112.33
C ARG QA 44 -6.41 8.64 -112.13
N THR QA 45 -7.59 8.83 -112.71
CA THR QA 45 -8.66 7.85 -112.63
C THR QA 45 -8.27 6.54 -113.31
N GLY QA 46 -8.82 5.43 -112.80
CA GLY QA 46 -8.62 4.07 -113.33
C GLY QA 46 -8.03 3.09 -112.32
N TRP QA 47 -7.32 3.57 -111.30
CA TRP QA 47 -6.78 2.73 -110.23
C TRP QA 47 -7.84 2.32 -109.22
N ASP QA 48 -7.74 1.11 -108.68
CA ASP QA 48 -8.53 0.69 -107.52
C ASP QA 48 -7.73 -0.25 -106.61
N LEU QA 49 -8.07 -0.29 -105.32
CA LEU QA 49 -7.35 -1.09 -104.33
C LEU QA 49 -7.56 -2.57 -104.61
N VAL QA 50 -6.48 -3.36 -104.55
CA VAL QA 50 -6.53 -4.78 -104.86
C VAL QA 50 -7.38 -5.57 -103.85
N GLY QA 51 -7.40 -5.14 -102.59
CA GLY QA 51 -8.12 -5.78 -101.48
C GLY QA 51 -7.34 -5.71 -100.17
N HIS QA 52 -7.84 -6.34 -99.10
CA HIS QA 52 -7.07 -6.51 -97.87
C HIS QA 52 -5.86 -7.41 -98.09
N THR QA 53 -4.75 -7.06 -97.43
CA THR QA 53 -3.51 -7.83 -97.36
C THR QA 53 -3.13 -7.95 -95.89
N SER QA 54 -2.55 -9.07 -95.46
CA SER QA 54 -2.14 -9.31 -94.08
C SER QA 54 -1.30 -8.15 -93.53
N GLU QA 55 -1.79 -7.43 -92.52
CA GLU QA 55 -1.26 -6.12 -92.14
C GLU QA 55 0.06 -6.17 -91.34
N ASP QA 56 0.58 -7.35 -91.04
CA ASP QA 56 1.94 -7.53 -90.54
C ASP QA 56 2.95 -7.86 -91.65
N ASP QA 57 2.55 -7.82 -92.93
CA ASP QA 57 3.37 -8.19 -94.08
C ASP QA 57 3.26 -7.20 -95.25
N LEU QA 58 4.25 -7.22 -96.14
CA LEU QA 58 4.42 -6.32 -97.28
C LEU QA 58 4.35 -7.11 -98.59
N PRO QA 59 4.04 -6.49 -99.75
CA PRO QA 59 4.24 -7.12 -101.05
C PRO QA 59 5.67 -7.64 -101.17
N GLU QA 60 5.85 -8.93 -101.44
CA GLU QA 60 7.16 -9.58 -101.39
C GLU QA 60 7.82 -9.56 -102.77
N PHE QA 61 8.77 -8.65 -102.99
CA PHE QA 61 9.54 -8.62 -104.24
C PHE QA 61 10.41 -9.87 -104.37
N GLY QA 62 10.70 -10.26 -105.59
CA GLY QA 62 11.48 -11.45 -105.92
C GLY QA 62 11.99 -11.40 -107.35
N PHE QA 63 12.90 -12.29 -107.71
CA PHE QA 63 13.22 -12.57 -109.10
C PHE QA 63 13.73 -13.99 -109.25
N ASP QA 64 13.70 -14.50 -110.47
CA ASP QA 64 14.43 -15.71 -110.85
C ASP QA 64 15.13 -15.52 -112.20
N GLY QA 65 16.09 -16.38 -112.51
CA GLY QA 65 17.20 -15.99 -113.36
C GLY QA 65 18.18 -15.13 -112.56
N GLY QA 66 18.96 -14.30 -113.24
CA GLY QA 66 20.09 -13.58 -112.64
C GLY QA 66 21.33 -14.46 -112.42
N ASP QA 67 21.32 -15.70 -112.89
CA ASP QA 67 22.44 -16.63 -112.79
C ASP QA 67 23.58 -16.14 -113.70
N SER QA 68 24.69 -15.70 -113.13
CA SER QA 68 25.77 -15.04 -113.86
C SER QA 68 27.14 -15.56 -113.45
N GLU QA 69 28.08 -15.60 -114.40
CA GLU QA 69 29.40 -16.20 -114.19
C GLU QA 69 30.49 -15.50 -114.99
N VAL QA 70 31.72 -15.53 -114.48
CA VAL QA 70 32.87 -14.88 -115.11
C VAL QA 70 33.41 -15.73 -116.25
N ARG QA 71 33.78 -15.11 -117.37
CA ARG QA 71 34.33 -15.79 -118.56
C ARG QA 71 35.59 -15.10 -119.07
N GLY QA 72 36.43 -15.87 -119.76
CA GLY QA 72 37.67 -15.40 -120.35
C GLY QA 72 38.15 -16.23 -121.53
N SER QA 73 39.45 -16.23 -121.76
CA SER QA 73 40.10 -16.98 -122.83
C SER QA 73 41.39 -17.60 -122.28
N TRP QA 74 41.98 -18.63 -122.86
CA TRP QA 74 43.17 -19.20 -122.22
C TRP QA 74 44.38 -18.23 -122.18
N GLN QA 75 44.33 -17.10 -122.88
CA GLN QA 75 45.24 -15.96 -122.70
C GLN QA 75 44.96 -15.20 -121.39
N LYS QA 76 43.75 -14.64 -121.24
CA LYS QA 76 43.32 -13.79 -120.11
C LYS QA 76 42.11 -14.40 -119.41
N LYS QA 77 42.24 -14.74 -118.12
CA LYS QA 77 41.31 -15.67 -117.47
C LYS QA 77 39.99 -15.06 -116.99
N LYS QA 78 39.96 -13.77 -116.66
CA LYS QA 78 38.74 -13.02 -116.31
C LYS QA 78 38.64 -11.76 -117.15
N LEU QA 79 37.55 -11.56 -117.90
CA LEU QA 79 37.37 -10.32 -118.67
C LEU QA 79 35.92 -9.84 -118.78
N ARG QA 80 34.91 -10.71 -118.72
CA ARG QA 80 33.49 -10.36 -118.59
C ARG QA 80 32.86 -11.17 -117.49
N GLU QA 81 31.86 -10.62 -116.80
CA GLU QA 81 30.85 -11.43 -116.14
C GLU QA 81 29.60 -11.41 -117.03
N VAL QA 82 29.14 -12.58 -117.47
CA VAL QA 82 27.99 -12.71 -118.37
C VAL QA 82 26.79 -13.23 -117.61
N GLU QA 83 25.64 -12.62 -117.84
CA GLU QA 83 24.38 -13.04 -117.25
C GLU QA 83 23.76 -14.14 -118.11
N THR QA 84 23.77 -15.38 -117.62
CA THR QA 84 23.38 -16.55 -118.43
C THR QA 84 21.88 -16.69 -118.61
N GLU QA 85 21.09 -16.18 -117.67
CA GLU QA 85 19.62 -16.20 -117.69
C GLU QA 85 19.13 -14.84 -117.20
N GLU QA 86 18.63 -14.00 -118.09
CA GLU QA 86 18.26 -12.61 -117.78
C GLU QA 86 17.13 -12.53 -116.74
N ILE QA 87 17.21 -11.56 -115.83
CA ILE QA 87 16.39 -11.50 -114.62
C ILE QA 87 14.90 -11.35 -114.96
N ALA QA 88 14.08 -12.33 -114.59
CA ALA QA 88 12.62 -12.21 -114.62
C ALA QA 88 12.12 -11.76 -113.24
N ASP QA 89 11.47 -10.61 -113.19
CA ASP QA 89 11.30 -9.81 -111.98
C ASP QA 89 9.83 -9.75 -111.56
N TYR QA 90 9.50 -9.94 -110.29
CA TYR QA 90 8.11 -10.10 -109.86
C TYR QA 90 7.85 -9.64 -108.42
N VAL QA 91 6.57 -9.48 -108.07
CA VAL QA 91 6.14 -9.23 -106.69
C VAL QA 91 4.99 -10.16 -106.33
N VAL QA 92 4.99 -10.70 -105.11
CA VAL QA 92 3.92 -11.59 -104.62
C VAL QA 92 3.03 -10.85 -103.62
N ILE QA 93 1.72 -10.91 -103.82
CA ILE QA 93 0.72 -10.20 -103.02
C ILE QA 93 -0.26 -11.22 -102.41
N ASN QA 94 -0.33 -11.34 -101.09
CA ASN QA 94 -1.27 -12.23 -100.42
C ASN QA 94 -2.57 -11.50 -100.09
N LEU QA 95 -3.53 -11.46 -101.00
CA LEU QA 95 -4.87 -10.99 -100.64
C LEU QA 95 -5.47 -11.89 -99.55
N THR QA 96 -6.29 -11.32 -98.66
CA THR QA 96 -7.06 -12.06 -97.65
C THR QA 96 -8.57 -11.97 -97.84
N GLN QA 97 -9.05 -11.20 -98.82
CA GLN QA 97 -10.45 -11.16 -99.23
C GLN QA 97 -10.87 -12.36 -100.08
N PHE QA 98 -12.15 -12.70 -100.04
CA PHE QA 98 -12.78 -13.63 -100.97
C PHE QA 98 -13.92 -12.97 -101.77
N ASP QA 99 -13.90 -11.64 -101.87
CA ASP QA 99 -14.79 -10.88 -102.75
C ASP QA 99 -14.55 -11.23 -104.22
N GLU QA 100 -15.54 -11.04 -105.10
CA GLU QA 100 -15.32 -11.25 -106.54
C GLU QA 100 -14.15 -10.44 -107.06
N THR QA 101 -14.06 -9.16 -106.71
CA THR QA 101 -12.99 -8.29 -107.20
C THR QA 101 -11.62 -8.62 -106.62
N ALA QA 102 -11.53 -9.55 -105.65
CA ALA QA 102 -10.29 -10.13 -105.19
C ALA QA 102 -9.99 -11.45 -105.89
N LEU QA 103 -10.99 -12.31 -106.10
CA LEU QA 103 -10.81 -13.58 -106.82
C LEU QA 103 -10.41 -13.37 -108.27
N GLU QA 104 -10.89 -12.31 -108.95
CA GLU QA 104 -10.52 -12.05 -110.34
C GLU QA 104 -9.01 -11.82 -110.55
N LEU QA 105 -8.26 -11.39 -109.54
CA LEU QA 105 -6.80 -11.28 -109.64
C LEU QA 105 -6.15 -12.66 -109.66
N TYR QA 106 -6.74 -13.62 -108.95
CA TYR QA 106 -6.19 -14.95 -108.73
C TYR QA 106 -6.65 -15.94 -109.81
N PHE QA 107 -7.95 -16.06 -110.08
CA PHE QA 107 -8.50 -16.99 -111.07
C PHE QA 107 -8.66 -16.41 -112.48
N GLY QA 108 -8.50 -15.10 -112.69
CA GLY QA 108 -9.00 -14.44 -113.91
C GLY QA 108 -10.52 -14.25 -113.88
N PRO QA 109 -11.12 -13.69 -114.93
CA PRO QA 109 -12.53 -13.27 -114.93
C PRO QA 109 -13.55 -14.36 -114.56
N ASN QA 110 -14.65 -13.96 -113.91
CA ASN QA 110 -15.73 -14.87 -113.52
C ASN QA 110 -16.37 -15.54 -114.76
N GLN QA 111 -16.40 -16.87 -114.83
CA GLN QA 111 -16.92 -17.59 -115.99
C GLN QA 111 -18.43 -17.88 -115.95
N SER QA 112 -19.16 -17.49 -114.91
CA SER QA 112 -20.61 -17.71 -114.78
C SER QA 112 -21.39 -16.41 -114.71
N ALA QA 113 -22.57 -16.36 -115.32
CA ALA QA 113 -23.50 -15.23 -115.21
C ALA QA 113 -24.37 -15.28 -113.95
N THR QA 114 -24.48 -16.44 -113.29
CA THR QA 114 -25.43 -16.69 -112.19
C THR QA 114 -25.15 -15.79 -110.99
N PRO QA 115 -26.14 -15.11 -110.41
CA PRO QA 115 -25.97 -14.39 -109.15
C PRO QA 115 -25.46 -15.31 -108.05
N GLY QA 116 -24.43 -14.91 -107.31
CA GLY QA 116 -23.92 -15.68 -106.18
C GLY QA 116 -22.98 -16.83 -106.50
N ILE QA 117 -22.46 -16.92 -107.72
CA ILE QA 117 -21.51 -17.97 -108.13
C ILE QA 117 -20.32 -17.36 -108.87
N PHE QA 118 -19.13 -17.86 -108.56
CA PHE QA 118 -17.91 -17.56 -109.31
C PHE QA 118 -17.40 -18.85 -109.92
N GLY QA 119 -17.33 -18.93 -111.25
CA GLY QA 119 -17.00 -20.15 -111.96
C GLY QA 119 -15.58 -20.13 -112.51
N VAL QA 120 -14.89 -21.26 -112.44
CA VAL QA 120 -13.53 -21.44 -112.96
C VAL QA 120 -13.50 -22.44 -114.12
N LYS QA 121 -12.93 -22.07 -115.26
CA LYS QA 121 -12.69 -22.95 -116.41
C LYS QA 121 -11.28 -23.55 -116.38
N SER QA 122 -11.10 -24.67 -117.05
CA SER QA 122 -9.78 -25.32 -117.22
C SER QA 122 -8.85 -24.54 -118.17
N GLY QA 123 -7.57 -24.89 -118.18
CA GLY QA 123 -6.56 -24.27 -119.03
C GLY QA 123 -6.01 -22.94 -118.50
N SER QA 124 -4.94 -22.45 -119.14
CA SER QA 124 -4.33 -21.16 -118.83
C SER QA 124 -5.26 -19.99 -119.15
N VAL QA 125 -5.14 -18.89 -118.41
CA VAL QA 125 -5.82 -17.62 -118.69
C VAL QA 125 -4.81 -16.50 -118.89
N VAL QA 126 -5.04 -15.63 -119.88
CA VAL QA 126 -4.37 -14.32 -119.94
C VAL QA 126 -5.05 -13.39 -118.94
N ASN QA 127 -4.27 -12.80 -118.05
CA ASN QA 127 -4.74 -11.92 -117.00
C ASN QA 127 -3.61 -10.96 -116.66
N GLU QA 128 -3.70 -9.72 -117.11
CA GLU QA 128 -2.61 -8.76 -116.95
C GLU QA 128 -3.10 -7.34 -116.78
N ARG QA 129 -2.42 -6.57 -115.93
CA ARG QA 129 -2.88 -5.30 -115.37
C ARG QA 129 -1.70 -4.36 -115.23
N ALA QA 130 -1.93 -3.05 -115.22
CA ALA QA 130 -0.96 -2.14 -114.62
C ALA QA 130 -1.00 -2.33 -113.11
N LEU QA 131 0.13 -2.19 -112.44
CA LEU QA 131 0.24 -2.37 -111.00
C LEU QA 131 0.93 -1.16 -110.39
N LEU QA 132 0.34 -0.58 -109.35
CA LEU QA 132 0.94 0.47 -108.55
C LEU QA 132 0.99 0.00 -107.12
N ILE QA 133 2.15 0.07 -106.48
CA ILE QA 133 2.34 -0.22 -105.07
C ILE QA 133 2.80 1.05 -104.41
N VAL QA 134 2.29 1.39 -103.24
CA VAL QA 134 2.82 2.51 -102.45
C VAL QA 134 3.29 2.00 -101.11
N ILE QA 135 4.58 2.13 -100.82
CA ILE QA 135 5.18 1.68 -99.57
C ILE QA 135 5.29 2.87 -98.63
N VAL QA 136 4.65 2.79 -97.47
CA VAL QA 136 4.53 3.90 -96.52
C VAL QA 136 5.42 3.66 -95.31
N ASP QA 137 6.16 4.68 -94.93
CA ASP QA 137 6.98 4.74 -93.71
C ASP QA 137 7.03 6.23 -93.30
N ASN QA 138 7.17 6.58 -92.02
CA ASN QA 138 7.49 7.95 -91.65
C ASN QA 138 6.47 8.94 -92.29
N ASP QA 139 6.92 9.99 -92.98
CA ASP QA 139 6.13 10.75 -93.97
C ASP QA 139 6.58 10.49 -95.42
N VAL QA 140 7.35 9.43 -95.65
CA VAL QA 140 7.86 8.94 -96.94
C VAL QA 140 6.79 8.13 -97.66
N ARG QA 141 6.78 8.15 -99.00
CA ARG QA 141 5.86 7.33 -99.81
C ARG QA 141 6.54 6.82 -101.07
N LEU QA 142 7.49 5.91 -100.93
CA LEU QA 142 8.14 5.28 -102.08
C LEU QA 142 7.10 4.50 -102.90
N GLY QA 143 6.68 5.07 -104.01
CA GLY QA 143 5.78 4.41 -104.96
C GLY QA 143 6.55 3.50 -105.91
N PHE QA 144 5.87 2.51 -106.47
CA PHE QA 144 6.40 1.63 -107.48
C PHE QA 144 5.34 1.38 -108.53
N HIS QA 145 5.64 1.50 -109.81
CA HIS QA 145 4.66 1.40 -110.88
C HIS QA 145 5.16 0.53 -112.03
N ALA QA 146 4.38 -0.46 -112.45
CA ALA QA 146 4.65 -1.25 -113.63
C ALA QA 146 3.47 -1.15 -114.60
N ARG QA 147 3.70 -0.70 -115.84
CA ARG QA 147 2.60 -0.50 -116.80
C ARG QA 147 1.96 -1.78 -117.29
N LYS QA 148 2.63 -2.93 -117.20
CA LYS QA 148 2.09 -4.23 -117.60
C LYS QA 148 2.68 -5.34 -116.76
N ALA QA 149 1.84 -6.04 -116.02
CA ALA QA 149 2.24 -7.17 -115.21
C ALA QA 149 1.31 -8.34 -115.44
N SER QA 150 1.83 -9.53 -115.73
CA SER QA 150 1.01 -10.75 -115.82
C SER QA 150 0.75 -11.30 -114.44
N LEU QA 151 -0.51 -11.60 -114.09
CA LEU QA 151 -0.90 -12.04 -112.75
C LEU QA 151 -1.22 -13.53 -112.77
N LYS QA 152 -0.54 -14.33 -111.94
CA LYS QA 152 -0.75 -15.78 -111.87
C LYS QA 152 -0.79 -16.28 -110.43
N ARG QA 153 -1.38 -17.45 -110.22
CA ARG QA 153 -1.47 -18.09 -108.91
C ARG QA 153 -0.09 -18.50 -108.45
N GLU QA 154 0.40 -17.97 -107.34
CA GLU QA 154 1.74 -18.33 -106.84
C GLU QA 154 1.73 -19.64 -106.04
N ASP QA 155 0.61 -19.94 -105.40
CA ASP QA 155 0.37 -21.15 -104.63
C ASP QA 155 -1.15 -21.34 -104.47
N ALA QA 156 -1.62 -22.50 -104.02
CA ALA QA 156 -3.03 -22.74 -103.79
C ALA QA 156 -3.62 -21.86 -102.67
N ILE QA 157 -4.94 -21.76 -102.59
CA ILE QA 157 -5.63 -21.02 -101.52
C ILE QA 157 -5.29 -21.63 -100.17
N SER QA 158 -4.89 -20.80 -99.21
CA SER QA 158 -4.57 -21.24 -97.86
C SER QA 158 -5.75 -20.96 -96.94
N LEU QA 159 -6.17 -21.97 -96.19
CA LEU QA 159 -7.20 -21.88 -95.15
C LEU QA 159 -6.65 -22.49 -93.85
N ALA QA 160 -6.91 -21.86 -92.72
CA ALA QA 160 -6.47 -22.33 -91.41
C ALA QA 160 -7.47 -21.94 -90.33
N THR QA 161 -7.47 -22.66 -89.21
CA THR QA 161 -8.46 -22.50 -88.14
C THR QA 161 -8.18 -21.33 -87.19
N ASP QA 162 -7.00 -20.73 -87.21
CA ASP QA 162 -6.68 -19.53 -86.42
C ASP QA 162 -5.64 -18.59 -87.08
N GLU QA 163 -5.64 -18.53 -88.41
CA GLU QA 163 -4.85 -17.61 -89.24
C GLU QA 163 -5.68 -17.27 -90.49
N PHE QA 164 -5.62 -16.04 -91.03
CA PHE QA 164 -6.60 -15.63 -92.04
C PHE QA 164 -6.46 -16.42 -93.35
N GLY QA 165 -7.58 -16.68 -94.01
CA GLY QA 165 -7.56 -17.28 -95.34
C GLY QA 165 -6.86 -16.34 -96.33
N ALA QA 166 -6.08 -16.89 -97.26
CA ALA QA 166 -5.30 -16.07 -98.19
C ALA QA 166 -5.16 -16.74 -99.56
N LEU QA 167 -5.08 -15.95 -100.62
CA LEU QA 167 -4.94 -16.42 -101.99
C LEU QA 167 -3.83 -15.65 -102.72
N PRO QA 168 -2.59 -16.16 -102.78
CA PRO QA 168 -1.44 -15.39 -103.22
C PRO QA 168 -1.33 -15.29 -104.73
N VAL QA 169 -1.20 -14.07 -105.27
CA VAL QA 169 -0.90 -13.82 -106.68
C VAL QA 169 0.54 -13.38 -106.83
N ARG QA 170 1.20 -13.81 -107.90
CA ARG QA 170 2.49 -13.25 -108.34
C ARG QA 170 2.23 -12.38 -109.54
N ALA QA 171 2.64 -11.12 -109.48
CA ALA QA 171 2.63 -10.22 -110.61
C ALA QA 171 4.02 -10.19 -111.24
N THR QA 172 4.17 -10.66 -112.47
CA THR QA 172 5.45 -10.67 -113.18
C THR QA 172 5.51 -9.49 -114.14
N PHE QA 173 6.53 -8.66 -114.08
CA PHE QA 173 6.62 -7.47 -114.92
C PHE QA 173 7.04 -7.83 -116.35
N LEU QA 174 6.37 -7.27 -117.35
CA LEU QA 174 6.64 -7.47 -118.77
C LEU QA 174 6.71 -6.11 -119.45
N ASP QA 175 7.60 -5.88 -120.41
CA ASP QA 175 7.71 -4.54 -120.99
C ASP QA 175 6.60 -4.26 -122.01
N TYR QA 176 6.28 -2.99 -122.21
CA TYR QA 176 5.08 -2.54 -122.91
C TYR QA 176 5.38 -1.27 -123.71
N GLN QA 177 5.25 -1.32 -125.03
CA GLN QA 177 5.67 -0.25 -125.94
C GLN QA 177 7.10 0.23 -125.63
N SER QA 178 7.39 1.52 -125.77
CA SER QA 178 8.69 2.12 -125.44
C SER QA 178 8.88 2.42 -123.96
N TYR QA 179 7.89 2.16 -123.10
CA TYR QA 179 7.98 2.43 -121.67
C TYR QA 179 8.96 1.51 -120.92
N ASN QA 180 9.35 1.91 -119.72
CA ASN QA 180 10.22 1.16 -118.83
C ASN QA 180 9.54 -0.10 -118.28
N LEU QA 181 10.31 -1.07 -117.80
CA LEU QA 181 9.77 -2.28 -117.21
C LEU QA 181 8.97 -1.97 -115.94
N TYR QA 182 9.54 -1.13 -115.07
CA TYR QA 182 8.87 -0.52 -113.93
C TYR QA 182 9.63 0.72 -113.44
N GLU QA 183 8.98 1.54 -112.64
CA GLU QA 183 9.48 2.81 -112.15
C GLU QA 183 9.24 2.98 -110.66
N TRP QA 184 10.21 3.51 -109.94
CA TRP QA 184 10.07 3.94 -108.56
C TRP QA 184 9.77 5.43 -108.52
N ILE QA 185 8.83 5.83 -107.68
CA ILE QA 185 8.28 7.19 -107.65
C ILE QA 185 8.53 7.78 -106.27
N GLU QA 186 9.34 8.84 -106.16
CA GLU QA 186 9.49 9.63 -104.94
C GLU QA 186 10.19 10.97 -105.25
N GLU QA 187 9.52 12.11 -105.04
CA GLU QA 187 10.04 13.39 -105.53
C GLU QA 187 11.30 13.87 -104.82
N ASP QA 188 11.47 13.50 -103.55
CA ASP QA 188 12.60 13.94 -102.74
C ASP QA 188 13.92 13.24 -103.14
N TRP QA 189 13.86 12.07 -103.75
CA TRP QA 189 15.00 11.15 -103.84
C TRP QA 189 15.58 11.00 -105.25
N PHE QA 190 14.75 10.94 -106.29
CA PHE QA 190 15.18 10.60 -107.65
C PHE QA 190 15.14 11.80 -108.58
N ASN QA 191 16.19 12.07 -109.36
CA ASN QA 191 16.29 13.26 -110.22
C ASN QA 191 16.01 14.58 -109.46
N ALA QA 192 16.37 14.65 -108.19
CA ALA QA 192 16.04 15.80 -107.34
C ALA QA 192 16.74 17.08 -107.82
N VAL QA 193 16.02 18.19 -107.84
CA VAL QA 193 16.60 19.53 -108.03
C VAL QA 193 17.37 20.00 -106.80
N ASP QA 194 18.23 21.00 -106.95
CA ASP QA 194 18.71 21.79 -105.79
C ASP QA 194 17.51 22.42 -105.07
N ALA QA 195 17.52 22.41 -103.73
CA ALA QA 195 16.30 22.39 -102.92
C ALA QA 195 15.21 23.44 -103.24
N PRO QA 196 15.49 24.74 -103.37
CA PRO QA 196 14.46 25.73 -103.69
C PRO QA 196 14.14 25.79 -105.18
N VAL QA 197 12.87 26.03 -105.50
CA VAL QA 197 12.41 26.50 -106.82
C VAL QA 197 11.51 27.73 -106.65
N VAL QA 198 11.63 28.69 -107.55
CA VAL QA 198 10.93 29.98 -107.47
C VAL QA 198 10.40 30.41 -108.84
N TYR QA 199 9.21 30.97 -108.88
CA TYR QA 199 8.60 31.56 -110.06
C TYR QA 199 8.49 33.09 -109.87
N LEU QA 200 8.96 33.88 -110.83
CA LEU QA 200 8.96 35.35 -110.73
C LEU QA 200 7.75 35.92 -111.46
N LEU QA 201 6.74 36.35 -110.71
CA LEU QA 201 5.56 37.04 -111.24
C LEU QA 201 5.84 38.54 -111.38
N ASP QA 202 6.03 39.00 -112.62
CA ASP QA 202 6.32 40.39 -112.97
C ASP QA 202 5.13 41.34 -112.70
N LEU QA 203 5.41 42.62 -112.41
CA LEU QA 203 4.43 43.65 -112.05
C LEU QA 203 4.59 44.98 -112.80
N GLY QA 204 5.56 45.12 -113.70
CA GLY QA 204 5.83 46.38 -114.41
C GLY QA 204 4.71 46.89 -115.32
N GLY QA 205 3.81 46.01 -115.78
CA GLY QA 205 2.68 46.34 -116.67
C GLY QA 205 1.44 46.92 -115.96
N ALA QA 206 1.63 47.69 -114.89
CA ALA QA 206 0.64 48.02 -113.87
C ALA QA 206 -0.64 48.76 -114.33
N THR QA 207 -0.73 49.23 -115.58
CA THR QA 207 -2.02 49.68 -116.16
C THR QA 207 -3.04 48.52 -116.26
N GLY QA 208 -2.55 47.28 -116.38
CA GLY QA 208 -3.25 46.09 -115.89
C GLY QA 208 -4.59 45.68 -116.51
N GLY QA 209 -5.21 44.71 -115.84
CA GLY QA 209 -6.44 43.99 -116.20
C GLY QA 209 -6.76 42.91 -115.15
N ASP QA 210 -7.31 41.76 -115.58
CA ASP QA 210 -7.79 40.67 -114.71
C ASP QA 210 -7.30 39.28 -115.17
N TYR QA 211 -6.00 39.03 -115.03
CA TYR QA 211 -5.33 37.76 -115.36
C TYR QA 211 -5.66 36.64 -114.36
N THR QA 212 -5.18 35.43 -114.60
CA THR QA 212 -5.31 34.32 -113.64
C THR QA 212 -4.15 33.32 -113.70
N LEU QA 213 -3.89 32.60 -112.60
CA LEU QA 213 -2.92 31.49 -112.55
C LEU QA 213 -3.63 30.13 -112.62
N LEU QA 214 -2.98 29.16 -113.25
CA LEU QA 214 -3.23 27.74 -113.04
C LEU QA 214 -2.08 27.15 -112.21
N VAL QA 215 -2.45 26.46 -111.13
CA VAL QA 215 -1.54 25.88 -110.14
C VAL QA 215 -1.73 24.36 -110.19
N GLY QA 216 -0.69 23.61 -110.50
CA GLY QA 216 -0.83 22.16 -110.77
C GLY QA 216 -1.89 21.83 -111.83
N GLY QA 217 -2.14 22.73 -112.79
CA GLY QA 217 -3.19 22.62 -113.80
C GLY QA 217 -4.58 23.15 -113.41
N LYS QA 218 -4.80 23.57 -112.16
CA LYS QA 218 -6.12 23.99 -111.63
C LYS QA 218 -6.18 25.51 -111.38
N SER QA 219 -7.24 26.17 -111.83
CA SER QA 219 -7.37 27.63 -111.87
C SER QA 219 -7.62 28.29 -110.50
N THR QA 220 -7.04 29.47 -110.26
CA THR QA 220 -7.28 30.30 -109.07
C THR QA 220 -8.48 31.25 -109.16
N GLY QA 221 -9.31 31.16 -110.20
CA GLY QA 221 -10.37 32.14 -110.47
C GLY QA 221 -9.82 33.26 -111.35
N ASP QA 222 -9.65 34.46 -110.80
CA ASP QA 222 -8.89 35.56 -111.42
C ASP QA 222 -8.32 36.53 -110.37
N ILE QA 223 -7.31 37.31 -110.75
CA ILE QA 223 -6.63 38.29 -109.90
C ILE QA 223 -6.53 39.64 -110.62
N ALA QA 224 -6.95 40.72 -109.96
CA ALA QA 224 -6.86 42.08 -110.48
C ALA QA 224 -5.43 42.65 -110.35
N TYR QA 225 -5.06 43.54 -111.25
CA TYR QA 225 -3.70 44.10 -111.35
C TYR QA 225 -3.18 44.84 -110.10
N ASN QA 226 -4.06 45.36 -109.23
CA ASN QA 226 -3.71 46.00 -107.96
C ASN QA 226 -3.29 44.97 -106.87
N ALA QA 227 -2.55 43.94 -107.27
CA ALA QA 227 -2.19 42.79 -106.44
C ALA QA 227 -1.26 43.11 -105.27
N ASN QA 228 -1.21 42.21 -104.29
CA ASN QA 228 -0.38 42.27 -103.10
C ASN QA 228 0.11 40.84 -102.75
N ALA QA 229 1.28 40.69 -102.14
CA ALA QA 229 1.88 39.38 -101.87
C ALA QA 229 0.97 38.48 -101.04
N SER QA 230 0.44 38.98 -99.92
CA SER QA 230 -0.52 38.25 -99.08
C SER QA 230 -1.81 37.91 -99.85
N ALA QA 231 -2.34 38.83 -100.65
CA ALA QA 231 -3.55 38.60 -101.44
C ALA QA 231 -3.38 37.49 -102.49
N ILE QA 232 -2.26 37.44 -103.22
CA ILE QA 232 -2.01 36.36 -104.18
C ILE QA 232 -1.62 35.05 -103.48
N LYS QA 233 -0.96 35.09 -102.32
CA LYS QA 233 -0.76 33.89 -101.48
C LYS QA 233 -2.11 33.31 -101.05
N THR QA 234 -3.07 34.13 -100.62
CA THR QA 234 -4.41 33.65 -100.31
C THR QA 234 -5.15 33.14 -101.55
N ALA QA 235 -4.98 33.76 -102.72
CA ALA QA 235 -5.58 33.25 -103.96
C ALA QA 235 -5.04 31.85 -104.32
N ILE QA 236 -3.71 31.72 -104.48
CA ILE QA 236 -3.05 30.44 -104.77
C ILE QA 236 -3.35 29.40 -103.68
N GLY QA 237 -3.25 29.79 -102.41
CA GLY QA 237 -3.56 28.96 -101.25
C GLY QA 237 -5.02 28.54 -101.12
N ALA QA 238 -5.93 29.07 -101.94
CA ALA QA 238 -7.34 28.70 -102.00
C ALA QA 238 -7.70 27.89 -103.26
N VAL QA 239 -6.73 27.52 -104.11
CA VAL QA 239 -6.96 26.53 -105.18
C VAL QA 239 -7.29 25.18 -104.54
N ASP QA 240 -8.34 24.53 -105.02
CA ASP QA 240 -8.82 23.25 -104.47
C ASP QA 240 -8.10 22.07 -105.10
N ASP QA 241 -6.93 21.72 -104.56
CA ASP QA 241 -5.96 20.80 -105.17
C ASP QA 241 -5.34 19.76 -104.21
N GLY QA 242 -5.65 19.85 -102.91
CA GLY QA 242 -5.08 18.97 -101.88
C GLY QA 242 -4.13 19.66 -100.89
N VAL QA 243 -3.64 20.88 -101.13
CA VAL QA 243 -2.65 21.54 -100.27
C VAL QA 243 -3.00 22.98 -99.89
N ALA QA 244 -2.75 23.32 -98.62
CA ALA QA 244 -3.20 24.56 -97.98
C ALA QA 244 -2.29 25.77 -98.25
N GLU QA 245 -2.83 26.96 -98.00
CA GLU QA 245 -2.12 28.25 -98.02
C GLU QA 245 -0.82 28.26 -97.21
N SER QA 246 -0.77 27.52 -96.10
CA SER QA 246 0.41 27.42 -95.24
C SER QA 246 1.66 26.83 -95.94
N ALA QA 247 1.49 26.06 -97.01
CA ALA QA 247 2.61 25.47 -97.74
C ALA QA 247 3.33 26.44 -98.69
N TRP QA 248 2.74 27.59 -99.00
CA TRP QA 248 3.24 28.53 -100.01
C TRP QA 248 4.04 29.67 -99.36
N THR QA 249 5.18 30.02 -99.96
CA THR QA 249 5.97 31.21 -99.60
C THR QA 249 6.01 32.19 -100.75
N VAL QA 250 5.55 33.42 -100.50
CA VAL QA 250 5.49 34.51 -101.49
C VAL QA 250 6.15 35.76 -100.90
N THR QA 251 7.01 36.42 -101.67
CA THR QA 251 7.75 37.64 -101.26
C THR QA 251 7.91 38.60 -102.45
N ALA QA 252 8.28 39.85 -102.19
CA ALA QA 252 8.34 40.91 -103.18
C ALA QA 252 9.75 41.51 -103.35
N ASP QA 253 10.08 41.97 -104.55
CA ASP QA 253 11.25 42.85 -104.82
C ASP QA 253 10.82 44.14 -105.56
N GLY QA 254 9.61 44.62 -105.26
CA GLY QA 254 8.99 45.81 -105.85
C GLY QA 254 8.44 45.57 -107.26
N SER QA 255 9.33 45.28 -108.22
CA SER QA 255 8.95 45.08 -109.63
C SER QA 255 8.36 43.70 -109.92
N ASP QA 256 8.53 42.74 -109.02
CA ASP QA 256 8.01 41.37 -109.16
C ASP QA 256 7.77 40.70 -107.78
N PHE QA 257 7.00 39.62 -107.78
CA PHE QA 257 6.86 38.70 -106.66
C PHE QA 257 7.59 37.39 -106.94
N GLU QA 258 8.37 36.90 -105.97
CA GLU QA 258 8.79 35.51 -105.90
C GLU QA 258 7.64 34.64 -105.38
N ILE QA 259 7.20 33.64 -106.13
CA ILE QA 259 6.23 32.62 -105.70
C ILE QA 259 6.98 31.29 -105.56
N SER QA 260 6.74 30.57 -104.46
CA SER QA 260 7.31 29.23 -104.24
C SER QA 260 6.40 28.35 -103.37
N GLY QA 261 6.47 27.03 -103.53
CA GLY QA 261 5.58 26.10 -102.84
C GLY QA 261 5.67 24.66 -103.35
N PRO QA 262 4.70 23.80 -103.03
CA PRO QA 262 4.73 22.36 -103.30
C PRO QA 262 4.40 21.96 -104.74
N LEU QA 263 3.93 22.87 -105.59
CA LEU QA 263 3.42 22.59 -106.95
C LEU QA 263 3.92 23.59 -108.00
N ALA QA 264 3.84 23.22 -109.27
CA ALA QA 264 4.11 24.13 -110.38
C ALA QA 264 3.06 25.24 -110.48
N VAL QA 265 3.50 26.44 -110.87
CA VAL QA 265 2.64 27.62 -111.08
C VAL QA 265 2.86 28.15 -112.50
N ALA QA 266 1.78 28.49 -113.19
CA ALA QA 266 1.83 29.17 -114.48
C ALA QA 266 0.62 30.10 -114.67
N LEU QA 267 0.73 31.10 -115.55
CA LEU QA 267 -0.38 31.94 -115.93
C LEU QA 267 -1.34 31.19 -116.88
N GLY QA 268 -2.65 31.30 -116.63
CA GLY QA 268 -3.71 30.78 -117.48
C GLY QA 268 -4.19 31.84 -118.48
N VAL QA 269 -5.42 32.33 -118.30
CA VAL QA 269 -5.97 33.47 -119.07
C VAL QA 269 -5.24 34.76 -118.72
N ASP QA 270 -4.76 35.47 -119.75
CA ASP QA 270 -4.09 36.76 -119.66
C ASP QA 270 -5.04 37.91 -120.04
N SER QA 271 -5.01 38.98 -119.24
CA SER QA 271 -5.80 40.19 -119.45
C SER QA 271 -5.05 41.37 -118.83
N THR QA 272 -4.51 42.26 -119.66
CA THR QA 272 -3.64 43.38 -119.23
C THR QA 272 -3.45 44.43 -120.32
N THR QA 273 -3.49 45.70 -119.94
CA THR QA 273 -3.27 46.87 -120.81
C THR QA 273 -1.78 47.09 -121.11
N GLY QA 274 -0.91 46.92 -120.10
CA GLY QA 274 0.54 47.24 -120.14
C GLY QA 274 1.42 46.18 -120.81
N GLY QA 275 0.98 45.58 -121.91
CA GLY QA 275 1.72 44.54 -122.64
C GLY QA 275 1.96 43.29 -121.80
N SER QA 276 3.16 42.69 -121.92
CA SER QA 276 3.57 41.51 -121.16
C SER QA 276 3.88 41.79 -119.67
N GLY QA 277 4.04 43.06 -119.27
CA GLY QA 277 4.74 43.45 -118.04
C GLY QA 277 4.09 43.04 -116.70
N VAL QA 278 2.85 42.55 -116.69
CA VAL QA 278 2.24 41.94 -115.49
C VAL QA 278 1.55 40.60 -115.83
N THR QA 279 1.98 39.97 -116.93
CA THR QA 279 1.56 38.64 -117.38
C THR QA 279 2.77 37.79 -117.76
N VAL QA 280 3.83 37.88 -116.96
CA VAL QA 280 5.07 37.09 -117.03
C VAL QA 280 5.36 36.49 -115.66
N ASP QA 281 5.73 35.23 -115.63
CA ASP QA 281 5.67 34.34 -114.45
C ASP QA 281 6.91 33.41 -114.33
N VAL QA 282 7.97 33.69 -115.09
CA VAL QA 282 9.04 32.74 -115.41
C VAL QA 282 9.90 32.31 -114.21
N VAL QA 283 10.45 31.08 -114.30
CA VAL QA 283 11.49 30.54 -113.41
C VAL QA 283 12.84 31.20 -113.63
N ALA RA 2 -3.18 -66.00 -115.41
CA ALA RA 2 -2.30 -66.36 -116.54
C ALA RA 2 -1.61 -67.70 -116.31
N LEU RA 3 -1.15 -68.35 -117.37
CA LEU RA 3 -1.04 -69.82 -117.41
C LEU RA 3 -0.08 -70.47 -116.39
N LYS RA 4 1.04 -69.86 -116.05
CA LYS RA 4 1.98 -70.38 -115.04
C LYS RA 4 2.87 -69.27 -114.46
N ASP RA 5 2.60 -68.91 -113.22
CA ASP RA 5 3.32 -67.88 -112.44
C ASP RA 5 4.77 -68.32 -112.12
N ASP RA 6 4.95 -69.61 -111.88
CA ASP RA 6 6.20 -70.22 -111.43
C ASP RA 6 7.36 -70.15 -112.45
N ALA RA 7 7.05 -70.11 -113.74
CA ALA RA 7 8.03 -70.17 -114.82
C ALA RA 7 8.50 -68.81 -115.32
N VAL RA 8 8.16 -67.72 -114.63
CA VAL RA 8 8.66 -66.37 -114.90
C VAL RA 8 10.03 -66.23 -114.23
N LEU RA 9 11.10 -66.14 -115.01
CA LEU RA 9 12.48 -66.39 -114.56
C LEU RA 9 13.29 -65.12 -114.32
N ILE RA 10 13.91 -65.00 -113.13
CA ILE RA 10 14.97 -64.05 -112.78
C ILE RA 10 16.30 -64.80 -112.76
N ALA RA 11 17.33 -64.36 -113.48
CA ALA RA 11 18.59 -65.09 -113.56
C ALA RA 11 19.53 -64.80 -112.36
N ALA RA 12 19.03 -64.96 -111.14
CA ALA RA 12 19.69 -64.45 -109.92
C ALA RA 12 21.11 -65.00 -109.71
N ARG RA 13 21.35 -66.27 -109.98
CA ARG RA 13 22.67 -66.90 -110.03
C ARG RA 13 22.76 -67.82 -111.24
N GLY RA 14 23.96 -68.21 -111.61
CA GLY RA 14 24.14 -69.24 -112.62
C GLY RA 14 25.56 -69.75 -112.70
N TYR RA 15 25.77 -70.81 -113.45
CA TYR RA 15 27.07 -71.47 -113.60
C TYR RA 15 27.28 -71.86 -115.06
N VAL RA 16 28.54 -71.95 -115.49
CA VAL RA 16 28.91 -72.30 -116.86
C VAL RA 16 29.97 -73.39 -116.85
N TYR RA 17 29.79 -74.41 -117.67
CA TYR RA 17 30.69 -75.55 -117.76
C TYR RA 17 31.04 -75.83 -119.21
N THR RA 18 32.20 -76.40 -119.45
CA THR RA 18 32.61 -76.88 -120.78
C THR RA 18 33.26 -78.22 -120.68
N ALA RA 19 33.31 -78.95 -121.79
CA ALA RA 19 33.85 -80.29 -121.86
C ALA RA 19 34.25 -80.63 -123.30
N ALA RA 20 34.93 -81.75 -123.49
CA ALA RA 20 35.19 -82.27 -124.83
C ALA RA 20 33.89 -82.42 -125.62
N VAL RA 21 33.96 -82.23 -126.94
CA VAL RA 21 32.80 -82.19 -127.83
C VAL RA 21 31.94 -83.45 -127.71
N GLY RA 22 30.63 -83.28 -127.76
CA GLY RA 22 29.65 -84.38 -127.76
C GLY RA 22 29.23 -84.87 -126.38
N THR RA 23 29.91 -84.47 -125.30
CA THR RA 23 29.58 -84.93 -123.94
C THR RA 23 28.20 -84.48 -123.46
N ALA RA 24 27.55 -85.32 -122.65
CA ALA RA 24 26.17 -85.15 -122.25
C ALA RA 24 26.03 -84.39 -120.92
N ALA RA 25 25.02 -83.53 -120.82
CA ALA RA 25 24.62 -82.89 -119.57
C ALA RA 25 24.04 -83.90 -118.57
N PRO RA 26 23.95 -83.55 -117.27
CA PRO RA 26 23.11 -84.27 -116.32
C PRO RA 26 21.65 -84.25 -116.79
N THR RA 27 20.92 -85.36 -116.64
CA THR RA 27 19.52 -85.45 -117.10
C THR RA 27 18.60 -84.55 -116.29
N PRO RA 28 17.39 -84.22 -116.77
CA PRO RA 28 16.48 -83.34 -116.03
C PRO RA 28 16.13 -83.82 -114.62
N SER RA 29 16.09 -85.13 -114.36
CA SER RA 29 15.88 -85.65 -113.01
C SER RA 29 17.12 -85.57 -112.11
N GLN RA 30 18.33 -85.49 -112.68
CA GLN RA 30 19.56 -85.26 -111.91
C GLN RA 30 19.83 -83.78 -111.68
N LEU RA 31 19.45 -82.90 -112.60
CA LEU RA 31 19.75 -81.47 -112.53
C LEU RA 31 19.21 -80.81 -111.27
N LYS RA 32 18.09 -81.32 -110.74
CA LYS RA 32 17.45 -80.87 -109.50
C LYS RA 32 18.20 -81.31 -108.22
N LEU RA 33 19.18 -82.21 -108.33
CA LEU RA 33 19.87 -82.84 -107.19
C LEU RA 33 21.37 -82.55 -107.13
N ILE RA 34 22.05 -82.39 -108.26
CA ILE RA 34 23.52 -82.24 -108.31
C ILE RA 34 24.04 -80.98 -107.61
N ASP RA 35 25.30 -81.01 -107.15
CA ASP RA 35 26.00 -79.84 -106.61
C ASP RA 35 26.73 -79.08 -107.72
N LEU RA 36 26.33 -77.83 -107.97
CA LEU RA 36 26.81 -77.06 -109.11
C LEU RA 36 28.25 -76.57 -108.94
N GLU RA 37 28.74 -76.41 -107.72
CA GLU RA 37 30.13 -76.00 -107.49
C GLU RA 37 31.17 -77.10 -107.76
N HIS RA 38 30.75 -78.36 -107.94
CA HIS RA 38 31.65 -79.51 -107.93
C HIS RA 38 31.33 -80.52 -109.03
N PRO RA 39 31.64 -80.24 -110.30
CA PRO RA 39 31.34 -81.16 -111.39
C PRO RA 39 32.22 -82.43 -111.38
N GLU RA 40 33.19 -82.54 -110.49
CA GLU RA 40 33.84 -83.82 -110.18
C GLU RA 40 32.90 -84.83 -109.51
N ALA RA 41 31.83 -84.38 -108.85
CA ALA RA 41 30.90 -85.22 -108.11
C ALA RA 41 29.75 -85.79 -108.96
N TRP RA 42 29.52 -85.27 -110.17
CA TRP RA 42 28.34 -85.62 -110.97
C TRP RA 42 28.39 -87.06 -111.50
N ASP RA 43 27.22 -87.60 -111.83
CA ASP RA 43 27.10 -88.90 -112.50
C ASP RA 43 27.53 -88.83 -113.98
N ARG RA 44 27.08 -87.79 -114.70
CA ARG RA 44 27.47 -87.49 -116.09
C ARG RA 44 28.82 -86.78 -116.13
N THR RA 45 29.87 -87.53 -115.83
CA THR RA 45 31.24 -87.03 -115.70
C THR RA 45 31.79 -86.38 -116.97
N GLY RA 46 32.77 -85.49 -116.82
CA GLY RA 46 33.51 -84.87 -117.91
C GLY RA 46 33.43 -83.34 -117.96
N TRP RA 47 32.52 -82.72 -117.23
CA TRP RA 47 32.36 -81.27 -117.20
C TRP RA 47 33.38 -80.57 -116.32
N ASP RA 48 33.96 -79.48 -116.82
CA ASP RA 48 34.81 -78.57 -116.07
C ASP RA 48 34.10 -77.23 -115.90
N LEU RA 49 34.15 -76.64 -114.71
CA LEU RA 49 33.71 -75.27 -114.52
C LEU RA 49 34.55 -74.33 -115.37
N VAL RA 50 33.91 -73.40 -116.04
CA VAL RA 50 34.54 -72.18 -116.52
C VAL RA 50 34.79 -71.24 -115.34
N GLY RA 51 35.64 -70.23 -115.47
CA GLY RA 51 35.91 -69.26 -114.41
C GLY RA 51 34.68 -68.48 -113.94
N HIS RA 52 34.87 -67.57 -112.97
CA HIS RA 52 33.87 -66.57 -112.63
C HIS RA 52 33.46 -65.74 -113.84
N THR RA 53 32.16 -65.56 -114.06
CA THR RA 53 31.63 -64.74 -115.16
C THR RA 53 30.90 -63.54 -114.62
N SER RA 54 30.95 -62.41 -115.33
CA SER RA 54 30.46 -61.12 -114.85
C SER RA 54 29.02 -61.19 -114.32
N GLU RA 55 28.75 -60.56 -113.18
CA GLU RA 55 27.39 -60.42 -112.66
C GLU RA 55 26.58 -59.29 -113.33
N ASP RA 56 27.24 -58.39 -114.07
CA ASP RA 56 26.59 -57.29 -114.79
C ASP RA 56 26.06 -57.74 -116.16
N ASP RA 57 26.92 -58.36 -116.97
CA ASP RA 57 26.63 -58.78 -118.34
C ASP RA 57 26.49 -60.30 -118.46
N LEU RA 58 25.31 -60.80 -118.10
CA LEU RA 58 24.95 -62.23 -118.19
C LEU RA 58 24.96 -62.75 -119.64
N PRO RA 59 24.98 -64.08 -119.86
CA PRO RA 59 24.95 -64.67 -121.19
C PRO RA 59 23.87 -64.12 -122.12
N GLU RA 60 24.27 -63.60 -123.28
CA GLU RA 60 23.37 -63.13 -124.33
C GLU RA 60 23.14 -64.24 -125.35
N PHE RA 61 21.96 -64.86 -125.40
CA PHE RA 61 21.63 -65.90 -126.38
C PHE RA 61 21.22 -65.32 -127.74
N GLY RA 62 22.07 -64.49 -128.33
CA GLY RA 62 21.79 -63.80 -129.59
C GLY RA 62 21.85 -64.69 -130.83
N PHE RA 63 21.58 -64.08 -131.98
CA PHE RA 63 21.72 -64.72 -133.29
C PHE RA 63 22.05 -63.72 -134.39
N ASP RA 64 22.64 -64.19 -135.47
CA ASP RA 64 22.95 -63.43 -136.68
C ASP RA 64 22.20 -64.02 -137.89
N GLY RA 65 21.90 -63.19 -138.88
CA GLY RA 65 21.03 -63.58 -139.99
C GLY RA 65 19.57 -63.70 -139.55
N GLY RA 66 18.82 -64.64 -140.12
CA GLY RA 66 17.40 -64.82 -139.82
C GLY RA 66 16.47 -63.84 -140.55
N ASP RA 67 16.88 -63.37 -141.73
CA ASP RA 67 16.04 -62.57 -142.63
C ASP RA 67 14.88 -63.37 -143.25
N SER RA 68 13.97 -62.69 -143.95
CA SER RA 68 12.69 -63.26 -144.45
C SER RA 68 12.82 -64.39 -145.47
N THR RA 84 16.15 -66.01 -146.62
CA THR RA 84 17.12 -65.20 -147.38
C THR RA 84 18.55 -65.36 -146.87
N GLU RA 85 18.71 -65.52 -145.56
CA GLU RA 85 19.98 -65.66 -144.84
C GLU RA 85 19.74 -66.50 -143.59
N GLU RA 86 20.21 -67.75 -143.57
CA GLU RA 86 19.83 -68.70 -142.51
C GLU RA 86 20.35 -68.26 -141.13
N ILE RA 87 19.52 -68.46 -140.11
CA ILE RA 87 19.79 -68.01 -138.75
C ILE RA 87 20.97 -68.77 -138.13
N ALA RA 88 21.94 -68.06 -137.56
CA ALA RA 88 23.09 -68.63 -136.87
C ALA RA 88 23.09 -68.23 -135.39
N ASP RA 89 22.97 -69.21 -134.49
CA ASP RA 89 22.80 -68.99 -133.06
C ASP RA 89 24.13 -68.96 -132.31
N TYR RA 90 24.22 -68.10 -131.30
CA TYR RA 90 25.39 -68.00 -130.44
C TYR RA 90 25.01 -67.71 -128.99
N VAL RA 91 25.97 -67.81 -128.08
CA VAL RA 91 25.89 -67.19 -126.75
C VAL RA 91 27.16 -66.43 -126.46
N VAL RA 92 27.08 -65.21 -125.93
CA VAL RA 92 28.27 -64.44 -125.53
C VAL RA 92 28.42 -64.49 -124.02
N ILE RA 93 29.56 -64.97 -123.53
CA ILE RA 93 29.84 -65.18 -122.11
C ILE RA 93 30.96 -64.24 -121.67
N ASN RA 94 30.75 -63.43 -120.64
CA ASN RA 94 31.78 -62.53 -120.11
C ASN RA 94 32.61 -63.23 -119.04
N LEU RA 95 33.70 -63.89 -119.40
CA LEU RA 95 34.64 -64.43 -118.42
C LEU RA 95 35.22 -63.26 -117.61
N THR RA 96 35.56 -63.44 -116.33
CA THR RA 96 36.16 -62.37 -115.50
C THR RA 96 37.33 -62.86 -114.67
N GLN RA 97 38.03 -63.85 -115.19
CA GLN RA 97 39.12 -64.54 -114.51
C GLN RA 97 40.30 -64.69 -115.47
N PHE RA 98 41.54 -64.46 -115.03
CA PHE RA 98 42.72 -64.53 -115.87
C PHE RA 98 43.55 -65.80 -115.64
N ASP RA 99 42.95 -66.81 -115.04
CA ASP RA 99 43.52 -68.14 -114.89
C ASP RA 99 43.62 -68.84 -116.26
N GLU RA 100 44.47 -69.85 -116.41
CA GLU RA 100 44.62 -70.57 -117.68
C GLU RA 100 43.29 -71.14 -118.18
N THR RA 101 42.46 -71.66 -117.27
CA THR RA 101 41.13 -72.22 -117.59
C THR RA 101 40.18 -71.23 -118.28
N ALA RA 102 40.41 -69.92 -118.15
CA ALA RA 102 39.65 -68.90 -118.85
C ALA RA 102 40.38 -68.37 -120.08
N LEU RA 103 41.70 -68.19 -120.04
CA LEU RA 103 42.43 -67.79 -121.24
C LEU RA 103 42.35 -68.83 -122.36
N GLU RA 104 42.32 -70.12 -122.05
CA GLU RA 104 42.13 -71.17 -123.06
C GLU RA 104 40.82 -71.04 -123.84
N LEU RA 105 39.78 -70.43 -123.26
CA LEU RA 105 38.53 -70.18 -123.98
C LEU RA 105 38.64 -68.95 -124.88
N TYR RA 106 39.20 -67.84 -124.38
CA TYR RA 106 39.29 -66.61 -125.15
C TYR RA 106 40.35 -66.70 -126.25
N PHE RA 107 41.59 -67.11 -125.94
CA PHE RA 107 42.70 -67.15 -126.90
C PHE RA 107 42.88 -68.48 -127.63
N GLY RA 108 42.24 -69.56 -127.20
CA GLY RA 108 42.59 -70.91 -127.65
C GLY RA 108 43.78 -71.49 -126.87
N PRO RA 109 44.11 -72.78 -127.05
CA PRO RA 109 45.06 -73.50 -126.20
C PRO RA 109 46.43 -72.83 -126.02
N ASN RA 110 47.03 -73.01 -124.85
CA ASN RA 110 48.34 -72.45 -124.52
C ASN RA 110 49.44 -73.01 -125.43
N GLN RA 111 50.18 -72.15 -126.12
CA GLN RA 111 51.22 -72.57 -127.06
C GLN RA 111 52.65 -72.49 -126.49
N SER RA 112 52.82 -72.44 -125.17
CA SER RA 112 54.11 -72.57 -124.49
C SER RA 112 54.09 -73.65 -123.41
N ALA RA 113 55.17 -74.41 -123.28
CA ALA RA 113 55.29 -75.49 -122.31
C ALA RA 113 55.92 -75.05 -120.96
N THR RA 114 56.49 -73.85 -120.89
CA THR RA 114 57.21 -73.36 -119.69
C THR RA 114 56.25 -72.98 -118.56
N PRO RA 115 56.58 -73.28 -117.29
CA PRO RA 115 55.76 -72.87 -116.15
C PRO RA 115 55.60 -71.36 -116.10
N GLY RA 116 54.40 -70.85 -115.77
CA GLY RA 116 54.16 -69.43 -115.56
C GLY RA 116 53.98 -68.58 -116.80
N ILE RA 117 53.89 -69.15 -117.99
CA ILE RA 117 53.66 -68.40 -119.24
C ILE RA 117 52.51 -69.01 -120.04
N PHE RA 118 51.66 -68.15 -120.60
CA PHE RA 118 50.65 -68.52 -121.58
C PHE RA 118 50.90 -67.75 -122.86
N GLY RA 119 51.13 -68.43 -123.98
CA GLY RA 119 51.56 -67.81 -125.23
C GLY RA 119 50.55 -67.97 -126.36
N VAL RA 120 50.33 -66.89 -127.12
CA VAL RA 120 49.41 -66.82 -128.27
C VAL RA 120 50.19 -66.75 -129.58
N LYS RA 121 49.87 -67.57 -130.58
CA LYS RA 121 50.73 -67.75 -131.77
C LYS RA 121 50.34 -66.88 -132.97
N SER RA 122 49.07 -66.80 -133.30
CA SER RA 122 48.53 -66.06 -134.46
C SER RA 122 47.01 -65.97 -134.37
N GLY RA 123 46.38 -65.24 -135.29
CA GLY RA 123 44.95 -65.44 -135.58
C GLY RA 123 44.66 -66.84 -136.13
N SER RA 124 43.36 -67.15 -136.30
CA SER RA 124 42.86 -68.39 -136.90
C SER RA 124 43.29 -69.68 -136.18
N VAL RA 125 43.11 -69.71 -134.86
CA VAL RA 125 43.04 -70.95 -134.08
C VAL RA 125 41.66 -71.62 -134.27
N VAL RA 126 41.58 -72.94 -134.15
CA VAL RA 126 40.31 -73.66 -134.03
C VAL RA 126 40.13 -74.15 -132.59
N ASN RA 127 38.96 -73.88 -132.00
CA ASN RA 127 38.70 -74.11 -130.59
C ASN RA 127 37.22 -74.41 -130.38
N GLU RA 128 36.89 -75.61 -129.93
CA GLU RA 128 35.50 -76.05 -129.78
C GLU RA 128 35.31 -76.93 -128.56
N ARG RA 129 34.09 -76.93 -128.01
CA ARG RA 129 33.71 -77.56 -126.74
C ARG RA 129 32.25 -77.97 -126.77
N ALA RA 130 31.85 -78.91 -125.92
CA ALA RA 130 30.49 -78.96 -125.44
C ALA RA 130 30.31 -77.88 -124.38
N LEU RA 131 29.13 -77.29 -124.25
CA LEU RA 131 28.87 -76.15 -123.39
C LEU RA 131 27.58 -76.38 -122.62
N LEU RA 132 27.60 -76.18 -121.31
CA LEU RA 132 26.43 -76.29 -120.43
C LEU RA 132 26.33 -75.04 -119.58
N ILE RA 133 25.14 -74.47 -119.45
CA ILE RA 133 24.85 -73.32 -118.61
C ILE RA 133 23.70 -73.72 -117.69
N VAL RA 134 23.79 -73.42 -116.40
CA VAL RA 134 22.69 -73.65 -115.45
C VAL RA 134 22.31 -72.32 -114.83
N ILE RA 135 21.06 -71.90 -115.00
CA ILE RA 135 20.54 -70.64 -114.46
C ILE RA 135 19.70 -70.97 -113.24
N VAL RA 136 20.03 -70.40 -112.08
CA VAL RA 136 19.52 -70.81 -110.77
C VAL RA 136 18.70 -69.71 -110.12
N ASP RA 137 17.50 -70.03 -109.68
CA ASP RA 137 16.63 -69.09 -108.97
C ASP RA 137 15.79 -69.81 -107.91
N ASN RA 138 16.18 -69.71 -106.63
CA ASN RA 138 15.36 -70.17 -105.50
C ASN RA 138 14.77 -71.58 -105.72
N ASP RA 139 15.63 -72.54 -106.01
CA ASP RA 139 15.29 -73.95 -106.27
C ASP RA 139 14.49 -74.25 -107.56
N VAL RA 140 14.57 -73.39 -108.57
CA VAL RA 140 14.43 -73.80 -109.98
C VAL RA 140 15.73 -73.56 -110.72
N ARG RA 141 16.03 -74.41 -111.70
CA ARG RA 141 17.35 -74.57 -112.32
C ARG RA 141 17.22 -74.80 -113.82
N LEU RA 142 16.89 -73.78 -114.60
CA LEU RA 142 16.82 -73.91 -116.06
C LEU RA 142 18.21 -74.22 -116.62
N GLY RA 143 18.42 -75.42 -117.14
CA GLY RA 143 19.65 -75.80 -117.82
C GLY RA 143 19.61 -75.47 -119.29
N PHE RA 144 20.77 -75.25 -119.90
CA PHE RA 144 20.94 -75.12 -121.34
C PHE RA 144 22.19 -75.88 -121.77
N HIS RA 145 22.10 -76.72 -122.80
CA HIS RA 145 23.20 -77.61 -123.19
C HIS RA 145 23.40 -77.66 -124.69
N ALA RA 146 24.63 -77.55 -125.17
CA ALA RA 146 24.99 -77.68 -126.57
C ALA RA 146 26.07 -78.75 -126.75
N ARG RA 147 25.83 -79.72 -127.65
CA ARG RA 147 26.77 -80.82 -127.92
C ARG RA 147 28.06 -80.34 -128.55
N LYS RA 148 28.02 -79.31 -129.37
CA LYS RA 148 29.22 -78.66 -129.92
C LYS RA 148 29.01 -77.17 -130.09
N ALA RA 149 30.01 -76.39 -129.72
CA ALA RA 149 30.09 -74.97 -129.99
C ALA RA 149 31.52 -74.59 -130.40
N SER RA 150 31.66 -73.64 -131.30
CA SER RA 150 32.95 -73.07 -131.72
C SER RA 150 33.12 -71.72 -131.05
N LEU RA 151 34.22 -71.52 -130.33
CA LEU RA 151 34.43 -70.35 -129.47
C LEU RA 151 35.40 -69.35 -130.09
N LYS RA 152 35.07 -68.05 -130.05
CA LYS RA 152 35.96 -66.98 -130.49
C LYS RA 152 35.94 -65.75 -129.59
N ARG RA 153 36.97 -64.93 -129.68
CA ARG RA 153 37.04 -63.60 -129.05
C ARG RA 153 35.87 -62.75 -129.54
N GLU RA 154 35.04 -62.20 -128.66
CA GLU RA 154 33.92 -61.36 -129.10
C GLU RA 154 34.35 -59.92 -129.36
N ASP RA 155 35.04 -59.29 -128.40
CA ASP RA 155 35.80 -58.05 -128.59
C ASP RA 155 36.92 -57.94 -127.53
N ALA RA 156 37.47 -56.75 -127.30
CA ALA RA 156 38.65 -56.53 -126.47
C ALA RA 156 38.52 -57.05 -125.04
N ILE RA 157 39.62 -57.44 -124.41
CA ILE RA 157 39.67 -57.63 -122.95
C ILE RA 157 39.42 -56.27 -122.30
N SER RA 158 38.43 -56.16 -121.42
CA SER RA 158 38.25 -54.93 -120.65
C SER RA 158 39.14 -54.93 -119.41
N LEU RA 159 39.70 -53.77 -119.08
CA LEU RA 159 40.40 -53.51 -117.84
C LEU RA 159 39.89 -52.18 -117.26
N ALA RA 160 39.73 -52.11 -115.95
CA ALA RA 160 39.29 -50.91 -115.25
C ALA RA 160 39.89 -50.87 -113.85
N THR RA 161 40.04 -49.69 -113.27
CA THR RA 161 40.59 -49.51 -111.92
C THR RA 161 39.59 -49.79 -110.81
N ASP RA 162 38.30 -49.89 -111.11
CA ASP RA 162 37.20 -49.94 -110.14
C ASP RA 162 36.20 -51.09 -110.33
N GLU RA 163 36.42 -51.98 -111.30
CA GLU RA 163 35.58 -53.18 -111.53
C GLU RA 163 36.39 -54.27 -112.24
N PHE RA 164 35.96 -55.53 -112.14
CA PHE RA 164 36.75 -56.67 -112.63
C PHE RA 164 36.96 -56.63 -114.15
N GLY RA 165 38.17 -56.94 -114.60
CA GLY RA 165 38.44 -57.07 -116.03
C GLY RA 165 37.77 -58.30 -116.63
N ALA RA 166 37.30 -58.23 -117.87
CA ALA RA 166 36.53 -59.30 -118.50
C ALA RA 166 37.07 -59.73 -119.86
N LEU RA 167 37.02 -61.02 -120.16
CA LEU RA 167 37.34 -61.59 -121.46
C LEU RA 167 36.05 -62.10 -122.13
N PRO RA 168 35.39 -61.31 -122.96
CA PRO RA 168 34.15 -61.72 -123.59
C PRO RA 168 34.40 -62.72 -124.71
N VAL RA 169 33.81 -63.91 -124.62
CA VAL RA 169 33.95 -64.98 -125.61
C VAL RA 169 32.59 -65.32 -126.20
N ARG RA 170 32.50 -65.52 -127.52
CA ARG RA 170 31.27 -65.95 -128.20
C ARG RA 170 31.38 -67.42 -128.49
N ALA RA 171 30.45 -68.23 -128.00
CA ALA RA 171 30.29 -69.60 -128.42
C ALA RA 171 29.21 -69.67 -129.50
N THR RA 172 29.54 -70.13 -130.70
CA THR RA 172 28.58 -70.28 -131.80
C THR RA 172 28.18 -71.73 -131.89
N PHE RA 173 26.89 -72.06 -131.92
CA PHE RA 173 26.46 -73.45 -131.88
C PHE RA 173 26.60 -74.11 -133.25
N LEU RA 174 26.99 -75.38 -133.27
CA LEU RA 174 27.18 -76.16 -134.49
C LEU RA 174 26.48 -77.51 -134.36
N ASP RA 175 25.89 -78.01 -135.44
CA ASP RA 175 25.35 -79.37 -135.46
C ASP RA 175 26.43 -80.41 -135.16
N TYR RA 176 26.07 -81.44 -134.40
CA TYR RA 176 26.94 -82.57 -134.10
C TYR RA 176 26.21 -83.89 -134.26
N GLN RA 177 26.87 -84.88 -134.86
CA GLN RA 177 26.34 -86.23 -135.05
C GLN RA 177 24.95 -86.18 -135.70
N SER RA 178 23.90 -86.59 -135.00
CA SER RA 178 22.49 -86.43 -135.40
C SER RA 178 21.63 -85.82 -134.27
N TYR RA 179 22.26 -85.18 -133.28
CA TYR RA 179 21.58 -84.54 -132.15
C TYR RA 179 20.95 -83.19 -132.52
N ASN RA 180 20.24 -82.59 -131.58
CA ASN RA 180 19.75 -81.22 -131.69
C ASN RA 180 20.90 -80.20 -131.65
N LEU RA 181 20.67 -78.97 -132.09
CA LEU RA 181 21.68 -77.91 -132.05
C LEU RA 181 22.00 -77.54 -130.59
N TYR RA 182 20.96 -77.42 -129.75
CA TYR RA 182 21.04 -77.28 -128.30
C TYR RA 182 19.71 -77.63 -127.65
N GLU RA 183 19.71 -77.84 -126.34
CA GLU RA 183 18.57 -78.28 -125.55
C GLU RA 183 18.44 -77.46 -124.28
N TRP RA 184 17.22 -77.09 -123.90
CA TRP RA 184 16.88 -76.51 -122.61
C TRP RA 184 16.35 -77.60 -121.68
N ILE RA 185 16.68 -77.56 -120.39
CA ILE RA 185 16.41 -78.67 -119.47
C ILE RA 185 15.70 -78.20 -118.21
N GLU RA 186 14.50 -78.74 -117.93
CA GLU RA 186 13.89 -78.91 -116.59
C GLU RA 186 12.77 -79.94 -116.59
N GLU RA 187 12.76 -80.81 -115.58
CA GLU RA 187 11.77 -81.88 -115.41
C GLU RA 187 10.32 -81.39 -115.35
N ASP RA 188 10.08 -80.19 -114.81
CA ASP RA 188 8.73 -79.67 -114.56
C ASP RA 188 8.13 -78.85 -115.70
N TRP RA 189 8.94 -78.34 -116.63
CA TRP RA 189 8.50 -77.31 -117.59
C TRP RA 189 8.34 -77.80 -119.03
N PHE RA 190 8.96 -78.90 -119.43
CA PHE RA 190 8.98 -79.37 -120.82
C PHE RA 190 8.58 -80.84 -120.92
N ASN RA 191 7.67 -81.22 -121.82
CA ASN RA 191 7.18 -82.60 -121.93
C ASN RA 191 6.69 -83.22 -120.59
N ALA RA 192 6.37 -82.40 -119.59
CA ALA RA 192 6.04 -82.87 -118.25
C ALA RA 192 4.68 -83.58 -118.18
N VAL RA 193 4.49 -84.43 -117.18
CA VAL RA 193 3.22 -85.14 -116.95
C VAL RA 193 2.52 -84.57 -115.71
N ASP RA 194 1.28 -84.11 -115.87
CA ASP RA 194 0.54 -83.42 -114.79
C ASP RA 194 0.10 -84.36 -113.66
N ALA RA 195 -0.14 -85.63 -113.96
CA ALA RA 195 -0.29 -86.69 -112.97
C ALA RA 195 1.09 -87.35 -112.70
N PRO RA 196 1.62 -87.33 -111.46
CA PRO RA 196 2.91 -87.93 -111.13
C PRO RA 196 3.01 -89.40 -111.54
N VAL RA 197 4.17 -89.81 -112.04
CA VAL RA 197 4.47 -91.24 -112.28
C VAL RA 197 4.40 -92.01 -110.97
N VAL RA 198 3.93 -93.25 -111.04
CA VAL RA 198 3.77 -94.12 -109.87
C VAL RA 198 3.98 -95.59 -110.28
N TYR RA 199 4.53 -96.37 -109.35
CA TYR RA 199 4.93 -97.75 -109.57
C TYR RA 199 4.20 -98.66 -108.58
N LEU RA 200 4.00 -99.92 -108.96
CA LEU RA 200 3.38 -100.95 -108.12
C LEU RA 200 4.41 -102.03 -107.73
N LEU RA 201 4.02 -102.97 -106.88
CA LEU RA 201 4.91 -103.97 -106.28
C LEU RA 201 4.14 -105.27 -105.93
N ASP RA 202 3.18 -105.68 -106.76
CA ASP RA 202 2.33 -106.84 -106.45
C ASP RA 202 3.16 -108.13 -106.39
N LEU RA 203 3.28 -108.67 -105.18
CA LEU RA 203 4.13 -109.80 -104.82
C LEU RA 203 3.66 -111.15 -105.41
N GLY RA 204 2.42 -111.23 -105.92
CA GLY RA 204 1.91 -112.43 -106.58
C GLY RA 204 2.05 -113.70 -105.74
N GLY RA 205 2.81 -114.67 -106.25
CA GLY RA 205 3.06 -115.96 -105.58
C GLY RA 205 4.20 -115.95 -104.55
N ALA RA 206 4.81 -114.81 -104.22
CA ALA RA 206 6.00 -114.75 -103.35
C ALA RA 206 5.77 -115.39 -101.97
N THR RA 207 6.30 -116.59 -101.81
CA THR RA 207 6.17 -117.45 -100.61
C THR RA 207 7.41 -117.40 -99.72
N GLY RA 208 8.55 -116.96 -100.29
CA GLY RA 208 9.81 -116.70 -99.59
C GLY RA 208 10.82 -116.08 -100.56
N GLY RA 209 11.62 -115.12 -100.12
CA GLY RA 209 12.54 -114.43 -101.03
C GLY RA 209 13.32 -113.24 -100.43
N ASP RA 210 14.37 -112.85 -101.14
CA ASP RA 210 15.41 -111.91 -100.68
C ASP RA 210 15.93 -111.06 -101.85
N TYR RA 211 15.02 -110.51 -102.64
CA TYR RA 211 15.24 -109.76 -103.89
C TYR RA 211 15.85 -108.36 -103.67
N THR RA 212 16.18 -107.64 -104.76
CA THR RA 212 16.54 -106.22 -104.68
C THR RA 212 15.95 -105.40 -105.83
N LEU RA 213 15.52 -104.18 -105.52
CA LEU RA 213 15.12 -103.18 -106.50
C LEU RA 213 16.31 -102.37 -106.98
N LEU RA 214 16.22 -101.81 -108.17
CA LEU RA 214 17.12 -100.81 -108.72
C LEU RA 214 16.38 -99.47 -108.77
N VAL RA 215 16.99 -98.41 -108.25
CA VAL RA 215 16.42 -97.05 -108.22
C VAL RA 215 17.41 -96.08 -108.83
N GLY RA 216 16.98 -95.27 -109.79
CA GLY RA 216 17.82 -94.26 -110.44
C GLY RA 216 19.11 -94.78 -111.09
N GLY RA 217 19.18 -96.09 -111.37
CA GLY RA 217 20.38 -96.77 -111.88
C GLY RA 217 21.25 -97.50 -110.85
N LYS RA 218 20.93 -97.47 -109.54
CA LYS RA 218 21.71 -98.11 -108.47
C LYS RA 218 20.89 -99.09 -107.63
N SER RA 219 21.54 -100.12 -107.08
CA SER RA 219 20.90 -101.19 -106.30
C SER RA 219 20.47 -100.76 -104.90
N THR RA 220 19.25 -101.10 -104.49
CA THR RA 220 18.74 -100.88 -103.11
C THR RA 220 19.35 -101.81 -102.06
N GLY RA 221 20.13 -102.82 -102.46
CA GLY RA 221 20.51 -103.92 -101.57
C GLY RA 221 19.33 -104.87 -101.30
N ASP RA 222 19.59 -105.98 -100.61
CA ASP RA 222 18.61 -107.06 -100.46
C ASP RA 222 17.45 -106.69 -99.52
N ILE RA 223 16.22 -107.07 -99.87
CA ILE RA 223 14.99 -106.83 -99.12
C ILE RA 223 14.14 -108.10 -99.04
N ALA RA 224 13.60 -108.37 -97.85
CA ALA RA 224 12.78 -109.55 -97.59
C ALA RA 224 11.40 -109.47 -98.25
N TYR RA 225 10.93 -110.59 -98.81
CA TYR RA 225 9.62 -110.72 -99.46
C TYR RA 225 8.44 -110.24 -98.60
N ASN RA 226 8.50 -110.43 -97.27
CA ASN RA 226 7.44 -110.09 -96.34
C ASN RA 226 7.48 -108.64 -95.81
N ALA RA 227 8.41 -107.81 -96.28
CA ALA RA 227 8.65 -106.46 -95.74
C ALA RA 227 7.40 -105.55 -95.86
N ASN RA 228 7.17 -104.71 -94.84
CA ASN RA 228 6.09 -103.73 -94.85
C ASN RA 228 6.51 -102.40 -95.53
N ALA RA 229 5.54 -101.50 -95.72
CA ALA RA 229 5.74 -100.23 -96.41
C ALA RA 229 6.89 -99.38 -95.83
N SER RA 230 7.07 -99.32 -94.51
CA SER RA 230 8.16 -98.53 -93.90
C SER RA 230 9.54 -99.16 -94.14
N ALA RA 231 9.64 -100.49 -94.18
CA ALA RA 231 10.88 -101.18 -94.53
C ALA RA 231 11.19 -101.04 -96.03
N ILE RA 232 10.17 -101.07 -96.89
CA ILE RA 232 10.31 -100.79 -98.32
C ILE RA 232 10.75 -99.34 -98.55
N LYS RA 233 10.09 -98.36 -97.94
CA LYS RA 233 10.48 -96.93 -98.02
C LYS RA 233 11.91 -96.72 -97.52
N THR RA 234 12.33 -97.42 -96.47
CA THR RA 234 13.72 -97.39 -96.00
C THR RA 234 14.68 -97.95 -97.05
N ALA RA 235 14.40 -99.12 -97.63
CA ALA RA 235 15.26 -99.73 -98.65
C ALA RA 235 15.35 -98.91 -99.94
N ILE RA 236 14.26 -98.26 -100.36
CA ILE RA 236 14.26 -97.29 -101.45
C ILE RA 236 15.11 -96.07 -101.09
N GLY RA 237 14.85 -95.43 -99.95
CA GLY RA 237 15.53 -94.20 -99.54
C GLY RA 237 17.02 -94.36 -99.28
N ALA RA 238 17.47 -95.55 -98.86
CA ALA RA 238 18.87 -95.84 -98.60
C ALA RA 238 19.75 -96.03 -99.85
N VAL RA 239 19.19 -96.03 -101.08
CA VAL RA 239 19.95 -96.31 -102.31
C VAL RA 239 21.13 -95.36 -102.54
N ASP RA 240 20.95 -94.06 -102.29
CA ASP RA 240 22.01 -93.06 -102.19
C ASP RA 240 21.54 -91.88 -101.34
N ASP RA 241 22.48 -91.07 -100.85
CA ASP RA 241 22.17 -89.92 -100.00
C ASP RA 241 21.89 -88.62 -100.78
N GLY RA 242 21.85 -88.66 -102.13
CA GLY RA 242 21.47 -87.54 -102.99
C GLY RA 242 19.99 -87.19 -102.91
N VAL RA 243 19.11 -88.21 -102.81
CA VAL RA 243 17.69 -88.05 -102.53
C VAL RA 243 17.36 -88.58 -101.13
N ALA RA 244 16.75 -87.76 -100.28
CA ALA RA 244 16.41 -88.14 -98.91
C ALA RA 244 15.23 -89.14 -98.86
N GLU RA 245 15.14 -89.96 -97.82
CA GLU RA 245 14.03 -90.89 -97.61
C GLU RA 245 12.67 -90.19 -97.63
N SER RA 246 12.61 -88.98 -97.05
CA SER RA 246 11.39 -88.15 -96.97
C SER RA 246 10.81 -87.74 -98.32
N ALA RA 247 11.59 -87.80 -99.41
CA ALA RA 247 11.09 -87.50 -100.74
C ALA RA 247 10.25 -88.65 -101.34
N TRP RA 248 10.36 -89.85 -100.80
CA TRP RA 248 9.65 -91.03 -101.30
C TRP RA 248 8.35 -91.29 -100.54
N THR RA 249 7.29 -91.55 -101.28
CA THR RA 249 6.00 -92.01 -100.75
C THR RA 249 5.83 -93.50 -101.07
N VAL RA 250 5.40 -94.28 -100.08
CA VAL RA 250 5.02 -95.68 -100.25
C VAL RA 250 3.70 -95.94 -99.55
N THR RA 251 2.77 -96.65 -100.20
CA THR RA 251 1.48 -97.05 -99.60
C THR RA 251 1.11 -98.48 -99.97
N ALA RA 252 0.23 -99.11 -99.20
CA ALA RA 252 0.09 -100.57 -99.16
C ALA RA 252 -1.31 -101.07 -99.57
N ASP RA 253 -1.34 -102.29 -100.10
CA ASP RA 253 -2.52 -103.09 -100.43
C ASP RA 253 -2.24 -104.58 -100.12
N GLY RA 254 -3.25 -105.45 -100.15
CA GLY RA 254 -3.20 -106.81 -99.60
C GLY RA 254 -2.11 -107.76 -100.12
N SER RA 255 -1.51 -107.48 -101.28
CA SER RA 255 -0.34 -108.20 -101.82
C SER RA 255 0.70 -107.27 -102.46
N ASP RA 256 0.54 -105.95 -102.33
CA ASP RA 256 1.08 -104.98 -103.29
C ASP RA 256 1.42 -103.66 -102.58
N PHE RA 257 2.39 -102.90 -103.12
CA PHE RA 257 2.75 -101.58 -102.62
C PHE RA 257 2.89 -100.60 -103.77
N GLU RA 258 2.29 -99.43 -103.62
CA GLU RA 258 2.55 -98.27 -104.47
C GLU RA 258 3.86 -97.60 -104.05
N ILE RA 259 4.73 -97.29 -105.01
CA ILE RA 259 5.96 -96.50 -104.83
C ILE RA 259 5.87 -95.23 -105.69
N SER RA 260 6.19 -94.05 -105.14
CA SER RA 260 6.35 -92.83 -105.92
C SER RA 260 7.38 -91.87 -105.32
N GLY RA 261 8.07 -91.09 -106.16
CA GLY RA 261 9.17 -90.22 -105.76
C GLY RA 261 10.01 -89.69 -106.94
N PRO RA 262 11.14 -89.01 -106.66
CA PRO RA 262 11.90 -88.25 -107.66
C PRO RA 262 12.54 -89.05 -108.80
N LEU RA 263 12.79 -90.35 -108.62
CA LEU RA 263 13.60 -91.16 -109.55
C LEU RA 263 12.81 -92.35 -110.11
N ALA RA 264 13.22 -92.85 -111.28
CA ALA RA 264 12.68 -94.09 -111.83
C ALA RA 264 13.04 -95.32 -110.96
N VAL RA 265 12.14 -96.29 -110.89
CA VAL RA 265 12.27 -97.53 -110.11
C VAL RA 265 12.16 -98.74 -111.05
N ALA RA 266 12.90 -99.80 -110.78
CA ALA RA 266 12.85 -101.06 -111.53
C ALA RA 266 13.16 -102.28 -110.64
N LEU RA 267 12.77 -103.46 -111.08
CA LEU RA 267 13.25 -104.71 -110.48
C LEU RA 267 14.75 -104.86 -110.79
N GLY RA 268 15.59 -104.98 -109.75
CA GLY RA 268 17.04 -105.12 -109.88
C GLY RA 268 17.44 -106.57 -110.12
N VAL RA 269 17.26 -107.40 -109.08
CA VAL RA 269 17.43 -108.86 -109.16
C VAL RA 269 16.30 -109.54 -108.38
N ASP RA 270 15.59 -110.45 -109.04
CA ASP RA 270 14.62 -111.32 -108.38
C ASP RA 270 15.35 -112.45 -107.63
N SER RA 271 15.04 -112.62 -106.34
CA SER RA 271 15.47 -113.77 -105.55
C SER RA 271 14.30 -114.34 -104.74
N THR RA 272 13.12 -114.40 -105.38
CA THR RA 272 11.89 -114.99 -104.85
C THR RA 272 11.94 -116.52 -104.97
N THR RA 273 12.67 -117.17 -104.05
CA THR RA 273 12.87 -118.64 -104.06
C THR RA 273 11.55 -119.41 -103.99
N GLY RA 274 10.56 -118.93 -103.23
CA GLY RA 274 9.25 -119.57 -103.12
C GLY RA 274 8.21 -118.92 -104.04
N GLY RA 275 7.70 -119.68 -105.02
CA GLY RA 275 6.72 -119.20 -105.99
C GLY RA 275 7.34 -118.39 -107.15
N SER RA 276 6.57 -117.48 -107.74
CA SER RA 276 6.97 -116.62 -108.86
C SER RA 276 6.04 -115.41 -109.02
N GLY RA 277 6.45 -114.43 -109.84
CA GLY RA 277 5.69 -113.21 -110.12
C GLY RA 277 5.92 -112.10 -109.09
N VAL RA 278 7.20 -111.72 -108.90
CA VAL RA 278 7.66 -110.84 -107.80
C VAL RA 278 7.06 -109.43 -107.77
N THR RA 279 6.68 -108.86 -108.92
CA THR RA 279 6.06 -107.53 -109.03
C THR RA 279 5.09 -107.43 -110.20
N VAL RA 280 4.14 -106.49 -110.09
CA VAL RA 280 3.52 -105.80 -111.23
C VAL RA 280 4.06 -104.37 -111.17
N ASP RA 281 4.75 -103.91 -112.22
CA ASP RA 281 5.81 -102.91 -112.04
C ASP RA 281 5.33 -101.44 -112.18
N VAL RA 282 4.59 -101.12 -113.25
CA VAL RA 282 4.17 -99.75 -113.60
C VAL RA 282 2.65 -99.65 -113.69
N VAL RA 283 2.09 -98.49 -113.31
CA VAL RA 283 0.64 -98.21 -113.27
C VAL RA 283 -0.06 -98.34 -114.63
N ALA SA 2 46.95 -6.34 -130.98
CA ALA SA 2 46.28 -7.65 -130.81
C ALA SA 2 45.83 -7.85 -129.35
N LEU SA 3 45.08 -8.92 -129.05
CA LEU SA 3 44.35 -9.10 -127.78
C LEU SA 3 43.37 -7.93 -127.49
N LYS SA 4 42.44 -7.70 -128.43
CA LYS SA 4 41.36 -6.72 -128.24
C LYS SA 4 40.27 -7.32 -127.38
N ASP SA 5 40.40 -7.18 -126.07
CA ASP SA 5 39.36 -7.46 -125.07
C ASP SA 5 38.04 -6.73 -125.44
N ASP SA 6 38.16 -5.52 -126.00
CA ASP SA 6 37.07 -4.71 -126.54
C ASP SA 6 36.21 -5.40 -127.63
N ALA SA 7 36.77 -6.39 -128.33
CA ALA SA 7 36.20 -6.99 -129.55
C ALA SA 7 35.92 -8.49 -129.40
N VAL SA 8 35.48 -8.90 -128.21
CA VAL SA 8 34.95 -10.24 -127.91
C VAL SA 8 33.44 -10.13 -127.82
N LEU SA 9 32.70 -10.91 -128.63
CA LEU SA 9 31.27 -10.67 -128.88
C LEU SA 9 30.38 -11.72 -128.22
N ILE SA 10 29.38 -11.31 -127.43
CA ILE SA 10 28.21 -12.13 -127.10
C ILE SA 10 27.00 -11.58 -127.84
N ALA SA 11 26.21 -12.43 -128.49
CA ALA SA 11 25.11 -12.00 -129.34
C ALA SA 11 23.84 -11.69 -128.54
N ALA SA 12 23.93 -10.87 -127.48
CA ALA SA 12 22.89 -10.75 -126.47
C ALA SA 12 21.50 -10.36 -127.01
N ARG SA 13 21.47 -9.47 -128.00
CA ARG SA 13 20.30 -9.10 -128.80
C ARG SA 13 20.71 -8.79 -130.23
N GLY SA 14 19.80 -8.88 -131.18
CA GLY SA 14 20.08 -8.55 -132.57
C GLY SA 14 18.82 -8.35 -133.40
N TYR SA 15 18.97 -7.92 -134.64
CA TYR SA 15 17.85 -7.62 -135.53
C TYR SA 15 18.14 -8.11 -136.94
N VAL SA 16 17.11 -8.46 -137.71
CA VAL SA 16 17.25 -8.93 -139.09
C VAL SA 16 16.35 -8.12 -140.01
N TYR SA 17 16.89 -7.62 -141.10
CA TYR SA 17 16.16 -6.82 -142.09
C TYR SA 17 16.32 -7.43 -143.47
N THR SA 18 15.34 -7.24 -144.34
CA THR SA 18 15.47 -7.60 -145.76
C THR SA 18 14.98 -6.48 -146.65
N ALA SA 19 15.36 -6.50 -147.92
CA ALA SA 19 15.02 -5.48 -148.91
C ALA SA 19 15.09 -6.08 -150.30
N ALA SA 20 14.64 -5.34 -151.32
CA ALA SA 20 14.83 -5.74 -152.70
C ALA SA 20 16.30 -5.99 -153.00
N VAL SA 21 16.59 -6.89 -153.94
CA VAL SA 21 17.96 -7.31 -154.29
C VAL SA 21 18.85 -6.11 -154.57
N GLY SA 22 20.10 -6.17 -154.09
CA GLY SA 22 21.12 -5.15 -154.33
C GLY SA 22 21.12 -3.97 -153.35
N THR SA 23 20.11 -3.84 -152.48
CA THR SA 23 19.99 -2.69 -151.55
C THR SA 23 21.21 -2.55 -150.64
N ALA SA 24 21.73 -1.32 -150.50
CA ALA SA 24 22.89 -1.02 -149.68
C ALA SA 24 22.54 -0.89 -148.18
N ALA SA 25 23.39 -1.42 -147.30
CA ALA SA 25 23.25 -1.24 -145.85
C ALA SA 25 23.71 0.15 -145.39
N PRO SA 26 23.34 0.60 -144.17
CA PRO SA 26 23.91 1.78 -143.55
C PRO SA 26 25.44 1.73 -143.52
N THR SA 27 26.11 2.86 -143.69
CA THR SA 27 27.58 2.93 -143.60
C THR SA 27 28.04 2.65 -142.17
N PRO SA 28 29.31 2.28 -141.93
CA PRO SA 28 29.79 2.00 -140.58
C PRO SA 28 29.56 3.13 -139.58
N SER SA 29 29.67 4.39 -139.98
CA SER SA 29 29.40 5.53 -139.10
C SER SA 29 27.91 5.79 -138.88
N GLN SA 30 27.02 5.41 -139.79
CA GLN SA 30 25.58 5.44 -139.54
C GLN SA 30 25.16 4.34 -138.60
N LEU SA 31 25.71 3.13 -138.71
CA LEU SA 31 25.30 1.99 -137.90
C LEU SA 31 25.48 2.22 -136.39
N LYS SA 32 26.49 2.99 -135.99
CA LYS SA 32 26.70 3.43 -134.60
C LYS SA 32 25.59 4.32 -134.04
N LEU SA 33 24.70 4.87 -134.88
CA LEU SA 33 23.83 6.00 -134.54
C LEU SA 33 22.35 5.80 -134.91
N ILE SA 34 22.00 4.99 -135.90
CA ILE SA 34 20.60 4.73 -136.31
C ILE SA 34 19.74 4.12 -135.21
N ASP SA 35 18.42 4.22 -135.33
CA ASP SA 35 17.46 3.56 -134.45
C ASP SA 35 17.01 2.22 -135.05
N LEU SA 36 17.33 1.10 -134.40
CA LEU SA 36 17.16 -0.23 -134.99
C LEU SA 36 15.71 -0.69 -135.07
N GLU SA 37 14.82 -0.17 -134.23
CA GLU SA 37 13.40 -0.56 -134.23
C GLU SA 37 12.64 -0.10 -135.46
N HIS SA 38 13.10 0.97 -136.12
CA HIS SA 38 12.32 1.74 -137.10
C HIS SA 38 13.12 2.02 -138.37
N PRO SA 39 13.32 1.03 -139.25
CA PRO SA 39 14.16 1.20 -140.43
C PRO SA 39 13.53 2.10 -141.50
N GLU SA 40 12.23 2.32 -141.43
CA GLU SA 40 11.52 3.34 -142.21
C GLU SA 40 12.07 4.77 -142.00
N ALA SA 41 12.71 5.03 -140.86
CA ALA SA 41 13.27 6.33 -140.51
C ALA SA 41 14.75 6.50 -140.86
N TRP SA 42 15.45 5.45 -141.32
CA TRP SA 42 16.86 5.56 -141.69
C TRP SA 42 17.05 6.46 -142.90
N ASP SA 43 18.17 7.16 -142.99
CA ASP SA 43 18.56 7.91 -144.19
C ASP SA 43 18.92 6.97 -145.33
N ARG SA 44 19.59 5.86 -145.04
CA ARG SA 44 19.82 4.74 -145.97
C ARG SA 44 18.57 3.87 -146.11
N THR SA 45 17.49 4.47 -146.57
CA THR SA 45 16.15 3.87 -146.63
C THR SA 45 16.06 2.66 -147.57
N GLY SA 46 15.06 1.82 -147.37
CA GLY SA 46 14.74 0.65 -148.21
C GLY SA 46 14.60 -0.67 -147.45
N TRP SA 47 14.88 -0.71 -146.15
CA TRP SA 47 14.96 -1.94 -145.37
C TRP SA 47 13.70 -2.20 -144.55
N ASP SA 48 13.17 -3.42 -144.62
CA ASP SA 48 12.03 -3.89 -143.84
C ASP SA 48 12.47 -4.88 -142.78
N LEU SA 49 12.11 -4.60 -141.54
CA LEU SA 49 12.44 -5.44 -140.38
C LEU SA 49 11.61 -6.71 -140.39
N VAL SA 50 12.27 -7.86 -140.38
CA VAL SA 50 11.63 -9.18 -140.26
C VAL SA 50 11.09 -9.36 -138.84
N GLY SA 51 10.12 -10.26 -138.66
CA GLY SA 51 9.53 -10.58 -137.35
C GLY SA 51 10.52 -11.05 -136.28
N HIS SA 52 10.00 -11.28 -135.07
CA HIS SA 52 10.75 -11.83 -133.94
C HIS SA 52 11.49 -13.11 -134.33
N THR SA 53 12.82 -13.07 -134.35
CA THR SA 53 13.65 -14.27 -134.52
C THR SA 53 13.84 -14.97 -133.19
N SER SA 54 14.15 -16.27 -133.20
CA SER SA 54 14.10 -17.07 -131.98
C SER SA 54 15.14 -16.63 -130.94
N GLU SA 55 14.81 -16.78 -129.66
CA GLU SA 55 15.64 -16.29 -128.56
C GLU SA 55 16.90 -17.12 -128.32
N ASP SA 56 16.87 -18.42 -128.59
CA ASP SA 56 17.93 -19.38 -128.25
C ASP SA 56 18.63 -19.97 -129.48
N ASP SA 57 17.90 -20.33 -130.55
CA ASP SA 57 18.49 -20.68 -131.84
C ASP SA 57 18.75 -19.41 -132.67
N LEU SA 58 19.89 -18.78 -132.41
CA LEU SA 58 20.40 -17.62 -133.15
C LEU SA 58 20.87 -17.99 -134.56
N PRO SA 59 21.08 -17.02 -135.48
CA PRO SA 59 21.58 -17.29 -136.82
C PRO SA 59 22.83 -18.17 -136.87
N GLU SA 60 22.83 -19.21 -137.70
CA GLU SA 60 23.99 -20.08 -137.94
C GLU SA 60 24.66 -19.69 -139.27
N PHE SA 61 25.84 -19.07 -139.25
CA PHE SA 61 26.59 -18.70 -140.45
C PHE SA 61 27.40 -19.88 -141.04
N GLY SA 62 26.71 -20.92 -141.49
CA GLY SA 62 27.34 -22.14 -142.01
C GLY SA 62 27.84 -22.08 -143.46
N PHE SA 63 28.42 -23.18 -143.91
CA PHE SA 63 28.81 -23.42 -145.30
C PHE SA 63 28.77 -24.92 -145.61
N ASP SA 64 28.57 -25.33 -146.87
CA ASP SA 64 28.35 -26.74 -147.23
C ASP SA 64 29.58 -27.48 -147.78
N GLY SA 65 30.45 -26.81 -148.53
CA GLY SA 65 31.55 -27.44 -149.28
C GLY SA 65 32.79 -27.79 -148.45
N GLY SA 66 33.87 -28.13 -149.13
CA GLY SA 66 35.16 -28.52 -148.53
C GLY SA 66 35.96 -29.46 -149.43
N ASP SA 67 37.27 -29.55 -149.20
CA ASP SA 67 38.24 -30.27 -150.04
C ASP SA 67 39.40 -30.83 -149.21
N GLU SA 85 33.93 -30.18 -152.85
CA GLU SA 85 34.06 -29.10 -153.82
C GLU SA 85 33.81 -27.71 -153.19
N GLU SA 86 33.87 -26.64 -153.99
CA GLU SA 86 33.90 -25.26 -153.48
C GLU SA 86 32.66 -24.87 -152.65
N ILE SA 87 32.89 -24.08 -151.59
CA ILE SA 87 31.89 -23.77 -150.56
C ILE SA 87 30.81 -22.80 -151.05
N ALA SA 88 29.56 -23.04 -150.67
CA ALA SA 88 28.51 -22.04 -150.66
C ALA SA 88 28.20 -21.64 -149.21
N ASP SA 89 28.28 -20.34 -148.91
CA ASP SA 89 27.94 -19.79 -147.62
C ASP SA 89 26.44 -19.69 -147.43
N TYR SA 90 25.95 -19.91 -146.21
CA TYR SA 90 24.56 -19.73 -145.86
C TYR SA 90 24.38 -19.13 -144.48
N VAL SA 91 23.18 -18.66 -144.17
CA VAL SA 91 22.72 -18.37 -142.82
C VAL SA 91 21.41 -19.09 -142.59
N VAL SA 92 21.25 -19.81 -141.49
CA VAL SA 92 19.94 -20.32 -141.09
C VAL SA 92 19.37 -19.41 -140.03
N ILE SA 93 18.18 -18.84 -140.25
CA ILE SA 93 17.50 -17.92 -139.33
C ILE SA 93 16.20 -18.55 -138.87
N ASN SA 94 15.97 -18.72 -137.57
CA ASN SA 94 14.69 -19.17 -137.05
C ASN SA 94 13.78 -17.96 -136.85
N LEU SA 95 12.76 -17.78 -137.68
CA LEU SA 95 11.70 -16.80 -137.40
C LEU SA 95 10.73 -17.39 -136.38
N THR SA 96 9.98 -16.59 -135.63
CA THR SA 96 9.01 -17.08 -134.63
C THR SA 96 7.70 -16.30 -134.66
N GLN SA 97 7.29 -15.88 -135.85
CA GLN SA 97 6.11 -15.06 -136.08
C GLN SA 97 5.33 -15.56 -137.29
N PHE SA 98 4.00 -15.53 -137.27
CA PHE SA 98 3.15 -16.05 -138.35
C PHE SA 98 2.42 -14.93 -139.11
N ASP SA 99 2.93 -13.72 -139.04
CA ASP SA 99 2.51 -12.58 -139.85
C ASP SA 99 2.89 -12.82 -141.33
N GLU SA 100 2.28 -12.11 -142.27
CA GLU SA 100 2.64 -12.23 -143.68
C GLU SA 100 4.12 -11.91 -143.94
N THR SA 101 4.69 -10.94 -143.22
CA THR SA 101 6.11 -10.58 -143.29
C THR SA 101 7.05 -11.73 -142.99
N ALA SA 102 6.62 -12.76 -142.26
CA ALA SA 102 7.42 -13.94 -141.99
C ALA SA 102 7.05 -15.13 -142.88
N LEU SA 103 5.76 -15.35 -143.18
CA LEU SA 103 5.41 -16.40 -144.14
C LEU SA 103 5.99 -16.13 -145.52
N GLU SA 104 6.09 -14.88 -145.97
CA GLU SA 104 6.72 -14.57 -147.26
C GLU SA 104 8.17 -15.02 -147.35
N LEU SA 105 8.92 -15.10 -146.26
CA LEU SA 105 10.30 -15.59 -146.29
C LEU SA 105 10.36 -17.11 -146.32
N TYR SA 106 9.48 -17.80 -145.59
CA TYR SA 106 9.46 -19.26 -145.54
C TYR SA 106 8.84 -19.85 -146.82
N PHE SA 107 7.65 -19.42 -147.21
CA PHE SA 107 6.91 -19.98 -148.36
C PHE SA 107 7.11 -19.25 -149.68
N GLY SA 108 7.80 -18.10 -149.72
CA GLY SA 108 7.81 -17.22 -150.88
C GLY SA 108 6.53 -16.38 -150.98
N PRO SA 109 6.38 -15.52 -152.00
CA PRO SA 109 5.28 -14.58 -152.11
C PRO SA 109 3.89 -15.21 -152.02
N ASN SA 110 2.93 -14.48 -151.45
CA ASN SA 110 1.55 -14.95 -151.26
C ASN SA 110 0.86 -15.22 -152.60
N GLN SA 111 0.31 -16.43 -152.80
CA GLN SA 111 -0.31 -16.83 -154.06
C GLN SA 111 -1.82 -16.52 -154.15
N SER SA 112 -2.42 -15.85 -153.16
CA SER SA 112 -3.84 -15.47 -153.18
C SER SA 112 -4.06 -13.99 -152.88
N ALA SA 113 -4.99 -13.37 -153.59
CA ALA SA 113 -5.32 -11.95 -153.47
C ALA SA 113 -6.40 -11.62 -152.43
N THR SA 114 -7.15 -12.61 -151.96
CA THR SA 114 -8.29 -12.39 -151.03
C THR SA 114 -7.82 -11.93 -149.65
N PRO SA 115 -8.49 -10.98 -148.99
CA PRO SA 115 -8.16 -10.61 -147.61
C PRO SA 115 -8.16 -11.82 -146.69
N GLY SA 116 -7.21 -11.91 -145.76
CA GLY SA 116 -7.20 -12.91 -144.71
C GLY SA 116 -6.67 -14.30 -145.04
N ILE SA 117 -6.12 -14.52 -146.24
CA ILE SA 117 -5.61 -15.83 -146.67
C ILE SA 117 -4.19 -15.70 -147.21
N PHE SA 118 -3.32 -16.62 -146.84
CA PHE SA 118 -2.01 -16.78 -147.45
C PHE SA 118 -1.92 -18.14 -148.10
N GLY SA 119 -1.80 -18.19 -149.42
CA GLY SA 119 -1.85 -19.43 -150.20
C GLY SA 119 -0.49 -19.86 -150.72
N VAL SA 120 -0.26 -21.16 -150.79
CA VAL SA 120 1.00 -21.75 -151.26
C VAL SA 120 0.77 -22.59 -152.53
N LYS SA 121 1.55 -22.35 -153.59
CA LYS SA 121 1.58 -23.20 -154.79
C LYS SA 121 2.62 -24.31 -154.64
N SER SA 122 2.43 -25.42 -155.33
CA SER SA 122 3.37 -26.53 -155.36
C SER SA 122 4.64 -26.22 -156.16
N GLY SA 123 5.68 -27.04 -155.98
CA GLY SA 123 6.97 -26.87 -156.64
C GLY SA 123 7.79 -25.70 -156.12
N SER SA 124 9.00 -25.53 -156.66
CA SER SA 124 9.92 -24.46 -156.28
C SER SA 124 9.43 -23.08 -156.76
N VAL SA 125 9.78 -22.03 -156.04
CA VAL SA 125 9.53 -20.63 -156.42
C VAL SA 125 10.79 -19.80 -156.18
N VAL SA 126 11.10 -18.87 -157.09
CA VAL SA 126 12.23 -17.95 -156.91
C VAL SA 126 11.91 -16.93 -155.82
N ASN SA 127 12.84 -16.76 -154.88
CA ASN SA 127 12.67 -15.90 -153.73
C ASN SA 127 14.03 -15.34 -153.32
N GLU SA 128 14.33 -14.11 -153.69
CA GLU SA 128 15.64 -13.51 -153.50
C GLU SA 128 15.50 -12.11 -152.91
N ARG SA 129 16.32 -11.79 -151.91
CA ARG SA 129 16.27 -10.52 -151.17
C ARG SA 129 17.66 -10.12 -150.70
N ALA SA 130 17.92 -8.84 -150.49
CA ALA SA 130 19.09 -8.42 -149.73
C ALA SA 130 18.84 -8.71 -148.25
N LEU SA 131 19.89 -8.91 -147.46
CA LEU SA 131 19.81 -9.27 -146.05
C LEU SA 131 20.78 -8.43 -145.24
N LEU SA 132 20.32 -7.87 -144.13
CA LEU SA 132 21.15 -7.18 -143.14
C LEU SA 132 20.85 -7.76 -141.78
N ILE SA 133 21.87 -8.05 -140.98
CA ILE SA 133 21.75 -8.54 -139.61
C ILE SA 133 22.57 -7.62 -138.73
N VAL SA 134 22.06 -7.20 -137.59
CA VAL SA 134 22.79 -6.37 -136.62
C VAL SA 134 22.86 -7.12 -135.29
N ILE SA 135 24.05 -7.34 -134.75
CA ILE SA 135 24.28 -8.05 -133.49
C ILE SA 135 24.77 -7.03 -132.47
N VAL SA 136 24.05 -6.82 -131.36
CA VAL SA 136 24.20 -5.59 -130.59
C VAL SA 136 25.20 -5.66 -129.44
N ASP SA 137 25.20 -6.73 -128.64
CA ASP SA 137 25.82 -6.77 -127.31
C ASP SA 137 25.42 -5.53 -126.47
N ASN SA 138 26.36 -4.61 -126.24
CA ASN SA 138 26.23 -3.36 -125.51
C ASN SA 138 26.95 -2.28 -126.31
N ASP SA 139 26.21 -1.50 -127.08
CA ASP SA 139 26.65 -0.38 -127.92
C ASP SA 139 27.74 -0.63 -128.99
N VAL SA 140 28.23 -1.86 -129.19
CA VAL SA 140 29.15 -2.16 -130.30
C VAL SA 140 28.45 -2.25 -131.66
N ARG SA 141 27.34 -3.00 -131.77
CA ARG SA 141 26.58 -3.21 -133.02
C ARG SA 141 27.42 -3.72 -134.21
N LEU SA 142 27.94 -4.95 -134.15
CA LEU SA 142 28.51 -5.57 -135.35
C LEU SA 142 27.41 -5.82 -136.38
N GLY SA 143 27.52 -5.28 -137.58
CA GLY SA 143 26.60 -5.55 -138.68
C GLY SA 143 27.11 -6.63 -139.62
N PHE SA 144 26.20 -7.30 -140.32
CA PHE SA 144 26.50 -8.20 -141.43
C PHE SA 144 25.54 -7.92 -142.57
N HIS SA 145 26.02 -7.79 -143.80
CA HIS SA 145 25.19 -7.39 -144.95
C HIS SA 145 25.49 -8.21 -146.19
N ALA SA 146 24.46 -8.70 -146.86
CA ALA SA 146 24.59 -9.40 -148.13
C ALA SA 146 23.67 -8.78 -149.19
N ARG SA 147 24.20 -8.47 -150.37
CA ARG SA 147 23.46 -7.81 -151.46
C ARG SA 147 22.37 -8.70 -152.05
N LYS SA 148 22.54 -10.02 -152.00
CA LYS SA 148 21.73 -11.00 -152.72
C LYS SA 148 21.77 -12.31 -151.96
N ALA SA 149 20.66 -12.73 -151.39
CA ALA SA 149 20.49 -14.03 -150.80
C ALA SA 149 19.30 -14.75 -151.43
N SER SA 150 19.40 -16.06 -151.60
CA SER SA 150 18.31 -16.93 -152.02
C SER SA 150 17.72 -17.60 -150.80
N LEU SA 151 16.41 -17.52 -150.61
CA LEU SA 151 15.73 -17.94 -149.38
C LEU SA 151 14.98 -19.25 -149.57
N LYS SA 152 15.20 -20.20 -148.67
CA LYS SA 152 14.58 -21.54 -148.67
C LYS SA 152 14.08 -21.93 -147.30
N ARG SA 153 13.20 -22.91 -147.25
CA ARG SA 153 12.76 -23.60 -146.03
C ARG SA 153 13.91 -24.45 -145.51
N GLU SA 154 14.35 -24.27 -144.27
CA GLU SA 154 15.43 -25.10 -143.72
C GLU SA 154 14.91 -26.48 -143.35
N ASP SA 155 13.87 -26.56 -142.52
CA ASP SA 155 13.09 -27.77 -142.26
C ASP SA 155 11.67 -27.39 -141.76
N ALA SA 156 10.96 -28.35 -141.17
CA ALA SA 156 9.55 -28.23 -140.78
C ALA SA 156 9.27 -27.04 -139.85
N ILE SA 157 8.06 -26.49 -139.93
CA ILE SA 157 7.56 -25.54 -138.94
C ILE SA 157 7.53 -26.23 -137.58
N SER SA 158 8.19 -25.67 -136.58
CA SER SA 158 8.06 -26.15 -135.20
C SER SA 158 6.79 -25.60 -134.56
N LEU SA 159 6.01 -26.44 -133.88
CA LEU SA 159 4.89 -26.05 -133.03
C LEU SA 159 4.99 -26.76 -131.69
N ALA SA 160 4.65 -26.07 -130.61
CA ALA SA 160 4.62 -26.62 -129.27
C ALA SA 160 3.57 -25.91 -128.41
N THR SA 161 3.09 -26.57 -127.34
CA THR SA 161 2.12 -26.00 -126.40
C THR SA 161 2.74 -25.05 -125.38
N ASP SA 162 4.06 -25.03 -125.24
CA ASP SA 162 4.77 -24.29 -124.19
C ASP SA 162 5.97 -23.47 -124.69
N GLU SA 163 6.14 -23.31 -126.00
CA GLU SA 163 7.24 -22.54 -126.61
C GLU SA 163 6.81 -21.99 -127.97
N PHE SA 164 7.34 -20.85 -128.39
CA PHE SA 164 6.89 -20.20 -129.63
C PHE SA 164 7.12 -21.05 -130.86
N GLY SA 165 6.12 -21.16 -131.73
CA GLY SA 165 6.30 -21.84 -133.01
C GLY SA 165 7.34 -21.15 -133.88
N ALA SA 166 8.06 -21.89 -134.72
CA ALA SA 166 9.19 -21.37 -135.47
C ALA SA 166 9.19 -21.74 -136.95
N LEU SA 167 9.55 -20.80 -137.81
CA LEU SA 167 9.70 -20.96 -139.26
C LEU SA 167 11.20 -20.82 -139.61
N PRO SA 168 11.98 -21.88 -139.68
CA PRO SA 168 13.41 -21.75 -139.96
C PRO SA 168 13.66 -21.59 -141.46
N VAL SA 169 14.41 -20.56 -141.85
CA VAL SA 169 14.78 -20.31 -143.26
C VAL SA 169 16.28 -20.34 -143.46
N ARG SA 170 16.71 -20.85 -144.62
CA ARG SA 170 18.09 -20.85 -145.09
C ARG SA 170 18.24 -19.71 -146.08
N ALA SA 171 19.08 -18.74 -145.79
CA ALA SA 171 19.53 -17.75 -146.75
C ALA SA 171 20.86 -18.22 -147.33
N THR SA 172 20.96 -18.46 -148.63
CA THR SA 172 22.21 -18.83 -149.29
C THR SA 172 22.72 -17.65 -150.08
N PHE SA 173 23.97 -17.25 -149.90
CA PHE SA 173 24.48 -16.05 -150.57
C PHE SA 173 24.85 -16.36 -152.01
N LEU SA 174 24.56 -15.40 -152.90
CA LEU SA 174 24.86 -15.50 -154.32
C LEU SA 174 25.58 -14.23 -154.78
N ASP SA 175 26.53 -14.34 -155.70
CA ASP SA 175 27.22 -13.18 -156.25
C ASP SA 175 26.25 -12.22 -156.93
N TYR SA 176 26.53 -10.93 -156.89
CA TYR SA 176 25.72 -9.90 -157.54
C TYR SA 176 26.60 -8.77 -158.06
N GLN SA 177 26.61 -8.55 -159.37
CA GLN SA 177 27.11 -7.33 -160.01
C GLN SA 177 28.51 -6.88 -159.53
N SER SA 178 29.44 -7.84 -159.37
CA SER SA 178 30.82 -7.64 -158.88
C SER SA 178 31.01 -7.17 -157.43
N TYR SA 179 29.93 -7.00 -156.66
CA TYR SA 179 30.03 -6.80 -155.20
C TYR SA 179 30.53 -8.06 -154.48
N ASN SA 180 30.93 -7.91 -153.23
CA ASN SA 180 31.28 -9.01 -152.34
C ASN SA 180 30.05 -9.92 -152.07
N LEU SA 181 30.24 -11.15 -151.60
CA LEU SA 181 29.10 -11.95 -151.14
C LEU SA 181 28.45 -11.27 -149.94
N TYR SA 182 29.27 -10.89 -148.96
CA TYR SA 182 28.82 -10.18 -147.78
C TYR SA 182 29.91 -9.31 -147.17
N GLU SA 183 29.46 -8.28 -146.47
CA GLU SA 183 30.24 -7.35 -145.68
C GLU SA 183 30.01 -7.64 -144.21
N TRP SA 184 31.04 -7.56 -143.39
CA TRP SA 184 30.88 -7.29 -141.96
C TRP SA 184 31.13 -5.82 -141.73
N ILE SA 185 30.23 -5.14 -141.03
CA ILE SA 185 30.22 -3.68 -140.92
C ILE SA 185 30.44 -3.33 -139.46
N GLU SA 186 31.55 -2.66 -139.14
CA GLU SA 186 31.81 -2.11 -137.81
C GLU SA 186 32.94 -1.09 -137.87
N GLU SA 187 32.67 0.16 -137.47
CA GLU SA 187 33.57 1.30 -137.65
C GLU SA 187 34.90 1.13 -136.91
N ASP SA 188 34.88 0.52 -135.72
CA ASP SA 188 36.05 0.45 -134.86
C ASP SA 188 37.05 -0.63 -135.27
N TRP SA 189 36.59 -1.71 -135.88
CA TRP SA 189 37.35 -2.96 -135.97
C TRP SA 189 38.03 -3.20 -137.31
N PHE SA 190 37.42 -2.79 -138.42
CA PHE SA 190 37.89 -3.16 -139.77
C PHE SA 190 38.53 -1.99 -140.50
N ASN SA 191 39.70 -2.16 -141.11
CA ASN SA 191 40.44 -1.10 -141.80
C ASN SA 191 40.71 0.12 -140.90
N ALA SA 192 40.85 -0.08 -139.58
CA ALA SA 192 41.18 0.97 -138.63
C ALA SA 192 42.61 1.51 -138.82
N VAL SA 193 42.93 2.62 -138.14
CA VAL SA 193 44.25 3.28 -138.27
C VAL SA 193 45.41 2.53 -137.59
N ASP SA 194 45.13 1.62 -136.65
CA ASP SA 194 46.12 0.79 -135.95
C ASP SA 194 47.25 1.58 -135.26
N ALA SA 195 46.94 2.75 -134.71
CA ALA SA 195 47.89 3.57 -133.94
C ALA SA 195 48.34 2.87 -132.64
N PRO SA 196 49.61 3.03 -132.21
CA PRO SA 196 50.13 2.38 -131.01
C PRO SA 196 49.57 3.00 -129.72
N VAL SA 197 49.56 2.24 -128.63
CA VAL SA 197 49.17 2.74 -127.31
C VAL SA 197 50.22 3.69 -126.74
N VAL SA 198 49.78 4.66 -125.93
CA VAL SA 198 50.67 5.59 -125.22
C VAL SA 198 50.26 5.69 -123.76
N TYR SA 199 51.21 5.72 -122.83
CA TYR SA 199 50.95 5.77 -121.39
C TYR SA 199 51.25 7.17 -120.84
N LEU SA 200 50.35 7.78 -120.07
CA LEU SA 200 50.53 9.15 -119.58
C LEU SA 200 51.08 9.15 -118.16
N LEU SA 201 52.33 9.58 -118.02
CA LEU SA 201 53.00 9.75 -116.73
C LEU SA 201 52.55 11.04 -116.03
N ASP SA 202 51.27 11.14 -115.69
CA ASP SA 202 50.67 12.30 -115.02
C ASP SA 202 51.11 12.40 -113.54
N LEU SA 203 52.19 13.14 -113.30
CA LEU SA 203 52.80 13.30 -111.98
C LEU SA 203 51.95 14.05 -110.93
N GLY SA 204 50.80 14.62 -111.32
CA GLY SA 204 50.01 15.47 -110.42
C GLY SA 204 50.80 16.69 -109.94
N GLY SA 205 50.72 16.99 -108.65
CA GLY SA 205 51.39 18.15 -108.04
C GLY SA 205 52.92 18.08 -108.09
N ALA SA 206 53.50 16.87 -108.01
CA ALA SA 206 54.92 16.60 -108.21
C ALA SA 206 55.89 17.45 -107.35
N THR SA 207 55.49 17.85 -106.14
CA THR SA 207 56.18 18.89 -105.36
C THR SA 207 57.61 18.54 -104.94
N GLY SA 208 57.97 17.27 -104.93
CA GLY SA 208 59.30 16.76 -104.53
C GLY SA 208 59.35 15.23 -104.48
N GLY SA 209 60.51 14.67 -104.17
CA GLY SA 209 60.69 13.23 -103.93
C GLY SA 209 61.05 12.39 -105.17
N ASP SA 210 60.55 11.16 -105.19
CA ASP SA 210 61.01 10.05 -106.04
C ASP SA 210 59.80 9.20 -106.50
N TYR SA 211 59.90 8.50 -107.62
CA TYR SA 211 58.97 7.44 -107.99
C TYR SA 211 59.64 6.38 -108.86
N THR SA 212 59.09 5.17 -108.91
CA THR SA 212 59.54 4.15 -109.86
C THR SA 212 58.39 3.63 -110.69
N LEU SA 213 58.60 3.57 -112.00
CA LEU SA 213 57.80 2.77 -112.92
C LEU SA 213 58.15 1.30 -112.76
N LEU SA 214 57.33 0.43 -113.32
CA LEU SA 214 57.74 -0.91 -113.72
C LEU SA 214 57.33 -1.18 -115.17
N VAL SA 215 58.22 -1.82 -115.91
CA VAL SA 215 58.09 -2.11 -117.34
C VAL SA 215 58.10 -3.62 -117.53
N GLY SA 216 57.07 -4.19 -118.15
CA GLY SA 216 56.93 -5.65 -118.29
C GLY SA 216 56.97 -6.43 -116.97
N GLY SA 217 56.71 -5.76 -115.84
CA GLY SA 217 56.80 -6.33 -114.49
C GLY SA 217 58.11 -6.04 -113.72
N LYS SA 218 59.13 -5.42 -114.31
CA LYS SA 218 60.42 -5.12 -113.68
C LYS SA 218 60.54 -3.63 -113.33
N SER SA 219 60.95 -3.28 -112.11
CA SER SA 219 61.02 -1.88 -111.66
C SER SA 219 62.23 -1.12 -112.19
N THR SA 220 62.06 0.17 -112.48
CA THR SA 220 63.13 1.03 -113.04
C THR SA 220 64.13 1.51 -111.98
N GLY SA 221 63.69 1.70 -110.73
CA GLY SA 221 64.56 1.82 -109.55
C GLY SA 221 64.72 3.21 -108.94
N ASP SA 222 64.71 4.28 -109.73
CA ASP SA 222 64.96 5.66 -109.27
C ASP SA 222 64.55 6.69 -110.34
N ILE SA 223 63.58 7.57 -110.07
CA ILE SA 223 63.26 8.71 -110.95
C ILE SA 223 62.88 9.94 -110.11
N ALA SA 224 63.61 11.04 -110.25
CA ALA SA 224 63.32 12.28 -109.52
C ALA SA 224 62.04 12.96 -110.04
N TYR SA 225 61.34 13.67 -109.15
CA TYR SA 225 60.11 14.40 -109.47
C TYR SA 225 60.22 15.40 -110.64
N ASN SA 226 61.42 15.93 -110.87
CA ASN SA 226 61.73 16.91 -111.92
C ASN SA 226 62.46 16.32 -113.14
N ALA SA 227 62.55 14.99 -113.29
CA ALA SA 227 63.24 14.36 -114.40
C ALA SA 227 62.65 14.76 -115.76
N ASN SA 228 63.50 15.04 -116.74
CA ASN SA 228 63.09 15.36 -118.11
C ASN SA 228 62.81 14.09 -118.94
N ALA SA 229 62.23 14.26 -120.13
CA ALA SA 229 61.85 13.14 -120.98
C ALA SA 229 63.02 12.22 -121.34
N SER SA 230 64.21 12.76 -121.61
CA SER SA 230 65.40 11.96 -121.88
C SER SA 230 65.86 11.18 -120.65
N ALA SA 231 65.83 11.77 -119.46
CA ALA SA 231 66.16 11.07 -118.23
C ALA SA 231 65.18 9.93 -117.93
N ILE SA 232 63.88 10.12 -118.18
CA ILE SA 232 62.87 9.07 -118.06
C ILE SA 232 63.12 7.96 -119.09
N LYS SA 233 63.44 8.31 -120.34
CA LYS SA 233 63.81 7.35 -121.39
C LYS SA 233 65.09 6.56 -121.07
N THR SA 234 66.02 7.11 -120.28
CA THR SA 234 67.21 6.40 -119.76
C THR SA 234 66.93 5.60 -118.49
N ALA SA 235 65.90 5.93 -117.72
CA ALA SA 235 65.48 5.17 -116.54
C ALA SA 235 64.66 3.93 -116.91
N ILE SA 236 63.76 4.06 -117.89
CA ILE SA 236 63.36 2.94 -118.75
C ILE SA 236 64.60 2.45 -119.51
N GLY SA 237 64.63 1.20 -119.93
CA GLY SA 237 65.91 0.51 -120.14
C GLY SA 237 66.42 -0.15 -118.85
N ALA SA 238 65.50 -0.80 -118.13
CA ALA SA 238 65.77 -1.70 -117.01
C ALA SA 238 66.41 -3.01 -117.50
N VAL SA 239 66.63 -3.97 -116.61
CA VAL SA 239 66.96 -5.35 -117.01
C VAL SA 239 65.87 -5.92 -117.91
N ASP SA 240 66.22 -6.79 -118.85
CA ASP SA 240 65.34 -7.39 -119.87
C ASP SA 240 64.64 -6.43 -120.86
N ASP SA 241 65.13 -5.20 -120.96
CA ASP SA 241 64.67 -4.20 -121.92
C ASP SA 241 64.81 -4.60 -123.41
N GLY SA 242 63.94 -4.03 -124.25
CA GLY SA 242 64.28 -3.81 -125.67
C GLY SA 242 65.46 -2.83 -125.79
N VAL SA 243 65.95 -2.57 -127.01
CA VAL SA 243 67.13 -1.71 -127.19
C VAL SA 243 66.95 -0.34 -126.51
N ALA SA 244 67.83 -0.07 -125.53
CA ALA SA 244 67.55 0.78 -124.38
C ALA SA 244 66.98 2.16 -124.70
N GLU SA 245 67.59 2.89 -125.64
CA GLU SA 245 67.24 4.27 -125.94
C GLU SA 245 66.76 4.45 -127.39
N SER SA 246 66.28 3.39 -128.03
CA SER SA 246 65.73 3.47 -129.38
C SER SA 246 64.49 2.61 -129.62
N ALA SA 247 64.17 1.65 -128.75
CA ALA SA 247 62.85 1.02 -128.77
C ALA SA 247 61.73 1.89 -128.16
N TRP SA 248 62.10 2.83 -127.28
CA TRP SA 248 61.19 3.61 -126.45
C TRP SA 248 61.11 5.06 -126.90
N THR SA 249 59.89 5.56 -127.08
CA THR SA 249 59.62 6.97 -127.37
C THR SA 249 59.02 7.62 -126.14
N VAL SA 250 59.61 8.73 -125.67
CA VAL SA 250 59.07 9.54 -124.58
C VAL SA 250 58.94 10.99 -125.05
N THR SA 251 57.75 11.57 -124.95
CA THR SA 251 57.50 12.96 -125.38
C THR SA 251 56.66 13.69 -124.35
N ALA SA 252 57.05 14.91 -123.98
CA ALA SA 252 56.29 15.69 -123.02
C ALA SA 252 55.05 16.34 -123.63
N ASP SA 253 53.99 16.52 -122.84
CA ASP SA 253 52.96 17.53 -123.08
C ASP SA 253 52.37 18.04 -121.75
N GLY SA 254 52.07 19.34 -121.68
CA GLY SA 254 51.74 19.97 -120.39
C GLY SA 254 52.82 19.73 -119.33
N SER SA 255 52.41 19.32 -118.14
CA SER SA 255 53.31 18.86 -117.06
C SER SA 255 53.83 17.42 -117.22
N ASP SA 256 53.33 16.66 -118.19
CA ASP SA 256 53.37 15.19 -118.21
C ASP SA 256 54.18 14.62 -119.39
N PHE SA 257 54.25 13.29 -119.48
CA PHE SA 257 54.92 12.58 -120.56
C PHE SA 257 54.04 11.49 -121.14
N GLU SA 258 54.00 11.36 -122.47
CA GLU SA 258 53.47 10.20 -123.18
C GLU SA 258 54.63 9.25 -123.49
N ILE SA 259 54.56 8.02 -123.00
CA ILE SA 259 55.55 6.96 -123.21
C ILE SA 259 54.96 5.91 -124.14
N SER SA 260 55.72 5.41 -125.11
CA SER SA 260 55.35 4.22 -125.89
C SER SA 260 56.56 3.40 -126.31
N GLY SA 261 56.36 2.12 -126.56
CA GLY SA 261 57.43 1.16 -126.84
C GLY SA 261 56.90 -0.28 -126.85
N PRO SA 262 57.78 -1.29 -126.82
CA PRO SA 262 57.39 -2.67 -127.02
C PRO SA 262 56.73 -3.35 -125.82
N LEU SA 263 56.82 -2.81 -124.60
CA LEU SA 263 56.34 -3.45 -123.36
C LEU SA 263 55.34 -2.58 -122.59
N ALA SA 264 54.46 -3.19 -121.81
CA ALA SA 264 53.54 -2.48 -120.94
C ALA SA 264 54.29 -1.71 -119.83
N VAL SA 265 53.85 -0.49 -119.53
CA VAL SA 265 54.40 0.39 -118.49
C VAL SA 265 53.34 0.64 -117.43
N ALA SA 266 53.69 0.58 -116.15
CA ALA SA 266 52.77 0.89 -115.05
C ALA SA 266 53.51 1.54 -113.86
N LEU SA 267 52.78 2.17 -112.94
CA LEU SA 267 53.35 2.71 -111.71
C LEU SA 267 53.73 1.58 -110.74
N GLY SA 268 54.94 1.64 -110.19
CA GLY SA 268 55.44 0.66 -109.21
C GLY SA 268 55.33 1.15 -107.78
N VAL SA 269 56.02 2.24 -107.44
CA VAL SA 269 55.97 2.88 -106.12
C VAL SA 269 56.09 4.39 -106.27
N ASP SA 270 55.01 5.12 -106.03
CA ASP SA 270 55.04 6.56 -105.83
C ASP SA 270 55.66 6.88 -104.47
N SER SA 271 56.66 7.75 -104.44
CA SER SA 271 57.25 8.30 -103.20
C SER SA 271 57.40 9.82 -103.28
N THR SA 272 56.57 10.48 -104.10
CA THR SA 272 56.55 11.94 -104.27
C THR SA 272 55.81 12.64 -103.13
N THR SA 273 56.13 13.92 -102.88
CA THR SA 273 55.71 14.63 -101.65
C THR SA 273 54.37 15.37 -101.73
N GLY SA 274 53.66 15.34 -102.86
CA GLY SA 274 52.30 15.89 -102.93
C GLY SA 274 51.63 15.74 -104.30
N GLY SA 275 50.43 15.16 -104.32
CA GLY SA 275 49.62 14.97 -105.53
C GLY SA 275 48.62 13.82 -105.45
N SER SA 276 47.60 13.84 -106.30
CA SER SA 276 46.51 12.85 -106.35
C SER SA 276 46.85 11.56 -107.13
N GLY SA 277 48.06 11.42 -107.67
CA GLY SA 277 48.50 10.23 -108.41
C GLY SA 277 49.86 10.41 -109.09
N VAL SA 278 50.28 9.42 -109.89
CA VAL SA 278 51.50 9.50 -110.72
C VAL SA 278 51.31 9.00 -112.17
N THR SA 279 50.26 8.22 -112.51
CA THR SA 279 49.99 7.87 -113.93
C THR SA 279 48.50 7.80 -114.25
N VAL SA 280 48.19 7.94 -115.53
CA VAL SA 280 46.91 7.57 -116.18
C VAL SA 280 47.27 6.84 -117.46
N ASP SA 281 46.65 5.71 -117.77
CA ASP SA 281 47.28 4.75 -118.69
C ASP SA 281 46.30 4.16 -119.70
N VAL SA 282 46.69 4.10 -120.97
CA VAL SA 282 45.86 3.58 -122.07
C VAL SA 282 46.08 2.07 -122.24
N VAL SA 283 45.11 1.36 -122.82
CA VAL SA 283 45.15 -0.08 -123.18
C VAL SA 283 44.37 -0.37 -124.46
N ALA TA 2 55.10 -16.78 -87.86
CA ALA TA 2 55.21 -16.50 -86.41
C ALA TA 2 53.86 -16.08 -85.83
N LEU TA 3 53.66 -16.22 -84.51
CA LEU TA 3 52.50 -15.65 -83.83
C LEU TA 3 52.63 -14.13 -83.75
N LYS TA 4 51.59 -13.38 -84.13
CA LYS TA 4 51.58 -11.91 -84.07
C LYS TA 4 50.25 -11.43 -83.50
N ASP TA 5 50.20 -11.17 -82.19
CA ASP TA 5 48.98 -10.83 -81.47
C ASP TA 5 48.32 -9.54 -81.99
N ASP TA 6 49.11 -8.59 -82.50
CA ASP TA 6 48.64 -7.33 -83.06
C ASP TA 6 48.03 -7.48 -84.46
N ALA TA 7 48.19 -8.63 -85.11
CA ALA TA 7 47.66 -8.94 -86.42
C ALA TA 7 46.43 -9.86 -86.40
N VAL TA 8 45.75 -10.00 -85.25
CA VAL TA 8 44.51 -10.77 -85.08
C VAL TA 8 43.33 -9.82 -85.14
N LEU TA 9 42.33 -10.09 -85.98
CA LEU TA 9 41.29 -9.13 -86.37
C LEU TA 9 39.90 -9.53 -85.87
N ILE TA 10 39.17 -8.60 -85.24
CA ILE TA 10 37.70 -8.66 -85.17
C ILE TA 10 37.14 -7.39 -85.81
N ALA TA 11 36.74 -7.47 -87.06
CA ALA TA 11 36.17 -6.33 -87.76
C ALA TA 11 34.96 -5.77 -87.00
N ALA TA 12 35.06 -4.57 -86.45
CA ALA TA 12 33.97 -3.95 -85.73
C ALA TA 12 32.95 -3.34 -86.67
N ARG TA 13 33.43 -2.72 -87.75
CA ARG TA 13 32.65 -1.95 -88.73
C ARG TA 13 33.36 -1.95 -90.07
N GLY TA 14 32.62 -1.82 -91.16
CA GLY TA 14 33.19 -1.78 -92.51
C GLY TA 14 32.61 -0.62 -93.30
N TYR TA 15 33.47 0.24 -93.83
CA TYR TA 15 33.05 1.34 -94.68
C TYR TA 15 33.32 0.98 -96.13
N VAL TA 16 32.32 1.07 -96.99
CA VAL TA 16 32.44 0.73 -98.42
C VAL TA 16 32.37 1.99 -99.27
N TYR TA 17 33.31 2.16 -100.19
CA TYR TA 17 33.38 3.26 -101.13
C TYR TA 17 33.46 2.75 -102.56
N THR TA 18 32.99 3.55 -103.49
CA THR TA 18 33.08 3.28 -104.92
C THR TA 18 33.62 4.48 -105.68
N ALA TA 19 34.14 4.25 -106.88
CA ALA TA 19 34.64 5.29 -107.76
C ALA TA 19 34.66 4.81 -109.21
N ALA TA 20 34.92 5.71 -110.15
CA ALA TA 20 35.11 5.35 -111.54
C ALA TA 20 36.21 4.30 -111.69
N VAL TA 21 36.09 3.41 -112.68
CA VAL TA 21 36.96 2.25 -112.85
C VAL TA 21 38.43 2.64 -112.93
N GLY TA 22 39.29 1.89 -112.25
CA GLY TA 22 40.74 2.07 -112.29
C GLY TA 22 41.31 3.09 -111.30
N THR TA 23 40.50 3.93 -110.65
CA THR TA 23 40.99 4.93 -109.69
C THR TA 23 41.69 4.31 -108.49
N ALA TA 24 42.74 4.96 -108.00
CA ALA TA 24 43.60 4.45 -106.94
C ALA TA 24 43.03 4.69 -105.53
N ALA TA 25 43.20 3.72 -104.64
CA ALA TA 25 42.91 3.88 -103.22
C ALA TA 25 43.93 4.80 -102.55
N PRO TA 26 43.62 5.42 -101.40
CA PRO TA 26 44.62 6.14 -100.63
C PRO TA 26 45.76 5.20 -100.22
N THR TA 27 46.98 5.72 -100.13
CA THR TA 27 48.19 4.92 -99.94
C THR TA 27 48.23 4.27 -98.54
N PRO TA 28 49.01 3.21 -98.32
CA PRO TA 28 49.05 2.49 -97.05
C PRO TA 28 49.33 3.35 -95.82
N SER TA 29 50.12 4.41 -95.94
CA SER TA 29 50.37 5.35 -94.84
C SER TA 29 49.20 6.33 -94.62
N GLN TA 30 48.42 6.65 -95.66
CA GLN TA 30 47.24 7.50 -95.53
C GLN TA 30 46.07 6.80 -94.85
N LEU TA 31 45.91 5.47 -94.93
CA LEU TA 31 44.81 4.79 -94.22
C LEU TA 31 44.89 4.98 -92.68
N LYS TA 32 46.06 5.32 -92.13
CA LYS TA 32 46.20 5.68 -90.71
C LYS TA 32 45.70 7.09 -90.37
N LEU TA 33 45.50 7.97 -91.36
CA LEU TA 33 45.28 9.41 -91.18
C LEU TA 33 43.97 9.94 -91.78
N ILE TA 34 43.44 9.33 -92.86
CA ILE TA 34 42.20 9.76 -93.49
C ILE TA 34 41.00 9.73 -92.53
N ASP TA 35 40.00 10.57 -92.78
CA ASP TA 35 38.71 10.53 -92.08
C ASP TA 35 37.69 9.75 -92.91
N LEU TA 36 37.28 8.59 -92.42
CA LEU TA 36 36.45 7.64 -93.16
C LEU TA 36 35.03 8.15 -93.42
N GLU TA 37 34.54 9.10 -92.63
CA GLU TA 37 33.20 9.64 -92.83
C GLU TA 37 33.13 10.57 -94.06
N HIS TA 38 34.25 11.11 -94.53
CA HIS TA 38 34.29 12.21 -95.50
C HIS TA 38 35.29 11.97 -96.64
N PRO TA 39 35.02 11.04 -97.57
CA PRO TA 39 35.89 10.77 -98.71
C PRO TA 39 36.01 11.93 -99.69
N GLU TA 40 35.12 12.90 -99.61
CA GLU TA 40 35.20 14.18 -100.31
C GLU TA 40 36.41 15.04 -99.89
N ALA TA 41 37.02 14.78 -98.72
CA ALA TA 41 38.11 15.58 -98.17
C ALA TA 41 39.51 14.95 -98.33
N TRP TA 42 39.62 13.69 -98.77
CA TRP TA 42 40.90 12.99 -98.87
C TRP TA 42 41.83 13.60 -99.92
N ASP TA 43 43.14 13.41 -99.78
CA ASP TA 43 44.12 13.78 -100.81
C ASP TA 43 43.89 13.01 -102.11
N ARG TA 44 43.56 11.71 -101.98
CA ARG TA 44 43.28 10.79 -103.08
C ARG TA 44 41.83 10.90 -103.53
N THR TA 45 41.47 12.06 -104.07
CA THR TA 45 40.11 12.38 -104.49
C THR TA 45 39.54 11.40 -105.52
N GLY TA 46 38.21 11.20 -105.50
CA GLY TA 46 37.47 10.41 -106.49
C GLY TA 46 36.47 9.43 -105.89
N TRP TA 47 36.65 9.06 -104.62
CA TRP TA 47 35.82 8.08 -103.91
C TRP TA 47 34.52 8.67 -103.38
N ASP TA 48 33.45 7.88 -103.34
CA ASP TA 48 32.22 8.20 -102.63
C ASP TA 48 31.73 7.02 -101.81
N LEU TA 49 31.17 7.30 -100.62
CA LEU TA 49 30.68 6.26 -99.71
C LEU TA 49 29.35 5.74 -100.24
N VAL TA 50 29.17 4.43 -100.37
CA VAL TA 50 28.02 3.85 -101.09
C VAL TA 50 26.66 4.17 -100.48
N GLY TA 51 26.60 4.42 -99.17
CA GLY TA 51 25.35 4.65 -98.44
C GLY TA 51 25.31 3.92 -97.11
N HIS TA 52 24.22 4.05 -96.36
CA HIS TA 52 24.04 3.34 -95.10
C HIS TA 52 23.93 1.83 -95.29
N THR TA 53 24.98 1.08 -95.01
CA THR TA 53 24.93 -0.35 -94.65
C THR TA 53 24.61 -0.50 -93.16
N SER TA 54 24.11 -1.65 -92.71
CA SER TA 54 23.78 -1.84 -91.29
C SER TA 54 24.96 -1.64 -90.35
N GLU TA 55 24.68 -1.34 -89.09
CA GLU TA 55 25.67 -1.35 -88.01
C GLU TA 55 25.98 -2.76 -87.49
N ASP TA 56 25.20 -3.78 -87.88
CA ASP TA 56 25.20 -5.12 -87.29
C ASP TA 56 26.06 -6.12 -88.07
N ASP TA 57 26.23 -5.91 -89.38
CA ASP TA 57 26.96 -6.80 -90.28
C ASP TA 57 27.98 -6.06 -91.18
N LEU TA 58 28.76 -6.84 -91.92
CA LEU TA 58 29.90 -6.39 -92.71
C LEU TA 58 29.78 -6.84 -94.18
N PRO TA 59 30.50 -6.23 -95.11
CA PRO TA 59 30.61 -6.76 -96.47
C PRO TA 59 31.06 -8.22 -96.43
N GLU TA 60 30.31 -9.10 -97.08
CA GLU TA 60 30.49 -10.54 -96.97
C GLU TA 60 31.29 -11.08 -98.15
N PHE TA 61 32.52 -11.53 -97.93
CA PHE TA 61 33.33 -12.14 -98.97
C PHE TA 61 32.79 -13.51 -99.35
N GLY TA 62 33.00 -13.94 -100.59
CA GLY TA 62 32.57 -15.24 -101.09
C GLY TA 62 33.35 -15.62 -102.36
N PHE TA 63 33.21 -16.86 -102.81
CA PHE TA 63 33.61 -17.20 -104.17
C PHE TA 63 32.79 -18.36 -104.75
N ASP TA 64 32.62 -18.35 -106.06
CA ASP TA 64 32.19 -19.51 -106.84
C ASP TA 64 33.40 -20.24 -107.41
N GLY TA 65 33.24 -21.50 -107.80
CA GLY TA 65 34.36 -22.33 -108.25
C GLY TA 65 35.29 -22.75 -107.11
N GLY TA 66 36.55 -23.02 -107.44
CA GLY TA 66 37.55 -23.52 -106.50
C GLY TA 66 37.51 -25.04 -106.28
N ASP TA 67 36.59 -25.75 -106.96
CA ASP TA 67 36.50 -27.21 -106.89
C ASP TA 67 37.79 -27.86 -107.39
N SER TA 68 38.50 -28.58 -106.54
CA SER TA 68 39.79 -29.18 -106.87
C SER TA 68 39.82 -30.68 -106.63
N GLU TA 69 40.59 -31.37 -107.46
CA GLU TA 69 40.71 -32.83 -107.47
C GLU TA 69 42.17 -33.24 -107.44
N VAL TA 70 42.50 -34.37 -106.82
CA VAL TA 70 43.86 -34.93 -106.84
C VAL TA 70 43.97 -35.94 -107.95
N ARG TA 71 44.98 -35.82 -108.79
CA ARG TA 71 45.17 -36.58 -110.04
C ARG TA 71 46.51 -37.27 -110.06
N GLY TA 72 46.62 -38.36 -110.81
CA GLY TA 72 47.88 -39.02 -111.04
C GLY TA 72 47.88 -39.86 -112.31
N SER TA 73 48.52 -41.02 -112.25
CA SER TA 73 48.66 -41.93 -113.37
C SER TA 73 48.45 -43.35 -112.92
N TRP TA 74 48.34 -44.28 -113.87
CA TRP TA 74 48.28 -45.69 -113.56
C TRP TA 74 49.54 -46.16 -112.81
N GLN TA 75 50.65 -45.42 -112.87
CA GLN TA 75 51.88 -45.73 -112.14
C GLN TA 75 51.88 -45.16 -110.72
N LYS TA 76 51.78 -43.83 -110.60
CA LYS TA 76 51.93 -43.06 -109.35
C LYS TA 76 50.64 -42.29 -109.08
N LYS TA 77 49.94 -42.60 -107.99
CA LYS TA 77 48.49 -42.36 -107.94
C LYS TA 77 48.05 -40.98 -107.46
N LYS TA 78 48.89 -40.24 -106.71
CA LYS TA 78 48.49 -39.03 -105.97
C LYS TA 78 49.42 -37.86 -106.26
N LEU TA 79 49.53 -37.52 -107.54
CA LEU TA 79 50.66 -36.81 -108.13
C LEU TA 79 50.59 -35.27 -108.01
N ARG TA 80 49.44 -34.69 -108.35
CA ARG TA 80 49.23 -33.24 -108.45
C ARG TA 80 47.79 -32.91 -108.05
N GLU TA 81 47.52 -31.76 -107.47
CA GLU TA 81 46.14 -31.29 -107.26
C GLU TA 81 45.80 -30.24 -108.32
N VAL TA 82 44.69 -30.40 -109.02
CA VAL TA 82 44.25 -29.52 -110.11
C VAL TA 82 42.94 -28.83 -109.76
N GLU TA 83 42.80 -27.58 -110.19
CA GLU TA 83 41.61 -26.78 -109.93
C GLU TA 83 40.67 -26.84 -111.14
N THR TA 84 39.51 -27.48 -110.97
CA THR TA 84 38.63 -27.85 -112.08
C THR TA 84 37.67 -26.73 -112.51
N GLU TA 85 37.36 -25.79 -111.64
CA GLU TA 85 36.71 -24.52 -112.00
C GLU TA 85 37.42 -23.38 -111.27
N GLU TA 86 37.82 -22.34 -112.00
CA GLU TA 86 38.60 -21.26 -111.41
C GLU TA 86 37.82 -20.46 -110.38
N ILE TA 87 38.45 -20.09 -109.27
CA ILE TA 87 37.85 -19.26 -108.22
C ILE TA 87 37.37 -17.93 -108.81
N ALA TA 88 36.07 -17.67 -108.80
CA ALA TA 88 35.47 -16.38 -109.15
C ALA TA 88 35.08 -15.65 -107.86
N ASP TA 89 35.73 -14.53 -107.59
CA ASP TA 89 35.88 -13.98 -106.25
C ASP TA 89 35.05 -12.71 -106.09
N TYR TA 90 34.26 -12.56 -105.02
CA TYR TA 90 33.29 -11.48 -104.90
C TYR TA 90 32.98 -11.05 -103.47
N VAL TA 91 32.37 -9.88 -103.32
CA VAL TA 91 31.84 -9.34 -102.05
C VAL TA 91 30.37 -9.04 -102.19
N VAL TA 92 29.56 -9.30 -101.18
CA VAL TA 92 28.16 -8.86 -101.11
C VAL TA 92 28.00 -7.71 -100.14
N ILE TA 93 27.39 -6.60 -100.57
CA ILE TA 93 27.12 -5.42 -99.75
C ILE TA 93 25.61 -5.21 -99.63
N ASN TA 94 25.04 -5.19 -98.43
CA ASN TA 94 23.66 -4.75 -98.25
C ASN TA 94 23.63 -3.23 -98.07
N LEU TA 95 23.18 -2.49 -99.07
CA LEU TA 95 22.81 -1.08 -98.88
C LEU TA 95 21.43 -1.04 -98.23
N THR TA 96 21.14 -0.05 -97.39
CA THR TA 96 19.83 0.08 -96.71
C THR TA 96 19.20 1.46 -96.87
N GLN TA 97 19.64 2.24 -97.86
CA GLN TA 97 19.02 3.51 -98.23
C GLN TA 97 18.54 3.47 -99.68
N PHE TA 98 17.44 4.15 -99.98
CA PHE TA 98 16.77 4.09 -101.28
C PHE TA 98 16.93 5.38 -102.10
N ASP TA 99 17.92 6.21 -101.77
CA ASP TA 99 18.31 7.37 -102.57
C ASP TA 99 18.77 6.97 -103.98
N GLU TA 100 18.68 7.87 -104.97
CA GLU TA 100 19.14 7.57 -106.33
C GLU TA 100 20.57 7.03 -106.36
N THR TA 101 21.49 7.63 -105.62
CA THR TA 101 22.90 7.24 -105.63
C THR TA 101 23.15 5.87 -104.98
N ALA TA 102 22.14 5.26 -104.34
CA ALA TA 102 22.21 3.90 -103.83
C ALA TA 102 21.34 2.93 -104.64
N LEU TA 103 20.28 3.37 -105.32
CA LEU TA 103 19.63 2.53 -106.32
C LEU TA 103 20.53 2.32 -107.54
N GLU TA 104 21.32 3.31 -107.95
CA GLU TA 104 22.20 3.21 -109.11
C GLU TA 104 23.21 2.04 -109.00
N LEU TA 105 23.70 1.72 -107.80
CA LEU TA 105 24.59 0.58 -107.60
C LEU TA 105 23.88 -0.76 -107.79
N TYR TA 106 22.57 -0.80 -107.57
CA TYR TA 106 21.75 -2.00 -107.65
C TYR TA 106 21.16 -2.19 -109.05
N PHE TA 107 20.45 -1.19 -109.58
CA PHE TA 107 19.79 -1.27 -110.88
C PHE TA 107 20.63 -0.81 -112.08
N GLY TA 108 21.79 -0.19 -111.86
CA GLY TA 108 22.48 0.56 -112.92
C GLY TA 108 21.89 1.97 -113.09
N PRO TA 109 22.38 2.77 -114.05
CA PRO TA 109 21.96 4.15 -114.25
C PRO TA 109 20.45 4.36 -114.37
N ASN TA 110 19.95 5.50 -113.92
CA ASN TA 110 18.53 5.85 -114.03
C ASN TA 110 18.12 5.98 -115.50
N GLN TA 111 17.15 5.19 -115.96
CA GLN TA 111 16.72 5.19 -117.36
C GLN TA 111 15.67 6.26 -117.70
N SER TA 112 15.28 7.13 -116.76
CA SER TA 112 14.29 8.19 -116.99
C SER TA 112 14.80 9.55 -116.51
N ALA TA 113 14.52 10.60 -117.28
CA ALA TA 113 14.99 11.95 -117.01
C ALA TA 113 14.05 12.80 -116.14
N THR TA 114 12.79 12.37 -115.92
CA THR TA 114 11.79 13.20 -115.25
C THR TA 114 12.06 13.34 -113.74
N PRO TA 115 11.87 14.52 -113.14
CA PRO TA 115 12.03 14.72 -111.70
C PRO TA 115 11.16 13.75 -110.91
N GLY TA 116 11.72 13.10 -109.88
CA GLY TA 116 11.00 12.21 -108.98
C GLY TA 116 10.78 10.78 -109.44
N ILE TA 117 11.31 10.36 -110.59
CA ILE TA 117 11.18 9.00 -111.12
C ILE TA 117 12.55 8.34 -111.27
N PHE TA 118 12.69 7.10 -110.84
CA PHE TA 118 13.81 6.23 -111.22
C PHE TA 118 13.28 5.02 -111.97
N GLY TA 119 13.65 4.86 -113.24
CA GLY TA 119 13.10 3.81 -114.10
C GLY TA 119 14.14 2.77 -114.51
N VAL TA 120 13.70 1.55 -114.80
CA VAL TA 120 14.60 0.46 -115.23
C VAL TA 120 14.16 -0.15 -116.56
N LYS TA 121 15.11 -0.41 -117.46
CA LYS TA 121 14.89 -1.09 -118.74
C LYS TA 121 14.99 -2.60 -118.58
N SER TA 122 14.39 -3.34 -119.51
CA SER TA 122 14.15 -4.77 -119.37
C SER TA 122 15.40 -5.65 -119.55
N GLY TA 123 16.41 -5.19 -120.27
CA GLY TA 123 17.61 -5.98 -120.58
C GLY TA 123 18.66 -6.06 -119.47
N SER TA 124 19.73 -6.78 -119.73
CA SER TA 124 20.95 -6.76 -118.90
C SER TA 124 21.64 -5.40 -118.95
N VAL TA 125 22.40 -5.07 -117.91
CA VAL TA 125 23.17 -3.82 -117.80
C VAL TA 125 24.60 -4.10 -117.34
N VAL TA 126 25.56 -3.31 -117.83
CA VAL TA 126 26.95 -3.33 -117.37
C VAL TA 126 27.15 -2.14 -116.43
N ASN TA 127 27.60 -2.42 -115.22
CA ASN TA 127 27.76 -1.44 -114.14
C ASN TA 127 29.05 -1.79 -113.40
N GLU TA 128 30.10 -1.01 -113.59
CA GLU TA 128 31.44 -1.31 -113.08
C GLU TA 128 31.97 -0.14 -112.24
N ARG TA 129 32.70 -0.44 -111.18
CA ARG TA 129 33.30 0.55 -110.27
C ARG TA 129 34.67 0.08 -109.84
N ALA TA 130 35.55 0.98 -109.44
CA ALA TA 130 36.56 0.62 -108.46
C ALA TA 130 35.88 0.52 -107.11
N LEU TA 131 36.30 -0.42 -106.27
CA LEU TA 131 35.69 -0.66 -104.96
C LEU TA 131 36.76 -0.60 -103.88
N LEU TA 132 36.58 0.22 -102.85
CA LEU TA 132 37.44 0.29 -101.69
C LEU TA 132 36.61 -0.05 -100.46
N ILE TA 133 37.08 -0.97 -99.63
CA ILE TA 133 36.47 -1.30 -98.35
C ILE TA 133 37.51 -1.04 -97.27
N VAL TA 134 37.18 -0.27 -96.25
CA VAL TA 134 38.05 -0.10 -95.08
C VAL TA 134 37.40 -0.81 -93.91
N ILE TA 135 38.08 -1.80 -93.35
CA ILE TA 135 37.54 -2.67 -92.30
C ILE TA 135 38.23 -2.29 -91.00
N VAL TA 136 37.47 -1.88 -89.99
CA VAL TA 136 38.00 -1.15 -88.82
C VAL TA 136 37.90 -1.98 -87.56
N ASP TA 137 38.97 -2.03 -86.77
CA ASP TA 137 39.03 -2.68 -85.46
C ASP TA 137 40.04 -1.94 -84.59
N ASN TA 138 39.60 -1.24 -83.55
CA ASN TA 138 40.46 -0.34 -82.76
C ASN TA 138 41.32 0.58 -83.66
N ASP TA 139 42.65 0.51 -83.60
CA ASP TA 139 43.56 1.27 -84.48
C ASP TA 139 43.96 0.53 -85.77
N VAL TA 140 43.60 -0.74 -85.94
CA VAL TA 140 43.77 -1.47 -87.20
C VAL TA 140 42.71 -1.02 -88.19
N ARG TA 141 43.11 -0.68 -89.41
CA ARG TA 141 42.20 -0.25 -90.49
C ARG TA 141 42.56 -0.97 -91.80
N LEU TA 142 42.48 -2.30 -91.78
CA LEU TA 142 42.76 -3.15 -92.93
C LEU TA 142 41.90 -2.73 -94.12
N GLY TA 143 42.53 -2.18 -95.15
CA GLY TA 143 41.87 -1.80 -96.38
C GLY TA 143 41.81 -2.95 -97.38
N PHE TA 144 40.88 -2.88 -98.31
CA PHE TA 144 40.76 -3.79 -99.45
C PHE TA 144 40.35 -2.99 -100.69
N HIS TA 145 41.04 -3.14 -101.80
CA HIS TA 145 40.81 -2.33 -103.01
C HIS TA 145 40.78 -3.16 -104.27
N ALA TA 146 39.75 -3.01 -105.10
CA ALA TA 146 39.67 -3.64 -106.41
C ALA TA 146 39.58 -2.59 -107.51
N ARG TA 147 40.49 -2.61 -108.48
CA ARG TA 147 40.58 -1.60 -109.55
C ARG TA 147 39.37 -1.64 -110.47
N LYS TA 148 38.83 -2.83 -110.75
CA LYS TA 148 37.54 -3.01 -111.41
C LYS TA 148 36.74 -4.13 -110.75
N ALA TA 149 35.51 -3.83 -110.39
CA ALA TA 149 34.52 -4.77 -109.92
C ALA TA 149 33.24 -4.57 -110.72
N SER TA 150 32.54 -5.65 -111.06
CA SER TA 150 31.25 -5.60 -111.74
C SER TA 150 30.13 -5.81 -110.75
N LEU TA 151 29.17 -4.88 -110.67
CA LEU TA 151 28.14 -4.87 -109.64
C LEU TA 151 26.83 -5.42 -110.18
N LYS TA 152 26.28 -6.46 -109.55
CA LYS TA 152 25.03 -7.09 -109.98
C LYS TA 152 24.08 -7.29 -108.81
N ARG TA 153 22.79 -7.43 -109.09
CA ARG TA 153 21.74 -7.68 -108.09
C ARG TA 153 21.96 -9.06 -107.49
N GLU TA 154 22.22 -9.17 -106.18
CA GLU TA 154 22.45 -10.48 -105.55
C GLU TA 154 21.14 -11.18 -105.17
N ASP TA 155 20.11 -10.40 -104.86
CA ASP TA 155 18.76 -10.86 -104.53
C ASP TA 155 17.78 -9.69 -104.74
N ALA TA 156 16.48 -9.96 -104.74
CA ALA TA 156 15.47 -8.91 -104.83
C ALA TA 156 15.51 -7.94 -103.65
N ILE TA 157 14.94 -6.74 -103.82
CA ILE TA 157 14.81 -5.77 -102.73
C ILE TA 157 14.08 -6.42 -101.56
N SER TA 158 14.63 -6.31 -100.36
CA SER TA 158 13.97 -6.81 -99.15
C SER TA 158 13.21 -5.67 -98.48
N LEU TA 159 11.94 -5.89 -98.17
CA LEU TA 159 11.10 -5.01 -97.36
C LEU TA 159 10.52 -5.82 -96.21
N ALA TA 160 10.53 -5.27 -95.01
CA ALA TA 160 10.04 -5.96 -93.83
C ALA TA 160 9.47 -4.97 -92.80
N THR TA 161 8.53 -5.45 -91.99
CA THR TA 161 7.71 -4.64 -91.09
C THR TA 161 8.51 -4.06 -89.91
N ASP TA 162 9.59 -4.71 -89.49
CA ASP TA 162 10.35 -4.35 -88.29
C ASP TA 162 11.86 -4.60 -88.40
N GLU TA 163 12.38 -4.68 -89.62
CA GLU TA 163 13.82 -4.63 -89.92
C GLU TA 163 14.03 -3.90 -91.25
N PHE TA 164 15.19 -3.25 -91.39
CA PHE TA 164 15.37 -2.23 -92.43
C PHE TA 164 15.32 -2.81 -93.84
N GLY TA 165 14.75 -2.06 -94.79
CA GLY TA 165 14.75 -2.46 -96.18
C GLY TA 165 16.17 -2.49 -96.76
N ALA TA 166 16.46 -3.42 -97.66
CA ALA TA 166 17.81 -3.66 -98.14
C ALA TA 166 17.90 -3.90 -99.66
N LEU TA 167 18.98 -3.40 -100.25
CA LEU TA 167 19.35 -3.52 -101.65
C LEU TA 167 20.67 -4.29 -101.73
N PRO TA 168 20.66 -5.63 -101.78
CA PRO TA 168 21.87 -6.43 -101.77
C PRO TA 168 22.55 -6.45 -103.14
N VAL TA 169 23.76 -5.92 -103.25
CA VAL TA 169 24.60 -5.97 -104.47
C VAL TA 169 25.76 -6.92 -104.29
N ARG TA 170 26.10 -7.68 -105.33
CA ARG TA 170 27.30 -8.50 -105.38
C ARG TA 170 28.29 -7.83 -106.31
N ALA TA 171 29.48 -7.52 -105.80
CA ALA TA 171 30.59 -6.99 -106.57
C ALA TA 171 31.55 -8.12 -106.92
N THR TA 172 31.71 -8.46 -108.20
CA THR TA 172 32.66 -9.50 -108.64
C THR TA 172 33.92 -8.87 -109.19
N PHE TA 173 35.10 -9.32 -108.75
CA PHE TA 173 36.37 -8.70 -109.16
C PHE TA 173 36.83 -9.20 -110.53
N LEU TA 174 37.39 -8.31 -111.36
CA LEU TA 174 37.84 -8.60 -112.73
C LEU TA 174 39.19 -7.95 -113.00
N ASP TA 175 40.01 -8.51 -113.88
CA ASP TA 175 41.31 -7.92 -114.24
C ASP TA 175 41.14 -6.60 -115.00
N TYR TA 176 41.85 -5.55 -114.60
CA TYR TA 176 41.92 -4.28 -115.32
C TYR TA 176 43.37 -3.95 -115.69
N GLN TA 177 43.67 -3.78 -116.97
CA GLN TA 177 45.03 -3.56 -117.47
C GLN TA 177 46.02 -4.58 -116.87
N SER TA 178 47.21 -4.14 -116.45
CA SER TA 178 48.24 -4.96 -115.83
C SER TA 178 48.17 -5.02 -114.30
N TYR TA 179 47.18 -4.39 -113.67
CA TYR TA 179 47.06 -4.36 -112.21
C TYR TA 179 46.66 -5.71 -111.60
N ASN TA 180 46.81 -5.83 -110.28
CA ASN TA 180 46.33 -6.96 -109.50
C ASN TA 180 44.79 -7.06 -109.54
N LEU TA 181 44.25 -8.22 -109.22
CA LEU TA 181 42.81 -8.43 -109.17
C LEU TA 181 42.19 -7.61 -108.04
N TYR TA 182 42.82 -7.65 -106.87
CA TYR TA 182 42.56 -6.79 -105.71
C TYR TA 182 43.74 -6.79 -104.77
N GLU TA 183 43.79 -5.83 -103.85
CA GLU TA 183 44.88 -5.64 -102.91
C GLU TA 183 44.36 -5.40 -101.50
N TRP TA 184 44.99 -6.04 -100.51
CA TRP TA 184 44.83 -5.71 -99.10
C TRP TA 184 45.85 -4.67 -98.68
N ILE TA 185 45.48 -3.77 -97.78
CA ILE TA 185 46.30 -2.63 -97.41
C ILE TA 185 46.39 -2.50 -95.89
N GLU TA 186 47.60 -2.56 -95.33
CA GLU TA 186 47.96 -1.90 -94.07
C GLU TA 186 49.47 -1.81 -93.92
N GLU TA 187 50.00 -0.63 -93.58
CA GLU TA 187 51.44 -0.36 -93.58
C GLU TA 187 52.26 -1.26 -92.65
N ASP TA 188 51.69 -1.68 -91.52
CA ASP TA 188 52.42 -2.42 -90.50
C ASP TA 188 52.57 -3.90 -90.79
N TRP TA 189 51.74 -4.48 -91.67
CA TRP TA 189 51.62 -5.94 -91.81
C TRP TA 189 52.29 -6.48 -93.07
N PHE TA 190 52.13 -5.82 -94.21
CA PHE TA 190 52.51 -6.36 -95.52
C PHE TA 190 53.76 -5.66 -96.07
N ASN TA 191 54.73 -6.40 -96.60
CA ASN TA 191 56.03 -5.89 -97.07
C ASN TA 191 56.80 -5.04 -96.04
N ALA TA 192 56.44 -5.07 -94.76
CA ALA TA 192 57.15 -4.38 -93.69
C ALA TA 192 58.40 -5.16 -93.26
N VAL TA 193 59.43 -4.43 -92.84
CA VAL TA 193 60.69 -4.99 -92.31
C VAL TA 193 60.65 -5.05 -90.79
N ASP TA 194 59.82 -5.93 -90.23
CA ASP TA 194 59.58 -5.98 -88.78
C ASP TA 194 60.80 -6.47 -87.97
N ALA TA 195 60.98 -5.89 -86.78
CA ALA TA 195 62.11 -6.19 -85.91
C ALA TA 195 61.96 -7.56 -85.21
N PRO TA 196 63.06 -8.23 -84.83
CA PRO TA 196 63.01 -9.34 -83.90
C PRO TA 196 62.31 -8.97 -82.60
N VAL TA 197 61.66 -9.94 -81.94
CA VAL TA 197 61.24 -9.75 -80.55
C VAL TA 197 62.48 -9.67 -79.66
N VAL TA 198 62.57 -8.61 -78.84
CA VAL TA 198 63.71 -8.35 -77.94
C VAL TA 198 63.20 -8.01 -76.55
N TYR TA 199 63.88 -8.54 -75.54
CA TYR TA 199 63.42 -8.46 -74.15
C TYR TA 199 64.28 -7.47 -73.37
N LEU TA 200 63.65 -6.51 -72.71
CA LEU TA 200 64.33 -5.47 -71.95
C LEU TA 200 64.26 -5.80 -70.46
N LEU TA 201 65.42 -5.89 -69.80
CA LEU TA 201 65.52 -5.96 -68.34
C LEU TA 201 65.36 -4.57 -67.72
N ASP TA 202 64.80 -4.52 -66.52
CA ASP TA 202 64.72 -3.32 -65.69
C ASP TA 202 64.81 -3.74 -64.21
N LEU TA 203 65.32 -2.86 -63.36
CA LEU TA 203 65.81 -3.16 -62.01
C LEU TA 203 65.57 -1.98 -61.05
N GLY TA 204 65.64 -2.24 -59.75
CA GLY TA 204 65.79 -1.18 -58.76
C GLY TA 204 67.15 -0.47 -58.84
N GLY TA 205 67.46 0.38 -57.86
CA GLY TA 205 68.72 1.12 -57.75
C GLY TA 205 69.99 0.29 -57.47
N ALA TA 206 70.00 -1.02 -57.77
CA ALA TA 206 71.13 -1.93 -57.62
C ALA TA 206 71.68 -2.04 -56.18
N THR TA 207 70.83 -1.84 -55.16
CA THR TA 207 71.24 -1.86 -53.75
C THR TA 207 71.32 -3.28 -53.17
N GLY TA 208 70.36 -4.14 -53.48
CA GLY TA 208 70.26 -5.48 -52.88
C GLY TA 208 71.13 -6.56 -53.53
N GLY TA 209 70.70 -7.82 -53.38
CA GLY TA 209 71.46 -9.01 -53.81
C GLY TA 209 71.30 -9.36 -55.29
N ASP TA 210 70.23 -10.06 -55.63
CA ASP TA 210 70.16 -10.87 -56.86
C ASP TA 210 68.74 -11.02 -57.44
N TYR TA 211 68.65 -11.62 -58.62
CA TYR TA 211 67.40 -11.93 -59.32
C TYR TA 211 67.55 -13.20 -60.16
N THR TA 212 66.43 -13.82 -60.54
CA THR TA 212 66.41 -15.03 -61.40
C THR TA 212 65.65 -14.76 -62.71
N LEU TA 213 66.06 -15.43 -63.79
CA LEU TA 213 65.40 -15.36 -65.11
C LEU TA 213 64.90 -16.74 -65.56
N LEU TA 214 63.62 -16.80 -65.94
CA LEU TA 214 63.09 -17.85 -66.78
C LEU TA 214 63.58 -17.64 -68.20
N VAL TA 215 64.11 -18.69 -68.82
CA VAL TA 215 64.41 -18.79 -70.24
C VAL TA 215 63.62 -19.96 -70.81
N GLY TA 216 62.74 -19.70 -71.78
CA GLY TA 216 61.73 -20.67 -72.17
C GLY TA 216 60.89 -21.14 -70.97
N GLY TA 217 60.71 -22.45 -70.83
CA GLY TA 217 59.96 -23.06 -69.72
C GLY TA 217 60.75 -23.33 -68.43
N LYS TA 218 62.02 -22.90 -68.31
CA LYS TA 218 62.92 -23.25 -67.18
C LYS TA 218 63.67 -22.04 -66.64
N SER TA 219 64.20 -22.14 -65.43
CA SER TA 219 64.93 -21.05 -64.76
C SER TA 219 66.44 -21.25 -64.84
N THR TA 220 67.20 -20.20 -65.16
CA THR TA 220 68.62 -20.16 -64.80
C THR TA 220 68.79 -19.84 -63.31
N GLY TA 221 70.02 -19.82 -62.82
CA GLY TA 221 70.34 -19.50 -61.42
C GLY TA 221 70.15 -18.02 -61.07
N ASP TA 222 70.36 -17.69 -59.81
CA ASP TA 222 70.42 -16.32 -59.32
C ASP TA 222 71.66 -15.58 -59.83
N ILE TA 223 71.54 -14.27 -60.10
CA ILE TA 223 72.64 -13.43 -60.56
C ILE TA 223 72.56 -12.03 -59.96
N ALA TA 224 73.72 -11.41 -59.72
CA ALA TA 224 73.84 -10.11 -59.06
C ALA TA 224 73.66 -8.92 -60.03
N TYR TA 225 73.33 -7.75 -59.47
CA TYR TA 225 73.20 -6.49 -60.20
C TYR TA 225 74.48 -6.04 -60.94
N ASN TA 226 75.66 -6.45 -60.46
CA ASN TA 226 76.97 -6.00 -60.95
C ASN TA 226 77.50 -6.78 -62.18
N ALA TA 227 76.75 -7.78 -62.66
CA ALA TA 227 77.22 -8.73 -63.66
C ALA TA 227 77.47 -8.12 -65.05
N ASN TA 228 78.53 -8.57 -65.72
CA ASN TA 228 78.88 -8.18 -67.09
C ASN TA 228 77.91 -8.79 -68.12
N ALA TA 229 77.79 -8.19 -69.30
CA ALA TA 229 76.96 -8.71 -70.39
C ALA TA 229 77.31 -10.17 -70.77
N SER TA 230 78.59 -10.53 -70.90
CA SER TA 230 78.98 -11.92 -71.18
C SER TA 230 78.66 -12.86 -70.03
N ALA TA 231 78.69 -12.39 -68.78
CA ALA TA 231 78.32 -13.21 -67.63
C ALA TA 231 76.81 -13.52 -67.63
N ILE TA 232 75.94 -12.53 -67.80
CA ILE TA 232 74.49 -12.77 -67.85
C ILE TA 232 74.07 -13.50 -69.13
N LYS TA 233 74.74 -13.26 -70.27
CA LYS TA 233 74.56 -14.03 -71.52
C LYS TA 233 74.95 -15.50 -71.33
N THR TA 234 76.01 -15.80 -70.59
CA THR TA 234 76.39 -17.18 -70.25
C THR TA 234 75.46 -17.81 -69.21
N ALA TA 235 74.93 -17.04 -68.26
CA ALA TA 235 73.87 -17.51 -67.37
C ALA TA 235 72.57 -17.87 -68.11
N ILE TA 236 72.15 -17.07 -69.11
CA ILE TA 236 71.06 -17.43 -70.02
C ILE TA 236 71.42 -18.65 -70.88
N GLY TA 237 72.68 -18.78 -71.30
CA GLY TA 237 73.19 -19.93 -72.06
C GLY TA 237 73.11 -21.29 -71.35
N ALA TA 238 72.77 -21.37 -70.07
CA ALA TA 238 72.44 -22.62 -69.38
C ALA TA 238 71.04 -23.12 -69.77
N VAL TA 239 70.89 -23.53 -71.04
CA VAL TA 239 69.62 -23.90 -71.69
C VAL TA 239 69.84 -24.96 -72.78
N ASP TA 240 68.77 -25.65 -73.20
CA ASP TA 240 68.79 -26.82 -74.09
C ASP TA 240 69.55 -26.61 -75.43
N ASP TA 241 69.22 -25.56 -76.18
CA ASP TA 241 69.94 -25.16 -77.39
C ASP TA 241 71.13 -24.21 -77.10
N GLY TA 242 71.46 -24.02 -75.82
CA GLY TA 242 72.30 -22.92 -75.35
C GLY TA 242 73.72 -22.96 -75.90
N VAL TA 243 74.09 -21.90 -76.61
CA VAL TA 243 75.48 -21.61 -76.95
C VAL TA 243 75.77 -20.16 -76.62
N ALA TA 244 76.45 -19.95 -75.49
CA ALA TA 244 76.92 -18.63 -75.07
C ALA TA 244 77.88 -18.03 -76.12
N GLU TA 245 77.74 -16.73 -76.38
CA GLU TA 245 78.46 -16.00 -77.45
C GLU TA 245 78.18 -16.53 -78.88
N SER TA 246 77.04 -17.19 -79.13
CA SER TA 246 76.64 -17.64 -80.47
C SER TA 246 75.13 -17.66 -80.71
N ALA TA 247 74.37 -18.43 -79.93
CA ALA TA 247 72.93 -18.56 -80.15
C ALA TA 247 72.14 -17.35 -79.61
N TRP TA 248 72.47 -16.92 -78.39
CA TRP TA 248 71.92 -15.73 -77.74
C TRP TA 248 72.75 -14.49 -78.04
N THR TA 249 72.12 -13.32 -78.01
CA THR TA 249 72.79 -12.03 -78.13
C THR TA 249 72.34 -11.05 -77.04
N VAL TA 250 73.30 -10.32 -76.49
CA VAL TA 250 73.10 -9.24 -75.51
C VAL TA 250 74.08 -8.12 -75.88
N THR TA 251 73.64 -6.86 -75.87
CA THR TA 251 74.47 -5.74 -76.37
C THR TA 251 74.50 -4.49 -75.49
N ALA TA 252 73.78 -4.48 -74.35
CA ALA TA 252 73.83 -3.43 -73.33
C ALA TA 252 73.62 -1.99 -73.85
N ASP TA 253 72.75 -1.80 -74.87
CA ASP TA 253 72.51 -0.49 -75.48
C ASP TA 253 71.77 0.46 -74.51
N GLY TA 254 70.73 -0.04 -73.85
CA GLY TA 254 70.13 0.60 -72.68
C GLY TA 254 70.96 0.40 -71.42
N SER TA 255 70.78 1.27 -70.42
CA SER TA 255 71.49 1.20 -69.12
C SER TA 255 71.26 -0.13 -68.38
N ASP TA 256 70.13 -0.78 -68.65
CA ASP TA 256 69.78 -2.14 -68.27
C ASP TA 256 69.56 -2.98 -69.55
N PHE TA 257 69.96 -4.25 -69.51
CA PHE TA 257 70.24 -5.02 -70.72
C PHE TA 257 69.02 -5.30 -71.62
N GLU TA 258 69.26 -5.37 -72.93
CA GLU TA 258 68.37 -5.98 -73.91
C GLU TA 258 68.89 -7.36 -74.32
N ILE TA 259 68.02 -8.37 -74.26
CA ILE TA 259 68.29 -9.76 -74.62
C ILE TA 259 67.58 -10.07 -75.94
N SER TA 260 68.28 -10.69 -76.89
CA SER TA 260 67.68 -11.16 -78.14
C SER TA 260 68.15 -12.57 -78.48
N GLY TA 261 67.22 -13.47 -78.78
CA GLY TA 261 67.53 -14.89 -78.98
C GLY TA 261 66.30 -15.75 -79.26
N PRO TA 262 66.47 -17.07 -79.37
CA PRO TA 262 65.47 -17.98 -79.89
C PRO TA 262 64.38 -18.42 -78.90
N LEU TA 263 64.38 -17.98 -77.65
CA LEU TA 263 63.36 -18.34 -76.65
C LEU TA 263 62.83 -17.12 -75.89
N ALA TA 264 61.65 -17.22 -75.30
CA ALA TA 264 61.11 -16.20 -74.42
C ALA TA 264 61.97 -16.04 -73.15
N VAL TA 265 62.04 -14.83 -72.60
CA VAL TA 265 62.75 -14.51 -71.35
C VAL TA 265 61.81 -13.75 -70.41
N ALA TA 266 61.81 -14.08 -69.12
CA ALA TA 266 61.00 -13.38 -68.12
C ALA TA 266 61.62 -13.44 -66.72
N LEU TA 267 61.25 -12.52 -65.83
CA LEU TA 267 61.65 -12.58 -64.41
C LEU TA 267 61.08 -13.82 -63.69
N GLY TA 268 61.86 -14.38 -62.77
CA GLY TA 268 61.38 -15.29 -61.72
C GLY TA 268 61.30 -14.58 -60.37
N VAL TA 269 61.62 -15.29 -59.29
CA VAL TA 269 61.82 -14.69 -57.95
C VAL TA 269 63.04 -13.75 -57.94
N ASP TA 270 62.97 -12.66 -57.17
CA ASP TA 270 64.06 -11.71 -56.99
C ASP TA 270 64.25 -11.27 -55.52
N SER TA 271 65.43 -10.71 -55.25
CA SER TA 271 65.84 -10.07 -53.99
C SER TA 271 66.83 -8.91 -54.25
N THR TA 272 66.67 -8.21 -55.38
CA THR TA 272 67.43 -7.00 -55.72
C THR TA 272 66.72 -5.77 -55.15
N THR TA 273 66.93 -5.52 -53.86
CA THR TA 273 66.40 -4.38 -53.08
C THR TA 273 66.72 -3.02 -53.73
N GLY TA 274 65.84 -2.04 -53.52
CA GLY TA 274 65.94 -0.69 -54.09
C GLY TA 274 64.98 -0.41 -55.24
N GLY TA 275 63.91 -1.22 -55.39
CA GLY TA 275 62.93 -1.13 -56.47
C GLY TA 275 62.26 -2.49 -56.71
N SER TA 276 62.27 -2.97 -57.95
CA SER TA 276 61.91 -4.35 -58.32
C SER TA 276 62.62 -4.79 -59.61
N GLY TA 277 62.86 -6.09 -59.80
CA GLY TA 277 63.18 -6.64 -61.10
C GLY TA 277 61.94 -6.66 -62.00
N VAL TA 278 62.10 -6.28 -63.28
CA VAL TA 278 61.03 -6.18 -64.29
C VAL TA 278 61.58 -6.63 -65.65
N THR TA 279 60.73 -7.26 -66.47
CA THR TA 279 61.08 -7.69 -67.84
C THR TA 279 59.89 -7.56 -68.78
N VAL TA 280 60.06 -6.93 -69.94
CA VAL TA 280 59.03 -6.84 -71.00
C VAL TA 280 59.65 -6.87 -72.40
N ASP TA 281 58.85 -7.30 -73.37
CA ASP TA 281 59.26 -7.65 -74.75
C ASP TA 281 59.19 -6.47 -75.73
N VAL TA 282 59.48 -5.25 -75.27
CA VAL TA 282 59.34 -4.01 -76.06
C VAL TA 282 60.56 -3.11 -75.97
N VAL TA 283 60.95 -2.53 -77.12
CA VAL TA 283 62.05 -1.56 -77.31
C VAL TA 283 61.65 -0.52 -78.35
N ALA UA 2 -16.25 -37.30 -134.57
CA ALA UA 2 -16.62 -36.57 -133.33
C ALA UA 2 -15.66 -36.89 -132.18
N LEU UA 3 -15.57 -36.01 -131.18
CA LEU UA 3 -14.80 -36.22 -129.96
C LEU UA 3 -15.47 -37.26 -129.06
N LYS UA 4 -14.74 -38.32 -128.69
CA LYS UA 4 -15.21 -39.39 -127.80
C LYS UA 4 -14.16 -39.67 -126.72
N ASP UA 5 -14.37 -39.09 -125.55
CA ASP UA 5 -13.56 -39.33 -124.35
C ASP UA 5 -13.47 -40.84 -124.04
N ASP UA 6 -14.60 -41.55 -124.06
CA ASP UA 6 -14.65 -42.98 -123.75
C ASP UA 6 -13.94 -43.88 -124.79
N ALA UA 7 -13.48 -43.32 -125.91
CA ALA UA 7 -12.72 -44.06 -126.94
C ALA UA 7 -11.21 -43.80 -126.88
N VAL UA 8 -10.72 -43.01 -125.94
CA VAL UA 8 -9.29 -42.84 -125.68
C VAL UA 8 -8.77 -44.04 -124.87
N LEU UA 9 -7.66 -44.67 -125.29
CA LEU UA 9 -7.22 -45.96 -124.76
C LEU UA 9 -5.94 -45.88 -123.92
N ILE UA 10 -5.99 -46.41 -122.70
CA ILE UA 10 -4.83 -46.75 -121.86
C ILE UA 10 -4.73 -48.29 -121.81
N ALA UA 11 -3.59 -48.87 -122.17
CA ALA UA 11 -3.42 -50.32 -122.23
C ALA UA 11 -3.10 -50.95 -120.86
N ALA UA 12 -3.86 -50.62 -119.81
CA ALA UA 12 -3.51 -50.90 -118.42
C ALA UA 12 -3.19 -52.38 -118.14
N ARG UA 13 -3.97 -53.30 -118.68
CA ARG UA 13 -3.71 -54.75 -118.71
C ARG UA 13 -4.03 -55.31 -120.08
N GLY UA 14 -3.55 -56.51 -120.38
CA GLY UA 14 -3.95 -57.19 -121.59
C GLY UA 14 -3.58 -58.67 -121.58
N TYR UA 15 -4.17 -59.41 -122.51
CA TYR UA 15 -4.03 -60.86 -122.61
C TYR UA 15 -3.77 -61.23 -124.06
N VAL UA 16 -2.87 -62.20 -124.30
CA VAL UA 16 -2.52 -62.68 -125.64
C VAL UA 16 -2.84 -64.16 -125.73
N TYR UA 17 -3.58 -64.57 -126.75
CA TYR UA 17 -3.96 -65.96 -126.97
C TYR UA 17 -3.49 -66.41 -128.35
N THR UA 18 -3.24 -67.70 -128.52
CA THR UA 18 -3.00 -68.28 -129.84
C THR UA 18 -3.77 -69.57 -130.02
N ALA UA 19 -3.97 -69.99 -131.26
CA ALA UA 19 -4.77 -71.15 -131.60
C ALA UA 19 -4.38 -71.67 -132.99
N ALA UA 20 -4.88 -72.84 -133.38
CA ALA UA 20 -4.67 -73.37 -134.71
C ALA UA 20 -5.14 -72.38 -135.78
N VAL UA 21 -4.46 -72.37 -136.93
CA VAL UA 21 -4.68 -71.39 -138.00
C VAL UA 21 -6.15 -71.29 -138.39
N GLY UA 22 -6.65 -70.07 -138.58
CA GLY UA 22 -8.00 -69.83 -139.07
C GLY UA 22 -9.11 -69.83 -138.01
N THR UA 23 -8.85 -70.21 -136.77
CA THR UA 23 -9.87 -70.24 -135.70
C THR UA 23 -10.47 -68.86 -135.40
N ALA UA 24 -11.77 -68.81 -135.16
CA ALA UA 24 -12.51 -67.56 -134.97
C ALA UA 24 -12.37 -67.00 -133.55
N ALA UA 25 -12.32 -65.68 -133.41
CA ALA UA 25 -12.38 -64.99 -132.13
C ALA UA 25 -13.80 -64.96 -131.53
N PRO UA 26 -13.95 -64.68 -130.23
CA PRO UA 26 -15.24 -64.32 -129.64
C PRO UA 26 -15.91 -63.18 -130.41
N THR UA 27 -17.23 -63.19 -130.56
CA THR UA 27 -17.94 -62.09 -131.21
C THR UA 27 -17.89 -60.83 -130.34
N PRO UA 28 -18.13 -59.62 -130.88
CA PRO UA 28 -18.11 -58.40 -130.08
C PRO UA 28 -18.99 -58.44 -128.83
N SER UA 29 -20.19 -59.03 -128.91
CA SER UA 29 -21.09 -59.15 -127.76
C SER UA 29 -20.66 -60.22 -126.76
N GLN UA 30 -19.86 -61.23 -127.15
CA GLN UA 30 -19.22 -62.14 -126.21
C GLN UA 30 -18.03 -61.50 -125.53
N LEU UA 31 -17.23 -60.72 -126.25
CA LEU UA 31 -15.95 -60.20 -125.75
C LEU UA 31 -16.10 -59.35 -124.49
N LYS UA 32 -17.22 -58.66 -124.31
CA LYS UA 32 -17.51 -57.89 -123.09
C LYS UA 32 -17.90 -58.75 -121.88
N LEU UA 33 -18.24 -60.03 -122.08
CA LEU UA 33 -18.80 -60.92 -121.06
C LEU UA 33 -17.86 -62.08 -120.66
N ILE UA 34 -17.02 -62.59 -121.56
CA ILE UA 34 -16.14 -63.74 -121.29
C ILE UA 34 -15.15 -63.49 -120.15
N ASP UA 35 -14.75 -64.56 -119.46
CA ASP UA 35 -13.68 -64.53 -118.46
C ASP UA 35 -12.31 -64.73 -119.13
N LEU UA 36 -11.43 -63.73 -119.07
CA LEU UA 36 -10.19 -63.74 -119.85
C LEU UA 36 -9.13 -64.68 -119.30
N GLU UA 37 -9.14 -64.99 -118.02
CA GLU UA 37 -8.12 -65.85 -117.40
C GLU UA 37 -8.24 -67.33 -117.81
N HIS UA 38 -9.40 -67.76 -118.29
CA HIS UA 38 -9.75 -69.18 -118.47
C HIS UA 38 -10.35 -69.43 -119.86
N PRO UA 39 -9.54 -69.43 -120.94
CA PRO UA 39 -10.06 -69.50 -122.29
C PRO UA 39 -10.66 -70.86 -122.65
N GLU UA 40 -10.34 -71.94 -121.93
CA GLU UA 40 -11.00 -73.23 -122.13
C GLU UA 40 -12.48 -73.22 -121.74
N ALA UA 41 -12.92 -72.24 -120.95
CA ALA UA 41 -14.31 -72.08 -120.52
C ALA UA 41 -15.18 -71.32 -121.54
N TRP UA 42 -14.59 -70.69 -122.56
CA TRP UA 42 -15.34 -69.93 -123.56
C TRP UA 42 -16.23 -70.85 -124.40
N ASP UA 43 -17.36 -70.34 -124.88
CA ASP UA 43 -18.20 -71.03 -125.87
C ASP UA 43 -17.54 -71.04 -127.25
N ARG UA 44 -16.87 -69.95 -127.62
CA ARG UA 44 -16.01 -69.84 -128.81
C ARG UA 44 -14.66 -70.52 -128.57
N THR UA 45 -14.69 -71.80 -128.24
CA THR UA 45 -13.53 -72.58 -127.77
C THR UA 45 -12.43 -72.75 -128.83
N GLY UA 46 -11.21 -73.06 -128.37
CA GLY UA 46 -10.05 -73.33 -129.23
C GLY UA 46 -8.80 -72.52 -128.89
N TRP UA 47 -8.88 -71.57 -127.94
CA TRP UA 47 -7.83 -70.59 -127.67
C TRP UA 47 -6.97 -70.97 -126.46
N ASP UA 48 -5.65 -70.93 -126.61
CA ASP UA 48 -4.68 -71.16 -125.54
C ASP UA 48 -4.02 -69.85 -125.11
N LEU UA 49 -4.02 -69.55 -123.82
CA LEU UA 49 -3.42 -68.34 -123.27
C LEU UA 49 -1.90 -68.43 -123.36
N VAL UA 50 -1.23 -67.44 -123.93
CA VAL UA 50 0.24 -67.46 -124.15
C VAL UA 50 1.06 -67.39 -122.87
N GLY UA 51 0.47 -66.96 -121.76
CA GLY UA 51 1.18 -66.77 -120.50
C GLY UA 51 1.53 -65.31 -120.26
N HIS UA 52 2.60 -65.06 -119.52
CA HIS UA 52 3.01 -63.71 -119.14
C HIS UA 52 3.74 -62.98 -120.26
N THR UA 53 3.45 -61.69 -120.41
CA THR UA 53 4.19 -60.76 -121.26
C THR UA 53 4.57 -59.53 -120.46
N SER UA 54 5.71 -58.90 -120.74
CA SER UA 54 6.27 -57.86 -119.88
C SER UA 54 5.38 -56.61 -119.75
N GLU UA 55 5.49 -55.89 -118.63
CA GLU UA 55 4.77 -54.64 -118.38
C GLU UA 55 5.34 -53.47 -119.17
N ASP UA 56 6.68 -53.34 -119.18
CA ASP UA 56 7.39 -52.52 -120.15
C ASP UA 56 7.53 -53.26 -121.48
N ASP UA 57 7.64 -52.54 -122.59
CA ASP UA 57 7.61 -53.13 -123.94
C ASP UA 57 6.31 -53.93 -124.20
N LEU UA 58 5.17 -53.26 -124.06
CA LEU UA 58 3.87 -53.75 -124.55
C LEU UA 58 3.93 -54.06 -126.05
N PRO UA 59 3.05 -54.93 -126.59
CA PRO UA 59 3.10 -55.30 -127.99
C PRO UA 59 2.88 -54.10 -128.91
N GLU UA 60 3.74 -53.90 -129.90
CA GLU UA 60 3.65 -52.80 -130.87
C GLU UA 60 3.24 -53.30 -132.26
N PHE UA 61 2.24 -52.67 -132.88
CA PHE UA 61 1.67 -53.05 -134.16
C PHE UA 61 2.43 -52.40 -135.32
N GLY UA 62 3.71 -52.69 -135.44
CA GLY UA 62 4.57 -52.12 -136.47
C GLY UA 62 4.26 -52.57 -137.90
N PHE UA 63 5.01 -52.01 -138.86
CA PHE UA 63 5.02 -52.45 -140.23
C PHE UA 63 6.34 -52.13 -140.93
N ASP UA 64 6.65 -52.88 -141.99
CA ASP UA 64 7.76 -52.65 -142.89
C ASP UA 64 7.24 -52.31 -144.29
N GLY UA 65 7.90 -51.41 -145.02
CA GLY UA 65 7.48 -50.97 -146.36
C GLY UA 65 6.79 -49.60 -146.42
N GLY UA 66 6.41 -49.18 -147.62
CA GLY UA 66 5.87 -47.86 -147.94
C GLY UA 66 6.47 -47.27 -149.24
N ASP UA 67 5.69 -46.41 -149.91
CA ASP UA 67 6.01 -45.65 -151.14
C ASP UA 67 6.49 -46.47 -152.36
N GLU UA 85 8.39 -50.37 -151.30
CA GLU UA 85 7.53 -51.48 -151.72
C GLU UA 85 6.39 -51.72 -150.73
N GLU UA 86 5.46 -52.63 -151.04
CA GLU UA 86 4.18 -52.74 -150.32
C GLU UA 86 4.30 -53.07 -148.82
N ILE UA 87 3.36 -52.55 -148.03
CA ILE UA 87 3.36 -52.66 -146.57
C ILE UA 87 3.17 -54.11 -146.11
N ALA UA 88 4.02 -54.56 -145.18
CA ALA UA 88 3.87 -55.81 -144.44
C ALA UA 88 3.68 -55.52 -142.95
N ASP UA 89 2.56 -55.96 -142.37
CA ASP UA 89 2.19 -55.70 -140.99
C ASP UA 89 2.73 -56.75 -140.02
N TYR UA 90 3.03 -56.34 -138.79
CA TYR UA 90 3.47 -57.26 -137.74
C TYR UA 90 3.12 -56.78 -136.34
N VAL UA 91 3.22 -57.67 -135.37
CA VAL UA 91 3.23 -57.35 -133.94
C VAL UA 91 4.48 -57.95 -133.32
N VAL UA 92 5.13 -57.27 -132.39
CA VAL UA 92 6.16 -57.89 -131.55
C VAL UA 92 5.61 -58.13 -130.16
N ILE UA 93 5.60 -59.36 -129.66
CA ILE UA 93 5.14 -59.69 -128.31
C ILE UA 93 6.34 -60.08 -127.45
N ASN UA 94 6.57 -59.44 -126.32
CA ASN UA 94 7.64 -59.80 -125.39
C ASN UA 94 7.14 -60.82 -124.37
N LEU UA 95 7.28 -62.12 -124.67
CA LEU UA 95 6.97 -63.20 -123.74
C LEU UA 95 7.93 -63.15 -122.54
N THR UA 96 7.54 -63.60 -121.34
CA THR UA 96 8.47 -63.67 -120.19
C THR UA 96 8.47 -64.99 -119.42
N GLN UA 97 7.64 -65.95 -119.78
CA GLN UA 97 7.76 -67.33 -119.29
C GLN UA 97 8.87 -68.09 -120.01
N PHE UA 98 9.45 -69.08 -119.35
CA PHE UA 98 10.45 -69.98 -119.93
C PHE UA 98 10.00 -71.44 -119.97
N ASP UA 99 8.73 -71.78 -119.76
CA ASP UA 99 8.22 -73.13 -119.96
C ASP UA 99 7.71 -73.36 -121.38
N GLU UA 100 7.26 -74.58 -121.68
CA GLU UA 100 7.04 -75.03 -123.05
C GLU UA 100 6.07 -74.17 -123.86
N THR UA 101 4.99 -73.67 -123.27
CA THR UA 101 4.02 -72.84 -124.00
C THR UA 101 4.58 -71.51 -124.47
N ALA UA 102 5.71 -71.03 -123.95
CA ALA UA 102 6.36 -69.83 -124.48
C ALA UA 102 7.56 -70.16 -125.36
N LEU UA 103 8.35 -71.18 -125.02
CA LEU UA 103 9.41 -71.61 -125.92
C LEU UA 103 8.88 -72.08 -127.26
N GLU UA 104 7.69 -72.71 -127.32
CA GLU UA 104 7.11 -73.13 -128.59
C GLU UA 104 6.85 -71.98 -129.55
N LEU UA 105 6.64 -70.74 -129.09
CA LEU UA 105 6.50 -69.60 -129.99
C LEU UA 105 7.85 -69.04 -130.44
N TYR UA 106 8.82 -68.95 -129.54
CA TYR UA 106 10.12 -68.39 -129.89
C TYR UA 106 10.94 -69.35 -130.77
N PHE UA 107 10.98 -70.64 -130.44
CA PHE UA 107 11.79 -71.64 -131.12
C PHE UA 107 11.02 -72.55 -132.09
N GLY UA 108 9.70 -72.41 -132.21
CA GLY UA 108 8.88 -73.40 -132.91
C GLY UA 108 8.67 -74.68 -132.08
N PRO UA 109 7.96 -75.68 -132.60
CA PRO UA 109 7.62 -76.89 -131.86
C PRO UA 109 8.82 -77.60 -131.22
N ASN UA 110 8.61 -78.24 -130.07
CA ASN UA 110 9.65 -79.00 -129.40
C ASN UA 110 10.12 -80.17 -130.27
N GLN UA 111 11.41 -80.26 -130.57
CA GLN UA 111 11.98 -81.31 -131.42
C GLN UA 111 12.67 -82.44 -130.62
N SER UA 112 12.37 -82.59 -129.33
CA SER UA 112 12.74 -83.76 -128.53
C SER UA 112 11.55 -84.34 -127.77
N ALA UA 113 11.47 -85.66 -127.71
CA ALA UA 113 10.34 -86.39 -127.12
C ALA UA 113 10.49 -86.73 -125.63
N THR UA 114 11.70 -86.63 -125.05
CA THR UA 114 11.96 -87.06 -123.67
C THR UA 114 11.39 -86.09 -122.64
N PRO UA 115 10.91 -86.57 -121.47
CA PRO UA 115 10.45 -85.70 -120.40
C PRO UA 115 11.55 -84.74 -119.96
N GLY UA 116 11.19 -83.49 -119.71
CA GLY UA 116 12.08 -82.50 -119.12
C GLY UA 116 13.06 -81.81 -120.05
N ILE UA 117 12.98 -82.03 -121.37
CA ILE UA 117 13.88 -81.40 -122.35
C ILE UA 117 13.09 -80.74 -123.47
N PHE UA 118 13.51 -79.55 -123.87
CA PHE UA 118 13.03 -78.88 -125.07
C PHE UA 118 14.20 -78.69 -126.03
N GLY UA 119 14.15 -79.31 -127.19
CA GLY UA 119 15.29 -79.36 -128.12
C GLY UA 119 15.04 -78.56 -129.39
N VAL UA 120 16.08 -77.93 -129.93
CA VAL UA 120 16.02 -77.06 -131.10
C VAL UA 120 16.85 -77.59 -132.27
N LYS UA 121 16.25 -77.79 -133.46
CA LYS UA 121 16.95 -78.17 -134.70
C LYS UA 121 17.57 -76.97 -135.41
N SER UA 122 18.36 -77.25 -136.45
CA SER UA 122 19.31 -76.31 -137.07
C SER UA 122 18.74 -74.98 -137.55
N GLY UA 123 17.53 -74.94 -138.10
CA GLY UA 123 16.92 -73.68 -138.57
C GLY UA 123 15.71 -73.87 -139.49
N SER UA 124 15.15 -72.74 -139.92
CA SER UA 124 14.06 -72.65 -140.91
C SER UA 124 12.81 -73.46 -140.58
N VAL UA 125 12.39 -73.42 -139.31
CA VAL UA 125 11.10 -73.98 -138.88
C VAL UA 125 9.94 -73.13 -139.42
N VAL UA 126 8.81 -73.77 -139.74
CA VAL UA 126 7.54 -73.08 -140.09
C VAL UA 126 6.58 -73.15 -138.91
N ASN UA 127 6.01 -71.99 -138.55
CA ASN UA 127 5.34 -71.80 -137.26
C ASN UA 127 4.20 -70.79 -137.39
N GLU UA 128 3.06 -71.24 -137.91
CA GLU UA 128 1.89 -70.40 -138.15
C GLU UA 128 0.79 -70.68 -137.13
N ARG UA 129 0.17 -69.64 -136.56
CA ARG UA 129 -0.92 -69.73 -135.59
C ARG UA 129 -1.92 -68.60 -135.79
N ALA UA 130 -3.16 -68.77 -135.38
CA ALA UA 130 -4.07 -67.64 -135.21
C ALA UA 130 -3.72 -66.90 -133.92
N LEU UA 131 -3.98 -65.60 -133.85
CA LEU UA 131 -3.59 -64.78 -132.71
C LEU UA 131 -4.70 -63.81 -132.33
N LEU UA 132 -5.00 -63.71 -131.04
CA LEU UA 132 -5.99 -62.80 -130.48
C LEU UA 132 -5.32 -62.05 -129.34
N ILE UA 133 -5.50 -60.74 -129.27
CA ILE UA 133 -5.03 -59.91 -128.18
C ILE UA 133 -6.24 -59.17 -127.62
N VAL UA 134 -6.40 -59.14 -126.31
CA VAL UA 134 -7.43 -58.32 -125.66
C VAL UA 134 -6.73 -57.28 -124.81
N ILE UA 135 -6.98 -56.00 -125.06
CA ILE UA 135 -6.44 -54.88 -124.29
C ILE UA 135 -7.54 -54.39 -123.35
N VAL UA 136 -7.26 -54.30 -122.06
CA VAL UA 136 -8.26 -54.14 -121.01
C VAL UA 136 -8.00 -52.85 -120.24
N ASP UA 137 -8.80 -51.82 -120.52
CA ASP UA 137 -8.89 -50.63 -119.68
C ASP UA 137 -9.76 -50.95 -118.45
N ASN UA 138 -10.23 -49.97 -117.67
CA ASN UA 138 -11.10 -50.24 -116.52
C ASN UA 138 -12.46 -50.88 -116.89
N ASP UA 139 -12.90 -50.76 -118.14
CA ASP UA 139 -14.20 -51.29 -118.60
C ASP UA 139 -14.22 -51.59 -120.11
N VAL UA 140 -13.66 -50.70 -120.92
CA VAL UA 140 -13.39 -50.92 -122.35
C VAL UA 140 -12.46 -52.11 -122.55
N ARG UA 141 -12.76 -52.97 -123.51
CA ARG UA 141 -12.05 -54.24 -123.76
C ARG UA 141 -11.79 -54.45 -125.25
N LEU UA 142 -11.04 -53.55 -125.87
CA LEU UA 142 -10.67 -53.64 -127.29
C LEU UA 142 -9.95 -54.94 -127.60
N GLY UA 143 -10.49 -55.75 -128.50
CA GLY UA 143 -9.84 -56.95 -129.01
C GLY UA 143 -9.13 -56.69 -130.33
N PHE UA 144 -8.15 -57.52 -130.67
CA PHE UA 144 -7.49 -57.59 -131.97
C PHE UA 144 -7.36 -59.04 -132.36
N HIS UA 145 -7.70 -59.43 -133.59
CA HIS UA 145 -7.68 -60.83 -134.03
C HIS UA 145 -7.09 -60.99 -135.42
N ALA UA 146 -6.19 -61.95 -135.59
CA ALA UA 146 -5.59 -62.31 -136.87
C ALA UA 146 -5.80 -63.79 -137.18
N ARG UA 147 -6.39 -64.12 -138.32
CA ARG UA 147 -6.70 -65.51 -138.71
C ARG UA 147 -5.44 -66.34 -138.93
N LYS UA 148 -4.40 -65.76 -139.52
CA LYS UA 148 -3.09 -66.40 -139.62
C LYS UA 148 -1.97 -65.41 -139.36
N ALA UA 149 -1.04 -65.78 -138.50
CA ALA UA 149 0.21 -65.09 -138.27
C ALA UA 149 1.36 -66.08 -138.34
N SER UA 150 2.49 -65.67 -138.91
CA SER UA 150 3.72 -66.45 -138.88
C SER UA 150 4.62 -65.90 -137.79
N LEU UA 151 5.02 -66.73 -136.84
CA LEU UA 151 5.76 -66.29 -135.65
C LEU UA 151 7.25 -66.62 -135.77
N LYS UA 152 8.09 -65.65 -135.45
CA LYS UA 152 9.54 -65.67 -135.62
C LYS UA 152 10.21 -64.98 -134.43
N ARG UA 153 11.47 -65.27 -134.14
CA ARG UA 153 12.26 -64.46 -133.20
C ARG UA 153 12.38 -63.02 -133.69
N GLU UA 154 12.19 -62.03 -132.83
CA GLU UA 154 12.50 -60.63 -133.16
C GLU UA 154 13.92 -60.25 -132.74
N ASP UA 155 14.42 -60.80 -131.64
CA ASP UA 155 15.68 -60.41 -131.01
C ASP UA 155 16.16 -61.52 -130.05
N ALA UA 156 17.38 -61.39 -129.52
CA ALA UA 156 17.94 -62.29 -128.53
C ALA UA 156 17.05 -62.47 -127.28
N ILE UA 157 17.13 -63.60 -126.61
CA ILE UA 157 16.57 -63.77 -125.26
C ILE UA 157 17.30 -62.82 -124.32
N SER UA 158 16.58 -61.95 -123.61
CA SER UA 158 17.19 -61.14 -122.56
C SER UA 158 17.20 -61.88 -121.23
N LEU UA 159 18.28 -61.72 -120.46
CA LEU UA 159 18.41 -62.17 -119.09
C LEU UA 159 18.99 -61.04 -118.24
N ALA UA 160 18.55 -60.94 -116.99
CA ALA UA 160 19.05 -59.96 -116.04
C ALA UA 160 18.97 -60.52 -114.61
N THR UA 161 19.80 -60.00 -113.72
CA THR UA 161 19.82 -60.40 -112.30
C THR UA 161 18.68 -59.81 -111.49
N ASP UA 162 17.98 -58.78 -112.00
CA ASP UA 162 17.01 -57.98 -111.26
C ASP UA 162 15.75 -57.63 -112.07
N GLU UA 163 15.51 -58.28 -113.20
CA GLU UA 163 14.32 -58.10 -114.04
C GLU UA 163 14.00 -59.37 -114.81
N PHE UA 164 12.73 -59.63 -115.13
CA PHE UA 164 12.34 -60.87 -115.80
C PHE UA 164 13.00 -61.01 -117.18
N GLY UA 165 13.51 -62.20 -117.49
CA GLY UA 165 13.98 -62.49 -118.84
C GLY UA 165 12.84 -62.44 -119.85
N ALA UA 166 13.14 -62.21 -121.14
CA ALA UA 166 12.10 -62.12 -122.16
C ALA UA 166 12.48 -62.79 -123.48
N LEU UA 167 11.49 -63.33 -124.19
CA LEU UA 167 11.61 -63.94 -125.49
C LEU UA 167 10.75 -63.19 -126.51
N PRO UA 168 11.26 -62.15 -127.18
CA PRO UA 168 10.45 -61.34 -128.06
C PRO UA 168 10.18 -62.05 -129.39
N VAL UA 169 8.90 -62.23 -129.75
CA VAL UA 169 8.49 -62.84 -131.02
C VAL UA 169 7.79 -61.86 -131.94
N ARG UA 170 8.25 -61.76 -133.19
CA ARG UA 170 7.59 -61.08 -134.30
C ARG UA 170 6.50 -62.00 -134.82
N ALA UA 171 5.23 -61.63 -134.67
CA ALA UA 171 4.14 -62.23 -135.41
C ALA UA 171 3.90 -61.41 -136.67
N THR UA 172 4.05 -61.99 -137.86
CA THR UA 172 3.80 -61.31 -139.15
C THR UA 172 2.47 -61.78 -139.72
N PHE UA 173 1.56 -60.90 -140.09
CA PHE UA 173 0.23 -61.31 -140.54
C PHE UA 173 0.23 -61.76 -141.99
N LEU UA 174 -0.57 -62.77 -142.31
CA LEU UA 174 -0.68 -63.36 -143.63
C LEU UA 174 -2.15 -63.61 -143.99
N ASP UA 175 -2.53 -63.39 -145.25
CA ASP UA 175 -3.90 -63.64 -145.70
C ASP UA 175 -4.28 -65.12 -145.59
N TYR UA 176 -5.57 -65.39 -145.39
CA TYR UA 176 -6.11 -66.74 -145.28
C TYR UA 176 -7.54 -66.78 -145.83
N GLN UA 177 -7.82 -67.59 -146.86
CA GLN UA 177 -9.16 -67.83 -147.40
C GLN UA 177 -10.05 -66.59 -147.59
N SER UA 178 -9.50 -65.49 -148.10
CA SER UA 178 -10.19 -64.19 -148.32
C SER UA 178 -10.72 -63.46 -147.08
N TYR UA 179 -10.47 -63.95 -145.87
CA TYR UA 179 -10.65 -63.15 -144.65
C TYR UA 179 -9.71 -61.95 -144.62
N ASN UA 180 -9.99 -60.99 -143.75
CA ASN UA 180 -9.12 -59.83 -143.50
C ASN UA 180 -7.75 -60.26 -142.96
N LEU UA 181 -6.71 -59.42 -143.07
CA LEU UA 181 -5.44 -59.73 -142.41
C LEU UA 181 -5.66 -59.83 -140.91
N TYR UA 182 -6.32 -58.82 -140.36
CA TYR UA 182 -6.70 -58.75 -138.96
C TYR UA 182 -7.87 -57.81 -138.75
N GLU UA 183 -8.51 -57.95 -137.61
CA GLU UA 183 -9.70 -57.22 -137.22
C GLU UA 183 -9.54 -56.66 -135.81
N TRP UA 184 -10.10 -55.49 -135.56
CA TRP UA 184 -10.27 -54.94 -134.23
C TRP UA 184 -11.71 -55.17 -133.80
N ILE UA 185 -11.91 -55.63 -132.58
CA ILE UA 185 -13.21 -56.06 -132.09
C ILE UA 185 -13.60 -55.18 -130.91
N GLU UA 186 -14.66 -54.40 -131.01
CA GLU UA 186 -15.27 -53.71 -129.87
C GLU UA 186 -16.71 -53.30 -130.21
N GLU UA 187 -17.67 -53.80 -129.44
CA GLU UA 187 -19.11 -53.69 -129.74
C GLU UA 187 -19.60 -52.25 -129.81
N ASP UA 188 -19.03 -51.37 -128.99
CA ASP UA 188 -19.49 -50.00 -128.83
C ASP UA 188 -19.00 -49.06 -129.94
N TRP UA 189 -17.89 -49.39 -130.62
CA TRP UA 189 -17.09 -48.42 -131.36
C TRP UA 189 -17.19 -48.53 -132.89
N PHE UA 190 -17.28 -49.74 -133.44
CA PHE UA 190 -17.16 -49.97 -134.88
C PHE UA 190 -18.50 -50.37 -135.49
N ASN UA 191 -18.90 -49.78 -136.63
CA ASN UA 191 -20.20 -50.04 -137.27
C ASN UA 191 -21.41 -49.78 -136.33
N ALA UA 192 -21.25 -48.97 -135.29
CA ALA UA 192 -22.32 -48.62 -134.35
C ALA UA 192 -23.39 -47.75 -134.99
N VAL UA 193 -24.57 -47.67 -134.37
CA VAL UA 193 -25.67 -46.78 -134.82
C VAL UA 193 -25.29 -45.30 -134.70
N ASP UA 194 -25.74 -44.50 -135.66
CA ASP UA 194 -25.42 -43.07 -135.81
C ASP UA 194 -26.27 -42.13 -134.92
N ALA UA 195 -26.73 -42.60 -133.76
CA ALA UA 195 -27.72 -41.91 -132.93
C ALA UA 195 -27.29 -40.49 -132.51
N PRO UA 196 -28.05 -39.44 -132.86
CA PRO UA 196 -27.77 -38.06 -132.44
C PRO UA 196 -27.71 -37.89 -130.92
N VAL UA 197 -27.06 -36.82 -130.46
CA VAL UA 197 -27.11 -36.42 -129.06
C VAL UA 197 -28.50 -35.88 -128.71
N VAL UA 198 -29.05 -36.28 -127.57
CA VAL UA 198 -30.39 -35.88 -127.13
C VAL UA 198 -30.30 -35.34 -125.71
N TYR UA 199 -30.29 -34.02 -125.55
CA TYR UA 199 -30.28 -33.41 -124.23
C TYR UA 199 -31.65 -33.54 -123.58
N LEU UA 200 -31.76 -34.18 -122.41
CA LEU UA 200 -32.98 -34.05 -121.60
C LEU UA 200 -33.13 -32.61 -121.14
N LEU UA 201 -34.35 -32.24 -120.78
CA LEU UA 201 -34.70 -31.03 -120.04
C LEU UA 201 -35.80 -31.40 -119.05
N ASP UA 202 -35.42 -31.55 -117.79
CA ASP UA 202 -36.31 -31.93 -116.69
C ASP UA 202 -36.70 -30.67 -115.92
N LEU UA 203 -37.99 -30.37 -115.87
CA LEU UA 203 -38.54 -29.20 -115.19
C LEU UA 203 -38.50 -29.34 -113.66
N GLY UA 204 -38.24 -30.52 -113.11
CA GLY UA 204 -38.12 -30.76 -111.67
C GLY UA 204 -39.43 -30.54 -110.89
N GLY UA 205 -40.58 -30.63 -111.54
CA GLY UA 205 -41.87 -30.33 -110.92
C GLY UA 205 -42.04 -28.85 -110.58
N ALA UA 206 -41.56 -27.95 -111.44
CA ALA UA 206 -41.73 -26.51 -111.30
C ALA UA 206 -43.22 -26.08 -111.25
N THR UA 207 -43.54 -25.08 -110.43
CA THR UA 207 -44.91 -24.56 -110.23
C THR UA 207 -44.99 -23.03 -110.29
N GLY UA 208 -43.99 -22.37 -110.86
CA GLY UA 208 -43.88 -20.93 -110.97
C GLY UA 208 -42.48 -20.50 -111.40
N GLY UA 209 -42.33 -19.23 -111.80
CA GLY UA 209 -41.05 -18.63 -112.19
C GLY UA 209 -40.64 -18.92 -113.64
N ASP UA 210 -39.33 -18.78 -113.91
CA ASP UA 210 -38.72 -18.92 -115.24
C ASP UA 210 -37.40 -19.69 -115.19
N TYR UA 211 -36.86 -20.03 -116.36
CA TYR UA 211 -35.52 -20.58 -116.55
C TYR UA 211 -34.91 -20.06 -117.85
N THR UA 212 -33.60 -20.23 -118.02
CA THR UA 212 -32.88 -19.91 -119.25
C THR UA 212 -32.03 -21.11 -119.68
N LEU UA 213 -31.79 -21.28 -120.97
CA LEU UA 213 -30.87 -22.28 -121.47
C LEU UA 213 -29.60 -21.58 -121.94
N LEU UA 214 -28.44 -22.10 -121.58
CA LEU UA 214 -27.22 -21.82 -122.32
C LEU UA 214 -27.22 -22.69 -123.58
N VAL UA 215 -27.08 -22.12 -124.77
CA VAL UA 215 -26.92 -22.87 -126.02
C VAL UA 215 -25.63 -22.48 -126.71
N GLY UA 216 -24.78 -23.44 -127.04
CA GLY UA 216 -23.35 -23.17 -127.18
C GLY UA 216 -22.85 -22.51 -125.89
N GLY UA 217 -22.31 -21.30 -125.99
CA GLY UA 217 -22.03 -20.44 -124.84
C GLY UA 217 -23.03 -19.29 -124.62
N LYS UA 218 -23.97 -19.06 -125.54
CA LYS UA 218 -24.96 -17.97 -125.51
C LYS UA 218 -26.08 -18.27 -124.53
N SER UA 219 -26.82 -17.27 -124.06
CA SER UA 219 -28.02 -17.47 -123.23
C SER UA 219 -29.31 -17.19 -124.00
N THR UA 220 -30.32 -18.05 -123.88
CA THR UA 220 -31.69 -17.71 -124.29
C THR UA 220 -32.20 -16.51 -123.53
N GLY UA 221 -33.29 -15.92 -124.02
CA GLY UA 221 -34.20 -15.13 -123.18
C GLY UA 221 -34.90 -16.01 -122.13
N ASP UA 222 -35.81 -15.41 -121.38
CA ASP UA 222 -36.54 -16.09 -120.31
C ASP UA 222 -37.56 -17.10 -120.85
N ILE UA 223 -37.60 -18.31 -120.29
CA ILE UA 223 -38.58 -19.34 -120.59
C ILE UA 223 -39.48 -19.54 -119.37
N ALA UA 224 -40.79 -19.39 -119.51
CA ALA UA 224 -41.73 -19.60 -118.39
C ALA UA 224 -41.83 -21.10 -118.01
N TYR UA 225 -42.04 -21.39 -116.73
CA TYR UA 225 -42.06 -22.76 -116.20
C TYR UA 225 -43.05 -23.72 -116.89
N ASN UA 226 -44.13 -23.19 -117.49
CA ASN UA 226 -45.19 -23.93 -118.16
C ASN UA 226 -45.10 -23.91 -119.70
N ALA UA 227 -43.98 -23.46 -120.28
CA ALA UA 227 -43.83 -23.36 -121.73
C ALA UA 227 -43.99 -24.72 -122.44
N ASN UA 228 -44.66 -24.72 -123.59
CA ASN UA 228 -44.81 -25.89 -124.46
C ASN UA 228 -43.59 -26.08 -125.37
N ALA UA 229 -43.52 -27.22 -126.06
CA ALA UA 229 -42.38 -27.56 -126.92
C ALA UA 229 -42.11 -26.49 -128.01
N SER UA 230 -43.13 -25.99 -128.69
CA SER UA 230 -42.97 -24.94 -129.70
C SER UA 230 -42.40 -23.64 -129.10
N ALA UA 231 -42.86 -23.26 -127.91
CA ALA UA 231 -42.34 -22.09 -127.20
C ALA UA 231 -40.87 -22.28 -126.81
N ILE UA 232 -40.44 -23.48 -126.44
CA ILE UA 232 -39.03 -23.80 -126.21
C ILE UA 232 -38.25 -23.74 -127.54
N LYS UA 233 -38.75 -24.31 -128.64
CA LYS UA 233 -38.07 -24.25 -129.95
C LYS UA 233 -37.75 -22.83 -130.36
N THR UA 234 -38.73 -21.92 -130.27
CA THR UA 234 -38.53 -20.52 -130.66
C THR UA 234 -37.76 -19.69 -129.62
N ALA UA 235 -37.53 -20.22 -128.42
CA ALA UA 235 -36.62 -19.63 -127.44
C ALA UA 235 -35.18 -20.15 -127.57
N ILE UA 236 -34.98 -21.39 -128.04
CA ILE UA 236 -33.66 -21.98 -128.32
C ILE UA 236 -33.09 -21.45 -129.63
N GLY UA 237 -33.90 -21.29 -130.68
CA GLY UA 237 -33.58 -20.38 -131.77
C GLY UA 237 -33.76 -18.93 -131.34
N ALA UA 238 -33.47 -17.98 -132.22
CA ALA UA 238 -33.48 -16.55 -131.90
C ALA UA 238 -32.57 -16.20 -130.70
N VAL UA 239 -31.37 -16.80 -130.63
CA VAL UA 239 -30.45 -16.74 -129.49
C VAL UA 239 -29.17 -15.96 -129.79
N ASP UA 240 -29.25 -14.95 -130.64
CA ASP UA 240 -28.09 -14.34 -131.31
C ASP UA 240 -27.28 -15.42 -132.04
N ASP UA 241 -28.02 -16.12 -132.89
CA ASP UA 241 -27.80 -17.49 -133.33
C ASP UA 241 -26.44 -17.81 -133.97
N GLY UA 242 -26.07 -19.08 -133.87
CA GLY UA 242 -25.20 -19.70 -134.89
C GLY UA 242 -26.04 -20.27 -136.06
N VAL UA 243 -27.29 -20.68 -135.79
CA VAL UA 243 -28.14 -21.53 -136.64
C VAL UA 243 -29.63 -21.16 -136.57
N ALA UA 244 -30.41 -21.45 -137.61
CA ALA UA 244 -31.83 -21.15 -137.65
C ALA UA 244 -32.68 -21.99 -136.68
N GLU UA 245 -33.89 -21.52 -136.35
CA GLU UA 245 -34.90 -22.30 -135.61
C GLU UA 245 -35.15 -23.68 -136.23
N SER UA 246 -35.05 -23.78 -137.56
CA SER UA 246 -35.34 -25.01 -138.31
C SER UA 246 -34.40 -26.18 -137.98
N ALA UA 247 -33.23 -25.91 -137.40
CA ALA UA 247 -32.25 -26.94 -137.06
C ALA UA 247 -32.57 -27.72 -135.78
N TRP UA 248 -33.49 -27.23 -134.94
CA TRP UA 248 -33.73 -27.73 -133.59
C TRP UA 248 -34.98 -28.61 -133.48
N THR UA 249 -34.85 -29.77 -132.86
CA THR UA 249 -35.95 -30.68 -132.48
C THR UA 249 -36.11 -30.68 -130.96
N VAL UA 250 -37.33 -30.54 -130.43
CA VAL UA 250 -37.56 -30.31 -128.99
C VAL UA 250 -38.75 -31.07 -128.41
N THR UA 251 -39.01 -32.27 -128.91
CA THR UA 251 -40.21 -33.07 -128.54
C THR UA 251 -40.31 -33.36 -127.05
N ALA UA 252 -41.49 -33.17 -126.48
CA ALA UA 252 -41.82 -33.62 -125.12
C ALA UA 252 -41.93 -35.15 -125.03
N ASP UA 253 -41.79 -35.72 -123.84
CA ASP UA 253 -42.18 -37.13 -123.59
C ASP UA 253 -42.91 -37.38 -122.25
N GLY UA 254 -43.21 -36.32 -121.49
CA GLY UA 254 -43.85 -36.40 -120.17
C GLY UA 254 -43.77 -35.07 -119.42
N SER UA 255 -43.21 -35.09 -118.21
CA SER UA 255 -42.81 -33.89 -117.46
C SER UA 255 -41.51 -33.24 -117.99
N ASP UA 256 -41.00 -33.74 -119.13
CA ASP UA 256 -39.66 -33.45 -119.65
C ASP UA 256 -39.70 -33.26 -121.18
N PHE UA 257 -38.64 -32.64 -121.70
CA PHE UA 257 -38.40 -32.47 -123.13
C PHE UA 257 -37.09 -33.13 -123.54
N GLU UA 258 -37.04 -33.63 -124.77
CA GLU UA 258 -35.82 -34.14 -125.40
C GLU UA 258 -35.42 -33.19 -126.52
N ILE UA 259 -34.25 -32.55 -126.39
CA ILE UA 259 -33.75 -31.54 -127.32
C ILE UA 259 -32.60 -32.13 -128.14
N SER UA 260 -32.63 -31.95 -129.45
CA SER UA 260 -31.52 -32.27 -130.35
C SER UA 260 -31.31 -31.16 -131.37
N GLY UA 261 -30.06 -30.88 -131.69
CA GLY UA 261 -29.67 -29.84 -132.64
C GLY UA 261 -28.16 -29.76 -132.78
N PRO UA 262 -27.63 -28.77 -133.50
CA PRO UA 262 -26.22 -28.70 -133.85
C PRO UA 262 -25.30 -28.15 -132.77
N LEU UA 263 -25.77 -27.78 -131.57
CA LEU UA 263 -24.96 -27.17 -130.51
C LEU UA 263 -25.19 -27.82 -129.14
N ALA UA 264 -24.29 -27.58 -128.18
CA ALA UA 264 -24.49 -27.95 -126.79
C ALA UA 264 -25.66 -27.18 -126.17
N VAL UA 265 -26.34 -27.75 -125.17
CA VAL UA 265 -27.42 -27.11 -124.41
C VAL UA 265 -27.19 -27.33 -122.91
N ALA UA 266 -27.40 -26.33 -122.07
CA ALA UA 266 -27.04 -26.38 -120.65
C ALA UA 266 -27.96 -25.54 -119.74
N LEU UA 267 -27.92 -25.83 -118.44
CA LEU UA 267 -28.85 -25.35 -117.42
C LEU UA 267 -28.91 -23.82 -117.24
N GLY UA 268 -27.84 -23.10 -117.51
CA GLY UA 268 -27.82 -21.63 -117.38
C GLY UA 268 -28.28 -21.12 -116.02
N VAL UA 269 -29.11 -20.07 -116.01
CA VAL UA 269 -29.70 -19.48 -114.79
C VAL UA 269 -31.18 -19.82 -114.72
N ASP UA 270 -31.69 -20.27 -113.57
CA ASP UA 270 -33.13 -20.49 -113.39
C ASP UA 270 -33.68 -20.03 -112.04
N SER UA 271 -35.01 -19.90 -112.00
CA SER UA 271 -35.78 -19.26 -110.93
C SER UA 271 -37.00 -20.08 -110.51
N THR UA 272 -37.15 -21.31 -111.02
CA THR UA 272 -38.35 -22.12 -110.85
C THR UA 272 -38.62 -22.48 -109.39
N THR UA 273 -39.83 -22.22 -108.90
CA THR UA 273 -40.16 -22.24 -107.46
C THR UA 273 -40.73 -23.57 -106.93
N GLY UA 274 -40.82 -24.61 -107.77
CA GLY UA 274 -41.52 -25.85 -107.45
C GLY UA 274 -40.71 -26.91 -106.69
N GLY UA 275 -41.11 -28.18 -106.85
CA GLY UA 275 -40.65 -29.32 -106.02
C GLY UA 275 -39.13 -29.53 -105.99
N SER UA 276 -38.47 -29.32 -107.12
CA SER UA 276 -37.04 -29.00 -107.17
C SER UA 276 -36.88 -27.52 -107.45
N GLY UA 277 -36.00 -26.86 -106.69
CA GLY UA 277 -35.62 -25.45 -106.91
C GLY UA 277 -34.80 -25.19 -108.19
N VAL UA 278 -34.46 -26.24 -108.96
CA VAL UA 278 -33.83 -26.14 -110.28
C VAL UA 278 -34.39 -27.18 -111.25
N THR UA 279 -34.37 -26.81 -112.53
CA THR UA 279 -34.43 -27.71 -113.68
C THR UA 279 -33.09 -28.43 -113.88
N VAL UA 280 -32.99 -29.47 -114.71
CA VAL UA 280 -31.70 -30.12 -115.06
C VAL UA 280 -31.66 -30.66 -116.49
N ASP UA 281 -30.47 -30.76 -117.10
CA ASP UA 281 -30.28 -31.09 -118.52
C ASP UA 281 -29.35 -32.29 -118.77
N VAL UA 282 -29.30 -33.28 -117.86
CA VAL UA 282 -28.19 -34.26 -117.85
C VAL UA 282 -28.34 -35.35 -118.93
N VAL UA 283 -27.80 -35.09 -120.13
CA VAL UA 283 -27.27 -36.10 -121.09
C VAL UA 283 -25.97 -35.58 -121.70
N ALA VA 2 32.94 -71.23 -108.41
CA ALA VA 2 33.90 -71.27 -109.53
C ALA VA 2 35.33 -71.48 -109.03
N LEU VA 3 36.24 -71.85 -109.92
CA LEU VA 3 37.51 -72.47 -109.54
C LEU VA 3 38.43 -71.62 -108.64
N LYS VA 4 38.57 -70.31 -108.88
CA LYS VA 4 39.52 -69.45 -108.14
C LYS VA 4 39.04 -68.01 -107.96
N ASP VA 5 39.21 -67.46 -106.77
CA ASP VA 5 39.05 -66.04 -106.43
C ASP VA 5 40.29 -65.24 -106.85
N ASP VA 6 41.49 -65.65 -106.45
CA ASP VA 6 42.70 -64.81 -106.59
C ASP VA 6 43.09 -64.50 -108.05
N ALA VA 7 42.50 -65.18 -109.02
CA ALA VA 7 42.67 -64.91 -110.45
C ALA VA 7 41.74 -63.83 -111.03
N VAL VA 8 40.86 -63.24 -110.22
CA VAL VA 8 39.94 -62.16 -110.63
C VAL VA 8 40.61 -60.80 -110.47
N LEU VA 9 41.14 -60.23 -111.56
CA LEU VA 9 41.91 -58.97 -111.55
C LEU VA 9 41.07 -57.70 -111.37
N ILE VA 10 41.56 -56.78 -110.54
CA ILE VA 10 41.33 -55.33 -110.64
C ILE VA 10 42.64 -54.71 -111.11
N ALA VA 11 42.66 -53.93 -112.19
CA ALA VA 11 43.87 -53.34 -112.74
C ALA VA 11 44.31 -52.07 -112.00
N ALA VA 12 44.40 -52.11 -110.67
CA ALA VA 12 44.51 -50.92 -109.82
C ALA VA 12 45.73 -50.02 -110.10
N ARG VA 13 46.83 -50.61 -110.56
CA ARG VA 13 48.09 -49.95 -110.88
C ARG VA 13 48.78 -50.72 -112.01
N GLY VA 14 49.65 -50.10 -112.79
CA GLY VA 14 50.43 -50.85 -113.77
C GLY VA 14 51.57 -50.04 -114.38
N TYR VA 15 52.50 -50.71 -115.03
CA TYR VA 15 53.69 -50.08 -115.60
C TYR VA 15 53.90 -50.54 -117.03
N VAL VA 16 54.24 -49.64 -117.95
CA VAL VA 16 54.48 -49.95 -119.36
C VAL VA 16 55.94 -49.69 -119.70
N TYR VA 17 56.61 -50.66 -120.31
CA TYR VA 17 58.01 -50.56 -120.69
C TYR VA 17 58.18 -50.84 -122.18
N THR VA 18 59.22 -50.29 -122.79
CA THR VA 18 59.63 -50.68 -124.15
C THR VA 18 61.13 -50.89 -124.23
N ALA VA 19 61.58 -51.59 -125.27
CA ALA VA 19 62.98 -51.90 -125.49
C ALA VA 19 63.21 -52.21 -126.98
N ALA VA 20 64.47 -52.36 -127.38
CA ALA VA 20 64.81 -52.78 -128.73
C ALA VA 20 64.12 -54.11 -129.09
N VAL VA 21 63.79 -54.28 -130.36
CA VAL VA 21 63.02 -55.43 -130.86
C VAL VA 21 63.63 -56.76 -130.40
N GLY VA 22 62.79 -57.70 -130.01
CA GLY VA 22 63.19 -59.06 -129.65
C GLY VA 22 63.68 -59.26 -128.22
N THR VA 23 63.93 -58.20 -127.44
CA THR VA 23 64.42 -58.33 -126.05
C THR VA 23 63.45 -59.08 -125.13
N ALA VA 24 63.99 -59.90 -124.23
CA ALA VA 24 63.20 -60.79 -123.38
C ALA VA 24 62.66 -60.11 -122.12
N ALA VA 25 61.50 -60.54 -121.66
CA ALA VA 25 60.92 -60.11 -120.38
C ALA VA 25 61.62 -60.75 -119.17
N PRO VA 26 61.43 -60.23 -117.96
CA PRO VA 26 61.66 -60.97 -116.72
C PRO VA 26 60.97 -62.34 -116.76
N THR VA 27 61.59 -63.38 -116.22
CA THR VA 27 60.93 -64.70 -116.11
C THR VA 27 59.78 -64.64 -115.11
N PRO VA 28 58.80 -65.55 -115.14
CA PRO VA 28 57.68 -65.52 -114.20
C PRO VA 28 58.08 -65.61 -112.73
N SER VA 29 59.22 -66.22 -112.38
CA SER VA 29 59.74 -66.19 -111.01
C SER VA 29 60.47 -64.90 -110.65
N GLN VA 30 61.06 -64.17 -111.60
CA GLN VA 30 61.62 -62.84 -111.37
C GLN VA 30 60.53 -61.79 -111.23
N LEU VA 31 59.44 -61.89 -111.99
CA LEU VA 31 58.41 -60.84 -112.06
C LEU VA 31 57.78 -60.52 -110.70
N LYS VA 32 57.73 -61.49 -109.79
CA LYS VA 32 57.26 -61.30 -108.41
C LYS VA 32 58.21 -60.49 -107.53
N LEU VA 33 59.49 -60.40 -107.89
CA LEU VA 33 60.58 -59.92 -107.02
C LEU VA 33 61.21 -58.61 -107.50
N ILE VA 34 61.21 -58.34 -108.82
CA ILE VA 34 61.79 -57.11 -109.39
C ILE VA 34 61.15 -55.84 -108.83
N ASP VA 35 61.94 -54.77 -108.74
CA ASP VA 35 61.48 -53.43 -108.41
C ASP VA 35 61.02 -52.69 -109.67
N LEU VA 36 59.72 -52.41 -109.79
CA LEU VA 36 59.13 -52.02 -111.08
C LEU VA 36 59.52 -50.62 -111.52
N GLU VA 37 59.86 -49.71 -110.62
CA GLU VA 37 60.11 -48.31 -110.99
C GLU VA 37 61.55 -48.05 -111.45
N HIS VA 38 62.42 -49.06 -111.39
CA HIS VA 38 63.86 -48.95 -111.67
C HIS VA 38 64.34 -50.10 -112.57
N PRO VA 39 63.90 -50.16 -113.84
CA PRO VA 39 64.19 -51.29 -114.71
C PRO VA 39 65.65 -51.42 -115.10
N GLU VA 40 66.49 -50.41 -114.90
CA GLU VA 40 67.94 -50.54 -115.08
C GLU VA 40 68.58 -51.51 -114.07
N ALA VA 41 67.92 -51.81 -112.95
CA ALA VA 41 68.41 -52.71 -111.92
C ALA VA 41 68.02 -54.19 -112.13
N TRP VA 42 67.16 -54.51 -113.10
CA TRP VA 42 66.68 -55.87 -113.33
C TRP VA 42 67.79 -56.80 -113.84
N ASP VA 43 67.61 -58.11 -113.69
CA ASP VA 43 68.50 -59.11 -114.30
C ASP VA 43 68.37 -59.13 -115.83
N ARG VA 44 67.13 -59.07 -116.34
CA ARG VA 44 66.81 -58.99 -117.77
C ARG VA 44 66.94 -57.55 -118.28
N THR VA 45 68.17 -57.03 -118.28
CA THR VA 45 68.49 -55.65 -118.65
C THR VA 45 68.04 -55.27 -120.05
N GLY VA 46 67.62 -54.03 -120.24
CA GLY VA 46 67.31 -53.44 -121.55
C GLY VA 46 66.01 -52.64 -121.58
N TRP VA 47 65.13 -52.81 -120.60
CA TRP VA 47 63.81 -52.19 -120.56
C TRP VA 47 63.85 -50.74 -120.09
N ASP VA 48 63.21 -49.84 -120.85
CA ASP VA 48 62.99 -48.45 -120.50
C ASP VA 48 61.52 -48.23 -120.13
N LEU VA 49 61.28 -47.69 -118.94
CA LEU VA 49 59.94 -47.38 -118.45
C LEU VA 49 59.42 -46.14 -119.17
N VAL VA 50 58.29 -46.26 -119.86
CA VAL VA 50 57.80 -45.25 -120.82
C VAL VA 50 57.49 -43.91 -120.18
N GLY VA 51 56.81 -43.89 -119.03
CA GLY VA 51 56.36 -42.66 -118.37
C GLY VA 51 54.97 -42.85 -117.76
N HIS VA 52 54.33 -41.74 -117.41
CA HIS VA 52 52.97 -41.76 -116.89
C HIS VA 52 51.95 -42.08 -117.98
N THR VA 53 50.99 -42.95 -117.69
CA THR VA 53 49.83 -43.25 -118.52
C THR VA 53 48.54 -43.00 -117.76
N SER VA 54 47.47 -42.56 -118.41
CA SER VA 54 46.25 -42.09 -117.74
C SER VA 54 45.62 -43.12 -116.80
N GLU VA 55 44.98 -42.66 -115.72
CA GLU VA 55 44.34 -43.53 -114.73
C GLU VA 55 43.07 -44.21 -115.24
N ASP VA 56 42.25 -43.49 -116.01
CA ASP VA 56 40.90 -43.91 -116.37
C ASP VA 56 40.88 -44.68 -117.70
N ASP VA 57 41.49 -44.15 -118.75
CA ASP VA 57 41.73 -44.85 -120.01
C ASP VA 57 42.93 -45.80 -119.88
N LEU VA 58 42.72 -46.94 -119.22
CA LEU VA 58 43.66 -48.06 -119.19
C LEU VA 58 43.86 -48.68 -120.58
N PRO VA 59 44.92 -49.47 -120.83
CA PRO VA 59 45.19 -50.02 -122.15
C PRO VA 59 44.09 -50.94 -122.67
N GLU VA 60 43.61 -50.70 -123.89
CA GLU VA 60 42.64 -51.53 -124.58
C GLU VA 60 43.36 -52.62 -125.39
N PHE VA 61 43.26 -53.88 -124.99
CA PHE VA 61 43.81 -55.02 -125.74
C PHE VA 61 42.91 -55.45 -126.91
N GLY VA 62 42.58 -54.52 -127.80
CA GLY VA 62 41.63 -54.72 -128.88
C GLY VA 62 42.15 -55.53 -130.09
N PHE VA 63 41.27 -55.74 -131.06
CA PHE VA 63 41.58 -56.38 -132.34
C PHE VA 63 40.60 -55.95 -133.42
N ASP VA 64 40.97 -56.10 -134.69
CA ASP VA 64 40.03 -56.01 -135.81
C ASP VA 64 40.20 -57.14 -136.83
N GLY VA 65 39.08 -57.67 -137.32
CA GLY VA 65 38.99 -58.87 -138.14
C GLY VA 65 37.78 -59.73 -137.75
N GLY VA 66 37.41 -60.69 -138.60
CA GLY VA 66 36.20 -61.51 -138.44
C GLY VA 66 35.93 -62.36 -139.68
N ASP VA 67 35.37 -63.56 -139.47
CA ASP VA 67 35.39 -64.69 -140.40
C ASP VA 67 34.22 -65.65 -140.13
N SER VA 68 33.99 -66.66 -140.98
CA SER VA 68 33.02 -67.74 -140.73
C SER VA 68 33.57 -69.13 -141.13
N GLU VA 69 33.04 -70.20 -140.53
CA GLU VA 69 33.53 -71.57 -140.74
C GLU VA 69 33.36 -72.06 -142.20
N VAL VA 70 32.24 -71.71 -142.84
CA VAL VA 70 31.83 -72.07 -144.21
C VAL VA 70 31.01 -70.95 -144.85
N ARG VA 71 30.98 -70.91 -146.19
CA ARG VA 71 30.29 -69.89 -147.02
C ARG VA 71 30.60 -68.43 -146.62
N THR VA 84 35.48 -62.92 -143.59
CA THR VA 84 36.51 -63.67 -144.31
C THR VA 84 37.95 -63.30 -143.93
N GLU VA 85 38.16 -62.31 -143.06
CA GLU VA 85 39.47 -61.67 -142.83
C GLU VA 85 40.04 -61.98 -141.43
N GLU VA 86 41.26 -62.51 -141.38
CA GLU VA 86 41.91 -62.92 -140.13
C GLU VA 86 42.21 -61.73 -139.20
N ILE VA 87 42.12 -61.96 -137.88
CA ILE VA 87 42.30 -60.90 -136.89
C ILE VA 87 43.75 -60.37 -136.86
N ALA VA 88 43.87 -59.06 -136.76
CA ALA VA 88 45.07 -58.38 -136.30
C ALA VA 88 44.76 -57.71 -134.96
N ASP VA 89 45.68 -57.75 -134.02
CA ASP VA 89 45.41 -57.31 -132.65
C ASP VA 89 46.51 -56.44 -132.07
N TYR VA 90 46.13 -55.64 -131.07
CA TYR VA 90 46.82 -54.42 -130.71
C TYR VA 90 46.61 -54.08 -129.24
N VAL VA 91 47.36 -53.10 -128.75
CA VAL VA 91 47.08 -52.39 -127.51
C VAL VA 91 47.03 -50.90 -127.82
N VAL VA 92 46.06 -50.17 -127.29
CA VAL VA 92 46.13 -48.70 -127.28
C VAL VA 92 46.61 -48.25 -125.91
N ILE VA 93 47.73 -47.54 -125.80
CA ILE VA 93 48.22 -46.98 -124.55
C ILE VA 93 48.04 -45.46 -124.57
N ASN VA 94 47.36 -44.88 -123.59
CA ASN VA 94 47.26 -43.43 -123.46
C ASN VA 94 48.44 -42.89 -122.66
N LEU VA 95 49.50 -42.44 -123.31
CA LEU VA 95 50.62 -41.77 -122.65
C LEU VA 95 50.17 -40.40 -122.13
N THR VA 96 50.74 -39.86 -121.05
CA THR VA 96 50.35 -38.54 -120.52
C THR VA 96 51.53 -37.69 -120.02
N GLN VA 97 52.73 -37.85 -120.59
CA GLN VA 97 53.82 -36.90 -120.37
C GLN VA 97 54.41 -36.46 -121.70
N PHE VA 98 54.85 -35.21 -121.79
CA PHE VA 98 55.31 -34.58 -123.03
C PHE VA 98 56.85 -34.51 -123.09
N ASP VA 99 57.55 -35.39 -122.38
CA ASP VA 99 59.00 -35.52 -122.47
C ASP VA 99 59.38 -36.33 -123.72
N GLU VA 100 60.64 -36.29 -124.13
CA GLU VA 100 61.11 -36.96 -125.35
C GLU VA 100 60.80 -38.45 -125.34
N THR VA 101 61.01 -39.13 -124.21
CA THR VA 101 60.76 -40.56 -124.04
C THR VA 101 59.31 -41.00 -124.28
N ALA VA 102 58.37 -40.08 -124.42
CA ALA VA 102 56.97 -40.39 -124.73
C ALA VA 102 56.49 -39.71 -126.02
N LEU VA 103 57.07 -38.58 -126.45
CA LEU VA 103 56.86 -38.12 -127.81
C LEU VA 103 57.46 -39.08 -128.82
N GLU VA 104 58.56 -39.77 -128.52
CA GLU VA 104 59.16 -40.75 -129.45
C GLU VA 104 58.21 -41.90 -129.80
N LEU VA 105 57.36 -42.35 -128.88
CA LEU VA 105 56.41 -43.41 -129.19
C LEU VA 105 55.27 -42.92 -130.08
N TYR VA 106 54.87 -41.66 -129.94
CA TYR VA 106 53.79 -41.08 -130.73
C TYR VA 106 54.27 -40.64 -132.11
N PHE VA 107 55.32 -39.83 -132.19
CA PHE VA 107 55.83 -39.26 -133.45
C PHE VA 107 56.93 -40.07 -134.13
N GLY VA 108 57.47 -41.11 -133.52
CA GLY VA 108 58.70 -41.76 -133.99
C GLY VA 108 59.96 -41.01 -133.53
N PRO VA 109 61.16 -41.47 -133.89
CA PRO VA 109 62.42 -40.88 -133.46
C PRO VA 109 62.52 -39.38 -133.73
N ASN VA 110 63.22 -38.63 -132.87
CA ASN VA 110 63.38 -37.18 -133.02
C ASN VA 110 64.15 -36.85 -134.31
N GLN VA 111 63.56 -36.03 -135.18
CA GLN VA 111 64.17 -35.70 -136.48
C GLN VA 111 65.10 -34.47 -136.42
N SER VA 112 65.37 -33.90 -135.25
CA SER VA 112 66.29 -32.78 -135.07
C SER VA 112 67.30 -33.01 -133.94
N ALA VA 113 68.55 -32.62 -134.16
CA ALA VA 113 69.65 -32.77 -133.20
C ALA VA 113 69.77 -31.58 -132.21
N THR VA 114 69.07 -30.47 -132.45
CA THR VA 114 69.23 -29.24 -131.65
C THR VA 114 68.76 -29.43 -130.21
N PRO VA 115 69.53 -29.01 -129.19
CA PRO VA 115 69.10 -29.05 -127.80
C PRO VA 115 67.77 -28.33 -127.60
N GLY VA 116 66.82 -28.92 -126.89
CA GLY VA 116 65.54 -28.32 -126.56
C GLY VA 116 64.46 -28.39 -127.64
N ILE VA 117 64.68 -29.08 -128.76
CA ILE VA 117 63.72 -29.17 -129.87
C ILE VA 117 63.45 -30.61 -130.26
N PHE VA 118 62.18 -30.95 -130.48
CA PHE VA 118 61.77 -32.22 -131.06
C PHE VA 118 61.00 -31.96 -132.35
N GLY VA 119 61.54 -32.38 -133.49
CA GLY VA 119 60.97 -32.11 -134.80
C GLY VA 119 60.41 -33.35 -135.47
N VAL VA 120 59.43 -33.19 -136.35
CA VAL VA 120 58.82 -34.30 -137.08
C VAL VA 120 58.81 -34.05 -138.58
N LYS VA 121 59.05 -35.09 -139.38
CA LYS VA 121 58.99 -35.06 -140.85
C LYS VA 121 57.61 -35.47 -141.34
N SER VA 122 57.26 -35.10 -142.56
CA SER VA 122 56.04 -35.54 -143.22
C SER VA 122 56.08 -37.02 -143.61
N GLY VA 123 54.91 -37.63 -143.81
CA GLY VA 123 54.77 -39.04 -144.16
C GLY VA 123 55.05 -40.02 -143.01
N SER VA 124 54.71 -41.29 -143.22
CA SER VA 124 54.88 -42.35 -142.23
C SER VA 124 56.36 -42.71 -141.99
N VAL VA 125 56.65 -43.32 -140.84
CA VAL VA 125 57.99 -43.77 -140.45
C VAL VA 125 57.92 -45.10 -139.72
N VAL VA 126 58.95 -45.94 -139.85
CA VAL VA 126 59.07 -47.20 -139.10
C VAL VA 126 59.38 -46.93 -137.63
N ASN VA 127 58.68 -47.60 -136.72
CA ASN VA 127 58.78 -47.38 -135.28
C ASN VA 127 58.45 -48.68 -134.53
N GLU VA 128 59.32 -49.67 -134.63
CA GLU VA 128 59.10 -50.99 -134.05
C GLU VA 128 59.89 -51.15 -132.75
N ARG VA 129 59.25 -51.65 -131.68
CA ARG VA 129 59.86 -51.86 -130.36
C ARG VA 129 59.29 -53.11 -129.71
N ALA VA 130 60.03 -53.75 -128.82
CA ALA VA 130 59.44 -54.71 -127.90
C ALA VA 130 58.70 -53.96 -126.82
N LEU VA 131 57.67 -54.54 -126.22
CA LEU VA 131 56.97 -53.92 -125.10
C LEU VA 131 56.56 -54.93 -124.04
N LEU VA 132 56.54 -54.47 -122.79
CA LEU VA 132 56.14 -55.22 -121.62
C LEU VA 132 55.15 -54.36 -120.86
N ILE VA 133 54.05 -54.93 -120.39
CA ILE VA 133 53.08 -54.26 -119.52
C ILE VA 133 52.95 -55.11 -118.26
N VAL VA 134 53.03 -54.51 -117.08
CA VAL VA 134 52.82 -55.23 -115.83
C VAL VA 134 51.59 -54.64 -115.15
N ILE VA 135 50.53 -55.44 -114.96
CA ILE VA 135 49.33 -55.02 -114.26
C ILE VA 135 49.41 -55.49 -112.82
N VAL VA 136 49.36 -54.59 -111.86
CA VAL VA 136 49.66 -54.85 -110.45
C VAL VA 136 48.41 -54.68 -109.61
N ASP VA 137 47.98 -55.76 -108.96
CA ASP VA 137 46.86 -55.74 -108.01
C ASP VA 137 47.38 -55.33 -106.61
N ASN VA 138 46.90 -55.93 -105.53
CA ASN VA 138 47.54 -55.84 -104.22
C ASN VA 138 48.93 -56.52 -104.22
N ASP VA 139 49.02 -57.78 -104.65
CA ASP VA 139 50.30 -58.51 -104.76
C ASP VA 139 50.37 -59.53 -105.92
N VAL VA 140 49.30 -59.70 -106.69
CA VAL VA 140 49.33 -60.31 -108.03
C VAL VA 140 49.99 -59.36 -109.01
N ARG VA 141 50.75 -59.88 -109.98
CA ARG VA 141 51.41 -59.10 -111.03
C ARG VA 141 51.29 -59.79 -112.39
N LEU VA 142 50.16 -59.68 -113.07
CA LEU VA 142 50.03 -60.23 -114.42
C LEU VA 142 50.87 -59.40 -115.39
N GLY VA 143 51.95 -59.98 -115.92
CA GLY VA 143 52.74 -59.38 -116.97
C GLY VA 143 52.18 -59.72 -118.35
N PHE VA 144 52.44 -58.87 -119.33
CA PHE VA 144 52.17 -59.10 -120.74
C PHE VA 144 53.38 -58.67 -121.56
N HIS VA 145 53.86 -59.48 -122.50
CA HIS VA 145 55.08 -59.21 -123.24
C HIS VA 145 54.94 -59.48 -124.72
N ALA VA 146 55.45 -58.59 -125.56
CA ALA VA 146 55.49 -58.77 -127.01
C ALA VA 146 56.90 -58.51 -127.55
N ARG VA 147 57.43 -59.45 -128.34
CA ARG VA 147 58.79 -59.38 -128.89
C ARG VA 147 58.92 -58.27 -129.94
N LYS VA 148 57.89 -58.05 -130.75
CA LYS VA 148 57.80 -56.91 -131.67
C LYS VA 148 56.40 -56.33 -131.65
N ALA VA 149 56.30 -55.02 -131.53
CA ALA VA 149 55.12 -54.25 -131.82
C ALA VA 149 55.47 -53.09 -132.74
N SER VA 150 54.58 -52.72 -133.64
CA SER VA 150 54.70 -51.50 -134.45
C SER VA 150 53.87 -50.41 -133.80
N LEU VA 151 54.47 -49.27 -133.48
CA LEU VA 151 53.82 -48.20 -132.72
C LEU VA 151 53.35 -47.10 -133.66
N LYS VA 152 52.09 -46.66 -133.50
CA LYS VA 152 51.42 -45.73 -134.40
C LYS VA 152 50.55 -44.77 -133.60
N ARG VA 153 50.29 -43.58 -134.13
CA ARG VA 153 49.34 -42.61 -133.58
C ARG VA 153 47.93 -43.18 -133.64
N GLU VA 154 47.21 -43.23 -132.52
CA GLU VA 154 45.83 -43.72 -132.50
C GLU VA 154 44.81 -42.62 -132.70
N ASP VA 155 45.07 -41.42 -132.19
CA ASP VA 155 44.13 -40.28 -132.20
C ASP VA 155 44.89 -38.97 -131.96
N ALA VA 156 44.22 -37.83 -132.11
CA ALA VA 156 44.76 -36.52 -131.78
C ALA VA 156 45.34 -36.44 -130.36
N ILE VA 157 46.33 -35.60 -130.13
CA ILE VA 157 46.77 -35.26 -128.77
C ILE VA 157 45.61 -34.57 -128.06
N SER VA 158 45.16 -35.13 -126.94
CA SER VA 158 44.15 -34.48 -126.09
C SER VA 158 44.80 -33.40 -125.23
N LEU VA 159 44.19 -32.22 -125.14
CA LEU VA 159 44.57 -31.14 -124.23
C LEU VA 159 43.33 -30.61 -123.51
N ALA VA 160 43.47 -30.25 -122.24
CA ALA VA 160 42.41 -29.66 -121.45
C ALA VA 160 42.97 -28.74 -120.37
N THR VA 161 42.17 -27.79 -119.87
CA THR VA 161 42.56 -26.87 -118.80
C THR VA 161 42.51 -27.50 -117.41
N ASP VA 162 41.86 -28.66 -117.24
CA ASP VA 162 41.58 -29.28 -115.94
C ASP VA 162 41.90 -30.78 -115.88
N GLU VA 163 42.59 -31.33 -116.88
CA GLU VA 163 42.95 -32.75 -116.95
C GLU VA 163 44.22 -32.94 -117.78
N PHE VA 164 45.05 -33.96 -117.47
CA PHE VA 164 46.34 -34.11 -118.12
C PHE VA 164 46.22 -34.35 -119.62
N GLY VA 165 47.08 -33.70 -120.41
CA GLY VA 165 47.14 -33.96 -121.85
C GLY VA 165 47.57 -35.40 -122.14
N ALA VA 166 47.12 -35.96 -123.26
CA ALA VA 166 47.35 -37.37 -123.57
C ALA VA 166 47.76 -37.62 -125.02
N LEU VA 167 48.71 -38.53 -125.25
CA LEU VA 167 49.19 -38.96 -126.55
C LEU VA 167 48.88 -40.45 -126.75
N PRO VA 168 47.73 -40.84 -127.31
CA PRO VA 168 47.38 -42.24 -127.43
C PRO VA 168 48.14 -42.92 -128.56
N VAL VA 169 48.82 -44.04 -128.27
CA VAL VA 169 49.54 -44.84 -129.27
C VAL VA 169 48.96 -46.23 -129.41
N ARG VA 170 48.71 -46.65 -130.64
CA ARG VA 170 48.39 -48.02 -131.02
C ARG VA 170 49.68 -48.80 -131.16
N ALA VA 171 49.92 -49.77 -130.31
CA ALA VA 171 50.91 -50.80 -130.54
C ALA VA 171 50.26 -51.97 -131.26
N THR VA 172 50.65 -52.29 -132.48
CA THR VA 172 50.10 -53.44 -133.22
C THR VA 172 51.10 -54.58 -133.20
N PHE VA 173 50.73 -55.78 -132.79
CA PHE VA 173 51.70 -56.86 -132.65
C PHE VA 173 52.10 -57.46 -134.00
N LEU VA 174 53.37 -57.83 -134.14
CA LEU VA 174 53.92 -58.41 -135.36
C LEU VA 174 54.74 -59.65 -135.03
N ASP VA 175 54.61 -60.69 -135.84
CA ASP VA 175 55.30 -61.97 -135.65
C ASP VA 175 56.82 -61.81 -135.85
N TYR VA 176 57.64 -62.55 -135.11
CA TYR VA 176 59.09 -62.37 -135.08
C TYR VA 176 59.84 -63.67 -134.76
N GLN VA 177 60.65 -64.19 -135.68
CA GLN VA 177 61.53 -65.36 -135.51
C GLN VA 177 60.88 -66.60 -134.88
N SER VA 178 59.60 -66.86 -135.15
CA SER VA 178 58.81 -67.96 -134.55
C SER VA 178 58.63 -67.93 -133.03
N TYR VA 179 58.99 -66.83 -132.36
CA TYR VA 179 58.48 -66.56 -131.01
C TYR VA 179 56.96 -66.36 -131.05
N ASN VA 180 56.31 -66.50 -129.91
CA ASN VA 180 54.88 -66.24 -129.80
C ASN VA 180 54.56 -64.76 -130.10
N LEU VA 181 53.37 -64.47 -130.62
CA LEU VA 181 52.99 -63.12 -130.99
C LEU VA 181 52.98 -62.20 -129.76
N TYR VA 182 52.50 -62.72 -128.64
CA TYR VA 182 52.67 -62.17 -127.29
C TYR VA 182 52.39 -63.22 -126.23
N GLU VA 183 52.82 -62.95 -125.00
CA GLU VA 183 52.76 -63.86 -123.87
C GLU VA 183 52.20 -63.16 -122.63
N TRP VA 184 51.40 -63.86 -121.84
CA TRP VA 184 50.99 -63.43 -120.51
C TRP VA 184 51.83 -64.18 -119.48
N ILE VA 185 52.35 -63.48 -118.48
CA ILE VA 185 53.33 -64.01 -117.54
C ILE VA 185 52.79 -63.87 -116.12
N GLU VA 186 52.60 -64.97 -115.40
CA GLU VA 186 52.32 -65.01 -113.96
C GLU VA 186 52.51 -66.44 -113.45
N GLU VA 187 53.37 -66.66 -112.45
CA GLU VA 187 53.81 -68.02 -112.12
C GLU VA 187 52.71 -68.92 -111.57
N ASP VA 188 51.75 -68.36 -110.86
CA ASP VA 188 50.72 -69.15 -110.18
C ASP VA 188 49.65 -69.72 -111.11
N TRP VA 189 49.43 -69.09 -112.26
CA TRP VA 189 48.20 -69.29 -113.05
C TRP VA 189 48.39 -70.19 -114.27
N PHE VA 190 49.50 -70.06 -114.98
CA PHE VA 190 49.69 -70.72 -116.29
C PHE VA 190 50.64 -71.90 -116.19
N ASN VA 191 50.29 -73.06 -116.74
CA ASN VA 191 51.11 -74.28 -116.65
C ASN VA 191 51.44 -74.63 -115.18
N ALA VA 192 50.50 -74.43 -114.26
CA ALA VA 192 50.66 -74.74 -112.84
C ALA VA 192 50.74 -76.26 -112.58
N VAL VA 193 51.03 -76.64 -111.34
CA VAL VA 193 51.11 -78.05 -110.92
C VAL VA 193 49.77 -78.79 -110.95
N ASP VA 194 48.64 -78.08 -110.81
CA ASP VA 194 47.27 -78.63 -110.82
C ASP VA 194 47.03 -79.75 -109.77
N ALA VA 195 47.68 -79.67 -108.62
CA ALA VA 195 47.48 -80.59 -107.50
C ALA VA 195 46.06 -80.44 -106.90
N PRO VA 196 45.41 -81.54 -106.45
CA PRO VA 196 44.06 -81.50 -105.92
C PRO VA 196 43.99 -80.83 -104.56
N VAL VA 197 42.83 -80.27 -104.24
CA VAL VA 197 42.54 -79.65 -102.95
C VAL VA 197 42.50 -80.69 -101.83
N VAL VA 198 43.02 -80.31 -100.67
CA VAL VA 198 43.06 -81.15 -99.48
C VAL VA 198 42.42 -80.41 -98.31
N TYR VA 199 41.65 -81.13 -97.49
CA TYR VA 199 41.07 -80.59 -96.26
C TYR VA 199 41.80 -81.20 -95.07
N LEU VA 200 42.53 -80.38 -94.33
CA LEU VA 200 43.25 -80.77 -93.12
C LEU VA 200 42.28 -80.74 -91.95
N LEU VA 201 41.79 -81.91 -91.54
CA LEU VA 201 40.98 -82.09 -90.33
C LEU VA 201 41.90 -82.18 -89.13
N ASP VA 202 41.81 -81.24 -88.20
CA ASP VA 202 42.60 -81.21 -86.98
C ASP VA 202 41.72 -81.35 -85.74
N LEU VA 203 41.91 -82.40 -84.95
CA LEU VA 203 41.15 -82.62 -83.72
C LEU VA 203 41.66 -81.77 -82.54
N GLY VA 204 42.84 -81.17 -82.64
CA GLY VA 204 43.57 -80.63 -81.49
C GLY VA 204 43.93 -81.74 -80.49
N GLY VA 205 43.87 -81.45 -79.20
CA GLY VA 205 43.72 -82.49 -78.19
C GLY VA 205 42.25 -82.87 -78.04
N ALA VA 206 41.92 -84.16 -77.99
CA ALA VA 206 40.54 -84.62 -77.92
C ALA VA 206 40.37 -85.90 -77.07
N THR VA 207 39.31 -85.93 -76.25
CA THR VA 207 38.96 -87.03 -75.34
C THR VA 207 37.44 -87.20 -75.15
N GLY VA 208 36.62 -86.49 -75.94
CA GLY VA 208 35.15 -86.51 -75.86
C GLY VA 208 34.52 -87.20 -77.07
N GLY VA 209 33.36 -87.83 -76.86
CA GLY VA 209 32.90 -88.95 -77.70
C GLY VA 209 32.41 -88.66 -79.13
N ASP VA 210 32.32 -87.41 -79.58
CA ASP VA 210 31.61 -87.07 -80.83
C ASP VA 210 32.11 -85.75 -81.46
N TYR VA 211 32.36 -85.78 -82.76
CA TYR VA 211 32.27 -84.63 -83.65
C TYR VA 211 31.65 -85.05 -84.98
N THR VA 212 31.16 -84.10 -85.77
CA THR VA 212 30.39 -84.37 -86.99
C THR VA 212 30.84 -83.43 -88.10
N LEU VA 213 31.07 -83.96 -89.30
CA LEU VA 213 31.45 -83.16 -90.47
C LEU VA 213 30.24 -82.82 -91.33
N LEU VA 214 30.35 -81.78 -92.14
CA LEU VA 214 29.46 -81.46 -93.24
C LEU VA 214 30.20 -81.75 -94.55
N VAL VA 215 29.66 -82.62 -95.40
CA VAL VA 215 30.22 -82.89 -96.74
C VAL VA 215 29.22 -82.44 -97.80
N GLY VA 216 29.61 -81.54 -98.68
CA GLY VA 216 28.67 -80.90 -99.63
C GLY VA 216 27.49 -80.19 -98.97
N GLY VA 217 27.60 -79.83 -97.68
CA GLY VA 217 26.52 -79.27 -96.87
C GLY VA 217 25.63 -80.28 -96.12
N LYS VA 218 25.91 -81.59 -96.19
CA LYS VA 218 25.15 -82.66 -95.52
C LYS VA 218 25.90 -83.25 -94.33
N SER VA 219 25.23 -83.48 -93.22
CA SER VA 219 25.83 -84.04 -92.00
C SER VA 219 26.27 -85.50 -92.19
N THR VA 220 27.48 -85.85 -91.75
CA THR VA 220 27.97 -87.25 -91.75
C THR VA 220 27.27 -88.15 -90.75
N GLY VA 221 26.57 -87.60 -89.76
CA GLY VA 221 26.40 -88.30 -88.50
C GLY VA 221 27.70 -88.38 -87.70
N ASP VA 222 27.66 -88.99 -86.53
CA ASP VA 222 28.72 -88.93 -85.52
C ASP VA 222 30.02 -89.64 -85.92
N ILE VA 223 31.15 -89.05 -85.53
CA ILE VA 223 32.50 -89.62 -85.59
C ILE VA 223 33.12 -89.51 -84.20
N ALA VA 224 33.76 -90.56 -83.70
CA ALA VA 224 34.39 -90.55 -82.37
C ALA VA 224 35.79 -89.92 -82.41
N TYR VA 225 36.27 -89.38 -81.29
CA TYR VA 225 37.64 -88.90 -81.19
C TYR VA 225 38.65 -90.02 -81.48
N ASN VA 226 39.75 -89.67 -82.15
CA ASN VA 226 40.84 -90.58 -82.51
C ASN VA 226 40.40 -91.84 -83.31
N ALA VA 227 39.31 -91.75 -84.08
CA ALA VA 227 38.90 -92.81 -85.01
C ALA VA 227 39.96 -93.07 -86.09
N ASN VA 228 39.96 -94.26 -86.70
CA ASN VA 228 40.90 -94.59 -87.77
C ASN VA 228 40.64 -93.75 -89.02
N ALA VA 229 41.66 -93.53 -89.86
CA ALA VA 229 41.48 -92.89 -91.16
C ALA VA 229 40.44 -93.62 -92.03
N SER VA 230 40.40 -94.95 -91.99
CA SER VA 230 39.38 -95.77 -92.66
C SER VA 230 37.97 -95.61 -92.05
N ALA VA 231 37.86 -95.34 -90.73
CA ALA VA 231 36.57 -95.07 -90.09
C ALA VA 231 36.06 -93.67 -90.45
N ILE VA 232 36.93 -92.67 -90.53
CA ILE VA 232 36.59 -91.34 -91.06
C ILE VA 232 36.16 -91.45 -92.53
N LYS VA 233 36.91 -92.17 -93.37
CA LYS VA 233 36.53 -92.43 -94.77
C LYS VA 233 35.18 -93.13 -94.88
N THR VA 234 34.88 -94.06 -93.97
CA THR VA 234 33.56 -94.72 -93.90
C THR VA 234 32.45 -93.75 -93.53
N ALA VA 235 32.64 -92.90 -92.53
CA ALA VA 235 31.61 -91.94 -92.10
C ALA VA 235 31.37 -90.82 -93.14
N ILE VA 236 32.41 -90.36 -93.84
CA ILE VA 236 32.27 -89.46 -94.99
C ILE VA 236 31.54 -90.18 -96.13
N GLY VA 237 31.95 -91.40 -96.47
CA GLY VA 237 31.32 -92.18 -97.54
C GLY VA 237 29.87 -92.59 -97.25
N ALA VA 238 29.42 -92.59 -96.00
CA ALA VA 238 28.02 -92.84 -95.66
C ALA VA 238 27.04 -91.84 -96.32
N VAL VA 239 27.53 -90.64 -96.66
CA VAL VA 239 26.91 -89.77 -97.66
C VAL VA 239 27.32 -90.25 -99.06
N ASP VA 240 26.51 -91.13 -99.65
CA ASP VA 240 26.85 -91.91 -100.85
C ASP VA 240 27.09 -91.09 -102.15
N ASP VA 241 26.77 -89.79 -102.17
CA ASP VA 241 26.69 -88.97 -103.39
C ASP VA 241 27.91 -89.13 -104.32
N GLY VA 242 29.11 -89.10 -103.75
CA GLY VA 242 30.32 -89.69 -104.34
C GLY VA 242 30.58 -91.07 -103.75
N VAL VA 243 30.92 -92.06 -104.58
CA VAL VA 243 31.01 -93.48 -104.19
C VAL VA 243 31.87 -93.71 -102.95
N ALA VA 244 31.26 -94.32 -101.93
CA ALA VA 244 31.67 -94.24 -100.53
C ALA VA 244 33.13 -94.63 -100.25
N GLU VA 245 33.56 -95.80 -100.70
CA GLU VA 245 34.90 -96.32 -100.41
C GLU VA 245 35.99 -95.75 -101.33
N SER VA 246 35.61 -95.10 -102.44
CA SER VA 246 36.49 -94.99 -103.61
C SER VA 246 36.70 -93.56 -104.11
N ALA VA 247 35.73 -92.67 -103.95
CA ALA VA 247 35.89 -91.28 -104.36
C ALA VA 247 36.75 -90.47 -103.37
N TRP VA 248 36.81 -90.91 -102.11
CA TRP VA 248 37.43 -90.20 -100.99
C TRP VA 248 38.76 -90.82 -100.57
N THR VA 249 39.78 -89.99 -100.40
CA THR VA 249 41.08 -90.35 -99.83
C THR VA 249 41.20 -89.75 -98.43
N VAL VA 250 41.63 -90.54 -97.44
CA VAL VA 250 41.95 -90.04 -96.09
C VAL VA 250 43.30 -90.60 -95.64
N THR VA 251 44.19 -89.75 -95.13
CA THR VA 251 45.50 -90.14 -94.59
C THR VA 251 45.83 -89.32 -93.34
N ALA VA 252 46.72 -89.82 -92.49
CA ALA VA 252 47.01 -89.24 -91.19
C ALA VA 252 48.39 -88.58 -91.13
N ASP VA 253 48.48 -87.41 -90.48
CA ASP VA 253 49.74 -86.71 -90.20
C ASP VA 253 50.11 -86.67 -88.71
N GLY VA 254 49.14 -86.83 -87.81
CA GLY VA 254 49.33 -86.80 -86.36
C GLY VA 254 48.01 -87.00 -85.63
N SER VA 255 47.63 -86.06 -84.75
CA SER VA 255 46.23 -85.92 -84.33
C SER VA 255 45.34 -85.51 -85.53
N ASP VA 256 45.91 -84.80 -86.50
CA ASP VA 256 45.29 -84.34 -87.74
C ASP VA 256 45.38 -85.34 -88.92
N PHE VA 257 44.41 -85.23 -89.82
CA PHE VA 257 44.22 -86.03 -91.04
C PHE VA 257 44.09 -85.13 -92.26
N GLU VA 258 44.58 -85.56 -93.42
CA GLU VA 258 44.28 -84.90 -94.70
C GLU VA 258 43.21 -85.70 -95.45
N ILE VA 259 42.10 -85.07 -95.77
CA ILE VA 259 40.98 -85.62 -96.52
C ILE VA 259 41.00 -85.01 -97.92
N SER VA 260 40.71 -85.78 -98.96
CA SER VA 260 40.50 -85.24 -100.31
C SER VA 260 39.46 -86.04 -101.09
N GLY VA 261 38.73 -85.40 -102.00
CA GLY VA 261 37.60 -86.03 -102.70
C GLY VA 261 36.85 -85.03 -103.58
N PRO VA 262 35.69 -85.42 -104.15
CA PRO VA 262 34.98 -84.61 -105.11
C PRO VA 262 34.20 -83.43 -104.50
N LEU VA 263 33.65 -83.57 -103.29
CA LEU VA 263 32.84 -82.54 -102.63
C LEU VA 263 33.64 -81.77 -101.57
N ALA VA 264 33.17 -80.58 -101.18
CA ALA VA 264 33.76 -79.80 -100.09
C ALA VA 264 33.49 -80.43 -98.72
N VAL VA 265 34.39 -80.25 -97.75
CA VAL VA 265 34.29 -80.77 -96.38
C VAL VA 265 34.45 -79.64 -95.38
N ALA VA 266 33.62 -79.59 -94.34
CA ALA VA 266 33.67 -78.59 -93.27
C ALA VA 266 33.27 -79.21 -91.93
N LEU VA 267 33.56 -78.55 -90.82
CA LEU VA 267 33.07 -78.98 -89.50
C LEU VA 267 31.59 -78.63 -89.32
N GLY VA 268 30.80 -79.55 -88.75
CA GLY VA 268 29.36 -79.37 -88.52
C GLY VA 268 29.03 -79.04 -87.07
N VAL VA 269 29.30 -79.97 -86.15
CA VAL VA 269 29.24 -79.74 -84.70
C VAL VA 269 30.38 -80.49 -84.03
N ASP VA 270 30.89 -79.94 -82.94
CA ASP VA 270 31.97 -80.51 -82.16
C ASP VA 270 31.52 -80.69 -80.70
N SER VA 271 31.56 -81.93 -80.21
CA SER VA 271 31.26 -82.29 -78.83
C SER VA 271 32.48 -82.89 -78.11
N THR VA 272 33.68 -82.74 -78.68
CA THR VA 272 34.94 -83.11 -78.03
C THR VA 272 35.26 -82.16 -76.87
N THR VA 273 35.99 -82.64 -75.85
CA THR VA 273 36.15 -81.95 -74.56
C THR VA 273 37.60 -81.81 -74.09
N GLY VA 274 38.57 -82.25 -74.89
CA GLY VA 274 39.98 -82.40 -74.48
C GLY VA 274 40.93 -81.27 -74.88
N GLY VA 275 40.42 -80.20 -75.51
CA GLY VA 275 41.24 -79.11 -76.05
C GLY VA 275 40.39 -77.97 -76.60
N SER VA 276 40.98 -77.09 -77.40
CA SER VA 276 40.30 -75.90 -77.96
C SER VA 276 39.15 -76.23 -78.91
N GLY VA 277 39.13 -77.44 -79.48
CA GLY VA 277 38.07 -77.96 -80.35
C GLY VA 277 38.58 -78.35 -81.74
N VAL VA 278 37.78 -79.15 -82.45
CA VAL VA 278 38.07 -79.61 -83.81
C VAL VA 278 38.09 -78.43 -84.78
N THR VA 279 38.90 -78.48 -85.83
CA THR VA 279 38.85 -77.54 -86.96
C THR VA 279 39.09 -78.27 -88.28
N VAL VA 280 38.67 -77.64 -89.38
CA VAL VA 280 38.99 -78.10 -90.75
C VAL VA 280 39.53 -76.92 -91.54
N ASP VA 281 40.65 -77.10 -92.22
CA ASP VA 281 41.32 -76.07 -93.01
C ASP VA 281 41.58 -76.55 -94.44
N VAL VA 282 41.64 -75.65 -95.43
CA VAL VA 282 41.84 -76.01 -96.83
C VAL VA 282 43.28 -75.77 -97.28
N VAL VA 283 43.84 -76.71 -98.03
CA VAL VA 283 45.27 -76.78 -98.43
C VAL VA 283 45.40 -77.07 -99.92
#